data_8Y6V
#
_entry.id   8Y6V
#
loop_
_entity.id
_entity.type
_entity.pdbx_description
1 polymer gp28
2 polymer gp35
3 polymer gp85
4 polymer gp86
5 polymer gp91
6 polymer gp93
7 polymer gp119
8 polymer gp120
9 polymer gp162
10 polymer gp184
11 polymer gp244
#
loop_
_entity_poly.entity_id
_entity_poly.type
_entity_poly.pdbx_seq_one_letter_code
_entity_poly.pdbx_strand_id
1 'polypeptide(L)'
;MFLLPYETTVCKTLYNPTGGGKLYPKQYVDQIENAIKKANVYLPIPPVDARNGETLEHSGQITPVDDFEDIKKFTQIVNI
GDRDNPKLVVDARLYKKIEQRTGIPRIIQQNEWQFQYIRMALNIKLLREGPDFLHRLGDIPVKVFYNWISGILTQKYSLP
PESTQAIWVICAVYYFAMQDDDLTEPGQERDRLIPIISRLTYIPAGFIADVIDTLGPLHNAGDLAYEISTNGRSIRMGKL
KFSDLQLLVSPSWFGTASRENVGVALEHMPTYITLIYMALADRSYRKTVLSQKVEMISRSDDASRFINLVNEAVSSQFVK
;
D
2 'polypeptide(L)'
;MAKRKARAVSAPVTLSEISEIPNEVTNAEDSVNELETTPTEIVSTESSENENTTADSENTAATDSTTDEESEDTSSTEAN
GDGESEEPDLSENQEDPKEPIETPEEPVEDDDGSGDPDGGTSEEKPTEGDPEDPEEPTEPTDPEEPTDPVDPVEPPPEEP
KAFQLNLATVKSQFGDLPTYWAIELIKRYFSAPPAIYIPDVVDNPDFKIMVQQVKFFGNGLRPIYNSKNMITFTTMLEGA
SEATILEDMKKQQPALLSLLPWYDPNAEIDK
;
B
3 'polypeptide(L)'
;MQQLGFELSRILKQLPNLGGSDRKTRAMLLANAVALQIPFETLLDFDEQQDKAVAKFKKILSKVNENIAVDTKLAVTYFN
NILRIRQSLITGITDPCLVKAVLTSDTANDYLTVDDVNIVSAVVNGPDYNRIQADMGNALNQLIGSIDE
;
E,F
4 'polypeptide(L)'
;MSEVKPMSHVKEVDVEEEKLFFDENQPEMVEGEEETVSSASAPEVLAKMCVAVEAIHQLSDIYAITKLEGVSKPDVDGIR
ALVKRMSTEGFEAPKKAVASLEQYASMFTPTRSTLNVTISQEAVMATIINTLKTWFEKLMELFAKLIRWISDFKKRDVVV
ATRYGKIVRAVDQARTLFQELLVKNRLGNRKDALLEKFDAIAQSIIDDPKILASRIYAAAFGSVYYQKEIININNEARTE
LGTMEKLVGTIIEYVNYNGDDYRALMPIANIREIGKLATRCNELSTVYPDRSSIPDFPDKNFWKNSHLLKDRFVAPLDDL
LKAYRNSSDALRKLKQLSRNYSQETIDAIGESVQLINTSLEGMRRITDTMFEYSQAQYLAASCVLNYYGKCAQVVSEDYK
IHGFNDAIREWQRRFDKVIDDFKRGYAM
;
G
5 'polypeptide(L)'
;MEGIDMPATNAVRPFGRNYSGGQQQAISRFTARPGDPQVEELYLIFTNFPAQTAYWEFHKKVLACAIRLFSGNYNWFILQ
DNNSNIDSYNYQFLLDTVRYIATGHRRISITQWPMLLATEPDAGAQLIEPRAEIATLFNELKLDLDTVSMIQNWVKHKNG
MNDLMYTLHLLFGSVEVIDKD
;
H
6 'polypeptide(L)'
;MSLLKMLDKLSLESIEDQGTTIHGDVELVVENETSADVSSVLAEVDQIENNPVEEVLDADDAVQPTALDTEVTIVQAEDE
LGLIEDAKEALEKFQGLLLQAGEDGISRQAAAFMHVGMESIDRILGIEKSGLTAALENYDASPRSAIQKAAVISLEDLKE
KLKEAGKKALEIIKKIVAMIKQKIKDFNPKLIALDMRITKTIDAIKSLKAGDLKKEEIKFTPSEYMVSSSGFIANNPKTI
ADFMTVFSTQYVSALRKYGELGVRYLKGDKSIDIDQVTSDLQAKMAEDINKAVEKAPGNVKLEVTSSKSGVNKWEVVEGD
GETDLHEVEVDVRAPSKILAHLNILKGLVIKLQDFNKIDYKIAENLEKALADWNPDEAGMSKETARDALNIGGIDNSALV
NYIAKCIAAQYTFIVKHELAAYGKETSKAPENDEK
;
K,L,M
7 'polypeptide(L)'
;MTQVLVMPKAVFESYKTAGVQFNKLLDTNYIVSETSVNDLAEIHQALTAFPFLLPEKLDIKLAVSPIIKVAELGEIDGPE
QFKMKDLHNRLESRLATNELRDAGNRNLVYDYYLYPVDENLWVAVQQSAHIASSDPRRVSIQLNHTFFDSMINEMLNTRP
RESVASTQIFTYYLESC
;
J
8 'polypeptide(L)'
;MSVHALRELFKHKGEKNYEVFSMEDFIGRLESEIGLNDSVVSQGRSLISSISHENFGTVQATDIQDAAAIYNKMQMLVND
YGFERVSSSDPQVRAREERVRENQITAATMAAIACADETKYIRALRGITKAKASNEDHVKVVQHQFNGPAGGIQVFENGV
GLENYNEKSQRDFRVVTIGYNLAASRQDEFAERIYPTTVINPIEGGVVQVLPYIAVMKDVYHEVSGVKMDNEEVNMVEAY
RDPSILDDESIALIPALDPAGSNADFFVDPALVPPYTIKNEQNLTITTAPLKANVRLDLMGNSNANLLIQRGMLEVSDTI
DPAGRLKNLFVLLGGKVVKFKVDRLPRAVFQPDLVGDTRNAVIRFDSDDLVVSGDTTFIDGSADGVINDLKTAKLSLRLS
VGFGGTISLSKGDSKFGATDTYVDKVLNEDGQVMDNADPAVKAILDQLTDLAVIGFELDTRFTNTNRRQRGHLLQTRALQ
FRHPIPMHAPVTLPMDTMTDEGPGEVVKALTVNTNIRNSNNAVKRMLNYLAQLREVVHNGYNRPKFGIIEGALSAVMRPT
YRYKELDLEKVIDTIKSKDRWDDVCAAILNCVKAELFPAHRDSNIEAAFRVISGNQDETPMYLFCSDKEIANYLMTKGDD
RTLGAYLKYDIVSTNNQLFDGKLVVIPTRAVQQENDILSWGQFFYVSTVIADLPITRGGHQVTREIAAIPFNLHVNNIPF
ALEFKITGFQKVMGETQFNGKLADLKP
;
a,b,c,d,e,f,g,h,i,j,k,l,m,n,o,p,q,r,s,t,u,v,w,x,y,z,A
9 'polypeptide(L)'
;MAKKKTVPAMDFFASLERVSDAEDKNVNLDVGKELPEQLKDDEDGKVNPCDEVTNVVTNTPIDVCKGPDVDGTADKINDK
KIHVSQGLKEFQVAKGDRVENEITETADEMITKVSDTKDLNVSTKKPHQIADVPSNEDISIMEANETEQLDHGYDATALL
ETTEDIITGELDDHLESLSVEMFTIVNELTKVESVQTALENYIGLVSNRHHRGHDVDHDLAKAISIALESFDYKYFNNTV
PSMESFISPLTRPKASIEVLDNLQAKAKEVSTVALDFIKKLIRIVVETYQRIRQNVSNQIERVNKIMKRVKENELPDEVR
TIAIPRDLILGDTGESWVGVDPVQGVTVIRNLFDSIEKNGLRALKAALAGKTTDDKALALAKGMFGTATKINANGVRYAS
PVVPGNRVYTFGKDKAAVDFSILDAPGKPNYGITVELLVDKNVVMAQLKAVHNLLNHLNNIRGISKESTAEIIAQMTDKE
ATNVGKAYLTGTTEASNDLFKCVMIWITVLEKLVDSEIKETE
;
N,O,P
10 'polypeptide(L)'
;MSKPNLEWLASLESKEAKSTVDSSDMDNDQKEGSDKSQQDEATEPEKKITATDVQIAIEEYARIRALTTTKDLPTDPEPG
DTYHVNGVDWIYQEDGGWVTMQGIYGHEHFDENGLNIEASGIDQKSGATKRYVVTGYNAQTNPAAMPGDNLTECVILMQN
GLVPEVGVNGLTADCLLKIVKDLFEGYQAGPFACEENQVVINSMDRALSAIHQRLVRRKEQGTEGTYSGN
;
I
11 'polypeptide(L)'
;MPTYIELINIVNDDTPEDDAVISDLMSQMNDKQTVLDSCRINHKGNAYFKFHVKGSISKDKLKALNETLKDSNLVVTDAS
TQRGFMPPNKFDDITYTEESVGYRAMVWTSFTIEKLLV
;
C
#
# COMPACT_ATOMS: atom_id res chain seq x y z
N MET A 1 135.04 -4.70 104.58
CA MET A 1 135.07 -4.73 103.12
C MET A 1 136.30 -5.44 102.59
N PHE A 2 136.15 -6.12 101.46
CA PHE A 2 137.22 -6.87 100.83
C PHE A 2 137.60 -6.18 99.52
N LEU A 3 138.90 -5.97 99.32
CA LEU A 3 139.41 -5.25 98.16
C LEU A 3 139.96 -6.17 97.09
N LEU A 4 140.64 -7.23 97.49
CA LEU A 4 141.20 -8.22 96.58
C LEU A 4 140.56 -9.58 96.83
N PRO A 5 140.35 -10.38 95.78
CA PRO A 5 139.77 -11.71 95.97
C PRO A 5 140.51 -12.54 97.01
N TYR A 6 141.83 -12.43 97.08
CA TYR A 6 142.60 -13.25 98.01
C TYR A 6 142.33 -12.89 99.48
N GLU A 7 141.64 -11.78 99.74
CA GLU A 7 141.28 -11.43 101.12
C GLU A 7 140.03 -12.16 101.58
N THR A 8 139.31 -12.82 100.68
CA THR A 8 138.02 -13.41 101.00
C THR A 8 138.21 -14.75 101.71
N THR A 9 137.14 -15.21 102.38
CA THR A 9 137.21 -16.46 103.13
C THR A 9 137.51 -17.64 102.23
N VAL A 10 136.95 -17.68 101.02
CA VAL A 10 137.12 -18.84 100.16
C VAL A 10 138.58 -19.02 99.78
N CYS A 11 139.26 -17.93 99.40
CA CYS A 11 140.67 -18.03 99.06
C CYS A 11 141.51 -18.40 100.28
N LYS A 12 141.15 -17.86 101.44
CA LYS A 12 141.83 -18.24 102.67
C LYS A 12 141.73 -19.73 102.94
N THR A 13 140.57 -20.32 102.64
CA THR A 13 140.39 -21.76 102.84
C THR A 13 141.16 -22.57 101.79
N LEU A 14 141.05 -22.18 100.53
CA LEU A 14 141.64 -23.00 99.46
C LEU A 14 143.17 -22.93 99.48
N TYR A 15 143.75 -21.77 99.76
CA TYR A 15 145.18 -21.56 99.56
C TYR A 15 145.98 -21.59 100.85
N ASN A 16 145.35 -21.85 101.99
CA ASN A 16 146.01 -21.82 103.30
C ASN A 16 145.53 -23.03 104.11
N PRO A 17 145.87 -24.24 103.68
CA PRO A 17 145.40 -25.42 104.41
C PRO A 17 145.74 -25.38 105.90
N THR A 18 146.93 -24.91 106.25
CA THR A 18 147.31 -24.85 107.65
C THR A 18 146.71 -23.63 108.31
N GLY A 19 145.91 -23.86 109.35
CA GLY A 19 145.21 -22.76 110.00
C GLY A 19 144.18 -22.11 109.09
N GLY A 20 143.60 -22.88 108.18
CA GLY A 20 142.68 -22.29 107.22
C GLY A 20 141.47 -21.67 107.90
N GLY A 21 140.99 -20.56 107.33
CA GLY A 21 139.90 -19.82 107.91
C GLY A 21 140.16 -18.33 107.97
N LYS A 22 140.32 -17.79 109.17
CA LYS A 22 140.61 -16.38 109.38
C LYS A 22 142.13 -16.21 109.42
N LEU A 23 142.76 -16.40 108.26
CA LEU A 23 144.21 -16.28 108.17
C LEU A 23 144.57 -16.09 106.70
N TYR A 24 145.19 -14.97 106.39
CA TYR A 24 145.48 -14.63 105.00
C TYR A 24 146.47 -15.62 104.42
N PRO A 25 146.27 -16.09 103.18
CA PRO A 25 147.22 -17.05 102.59
C PRO A 25 148.52 -16.38 102.14
N LYS A 26 149.24 -15.79 103.10
CA LYS A 26 150.44 -15.02 102.76
C LYS A 26 151.47 -15.87 102.04
N GLN A 27 151.66 -17.12 102.48
CA GLN A 27 152.69 -17.96 101.91
C GLN A 27 152.42 -18.34 100.46
N TYR A 28 151.17 -18.18 99.99
CA TYR A 28 150.83 -18.47 98.61
C TYR A 28 150.82 -17.21 97.73
N VAL A 29 150.20 -16.12 98.19
CA VAL A 29 150.12 -14.93 97.37
C VAL A 29 151.49 -14.28 97.21
N ASP A 30 152.28 -14.23 98.28
CA ASP A 30 153.60 -13.62 98.18
C ASP A 30 154.50 -14.41 97.25
N GLN A 31 154.35 -15.73 97.19
CA GLN A 31 155.19 -16.54 96.31
C GLN A 31 154.90 -16.24 94.85
N ILE A 32 153.62 -16.19 94.47
CA ILE A 32 153.27 -15.88 93.08
C ILE A 32 153.43 -14.39 92.80
N GLU A 33 153.25 -13.55 93.82
CA GLU A 33 153.52 -12.12 93.63
C GLU A 33 154.99 -11.87 93.31
N ASN A 34 155.90 -12.52 94.06
CA ASN A 34 157.32 -12.34 93.81
C ASN A 34 157.71 -12.86 92.44
N ALA A 35 157.12 -13.98 92.02
CA ALA A 35 157.42 -14.53 90.70
C ALA A 35 157.07 -13.54 89.60
N ILE A 36 155.95 -12.82 89.77
CA ILE A 36 155.55 -11.82 88.78
C ILE A 36 156.52 -10.65 88.78
N LYS A 37 156.87 -10.14 89.97
CA LYS A 37 157.76 -9.00 90.05
C LYS A 37 159.13 -9.32 89.45
N LYS A 38 159.63 -10.54 89.69
CA LYS A 38 160.90 -10.94 89.11
C LYS A 38 160.80 -11.08 87.60
N ALA A 39 159.71 -11.68 87.10
CA ALA A 39 159.51 -11.77 85.66
C ALA A 39 159.42 -10.40 85.00
N ASN A 40 158.85 -9.40 85.69
CA ASN A 40 158.75 -8.07 85.12
C ASN A 40 160.12 -7.49 84.78
N VAL A 41 161.18 -7.98 85.42
CA VAL A 41 162.51 -7.42 85.20
C VAL A 41 163.04 -7.80 83.82
N TYR A 42 162.94 -9.08 83.46
CA TYR A 42 163.43 -9.52 82.16
C TYR A 42 162.42 -9.27 81.05
N LEU A 43 161.13 -9.46 81.31
CA LEU A 43 160.09 -9.18 80.34
C LEU A 43 158.96 -8.39 81.01
N PRO A 44 158.80 -7.11 80.70
CA PRO A 44 157.74 -6.33 81.35
C PRO A 44 156.38 -6.96 81.14
N ILE A 45 155.55 -6.88 82.18
CA ILE A 45 154.21 -7.47 82.18
C ILE A 45 153.32 -6.62 81.28
N PRO A 46 152.76 -7.18 80.20
CA PRO A 46 151.97 -6.36 79.29
C PRO A 46 150.65 -5.99 79.92
N PRO A 47 150.03 -4.89 79.47
CA PRO A 47 148.76 -4.46 80.07
C PRO A 47 147.61 -5.38 79.67
N VAL A 48 146.51 -5.23 80.38
CA VAL A 48 145.30 -5.99 80.11
C VAL A 48 144.46 -5.27 79.07
N ASP A 49 144.06 -6.00 78.02
CA ASP A 49 143.21 -5.43 76.99
C ASP A 49 141.76 -5.39 77.46
N ALA A 50 140.98 -4.53 76.84
CA ALA A 50 139.56 -4.43 77.18
C ALA A 50 138.77 -3.89 76.01
N ARG A 51 137.52 -4.35 75.89
CA ARG A 51 136.56 -3.86 74.89
C ARG A 51 137.19 -3.73 73.51
N ASN A 52 137.15 -2.53 72.96
CA ASN A 52 137.60 -2.28 71.59
C ASN A 52 139.10 -2.01 71.54
N GLY A 53 139.89 -2.99 71.98
CA GLY A 53 141.33 -2.91 71.84
C GLY A 53 142.02 -2.00 72.83
N GLU A 54 141.31 -1.48 73.83
CA GLU A 54 141.90 -0.55 74.77
C GLU A 54 142.49 -1.30 75.96
N THR A 55 143.43 -0.65 76.64
CA THR A 55 144.08 -1.21 77.82
C THR A 55 143.53 -0.56 79.08
N LEU A 56 143.72 -1.26 80.20
CA LEU A 56 143.33 -0.75 81.52
C LEU A 56 144.54 -0.08 82.17
N GLU A 57 144.30 1.06 82.81
CA GLU A 57 145.38 1.72 83.54
C GLU A 57 145.73 0.93 84.78
N HIS A 58 147.03 0.80 85.05
CA HIS A 58 147.54 0.07 86.20
C HIS A 58 147.05 -1.39 86.17
N SER A 59 147.39 -2.09 85.09
CA SER A 59 146.97 -3.46 84.91
C SER A 59 148.10 -4.24 84.24
N GLY A 60 147.97 -5.57 84.25
CA GLY A 60 148.84 -6.41 83.46
C GLY A 60 148.30 -7.82 83.37
N GLN A 61 148.87 -8.60 82.47
CA GLN A 61 148.49 -9.99 82.29
C GLN A 61 149.73 -10.83 82.08
N ILE A 62 149.68 -12.08 82.52
CA ILE A 62 150.75 -13.05 82.29
C ILE A 62 150.41 -13.80 81.01
N THR A 63 151.14 -13.52 79.95
CA THR A 63 150.81 -14.06 78.64
C THR A 63 151.42 -15.45 78.48
N PRO A 64 150.89 -16.26 77.54
CA PRO A 64 151.44 -17.62 77.36
C PRO A 64 152.75 -17.63 76.58
N VAL A 65 153.80 -17.12 77.24
CA VAL A 65 155.11 -17.03 76.63
C VAL A 65 156.09 -17.85 77.46
N ASP A 66 157.24 -18.15 76.86
CA ASP A 66 158.22 -19.01 77.53
C ASP A 66 158.87 -18.30 78.71
N ASP A 67 158.93 -16.96 78.66
CA ASP A 67 159.61 -16.22 79.72
C ASP A 67 158.88 -16.37 81.05
N PHE A 68 157.55 -16.43 81.01
CA PHE A 68 156.74 -16.50 82.24
C PHE A 68 156.54 -17.93 82.71
N GLU A 69 157.64 -18.64 82.97
CA GLU A 69 157.59 -20.03 83.38
C GLU A 69 157.67 -20.23 84.89
N ASP A 70 158.31 -19.32 85.62
CA ASP A 70 158.44 -19.47 87.07
C ASP A 70 157.17 -19.08 87.80
N ILE A 71 156.18 -18.53 87.11
CA ILE A 71 154.95 -18.07 87.75
C ILE A 71 153.96 -19.23 87.78
N LYS A 72 153.46 -19.55 88.97
CA LYS A 72 152.46 -20.60 89.10
C LYS A 72 151.13 -20.16 88.51
N LYS A 73 150.37 -21.13 88.02
CA LYS A 73 149.09 -20.87 87.37
C LYS A 73 148.05 -20.49 88.42
N PHE A 74 148.05 -19.22 88.81
CA PHE A 74 147.08 -18.72 89.76
C PHE A 74 145.83 -18.26 89.02
N THR A 75 144.71 -18.22 89.75
CA THR A 75 143.42 -17.89 89.17
C THR A 75 142.97 -16.47 89.50
N GLN A 76 143.05 -16.07 90.77
CA GLN A 76 142.49 -14.79 91.18
C GLN A 76 143.51 -13.67 91.00
N ILE A 77 143.00 -12.45 90.90
CA ILE A 77 143.84 -11.31 90.52
C ILE A 77 144.83 -11.01 91.64
N VAL A 78 146.08 -10.76 91.25
CA VAL A 78 147.17 -10.49 92.18
C VAL A 78 147.55 -9.02 92.06
N ASN A 79 147.73 -8.37 93.21
CA ASN A 79 148.15 -6.97 93.27
C ASN A 79 149.66 -6.93 93.50
N ILE A 80 150.40 -6.40 92.53
CA ILE A 80 151.85 -6.28 92.64
C ILE A 80 152.29 -4.84 92.87
N GLY A 81 151.35 -3.92 93.09
CA GLY A 81 151.65 -2.54 93.35
C GLY A 81 151.37 -2.18 94.81
N ASP A 82 151.39 -0.88 95.07
CA ASP A 82 151.11 -0.36 96.40
C ASP A 82 149.62 -0.02 96.53
N ARG A 83 149.26 0.59 97.66
CA ARG A 83 147.85 0.90 97.93
C ARG A 83 147.38 2.09 97.09
N ASP A 84 148.26 3.06 96.85
CA ASP A 84 147.84 4.29 96.18
C ASP A 84 147.67 4.08 94.69
N ASN A 85 148.57 3.33 94.06
CA ASN A 85 148.50 3.04 92.63
C ASN A 85 148.74 1.55 92.40
N PRO A 86 147.78 0.70 92.80
CA PRO A 86 147.98 -0.75 92.66
C PRO A 86 147.93 -1.18 91.20
N LYS A 87 148.84 -2.07 90.82
CA LYS A 87 148.89 -2.63 89.47
C LYS A 87 148.42 -4.09 89.57
N LEU A 88 147.21 -4.34 89.09
CA LEU A 88 146.63 -5.68 89.19
C LEU A 88 147.05 -6.53 88.00
N VAL A 89 147.39 -7.77 88.26
CA VAL A 89 147.84 -8.71 87.24
C VAL A 89 146.94 -9.93 87.26
N VAL A 90 146.52 -10.39 86.07
CA VAL A 90 145.74 -11.61 85.92
C VAL A 90 146.53 -12.59 85.08
N ASP A 91 146.40 -13.87 85.41
CA ASP A 91 147.09 -14.93 84.69
C ASP A 91 146.28 -15.28 83.44
N ALA A 92 146.78 -14.87 82.28
CA ALA A 92 146.08 -15.11 81.02
C ALA A 92 146.39 -16.48 80.42
N ARG A 93 147.30 -17.25 81.01
CA ARG A 93 147.69 -18.53 80.44
C ARG A 93 146.57 -19.54 80.49
N LEU A 94 145.57 -19.32 81.34
CA LEU A 94 144.38 -20.17 81.39
C LEU A 94 143.33 -19.75 80.38
N TYR A 95 143.51 -18.60 79.72
CA TYR A 95 142.47 -18.01 78.89
C TYR A 95 142.89 -17.78 77.46
N LYS A 96 144.18 -17.59 77.20
CA LYS A 96 144.70 -17.29 75.88
C LYS A 96 145.68 -18.38 75.48
N LYS A 97 145.68 -18.74 74.19
CA LYS A 97 146.70 -19.62 73.65
C LYS A 97 147.65 -18.82 72.76
N ILE A 98 148.93 -19.13 72.86
CA ILE A 98 149.94 -18.46 72.04
C ILE A 98 149.83 -18.96 70.60
N GLU A 99 149.92 -18.03 69.66
CA GLU A 99 149.98 -18.39 68.25
C GLU A 99 151.42 -18.66 67.84
N GLN A 100 151.62 -19.81 67.18
CA GLN A 100 152.95 -20.25 66.79
C GLN A 100 153.49 -19.56 65.56
N ARG A 101 152.64 -18.82 64.82
CA ARG A 101 153.08 -18.20 63.59
C ARG A 101 153.52 -16.76 63.82
N THR A 102 152.62 -15.93 64.34
CA THR A 102 152.90 -14.52 64.60
C THR A 102 153.43 -14.30 66.02
N GLY A 103 152.82 -14.96 67.00
CA GLY A 103 153.21 -14.77 68.38
C GLY A 103 152.17 -14.01 69.18
N ILE A 104 151.03 -13.72 68.58
CA ILE A 104 149.96 -13.01 69.27
C ILE A 104 149.06 -14.01 69.99
N PRO A 105 148.90 -13.92 71.31
CA PRO A 105 147.96 -14.80 72.00
C PRO A 105 146.54 -14.59 71.51
N ARG A 106 145.77 -15.69 71.48
CA ARG A 106 144.38 -15.66 71.04
C ARG A 106 143.50 -16.16 72.17
N ILE A 107 142.35 -15.51 72.35
CA ILE A 107 141.46 -15.84 73.44
C ILE A 107 140.68 -17.11 73.10
N ILE A 108 140.69 -18.07 74.02
CA ILE A 108 140.01 -19.34 73.77
C ILE A 108 138.52 -19.20 74.05
N GLN A 109 138.17 -18.59 75.18
CA GLN A 109 136.78 -18.37 75.55
C GLN A 109 136.62 -16.88 75.81
N GLN A 110 135.78 -16.21 75.01
CA GLN A 110 135.71 -14.75 75.10
C GLN A 110 135.05 -14.28 76.40
N ASN A 111 134.00 -14.98 76.85
CA ASN A 111 133.27 -14.52 78.02
C ASN A 111 134.10 -14.76 79.29
N GLU A 112 134.94 -15.80 79.29
CA GLU A 112 135.82 -16.02 80.44
C GLU A 112 136.87 -14.92 80.56
N TRP A 113 137.48 -14.53 79.44
CA TRP A 113 138.39 -13.39 79.46
C TRP A 113 137.64 -12.09 79.72
N GLN A 114 136.46 -11.92 79.11
CA GLN A 114 135.67 -10.72 79.36
C GLN A 114 135.37 -10.57 80.84
N PHE A 115 135.03 -11.68 81.49
CA PHE A 115 134.83 -11.69 82.94
C PHE A 115 136.08 -11.18 83.65
N GLN A 116 137.26 -11.67 83.26
CA GLN A 116 138.47 -11.38 84.01
C GLN A 116 138.79 -9.88 84.00
N TYR A 117 138.69 -9.25 82.83
CA TYR A 117 139.12 -7.86 82.74
C TYR A 117 138.04 -6.88 83.19
N ILE A 118 136.76 -7.26 83.17
CA ILE A 118 135.76 -6.43 83.83
C ILE A 118 135.91 -6.44 85.34
N ARG A 119 136.12 -7.60 85.96
CA ARG A 119 136.36 -7.65 87.39
C ARG A 119 137.57 -6.79 87.77
N MET A 120 138.65 -6.87 86.99
CA MET A 120 139.82 -6.03 87.27
C MET A 120 139.49 -4.55 87.11
N ALA A 121 138.82 -4.19 86.01
CA ALA A 121 138.50 -2.79 85.78
C ALA A 121 137.63 -2.21 86.89
N LEU A 122 136.67 -2.99 87.38
CA LEU A 122 135.86 -2.54 88.51
C LEU A 122 136.65 -2.56 89.81
N ASN A 123 137.59 -3.50 89.95
CA ASN A 123 138.42 -3.55 91.15
C ASN A 123 139.41 -2.40 91.20
N ILE A 124 139.97 -2.00 90.05
CA ILE A 124 140.88 -0.87 90.01
C ILE A 124 140.13 0.40 90.41
N LYS A 125 138.93 0.60 89.84
CA LYS A 125 138.12 1.74 90.20
C LYS A 125 137.82 1.77 91.69
N LEU A 126 137.51 0.61 92.28
CA LEU A 126 137.29 0.54 93.72
C LEU A 126 138.56 0.89 94.48
N LEU A 127 139.69 0.30 94.10
CA LEU A 127 140.94 0.51 94.84
C LEU A 127 141.36 1.98 94.83
N ARG A 128 141.18 2.66 93.70
CA ARG A 128 141.66 4.02 93.53
C ARG A 128 140.65 5.06 94.04
N GLU A 129 139.38 4.90 93.64
CA GLU A 129 138.38 5.91 93.95
C GLU A 129 137.60 5.61 95.21
N GLY A 130 137.60 4.37 95.68
CA GLY A 130 136.85 3.98 96.86
C GLY A 130 135.46 3.47 96.54
N PRO A 131 134.78 2.91 97.55
CA PRO A 131 133.46 2.30 97.34
C PRO A 131 132.34 3.32 97.23
N ASP A 132 132.39 4.14 96.18
CA ASP A 132 131.36 5.12 95.89
C ASP A 132 130.39 4.67 94.80
N PHE A 133 130.92 4.13 93.70
CA PHE A 133 130.05 3.73 92.59
C PHE A 133 129.21 2.49 92.93
N LEU A 134 129.66 1.67 93.88
CA LEU A 134 128.95 0.45 94.22
C LEU A 134 127.56 0.72 94.77
N HIS A 135 127.30 1.93 95.26
CA HIS A 135 126.01 2.26 95.85
C HIS A 135 125.02 2.81 94.84
N ARG A 136 125.44 3.03 93.60
CA ARG A 136 124.60 3.66 92.59
C ARG A 136 124.46 2.77 91.35
N LEU A 137 124.63 1.46 91.52
CA LEU A 137 124.48 0.51 90.43
C LEU A 137 123.05 0.01 90.27
N GLY A 138 122.12 0.54 91.03
CA GLY A 138 120.73 0.12 90.95
C GLY A 138 120.37 -0.90 92.01
N ASP A 139 119.11 -1.31 91.99
CA ASP A 139 118.57 -2.22 92.98
C ASP A 139 118.73 -3.68 92.59
N ILE A 140 119.24 -3.96 91.39
CA ILE A 140 119.42 -5.34 90.93
C ILE A 140 120.46 -6.10 91.75
N PRO A 141 121.69 -5.61 92.00
CA PRO A 141 122.64 -6.48 92.71
C PRO A 141 122.11 -6.98 94.04
N VAL A 142 121.39 -6.13 94.79
CA VAL A 142 120.92 -6.52 96.11
C VAL A 142 119.71 -7.44 96.00
N LYS A 143 118.82 -7.20 95.03
CA LYS A 143 117.69 -8.09 94.82
C LYS A 143 118.13 -9.46 94.34
N VAL A 144 119.14 -9.51 93.47
CA VAL A 144 119.65 -10.78 93.00
C VAL A 144 120.30 -11.55 94.15
N PHE A 145 121.09 -10.86 94.98
CA PHE A 145 121.83 -11.54 96.03
C PHE A 145 120.92 -12.29 96.98
N TYR A 146 119.92 -11.63 97.55
CA TYR A 146 119.12 -12.29 98.57
C TYR A 146 118.11 -13.26 97.98
N ASN A 147 117.70 -13.05 96.73
CA ASN A 147 116.87 -14.05 96.06
C ASN A 147 117.71 -15.26 95.66
N TRP A 148 118.95 -15.04 95.23
CA TRP A 148 119.83 -16.15 94.87
C TRP A 148 120.16 -17.02 96.08
N ILE A 149 120.63 -16.42 97.17
CA ILE A 149 121.04 -17.22 98.33
C ILE A 149 119.82 -17.86 98.97
N SER A 150 118.74 -17.09 99.17
CA SER A 150 117.55 -17.64 99.81
C SER A 150 116.85 -18.66 98.93
N GLY A 151 116.89 -18.47 97.61
CA GLY A 151 116.24 -19.41 96.71
C GLY A 151 116.82 -20.81 96.83
N ILE A 152 118.14 -20.91 96.86
CA ILE A 152 118.79 -22.21 96.99
C ILE A 152 118.48 -22.83 98.35
N LEU A 153 118.59 -22.04 99.41
CA LEU A 153 118.29 -22.54 100.75
C LEU A 153 116.83 -22.95 100.88
N THR A 154 115.91 -22.16 100.32
CA THR A 154 114.50 -22.46 100.48
C THR A 154 114.12 -23.79 99.81
N GLN A 155 114.64 -24.03 98.61
CA GLN A 155 114.35 -25.27 97.91
C GLN A 155 115.04 -26.46 98.58
N LYS A 156 116.28 -26.27 99.02
CA LYS A 156 117.04 -27.38 99.58
C LYS A 156 116.45 -27.86 100.90
N TYR A 157 116.11 -26.93 101.79
CA TYR A 157 115.69 -27.28 103.14
C TYR A 157 114.19 -27.15 103.36
N SER A 158 113.40 -26.95 102.30
CA SER A 158 111.95 -26.80 102.41
C SER A 158 111.58 -25.78 103.50
N LEU A 159 112.07 -24.57 103.32
CA LEU A 159 111.91 -23.54 104.35
C LEU A 159 110.56 -22.84 104.22
N PRO A 160 109.95 -22.48 105.35
CA PRO A 160 108.66 -21.77 105.30
C PRO A 160 108.86 -20.34 104.83
N PRO A 161 107.81 -19.68 104.35
CA PRO A 161 107.95 -18.27 103.95
C PRO A 161 108.55 -17.38 105.02
N GLU A 162 108.27 -17.65 106.31
CA GLU A 162 108.80 -16.80 107.36
C GLU A 162 110.33 -16.89 107.43
N SER A 163 110.87 -18.10 107.28
CA SER A 163 112.32 -18.26 107.25
C SER A 163 112.91 -17.62 106.00
N THR A 164 112.25 -17.79 104.85
CA THR A 164 112.74 -17.16 103.64
C THR A 164 112.79 -15.64 103.79
N GLN A 165 111.75 -15.05 104.39
CA GLN A 165 111.77 -13.61 104.62
C GLN A 165 112.90 -13.21 105.56
N ALA A 166 113.13 -14.01 106.62
CA ALA A 166 114.24 -13.71 107.52
C ALA A 166 115.58 -13.78 106.80
N ILE A 167 115.74 -14.77 105.92
CA ILE A 167 116.98 -14.87 105.15
C ILE A 167 117.13 -13.67 104.23
N TRP A 168 116.04 -13.23 103.60
CA TRP A 168 116.11 -12.04 102.74
C TRP A 168 116.65 -10.86 103.51
N VAL A 169 116.15 -10.66 104.73
CA VAL A 169 116.61 -9.54 105.56
C VAL A 169 118.08 -9.73 105.92
N ILE A 170 118.47 -10.94 106.31
CA ILE A 170 119.86 -11.20 106.68
C ILE A 170 120.79 -10.95 105.49
N CYS A 171 120.42 -11.50 104.32
CA CYS A 171 121.26 -11.34 103.15
C CYS A 171 121.31 -9.90 102.67
N ALA A 172 120.16 -9.19 102.72
CA ALA A 172 120.16 -7.80 102.29
C ALA A 172 121.07 -6.96 103.18
N VAL A 173 121.02 -7.18 104.50
CA VAL A 173 121.91 -6.46 105.40
C VAL A 173 123.35 -6.83 105.14
N TYR A 174 123.65 -8.12 104.94
CA TYR A 174 125.01 -8.54 104.64
C TYR A 174 125.53 -7.86 103.37
N TYR A 175 124.75 -7.88 102.29
CA TYR A 175 125.16 -7.22 101.07
C TYR A 175 125.57 -5.77 101.34
N PHE A 176 124.73 -5.03 102.07
CA PHE A 176 125.08 -3.65 102.39
C PHE A 176 126.28 -3.59 103.32
N ALA A 177 126.41 -4.54 104.24
CA ALA A 177 127.60 -4.61 105.09
C ALA A 177 128.88 -4.74 104.28
N MET A 178 128.82 -5.37 103.11
CA MET A 178 129.99 -5.44 102.23
C MET A 178 130.20 -4.16 101.43
N GLN A 179 129.31 -3.18 101.54
CA GLN A 179 129.47 -1.91 100.84
C GLN A 179 129.85 -0.76 101.76
N ASP A 180 129.54 -0.85 103.05
CA ASP A 180 129.82 0.21 104.01
C ASP A 180 130.29 -0.44 105.31
N ASP A 181 131.55 -0.19 105.68
CA ASP A 181 132.15 -0.84 106.84
C ASP A 181 131.43 -0.50 108.15
N ASP A 182 130.58 0.53 108.16
CA ASP A 182 129.84 0.87 109.36
C ASP A 182 128.63 -0.03 109.58
N LEU A 183 128.26 -0.85 108.60
CA LEU A 183 127.11 -1.73 108.70
C LEU A 183 127.48 -3.17 109.05
N THR A 184 128.74 -3.41 109.40
CA THR A 184 129.19 -4.76 109.70
C THR A 184 128.98 -5.15 111.16
N GLU A 185 128.63 -4.22 112.03
CA GLU A 185 128.45 -4.48 113.44
C GLU A 185 127.06 -4.03 113.87
N PRO A 186 126.49 -4.65 114.90
CA PRO A 186 125.19 -4.21 115.40
C PRO A 186 125.23 -2.76 115.87
N GLY A 187 124.11 -2.09 115.71
CA GLY A 187 124.00 -0.70 116.14
C GLY A 187 122.89 0.01 115.37
N GLN A 188 122.81 1.32 115.59
CA GLN A 188 121.78 2.11 114.94
C GLN A 188 121.98 2.21 113.44
N GLU A 189 123.19 1.96 112.94
CA GLU A 189 123.44 2.00 111.51
C GLU A 189 122.74 0.83 110.80
N ARG A 190 122.62 -0.31 111.48
CA ARG A 190 121.85 -1.42 110.94
C ARG A 190 120.38 -1.06 110.83
N ASP A 191 119.83 -0.38 111.85
CA ASP A 191 118.43 0.02 111.82
C ASP A 191 118.12 0.98 110.68
N ARG A 192 119.11 1.77 110.24
CA ARG A 192 118.89 2.68 109.13
C ARG A 192 118.56 1.94 107.83
N LEU A 193 118.82 0.63 107.77
CA LEU A 193 118.54 -0.14 106.57
C LEU A 193 117.09 -0.58 106.45
N ILE A 194 116.28 -0.43 107.50
CA ILE A 194 114.92 -0.95 107.46
C ILE A 194 114.08 -0.32 106.35
N PRO A 195 114.03 1.00 106.19
CA PRO A 195 113.28 1.56 105.04
C PRO A 195 113.73 1.00 103.71
N ILE A 196 115.04 0.76 103.54
CA ILE A 196 115.55 0.29 102.26
C ILE A 196 115.16 -1.16 102.03
N ILE A 197 115.34 -2.02 103.03
CA ILE A 197 115.02 -3.43 102.88
C ILE A 197 113.53 -3.62 102.65
N SER A 198 112.68 -2.88 103.36
CA SER A 198 111.24 -2.99 103.12
C SER A 198 110.89 -2.60 101.70
N ARG A 199 111.47 -1.51 101.21
CA ARG A 199 111.25 -1.09 99.83
C ARG A 199 111.66 -2.18 98.84
N LEU A 200 112.77 -2.87 99.11
CA LEU A 200 113.27 -3.89 98.20
C LEU A 200 112.45 -5.17 98.29
N THR A 201 112.14 -5.61 99.51
CA THR A 201 111.50 -6.89 99.75
C THR A 201 109.98 -6.80 99.91
N TYR A 202 109.44 -5.60 100.13
CA TYR A 202 108.02 -5.41 100.41
C TYR A 202 107.60 -6.20 101.66
N ILE A 203 108.49 -6.26 102.64
CA ILE A 203 108.21 -6.92 103.91
C ILE A 203 107.89 -5.84 104.93
N PRO A 204 106.86 -6.01 105.76
CA PRO A 204 106.53 -4.98 106.75
C PRO A 204 107.73 -4.67 107.64
N ALA A 205 107.83 -3.40 108.04
CA ALA A 205 108.95 -2.97 108.86
C ALA A 205 109.02 -3.73 110.18
N GLY A 206 107.87 -4.12 110.74
CA GLY A 206 107.88 -4.85 111.99
C GLY A 206 108.67 -6.14 111.91
N PHE A 207 108.42 -6.92 110.85
CA PHE A 207 109.17 -8.15 110.64
C PHE A 207 110.66 -7.86 110.47
N ILE A 208 110.99 -6.89 109.63
CA ILE A 208 112.39 -6.59 109.33
C ILE A 208 113.11 -6.14 110.58
N ALA A 209 112.51 -5.21 111.33
CA ALA A 209 113.16 -4.71 112.54
C ALA A 209 113.41 -5.82 113.55
N ASP A 210 112.47 -6.76 113.66
CA ASP A 210 112.65 -7.87 114.60
C ASP A 210 113.85 -8.73 114.23
N VAL A 211 114.06 -8.95 112.92
CA VAL A 211 115.20 -9.76 112.50
C VAL A 211 116.51 -9.00 112.72
N ILE A 212 116.57 -7.73 112.31
CA ILE A 212 117.81 -6.96 112.42
C ILE A 212 118.23 -6.82 113.88
N ASP A 213 117.27 -6.63 114.78
CA ASP A 213 117.60 -6.42 116.19
C ASP A 213 118.44 -7.56 116.75
N THR A 214 118.34 -8.74 116.16
CA THR A 214 118.99 -9.94 116.70
C THR A 214 120.27 -10.30 115.98
N LEU A 215 120.65 -9.54 114.95
CA LEU A 215 121.81 -9.91 114.13
C LEU A 215 123.10 -9.55 114.84
N GLY A 216 124.11 -10.40 114.68
CA GLY A 216 125.45 -10.10 115.14
C GLY A 216 126.31 -9.51 114.06
N PRO A 217 127.63 -9.70 114.17
CA PRO A 217 128.54 -9.16 113.15
C PRO A 217 128.32 -9.81 111.79
N LEU A 218 128.60 -9.06 110.74
CA LEU A 218 128.57 -9.56 109.35
C LEU A 218 129.80 -9.04 108.64
N HIS A 219 130.95 -9.66 108.92
CA HIS A 219 132.21 -9.27 108.31
C HIS A 219 132.62 -10.14 107.13
N ASN A 220 132.08 -11.35 107.03
CA ASN A 220 132.48 -12.31 106.01
C ASN A 220 131.37 -13.31 105.79
N ALA A 221 131.60 -14.24 104.85
CA ALA A 221 130.61 -15.26 104.56
C ALA A 221 130.36 -16.20 105.74
N GLY A 222 131.38 -16.43 106.59
CA GLY A 222 131.16 -17.25 107.77
C GLY A 222 130.15 -16.63 108.71
N ASP A 223 130.20 -15.31 108.88
CA ASP A 223 129.18 -14.62 109.66
C ASP A 223 127.82 -14.72 108.98
N LEU A 224 127.77 -14.64 107.65
CA LEU A 224 126.50 -14.79 106.94
C LEU A 224 125.89 -16.16 107.20
N ALA A 225 126.70 -17.22 107.09
CA ALA A 225 126.19 -18.56 107.35
C ALA A 225 125.68 -18.69 108.78
N TYR A 226 126.42 -18.13 109.74
CA TYR A 226 125.99 -18.20 111.13
C TYR A 226 124.63 -17.54 111.31
N GLU A 227 124.46 -16.32 110.80
CA GLU A 227 123.21 -15.59 111.00
C GLU A 227 122.05 -16.28 110.29
N ILE A 228 122.30 -16.85 109.12
CA ILE A 228 121.24 -17.58 108.42
C ILE A 228 120.74 -18.74 109.27
N SER A 229 121.66 -19.49 109.89
CA SER A 229 121.26 -20.56 110.79
C SER A 229 120.68 -20.03 112.09
N THR A 230 121.24 -18.93 112.60
CA THR A 230 120.86 -18.46 113.94
C THR A 230 119.53 -17.70 113.94
N ASN A 231 119.41 -16.68 113.11
CA ASN A 231 118.23 -15.81 113.13
C ASN A 231 117.38 -15.96 111.87
N GLY A 232 117.29 -17.19 111.37
CA GLY A 232 116.47 -17.45 110.19
C GLY A 232 115.17 -18.16 110.51
N ARG A 233 114.84 -18.26 111.80
CA ARG A 233 113.61 -18.90 112.26
C ARG A 233 113.42 -20.28 111.64
N SER A 234 114.51 -21.06 111.59
CA SER A 234 114.43 -22.42 111.09
C SER A 234 115.59 -23.23 111.65
N ILE A 235 115.32 -24.48 112.04
CA ILE A 235 116.36 -25.38 112.52
C ILE A 235 116.69 -26.46 111.50
N ARG A 236 116.00 -26.47 110.34
CA ARG A 236 116.23 -27.50 109.34
C ARG A 236 117.56 -27.32 108.62
N MET A 237 118.11 -26.10 108.62
CA MET A 237 119.39 -25.83 107.98
C MET A 237 120.56 -26.33 108.81
N GLY A 238 120.40 -26.42 110.12
CA GLY A 238 121.48 -26.73 111.02
C GLY A 238 122.31 -25.51 111.35
N LYS A 239 123.59 -25.76 111.60
CA LYS A 239 124.55 -24.70 111.89
C LYS A 239 125.48 -24.55 110.68
N LEU A 240 125.11 -23.62 109.80
CA LEU A 240 125.84 -23.46 108.54
C LEU A 240 127.18 -22.78 108.78
N LYS A 241 128.24 -23.19 108.06
CA LYS A 241 129.54 -22.53 108.10
C LYS A 241 129.74 -21.98 106.71
N PHE A 242 130.79 -21.20 106.49
CA PHE A 242 131.07 -20.70 105.17
C PHE A 242 131.27 -21.88 104.21
N SER A 243 131.73 -23.04 104.69
CA SER A 243 131.96 -24.20 103.80
C SER A 243 130.63 -24.72 103.27
N ASP A 244 129.53 -24.46 103.96
CA ASP A 244 128.22 -24.87 103.46
C ASP A 244 127.72 -23.93 102.37
N LEU A 245 127.94 -22.62 102.53
CA LEU A 245 127.58 -21.69 101.47
C LEU A 245 128.34 -21.98 100.18
N GLN A 246 129.63 -22.33 100.29
CA GLN A 246 130.41 -22.65 99.10
C GLN A 246 129.82 -23.84 98.34
N LEU A 247 129.37 -24.87 99.05
CA LEU A 247 128.73 -26.00 98.40
C LEU A 247 127.40 -25.63 97.78
N LEU A 248 126.67 -24.66 98.36
CA LEU A 248 125.39 -24.27 97.82
C LEU A 248 125.54 -23.46 96.54
N VAL A 249 126.55 -22.59 96.48
CA VAL A 249 126.69 -21.66 95.37
C VAL A 249 127.59 -22.20 94.25
N SER A 250 128.49 -23.13 94.55
CA SER A 250 129.40 -23.63 93.52
C SER A 250 128.71 -24.01 92.21
N PRO A 251 127.51 -24.65 92.19
CA PRO A 251 126.96 -25.08 90.90
C PRO A 251 126.20 -23.98 90.16
N SER A 252 126.37 -22.73 90.59
CA SER A 252 125.61 -21.61 90.05
C SER A 252 126.29 -20.95 88.86
N TRP A 253 127.41 -21.49 88.39
CA TRP A 253 128.16 -20.91 87.29
C TRP A 253 128.93 -22.01 86.59
N PHE A 254 129.63 -21.65 85.52
CA PHE A 254 130.51 -22.60 84.86
C PHE A 254 131.65 -21.85 84.18
N GLY A 255 132.67 -22.59 83.80
CA GLY A 255 133.84 -22.04 83.15
C GLY A 255 135.08 -22.22 84.01
N THR A 256 136.17 -21.62 83.55
CA THR A 256 137.42 -21.72 84.28
C THR A 256 137.27 -21.11 85.67
N ALA A 257 137.66 -21.89 86.68
CA ALA A 257 137.62 -21.44 88.09
C ALA A 257 136.24 -20.90 88.44
N SER A 258 135.21 -21.60 87.96
CA SER A 258 133.83 -21.18 88.16
C SER A 258 133.37 -21.31 89.60
N ARG A 259 133.84 -22.32 90.32
CA ARG A 259 133.47 -22.54 91.71
C ARG A 259 134.12 -21.52 92.64
N GLU A 260 135.38 -21.17 92.38
CA GLU A 260 136.05 -20.14 93.16
C GLU A 260 135.44 -18.77 92.91
N ASN A 261 135.19 -18.43 91.63
CA ASN A 261 134.68 -17.11 91.31
C ASN A 261 133.34 -16.84 91.98
N VAL A 262 132.47 -17.85 92.04
CA VAL A 262 131.18 -17.67 92.70
C VAL A 262 131.36 -17.55 94.20
N GLY A 263 132.22 -18.39 94.80
CA GLY A 263 132.48 -18.28 96.22
C GLY A 263 133.07 -16.93 96.60
N VAL A 264 134.04 -16.45 95.82
CA VAL A 264 134.62 -15.14 96.05
C VAL A 264 133.56 -14.06 95.95
N ALA A 265 132.63 -14.21 95.01
CA ALA A 265 131.58 -13.22 94.83
C ALA A 265 130.76 -12.98 96.10
N LEU A 266 130.74 -13.94 97.02
CA LEU A 266 129.96 -13.76 98.24
C LEU A 266 130.51 -12.63 99.10
N GLU A 267 131.78 -12.27 98.91
CA GLU A 267 132.43 -11.24 99.71
C GLU A 267 133.03 -10.14 98.87
N HIS A 268 133.59 -10.47 97.71
CA HIS A 268 134.29 -9.48 96.89
C HIS A 268 133.30 -8.83 95.94
N MET A 269 133.02 -7.54 96.15
CA MET A 269 131.98 -6.85 95.40
C MET A 269 132.27 -6.79 93.89
N PRO A 270 133.43 -6.31 93.46
CA PRO A 270 133.69 -6.30 92.00
C PRO A 270 133.42 -7.64 91.33
N THR A 271 133.71 -8.75 92.00
CA THR A 271 133.43 -10.06 91.42
C THR A 271 131.93 -10.30 91.28
N TYR A 272 131.17 -10.01 92.34
CA TYR A 272 129.72 -10.20 92.30
C TYR A 272 129.09 -9.35 91.21
N ILE A 273 129.47 -8.07 91.12
CA ILE A 273 128.89 -7.18 90.12
C ILE A 273 129.21 -7.68 88.72
N THR A 274 130.43 -8.17 88.50
CA THR A 274 130.80 -8.65 87.19
C THR A 274 129.96 -9.86 86.78
N LEU A 275 129.69 -10.77 87.72
CA LEU A 275 128.90 -11.95 87.40
C LEU A 275 127.51 -11.57 86.91
N ILE A 276 126.87 -10.58 87.55
CA ILE A 276 125.57 -10.12 87.09
C ILE A 276 125.68 -9.49 85.71
N TYR A 277 126.71 -8.67 85.50
CA TYR A 277 126.94 -8.09 84.18
C TYR A 277 127.01 -9.19 83.12
N MET A 278 127.78 -10.25 83.37
CA MET A 278 127.89 -11.33 82.40
C MET A 278 126.55 -12.05 82.24
N ALA A 279 125.79 -12.18 83.32
CA ALA A 279 124.47 -12.79 83.24
C ALA A 279 123.50 -11.99 82.39
N LEU A 280 123.65 -10.66 82.34
CA LEU A 280 122.83 -9.81 81.49
C LEU A 280 123.46 -9.52 80.13
N ALA A 281 124.78 -9.65 80.01
CA ALA A 281 125.49 -9.30 78.77
C ALA A 281 125.93 -10.54 78.00
N ASP A 282 125.31 -11.69 78.30
CA ASP A 282 125.66 -12.93 77.62
C ASP A 282 124.43 -13.80 77.52
N ARG A 283 124.46 -14.74 76.57
CA ARG A 283 123.42 -15.76 76.46
C ARG A 283 123.92 -17.17 76.76
N SER A 284 125.24 -17.39 76.73
CA SER A 284 125.75 -18.72 77.07
C SER A 284 125.48 -19.04 78.54
N TYR A 285 125.63 -18.03 79.41
CA TYR A 285 125.31 -18.18 80.83
C TYR A 285 123.82 -17.94 81.02
N ARG A 286 123.04 -18.85 80.46
CA ARG A 286 121.58 -18.79 80.61
C ARG A 286 121.02 -19.96 81.41
N LYS A 287 121.73 -21.09 81.44
CA LYS A 287 121.23 -22.27 82.13
C LYS A 287 121.63 -22.32 83.60
N THR A 288 122.47 -21.39 84.05
CA THR A 288 123.00 -21.45 85.41
C THR A 288 121.98 -20.94 86.41
N VAL A 289 122.19 -21.31 87.67
CA VAL A 289 121.27 -20.89 88.74
C VAL A 289 121.33 -19.38 88.93
N LEU A 290 122.54 -18.81 88.92
CA LEU A 290 122.68 -17.38 89.14
C LEU A 290 122.03 -16.58 88.02
N SER A 291 122.24 -17.01 86.77
CA SER A 291 121.69 -16.28 85.63
C SER A 291 120.16 -16.29 85.65
N GLN A 292 119.56 -17.42 86.05
CA GLN A 292 118.11 -17.47 86.15
C GLN A 292 117.58 -16.46 87.18
N LYS A 293 118.28 -16.34 88.31
CA LYS A 293 117.84 -15.38 89.34
C LYS A 293 118.07 -13.94 88.89
N VAL A 294 119.12 -13.68 88.12
CA VAL A 294 119.34 -12.34 87.61
C VAL A 294 118.25 -11.94 86.63
N GLU A 295 117.95 -12.81 85.68
CA GLU A 295 116.92 -12.49 84.68
C GLU A 295 115.52 -12.50 85.26
N MET A 296 115.31 -13.33 86.29
CA MET A 296 114.03 -13.41 86.97
C MET A 296 113.61 -12.09 87.56
N ILE A 297 114.54 -11.41 88.22
CA ILE A 297 114.17 -10.20 88.98
C ILE A 297 114.54 -8.92 88.21
N SER A 298 115.40 -9.07 87.21
CA SER A 298 115.76 -7.89 86.42
C SER A 298 114.80 -7.48 85.33
N ARG A 299 114.28 -6.26 85.43
CA ARG A 299 113.39 -5.79 84.38
C ARG A 299 114.21 -5.26 83.21
N SER A 300 113.58 -5.22 82.04
CA SER A 300 114.29 -4.80 80.83
C SER A 300 114.91 -3.42 80.99
N ASP A 301 114.13 -2.48 81.54
CA ASP A 301 114.61 -1.10 81.66
C ASP A 301 115.74 -1.00 82.69
N ASP A 302 115.61 -1.74 83.80
CA ASP A 302 116.64 -1.69 84.84
C ASP A 302 117.90 -2.42 84.40
N ALA A 303 117.76 -3.53 83.68
CA ALA A 303 118.93 -4.26 83.22
C ALA A 303 119.77 -3.43 82.26
N SER A 304 119.11 -2.68 81.37
CA SER A 304 119.84 -1.82 80.45
C SER A 304 120.62 -0.75 81.21
N ARG A 305 119.98 -0.10 82.19
CA ARG A 305 120.66 0.90 83.00
C ARG A 305 121.86 0.30 83.72
N PHE A 306 121.69 -0.90 84.28
CA PHE A 306 122.78 -1.55 85.00
C PHE A 306 124.00 -1.73 84.09
N ILE A 307 123.79 -2.26 82.88
CA ILE A 307 124.90 -2.49 81.97
C ILE A 307 125.58 -1.17 81.62
N ASN A 308 124.78 -0.12 81.35
CA ASN A 308 125.35 1.18 81.03
C ASN A 308 126.19 1.72 82.18
N LEU A 309 125.72 1.56 83.42
CA LEU A 309 126.45 2.07 84.57
C LEU A 309 127.77 1.32 84.75
N VAL A 310 127.75 0.00 84.56
CA VAL A 310 128.99 -0.77 84.67
C VAL A 310 129.95 -0.41 83.54
N ASN A 311 129.43 -0.26 82.32
CA ASN A 311 130.28 0.11 81.19
C ASN A 311 131.02 1.42 81.45
N GLU A 312 130.37 2.37 82.10
CA GLU A 312 131.07 3.59 82.49
C GLU A 312 132.10 3.32 83.58
N ALA A 313 131.78 2.49 84.56
CA ALA A 313 132.75 2.13 85.59
C ALA A 313 133.97 1.45 84.98
N VAL A 314 133.75 0.61 83.96
CA VAL A 314 134.86 -0.09 83.32
C VAL A 314 135.64 0.86 82.42
N SER A 315 134.95 1.57 81.52
CA SER A 315 135.61 2.41 80.54
C SER A 315 136.32 3.60 81.15
N SER A 316 135.87 4.08 82.31
CA SER A 316 136.55 5.18 82.98
C SER A 316 137.96 4.81 83.42
N GLN A 317 138.30 3.52 83.40
CA GLN A 317 139.62 3.05 83.77
C GLN A 317 140.48 2.71 82.56
N PHE A 318 140.05 3.11 81.36
CA PHE A 318 140.81 2.88 80.14
C PHE A 318 141.90 3.94 79.99
N VAL A 319 142.99 3.53 79.34
CA VAL A 319 144.11 4.42 79.10
C VAL A 319 143.87 5.26 77.86
N PRO B 160 137.42 -74.88 -7.47
CA PRO B 160 138.51 -75.75 -7.94
C PRO B 160 139.72 -75.72 -7.01
N LYS B 161 140.80 -76.37 -7.43
CA LYS B 161 142.01 -76.48 -6.63
C LYS B 161 143.13 -75.67 -7.26
N ALA B 162 144.00 -75.11 -6.42
CA ALA B 162 145.15 -74.38 -6.91
C ALA B 162 146.10 -75.31 -7.65
N PHE B 163 146.72 -74.80 -8.71
CA PHE B 163 147.69 -75.54 -9.50
C PHE B 163 149.00 -74.80 -9.52
N GLN B 164 150.09 -75.53 -9.76
CA GLN B 164 151.41 -74.92 -9.82
C GLN B 164 151.64 -74.26 -11.17
N LEU B 165 152.18 -73.05 -11.16
CA LEU B 165 152.64 -72.37 -12.36
C LEU B 165 154.16 -72.48 -12.39
N ASN B 166 154.67 -73.42 -13.19
CA ASN B 166 156.10 -73.71 -13.19
C ASN B 166 156.88 -72.53 -13.76
N LEU B 167 157.81 -72.00 -12.97
CA LEU B 167 158.57 -70.83 -13.40
C LEU B 167 159.43 -71.14 -14.63
N ALA B 168 159.88 -72.39 -14.76
CA ALA B 168 160.69 -72.76 -15.92
C ALA B 168 159.90 -72.60 -17.22
N THR B 169 158.60 -72.88 -17.18
CA THR B 169 157.78 -72.79 -18.39
C THR B 169 157.57 -71.33 -18.78
N VAL B 170 157.50 -70.43 -17.81
CA VAL B 170 157.42 -69.00 -18.11
C VAL B 170 158.68 -68.52 -18.80
N LYS B 171 159.84 -68.94 -18.30
CA LYS B 171 161.10 -68.56 -18.95
C LYS B 171 161.14 -69.03 -20.39
N SER B 172 160.67 -70.25 -20.66
CA SER B 172 160.77 -70.80 -22.00
C SER B 172 159.78 -70.14 -22.96
N GLN B 173 158.59 -69.80 -22.46
CA GLN B 173 157.58 -69.19 -23.31
C GLN B 173 158.01 -67.82 -23.80
N PHE B 174 158.68 -67.04 -22.94
CA PHE B 174 159.11 -65.69 -23.30
C PHE B 174 160.60 -65.69 -23.65
N GLY B 175 160.92 -66.42 -24.71
CA GLY B 175 162.31 -66.59 -25.10
C GLY B 175 163.05 -67.40 -24.05
N ASP B 176 164.05 -66.79 -23.43
CA ASP B 176 164.86 -67.41 -22.37
C ASP B 176 165.16 -66.32 -21.36
N LEU B 177 164.22 -66.05 -20.47
CA LEU B 177 164.40 -65.03 -19.46
C LEU B 177 165.29 -65.51 -18.32
N PRO B 178 166.04 -64.61 -17.71
CA PRO B 178 166.65 -64.94 -16.41
C PRO B 178 165.57 -65.09 -15.36
N THR B 179 165.91 -65.82 -14.29
CA THR B 179 164.89 -66.23 -13.33
C THR B 179 164.09 -65.02 -12.82
N TYR B 180 164.80 -63.96 -12.44
CA TYR B 180 164.14 -62.89 -11.70
C TYR B 180 163.29 -62.02 -12.61
N TRP B 181 163.61 -61.94 -13.90
CA TRP B 181 162.72 -61.23 -14.82
C TRP B 181 161.42 -62.00 -15.03
N ALA B 182 161.50 -63.34 -15.12
CA ALA B 182 160.30 -64.14 -15.19
C ALA B 182 159.46 -63.99 -13.93
N ILE B 183 160.10 -63.88 -12.77
CA ILE B 183 159.38 -63.67 -11.53
C ILE B 183 158.67 -62.31 -11.53
N GLU B 184 159.37 -61.27 -11.96
CA GLU B 184 158.76 -59.94 -12.04
C GLU B 184 157.59 -59.95 -13.03
N LEU B 185 157.75 -60.66 -14.15
CA LEU B 185 156.67 -60.76 -15.12
C LEU B 185 155.44 -61.40 -14.51
N ILE B 186 155.63 -62.44 -13.70
CA ILE B 186 154.51 -63.07 -13.00
C ILE B 186 153.87 -62.07 -12.04
N LYS B 187 154.69 -61.36 -11.27
CA LYS B 187 154.15 -60.38 -10.32
C LYS B 187 153.39 -59.29 -11.05
N ARG B 188 153.89 -58.83 -12.19
CA ARG B 188 153.16 -57.84 -12.99
C ARG B 188 151.83 -58.41 -13.49
N TYR B 189 151.86 -59.63 -14.02
CA TYR B 189 150.61 -60.24 -14.51
C TYR B 189 149.56 -60.30 -13.41
N PHE B 190 149.97 -60.69 -12.20
CA PHE B 190 149.06 -60.79 -11.07
C PHE B 190 149.02 -59.51 -10.24
N SER B 191 149.53 -58.40 -10.77
CA SER B 191 149.50 -57.10 -10.10
C SER B 191 149.91 -57.22 -8.64
N ALA B 192 150.94 -58.02 -8.39
CA ALA B 192 151.35 -58.28 -7.02
C ALA B 192 151.98 -57.03 -6.41
N PRO B 193 151.81 -56.81 -5.11
CA PRO B 193 152.46 -55.68 -4.47
C PRO B 193 153.97 -55.75 -4.68
N PRO B 194 154.69 -54.59 -4.60
CA PRO B 194 156.15 -54.80 -4.78
C PRO B 194 156.83 -55.42 -3.57
N ALA B 195 156.10 -55.65 -2.48
CA ALA B 195 156.71 -56.16 -1.26
C ALA B 195 156.52 -57.67 -1.17
N ILE B 196 156.59 -58.34 -2.30
CA ILE B 196 156.47 -59.79 -2.33
C ILE B 196 157.87 -60.39 -2.52
N TYR B 197 158.25 -61.35 -1.69
CA TYR B 197 159.51 -62.05 -1.88
C TYR B 197 159.23 -63.39 -2.57
N ILE B 198 159.93 -63.62 -3.68
CA ILE B 198 159.90 -64.91 -4.37
C ILE B 198 161.34 -65.31 -4.66
N PRO B 199 161.82 -66.43 -4.16
CA PRO B 199 163.21 -66.84 -4.40
C PRO B 199 163.41 -67.44 -5.80
N ASP B 200 164.68 -67.52 -6.17
CA ASP B 200 165.08 -68.32 -7.31
C ASP B 200 164.88 -69.81 -7.01
N VAL B 201 164.62 -70.58 -8.07
CA VAL B 201 164.39 -72.02 -7.90
C VAL B 201 165.65 -72.69 -7.38
N VAL B 202 166.82 -72.24 -7.84
CA VAL B 202 168.08 -72.82 -7.40
C VAL B 202 168.29 -72.57 -5.91
N ASP B 203 167.95 -71.37 -5.44
CA ASP B 203 168.14 -71.05 -4.03
C ASP B 203 167.13 -71.78 -3.15
N ASN B 204 165.89 -71.91 -3.62
CA ASN B 204 164.81 -72.57 -2.88
C ASN B 204 164.02 -73.47 -3.81
N PRO B 205 164.56 -74.64 -4.14
CA PRO B 205 163.88 -75.49 -5.14
C PRO B 205 162.53 -76.01 -4.67
N ASP B 206 162.27 -76.00 -3.36
CA ASP B 206 160.97 -76.45 -2.85
C ASP B 206 159.89 -75.39 -2.98
N PHE B 207 160.26 -74.16 -3.32
CA PHE B 207 159.29 -73.08 -3.35
C PHE B 207 158.39 -73.18 -4.59
N LYS B 208 157.09 -73.07 -4.38
CA LYS B 208 156.10 -73.24 -5.44
C LYS B 208 155.39 -71.92 -5.66
N ILE B 209 155.12 -71.59 -6.92
CA ILE B 209 154.21 -70.50 -7.26
C ILE B 209 152.90 -71.15 -7.68
N MET B 210 151.87 -70.97 -6.85
CA MET B 210 150.56 -71.55 -7.12
C MET B 210 149.63 -70.50 -7.71
N VAL B 211 148.62 -70.98 -8.44
CA VAL B 211 147.56 -70.15 -8.97
C VAL B 211 146.23 -70.77 -8.57
N GLN B 212 145.36 -69.97 -7.95
CA GLN B 212 144.02 -70.40 -7.56
C GLN B 212 142.99 -69.61 -8.36
N GLN B 213 142.05 -70.33 -8.99
CA GLN B 213 140.94 -69.71 -9.69
C GLN B 213 139.85 -69.40 -8.67
N VAL B 214 139.54 -68.13 -8.50
CA VAL B 214 138.58 -67.70 -7.49
C VAL B 214 137.30 -67.24 -8.19
N LYS B 215 136.19 -67.25 -7.44
CA LYS B 215 134.92 -66.83 -8.00
C LYS B 215 134.93 -65.35 -8.38
N PHE B 216 135.57 -64.51 -7.56
CA PHE B 216 135.53 -63.07 -7.80
C PHE B 216 136.75 -62.41 -7.18
N PHE B 217 137.04 -61.20 -7.64
CA PHE B 217 137.93 -60.28 -6.97
C PHE B 217 137.11 -59.26 -6.18
N GLY B 218 137.70 -58.78 -5.09
CA GLY B 218 137.11 -57.66 -4.38
C GLY B 218 137.36 -56.35 -5.08
N ASN B 219 136.73 -55.29 -4.57
CA ASN B 219 136.94 -53.97 -5.13
C ASN B 219 138.31 -53.41 -4.78
N GLY B 220 139.01 -54.06 -3.86
CA GLY B 220 140.32 -53.61 -3.42
C GLY B 220 141.45 -54.25 -4.20
N LEU B 221 142.58 -54.45 -3.52
CA LEU B 221 143.76 -55.00 -4.17
C LEU B 221 143.63 -56.51 -4.30
N ARG B 222 144.29 -57.05 -5.33
CA ARG B 222 144.14 -58.47 -5.65
C ARG B 222 144.40 -59.32 -4.41
N PRO B 223 143.49 -60.22 -4.06
CA PRO B 223 143.65 -61.06 -2.84
C PRO B 223 144.62 -62.22 -3.02
N ILE B 224 145.91 -61.93 -2.85
CA ILE B 224 146.96 -62.94 -2.97
C ILE B 224 147.14 -63.62 -1.62
N TYR B 225 147.25 -64.95 -1.64
CA TYR B 225 147.42 -65.73 -0.43
C TYR B 225 148.84 -66.28 -0.35
N ASN B 226 149.35 -66.40 0.88
CA ASN B 226 150.74 -66.73 1.12
C ASN B 226 150.80 -67.91 2.07
N SER B 227 151.51 -68.97 1.66
CA SER B 227 151.72 -70.13 2.51
C SER B 227 153.15 -70.11 3.05
N LYS B 228 153.57 -71.19 3.72
CA LYS B 228 154.89 -71.22 4.33
C LYS B 228 155.99 -71.07 3.29
N ASN B 229 155.99 -71.94 2.27
CA ASN B 229 157.03 -71.93 1.24
C ASN B 229 156.45 -71.84 -0.16
N MET B 230 155.24 -71.30 -0.32
CA MET B 230 154.67 -71.10 -1.64
C MET B 230 153.70 -69.92 -1.58
N ILE B 231 153.57 -69.24 -2.71
CA ILE B 231 152.69 -68.09 -2.86
C ILE B 231 151.57 -68.49 -3.82
N THR B 232 150.33 -68.19 -3.44
CA THR B 232 149.17 -68.57 -4.24
C THR B 232 148.58 -67.33 -4.89
N PHE B 233 148.86 -67.15 -6.18
CA PHE B 233 148.28 -66.03 -6.91
C PHE B 233 146.85 -66.36 -7.30
N THR B 234 146.01 -65.34 -7.36
CA THR B 234 144.58 -65.50 -7.63
C THR B 234 144.25 -64.99 -9.02
N THR B 235 143.43 -65.74 -9.75
CA THR B 235 142.96 -65.37 -11.06
C THR B 235 141.47 -65.60 -11.16
N MET B 236 140.82 -64.87 -12.07
CA MET B 236 139.44 -65.13 -12.46
C MET B 236 139.35 -65.80 -13.82
N LEU B 237 140.46 -66.25 -14.37
CA LEU B 237 140.44 -66.90 -15.68
C LEU B 237 139.63 -68.20 -15.62
N GLU B 238 138.68 -68.33 -16.54
CA GLU B 238 137.85 -69.53 -16.61
C GLU B 238 138.69 -70.69 -17.13
N GLY B 239 138.65 -71.81 -16.41
CA GLY B 239 139.42 -72.97 -16.79
C GLY B 239 140.91 -72.77 -16.61
N ALA B 240 141.29 -72.08 -15.54
CA ALA B 240 142.69 -71.73 -15.31
C ALA B 240 143.54 -72.98 -15.18
N SER B 241 144.67 -73.00 -15.88
CA SER B 241 145.63 -74.09 -15.81
C SER B 241 146.99 -73.52 -16.19
N GLU B 242 148.05 -74.32 -16.02
CA GLU B 242 149.39 -73.83 -16.33
C GLU B 242 149.46 -73.30 -17.76
N ALA B 243 148.92 -74.06 -18.72
CA ALA B 243 149.00 -73.65 -20.12
C ALA B 243 148.18 -72.39 -20.37
N THR B 244 146.98 -72.30 -19.77
CA THR B 244 146.10 -71.17 -20.06
C THR B 244 146.62 -69.87 -19.45
N ILE B 245 147.27 -69.96 -18.28
CA ILE B 245 147.90 -68.78 -17.70
C ILE B 245 149.06 -68.31 -18.57
N LEU B 246 149.88 -69.24 -19.04
CA LEU B 246 151.01 -68.87 -19.90
C LEU B 246 150.54 -68.16 -21.15
N GLU B 247 149.46 -68.66 -21.77
CA GLU B 247 148.92 -68.02 -22.97
C GLU B 247 148.37 -66.63 -22.65
N ASP B 248 147.69 -66.48 -21.51
CA ASP B 248 147.16 -65.18 -21.14
C ASP B 248 148.27 -64.19 -20.81
N MET B 249 149.35 -64.66 -20.20
CA MET B 249 150.50 -63.81 -19.94
C MET B 249 151.09 -63.27 -21.24
N LYS B 250 151.22 -64.13 -22.25
CA LYS B 250 151.75 -63.67 -23.53
C LYS B 250 150.86 -62.60 -24.15
N LYS B 251 149.54 -62.72 -23.96
CA LYS B 251 148.61 -61.72 -24.48
C LYS B 251 148.77 -60.38 -23.77
N GLN B 252 148.99 -60.42 -22.46
CA GLN B 252 149.05 -59.21 -21.64
C GLN B 252 150.46 -58.65 -21.51
N GLN B 253 151.48 -59.47 -21.72
CA GLN B 253 152.87 -59.03 -21.54
C GLN B 253 153.22 -57.69 -22.16
N PRO B 254 152.83 -57.36 -23.40
CA PRO B 254 153.21 -56.04 -23.95
C PRO B 254 152.87 -54.86 -23.04
N ALA B 255 151.82 -54.95 -22.25
CA ALA B 255 151.49 -53.86 -21.34
C ALA B 255 152.16 -54.01 -19.98
N LEU B 256 152.58 -55.22 -19.62
CA LEU B 256 153.04 -55.49 -18.27
C LEU B 256 154.52 -55.13 -18.10
N LEU B 257 155.39 -55.69 -18.93
CA LEU B 257 156.82 -55.55 -18.77
C LEU B 257 157.50 -55.73 -20.12
N SER B 258 158.44 -54.82 -20.40
CA SER B 258 159.17 -54.78 -21.66
C SER B 258 160.33 -55.76 -21.58
N LEU B 259 160.26 -56.84 -22.36
CA LEU B 259 161.24 -57.92 -22.31
C LEU B 259 162.20 -57.84 -23.49
N LEU B 260 162.41 -56.63 -24.00
CA LEU B 260 163.09 -56.46 -25.29
C LEU B 260 164.39 -57.25 -25.41
N PRO B 261 165.26 -57.33 -24.39
CA PRO B 261 166.53 -58.06 -24.60
C PRO B 261 166.34 -59.53 -24.93
N TRP B 262 165.17 -60.10 -24.65
CA TRP B 262 164.91 -61.52 -24.87
C TRP B 262 163.73 -61.79 -25.78
N TYR B 263 162.57 -61.19 -25.50
CA TYR B 263 161.32 -61.56 -26.15
C TYR B 263 160.75 -60.34 -26.87
N ASP B 264 160.61 -60.43 -28.18
CA ASP B 264 160.07 -59.34 -28.99
C ASP B 264 158.76 -59.79 -29.62
N PRO B 265 157.58 -59.26 -29.13
CA PRO B 265 156.38 -59.88 -29.71
C PRO B 265 156.11 -59.36 -31.11
N ASN B 266 156.93 -58.42 -31.57
CA ASN B 266 156.67 -57.76 -32.84
C ASN B 266 157.44 -58.44 -33.96
N GLN C 2 132.85 -27.19 76.55
CA GLN C 2 132.04 -27.15 75.34
C GLN C 2 132.91 -26.85 74.14
N GLN C 3 133.38 -27.89 73.45
CA GLN C 3 134.17 -27.69 72.24
C GLN C 3 133.24 -27.09 71.20
N LEU C 4 133.75 -26.19 70.35
CA LEU C 4 132.91 -25.57 69.32
C LEU C 4 132.26 -26.61 68.40
N GLY C 5 132.97 -27.68 68.06
CA GLY C 5 132.41 -28.71 67.20
C GLY C 5 131.15 -29.34 67.79
N PHE C 6 131.15 -29.58 69.10
CA PHE C 6 129.97 -30.15 69.74
C PHE C 6 128.84 -29.14 69.89
N GLU C 7 129.15 -27.90 70.26
CA GLU C 7 128.08 -26.92 70.47
C GLU C 7 127.37 -26.59 69.17
N LEU C 8 128.12 -26.41 68.09
CA LEU C 8 127.51 -26.16 66.79
C LEU C 8 126.69 -27.35 66.33
N SER C 9 127.18 -28.57 66.57
CA SER C 9 126.43 -29.76 66.20
C SER C 9 125.14 -29.87 67.01
N ARG C 10 125.22 -29.62 68.33
CA ARG C 10 124.02 -29.68 69.16
C ARG C 10 122.95 -28.74 68.63
N ILE C 11 123.35 -27.55 68.18
CA ILE C 11 122.37 -26.58 67.68
C ILE C 11 121.82 -27.01 66.33
N LEU C 12 122.69 -27.45 65.43
CA LEU C 12 122.26 -27.88 64.10
C LEU C 12 121.25 -29.01 64.15
N LYS C 13 121.31 -29.87 65.16
CA LYS C 13 120.35 -30.94 65.31
C LYS C 13 118.92 -30.43 65.42
N GLN C 14 118.74 -29.15 65.73
CA GLN C 14 117.41 -28.60 65.97
C GLN C 14 116.74 -28.12 64.69
N LEU C 15 117.42 -28.16 63.56
CA LEU C 15 116.82 -27.75 62.30
C LEU C 15 115.74 -28.76 61.90
N PRO C 16 114.63 -28.28 61.28
CA PRO C 16 113.67 -29.27 60.79
C PRO C 16 114.24 -30.17 59.72
N ASN C 17 113.83 -31.43 59.69
CA ASN C 17 114.28 -32.38 58.67
C ASN C 17 113.22 -32.57 57.59
N LEU C 18 113.66 -32.85 56.37
CA LEU C 18 112.77 -33.19 55.25
C LEU C 18 113.36 -34.52 54.81
N GLY C 19 114.44 -34.52 54.04
CA GLY C 19 115.08 -35.72 53.56
C GLY C 19 116.51 -35.36 53.22
N GLY C 20 117.02 -35.79 52.04
CA GLY C 20 118.39 -35.53 51.63
C GLY C 20 118.69 -34.06 51.42
N SER C 21 117.65 -33.23 51.31
CA SER C 21 117.86 -31.80 51.17
C SER C 21 118.45 -31.28 52.46
N ASP C 22 118.34 -32.04 53.54
CA ASP C 22 118.89 -31.63 54.82
C ASP C 22 120.36 -31.17 54.74
N ARG C 23 121.23 -31.75 53.88
CA ARG C 23 122.67 -31.38 53.86
C ARG C 23 122.89 -29.99 53.22
N LYS C 24 122.01 -29.55 52.33
CA LYS C 24 122.10 -28.24 51.69
C LYS C 24 121.74 -27.12 52.66
N THR C 25 120.68 -27.30 53.45
CA THR C 25 120.29 -26.32 54.46
C THR C 25 121.16 -26.38 55.70
N ARG C 26 121.69 -27.55 56.05
CA ARG C 26 122.64 -27.66 57.16
C ARG C 26 123.95 -26.94 56.83
N ALA C 27 124.48 -27.18 55.63
CA ALA C 27 125.71 -26.54 55.22
C ALA C 27 125.53 -25.03 55.10
N MET C 28 124.38 -24.60 54.59
CA MET C 28 124.16 -23.18 54.38
C MET C 28 124.21 -22.42 55.70
N LEU C 29 123.62 -22.99 56.75
CA LEU C 29 123.53 -22.29 58.03
C LEU C 29 124.92 -22.13 58.66
N LEU C 30 125.76 -23.17 58.58
CA LEU C 30 127.14 -23.03 59.06
C LEU C 30 127.88 -21.96 58.27
N ALA C 31 127.72 -21.96 56.94
CA ALA C 31 128.36 -20.93 56.13
C ALA C 31 127.88 -19.53 56.52
N ASN C 32 126.58 -19.38 56.73
CA ASN C 32 126.03 -18.08 57.09
C ASN C 32 126.58 -17.60 58.44
N ALA C 33 126.52 -18.45 59.45
CA ALA C 33 126.91 -18.02 60.79
C ALA C 33 128.39 -17.66 60.84
N VAL C 34 129.24 -18.51 60.28
CA VAL C 34 130.69 -18.33 60.43
C VAL C 34 131.20 -17.24 59.50
N ALA C 35 130.73 -17.23 58.25
CA ALA C 35 131.19 -16.21 57.30
C ALA C 35 130.91 -14.80 57.81
N LEU C 36 129.79 -14.61 58.49
CA LEU C 36 129.43 -13.29 59.01
C LEU C 36 129.98 -13.03 60.40
N GLN C 37 130.35 -14.07 61.15
CA GLN C 37 130.80 -13.88 62.53
C GLN C 37 132.29 -13.60 62.65
N ILE C 38 133.13 -14.23 61.83
CA ILE C 38 134.59 -14.08 61.94
C ILE C 38 134.99 -12.63 61.71
N PRO C 39 135.70 -12.00 62.64
CA PRO C 39 136.16 -10.63 62.40
C PRO C 39 137.24 -10.58 61.34
N PHE C 40 137.26 -9.45 60.62
CA PHE C 40 138.31 -9.19 59.65
C PHE C 40 139.52 -8.56 60.31
N GLU C 41 140.73 -8.91 59.87
CA GLU C 41 141.93 -8.27 60.40
C GLU C 41 142.21 -7.04 59.55
N THR C 42 142.42 -5.90 60.19
CA THR C 42 142.65 -4.66 59.45
C THR C 42 143.84 -4.60 58.50
N LEU C 43 144.90 -5.35 58.81
CA LEU C 43 146.08 -5.34 57.93
C LEU C 43 145.98 -6.16 56.65
N LEU C 44 144.90 -6.92 56.46
CA LEU C 44 144.84 -7.81 55.31
C LEU C 44 143.96 -7.22 54.21
N ASP C 45 144.31 -7.52 52.96
CA ASP C 45 143.42 -7.28 51.84
C ASP C 45 142.43 -8.45 51.71
N PHE C 46 141.53 -8.37 50.73
CA PHE C 46 140.51 -9.42 50.64
C PHE C 46 141.15 -10.77 50.33
N ASP C 47 142.14 -10.76 49.46
CA ASP C 47 142.75 -12.02 49.03
C ASP C 47 143.26 -12.79 50.24
N GLU C 48 144.01 -12.11 51.09
CA GLU C 48 144.55 -12.76 52.28
C GLU C 48 143.46 -13.05 53.31
N GLN C 49 142.49 -12.14 53.48
CA GLN C 49 141.43 -12.36 54.44
C GLN C 49 140.60 -13.59 54.08
N GLN C 50 140.42 -13.84 52.79
CA GLN C 50 139.68 -15.02 52.36
C GLN C 50 140.45 -16.29 52.70
N ASP C 51 141.74 -16.33 52.38
CA ASP C 51 142.54 -17.52 52.68
C ASP C 51 142.54 -17.81 54.18
N LYS C 52 142.65 -16.77 55.01
CA LYS C 52 142.66 -16.99 56.46
C LYS C 52 141.28 -17.41 56.96
N ALA C 53 140.23 -16.75 56.50
CA ALA C 53 138.88 -17.08 56.95
C ALA C 53 138.47 -18.48 56.54
N VAL C 54 138.84 -18.89 55.32
CA VAL C 54 138.52 -20.25 54.89
C VAL C 54 139.30 -21.27 55.69
N ALA C 55 140.59 -21.02 55.97
CA ALA C 55 141.36 -21.97 56.76
C ALA C 55 140.68 -22.26 58.09
N LYS C 56 140.19 -21.21 58.76
CA LYS C 56 139.46 -21.42 60.01
C LYS C 56 138.14 -22.12 59.78
N PHE C 57 137.42 -21.74 58.71
CA PHE C 57 136.14 -22.37 58.42
C PHE C 57 136.28 -23.87 58.22
N LYS C 58 137.30 -24.30 57.46
CA LYS C 58 137.53 -25.71 57.25
C LYS C 58 137.87 -26.40 58.57
N LYS C 59 138.67 -25.76 59.41
CA LYS C 59 138.99 -26.35 60.70
C LYS C 59 137.74 -26.50 61.56
N ILE C 60 136.82 -25.54 61.48
CA ILE C 60 135.55 -25.65 62.20
C ILE C 60 134.76 -26.85 61.70
N LEU C 61 134.68 -27.04 60.38
CA LEU C 61 133.98 -28.21 59.84
C LEU C 61 134.63 -29.51 60.30
N SER C 62 135.97 -29.55 60.36
CA SER C 62 136.63 -30.75 60.84
C SER C 62 136.17 -31.11 62.26
N LYS C 63 135.96 -30.10 63.10
CA LYS C 63 135.44 -30.37 64.44
C LYS C 63 133.95 -30.71 64.43
N VAL C 64 133.15 -30.01 63.61
CA VAL C 64 131.73 -30.32 63.51
C VAL C 64 131.51 -31.72 62.97
N ASN C 65 132.31 -32.14 61.98
CA ASN C 65 132.16 -33.45 61.39
C ASN C 65 132.56 -34.57 62.34
N GLU C 66 132.96 -34.23 63.56
CA GLU C 66 133.12 -35.26 64.59
C GLU C 66 131.82 -35.57 65.29
N ASN C 67 130.79 -34.74 65.08
CA ASN C 67 129.52 -34.86 65.77
C ASN C 67 128.34 -35.00 64.82
N ILE C 68 128.26 -34.15 63.81
CA ILE C 68 127.17 -34.13 62.84
C ILE C 68 127.76 -34.08 61.44
N ALA C 69 127.19 -34.85 60.53
CA ALA C 69 127.68 -34.93 59.16
C ALA C 69 127.38 -33.64 58.41
N VAL C 70 128.42 -33.05 57.81
CA VAL C 70 128.27 -31.90 56.94
C VAL C 70 129.09 -32.14 55.69
N ASP C 71 128.52 -31.80 54.54
CA ASP C 71 129.27 -31.91 53.29
C ASP C 71 130.31 -30.80 53.24
N THR C 72 131.59 -31.17 53.21
CA THR C 72 132.65 -30.18 53.35
C THR C 72 132.73 -29.27 52.12
N LYS C 73 132.74 -29.87 50.93
CA LYS C 73 132.90 -29.07 49.71
C LYS C 73 131.72 -28.12 49.50
N LEU C 74 130.51 -28.56 49.82
CA LEU C 74 129.34 -27.70 49.67
C LEU C 74 129.36 -26.56 50.68
N ALA C 75 129.71 -26.87 51.92
CA ALA C 75 129.75 -25.84 52.95
C ALA C 75 130.78 -24.77 52.62
N VAL C 76 131.93 -25.15 52.06
CA VAL C 76 132.92 -24.16 51.64
C VAL C 76 132.39 -23.33 50.48
N THR C 77 131.70 -23.97 49.52
CA THR C 77 131.08 -23.21 48.45
C THR C 77 130.18 -22.10 49.00
N TYR C 78 129.30 -22.45 49.94
CA TYR C 78 128.43 -21.45 50.55
C TYR C 78 129.24 -20.42 51.33
N PHE C 79 130.26 -20.87 52.06
CA PHE C 79 131.06 -19.97 52.87
C PHE C 79 131.69 -18.88 52.02
N ASN C 80 132.32 -19.27 50.91
CA ASN C 80 132.99 -18.29 50.06
C ASN C 80 131.99 -17.30 49.47
N ASN C 81 130.80 -17.79 49.09
CA ASN C 81 129.80 -16.88 48.54
C ASN C 81 129.32 -15.87 49.57
N ILE C 82 129.06 -16.34 50.79
CA ILE C 82 128.58 -15.42 51.84
C ILE C 82 129.69 -14.45 52.24
N LEU C 83 130.93 -14.94 52.32
CA LEU C 83 132.05 -14.08 52.68
C LEU C 83 132.26 -12.99 51.64
N ARG C 84 132.15 -13.33 50.36
CA ARG C 84 132.30 -12.32 49.31
C ARG C 84 131.21 -11.26 49.41
N ILE C 85 129.99 -11.66 49.77
CA ILE C 85 128.91 -10.68 49.96
C ILE C 85 129.29 -9.72 51.08
N ARG C 86 129.76 -10.26 52.21
CA ARG C 86 130.17 -9.43 53.32
C ARG C 86 131.30 -8.47 52.92
N GLN C 87 132.30 -8.98 52.21
CA GLN C 87 133.40 -8.12 51.76
C GLN C 87 132.91 -7.04 50.80
N SER C 88 131.97 -7.40 49.91
CA SER C 88 131.44 -6.41 48.99
C SER C 88 130.74 -5.28 49.73
N LEU C 89 129.98 -5.62 50.78
CA LEU C 89 129.22 -4.60 51.49
C LEU C 89 130.14 -3.59 52.18
N ILE C 90 131.23 -4.07 52.78
CA ILE C 90 132.15 -3.15 53.45
C ILE C 90 132.98 -2.37 52.43
N THR C 91 133.23 -2.93 51.25
CA THR C 91 133.84 -2.14 50.18
C THR C 91 133.01 -2.22 48.91
N GLY C 92 132.11 -1.25 48.74
CA GLY C 92 131.12 -1.33 47.69
C GLY C 92 129.88 -0.60 48.13
N ILE C 93 128.71 -1.08 47.70
CA ILE C 93 127.47 -0.37 48.00
C ILE C 93 126.72 -1.12 49.10
N THR C 94 126.17 -0.35 50.04
CA THR C 94 125.36 -0.90 51.12
C THR C 94 123.89 -0.83 50.72
N ASP C 95 123.20 -1.96 50.78
CA ASP C 95 121.81 -1.99 50.37
C ASP C 95 120.97 -1.08 51.28
N PRO C 96 120.00 -0.35 50.72
CA PRO C 96 119.13 0.47 51.55
C PRO C 96 118.27 -0.31 52.53
N CYS C 97 118.06 -1.62 52.31
CA CYS C 97 117.33 -2.43 53.27
C CYS C 97 118.11 -2.56 54.57
N LEU C 98 119.44 -2.47 54.49
CA LEU C 98 120.26 -2.53 55.70
C LEU C 98 120.20 -1.21 56.47
N VAL C 99 120.18 -0.08 55.77
CA VAL C 99 120.08 1.20 56.46
C VAL C 99 118.72 1.19 57.11
N LYS C 100 117.71 0.78 56.36
CA LYS C 100 116.33 0.73 56.87
C LYS C 100 116.17 -0.19 58.05
N ALA C 101 116.74 -1.39 57.96
CA ALA C 101 116.60 -2.38 59.02
C ALA C 101 117.25 -1.94 60.32
N VAL C 102 118.42 -1.31 60.20
CA VAL C 102 119.17 -0.91 61.39
C VAL C 102 118.60 0.35 62.00
N LEU C 103 118.30 1.34 61.18
CA LEU C 103 117.83 2.64 61.70
C LEU C 103 116.37 2.59 62.16
N ASN C 109 111.96 5.99 61.13
CA ASN C 109 111.04 6.76 60.29
C ASN C 109 111.07 6.19 58.88
N ASP C 110 111.94 5.21 58.65
CA ASP C 110 112.07 4.61 57.34
C ASP C 110 110.90 3.67 57.16
N TYR C 111 110.04 3.95 56.17
CA TYR C 111 108.86 3.12 55.92
C TYR C 111 108.64 2.71 54.46
N LEU C 112 108.61 3.66 53.53
CA LEU C 112 108.47 3.32 52.11
C LEU C 112 109.71 2.55 51.72
N THR C 113 109.52 1.37 51.12
CA THR C 113 110.67 0.49 50.81
C THR C 113 111.07 0.46 49.32
N VAL C 114 112.08 -0.34 48.96
CA VAL C 114 112.52 -0.35 47.57
C VAL C 114 111.49 -1.03 46.67
N ASP C 115 110.87 -2.08 47.21
CA ASP C 115 109.89 -2.83 46.43
C ASP C 115 108.88 -1.84 45.92
N ASP C 116 108.58 -0.83 46.74
CA ASP C 116 107.52 0.11 46.40
C ASP C 116 107.81 0.92 45.14
N VAL C 117 109.07 1.23 44.87
CA VAL C 117 109.43 1.93 43.65
C VAL C 117 109.72 0.99 42.49
N ASN C 118 110.25 -0.19 42.79
CA ASN C 118 110.52 -1.18 41.74
C ASN C 118 109.22 -1.70 41.15
N ILE C 119 108.17 -1.72 41.95
CA ILE C 119 106.85 -2.09 41.45
C ILE C 119 106.37 -1.08 40.41
N VAL C 120 106.48 0.23 40.71
CA VAL C 120 106.02 1.23 39.75
C VAL C 120 106.86 1.19 38.48
N SER C 121 108.18 1.07 38.62
CA SER C 121 109.05 1.00 37.45
C SER C 121 108.70 -0.20 36.57
N ALA C 122 108.41 -1.35 37.19
CA ALA C 122 108.05 -2.53 36.42
C ALA C 122 106.76 -2.33 35.64
N VAL C 123 105.79 -1.62 36.22
CA VAL C 123 104.50 -1.42 35.53
C VAL C 123 104.71 -0.52 34.32
N VAL C 124 105.49 0.55 34.48
CA VAL C 124 105.73 1.48 33.37
C VAL C 124 106.86 0.99 32.47
N ASN C 125 107.54 -0.09 32.86
CA ASN C 125 108.65 -0.67 32.10
C ASN C 125 109.79 0.34 31.94
N GLY C 126 110.11 0.99 33.06
CA GLY C 126 111.21 1.92 33.12
C GLY C 126 112.34 1.40 33.97
N PRO C 127 113.32 2.24 34.27
CA PRO C 127 114.44 1.81 35.12
C PRO C 127 113.97 1.57 36.55
N ASP C 128 114.56 0.54 37.17
CA ASP C 128 114.27 0.24 38.56
C ASP C 128 115.25 0.97 39.48
N TYR C 129 115.12 0.69 40.78
CA TYR C 129 115.94 1.35 41.80
C TYR C 129 117.42 1.14 41.52
N ASN C 130 117.81 -0.09 41.19
CA ASN C 130 119.23 -0.40 41.03
C ASN C 130 119.81 0.28 39.81
N ARG C 131 119.04 0.36 38.71
CA ARG C 131 119.53 1.10 37.54
C ARG C 131 119.66 2.59 37.82
N ILE C 132 118.70 3.15 38.55
CA ILE C 132 118.79 4.55 38.94
C ILE C 132 119.99 4.77 39.85
N GLN C 133 120.21 3.84 40.79
CA GLN C 133 121.38 3.93 41.66
C GLN C 133 122.68 3.90 40.84
N ALA C 134 122.74 3.05 39.82
CA ALA C 134 123.92 3.03 38.94
C ALA C 134 124.07 4.34 38.19
N ASP C 135 122.95 4.95 37.77
CA ASP C 135 123.04 6.23 37.09
C ASP C 135 123.49 7.33 38.03
N MET C 136 123.03 7.27 39.29
CA MET C 136 123.44 8.26 40.27
C MET C 136 124.96 8.30 40.39
N GLY C 137 125.56 7.18 40.76
CA GLY C 137 127.00 7.13 40.94
C GLY C 137 127.74 7.53 39.68
N ASN C 138 127.29 7.02 38.54
CA ASN C 138 127.93 7.38 37.28
C ASN C 138 127.83 8.87 37.05
N ALA C 139 126.64 9.42 37.26
CA ALA C 139 126.43 10.85 37.08
C ALA C 139 127.12 11.63 38.19
N LEU C 140 127.81 10.92 39.08
CA LEU C 140 128.48 11.58 40.20
C LEU C 140 129.95 11.29 40.14
N ASN C 141 130.37 10.45 39.20
CA ASN C 141 131.74 9.96 39.18
C ASN C 141 132.65 11.16 39.04
N GLN C 142 132.29 12.07 38.14
CA GLN C 142 133.18 13.18 37.82
C GLN C 142 133.35 14.10 39.03
N LEU C 143 132.29 14.30 39.81
CA LEU C 143 132.35 15.22 40.94
C LEU C 143 133.30 14.69 41.99
N ILE C 144 133.12 13.42 42.39
CA ILE C 144 133.90 12.86 43.49
C ILE C 144 135.36 12.75 43.10
N GLY C 145 135.62 12.32 41.87
CA GLY C 145 136.99 12.23 41.39
C GLY C 145 137.68 13.58 41.34
N SER C 146 136.91 14.64 41.08
CA SER C 146 137.48 15.97 40.93
C SER C 146 137.83 16.56 42.30
N ILE C 147 137.08 16.18 43.33
CA ILE C 147 137.28 16.80 44.63
C ILE C 147 137.97 15.85 45.60
N ASP C 148 138.28 16.27 46.84
CA ASP C 148 138.85 15.36 47.84
C ASP C 148 138.56 15.92 49.22
N LEU D 8 122.65 15.12 35.54
CA LEU D 8 122.23 15.06 36.94
C LEU D 8 120.70 15.00 37.04
N SER D 9 120.04 16.08 36.62
CA SER D 9 118.59 16.13 36.65
C SER D 9 117.94 15.17 35.66
N ARG D 10 118.63 14.79 34.59
CA ARG D 10 118.06 13.84 33.63
C ARG D 10 117.75 12.51 34.32
N ILE D 11 118.68 12.03 35.13
CA ILE D 11 118.52 10.73 35.78
C ILE D 11 117.65 10.85 37.02
N LEU D 12 117.70 12.01 37.70
CA LEU D 12 116.88 12.21 38.88
C LEU D 12 115.40 12.16 38.52
N LYS D 13 115.04 12.65 37.34
CA LYS D 13 113.68 12.59 36.84
C LYS D 13 113.24 11.19 36.44
N GLN D 14 114.14 10.20 36.49
CA GLN D 14 113.76 8.81 36.26
C GLN D 14 113.14 8.15 37.48
N LEU D 15 113.27 8.76 38.65
CA LEU D 15 112.74 8.14 39.86
C LEU D 15 111.25 8.44 39.96
N PRO D 16 110.38 7.43 39.99
CA PRO D 16 108.94 7.70 40.06
C PRO D 16 108.61 8.49 41.32
N ASN D 17 107.64 9.40 41.18
CA ASN D 17 107.12 10.11 42.34
C ASN D 17 106.34 9.15 43.23
N LEU D 18 106.61 9.23 44.55
CA LEU D 18 105.95 8.33 45.50
C LEU D 18 105.59 9.15 46.72
N GLY D 19 104.32 9.55 46.80
CA GLY D 19 103.85 10.29 47.96
C GLY D 19 104.73 11.48 48.26
N GLY D 20 105.08 11.63 49.54
CA GLY D 20 105.92 12.73 49.97
C GLY D 20 107.35 12.33 50.15
N SER D 21 107.72 11.15 49.64
CA SER D 21 109.04 10.58 49.85
C SER D 21 110.05 10.99 48.79
N ASP D 22 109.68 11.87 47.85
CA ASP D 22 110.58 12.20 46.76
C ASP D 22 111.90 12.75 47.28
N ARG D 23 111.86 13.49 48.39
CA ARG D 23 113.06 14.06 48.98
C ARG D 23 113.82 13.05 49.84
N LYS D 24 113.22 11.90 50.14
CA LYS D 24 113.82 10.90 51.03
C LYS D 24 114.50 9.77 50.27
N THR D 25 113.86 9.28 49.20
CA THR D 25 114.51 8.25 48.38
C THR D 25 115.75 8.78 47.67
N ARG D 26 115.72 10.02 47.16
CA ARG D 26 116.91 10.56 46.52
C ARG D 26 118.01 10.81 47.53
N ALA D 27 117.65 11.12 48.79
CA ALA D 27 118.65 11.23 49.84
C ALA D 27 119.35 9.90 50.05
N MET D 28 118.60 8.80 49.98
CA MET D 28 119.22 7.48 50.09
C MET D 28 120.10 7.18 48.89
N LEU D 29 119.62 7.53 47.68
CA LEU D 29 120.39 7.26 46.47
C LEU D 29 121.71 8.01 46.49
N LEU D 30 121.69 9.26 46.95
CA LEU D 30 122.92 10.05 46.97
C LEU D 30 123.89 9.50 48.01
N ALA D 31 123.39 9.12 49.19
CA ALA D 31 124.25 8.57 50.22
C ALA D 31 124.97 7.32 49.73
N ASN D 32 124.28 6.47 48.99
CA ASN D 32 124.93 5.30 48.41
C ASN D 32 125.91 5.69 47.30
N ALA D 33 125.52 6.65 46.46
CA ALA D 33 126.38 7.03 45.35
C ALA D 33 127.74 7.54 45.83
N VAL D 34 127.76 8.27 46.95
CA VAL D 34 129.04 8.75 47.49
C VAL D 34 129.75 7.61 48.22
N ALA D 35 129.04 6.88 49.08
CA ALA D 35 129.66 5.84 49.87
C ALA D 35 130.24 4.72 49.04
N LEU D 36 129.76 4.54 47.80
CA LEU D 36 130.36 3.55 46.91
C LEU D 36 131.80 3.93 46.57
N GLN D 37 132.07 5.22 46.36
CA GLN D 37 133.36 5.63 45.78
C GLN D 37 134.29 6.25 46.81
N ILE D 38 133.86 6.41 48.06
CA ILE D 38 134.76 6.75 49.16
C ILE D 38 134.86 5.52 50.07
N PRO D 39 135.89 4.69 49.93
CA PRO D 39 135.98 3.48 50.75
C PRO D 39 136.41 3.80 52.18
N PHE D 40 136.23 2.82 53.06
CA PHE D 40 136.78 2.94 54.41
C PHE D 40 138.02 2.07 54.43
N GLU D 41 139.16 2.68 54.77
CA GLU D 41 140.43 1.98 54.76
C GLU D 41 140.42 1.14 56.01
N THR D 42 140.56 -0.17 55.87
CA THR D 42 140.44 -1.08 56.99
C THR D 42 141.49 -0.74 58.04
N LEU D 43 142.61 -0.17 57.61
CA LEU D 43 143.64 0.22 58.58
C LEU D 43 143.24 1.08 59.79
N LEU D 44 142.28 1.98 59.61
CA LEU D 44 141.87 2.84 60.72
C LEU D 44 140.61 2.44 61.46
N ASP D 45 140.39 2.93 62.67
CA ASP D 45 139.14 2.65 63.40
C ASP D 45 138.08 3.67 63.03
N PHE D 46 136.87 3.56 63.58
CA PHE D 46 135.80 4.49 63.24
C PHE D 46 135.78 5.92 63.81
N ASP D 47 136.88 6.67 63.66
CA ASP D 47 136.96 8.07 64.09
C ASP D 47 137.65 8.83 62.98
N GLU D 48 138.94 8.63 62.73
CA GLU D 48 139.61 9.38 61.68
C GLU D 48 139.12 9.12 60.23
N GLN D 49 139.03 7.85 59.77
CA GLN D 49 138.50 7.55 58.46
C GLN D 49 137.01 7.87 58.37
N GLN D 50 136.29 7.73 59.49
CA GLN D 50 134.87 8.06 59.50
C GLN D 50 134.65 9.56 59.32
N ASP D 51 135.39 10.37 60.08
CA ASP D 51 135.23 11.83 59.98
C ASP D 51 135.61 12.32 58.59
N LYS D 52 136.64 11.74 57.98
CA LYS D 52 137.04 12.13 56.64
C LYS D 52 135.97 11.79 55.62
N ALA D 53 135.40 10.59 55.71
CA ALA D 53 134.36 10.19 54.78
C ALA D 53 133.12 11.07 54.93
N VAL D 54 132.76 11.40 56.18
CA VAL D 54 131.59 12.24 56.40
C VAL D 54 131.86 13.67 55.95
N ALA D 55 133.04 14.19 56.26
CA ALA D 55 133.38 15.55 55.84
C ALA D 55 133.31 15.69 54.32
N LYS D 56 133.84 14.71 53.59
CA LYS D 56 133.78 14.76 52.14
C LYS D 56 132.35 14.69 51.64
N PHE D 57 131.53 13.83 52.26
CA PHE D 57 130.12 13.76 51.90
C PHE D 57 129.43 15.11 52.07
N LYS D 58 129.63 15.76 53.23
CA LYS D 58 129.00 17.05 53.46
C LYS D 58 129.48 18.10 52.46
N LYS D 59 130.76 18.03 52.08
CA LYS D 59 131.26 18.92 51.03
C LYS D 59 130.57 18.66 49.71
N ILE D 60 130.33 17.39 49.39
CA ILE D 60 129.64 17.06 48.14
C ILE D 60 128.22 17.64 48.13
N LEU D 61 127.55 17.62 49.28
CA LEU D 61 126.20 18.18 49.40
C LEU D 61 126.16 19.67 49.04
N SER D 62 127.32 20.31 48.91
CA SER D 62 127.33 21.73 48.56
C SER D 62 126.80 21.96 47.15
N LYS D 63 126.70 20.91 46.34
CA LYS D 63 126.27 21.03 44.95
C LYS D 63 124.84 20.55 44.73
N VAL D 64 124.07 20.32 45.81
CA VAL D 64 122.69 19.88 45.67
C VAL D 64 121.80 20.91 44.99
N ASN D 65 122.28 22.14 44.80
CA ASN D 65 121.52 23.12 44.03
C ASN D 65 121.35 22.67 42.58
N GLU D 66 122.20 21.74 42.12
CA GLU D 66 122.04 21.20 40.78
C GLU D 66 120.99 20.08 40.75
N ASN D 67 120.56 19.62 41.91
CA ASN D 67 119.65 18.49 42.01
C ASN D 67 118.22 19.00 42.15
N ILE D 68 117.26 18.09 42.25
CA ILE D 68 115.84 18.43 42.26
C ILE D 68 115.25 18.36 43.67
N ALA D 69 115.39 17.22 44.34
CA ALA D 69 114.71 16.95 45.61
C ALA D 69 115.62 16.13 46.51
N VAL D 70 116.52 16.78 47.20
CA VAL D 70 117.47 16.13 48.11
C VAL D 70 117.26 16.73 49.49
N ASP D 71 116.86 15.89 50.44
CA ASP D 71 116.84 16.28 51.86
C ASP D 71 118.23 16.06 52.42
N THR D 72 118.98 17.16 52.58
CA THR D 72 120.40 17.05 52.93
C THR D 72 120.59 16.59 54.37
N LYS D 73 119.68 16.96 55.27
CA LYS D 73 119.79 16.51 56.65
C LYS D 73 119.60 15.01 56.76
N LEU D 74 118.61 14.47 56.04
CA LEU D 74 118.42 13.02 56.01
C LEU D 74 119.53 12.32 55.24
N ALA D 75 120.04 12.94 54.17
CA ALA D 75 121.09 12.32 53.39
C ALA D 75 122.33 12.07 54.24
N VAL D 76 122.65 13.00 55.14
CA VAL D 76 123.74 12.79 56.08
C VAL D 76 123.41 11.65 57.03
N THR D 77 122.17 11.61 57.53
CA THR D 77 121.76 10.51 58.40
C THR D 77 121.95 9.15 57.71
N TYR D 78 121.54 9.04 56.46
CA TYR D 78 121.75 7.79 55.73
C TYR D 78 123.23 7.50 55.54
N PHE D 79 124.02 8.52 55.18
CA PHE D 79 125.45 8.29 54.98
C PHE D 79 126.12 7.79 56.26
N ASN D 80 125.80 8.40 57.41
CA ASN D 80 126.42 7.98 58.66
C ASN D 80 125.99 6.55 59.00
N ASN D 81 124.75 6.18 58.69
CA ASN D 81 124.28 4.82 58.93
C ASN D 81 125.06 3.82 58.11
N ILE D 82 125.41 4.17 56.88
CA ILE D 82 126.17 3.26 56.02
C ILE D 82 127.52 2.96 56.63
N LEU D 83 128.22 4.00 57.11
CA LEU D 83 129.54 3.79 57.69
C LEU D 83 129.47 2.92 58.93
N ARG D 84 128.48 3.15 59.80
CA ARG D 84 128.37 2.35 61.02
C ARG D 84 128.00 0.91 60.70
N ILE D 85 127.16 0.70 59.68
CA ILE D 85 126.82 -0.66 59.26
C ILE D 85 128.07 -1.37 58.76
N ARG D 86 128.89 -0.68 57.97
CA ARG D 86 130.15 -1.26 57.52
C ARG D 86 131.07 -1.60 58.68
N GLN D 87 131.10 -0.77 59.73
CA GLN D 87 131.89 -1.12 60.91
C GLN D 87 131.45 -2.44 61.53
N SER D 88 130.14 -2.64 61.69
CA SER D 88 129.63 -3.88 62.25
C SER D 88 129.97 -5.07 61.37
N LEU D 89 129.93 -4.89 60.05
CA LEU D 89 130.26 -5.99 59.15
C LEU D 89 131.73 -6.36 59.20
N ILE D 90 132.60 -5.37 59.39
CA ILE D 90 134.04 -5.61 59.47
C ILE D 90 134.33 -6.38 60.75
N THR D 91 133.69 -5.97 61.84
CA THR D 91 133.90 -6.65 63.11
C THR D 91 133.16 -7.97 63.18
N GLY D 92 132.06 -8.08 62.43
CA GLY D 92 131.33 -9.32 62.39
C GLY D 92 129.96 -9.15 63.02
N ILE D 93 128.95 -9.77 62.44
CA ILE D 93 127.58 -9.61 62.91
C ILE D 93 127.01 -10.98 63.21
N THR D 94 126.18 -11.05 64.25
CA THR D 94 125.45 -12.27 64.55
C THR D 94 123.96 -12.03 64.78
N ASP D 95 123.54 -10.78 64.98
CA ASP D 95 122.16 -10.51 65.36
C ASP D 95 121.22 -10.98 64.25
N PRO D 96 120.32 -11.92 64.52
CA PRO D 96 119.46 -12.44 63.44
C PRO D 96 118.71 -11.35 62.70
N CYS D 97 118.41 -10.24 63.38
CA CYS D 97 117.66 -9.17 62.73
C CYS D 97 118.48 -8.49 61.64
N LEU D 98 119.80 -8.49 61.77
CA LEU D 98 120.67 -7.94 60.74
C LEU D 98 121.19 -9.02 59.79
N VAL D 99 121.41 -10.24 60.31
CA VAL D 99 121.87 -11.33 59.46
C VAL D 99 120.83 -11.65 58.40
N LYS D 100 119.55 -11.72 58.80
CA LYS D 100 118.48 -11.88 57.82
C LYS D 100 118.54 -10.79 56.76
N ALA D 101 118.71 -9.53 57.18
CA ALA D 101 118.70 -8.43 56.23
C ALA D 101 119.83 -8.56 55.22
N VAL D 102 120.97 -9.10 55.64
CA VAL D 102 122.10 -9.27 54.73
C VAL D 102 121.86 -10.44 53.79
N LEU D 103 121.42 -11.58 54.34
CA LEU D 103 121.36 -12.81 53.55
C LEU D 103 120.30 -12.73 52.45
N THR D 104 119.20 -12.03 52.71
CA THR D 104 118.11 -11.89 51.74
C THR D 104 118.03 -10.41 51.35
N SER D 105 118.82 -10.03 50.35
CA SER D 105 119.02 -8.62 50.02
C SER D 105 119.32 -8.52 48.54
N ASP D 106 119.34 -7.29 48.02
CA ASP D 106 119.65 -7.06 46.62
C ASP D 106 121.11 -7.38 46.28
N THR D 107 122.05 -7.15 47.20
CA THR D 107 123.43 -7.56 46.98
C THR D 107 123.59 -9.08 47.05
N ALA D 108 122.98 -9.72 48.05
CA ALA D 108 123.11 -11.15 48.22
C ALA D 108 122.52 -11.95 47.07
N ASN D 109 121.52 -11.41 46.37
CA ASN D 109 120.90 -12.10 45.24
C ASN D 109 121.75 -12.01 43.99
N ASP D 110 122.81 -11.22 43.99
CA ASP D 110 123.73 -11.09 42.86
C ASP D 110 124.96 -11.98 43.02
N TYR D 111 125.34 -12.31 44.25
CA TYR D 111 126.48 -13.20 44.46
C TYR D 111 126.03 -14.65 44.59
N LEU D 112 124.76 -14.86 44.95
CA LEU D 112 124.23 -16.22 45.05
C LEU D 112 123.55 -16.61 43.74
N THR D 113 123.63 -17.89 43.41
CA THR D 113 122.87 -18.43 42.29
C THR D 113 121.41 -18.63 42.69
N VAL D 114 120.57 -18.92 41.69
CA VAL D 114 119.14 -19.12 41.96
C VAL D 114 118.94 -20.24 42.96
N ASP D 115 119.66 -21.35 42.79
CA ASP D 115 119.52 -22.47 43.71
C ASP D 115 120.06 -22.12 45.09
N ASP D 116 121.16 -21.37 45.16
CA ASP D 116 121.70 -20.97 46.47
C ASP D 116 120.73 -20.08 47.23
N VAL D 117 120.07 -19.17 46.52
CA VAL D 117 119.07 -18.29 47.14
C VAL D 117 117.92 -19.11 47.68
N ASN D 118 117.49 -20.11 46.92
CA ASN D 118 116.37 -20.94 47.34
C ASN D 118 116.69 -21.61 48.67
N ILE D 119 117.95 -22.00 48.85
CA ILE D 119 118.37 -22.62 50.10
C ILE D 119 118.40 -21.56 51.21
N VAL D 120 119.00 -20.40 50.94
CA VAL D 120 119.07 -19.36 51.95
C VAL D 120 117.64 -19.02 52.39
N SER D 121 116.73 -18.91 51.42
CA SER D 121 115.34 -18.61 51.76
C SER D 121 114.67 -19.71 52.57
N ALA D 122 115.19 -20.93 52.52
CA ALA D 122 114.60 -22.02 53.30
C ALA D 122 115.07 -22.00 54.75
N VAL D 123 116.35 -21.64 54.96
CA VAL D 123 116.86 -21.55 56.32
C VAL D 123 116.44 -20.24 56.98
N VAL D 124 116.63 -19.12 56.28
CA VAL D 124 116.44 -17.81 56.91
C VAL D 124 114.98 -17.61 57.32
N ASN D 125 114.05 -18.16 56.54
CA ASN D 125 112.63 -17.96 56.79
C ASN D 125 112.02 -19.11 57.59
N GLY D 126 112.84 -19.95 58.21
CA GLY D 126 112.35 -21.01 59.06
C GLY D 126 111.65 -20.46 60.29
N PRO D 127 110.73 -21.25 60.86
CA PRO D 127 109.96 -20.74 62.00
C PRO D 127 110.81 -20.49 63.24
N ASP D 128 111.98 -21.13 63.33
CA ASP D 128 112.86 -21.00 64.48
C ASP D 128 114.24 -20.46 64.11
N TYR D 129 114.35 -19.83 62.94
CA TYR D 129 115.65 -19.34 62.50
C TYR D 129 116.26 -18.38 63.50
N ASN D 130 115.49 -17.39 63.96
CA ASN D 130 116.06 -16.33 64.78
C ASN D 130 116.67 -16.90 66.06
N ARG D 131 116.01 -17.89 66.66
CA ARG D 131 116.55 -18.52 67.86
C ARG D 131 117.80 -19.32 67.55
N ILE D 132 117.76 -20.15 66.51
CA ILE D 132 118.91 -20.99 66.18
C ILE D 132 120.09 -20.15 65.73
N GLN D 133 119.83 -19.13 64.91
CA GLN D 133 120.92 -18.25 64.46
C GLN D 133 121.55 -17.52 65.63
N ALA D 134 120.75 -17.06 66.59
CA ALA D 134 121.30 -16.38 67.75
C ALA D 134 122.19 -17.33 68.56
N ASP D 135 121.76 -18.57 68.72
CA ASP D 135 122.53 -19.53 69.51
C ASP D 135 123.88 -19.81 68.85
N MET D 136 123.92 -19.94 67.53
CA MET D 136 125.19 -20.13 66.84
C MET D 136 126.06 -18.89 66.95
N GLY D 137 125.45 -17.71 66.93
CA GLY D 137 126.22 -16.49 67.11
C GLY D 137 126.98 -16.49 68.42
N ASN D 138 126.35 -16.96 69.50
CA ASN D 138 127.05 -17.06 70.78
C ASN D 138 128.03 -18.20 70.79
N ALA D 139 127.68 -19.35 70.20
CA ALA D 139 128.61 -20.46 70.12
C ALA D 139 129.88 -20.07 69.38
N LEU D 140 129.76 -19.28 68.32
CA LEU D 140 130.95 -18.80 67.62
C LEU D 140 131.64 -17.64 68.34
N ASN D 141 130.88 -16.63 68.79
CA ASN D 141 131.52 -15.48 69.42
C ASN D 141 132.38 -15.90 70.61
N GLN D 142 131.96 -16.92 71.33
CA GLN D 142 132.69 -17.34 72.52
C GLN D 142 133.88 -18.24 72.20
N LEU D 143 133.90 -18.88 71.04
CA LEU D 143 134.85 -19.96 70.78
C LEU D 143 135.58 -19.82 69.45
N ILE D 144 135.28 -18.80 68.64
CA ILE D 144 135.95 -18.68 67.35
C ILE D 144 137.45 -18.56 67.54
N GLY D 145 137.89 -17.96 68.63
CA GLY D 145 139.32 -17.85 68.91
C GLY D 145 139.99 -19.16 69.25
N SER D 146 139.21 -20.20 69.55
CA SER D 146 139.81 -21.47 69.91
C SER D 146 140.30 -22.23 68.69
N ILE D 147 139.94 -21.76 67.49
CA ILE D 147 140.30 -22.44 66.25
C ILE D 147 141.63 -21.89 65.77
N ASP D 148 142.65 -22.75 65.72
CA ASP D 148 143.97 -22.33 65.30
C ASP D 148 144.05 -22.12 63.79
N ALA E 126 104.71 -10.76 101.98
CA ALA E 126 105.44 -12.01 102.08
C ALA E 126 106.07 -12.37 100.74
N THR E 127 106.63 -13.57 100.65
CA THR E 127 107.17 -14.06 99.39
C THR E 127 106.09 -14.27 98.34
N ILE E 128 104.84 -14.45 98.77
CA ILE E 128 103.73 -14.57 97.81
C ILE E 128 103.54 -13.25 97.07
N ILE E 129 103.61 -12.13 97.78
CA ILE E 129 103.42 -10.83 97.14
C ILE E 129 104.51 -10.59 96.10
N ASN E 130 105.75 -10.92 96.44
CA ASN E 130 106.84 -10.77 95.47
C ASN E 130 106.64 -11.69 94.28
N THR E 131 106.16 -12.91 94.52
CA THR E 131 105.91 -13.83 93.41
C THR E 131 104.84 -13.27 92.47
N LEU E 132 103.74 -12.78 93.03
CA LEU E 132 102.69 -12.23 92.19
C LEU E 132 103.17 -10.99 91.44
N LYS E 133 103.86 -10.09 92.13
CA LYS E 133 104.30 -8.86 91.47
C LYS E 133 105.30 -9.17 90.38
N THR E 134 106.20 -10.13 90.61
CA THR E 134 107.15 -10.51 89.58
C THR E 134 106.44 -11.04 88.34
N TRP E 135 105.46 -11.94 88.54
CA TRP E 135 104.72 -12.46 87.41
C TRP E 135 104.03 -11.34 86.64
N PHE E 136 103.43 -10.39 87.36
CA PHE E 136 102.67 -9.34 86.71
C PHE E 136 103.58 -8.45 85.88
N GLU E 137 104.75 -8.13 86.42
CA GLU E 137 105.72 -7.36 85.65
C GLU E 137 106.15 -8.10 84.40
N LYS E 138 106.37 -9.42 84.53
CA LYS E 138 106.79 -10.19 83.36
C LYS E 138 105.71 -10.20 82.29
N LEU E 139 104.45 -10.34 82.70
CA LEU E 139 103.36 -10.31 81.73
C LEU E 139 103.26 -8.96 81.05
N MET E 140 103.36 -7.88 81.81
CA MET E 140 103.28 -6.55 81.21
C MET E 140 104.46 -6.31 80.28
N GLU E 141 105.64 -6.84 80.62
CA GLU E 141 106.79 -6.71 79.73
C GLU E 141 106.54 -7.47 78.42
N LEU E 142 105.89 -8.64 78.51
CA LEU E 142 105.56 -9.39 77.30
C LEU E 142 104.64 -8.58 76.41
N PHE E 143 103.62 -7.94 77.00
CA PHE E 143 102.73 -7.11 76.22
C PHE E 143 103.45 -5.91 75.66
N ALA E 144 104.34 -5.29 76.44
CA ALA E 144 105.06 -4.11 75.96
C ALA E 144 105.87 -4.44 74.70
N LYS E 145 106.54 -5.59 74.69
CA LYS E 145 107.29 -6.00 73.51
C LYS E 145 106.35 -6.26 72.33
N LEU E 146 105.22 -6.95 72.57
CA LEU E 146 104.30 -7.26 71.49
C LEU E 146 103.63 -5.99 70.96
N ILE E 147 103.26 -5.07 71.84
CA ILE E 147 102.56 -3.87 71.38
C ILE E 147 103.45 -3.07 70.46
N ARG E 148 104.73 -2.93 70.79
CA ARG E 148 105.63 -2.22 69.89
C ARG E 148 105.72 -2.92 68.54
N TRP E 149 105.84 -4.24 68.56
CA TRP E 149 105.92 -4.98 67.29
C TRP E 149 104.64 -4.80 66.47
N ILE E 150 103.48 -4.91 67.12
CA ILE E 150 102.23 -4.76 66.39
C ILE E 150 102.04 -3.33 65.89
N SER E 151 102.50 -2.33 66.64
CA SER E 151 102.42 -0.96 66.12
C SER E 151 103.24 -0.81 64.84
N ASP E 152 104.44 -1.38 64.83
CA ASP E 152 105.25 -1.34 63.62
C ASP E 152 104.51 -2.00 62.46
N PHE E 153 103.84 -3.11 62.74
CA PHE E 153 103.06 -3.78 61.70
C PHE E 153 101.94 -2.87 61.20
N LYS E 154 101.23 -2.20 62.10
CA LYS E 154 100.17 -1.29 61.68
C LYS E 154 100.71 -0.16 60.83
N LYS E 155 101.82 0.43 61.24
CA LYS E 155 102.38 1.52 60.44
C LYS E 155 102.70 1.05 59.02
N ARG E 156 103.31 -0.13 58.91
CA ARG E 156 103.64 -0.65 57.59
C ARG E 156 102.37 -0.98 56.82
N ASP E 157 101.35 -1.51 57.52
CA ASP E 157 100.14 -1.94 56.85
C ASP E 157 99.36 -0.76 56.29
N VAL E 158 99.41 0.38 56.97
CA VAL E 158 98.74 1.58 56.43
C VAL E 158 99.37 1.95 55.10
N VAL E 159 100.71 1.93 55.03
CA VAL E 159 101.37 2.24 53.77
C VAL E 159 100.97 1.23 52.69
N VAL E 160 100.98 -0.06 53.04
CA VAL E 160 100.66 -1.09 52.08
C VAL E 160 99.21 -1.00 51.64
N ALA E 161 98.30 -0.76 52.57
CA ALA E 161 96.88 -0.70 52.22
C ALA E 161 96.61 0.43 51.23
N THR E 162 97.27 1.57 51.43
CA THR E 162 97.11 2.67 50.49
C THR E 162 97.58 2.27 49.09
N ARG E 163 98.73 1.61 49.00
CA ARG E 163 99.22 1.21 47.68
C ARG E 163 98.43 0.04 47.09
N TYR E 164 97.94 -0.86 47.96
CA TYR E 164 97.23 -2.04 47.48
C TYR E 164 95.94 -1.66 46.78
N GLY E 165 95.24 -0.65 47.29
CA GLY E 165 94.06 -0.20 46.57
C GLY E 165 94.37 0.21 45.14
N LYS E 166 95.46 0.95 44.95
CA LYS E 166 95.84 1.38 43.61
C LYS E 166 96.16 0.18 42.74
N ILE E 167 96.85 -0.81 43.28
CA ILE E 167 97.23 -1.96 42.46
C ILE E 167 95.99 -2.72 41.98
N VAL E 168 95.07 -3.01 42.91
CA VAL E 168 93.92 -3.83 42.55
C VAL E 168 93.07 -3.13 41.51
N ARG E 169 92.86 -1.82 41.66
CA ARG E 169 92.08 -1.11 40.65
C ARG E 169 92.75 -1.25 39.27
N ALA E 170 94.06 -1.08 39.22
CA ALA E 170 94.78 -1.21 37.95
C ALA E 170 94.67 -2.62 37.40
N VAL E 171 94.76 -3.63 38.27
CA VAL E 171 94.66 -5.00 37.78
C VAL E 171 93.26 -5.28 37.26
N ASP E 172 92.22 -4.82 37.97
CA ASP E 172 90.87 -5.03 37.47
C ASP E 172 90.67 -4.36 36.12
N GLN E 173 91.18 -3.13 35.97
CA GLN E 173 91.03 -2.44 34.69
C GLN E 173 91.83 -3.16 33.60
N ALA E 174 93.06 -3.54 33.91
CA ALA E 174 93.88 -4.21 32.90
C ALA E 174 93.30 -5.56 32.51
N ARG E 175 92.81 -6.32 33.49
CA ARG E 175 92.22 -7.62 33.18
C ARG E 175 91.04 -7.45 32.24
N THR E 176 90.18 -6.46 32.50
CA THR E 176 89.06 -6.23 31.59
C THR E 176 89.55 -5.91 30.19
N LEU E 177 90.58 -5.08 30.07
CA LEU E 177 91.04 -4.67 28.76
C LEU E 177 91.55 -5.86 27.95
N PHE E 178 92.30 -6.76 28.58
CA PHE E 178 92.72 -7.95 27.88
C PHE E 178 91.56 -8.88 27.57
N GLN E 179 90.61 -9.03 28.50
CA GLN E 179 89.45 -9.86 28.22
C GLN E 179 88.77 -9.40 26.94
N GLU E 180 88.56 -8.09 26.80
CA GLU E 180 88.00 -7.56 25.56
C GLU E 180 88.95 -7.80 24.38
N LEU E 181 90.25 -7.56 24.58
CA LEU E 181 91.19 -7.69 23.47
C LEU E 181 91.19 -9.10 22.88
N LEU E 182 91.24 -10.12 23.75
CA LEU E 182 91.33 -11.49 23.26
C LEU E 182 89.97 -12.04 22.83
N VAL E 183 88.89 -11.74 23.57
CA VAL E 183 87.62 -12.40 23.27
C VAL E 183 87.10 -11.98 21.90
N LYS E 184 87.39 -10.75 21.50
CA LYS E 184 87.00 -10.26 20.19
C LYS E 184 87.99 -10.61 19.09
N ASN E 185 89.06 -11.33 19.40
CA ASN E 185 90.06 -11.74 18.42
C ASN E 185 90.58 -10.53 17.63
N ARG E 186 90.74 -9.40 18.33
CA ARG E 186 91.23 -8.20 17.68
C ARG E 186 92.70 -8.30 17.30
N LEU E 187 93.43 -9.28 17.82
CA LEU E 187 94.84 -9.40 17.50
C LEU E 187 95.06 -9.96 16.11
N GLY E 188 94.10 -10.71 15.58
CA GLY E 188 94.26 -11.35 14.29
C GLY E 188 95.24 -12.50 14.34
N ASN E 189 95.98 -12.70 13.24
CA ASN E 189 96.89 -13.84 13.14
C ASN E 189 97.98 -13.83 14.19
N ARG E 190 98.34 -12.67 14.74
CA ARG E 190 99.38 -12.57 15.76
C ARG E 190 98.92 -13.11 17.11
N LYS E 191 97.63 -13.40 17.28
CA LYS E 191 97.12 -13.85 18.56
C LYS E 191 98.00 -14.93 19.16
N ASP E 192 98.22 -16.02 18.42
CA ASP E 192 98.98 -17.13 18.98
C ASP E 192 100.37 -16.69 19.40
N ALA E 193 101.08 -15.98 18.54
CA ALA E 193 102.44 -15.58 18.88
C ALA E 193 102.46 -14.73 20.14
N LEU E 194 101.55 -13.76 20.25
CA LEU E 194 101.54 -12.91 21.42
C LEU E 194 101.21 -13.70 22.68
N LEU E 195 100.27 -14.65 22.57
CA LEU E 195 99.94 -15.45 23.75
C LEU E 195 101.17 -16.20 24.24
N GLU E 196 101.94 -16.77 23.33
CA GLU E 196 103.17 -17.44 23.74
C GLU E 196 104.07 -16.49 24.50
N LYS E 197 104.23 -15.26 24.00
CA LYS E 197 105.03 -14.29 24.71
C LYS E 197 104.43 -14.01 26.08
N PHE E 198 103.11 -13.88 26.15
CA PHE E 198 102.48 -13.63 27.45
C PHE E 198 102.83 -14.73 28.44
N ASP E 199 102.76 -15.99 28.02
CA ASP E 199 103.16 -17.07 28.91
C ASP E 199 104.60 -16.88 29.37
N ALA E 200 105.49 -16.55 28.42
CA ALA E 200 106.88 -16.34 28.79
C ALA E 200 107.01 -15.25 29.84
N ILE E 201 106.19 -14.19 29.72
CA ILE E 201 106.23 -13.13 30.73
C ILE E 201 105.85 -13.68 32.09
N ALA E 202 104.74 -14.41 32.14
CA ALA E 202 104.30 -14.95 33.43
C ALA E 202 105.37 -15.86 34.01
N GLN E 203 106.00 -16.68 33.19
CA GLN E 203 106.99 -17.61 33.70
C GLN E 203 108.17 -16.86 34.31
N SER E 204 108.52 -15.70 33.74
CA SER E 204 109.62 -14.92 34.28
C SER E 204 109.25 -14.24 35.58
N ILE E 205 107.95 -14.08 35.87
CA ILE E 205 107.54 -13.39 37.09
C ILE E 205 107.31 -14.39 38.21
N ILE E 206 106.64 -15.50 37.92
CA ILE E 206 106.32 -16.47 38.96
C ILE E 206 107.59 -17.05 39.56
N ASP E 207 108.67 -17.13 38.79
CA ASP E 207 109.93 -17.67 39.25
C ASP E 207 110.81 -16.61 39.92
N ASP E 208 110.27 -15.43 40.18
CA ASP E 208 111.03 -14.40 40.87
C ASP E 208 111.43 -14.90 42.25
N PRO E 209 112.72 -14.93 42.60
CA PRO E 209 113.09 -15.48 43.91
C PRO E 209 112.40 -14.80 45.07
N LYS E 210 111.89 -13.58 44.88
CA LYS E 210 111.18 -12.91 45.96
C LYS E 210 109.95 -13.68 46.41
N ILE E 211 109.44 -14.57 45.57
CA ILE E 211 108.25 -15.36 45.90
C ILE E 211 108.72 -16.63 46.59
N LEU E 212 108.48 -16.71 47.90
CA LEU E 212 108.98 -17.82 48.69
C LEU E 212 108.20 -19.08 48.36
N ALA E 213 108.77 -20.23 48.71
CA ALA E 213 108.15 -21.52 48.45
C ALA E 213 107.17 -21.93 49.53
N SER E 214 106.90 -21.08 50.51
CA SER E 214 105.96 -21.43 51.56
C SER E 214 104.54 -21.45 51.03
N ARG E 215 103.66 -22.15 51.74
CA ARG E 215 102.26 -22.16 51.37
C ARG E 215 101.60 -20.80 51.53
N ILE E 216 102.18 -19.90 52.32
CA ILE E 216 101.61 -18.58 52.47
C ILE E 216 101.65 -17.83 51.13
N TYR E 217 102.77 -17.91 50.44
CA TYR E 217 102.87 -17.26 49.14
C TYR E 217 102.13 -18.05 48.07
N ALA E 218 102.06 -19.37 48.22
CA ALA E 218 101.27 -20.16 47.29
C ALA E 218 99.81 -19.70 47.30
N ALA E 219 99.26 -19.46 48.50
CA ALA E 219 97.91 -18.93 48.60
C ALA E 219 97.83 -17.55 48.00
N ALA E 220 98.82 -16.69 48.28
CA ALA E 220 98.75 -15.32 47.80
C ALA E 220 98.73 -15.25 46.28
N PHE E 221 99.33 -16.23 45.61
CA PHE E 221 99.45 -16.22 44.15
C PHE E 221 98.41 -17.07 43.45
N GLY E 222 97.35 -17.47 44.13
CA GLY E 222 96.21 -18.05 43.44
C GLY E 222 95.72 -19.37 43.98
N SER E 223 96.56 -20.09 44.72
CA SER E 223 96.15 -21.39 45.23
C SER E 223 94.93 -21.22 46.13
N VAL E 224 93.94 -22.09 45.96
CA VAL E 224 92.67 -21.92 46.65
C VAL E 224 92.66 -22.62 48.00
N TYR E 225 93.14 -23.86 48.06
CA TYR E 225 93.05 -24.61 49.30
C TYR E 225 93.82 -23.91 50.42
N TYR E 226 95.02 -23.43 50.10
CA TYR E 226 95.82 -22.76 51.11
C TYR E 226 95.19 -21.43 51.53
N GLN E 227 94.58 -20.72 50.57
CA GLN E 227 93.97 -19.44 50.91
C GLN E 227 92.82 -19.63 51.89
N LYS E 228 91.99 -20.65 51.67
CA LYS E 228 90.87 -20.89 52.56
C LYS E 228 91.35 -21.15 53.99
N GLU E 229 92.40 -21.96 54.13
CA GLU E 229 92.92 -22.25 55.47
C GLU E 229 93.42 -20.97 56.14
N ILE E 230 94.12 -20.12 55.39
CA ILE E 230 94.65 -18.90 55.98
C ILE E 230 93.51 -17.99 56.43
N ILE E 231 92.48 -17.86 55.58
CA ILE E 231 91.35 -17.02 55.97
C ILE E 231 90.66 -17.56 57.21
N ASN E 232 90.46 -18.88 57.27
CA ASN E 232 89.82 -19.45 58.44
C ASN E 232 90.64 -19.18 59.70
N ILE E 233 91.96 -19.30 59.60
CA ILE E 233 92.81 -19.01 60.75
C ILE E 233 92.65 -17.58 61.20
N ASN E 234 92.62 -16.65 60.25
CA ASN E 234 92.45 -15.24 60.60
C ASN E 234 91.15 -15.04 61.35
N ASN E 235 90.05 -15.59 60.81
CA ASN E 235 88.75 -15.39 61.43
C ASN E 235 88.73 -15.96 62.84
N GLU E 236 89.37 -17.11 63.05
CA GLU E 236 89.37 -17.70 64.39
C GLU E 236 90.20 -16.86 65.37
N ALA E 237 91.35 -16.34 64.93
CA ALA E 237 92.16 -15.54 65.82
C ALA E 237 91.39 -14.33 66.34
N ARG E 238 90.56 -13.74 65.49
CA ARG E 238 89.80 -12.56 65.92
C ARG E 238 88.89 -12.89 67.10
N THR E 239 88.47 -14.15 67.24
CA THR E 239 87.60 -14.54 68.34
C THR E 239 88.40 -15.03 69.55
N GLU E 240 89.51 -15.72 69.32
CA GLU E 240 90.28 -16.17 70.49
C GLU E 240 90.86 -15.00 71.27
N LEU E 241 91.03 -13.84 70.63
CA LEU E 241 91.50 -12.68 71.38
C LEU E 241 90.59 -12.36 72.56
N GLY E 242 89.27 -12.53 72.37
CA GLY E 242 88.35 -12.32 73.47
C GLY E 242 88.69 -13.21 74.65
N THR E 243 89.17 -14.43 74.37
CA THR E 243 89.58 -15.30 75.46
C THR E 243 90.74 -14.70 76.25
N MET E 244 91.72 -14.12 75.53
CA MET E 244 92.87 -13.54 76.20
C MET E 244 92.46 -12.45 77.17
N GLU E 245 91.51 -11.61 76.75
CA GLU E 245 91.02 -10.56 77.65
C GLU E 245 90.37 -11.18 78.89
N LYS E 246 89.63 -12.27 78.70
CA LYS E 246 88.95 -12.91 79.83
C LYS E 246 89.97 -13.50 80.82
N LEU E 247 91.08 -14.04 80.31
CA LEU E 247 92.11 -14.55 81.21
C LEU E 247 92.67 -13.44 82.09
N VAL E 248 92.97 -12.29 81.49
CA VAL E 248 93.50 -11.19 82.30
C VAL E 248 92.43 -10.70 83.27
N GLY E 249 91.19 -10.58 82.80
CA GLY E 249 90.11 -10.19 83.70
C GLY E 249 89.95 -11.15 84.86
N THR E 250 90.23 -12.43 84.63
CA THR E 250 90.20 -13.40 85.74
C THR E 250 91.22 -13.03 86.80
N ILE E 251 92.42 -12.63 86.38
CA ILE E 251 93.42 -12.22 87.36
C ILE E 251 92.92 -11.03 88.18
N ILE E 252 92.24 -10.09 87.52
CA ILE E 252 91.66 -8.95 88.25
C ILE E 252 90.66 -9.40 89.29
N GLU E 253 89.80 -10.37 88.97
CA GLU E 253 88.87 -10.93 89.93
C GLU E 253 89.58 -11.60 91.10
N TYR E 254 90.80 -12.11 90.96
CA TYR E 254 91.51 -12.63 92.14
C TYR E 254 92.13 -11.54 92.98
N VAL E 255 92.89 -10.67 92.35
CA VAL E 255 93.51 -9.58 93.07
C VAL E 255 92.66 -8.32 93.01
N ASP E 261 87.91 -19.57 98.20
CA ASP E 261 88.10 -20.21 96.90
C ASP E 261 87.18 -19.61 95.86
N TYR E 262 87.74 -18.88 94.91
CA TYR E 262 86.90 -18.34 93.83
C TYR E 262 87.43 -18.76 92.46
N ARG E 263 88.03 -19.93 92.36
CA ARG E 263 88.62 -20.36 91.08
C ARG E 263 87.75 -20.30 89.85
N ALA E 264 88.14 -19.49 88.85
CA ALA E 264 87.36 -19.41 87.64
C ALA E 264 87.47 -20.72 86.88
N LEU E 265 86.44 -21.04 86.10
CA LEU E 265 86.48 -22.28 85.32
C LEU E 265 87.52 -22.24 84.22
N MET E 266 88.07 -21.05 83.93
CA MET E 266 89.17 -20.95 82.96
C MET E 266 88.83 -21.35 81.54
N PRO E 267 89.21 -20.51 80.56
CA PRO E 267 88.93 -20.82 79.16
C PRO E 267 90.10 -21.56 78.52
N ILE E 268 90.44 -22.72 79.05
CA ILE E 268 91.56 -23.48 78.52
C ILE E 268 91.20 -24.06 77.17
N ALA E 269 89.91 -24.14 76.89
CA ALA E 269 89.47 -24.70 75.62
C ALA E 269 90.11 -23.96 74.46
N ASN E 270 89.70 -22.72 74.27
CA ASN E 270 90.27 -21.92 73.19
C ASN E 270 91.79 -21.95 73.21
N ILE E 271 92.38 -22.29 74.36
CA ILE E 271 93.83 -22.38 74.44
C ILE E 271 94.32 -23.60 73.65
N ARG E 272 93.57 -24.70 73.67
CA ARG E 272 93.92 -25.81 72.81
C ARG E 272 93.88 -25.39 71.35
N GLU E 273 92.90 -24.55 71.00
CA GLU E 273 92.70 -24.20 69.60
C GLU E 273 93.79 -23.26 69.11
N ILE E 274 94.18 -22.28 69.94
CA ILE E 274 95.23 -21.34 69.53
C ILE E 274 96.56 -22.08 69.35
N GLY E 275 96.80 -23.10 70.15
CA GLY E 275 97.98 -23.93 69.92
C GLY E 275 97.93 -24.63 68.57
N LYS E 276 96.78 -25.22 68.23
CA LYS E 276 96.65 -25.85 66.92
C LYS E 276 96.80 -24.84 65.80
N LEU E 277 96.21 -23.64 65.96
CA LEU E 277 96.32 -22.63 64.92
C LEU E 277 97.76 -22.15 64.76
N ALA E 278 98.47 -21.94 65.86
CA ALA E 278 99.87 -21.56 65.76
C ALA E 278 100.68 -22.68 65.12
N THR E 279 100.36 -23.93 65.45
CA THR E 279 101.07 -25.05 64.85
C THR E 279 100.88 -25.06 63.33
N ARG E 280 99.64 -24.90 62.87
CA ARG E 280 99.38 -24.88 61.44
C ARG E 280 100.01 -23.66 60.78
N CYS E 281 100.04 -22.52 61.46
CA CYS E 281 100.69 -21.34 60.90
C CYS E 281 102.16 -21.60 60.63
N ASN E 282 102.84 -22.27 61.56
CA ASN E 282 104.24 -22.60 61.34
C ASN E 282 104.38 -23.54 60.15
N GLU E 283 103.45 -24.49 60.01
CA GLU E 283 103.49 -25.38 58.85
C GLU E 283 103.30 -24.61 57.56
N LEU E 284 102.39 -23.64 57.55
CA LEU E 284 102.16 -22.87 56.32
C LEU E 284 103.35 -22.00 55.99
N SER E 285 103.91 -21.31 56.97
CA SER E 285 104.97 -20.34 56.71
C SER E 285 106.30 -20.97 56.35
N THR E 286 106.48 -22.27 56.57
CA THR E 286 107.76 -22.91 56.30
C THR E 286 108.10 -22.81 54.82
N VAL E 287 109.36 -22.47 54.53
CA VAL E 287 109.85 -22.30 53.17
C VAL E 287 110.69 -23.53 52.84
N TYR E 288 110.29 -24.25 51.81
CA TYR E 288 111.00 -25.47 51.45
C TYR E 288 112.15 -25.17 50.49
N PRO E 289 113.19 -26.00 50.49
CA PRO E 289 114.31 -25.78 49.56
C PRO E 289 113.84 -25.65 48.11
N ASP E 290 112.77 -26.35 47.73
CA ASP E 290 112.28 -26.32 46.36
C ASP E 290 110.76 -26.25 46.37
N ARG E 291 110.21 -25.56 45.38
CA ARG E 291 108.76 -25.44 45.29
C ARG E 291 108.07 -26.76 45.04
N SER E 292 108.78 -27.74 44.47
CA SER E 292 108.15 -29.03 44.18
C SER E 292 107.62 -29.71 45.43
N SER E 293 108.07 -29.28 46.62
CA SER E 293 107.59 -29.86 47.86
C SER E 293 106.17 -29.44 48.19
N ILE E 294 105.66 -28.40 47.57
CA ILE E 294 104.30 -27.90 47.78
C ILE E 294 103.44 -28.44 46.64
N PRO E 295 102.38 -29.20 46.92
CA PRO E 295 101.50 -29.62 45.84
C PRO E 295 100.61 -28.48 45.36
N ASP E 296 100.37 -28.46 44.06
CA ASP E 296 99.51 -27.44 43.45
C ASP E 296 100.03 -26.04 43.73
N PHE E 297 101.35 -25.89 43.67
CA PHE E 297 101.93 -24.56 43.79
C PHE E 297 101.59 -23.74 42.54
N PRO E 298 101.29 -22.46 42.69
CA PRO E 298 100.98 -21.64 41.50
C PRO E 298 102.13 -21.65 40.51
N ASP E 299 101.81 -22.06 39.28
CA ASP E 299 102.73 -22.03 38.17
C ASP E 299 102.52 -20.72 37.40
N LYS E 300 102.97 -20.68 36.14
CA LYS E 300 102.86 -19.45 35.35
C LYS E 300 101.42 -18.93 35.28
N ASN E 301 100.42 -19.77 35.50
CA ASN E 301 99.03 -19.35 35.40
C ASN E 301 98.54 -18.73 36.71
N PHE E 302 99.26 -17.73 37.21
CA PHE E 302 98.88 -17.10 38.47
C PHE E 302 97.97 -15.90 38.28
N TRP E 303 97.98 -15.30 37.08
CA TRP E 303 97.13 -14.16 36.79
C TRP E 303 95.69 -14.56 36.53
N LYS E 304 95.44 -15.82 36.17
CA LYS E 304 94.08 -16.26 35.88
C LYS E 304 93.17 -16.18 37.09
N ASN E 305 93.72 -16.23 38.30
CA ASN E 305 92.95 -16.14 39.52
C ASN E 305 93.10 -14.79 40.22
N SER E 306 93.47 -13.75 39.47
CA SER E 306 93.67 -12.45 40.09
C SER E 306 92.40 -11.90 40.73
N HIS E 307 91.22 -12.39 40.33
CA HIS E 307 89.99 -11.93 40.96
C HIS E 307 89.97 -12.20 42.45
N LEU E 308 90.72 -13.20 42.91
CA LEU E 308 90.76 -13.49 44.35
C LEU E 308 91.45 -12.41 45.14
N LEU E 309 92.16 -11.50 44.49
CA LEU E 309 92.89 -10.45 45.20
C LEU E 309 92.04 -9.22 45.46
N LYS E 310 90.80 -9.18 44.95
CA LYS E 310 89.98 -7.98 45.13
C LYS E 310 89.74 -7.70 46.60
N ASP E 311 89.43 -8.73 47.39
CA ASP E 311 89.12 -8.57 48.79
C ASP E 311 90.42 -8.60 49.59
N ARG E 312 90.88 -7.43 50.00
CA ARG E 312 92.17 -7.36 50.68
C ARG E 312 92.14 -8.16 51.96
N PHE E 313 93.21 -8.91 52.20
CA PHE E 313 93.37 -9.65 53.45
C PHE E 313 93.95 -8.71 54.50
N VAL E 314 93.28 -8.61 55.64
CA VAL E 314 93.66 -7.68 56.70
C VAL E 314 93.95 -8.49 57.95
N ALA E 315 95.16 -8.31 58.50
CA ALA E 315 95.49 -8.92 59.77
C ALA E 315 94.75 -8.19 60.89
N PRO E 316 94.47 -8.89 62.00
CA PRO E 316 93.73 -8.29 63.11
C PRO E 316 94.59 -7.34 63.96
N LEU E 317 95.29 -6.43 63.31
CA LEU E 317 96.28 -5.61 64.01
C LEU E 317 95.61 -4.66 64.98
N ASP E 318 94.48 -4.06 64.61
CA ASP E 318 93.78 -3.16 65.51
C ASP E 318 93.23 -3.91 66.71
N ASP E 319 92.68 -5.10 66.49
CA ASP E 319 92.18 -5.90 67.61
C ASP E 319 93.30 -6.29 68.56
N LEU E 320 94.47 -6.62 68.00
CA LEU E 320 95.61 -6.97 68.84
C LEU E 320 95.99 -5.81 69.74
N LEU E 321 96.09 -4.60 69.16
CA LEU E 321 96.49 -3.45 69.96
C LEU E 321 95.47 -3.16 71.04
N LYS E 322 94.17 -3.23 70.73
CA LYS E 322 93.16 -3.01 71.74
C LYS E 322 93.28 -4.05 72.85
N ALA E 323 93.35 -5.33 72.47
CA ALA E 323 93.42 -6.38 73.47
C ALA E 323 94.68 -6.28 74.30
N TYR E 324 95.83 -6.00 73.66
CA TYR E 324 97.08 -5.96 74.41
C TYR E 324 97.15 -4.73 75.30
N ARG E 325 96.72 -3.57 74.80
CA ARG E 325 96.77 -2.36 75.63
C ARG E 325 95.81 -2.46 76.81
N ASN E 326 94.61 -2.99 76.57
CA ASN E 326 93.68 -3.18 77.69
C ASN E 326 94.23 -4.19 78.69
N SER E 327 94.85 -5.27 78.20
CA SER E 327 95.42 -6.26 79.10
C SER E 327 96.55 -5.67 79.93
N SER E 328 97.44 -4.91 79.29
CA SER E 328 98.55 -4.30 80.01
C SER E 328 98.05 -3.30 81.04
N ASP E 329 97.07 -2.47 80.68
CA ASP E 329 96.56 -1.49 81.63
C ASP E 329 95.87 -2.19 82.80
N ALA E 330 95.11 -3.25 82.52
CA ALA E 330 94.45 -3.97 83.59
C ALA E 330 95.47 -4.51 84.58
N LEU E 331 96.56 -5.09 84.09
CA LEU E 331 97.61 -5.56 84.99
C LEU E 331 98.33 -4.41 85.68
N ARG E 332 98.50 -3.28 85.00
CA ARG E 332 99.11 -2.12 85.64
C ARG E 332 98.34 -1.69 86.87
N LYS E 333 97.01 -1.78 86.82
CA LYS E 333 96.22 -1.39 87.99
C LYS E 333 96.32 -2.35 89.18
N LEU E 334 97.11 -3.42 89.08
CA LEU E 334 97.32 -4.34 90.19
C LEU E 334 98.61 -4.09 90.95
N LYS E 335 99.35 -3.03 90.63
CA LYS E 335 100.63 -2.77 91.29
C LYS E 335 100.52 -2.84 92.81
N GLN E 336 99.49 -2.22 93.38
CA GLN E 336 99.22 -2.36 94.80
C GLN E 336 98.47 -3.66 95.09
N LEU E 337 99.17 -4.64 95.68
CA LEU E 337 98.54 -5.92 95.97
C LEU E 337 98.07 -6.00 97.41
N SER E 338 99.00 -5.95 98.36
CA SER E 338 98.66 -6.01 99.78
C SER E 338 97.96 -7.31 100.16
N ARG E 339 97.77 -7.54 101.45
CA ARG E 339 97.01 -8.71 101.92
C ARG E 339 97.63 -10.06 101.63
N ASN E 340 97.54 -10.98 102.59
CA ASN E 340 98.05 -12.32 102.38
C ASN E 340 96.96 -13.09 101.67
N TYR E 341 97.33 -13.83 100.64
CA TYR E 341 96.33 -14.55 99.85
C TYR E 341 96.28 -16.01 100.26
N SER E 342 95.11 -16.61 100.09
CA SER E 342 94.95 -18.03 100.30
C SER E 342 95.70 -18.82 99.24
N GLN E 343 96.09 -20.04 99.59
CA GLN E 343 96.83 -20.86 98.63
C GLN E 343 95.99 -21.15 97.40
N GLU E 344 94.68 -21.38 97.59
CA GLU E 344 93.81 -21.60 96.44
C GLU E 344 93.72 -20.42 95.48
N THR E 345 93.82 -19.20 95.96
CA THR E 345 93.89 -18.02 95.11
C THR E 345 95.20 -17.96 94.33
N ILE E 346 96.33 -18.25 94.98
CA ILE E 346 97.59 -18.23 94.27
C ILE E 346 97.66 -19.32 93.22
N ASP E 347 97.15 -20.52 93.53
CA ASP E 347 97.13 -21.57 92.52
C ASP E 347 96.29 -21.17 91.32
N ALA E 348 95.15 -20.53 91.57
CA ALA E 348 94.28 -20.12 90.46
C ALA E 348 94.95 -19.04 89.63
N ILE E 349 95.65 -18.11 90.30
CA ILE E 349 96.39 -17.09 89.56
C ILE E 349 97.49 -17.73 88.73
N GLY E 350 98.21 -18.67 89.33
CA GLY E 350 99.28 -19.34 88.60
C GLY E 350 98.80 -19.95 87.29
N GLU E 351 97.66 -20.65 87.34
CA GLU E 351 97.13 -21.23 86.13
C GLU E 351 96.77 -20.15 85.11
N SER E 352 96.17 -19.06 85.57
CA SER E 352 95.85 -17.97 84.65
C SER E 352 97.10 -17.40 84.01
N VAL E 353 98.16 -17.18 84.79
CA VAL E 353 99.39 -16.63 84.24
C VAL E 353 99.99 -17.58 83.21
N GLN E 354 100.00 -18.88 83.51
CA GLN E 354 100.54 -19.84 82.55
C GLN E 354 99.72 -19.84 81.27
N LEU E 355 98.39 -19.80 81.39
CA LEU E 355 97.54 -19.80 80.21
C LEU E 355 97.76 -18.55 79.37
N ILE E 356 97.92 -17.39 80.01
CA ILE E 356 98.18 -16.17 79.27
C ILE E 356 99.51 -16.25 78.53
N ASN E 357 100.55 -16.75 79.20
CA ASN E 357 101.85 -16.87 78.53
C ASN E 357 101.74 -17.74 77.29
N THR E 358 101.07 -18.89 77.42
CA THR E 358 100.91 -19.76 76.27
C THR E 358 100.10 -19.08 75.18
N SER E 359 99.04 -18.39 75.57
CA SER E 359 98.21 -17.70 74.59
C SER E 359 98.99 -16.61 73.86
N LEU E 360 99.79 -15.81 74.59
CA LEU E 360 100.56 -14.77 73.91
C LEU E 360 101.52 -15.36 72.91
N GLU E 361 102.21 -16.46 73.25
CA GLU E 361 103.13 -17.03 72.28
C GLU E 361 102.38 -17.60 71.09
N GLY E 362 101.24 -18.26 71.35
CA GLY E 362 100.44 -18.78 70.25
C GLY E 362 99.95 -17.69 69.31
N MET E 363 99.40 -16.61 69.86
CA MET E 363 98.91 -15.53 69.03
C MET E 363 100.04 -14.79 68.31
N ARG E 364 101.22 -14.72 68.91
CA ARG E 364 102.35 -14.14 68.20
C ARG E 364 102.68 -14.94 66.94
N ARG E 365 102.71 -16.26 67.07
CA ARG E 365 102.99 -17.08 65.88
C ARG E 365 101.91 -16.86 64.82
N ILE E 366 100.65 -16.80 65.25
CA ILE E 366 99.55 -16.62 64.31
C ILE E 366 99.65 -15.26 63.64
N THR E 367 99.87 -14.21 64.43
CA THR E 367 99.87 -12.86 63.89
C THR E 367 100.98 -12.69 62.87
N ASP E 368 102.18 -13.19 63.18
CA ASP E 368 103.28 -13.06 62.24
C ASP E 368 102.93 -13.74 60.92
N THR E 369 102.34 -14.93 60.99
CA THR E 369 101.97 -15.62 59.76
C THR E 369 100.86 -14.89 59.01
N MET E 370 99.86 -14.39 59.71
CA MET E 370 98.82 -13.62 59.03
C MET E 370 99.37 -12.34 58.44
N PHE E 371 100.32 -11.69 59.12
CA PHE E 371 100.93 -10.51 58.54
C PHE E 371 101.75 -10.87 57.31
N GLU E 372 102.46 -11.99 57.36
CA GLU E 372 103.25 -12.40 56.21
C GLU E 372 102.37 -12.56 54.99
N TYR E 373 101.17 -13.11 55.16
CA TYR E 373 100.26 -13.25 54.03
C TYR E 373 99.83 -11.90 53.50
N SER E 374 99.60 -10.93 54.37
CA SER E 374 99.29 -9.59 53.90
C SER E 374 100.39 -9.07 53.00
N GLN E 375 101.64 -9.26 53.39
CA GLN E 375 102.76 -8.86 52.54
C GLN E 375 102.81 -9.69 51.27
N ALA E 376 102.56 -11.00 51.39
CA ALA E 376 102.59 -11.86 50.22
C ALA E 376 101.50 -11.47 49.23
N GLN E 377 100.31 -11.13 49.73
CA GLN E 377 99.23 -10.72 48.84
C GLN E 377 99.58 -9.43 48.12
N TYR E 378 100.21 -8.49 48.82
CA TYR E 378 100.67 -7.26 48.17
C TYR E 378 101.62 -7.58 47.01
N LEU E 379 102.58 -8.47 47.25
CA LEU E 379 103.49 -8.87 46.19
C LEU E 379 102.76 -9.56 45.05
N ALA E 380 101.81 -10.45 45.37
CA ALA E 380 101.08 -11.16 44.34
C ALA E 380 100.29 -10.19 43.48
N ALA E 381 99.65 -9.19 44.09
CA ALA E 381 98.92 -8.21 43.31
C ALA E 381 99.86 -7.42 42.42
N SER E 382 101.02 -7.04 42.95
CA SER E 382 102.00 -6.33 42.13
C SER E 382 102.45 -7.21 40.96
N CYS E 383 102.67 -8.50 41.21
CA CYS E 383 103.13 -9.39 40.16
C CYS E 383 102.11 -9.51 39.03
N VAL E 384 100.82 -9.61 39.37
CA VAL E 384 99.79 -9.68 38.35
C VAL E 384 99.76 -8.39 37.54
N LEU E 385 99.87 -7.25 38.22
CA LEU E 385 99.87 -5.98 37.51
C LEU E 385 101.08 -5.87 36.60
N ASN E 386 102.25 -6.33 37.06
CA ASN E 386 103.43 -6.33 36.22
C ASN E 386 103.24 -7.25 35.02
N TYR E 387 102.61 -8.41 35.23
CA TYR E 387 102.33 -9.30 34.11
C TYR E 387 101.52 -8.57 33.06
N TYR E 388 100.43 -7.92 33.47
CA TYR E 388 99.59 -7.23 32.49
C TYR E 388 100.34 -6.05 31.87
N GLY E 389 101.14 -5.33 32.65
CA GLY E 389 101.87 -4.21 32.09
C GLY E 389 102.85 -4.64 31.01
N LYS E 390 103.62 -5.70 31.28
CA LYS E 390 104.55 -6.20 30.28
C LYS E 390 103.83 -6.75 29.07
N CYS E 391 102.69 -7.40 29.27
CA CYS E 391 101.94 -7.92 28.14
C CYS E 391 101.48 -6.78 27.22
N ALA E 392 100.97 -5.70 27.82
CA ALA E 392 100.58 -4.56 27.00
C ALA E 392 101.76 -3.98 26.24
N GLN E 393 102.94 -3.95 26.87
CA GLN E 393 104.12 -3.46 26.19
C GLN E 393 104.46 -4.31 24.97
N VAL E 394 104.28 -5.63 25.07
CA VAL E 394 104.54 -6.49 23.92
C VAL E 394 103.55 -6.20 22.82
N VAL E 395 102.28 -5.99 23.14
CA VAL E 395 101.29 -5.66 22.10
C VAL E 395 101.70 -4.38 21.38
N SER E 396 102.09 -3.36 22.16
CA SER E 396 102.50 -2.10 21.56
C SER E 396 103.69 -2.31 20.63
N GLU E 397 104.73 -2.98 21.11
CA GLU E 397 105.92 -3.17 20.29
C GLU E 397 105.63 -4.06 19.09
N ASP E 398 104.83 -5.11 19.28
CA ASP E 398 104.58 -6.06 18.20
C ASP E 398 103.87 -5.41 17.04
N TYR E 399 102.88 -4.56 17.32
CA TYR E 399 102.19 -3.89 16.22
C TYR E 399 102.83 -2.56 15.82
N LYS E 400 103.85 -2.10 16.53
CA LYS E 400 104.69 -1.03 15.97
C LYS E 400 105.66 -1.59 14.95
N ILE E 401 106.17 -2.81 15.17
CA ILE E 401 107.01 -3.45 14.18
C ILE E 401 106.17 -3.93 13.00
N HIS E 402 105.03 -4.55 13.28
CA HIS E 402 104.13 -5.03 12.24
C HIS E 402 103.08 -3.97 11.95
N GLY E 403 102.14 -4.28 11.07
CA GLY E 403 101.09 -3.34 10.70
C GLY E 403 100.02 -3.23 11.75
N PHE E 404 99.94 -2.08 12.41
CA PHE E 404 98.93 -1.88 13.45
C PHE E 404 97.56 -1.60 12.84
N ASN E 405 96.53 -1.93 13.60
CA ASN E 405 95.15 -1.59 13.26
C ASN E 405 94.72 -0.38 14.09
N ASP E 406 93.50 0.09 13.86
CA ASP E 406 92.96 1.17 14.67
C ASP E 406 92.51 0.68 16.03
N ALA E 407 91.93 -0.53 16.09
CA ALA E 407 91.51 -1.10 17.36
C ALA E 407 92.71 -1.27 18.28
N ILE E 408 93.87 -1.61 17.72
CA ILE E 408 95.06 -1.80 18.54
C ILE E 408 95.50 -0.48 19.14
N ARG E 409 95.54 0.60 18.35
CA ARG E 409 95.92 1.88 18.91
C ARG E 409 94.91 2.37 19.94
N GLU E 410 93.62 2.15 19.68
CA GLU E 410 92.60 2.53 20.67
C GLU E 410 92.77 1.75 21.97
N TRP E 411 93.00 0.45 21.85
CA TRP E 411 93.19 -0.39 23.02
C TRP E 411 94.38 0.08 23.83
N GLN E 412 95.50 0.36 23.15
CA GLN E 412 96.71 0.76 23.86
C GLN E 412 96.51 2.09 24.58
N ARG E 413 95.79 3.04 23.95
CA ARG E 413 95.53 4.30 24.64
C ARG E 413 94.69 4.06 25.88
N ARG E 414 93.70 3.17 25.81
CA ARG E 414 92.93 2.84 27.01
C ARG E 414 93.83 2.23 28.09
N PHE E 415 94.74 1.33 27.68
CA PHE E 415 95.63 0.72 28.66
C PHE E 415 96.60 1.74 29.24
N ASP E 416 97.10 2.65 28.41
CA ASP E 416 98.00 3.68 28.90
C ASP E 416 97.32 4.54 29.95
N LYS E 417 96.02 4.81 29.76
CA LYS E 417 95.27 5.55 30.77
C LYS E 417 95.27 4.82 32.09
N VAL E 418 95.09 3.50 32.05
CA VAL E 418 95.10 2.72 33.30
C VAL E 418 96.46 2.82 33.98
N ILE E 419 97.55 2.72 33.22
CA ILE E 419 98.87 2.84 33.81
C ILE E 419 99.08 4.25 34.37
N ASP E 420 98.62 5.27 33.65
CA ASP E 420 98.79 6.63 34.11
C ASP E 420 98.06 6.86 35.42
N ASP E 421 96.83 6.35 35.53
CA ASP E 421 96.10 6.48 36.78
C ASP E 421 96.82 5.77 37.91
N PHE E 422 97.37 4.59 37.63
CA PHE E 422 98.14 3.89 38.64
C PHE E 422 99.33 4.72 39.12
N LYS E 423 100.11 5.25 38.16
CA LYS E 423 101.28 6.04 38.52
C LYS E 423 100.89 7.28 39.30
N ARG E 424 99.81 7.95 38.89
CA ARG E 424 99.36 9.14 39.60
C ARG E 424 98.91 8.80 41.00
N GLY E 425 98.28 7.62 41.18
CA GLY E 425 97.89 7.21 42.51
C GLY E 425 99.08 7.03 43.43
N TYR E 426 100.13 6.37 42.95
CA TYR E 426 101.33 6.25 43.76
C TYR E 426 101.97 7.61 44.01
N ALA E 427 101.97 8.49 43.02
CA ALA E 427 102.58 9.79 43.16
C ALA E 427 101.74 10.67 44.08
N ARG F 17 214.77 -52.72 31.21
CA ARG F 17 215.26 -51.35 31.16
C ARG F 17 215.67 -50.97 29.75
N ASN F 18 214.96 -50.03 29.09
CA ASN F 18 215.28 -49.65 27.69
C ASN F 18 215.26 -48.14 27.45
N TYR F 19 216.44 -47.51 27.35
CA TYR F 19 216.53 -46.06 27.22
C TYR F 19 216.62 -45.60 25.77
N SER F 20 217.52 -46.18 24.98
CA SER F 20 217.70 -45.76 23.59
C SER F 20 216.47 -46.01 22.71
N GLY F 21 215.94 -47.26 22.65
CA GLY F 21 214.74 -47.57 21.89
C GLY F 21 213.78 -48.49 22.60
N GLY F 22 212.59 -47.98 22.92
CA GLY F 22 211.58 -48.74 23.61
C GLY F 22 210.21 -48.53 23.00
N GLN F 23 209.19 -48.86 23.78
CA GLN F 23 207.82 -48.69 23.32
C GLN F 23 207.47 -47.21 23.20
N GLN F 24 206.80 -46.85 22.10
CA GLN F 24 206.30 -45.49 21.88
C GLN F 24 204.79 -45.55 21.78
N GLN F 25 204.11 -45.10 22.82
CA GLN F 25 202.65 -45.09 22.83
C GLN F 25 202.10 -43.91 22.04
N ALA F 26 200.88 -44.07 21.54
CA ALA F 26 200.21 -43.01 20.80
C ALA F 26 199.76 -41.90 21.76
N ILE F 27 199.88 -40.66 21.30
CA ILE F 27 199.40 -39.52 22.07
C ILE F 27 198.05 -39.08 21.52
N SER F 28 197.09 -38.89 22.41
CA SER F 28 195.77 -38.44 21.98
C SER F 28 195.86 -37.07 21.32
N ARG F 29 195.13 -36.90 20.23
CA ARG F 29 195.16 -35.65 19.47
C ARG F 29 194.07 -34.68 19.89
N PHE F 30 192.99 -35.17 20.49
CA PHE F 30 191.83 -34.34 20.80
C PHE F 30 191.80 -34.04 22.30
N THR F 31 191.52 -32.79 22.65
CA THR F 31 191.32 -32.38 24.04
C THR F 31 189.90 -31.88 24.20
N ALA F 32 189.20 -32.40 25.21
CA ALA F 32 187.82 -31.99 25.44
C ALA F 32 187.76 -30.50 25.76
N ARG F 33 186.77 -29.84 25.16
CA ARG F 33 186.51 -28.43 25.40
C ARG F 33 185.42 -28.30 26.45
N PRO F 34 185.58 -27.42 27.44
CA PRO F 34 184.48 -27.16 28.38
C PRO F 34 183.23 -26.69 27.67
N GLY F 35 182.07 -27.15 28.17
CA GLY F 35 180.80 -26.78 27.60
C GLY F 35 179.89 -26.18 28.65
N ASP F 36 178.76 -25.66 28.17
CA ASP F 36 177.77 -25.09 29.07
C ASP F 36 176.99 -26.22 29.78
N PRO F 37 176.88 -26.17 31.11
CA PRO F 37 176.20 -27.26 31.82
C PRO F 37 174.80 -27.54 31.31
N GLN F 38 174.09 -26.54 30.81
CA GLN F 38 172.73 -26.73 30.32
C GLN F 38 172.66 -27.35 28.94
N VAL F 39 173.56 -26.97 28.02
CA VAL F 39 173.58 -27.60 26.71
C VAL F 39 173.94 -29.08 26.81
N GLU F 40 174.88 -29.44 27.68
CA GLU F 40 175.24 -30.84 27.88
C GLU F 40 174.12 -31.66 28.51
N GLU F 41 173.41 -31.09 29.49
CA GLU F 41 172.28 -31.82 30.06
C GLU F 41 171.21 -32.07 29.00
N LEU F 42 170.87 -31.07 28.21
CA LEU F 42 169.84 -31.24 27.19
C LEU F 42 170.34 -32.14 26.06
N TYR F 43 171.61 -32.00 25.68
CA TYR F 43 172.13 -32.79 24.58
C TYR F 43 172.16 -34.27 24.94
N LEU F 44 172.62 -34.59 26.16
CA LEU F 44 172.65 -35.98 26.59
C LEU F 44 171.26 -36.59 26.59
N ILE F 45 170.25 -35.81 26.99
CA ILE F 45 168.87 -36.25 26.83
C ILE F 45 168.53 -36.43 25.36
N PHE F 46 168.89 -35.45 24.53
CA PHE F 46 168.59 -35.51 23.10
C PHE F 46 169.06 -36.81 22.47
N THR F 47 170.23 -37.32 22.85
CA THR F 47 170.83 -38.49 22.23
C THR F 47 170.52 -39.78 22.98
N ASN F 48 170.47 -39.73 24.30
CA ASN F 48 170.32 -40.95 25.08
C ASN F 48 168.85 -41.34 25.30
N PHE F 49 167.96 -40.35 25.35
CA PHE F 49 166.55 -40.58 25.65
C PHE F 49 165.69 -39.90 24.60
N PRO F 50 165.71 -40.41 23.37
CA PRO F 50 164.90 -39.82 22.29
C PRO F 50 163.43 -40.18 22.38
N ALA F 51 162.82 -39.91 23.52
CA ALA F 51 161.41 -40.19 23.74
C ALA F 51 160.62 -38.96 24.13
N GLN F 52 161.12 -38.18 25.08
CA GLN F 52 160.50 -36.93 25.48
C GLN F 52 160.99 -35.75 24.67
N THR F 53 161.86 -35.98 23.69
CA THR F 53 162.45 -34.87 22.94
C THR F 53 161.44 -34.24 21.99
N ALA F 54 160.49 -35.01 21.50
CA ALA F 54 159.51 -34.49 20.55
C ALA F 54 158.25 -33.98 21.24
N TYR F 55 158.44 -33.28 22.36
CA TYR F 55 157.36 -32.73 23.15
C TYR F 55 157.80 -31.40 23.72
N TRP F 56 156.83 -30.54 24.03
CA TRP F 56 157.16 -29.22 24.55
C TRP F 56 157.97 -29.28 25.83
N GLU F 57 157.80 -30.33 26.65
CA GLU F 57 158.53 -30.42 27.90
C GLU F 57 160.04 -30.33 27.68
N PHE F 58 160.53 -30.88 26.57
CA PHE F 58 161.93 -30.78 26.22
C PHE F 58 162.23 -29.60 25.31
N HIS F 59 161.35 -29.32 24.35
CA HIS F 59 161.61 -28.24 23.41
C HIS F 59 161.66 -26.89 24.11
N LYS F 60 160.81 -26.68 25.12
CA LYS F 60 160.80 -25.40 25.81
C LYS F 60 162.15 -25.11 26.44
N LYS F 61 162.84 -26.15 26.90
CA LYS F 61 164.14 -25.95 27.55
C LYS F 61 165.21 -25.56 26.54
N VAL F 62 165.19 -26.18 25.35
CA VAL F 62 166.17 -25.84 24.32
C VAL F 62 166.03 -24.38 23.90
N LEU F 63 164.79 -23.91 23.74
CA LEU F 63 164.57 -22.50 23.37
C LEU F 63 165.07 -21.55 24.45
N ALA F 64 164.76 -21.81 25.72
CA ALA F 64 165.26 -20.96 26.79
C ALA F 64 166.78 -20.96 26.83
N CYS F 65 167.39 -22.14 26.61
CA CYS F 65 168.85 -22.21 26.56
C CYS F 65 169.40 -21.38 25.40
N ALA F 66 168.81 -21.51 24.21
CA ALA F 66 169.34 -20.79 23.06
C ALA F 66 169.34 -19.29 23.30
N ILE F 67 168.28 -18.77 23.90
CA ILE F 67 168.19 -17.33 24.15
C ILE F 67 169.24 -16.89 25.16
N ARG F 68 169.38 -17.65 26.25
CA ARG F 68 170.38 -17.30 27.26
C ARG F 68 171.78 -17.24 26.66
N LEU F 69 172.09 -18.14 25.72
CA LEU F 69 173.41 -18.17 25.11
C LEU F 69 173.57 -17.19 23.95
N PHE F 70 172.50 -16.91 23.22
CA PHE F 70 172.57 -16.02 22.07
C PHE F 70 172.18 -14.59 22.37
N SER F 71 171.94 -14.25 23.64
CA SER F 71 171.42 -12.94 24.01
C SER F 71 172.57 -12.08 24.51
N GLY F 72 172.92 -11.04 23.74
CA GLY F 72 173.92 -10.09 24.12
C GLY F 72 173.49 -8.66 23.81
N ASN F 73 174.46 -7.75 23.88
CA ASN F 73 174.18 -6.37 23.50
C ASN F 73 173.98 -6.23 22.00
N TYR F 74 174.66 -7.08 21.22
CA TYR F 74 174.52 -7.09 19.78
C TYR F 74 174.23 -8.51 19.32
N ASN F 75 173.75 -8.63 18.08
CA ASN F 75 173.50 -9.94 17.51
C ASN F 75 174.75 -10.80 17.62
N TRP F 76 174.59 -11.99 18.22
CA TRP F 76 175.76 -12.83 18.51
C TRP F 76 176.51 -13.22 17.25
N PHE F 77 175.78 -13.58 16.21
CA PHE F 77 176.40 -14.01 14.98
C PHE F 77 177.17 -12.86 14.36
N ILE F 78 176.61 -11.66 14.45
CA ILE F 78 177.27 -10.51 13.85
C ILE F 78 178.55 -10.17 14.60
N LEU F 79 178.60 -10.45 15.89
CA LEU F 79 179.81 -10.20 16.66
C LEU F 79 180.89 -11.15 16.18
N GLN F 80 180.51 -12.36 15.77
CA GLN F 80 181.50 -13.30 15.24
C GLN F 80 182.01 -13.02 13.82
N ASP F 81 182.47 -11.80 13.53
CA ASP F 81 182.89 -11.43 12.16
C ASP F 81 184.36 -11.05 12.16
N ASN F 82 185.09 -11.47 13.20
CA ASN F 82 186.52 -11.21 13.28
C ASN F 82 187.23 -12.31 14.06
N ASN F 83 187.48 -12.09 15.35
CA ASN F 83 188.18 -13.06 16.20
C ASN F 83 189.31 -13.84 15.56
N SER F 84 189.15 -15.15 15.47
CA SER F 84 190.18 -15.99 14.88
C SER F 84 189.55 -16.65 13.67
N ASN F 85 188.23 -16.59 13.61
CA ASN F 85 187.51 -17.32 12.58
C ASN F 85 187.35 -16.43 11.37
N ILE F 86 188.23 -16.58 10.39
CA ILE F 86 188.17 -15.73 9.21
C ILE F 86 187.84 -16.58 8.01
N ASP F 87 188.55 -17.69 7.86
CA ASP F 87 188.33 -18.57 6.72
C ASP F 87 188.25 -19.98 7.27
N SER F 88 187.95 -20.10 8.54
CA SER F 88 187.85 -21.41 9.18
C SER F 88 186.54 -22.11 8.85
N TYR F 89 186.46 -23.39 9.17
CA TYR F 89 185.19 -24.08 9.02
C TYR F 89 184.24 -23.59 10.09
N ASN F 90 184.79 -23.13 11.22
CA ASN F 90 183.95 -22.50 12.23
C ASN F 90 183.23 -21.28 11.65
N TYR F 91 183.91 -20.51 10.80
CA TYR F 91 183.27 -19.36 10.15
C TYR F 91 182.24 -19.82 9.13
N GLN F 92 182.60 -20.80 8.29
CA GLN F 92 181.67 -21.30 7.29
C GLN F 92 180.45 -21.91 7.96
N PHE F 93 180.63 -22.56 9.11
CA PHE F 93 179.49 -23.04 9.88
C PHE F 93 178.55 -21.91 10.27
N LEU F 94 179.11 -20.83 10.82
CA LEU F 94 178.27 -19.69 11.22
C LEU F 94 177.54 -19.11 10.02
N LEU F 95 178.23 -19.00 8.88
CA LEU F 95 177.54 -18.52 7.68
C LEU F 95 176.46 -19.50 7.24
N ASP F 96 176.73 -20.81 7.34
CA ASP F 96 175.74 -21.80 6.92
C ASP F 96 174.53 -21.81 7.84
N THR F 97 174.75 -21.53 9.12
CA THR F 97 173.63 -21.50 10.07
C THR F 97 172.71 -20.32 9.77
N VAL F 98 173.27 -19.16 9.43
CA VAL F 98 172.45 -17.99 9.14
C VAL F 98 171.61 -18.22 7.89
N ARG F 99 172.21 -18.85 6.87
CA ARG F 99 171.46 -19.20 5.66
C ARG F 99 170.30 -20.12 5.98
N TYR F 100 170.51 -21.09 6.88
CA TYR F 100 169.41 -21.95 7.30
C TYR F 100 168.25 -21.14 7.89
N ILE F 101 168.54 -20.23 8.82
CA ILE F 101 167.47 -19.43 9.42
C ILE F 101 166.68 -18.73 8.32
N ALA F 102 167.37 -18.19 7.32
CA ALA F 102 166.68 -17.51 6.23
C ALA F 102 165.88 -18.49 5.38
N THR F 103 166.54 -19.53 4.87
CA THR F 103 165.97 -20.32 3.79
C THR F 103 165.44 -21.67 4.27
N GLY F 104 166.06 -22.25 5.28
CA GLY F 104 165.79 -23.62 5.68
C GLY F 104 166.63 -24.67 5.00
N HIS F 105 167.59 -24.28 4.16
CA HIS F 105 168.42 -25.21 3.42
C HIS F 105 169.88 -24.92 3.73
N ARG F 106 170.66 -25.97 3.93
CA ARG F 106 172.07 -25.86 4.28
C ARG F 106 172.90 -26.63 3.26
N ARG F 107 174.14 -26.16 3.06
CA ARG F 107 175.03 -26.84 2.12
C ARG F 107 175.59 -28.13 2.68
N ILE F 108 175.87 -28.15 3.98
CA ILE F 108 176.40 -29.34 4.66
C ILE F 108 175.41 -29.74 5.75
N SER F 109 175.05 -31.02 5.77
CA SER F 109 174.06 -31.50 6.71
C SER F 109 174.53 -31.28 8.15
N ILE F 110 173.57 -31.01 9.04
CA ILE F 110 173.88 -30.88 10.45
C ILE F 110 174.53 -32.13 11.02
N THR F 111 174.35 -33.29 10.40
CA THR F 111 174.98 -34.51 10.88
C THR F 111 176.40 -34.68 10.36
N GLN F 112 176.84 -33.81 9.45
CA GLN F 112 178.20 -33.83 8.93
C GLN F 112 179.09 -32.75 9.52
N TRP F 113 178.52 -31.60 9.89
CA TRP F 113 179.30 -30.55 10.54
C TRP F 113 180.09 -31.01 11.76
N PRO F 114 179.55 -31.82 12.69
CA PRO F 114 180.30 -32.12 13.93
C PRO F 114 181.71 -32.66 13.69
N MET F 115 181.89 -33.59 12.75
CA MET F 115 183.21 -34.15 12.53
C MET F 115 184.12 -33.15 11.82
N LEU F 116 183.56 -32.37 10.89
CA LEU F 116 184.36 -31.37 10.19
C LEU F 116 184.87 -30.31 11.14
N LEU F 117 184.04 -29.85 12.08
CA LEU F 117 184.45 -28.79 12.99
C LEU F 117 185.43 -29.30 14.04
N ALA F 118 185.21 -30.52 14.54
CA ALA F 118 186.09 -31.07 15.58
C ALA F 118 187.51 -31.22 15.05
N THR F 119 187.67 -31.65 13.80
CA THR F 119 189.00 -31.80 13.23
C THR F 119 189.54 -30.47 12.72
N GLU F 120 188.65 -29.61 12.19
CA GLU F 120 189.01 -28.34 11.58
C GLU F 120 190.15 -28.51 10.59
N PRO F 121 189.96 -29.25 9.50
CA PRO F 121 191.03 -29.37 8.51
C PRO F 121 191.37 -28.03 7.90
N ASP F 122 192.61 -27.92 7.41
CA ASP F 122 193.05 -26.75 6.67
C ASP F 122 192.92 -26.92 5.16
N ALA F 123 192.27 -28.00 4.69
CA ALA F 123 192.21 -28.30 3.28
C ALA F 123 191.53 -27.19 2.48
N GLY F 124 190.22 -27.00 2.70
CA GLY F 124 189.49 -26.01 1.93
C GLY F 124 188.15 -25.63 2.52
N ALA F 125 188.04 -24.39 2.99
CA ALA F 125 186.78 -23.87 3.49
C ALA F 125 186.12 -22.86 2.56
N GLN F 126 186.87 -22.24 1.65
CA GLN F 126 186.30 -21.28 0.72
C GLN F 126 185.38 -21.95 -0.31
N LEU F 127 185.38 -23.28 -0.39
CA LEU F 127 184.50 -23.97 -1.32
C LEU F 127 183.05 -23.97 -0.85
N ILE F 128 182.80 -23.65 0.42
CA ILE F 128 181.43 -23.67 0.94
C ILE F 128 180.73 -22.35 0.66
N GLU F 129 181.31 -21.25 1.14
CA GLU F 129 180.81 -19.93 0.81
C GLU F 129 181.95 -18.92 0.78
N PRO F 130 182.55 -18.67 -0.39
CA PRO F 130 183.73 -17.81 -0.45
C PRO F 130 183.42 -16.33 -0.41
N ARG F 131 182.17 -15.97 -0.72
CA ARG F 131 181.83 -14.57 -0.96
C ARG F 131 181.26 -13.89 0.28
N ALA F 132 180.26 -14.49 0.91
CA ALA F 132 179.52 -13.82 1.97
C ALA F 132 180.34 -13.75 3.26
N GLU F 133 179.97 -12.77 4.10
CA GLU F 133 180.47 -12.63 5.45
C GLU F 133 179.27 -12.70 6.39
N ILE F 134 179.53 -13.13 7.63
CA ILE F 134 178.46 -13.32 8.60
C ILE F 134 177.67 -12.03 8.78
N ALA F 135 178.34 -10.87 8.67
CA ALA F 135 177.63 -9.60 8.84
C ALA F 135 176.74 -9.29 7.64
N THR F 136 177.13 -9.74 6.45
CA THR F 136 176.44 -9.33 5.23
C THR F 136 175.24 -10.21 4.93
N LEU F 137 175.24 -11.44 5.44
CA LEU F 137 174.11 -12.33 5.18
C LEU F 137 172.81 -11.77 5.76
N PHE F 138 172.90 -11.09 6.91
CA PHE F 138 171.70 -10.56 7.55
C PHE F 138 171.06 -9.45 6.74
N ASN F 139 171.84 -8.70 5.97
CA ASN F 139 171.30 -7.69 5.06
C ASN F 139 170.94 -8.25 3.70
N GLU F 140 171.74 -9.18 3.17
CA GLU F 140 171.39 -9.81 1.89
C GLU F 140 170.17 -10.70 1.99
N LEU F 141 170.02 -11.43 3.10
CA LEU F 141 168.91 -12.34 3.28
C LEU F 141 167.70 -11.68 3.94
N LYS F 142 167.80 -10.39 4.26
CA LYS F 142 166.71 -9.62 4.85
C LYS F 142 166.21 -10.26 6.15
N LEU F 143 167.13 -10.43 7.08
CA LEU F 143 166.82 -11.00 8.39
C LEU F 143 166.75 -9.91 9.44
N ASP F 144 166.19 -10.24 10.59
CA ASP F 144 166.11 -9.34 11.73
C ASP F 144 167.19 -9.71 12.72
N LEU F 145 168.02 -8.72 13.08
CA LEU F 145 169.13 -8.96 14.00
C LEU F 145 168.67 -9.22 15.43
N ASP F 146 167.42 -8.92 15.76
CA ASP F 146 166.93 -9.13 17.12
C ASP F 146 167.10 -10.58 17.52
N THR F 147 167.57 -10.80 18.75
CA THR F 147 167.82 -12.16 19.23
C THR F 147 166.56 -13.02 19.16
N VAL F 148 165.43 -12.46 19.59
CA VAL F 148 164.18 -13.23 19.61
C VAL F 148 163.72 -13.54 18.19
N SER F 149 163.81 -12.55 17.29
CA SER F 149 163.36 -12.76 15.92
C SER F 149 164.13 -13.88 15.24
N MET F 150 165.45 -13.94 15.44
CA MET F 150 166.22 -14.96 14.72
C MET F 150 165.96 -16.35 15.30
N ILE F 151 165.70 -16.44 16.61
CA ILE F 151 165.40 -17.74 17.20
C ILE F 151 164.04 -18.25 16.69
N GLN F 152 163.05 -17.36 16.58
CA GLN F 152 161.76 -17.76 16.05
C GLN F 152 161.86 -18.17 14.59
N ASN F 153 162.65 -17.41 13.81
CA ASN F 153 162.87 -17.77 12.41
C ASN F 153 163.75 -19.02 12.30
N TRP F 154 164.53 -19.36 13.34
CA TRP F 154 165.29 -20.61 13.39
C TRP F 154 164.37 -21.79 13.59
N VAL F 155 163.57 -21.75 14.64
CA VAL F 155 162.78 -22.93 15.03
C VAL F 155 161.54 -23.13 14.14
N LYS F 156 161.05 -22.09 13.46
CA LYS F 156 159.85 -22.30 12.65
C LYS F 156 160.08 -23.31 11.53
N HIS F 157 161.33 -23.64 11.23
CA HIS F 157 161.60 -24.59 10.16
C HIS F 157 161.29 -26.01 10.61
N LYS F 158 160.93 -26.85 9.63
CA LYS F 158 160.48 -28.21 9.94
C LYS F 158 161.46 -28.91 10.86
N ASN F 159 162.75 -28.80 10.58
CA ASN F 159 163.78 -29.44 11.40
C ASN F 159 164.46 -28.43 12.32
N GLY F 160 163.69 -27.44 12.76
CA GLY F 160 164.25 -26.32 13.50
C GLY F 160 164.86 -26.73 14.82
N MET F 161 164.05 -27.37 15.68
CA MET F 161 164.52 -27.69 17.03
C MET F 161 165.67 -28.69 17.01
N ASN F 162 165.70 -29.57 16.01
CA ASN F 162 166.80 -30.51 15.89
C ASN F 162 168.08 -29.79 15.46
N ASP F 163 167.96 -28.89 14.49
CA ASP F 163 169.12 -28.11 14.06
C ASP F 163 169.60 -27.22 15.19
N LEU F 164 168.69 -26.68 15.99
CA LEU F 164 169.07 -25.80 17.10
C LEU F 164 169.81 -26.57 18.17
N MET F 165 169.33 -27.77 18.51
CA MET F 165 170.00 -28.56 19.54
C MET F 165 171.42 -28.91 19.12
N TYR F 166 171.60 -29.35 17.86
CA TYR F 166 172.94 -29.63 17.37
C TYR F 166 173.81 -28.38 17.35
N THR F 167 173.26 -27.24 16.92
CA THR F 167 174.09 -26.03 16.87
C THR F 167 174.53 -25.60 18.26
N LEU F 168 173.63 -25.68 19.25
CA LEU F 168 174.00 -25.30 20.61
C LEU F 168 175.13 -26.19 21.11
N HIS F 169 175.07 -27.49 20.80
CA HIS F 169 176.17 -28.37 21.18
C HIS F 169 177.47 -27.98 20.49
N LEU F 170 177.44 -27.76 19.18
CA LEU F 170 178.64 -27.47 18.41
C LEU F 170 179.28 -26.15 18.80
N LEU F 171 178.48 -25.15 19.19
CA LEU F 171 179.00 -23.85 19.59
C LEU F 171 179.28 -23.72 21.08
N PHE F 172 178.48 -24.38 21.93
CA PHE F 172 178.57 -24.19 23.36
C PHE F 172 178.73 -25.49 24.16
N GLY F 173 178.75 -26.66 23.51
CA GLY F 173 178.83 -27.91 24.22
C GLY F 173 180.26 -28.39 24.39
N SER F 174 180.38 -29.57 25.01
CA SER F 174 181.68 -30.14 25.33
C SER F 174 182.20 -30.90 24.11
N VAL F 175 182.53 -30.15 23.07
CA VAL F 175 183.05 -30.74 21.85
C VAL F 175 184.52 -31.09 22.05
N GLU F 176 184.92 -32.25 21.53
CA GLU F 176 186.31 -32.68 21.57
C GLU F 176 187.00 -32.11 20.33
N VAL F 177 187.88 -31.14 20.56
CA VAL F 177 188.51 -30.38 19.48
C VAL F 177 189.95 -30.81 19.34
N ILE F 178 190.39 -31.04 18.09
CA ILE F 178 191.77 -31.45 17.85
C ILE F 178 192.70 -30.27 18.10
N ASP F 179 193.84 -30.55 18.71
CA ASP F 179 194.85 -29.53 18.96
C ASP F 179 195.73 -29.31 17.74
N SER G 14 29.24 11.10 0.83
CA SER G 14 28.91 10.53 -0.47
C SER G 14 29.36 9.08 -0.55
N ILE G 15 28.73 8.31 -1.42
CA ILE G 15 29.04 6.88 -1.54
C ILE G 15 30.52 6.69 -1.86
N GLU G 16 31.11 7.59 -2.64
CA GLU G 16 32.53 7.47 -2.96
C GLU G 16 33.39 7.49 -1.69
N ASP G 17 32.97 8.24 -0.67
CA ASP G 17 33.77 8.35 0.55
C ASP G 17 33.39 7.30 1.58
N GLN G 18 32.14 6.86 1.59
CA GLN G 18 31.67 5.97 2.65
C GLN G 18 32.23 4.56 2.49
N GLY G 19 32.37 3.87 3.61
CA GLY G 19 32.85 2.51 3.59
C GLY G 19 31.95 1.54 4.33
N THR G 20 31.32 0.63 3.59
CA THR G 20 30.50 -0.45 4.13
C THR G 20 29.57 0.04 5.24
N THR G 21 28.68 0.97 4.90
CA THR G 21 27.77 1.55 5.87
C THR G 21 26.76 0.49 6.29
N ILE G 22 26.55 0.34 7.59
CA ILE G 22 25.67 -0.71 8.10
C ILE G 22 24.22 -0.43 7.70
N HIS G 23 23.77 0.81 7.93
CA HIS G 23 22.38 1.14 7.64
C HIS G 23 22.19 1.45 6.15
N GLY G 24 23.27 1.72 5.44
CA GLY G 24 23.19 1.92 4.02
C GLY G 24 23.16 3.40 3.65
N ASP G 25 23.36 3.67 2.36
CA ASP G 25 23.36 5.02 1.84
C ASP G 25 22.54 5.01 0.54
N VAL G 26 21.78 6.08 0.32
CA VAL G 26 20.97 6.23 -0.87
C VAL G 26 21.26 7.61 -1.47
N GLU G 27 21.51 7.63 -2.77
CA GLU G 27 21.73 8.87 -3.45
C GLU G 27 20.89 8.93 -4.70
N LEU G 28 20.51 10.12 -5.10
CA LEU G 28 19.76 10.34 -6.33
C LEU G 28 20.69 10.97 -7.36
N VAL G 29 20.69 10.40 -8.57
CA VAL G 29 21.43 11.02 -9.66
C VAL G 29 20.62 12.20 -10.21
N VAL G 30 21.25 13.37 -10.25
CA VAL G 30 20.57 14.59 -10.68
C VAL G 30 21.41 15.20 -11.81
N GLU G 31 22.22 14.37 -12.47
CA GLU G 31 23.13 14.85 -13.50
C GLU G 31 22.59 14.45 -14.87
N ASN G 32 22.80 15.33 -15.85
CA ASN G 32 22.39 15.00 -17.22
C ASN G 32 23.36 14.00 -17.81
N GLU G 33 24.62 14.07 -17.39
CA GLU G 33 25.64 13.11 -17.84
C GLU G 33 26.64 12.86 -16.73
N THR G 34 27.24 11.68 -16.71
CA THR G 34 28.19 11.37 -15.66
C THR G 34 29.43 10.61 -16.15
N SER G 35 30.49 11.29 -16.57
CA SER G 35 31.68 10.61 -17.05
C SER G 35 32.38 9.89 -15.89
N ALA G 36 33.07 8.81 -16.22
CA ALA G 36 33.77 8.00 -15.23
C ALA G 36 35.14 7.64 -15.77
N ASP G 37 36.18 8.31 -15.28
CA ASP G 37 37.56 8.00 -15.64
C ASP G 37 38.21 7.15 -14.55
N VAL G 38 38.44 5.88 -14.87
CA VAL G 38 38.89 4.91 -13.87
C VAL G 38 40.31 4.46 -14.18
N SER G 39 41.01 5.23 -15.01
CA SER G 39 42.35 4.83 -15.44
C SER G 39 43.29 4.67 -14.24
N SER G 40 43.10 5.49 -13.21
CA SER G 40 43.99 5.46 -12.05
C SER G 40 43.38 4.75 -10.85
N VAL G 41 42.20 4.17 -10.99
CA VAL G 41 41.51 3.58 -9.84
C VAL G 41 42.10 2.21 -9.51
N LEU G 42 42.32 1.40 -10.54
CA LEU G 42 42.78 0.03 -10.32
C LEU G 42 44.20 0.02 -9.77
N ALA G 43 44.36 -0.58 -8.58
CA ALA G 43 45.63 -0.52 -7.88
C ALA G 43 46.76 -1.25 -8.61
N GLU G 44 46.43 -2.31 -9.37
CA GLU G 44 47.47 -3.04 -10.08
C GLU G 44 48.16 -2.18 -11.11
N VAL G 45 47.47 -1.14 -11.61
CA VAL G 45 48.06 -0.28 -12.63
C VAL G 45 49.27 0.46 -12.07
N ASP G 46 49.16 0.96 -10.83
CA ASP G 46 50.27 1.67 -10.21
C ASP G 46 51.44 0.74 -9.94
N GLN G 47 51.14 -0.49 -9.54
CA GLN G 47 52.20 -1.46 -9.28
C GLN G 47 52.93 -1.78 -10.57
N ILE G 48 52.18 -1.93 -11.66
CA ILE G 48 52.80 -2.21 -12.94
C ILE G 48 53.59 -1.02 -13.44
N GLU G 49 53.03 0.17 -13.32
CA GLU G 49 53.71 1.37 -13.81
C GLU G 49 55.08 1.52 -13.16
N ASN G 50 55.15 1.27 -11.86
CA ASN G 50 56.44 1.33 -11.17
C ASN G 50 57.31 0.14 -11.53
N ASN G 51 56.73 -1.06 -11.49
CA ASN G 51 57.51 -2.26 -11.73
C ASN G 51 56.69 -3.31 -12.44
N PRO G 52 56.77 -3.34 -13.78
CA PRO G 52 56.05 -4.40 -14.49
C PRO G 52 56.42 -5.72 -13.86
N VAL G 53 57.70 -5.88 -13.52
CA VAL G 53 58.13 -7.06 -12.79
C VAL G 53 59.06 -6.60 -11.67
N GLU G 54 59.22 -7.42 -10.64
CA GLU G 54 60.06 -7.03 -9.52
C GLU G 54 61.38 -6.53 -10.06
N GLU G 55 61.84 -5.38 -9.58
CA GLU G 55 63.12 -4.86 -10.03
C GLU G 55 64.28 -5.74 -9.60
N VAL G 56 65.13 -6.09 -10.55
CA VAL G 56 66.28 -6.94 -10.24
C VAL G 56 67.52 -6.29 -10.83
N LEU G 57 68.60 -6.23 -10.07
CA LEU G 57 69.82 -5.62 -10.58
C LEU G 57 70.43 -6.51 -11.64
N ASP G 58 71.13 -5.90 -12.57
CA ASP G 58 71.94 -6.66 -13.51
C ASP G 58 72.98 -7.49 -12.73
N ALA G 59 73.31 -8.64 -13.30
CA ALA G 59 74.12 -9.60 -12.56
C ALA G 59 75.44 -8.98 -12.12
N ASP G 60 76.05 -8.19 -13.00
CA ASP G 60 77.31 -7.54 -12.66
C ASP G 60 77.11 -6.43 -11.63
N ASP G 61 75.94 -5.79 -11.66
CA ASP G 61 75.68 -4.72 -10.71
C ASP G 61 75.39 -5.25 -9.31
N ALA G 62 74.82 -6.45 -9.26
CA ALA G 62 74.53 -7.09 -7.98
C ALA G 62 75.73 -7.49 -7.16
N VAL G 63 76.84 -7.84 -7.81
CA VAL G 63 77.99 -8.29 -7.05
C VAL G 63 78.77 -7.06 -6.62
N GLN G 64 78.74 -6.74 -5.34
CA GLN G 64 79.43 -5.55 -4.85
C GLN G 64 80.35 -5.93 -3.69
N SER H 14 19.13 -2.82 80.24
CA SER H 14 18.45 -3.08 78.97
C SER H 14 18.80 -4.46 78.44
N ILE H 15 17.81 -5.36 78.45
CA ILE H 15 18.04 -6.74 78.03
C ILE H 15 18.51 -6.79 76.58
N GLU H 16 17.99 -5.91 75.73
CA GLU H 16 18.38 -5.89 74.32
C GLU H 16 19.85 -5.55 74.16
N ASP H 17 20.39 -4.68 75.00
CA ASP H 17 21.75 -4.22 74.75
C ASP H 17 22.74 -5.19 75.34
N GLN H 18 22.36 -5.84 76.44
CA GLN H 18 23.31 -6.72 77.13
C GLN H 18 23.23 -8.17 76.68
N GLY H 19 24.07 -9.02 77.27
CA GLY H 19 24.00 -10.44 77.00
C GLY H 19 24.99 -11.23 77.83
N THR H 20 24.82 -12.54 77.88
CA THR H 20 25.75 -13.39 78.62
C THR H 20 25.99 -12.83 80.01
N THR H 21 24.96 -12.22 80.60
CA THR H 21 25.13 -11.65 81.93
C THR H 21 25.12 -12.78 82.93
N ILE H 22 26.22 -12.96 83.66
CA ILE H 22 26.38 -14.15 84.49
C ILE H 22 25.33 -14.22 85.59
N HIS H 23 25.07 -13.12 86.26
CA HIS H 23 24.09 -13.11 87.35
C HIS H 23 22.68 -12.92 86.85
N GLY H 24 22.52 -12.80 85.54
CA GLY H 24 21.21 -12.54 84.96
C GLY H 24 20.79 -11.09 85.16
N ASP H 25 19.67 -10.75 84.54
CA ASP H 25 19.02 -9.46 84.75
C ASP H 25 17.51 -9.61 84.56
N VAL H 26 16.77 -8.67 85.14
CA VAL H 26 15.31 -8.68 85.10
C VAL H 26 14.85 -7.24 84.85
N GLU H 27 13.88 -7.13 83.95
CA GLU H 27 13.25 -5.85 83.70
C GLU H 27 11.77 -6.14 83.80
N LEU H 28 11.00 -5.18 84.29
CA LEU H 28 9.56 -5.37 84.40
C LEU H 28 8.83 -4.67 83.28
N VAL H 29 7.95 -5.37 82.61
CA VAL H 29 7.29 -4.83 81.45
C VAL H 29 6.15 -3.95 81.92
N VAL H 30 6.45 -2.69 82.19
CA VAL H 30 5.41 -1.74 82.56
C VAL H 30 4.89 -1.05 81.31
N GLU H 31 4.00 -1.71 80.59
CA GLU H 31 3.56 -1.18 79.29
C GLU H 31 2.22 -1.77 78.91
N ASN H 32 1.50 -1.10 78.02
CA ASN H 32 0.25 -1.67 77.52
C ASN H 32 0.51 -2.19 76.11
N GLU H 33 0.58 -1.29 75.14
CA GLU H 33 0.73 -1.69 73.75
C GLU H 33 2.18 -1.89 73.33
N THR H 34 2.54 -3.12 73.01
CA THR H 34 3.93 -3.44 72.67
C THR H 34 3.98 -3.89 71.22
N SER H 35 4.90 -3.37 70.37
CA SER H 35 5.12 -3.79 69.00
C SER H 35 6.52 -4.34 68.82
N ALA H 36 6.65 -5.38 68.01
CA ALA H 36 7.96 -5.93 67.72
C ALA H 36 8.26 -5.95 66.23
N ASP H 37 9.21 -5.13 65.80
CA ASP H 37 9.59 -5.09 64.41
C ASP H 37 10.87 -5.86 64.22
N VAL H 38 10.82 -6.98 63.52
CA VAL H 38 12.00 -7.82 63.42
C VAL H 38 12.64 -7.79 62.05
N SER H 39 12.25 -6.86 61.20
CA SER H 39 12.73 -6.83 59.82
C SER H 39 14.24 -6.62 59.76
N SER H 40 14.81 -5.97 60.76
CA SER H 40 16.23 -5.68 60.75
C SER H 40 17.04 -6.55 61.72
N VAL H 41 16.42 -7.56 62.32
CA VAL H 41 17.12 -8.35 63.35
C VAL H 41 18.06 -9.36 62.70
N LEU H 42 17.59 -10.04 61.66
CA LEU H 42 18.37 -11.11 61.05
C LEU H 42 19.56 -10.54 60.28
N ALA H 43 20.74 -11.15 60.47
CA ALA H 43 21.90 -10.78 59.68
C ALA H 43 21.82 -11.29 58.25
N GLU H 44 21.14 -12.43 58.06
CA GLU H 44 21.02 -13.00 56.72
C GLU H 44 20.27 -12.07 55.79
N VAL H 45 19.28 -11.34 56.32
CA VAL H 45 18.48 -10.44 55.50
C VAL H 45 19.37 -9.33 54.93
N ASP H 46 20.25 -8.78 55.78
CA ASP H 46 21.20 -7.78 55.29
C ASP H 46 22.11 -8.36 54.23
N GLN H 47 22.56 -9.60 54.41
CA GLN H 47 23.42 -10.23 53.42
C GLN H 47 22.70 -10.42 52.09
N ILE H 48 21.42 -10.81 52.15
CA ILE H 48 20.64 -10.98 50.92
C ILE H 48 20.43 -9.64 50.22
N GLU H 49 20.11 -8.59 50.98
CA GLU H 49 19.93 -7.27 50.40
C GLU H 49 21.17 -6.82 49.66
N ASN H 50 22.34 -7.12 50.21
CA ASN H 50 23.56 -6.82 49.50
C ASN H 50 23.58 -7.60 48.19
N ASN H 51 23.57 -8.92 48.30
CA ASN H 51 23.58 -9.76 47.11
C ASN H 51 22.97 -11.11 47.43
N PRO H 52 21.78 -11.39 46.87
CA PRO H 52 21.17 -12.70 47.10
C PRO H 52 22.12 -13.84 46.78
N VAL H 53 22.98 -13.66 45.77
CA VAL H 53 23.98 -14.66 45.44
C VAL H 53 25.32 -13.97 45.34
N GLU H 54 26.41 -14.68 45.63
CA GLU H 54 27.71 -14.03 45.62
C GLU H 54 27.89 -13.32 44.30
N GLU H 55 28.36 -12.09 44.33
CA GLU H 55 28.50 -11.32 43.10
C GLU H 55 29.57 -11.82 42.17
N VAL H 56 29.25 -11.94 40.89
CA VAL H 56 30.20 -12.45 39.91
C VAL H 56 30.31 -11.42 38.79
N LEU H 57 31.54 -11.05 38.45
CA LEU H 57 31.77 -10.14 37.33
C LEU H 57 31.56 -10.86 36.00
N ASP H 58 30.96 -10.14 35.06
CA ASP H 58 30.66 -10.73 33.75
C ASP H 58 31.94 -11.23 33.10
N ALA H 59 31.83 -12.38 32.43
CA ALA H 59 32.99 -13.02 31.82
C ALA H 59 33.66 -12.09 30.82
N ASP H 60 32.87 -11.25 30.15
CA ASP H 60 33.44 -10.32 29.18
C ASP H 60 34.38 -9.32 29.84
N ASP H 61 34.06 -8.94 31.08
CA ASP H 61 34.89 -7.96 31.79
C ASP H 61 35.95 -8.62 32.65
N ALA H 62 35.81 -9.88 33.00
CA ALA H 62 36.75 -10.44 33.99
C ALA H 62 38.00 -10.91 33.31
N VAL H 63 37.99 -10.82 31.99
CA VAL H 63 39.13 -11.28 31.21
C VAL H 63 39.96 -10.09 30.71
N GLN H 64 41.28 -10.23 30.70
CA GLN H 64 42.15 -9.14 30.28
C GLN H 64 43.21 -9.60 29.23
N PRO H 65 42.80 -10.08 27.99
CA PRO H 65 43.87 -10.52 27.10
C PRO H 65 44.63 -9.32 26.55
N THR H 66 45.86 -9.54 26.09
CA THR H 66 46.65 -8.47 25.52
C THR H 66 47.67 -8.99 24.51
N ALA H 67 48.14 -8.12 23.63
CA ALA H 67 49.24 -8.48 22.73
C ALA H 67 50.21 -7.33 22.58
N LEU H 68 51.47 -7.65 22.31
CA LEU H 68 52.50 -6.62 22.26
C LEU H 68 53.14 -6.59 20.88
N ASP H 69 53.52 -5.39 20.43
CA ASP H 69 54.28 -5.27 19.20
C ASP H 69 53.51 -5.91 18.05
N THR H 70 52.20 -5.98 18.18
CA THR H 70 51.38 -6.61 17.14
C THR H 70 50.64 -5.56 16.34
N GLU H 71 51.04 -5.38 15.08
CA GLU H 71 50.42 -4.37 14.24
C GLU H 71 49.11 -4.89 13.66
N VAL H 72 48.05 -4.10 13.81
CA VAL H 72 46.76 -4.51 13.30
C VAL H 72 46.09 -3.42 12.50
N THR H 73 45.23 -3.77 11.57
CA THR H 73 44.43 -2.77 10.88
C THR H 73 42.99 -2.95 11.28
N ILE H 74 42.40 -1.94 11.90
CA ILE H 74 41.00 -2.04 12.31
C ILE H 74 40.06 -1.59 11.21
N VAL H 75 39.12 -2.43 10.83
CA VAL H 75 38.20 -2.09 9.75
C VAL H 75 36.74 -2.08 10.18
N GLN H 76 36.22 -0.96 10.65
CA GLN H 76 34.81 -0.96 11.04
C GLN H 76 33.96 -0.13 10.10
N ALA H 77 32.66 -0.44 10.04
CA ALA H 77 31.76 0.35 9.22
C ALA H 77 31.79 1.81 9.66
N GLU H 78 31.71 2.72 8.70
CA GLU H 78 31.77 4.14 9.03
C GLU H 78 30.75 4.53 10.09
N ASP H 79 29.57 3.93 10.03
CA ASP H 79 28.50 4.32 10.95
C ASP H 79 28.39 3.38 12.14
N GLU H 80 29.44 2.60 12.37
CA GLU H 80 29.47 1.74 13.55
C GLU H 80 29.67 2.54 14.83
N LEU H 81 28.78 2.32 15.81
CA LEU H 81 28.87 3.05 17.05
C LEU H 81 29.82 2.34 18.01
N GLY H 82 29.86 1.01 17.94
CA GLY H 82 30.64 0.25 18.90
C GLY H 82 32.07 0.09 18.46
N LEU H 83 32.91 1.07 18.80
CA LEU H 83 34.22 1.19 18.16
C LEU H 83 35.27 0.32 18.83
N ILE H 84 36.32 -0.02 18.10
CA ILE H 84 37.43 -0.78 18.67
C ILE H 84 38.67 0.08 18.83
N SER I 14 87.53 -16.16 123.45
CA SER I 14 86.15 -16.61 123.50
C SER I 14 86.01 -18.01 122.93
N ILE I 15 85.78 -19.00 123.81
CA ILE I 15 85.69 -20.38 123.38
C ILE I 15 84.50 -20.58 122.45
N GLU I 16 83.41 -19.84 122.68
CA GLU I 16 82.22 -19.96 121.84
C GLU I 16 82.50 -19.47 120.41
N ASP I 17 83.32 -18.43 120.27
CA ASP I 17 83.57 -17.84 118.96
C ASP I 17 84.67 -18.57 118.21
N GLN I 18 85.64 -19.13 118.93
CA GLN I 18 86.77 -19.78 118.29
C GLN I 18 86.45 -21.23 117.97
N GLY I 19 87.16 -21.81 117.01
CA GLY I 19 87.00 -23.21 116.68
C GLY I 19 88.27 -23.90 116.23
N THR I 20 88.33 -25.22 116.43
CA THR I 20 89.45 -26.05 116.00
C THR I 20 90.80 -25.43 116.31
N THR I 21 91.03 -25.16 117.60
CA THR I 21 92.31 -24.63 118.05
C THR I 21 93.14 -25.79 118.61
N ILE I 22 94.43 -25.82 118.25
CA ILE I 22 95.27 -26.96 118.61
C ILE I 22 95.60 -26.96 120.10
N HIS I 23 96.01 -25.80 120.62
CA HIS I 23 96.47 -25.74 122.01
C HIS I 23 95.29 -25.75 122.98
N GLY I 24 94.18 -25.16 122.60
CA GLY I 24 93.01 -25.11 123.45
C GLY I 24 92.93 -23.81 124.23
N ASP I 25 91.73 -23.52 124.72
CA ASP I 25 91.47 -22.33 125.50
C ASP I 25 90.71 -22.69 126.77
N VAL I 26 90.96 -21.92 127.83
CA VAL I 26 90.33 -22.12 129.12
C VAL I 26 89.70 -20.80 129.55
N GLU I 27 88.44 -20.84 129.98
CA GLU I 27 87.76 -19.68 130.52
C GLU I 27 87.01 -20.07 131.79
N LEU I 28 86.83 -19.08 132.68
CA LEU I 28 86.15 -19.28 133.95
C LEU I 28 84.78 -18.61 133.89
N VAL I 29 83.79 -19.25 134.50
CA VAL I 29 82.47 -18.63 134.64
C VAL I 29 82.46 -17.76 135.89
N VAL I 30 82.01 -16.52 135.75
CA VAL I 30 81.99 -15.55 136.82
C VAL I 30 80.57 -15.04 137.08
N GLU I 31 79.58 -15.63 136.42
CA GLU I 31 78.21 -15.16 136.50
C GLU I 31 77.39 -16.04 137.43
N ASN I 32 76.43 -15.45 138.15
CA ASN I 32 75.53 -16.25 138.98
C ASN I 32 74.50 -16.88 138.08
N GLU I 33 74.00 -16.11 137.10
CA GLU I 33 72.99 -16.60 136.16
C GLU I 33 73.58 -16.72 134.77
N THR I 34 73.38 -17.86 134.11
CA THR I 34 73.93 -18.10 132.77
C THR I 34 72.85 -18.74 131.90
N SER I 35 71.90 -17.94 131.37
CA SER I 35 70.91 -18.53 130.48
C SER I 35 71.53 -18.81 129.11
N ALA I 36 70.85 -19.66 128.34
CA ALA I 36 71.28 -20.02 126.99
C ALA I 36 70.09 -19.94 126.05
N ASP I 37 70.18 -19.07 125.04
CA ASP I 37 69.17 -18.99 123.99
C ASP I 37 69.65 -19.83 122.81
N VAL I 38 68.97 -20.96 122.59
CA VAL I 38 69.41 -21.95 121.62
C VAL I 38 68.56 -21.81 120.36
N SER I 39 67.62 -20.87 120.38
CA SER I 39 66.60 -20.80 119.33
C SER I 39 67.23 -20.49 117.97
N SER I 40 68.34 -19.74 117.96
CA SER I 40 68.96 -19.35 116.70
C SER I 40 70.25 -20.11 116.40
N VAL I 41 70.58 -21.14 117.18
CA VAL I 41 71.87 -21.80 117.03
C VAL I 41 71.86 -22.74 115.82
N LEU I 42 70.81 -23.55 115.70
CA LEU I 42 70.80 -24.61 114.69
C LEU I 42 70.56 -24.04 113.30
N ALA I 43 71.38 -24.46 112.34
CA ALA I 43 71.24 -23.98 110.97
C ALA I 43 69.96 -24.49 110.32
N GLU I 44 69.53 -25.70 110.68
CA GLU I 44 68.31 -26.26 110.10
C GLU I 44 67.10 -25.43 110.49
N VAL I 45 67.09 -24.88 111.71
CA VAL I 45 65.98 -24.05 112.16
C VAL I 45 65.87 -22.79 111.31
N ASP I 46 67.01 -22.14 111.05
CA ASP I 46 67.01 -20.99 110.15
C ASP I 46 66.48 -21.36 108.77
N GLN I 47 66.86 -22.53 108.25
CA GLN I 47 66.35 -22.97 106.96
C GLN I 47 64.85 -23.20 107.02
N ILE I 48 64.37 -23.81 108.09
CA ILE I 48 62.94 -24.10 108.20
C ILE I 48 62.14 -22.81 108.32
N GLU I 49 62.61 -21.87 109.14
CA GLU I 49 61.90 -20.60 109.30
C GLU I 49 61.85 -19.84 107.99
N ASN I 50 62.93 -19.87 107.21
CA ASN I 50 62.88 -19.22 105.90
C ASN I 50 61.81 -19.90 105.09
N ASN I 51 61.78 -21.22 105.11
CA ASN I 51 60.69 -21.95 104.45
C ASN I 51 60.75 -23.43 104.79
N PRO I 52 59.74 -23.93 105.49
CA PRO I 52 59.75 -25.35 105.86
C PRO I 52 60.00 -26.29 104.67
N VAL I 53 59.58 -25.94 103.46
CA VAL I 53 59.84 -26.81 102.33
C VAL I 53 60.45 -26.03 101.19
N GLU I 54 61.40 -26.62 100.49
CA GLU I 54 62.04 -25.94 99.38
C GLU I 54 60.99 -25.23 98.57
N GLU I 55 61.23 -23.97 98.24
CA GLU I 55 60.19 -23.18 97.58
C GLU I 55 59.97 -23.51 96.12
N VAL I 56 58.75 -23.87 95.77
CA VAL I 56 58.44 -24.28 94.40
C VAL I 56 57.27 -23.42 93.92
N LEU I 57 57.41 -22.83 92.74
CA LEU I 57 56.33 -22.04 92.17
C LEU I 57 55.16 -22.92 91.77
N ASP I 58 53.95 -22.38 91.88
CA ASP I 58 52.77 -23.07 91.40
C ASP I 58 52.82 -23.23 89.89
N ALA I 59 52.16 -24.29 89.38
CA ALA I 59 52.27 -24.63 87.97
C ALA I 59 51.71 -23.53 87.08
N ASP I 60 50.63 -22.87 87.53
CA ASP I 60 50.01 -21.84 86.72
C ASP I 60 50.97 -20.68 86.46
N ASP I 61 51.80 -20.35 87.45
CA ASP I 61 52.71 -19.23 87.31
C ASP I 61 54.00 -19.61 86.59
N ALA I 62 54.21 -20.87 86.25
CA ALA I 62 55.52 -21.21 85.69
C ALA I 62 55.61 -21.68 84.21
N VAL I 63 54.49 -21.71 83.48
CA VAL I 63 54.53 -22.29 82.12
C VAL I 63 54.44 -21.38 80.92
N GLN I 64 54.49 -20.06 81.08
CA GLN I 64 54.57 -19.06 79.98
C GLN I 64 54.29 -19.38 78.47
N PRO I 65 53.05 -19.88 78.06
CA PRO I 65 52.86 -20.10 76.63
C PRO I 65 52.75 -18.78 75.88
N THR I 66 53.05 -18.81 74.58
CA THR I 66 52.96 -17.62 73.74
C THR I 66 52.29 -18.01 72.42
N ALA I 67 51.34 -17.20 71.98
CA ALA I 67 50.70 -17.34 70.68
C ALA I 67 51.28 -16.26 69.77
N LEU I 68 51.98 -16.68 68.72
CA LEU I 68 52.78 -15.76 67.92
C LEU I 68 51.96 -15.20 66.76
N ASP I 69 51.84 -13.87 66.74
CA ASP I 69 51.16 -13.15 65.66
C ASP I 69 49.80 -13.77 65.33
N THR I 70 49.06 -14.10 66.37
CA THR I 70 47.78 -14.80 66.24
C THR I 70 46.67 -13.85 66.70
N GLU I 71 45.74 -13.54 65.79
CA GLU I 71 44.58 -12.72 66.14
C GLU I 71 43.60 -13.53 66.95
N VAL I 72 43.21 -13.00 68.12
CA VAL I 72 42.31 -13.69 69.02
C VAL I 72 41.21 -12.72 69.48
N THR I 73 39.98 -13.21 69.48
CA THR I 73 38.82 -12.43 69.91
C THR I 73 38.41 -12.91 71.30
N ILE I 74 38.26 -11.98 72.23
CA ILE I 74 37.96 -12.30 73.62
C ILE I 74 36.47 -11.99 73.81
N VAL I 75 35.72 -13.02 74.21
CA VAL I 75 34.26 -12.88 74.39
C VAL I 75 33.96 -13.32 75.81
N GLN I 76 33.79 -12.32 76.68
CA GLN I 76 33.47 -12.56 78.08
C GLN I 76 32.13 -11.92 78.41
N ALA I 77 31.63 -12.19 79.62
CA ALA I 77 30.41 -11.57 80.12
C ALA I 77 30.71 -10.13 80.55
N GLU I 78 29.65 -9.32 80.57
CA GLU I 78 29.81 -7.94 81.01
C GLU I 78 30.09 -7.92 82.51
N ASP I 79 29.32 -8.68 83.26
CA ASP I 79 29.42 -8.66 84.72
C ASP I 79 30.43 -9.70 85.17
N GLU I 80 31.64 -9.60 84.68
CA GLU I 80 32.74 -10.51 85.02
C GLU I 80 33.94 -9.67 85.46
N LEU I 81 34.42 -9.94 86.67
CA LEU I 81 35.52 -9.14 87.22
C LEU I 81 36.85 -9.50 86.57
N GLY I 82 37.07 -10.79 86.30
CA GLY I 82 38.34 -11.21 85.72
C GLY I 82 38.32 -11.09 84.21
N LEU I 83 39.25 -10.29 83.68
CA LEU I 83 39.28 -9.98 82.25
C LEU I 83 40.61 -10.44 81.67
N ILE I 84 40.55 -11.04 80.49
CA ILE I 84 41.76 -11.50 79.81
C ILE I 84 42.46 -10.34 79.14
N THR J 2 139.87 -23.77 19.60
CA THR J 2 139.31 -23.66 20.94
C THR J 2 138.82 -22.25 21.19
N GLN J 3 138.47 -21.97 22.45
CA GLN J 3 137.89 -20.67 22.80
C GLN J 3 138.28 -20.35 24.24
N VAL J 4 138.98 -19.24 24.45
CA VAL J 4 139.50 -18.91 25.76
C VAL J 4 138.44 -18.16 26.56
N LEU J 5 138.21 -18.62 27.79
CA LEU J 5 137.18 -18.05 28.68
C LEU J 5 137.90 -17.55 29.94
N VAL J 6 138.13 -16.25 30.01
CA VAL J 6 138.82 -15.66 31.14
C VAL J 6 137.83 -15.44 32.29
N MET J 7 138.22 -15.87 33.47
CA MET J 7 137.41 -15.73 34.67
C MET J 7 138.33 -15.47 35.86
N PRO J 8 137.89 -14.65 36.81
CA PRO J 8 138.69 -14.41 38.01
C PRO J 8 138.92 -15.69 38.81
N LYS J 9 140.01 -15.70 39.57
CA LYS J 9 140.28 -16.82 40.46
C LYS J 9 139.08 -17.13 41.34
N ALA J 10 138.41 -16.09 41.85
CA ALA J 10 137.27 -16.31 42.73
C ALA J 10 136.18 -17.12 42.03
N VAL J 11 135.94 -16.85 40.75
CA VAL J 11 134.93 -17.60 40.01
C VAL J 11 135.41 -19.01 39.71
N PHE J 12 136.67 -19.15 39.29
CA PHE J 12 137.23 -20.46 39.01
C PHE J 12 137.17 -21.37 40.23
N GLU J 13 137.58 -20.87 41.39
CA GLU J 13 137.57 -21.70 42.59
C GLU J 13 136.15 -22.08 42.98
N SER J 14 135.16 -21.22 42.72
CA SER J 14 133.78 -21.59 42.95
C SER J 14 133.38 -22.75 42.05
N TYR J 15 133.73 -22.69 40.76
CA TYR J 15 133.38 -23.76 39.85
C TYR J 15 134.00 -25.09 40.29
N LYS J 16 135.27 -25.05 40.70
CA LYS J 16 135.95 -26.29 41.10
C LYS J 16 135.43 -26.81 42.43
N THR J 17 135.18 -25.92 43.39
CA THR J 17 134.70 -26.33 44.71
C THR J 17 133.26 -26.81 44.63
N ALA J 18 132.40 -26.04 43.98
CA ALA J 18 130.99 -26.43 43.84
C ALA J 18 130.83 -27.66 43.00
N GLY J 19 131.66 -27.79 41.97
CA GLY J 19 131.54 -28.94 41.10
C GLY J 19 130.58 -28.54 40.00
N VAL J 20 130.98 -27.58 39.18
CA VAL J 20 130.13 -27.07 38.09
C VAL J 20 130.79 -27.69 36.86
N GLN J 21 130.03 -28.26 35.90
CA GLN J 21 130.67 -28.87 34.74
C GLN J 21 131.33 -27.76 33.94
N PHE J 22 132.64 -27.84 33.81
CA PHE J 22 133.36 -26.84 33.04
C PHE J 22 133.04 -26.95 31.53
N ASN J 23 132.66 -28.15 31.06
CA ASN J 23 132.44 -28.34 29.62
C ASN J 23 131.35 -27.42 29.10
N LYS J 24 130.34 -27.15 29.93
CA LYS J 24 129.13 -26.47 29.48
C LYS J 24 129.11 -25.02 29.92
N LEU J 25 130.27 -24.41 30.10
CA LEU J 25 130.35 -23.00 30.45
C LEU J 25 130.26 -22.09 29.22
N LEU J 26 130.32 -22.66 28.02
CA LEU J 26 130.07 -21.91 26.80
C LEU J 26 128.60 -21.94 26.40
N ASP J 27 127.81 -22.85 26.98
CA ASP J 27 126.39 -22.91 26.72
C ASP J 27 125.67 -21.95 27.65
N THR J 28 125.11 -20.88 27.09
CA THR J 28 124.54 -19.82 27.91
C THR J 28 123.54 -20.37 28.92
N ASN J 29 122.74 -21.36 28.50
CA ASN J 29 121.65 -21.84 29.33
C ASN J 29 122.14 -22.55 30.58
N TYR J 30 123.37 -23.09 30.55
CA TYR J 30 123.93 -23.76 31.71
C TYR J 30 124.68 -22.81 32.63
N ILE J 31 125.50 -21.91 32.06
CA ILE J 31 126.33 -21.06 32.89
C ILE J 31 125.47 -20.10 33.71
N VAL J 32 124.36 -19.62 33.15
CA VAL J 32 123.52 -18.69 33.89
C VAL J 32 122.82 -19.39 35.05
N SER J 33 122.57 -20.69 34.93
CA SER J 33 121.97 -21.43 36.02
C SER J 33 122.97 -21.72 37.14
N GLU J 34 124.24 -21.94 36.79
CA GLU J 34 125.26 -22.26 37.78
C GLU J 34 126.14 -21.08 38.17
N THR J 35 125.84 -19.89 37.68
CA THR J 35 126.70 -18.73 37.88
C THR J 35 125.87 -17.55 38.38
N SER J 36 126.40 -16.86 39.38
CA SER J 36 125.73 -15.71 39.95
C SER J 36 125.81 -14.51 39.00
N VAL J 37 124.94 -13.54 39.24
CA VAL J 37 124.93 -12.33 38.41
C VAL J 37 126.27 -11.60 38.50
N ASN J 38 126.83 -11.50 39.71
CA ASN J 38 128.12 -10.83 39.84
C ASN J 38 129.23 -11.61 39.15
N ASP J 39 129.23 -12.94 39.28
CA ASP J 39 130.27 -13.73 38.63
C ASP J 39 130.23 -13.54 37.11
N LEU J 40 129.02 -13.50 36.54
CA LEU J 40 128.89 -13.29 35.12
C LEU J 40 129.41 -11.92 34.70
N ALA J 41 129.11 -10.89 35.50
CA ALA J 41 129.65 -9.55 35.23
C ALA J 41 131.15 -9.53 35.36
N GLU J 42 131.71 -10.22 36.34
CA GLU J 42 133.16 -10.22 36.54
C GLU J 42 133.86 -10.95 35.41
N ILE J 43 133.23 -12.01 34.88
CA ILE J 43 133.77 -12.70 33.71
C ILE J 43 133.85 -11.74 32.53
N HIS J 44 132.78 -10.97 32.30
CA HIS J 44 132.84 -9.94 31.26
C HIS J 44 133.99 -8.97 31.50
N GLN J 45 134.12 -8.46 32.72
CA GLN J 45 135.20 -7.52 33.03
C GLN J 45 136.57 -8.16 32.87
N ALA J 46 136.71 -9.44 33.20
CA ALA J 46 138.00 -10.11 33.07
C ALA J 46 138.35 -10.36 31.61
N LEU J 47 137.35 -10.64 30.78
CA LEU J 47 137.60 -10.75 29.34
C LEU J 47 138.06 -9.42 28.75
N THR J 48 137.42 -8.32 29.16
CA THR J 48 137.79 -7.01 28.63
C THR J 48 139.14 -6.52 29.17
N ALA J 49 139.71 -7.20 30.16
CA ALA J 49 141.01 -6.85 30.70
C ALA J 49 142.09 -7.83 30.27
N PHE J 50 141.78 -8.71 29.33
CA PHE J 50 142.74 -9.70 28.85
C PHE J 50 143.61 -9.05 27.79
N PRO J 51 144.90 -8.83 28.06
CA PRO J 51 145.69 -7.97 27.15
C PRO J 51 146.16 -8.67 25.90
N PHE J 52 146.20 -10.01 25.90
CA PHE J 52 146.92 -10.74 24.86
C PHE J 52 146.02 -11.02 23.67
N LEU J 53 146.63 -10.98 22.49
CA LEU J 53 145.96 -11.33 21.24
C LEU J 53 146.18 -12.82 20.98
N LEU J 54 145.08 -13.56 20.82
CA LEU J 54 145.18 -15.00 20.69
C LEU J 54 145.49 -15.37 19.23
N PRO J 55 146.05 -16.56 18.99
CA PRO J 55 146.39 -16.95 17.62
C PRO J 55 145.15 -17.24 16.77
N GLU J 56 144.54 -16.19 16.22
CA GLU J 56 143.39 -16.37 15.36
C GLU J 56 143.71 -17.27 14.16
N LYS J 57 144.95 -17.20 13.67
CA LYS J 57 145.35 -18.03 12.53
C LYS J 57 145.22 -19.53 12.83
N LEU J 58 145.19 -19.91 14.11
CA LEU J 58 145.04 -21.30 14.51
C LEU J 58 143.61 -21.60 14.99
N ASP J 59 142.67 -20.69 14.72
CA ASP J 59 141.29 -20.81 15.18
C ASP J 59 141.18 -20.82 16.70
N ILE J 60 141.99 -20.01 17.37
CA ILE J 60 141.89 -19.83 18.82
C ILE J 60 141.27 -18.46 19.05
N LYS J 61 140.05 -18.44 19.57
CA LYS J 61 139.28 -17.22 19.74
C LYS J 61 139.10 -16.92 21.22
N LEU J 62 138.83 -15.66 21.53
CA LEU J 62 138.48 -15.25 22.88
C LEU J 62 136.96 -15.34 23.03
N ALA J 63 136.51 -15.90 24.15
CA ALA J 63 135.09 -16.16 24.33
C ALA J 63 134.30 -14.86 24.32
N VAL J 64 133.09 -14.92 23.78
CA VAL J 64 132.14 -13.82 23.93
C VAL J 64 131.61 -13.83 25.36
N SER J 65 131.59 -12.65 25.97
CA SER J 65 131.21 -12.55 27.37
C SER J 65 129.78 -13.01 27.58
N PRO J 66 129.47 -13.57 28.75
CA PRO J 66 128.09 -14.02 29.00
C PRO J 66 127.05 -12.92 28.87
N ILE J 67 127.41 -11.67 29.16
CA ILE J 67 126.42 -10.59 29.12
C ILE J 67 125.91 -10.41 27.69
N ILE J 68 126.82 -10.48 26.71
CA ILE J 68 126.42 -10.36 25.31
C ILE J 68 125.51 -11.52 24.92
N LYS J 69 125.87 -12.74 25.32
CA LYS J 69 125.03 -13.90 25.01
C LYS J 69 123.64 -13.77 25.63
N VAL J 70 123.59 -13.28 26.87
CA VAL J 70 122.30 -13.03 27.52
C VAL J 70 121.52 -11.95 26.77
N ALA J 71 122.20 -10.86 26.40
CA ALA J 71 121.53 -9.79 25.67
C ALA J 71 120.95 -10.30 24.36
N GLU J 72 121.67 -11.17 23.67
CA GLU J 72 121.19 -11.69 22.38
C GLU J 72 119.96 -12.56 22.57
N LEU J 73 119.98 -13.47 23.56
CA LEU J 73 118.84 -14.34 23.78
C LEU J 73 117.60 -13.58 24.25
N GLY J 74 117.78 -12.45 24.92
CA GLY J 74 116.65 -11.64 25.31
C GLY J 74 115.89 -11.03 24.15
N GLU J 75 116.47 -11.08 22.96
CA GLU J 75 115.86 -10.52 21.76
C GLU J 75 115.39 -11.61 20.80
N ILE J 76 115.47 -12.88 21.20
CA ILE J 76 115.13 -14.01 20.35
C ILE J 76 113.89 -14.69 20.94
N ASP J 77 112.87 -14.88 20.10
CA ASP J 77 111.62 -15.46 20.57
C ASP J 77 111.85 -16.83 21.20
N GLY J 78 111.15 -17.08 22.30
CA GLY J 78 111.25 -18.35 22.98
C GLY J 78 110.52 -18.34 24.31
N PRO J 79 110.52 -19.47 25.01
CA PRO J 79 109.80 -19.58 26.28
C PRO J 79 110.51 -18.95 27.48
N GLU J 80 111.77 -18.55 27.33
CA GLU J 80 112.54 -17.96 28.43
C GLU J 80 113.05 -16.57 28.06
N GLN J 81 112.60 -16.00 26.95
CA GLN J 81 113.14 -14.74 26.47
C GLN J 81 113.05 -13.64 27.53
N PHE J 82 111.89 -13.52 28.19
CA PHE J 82 111.69 -12.41 29.12
C PHE J 82 112.45 -12.61 30.42
N LYS J 83 112.59 -13.86 30.87
CA LYS J 83 113.48 -14.12 32.00
C LYS J 83 114.92 -13.75 31.66
N MET J 84 115.34 -14.04 30.42
CA MET J 84 116.69 -13.64 30.01
C MET J 84 116.83 -12.13 29.89
N LYS J 85 115.78 -11.41 29.52
CA LYS J 85 115.85 -9.95 29.51
C LYS J 85 116.04 -9.40 30.92
N ASP J 86 115.29 -9.96 31.88
CA ASP J 86 115.44 -9.53 33.28
C ASP J 86 116.85 -9.79 33.78
N LEU J 87 117.43 -10.93 33.40
CA LEU J 87 118.83 -11.21 33.74
C LEU J 87 119.76 -10.18 33.14
N HIS J 88 119.54 -9.80 31.88
CA HIS J 88 120.38 -8.79 31.25
C HIS J 88 120.36 -7.50 32.05
N ASN J 89 119.18 -7.02 32.43
CA ASN J 89 119.09 -5.76 33.16
C ASN J 89 119.88 -5.83 34.47
N ARG J 90 119.79 -6.97 35.17
CA ARG J 90 120.53 -7.14 36.41
C ARG J 90 122.03 -7.13 36.16
N LEU J 91 122.47 -7.76 35.06
CA LEU J 91 123.89 -7.78 34.72
C LEU J 91 124.42 -6.38 34.44
N GLU J 92 123.62 -5.55 33.76
CA GLU J 92 124.08 -4.21 33.44
C GLU J 92 124.22 -3.35 34.69
N SER J 93 123.26 -3.46 35.61
CA SER J 93 123.32 -2.67 36.84
C SER J 93 124.48 -3.13 37.73
N ARG J 94 124.68 -4.45 37.83
CA ARG J 94 125.78 -4.97 38.61
C ARG J 94 127.13 -4.65 37.97
N LEU J 95 127.20 -4.72 36.64
CA LEU J 95 128.44 -4.38 35.95
C LEU J 95 128.79 -2.91 36.16
N ALA J 96 127.81 -2.01 36.01
CA ALA J 96 128.07 -0.60 36.26
C ALA J 96 128.48 -0.38 37.71
N THR J 97 127.88 -1.11 38.65
CA THR J 97 128.26 -0.97 40.05
C THR J 97 129.72 -1.35 40.27
N ASN J 98 130.17 -2.44 39.65
CA ASN J 98 131.56 -2.84 39.75
C ASN J 98 132.49 -1.82 39.10
N GLU J 99 132.12 -1.35 37.90
CA GLU J 99 132.98 -0.42 37.18
C GLU J 99 133.19 0.85 37.99
N LEU J 100 132.15 1.32 38.68
CA LEU J 100 132.30 2.49 39.55
C LEU J 100 133.12 2.23 40.79
N ARG J 101 133.31 0.98 41.19
CA ARG J 101 134.08 0.67 42.39
C ARG J 101 135.54 0.35 42.09
N ASP J 102 135.81 -0.42 41.03
CA ASP J 102 137.16 -0.85 40.70
C ASP J 102 137.82 0.04 39.64
N ALA J 103 137.22 1.22 39.36
CA ALA J 103 137.80 2.12 38.36
C ALA J 103 139.17 2.54 38.83
N GLY J 104 139.39 2.60 40.14
CA GLY J 104 140.67 2.99 40.70
C GLY J 104 141.79 2.03 40.38
N ASN J 105 141.46 0.80 39.98
CA ASN J 105 142.48 -0.21 39.72
C ASN J 105 143.48 0.36 38.75
N ARG J 106 143.01 0.93 37.64
CA ARG J 106 143.88 1.55 36.61
C ARG J 106 145.15 0.79 36.22
N ASN J 107 146.32 1.20 36.71
CA ASN J 107 147.58 0.66 36.23
C ASN J 107 148.19 -0.62 36.75
N LEU J 108 147.59 -1.75 36.40
CA LEU J 108 148.09 -3.04 36.85
C LEU J 108 147.86 -4.08 35.79
N VAL J 109 148.52 -5.23 35.92
CA VAL J 109 148.37 -6.33 34.96
C VAL J 109 148.17 -7.62 35.77
N TYR J 110 147.49 -8.64 35.22
CA TYR J 110 147.18 -9.86 35.95
C TYR J 110 148.06 -11.02 35.49
N ASP J 111 148.30 -11.95 36.43
CA ASP J 111 148.82 -13.26 36.12
C ASP J 111 147.65 -14.13 35.66
N TYR J 112 147.88 -14.95 34.64
CA TYR J 112 146.86 -15.87 34.14
C TYR J 112 147.34 -17.30 34.26
N TYR J 113 146.41 -18.20 34.56
CA TYR J 113 146.68 -19.63 34.66
C TYR J 113 145.74 -20.34 33.70
N LEU J 114 146.28 -21.23 32.89
CA LEU J 114 145.48 -21.93 31.88
C LEU J 114 145.01 -23.27 32.42
N TYR J 115 143.69 -23.50 32.37
CA TYR J 115 143.11 -24.79 32.74
C TYR J 115 142.36 -25.34 31.53
N PRO J 116 142.99 -26.19 30.72
CA PRO J 116 142.34 -26.68 29.50
C PRO J 116 141.13 -27.55 29.82
N VAL J 117 140.04 -27.31 29.12
CA VAL J 117 138.82 -28.09 29.24
C VAL J 117 138.38 -28.43 27.82
N ASP J 118 138.49 -29.70 27.45
CA ASP J 118 138.27 -30.32 26.14
C ASP J 118 139.15 -29.61 25.10
N GLU J 119 138.75 -29.64 23.84
CA GLU J 119 139.40 -28.86 22.80
C GLU J 119 138.63 -27.61 22.42
N ASN J 120 137.49 -27.35 23.04
CA ASN J 120 136.63 -26.23 22.66
C ASN J 120 136.58 -25.14 23.74
N LEU J 121 137.36 -25.29 24.81
CA LEU J 121 137.30 -24.34 25.91
C LEU J 121 138.67 -24.28 26.57
N TRP J 122 139.23 -23.08 26.64
CA TRP J 122 140.50 -22.82 27.32
C TRP J 122 140.30 -21.85 28.47
N VAL J 123 139.87 -22.37 29.63
CA VAL J 123 139.69 -21.59 30.85
C VAL J 123 140.99 -20.88 31.23
N ALA J 124 140.92 -19.56 31.37
CA ALA J 124 142.08 -18.73 31.72
C ALA J 124 141.78 -18.04 33.04
N VAL J 125 142.42 -18.50 34.11
CA VAL J 125 142.12 -17.98 35.43
C VAL J 125 142.91 -16.70 35.67
N GLN J 126 142.20 -15.63 36.03
CA GLN J 126 142.83 -14.34 36.29
C GLN J 126 143.19 -14.26 37.76
N GLN J 127 144.47 -14.35 38.06
CA GLN J 127 144.94 -14.49 39.44
C GLN J 127 145.38 -13.15 39.99
N SER J 128 146.39 -13.16 40.86
CA SER J 128 146.81 -11.96 41.57
C SER J 128 147.21 -10.85 40.61
N ALA J 129 146.87 -9.62 40.96
CA ALA J 129 147.26 -8.45 40.20
C ALA J 129 148.68 -8.01 40.56
N HIS J 130 149.34 -7.37 39.60
CA HIS J 130 150.61 -6.69 39.85
C HIS J 130 150.51 -5.26 39.33
N ILE J 131 151.20 -4.37 40.03
CA ILE J 131 151.22 -2.94 39.69
C ILE J 131 152.21 -2.73 38.55
N ALA J 132 151.77 -2.09 37.48
CA ALA J 132 152.61 -1.89 36.31
C ALA J 132 152.15 -0.61 35.61
N SER J 133 152.95 0.44 35.69
CA SER J 133 152.64 1.71 35.04
C SER J 133 153.61 2.05 33.92
N SER J 134 154.89 1.75 34.09
CA SER J 134 155.89 2.00 33.06
C SER J 134 156.04 0.74 32.22
N ASP J 135 155.72 0.84 30.93
CA ASP J 135 155.77 -0.28 29.99
C ASP J 135 155.02 -1.47 30.57
N PRO J 136 153.69 -1.32 30.82
CA PRO J 136 153.02 -2.48 31.38
C PRO J 136 152.93 -3.62 30.40
N ARG J 137 153.11 -3.37 29.11
CA ARG J 137 153.05 -4.45 28.12
C ARG J 137 154.20 -5.40 28.35
N ARG J 138 155.41 -4.88 28.50
CA ARG J 138 156.57 -5.72 28.81
C ARG J 138 156.46 -6.38 30.16
N VAL J 139 155.93 -5.69 31.18
CA VAL J 139 155.78 -6.29 32.49
C VAL J 139 154.79 -7.44 32.44
N SER J 140 153.66 -7.25 31.74
CA SER J 140 152.68 -8.32 31.60
C SER J 140 153.30 -9.55 30.95
N ILE J 141 154.13 -9.34 29.92
CA ILE J 141 154.74 -10.46 29.21
C ILE J 141 155.65 -11.25 30.14
N GLN J 142 156.50 -10.55 30.90
CA GLN J 142 157.43 -11.24 31.79
C GLN J 142 156.69 -11.97 32.91
N LEU J 143 155.62 -11.37 33.43
CA LEU J 143 154.87 -12.01 34.51
C LEU J 143 154.19 -13.29 34.09
N ASN J 144 153.67 -13.35 32.86
CA ASN J 144 152.84 -14.45 32.40
C ASN J 144 153.65 -15.51 31.67
N HIS J 145 154.91 -15.71 32.05
CA HIS J 145 155.73 -16.73 31.41
C HIS J 145 155.06 -18.09 31.48
N THR J 146 154.57 -18.49 32.66
CA THR J 146 153.99 -19.81 32.81
C THR J 146 152.61 -19.91 32.18
N PHE J 147 152.00 -18.78 31.85
CA PHE J 147 150.78 -18.80 31.04
C PHE J 147 151.09 -19.03 29.57
N PHE J 148 152.15 -18.41 29.05
CA PHE J 148 152.46 -18.56 27.63
C PHE J 148 152.89 -19.99 27.30
N ASP J 149 153.73 -20.59 28.15
CA ASP J 149 154.19 -21.94 27.84
C ASP J 149 153.08 -22.96 28.04
N SER J 150 152.13 -22.69 28.94
CA SER J 150 150.97 -23.57 29.08
C SER J 150 150.13 -23.57 27.81
N MET J 151 149.89 -22.38 27.24
CA MET J 151 149.15 -22.32 25.98
C MET J 151 149.89 -23.05 24.87
N ILE J 152 151.22 -22.86 24.79
CA ILE J 152 152.00 -23.52 23.75
C ILE J 152 151.94 -25.02 23.89
N ASN J 153 152.13 -25.53 25.12
CA ASN J 153 152.08 -26.97 25.33
C ASN J 153 150.77 -27.56 24.83
N GLU J 154 149.66 -26.87 25.06
CA GLU J 154 148.36 -27.43 24.73
C GLU J 154 148.05 -27.38 23.24
N MET J 155 148.36 -26.27 22.58
CA MET J 155 148.05 -26.18 21.16
C MET J 155 148.96 -27.04 20.31
N LEU J 156 150.15 -27.37 20.82
CA LEU J 156 151.03 -28.30 20.12
C LEU J 156 150.47 -29.73 20.16
N ASN J 157 149.41 -29.97 20.93
CA ASN J 157 148.79 -31.28 20.96
C ASN J 157 148.01 -31.54 19.68
N THR J 158 147.46 -30.49 19.06
CA THR J 158 146.67 -30.62 17.85
C THR J 158 147.24 -29.85 16.67
N ARG J 159 147.77 -28.65 16.91
CA ARG J 159 148.27 -27.83 15.81
C ARG J 159 149.69 -28.27 15.44
N PRO J 160 150.07 -28.10 14.18
CA PRO J 160 151.46 -28.38 13.80
C PRO J 160 152.44 -27.46 14.51
N ARG J 161 153.60 -28.03 14.86
CA ARG J 161 154.63 -27.26 15.54
C ARG J 161 155.09 -26.07 14.69
N GLU J 162 155.26 -26.28 13.39
CA GLU J 162 155.74 -25.20 12.53
C GLU J 162 154.77 -24.03 12.51
N SER J 163 153.47 -24.31 12.60
CA SER J 163 152.48 -23.24 12.59
C SER J 163 152.45 -22.48 13.92
N VAL J 164 152.54 -23.21 15.03
CA VAL J 164 152.53 -22.56 16.35
C VAL J 164 153.74 -21.65 16.48
N ALA J 165 154.89 -22.07 15.96
CA ALA J 165 156.12 -21.29 16.07
C ALA J 165 155.98 -19.90 15.47
N SER J 166 154.99 -19.67 14.61
CA SER J 166 154.81 -18.39 13.93
C SER J 166 153.81 -17.49 14.65
N THR J 167 153.26 -17.92 15.78
CA THR J 167 152.25 -17.15 16.50
C THR J 167 152.92 -16.11 17.40
N GLN J 168 152.11 -15.11 17.79
CA GLN J 168 152.58 -14.16 18.79
C GLN J 168 152.70 -14.78 20.18
N ILE J 169 151.91 -15.81 20.48
CA ILE J 169 152.02 -16.48 21.77
C ILE J 169 153.37 -17.16 21.90
N PHE J 170 153.82 -17.83 20.83
CA PHE J 170 155.17 -18.39 20.81
C PHE J 170 156.22 -17.30 20.97
N THR J 171 156.04 -16.17 20.29
CA THR J 171 156.99 -15.08 20.42
C THR J 171 157.04 -14.57 21.86
N TYR J 172 155.89 -14.38 22.49
CA TYR J 172 155.86 -13.87 23.86
C TYR J 172 156.65 -14.76 24.80
N TYR J 173 156.53 -16.08 24.62
CA TYR J 173 157.36 -17.01 25.39
C TYR J 173 158.84 -16.71 25.20
N LEU J 174 159.28 -16.56 23.95
CA LEU J 174 160.70 -16.30 23.69
C LEU J 174 161.13 -14.97 24.31
N GLU J 175 160.28 -13.95 24.23
CA GLU J 175 160.60 -12.65 24.82
C GLU J 175 160.72 -12.73 26.33
N SER J 176 159.84 -13.50 26.98
CA SER J 176 159.95 -13.69 28.42
C SER J 176 161.24 -14.43 28.77
N CYS J 177 161.51 -15.55 28.09
CA CYS J 177 162.76 -16.27 28.25
C CYS J 177 163.02 -17.17 27.05
N ASN K 164 113.65 -15.31 -30.78
CA ASN K 164 113.34 -15.10 -29.37
C ASN K 164 112.10 -14.25 -29.19
N TYR K 165 110.95 -14.78 -29.65
CA TYR K 165 109.67 -14.15 -29.35
C TYR K 165 109.40 -14.15 -27.85
N ASN K 166 109.65 -15.28 -27.19
CA ASN K 166 109.50 -15.41 -25.76
C ASN K 166 110.88 -15.57 -25.13
N GLU K 167 111.14 -14.80 -24.08
CA GLU K 167 112.37 -14.89 -23.30
C GLU K 167 111.99 -15.32 -21.89
N LYS K 168 111.72 -16.59 -21.71
CA LYS K 168 111.40 -17.17 -20.42
C LYS K 168 112.70 -17.64 -19.76
N SER K 169 112.96 -17.17 -18.54
CA SER K 169 114.24 -17.43 -17.90
C SER K 169 114.46 -18.93 -17.76
N GLN K 170 115.67 -19.37 -18.13
CA GLN K 170 116.03 -20.78 -18.05
C GLN K 170 117.34 -21.02 -17.31
N ARG K 171 118.26 -20.06 -17.32
CA ARG K 171 119.62 -20.27 -16.85
C ARG K 171 119.92 -19.63 -15.51
N ASP K 172 119.67 -18.33 -15.36
CA ASP K 172 120.15 -17.56 -14.21
C ASP K 172 119.13 -17.67 -13.09
N PHE K 173 119.17 -18.79 -12.37
CA PHE K 173 118.25 -19.06 -11.26
C PHE K 173 118.82 -18.50 -9.97
N ARG K 174 117.96 -18.33 -8.98
CA ARG K 174 118.39 -17.95 -7.63
C ARG K 174 119.02 -19.15 -6.96
N VAL K 175 120.31 -19.06 -6.65
CA VAL K 175 121.06 -20.16 -6.06
C VAL K 175 121.10 -19.98 -4.55
N VAL K 176 120.67 -21.01 -3.82
CA VAL K 176 120.69 -21.01 -2.36
C VAL K 176 121.54 -22.19 -1.90
N THR K 177 122.44 -21.93 -0.96
CA THR K 177 123.37 -22.95 -0.48
C THR K 177 122.84 -23.52 0.83
N ILE K 178 122.73 -24.85 0.90
CA ILE K 178 122.34 -25.52 2.13
C ILE K 178 123.52 -25.57 3.07
N GLY K 179 123.32 -25.16 4.31
CA GLY K 179 124.41 -25.16 5.27
C GLY K 179 124.90 -26.55 5.60
N TYR K 180 126.13 -26.62 6.08
CA TYR K 180 126.74 -27.87 6.53
C TYR K 180 127.72 -27.53 7.65
N ASN K 181 127.29 -27.67 8.89
CA ASN K 181 128.05 -27.22 10.06
C ASN K 181 128.14 -28.37 11.05
N LEU K 182 129.26 -29.09 11.03
CA LEU K 182 129.46 -30.20 11.95
C LEU K 182 130.01 -29.69 13.27
N ALA K 183 129.69 -30.41 14.35
CA ALA K 183 130.16 -30.10 15.69
C ALA K 183 131.30 -31.02 16.04
N ALA K 184 132.44 -30.44 16.42
CA ALA K 184 133.64 -31.20 16.74
C ALA K 184 133.80 -31.25 18.25
N SER K 185 133.99 -32.46 18.78
CA SER K 185 134.26 -32.66 20.20
C SER K 185 135.00 -33.96 20.39
N ARG K 186 135.47 -34.19 21.61
CA ARG K 186 136.08 -35.47 21.95
C ARG K 186 135.04 -36.57 22.09
N GLN K 187 133.87 -36.24 22.62
CA GLN K 187 132.75 -37.17 22.76
C GLN K 187 131.44 -36.42 22.61
N ASP K 188 130.41 -37.16 22.26
CA ASP K 188 129.04 -36.65 22.32
C ASP K 188 128.61 -36.53 23.78
N GLU K 189 127.60 -35.69 24.03
CA GLU K 189 127.17 -35.42 25.40
C GLU K 189 126.83 -36.72 26.11
N PHE K 190 126.20 -37.66 25.41
CA PHE K 190 125.83 -38.94 26.00
C PHE K 190 127.06 -39.68 26.52
N ALA K 191 128.06 -39.86 25.66
CA ALA K 191 129.30 -40.52 26.06
C ALA K 191 130.09 -39.71 27.07
N GLU K 192 130.07 -38.38 26.96
CA GLU K 192 130.86 -37.56 27.87
C GLU K 192 130.28 -37.61 29.28
N ARG K 193 128.96 -37.64 29.40
CA ARG K 193 128.34 -37.72 30.72
C ARG K 193 128.59 -39.09 31.36
N ILE K 194 128.59 -40.15 30.55
CA ILE K 194 128.84 -41.47 31.12
C ILE K 194 130.33 -41.71 31.33
N TYR K 195 131.17 -41.31 30.36
CA TYR K 195 132.61 -41.50 30.43
C TYR K 195 133.30 -40.14 30.35
N PRO K 196 133.29 -39.38 31.45
CA PRO K 196 133.93 -38.06 31.43
C PRO K 196 135.38 -38.16 30.99
N THR K 197 135.82 -37.18 30.21
CA THR K 197 137.13 -37.22 29.60
C THR K 197 138.23 -36.92 30.63
N THR K 198 139.28 -37.73 30.61
CA THR K 198 140.50 -37.46 31.36
C THR K 198 141.65 -37.42 30.38
N VAL K 199 142.45 -36.36 30.44
CA VAL K 199 143.51 -36.15 29.47
C VAL K 199 144.76 -36.89 29.92
N ILE K 200 145.31 -37.72 29.02
CA ILE K 200 146.53 -38.48 29.27
C ILE K 200 147.59 -37.98 28.30
N ASN K 201 148.81 -37.83 28.78
CA ASN K 201 149.89 -37.36 27.92
C ASN K 201 150.26 -38.45 26.92
N PRO K 202 150.49 -38.10 25.65
CA PRO K 202 150.88 -39.13 24.67
C PRO K 202 152.08 -39.95 25.11
N ILE K 203 152.98 -39.38 25.91
CA ILE K 203 154.16 -40.11 26.35
C ILE K 203 153.81 -41.13 27.41
N GLU K 204 152.76 -40.87 28.21
CA GLU K 204 152.36 -41.80 29.25
C GLU K 204 151.68 -43.03 28.65
N GLY K 205 150.77 -42.81 27.70
CA GLY K 205 150.21 -43.90 26.92
C GLY K 205 149.40 -44.90 27.72
N GLY K 206 148.89 -44.50 28.87
CA GLY K 206 148.16 -45.41 29.73
C GLY K 206 148.09 -44.86 31.14
N VAL K 207 147.26 -45.52 31.96
CA VAL K 207 147.01 -45.10 33.32
C VAL K 207 146.95 -46.33 34.21
N VAL K 208 147.37 -46.17 35.46
CA VAL K 208 147.23 -47.19 36.49
C VAL K 208 146.39 -46.60 37.62
N GLN K 209 145.36 -47.34 38.02
CA GLN K 209 144.46 -46.91 39.10
C GLN K 209 144.86 -47.66 40.37
N VAL K 210 145.33 -46.92 41.37
CA VAL K 210 145.80 -47.49 42.63
C VAL K 210 144.75 -47.23 43.69
N LEU K 211 144.25 -48.29 44.30
CA LEU K 211 143.18 -48.22 45.31
C LEU K 211 143.72 -48.66 46.66
N PRO K 212 144.30 -47.76 47.45
CA PRO K 212 144.56 -48.06 48.86
C PRO K 212 143.25 -48.14 49.61
N TYR K 213 143.18 -49.07 50.57
CA TYR K 213 142.00 -49.20 51.42
C TYR K 213 142.40 -49.85 52.74
N ILE K 214 141.48 -49.86 53.69
CA ILE K 214 141.71 -50.36 55.03
C ILE K 214 140.94 -51.66 55.19
N ALA K 215 141.64 -52.72 55.59
CA ALA K 215 141.06 -54.06 55.71
C ALA K 215 141.00 -54.44 57.19
N VAL K 216 139.91 -55.11 57.56
CA VAL K 216 139.77 -55.65 58.90
C VAL K 216 140.24 -57.11 58.90
N MET K 217 141.07 -57.46 59.87
CA MET K 217 141.66 -58.78 59.97
C MET K 217 141.54 -59.31 61.39
N LYS K 218 141.68 -60.64 61.51
CA LYS K 218 141.72 -61.32 62.79
C LYS K 218 143.14 -61.77 63.06
N ASP K 219 143.50 -61.88 64.34
CA ASP K 219 144.84 -62.33 64.71
C ASP K 219 144.88 -63.86 64.72
N VAL K 220 145.38 -64.46 63.65
CA VAL K 220 145.38 -65.90 63.47
C VAL K 220 146.77 -66.35 63.08
N TYR K 221 147.15 -67.54 63.55
CA TYR K 221 148.46 -68.11 63.29
C TYR K 221 148.44 -68.92 62.01
N HIS K 222 149.60 -69.00 61.36
CA HIS K 222 149.74 -69.84 60.17
C HIS K 222 149.67 -71.31 60.54
N GLU K 223 149.06 -72.11 59.65
CA GLU K 223 148.93 -73.54 59.85
C GLU K 223 150.19 -74.25 59.34
N VAL K 224 150.44 -75.44 59.89
CA VAL K 224 151.58 -76.24 59.43
C VAL K 224 151.37 -76.69 57.98
N SER K 225 150.14 -77.08 57.62
CA SER K 225 149.85 -77.42 56.22
C SER K 225 149.59 -76.08 55.57
N GLY K 226 148.40 -75.52 55.76
CA GLY K 226 148.13 -74.15 55.37
C GLY K 226 148.32 -73.64 53.96
N VAL K 227 147.56 -74.19 53.01
CA VAL K 227 147.70 -73.78 51.62
C VAL K 227 147.41 -72.28 51.48
N LYS K 228 146.51 -71.72 52.31
CA LYS K 228 146.22 -70.30 52.33
C LYS K 228 145.77 -70.06 53.74
N MET K 229 145.86 -68.81 54.21
CA MET K 229 145.37 -68.48 55.54
C MET K 229 143.86 -68.40 55.54
N ASP K 230 143.26 -68.45 56.73
CA ASP K 230 141.81 -68.28 56.84
C ASP K 230 141.46 -66.96 57.51
N ASN K 231 142.39 -66.03 57.53
CA ASN K 231 142.13 -64.74 58.15
C ASN K 231 141.02 -64.10 57.34
N GLU K 232 139.97 -63.61 58.01
CA GLU K 232 138.82 -63.09 57.30
C GLU K 232 139.27 -61.70 56.94
N GLU K 233 140.09 -61.54 55.88
CA GLU K 233 140.55 -60.19 55.56
C GLU K 233 139.51 -59.54 54.65
N VAL K 234 138.78 -58.56 55.20
CA VAL K 234 137.63 -57.96 54.54
C VAL K 234 137.82 -56.46 54.51
N ASN K 235 137.46 -55.83 53.39
CA ASN K 235 137.51 -54.38 53.31
C ASN K 235 136.61 -53.76 54.36
N MET K 236 137.17 -52.86 55.16
CA MET K 236 136.43 -52.30 56.29
C MET K 236 135.13 -51.63 55.86
N VAL K 237 135.04 -51.20 54.60
CA VAL K 237 133.82 -50.53 54.14
C VAL K 237 132.62 -51.45 54.27
N GLU K 238 132.83 -52.77 54.22
CA GLU K 238 131.74 -53.71 54.39
C GLU K 238 131.21 -53.73 55.82
N ALA K 239 131.93 -53.13 56.76
CA ALA K 239 131.46 -53.07 58.14
C ALA K 239 130.28 -52.12 58.31
N TYR K 240 130.02 -51.27 57.32
CA TYR K 240 128.81 -50.45 57.35
C TYR K 240 127.57 -51.29 57.08
N ARG K 241 127.65 -52.19 56.10
CA ARG K 241 126.52 -53.05 55.78
C ARG K 241 126.45 -54.25 56.70
N ASP K 242 127.59 -54.84 57.04
CA ASP K 242 127.58 -56.06 57.83
C ASP K 242 128.27 -55.84 59.17
N PRO K 243 127.51 -55.77 60.27
CA PRO K 243 128.11 -55.47 61.57
C PRO K 243 128.91 -56.60 62.18
N SER K 244 128.75 -57.83 61.70
CA SER K 244 129.43 -58.97 62.30
C SER K 244 130.93 -58.96 62.08
N ILE K 245 131.44 -58.10 61.20
CA ILE K 245 132.87 -58.04 60.94
C ILE K 245 133.62 -57.60 62.20
N LEU K 246 133.07 -56.63 62.93
CA LEU K 246 133.78 -55.98 64.02
C LEU K 246 133.35 -56.46 65.40
N ASP K 247 132.53 -57.51 65.50
CA ASP K 247 132.12 -58.02 66.80
C ASP K 247 133.34 -58.55 67.55
N ASP K 248 133.52 -58.07 68.78
CA ASP K 248 134.69 -58.44 69.58
C ASP K 248 134.27 -58.54 71.04
N GLU K 249 134.39 -59.75 71.59
CA GLU K 249 134.13 -60.01 73.01
C GLU K 249 135.35 -60.67 73.65
N SER K 250 136.53 -60.40 73.11
CA SER K 250 137.75 -61.07 73.57
C SER K 250 138.16 -60.64 74.97
N ILE K 251 137.62 -59.53 75.48
CA ILE K 251 138.04 -58.99 76.76
C ILE K 251 137.13 -59.46 77.88
N ALA K 252 136.15 -60.30 77.54
CA ALA K 252 135.19 -60.75 78.53
C ALA K 252 135.88 -61.57 79.62
N LEU K 253 135.44 -61.39 80.87
CA LEU K 253 135.93 -62.18 82.00
C LEU K 253 134.96 -63.34 82.20
N ILE K 254 135.25 -64.45 81.53
CA ILE K 254 134.37 -65.61 81.52
C ILE K 254 134.92 -66.63 82.50
N PRO K 255 134.24 -66.91 83.60
CA PRO K 255 134.71 -67.96 84.51
C PRO K 255 134.88 -69.28 83.78
N ALA K 256 136.05 -69.88 83.92
CA ALA K 256 136.46 -71.03 83.14
C ALA K 256 136.69 -72.22 84.06
N LEU K 257 136.22 -73.39 83.62
CA LEU K 257 136.34 -74.62 84.40
C LEU K 257 137.65 -75.30 84.01
N ASP K 258 138.44 -75.67 85.02
CA ASP K 258 139.66 -76.43 84.78
C ASP K 258 139.29 -77.86 84.36
N PRO K 259 139.69 -78.30 83.17
CA PRO K 259 139.38 -79.69 82.76
C PRO K 259 139.78 -80.72 83.81
N ALA K 260 140.76 -80.41 84.65
CA ALA K 260 141.18 -81.34 85.69
C ALA K 260 140.25 -81.33 86.90
N GLY K 261 139.29 -80.40 86.95
CA GLY K 261 138.40 -80.31 88.10
C GLY K 261 138.97 -79.56 89.28
N SER K 262 140.13 -78.92 89.13
CA SER K 262 140.78 -78.30 90.27
C SER K 262 139.91 -77.20 90.88
N ASN K 263 139.08 -76.55 90.06
CA ASN K 263 138.20 -75.49 90.53
C ASN K 263 136.74 -75.83 90.29
N ALA K 264 136.42 -77.12 90.19
CA ALA K 264 135.05 -77.55 89.92
C ALA K 264 134.09 -77.18 91.04
N ASP K 265 134.58 -76.99 92.26
CA ASP K 265 133.71 -76.64 93.37
C ASP K 265 133.19 -75.21 93.30
N PHE K 266 133.64 -74.42 92.33
CA PHE K 266 133.13 -73.07 92.15
C PHE K 266 131.93 -73.01 91.22
N PHE K 267 131.62 -74.10 90.51
CA PHE K 267 130.65 -74.09 89.43
C PHE K 267 129.45 -74.96 89.76
N VAL K 268 128.36 -74.70 89.03
CA VAL K 268 127.14 -75.48 89.21
C VAL K 268 127.41 -76.92 88.78
N ASP K 269 126.92 -77.86 89.58
CA ASP K 269 127.05 -79.27 89.25
C ASP K 269 126.61 -79.51 87.81
N PRO K 270 127.47 -80.06 86.96
CA PRO K 270 127.04 -80.34 85.58
C PRO K 270 125.75 -81.14 85.48
N ALA K 271 125.42 -81.91 86.52
CA ALA K 271 124.18 -82.69 86.49
C ALA K 271 122.95 -81.78 86.43
N LEU K 272 123.07 -80.54 86.88
CA LEU K 272 121.96 -79.59 86.83
C LEU K 272 122.06 -78.67 85.62
N VAL K 273 123.24 -78.14 85.35
CA VAL K 273 123.48 -77.24 84.23
C VAL K 273 124.77 -77.67 83.55
N PRO K 274 124.68 -78.43 82.45
CA PRO K 274 125.89 -78.88 81.75
C PRO K 274 126.74 -77.72 81.30
N PRO K 275 128.05 -77.88 81.26
CA PRO K 275 128.92 -76.80 80.78
C PRO K 275 128.79 -76.61 79.28
N TYR K 276 129.22 -75.44 78.81
CA TYR K 276 129.23 -75.12 77.40
C TYR K 276 130.58 -74.53 77.01
N THR K 277 130.87 -74.58 75.71
CA THR K 277 132.20 -74.32 75.18
C THR K 277 132.23 -72.96 74.51
N ILE K 278 133.29 -72.19 74.75
CA ILE K 278 133.55 -70.93 74.07
C ILE K 278 134.92 -70.98 73.42
N LYS K 279 135.00 -70.54 72.17
CA LYS K 279 136.24 -70.44 71.43
C LYS K 279 136.57 -68.99 71.15
N ASN K 280 137.86 -68.68 71.09
CA ASN K 280 138.31 -67.34 70.68
C ASN K 280 138.65 -67.36 69.19
N GLU K 281 139.21 -66.26 68.70
CA GLU K 281 139.54 -66.18 67.27
C GLU K 281 140.59 -67.21 66.89
N GLN K 282 141.46 -67.59 67.84
CA GLN K 282 142.40 -68.67 67.60
C GLN K 282 141.73 -70.02 67.90
N ASN K 283 142.50 -71.10 67.73
CA ASN K 283 141.99 -72.43 68.00
C ASN K 283 141.94 -72.75 69.49
N LEU K 284 142.29 -71.79 70.35
CA LEU K 284 142.25 -72.03 71.78
C LEU K 284 140.82 -72.11 72.28
N THR K 285 140.53 -73.16 73.04
CA THR K 285 139.18 -73.47 73.51
C THR K 285 139.17 -73.61 75.02
N ILE K 286 138.15 -73.03 75.66
CA ILE K 286 137.97 -73.17 77.11
C ILE K 286 136.54 -73.63 77.37
N THR K 287 136.33 -74.21 78.55
CA THR K 287 135.03 -74.68 78.98
C THR K 287 134.46 -73.73 80.03
N THR K 288 133.21 -73.32 79.83
CA THR K 288 132.55 -72.34 80.67
C THR K 288 131.32 -72.95 81.32
N ALA K 289 131.07 -72.59 82.57
CA ALA K 289 129.86 -72.97 83.28
C ALA K 289 129.49 -71.84 84.22
N PRO K 290 128.22 -71.73 84.60
CA PRO K 290 127.82 -70.71 85.58
C PRO K 290 128.45 -71.00 86.94
N LEU K 291 128.74 -69.94 87.68
CA LEU K 291 129.31 -70.08 89.01
C LEU K 291 128.23 -70.53 89.99
N LYS K 292 128.62 -71.34 90.95
CA LYS K 292 127.69 -71.79 91.98
C LYS K 292 127.30 -70.63 92.89
N ALA K 293 126.01 -70.56 93.20
CA ALA K 293 125.54 -69.58 94.17
C ALA K 293 126.09 -69.92 95.55
N ASN K 294 126.40 -68.87 96.32
CA ASN K 294 127.03 -69.01 97.63
C ASN K 294 128.44 -69.59 97.50
N VAL K 295 129.31 -68.81 96.86
CA VAL K 295 130.65 -69.28 96.49
C VAL K 295 131.65 -68.18 96.82
N ARG K 296 132.84 -68.58 97.23
CA ARG K 296 133.98 -67.67 97.35
C ARG K 296 135.09 -68.16 96.44
N LEU K 297 135.67 -67.24 95.67
CA LEU K 297 136.67 -67.61 94.68
C LEU K 297 137.44 -66.37 94.28
N ASP K 298 138.56 -66.59 93.60
CA ASP K 298 139.28 -65.53 92.92
C ASP K 298 138.70 -65.41 91.52
N LEU K 299 137.95 -64.33 91.29
CA LEU K 299 137.16 -64.23 90.07
C LEU K 299 138.06 -64.14 88.84
N MET K 300 139.14 -63.37 88.94
CA MET K 300 140.10 -63.28 87.85
C MET K 300 140.92 -64.56 87.72
N GLY K 301 141.37 -65.11 88.85
CA GLY K 301 142.22 -66.29 88.81
C GLY K 301 141.55 -67.48 88.14
N ASN K 302 140.24 -67.59 88.28
CA ASN K 302 139.49 -68.70 87.68
C ASN K 302 138.87 -68.32 86.33
N SER K 303 139.26 -67.20 85.77
CA SER K 303 138.71 -66.76 84.48
C SER K 303 139.40 -67.48 83.33
N ASN K 304 138.80 -67.38 82.15
CA ASN K 304 139.41 -67.93 80.95
C ASN K 304 140.76 -67.29 80.65
N ALA K 305 141.03 -66.10 81.20
CA ALA K 305 142.30 -65.43 80.93
C ALA K 305 143.50 -66.30 81.33
N ASN K 306 143.35 -67.14 82.36
CA ASN K 306 144.43 -68.02 82.76
C ASN K 306 144.39 -69.33 82.00
N LEU K 307 143.22 -69.93 81.86
CA LEU K 307 143.13 -71.24 81.25
C LEU K 307 143.09 -71.19 79.72
N LEU K 308 143.03 -70.00 79.14
CA LEU K 308 143.03 -69.88 77.68
C LEU K 308 144.41 -70.13 77.09
N ILE K 309 145.45 -69.49 77.64
CA ILE K 309 146.80 -69.60 77.10
C ILE K 309 147.72 -70.35 78.08
N GLN K 310 148.02 -69.75 79.22
CA GLN K 310 148.84 -70.37 80.25
C GLN K 310 148.29 -69.99 81.61
N ARG K 311 148.35 -70.95 82.55
CA ARG K 311 147.63 -70.83 83.81
C ARG K 311 148.09 -69.60 84.60
N GLY K 312 149.33 -69.17 84.41
CA GLY K 312 149.85 -68.08 85.22
C GLY K 312 150.08 -66.77 84.50
N MET K 313 149.28 -66.49 83.46
CA MET K 313 149.43 -65.27 82.69
C MET K 313 149.04 -64.06 83.52
N LEU K 314 147.98 -64.20 84.33
CA LEU K 314 147.44 -63.03 85.05
C LEU K 314 148.38 -62.47 86.11
N GLU K 315 148.44 -61.14 86.23
CA GLU K 315 149.30 -60.48 87.23
C GLU K 315 148.54 -59.28 87.84
N VAL K 316 149.15 -58.51 88.75
CA VAL K 316 148.40 -57.45 89.42
C VAL K 316 147.93 -56.39 88.43
N SER K 317 148.57 -56.33 87.26
CA SER K 317 148.18 -55.33 86.26
C SER K 317 146.79 -55.62 85.70
N ASP K 318 146.30 -56.84 85.88
CA ASP K 318 144.98 -57.19 85.37
C ASP K 318 143.90 -56.81 86.38
N THR K 319 142.98 -55.95 85.95
CA THR K 319 141.95 -55.41 86.82
C THR K 319 140.59 -55.58 86.14
N ILE K 320 139.53 -55.46 86.94
CA ILE K 320 138.16 -55.67 86.49
C ILE K 320 137.50 -54.32 86.26
N ASP K 321 136.74 -54.21 85.17
CA ASP K 321 136.04 -52.98 84.87
C ASP K 321 134.91 -52.77 85.86
N PRO K 322 134.88 -51.67 86.60
CA PRO K 322 133.76 -51.43 87.54
C PRO K 322 132.40 -51.54 86.89
N ALA K 323 132.30 -51.28 85.58
CA ALA K 323 131.01 -51.26 84.89
C ALA K 323 130.65 -52.70 84.50
N GLY K 324 130.37 -53.50 85.52
CA GLY K 324 129.96 -54.87 85.32
C GLY K 324 128.48 -55.05 85.61
N ARG K 325 127.94 -56.23 85.31
CA ARG K 325 126.53 -56.50 85.49
C ARG K 325 126.33 -57.96 85.86
N LEU K 326 125.20 -58.25 86.50
CA LEU K 326 124.75 -59.62 86.70
C LEU K 326 124.03 -60.06 85.44
N LYS K 327 124.57 -61.08 84.77
CA LYS K 327 124.08 -61.43 83.44
C LYS K 327 122.92 -62.43 83.51
N ASN K 328 123.10 -63.53 84.24
CA ASN K 328 122.10 -64.59 84.31
C ASN K 328 121.98 -65.10 85.73
N LEU K 329 120.79 -65.61 86.04
CA LEU K 329 120.56 -66.42 87.23
C LEU K 329 119.94 -67.75 86.80
N PHE K 330 120.42 -68.83 87.38
CA PHE K 330 119.87 -70.16 87.14
C PHE K 330 119.07 -70.60 88.37
N VAL K 331 117.78 -70.81 88.19
CA VAL K 331 116.87 -71.12 89.29
C VAL K 331 116.42 -72.56 89.14
N LEU K 332 116.52 -73.34 90.22
CA LEU K 332 116.15 -74.75 90.21
C LEU K 332 114.66 -74.86 90.45
N LEU K 333 113.89 -75.58 89.63
CA LEU K 333 112.42 -75.72 89.84
C LEU K 333 112.03 -77.17 89.63
N GLY K 334 111.82 -77.91 90.71
CA GLY K 334 111.37 -79.28 90.62
C GLY K 334 112.39 -80.26 90.05
N GLY K 335 113.67 -79.98 90.22
CA GLY K 335 114.70 -80.82 89.64
C GLY K 335 115.27 -80.33 88.32
N LYS K 336 114.56 -79.42 87.65
CA LYS K 336 114.98 -78.93 86.34
C LYS K 336 115.38 -77.50 86.55
N VAL K 337 116.18 -76.91 85.65
CA VAL K 337 116.70 -75.55 85.84
C VAL K 337 116.20 -74.56 84.78
N VAL K 338 115.77 -73.35 85.11
CA VAL K 338 115.35 -72.33 84.16
C VAL K 338 116.35 -71.19 84.20
N LYS K 339 116.77 -70.73 83.03
CA LYS K 339 117.75 -69.66 82.92
C LYS K 339 117.03 -68.34 82.77
N PHE K 340 117.34 -67.40 83.65
CA PHE K 340 116.74 -66.07 83.63
C PHE K 340 117.79 -65.06 83.20
N LYS K 341 117.48 -64.28 82.17
CA LYS K 341 118.38 -63.24 81.68
C LYS K 341 118.00 -61.93 82.35
N VAL K 342 118.94 -61.36 83.10
CA VAL K 342 118.66 -60.20 83.95
C VAL K 342 119.71 -59.13 83.68
N ASP K 343 120.36 -59.21 82.52
CA ASP K 343 121.61 -58.50 82.32
C ASP K 343 121.42 -56.99 82.33
N ARG K 344 120.33 -56.50 81.76
CA ARG K 344 120.13 -55.07 81.58
C ARG K 344 119.24 -54.45 82.67
N LEU K 345 118.82 -55.21 83.66
CA LEU K 345 117.87 -54.70 84.63
C LEU K 345 118.57 -53.72 85.57
N PRO K 346 117.85 -52.70 86.06
CA PRO K 346 118.48 -51.72 86.96
C PRO K 346 119.12 -52.33 88.19
N ARG K 347 118.68 -53.51 88.64
CA ARG K 347 119.25 -54.15 89.82
C ARG K 347 120.46 -55.02 89.51
N ALA K 348 120.81 -55.19 88.23
CA ALA K 348 121.95 -56.03 87.87
C ALA K 348 123.25 -55.25 87.82
N VAL K 349 123.21 -53.95 88.06
CA VAL K 349 124.38 -53.10 87.88
C VAL K 349 125.29 -53.18 89.10
N PHE K 350 126.59 -53.28 88.85
CA PHE K 350 127.57 -53.24 89.93
C PHE K 350 127.60 -51.85 90.56
N GLN K 351 127.63 -51.81 91.89
CA GLN K 351 127.68 -50.55 92.60
C GLN K 351 128.95 -50.46 93.43
N PRO K 352 129.43 -49.24 93.72
CA PRO K 352 130.57 -49.10 94.63
C PRO K 352 130.22 -49.55 96.04
N ASP K 353 131.20 -50.17 96.70
CA ASP K 353 131.10 -50.47 98.12
C ASP K 353 131.51 -49.23 98.91
N LEU K 354 130.58 -48.70 99.70
CA LEU K 354 130.82 -47.41 100.35
C LEU K 354 131.76 -47.55 101.55
N VAL K 355 131.88 -48.75 102.10
CA VAL K 355 132.67 -49.00 103.31
C VAL K 355 133.69 -50.08 103.00
N GLY K 356 134.96 -49.73 103.08
CA GLY K 356 136.03 -50.66 102.74
C GLY K 356 136.95 -50.12 101.67
N ASP K 357 137.62 -51.02 100.96
CA ASP K 357 138.54 -50.59 99.90
C ASP K 357 137.78 -49.88 98.79
N THR K 358 138.45 -48.91 98.16
CA THR K 358 137.81 -48.12 97.13
C THR K 358 137.59 -48.88 95.84
N ARG K 359 138.23 -50.03 95.67
CA ARG K 359 138.10 -50.84 94.45
C ARG K 359 137.20 -52.05 94.65
N ASN K 360 136.25 -51.97 95.57
CA ASN K 360 135.30 -53.04 95.80
C ASN K 360 133.97 -52.70 95.15
N ALA K 361 133.46 -53.60 94.33
CA ALA K 361 132.17 -53.46 93.69
C ALA K 361 131.19 -54.44 94.31
N VAL K 362 130.01 -53.97 94.68
CA VAL K 362 128.99 -54.78 95.32
C VAL K 362 127.79 -54.86 94.39
N ILE K 363 127.30 -56.08 94.15
CA ILE K 363 126.09 -56.33 93.41
C ILE K 363 124.98 -56.63 94.41
N ARG K 364 123.84 -55.97 94.25
CA ARG K 364 122.68 -56.20 95.09
C ARG K 364 121.47 -56.34 94.16
N PHE K 365 121.18 -57.57 93.75
CA PHE K 365 120.09 -57.85 92.82
C PHE K 365 118.88 -58.35 93.60
N ASP K 366 117.85 -57.53 93.67
CA ASP K 366 116.60 -57.87 94.34
C ASP K 366 115.46 -57.71 93.35
N SER K 367 114.81 -58.83 93.01
CA SER K 367 113.77 -58.82 91.99
C SER K 367 112.63 -59.73 92.41
N ASP K 368 111.41 -59.23 92.35
CA ASP K 368 110.22 -60.01 92.64
C ASP K 368 109.49 -60.44 91.37
N ASP K 369 110.10 -60.24 90.20
CA ASP K 369 109.41 -60.34 88.92
C ASP K 369 110.12 -61.29 87.96
N LEU K 370 110.50 -62.46 88.44
CA LEU K 370 111.03 -63.50 87.55
C LEU K 370 109.88 -64.42 87.14
N VAL K 371 109.55 -64.40 85.86
CA VAL K 371 108.33 -65.04 85.38
C VAL K 371 108.61 -66.49 85.00
N VAL K 372 107.77 -67.40 85.50
CA VAL K 372 107.71 -68.77 85.03
C VAL K 372 106.30 -69.03 84.55
N SER K 373 106.14 -69.33 83.27
CA SER K 373 104.82 -69.50 82.69
C SER K 373 104.81 -70.60 81.64
N GLY K 374 103.64 -70.87 81.07
CA GLY K 374 103.53 -71.95 80.10
C GLY K 374 104.46 -71.79 78.91
N ASP K 375 104.77 -70.56 78.54
CA ASP K 375 105.69 -70.30 77.43
C ASP K 375 107.15 -70.43 77.84
N THR K 376 107.44 -70.69 79.11
CA THR K 376 108.81 -70.83 79.57
C THR K 376 109.36 -72.21 79.20
N THR K 377 110.66 -72.26 78.91
CA THR K 377 111.36 -73.52 78.74
C THR K 377 112.57 -73.58 79.68
N PHE K 378 113.01 -74.80 79.96
CA PHE K 378 114.16 -75.02 80.82
C PHE K 378 115.45 -74.86 79.99
N ILE K 379 116.59 -75.00 80.66
CA ILE K 379 117.88 -74.82 79.97
C ILE K 379 118.03 -75.79 78.81
N ASP K 380 117.39 -76.95 78.91
CA ASP K 380 117.48 -77.97 77.87
C ASP K 380 116.37 -77.86 76.83
N GLY K 381 115.54 -76.82 76.90
CA GLY K 381 114.49 -76.62 75.93
C GLY K 381 113.16 -77.26 76.27
N SER K 382 113.12 -78.11 77.29
CA SER K 382 111.87 -78.77 77.65
C SER K 382 110.95 -77.81 78.40
N ALA K 383 109.68 -78.18 78.48
CA ALA K 383 108.68 -77.44 79.24
C ALA K 383 107.79 -78.40 80.02
N ASP K 384 108.39 -79.41 80.63
CA ASP K 384 107.65 -80.42 81.39
C ASP K 384 107.54 -80.00 82.85
N GLY K 385 106.87 -80.85 83.63
CA GLY K 385 106.82 -80.66 85.07
C GLY K 385 106.06 -79.43 85.49
N VAL K 386 106.70 -78.56 86.26
CA VAL K 386 106.01 -77.39 86.82
C VAL K 386 105.44 -76.53 85.71
N ILE K 387 106.22 -76.29 84.65
CA ILE K 387 105.78 -75.41 83.58
C ILE K 387 104.56 -76.01 82.87
N ASN K 388 104.60 -77.32 82.60
CA ASN K 388 103.46 -77.96 81.96
C ASN K 388 102.18 -77.75 82.75
N ASP K 389 102.24 -77.89 84.07
CA ASP K 389 101.05 -77.69 84.90
C ASP K 389 100.63 -76.23 84.91
N LEU K 390 101.61 -75.31 84.90
CA LEU K 390 101.29 -73.90 84.76
C LEU K 390 100.60 -73.61 83.44
N LYS K 391 101.06 -74.25 82.36
CA LYS K 391 100.45 -74.04 81.06
C LYS K 391 98.99 -74.49 81.04
N THR K 392 98.71 -75.70 81.52
CA THR K 392 97.34 -76.22 81.46
C THR K 392 96.42 -75.53 82.46
N ALA K 393 96.95 -74.95 83.52
CA ALA K 393 96.16 -74.17 84.46
C ALA K 393 96.06 -72.70 84.08
N LYS K 394 96.71 -72.28 83.00
CA LYS K 394 96.76 -70.87 82.60
C LYS K 394 97.29 -69.98 83.72
N LEU K 395 98.33 -70.45 84.41
CA LEU K 395 98.93 -69.71 85.51
C LEU K 395 100.37 -69.34 85.19
N SER K 396 100.86 -68.33 85.89
CA SER K 396 102.27 -67.96 85.86
C SER K 396 102.73 -67.64 87.28
N LEU K 397 104.01 -67.91 87.55
CA LEU K 397 104.61 -67.61 88.83
C LEU K 397 105.48 -66.38 88.72
N ARG K 398 105.46 -65.54 89.76
CA ARG K 398 106.40 -64.43 89.88
C ARG K 398 107.33 -64.73 91.05
N LEU K 399 108.57 -65.11 90.74
CA LEU K 399 109.52 -65.54 91.75
C LEU K 399 110.26 -64.34 92.32
N SER K 400 110.68 -64.46 93.58
CA SER K 400 111.44 -63.44 94.28
C SER K 400 112.81 -64.01 94.61
N VAL K 401 113.86 -63.42 94.03
CA VAL K 401 115.22 -63.91 94.20
C VAL K 401 116.08 -62.77 94.73
N GLY K 402 117.08 -63.14 95.53
CA GLY K 402 118.03 -62.17 96.02
C GLY K 402 119.46 -62.64 95.84
N PHE K 403 120.24 -61.92 95.05
CA PHE K 403 121.62 -62.30 94.79
C PHE K 403 122.52 -61.09 95.07
N GLY K 404 123.59 -61.32 95.81
CA GLY K 404 124.52 -60.26 96.12
C GLY K 404 125.93 -60.79 96.21
N GLY K 405 126.89 -59.86 96.26
CA GLY K 405 128.28 -60.24 96.40
C GLY K 405 129.19 -59.06 96.24
N THR K 406 130.43 -59.23 96.64
CA THR K 406 131.46 -58.20 96.58
C THR K 406 132.60 -58.71 95.70
N ILE K 407 133.06 -57.87 94.78
CA ILE K 407 134.17 -58.19 93.90
C ILE K 407 135.29 -57.20 94.17
N SER K 408 136.49 -57.70 94.44
CA SER K 408 137.68 -56.88 94.55
C SER K 408 138.21 -56.61 93.14
N LEU K 409 138.03 -55.38 92.67
CA LEU K 409 138.35 -55.05 91.28
C LEU K 409 139.85 -54.98 91.00
N SER K 410 140.69 -54.94 92.03
CA SER K 410 142.13 -54.90 91.84
C SER K 410 142.81 -56.23 92.13
N LYS K 411 142.28 -57.02 93.05
CA LYS K 411 142.88 -58.28 93.42
C LYS K 411 142.17 -59.49 92.81
N GLY K 412 140.87 -59.40 92.59
CA GLY K 412 140.10 -60.50 92.05
C GLY K 412 139.32 -61.31 93.06
N ASP K 413 139.62 -61.18 94.35
CA ASP K 413 138.87 -61.88 95.38
C ASP K 413 137.39 -61.48 95.31
N SER K 414 136.51 -62.48 95.35
CA SER K 414 135.09 -62.22 95.30
C SER K 414 134.35 -63.21 96.18
N LYS K 415 133.22 -62.76 96.72
CA LYS K 415 132.33 -63.62 97.50
C LYS K 415 130.90 -63.32 97.11
N PHE K 416 130.15 -64.36 96.74
CA PHE K 416 128.79 -64.22 96.26
C PHE K 416 127.85 -65.03 97.14
N GLY K 417 126.63 -64.53 97.31
CA GLY K 417 125.63 -65.25 98.08
C GLY K 417 124.23 -65.08 97.52
N ALA K 418 123.35 -66.04 97.79
CA ALA K 418 121.98 -66.02 97.31
C ALA K 418 121.02 -66.28 98.47
N THR K 419 119.97 -65.47 98.54
CA THR K 419 118.98 -65.63 99.59
C THR K 419 117.96 -66.69 99.17
N ASP K 420 117.11 -67.09 100.12
CA ASP K 420 116.02 -68.01 99.82
C ASP K 420 115.12 -67.43 98.75
N THR K 421 114.68 -68.30 97.83
CA THR K 421 113.81 -67.90 96.73
C THR K 421 112.36 -68.24 97.09
N TYR K 422 111.46 -67.29 96.86
CA TYR K 422 110.06 -67.43 97.18
C TYR K 422 109.21 -67.22 95.95
N VAL K 423 108.01 -67.80 95.96
CA VAL K 423 106.99 -67.47 94.97
C VAL K 423 106.19 -66.29 95.52
N ASP K 424 106.38 -65.11 94.93
CA ASP K 424 105.74 -63.92 95.45
C ASP K 424 104.25 -63.88 95.10
N LYS K 425 103.92 -64.14 93.84
CA LYS K 425 102.53 -64.12 93.40
C LYS K 425 102.32 -65.24 92.40
N VAL K 426 101.07 -65.73 92.35
CA VAL K 426 100.61 -66.63 91.29
C VAL K 426 99.48 -65.92 90.55
N LEU K 427 99.70 -65.63 89.28
CA LEU K 427 98.76 -64.86 88.48
C LEU K 427 98.09 -65.75 87.44
N ASN K 428 96.84 -65.44 87.12
CA ASN K 428 96.11 -66.07 86.04
C ASN K 428 96.32 -65.26 84.75
N GLU K 429 95.67 -65.69 83.68
CA GLU K 429 95.88 -65.04 82.38
C GLU K 429 95.36 -63.62 82.37
N ASP K 430 94.50 -63.26 83.32
CA ASP K 430 93.96 -61.92 83.39
C ASP K 430 94.80 -60.97 84.24
N GLY K 431 95.90 -61.45 84.81
CA GLY K 431 96.72 -60.65 85.68
C GLY K 431 96.28 -60.64 87.14
N GLN K 432 95.26 -61.40 87.49
CA GLN K 432 94.76 -61.41 88.86
C GLN K 432 95.62 -62.34 89.73
N VAL K 433 95.79 -61.94 90.98
CA VAL K 433 96.64 -62.68 91.92
C VAL K 433 95.73 -63.68 92.61
N MET K 434 95.99 -64.97 92.40
CA MET K 434 95.17 -65.98 93.01
C MET K 434 95.68 -66.33 94.41
N ASP K 435 94.78 -66.88 95.24
CA ASP K 435 95.18 -67.42 96.52
C ASP K 435 95.98 -68.71 96.35
N ASN K 436 96.83 -68.99 97.34
CA ASN K 436 97.65 -70.19 97.33
C ASN K 436 96.94 -71.41 97.89
N ALA K 437 95.74 -71.24 98.45
CA ALA K 437 94.94 -72.36 98.92
C ALA K 437 94.14 -73.02 97.81
N ASP K 438 94.10 -72.42 96.63
CA ASP K 438 93.36 -73.00 95.52
C ASP K 438 93.94 -74.36 95.17
N PRO K 439 93.12 -75.42 95.07
CA PRO K 439 93.69 -76.75 94.75
C PRO K 439 94.60 -76.75 93.55
N ALA K 440 94.30 -75.94 92.52
CA ALA K 440 95.14 -75.93 91.33
C ALA K 440 96.47 -75.25 91.61
N VAL K 441 96.45 -74.15 92.37
CA VAL K 441 97.68 -73.42 92.66
C VAL K 441 98.56 -74.21 93.63
N LYS K 442 97.95 -74.76 94.68
CA LYS K 442 98.71 -75.54 95.66
C LYS K 442 99.36 -76.75 95.00
N ALA K 443 98.62 -77.47 94.14
CA ALA K 443 99.16 -78.66 93.52
C ALA K 443 100.46 -78.35 92.76
N ILE K 444 100.55 -77.14 92.20
CA ILE K 444 101.78 -76.73 91.52
C ILE K 444 102.84 -76.31 92.53
N LEU K 445 102.45 -75.50 93.52
CA LEU K 445 103.41 -75.01 94.50
C LEU K 445 104.03 -76.15 95.30
N ASP K 446 103.28 -77.23 95.53
CA ASP K 446 103.82 -78.37 96.25
C ASP K 446 104.98 -79.02 95.51
N GLN K 447 105.16 -78.71 94.23
CA GLN K 447 106.27 -79.27 93.46
C GLN K 447 107.55 -78.45 93.62
N LEU K 448 107.46 -77.26 94.20
CA LEU K 448 108.60 -76.37 94.34
C LEU K 448 109.26 -76.48 95.71
N THR K 449 109.68 -77.69 96.06
CA THR K 449 110.40 -77.89 97.32
C THR K 449 111.87 -77.58 97.20
N ASP K 450 112.39 -77.50 95.98
CA ASP K 450 113.80 -77.20 95.73
C ASP K 450 113.99 -75.79 95.17
N LEU K 451 113.01 -74.92 95.41
CA LEU K 451 113.04 -73.57 94.85
C LEU K 451 114.25 -72.82 95.40
N ALA K 452 115.25 -72.61 94.54
CA ALA K 452 116.46 -71.91 94.96
C ALA K 452 117.21 -71.43 93.72
N VAL K 453 118.04 -70.42 93.93
CA VAL K 453 119.06 -70.03 92.95
C VAL K 453 120.27 -70.94 93.14
N ILE K 454 120.71 -71.57 92.05
CA ILE K 454 121.84 -72.49 92.11
C ILE K 454 123.11 -71.92 91.49
N GLY K 455 123.01 -70.99 90.54
CA GLY K 455 124.19 -70.42 89.93
C GLY K 455 123.89 -69.12 89.24
N PHE K 456 124.95 -68.50 88.71
CA PHE K 456 124.85 -67.18 88.10
C PHE K 456 125.96 -67.01 87.08
N GLU K 457 125.77 -66.03 86.21
CA GLU K 457 126.81 -65.60 85.28
C GLU K 457 126.90 -64.09 85.33
N LEU K 458 128.12 -63.56 85.22
CA LEU K 458 128.36 -62.13 85.26
C LEU K 458 128.76 -61.62 83.89
N ASP K 459 128.28 -60.43 83.54
CA ASP K 459 128.69 -59.74 82.32
C ASP K 459 129.92 -58.88 82.61
N THR K 460 130.97 -59.55 83.06
CA THR K 460 132.19 -58.90 83.51
C THR K 460 133.22 -58.90 82.38
N ARG K 461 134.01 -57.83 82.33
CA ARG K 461 135.09 -57.70 81.37
C ARG K 461 136.33 -57.15 82.05
N PHE K 462 137.49 -57.44 81.49
CA PHE K 462 138.72 -56.85 81.96
C PHE K 462 138.86 -55.42 81.47
N THR K 463 139.53 -54.59 82.25
CA THR K 463 139.91 -53.26 81.83
C THR K 463 141.32 -53.32 81.28
N ASN K 464 141.47 -53.07 79.98
CA ASN K 464 142.74 -53.26 79.31
C ASN K 464 143.65 -52.04 79.47
N THR K 465 143.98 -51.74 80.72
CA THR K 465 145.09 -50.82 80.98
C THR K 465 146.39 -51.43 80.51
N ASN K 466 146.58 -52.72 80.76
CA ASN K 466 147.62 -53.50 80.11
C ASN K 466 147.07 -54.11 78.84
N ARG K 467 147.94 -54.32 77.85
CA ARG K 467 147.50 -54.83 76.55
C ARG K 467 147.34 -56.35 76.60
N ARG K 468 146.42 -56.77 77.45
CA ARG K 468 146.17 -58.21 77.60
C ARG K 468 145.56 -58.80 76.33
N GLN K 469 144.71 -58.03 75.65
CA GLN K 469 144.03 -58.49 74.44
C GLN K 469 144.34 -57.52 73.30
N ARG K 470 144.50 -58.06 72.09
CA ARG K 470 144.70 -57.23 70.92
C ARG K 470 143.40 -56.82 70.25
N GLY K 471 142.33 -57.58 70.44
CA GLY K 471 141.12 -57.35 69.68
C GLY K 471 141.27 -57.71 68.21
N HIS K 472 140.47 -57.05 67.39
CA HIS K 472 140.56 -57.22 65.95
C HIS K 472 141.75 -56.45 65.38
N LEU K 473 142.33 -56.99 64.31
CA LEU K 473 143.43 -56.30 63.64
C LEU K 473 142.90 -55.38 62.55
N LEU K 474 143.71 -54.39 62.19
CA LEU K 474 143.35 -53.39 61.20
C LEU K 474 144.60 -53.05 60.40
N GLN K 475 144.58 -53.33 59.11
CA GLN K 475 145.76 -53.16 58.25
C GLN K 475 145.37 -52.51 56.95
N THR K 476 146.36 -51.90 56.31
CA THR K 476 146.18 -51.19 55.05
C THR K 476 146.55 -52.11 53.90
N ARG K 477 145.75 -52.09 52.83
CA ARG K 477 146.04 -52.81 51.60
C ARG K 477 145.85 -51.89 50.41
N ALA K 478 146.43 -52.27 49.28
CA ALA K 478 146.26 -51.53 48.03
C ALA K 478 146.19 -52.48 46.86
N LEU K 479 145.35 -52.13 45.89
CA LEU K 479 145.21 -52.87 44.64
C LEU K 479 145.62 -51.98 43.48
N GLN K 480 146.11 -52.59 42.40
CA GLN K 480 146.49 -51.87 41.21
C GLN K 480 145.71 -52.38 40.01
N PHE K 481 145.20 -51.46 39.20
CA PHE K 481 144.55 -51.75 37.94
C PHE K 481 145.28 -51.02 36.81
N ARG K 482 145.68 -51.76 35.79
CA ARG K 482 146.44 -51.22 34.67
C ARG K 482 145.56 -51.13 33.44
N HIS K 483 145.50 -49.94 32.82
CA HIS K 483 144.65 -49.68 31.66
C HIS K 483 145.47 -49.09 30.53
N PRO K 484 146.17 -49.92 29.75
CA PRO K 484 146.88 -49.38 28.58
C PRO K 484 145.92 -48.94 27.48
N ILE K 485 146.30 -47.88 26.80
CA ILE K 485 145.46 -47.24 25.79
C ILE K 485 145.82 -47.81 24.42
N PRO K 486 144.89 -48.43 23.70
CA PRO K 486 145.17 -48.91 22.35
C PRO K 486 145.08 -47.80 21.31
N MET K 487 145.73 -48.04 20.18
CA MET K 487 145.63 -47.21 18.99
C MET K 487 144.60 -47.82 18.05
N HIS K 488 143.77 -46.97 17.45
CA HIS K 488 142.68 -47.43 16.61
C HIS K 488 143.01 -47.18 15.14
N ALA K 489 142.26 -47.84 14.25
CA ALA K 489 142.51 -47.73 12.83
C ALA K 489 142.30 -46.30 12.35
N PRO K 490 143.07 -45.86 11.35
CA PRO K 490 142.96 -44.48 10.87
C PRO K 490 141.75 -44.23 9.98
N VAL K 491 141.40 -42.95 9.85
CA VAL K 491 140.55 -42.46 8.78
C VAL K 491 141.35 -41.41 8.02
N THR K 492 141.26 -41.44 6.69
CA THR K 492 142.11 -40.60 5.86
C THR K 492 141.28 -39.71 4.95
N LEU K 493 141.80 -38.50 4.73
CA LEU K 493 141.25 -37.55 3.76
C LEU K 493 142.34 -37.27 2.74
N PRO K 494 142.33 -37.97 1.60
CA PRO K 494 143.33 -37.72 0.57
C PRO K 494 143.18 -36.33 -0.02
N MET K 495 144.31 -35.72 -0.37
CA MET K 495 144.34 -34.48 -1.12
C MET K 495 145.34 -34.61 -2.25
N ASP K 496 145.08 -33.90 -3.34
CA ASP K 496 146.11 -33.72 -4.35
C ASP K 496 147.29 -32.96 -3.75
N THR K 497 148.50 -33.46 -3.99
CA THR K 497 149.70 -32.87 -3.40
C THR K 497 149.95 -31.45 -3.90
N MET K 498 149.45 -31.09 -5.09
CA MET K 498 149.67 -29.74 -5.63
C MET K 498 148.53 -28.88 -5.13
N THR K 499 148.44 -28.69 -3.82
CA THR K 499 147.34 -27.93 -3.20
C THR K 499 148.00 -27.03 -2.16
N ASP K 500 147.74 -25.73 -2.24
CA ASP K 500 148.24 -24.78 -1.22
C ASP K 500 147.30 -24.64 -0.04
N GLU K 501 146.05 -25.07 -0.19
CA GLU K 501 145.06 -24.93 0.87
C GLU K 501 145.53 -25.55 2.17
N GLY K 502 145.48 -24.79 3.27
CA GLY K 502 145.84 -25.33 4.56
C GLY K 502 144.72 -26.23 5.03
N PRO K 503 145.03 -27.30 5.81
CA PRO K 503 143.95 -28.22 6.23
C PRO K 503 143.06 -27.70 7.34
N GLY K 504 142.41 -26.55 7.16
CA GLY K 504 141.58 -26.01 8.21
C GLY K 504 140.41 -26.92 8.35
N GLU K 505 139.60 -27.21 7.34
CA GLU K 505 138.41 -28.04 7.27
C GLU K 505 138.76 -29.51 7.21
N VAL K 506 140.01 -29.87 6.89
CA VAL K 506 140.36 -31.29 6.83
C VAL K 506 140.37 -31.74 8.26
N VAL K 507 141.02 -30.98 9.12
CA VAL K 507 141.13 -31.36 10.51
C VAL K 507 139.73 -31.43 11.11
N LYS K 508 138.87 -30.44 10.82
CA LYS K 508 137.49 -30.48 11.26
C LYS K 508 136.77 -31.73 10.81
N ALA K 509 136.85 -32.06 9.53
CA ALA K 509 136.16 -33.24 8.99
C ALA K 509 136.68 -34.51 9.67
N LEU K 510 137.99 -34.63 9.85
CA LEU K 510 138.57 -35.80 10.49
C LEU K 510 138.23 -35.85 11.98
N THR K 511 138.22 -34.68 12.64
CA THR K 511 137.92 -34.63 14.06
C THR K 511 136.49 -35.09 14.34
N VAL K 512 135.53 -34.64 13.53
CA VAL K 512 134.14 -35.04 13.75
C VAL K 512 133.97 -36.54 13.51
N ASN K 513 134.59 -37.06 12.45
CA ASN K 513 134.54 -38.50 12.20
C ASN K 513 135.08 -39.28 13.40
N THR K 514 136.18 -38.80 13.99
CA THR K 514 136.70 -39.41 15.20
C THR K 514 135.72 -39.24 16.36
N ASN K 515 135.15 -38.06 16.52
CA ASN K 515 134.18 -37.81 17.59
C ASN K 515 133.09 -38.87 17.58
N ILE K 516 132.54 -39.15 16.40
CA ILE K 516 131.47 -40.15 16.30
C ILE K 516 132.01 -41.53 16.67
N ARG K 517 133.20 -41.86 16.17
CA ARG K 517 133.78 -43.16 16.51
C ARG K 517 134.02 -43.30 18.02
N ASN K 518 134.46 -42.22 18.68
CA ASN K 518 134.66 -42.28 20.13
C ASN K 518 133.35 -42.53 20.85
N SER K 519 132.28 -41.83 20.47
CA SER K 519 131.00 -42.03 21.12
C SER K 519 130.46 -43.44 20.87
N ASN K 520 130.66 -43.95 19.64
CA ASN K 520 130.22 -45.31 19.33
C ASN K 520 130.97 -46.34 20.17
N ASN K 521 132.27 -46.12 20.38
CA ASN K 521 133.04 -47.04 21.22
C ASN K 521 132.55 -46.99 22.67
N ALA K 522 132.14 -45.81 23.13
CA ALA K 522 131.56 -45.72 24.47
C ALA K 522 130.33 -46.59 24.61
N VAL K 523 129.50 -46.64 23.56
CA VAL K 523 128.28 -47.47 23.62
C VAL K 523 128.65 -48.95 23.62
N LYS K 524 129.57 -49.36 22.75
CA LYS K 524 130.00 -50.75 22.71
C LYS K 524 130.64 -51.17 24.03
N ARG K 525 131.48 -50.30 24.59
CA ARG K 525 132.12 -50.60 25.87
C ARG K 525 131.09 -50.70 26.98
N MET K 526 130.12 -49.79 27.01
CA MET K 526 129.07 -49.85 28.03
C MET K 526 128.29 -51.16 27.93
N LEU K 527 127.84 -51.52 26.73
CA LEU K 527 126.96 -52.68 26.60
C LEU K 527 127.72 -53.97 26.85
N ASN K 528 128.99 -54.03 26.44
CA ASN K 528 129.81 -55.20 26.72
C ASN K 528 130.09 -55.32 28.22
N TYR K 529 130.25 -54.18 28.90
CA TYR K 529 130.41 -54.22 30.36
C TYR K 529 129.14 -54.73 31.03
N LEU K 530 127.97 -54.30 30.58
CA LEU K 530 126.73 -54.77 31.17
C LEU K 530 126.60 -56.28 31.03
N ALA K 531 126.98 -56.82 29.87
CA ALA K 531 126.96 -58.27 29.69
C ALA K 531 127.88 -58.96 30.69
N GLN K 532 129.02 -58.34 31.00
CA GLN K 532 129.95 -58.92 31.98
C GLN K 532 129.35 -58.90 33.37
N LEU K 533 128.64 -57.82 33.73
CA LEU K 533 127.93 -57.77 35.00
C LEU K 533 126.86 -58.86 35.07
N ARG K 534 126.13 -59.08 33.98
CA ARG K 534 125.11 -60.11 33.97
C ARG K 534 125.70 -61.45 34.42
N GLU K 535 126.82 -61.84 33.83
CA GLU K 535 127.41 -63.14 34.15
C GLU K 535 127.94 -63.19 35.57
N VAL K 536 128.62 -62.14 36.01
CA VAL K 536 129.24 -62.15 37.34
C VAL K 536 128.17 -62.17 38.43
N VAL K 537 127.15 -61.33 38.31
CA VAL K 537 126.15 -61.24 39.36
C VAL K 537 125.19 -62.43 39.31
N HIS K 538 124.96 -62.99 38.12
CA HIS K 538 124.18 -64.22 38.05
C HIS K 538 124.83 -65.32 38.87
N ASN K 539 126.15 -65.44 38.80
CA ASN K 539 126.88 -66.41 39.59
C ASN K 539 127.05 -65.91 41.03
N GLY K 540 127.70 -66.72 41.84
CA GLY K 540 127.75 -66.43 43.27
C GLY K 540 128.83 -65.42 43.63
N TYR K 541 128.66 -64.18 43.18
CA TYR K 541 129.60 -63.11 43.46
C TYR K 541 128.82 -61.88 43.92
N ASN K 542 128.62 -61.78 45.23
CA ASN K 542 127.91 -60.64 45.82
C ASN K 542 128.77 -59.92 46.86
N ARG K 543 130.08 -60.05 46.78
CA ARG K 543 131.02 -59.43 47.71
C ARG K 543 132.15 -58.78 46.93
N PRO K 544 132.75 -57.72 47.47
CA PRO K 544 133.91 -57.11 46.80
C PRO K 544 135.08 -58.09 46.73
N LYS K 545 135.76 -58.10 45.59
CA LYS K 545 136.89 -58.98 45.38
C LYS K 545 137.65 -58.53 44.14
N PHE K 546 138.97 -58.54 44.22
CA PHE K 546 139.81 -58.21 43.07
C PHE K 546 139.77 -59.33 42.04
N GLY K 547 139.72 -58.94 40.76
CA GLY K 547 139.84 -59.88 39.67
C GLY K 547 138.53 -60.42 39.11
N ILE K 548 137.39 -60.02 39.68
CA ILE K 548 136.13 -60.57 39.19
C ILE K 548 135.67 -59.85 37.92
N ILE K 549 135.82 -58.53 37.89
CA ILE K 549 135.30 -57.71 36.80
C ILE K 549 136.13 -56.44 36.71
N GLU K 550 136.16 -55.84 35.52
CA GLU K 550 136.75 -54.52 35.36
C GLU K 550 136.05 -53.51 36.25
N GLY K 551 136.84 -52.65 36.88
CA GLY K 551 136.31 -51.60 37.73
C GLY K 551 137.11 -51.47 39.00
N ALA K 552 137.70 -50.29 39.20
CA ALA K 552 138.56 -50.09 40.36
C ALA K 552 137.80 -50.29 41.66
N LEU K 553 136.49 -50.08 41.66
CA LEU K 553 135.70 -50.16 42.87
C LEU K 553 135.09 -51.53 43.10
N SER K 554 135.44 -52.51 42.26
CA SER K 554 134.92 -53.86 42.46
C SER K 554 135.44 -54.49 43.75
N ALA K 555 136.43 -53.88 44.38
CA ALA K 555 136.95 -54.36 45.66
C ALA K 555 136.49 -53.54 46.85
N VAL K 556 135.62 -52.54 46.64
CA VAL K 556 135.15 -51.71 47.75
C VAL K 556 133.64 -51.83 47.89
N MET K 557 132.95 -52.19 46.81
CA MET K 557 131.50 -52.35 46.84
C MET K 557 131.12 -53.68 46.22
N ARG K 558 129.92 -54.14 46.56
CA ARG K 558 129.44 -55.41 46.03
C ARG K 558 128.95 -55.24 44.60
N PRO K 559 129.35 -56.10 43.67
CA PRO K 559 128.82 -56.02 42.30
C PRO K 559 127.33 -56.29 42.30
N THR K 560 126.60 -55.43 41.60
CA THR K 560 125.13 -55.51 41.59
C THR K 560 124.62 -55.29 40.17
N TYR K 561 123.73 -56.16 39.72
CA TYR K 561 123.13 -56.05 38.40
C TYR K 561 121.72 -56.60 38.47
N ARG K 562 120.75 -55.83 37.98
CA ARG K 562 119.35 -56.24 37.94
C ARG K 562 118.80 -56.00 36.54
N TYR K 563 118.27 -57.03 35.93
CA TYR K 563 117.71 -56.97 34.59
C TYR K 563 116.20 -57.19 34.66
N LYS K 564 115.43 -56.24 34.11
CA LYS K 564 113.98 -56.34 34.12
C LYS K 564 113.47 -55.98 32.73
N GLU K 565 112.59 -56.82 32.19
CA GLU K 565 112.00 -56.59 30.88
C GLU K 565 110.66 -55.88 31.08
N LEU K 566 110.64 -54.56 30.85
CA LEU K 566 109.46 -53.75 31.12
C LEU K 566 108.52 -53.80 29.91
N ASP K 567 107.90 -54.96 29.73
CA ASP K 567 106.90 -55.14 28.68
C ASP K 567 105.63 -54.45 29.15
N LEU K 568 105.38 -53.25 28.64
CA LEU K 568 104.39 -52.37 29.25
C LEU K 568 102.99 -52.97 29.24
N GLU K 569 102.69 -53.89 28.32
CA GLU K 569 101.39 -54.52 28.33
C GLU K 569 101.15 -55.31 29.62
N LYS K 570 102.22 -55.65 30.35
CA LYS K 570 102.11 -56.37 31.61
C LYS K 570 102.46 -55.52 32.82
N VAL K 571 102.65 -54.22 32.63
CA VAL K 571 103.06 -53.35 33.73
C VAL K 571 102.03 -52.26 33.97
N ILE K 572 101.51 -51.67 32.90
CA ILE K 572 100.60 -50.54 33.02
C ILE K 572 99.20 -51.05 33.35
N ASP K 573 98.53 -50.35 34.28
CA ASP K 573 97.12 -50.59 34.56
C ASP K 573 96.45 -49.24 34.79
N THR K 574 95.52 -48.89 33.91
CA THR K 574 94.78 -47.63 33.98
C THR K 574 93.32 -47.85 33.60
N ILE K 575 92.54 -46.78 33.73
CA ILE K 575 91.10 -46.82 33.51
C ILE K 575 90.65 -45.75 32.53
N LYS K 576 91.39 -44.65 32.42
CA LYS K 576 91.07 -43.56 31.52
C LYS K 576 92.24 -43.31 30.57
N SER K 577 91.92 -42.95 29.33
CA SER K 577 92.96 -42.77 28.31
C SER K 577 93.65 -41.42 28.44
N LYS K 578 92.97 -40.41 28.97
CA LYS K 578 93.60 -39.10 29.12
C LYS K 578 94.73 -39.13 30.13
N ASP K 579 94.80 -40.17 30.95
CA ASP K 579 95.91 -40.39 31.87
C ASP K 579 96.97 -41.28 31.29
N ARG K 580 96.81 -41.74 30.05
CA ARG K 580 97.69 -42.77 29.49
C ARG K 580 99.13 -42.29 29.43
N TRP K 581 99.35 -41.02 29.10
CA TRP K 581 100.71 -40.50 29.02
C TRP K 581 101.40 -40.57 30.37
N ASP K 582 100.72 -40.11 31.42
CA ASP K 582 101.30 -40.14 32.75
C ASP K 582 101.45 -41.56 33.25
N ASP K 583 100.53 -42.45 32.86
CA ASP K 583 100.60 -43.83 33.33
C ASP K 583 101.76 -44.57 32.67
N VAL K 584 102.01 -44.33 31.38
CA VAL K 584 103.18 -44.91 30.74
C VAL K 584 104.47 -44.37 31.36
N CYS K 585 104.55 -43.05 31.54
CA CYS K 585 105.75 -42.46 32.12
C CYS K 585 105.97 -42.95 33.54
N ALA K 586 104.90 -42.97 34.34
CA ALA K 586 105.01 -43.44 35.71
C ALA K 586 105.32 -44.92 35.77
N ALA K 587 104.74 -45.73 34.90
CA ALA K 587 105.04 -47.17 34.93
C ALA K 587 106.51 -47.44 34.73
N ILE K 588 107.17 -46.71 33.82
CA ILE K 588 108.60 -46.92 33.62
C ILE K 588 109.36 -46.44 34.83
N LEU K 589 109.06 -45.22 35.30
CA LEU K 589 109.81 -44.65 36.41
C LEU K 589 109.61 -45.44 37.70
N ASN K 590 108.38 -45.87 37.96
CA ASN K 590 108.09 -46.63 39.17
C ASN K 590 108.79 -47.99 39.16
N CYS K 591 108.86 -48.64 38.00
CA CYS K 591 109.61 -49.88 37.93
C CYS K 591 111.10 -49.65 38.18
N VAL K 592 111.64 -48.54 37.69
CA VAL K 592 113.04 -48.23 37.99
C VAL K 592 113.24 -48.04 39.49
N LYS K 593 112.35 -47.27 40.13
CA LYS K 593 112.42 -47.08 41.58
C LYS K 593 112.34 -48.41 42.32
N ALA K 594 111.43 -49.27 41.90
CA ALA K 594 111.25 -50.57 42.56
C ALA K 594 112.53 -51.40 42.52
N GLU K 595 113.24 -51.38 41.40
CA GLU K 595 114.47 -52.16 41.29
C GLU K 595 115.71 -51.38 41.72
N LEU K 596 115.65 -50.05 41.75
CA LEU K 596 116.78 -49.22 42.12
C LEU K 596 117.04 -49.19 43.62
N PHE K 597 116.01 -48.93 44.43
CA PHE K 597 116.22 -48.79 45.87
C PHE K 597 116.87 -50.02 46.50
N PRO K 598 116.42 -51.26 46.23
CA PRO K 598 117.11 -52.42 46.81
C PRO K 598 118.50 -52.61 46.27
N ALA K 599 118.77 -52.18 45.04
CA ALA K 599 120.13 -52.25 44.50
C ALA K 599 121.03 -51.22 45.16
N HIS K 600 120.51 -50.01 45.40
CA HIS K 600 121.27 -49.03 46.16
C HIS K 600 121.60 -49.53 47.57
N ARG K 601 120.63 -50.13 48.26
CA ARG K 601 120.91 -50.68 49.58
C ARG K 601 121.88 -51.85 49.51
N ASP K 602 121.54 -52.88 48.72
CA ASP K 602 122.27 -54.14 48.79
C ASP K 602 123.66 -54.04 48.19
N SER K 603 123.87 -53.12 47.24
CA SER K 603 125.19 -52.97 46.65
C SER K 603 126.21 -52.35 47.60
N ASN K 604 125.77 -51.72 48.69
CA ASN K 604 126.64 -50.96 49.57
C ASN K 604 127.39 -49.87 48.81
N ILE K 605 126.73 -49.24 47.84
CA ILE K 605 127.40 -48.22 47.05
C ILE K 605 127.58 -46.93 47.84
N GLU K 606 126.60 -46.60 48.70
CA GLU K 606 126.68 -45.35 49.45
C GLU K 606 127.90 -45.34 50.36
N ALA K 607 128.18 -46.46 51.03
CA ALA K 607 129.36 -46.53 51.88
C ALA K 607 130.64 -46.35 51.07
N ALA K 608 130.72 -46.99 49.91
CA ALA K 608 131.91 -46.86 49.08
C ALA K 608 132.13 -45.43 48.65
N PHE K 609 131.06 -44.73 48.25
CA PHE K 609 131.20 -43.36 47.79
C PHE K 609 131.65 -42.45 48.93
N ARG K 610 131.08 -42.62 50.12
CA ARG K 610 131.42 -41.76 51.24
C ARG K 610 132.88 -41.91 51.62
N VAL K 611 133.39 -43.14 51.66
CA VAL K 611 134.78 -43.37 52.04
C VAL K 611 135.73 -42.76 51.01
N ILE K 612 135.45 -42.98 49.72
CA ILE K 612 136.35 -42.49 48.69
C ILE K 612 136.31 -40.97 48.58
N SER K 613 135.11 -40.39 48.61
CA SER K 613 135.00 -38.95 48.47
C SER K 613 135.38 -38.20 49.74
N GLY K 614 135.24 -38.82 50.90
CA GLY K 614 135.56 -38.17 52.15
C GLY K 614 134.41 -37.42 52.78
N ASN K 615 133.22 -37.45 52.18
CA ASN K 615 132.04 -36.80 52.71
C ASN K 615 131.15 -37.84 53.37
N GLN K 616 130.56 -37.48 54.51
CA GLN K 616 129.73 -38.40 55.27
C GLN K 616 128.30 -38.49 54.77
N ASP K 617 127.88 -37.60 53.87
CA ASP K 617 126.50 -37.58 53.39
C ASP K 617 126.39 -37.52 51.88
N GLU K 618 127.47 -37.82 51.15
CA GLU K 618 127.45 -37.79 49.70
C GLU K 618 126.95 -39.12 49.15
N THR K 619 126.05 -39.04 48.18
CA THR K 619 125.46 -40.21 47.55
C THR K 619 125.63 -40.11 46.04
N PRO K 620 125.61 -41.28 45.34
CA PRO K 620 125.63 -41.17 43.88
C PRO K 620 124.41 -40.51 43.32
N MET K 621 124.53 -39.89 42.15
CA MET K 621 123.42 -39.31 41.42
C MET K 621 123.30 -40.26 40.27
N TYR K 622 122.12 -40.82 40.04
CA TYR K 622 121.98 -41.84 39.00
C TYR K 622 121.66 -41.25 37.64
N LEU K 623 122.07 -41.93 36.56
CA LEU K 623 121.80 -41.46 35.21
C LEU K 623 120.91 -42.44 34.46
N PHE K 624 119.84 -41.98 33.84
CA PHE K 624 118.96 -42.82 33.03
C PHE K 624 119.47 -42.83 31.57
N CYS K 625 120.19 -43.86 31.14
CA CYS K 625 120.83 -43.93 29.83
C CYS K 625 119.90 -44.65 28.88
N SER K 626 119.37 -43.91 27.89
CA SER K 626 118.35 -44.45 27.00
C SER K 626 118.48 -43.76 25.65
N ASP K 627 117.72 -44.27 24.68
CA ASP K 627 117.67 -43.67 23.35
C ASP K 627 116.68 -42.50 23.36
N LYS K 628 116.44 -41.94 22.18
CA LYS K 628 115.60 -40.75 22.07
C LYS K 628 114.12 -41.09 21.94
N GLU K 629 113.75 -42.37 21.84
CA GLU K 629 112.35 -42.75 21.93
C GLU K 629 111.90 -42.89 23.38
N ILE K 630 112.75 -43.49 24.23
CA ILE K 630 112.41 -43.66 25.64
C ILE K 630 112.68 -42.38 26.42
N ALA K 631 113.80 -41.70 26.15
CA ALA K 631 114.15 -40.51 26.93
C ALA K 631 113.01 -39.52 26.79
N ASN K 632 112.27 -39.58 25.69
CA ASN K 632 111.12 -38.70 25.59
C ASN K 632 110.15 -38.95 26.73
N TYR K 633 109.84 -40.21 27.01
CA TYR K 633 108.82 -40.49 28.02
C TYR K 633 109.17 -39.89 29.37
N LEU K 634 110.38 -40.13 29.84
CA LEU K 634 110.81 -39.53 31.09
C LEU K 634 110.35 -38.09 31.13
N MET K 635 109.26 -37.80 31.85
CA MET K 635 108.73 -36.45 31.89
C MET K 635 109.72 -35.34 32.18
N THR K 636 110.61 -35.58 33.15
CA THR K 636 111.55 -34.54 33.59
C THR K 636 110.86 -33.26 34.05
N LYS K 637 109.53 -33.30 34.17
CA LYS K 637 108.77 -32.13 34.59
C LYS K 637 109.54 -31.23 35.55
N GLY K 638 109.67 -29.96 35.20
CA GLY K 638 110.39 -29.03 36.05
C GLY K 638 111.66 -29.66 36.58
N ASP K 639 111.70 -29.91 37.89
CA ASP K 639 112.87 -30.53 38.49
C ASP K 639 112.59 -32.02 38.41
N ASP K 640 111.79 -32.55 39.33
CA ASP K 640 111.40 -33.94 39.25
C ASP K 640 112.60 -34.72 38.96
N ARG K 641 113.66 -34.38 39.67
CA ARG K 641 114.84 -35.12 39.49
C ARG K 641 114.88 -36.03 40.69
N THR K 642 113.85 -36.08 41.53
CA THR K 642 113.95 -36.95 42.68
C THR K 642 113.48 -38.39 42.69
N LEU K 643 114.36 -39.33 43.04
CA LEU K 643 113.99 -40.74 43.04
C LEU K 643 113.15 -41.05 44.26
N GLY K 644 113.40 -40.36 45.36
CA GLY K 644 112.70 -40.67 46.58
C GLY K 644 113.10 -39.72 47.69
N ALA K 645 113.42 -40.26 48.87
CA ALA K 645 113.89 -39.42 49.97
C ALA K 645 115.23 -38.67 49.95
N TYR K 646 116.18 -39.17 49.16
CA TYR K 646 117.53 -38.59 49.16
C TYR K 646 118.38 -38.71 47.88
N LEU K 647 117.89 -39.34 46.80
CA LEU K 647 118.69 -39.53 45.58
C LEU K 647 118.14 -38.71 44.45
N LYS K 648 119.01 -38.23 43.54
CA LYS K 648 118.59 -37.50 42.36
C LYS K 648 118.96 -38.31 41.12
N TYR K 649 118.30 -38.02 40.01
CA TYR K 649 118.65 -38.64 38.74
C TYR K 649 118.71 -37.59 37.64
N ASP K 650 119.42 -37.92 36.57
CA ASP K 650 119.51 -37.07 35.39
C ASP K 650 119.30 -37.95 34.16
N ILE K 651 118.95 -37.31 33.05
CA ILE K 651 118.57 -38.00 31.82
C ILE K 651 119.62 -37.72 30.75
N VAL K 652 120.11 -38.80 30.12
CA VAL K 652 121.00 -38.70 28.98
C VAL K 652 120.46 -39.57 27.86
N SER K 653 120.41 -39.02 26.65
CA SER K 653 119.82 -39.68 25.49
C SER K 653 120.90 -39.96 24.46
N THR K 654 120.72 -41.04 23.69
CA THR K 654 121.57 -41.34 22.56
C THR K 654 120.70 -41.69 21.36
N ASN K 655 121.27 -41.55 20.17
CA ASN K 655 120.63 -42.00 18.94
C ASN K 655 121.27 -43.26 18.38
N ASN K 656 122.14 -43.91 19.15
CA ASN K 656 122.86 -45.07 18.64
C ASN K 656 121.91 -46.23 18.42
N GLN K 657 122.12 -46.95 17.32
CA GLN K 657 121.28 -48.09 17.00
C GLN K 657 121.32 -49.17 18.07
N LEU K 658 122.41 -49.25 18.85
CA LEU K 658 122.55 -50.30 19.84
C LEU K 658 121.69 -50.09 21.08
N PHE K 659 121.05 -48.92 21.20
CA PHE K 659 120.10 -48.65 22.28
C PHE K 659 118.66 -48.68 21.79
N ASP K 660 118.33 -49.63 20.90
CA ASP K 660 117.04 -49.57 20.22
C ASP K 660 115.87 -49.63 21.20
N GLY K 661 116.04 -50.31 22.33
CA GLY K 661 115.00 -50.36 23.33
C GLY K 661 115.49 -50.47 24.75
N LYS K 662 116.63 -49.87 25.06
CA LYS K 662 117.28 -50.05 26.35
C LYS K 662 117.23 -48.78 27.18
N LEU K 663 116.98 -48.95 28.47
CA LEU K 663 117.23 -47.93 29.49
C LEU K 663 118.11 -48.54 30.56
N VAL K 664 119.28 -47.96 30.79
CA VAL K 664 120.25 -48.45 31.76
C VAL K 664 120.51 -47.33 32.77
N VAL K 665 120.35 -47.64 34.06
CA VAL K 665 120.54 -46.68 35.13
C VAL K 665 121.90 -46.96 35.77
N ILE K 666 122.75 -45.95 35.81
CA ILE K 666 124.09 -46.09 36.38
C ILE K 666 124.35 -44.96 37.36
N PRO K 667 125.06 -45.20 38.45
CA PRO K 667 125.44 -44.12 39.36
C PRO K 667 126.63 -43.32 38.84
N THR K 668 126.62 -42.02 39.15
CA THR K 668 127.83 -41.22 39.04
C THR K 668 127.87 -40.25 40.20
N ARG K 669 129.05 -39.68 40.44
CA ARG K 669 129.20 -38.67 41.47
C ARG K 669 128.37 -37.43 41.11
N ALA K 670 127.63 -36.92 42.10
CA ALA K 670 126.74 -35.79 41.84
C ALA K 670 127.50 -34.59 41.30
N VAL K 671 128.73 -34.39 41.78
CA VAL K 671 129.60 -33.31 41.30
C VAL K 671 130.80 -33.93 40.59
N GLN K 672 131.07 -33.47 39.37
CA GLN K 672 132.17 -34.04 38.62
C GLN K 672 133.49 -33.36 38.99
N GLN K 673 134.56 -34.15 38.94
CA GLN K 673 135.91 -33.65 39.14
C GLN K 673 136.83 -34.27 38.09
N GLU K 674 138.09 -33.88 38.09
CA GLU K 674 139.03 -34.32 37.07
C GLU K 674 139.64 -35.65 37.49
N ASN K 675 139.58 -36.63 36.59
CA ASN K 675 140.09 -37.97 36.85
C ASN K 675 139.45 -38.56 38.11
N ASP K 676 138.14 -38.36 38.20
CA ASP K 676 137.39 -38.80 39.39
C ASP K 676 137.01 -40.27 39.24
N ILE K 677 137.54 -41.10 40.14
CA ILE K 677 137.28 -42.53 40.06
C ILE K 677 135.80 -42.85 40.27
N LEU K 678 135.06 -41.96 40.94
CA LEU K 678 133.67 -42.23 41.27
C LEU K 678 132.73 -42.06 40.09
N SER K 679 133.21 -41.65 38.93
CA SER K 679 132.39 -41.69 37.73
C SER K 679 132.21 -43.14 37.29
N TRP K 680 131.00 -43.47 36.82
CA TRP K 680 130.72 -44.85 36.43
C TRP K 680 131.80 -45.38 35.50
N GLY K 681 132.23 -44.57 34.53
CA GLY K 681 133.39 -44.88 33.73
C GLY K 681 134.18 -43.63 33.45
N GLN K 682 135.31 -43.82 32.76
CA GLN K 682 136.14 -42.70 32.34
C GLN K 682 136.55 -42.90 30.89
N PHE K 683 136.75 -41.77 30.20
CA PHE K 683 137.26 -41.75 28.83
C PHE K 683 138.68 -41.21 28.88
N PHE K 684 139.65 -42.11 28.78
CA PHE K 684 141.05 -41.71 28.85
C PHE K 684 141.52 -41.35 27.46
N TYR K 685 141.67 -40.05 27.21
CA TYR K 685 141.83 -39.50 25.88
C TYR K 685 143.24 -38.96 25.70
N VAL K 686 143.84 -39.28 24.56
CA VAL K 686 145.09 -38.68 24.12
C VAL K 686 144.80 -37.97 22.81
N SER K 687 145.30 -36.75 22.68
CA SER K 687 145.04 -35.95 21.49
C SER K 687 145.16 -36.79 20.23
N THR K 688 144.10 -36.79 19.42
CA THR K 688 144.07 -37.57 18.19
C THR K 688 145.22 -37.16 17.29
N VAL K 689 145.96 -38.15 16.78
CA VAL K 689 147.12 -37.85 15.95
C VAL K 689 146.65 -37.52 14.54
N ILE K 690 147.08 -36.37 14.03
CA ILE K 690 146.80 -35.94 12.67
C ILE K 690 148.12 -35.91 11.93
N ALA K 691 148.32 -36.87 11.02
CA ALA K 691 149.61 -37.10 10.38
C ALA K 691 149.46 -36.86 8.89
N ASP K 692 150.22 -35.91 8.36
CA ASP K 692 150.11 -35.43 6.99
C ASP K 692 151.37 -35.78 6.20
N LEU K 693 151.29 -36.87 5.44
CA LEU K 693 152.44 -37.41 4.75
C LEU K 693 152.16 -37.57 3.26
N PRO K 694 153.07 -37.13 2.39
CA PRO K 694 152.89 -37.37 0.95
C PRO K 694 153.21 -38.79 0.55
N ILE K 695 152.35 -39.74 0.94
CA ILE K 695 152.65 -41.15 0.75
C ILE K 695 152.58 -41.51 -0.73
N THR K 696 153.56 -42.24 -1.21
CA THR K 696 153.65 -42.69 -2.60
C THR K 696 153.03 -44.06 -2.77
N ARG K 697 151.79 -44.23 -2.29
CA ARG K 697 151.17 -45.54 -2.21
C ARG K 697 150.97 -46.15 -3.59
N GLY K 698 151.38 -47.40 -3.74
CA GLY K 698 151.25 -48.13 -4.97
C GLY K 698 152.49 -48.09 -5.85
N GLY K 699 153.40 -47.17 -5.58
CA GLY K 699 154.63 -47.05 -6.34
C GLY K 699 154.52 -46.24 -7.61
N HIS K 700 153.33 -45.76 -7.97
CA HIS K 700 153.17 -45.02 -9.21
C HIS K 700 152.46 -43.68 -9.06
N GLN K 701 151.75 -43.43 -7.96
CA GLN K 701 151.05 -42.18 -7.75
C GLN K 701 151.28 -41.70 -6.33
N VAL K 702 151.56 -40.40 -6.17
CA VAL K 702 151.76 -39.79 -4.86
C VAL K 702 150.50 -39.03 -4.48
N THR K 703 150.03 -39.25 -3.25
CA THR K 703 148.82 -38.63 -2.74
C THR K 703 149.09 -38.07 -1.35
N ARG K 704 148.54 -36.90 -1.07
CA ARG K 704 148.67 -36.30 0.24
C ARG K 704 147.63 -36.90 1.18
N GLU K 705 148.07 -37.78 2.08
CA GLU K 705 147.18 -38.54 2.93
C GLU K 705 147.23 -37.95 4.34
N ILE K 706 146.19 -37.21 4.71
CA ILE K 706 146.06 -36.65 6.04
C ILE K 706 145.20 -37.59 6.86
N ALA K 707 145.83 -38.36 7.74
CA ALA K 707 145.15 -39.40 8.51
C ALA K 707 144.92 -38.95 9.93
N ALA K 708 143.78 -39.33 10.49
CA ALA K 708 143.50 -39.14 11.91
C ALA K 708 143.50 -40.50 12.59
N ILE K 709 144.32 -40.63 13.63
CA ILE K 709 144.47 -41.91 14.32
C ILE K 709 143.94 -41.75 15.75
N PRO K 710 142.75 -42.26 16.05
CA PRO K 710 142.26 -42.20 17.42
C PRO K 710 143.13 -42.99 18.38
N PHE K 711 143.32 -42.42 19.57
CA PHE K 711 144.18 -42.99 20.61
C PHE K 711 143.53 -42.69 21.96
N ASN K 712 142.70 -43.61 22.42
CA ASN K 712 141.92 -43.39 23.64
C ASN K 712 141.39 -44.73 24.13
N LEU K 713 140.90 -44.72 25.37
CA LEU K 713 140.37 -45.92 25.99
C LEU K 713 139.19 -45.55 26.89
N HIS K 714 138.12 -46.35 26.80
CA HIS K 714 136.99 -46.26 27.71
C HIS K 714 137.16 -47.31 28.80
N VAL K 715 137.06 -46.89 30.05
CA VAL K 715 137.25 -47.75 31.21
C VAL K 715 136.04 -47.62 32.13
N ASN K 716 135.58 -48.73 32.69
CA ASN K 716 134.49 -48.76 33.65
C ASN K 716 135.07 -48.83 35.06
N ASN K 717 134.49 -48.06 35.97
CA ASN K 717 134.94 -48.05 37.35
C ASN K 717 134.00 -48.75 38.32
N ILE K 718 132.70 -48.64 38.12
CA ILE K 718 131.72 -49.07 39.11
C ILE K 718 130.98 -50.29 38.56
N PRO K 719 131.09 -51.46 39.20
CA PRO K 719 130.35 -52.65 38.75
C PRO K 719 128.89 -52.64 39.19
N PHE K 720 128.13 -51.65 38.73
CA PHE K 720 126.73 -51.47 39.10
C PHE K 720 125.97 -51.00 37.87
N ALA K 721 124.84 -51.64 37.60
CA ALA K 721 123.96 -51.21 36.53
C ALA K 721 122.58 -51.81 36.75
N LEU K 722 121.55 -51.06 36.35
CA LEU K 722 120.19 -51.56 36.26
C LEU K 722 119.73 -51.47 34.81
N GLU K 723 119.51 -52.62 34.19
CA GLU K 723 119.22 -52.69 32.76
C GLU K 723 117.74 -52.99 32.57
N PHE K 724 117.05 -52.10 31.86
CA PHE K 724 115.62 -52.22 31.62
C PHE K 724 115.38 -52.31 30.11
N LYS K 725 114.62 -53.30 29.71
CA LYS K 725 114.23 -53.48 28.31
C LYS K 725 112.77 -53.02 28.20
N ILE K 726 112.55 -51.91 27.50
CA ILE K 726 111.25 -51.27 27.47
C ILE K 726 110.65 -51.44 26.08
N THR K 727 109.53 -52.16 26.02
CA THR K 727 108.87 -52.46 24.75
C THR K 727 107.38 -52.25 24.93
N GLY K 728 106.68 -52.09 23.81
CA GLY K 728 105.23 -52.12 23.82
C GLY K 728 104.58 -50.74 23.82
N PHE K 729 105.37 -49.70 23.58
CA PHE K 729 104.83 -48.34 23.57
C PHE K 729 103.59 -48.27 22.67
N GLN K 730 103.68 -48.84 21.48
CA GLN K 730 102.59 -48.72 20.53
C GLN K 730 101.39 -49.56 20.96
N LYS K 731 101.66 -50.68 21.65
CA LYS K 731 100.58 -51.58 22.05
C LYS K 731 99.77 -50.99 23.20
N VAL K 732 100.41 -50.24 24.10
CA VAL K 732 99.69 -49.70 25.25
C VAL K 732 99.10 -48.33 24.93
N MET K 733 99.74 -47.56 24.04
CA MET K 733 99.16 -46.26 23.70
C MET K 733 98.22 -46.36 22.49
N GLY K 734 98.50 -47.27 21.55
CA GLY K 734 97.72 -47.32 20.33
C GLY K 734 96.53 -48.25 20.36
N GLU K 735 96.27 -48.90 21.50
CA GLU K 735 95.18 -49.85 21.63
C GLU K 735 94.45 -49.62 22.95
N THR K 736 93.18 -50.03 22.97
CA THR K 736 92.40 -50.08 24.19
C THR K 736 93.00 -51.07 25.19
N GLN K 737 93.07 -50.65 26.45
CA GLN K 737 93.58 -51.49 27.53
C GLN K 737 92.51 -51.89 28.54
N PHE K 738 91.82 -50.90 29.13
CA PHE K 738 90.90 -51.19 30.21
C PHE K 738 89.60 -51.80 29.69
N ASN K 739 88.89 -51.04 28.85
CA ASN K 739 87.64 -51.55 28.29
C ASN K 739 87.87 -52.73 27.36
N GLY K 740 89.03 -52.79 26.70
CA GLY K 740 89.31 -53.93 25.84
C GLY K 740 89.37 -55.24 26.61
N LYS K 741 90.02 -55.22 27.77
CA LYS K 741 90.07 -56.40 28.62
C LYS K 741 88.70 -56.79 29.17
N LEU K 742 87.86 -55.79 29.49
CA LEU K 742 86.49 -56.09 29.89
C LEU K 742 85.69 -56.70 28.75
N ALA K 743 85.94 -56.28 27.52
CA ALA K 743 85.22 -56.81 26.36
C ALA K 743 85.42 -58.30 26.17
N ASP K 744 86.53 -58.85 26.67
CA ASP K 744 86.78 -60.28 26.51
C ASP K 744 85.99 -61.15 27.48
N LEU K 745 85.34 -60.54 28.47
CA LEU K 745 84.64 -61.28 29.52
C LEU K 745 83.22 -61.66 29.10
N LYS K 746 83.10 -62.32 27.96
CA LYS K 746 81.79 -62.73 27.48
C LYS K 746 81.39 -64.05 28.13
N PRO K 747 80.19 -64.13 28.72
CA PRO K 747 79.73 -65.34 29.40
C PRO K 747 79.07 -66.32 28.44
N ASN L 164 163.90 -50.64 17.54
CA ASN L 164 162.52 -50.34 17.89
C ASN L 164 161.94 -49.28 16.97
N TYR L 165 161.36 -49.71 15.85
CA TYR L 165 160.70 -48.75 14.95
C TYR L 165 159.59 -48.02 15.67
N ASN L 166 158.77 -48.75 16.43
CA ASN L 166 157.65 -48.18 17.17
C ASN L 166 158.00 -48.17 18.65
N GLU L 167 158.12 -46.98 19.21
CA GLU L 167 158.41 -46.81 20.64
C GLU L 167 157.15 -46.22 21.26
N LYS L 168 156.25 -47.11 21.69
CA LYS L 168 154.98 -46.73 22.28
C LYS L 168 154.98 -47.10 23.75
N SER L 169 154.60 -46.14 24.59
CA SER L 169 154.71 -46.30 26.03
C SER L 169 154.02 -47.58 26.50
N GLN L 170 154.71 -48.36 27.32
CA GLN L 170 154.19 -49.63 27.80
C GLN L 170 154.19 -49.72 29.31
N ARG L 171 155.14 -49.05 29.96
CA ARG L 171 155.29 -49.14 31.41
C ARG L 171 155.17 -47.81 32.13
N ASP L 172 155.56 -46.70 31.50
CA ASP L 172 155.58 -45.41 32.18
C ASP L 172 154.18 -44.76 32.14
N PHE L 173 153.25 -45.42 32.81
CA PHE L 173 151.86 -44.96 32.82
C PHE L 173 151.66 -43.92 33.91
N ARG L 174 150.63 -43.10 33.75
CA ARG L 174 150.22 -42.21 34.81
C ARG L 174 149.66 -43.02 35.97
N VAL L 175 150.09 -42.70 37.18
CA VAL L 175 149.61 -43.36 38.39
C VAL L 175 148.73 -42.38 39.15
N VAL L 176 147.48 -42.75 39.37
CA VAL L 176 146.52 -41.95 40.12
C VAL L 176 146.16 -42.69 41.39
N THR L 177 146.22 -42.00 42.52
CA THR L 177 145.94 -42.59 43.82
C THR L 177 144.52 -42.25 44.23
N ILE L 178 143.73 -43.28 44.53
CA ILE L 178 142.36 -43.10 44.99
C ILE L 178 142.40 -42.86 46.50
N GLY L 179 141.75 -41.79 47.00
CA GLY L 179 141.73 -41.51 48.42
C GLY L 179 140.96 -42.53 49.24
N TYR L 180 141.40 -42.80 50.47
CA TYR L 180 140.69 -43.74 51.37
C TYR L 180 140.39 -43.24 52.79
N ASN L 181 141.13 -42.26 53.31
CA ASN L 181 140.91 -41.80 54.69
C ASN L 181 139.57 -41.10 54.83
N LEU L 182 138.92 -41.29 55.98
CA LEU L 182 137.60 -40.71 56.22
C LEU L 182 137.62 -40.19 57.64
N ALA L 183 136.84 -39.12 57.95
CA ALA L 183 136.70 -38.66 59.32
C ALA L 183 135.22 -38.80 59.68
N ALA L 184 134.81 -40.02 60.03
CA ALA L 184 133.42 -40.30 60.35
C ALA L 184 133.03 -39.60 61.63
N SER L 185 131.74 -39.30 61.79
CA SER L 185 131.24 -38.50 62.90
C SER L 185 130.69 -39.41 63.98
N ARG L 186 131.55 -39.81 64.92
CA ARG L 186 131.20 -40.72 66.02
C ARG L 186 130.19 -41.74 65.49
N GLN L 187 129.07 -41.94 66.16
CA GLN L 187 128.06 -42.85 65.64
C GLN L 187 127.27 -42.17 64.53
N ASP L 188 126.79 -42.97 63.57
CA ASP L 188 126.15 -42.42 62.39
C ASP L 188 124.93 -41.59 62.76
N GLU L 189 124.53 -40.71 61.83
CA GLU L 189 123.38 -39.85 62.06
C GLU L 189 122.13 -40.66 62.42
N PHE L 190 122.00 -41.86 61.83
CA PHE L 190 120.92 -42.77 62.21
C PHE L 190 120.97 -43.08 63.70
N ALA L 191 122.12 -43.54 64.19
CA ALA L 191 122.27 -43.82 65.61
C ALA L 191 122.20 -42.55 66.45
N GLU L 192 122.66 -41.42 65.91
CA GLU L 192 122.69 -40.19 66.69
C GLU L 192 121.28 -39.67 66.94
N ARG L 193 120.42 -39.74 65.92
CA ARG L 193 119.03 -39.32 66.10
C ARG L 193 118.32 -40.22 67.11
N ILE L 194 118.70 -41.49 67.17
CA ILE L 194 118.04 -42.40 68.11
C ILE L 194 118.69 -42.31 69.49
N TYR L 195 120.01 -42.26 69.54
CA TYR L 195 120.76 -42.21 70.79
C TYR L 195 121.58 -40.94 70.82
N PRO L 196 120.98 -39.77 71.11
CA PRO L 196 121.76 -38.53 71.10
C PRO L 196 122.97 -38.63 72.02
N THR L 197 124.07 -38.07 71.56
CA THR L 197 125.34 -38.19 72.27
C THR L 197 125.40 -37.16 73.40
N THR L 198 125.77 -37.61 74.59
CA THR L 198 126.10 -36.74 75.71
C THR L 198 127.54 -36.98 76.10
N VAL L 199 128.31 -35.89 76.24
CA VAL L 199 129.73 -35.98 76.49
C VAL L 199 129.96 -36.14 77.99
N ILE L 200 130.61 -37.23 78.38
CA ILE L 200 130.88 -37.54 79.78
C ILE L 200 132.38 -37.47 80.00
N ASN L 201 132.79 -36.88 81.13
CA ASN L 201 134.20 -36.78 81.43
C ASN L 201 134.77 -38.14 81.83
N PRO L 202 135.98 -38.48 81.38
CA PRO L 202 136.58 -39.75 81.81
C PRO L 202 136.62 -39.92 83.32
N ILE L 203 136.68 -38.82 84.07
CA ILE L 203 136.72 -38.93 85.53
C ILE L 203 135.37 -39.37 86.07
N GLU L 204 134.29 -39.09 85.34
CA GLU L 204 132.97 -39.44 85.83
C GLU L 204 132.66 -40.90 85.53
N GLY L 205 132.85 -41.33 84.29
CA GLY L 205 132.75 -42.74 83.93
C GLY L 205 131.37 -43.34 84.09
N GLY L 206 130.33 -42.52 84.13
CA GLY L 206 128.98 -43.01 84.35
C GLY L 206 128.06 -41.88 84.74
N VAL L 207 126.77 -42.21 84.73
CA VAL L 207 125.72 -41.25 85.07
C VAL L 207 124.73 -41.91 86.01
N VAL L 208 123.99 -41.09 86.74
CA VAL L 208 122.91 -41.54 87.59
C VAL L 208 121.65 -40.77 87.22
N GLN L 209 120.54 -41.49 87.06
CA GLN L 209 119.25 -40.89 86.75
C GLN L 209 118.37 -40.98 88.00
N VAL L 210 118.03 -39.83 88.56
CA VAL L 210 117.24 -39.77 89.77
C VAL L 210 115.81 -39.37 89.40
N LEU L 211 114.85 -40.23 89.74
CA LEU L 211 113.46 -40.07 89.33
C LEU L 211 112.59 -39.84 90.56
N PRO L 212 112.35 -38.58 90.93
CA PRO L 212 111.38 -38.29 91.99
C PRO L 212 109.95 -38.48 91.48
N TYR L 213 109.06 -38.81 92.41
CA TYR L 213 107.64 -38.77 92.10
C TYR L 213 106.85 -38.83 93.40
N ILE L 214 105.54 -38.60 93.27
CA ILE L 214 104.60 -38.70 94.37
C ILE L 214 103.84 -40.00 94.21
N ALA L 215 103.86 -40.85 95.23
CA ALA L 215 103.29 -42.18 95.16
C ALA L 215 101.91 -42.18 95.81
N VAL L 216 100.96 -42.87 95.18
CA VAL L 216 99.66 -43.12 95.79
C VAL L 216 99.73 -44.49 96.47
N MET L 217 99.67 -44.48 97.79
CA MET L 217 99.79 -45.71 98.56
C MET L 217 98.47 -46.02 99.27
N LYS L 218 98.45 -47.19 99.90
CA LYS L 218 97.25 -47.73 100.53
C LYS L 218 97.47 -47.72 102.03
N ASP L 219 96.43 -47.37 102.79
CA ASP L 219 96.53 -47.25 104.23
C ASP L 219 96.57 -48.66 104.85
N VAL L 220 97.76 -49.12 105.21
CA VAL L 220 97.99 -50.51 105.59
C VAL L 220 98.76 -50.53 106.91
N TYR L 221 98.31 -51.36 107.83
CA TYR L 221 99.03 -51.59 109.07
C TYR L 221 100.03 -52.73 108.89
N HIS L 222 101.07 -52.73 109.72
CA HIS L 222 102.08 -53.77 109.69
C HIS L 222 101.58 -54.99 110.43
N GLU L 223 101.48 -56.13 109.75
CA GLU L 223 100.96 -57.35 110.34
C GLU L 223 102.03 -58.02 111.20
N VAL L 224 101.58 -58.86 112.13
CA VAL L 224 102.51 -59.55 113.02
C VAL L 224 103.40 -60.50 112.26
N SER L 225 102.83 -61.29 111.33
CA SER L 225 103.64 -62.18 110.53
C SER L 225 104.59 -61.39 109.63
N GLY L 226 104.07 -60.34 109.00
CA GLY L 226 104.87 -59.34 108.32
C GLY L 226 105.93 -59.82 107.35
N VAL L 227 105.54 -60.66 106.39
CA VAL L 227 106.47 -61.03 105.32
C VAL L 227 106.87 -59.79 104.53
N LYS L 228 105.90 -58.94 104.21
CA LYS L 228 106.14 -57.62 103.64
C LYS L 228 104.91 -56.77 103.86
N MET L 229 105.08 -55.46 103.76
CA MET L 229 103.95 -54.55 103.87
C MET L 229 103.17 -54.55 102.56
N ASP L 230 101.93 -55.04 102.61
CA ASP L 230 101.10 -55.19 101.40
C ASP L 230 100.48 -53.84 101.03
N ASN L 231 101.34 -52.91 100.64
CA ASN L 231 100.97 -51.53 100.35
C ASN L 231 101.11 -51.34 98.85
N GLU L 232 99.98 -51.27 98.14
CA GLU L 232 100.01 -51.18 96.68
C GLU L 232 100.34 -49.76 96.27
N GLU L 233 101.63 -49.46 96.20
CA GLU L 233 102.10 -48.15 95.81
C GLU L 233 102.15 -48.06 94.29
N VAL L 234 101.58 -46.99 93.75
CA VAL L 234 101.59 -46.72 92.32
C VAL L 234 101.94 -45.26 92.10
N ASN L 235 102.70 -45.00 91.05
CA ASN L 235 103.05 -43.62 90.71
C ASN L 235 101.80 -42.83 90.37
N MET L 236 101.72 -41.62 90.94
CA MET L 236 100.56 -40.76 90.68
C MET L 236 100.33 -40.54 89.20
N VAL L 237 101.38 -40.68 88.36
CA VAL L 237 101.23 -40.45 86.93
C VAL L 237 100.21 -41.41 86.33
N GLU L 238 100.17 -42.64 86.86
CA GLU L 238 99.26 -43.65 86.34
C GLU L 238 97.80 -43.22 86.40
N ALA L 239 97.47 -42.31 87.32
CA ALA L 239 96.08 -41.88 87.48
C ALA L 239 95.55 -41.18 86.23
N TYR L 240 96.42 -40.72 85.33
CA TYR L 240 95.94 -40.05 84.13
C TYR L 240 95.33 -41.04 83.14
N ARG L 241 95.83 -42.28 83.14
CA ARG L 241 95.31 -43.30 82.23
C ARG L 241 94.29 -44.20 82.90
N ASP L 242 94.51 -44.55 84.18
CA ASP L 242 93.63 -45.44 84.93
C ASP L 242 93.33 -44.79 86.27
N PRO L 243 92.40 -43.84 86.31
CA PRO L 243 92.11 -43.12 87.55
C PRO L 243 91.56 -44.00 88.66
N SER L 244 91.17 -45.24 88.36
CA SER L 244 90.60 -46.11 89.38
C SER L 244 91.55 -46.38 90.53
N ILE L 245 92.86 -46.17 90.33
CA ILE L 245 93.80 -46.33 91.43
C ILE L 245 93.54 -45.31 92.54
N LEU L 246 92.74 -44.28 92.27
CA LEU L 246 92.39 -43.29 93.28
C LEU L 246 91.06 -43.56 93.95
N ASP L 247 90.32 -44.60 93.53
CA ASP L 247 89.01 -44.83 94.10
C ASP L 247 89.10 -45.09 95.60
N ASP L 248 88.19 -44.46 96.35
CA ASP L 248 88.22 -44.57 97.81
C ASP L 248 86.78 -44.56 98.31
N GLU L 249 86.33 -45.71 98.81
CA GLU L 249 85.01 -45.87 99.39
C GLU L 249 85.08 -46.13 100.88
N SER L 250 86.19 -45.74 101.53
CA SER L 250 86.40 -46.08 102.92
C SER L 250 85.36 -45.46 103.82
N ILE L 251 84.62 -44.44 103.34
CA ILE L 251 83.61 -43.78 104.15
C ILE L 251 82.22 -44.39 103.95
N ALA L 252 82.08 -45.39 103.08
CA ALA L 252 80.78 -45.98 102.84
C ALA L 252 80.26 -46.65 104.11
N LEU L 253 78.95 -46.51 104.34
CA LEU L 253 78.31 -47.12 105.50
C LEU L 253 77.71 -48.44 105.05
N ILE L 254 78.56 -49.46 105.00
CA ILE L 254 78.21 -50.75 104.42
C ILE L 254 77.81 -51.69 105.57
N PRO L 255 76.55 -52.11 105.66
CA PRO L 255 76.17 -53.08 106.70
C PRO L 255 77.04 -54.33 106.63
N ALA L 256 77.52 -54.75 107.80
CA ALA L 256 78.44 -55.85 107.90
C ALA L 256 77.93 -56.90 108.87
N LEU L 257 78.30 -58.16 108.61
CA LEU L 257 77.86 -59.29 109.40
C LEU L 257 78.88 -59.53 110.52
N ASP L 258 78.40 -59.61 111.75
CA ASP L 258 79.27 -59.94 112.86
C ASP L 258 79.78 -61.37 112.72
N PRO L 259 81.09 -61.59 112.68
CA PRO L 259 81.59 -62.98 112.61
C PRO L 259 81.00 -63.88 113.70
N ALA L 260 80.59 -63.29 114.82
CA ALA L 260 79.99 -64.08 115.88
C ALA L 260 78.53 -64.40 115.63
N GLY L 261 77.92 -63.81 114.60
CA GLY L 261 76.52 -64.05 114.31
C GLY L 261 75.55 -63.29 115.17
N SER L 262 76.00 -62.21 115.84
CA SER L 262 75.13 -61.50 116.76
C SER L 262 74.06 -60.69 116.03
N ASN L 263 74.36 -60.24 114.81
CA ASN L 263 73.48 -59.37 114.05
C ASN L 263 73.03 -60.03 112.74
N ALA L 264 73.05 -61.36 112.70
CA ALA L 264 72.71 -62.07 111.48
C ALA L 264 71.24 -61.94 111.12
N ASP L 265 70.39 -61.56 112.08
CA ASP L 265 68.95 -61.53 111.86
C ASP L 265 68.49 -60.25 111.15
N PHE L 266 69.40 -59.35 110.83
CA PHE L 266 69.06 -58.13 110.10
C PHE L 266 69.25 -58.28 108.60
N PHE L 267 69.75 -59.42 108.13
CA PHE L 267 70.17 -59.60 106.76
C PHE L 267 69.30 -60.63 106.05
N VAL L 268 69.31 -60.58 104.72
CA VAL L 268 68.59 -61.54 103.91
C VAL L 268 69.16 -62.94 104.15
N ASP L 269 68.25 -63.90 104.33
CA ASP L 269 68.66 -65.27 104.56
C ASP L 269 69.72 -65.68 103.54
N PRO L 270 70.89 -66.15 103.97
CA PRO L 270 71.90 -66.57 102.99
C PRO L 270 71.38 -67.52 101.93
N ALA L 271 70.34 -68.30 102.24
CA ALA L 271 69.79 -69.21 101.25
C ALA L 271 69.28 -68.46 100.03
N LEU L 272 68.81 -67.23 100.20
CA LEU L 272 68.30 -66.45 99.08
C LEU L 272 69.42 -65.64 98.44
N VAL L 273 70.22 -64.96 99.24
CA VAL L 273 71.32 -64.14 98.74
C VAL L 273 72.57 -64.41 99.58
N PRO L 274 73.47 -65.27 99.14
CA PRO L 274 74.67 -65.57 99.93
C PRO L 274 75.50 -64.32 100.17
N PRO L 275 76.06 -64.16 101.36
CA PRO L 275 76.93 -63.01 101.62
C PRO L 275 78.18 -63.05 100.76
N TYR L 276 78.76 -61.87 100.54
CA TYR L 276 79.99 -61.73 99.79
C TYR L 276 80.96 -60.84 100.56
N THR L 277 82.22 -60.88 100.14
CA THR L 277 83.32 -60.28 100.87
C THR L 277 83.79 -59.02 100.15
N ILE L 278 84.07 -57.97 100.92
CA ILE L 278 84.66 -56.74 100.42
C ILE L 278 86.00 -56.54 101.10
N LYS L 279 87.02 -56.17 100.33
CA LYS L 279 88.33 -55.82 100.85
C LYS L 279 88.49 -54.30 100.76
N ASN L 280 88.62 -53.65 101.91
CA ASN L 280 88.55 -52.19 101.97
C ASN L 280 89.86 -51.56 101.56
N GLU L 281 89.93 -50.23 101.56
CA GLU L 281 91.19 -49.54 101.32
C GLU L 281 92.24 -49.96 102.32
N GLN L 282 91.88 -50.06 103.60
CA GLN L 282 92.67 -50.86 104.51
C GLN L 282 92.47 -52.33 104.19
N ASN L 283 93.53 -53.12 104.31
CA ASN L 283 93.46 -54.49 103.83
C ASN L 283 92.55 -55.37 104.65
N LEU L 284 91.89 -54.80 105.66
CA LEU L 284 90.90 -55.53 106.44
C LEU L 284 89.67 -55.82 105.60
N THR L 285 89.17 -57.05 105.70
CA THR L 285 88.04 -57.51 104.92
C THR L 285 86.79 -57.61 105.80
N ILE L 286 85.63 -57.40 105.18
CA ILE L 286 84.34 -57.51 105.85
C ILE L 286 83.44 -58.44 105.05
N THR L 287 82.51 -59.10 105.74
CA THR L 287 81.46 -59.87 105.11
C THR L 287 80.16 -59.08 105.15
N THR L 288 79.53 -58.89 103.99
CA THR L 288 78.35 -58.05 103.86
C THR L 288 77.26 -58.78 103.10
N ALA L 289 76.03 -58.36 103.32
CA ALA L 289 74.86 -58.88 102.64
C ALA L 289 73.80 -57.80 102.61
N PRO L 290 72.83 -57.88 101.69
CA PRO L 290 71.74 -56.91 101.70
C PRO L 290 70.91 -57.03 102.97
N LEU L 291 70.36 -55.90 103.40
CA LEU L 291 69.53 -55.88 104.60
C LEU L 291 68.17 -56.51 104.30
N LYS L 292 67.62 -57.19 105.31
CA LYS L 292 66.29 -57.76 105.17
C LYS L 292 65.23 -56.68 105.08
N ALA L 293 64.28 -56.85 104.17
CA ALA L 293 63.16 -55.94 104.09
C ALA L 293 62.28 -56.08 105.33
N ASN L 294 61.66 -54.97 105.72
CA ASN L 294 60.87 -54.88 106.95
C ASN L 294 61.75 -55.13 108.16
N VAL L 295 62.82 -54.36 108.26
CA VAL L 295 63.81 -54.51 109.32
C VAL L 295 63.91 -53.19 110.09
N ARG L 296 64.09 -53.31 111.40
CA ARG L 296 64.38 -52.17 112.28
C ARG L 296 65.67 -52.46 113.01
N LEU L 297 66.66 -51.57 112.84
CA LEU L 297 67.99 -51.86 113.34
C LEU L 297 68.72 -50.56 113.64
N ASP L 298 69.82 -50.68 114.36
CA ASP L 298 70.78 -49.60 114.51
C ASP L 298 71.68 -49.64 113.28
N LEU L 299 71.41 -48.76 112.31
CA LEU L 299 72.09 -48.85 111.02
C LEU L 299 73.56 -48.52 111.15
N MET L 300 73.91 -47.52 111.96
CA MET L 300 75.30 -47.17 112.16
C MET L 300 76.04 -48.23 112.98
N GLY L 301 75.39 -48.76 114.02
CA GLY L 301 76.04 -49.74 114.87
C GLY L 301 76.33 -51.06 114.18
N ASN L 302 75.53 -51.40 113.17
CA ASN L 302 75.74 -52.61 112.38
C ASN L 302 76.55 -52.33 111.11
N SER L 303 77.13 -51.14 110.98
CA SER L 303 77.90 -50.81 109.81
C SER L 303 79.27 -51.48 109.85
N ASN L 304 79.97 -51.45 108.71
CA ASN L 304 81.32 -51.98 108.66
C ASN L 304 82.28 -51.21 109.56
N ALA L 305 81.91 -50.00 109.96
CA ALA L 305 82.81 -49.18 110.75
C ALA L 305 83.18 -49.85 112.07
N ASN L 306 82.23 -50.52 112.73
CA ASN L 306 82.52 -51.13 114.02
C ASN L 306 83.29 -52.43 113.86
N LEU L 307 82.91 -53.26 112.88
CA LEU L 307 83.55 -54.56 112.74
C LEU L 307 84.87 -54.49 112.00
N LEU L 308 85.35 -53.29 111.64
CA LEU L 308 86.56 -53.21 110.84
C LEU L 308 87.82 -53.36 111.68
N ILE L 309 88.02 -52.48 112.66
CA ILE L 309 89.26 -52.45 113.46
C ILE L 309 89.00 -52.86 114.90
N GLN L 310 88.19 -52.09 115.62
CA GLN L 310 87.75 -52.43 116.96
C GLN L 310 86.24 -52.32 117.01
N ARG L 311 85.61 -53.25 117.73
CA ARG L 311 84.15 -53.38 117.67
C ARG L 311 83.45 -52.16 118.22
N GLY L 312 84.09 -51.42 119.13
CA GLY L 312 83.40 -50.34 119.80
C GLY L 312 83.90 -48.94 119.51
N MET L 313 84.32 -48.69 118.26
CA MET L 313 84.83 -47.36 117.92
C MET L 313 83.73 -46.30 117.86
N LEU L 314 82.51 -46.68 117.50
CA LEU L 314 81.50 -45.71 117.12
C LEU L 314 81.13 -44.83 118.31
N GLU L 315 81.02 -43.53 118.04
CA GLU L 315 80.59 -42.56 119.04
C GLU L 315 79.75 -41.49 118.33
N VAL L 316 79.25 -40.54 119.12
CA VAL L 316 78.34 -39.54 118.57
C VAL L 316 79.02 -38.60 117.59
N SER L 317 80.36 -38.64 117.52
CA SER L 317 81.07 -37.78 116.57
C SER L 317 80.86 -38.21 115.12
N ASP L 318 80.38 -39.43 114.89
CA ASP L 318 80.09 -39.86 113.53
C ASP L 318 78.62 -39.64 113.21
N THR L 319 78.35 -39.22 111.96
CA THR L 319 77.01 -38.98 111.48
C THR L 319 76.88 -39.55 110.07
N ILE L 320 75.63 -39.67 109.61
CA ILE L 320 75.33 -40.15 108.25
C ILE L 320 75.15 -38.95 107.33
N ASP L 321 75.69 -39.07 106.13
CA ASP L 321 75.49 -38.03 105.12
C ASP L 321 74.04 -38.07 104.64
N PRO L 322 73.30 -36.97 104.76
CA PRO L 322 71.90 -36.99 104.29
C PRO L 322 71.74 -37.30 102.82
N ALA L 323 72.79 -37.11 102.02
CA ALA L 323 72.71 -37.33 100.58
C ALA L 323 72.90 -38.82 100.30
N GLY L 324 71.82 -39.57 100.48
CA GLY L 324 71.84 -41.00 100.29
C GLY L 324 70.79 -41.42 99.28
N ARG L 325 70.93 -42.67 98.82
CA ARG L 325 70.01 -43.22 97.83
C ARG L 325 69.76 -44.69 98.13
N LEU L 326 68.64 -45.19 97.60
CA LEU L 326 68.36 -46.62 97.60
C LEU L 326 69.12 -47.26 96.46
N LYS L 327 70.18 -48.01 96.79
CA LYS L 327 71.12 -48.46 95.78
C LYS L 327 70.61 -49.68 95.02
N ASN L 328 70.12 -50.69 95.75
CA ASN L 328 69.63 -51.90 95.11
C ASN L 328 68.37 -52.39 95.82
N LEU L 329 67.51 -53.04 95.04
CA LEU L 329 66.27 -53.64 95.54
C LEU L 329 66.23 -55.09 95.07
N PHE L 330 66.05 -56.00 96.02
CA PHE L 330 66.10 -57.43 95.75
C PHE L 330 64.70 -58.00 95.84
N VAL L 331 64.22 -58.59 94.76
CA VAL L 331 62.88 -59.17 94.68
C VAL L 331 63.00 -60.68 94.56
N LEU L 332 62.14 -61.40 95.26
CA LEU L 332 62.06 -62.85 95.13
C LEU L 332 61.12 -63.16 93.98
N LEU L 333 61.67 -63.64 92.87
CA LEU L 333 60.93 -63.89 91.64
C LEU L 333 60.80 -65.38 91.41
N GLY L 334 59.66 -65.94 91.81
CA GLY L 334 59.39 -67.35 91.55
C GLY L 334 60.34 -68.32 92.21
N GLY L 335 60.81 -67.98 93.41
CA GLY L 335 61.74 -68.83 94.14
C GLY L 335 63.20 -68.42 94.03
N LYS L 336 63.55 -67.53 93.11
CA LYS L 336 64.93 -67.07 92.96
C LYS L 336 64.95 -65.55 92.93
N VAL L 337 66.08 -65.00 93.36
CA VAL L 337 66.22 -63.57 93.64
C VAL L 337 66.74 -62.87 92.39
N VAL L 338 66.13 -61.73 92.06
CA VAL L 338 66.58 -60.86 90.98
C VAL L 338 67.00 -59.53 91.58
N LYS L 339 68.17 -59.04 91.17
CA LYS L 339 68.72 -57.80 91.68
C LYS L 339 68.39 -56.66 90.73
N PHE L 340 67.73 -55.63 91.26
CA PHE L 340 67.37 -54.44 90.50
C PHE L 340 68.24 -53.28 90.92
N LYS L 341 68.89 -52.63 89.95
CA LYS L 341 69.74 -51.47 90.22
C LYS L 341 68.89 -50.21 90.06
N VAL L 342 68.52 -49.63 91.18
CA VAL L 342 67.56 -48.53 91.21
C VAL L 342 68.20 -47.24 91.72
N ASP L 343 69.53 -47.18 91.76
CA ASP L 343 70.22 -46.12 92.51
C ASP L 343 69.94 -44.74 91.95
N ARG L 344 69.85 -44.62 90.62
CA ARG L 344 69.75 -43.31 89.98
C ARG L 344 68.32 -42.87 89.71
N LEU L 345 67.32 -43.67 90.10
CA LEU L 345 65.95 -43.31 89.79
C LEU L 345 65.50 -42.11 90.61
N PRO L 346 64.64 -41.25 90.06
CA PRO L 346 64.23 -40.04 90.80
C PRO L 346 63.58 -40.32 92.14
N ARG L 347 63.05 -41.52 92.35
CA ARG L 347 62.37 -41.85 93.61
C ARG L 347 63.27 -42.65 94.56
N ALA L 348 64.54 -42.86 94.21
CA ALA L 348 65.46 -43.57 95.07
C ALA L 348 66.24 -42.67 96.01
N VAL L 349 65.99 -41.35 95.98
CA VAL L 349 66.81 -40.42 96.72
C VAL L 349 66.19 -40.13 98.08
N PHE L 350 67.03 -39.96 99.10
CA PHE L 350 66.57 -39.61 100.43
C PHE L 350 65.89 -38.24 100.43
N GLN L 351 64.84 -38.12 101.21
CA GLN L 351 64.12 -36.86 101.37
C GLN L 351 64.13 -36.44 102.83
N PRO L 352 63.99 -35.15 103.11
CA PRO L 352 63.89 -34.70 104.50
C PRO L 352 62.61 -35.16 105.15
N ASP L 353 62.70 -35.47 106.44
CA ASP L 353 61.53 -35.75 107.26
C ASP L 353 60.97 -34.43 107.80
N LEU L 354 59.79 -34.04 107.29
CA LEU L 354 59.25 -32.72 107.61
C LEU L 354 58.63 -32.67 108.99
N VAL L 355 58.08 -33.80 109.47
CA VAL L 355 57.40 -33.86 110.76
C VAL L 355 58.17 -34.83 111.64
N GLY L 356 58.77 -34.31 112.71
CA GLY L 356 59.63 -35.10 113.58
C GLY L 356 61.03 -34.51 113.68
N ASP L 357 61.98 -35.35 114.05
CA ASP L 357 63.34 -34.89 114.24
C ASP L 357 63.91 -34.36 112.93
N THR L 358 64.59 -33.22 113.00
CA THR L 358 65.04 -32.55 111.78
C THR L 358 66.16 -33.31 111.10
N ARG L 359 66.75 -34.30 111.77
CA ARG L 359 67.84 -35.09 111.22
C ARG L 359 67.38 -36.47 110.75
N ASN L 360 66.08 -36.67 110.58
CA ASN L 360 65.55 -37.89 109.99
C ASN L 360 65.53 -37.74 108.47
N ALA L 361 66.00 -38.77 107.77
CA ALA L 361 65.88 -38.85 106.32
C ALA L 361 64.92 -40.00 106.00
N VAL L 362 64.00 -39.75 105.08
CA VAL L 362 62.98 -40.72 104.69
C VAL L 362 63.18 -41.09 103.23
N ILE L 363 62.99 -42.37 102.93
CA ILE L 363 62.98 -42.88 101.58
C ILE L 363 61.57 -43.36 101.27
N ARG L 364 61.05 -42.95 100.11
CA ARG L 364 59.73 -43.38 99.66
C ARG L 364 59.86 -43.80 98.19
N PHE L 365 60.25 -45.06 97.97
CA PHE L 365 60.47 -45.58 96.64
C PHE L 365 59.22 -46.32 96.18
N ASP L 366 58.58 -45.80 95.14
CA ASP L 366 57.32 -46.33 94.64
C ASP L 366 57.40 -46.37 93.12
N SER L 367 57.60 -47.55 92.55
CA SER L 367 57.88 -47.70 91.14
C SER L 367 57.08 -48.84 90.57
N ASP L 368 56.42 -48.61 89.44
CA ASP L 368 55.68 -49.63 88.72
C ASP L 368 56.45 -50.14 87.51
N ASP L 369 57.73 -49.80 87.41
CA ASP L 369 58.53 -50.05 86.21
C ASP L 369 59.81 -50.81 86.55
N LEU L 370 59.68 -51.88 87.33
CA LEU L 370 60.76 -52.84 87.51
C LEU L 370 60.54 -53.97 86.51
N VAL L 371 61.30 -53.95 85.41
CA VAL L 371 61.01 -54.80 84.28
C VAL L 371 61.70 -56.14 84.42
N VAL L 372 60.95 -57.20 84.14
CA VAL L 372 61.49 -58.56 84.03
C VAL L 372 61.15 -59.06 82.64
N SER L 373 62.16 -59.50 81.89
CA SER L 373 61.97 -59.98 80.53
C SER L 373 62.93 -61.13 80.29
N GLY L 374 62.91 -61.66 79.06
CA GLY L 374 63.84 -62.72 78.72
C GLY L 374 65.29 -62.33 78.92
N ASP L 375 65.58 -61.03 78.90
CA ASP L 375 66.93 -60.54 79.10
C ASP L 375 67.34 -60.48 80.57
N THR L 376 66.42 -60.76 81.49
CA THR L 376 66.72 -60.70 82.91
C THR L 376 67.49 -61.94 83.33
N THR L 377 68.43 -61.78 84.25
CA THR L 377 69.08 -62.89 84.93
C THR L 377 68.93 -62.74 86.44
N PHE L 378 69.00 -63.88 87.13
CA PHE L 378 68.96 -63.89 88.59
C PHE L 378 70.33 -63.50 89.15
N ILE L 379 70.41 -63.39 90.47
CA ILE L 379 71.65 -63.00 91.13
C ILE L 379 72.77 -63.99 90.81
N ASP L 380 72.40 -65.24 90.52
CA ASP L 380 73.37 -66.27 90.20
C ASP L 380 73.63 -66.42 88.71
N GLY L 381 73.06 -65.54 87.89
CA GLY L 381 73.27 -65.57 86.46
C GLY L 381 72.29 -66.44 85.69
N SER L 382 71.43 -67.17 86.38
CA SER L 382 70.48 -68.04 85.71
C SER L 382 69.40 -67.21 85.01
N ALA L 383 68.86 -67.76 83.93
CA ALA L 383 67.69 -67.19 83.26
C ALA L 383 66.62 -68.26 83.07
N ASP L 384 66.51 -69.17 84.03
CA ASP L 384 65.52 -70.24 83.97
C ASP L 384 64.23 -69.78 84.65
N GLY L 385 63.31 -70.72 84.85
CA GLY L 385 62.06 -70.44 85.51
C GLY L 385 61.15 -69.50 84.73
N VAL L 386 60.61 -68.51 85.42
CA VAL L 386 59.62 -67.61 84.79
C VAL L 386 60.28 -66.76 83.70
N ILE L 387 61.57 -66.47 83.86
CA ILE L 387 62.28 -65.68 82.85
C ILE L 387 62.33 -66.44 81.52
N ASN L 388 62.64 -67.73 81.57
CA ASN L 388 62.64 -68.54 80.36
C ASN L 388 61.25 -68.56 79.72
N ASP L 389 60.21 -68.64 80.55
CA ASP L 389 58.85 -68.63 80.02
C ASP L 389 58.50 -67.27 79.42
N LEU L 390 58.97 -66.19 80.04
CA LEU L 390 58.79 -64.86 79.46
C LEU L 390 59.54 -64.75 78.14
N LYS L 391 60.74 -65.33 78.06
CA LYS L 391 61.53 -65.26 76.84
C LYS L 391 60.82 -65.96 75.68
N THR L 392 60.30 -67.16 75.93
CA THR L 392 59.66 -67.92 74.85
C THR L 392 58.24 -67.45 74.58
N ALA L 393 57.57 -66.84 75.55
CA ALA L 393 56.24 -66.28 75.36
C ALA L 393 56.27 -64.86 74.80
N LYS L 394 57.47 -64.29 74.62
CA LYS L 394 57.62 -62.91 74.16
C LYS L 394 56.85 -61.93 75.05
N LEU L 395 56.94 -62.14 76.35
CA LEU L 395 56.27 -61.30 77.33
C LEU L 395 57.30 -60.62 78.23
N SER L 396 56.84 -59.58 78.93
CA SER L 396 57.67 -58.89 79.92
C SER L 396 56.76 -58.39 81.03
N LEU L 397 57.26 -58.46 82.27
CA LEU L 397 56.50 -58.06 83.45
C LEU L 397 56.86 -56.65 83.83
N ARG L 398 55.87 -55.88 84.30
CA ARG L 398 56.09 -54.58 84.92
C ARG L 398 55.74 -54.72 86.40
N LEU L 399 56.77 -54.90 87.24
CA LEU L 399 56.54 -55.12 88.66
C LEU L 399 56.27 -53.80 89.38
N SER L 400 55.45 -53.88 90.41
CA SER L 400 55.12 -52.73 91.25
C SER L 400 55.63 -53.01 92.66
N VAL L 401 56.57 -52.20 93.13
CA VAL L 401 57.17 -52.38 94.44
C VAL L 401 57.10 -51.08 95.21
N GLY L 402 56.99 -51.21 96.53
CA GLY L 402 57.01 -50.05 97.40
C GLY L 402 57.94 -50.27 98.57
N PHE L 403 58.94 -49.41 98.72
CA PHE L 403 59.91 -49.52 99.80
C PHE L 403 60.04 -48.17 100.50
N GLY L 404 59.91 -48.18 101.82
CA GLY L 404 60.04 -46.97 102.59
C GLY L 404 60.89 -47.21 103.82
N GLY L 405 61.34 -46.10 104.42
CA GLY L 405 62.08 -46.19 105.66
C GLY L 405 62.48 -44.81 106.15
N THR L 406 62.79 -44.75 107.44
CA THR L 406 63.27 -43.53 108.09
C THR L 406 64.61 -43.83 108.74
N ILE L 407 65.61 -42.98 108.46
CA ILE L 407 66.94 -43.12 109.02
C ILE L 407 67.24 -41.88 109.87
N SER L 408 67.63 -42.09 111.12
CA SER L 408 68.05 -41.01 112.00
C SER L 408 69.52 -40.72 111.72
N LEU L 409 69.79 -39.60 111.07
CA LEU L 409 71.13 -39.31 110.58
C LEU L 409 72.13 -39.04 111.71
N SER L 410 71.65 -38.75 112.92
CA SER L 410 72.54 -38.50 114.05
C SER L 410 72.62 -39.71 114.99
N LYS L 411 71.49 -40.37 115.23
CA LYS L 411 71.46 -41.46 116.20
C LYS L 411 71.77 -42.82 115.58
N GLY L 412 71.54 -42.99 114.28
CA GLY L 412 71.82 -44.24 113.62
C GLY L 412 70.69 -45.23 113.59
N ASP L 413 69.61 -44.98 114.34
CA ASP L 413 68.45 -45.86 114.28
C ASP L 413 67.77 -45.74 112.93
N SER L 414 67.26 -46.86 112.42
CA SER L 414 66.51 -46.85 111.17
C SER L 414 65.40 -47.87 111.23
N LYS L 415 64.29 -47.58 110.56
CA LYS L 415 63.19 -48.50 110.38
C LYS L 415 62.80 -48.53 108.91
N PHE L 416 62.68 -49.72 108.35
CA PHE L 416 62.37 -49.90 106.94
C PHE L 416 61.11 -50.75 106.79
N GLY L 417 60.47 -50.63 105.64
CA GLY L 417 59.32 -51.46 105.33
C GLY L 417 59.07 -51.62 103.84
N ALA L 418 58.50 -52.76 103.45
CA ALA L 418 58.21 -53.06 102.06
C ALA L 418 56.75 -53.46 101.92
N THR L 419 56.09 -52.88 100.93
CA THR L 419 54.68 -53.14 100.68
C THR L 419 54.55 -54.43 99.86
N ASP L 420 53.33 -54.95 99.73
CA ASP L 420 53.09 -56.12 98.89
C ASP L 420 53.49 -55.82 97.44
N THR L 421 54.11 -56.81 96.80
CA THR L 421 54.58 -56.69 95.43
C THR L 421 53.52 -57.24 94.47
N TYR L 422 53.23 -56.48 93.42
CA TYR L 422 52.24 -56.87 92.43
C TYR L 422 52.85 -56.79 91.04
N VAL L 423 52.25 -57.53 90.11
CA VAL L 423 52.51 -57.35 88.69
C VAL L 423 51.48 -56.35 88.15
N ASP L 424 51.96 -55.15 87.81
CA ASP L 424 51.04 -54.09 87.37
C ASP L 424 50.57 -54.34 85.95
N LYS L 425 51.47 -54.71 85.05
CA LYS L 425 51.13 -55.01 83.67
C LYS L 425 51.98 -56.16 83.18
N VAL L 426 51.44 -56.90 82.21
CA VAL L 426 52.19 -57.85 81.41
C VAL L 426 52.07 -57.41 79.96
N LEU L 427 53.21 -57.09 79.35
CA LEU L 427 53.24 -56.62 77.97
C LEU L 427 53.91 -57.63 77.06
N ASN L 428 53.59 -57.55 75.78
CA ASN L 428 54.30 -58.29 74.74
C ASN L 428 55.38 -57.40 74.14
N GLU L 429 56.12 -57.93 73.16
CA GLU L 429 57.22 -57.18 72.58
C GLU L 429 56.74 -55.94 71.86
N ASP L 430 55.50 -55.98 71.34
CA ASP L 430 54.97 -54.83 70.61
C ASP L 430 54.56 -53.69 71.53
N GLY L 431 54.61 -53.89 72.84
CA GLY L 431 54.17 -52.89 73.79
C GLY L 431 52.71 -52.99 74.19
N GLN L 432 52.00 -54.02 73.76
CA GLN L 432 50.59 -54.16 74.08
C GLN L 432 50.41 -54.84 75.44
N VAL L 433 49.39 -54.41 76.18
CA VAL L 433 49.10 -54.99 77.49
C VAL L 433 48.26 -56.24 77.31
N MET L 434 48.76 -57.38 77.78
CA MET L 434 48.06 -58.65 77.60
C MET L 434 47.06 -58.86 78.73
N ASP L 435 45.92 -59.46 78.38
CA ASP L 435 44.97 -59.88 79.40
C ASP L 435 45.54 -61.02 80.23
N ASN L 436 45.36 -60.92 81.56
CA ASN L 436 45.93 -61.91 82.45
C ASN L 436 45.25 -63.27 82.34
N ALA L 437 44.11 -63.33 81.65
CA ALA L 437 43.43 -64.60 81.43
C ALA L 437 44.02 -65.41 80.28
N ASP L 438 44.93 -64.83 79.51
CA ASP L 438 45.56 -65.54 78.42
C ASP L 438 46.45 -66.65 78.98
N PRO L 439 46.22 -67.91 78.61
CA PRO L 439 47.05 -68.99 79.18
C PRO L 439 48.54 -68.73 79.10
N ALA L 440 49.01 -68.03 78.06
CA ALA L 440 50.43 -67.70 77.99
C ALA L 440 50.85 -66.80 79.16
N VAL L 441 49.95 -65.92 79.59
CA VAL L 441 50.27 -65.02 80.70
C VAL L 441 49.98 -65.70 82.04
N LYS L 442 48.82 -66.34 82.16
CA LYS L 442 48.45 -66.99 83.41
C LYS L 442 49.44 -68.07 83.80
N ALA L 443 49.95 -68.85 82.83
CA ALA L 443 50.88 -69.91 83.16
C ALA L 443 52.10 -69.36 83.89
N ILE L 444 52.50 -68.13 83.59
CA ILE L 444 53.64 -67.52 84.25
C ILE L 444 53.23 -66.91 85.59
N LEU L 445 52.12 -66.18 85.59
CA LEU L 445 51.67 -65.51 86.81
C LEU L 445 51.36 -66.52 87.91
N ASP L 446 50.87 -67.70 87.55
CA ASP L 446 50.59 -68.73 88.54
C ASP L 446 51.85 -69.18 89.28
N GLN L 447 53.04 -68.90 88.72
CA GLN L 447 54.27 -69.26 89.39
C GLN L 447 54.71 -68.24 90.43
N LEU L 448 54.16 -67.03 90.38
CA LEU L 448 54.65 -65.93 91.22
C LEU L 448 53.90 -65.87 92.55
N THR L 449 53.95 -66.98 93.28
CA THR L 449 53.23 -67.07 94.54
C THR L 449 54.00 -66.43 95.69
N ASP L 450 55.33 -66.36 95.57
CA ASP L 450 56.19 -65.79 96.60
C ASP L 450 56.81 -64.47 96.15
N LEU L 451 56.14 -63.77 95.24
CA LEU L 451 56.64 -62.51 94.71
C LEU L 451 56.63 -61.46 95.82
N ALA L 452 57.82 -61.03 96.24
CA ALA L 452 57.93 -60.08 97.34
C ALA L 452 59.31 -59.43 97.28
N VAL L 453 59.41 -58.27 97.93
CA VAL L 453 60.70 -57.63 98.16
C VAL L 453 61.31 -58.25 99.41
N ILE L 454 62.55 -58.73 99.29
CA ILE L 454 63.21 -59.44 100.37
C ILE L 454 64.30 -58.63 101.05
N GLY L 455 65.01 -57.77 100.32
CA GLY L 455 66.13 -57.04 100.89
C GLY L 455 66.47 -55.83 100.04
N PHE L 456 67.47 -55.09 100.51
CA PHE L 456 67.86 -53.84 99.87
C PHE L 456 69.28 -53.51 100.26
N GLU L 457 69.89 -52.61 99.49
CA GLU L 457 71.17 -52.00 99.84
C GLU L 457 71.04 -50.50 99.65
N LEU L 458 71.73 -49.75 100.51
CA LEU L 458 71.66 -48.31 100.49
C LEU L 458 73.01 -47.71 100.12
N ASP L 459 72.98 -46.60 99.41
CA ASP L 459 74.20 -45.84 99.09
C ASP L 459 74.42 -44.76 100.14
N THR L 460 74.62 -45.20 101.38
CA THR L 460 74.86 -44.30 102.49
C THR L 460 76.36 -44.25 102.80
N ARG L 461 76.76 -43.23 103.54
CA ARG L 461 78.15 -43.01 103.88
C ARG L 461 78.25 -42.09 105.08
N PHE L 462 79.42 -42.09 105.71
CA PHE L 462 79.69 -41.22 106.85
C PHE L 462 80.15 -39.84 106.38
N THR L 463 79.78 -38.83 107.17
CA THR L 463 80.26 -37.47 106.99
C THR L 463 81.44 -37.26 107.95
N ASN L 464 82.61 -37.01 107.39
CA ASN L 464 83.84 -36.99 108.19
C ASN L 464 84.07 -35.62 108.83
N THR L 465 83.15 -35.27 109.73
CA THR L 465 83.46 -34.20 110.67
C THR L 465 84.52 -34.64 111.66
N ASN L 466 84.45 -35.89 112.10
CA ASN L 466 85.54 -36.55 112.82
C ASN L 466 86.30 -37.41 111.81
N ARG L 467 87.62 -37.26 111.78
CA ARG L 467 88.41 -37.95 110.79
C ARG L 467 88.50 -39.45 111.07
N ARG L 468 87.38 -40.15 110.98
CA ARG L 468 87.38 -41.59 111.20
C ARG L 468 88.19 -42.30 110.12
N GLN L 469 88.11 -41.82 108.89
CA GLN L 469 88.82 -42.42 107.76
C GLN L 469 89.64 -41.34 107.08
N ARG L 470 90.94 -41.60 106.90
CA ARG L 470 91.81 -40.67 106.20
C ARG L 470 92.03 -41.03 104.74
N GLY L 471 91.51 -42.16 104.28
CA GLY L 471 91.60 -42.50 102.88
C GLY L 471 93.01 -42.85 102.43
N HIS L 472 93.24 -42.67 101.13
CA HIS L 472 94.54 -42.95 100.54
C HIS L 472 95.56 -41.91 100.98
N LEU L 473 96.83 -42.33 101.02
CA LEU L 473 97.92 -41.49 101.48
C LEU L 473 98.84 -41.15 100.32
N LEU L 474 99.43 -39.95 100.37
CA LEU L 474 100.39 -39.49 99.38
C LEU L 474 101.72 -39.25 100.07
N GLN L 475 102.79 -39.85 99.54
CA GLN L 475 104.13 -39.51 99.99
C GLN L 475 105.07 -39.45 98.80
N THR L 476 106.19 -38.75 98.98
CA THR L 476 107.19 -38.63 97.94
C THR L 476 108.08 -39.87 97.90
N ARG L 477 108.51 -40.24 96.70
CA ARG L 477 109.47 -41.31 96.51
C ARG L 477 110.52 -40.84 95.51
N ALA L 478 111.62 -41.59 95.43
CA ALA L 478 112.63 -41.35 94.42
C ALA L 478 113.32 -42.68 94.10
N LEU L 479 113.62 -42.89 92.82
CA LEU L 479 114.35 -44.05 92.37
C LEU L 479 115.67 -43.59 91.75
N GLN L 480 116.67 -44.46 91.83
CA GLN L 480 117.98 -44.18 91.24
C GLN L 480 118.34 -45.27 90.25
N PHE L 481 118.77 -44.85 89.06
CA PHE L 481 119.26 -45.74 88.03
C PHE L 481 120.76 -45.52 87.85
N ARG L 482 121.52 -46.60 87.92
CA ARG L 482 122.97 -46.55 87.77
C ARG L 482 123.31 -47.00 86.35
N HIS L 483 124.05 -46.16 85.62
CA HIS L 483 124.51 -46.47 84.27
C HIS L 483 126.03 -46.28 84.19
N PRO L 484 126.81 -47.21 84.72
CA PRO L 484 128.26 -47.15 84.52
C PRO L 484 128.65 -47.49 83.10
N ILE L 485 129.68 -46.80 82.60
CA ILE L 485 130.09 -46.92 81.21
C ILE L 485 131.19 -47.99 81.13
N PRO L 486 130.99 -49.06 80.37
CA PRO L 486 132.03 -50.07 80.22
C PRO L 486 133.10 -49.65 79.21
N MET L 487 134.26 -50.29 79.34
CA MET L 487 135.34 -50.18 78.35
C MET L 487 135.25 -51.34 77.39
N HIS L 488 135.38 -51.06 76.10
CA HIS L 488 135.15 -52.07 75.07
C HIS L 488 136.46 -52.60 74.53
N ALA L 489 136.38 -53.73 73.83
CA ALA L 489 137.57 -54.37 73.28
C ALA L 489 138.26 -53.44 72.30
N PRO L 490 139.58 -53.49 72.21
CA PRO L 490 140.32 -52.63 71.30
C PRO L 490 140.27 -53.12 69.86
N VAL L 491 140.70 -52.26 68.95
CA VAL L 491 141.13 -52.64 67.60
C VAL L 491 142.57 -52.19 67.44
N THR L 492 143.42 -53.09 66.96
CA THR L 492 144.86 -52.84 66.89
C THR L 492 145.33 -52.79 65.45
N LEU L 493 146.24 -51.85 65.19
CA LEU L 493 146.93 -51.72 63.91
C LEU L 493 148.42 -51.94 64.17
N PRO L 494 148.90 -53.17 64.02
CA PRO L 494 150.32 -53.43 64.20
C PRO L 494 151.12 -52.88 63.03
N MET L 495 152.37 -52.49 63.30
CA MET L 495 153.29 -52.10 62.26
C MET L 495 154.71 -52.42 62.71
N ASP L 496 155.63 -52.40 61.75
CA ASP L 496 157.03 -52.67 62.05
C ASP L 496 157.60 -51.56 62.93
N THR L 497 158.34 -51.96 63.97
CA THR L 497 158.90 -50.98 64.89
C THR L 497 160.09 -50.24 64.27
N MET L 498 160.65 -50.76 63.17
CA MET L 498 161.76 -50.08 62.52
C MET L 498 161.31 -48.81 61.82
N THR L 499 160.04 -48.76 61.41
CA THR L 499 159.50 -47.57 60.76
C THR L 499 159.32 -46.45 61.78
N ASP L 500 159.84 -45.27 61.44
CA ASP L 500 159.76 -44.10 62.31
C ASP L 500 158.80 -43.08 61.66
N GLU L 501 157.53 -43.17 62.05
CA GLU L 501 156.50 -42.30 61.53
C GLU L 501 155.51 -41.97 62.64
N GLY L 502 154.87 -40.81 62.49
CA GLY L 502 153.80 -40.43 63.40
C GLY L 502 152.58 -41.30 63.23
N PRO L 503 151.74 -41.35 64.26
CA PRO L 503 150.57 -42.23 64.21
C PRO L 503 149.37 -41.62 63.50
N GLY L 504 149.56 -40.45 62.89
CA GLY L 504 148.46 -39.70 62.32
C GLY L 504 147.48 -40.45 61.44
N GLU L 505 148.00 -41.09 60.41
CA GLU L 505 147.14 -41.84 59.50
C GLU L 505 146.53 -43.02 60.23
N VAL L 506 147.30 -43.59 61.15
CA VAL L 506 146.81 -44.74 61.90
C VAL L 506 145.64 -44.31 62.76
N VAL L 507 145.75 -43.14 63.41
CA VAL L 507 144.63 -42.66 64.22
C VAL L 507 143.38 -42.50 63.37
N LYS L 508 143.52 -41.95 62.15
CA LYS L 508 142.36 -41.81 61.27
C LYS L 508 141.75 -43.17 60.95
N ALA L 509 142.59 -44.17 60.65
CA ALA L 509 142.08 -45.51 60.35
C ALA L 509 141.38 -46.11 61.56
N LEU L 510 141.96 -45.96 62.76
CA LEU L 510 141.33 -46.47 63.96
C LEU L 510 140.10 -45.66 64.35
N THR L 511 140.11 -44.35 64.11
CA THR L 511 138.97 -43.52 64.45
C THR L 511 137.73 -43.94 63.67
N VAL L 512 137.89 -44.18 62.36
CA VAL L 512 136.75 -44.60 61.54
C VAL L 512 136.25 -45.97 62.00
N ASN L 513 137.18 -46.90 62.23
CA ASN L 513 136.80 -48.23 62.71
C ASN L 513 136.00 -48.13 64.01
N THR L 514 136.48 -47.34 64.96
CA THR L 514 135.74 -47.13 66.20
C THR L 514 134.39 -46.50 65.94
N ASN L 515 134.33 -45.52 65.04
CA ASN L 515 133.06 -44.87 64.75
C ASN L 515 132.05 -45.85 64.16
N ILE L 516 132.52 -46.78 63.31
CA ILE L 516 131.63 -47.80 62.76
C ILE L 516 131.09 -48.68 63.87
N ARG L 517 131.98 -49.11 64.78
CA ARG L 517 131.55 -49.95 65.89
C ARG L 517 130.49 -49.27 66.73
N ASN L 518 130.64 -47.98 67.00
CA ASN L 518 129.64 -47.24 67.75
C ASN L 518 128.29 -47.24 67.03
N SER L 519 128.30 -47.10 65.71
CA SER L 519 127.06 -47.15 64.96
C SER L 519 126.43 -48.54 65.01
N ASN L 520 127.26 -49.58 64.85
CA ASN L 520 126.73 -50.94 64.85
C ASN L 520 126.24 -51.34 66.24
N ASN L 521 126.88 -50.80 67.28
CA ASN L 521 126.46 -51.07 68.64
C ASN L 521 125.09 -50.46 68.92
N ALA L 522 124.83 -49.27 68.37
CA ALA L 522 123.51 -48.66 68.51
C ALA L 522 122.44 -49.52 67.86
N VAL L 523 122.73 -50.10 66.69
CA VAL L 523 121.76 -50.95 66.02
C VAL L 523 121.48 -52.22 66.83
N LYS L 524 122.55 -52.87 67.29
CA LYS L 524 122.41 -54.08 68.08
C LYS L 524 121.69 -53.79 69.40
N ARG L 525 122.01 -52.68 70.04
CA ARG L 525 121.36 -52.31 71.29
C ARG L 525 119.88 -52.01 71.07
N MET L 526 119.56 -51.31 69.99
CA MET L 526 118.16 -51.04 69.69
C MET L 526 117.38 -52.34 69.48
N LEU L 527 117.90 -53.21 68.62
CA LEU L 527 117.15 -54.43 68.29
C LEU L 527 117.08 -55.38 69.49
N ASN L 528 118.16 -55.46 70.27
CA ASN L 528 118.13 -56.28 71.47
C ASN L 528 117.15 -55.72 72.50
N TYR L 529 117.06 -54.39 72.60
CA TYR L 529 116.09 -53.80 73.51
C TYR L 529 114.67 -54.11 73.07
N LEU L 530 114.40 -54.11 71.77
CA LEU L 530 113.08 -54.48 71.29
C LEU L 530 112.72 -55.89 71.71
N ALA L 531 113.70 -56.81 71.66
CA ALA L 531 113.46 -58.16 72.15
C ALA L 531 113.11 -58.15 73.63
N GLN L 532 113.74 -57.25 74.41
CA GLN L 532 113.41 -57.13 75.83
C GLN L 532 111.97 -56.67 76.02
N LEU L 533 111.53 -55.71 75.20
CA LEU L 533 110.14 -55.27 75.26
C LEU L 533 109.19 -56.39 74.87
N ARG L 534 109.54 -57.16 73.84
CA ARG L 534 108.68 -58.26 73.43
C ARG L 534 108.41 -59.22 74.57
N GLU L 535 109.45 -59.60 75.31
CA GLU L 535 109.23 -60.51 76.43
C GLU L 535 108.44 -59.86 77.56
N VAL L 536 108.77 -58.62 77.93
CA VAL L 536 108.07 -57.98 79.05
C VAL L 536 106.61 -57.71 78.69
N VAL L 537 106.36 -57.21 77.48
CA VAL L 537 105.00 -56.92 77.06
C VAL L 537 104.24 -58.20 76.78
N HIS L 538 104.92 -59.24 76.33
CA HIS L 538 104.27 -60.55 76.19
C HIS L 538 103.75 -61.03 77.54
N ASN L 539 104.55 -60.88 78.59
CA ASN L 539 104.15 -61.30 79.93
C ASN L 539 103.20 -60.26 80.53
N GLY L 540 102.74 -60.55 81.74
CA GLY L 540 101.68 -59.74 82.32
C GLY L 540 102.20 -58.49 82.98
N TYR L 541 102.74 -57.56 82.18
CA TYR L 541 103.25 -56.28 82.68
C TYR L 541 102.62 -55.16 81.85
N ASN L 542 101.49 -54.65 82.33
CA ASN L 542 100.79 -53.55 81.68
C ASN L 542 100.69 -52.33 82.59
N ARG L 543 101.53 -52.23 83.62
CA ARG L 543 101.57 -51.09 84.52
C ARG L 543 103.01 -50.66 84.77
N PRO L 544 103.24 -49.38 85.05
CA PRO L 544 104.60 -48.94 85.37
C PRO L 544 105.10 -49.57 86.67
N LYS L 545 106.36 -49.98 86.67
CA LYS L 545 106.96 -50.62 87.83
C LYS L 545 108.47 -50.56 87.68
N PHE L 546 109.16 -50.32 88.80
CA PHE L 546 110.62 -50.31 88.81
C PHE L 546 111.16 -51.74 88.76
N GLY L 547 112.22 -51.94 87.98
CA GLY L 547 112.93 -53.21 87.96
C GLY L 547 112.47 -54.20 86.91
N ILE L 548 111.50 -53.84 86.07
CA ILE L 548 111.04 -54.80 85.06
C ILE L 548 111.91 -54.74 83.81
N ILE L 549 112.26 -53.53 83.37
CA ILE L 549 113.06 -53.32 82.18
C ILE L 549 113.87 -52.05 82.38
N GLU L 550 115.02 -51.97 81.71
CA GLU L 550 115.84 -50.77 81.78
C GLU L 550 115.08 -49.59 81.20
N GLY L 551 115.46 -48.39 81.63
CA GLY L 551 114.82 -47.18 81.15
C GLY L 551 114.14 -46.44 82.28
N ALA L 552 114.59 -45.21 82.53
CA ALA L 552 114.12 -44.49 83.72
C ALA L 552 112.62 -44.26 83.69
N LEU L 553 112.00 -44.30 82.51
CA LEU L 553 110.58 -44.00 82.40
C LEU L 553 109.71 -45.24 82.54
N SER L 554 110.29 -46.43 82.70
CA SER L 554 109.48 -47.62 82.88
C SER L 554 108.70 -47.57 84.18
N ALA L 555 109.05 -46.67 85.09
CA ALA L 555 108.34 -46.49 86.36
C ALA L 555 107.21 -45.49 86.28
N VAL L 556 107.03 -44.81 85.14
CA VAL L 556 105.96 -43.84 84.98
C VAL L 556 105.01 -44.17 83.85
N MET L 557 105.42 -44.94 82.85
CA MET L 557 104.55 -45.31 81.74
C MET L 557 104.55 -46.81 81.56
N ARG L 558 103.55 -47.30 80.83
CA ARG L 558 103.37 -48.71 80.57
C ARG L 558 104.29 -49.16 79.43
N PRO L 559 104.97 -50.30 79.58
CA PRO L 559 105.71 -50.86 78.44
C PRO L 559 104.75 -51.30 77.34
N THR L 560 105.12 -50.95 76.10
CA THR L 560 104.26 -51.25 74.96
C THR L 560 105.11 -51.77 73.82
N TYR L 561 104.69 -52.86 73.21
CA TYR L 561 105.36 -53.41 72.03
C TYR L 561 104.33 -54.06 71.12
N ARG L 562 104.32 -53.69 69.85
CA ARG L 562 103.45 -54.29 68.85
C ARG L 562 104.28 -54.67 67.63
N TYR L 563 104.04 -55.87 67.11
CA TYR L 563 104.74 -56.38 65.95
C TYR L 563 103.72 -56.74 64.86
N LYS L 564 103.96 -56.25 63.65
CA LYS L 564 103.10 -56.55 62.51
C LYS L 564 103.96 -56.84 61.29
N GLU L 565 103.51 -57.78 60.47
CA GLU L 565 104.16 -58.10 59.20
C GLU L 565 103.32 -57.55 58.06
N LEU L 566 103.98 -56.81 57.16
CA LEU L 566 103.33 -56.21 56.00
C LEU L 566 103.78 -56.95 54.75
N ASP L 567 102.82 -57.54 54.05
CA ASP L 567 103.05 -58.15 52.73
C ASP L 567 102.26 -57.30 51.74
N LEU L 568 102.94 -56.37 51.06
CA LEU L 568 102.25 -55.30 50.36
C LEU L 568 101.31 -55.82 49.28
N GLU L 569 101.59 -56.99 48.69
CA GLU L 569 100.67 -57.53 47.70
C GLU L 569 99.30 -57.81 48.30
N LYS L 570 99.19 -57.89 49.63
CA LYS L 570 97.93 -58.12 50.30
C LYS L 570 97.41 -56.89 51.03
N VAL L 571 98.04 -55.72 50.82
CA VAL L 571 97.69 -54.50 51.54
C VAL L 571 97.24 -53.40 50.60
N ILE L 572 97.91 -53.24 49.47
CA ILE L 572 97.75 -52.06 48.62
C ILE L 572 96.52 -52.20 47.74
N ASP L 573 95.71 -51.15 47.68
CA ASP L 573 94.65 -51.05 46.68
C ASP L 573 95.02 -49.93 45.71
N THR L 574 95.22 -50.28 44.45
CA THR L 574 95.68 -49.35 43.44
C THR L 574 94.91 -49.56 42.13
N ILE L 575 94.70 -48.46 41.41
CA ILE L 575 93.95 -48.46 40.17
C ILE L 575 94.79 -47.96 39.00
N LYS L 576 95.46 -46.82 39.16
CA LYS L 576 96.22 -46.18 38.10
C LYS L 576 97.71 -46.34 38.36
N SER L 577 98.49 -46.32 37.26
CA SER L 577 99.94 -46.39 37.38
C SER L 577 100.54 -45.13 37.95
N LYS L 578 100.02 -43.96 37.59
CA LYS L 578 100.57 -42.71 38.09
C LYS L 578 100.30 -42.48 39.57
N ASP L 579 99.35 -43.20 40.14
CA ASP L 579 99.09 -43.16 41.57
C ASP L 579 99.82 -44.27 42.33
N ARG L 580 100.56 -45.13 41.63
CA ARG L 580 101.15 -46.29 42.28
C ARG L 580 102.11 -45.91 43.39
N TRP L 581 102.88 -44.83 43.19
CA TRP L 581 103.80 -44.39 44.23
C TRP L 581 103.04 -44.00 45.50
N ASP L 582 102.01 -43.16 45.35
CA ASP L 582 101.24 -42.71 46.49
C ASP L 582 100.49 -43.86 47.15
N ASP L 583 100.04 -44.83 46.36
CA ASP L 583 99.34 -45.98 46.92
C ASP L 583 100.26 -46.82 47.78
N VAL L 584 101.50 -47.01 47.35
CA VAL L 584 102.49 -47.71 48.18
C VAL L 584 102.78 -46.92 49.44
N CYS L 585 103.01 -45.62 49.29
CA CYS L 585 103.35 -44.80 50.45
C CYS L 585 102.21 -44.79 51.47
N ALA L 586 100.98 -44.60 50.99
CA ALA L 586 99.84 -44.55 51.90
C ALA L 586 99.61 -45.89 52.57
N ALA L 587 99.81 -47.00 51.86
CA ALA L 587 99.59 -48.30 52.47
C ALA L 587 100.48 -48.50 53.69
N ILE L 588 101.74 -48.06 53.60
CA ILE L 588 102.65 -48.23 54.73
C ILE L 588 102.28 -47.30 55.87
N LEU L 589 102.04 -46.02 55.55
CA LEU L 589 101.69 -45.07 56.59
C LEU L 589 100.36 -45.41 57.26
N ASN L 590 99.39 -45.89 56.51
CA ASN L 590 98.10 -46.26 57.11
C ASN L 590 98.26 -47.47 58.02
N CYS L 591 99.12 -48.42 57.65
CA CYS L 591 99.39 -49.54 58.55
C CYS L 591 100.00 -49.05 59.86
N VAL L 592 100.93 -48.10 59.78
CA VAL L 592 101.55 -47.58 61.00
C VAL L 592 100.51 -46.89 61.88
N LYS L 593 99.66 -46.06 61.27
CA LYS L 593 98.61 -45.38 62.03
C LYS L 593 97.69 -46.38 62.73
N ALA L 594 97.28 -47.42 62.01
CA ALA L 594 96.36 -48.40 62.59
C ALA L 594 96.95 -49.06 63.83
N GLU L 595 98.25 -49.34 63.83
CA GLU L 595 98.88 -49.94 64.99
C GLU L 595 99.41 -48.92 65.99
N LEU L 596 99.79 -47.72 65.54
CA LEU L 596 100.38 -46.73 66.43
C LEU L 596 99.34 -46.00 67.28
N PHE L 597 98.16 -45.70 66.72
CA PHE L 597 97.17 -44.97 67.50
C PHE L 597 96.81 -45.67 68.81
N PRO L 598 96.45 -46.96 68.83
CA PRO L 598 96.17 -47.60 70.12
C PRO L 598 97.38 -47.75 71.01
N ALA L 599 98.58 -47.85 70.43
CA ALA L 599 99.79 -47.92 71.24
C ALA L 599 100.09 -46.58 71.91
N HIS L 600 99.91 -45.48 71.17
CA HIS L 600 100.08 -44.16 71.77
C HIS L 600 99.11 -43.95 72.92
N ARG L 601 97.85 -44.34 72.74
CA ARG L 601 96.89 -44.25 73.83
C ARG L 601 97.24 -45.17 74.97
N ASP L 602 97.45 -46.46 74.69
CA ASP L 602 97.60 -47.45 75.76
C ASP L 602 98.81 -47.21 76.64
N SER L 603 99.90 -46.70 76.09
CA SER L 603 101.14 -46.56 76.85
C SER L 603 101.08 -45.44 77.89
N ASN L 604 100.13 -44.52 77.79
CA ASN L 604 100.09 -43.33 78.63
C ASN L 604 101.37 -42.51 78.50
N ILE L 605 101.92 -42.43 77.29
CA ILE L 605 103.19 -41.74 77.10
C ILE L 605 103.03 -40.22 77.26
N GLU L 606 101.87 -39.69 76.88
CA GLU L 606 101.66 -38.25 76.97
C GLU L 606 101.74 -37.78 78.42
N ALA L 607 101.14 -38.53 79.33
CA ALA L 607 101.20 -38.17 80.74
C ALA L 607 102.64 -38.18 81.25
N ALA L 608 103.43 -39.19 80.86
CA ALA L 608 104.81 -39.25 81.28
C ALA L 608 105.60 -38.06 80.77
N PHE L 609 105.44 -37.72 79.49
CA PHE L 609 106.18 -36.60 78.91
C PHE L 609 105.77 -35.28 79.55
N ARG L 610 104.46 -35.08 79.75
CA ARG L 610 103.99 -33.81 80.30
C ARG L 610 104.43 -33.64 81.75
N VAL L 611 104.37 -34.70 82.55
CA VAL L 611 104.75 -34.61 83.95
C VAL L 611 106.26 -34.41 84.09
N ILE L 612 107.05 -35.06 83.24
CA ILE L 612 108.49 -34.92 83.31
C ILE L 612 108.95 -33.56 82.79
N SER L 613 108.41 -33.13 81.65
CA SER L 613 108.84 -31.87 81.08
C SER L 613 108.25 -30.66 81.78
N GLY L 614 107.11 -30.80 82.44
CA GLY L 614 106.42 -29.67 83.03
C GLY L 614 105.54 -28.89 82.07
N ASN L 615 105.44 -29.32 80.83
CA ASN L 615 104.64 -28.64 79.81
C ASN L 615 103.40 -29.47 79.52
N GLN L 616 102.24 -28.98 79.97
CA GLN L 616 101.01 -29.76 79.90
C GLN L 616 100.43 -29.85 78.50
N ASP L 617 101.04 -29.17 77.52
CA ASP L 617 100.61 -29.23 76.14
C ASP L 617 101.65 -29.88 75.23
N GLU L 618 102.62 -30.58 75.80
CA GLU L 618 103.66 -31.24 75.03
C GLU L 618 103.34 -32.71 74.82
N THR L 619 103.60 -33.18 73.61
CA THR L 619 103.45 -34.58 73.22
C THR L 619 104.73 -35.06 72.57
N PRO L 620 105.00 -36.37 72.57
CA PRO L 620 106.19 -36.87 71.91
C PRO L 620 106.08 -36.75 70.39
N MET L 621 107.23 -36.68 69.74
CA MET L 621 107.32 -36.71 68.29
C MET L 621 107.98 -38.03 67.91
N TYR L 622 107.31 -38.80 67.06
CA TYR L 622 107.75 -40.17 66.78
C TYR L 622 108.84 -40.17 65.71
N LEU L 623 109.71 -41.18 65.79
CA LEU L 623 110.80 -41.36 64.84
C LEU L 623 110.62 -42.68 64.11
N PHE L 624 110.58 -42.60 62.78
CA PHE L 624 110.39 -43.79 61.95
C PHE L 624 111.77 -44.28 61.53
N CYS L 625 112.21 -45.38 62.13
CA CYS L 625 113.55 -45.91 61.93
C CYS L 625 113.45 -47.12 60.99
N SER L 626 114.05 -47.00 59.81
CA SER L 626 113.94 -48.04 58.79
C SER L 626 115.25 -48.11 58.03
N ASP L 627 115.27 -48.95 57.00
CA ASP L 627 116.44 -49.03 56.14
C ASP L 627 116.35 -47.97 55.04
N LYS L 628 117.27 -48.05 54.09
CA LYS L 628 117.38 -47.05 53.04
C LYS L 628 116.46 -47.34 51.86
N GLU L 629 115.58 -48.34 51.97
CA GLU L 629 114.55 -48.58 50.97
C GLU L 629 113.16 -48.19 51.47
N ILE L 630 112.80 -48.60 52.69
CA ILE L 630 111.48 -48.28 53.23
C ILE L 630 111.33 -46.79 53.44
N ALA L 631 112.38 -46.14 53.95
CA ALA L 631 112.31 -44.71 54.25
C ALA L 631 111.88 -43.91 53.02
N ASN L 632 112.28 -44.36 51.83
CA ASN L 632 111.98 -43.62 50.62
C ASN L 632 110.48 -43.61 50.32
N TYR L 633 109.69 -44.46 51.01
CA TYR L 633 108.21 -44.52 50.81
C TYR L 633 107.40 -43.85 51.92
N LEU L 634 108.01 -43.32 53.00
CA LEU L 634 107.24 -42.73 54.11
C LEU L 634 106.90 -41.24 53.96
N MET L 635 107.48 -40.55 53.00
CA MET L 635 107.25 -39.11 52.85
C MET L 635 106.26 -39.03 51.71
N THR L 636 105.29 -38.12 51.76
CA THR L 636 104.41 -37.88 50.59
C THR L 636 104.11 -36.40 50.20
N LYS L 637 105.11 -35.50 50.25
CA LYS L 637 104.95 -34.10 49.85
C LYS L 637 103.96 -33.27 50.69
N GLY L 638 102.68 -33.63 50.67
CA GLY L 638 101.63 -32.91 51.38
C GLY L 638 101.31 -33.47 52.75
N ASP L 639 102.19 -34.33 53.27
CA ASP L 639 101.96 -34.95 54.56
C ASP L 639 102.18 -33.99 55.74
N ASP L 640 103.10 -33.02 55.62
CA ASP L 640 103.48 -32.14 56.73
C ASP L 640 103.96 -32.96 57.91
N ARG L 641 104.49 -34.15 57.66
CA ARG L 641 104.94 -35.03 58.74
C ARG L 641 103.91 -35.06 59.84
N THR L 642 102.64 -35.15 59.48
CA THR L 642 101.57 -35.13 60.48
C THR L 642 100.66 -36.33 60.38
N LEU L 643 100.45 -37.01 61.49
CA LEU L 643 99.55 -38.16 61.53
C LEU L 643 98.12 -37.66 61.75
N GLY L 644 97.27 -38.52 62.32
CA GLY L 644 95.84 -38.29 62.38
C GLY L 644 95.40 -36.92 62.88
N ALA L 645 95.63 -36.63 64.15
CA ALA L 645 95.16 -35.37 64.74
C ALA L 645 96.29 -34.36 64.92
N TYR L 646 97.36 -34.75 65.60
CA TYR L 646 98.41 -33.79 65.95
C TYR L 646 99.81 -34.38 66.03
N LEU L 647 99.96 -35.70 66.07
CA LEU L 647 101.29 -36.29 66.26
C LEU L 647 102.13 -36.12 65.00
N LYS L 648 103.39 -35.75 65.19
CA LYS L 648 104.35 -35.58 64.11
C LYS L 648 105.38 -36.69 64.16
N TYR L 649 106.02 -36.95 63.02
CA TYR L 649 107.05 -37.98 62.93
C TYR L 649 108.23 -37.48 62.12
N ASP L 650 109.42 -37.98 62.45
CA ASP L 650 110.62 -37.79 61.65
C ASP L 650 111.02 -39.11 61.02
N ILE L 651 111.93 -39.03 60.05
CA ILE L 651 112.36 -40.22 59.33
C ILE L 651 113.88 -40.26 59.26
N VAL L 652 114.45 -41.40 59.62
CA VAL L 652 115.87 -41.69 59.44
C VAL L 652 116.00 -43.09 58.85
N SER L 653 117.14 -43.35 58.22
CA SER L 653 117.39 -44.61 57.54
C SER L 653 118.78 -45.13 57.85
N THR L 654 118.94 -46.45 57.80
CA THR L 654 120.23 -47.09 57.96
C THR L 654 120.46 -48.08 56.83
N ASN L 655 121.73 -48.37 56.58
CA ASN L 655 122.12 -49.42 55.63
C ASN L 655 122.53 -50.71 56.34
N ASN L 656 122.29 -50.81 57.64
CA ASN L 656 122.70 -51.98 58.41
C ASN L 656 121.91 -53.21 57.99
N GLN L 657 122.63 -54.31 57.79
CA GLN L 657 121.99 -55.57 57.38
C GLN L 657 120.90 -55.98 58.35
N LEU L 658 121.00 -55.59 59.61
CA LEU L 658 120.05 -56.05 60.61
C LEU L 658 118.68 -55.38 60.49
N PHE L 659 118.55 -54.35 59.65
CA PHE L 659 117.29 -53.71 59.35
C PHE L 659 116.81 -54.00 57.92
N ASP L 660 117.17 -55.17 57.38
CA ASP L 660 116.98 -55.39 55.95
C ASP L 660 115.56 -55.04 55.51
N GLY L 661 114.57 -55.34 56.35
CA GLY L 661 113.20 -55.00 56.02
C GLY L 661 112.40 -54.55 57.21
N LYS L 662 113.02 -53.81 58.12
CA LYS L 662 112.38 -53.41 59.38
C LYS L 662 112.04 -51.93 59.36
N LEU L 663 110.88 -51.60 59.93
CA LEU L 663 110.56 -50.25 60.35
C LEU L 663 110.17 -50.29 61.82
N VAL L 664 110.82 -49.46 62.62
CA VAL L 664 110.56 -49.37 64.05
C VAL L 664 110.18 -47.94 64.38
N VAL L 665 109.07 -47.76 65.08
CA VAL L 665 108.56 -46.43 65.44
C VAL L 665 108.82 -46.23 66.93
N ILE L 666 109.59 -45.20 67.26
CA ILE L 666 109.92 -44.90 68.65
C ILE L 666 109.68 -43.42 68.92
N PRO L 667 109.11 -43.06 70.06
CA PRO L 667 108.91 -41.65 70.39
C PRO L 667 110.16 -41.00 70.95
N THR L 668 110.34 -39.74 70.59
CA THR L 668 111.35 -38.90 71.24
C THR L 668 110.74 -37.54 71.53
N ARG L 669 111.42 -36.75 72.35
CA ARG L 669 111.01 -35.38 72.57
C ARG L 669 111.17 -34.56 71.30
N ALA L 670 110.14 -33.76 71.00
CA ALA L 670 110.14 -32.99 69.76
C ALA L 670 111.35 -32.07 69.67
N VAL L 671 111.76 -31.49 70.80
CA VAL L 671 112.95 -30.66 70.90
C VAL L 671 113.91 -31.33 71.86
N GLN L 672 115.12 -31.60 71.40
CA GLN L 672 116.11 -32.31 72.21
C GLN L 672 116.91 -31.34 73.05
N GLN L 673 117.07 -31.66 74.33
CA GLN L 673 117.93 -30.92 75.23
C GLN L 673 119.18 -31.75 75.55
N GLU L 674 120.21 -31.06 76.03
CA GLU L 674 121.42 -31.75 76.47
C GLU L 674 121.11 -32.64 77.67
N ASN L 675 121.53 -33.89 77.60
CA ASN L 675 121.31 -34.87 78.66
C ASN L 675 119.84 -34.94 79.05
N ASP L 676 119.00 -35.08 78.02
CA ASP L 676 117.56 -35.12 78.21
C ASP L 676 117.08 -36.54 78.43
N ILE L 677 116.25 -36.73 79.45
CA ILE L 677 115.75 -38.06 79.78
C ILE L 677 114.69 -38.54 78.80
N LEU L 678 113.99 -37.63 78.13
CA LEU L 678 112.85 -37.99 77.31
C LEU L 678 113.23 -38.48 75.92
N SER L 679 114.53 -38.56 75.62
CA SER L 679 114.95 -39.20 74.39
C SER L 679 114.80 -40.71 74.50
N TRP L 680 114.32 -41.34 73.43
CA TRP L 680 114.06 -42.78 73.49
C TRP L 680 115.28 -43.54 73.98
N GLY L 681 116.44 -43.24 73.42
CA GLY L 681 117.70 -43.71 73.97
C GLY L 681 118.64 -42.55 74.20
N GLN L 682 119.83 -42.89 74.69
CA GLN L 682 120.86 -41.89 74.89
C GLN L 682 122.22 -42.58 74.78
N PHE L 683 123.16 -41.88 74.15
CA PHE L 683 124.51 -42.40 73.92
C PHE L 683 125.46 -41.62 74.82
N PHE L 684 126.04 -42.31 75.79
CA PHE L 684 126.97 -41.68 76.74
C PHE L 684 128.39 -41.94 76.27
N TYR L 685 129.04 -40.91 75.76
CA TYR L 685 130.33 -41.03 75.08
C TYR L 685 131.43 -40.40 75.92
N VAL L 686 132.54 -41.12 76.02
CA VAL L 686 133.78 -40.59 76.60
C VAL L 686 134.86 -40.69 75.54
N SER L 687 135.74 -39.70 75.49
CA SER L 687 136.78 -39.64 74.46
C SER L 687 137.47 -40.99 74.31
N THR L 688 137.60 -41.44 73.07
CA THR L 688 138.22 -42.72 72.79
C THR L 688 139.72 -42.63 73.07
N VAL L 689 140.25 -43.66 73.71
CA VAL L 689 141.66 -43.71 74.07
C VAL L 689 142.44 -44.40 72.97
N ILE L 690 143.50 -43.74 72.51
CA ILE L 690 144.42 -44.32 71.52
C ILE L 690 145.83 -44.19 72.10
N ALA L 691 146.56 -45.29 72.10
CA ALA L 691 147.90 -45.35 72.70
C ALA L 691 148.79 -46.24 71.85
N ASP L 692 150.09 -45.99 71.90
CA ASP L 692 151.06 -46.73 71.09
C ASP L 692 152.21 -47.26 71.97
N LEU L 693 152.29 -48.58 72.08
CA LEU L 693 153.27 -49.26 72.91
C LEU L 693 154.04 -50.27 72.09
N PRO L 694 155.36 -50.36 72.29
CA PRO L 694 156.17 -51.36 71.57
C PRO L 694 156.03 -52.75 72.18
N ILE L 695 154.84 -53.33 72.02
CA ILE L 695 154.51 -54.59 72.68
C ILE L 695 155.32 -55.72 72.05
N THR L 696 155.93 -56.54 72.89
CA THR L 696 156.75 -57.68 72.48
C THR L 696 156.00 -58.99 72.66
N ARG L 697 154.76 -59.04 72.18
CA ARG L 697 153.82 -60.08 72.59
C ARG L 697 154.32 -61.46 72.20
N GLY L 698 154.31 -62.37 73.18
CA GLY L 698 154.77 -63.73 73.00
C GLY L 698 156.21 -63.95 73.41
N GLY L 699 156.99 -62.88 73.61
CA GLY L 699 158.37 -63.02 73.98
C GLY L 699 159.32 -63.31 72.85
N HIS L 700 158.82 -63.31 71.60
CA HIS L 700 159.65 -63.65 70.42
C HIS L 700 159.44 -62.60 69.35
N GLN L 701 158.19 -62.39 68.92
CA GLN L 701 157.88 -61.37 67.94
C GLN L 701 157.86 -60.00 68.58
N VAL L 702 158.13 -58.96 67.79
CA VAL L 702 158.06 -57.59 68.28
C VAL L 702 157.32 -56.71 67.27
N THR L 703 156.29 -55.97 67.71
CA THR L 703 155.62 -55.00 66.87
C THR L 703 154.98 -53.94 67.74
N ARG L 704 155.06 -52.68 67.30
CA ARG L 704 154.36 -51.61 68.00
C ARG L 704 152.88 -51.67 67.67
N GLU L 705 152.04 -51.69 68.69
CA GLU L 705 150.60 -51.88 68.53
C GLU L 705 149.89 -50.58 68.86
N ILE L 706 149.35 -49.93 67.85
CA ILE L 706 148.55 -48.72 68.01
C ILE L 706 147.10 -49.14 68.07
N ALA L 707 146.45 -48.90 69.21
CA ALA L 707 145.13 -49.45 69.48
C ALA L 707 144.18 -48.34 69.93
N ALA L 708 142.92 -48.47 69.55
CA ALA L 708 141.86 -47.59 69.98
C ALA L 708 140.92 -48.37 70.90
N ILE L 709 140.63 -47.81 72.06
CA ILE L 709 139.78 -48.49 73.04
C ILE L 709 138.49 -47.68 73.20
N PRO L 710 137.38 -48.15 72.65
CA PRO L 710 136.10 -47.43 72.83
C PRO L 710 135.68 -47.43 74.29
N PHE L 711 135.05 -46.33 74.69
CA PHE L 711 134.60 -46.13 76.07
C PHE L 711 133.30 -45.32 76.02
N ASN L 712 132.18 -46.03 75.89
CA ASN L 712 130.89 -45.40 75.71
C ASN L 712 129.80 -46.42 76.07
N LEU L 713 128.58 -45.92 76.24
CA LEU L 713 127.45 -46.77 76.59
C LEU L 713 126.20 -46.27 75.87
N HIS L 714 125.43 -47.21 75.32
CA HIS L 714 124.11 -46.94 74.78
C HIS L 714 123.07 -47.32 75.82
N VAL L 715 122.16 -46.40 76.13
CA VAL L 715 121.12 -46.62 77.13
C VAL L 715 119.77 -46.33 76.52
N ASN L 716 118.78 -47.16 76.83
CA ASN L 716 117.40 -46.92 76.44
C ASN L 716 116.62 -46.34 77.62
N ASN L 717 115.71 -45.43 77.33
CA ASN L 717 114.92 -44.75 78.35
C ASN L 717 113.45 -45.08 78.31
N ILE L 718 112.85 -45.14 77.11
CA ILE L 718 111.41 -45.24 76.94
C ILE L 718 111.09 -46.66 76.52
N PRO L 719 110.35 -47.43 77.33
CA PRO L 719 110.02 -48.82 76.95
C PRO L 719 108.84 -48.89 75.99
N PHE L 720 109.03 -48.35 74.79
CA PHE L 720 107.97 -48.23 73.79
C PHE L 720 108.58 -48.43 72.42
N ALA L 721 107.96 -49.29 71.60
CA ALA L 721 108.34 -49.43 70.21
C ALA L 721 107.25 -50.19 69.47
N LEU L 722 107.08 -49.87 68.19
CA LEU L 722 106.33 -50.70 67.26
C LEU L 722 107.27 -51.17 66.16
N GLU L 723 107.25 -52.47 65.89
CA GLU L 723 108.15 -53.08 64.92
C GLU L 723 107.35 -53.63 63.75
N PHE L 724 107.71 -53.20 62.54
CA PHE L 724 107.06 -53.64 61.32
C PHE L 724 108.06 -54.36 60.43
N LYS L 725 107.63 -55.44 59.81
CA LYS L 725 108.41 -56.14 58.79
C LYS L 725 107.71 -55.90 57.45
N ILE L 726 108.34 -55.14 56.58
CA ILE L 726 107.73 -54.64 55.35
C ILE L 726 108.46 -55.24 54.16
N THR L 727 107.74 -56.02 53.35
CA THR L 727 108.32 -56.65 52.17
C THR L 727 107.35 -56.54 51.01
N GLY L 728 107.85 -56.89 49.82
CA GLY L 728 107.01 -56.94 48.64
C GLY L 728 106.98 -55.69 47.79
N PHE L 729 107.96 -54.81 47.92
CA PHE L 729 107.97 -53.57 47.15
C PHE L 729 108.04 -53.86 45.65
N GLN L 730 108.88 -54.82 45.25
CA GLN L 730 109.14 -55.03 43.84
C GLN L 730 107.94 -55.66 43.15
N LYS L 731 107.17 -56.47 43.88
CA LYS L 731 106.03 -57.15 43.28
C LYS L 731 104.86 -56.21 43.05
N VAL L 732 104.68 -55.21 43.91
CA VAL L 732 103.51 -54.35 43.81
C VAL L 732 103.81 -53.16 42.90
N MET L 733 105.08 -52.80 42.77
CA MET L 733 105.46 -51.74 41.84
C MET L 733 105.94 -52.24 40.48
N GLY L 734 106.60 -53.40 40.42
CA GLY L 734 107.17 -53.85 39.16
C GLY L 734 106.23 -54.64 38.28
N GLU L 735 104.98 -54.81 38.70
CA GLU L 735 104.00 -55.58 37.95
C GLU L 735 102.63 -54.92 38.01
N THR L 736 101.87 -55.10 36.92
CA THR L 736 100.49 -54.67 36.88
C THR L 736 99.67 -55.30 37.99
N GLN L 737 98.81 -54.50 38.60
CA GLN L 737 97.99 -54.91 39.72
C GLN L 737 96.51 -54.94 39.39
N PHE L 738 96.00 -53.89 38.75
CA PHE L 738 94.57 -53.79 38.52
C PHE L 738 94.17 -54.47 37.21
N ASN L 739 94.66 -53.97 36.07
CA ASN L 739 94.24 -54.51 34.78
C ASN L 739 94.78 -55.92 34.56
N GLY L 740 95.94 -56.25 35.13
CA GLY L 740 96.44 -57.60 35.01
C GLY L 740 95.53 -58.62 35.66
N LYS L 741 94.95 -58.26 36.80
CA LYS L 741 94.03 -59.16 37.49
C LYS L 741 92.72 -59.31 36.72
N LEU L 742 92.25 -58.24 36.07
CA LEU L 742 91.11 -58.36 35.18
C LEU L 742 91.43 -59.24 33.98
N ALA L 743 92.65 -59.15 33.46
CA ALA L 743 93.04 -59.98 32.33
C ALA L 743 93.02 -61.46 32.67
N ASP L 744 93.12 -61.81 33.94
CA ASP L 744 93.10 -63.22 34.36
C ASP L 744 91.70 -63.77 34.55
N LEU L 745 90.67 -62.97 34.30
CA LEU L 745 89.28 -63.41 34.43
C LEU L 745 88.71 -63.85 33.08
N LYS L 746 89.54 -63.74 32.03
CA LYS L 746 89.15 -64.10 30.68
C LYS L 746 89.00 -65.62 30.54
N PRO L 747 87.88 -66.08 29.96
CA PRO L 747 87.62 -67.51 29.79
C PRO L 747 88.28 -68.08 28.54
N ASN M 164 146.15 -50.26 93.45
CA ASN M 164 145.33 -49.45 92.56
C ASN M 164 146.03 -49.23 91.23
N TYR M 165 146.24 -50.31 90.49
CA TYR M 165 146.82 -50.21 89.15
C TYR M 165 145.89 -49.45 88.21
N ASN M 166 144.58 -49.72 88.30
CA ASN M 166 143.58 -49.12 87.43
C ASN M 166 142.55 -48.42 88.29
N GLU M 167 142.64 -47.09 88.37
CA GLU M 167 141.67 -46.29 89.11
C GLU M 167 140.64 -45.75 88.12
N LYS M 168 139.81 -46.66 87.64
CA LYS M 168 138.72 -46.32 86.74
C LYS M 168 137.52 -45.85 87.56
N SER M 169 136.91 -44.75 87.12
CA SER M 169 135.91 -44.09 87.94
C SER M 169 134.76 -45.04 88.25
N GLN M 170 134.26 -44.99 89.48
CA GLN M 170 133.20 -45.87 89.92
C GLN M 170 132.09 -45.12 90.65
N ARG M 171 132.43 -44.00 91.27
CA ARG M 171 131.54 -43.32 92.20
C ARG M 171 131.07 -41.97 91.73
N ASP M 172 131.96 -41.13 91.20
CA ASP M 172 131.64 -39.74 90.92
C ASP M 172 130.95 -39.67 89.56
N PHE M 173 129.74 -40.18 89.49
CA PHE M 173 128.96 -40.18 88.26
C PHE M 173 128.21 -38.86 88.12
N ARG M 174 127.94 -38.47 86.88
CA ARG M 174 127.10 -37.30 86.62
C ARG M 174 125.64 -37.66 86.88
N VAL M 175 125.02 -36.96 87.82
CA VAL M 175 123.66 -37.27 88.25
C VAL M 175 122.71 -36.22 87.71
N VAL M 176 121.62 -36.67 87.11
CA VAL M 176 120.62 -35.77 86.53
C VAL M 176 119.31 -35.99 87.27
N THR M 177 118.65 -34.90 87.65
CA THR M 177 117.36 -34.96 88.32
C THR M 177 116.26 -34.87 87.27
N ILE M 178 115.38 -35.86 87.24
CA ILE M 178 114.30 -35.89 86.28
C ILE M 178 113.15 -35.04 86.80
N GLY M 179 112.58 -34.22 85.93
CA GLY M 179 111.50 -33.36 86.34
C GLY M 179 110.25 -34.14 86.69
N TYR M 180 109.35 -33.47 87.43
CA TYR M 180 108.14 -34.11 87.90
C TYR M 180 107.20 -33.03 88.43
N ASN M 181 106.09 -32.80 87.73
CA ASN M 181 105.12 -31.79 88.13
C ASN M 181 103.78 -32.18 87.53
N LEU M 182 102.79 -32.42 88.40
CA LEU M 182 101.46 -32.83 87.98
C LEU M 182 100.52 -31.65 88.04
N ALA M 183 99.47 -31.68 87.21
CA ALA M 183 98.47 -30.62 87.21
C ALA M 183 97.12 -31.20 86.80
N ALA M 184 96.02 -30.53 87.16
CA ALA M 184 94.72 -30.89 86.62
C ALA M 184 93.84 -29.64 86.69
N SER M 185 93.05 -29.37 85.67
CA SER M 185 92.17 -28.18 85.68
C SER M 185 90.76 -28.35 86.18
N ARG M 186 90.59 -28.49 87.50
CA ARG M 186 89.31 -28.92 88.07
C ARG M 186 89.05 -30.24 87.34
N GLN M 187 87.82 -30.61 87.00
CA GLN M 187 87.65 -31.84 86.29
C GLN M 187 88.15 -31.65 84.83
N ASP M 188 88.61 -32.70 84.16
CA ASP M 188 89.22 -32.60 82.83
C ASP M 188 88.25 -31.94 81.85
N GLU M 189 88.82 -31.38 80.78
CA GLU M 189 88.00 -30.70 79.77
C GLU M 189 86.99 -31.65 79.15
N PHE M 190 87.33 -32.94 79.10
CA PHE M 190 86.37 -33.95 78.65
C PHE M 190 85.15 -33.96 79.57
N ALA M 191 85.39 -34.08 80.88
CA ALA M 191 84.30 -34.07 81.84
C ALA M 191 83.60 -32.71 81.89
N GLU M 192 84.36 -31.62 81.70
CA GLU M 192 83.78 -30.29 81.84
C GLU M 192 82.79 -30.02 80.72
N ARG M 193 83.14 -30.36 79.48
CA ARG M 193 82.22 -30.14 78.37
C ARG M 193 80.98 -31.01 78.51
N ILE M 194 81.12 -32.23 79.03
CA ILE M 194 79.95 -33.10 79.18
C ILE M 194 79.14 -32.72 80.41
N TYR M 195 79.81 -32.44 81.52
CA TYR M 195 79.16 -32.07 82.78
C TYR M 195 79.66 -30.70 83.21
N PRO M 196 79.18 -29.62 82.58
CA PRO M 196 79.66 -28.29 82.94
C PRO M 196 79.47 -28.00 84.43
N THR M 197 80.46 -27.31 85.00
CA THR M 197 80.49 -27.05 86.43
C THR M 197 79.47 -25.98 86.80
N THR M 198 78.69 -26.25 87.85
CA THR M 198 77.85 -25.26 88.50
C THR M 198 78.27 -25.16 89.95
N VAL M 199 78.55 -23.94 90.41
CA VAL M 199 79.10 -23.74 91.75
C VAL M 199 77.97 -23.71 92.77
N ILE M 200 77.86 -24.69 93.69
CA ILE M 200 76.77 -24.73 94.72
C ILE M 200 77.40 -24.30 96.04
N ASN M 201 76.72 -23.46 96.80
CA ASN M 201 77.21 -23.03 98.09
C ASN M 201 77.10 -24.16 99.08
N PRO M 202 78.06 -24.31 100.00
CA PRO M 202 77.93 -25.39 100.99
C PRO M 202 76.60 -25.32 101.72
N ILE M 203 76.04 -24.13 101.84
CA ILE M 203 74.80 -23.91 102.61
C ILE M 203 73.63 -24.73 102.08
N GLU M 204 73.37 -24.68 100.76
CA GLU M 204 72.32 -25.53 100.17
C GLU M 204 72.72 -26.99 100.11
N GLY M 205 73.90 -27.26 99.57
CA GLY M 205 74.42 -28.62 99.52
C GLY M 205 73.60 -29.55 98.65
N GLY M 206 72.96 -29.00 97.61
CA GLY M 206 72.13 -29.80 96.74
C GLY M 206 71.23 -28.87 95.97
N VAL M 207 70.53 -29.38 94.96
CA VAL M 207 69.71 -28.56 94.08
C VAL M 207 68.38 -29.27 93.97
N VAL M 208 67.33 -28.57 93.52
CA VAL M 208 66.06 -29.22 93.19
C VAL M 208 65.70 -28.75 91.78
N GLN M 209 65.33 -29.66 90.86
CA GLN M 209 64.98 -29.27 89.50
C GLN M 209 63.47 -29.30 89.34
N VAL M 210 62.87 -28.15 89.08
CA VAL M 210 61.42 -28.00 89.01
C VAL M 210 61.03 -27.92 87.55
N LEU M 211 60.16 -28.84 87.12
CA LEU M 211 59.77 -29.00 85.72
C LEU M 211 58.29 -28.65 85.56
N PRO M 212 57.95 -27.39 85.30
CA PRO M 212 56.57 -27.05 84.94
C PRO M 212 56.29 -27.43 83.49
N TYR M 213 55.04 -27.79 83.23
CA TYR M 213 54.60 -28.00 81.86
C TYR M 213 53.08 -27.97 81.81
N ILE M 214 52.54 -27.91 80.59
CA ILE M 214 51.10 -27.90 80.36
C ILE M 214 50.72 -29.26 79.80
N ALA M 215 49.75 -29.90 80.42
CA ALA M 215 49.33 -31.26 80.04
C ALA M 215 48.00 -31.19 79.33
N VAL M 216 47.88 -31.93 78.23
CA VAL M 216 46.59 -32.09 77.57
C VAL M 216 46.05 -33.48 77.88
N MET M 217 44.78 -33.53 78.24
CA MET M 217 44.18 -34.77 78.72
C MET M 217 42.81 -34.98 78.09
N LYS M 218 42.45 -36.25 77.97
CA LYS M 218 41.15 -36.64 77.47
C LYS M 218 40.07 -36.28 78.50
N ASP M 219 38.91 -35.86 78.01
CA ASP M 219 37.80 -35.52 78.89
C ASP M 219 37.08 -36.78 79.40
N VAL M 220 37.56 -37.34 80.50
CA VAL M 220 37.04 -38.59 81.05
C VAL M 220 36.52 -38.33 82.46
N TYR M 221 35.56 -39.13 82.88
CA TYR M 221 35.04 -39.07 84.24
C TYR M 221 35.79 -40.06 85.13
N HIS M 222 35.43 -40.11 86.41
CA HIS M 222 36.07 -40.97 87.39
C HIS M 222 35.32 -42.29 87.44
N GLU M 223 36.05 -43.41 87.38
CA GLU M 223 35.42 -44.71 87.43
C GLU M 223 34.89 -44.99 88.83
N VAL M 224 33.94 -45.92 88.93
CA VAL M 224 33.48 -46.32 90.25
C VAL M 224 34.44 -47.34 90.80
N SER M 225 34.90 -48.25 89.94
CA SER M 225 35.83 -49.28 90.37
C SER M 225 37.24 -48.79 90.18
N GLY M 226 37.39 -47.49 89.97
CA GLY M 226 38.69 -46.92 89.69
C GLY M 226 39.94 -47.58 90.20
N VAL M 227 40.72 -48.20 89.33
CA VAL M 227 41.99 -48.76 89.74
C VAL M 227 42.88 -47.56 89.95
N LYS M 228 43.59 -47.12 88.91
CA LYS M 228 44.33 -45.89 89.04
C LYS M 228 43.51 -44.85 88.30
N MET M 229 44.09 -43.71 87.97
CA MET M 229 43.37 -42.72 87.18
C MET M 229 43.30 -43.19 85.74
N ASP M 230 42.44 -42.59 84.92
CA ASP M 230 42.28 -43.08 83.55
C ASP M 230 42.22 -41.96 82.51
N ASN M 231 43.07 -40.96 82.66
CA ASN M 231 43.08 -39.87 81.70
C ASN M 231 44.39 -39.92 80.95
N GLU M 232 44.31 -39.97 79.63
CA GLU M 232 45.52 -40.06 78.83
C GLU M 232 46.24 -38.75 78.92
N GLU M 233 46.61 -38.35 80.12
CA GLU M 233 47.28 -37.09 80.31
C GLU M 233 48.52 -37.23 79.51
N VAL M 234 48.80 -36.26 78.64
CA VAL M 234 49.98 -36.31 77.81
C VAL M 234 50.59 -34.95 77.88
N ASN M 235 51.89 -34.81 78.03
CA ASN M 235 52.55 -33.52 77.93
C ASN M 235 52.38 -32.93 76.54
N MET M 236 52.10 -31.64 76.47
CA MET M 236 51.95 -30.98 75.18
C MET M 236 53.26 -30.81 74.43
N VAL M 237 54.40 -30.96 75.11
CA VAL M 237 55.68 -30.75 74.44
C VAL M 237 55.83 -31.71 73.26
N GLU M 238 55.44 -32.96 73.45
CA GLU M 238 55.55 -33.93 72.37
C GLU M 238 54.55 -33.69 71.25
N ALA M 239 53.66 -32.71 71.40
CA ALA M 239 52.70 -32.41 70.34
C ALA M 239 53.39 -31.92 69.09
N TYR M 240 54.65 -31.48 69.19
CA TYR M 240 55.40 -31.06 68.01
C TYR M 240 55.81 -32.25 67.18
N ARG M 241 56.11 -33.38 67.82
CA ARG M 241 56.55 -34.59 67.13
C ARG M 241 55.38 -35.45 66.65
N ASP M 242 54.29 -35.50 67.40
CA ASP M 242 53.09 -36.23 67.01
C ASP M 242 51.87 -35.39 67.40
N PRO M 243 51.45 -34.46 66.54
CA PRO M 243 50.33 -33.57 66.89
C PRO M 243 48.99 -34.27 67.03
N SER M 244 48.90 -35.55 66.65
CA SER M 244 47.62 -36.24 66.65
C SER M 244 47.03 -36.40 68.04
N ILE M 245 47.84 -36.19 69.08
CA ILE M 245 47.32 -36.24 70.45
C ILE M 245 46.38 -35.06 70.72
N LEU M 246 46.44 -34.03 69.87
CA LEU M 246 45.58 -32.87 70.04
C LEU M 246 44.35 -32.94 69.15
N ASP M 247 44.37 -33.80 68.13
CA ASP M 247 43.26 -33.88 67.18
C ASP M 247 41.96 -34.25 67.91
N ASP M 248 40.87 -33.65 67.45
CA ASP M 248 39.58 -33.91 68.05
C ASP M 248 38.47 -33.85 67.00
N GLU M 249 37.40 -34.60 67.25
CA GLU M 249 36.22 -34.62 66.40
C GLU M 249 34.96 -34.62 67.26
N SER M 250 35.06 -34.03 68.45
CA SER M 250 33.94 -34.07 69.39
C SER M 250 32.69 -33.41 68.83
N ILE M 251 32.87 -32.54 67.82
CA ILE M 251 31.73 -31.83 67.23
C ILE M 251 31.23 -32.48 65.95
N ALA M 252 31.85 -33.57 65.51
CA ALA M 252 31.43 -34.22 64.28
C ALA M 252 30.01 -34.74 64.40
N LEU M 253 29.24 -34.61 63.32
CA LEU M 253 27.87 -35.13 63.27
C LEU M 253 27.92 -36.45 62.50
N ILE M 254 28.02 -37.55 63.23
CA ILE M 254 28.18 -38.88 62.65
C ILE M 254 26.88 -39.64 62.88
N PRO M 255 26.14 -40.01 61.83
CA PRO M 255 24.93 -40.82 62.02
C PRO M 255 25.23 -42.07 62.82
N ALA M 256 24.38 -42.34 63.81
CA ALA M 256 24.59 -43.43 64.75
C ALA M 256 23.41 -44.36 64.77
N LEU M 257 23.69 -45.63 65.03
CA LEU M 257 22.65 -46.66 65.10
C LEU M 257 22.23 -46.84 66.55
N ASP M 258 20.91 -46.80 66.79
CA ASP M 258 20.40 -47.12 68.10
C ASP M 258 20.63 -48.60 68.39
N PRO M 259 21.33 -48.95 69.48
CA PRO M 259 21.53 -50.37 69.78
C PRO M 259 20.24 -51.16 69.80
N ALA M 260 19.10 -50.51 70.05
CA ALA M 260 17.82 -51.20 70.07
C ALA M 260 17.24 -51.41 68.68
N GLY M 261 17.87 -50.88 67.64
CA GLY M 261 17.35 -51.00 66.29
C GLY M 261 16.21 -50.08 65.96
N SER M 262 16.03 -48.99 66.71
CA SER M 262 14.88 -48.13 66.50
C SER M 262 15.00 -47.32 65.22
N ASN M 263 16.21 -47.01 64.80
CA ASN M 263 16.46 -46.16 63.64
C ASN M 263 17.26 -46.91 62.57
N ALA M 264 17.14 -48.24 62.55
CA ALA M 264 17.92 -49.04 61.63
C ALA M 264 17.44 -48.95 60.18
N ASP M 265 16.28 -48.33 59.95
CA ASP M 265 15.71 -48.24 58.61
C ASP M 265 16.24 -47.04 57.82
N PHE M 266 17.13 -46.24 58.40
CA PHE M 266 17.74 -45.12 57.71
C PHE M 266 19.08 -45.46 57.08
N PHE M 267 19.58 -46.68 57.26
CA PHE M 267 20.96 -47.02 56.95
C PHE M 267 21.00 -48.11 55.88
N VAL M 268 22.17 -48.20 55.21
CA VAL M 268 22.39 -49.22 54.22
C VAL M 268 22.35 -50.59 54.89
N ASP M 269 21.60 -51.52 54.28
CA ASP M 269 21.45 -52.85 54.84
C ASP M 269 22.83 -53.46 55.10
N PRO M 270 23.07 -54.01 56.30
CA PRO M 270 24.39 -54.61 56.57
C PRO M 270 24.84 -55.62 55.53
N ALA M 271 23.90 -56.24 54.82
CA ALA M 271 24.28 -57.22 53.81
C ALA M 271 25.15 -56.59 52.72
N LEU M 272 24.91 -55.31 52.42
CA LEU M 272 25.69 -54.63 51.39
C LEU M 272 26.91 -53.93 52.00
N VAL M 273 26.70 -53.20 53.09
CA VAL M 273 27.76 -52.44 53.75
C VAL M 273 27.66 -52.71 55.24
N PRO M 274 28.60 -53.43 55.84
CA PRO M 274 28.51 -53.73 57.27
C PRO M 274 28.79 -52.49 58.10
N PRO M 275 28.10 -52.32 59.22
CA PRO M 275 28.40 -51.19 60.12
C PRO M 275 29.79 -51.33 60.73
N TYR M 276 30.35 -50.18 61.13
CA TYR M 276 31.62 -50.13 61.83
C TYR M 276 31.51 -49.18 63.01
N THR M 277 32.38 -49.38 63.99
CA THR M 277 32.37 -48.60 65.21
C THR M 277 33.40 -47.48 65.17
N ILE M 278 33.16 -46.45 65.97
CA ILE M 278 34.11 -45.35 66.16
C ILE M 278 34.23 -45.10 67.65
N LYS M 279 35.46 -44.84 68.11
CA LYS M 279 35.70 -44.41 69.48
C LYS M 279 35.86 -42.90 69.50
N ASN M 280 35.08 -42.22 70.34
CA ASN M 280 35.05 -40.78 70.34
C ASN M 280 36.23 -40.22 71.11
N GLU M 281 36.32 -38.89 71.17
CA GLU M 281 37.28 -38.26 72.06
C GLU M 281 37.07 -38.72 73.49
N GLN M 282 35.83 -38.72 73.95
CA GLN M 282 35.52 -39.41 75.20
C GLN M 282 35.55 -40.91 74.94
N ASN M 283 35.79 -41.69 75.99
CA ASN M 283 35.94 -43.14 75.86
C ASN M 283 34.66 -43.84 75.42
N LEU M 284 33.58 -43.07 75.25
CA LEU M 284 32.35 -43.63 74.71
C LEU M 284 32.51 -43.97 73.24
N THR M 285 31.93 -45.11 72.84
CA THR M 285 31.97 -45.57 71.47
C THR M 285 30.58 -45.49 70.85
N ILE M 286 30.55 -45.50 69.51
CA ILE M 286 29.31 -45.49 68.77
C ILE M 286 29.39 -46.52 67.64
N THR M 287 28.22 -46.94 67.16
CA THR M 287 28.11 -47.75 65.95
C THR M 287 27.52 -46.89 64.84
N THR M 288 28.20 -46.82 63.70
CA THR M 288 27.80 -45.99 62.58
C THR M 288 27.80 -46.79 61.29
N ALA M 289 26.95 -46.38 60.35
CA ALA M 289 26.90 -46.94 59.01
C ALA M 289 26.48 -45.84 58.04
N PRO M 290 26.87 -45.96 56.77
CA PRO M 290 26.41 -44.97 55.78
C PRO M 290 24.89 -44.91 55.73
N LEU M 291 24.38 -43.71 55.49
CA LEU M 291 22.94 -43.53 55.35
C LEU M 291 22.45 -44.11 54.04
N LYS M 292 21.26 -44.70 54.06
CA LYS M 292 20.65 -45.21 52.85
C LYS M 292 20.20 -44.06 51.95
N ALA M 293 20.41 -44.22 50.65
CA ALA M 293 19.98 -43.20 49.71
C ALA M 293 18.47 -43.19 49.59
N ASN M 294 17.93 -42.02 49.22
CA ASN M 294 16.48 -41.84 49.05
C ASN M 294 15.74 -42.03 50.37
N VAL M 295 16.21 -41.36 51.41
CA VAL M 295 15.56 -41.38 52.71
C VAL M 295 15.33 -39.96 53.19
N ARG M 296 14.42 -39.81 54.15
CA ARG M 296 14.22 -38.58 54.89
C ARG M 296 14.34 -38.90 56.37
N LEU M 297 15.04 -38.05 57.11
CA LEU M 297 15.30 -38.34 58.51
C LEU M 297 15.61 -37.04 59.23
N ASP M 298 15.52 -37.08 60.56
CA ASP M 298 16.06 -36.04 61.41
C ASP M 298 17.56 -36.27 61.51
N LEU M 299 18.35 -35.42 60.85
CA LEU M 299 19.79 -35.61 60.80
C LEU M 299 20.45 -35.35 62.15
N MET M 300 19.78 -34.61 63.04
CA MET M 300 20.33 -34.35 64.37
C MET M 300 20.00 -35.48 65.34
N GLY M 301 18.73 -35.89 65.37
CA GLY M 301 18.32 -36.93 66.30
C GLY M 301 18.95 -38.27 66.05
N ASN M 302 19.35 -38.55 64.81
CA ASN M 302 20.01 -39.79 64.44
C ASN M 302 21.53 -39.69 64.53
N SER M 303 22.06 -38.58 65.04
CA SER M 303 23.49 -38.37 65.11
C SER M 303 24.07 -38.96 66.39
N ASN M 304 25.39 -39.18 66.37
CA ASN M 304 26.09 -39.64 67.58
C ASN M 304 25.89 -38.67 68.73
N ALA M 305 25.71 -37.38 68.44
CA ALA M 305 25.48 -36.40 69.49
C ALA M 305 24.22 -36.68 70.30
N ASN M 306 23.21 -37.32 69.70
CA ASN M 306 21.99 -37.58 70.44
C ASN M 306 22.09 -38.86 71.26
N LEU M 307 22.90 -39.82 70.84
CA LEU M 307 23.08 -41.06 71.55
C LEU M 307 24.40 -41.14 72.31
N LEU M 308 25.20 -40.07 72.40
CA LEU M 308 26.53 -40.22 72.99
C LEU M 308 26.50 -40.34 74.52
N ILE M 309 26.11 -39.28 75.22
CA ILE M 309 26.05 -39.29 76.69
C ILE M 309 24.62 -39.52 77.11
N GLN M 310 23.69 -38.72 76.60
CA GLN M 310 22.27 -38.86 76.89
C GLN M 310 21.61 -39.73 75.84
N ARG M 311 20.34 -40.12 76.01
CA ARG M 311 19.62 -40.94 75.03
C ARG M 311 18.86 -40.13 74.01
N GLY M 312 18.45 -38.93 74.40
CA GLY M 312 17.64 -38.11 73.52
C GLY M 312 17.46 -36.78 74.18
N MET M 313 18.52 -35.98 74.22
CA MET M 313 18.47 -34.64 74.84
C MET M 313 18.96 -33.45 74.01
N LEU M 314 19.08 -33.58 72.69
CA LEU M 314 19.53 -32.45 71.88
C LEU M 314 18.33 -31.51 71.88
N GLU M 315 18.54 -30.19 72.07
CA GLU M 315 17.45 -29.20 72.04
C GLU M 315 17.63 -28.27 70.85
N VAL M 316 16.73 -27.27 70.66
CA VAL M 316 16.87 -26.40 69.49
C VAL M 316 18.15 -25.59 69.54
N SER M 317 18.83 -25.56 70.69
CA SER M 317 20.08 -24.80 70.80
C SER M 317 21.19 -25.42 69.96
N ASP M 318 21.09 -26.69 69.63
CA ASP M 318 22.06 -27.32 68.72
C ASP M 318 21.73 -27.00 67.27
N THR M 319 22.76 -26.66 66.50
CA THR M 319 22.64 -26.31 65.09
C THR M 319 23.72 -27.02 64.30
N ILE M 320 23.48 -27.16 62.99
CA ILE M 320 24.41 -27.80 62.08
C ILE M 320 25.21 -26.74 61.34
N ASP M 321 26.51 -26.95 61.21
CA ASP M 321 27.37 -26.01 60.52
C ASP M 321 27.06 -26.02 59.03
N PRO M 322 26.69 -24.87 58.44
CA PRO M 322 26.45 -24.83 56.99
C PRO M 322 27.65 -25.24 56.16
N ALA M 323 28.88 -25.13 56.68
CA ALA M 323 30.08 -25.43 55.92
C ALA M 323 30.36 -26.93 56.01
N GLY M 324 29.51 -27.71 55.33
CA GLY M 324 29.63 -29.15 55.32
C GLY M 324 30.00 -29.63 53.92
N ARG M 325 30.24 -30.94 53.82
CA ARG M 325 30.62 -31.56 52.56
C ARG M 325 29.93 -32.92 52.45
N LEU M 326 29.89 -33.43 51.23
CA LEU M 326 29.49 -34.82 50.94
C LEU M 326 30.75 -35.67 51.01
N LYS M 327 30.80 -36.60 51.96
CA LYS M 327 32.03 -37.33 52.23
C LYS M 327 32.20 -38.52 51.29
N ASN M 328 31.21 -39.41 51.23
CA ASN M 328 31.32 -40.62 50.44
C ASN M 328 30.01 -40.92 49.74
N LEU M 329 30.11 -41.61 48.61
CA LEU M 329 28.98 -42.25 47.95
C LEU M 329 29.30 -43.73 47.79
N PHE M 330 28.33 -44.58 48.11
CA PHE M 330 28.47 -46.02 47.99
C PHE M 330 27.62 -46.49 46.83
N VAL M 331 28.26 -47.08 45.82
CA VAL M 331 27.61 -47.47 44.58
C VAL M 331 27.61 -49.00 44.50
N LEU M 332 26.47 -49.56 44.10
CA LEU M 332 26.33 -51.01 44.02
C LEU M 332 26.65 -51.45 42.60
N LEU M 333 27.64 -52.34 42.46
CA LEU M 333 28.07 -52.84 41.16
C LEU M 333 28.03 -54.36 41.19
N GLY M 334 26.97 -54.94 40.62
CA GLY M 334 26.93 -56.38 40.45
C GLY M 334 26.82 -57.16 41.74
N GLY M 335 26.12 -56.61 42.73
CA GLY M 335 25.95 -57.23 44.02
C GLY M 335 26.96 -56.79 45.07
N LYS M 336 28.04 -56.12 44.67
CA LYS M 336 29.08 -55.68 45.58
C LYS M 336 29.24 -54.18 45.50
N VAL M 337 29.67 -53.58 46.63
CA VAL M 337 29.65 -52.14 46.83
C VAL M 337 31.07 -51.61 46.71
N VAL M 338 31.22 -50.47 46.04
CA VAL M 338 32.46 -49.72 45.99
C VAL M 338 32.23 -48.35 46.63
N LYS M 339 33.23 -47.84 47.33
CA LYS M 339 33.14 -46.55 48.00
C LYS M 339 33.90 -45.52 47.19
N PHE M 340 33.27 -44.37 46.94
CA PHE M 340 33.89 -43.23 46.28
C PHE M 340 34.11 -42.13 47.31
N LYS M 341 35.34 -41.64 47.38
CA LYS M 341 35.66 -40.47 48.21
C LYS M 341 35.45 -39.23 47.37
N VAL M 342 34.48 -38.41 47.76
CA VAL M 342 34.03 -37.29 46.94
C VAL M 342 34.14 -35.98 47.71
N ASP M 343 34.84 -35.98 48.84
CA ASP M 343 34.85 -34.80 49.69
C ASP M 343 35.68 -33.66 49.10
N ARG M 344 36.71 -34.01 48.33
CA ARG M 344 37.56 -33.03 47.68
C ARG M 344 36.94 -32.46 46.39
N LEU M 345 35.90 -33.09 45.86
CA LEU M 345 35.31 -32.66 44.61
C LEU M 345 34.57 -31.34 44.78
N PRO M 346 34.77 -30.37 43.88
CA PRO M 346 34.09 -29.08 44.03
C PRO M 346 32.58 -29.19 44.16
N ARG M 347 31.97 -30.27 43.67
CA ARG M 347 30.51 -30.41 43.76
C ARG M 347 30.04 -30.88 45.13
N ALA M 348 30.95 -31.27 46.02
CA ALA M 348 30.55 -31.87 47.29
C ALA M 348 30.32 -30.85 48.39
N VAL M 349 30.51 -29.56 48.11
CA VAL M 349 30.33 -28.54 49.14
C VAL M 349 28.84 -28.21 49.26
N PHE M 350 28.42 -27.91 50.50
CA PHE M 350 27.04 -27.48 50.73
C PHE M 350 26.80 -26.12 50.11
N GLN M 351 25.61 -25.93 49.55
CA GLN M 351 25.21 -24.66 49.00
C GLN M 351 23.97 -24.13 49.73
N PRO M 352 23.76 -22.83 49.72
CA PRO M 352 22.53 -22.29 50.30
C PRO M 352 21.32 -22.62 49.45
N ASP M 353 20.18 -22.74 50.12
CA ASP M 353 18.90 -22.85 49.43
C ASP M 353 18.40 -21.46 49.08
N LEU M 354 18.47 -21.12 47.79
CA LEU M 354 18.14 -19.75 47.38
C LEU M 354 16.64 -19.49 47.41
N VAL M 355 15.83 -20.53 47.25
CA VAL M 355 14.38 -20.41 47.32
C VAL M 355 13.86 -21.35 48.41
N GLY M 356 13.29 -20.77 49.46
CA GLY M 356 12.95 -21.52 50.64
C GLY M 356 13.51 -20.90 51.91
N ASP M 357 13.71 -21.73 52.93
CA ASP M 357 14.24 -21.23 54.20
C ASP M 357 15.70 -20.83 54.04
N THR M 358 16.06 -19.70 54.66
CA THR M 358 17.41 -19.17 54.53
C THR M 358 18.43 -20.05 55.24
N ARG M 359 17.98 -20.93 56.13
CA ARG M 359 18.87 -21.85 56.85
C ARG M 359 18.79 -23.27 56.31
N ASN M 360 18.48 -23.42 55.02
CA ASN M 360 18.54 -24.72 54.35
C ASN M 360 19.83 -24.80 53.55
N ALA M 361 20.55 -25.91 53.72
CA ALA M 361 21.71 -26.22 52.89
C ALA M 361 21.36 -27.34 51.95
N VAL M 362 21.68 -27.17 50.67
CA VAL M 362 21.29 -28.09 49.63
C VAL M 362 22.56 -28.72 49.05
N ILE M 363 22.52 -30.02 48.81
CA ILE M 363 23.59 -30.75 48.15
C ILE M 363 23.20 -30.96 46.70
N ARG M 364 24.08 -30.56 45.78
CA ARG M 364 23.83 -30.69 44.34
C ARG M 364 25.06 -31.34 43.71
N PHE M 365 25.16 -32.66 43.82
CA PHE M 365 26.34 -33.40 43.38
C PHE M 365 26.03 -34.10 42.07
N ASP M 366 26.52 -33.53 40.97
CA ASP M 366 26.32 -34.08 39.63
C ASP M 366 27.70 -34.33 39.04
N SER M 367 28.06 -35.60 38.90
CA SER M 367 29.40 -35.98 38.48
C SER M 367 29.33 -37.13 37.48
N ASP M 368 30.05 -36.97 36.38
CA ASP M 368 30.19 -38.03 35.38
C ASP M 368 31.56 -38.70 35.46
N ASP M 369 32.31 -38.49 36.54
CA ASP M 369 33.72 -38.84 36.60
C ASP M 369 34.02 -39.73 37.79
N LEU M 370 33.12 -40.69 38.06
CA LEU M 370 33.37 -41.68 39.11
C LEU M 370 33.94 -42.92 38.42
N VAL M 371 35.25 -43.12 38.60
CA VAL M 371 35.96 -44.14 37.83
C VAL M 371 35.89 -45.49 38.54
N VAL M 372 35.57 -46.52 37.78
CA VAL M 372 35.67 -47.91 38.22
C VAL M 372 36.62 -48.63 37.27
N SER M 373 37.71 -49.18 37.81
CA SER M 373 38.73 -49.78 36.98
C SER M 373 39.30 -51.04 37.64
N GLY M 374 40.17 -51.76 36.92
CA GLY M 374 40.75 -52.96 37.47
C GLY M 374 41.62 -52.73 38.70
N ASP M 375 42.05 -51.50 38.93
CA ASP M 375 42.87 -51.19 40.09
C ASP M 375 42.07 -50.74 41.30
N THR M 376 40.75 -50.64 41.18
CA THR M 376 39.91 -50.22 42.29
C THR M 376 39.23 -51.43 42.92
N THR M 377 39.29 -51.53 44.24
CA THR M 377 38.74 -52.66 44.96
C THR M 377 37.40 -52.30 45.59
N PHE M 378 36.67 -53.33 46.00
CA PHE M 378 35.39 -53.15 46.68
C PHE M 378 35.64 -52.77 48.14
N ILE M 379 34.56 -52.44 48.85
CA ILE M 379 34.68 -51.99 50.24
C ILE M 379 35.28 -53.09 51.10
N ASP M 380 35.12 -54.34 50.68
CA ASP M 380 35.67 -55.47 51.41
C ASP M 380 37.08 -55.85 50.96
N GLY M 381 37.69 -55.06 50.07
CA GLY M 381 39.05 -55.32 49.62
C GLY M 381 39.17 -56.28 48.46
N SER M 382 38.07 -56.89 48.02
CA SER M 382 38.13 -57.84 46.93
C SER M 382 38.20 -57.10 45.59
N ALA M 383 38.62 -57.82 44.55
CA ALA M 383 38.63 -57.32 43.18
C ALA M 383 38.10 -58.38 42.23
N ASP M 384 36.96 -58.97 42.56
CA ASP M 384 36.36 -60.02 41.76
C ASP M 384 35.29 -59.42 40.85
N GLY M 385 34.65 -60.29 40.05
CA GLY M 385 33.51 -59.89 39.27
C GLY M 385 33.81 -58.80 38.26
N VAL M 386 33.05 -57.70 38.33
CA VAL M 386 33.20 -56.63 37.35
C VAL M 386 34.62 -56.08 37.37
N ILE M 387 35.20 -55.93 38.56
CA ILE M 387 36.54 -55.37 38.68
C ILE M 387 37.55 -56.28 37.98
N ASN M 388 37.44 -57.60 38.20
CA ASN M 388 38.37 -58.52 37.56
C ASN M 388 38.26 -58.47 36.05
N ASP M 389 37.03 -58.38 35.53
CA ASP M 389 36.83 -58.32 34.08
C ASP M 389 37.37 -57.02 33.50
N LEU M 390 37.21 -55.91 34.24
CA LEU M 390 37.80 -54.65 33.81
C LEU M 390 39.32 -54.74 33.77
N LYS M 391 39.92 -55.41 34.76
CA LYS M 391 41.36 -55.58 34.78
C LYS M 391 41.83 -56.44 33.61
N THR M 392 41.10 -57.53 33.33
CA THR M 392 41.50 -58.40 32.23
C THR M 392 41.33 -57.70 30.89
N ALA M 393 40.22 -56.97 30.71
CA ALA M 393 39.92 -56.33 29.43
C ALA M 393 40.67 -55.02 29.24
N LYS M 394 41.44 -54.57 30.24
CA LYS M 394 42.12 -53.27 30.19
C LYS M 394 41.14 -52.13 29.92
N LEU M 395 40.01 -52.17 30.64
CA LEU M 395 38.97 -51.17 30.50
C LEU M 395 38.70 -50.50 31.84
N SER M 396 38.13 -49.29 31.78
CA SER M 396 37.65 -48.59 32.94
C SER M 396 36.30 -47.96 32.63
N LEU M 397 35.46 -47.82 33.66
CA LEU M 397 34.14 -47.23 33.52
C LEU M 397 34.14 -45.82 34.07
N ARG M 398 33.36 -44.95 33.43
CA ARG M 398 33.08 -43.61 33.95
C ARG M 398 31.60 -43.56 34.32
N LEU M 399 31.31 -43.64 35.61
CA LEU M 399 29.93 -43.66 36.06
C LEU M 399 29.37 -42.25 36.16
N SER M 400 28.07 -42.12 35.94
CA SER M 400 27.37 -40.84 36.04
C SER M 400 26.34 -40.97 37.17
N VAL M 401 26.53 -40.19 38.23
CA VAL M 401 25.68 -40.27 39.42
C VAL M 401 25.09 -38.89 39.69
N GLY M 402 23.89 -38.90 40.28
CA GLY M 402 23.27 -37.67 40.73
C GLY M 402 22.76 -37.82 42.15
N PHE M 403 23.35 -37.05 43.07
CA PHE M 403 22.97 -37.10 44.48
C PHE M 403 22.70 -35.69 44.97
N GLY M 404 21.61 -35.50 45.69
CA GLY M 404 21.28 -34.21 46.26
C GLY M 404 20.41 -34.35 47.48
N GLY M 405 20.17 -33.23 48.14
CA GLY M 405 19.31 -33.25 49.31
C GLY M 405 19.30 -31.89 49.98
N THR M 406 18.37 -31.74 50.92
CA THR M 406 18.19 -30.51 51.69
C THR M 406 18.32 -30.81 53.16
N ILE M 407 19.13 -30.00 53.86
CA ILE M 407 19.33 -30.13 55.30
C ILE M 407 18.87 -28.84 55.96
N SER M 408 17.98 -28.97 56.94
CA SER M 408 17.54 -27.83 57.74
C SER M 408 18.55 -27.62 58.87
N LEU M 409 19.36 -26.58 58.76
CA LEU M 409 20.49 -26.38 59.66
C LEU M 409 20.07 -26.06 61.09
N SER M 410 18.84 -25.64 61.32
CA SER M 410 18.34 -25.34 62.66
C SER M 410 17.48 -26.46 63.22
N LYS M 411 16.53 -26.96 62.43
CA LYS M 411 15.53 -27.90 62.93
C LYS M 411 15.94 -29.35 62.77
N GLY M 412 17.01 -29.63 62.03
CA GLY M 412 17.55 -30.98 61.88
C GLY M 412 16.99 -31.85 60.78
N ASP M 413 15.84 -31.51 60.22
CA ASP M 413 15.26 -32.30 59.15
C ASP M 413 16.16 -32.33 57.92
N SER M 414 16.22 -33.50 57.29
CA SER M 414 16.99 -33.65 56.06
C SER M 414 16.27 -34.61 55.13
N LYS M 415 16.34 -34.32 53.83
CA LYS M 415 15.78 -35.16 52.78
C LYS M 415 16.83 -35.36 51.70
N PHE M 416 17.06 -36.63 51.34
CA PHE M 416 18.08 -36.97 50.36
C PHE M 416 17.48 -37.82 49.24
N GLY M 417 18.15 -37.81 48.10
CA GLY M 417 17.75 -38.65 46.98
C GLY M 417 18.86 -38.84 45.97
N ALA M 418 18.81 -39.96 45.25
CA ALA M 418 19.79 -40.27 44.21
C ALA M 418 19.05 -40.62 42.93
N THR M 419 19.55 -40.09 41.81
CA THR M 419 18.95 -40.37 40.52
C THR M 419 19.53 -41.64 39.91
N ASP M 420 18.93 -42.09 38.82
CA ASP M 420 19.42 -43.28 38.11
C ASP M 420 20.88 -43.11 37.73
N THR M 421 21.66 -44.18 37.93
CA THR M 421 23.08 -44.19 37.67
C THR M 421 23.35 -44.89 36.34
N TYR M 422 24.15 -44.24 35.49
CA TYR M 422 24.46 -44.75 34.17
C TYR M 422 25.97 -44.85 33.99
N VAL M 423 26.39 -45.73 33.08
CA VAL M 423 27.79 -45.78 32.64
C VAL M 423 27.91 -44.78 31.48
N ASP M 424 28.60 -43.67 31.71
CA ASP M 424 28.70 -42.62 30.70
C ASP M 424 29.65 -43.05 29.58
N LYS M 425 30.82 -43.55 29.94
CA LYS M 425 31.81 -43.98 28.94
C LYS M 425 32.51 -45.23 29.43
N VAL M 426 32.98 -46.02 28.47
CA VAL M 426 33.89 -47.14 28.73
C VAL M 426 35.17 -46.82 27.97
N LEU M 427 36.28 -46.68 28.69
CA LEU M 427 37.55 -46.31 28.10
C LEU M 427 38.58 -47.42 28.27
N ASN M 428 39.53 -47.47 27.34
CA ASN M 428 40.69 -48.34 27.44
C ASN M 428 41.84 -47.56 28.06
N GLU M 429 42.98 -48.23 28.22
CA GLU M 429 44.12 -47.61 28.89
C GLU M 429 44.70 -46.47 28.06
N ASP M 430 44.45 -46.46 26.75
CA ASP M 430 44.98 -45.41 25.90
C ASP M 430 44.13 -44.14 25.94
N GLY M 431 43.00 -44.17 26.65
CA GLY M 431 42.09 -43.05 26.70
C GLY M 431 41.01 -43.06 25.64
N GLN M 432 40.91 -44.11 24.84
CA GLN M 432 39.92 -44.15 23.79
C GLN M 432 38.59 -44.66 24.34
N VAL M 433 37.49 -44.09 23.81
CA VAL M 433 36.15 -44.48 24.21
C VAL M 433 35.73 -45.68 23.37
N MET M 434 35.38 -46.78 24.02
CA MET M 434 35.01 -47.99 23.29
C MET M 434 33.52 -47.97 22.95
N ASP M 435 33.18 -48.64 21.85
CA ASP M 435 31.79 -48.87 21.51
C ASP M 435 31.18 -49.92 22.44
N ASN M 436 29.91 -49.69 22.81
CA ASN M 436 29.23 -50.57 23.74
C ASN M 436 28.81 -51.89 23.12
N ALA M 437 28.92 -52.04 21.80
CA ALA M 437 28.63 -53.29 21.13
C ALA M 437 29.79 -54.28 21.14
N ASP M 438 30.96 -53.86 21.61
CA ASP M 438 32.12 -54.75 21.64
C ASP M 438 31.83 -55.92 22.58
N PRO M 439 32.06 -57.16 22.14
CA PRO M 439 31.78 -58.30 23.03
C PRO M 439 32.41 -58.17 24.40
N ALA M 440 33.60 -57.60 24.51
CA ALA M 440 34.25 -57.46 25.81
C ALA M 440 33.54 -56.41 26.65
N VAL M 441 33.16 -55.29 26.04
CA VAL M 441 32.48 -54.23 26.77
C VAL M 441 31.07 -54.65 27.18
N LYS M 442 30.32 -55.26 26.23
CA LYS M 442 28.97 -55.70 26.55
C LYS M 442 28.98 -56.73 27.67
N ALA M 443 29.89 -57.70 27.61
CA ALA M 443 29.94 -58.73 28.63
C ALA M 443 30.10 -58.14 30.02
N ILE M 444 30.83 -57.03 30.14
CA ILE M 444 30.97 -56.37 31.43
C ILE M 444 29.71 -55.57 31.77
N LEU M 445 29.20 -54.79 30.81
CA LEU M 445 28.03 -53.97 31.08
C LEU M 445 26.79 -54.81 31.41
N ASP M 446 26.69 -56.01 30.84
CA ASP M 446 25.53 -56.85 31.14
C ASP M 446 25.49 -57.24 32.61
N GLN M 447 26.60 -57.10 33.34
CA GLN M 447 26.63 -57.43 34.76
C GLN M 447 26.08 -56.31 35.63
N LEU M 448 26.03 -55.09 35.13
CA LEU M 448 25.64 -53.94 35.93
C LEU M 448 24.12 -53.69 35.86
N THR M 449 23.35 -54.70 36.27
CA THR M 449 21.89 -54.56 36.26
C THR M 449 21.40 -53.86 37.51
N ASP M 450 22.21 -53.85 38.58
CA ASP M 450 21.87 -53.22 39.83
C ASP M 450 22.57 -51.88 40.04
N LEU M 451 23.06 -51.29 38.95
CA LEU M 451 23.86 -50.06 39.06
C LEU M 451 23.02 -48.95 39.69
N ALA M 452 23.39 -48.58 40.91
CA ALA M 452 22.68 -47.54 41.64
C ALA M 452 23.54 -47.06 42.79
N VAL M 453 23.24 -45.86 43.26
CA VAL M 453 23.77 -45.36 44.53
C VAL M 453 22.90 -45.90 45.65
N ILE M 454 23.51 -46.56 46.62
CA ILE M 454 22.78 -47.15 47.73
C ILE M 454 22.89 -46.35 49.02
N GLY M 455 24.01 -45.67 49.26
CA GLY M 455 24.17 -44.92 50.49
C GLY M 455 25.22 -43.85 50.37
N PHE M 456 25.39 -43.09 51.44
CA PHE M 456 26.28 -41.94 51.45
C PHE M 456 26.70 -41.65 52.88
N GLU M 457 27.77 -40.87 53.01
CA GLU M 457 28.22 -40.31 54.27
C GLU M 457 28.50 -38.84 54.07
N LEU M 458 28.14 -38.04 55.08
CA LEU M 458 28.35 -36.59 55.03
C LEU M 458 29.42 -36.19 56.02
N ASP M 459 30.18 -35.15 55.66
CA ASP M 459 31.18 -34.55 56.55
C ASP M 459 30.60 -33.34 57.28
N THR M 460 29.53 -33.56 58.04
CA THR M 460 28.86 -32.48 58.75
C THR M 460 29.34 -32.44 60.19
N ARG M 461 29.04 -31.33 60.87
CA ARG M 461 29.45 -31.13 62.25
C ARG M 461 28.52 -30.13 62.90
N PHE M 462 28.55 -30.13 64.24
CA PHE M 462 27.77 -29.16 65.01
C PHE M 462 28.60 -27.90 65.23
N THR M 463 27.90 -26.80 65.45
CA THR M 463 28.52 -25.55 65.87
C THR M 463 28.29 -25.39 67.36
N ASN M 464 29.35 -25.07 68.10
CA ASN M 464 29.24 -24.90 69.56
C ASN M 464 28.98 -23.44 69.92
N THR M 465 27.94 -22.88 69.29
CA THR M 465 27.38 -21.63 69.80
C THR M 465 26.66 -21.90 71.11
N ASN M 466 26.04 -23.07 71.24
CA ASN M 466 25.74 -23.65 72.54
C ASN M 466 26.85 -24.64 72.88
N ARG M 467 27.64 -24.32 73.89
CA ARG M 467 28.91 -25.03 74.09
C ARG M 467 28.67 -26.41 74.67
N ARG M 468 28.07 -27.30 73.88
CA ARG M 468 27.78 -28.64 74.37
C ARG M 468 29.05 -29.46 74.55
N GLN M 469 29.97 -29.38 73.60
CA GLN M 469 31.19 -30.18 73.62
C GLN M 469 32.35 -29.31 74.07
N ARG M 470 33.21 -29.86 74.93
CA ARG M 470 34.42 -29.17 75.34
C ARG M 470 35.63 -29.56 74.50
N GLY M 471 35.72 -30.83 74.11
CA GLY M 471 36.95 -31.33 73.53
C GLY M 471 37.99 -31.62 74.60
N HIS M 472 39.25 -31.59 74.17
CA HIS M 472 40.34 -31.90 75.08
C HIS M 472 40.44 -30.84 76.18
N LEU M 473 40.95 -31.25 77.34
CA LEU M 473 41.15 -30.35 78.46
C LEU M 473 42.63 -30.09 78.66
N LEU M 474 42.97 -28.88 79.08
CA LEU M 474 44.32 -28.52 79.46
C LEU M 474 44.37 -28.29 80.96
N GLN M 475 45.44 -28.73 81.60
CA GLN M 475 45.77 -28.35 82.97
C GLN M 475 47.27 -28.19 83.09
N THR M 476 47.69 -27.42 84.09
CA THR M 476 49.10 -27.20 84.35
C THR M 476 49.61 -28.24 85.36
N ARG M 477 50.85 -28.66 85.18
CA ARG M 477 51.47 -29.64 86.06
C ARG M 477 52.90 -29.20 86.36
N ALA M 478 53.46 -29.75 87.44
CA ALA M 478 54.86 -29.57 87.76
C ALA M 478 55.41 -30.82 88.43
N LEU M 479 56.66 -31.14 88.10
CA LEU M 479 57.39 -32.24 88.72
C LEU M 479 58.65 -31.68 89.37
N GLN M 480 59.13 -32.37 90.41
CA GLN M 480 60.36 -31.98 91.09
C GLN M 480 61.33 -33.15 91.12
N PHE M 481 62.61 -32.85 90.90
CA PHE M 481 63.71 -33.79 91.06
C PHE M 481 64.64 -33.27 92.15
N ARG M 482 65.01 -34.13 93.09
CA ARG M 482 65.85 -33.75 94.21
C ARG M 482 67.21 -34.45 94.06
N HIS M 483 68.28 -33.65 94.08
CA HIS M 483 69.64 -34.15 93.89
C HIS M 483 70.54 -33.58 94.99
N PRO M 484 70.52 -34.17 96.19
CA PRO M 484 71.48 -33.77 97.21
C PRO M 484 72.88 -34.27 96.90
N ILE M 485 73.87 -33.47 97.29
CA ILE M 485 75.27 -33.73 96.93
C ILE M 485 75.90 -34.55 98.05
N PRO M 486 76.50 -35.70 97.75
CA PRO M 486 77.20 -36.47 98.78
C PRO M 486 78.62 -35.96 99.02
N MET M 487 79.14 -36.30 100.20
CA MET M 487 80.55 -36.10 100.50
C MET M 487 81.33 -37.34 100.10
N HIS M 488 82.54 -37.15 99.60
CA HIS M 488 83.37 -38.26 99.13
C HIS M 488 84.55 -38.47 100.07
N ALA M 489 85.13 -39.66 100.00
CA ALA M 489 86.23 -40.01 100.88
C ALA M 489 87.42 -39.10 100.64
N PRO M 490 88.13 -38.71 101.71
CA PRO M 490 89.27 -37.81 101.55
C PRO M 490 90.54 -38.52 101.08
N VAL M 491 91.51 -37.70 100.70
CA VAL M 491 92.88 -38.12 100.51
C VAL M 491 93.77 -37.29 101.45
N THR M 492 94.70 -37.94 102.11
CA THR M 492 95.46 -37.35 103.21
C THR M 492 96.94 -37.31 102.88
N LEU M 493 97.62 -36.27 103.34
CA LEU M 493 99.07 -36.13 103.26
C LEU M 493 99.61 -36.13 104.69
N PRO M 494 100.07 -37.28 105.19
CA PRO M 494 100.66 -37.30 106.54
C PRO M 494 102.03 -36.64 106.55
N MET M 495 102.37 -36.07 107.70
CA MET M 495 103.69 -35.48 107.89
C MET M 495 104.23 -35.89 109.25
N ASP M 496 105.46 -35.45 109.52
CA ASP M 496 106.08 -35.58 110.82
C ASP M 496 105.87 -34.29 111.60
N THR M 497 105.37 -34.41 112.83
CA THR M 497 104.98 -33.24 113.59
C THR M 497 106.17 -32.36 113.95
N MET M 498 107.39 -32.89 113.82
CA MET M 498 108.59 -32.10 114.09
C MET M 498 108.81 -31.03 113.03
N THR M 499 108.31 -31.23 111.81
CA THR M 499 108.51 -30.28 110.73
C THR M 499 107.42 -29.22 110.74
N ASP M 500 107.82 -27.96 110.57
CA ASP M 500 106.87 -26.86 110.55
C ASP M 500 106.16 -26.75 109.19
N GLU M 501 106.92 -26.68 108.10
CA GLU M 501 106.35 -26.66 106.75
C GLU M 501 107.30 -27.45 105.86
N GLY M 502 107.03 -28.75 105.73
CA GLY M 502 107.83 -29.61 104.90
C GLY M 502 107.41 -29.61 103.44
N PRO M 503 106.24 -30.17 103.13
CA PRO M 503 105.77 -30.19 101.74
C PRO M 503 105.24 -28.85 101.26
N GLY M 504 105.78 -28.37 100.15
CA GLY M 504 105.24 -27.19 99.50
C GLY M 504 104.49 -27.58 98.25
N GLU M 505 105.06 -28.49 97.47
CA GLU M 505 104.46 -28.97 96.22
C GLU M 505 103.69 -30.27 96.38
N VAL M 506 104.01 -31.07 97.40
CA VAL M 506 103.33 -32.33 97.60
C VAL M 506 101.88 -32.09 98.01
N VAL M 507 101.62 -31.06 98.81
CA VAL M 507 100.25 -30.75 99.22
C VAL M 507 99.39 -30.44 97.99
N LYS M 508 100.00 -29.92 96.92
CA LYS M 508 99.27 -29.68 95.69
C LYS M 508 98.70 -30.98 95.10
N ALA M 509 99.34 -32.12 95.38
CA ALA M 509 98.82 -33.38 94.89
C ALA M 509 97.50 -33.75 95.53
N LEU M 510 97.16 -33.15 96.68
CA LEU M 510 95.83 -33.37 97.26
C LEU M 510 94.75 -32.77 96.38
N THR M 511 95.02 -31.61 95.79
CA THR M 511 94.06 -31.02 94.86
C THR M 511 94.03 -31.78 93.54
N VAL M 512 95.21 -32.15 93.02
CA VAL M 512 95.25 -32.91 91.76
C VAL M 512 94.55 -34.25 91.93
N ASN M 513 94.82 -34.93 93.05
CA ASN M 513 94.12 -36.17 93.36
C ASN M 513 92.61 -35.98 93.32
N THR M 514 92.11 -34.92 93.97
CA THR M 514 90.68 -34.64 93.92
C THR M 514 90.21 -34.37 92.50
N ASN M 515 90.95 -33.56 91.75
CA ASN M 515 90.52 -33.16 90.42
C ASN M 515 90.44 -34.36 89.47
N ILE M 516 91.40 -35.27 89.55
CA ILE M 516 91.38 -36.44 88.68
C ILE M 516 90.22 -37.34 89.04
N ARG M 517 89.99 -37.53 90.34
CA ARG M 517 88.85 -38.34 90.77
C ARG M 517 87.54 -37.73 90.28
N ASN M 518 87.42 -36.40 90.30
CA ASN M 518 86.22 -35.76 89.78
C ASN M 518 86.02 -36.08 88.30
N SER M 519 87.10 -36.04 87.52
CA SER M 519 86.99 -36.42 86.11
C SER M 519 86.56 -37.88 85.96
N ASN M 520 87.15 -38.77 86.75
CA ASN M 520 86.81 -40.19 86.65
C ASN M 520 85.37 -40.44 87.04
N ASN M 521 84.87 -39.70 88.03
CA ASN M 521 83.48 -39.84 88.44
C ASN M 521 82.54 -39.45 87.30
N ALA M 522 82.90 -38.43 86.54
CA ALA M 522 82.12 -38.05 85.37
C ALA M 522 82.03 -39.21 84.38
N VAL M 523 83.14 -39.94 84.21
CA VAL M 523 83.14 -41.05 83.24
C VAL M 523 82.25 -42.19 83.73
N LYS M 524 82.37 -42.56 85.00
CA LYS M 524 81.52 -43.61 85.55
C LYS M 524 80.04 -43.22 85.48
N ARG M 525 79.72 -41.97 85.81
CA ARG M 525 78.35 -41.52 85.75
C ARG M 525 77.82 -41.54 84.32
N MET M 526 78.65 -41.12 83.36
CA MET M 526 78.25 -41.20 81.96
C MET M 526 77.98 -42.63 81.54
N LEU M 527 78.93 -43.53 81.77
CA LEU M 527 78.80 -44.90 81.27
C LEU M 527 77.67 -45.65 81.99
N ASN M 528 77.52 -45.42 83.30
CA ASN M 528 76.42 -46.06 84.02
C ASN M 528 75.08 -45.50 83.58
N TYR M 529 75.02 -44.20 83.31
CA TYR M 529 73.80 -43.61 82.77
C TYR M 529 73.46 -44.20 81.40
N LEU M 530 74.45 -44.34 80.54
CA LEU M 530 74.20 -44.93 79.23
C LEU M 530 73.66 -46.34 79.36
N ALA M 531 74.21 -47.14 80.27
CA ALA M 531 73.68 -48.47 80.51
C ALA M 531 72.23 -48.41 80.99
N GLN M 532 71.94 -47.48 81.91
CA GLN M 532 70.57 -47.34 82.41
C GLN M 532 69.63 -46.87 81.30
N LEU M 533 70.11 -45.96 80.44
CA LEU M 533 69.29 -45.49 79.32
C LEU M 533 69.06 -46.60 78.32
N ARG M 534 70.09 -47.40 78.06
CA ARG M 534 69.95 -48.52 77.11
C ARG M 534 68.84 -49.46 77.57
N GLU M 535 68.79 -49.73 78.88
CA GLU M 535 67.78 -50.64 79.41
C GLU M 535 66.37 -50.05 79.27
N VAL M 536 66.21 -48.75 79.56
CA VAL M 536 64.90 -48.12 79.47
C VAL M 536 64.43 -48.09 78.02
N VAL M 537 65.31 -47.67 77.10
CA VAL M 537 64.93 -47.60 75.68
C VAL M 537 64.77 -48.99 75.11
N HIS M 538 65.60 -49.96 75.54
CA HIS M 538 65.41 -51.33 75.08
C HIS M 538 64.02 -51.84 75.44
N ASN M 539 63.57 -51.55 76.65
CA ASN M 539 62.23 -51.93 77.07
C ASN M 539 61.20 -50.96 76.48
N GLY M 540 59.93 -51.21 76.78
CA GLY M 540 58.86 -50.47 76.14
C GLY M 540 58.64 -49.09 76.71
N TYR M 541 59.64 -48.21 76.59
CA TYR M 541 59.57 -46.84 77.10
C TYR M 541 60.05 -45.90 76.01
N ASN M 542 59.14 -45.54 75.10
CA ASN M 542 59.44 -44.64 74.00
C ASN M 542 58.62 -43.36 74.08
N ARG M 543 58.13 -43.02 75.27
CA ARG M 543 57.34 -41.82 75.50
C ARG M 543 57.79 -41.18 76.80
N PRO M 544 57.59 -39.86 76.94
CA PRO M 544 57.96 -39.19 78.19
C PRO M 544 57.24 -39.78 79.38
N LYS M 545 57.95 -39.85 80.51
CA LYS M 545 57.40 -40.34 81.75
C LYS M 545 58.28 -39.85 82.89
N PHE M 546 57.71 -39.84 84.10
CA PHE M 546 58.44 -39.46 85.29
C PHE M 546 58.81 -40.71 86.08
N GLY M 547 60.05 -40.76 86.56
CA GLY M 547 60.50 -41.82 87.45
C GLY M 547 61.17 -42.99 86.78
N ILE M 548 61.19 -43.05 85.45
CA ILE M 548 61.80 -44.18 84.77
C ILE M 548 63.31 -44.06 84.74
N ILE M 549 63.83 -42.84 84.63
CA ILE M 549 65.26 -42.59 84.60
C ILE M 549 65.52 -41.18 85.09
N GLU M 550 66.74 -40.95 85.59
CA GLU M 550 67.15 -39.62 86.01
C GLU M 550 67.21 -38.70 84.79
N GLY M 551 66.94 -37.42 85.03
CA GLY M 551 67.04 -36.43 83.99
C GLY M 551 65.80 -35.56 83.93
N ALA M 552 65.98 -34.25 84.10
CA ALA M 552 64.83 -33.36 84.19
C ALA M 552 63.98 -33.39 82.93
N LEU M 553 64.58 -33.72 81.80
CA LEU M 553 63.87 -33.67 80.52
C LEU M 553 63.21 -35.00 80.15
N SER M 554 63.36 -36.02 80.98
CA SER M 554 62.77 -37.32 80.65
C SER M 554 61.25 -37.27 80.61
N ALA M 555 60.63 -36.24 81.17
CA ALA M 555 59.19 -36.08 81.15
C ALA M 555 58.69 -35.13 80.08
N VAL M 556 59.57 -34.63 79.22
CA VAL M 556 59.15 -33.78 78.11
C VAL M 556 59.56 -34.33 76.74
N MET M 557 60.61 -35.13 76.66
CA MET M 557 61.08 -35.66 75.38
C MET M 557 61.08 -37.19 75.42
N ARG M 558 60.90 -37.79 74.27
CA ARG M 558 61.00 -39.24 74.16
C ARG M 558 62.43 -39.69 74.44
N PRO M 559 62.65 -40.62 75.38
CA PRO M 559 63.99 -41.15 75.56
C PRO M 559 64.43 -41.93 74.34
N THR M 560 65.69 -41.73 73.95
CA THR M 560 66.20 -42.34 72.72
C THR M 560 67.60 -42.87 72.97
N TYR M 561 67.85 -44.09 72.52
CA TYR M 561 69.19 -44.68 72.58
C TYR M 561 69.36 -45.61 71.40
N ARG M 562 70.41 -45.38 70.62
CA ARG M 562 70.74 -46.22 69.47
C ARG M 562 72.13 -46.80 69.69
N TYR M 563 72.22 -48.13 69.70
CA TYR M 563 73.48 -48.84 69.86
C TYR M 563 73.83 -49.49 68.52
N LYS M 564 74.94 -49.09 67.93
CA LYS M 564 75.39 -49.59 66.65
C LYS M 564 76.81 -50.11 66.77
N GLU M 565 77.04 -51.33 66.31
CA GLU M 565 78.36 -51.95 66.27
C GLU M 565 78.90 -51.82 64.85
N LEU M 566 79.96 -51.04 64.68
CA LEU M 566 80.51 -50.76 63.36
C LEU M 566 81.78 -51.56 63.15
N ASP M 567 81.69 -52.58 62.28
CA ASP M 567 82.85 -53.35 61.84
C ASP M 567 83.26 -52.76 60.50
N LEU M 568 84.34 -51.99 60.50
CA LEU M 568 84.66 -51.14 59.35
C LEU M 568 84.79 -51.95 58.06
N GLU M 569 85.24 -53.19 58.14
CA GLU M 569 85.35 -54.00 56.92
C GLU M 569 84.02 -54.09 56.19
N LYS M 570 82.92 -54.11 56.94
CA LYS M 570 81.59 -54.22 56.33
C LYS M 570 81.00 -52.87 56.00
N VAL M 571 81.70 -51.77 56.29
CA VAL M 571 81.19 -50.42 56.07
C VAL M 571 81.96 -49.70 54.95
N ILE M 572 83.29 -49.80 54.96
CA ILE M 572 84.10 -49.05 54.00
C ILE M 572 84.01 -49.69 52.62
N ASP M 573 84.16 -48.86 51.59
CA ASP M 573 84.45 -49.33 50.24
C ASP M 573 85.34 -48.30 49.57
N THR M 574 86.52 -48.74 49.14
CA THR M 574 87.50 -47.89 48.47
C THR M 574 88.14 -48.64 47.31
N ILE M 575 88.80 -47.88 46.43
CA ILE M 575 89.45 -48.43 45.26
C ILE M 575 90.96 -48.14 45.27
N LYS M 576 91.36 -47.02 45.85
CA LYS M 576 92.76 -46.64 45.96
C LYS M 576 93.20 -46.69 47.41
N SER M 577 94.52 -46.66 47.60
CA SER M 577 95.10 -46.68 48.94
C SER M 577 95.33 -45.29 49.52
N LYS M 578 95.74 -44.33 48.68
CA LYS M 578 95.94 -42.98 49.18
C LYS M 578 94.64 -42.33 49.62
N ASP M 579 93.49 -42.87 49.18
CA ASP M 579 92.19 -42.38 49.58
C ASP M 579 91.63 -43.11 50.79
N ARG M 580 92.29 -44.17 51.26
CA ARG M 580 91.72 -45.01 52.31
C ARG M 580 91.56 -44.25 53.62
N TRP M 581 92.48 -43.35 53.95
CA TRP M 581 92.34 -42.55 55.16
C TRP M 581 91.06 -41.74 55.12
N ASP M 582 90.81 -41.05 54.02
CA ASP M 582 89.58 -40.27 53.87
C ASP M 582 88.36 -41.19 53.90
N ASP M 583 88.46 -42.37 53.28
CA ASP M 583 87.31 -43.25 53.18
C ASP M 583 86.96 -43.89 54.53
N VAL M 584 87.97 -44.26 55.32
CA VAL M 584 87.68 -44.83 56.64
C VAL M 584 87.22 -43.74 57.61
N CYS M 585 87.77 -42.53 57.50
CA CYS M 585 87.29 -41.42 58.32
C CYS M 585 85.85 -41.05 57.98
N ALA M 586 85.51 -41.05 56.69
CA ALA M 586 84.14 -40.79 56.29
C ALA M 586 83.22 -41.94 56.64
N ALA M 587 83.71 -43.19 56.59
CA ALA M 587 82.87 -44.31 56.96
C ALA M 587 82.36 -44.17 58.39
N ILE M 588 83.23 -43.73 59.30
CA ILE M 588 82.82 -43.57 60.69
C ILE M 588 81.80 -42.44 60.83
N LEU M 589 82.11 -41.29 60.23
CA LEU M 589 81.20 -40.15 60.32
C LEU M 589 79.87 -40.43 59.61
N ASN M 590 79.92 -41.11 58.48
CA ASN M 590 78.68 -41.41 57.76
C ASN M 590 77.79 -42.35 58.56
N CYS M 591 78.39 -43.31 59.27
CA CYS M 591 77.59 -44.16 60.13
C CYS M 591 76.92 -43.37 61.25
N VAL M 592 77.65 -42.41 61.83
CA VAL M 592 77.05 -41.57 62.87
C VAL M 592 75.86 -40.79 62.31
N LYS M 593 76.03 -40.19 61.13
CA LYS M 593 74.92 -39.48 60.50
C LYS M 593 73.75 -40.41 60.23
N ALA M 594 74.03 -41.64 59.79
CA ALA M 594 72.97 -42.58 59.47
C ALA M 594 72.05 -42.81 60.66
N GLU M 595 72.60 -42.89 61.86
CA GLU M 595 71.78 -43.11 63.05
C GLU M 595 71.37 -41.81 63.73
N LEU M 596 72.18 -40.75 63.60
CA LEU M 596 71.90 -39.50 64.29
C LEU M 596 70.69 -38.78 63.75
N PHE M 597 70.57 -38.65 62.43
CA PHE M 597 69.44 -37.91 61.86
C PHE M 597 68.09 -38.54 62.20
N PRO M 598 67.86 -39.84 61.99
CA PRO M 598 66.56 -40.40 62.40
C PRO M 598 66.35 -40.40 63.90
N ALA M 599 67.44 -40.47 64.68
CA ALA M 599 67.30 -40.34 66.13
C ALA M 599 66.93 -38.92 66.52
N HIS M 600 67.51 -37.94 65.84
CA HIS M 600 67.10 -36.55 66.06
C HIS M 600 65.64 -36.33 65.68
N ARG M 601 65.21 -36.90 64.56
CA ARG M 601 63.81 -36.77 64.16
C ARG M 601 62.88 -37.55 65.09
N ASP M 602 63.26 -38.79 65.44
CA ASP M 602 62.38 -39.63 66.24
C ASP M 602 62.31 -39.15 67.68
N SER M 603 63.42 -38.66 68.21
CA SER M 603 63.39 -38.00 69.52
C SER M 603 62.72 -36.65 69.40
N ASN M 604 62.35 -36.07 70.54
CA ASN M 604 61.74 -34.76 70.58
C ASN M 604 62.67 -33.71 71.17
N ILE M 605 63.98 -33.91 71.08
CA ILE M 605 64.94 -33.07 71.80
C ILE M 605 64.92 -31.64 71.26
N GLU M 606 64.75 -31.48 69.96
CA GLU M 606 64.75 -30.14 69.36
C GLU M 606 63.56 -29.33 69.86
N ALA M 607 62.38 -29.95 69.90
CA ALA M 607 61.20 -29.28 70.45
C ALA M 607 61.39 -28.98 71.93
N ALA M 608 61.99 -29.91 72.67
CA ALA M 608 62.23 -29.69 74.10
C ALA M 608 63.14 -28.49 74.31
N PHE M 609 64.20 -28.38 73.51
CA PHE M 609 65.08 -27.22 73.62
C PHE M 609 64.35 -25.94 73.26
N ARG M 610 63.56 -25.97 72.18
CA ARG M 610 62.84 -24.76 71.76
C ARG M 610 61.89 -24.28 72.85
N VAL M 611 61.22 -25.22 73.53
CA VAL M 611 60.28 -24.85 74.59
C VAL M 611 61.02 -24.39 75.84
N ILE M 612 62.05 -25.14 76.25
CA ILE M 612 62.69 -24.86 77.53
C ILE M 612 63.50 -23.57 77.47
N SER M 613 64.29 -23.38 76.41
CA SER M 613 65.14 -22.20 76.35
C SER M 613 64.37 -20.94 76.00
N GLY M 614 63.22 -21.06 75.37
CA GLY M 614 62.50 -19.91 74.87
C GLY M 614 63.05 -19.32 73.59
N ASN M 615 64.07 -19.92 73.01
CA ASN M 615 64.72 -19.40 71.81
C ASN M 615 64.25 -20.21 70.62
N GLN M 616 63.47 -19.58 69.73
CA GLN M 616 62.87 -20.29 68.61
C GLN M 616 63.84 -20.57 67.48
N ASP M 617 65.10 -20.13 67.59
CA ASP M 617 66.12 -20.40 66.60
C ASP M 617 67.25 -21.26 67.15
N GLU M 618 67.02 -21.95 68.24
CA GLU M 618 68.06 -22.72 68.92
C GLU M 618 67.83 -24.22 68.71
N THR M 619 68.92 -24.93 68.42
CA THR M 619 68.93 -26.37 68.27
C THR M 619 70.10 -26.93 69.06
N PRO M 620 70.05 -28.22 69.41
CA PRO M 620 71.16 -28.80 70.17
C PRO M 620 72.41 -28.95 69.32
N MET M 621 73.56 -28.94 69.99
CA MET M 621 74.86 -29.22 69.37
C MET M 621 75.34 -30.56 69.93
N TYR M 622 75.77 -31.45 69.04
CA TYR M 622 76.18 -32.78 69.45
C TYR M 622 77.68 -32.84 69.72
N LEU M 623 78.06 -33.59 70.75
CA LEU M 623 79.45 -33.81 71.10
C LEU M 623 79.83 -35.25 70.76
N PHE M 624 80.97 -35.42 70.09
CA PHE M 624 81.50 -36.74 69.79
C PHE M 624 82.49 -37.12 70.88
N CYS M 625 82.05 -37.95 71.81
CA CYS M 625 82.85 -38.32 72.97
C CYS M 625 83.58 -39.63 72.66
N SER M 626 84.90 -39.58 72.64
CA SER M 626 85.67 -40.72 72.19
C SER M 626 87.02 -40.74 72.88
N ASP M 627 87.74 -41.84 72.69
CA ASP M 627 89.12 -41.94 73.15
C ASP M 627 90.07 -41.31 72.13
N LYS M 628 91.37 -41.42 72.38
CA LYS M 628 92.35 -40.83 71.49
C LYS M 628 92.40 -41.56 70.14
N GLU M 629 92.25 -42.89 70.17
CA GLU M 629 92.38 -43.69 68.95
C GLU M 629 91.29 -43.34 67.95
N ILE M 630 90.05 -43.16 68.41
CA ILE M 630 88.98 -42.81 67.50
C ILE M 630 89.00 -41.32 67.15
N ALA M 631 89.31 -40.46 68.13
CA ALA M 631 89.35 -39.01 67.88
C ALA M 631 90.29 -38.69 66.74
N ASN M 632 91.38 -39.45 66.62
CA ASN M 632 92.32 -39.26 65.52
C ASN M 632 91.66 -39.34 64.17
N TYR M 633 90.62 -40.15 64.04
CA TYR M 633 89.90 -40.29 62.78
C TYR M 633 88.80 -39.26 62.60
N LEU M 634 88.13 -38.86 63.67
CA LEU M 634 87.04 -37.90 63.54
C LEU M 634 87.59 -36.50 63.31
N MET M 635 88.74 -36.17 63.91
CA MET M 635 89.28 -34.82 63.79
C MET M 635 89.94 -34.73 62.43
N THR M 636 89.16 -34.64 61.36
CA THR M 636 89.68 -34.57 60.00
C THR M 636 90.08 -33.14 59.72
N LYS M 637 89.28 -32.18 60.18
CA LYS M 637 89.58 -30.76 60.00
C LYS M 637 88.57 -29.94 60.78
N GLY M 638 88.99 -28.75 61.22
CA GLY M 638 88.09 -27.88 61.97
C GLY M 638 87.15 -27.11 61.06
N ASP M 639 87.36 -27.18 59.75
CA ASP M 639 86.54 -26.46 58.79
C ASP M 639 85.13 -27.02 58.75
N ASP M 640 84.98 -28.32 59.02
CA ASP M 640 83.67 -28.95 58.94
C ASP M 640 82.94 -28.76 60.29
N ARG M 641 82.98 -29.73 61.20
CA ARG M 641 82.32 -29.60 62.51
C ARG M 641 80.91 -29.23 62.26
N THR M 642 80.34 -29.79 61.18
CA THR M 642 78.98 -29.50 60.79
C THR M 642 78.39 -30.81 60.29
N LEU M 643 77.12 -31.11 60.59
CA LEU M 643 76.44 -32.30 60.10
C LEU M 643 75.68 -31.86 58.81
N GLY M 644 74.45 -32.33 58.56
CA GLY M 644 73.82 -32.10 57.26
C GLY M 644 73.39 -30.68 56.96
N ALA M 645 72.25 -30.23 57.48
CA ALA M 645 71.73 -28.90 57.16
C ALA M 645 72.20 -27.86 58.17
N TYR M 646 71.80 -28.03 59.43
CA TYR M 646 71.98 -26.99 60.44
C TYR M 646 72.58 -27.49 61.73
N LEU M 647 72.60 -28.80 61.99
CA LEU M 647 73.18 -29.32 63.22
C LEU M 647 74.70 -29.28 63.14
N LYS M 648 75.32 -28.83 64.23
CA LYS M 648 76.77 -28.79 64.35
C LYS M 648 77.21 -29.77 65.43
N TYR M 649 78.50 -30.10 65.42
CA TYR M 649 79.05 -31.01 66.42
C TYR M 649 80.45 -30.56 66.80
N ASP M 650 80.92 -31.08 67.92
CA ASP M 650 82.29 -30.88 68.36
C ASP M 650 82.83 -32.21 68.87
N ILE M 651 84.16 -32.30 68.94
CA ILE M 651 84.86 -33.54 69.28
C ILE M 651 85.63 -33.32 70.57
N VAL M 652 85.36 -34.17 71.56
CA VAL M 652 86.04 -34.14 72.85
C VAL M 652 86.63 -35.52 73.11
N SER M 653 87.91 -35.56 73.45
CA SER M 653 88.65 -36.79 73.59
C SER M 653 89.06 -36.98 75.04
N THR M 654 89.16 -38.24 75.47
CA THR M 654 89.68 -38.57 76.78
C THR M 654 90.66 -39.73 76.65
N ASN M 655 91.52 -39.86 77.66
CA ASN M 655 92.44 -40.98 77.76
C ASN M 655 92.05 -41.93 78.89
N ASN M 656 90.81 -41.86 79.35
CA ASN M 656 90.35 -42.71 80.44
C ASN M 656 90.30 -44.16 80.00
N GLN M 657 90.69 -45.06 80.91
CA GLN M 657 90.78 -46.48 80.60
C GLN M 657 89.43 -47.06 80.20
N LEU M 658 88.33 -46.43 80.59
CA LEU M 658 87.01 -47.00 80.40
C LEU M 658 86.44 -46.74 79.01
N PHE M 659 87.20 -46.10 78.13
CA PHE M 659 86.79 -45.86 76.75
C PHE M 659 87.65 -46.66 75.78
N ASP M 660 87.85 -47.95 76.06
CA ASP M 660 88.74 -48.76 75.24
C ASP M 660 88.36 -48.70 73.77
N GLY M 661 87.08 -48.66 73.46
CA GLY M 661 86.66 -48.64 72.07
C GLY M 661 85.31 -47.99 71.82
N LYS M 662 85.01 -46.92 72.55
CA LYS M 662 83.67 -46.34 72.55
C LYS M 662 83.66 -44.99 71.85
N LEU M 663 82.67 -44.79 70.99
CA LEU M 663 82.27 -43.46 70.54
C LEU M 663 80.82 -43.25 70.98
N VAL M 664 80.60 -42.17 71.75
CA VAL M 664 79.27 -41.82 72.22
C VAL M 664 78.97 -40.38 71.81
N VAL M 665 77.83 -40.18 71.17
CA VAL M 665 77.41 -38.85 70.71
C VAL M 665 76.25 -38.40 71.59
N ILE M 666 76.41 -37.25 72.23
CA ILE M 666 75.40 -36.71 73.14
C ILE M 666 75.12 -35.26 72.79
N PRO M 667 73.88 -34.80 72.88
CA PRO M 667 73.59 -33.39 72.62
C PRO M 667 73.89 -32.51 73.83
N THR M 668 74.30 -31.27 73.54
CA THR M 668 74.37 -30.23 74.55
C THR M 668 73.85 -28.94 73.95
N ARG M 669 73.66 -27.93 74.79
CA ARG M 669 73.33 -26.60 74.31
C ARG M 669 74.54 -25.94 73.65
N ALA M 670 74.31 -25.32 72.50
CA ALA M 670 75.42 -24.75 71.73
C ALA M 670 76.19 -23.73 72.56
N VAL M 671 75.48 -22.94 73.37
CA VAL M 671 76.09 -22.00 74.30
C VAL M 671 75.71 -22.42 75.71
N GLN M 672 76.71 -22.80 76.50
CA GLN M 672 76.49 -23.32 77.84
C GLN M 672 76.46 -22.18 78.85
N GLN M 673 75.48 -22.22 79.75
CA GLN M 673 75.30 -21.21 80.77
C GLN M 673 75.40 -21.85 82.16
N GLU M 674 75.42 -21.00 83.18
CA GLU M 674 75.48 -21.50 84.55
C GLU M 674 74.18 -22.19 84.91
N ASN M 675 74.29 -23.38 85.52
CA ASN M 675 73.13 -24.16 85.96
C ASN M 675 72.13 -24.32 84.82
N ASP M 676 72.64 -24.61 83.63
CA ASP M 676 71.84 -24.74 82.43
C ASP M 676 71.29 -26.16 82.34
N ILE M 677 69.97 -26.30 82.49
CA ILE M 677 69.36 -27.62 82.49
C ILE M 677 69.52 -28.33 81.15
N LEU M 678 69.73 -27.59 80.06
CA LEU M 678 69.79 -28.20 78.74
C LEU M 678 71.14 -28.83 78.42
N SER M 679 72.11 -28.76 79.33
CA SER M 679 73.33 -29.54 79.16
C SER M 679 73.02 -31.01 79.39
N TRP M 680 73.67 -31.88 78.61
CA TRP M 680 73.48 -33.31 78.78
C TRP M 680 73.62 -33.74 80.24
N GLY M 681 74.58 -33.19 80.97
CA GLY M 681 74.63 -33.37 82.39
C GLY M 681 75.26 -32.15 83.05
N GLN M 682 75.30 -32.18 84.37
CA GLN M 682 75.84 -31.07 85.15
C GLN M 682 76.78 -31.61 86.22
N PHE M 683 77.79 -30.83 86.55
CA PHE M 683 78.72 -31.14 87.64
C PHE M 683 78.43 -30.12 88.75
N PHE M 684 77.80 -30.58 89.81
CA PHE M 684 77.44 -29.71 90.93
C PHE M 684 78.56 -29.76 91.95
N TYR M 685 79.34 -28.70 92.02
CA TYR M 685 80.58 -28.67 92.79
C TYR M 685 80.43 -27.76 93.99
N VAL M 686 80.92 -28.23 95.14
CA VAL M 686 81.05 -27.41 96.34
C VAL M 686 82.52 -27.35 96.70
N SER M 687 82.97 -26.19 97.15
CA SER M 687 84.39 -25.96 97.41
C SER M 687 84.99 -27.11 98.22
N THR M 688 86.17 -27.56 97.80
CA THR M 688 86.86 -28.66 98.46
C THR M 688 87.72 -28.11 99.58
N VAL M 689 87.48 -28.57 100.81
CA VAL M 689 88.19 -28.08 101.97
C VAL M 689 89.44 -28.91 102.20
N ILE M 690 90.55 -28.24 102.42
CA ILE M 690 91.81 -28.87 102.80
C ILE M 690 92.09 -28.46 104.24
N ALA M 691 92.05 -29.42 105.16
CA ALA M 691 92.11 -29.14 106.59
C ALA M 691 93.30 -29.85 107.18
N ASP M 692 93.91 -29.24 108.19
CA ASP M 692 95.05 -29.82 108.90
C ASP M 692 94.78 -29.84 110.40
N LEU M 693 95.21 -30.93 111.04
CA LEU M 693 95.13 -31.05 112.49
C LEU M 693 96.02 -32.21 112.92
N PRO M 694 96.83 -32.03 113.97
CA PRO M 694 97.70 -33.14 114.41
C PRO M 694 96.90 -34.26 115.07
N ILE M 695 96.35 -35.16 114.26
CA ILE M 695 95.57 -36.27 114.80
C ILE M 695 96.51 -37.26 115.48
N THR M 696 96.10 -37.72 116.66
CA THR M 696 96.85 -38.71 117.43
C THR M 696 96.33 -40.12 117.14
N ARG M 697 96.27 -40.47 115.87
CA ARG M 697 95.60 -41.68 115.42
C ARG M 697 96.31 -42.93 115.95
N GLY M 698 95.53 -43.82 116.56
CA GLY M 698 96.04 -45.05 117.11
C GLY M 698 96.34 -44.97 118.59
N GLY M 699 96.45 -43.77 119.15
CA GLY M 699 96.70 -43.60 120.56
C GLY M 699 98.16 -43.60 120.95
N HIS M 700 99.07 -43.98 120.05
CA HIS M 700 100.48 -44.05 120.40
C HIS M 700 101.39 -43.34 119.40
N GLN M 701 100.83 -42.64 118.42
CA GLN M 701 101.64 -41.88 117.46
C GLN M 701 100.85 -40.69 116.98
N VAL M 702 101.49 -39.53 116.93
CA VAL M 702 100.88 -38.30 116.48
C VAL M 702 101.46 -37.92 115.13
N THR M 703 100.60 -37.48 114.21
CA THR M 703 100.99 -37.05 112.88
C THR M 703 100.07 -35.94 112.42
N ARG M 704 100.59 -35.04 111.61
CA ARG M 704 99.78 -34.04 110.94
C ARG M 704 99.16 -34.66 109.68
N GLU M 705 97.84 -34.55 109.57
CA GLU M 705 97.10 -35.13 108.45
C GLU M 705 96.38 -34.01 107.71
N ILE M 706 96.97 -33.58 106.59
CA ILE M 706 96.30 -32.63 105.70
C ILE M 706 95.42 -33.44 104.76
N ALA M 707 94.12 -33.17 104.79
CA ALA M 707 93.15 -33.96 104.04
C ALA M 707 92.29 -33.05 103.17
N ALA M 708 92.03 -33.52 101.95
CA ALA M 708 91.14 -32.84 101.02
C ALA M 708 89.85 -33.64 100.92
N ILE M 709 88.73 -32.98 101.15
CA ILE M 709 87.44 -33.67 101.20
C ILE M 709 86.61 -33.24 100.01
N PRO M 710 86.51 -34.07 98.96
CA PRO M 710 85.68 -33.69 97.81
C PRO M 710 84.21 -33.65 98.16
N PHE M 711 83.49 -32.73 97.51
CA PHE M 711 82.09 -32.48 97.83
C PHE M 711 81.41 -31.99 96.54
N ASN M 712 80.91 -32.94 95.75
CA ASN M 712 80.37 -32.64 94.43
C ASN M 712 79.49 -33.80 93.99
N LEU M 713 78.76 -33.57 92.90
CA LEU M 713 77.87 -34.58 92.35
C LEU M 713 77.77 -34.39 90.84
N HIS M 714 77.74 -35.51 90.12
CA HIS M 714 77.46 -35.53 88.68
C HIS M 714 76.02 -35.98 88.46
N VAL M 715 75.27 -35.18 87.71
CA VAL M 715 73.86 -35.45 87.44
C VAL M 715 73.63 -35.35 85.94
N ASN M 716 72.81 -36.25 85.41
CA ASN M 716 72.43 -36.25 84.00
C ASN M 716 71.09 -35.53 83.83
N ASN M 717 70.88 -34.99 82.63
CA ASN M 717 69.63 -34.33 82.31
C ASN M 717 68.89 -34.95 81.13
N ILE M 718 69.58 -35.24 80.04
CA ILE M 718 68.96 -35.55 78.75
C ILE M 718 69.04 -37.06 78.54
N PRO M 719 67.92 -37.78 78.47
CA PRO M 719 67.92 -39.22 78.19
C PRO M 719 68.10 -39.53 76.70
N PHE M 720 69.24 -39.11 76.14
CA PHE M 720 69.55 -39.31 74.73
C PHE M 720 71.03 -39.63 74.60
N ALA M 721 71.33 -40.66 73.82
CA ALA M 721 72.71 -40.96 73.46
C ALA M 721 72.72 -41.85 72.22
N LEU M 722 73.79 -41.73 71.44
CA LEU M 722 74.09 -42.66 70.36
C LEU M 722 75.44 -43.29 70.62
N GLU M 723 75.46 -44.60 70.82
CA GLU M 723 76.69 -45.32 71.13
C GLU M 723 77.14 -46.13 69.92
N PHE M 724 78.39 -45.92 69.52
CA PHE M 724 78.97 -46.56 68.34
C PHE M 724 80.21 -47.33 68.77
N LYS M 725 80.15 -48.65 68.68
CA LYS M 725 81.30 -49.50 69.00
C LYS M 725 82.07 -49.74 67.71
N ILE M 726 83.20 -49.06 67.58
CA ILE M 726 83.96 -49.04 66.33
C ILE M 726 85.12 -50.01 66.44
N THR M 727 85.13 -51.03 65.59
CA THR M 727 86.15 -52.06 65.61
C THR M 727 86.61 -52.35 64.18
N GLY M 728 87.79 -52.96 64.07
CA GLY M 728 88.29 -53.43 62.82
C GLY M 728 89.25 -52.52 62.08
N PHE M 729 89.84 -51.51 62.75
CA PHE M 729 90.77 -50.61 62.07
C PHE M 729 91.90 -51.38 61.42
N GLN M 730 92.48 -52.33 62.15
CA GLN M 730 93.72 -52.95 61.71
C GLN M 730 93.49 -53.80 60.47
N LYS M 731 92.36 -54.47 60.39
CA LYS M 731 92.05 -55.35 59.28
C LYS M 731 91.46 -54.61 58.09
N VAL M 732 91.29 -53.29 58.19
CA VAL M 732 90.77 -52.50 57.07
C VAL M 732 91.88 -51.60 56.54
N MET M 733 92.65 -50.99 57.45
CA MET M 733 93.77 -50.15 57.05
C MET M 733 95.05 -50.92 56.77
N GLY M 734 95.19 -52.13 57.30
CA GLY M 734 96.38 -52.92 57.05
C GLY M 734 96.21 -54.01 56.02
N GLU M 735 95.03 -54.11 55.41
CA GLU M 735 94.75 -55.17 54.45
C GLU M 735 93.98 -54.63 53.25
N THR M 736 94.20 -55.27 52.10
CA THR M 736 93.53 -54.89 50.88
C THR M 736 92.02 -55.02 51.01
N GLN M 737 91.31 -54.03 50.51
CA GLN M 737 89.85 -54.05 50.48
C GLN M 737 89.30 -54.16 49.05
N PHE M 738 90.08 -53.75 48.05
CA PHE M 738 89.58 -53.77 46.68
C PHE M 738 90.23 -54.87 45.84
N ASN M 739 91.54 -54.77 45.60
CA ASN M 739 92.18 -55.72 44.68
C ASN M 739 92.17 -57.13 45.23
N GLY M 740 92.17 -57.28 46.55
CA GLY M 740 92.10 -58.61 47.13
C GLY M 740 90.81 -59.32 46.76
N LYS M 741 89.80 -58.55 46.35
CA LYS M 741 88.52 -59.10 45.94
C LYS M 741 88.44 -59.35 44.44
N LEU M 742 89.51 -59.07 43.70
CA LEU M 742 89.59 -59.42 42.29
C LEU M 742 90.47 -60.64 42.05
N ALA M 743 91.53 -60.80 42.83
CA ALA M 743 92.44 -61.93 42.67
C ALA M 743 91.77 -63.27 42.98
N ASP M 744 90.72 -63.29 43.79
CA ASP M 744 90.01 -64.51 44.12
C ASP M 744 88.85 -64.80 43.17
N LEU M 745 88.71 -64.04 42.08
CA LEU M 745 87.67 -64.27 41.08
C LEU M 745 88.21 -65.07 39.89
N LYS M 746 89.47 -65.47 39.98
CA LYS M 746 90.11 -66.17 38.88
C LYS M 746 89.46 -67.54 38.70
N PRO M 747 89.08 -67.93 37.49
CA PRO M 747 88.40 -69.20 37.24
C PRO M 747 89.39 -70.36 37.07
N ASN N 164 73.01 -32.97 117.29
CA ASN N 164 73.40 -32.34 116.04
C ASN N 164 74.90 -32.06 116.00
N TYR N 165 75.70 -33.13 116.03
CA TYR N 165 77.15 -32.96 115.92
C TYR N 165 77.52 -32.40 114.54
N ASN N 166 76.91 -32.95 113.49
CA ASN N 166 77.08 -32.45 112.14
C ASN N 166 75.74 -31.96 111.61
N GLU N 167 75.74 -30.76 111.03
CA GLU N 167 74.56 -30.20 110.39
C GLU N 167 74.90 -29.99 108.92
N LYS N 168 74.81 -31.07 108.14
CA LYS N 168 74.96 -31.00 106.70
C LYS N 168 73.60 -30.80 106.06
N SER N 169 73.51 -29.85 105.14
CA SER N 169 72.22 -29.37 104.66
C SER N 169 71.39 -30.52 104.11
N GLN N 170 70.15 -30.59 104.56
CA GLN N 170 69.17 -31.57 104.12
C GLN N 170 67.86 -30.95 103.67
N ARG N 171 67.60 -29.70 104.09
CA ARG N 171 66.31 -29.06 103.84
C ARG N 171 66.39 -28.04 102.72
N ASP N 172 67.18 -26.98 102.93
CA ASP N 172 67.21 -25.87 101.98
C ASP N 172 68.15 -26.20 100.83
N PHE N 173 67.60 -26.38 99.62
CA PHE N 173 68.37 -26.66 98.43
C PHE N 173 68.17 -25.53 97.43
N ARG N 174 69.09 -25.41 96.49
CA ARG N 174 68.98 -24.38 95.46
C ARG N 174 67.95 -24.83 94.43
N VAL N 175 66.79 -24.19 94.41
CA VAL N 175 65.71 -24.54 93.51
C VAL N 175 65.88 -23.78 92.20
N VAL N 176 65.84 -24.51 91.09
CA VAL N 176 65.91 -23.91 89.76
C VAL N 176 64.62 -24.22 89.03
N THR N 177 64.01 -23.19 88.47
CA THR N 177 62.78 -23.35 87.70
C THR N 177 63.15 -23.52 86.23
N ILE N 178 62.77 -24.68 85.67
CA ILE N 178 63.10 -24.98 84.28
C ILE N 178 62.18 -24.17 83.37
N GLY N 179 62.77 -23.48 82.40
CA GLY N 179 61.98 -22.71 81.46
C GLY N 179 61.01 -23.57 80.68
N TYR N 180 59.88 -22.97 80.31
CA TYR N 180 58.83 -23.64 79.55
C TYR N 180 58.05 -22.58 78.79
N ASN N 181 58.38 -22.40 77.52
CA ASN N 181 57.74 -21.42 76.64
C ASN N 181 57.15 -22.17 75.45
N LEU N 182 55.90 -22.59 75.59
CA LEU N 182 55.24 -23.41 74.58
C LEU N 182 54.60 -22.47 73.56
N ALA N 183 55.31 -22.27 72.45
CA ALA N 183 54.95 -21.25 71.47
C ALA N 183 54.44 -21.90 70.20
N ALA N 184 53.49 -21.24 69.54
CA ALA N 184 53.04 -21.64 68.21
C ALA N 184 52.46 -20.43 67.50
N SER N 185 52.86 -20.22 66.25
CA SER N 185 52.22 -19.23 65.40
C SER N 185 50.99 -19.85 64.73
N ARG N 186 50.17 -19.00 64.12
CA ARG N 186 48.97 -19.47 63.43
C ARG N 186 49.26 -20.69 62.57
N GLN N 187 50.37 -20.65 61.83
CA GLN N 187 50.94 -21.83 61.21
C GLN N 187 52.46 -21.76 61.32
N ASP N 188 53.09 -22.92 61.41
CA ASP N 188 54.53 -22.96 61.44
C ASP N 188 55.10 -22.77 60.02
N GLU N 189 56.43 -22.78 59.91
CA GLU N 189 57.06 -22.47 58.64
C GLU N 189 56.65 -23.45 57.56
N PHE N 190 56.52 -24.73 57.89
CA PHE N 190 56.13 -25.74 56.92
C PHE N 190 54.73 -25.49 56.40
N ALA N 191 53.76 -25.37 57.31
CA ALA N 191 52.37 -25.17 56.90
C ALA N 191 52.17 -23.80 56.28
N GLU N 192 52.88 -22.77 56.74
CA GLU N 192 52.63 -21.44 56.23
C GLU N 192 53.10 -21.30 54.79
N ARG N 193 54.26 -21.87 54.46
CA ARG N 193 54.77 -21.79 53.09
C ARG N 193 53.90 -22.58 52.14
N ILE N 194 53.30 -23.67 52.62
CA ILE N 194 52.43 -24.47 51.75
C ILE N 194 51.03 -23.88 51.66
N TYR N 195 50.49 -23.43 52.80
CA TYR N 195 49.15 -22.87 52.88
C TYR N 195 49.24 -21.46 53.46
N PRO N 196 49.68 -20.47 52.68
CA PRO N 196 49.82 -19.12 53.23
C PRO N 196 48.50 -18.64 53.84
N THR N 197 48.62 -17.94 54.97
CA THR N 197 47.45 -17.55 55.74
C THR N 197 46.82 -16.30 55.16
N THR N 198 45.50 -16.35 54.95
CA THR N 198 44.71 -15.19 54.55
C THR N 198 43.63 -14.96 55.59
N VAL N 199 43.48 -13.72 56.02
CA VAL N 199 42.55 -13.37 57.09
C VAL N 199 41.18 -13.14 56.48
N ILE N 200 40.17 -13.85 56.99
CA ILE N 200 38.80 -13.75 56.51
C ILE N 200 37.93 -13.25 57.66
N ASN N 201 37.09 -12.26 57.39
CA ASN N 201 36.17 -11.78 58.40
C ASN N 201 35.09 -12.84 58.64
N PRO N 202 34.68 -13.04 59.89
CA PRO N 202 33.62 -14.02 60.16
C PRO N 202 32.30 -13.70 59.51
N ILE N 203 32.06 -12.43 59.15
CA ILE N 203 30.79 -12.05 58.54
C ILE N 203 30.60 -12.79 57.22
N GLU N 204 31.66 -12.89 56.41
CA GLU N 204 31.59 -13.72 55.22
C GLU N 204 31.72 -15.21 55.58
N GLY N 205 32.71 -15.55 56.39
CA GLY N 205 32.88 -16.92 56.81
C GLY N 205 33.17 -17.88 55.68
N GLY N 206 33.85 -17.41 54.64
CA GLY N 206 34.14 -18.24 53.49
C GLY N 206 34.59 -17.41 52.31
N VAL N 207 35.11 -18.10 51.30
CA VAL N 207 35.67 -17.48 50.11
C VAL N 207 35.13 -18.19 48.88
N VAL N 208 34.91 -17.44 47.81
CA VAL N 208 34.53 -17.99 46.52
C VAL N 208 35.57 -17.55 45.50
N GLN N 209 36.05 -18.49 44.70
CA GLN N 209 37.10 -18.24 43.72
C GLN N 209 36.48 -18.27 42.34
N VAL N 210 36.52 -17.14 41.64
CA VAL N 210 35.92 -16.97 40.32
C VAL N 210 37.03 -17.04 39.28
N LEU N 211 36.91 -17.98 38.36
CA LEU N 211 37.95 -18.24 37.37
C LEU N 211 37.46 -17.86 35.98
N PRO N 212 37.68 -16.62 35.54
CA PRO N 212 37.38 -16.27 34.15
C PRO N 212 38.40 -16.87 33.20
N TYR N 213 37.95 -17.18 31.98
CA TYR N 213 38.87 -17.62 30.94
C TYR N 213 38.20 -17.43 29.58
N ILE N 214 39.01 -17.54 28.53
CA ILE N 214 38.53 -17.52 27.16
C ILE N 214 38.77 -18.89 26.55
N ALA N 215 37.73 -19.45 25.95
CA ALA N 215 37.81 -20.77 25.32
C ALA N 215 37.64 -20.64 23.81
N VAL N 216 38.25 -21.57 23.08
CA VAL N 216 38.11 -21.67 21.64
C VAL N 216 37.04 -22.69 21.34
N MET N 217 36.09 -22.34 20.47
CA MET N 217 34.99 -23.21 20.14
C MET N 217 35.05 -23.57 18.66
N LYS N 218 34.64 -24.81 18.37
CA LYS N 218 34.53 -25.28 17.00
C LYS N 218 33.22 -24.80 16.39
N ASP N 219 33.26 -24.46 15.11
CA ASP N 219 32.05 -23.98 14.42
C ASP N 219 31.10 -25.14 14.12
N VAL N 220 30.29 -25.53 15.10
CA VAL N 220 29.43 -26.70 15.00
C VAL N 220 27.99 -26.28 15.25
N TYR N 221 27.08 -26.78 14.42
CA TYR N 221 25.65 -26.56 14.65
C TYR N 221 25.10 -27.56 15.66
N HIS N 222 23.98 -27.20 16.27
CA HIS N 222 23.32 -28.08 17.22
C HIS N 222 22.57 -29.18 16.48
N GLU N 223 22.99 -30.42 16.68
CA GLU N 223 22.39 -31.54 15.95
C GLU N 223 21.05 -31.93 16.57
N VAL N 224 20.16 -32.45 15.72
CA VAL N 224 18.82 -32.81 16.17
C VAL N 224 18.89 -33.96 17.17
N SER N 225 19.70 -34.96 16.87
CA SER N 225 19.82 -36.10 17.78
C SER N 225 21.11 -36.00 18.57
N GLY N 226 21.40 -34.81 19.09
CA GLY N 226 22.62 -34.62 19.85
C GLY N 226 22.43 -34.83 21.35
N VAL N 227 22.99 -35.92 21.87
CA VAL N 227 22.92 -36.15 23.30
C VAL N 227 23.76 -35.11 24.01
N LYS N 228 24.83 -34.67 23.36
CA LYS N 228 25.67 -33.63 23.94
C LYS N 228 26.18 -32.80 22.77
N MET N 229 26.31 -31.49 22.99
CA MET N 229 26.86 -30.59 21.99
C MET N 229 28.27 -30.99 21.61
N ASP N 230 28.46 -31.43 20.37
CA ASP N 230 29.76 -31.96 19.94
C ASP N 230 30.67 -30.82 19.51
N ASN N 231 31.08 -30.01 20.48
CA ASN N 231 31.90 -28.84 20.24
C ASN N 231 33.13 -28.91 21.13
N GLU N 232 34.31 -29.02 20.53
CA GLU N 232 35.55 -29.17 21.27
C GLU N 232 35.95 -27.83 21.86
N GLU N 233 35.22 -27.43 22.91
CA GLU N 233 35.47 -26.16 23.58
C GLU N 233 36.66 -26.35 24.53
N VAL N 234 37.75 -25.63 24.27
CA VAL N 234 39.00 -25.82 24.98
C VAL N 234 39.49 -24.47 25.48
N ASN N 235 39.96 -24.43 26.72
CA ASN N 235 40.53 -23.22 27.29
C ASN N 235 41.77 -22.79 26.50
N MET N 236 41.84 -21.47 26.24
CA MET N 236 42.97 -20.89 25.53
C MET N 236 44.31 -21.12 26.24
N VAL N 237 44.30 -21.28 27.56
CA VAL N 237 45.56 -21.34 28.29
C VAL N 237 46.39 -22.54 27.83
N GLU N 238 45.76 -23.71 27.70
CA GLU N 238 46.53 -24.89 27.33
C GLU N 238 46.98 -24.86 25.88
N ALA N 239 46.61 -23.85 25.10
CA ALA N 239 47.10 -23.74 23.74
C ALA N 239 48.59 -23.40 23.72
N TYR N 240 49.14 -22.97 24.86
CA TYR N 240 50.59 -22.76 24.95
C TYR N 240 51.33 -24.08 24.91
N ARG N 241 50.73 -25.15 25.44
CA ARG N 241 51.32 -26.48 25.40
C ARG N 241 51.01 -27.22 24.12
N ASP N 242 49.77 -27.16 23.66
CA ASP N 242 49.32 -27.84 22.44
C ASP N 242 48.51 -26.84 21.61
N PRO N 243 49.20 -25.95 20.87
CA PRO N 243 48.49 -24.98 20.03
C PRO N 243 47.88 -25.57 18.77
N SER N 244 47.94 -26.89 18.60
CA SER N 244 47.33 -27.52 17.43
C SER N 244 45.81 -27.45 17.48
N ILE N 245 45.23 -27.21 18.65
CA ILE N 245 43.79 -27.01 18.74
C ILE N 245 43.39 -25.71 18.05
N LEU N 246 44.27 -24.70 18.10
CA LEU N 246 44.02 -23.43 17.44
C LEU N 246 44.57 -23.46 16.00
N ASP N 247 44.04 -24.40 15.23
CA ASP N 247 44.58 -24.70 13.91
C ASP N 247 43.41 -24.96 12.97
N ASP N 248 43.28 -24.14 11.94
CA ASP N 248 42.22 -24.31 10.96
C ASP N 248 42.71 -23.95 9.56
N GLU N 249 42.09 -24.56 8.57
CA GLU N 249 42.32 -24.27 7.15
C GLU N 249 40.98 -24.12 6.44
N SER N 250 40.05 -23.42 7.08
CA SER N 250 38.69 -23.32 6.57
C SER N 250 38.62 -22.63 5.22
N ILE N 251 39.64 -21.87 4.82
CA ILE N 251 39.62 -21.13 3.57
C ILE N 251 40.39 -21.86 2.47
N ALA N 252 40.85 -23.07 2.73
CA ALA N 252 41.57 -23.82 1.71
C ALA N 252 40.65 -24.16 0.55
N LEU N 253 41.20 -24.11 -0.66
CA LEU N 253 40.47 -24.42 -1.88
C LEU N 253 40.97 -25.79 -2.34
N ILE N 254 40.21 -26.82 -2.00
CA ILE N 254 40.57 -28.21 -2.28
C ILE N 254 39.54 -28.78 -3.26
N PRO N 255 39.96 -29.21 -4.45
CA PRO N 255 39.01 -29.80 -5.40
C PRO N 255 38.22 -30.93 -4.74
N ALA N 256 36.93 -30.99 -5.05
CA ALA N 256 36.04 -31.96 -4.44
C ALA N 256 35.23 -32.69 -5.51
N LEU N 257 34.89 -33.93 -5.19
CA LEU N 257 34.14 -34.79 -6.11
C LEU N 257 32.65 -34.65 -5.82
N ASP N 258 31.87 -34.46 -6.87
CA ASP N 258 30.42 -34.46 -6.73
C ASP N 258 29.94 -35.87 -6.40
N PRO N 259 29.24 -36.06 -5.27
CA PRO N 259 28.70 -37.40 -4.98
C PRO N 259 27.91 -37.99 -6.14
N ALA N 260 27.32 -37.15 -7.00
CA ALA N 260 26.57 -37.65 -8.14
C ALA N 260 27.47 -38.04 -9.30
N GLY N 261 28.77 -37.75 -9.23
CA GLY N 261 29.67 -38.06 -10.32
C GLY N 261 29.60 -37.08 -11.48
N SER N 262 29.12 -35.86 -11.25
CA SER N 262 28.94 -34.91 -12.34
C SER N 262 30.27 -34.34 -12.82
N ASN N 263 31.28 -34.28 -11.94
CA ASN N 263 32.57 -33.72 -12.29
C ASN N 263 33.70 -34.74 -12.19
N ALA N 264 33.36 -36.03 -12.31
CA ALA N 264 34.36 -37.07 -12.19
C ALA N 264 35.42 -37.00 -13.29
N ASP N 265 35.11 -36.35 -14.41
CA ASP N 265 36.02 -36.29 -15.54
C ASP N 265 37.14 -35.28 -15.35
N PHE N 266 37.17 -34.57 -14.23
CA PHE N 266 38.25 -33.65 -13.92
C PHE N 266 39.33 -34.27 -13.05
N PHE N 267 39.14 -35.52 -12.60
CA PHE N 267 40.00 -36.12 -11.60
C PHE N 267 40.66 -37.36 -12.17
N VAL N 268 41.77 -37.77 -11.54
CA VAL N 268 42.44 -39.00 -11.94
C VAL N 268 41.53 -40.20 -11.69
N ASP N 269 41.47 -41.09 -12.67
CA ASP N 269 40.60 -42.25 -12.59
C ASP N 269 40.89 -43.01 -11.28
N PRO N 270 39.84 -43.37 -10.52
CA PRO N 270 40.07 -44.12 -9.28
C PRO N 270 40.94 -45.35 -9.45
N ALA N 271 40.96 -45.93 -10.65
CA ALA N 271 41.80 -47.12 -10.86
C ALA N 271 43.27 -46.83 -10.62
N LEU N 272 43.71 -45.60 -10.87
CA LEU N 272 45.11 -45.26 -10.66
C LEU N 272 45.34 -44.64 -9.29
N VAL N 273 44.47 -43.72 -8.90
CA VAL N 273 44.56 -43.03 -7.61
C VAL N 273 43.17 -43.00 -6.99
N PRO N 274 42.86 -43.96 -6.11
CA PRO N 274 41.55 -43.97 -5.47
C PRO N 274 41.29 -42.70 -4.69
N PRO N 275 40.09 -42.16 -4.73
CA PRO N 275 39.78 -40.98 -3.92
C PRO N 275 39.91 -41.27 -2.45
N TYR N 276 40.22 -40.22 -1.68
CA TYR N 276 40.36 -40.32 -0.25
C TYR N 276 39.52 -39.23 0.43
N THR N 277 39.25 -39.44 1.72
CA THR N 277 38.33 -38.60 2.46
C THR N 277 39.09 -37.62 3.33
N ILE N 278 38.62 -36.37 3.34
CA ILE N 278 39.17 -35.32 4.19
C ILE N 278 38.02 -34.69 4.95
N LYS N 279 38.33 -34.09 6.10
CA LYS N 279 37.33 -33.37 6.88
C LYS N 279 37.91 -32.01 7.28
N ASN N 280 37.06 -30.99 7.25
CA ASN N 280 37.46 -29.67 7.68
C ASN N 280 37.15 -29.49 9.17
N GLU N 281 37.26 -28.26 9.66
CA GLU N 281 37.00 -28.00 11.07
C GLU N 281 35.53 -28.26 11.41
N GLN N 282 34.62 -27.93 10.50
CA GLN N 282 33.23 -28.31 10.71
C GLN N 282 33.11 -29.82 10.59
N ASN N 283 31.98 -30.37 11.06
CA ASN N 283 31.79 -31.81 11.00
C ASN N 283 31.47 -32.30 9.59
N LEU N 284 31.42 -31.41 8.60
CA LEU N 284 31.15 -31.82 7.23
C LEU N 284 32.35 -32.54 6.63
N THR N 285 32.06 -33.52 5.78
CA THR N 285 33.07 -34.40 5.21
C THR N 285 33.11 -34.23 3.69
N ILE N 286 34.31 -34.15 3.14
CA ILE N 286 34.51 -33.93 1.72
C ILE N 286 35.33 -35.08 1.12
N THR N 287 34.92 -35.51 -0.07
CA THR N 287 35.66 -36.50 -0.85
C THR N 287 36.49 -35.79 -1.90
N THR N 288 37.79 -36.06 -1.91
CA THR N 288 38.72 -35.36 -2.80
C THR N 288 39.63 -36.36 -3.50
N ALA N 289 40.23 -35.90 -4.59
CA ALA N 289 41.20 -36.67 -5.34
C ALA N 289 42.02 -35.70 -6.18
N PRO N 290 43.22 -36.10 -6.61
CA PRO N 290 44.01 -35.23 -7.48
C PRO N 290 43.30 -34.92 -8.78
N LEU N 291 43.53 -33.72 -9.30
CA LEU N 291 42.97 -33.34 -10.60
C LEU N 291 43.71 -34.06 -11.72
N LYS N 292 42.98 -34.39 -12.78
CA LYS N 292 43.60 -35.01 -13.94
C LYS N 292 44.49 -34.02 -14.67
N ALA N 293 45.65 -34.51 -15.10
CA ALA N 293 46.54 -33.67 -15.91
C ALA N 293 45.91 -33.45 -17.28
N ASN N 294 46.24 -32.29 -17.87
CA ASN N 294 45.67 -31.86 -19.14
C ASN N 294 44.15 -31.67 -19.02
N VAL N 295 43.76 -30.86 -18.03
CA VAL N 295 42.35 -30.62 -17.73
C VAL N 295 42.09 -29.13 -17.76
N ARG N 296 40.88 -28.76 -18.17
CA ARG N 296 40.36 -27.41 -18.06
C ARG N 296 39.07 -27.47 -17.27
N LEU N 297 38.93 -26.59 -16.27
CA LEU N 297 37.80 -26.64 -15.36
C LEU N 297 37.65 -25.31 -14.65
N ASP N 298 36.48 -25.10 -14.07
CA ASP N 298 36.25 -24.03 -13.10
C ASP N 298 36.81 -24.50 -11.76
N LEU N 299 37.95 -23.94 -11.35
CA LEU N 299 38.65 -24.45 -10.18
C LEU N 299 37.87 -24.18 -8.91
N MET N 300 37.26 -23.00 -8.81
CA MET N 300 36.43 -22.70 -7.64
C MET N 300 35.13 -23.49 -7.66
N GLY N 301 34.49 -23.61 -8.84
CA GLY N 301 33.24 -24.35 -8.92
C GLY N 301 33.38 -25.80 -8.50
N ASN N 302 34.55 -26.40 -8.74
CA ASN N 302 34.82 -27.77 -8.36
C ASN N 302 35.48 -27.89 -7.00
N SER N 303 35.55 -26.79 -6.25
CA SER N 303 36.22 -26.80 -4.96
C SER N 303 35.29 -27.35 -3.87
N ASN N 304 35.91 -27.75 -2.75
CA ASN N 304 35.14 -28.20 -1.59
C ASN N 304 34.21 -27.09 -1.09
N ALA N 305 34.60 -25.83 -1.27
CA ALA N 305 33.74 -24.72 -0.88
C ALA N 305 32.42 -24.72 -1.63
N ASN N 306 32.39 -25.23 -2.86
CA ASN N 306 31.16 -25.23 -3.63
C ASN N 306 30.21 -26.34 -3.20
N LEU N 307 30.75 -27.49 -2.82
CA LEU N 307 29.93 -28.62 -2.42
C LEU N 307 29.83 -28.77 -0.91
N LEU N 308 30.30 -27.78 -0.16
CA LEU N 308 30.36 -27.91 1.29
C LEU N 308 28.98 -27.83 1.93
N ILE N 309 28.24 -26.75 1.66
CA ILE N 309 26.95 -26.50 2.29
C ILE N 309 25.81 -26.53 1.26
N GLN N 310 25.93 -25.73 0.20
CA GLN N 310 24.99 -25.76 -0.91
C GLN N 310 25.77 -25.80 -2.22
N ARG N 311 25.25 -26.59 -3.17
CA ARG N 311 26.02 -26.90 -4.36
C ARG N 311 26.37 -25.66 -5.16
N GLY N 312 25.49 -24.65 -5.17
CA GLY N 312 25.74 -23.45 -5.95
C GLY N 312 25.95 -22.18 -5.15
N MET N 313 26.61 -22.27 -4.00
CA MET N 313 26.70 -21.11 -3.12
C MET N 313 27.71 -20.08 -3.62
N LEU N 314 28.74 -20.52 -4.32
CA LEU N 314 29.86 -19.64 -4.64
C LEU N 314 29.43 -18.58 -5.64
N GLU N 315 29.91 -17.36 -5.45
CA GLU N 315 29.60 -16.24 -6.32
C GLU N 315 30.91 -15.55 -6.69
N VAL N 316 30.80 -14.48 -7.49
CA VAL N 316 31.98 -13.77 -7.96
C VAL N 316 32.77 -13.14 -6.82
N SER N 317 32.17 -13.02 -5.64
CA SER N 317 32.90 -12.51 -4.49
C SER N 317 34.02 -13.45 -4.07
N ASP N 318 33.88 -14.74 -4.36
CA ASP N 318 34.93 -15.70 -4.02
C ASP N 318 36.06 -15.64 -5.05
N THR N 319 37.26 -15.42 -4.57
CA THR N 319 38.44 -15.27 -5.40
C THR N 319 39.55 -16.18 -4.90
N ILE N 320 40.54 -16.42 -5.77
CA ILE N 320 41.64 -17.33 -5.48
C ILE N 320 42.84 -16.50 -5.06
N ASP N 321 43.54 -16.96 -4.03
CA ASP N 321 44.74 -16.27 -3.58
C ASP N 321 45.87 -16.50 -4.58
N PRO N 322 46.48 -15.45 -5.13
CA PRO N 322 47.67 -15.64 -5.98
C PRO N 322 48.81 -16.36 -5.29
N ALA N 323 48.84 -16.36 -3.96
CA ALA N 323 49.91 -17.01 -3.21
C ALA N 323 49.56 -18.49 -3.05
N GLY N 324 49.55 -19.19 -4.17
CA GLY N 324 49.36 -20.62 -4.17
C GLY N 324 50.62 -21.32 -4.65
N ARG N 325 50.59 -22.65 -4.54
CA ARG N 325 51.74 -23.46 -4.93
C ARG N 325 51.26 -24.78 -5.50
N LEU N 326 52.08 -25.35 -6.39
CA LEU N 326 51.87 -26.70 -6.89
C LEU N 326 52.26 -27.68 -5.79
N LYS N 327 51.29 -28.40 -5.27
CA LYS N 327 51.52 -29.20 -4.07
C LYS N 327 52.08 -30.58 -4.42
N ASN N 328 51.42 -31.31 -5.31
CA ASN N 328 51.83 -32.67 -5.66
C ASN N 328 51.73 -32.88 -7.15
N LEU N 329 52.56 -33.78 -7.66
CA LEU N 329 52.41 -34.38 -8.98
C LEU N 329 52.32 -35.89 -8.83
N PHE N 330 51.42 -36.52 -9.59
CA PHE N 330 51.26 -37.96 -9.60
C PHE N 330 51.69 -38.48 -10.95
N VAL N 331 52.71 -39.35 -10.97
CA VAL N 331 53.29 -39.88 -12.19
C VAL N 331 52.95 -41.35 -12.29
N LEU N 332 52.55 -41.78 -13.48
CA LEU N 332 52.30 -43.20 -13.75
C LEU N 332 53.62 -43.84 -14.17
N LEU N 333 54.22 -44.59 -13.25
CA LEU N 333 55.57 -45.11 -13.42
C LEU N 333 55.52 -46.64 -13.40
N GLY N 334 55.68 -47.24 -14.57
CA GLY N 334 55.67 -48.69 -14.68
C GLY N 334 54.33 -49.33 -14.38
N GLY N 335 53.23 -48.62 -14.64
CA GLY N 335 51.90 -49.12 -14.38
C GLY N 335 51.30 -48.72 -13.04
N LYS N 336 52.10 -48.15 -12.13
CA LYS N 336 51.62 -47.74 -10.83
C LYS N 336 52.03 -46.31 -10.56
N VAL N 337 51.28 -45.63 -9.70
CA VAL N 337 51.41 -44.19 -9.49
C VAL N 337 52.39 -43.93 -8.37
N VAL N 338 53.28 -42.97 -8.59
CA VAL N 338 54.21 -42.48 -7.57
C VAL N 338 53.85 -41.04 -7.26
N LYS N 339 53.69 -40.73 -5.98
CA LYS N 339 53.33 -39.39 -5.54
C LYS N 339 54.59 -38.60 -5.23
N PHE N 340 54.74 -37.45 -5.88
CA PHE N 340 55.88 -36.57 -5.68
C PHE N 340 55.43 -35.30 -4.97
N LYS N 341 56.03 -35.01 -3.82
CA LYS N 341 55.73 -33.82 -3.05
C LYS N 341 56.68 -32.70 -3.49
N VAL N 342 56.11 -31.65 -4.08
CA VAL N 342 56.90 -30.61 -4.74
C VAL N 342 56.42 -29.25 -4.23
N ASP N 343 55.83 -29.25 -3.04
CA ASP N 343 55.04 -28.10 -2.61
C ASP N 343 55.89 -26.87 -2.38
N ARG N 344 57.04 -27.03 -1.73
CA ARG N 344 57.87 -25.90 -1.32
C ARG N 344 59.03 -25.63 -2.27
N LEU N 345 59.07 -26.31 -3.41
CA LEU N 345 60.17 -26.11 -4.35
C LEU N 345 60.03 -24.74 -5.01
N PRO N 346 61.14 -24.08 -5.33
CA PRO N 346 61.06 -22.74 -5.95
C PRO N 346 60.21 -22.70 -7.20
N ARG N 347 60.11 -23.80 -7.95
CA ARG N 347 59.36 -23.81 -9.19
C ARG N 347 57.87 -24.05 -9.00
N ALA N 348 57.42 -24.31 -7.76
CA ALA N 348 56.02 -24.62 -7.49
C ALA N 348 55.19 -23.38 -7.19
N VAL N 349 55.81 -22.22 -7.04
CA VAL N 349 55.08 -21.03 -6.64
C VAL N 349 54.35 -20.43 -7.84
N PHE N 350 53.15 -19.90 -7.58
CA PHE N 350 52.39 -19.24 -8.63
C PHE N 350 53.09 -17.95 -9.06
N GLN N 351 53.02 -17.64 -10.35
CA GLN N 351 53.58 -16.41 -10.86
C GLN N 351 52.52 -15.59 -11.55
N PRO N 352 52.67 -14.27 -11.58
CA PRO N 352 51.75 -13.44 -12.38
C PRO N 352 51.94 -13.68 -13.87
N ASP N 353 50.82 -13.68 -14.58
CA ASP N 353 50.84 -13.77 -16.04
C ASP N 353 51.10 -12.39 -16.61
N LEU N 354 52.27 -12.21 -17.24
CA LEU N 354 52.70 -10.88 -17.63
C LEU N 354 52.01 -10.41 -18.91
N VAL N 355 51.51 -11.34 -19.72
CA VAL N 355 50.83 -11.02 -20.98
C VAL N 355 49.43 -11.59 -20.91
N GLY N 356 48.43 -10.71 -20.88
CA GLY N 356 47.04 -11.11 -20.69
C GLY N 356 46.42 -10.39 -19.50
N ASP N 357 45.43 -11.05 -18.90
CA ASP N 357 44.72 -10.48 -17.77
C ASP N 357 45.62 -10.37 -16.55
N THR N 358 45.61 -9.20 -15.92
CA THR N 358 46.52 -8.93 -14.82
C THR N 358 46.25 -9.85 -13.63
N ARG N 359 45.04 -10.41 -13.56
CA ARG N 359 44.65 -11.30 -12.47
C ARG N 359 44.82 -12.77 -12.84
N ASN N 360 45.53 -13.08 -13.91
CA ASN N 360 45.82 -14.46 -14.30
C ASN N 360 47.14 -14.87 -13.67
N ALA N 361 47.14 -16.05 -13.04
CA ALA N 361 48.35 -16.62 -12.46
C ALA N 361 48.78 -17.80 -13.31
N VAL N 362 50.08 -17.92 -13.54
CA VAL N 362 50.63 -18.96 -14.41
C VAL N 362 51.50 -19.88 -13.57
N ILE N 363 51.43 -21.18 -13.86
CA ILE N 363 52.24 -22.19 -13.21
C ILE N 363 53.19 -22.77 -14.25
N ARG N 364 54.48 -22.77 -13.93
CA ARG N 364 55.51 -23.32 -14.82
C ARG N 364 56.47 -24.10 -13.93
N PHE N 365 56.18 -25.39 -13.75
CA PHE N 365 57.01 -26.28 -12.93
C PHE N 365 57.86 -27.15 -13.86
N ASP N 366 59.15 -26.85 -13.90
CA ASP N 366 60.09 -27.61 -14.71
C ASP N 366 61.19 -28.13 -13.80
N SER N 367 61.28 -29.46 -13.67
CA SER N 367 62.20 -30.07 -12.73
C SER N 367 62.75 -31.36 -13.32
N ASP N 368 64.05 -31.56 -13.16
CA ASP N 368 64.71 -32.80 -13.55
C ASP N 368 65.08 -33.65 -12.35
N ASP N 369 64.55 -33.32 -11.17
CA ASP N 369 65.02 -33.87 -9.90
C ASP N 369 63.93 -34.65 -9.18
N LEU N 370 63.10 -35.36 -9.93
CA LEU N 370 62.12 -36.27 -9.33
C LEU N 370 62.77 -37.63 -9.16
N VAL N 371 63.13 -37.97 -7.93
CA VAL N 371 63.94 -39.15 -7.67
C VAL N 371 63.04 -40.35 -7.42
N VAL N 372 63.37 -41.46 -8.08
CA VAL N 372 62.73 -42.75 -7.84
C VAL N 372 63.83 -43.77 -7.63
N SER N 373 63.84 -44.41 -6.46
CA SER N 373 64.91 -45.34 -6.12
C SER N 373 64.33 -46.54 -5.40
N GLY N 374 65.19 -47.47 -4.96
CA GLY N 374 64.71 -48.63 -4.25
C GLY N 374 63.98 -48.31 -2.97
N ASP N 375 64.17 -47.10 -2.44
CA ASP N 375 63.47 -46.66 -1.24
C ASP N 375 62.15 -45.98 -1.52
N THR N 376 61.77 -45.85 -2.79
CA THR N 376 60.49 -45.24 -3.14
C THR N 376 59.36 -46.25 -2.93
N THR N 377 58.19 -45.75 -2.54
CA THR N 377 56.98 -46.55 -2.48
C THR N 377 55.90 -45.93 -3.36
N PHE N 378 55.05 -46.77 -3.93
CA PHE N 378 53.88 -46.31 -4.68
C PHE N 378 52.83 -45.75 -3.71
N ILE N 379 51.80 -45.13 -4.29
CA ILE N 379 50.77 -44.49 -3.49
C ILE N 379 50.11 -45.49 -2.56
N ASP N 380 50.06 -46.76 -2.96
CA ASP N 380 49.43 -47.80 -2.16
C ASP N 380 50.39 -48.47 -1.18
N GLY N 381 51.63 -47.99 -1.09
CA GLY N 381 52.60 -48.52 -0.16
C GLY N 381 53.47 -49.64 -0.72
N SER N 382 53.15 -50.15 -1.90
CA SER N 382 53.95 -51.23 -2.48
C SER N 382 55.25 -50.70 -3.06
N ALA N 383 56.22 -51.60 -3.19
CA ALA N 383 57.52 -51.26 -3.77
C ALA N 383 58.00 -52.37 -4.69
N ASP N 384 57.09 -53.01 -5.40
CA ASP N 384 57.43 -54.08 -6.33
C ASP N 384 57.59 -53.50 -7.73
N GLY N 385 57.76 -54.37 -8.73
CA GLY N 385 57.92 -53.95 -10.10
C GLY N 385 59.18 -53.15 -10.35
N VAL N 386 59.03 -51.97 -10.96
CA VAL N 386 60.20 -51.18 -11.34
C VAL N 386 61.01 -50.80 -10.11
N ILE N 387 60.34 -50.46 -9.00
CA ILE N 387 61.05 -50.04 -7.80
C ILE N 387 61.93 -51.16 -7.27
N ASN N 388 61.42 -52.39 -7.25
CA ASN N 388 62.22 -53.51 -6.78
C ASN N 388 63.42 -53.73 -7.69
N ASP N 389 63.24 -53.55 -9.00
CA ASP N 389 64.35 -53.70 -9.93
C ASP N 389 65.40 -52.63 -9.71
N LEU N 390 64.97 -51.40 -9.43
CA LEU N 390 65.91 -50.34 -9.07
C LEU N 390 66.63 -50.68 -7.77
N LYS N 391 65.93 -51.25 -6.80
CA LYS N 391 66.55 -51.63 -5.54
C LYS N 391 67.64 -52.67 -5.74
N THR N 392 67.31 -53.77 -6.43
CA THR N 392 68.27 -54.85 -6.58
C THR N 392 69.44 -54.44 -7.48
N ALA N 393 69.20 -53.56 -8.45
CA ALA N 393 70.25 -53.08 -9.34
C ALA N 393 71.07 -51.94 -8.73
N LYS N 394 70.69 -51.47 -7.53
CA LYS N 394 71.33 -50.32 -6.89
C LYS N 394 71.35 -49.11 -7.82
N LEU N 395 70.20 -48.83 -8.44
CA LEU N 395 70.05 -47.72 -9.37
C LEU N 395 68.99 -46.76 -8.86
N SER N 396 69.10 -45.52 -9.31
CA SER N 396 68.14 -44.47 -8.98
C SER N 396 67.82 -43.67 -10.23
N LEU N 397 66.54 -43.37 -10.43
CA LEU N 397 66.09 -42.58 -11.57
C LEU N 397 66.00 -41.11 -11.20
N ARG N 398 66.27 -40.25 -12.17
CA ARG N 398 66.01 -38.82 -12.07
C ARG N 398 65.04 -38.45 -13.19
N LEU N 399 63.78 -38.27 -12.84
CA LEU N 399 62.74 -38.01 -13.83
C LEU N 399 62.65 -36.52 -14.14
N SER N 400 62.25 -36.21 -15.37
CA SER N 400 62.08 -34.85 -15.84
C SER N 400 60.62 -34.65 -16.21
N VAL N 401 59.97 -33.68 -15.57
CA VAL N 401 58.56 -33.41 -15.81
C VAL N 401 58.37 -31.93 -16.10
N GLY N 402 57.33 -31.61 -16.84
CA GLY N 402 56.94 -30.24 -17.08
C GLY N 402 55.45 -30.05 -16.90
N PHE N 403 55.05 -29.30 -15.87
CA PHE N 403 53.65 -29.07 -15.56
C PHE N 403 53.37 -27.57 -15.68
N GLY N 404 52.44 -27.21 -16.55
CA GLY N 404 52.07 -25.82 -16.75
C GLY N 404 50.57 -25.64 -16.64
N GLY N 405 50.15 -24.41 -16.39
CA GLY N 405 48.74 -24.08 -16.39
C GLY N 405 48.53 -22.63 -16.03
N THR N 406 47.28 -22.18 -16.22
CA THR N 406 46.88 -20.83 -15.84
C THR N 406 45.64 -20.90 -14.96
N ILE N 407 45.55 -19.97 -14.01
CA ILE N 407 44.39 -19.84 -13.15
C ILE N 407 43.93 -18.39 -13.20
N SER N 408 42.66 -18.18 -13.55
CA SER N 408 42.07 -16.85 -13.54
C SER N 408 41.59 -16.55 -12.13
N LEU N 409 42.33 -15.69 -11.42
CA LEU N 409 42.12 -15.54 -9.98
C LEU N 409 40.78 -14.92 -9.65
N SER N 410 40.18 -14.15 -10.56
CA SER N 410 38.87 -13.55 -10.34
C SER N 410 37.73 -14.42 -10.84
N LYS N 411 37.98 -15.25 -11.85
CA LYS N 411 36.92 -16.03 -12.47
C LYS N 411 36.87 -17.47 -11.99
N GLY N 412 37.99 -18.04 -11.56
CA GLY N 412 38.07 -19.44 -11.22
C GLY N 412 38.42 -20.36 -12.37
N ASP N 413 38.36 -19.88 -13.61
CA ASP N 413 38.72 -20.70 -14.76
C ASP N 413 40.18 -21.12 -14.66
N SER N 414 40.47 -22.39 -14.95
CA SER N 414 41.82 -22.89 -14.92
C SER N 414 42.05 -23.83 -16.10
N LYS N 415 43.25 -23.77 -16.67
CA LYS N 415 43.64 -24.63 -17.78
C LYS N 415 45.04 -25.15 -17.52
N PHE N 416 45.18 -26.47 -17.55
CA PHE N 416 46.42 -27.14 -17.18
C PHE N 416 46.90 -27.99 -18.34
N GLY N 417 48.20 -28.29 -18.34
CA GLY N 417 48.76 -29.23 -19.29
C GLY N 417 50.11 -29.75 -18.85
N ALA N 418 50.43 -30.98 -19.26
CA ALA N 418 51.68 -31.63 -18.87
C ALA N 418 52.44 -32.01 -20.13
N THR N 419 53.76 -31.80 -20.10
CA THR N 419 54.60 -32.18 -21.22
C THR N 419 55.00 -33.65 -21.09
N ASP N 420 55.62 -34.18 -22.14
CA ASP N 420 56.11 -35.55 -22.11
C ASP N 420 57.12 -35.73 -20.98
N THR N 421 57.02 -36.87 -20.30
CA THR N 421 57.87 -37.20 -19.16
C THR N 421 59.02 -38.07 -19.63
N TYR N 422 60.24 -37.73 -19.19
CA TYR N 422 61.44 -38.44 -19.57
C TYR N 422 62.23 -38.83 -18.33
N VAL N 423 63.07 -39.85 -18.48
CA VAL N 423 64.10 -40.17 -17.49
C VAL N 423 65.36 -39.43 -17.91
N ASP N 424 65.77 -38.43 -17.13
CA ASP N 424 66.93 -37.62 -17.50
C ASP N 424 68.23 -38.36 -17.22
N LYS N 425 68.32 -39.01 -16.06
CA LYS N 425 69.52 -39.76 -15.69
C LYS N 425 69.12 -41.06 -15.03
N VAL N 426 70.00 -42.04 -15.14
CA VAL N 426 69.98 -43.24 -14.30
C VAL N 426 71.30 -43.28 -13.57
N LEU N 427 71.26 -43.20 -12.24
CA LEU N 427 72.46 -43.11 -11.43
C LEU N 427 72.68 -44.41 -10.68
N ASN N 428 73.94 -44.73 -10.42
CA ASN N 428 74.30 -45.85 -9.57
C ASN N 428 74.30 -45.40 -8.11
N GLU N 429 74.61 -46.32 -7.19
CA GLU N 429 74.59 -45.97 -5.77
C GLU N 429 75.58 -44.85 -5.46
N ASP N 430 76.73 -44.82 -6.14
CA ASP N 430 77.73 -43.79 -5.86
C ASP N 430 77.25 -42.42 -6.35
N GLY N 431 76.41 -42.39 -7.37
CA GLY N 431 75.92 -41.15 -7.94
C GLY N 431 76.39 -40.86 -9.35
N GLN N 432 77.04 -41.81 -10.03
CA GLN N 432 77.51 -41.59 -11.39
C GLN N 432 76.44 -42.00 -12.40
N VAL N 433 76.50 -41.36 -13.57
CA VAL N 433 75.57 -41.64 -14.66
C VAL N 433 76.00 -42.90 -15.38
N MET N 434 75.05 -43.80 -15.62
CA MET N 434 75.29 -45.01 -16.38
C MET N 434 74.67 -44.89 -17.76
N ASP N 435 75.32 -45.52 -18.73
CA ASP N 435 74.77 -45.56 -20.09
C ASP N 435 73.50 -46.38 -20.16
N ASN N 436 72.54 -45.89 -20.95
CA ASN N 436 71.25 -46.54 -21.07
C ASN N 436 71.30 -47.86 -21.83
N ALA N 437 72.42 -48.18 -22.47
CA ALA N 437 72.58 -49.45 -23.16
C ALA N 437 72.92 -50.60 -22.21
N ASP N 438 73.30 -50.29 -20.97
CA ASP N 438 73.69 -51.29 -19.99
C ASP N 438 72.50 -52.22 -19.76
N PRO N 439 72.67 -53.54 -19.88
CA PRO N 439 71.52 -54.43 -19.70
C PRO N 439 70.77 -54.20 -18.40
N ALA N 440 71.45 -53.82 -17.31
CA ALA N 440 70.76 -53.59 -16.06
C ALA N 440 69.89 -52.34 -16.13
N VAL N 441 70.38 -51.29 -16.81
CA VAL N 441 69.62 -50.06 -16.95
C VAL N 441 68.51 -50.22 -17.97
N LYS N 442 68.82 -50.80 -19.13
CA LYS N 442 67.82 -50.96 -20.17
C LYS N 442 66.66 -51.82 -19.71
N ALA N 443 66.93 -52.92 -19.02
CA ALA N 443 65.85 -53.80 -18.59
C ALA N 443 64.81 -53.05 -17.77
N ILE N 444 65.26 -52.03 -17.03
CA ILE N 444 64.32 -51.22 -16.25
C ILE N 444 63.63 -50.19 -17.13
N LEU N 445 64.41 -49.49 -17.97
CA LEU N 445 63.82 -48.45 -18.81
C LEU N 445 62.81 -49.01 -19.80
N ASP N 446 62.99 -50.25 -20.24
CA ASP N 446 62.02 -50.86 -21.15
C ASP N 446 60.64 -50.99 -20.51
N GLN N 447 60.54 -50.86 -19.19
CA GLN N 447 59.26 -50.96 -18.50
C GLN N 447 58.53 -49.63 -18.45
N LEU N 448 59.21 -48.53 -18.75
CA LEU N 448 58.65 -47.18 -18.56
C LEU N 448 58.10 -46.62 -19.88
N THR N 449 57.22 -47.38 -20.54
CA THR N 449 56.66 -46.93 -21.80
C THR N 449 55.44 -46.05 -21.61
N ASP N 450 54.80 -46.14 -20.44
CA ASP N 450 53.62 -45.35 -20.12
C ASP N 450 53.95 -44.25 -19.12
N LEU N 451 55.21 -43.86 -19.04
CA LEU N 451 55.66 -42.87 -18.05
C LEU N 451 55.09 -41.52 -18.41
N ALA N 452 54.21 -41.00 -17.56
CA ALA N 452 53.59 -39.71 -17.81
C ALA N 452 53.03 -39.17 -16.50
N VAL N 453 52.82 -37.85 -16.47
CA VAL N 453 52.11 -37.20 -15.37
C VAL N 453 50.62 -37.40 -15.60
N ILE N 454 49.93 -37.91 -14.58
CA ILE N 454 48.49 -38.18 -14.69
C ILE N 454 47.65 -37.20 -13.87
N GLY N 455 48.16 -36.67 -12.76
CA GLY N 455 47.37 -35.76 -11.96
C GLY N 455 48.23 -34.87 -11.10
N PHE N 456 47.57 -33.96 -10.38
CA PHE N 456 48.27 -32.97 -9.58
C PHE N 456 47.33 -32.50 -8.47
N GLU N 457 47.93 -31.88 -7.45
CA GLU N 457 47.18 -31.17 -6.43
C GLU N 457 47.81 -29.81 -6.21
N LEU N 458 46.98 -28.81 -5.96
CA LEU N 458 47.43 -27.45 -5.70
C LEU N 458 47.16 -27.06 -4.25
N ASP N 459 48.10 -26.35 -3.66
CA ASP N 459 47.94 -25.81 -2.30
C ASP N 459 47.44 -24.37 -2.37
N THR N 460 46.21 -24.22 -2.85
CA THR N 460 45.60 -22.92 -3.03
C THR N 460 44.61 -22.64 -1.92
N ARG N 461 44.26 -21.36 -1.76
CA ARG N 461 43.33 -20.91 -0.75
C ARG N 461 42.39 -19.88 -1.33
N PHE N 462 41.24 -19.71 -0.69
CA PHE N 462 40.37 -18.57 -0.95
C PHE N 462 40.91 -17.35 -0.21
N THR N 463 40.75 -16.19 -0.82
CA THR N 463 41.02 -14.91 -0.15
C THR N 463 39.70 -14.43 0.45
N ASN N 464 39.56 -14.61 1.76
CA ASN N 464 38.30 -14.32 2.44
C ASN N 464 38.14 -12.82 2.71
N THR N 465 38.17 -12.05 1.63
CA THR N 465 37.82 -10.64 1.74
C THR N 465 36.33 -10.48 1.99
N ASN N 466 35.52 -11.42 1.51
CA ASN N 466 34.19 -11.65 2.04
C ASN N 466 34.24 -12.72 3.12
N ARG N 467 33.31 -12.62 4.07
CA ARG N 467 33.32 -13.53 5.22
C ARG N 467 32.71 -14.87 4.84
N ARG N 468 33.38 -15.56 3.92
CA ARG N 468 32.93 -16.89 3.52
C ARG N 468 33.09 -17.89 4.65
N GLN N 469 34.14 -17.76 5.44
CA GLN N 469 34.42 -18.67 6.56
C GLN N 469 34.49 -17.87 7.85
N ARG N 470 33.92 -18.44 8.92
CA ARG N 470 34.03 -17.88 10.26
C ARG N 470 35.31 -18.30 10.97
N GLY N 471 35.73 -19.54 10.81
CA GLY N 471 36.88 -20.06 11.52
C GLY N 471 36.53 -20.45 12.94
N HIS N 472 37.55 -20.70 13.76
CA HIS N 472 37.29 -21.01 15.17
C HIS N 472 36.71 -19.81 15.89
N LEU N 473 35.95 -20.09 16.94
CA LEU N 473 35.26 -19.07 17.72
C LEU N 473 35.99 -18.85 19.04
N LEU N 474 35.96 -17.61 19.52
CA LEU N 474 36.41 -17.28 20.87
C LEU N 474 35.20 -16.79 21.67
N GLN N 475 35.00 -17.36 22.85
CA GLN N 475 33.94 -16.95 23.75
C GLN N 475 34.47 -16.92 25.17
N THR N 476 33.85 -16.10 26.01
CA THR N 476 34.28 -15.91 27.38
C THR N 476 33.46 -16.80 28.30
N ARG N 477 34.13 -17.42 29.27
CA ARG N 477 33.47 -18.24 30.28
C ARG N 477 34.09 -17.94 31.65
N ALA N 478 33.39 -18.37 32.69
CA ALA N 478 33.95 -18.35 34.04
C ALA N 478 33.45 -19.55 34.82
N LEU N 479 34.34 -20.10 35.65
CA LEU N 479 34.01 -21.14 36.61
C LEU N 479 34.09 -20.56 38.02
N GLN N 480 33.16 -20.98 38.87
CA GLN N 480 33.11 -20.53 40.26
C GLN N 480 33.34 -21.71 41.21
N PHE N 481 34.28 -21.54 42.12
CA PHE N 481 34.56 -22.50 43.18
C PHE N 481 34.09 -21.94 44.51
N ARG N 482 33.54 -22.82 45.36
CA ARG N 482 32.97 -22.41 46.64
C ARG N 482 33.71 -23.10 47.78
N HIS N 483 34.23 -22.30 48.72
CA HIS N 483 35.04 -22.81 49.83
C HIS N 483 34.45 -22.31 51.15
N PRO N 484 33.46 -23.02 51.69
CA PRO N 484 32.92 -22.65 53.01
C PRO N 484 33.85 -23.11 54.13
N ILE N 485 33.92 -22.30 55.19
CA ILE N 485 34.84 -22.53 56.29
C ILE N 485 34.10 -23.26 57.41
N PRO N 486 34.51 -24.46 57.79
CA PRO N 486 33.88 -25.16 58.92
C PRO N 486 34.43 -24.65 60.25
N MET N 487 33.66 -24.92 61.31
CA MET N 487 34.12 -24.72 62.69
C MET N 487 34.74 -26.01 63.19
N HIS N 488 35.89 -25.90 63.86
CA HIS N 488 36.58 -27.11 64.28
C HIS N 488 36.41 -27.31 65.78
N ALA N 489 36.71 -28.53 66.23
CA ALA N 489 36.44 -28.89 67.61
C ALA N 489 37.20 -27.98 68.56
N PRO N 490 36.56 -27.58 69.67
CA PRO N 490 37.20 -26.66 70.60
C PRO N 490 38.16 -27.35 71.57
N VAL N 491 38.89 -26.52 72.30
CA VAL N 491 39.64 -26.94 73.48
C VAL N 491 39.32 -25.99 74.63
N THR N 492 39.20 -26.53 75.84
CA THR N 492 38.82 -25.74 76.99
C THR N 492 39.86 -25.82 78.10
N LEU N 493 39.83 -24.81 78.96
CA LEU N 493 40.72 -24.73 80.12
C LEU N 493 39.87 -24.41 81.34
N PRO N 494 39.51 -25.43 82.12
CA PRO N 494 38.69 -25.18 83.31
C PRO N 494 39.49 -24.51 84.41
N MET N 495 38.84 -23.63 85.16
CA MET N 495 39.43 -23.01 86.33
C MET N 495 38.41 -23.01 87.46
N ASP N 496 38.92 -22.80 88.68
CA ASP N 496 38.05 -22.67 89.83
C ASP N 496 37.24 -21.38 89.74
N THR N 497 36.06 -21.38 90.34
CA THR N 497 35.20 -20.21 90.30
C THR N 497 35.30 -19.36 91.55
N MET N 498 35.95 -19.86 92.61
CA MET N 498 36.05 -19.09 93.85
C MET N 498 36.96 -17.89 93.68
N THR N 499 37.93 -17.96 92.78
CA THR N 499 38.82 -16.84 92.53
C THR N 499 38.15 -15.81 91.64
N ASP N 500 38.32 -14.53 91.97
CA ASP N 500 37.89 -13.43 91.13
C ASP N 500 39.05 -12.67 90.50
N GLU N 501 40.25 -13.24 90.52
CA GLU N 501 41.40 -12.58 89.94
C GLU N 501 41.40 -12.61 88.42
N GLY N 502 40.78 -13.62 87.81
CA GLY N 502 40.78 -13.76 86.38
C GLY N 502 41.87 -14.69 85.89
N PRO N 503 41.84 -15.01 84.60
CA PRO N 503 42.83 -15.93 84.03
C PRO N 503 44.24 -15.33 84.07
N GLY N 504 45.22 -16.22 84.19
CA GLY N 504 46.61 -15.82 84.03
C GLY N 504 47.13 -16.13 82.64
N GLU N 505 48.45 -16.16 82.48
CA GLU N 505 49.02 -16.39 81.16
C GLU N 505 48.70 -17.77 80.60
N VAL N 506 48.31 -18.72 81.46
CA VAL N 506 47.97 -20.05 80.99
C VAL N 506 46.80 -20.01 80.02
N VAL N 507 46.01 -18.93 80.00
CA VAL N 507 44.89 -18.86 79.06
C VAL N 507 45.39 -18.86 77.63
N LYS N 508 46.61 -18.40 77.40
CA LYS N 508 47.20 -18.43 76.06
C LYS N 508 47.47 -19.84 75.58
N ALA N 509 47.49 -20.83 76.48
CA ALA N 509 47.70 -22.21 76.06
C ALA N 509 46.60 -22.67 75.12
N LEU N 510 45.38 -22.15 75.28
CA LEU N 510 44.28 -22.57 74.42
C LEU N 510 44.54 -22.15 72.97
N THR N 511 45.04 -20.94 72.78
CA THR N 511 45.38 -20.48 71.43
C THR N 511 46.55 -21.27 70.87
N VAL N 512 47.57 -21.54 71.71
CA VAL N 512 48.72 -22.30 71.25
C VAL N 512 48.30 -23.71 70.84
N ASN N 513 47.44 -24.35 71.64
CA ASN N 513 46.89 -25.64 71.27
C ASN N 513 46.24 -25.59 69.90
N THR N 514 45.39 -24.59 69.66
CA THR N 514 44.77 -24.44 68.35
C THR N 514 45.82 -24.26 67.26
N ASN N 515 46.82 -23.42 67.51
CA ASN N 515 47.85 -23.15 66.51
C ASN N 515 48.59 -24.41 66.10
N ILE N 516 48.90 -25.28 67.06
CA ILE N 516 49.57 -26.54 66.74
C ILE N 516 48.65 -27.41 65.87
N ARG N 517 47.37 -27.48 66.23
CA ARG N 517 46.43 -28.27 65.45
C ARG N 517 46.30 -27.73 64.04
N ASN N 518 46.38 -26.41 63.87
CA ASN N 518 46.26 -25.82 62.54
C ASN N 518 47.38 -26.30 61.63
N SER N 519 48.61 -26.34 62.14
CA SER N 519 49.72 -26.86 61.33
C SER N 519 49.54 -28.34 61.04
N ASN N 520 49.03 -29.10 62.02
CA ASN N 520 48.76 -30.51 61.78
C ASN N 520 47.70 -30.71 60.72
N ASN N 521 46.66 -29.87 60.73
CA ASN N 521 45.61 -29.97 59.72
C ASN N 521 46.16 -29.69 58.34
N ALA N 522 47.12 -28.76 58.23
CA ALA N 522 47.75 -28.50 56.94
C ALA N 522 48.43 -29.75 56.40
N VAL N 523 49.13 -30.48 57.26
CA VAL N 523 49.79 -31.71 56.81
C VAL N 523 48.78 -32.79 56.47
N LYS N 524 47.78 -32.98 57.33
CA LYS N 524 46.78 -34.02 57.09
C LYS N 524 46.00 -33.75 55.80
N ARG N 525 45.61 -32.49 55.58
CA ARG N 525 44.88 -32.12 54.39
C ARG N 525 45.74 -32.31 53.14
N MET N 526 47.01 -31.91 53.23
CA MET N 526 47.94 -32.10 52.12
C MET N 526 48.03 -33.59 51.74
N LEU N 527 48.21 -34.45 52.73
CA LEU N 527 48.36 -35.88 52.43
C LEU N 527 47.10 -36.46 51.80
N ASN N 528 45.92 -36.05 52.30
CA ASN N 528 44.67 -36.53 51.73
C ASN N 528 44.47 -35.99 50.32
N TYR N 529 44.84 -34.73 50.09
CA TYR N 529 44.74 -34.17 48.75
C TYR N 529 45.66 -34.91 47.79
N LEU N 530 46.90 -35.17 48.21
CA LEU N 530 47.84 -35.86 47.34
C LEU N 530 47.33 -37.26 46.97
N ALA N 531 46.74 -37.97 47.93
CA ALA N 531 46.15 -39.27 47.62
C ALA N 531 45.04 -39.14 46.59
N GLN N 532 44.20 -38.10 46.72
CA GLN N 532 43.18 -37.91 45.72
C GLN N 532 43.76 -37.52 44.36
N LEU N 533 44.82 -36.70 44.35
CA LEU N 533 45.44 -36.33 43.09
C LEU N 533 46.06 -37.54 42.41
N ARG N 534 46.70 -38.42 43.21
CA ARG N 534 47.30 -39.62 42.64
C ARG N 534 46.26 -40.45 41.91
N GLU N 535 45.10 -40.62 42.51
CA GLU N 535 44.04 -41.40 41.86
C GLU N 535 43.57 -40.74 40.57
N VAL N 536 43.37 -39.42 40.58
CA VAL N 536 42.90 -38.72 39.39
C VAL N 536 43.90 -38.83 38.26
N VAL N 537 45.18 -38.57 38.55
CA VAL N 537 46.22 -38.60 37.52
C VAL N 537 46.48 -40.03 37.06
N HIS N 538 46.36 -41.01 37.97
CA HIS N 538 46.43 -42.40 37.56
C HIS N 538 45.37 -42.72 36.52
N ASN N 539 44.17 -42.19 36.69
CA ASN N 539 43.10 -42.40 35.72
C ASN N 539 43.25 -41.45 34.55
N GLY N 540 42.34 -41.56 33.59
CA GLY N 540 42.47 -40.82 32.36
C GLY N 540 42.06 -39.36 32.46
N TYR N 541 42.81 -38.59 33.26
CA TYR N 541 42.56 -37.16 33.43
C TYR N 541 43.90 -36.44 33.35
N ASN N 542 44.35 -36.16 32.12
CA ASN N 542 45.58 -35.40 31.88
C ASN N 542 45.31 -34.10 31.12
N ARG N 543 44.08 -33.60 31.18
CA ARG N 543 43.68 -32.36 30.54
C ARG N 543 42.84 -31.54 31.51
N PRO N 544 42.82 -30.21 31.35
CA PRO N 544 42.00 -29.39 32.25
C PRO N 544 40.54 -29.75 32.15
N LYS N 545 39.87 -29.76 33.31
CA LYS N 545 38.45 -30.06 33.36
C LYS N 545 37.93 -29.66 34.74
N PHE N 546 36.75 -29.07 34.78
CA PHE N 546 36.13 -28.70 36.04
C PHE N 546 35.55 -29.91 36.74
N GLY N 547 35.66 -29.94 38.07
CA GLY N 547 34.95 -30.89 38.89
C GLY N 547 35.68 -32.18 39.18
N ILE N 548 36.92 -32.35 38.72
CA ILE N 548 37.60 -33.62 38.88
C ILE N 548 38.26 -33.69 40.25
N ILE N 549 38.86 -32.59 40.70
CA ILE N 549 39.60 -32.53 41.96
C ILE N 549 39.58 -31.08 42.42
N GLU N 550 39.75 -30.87 43.73
CA GLU N 550 39.76 -29.51 44.24
C GLU N 550 40.93 -28.75 43.64
N GLY N 551 40.75 -27.44 43.49
CA GLY N 551 41.82 -26.60 42.98
C GLY N 551 41.34 -25.68 41.88
N ALA N 552 41.44 -24.37 42.12
CA ALA N 552 40.90 -23.42 41.18
C ALA N 552 41.57 -23.54 39.82
N LEU N 553 42.84 -23.95 39.80
CA LEU N 553 43.59 -23.99 38.56
C LEU N 553 43.47 -25.32 37.83
N SER N 554 42.69 -26.27 38.36
CA SER N 554 42.56 -27.56 37.69
C SER N 554 41.91 -27.42 36.32
N ALA N 555 41.34 -26.27 36.01
CA ALA N 555 40.70 -26.01 34.72
C ALA N 555 41.57 -25.21 33.77
N VAL N 556 42.81 -24.91 34.13
CA VAL N 556 43.70 -24.18 33.22
C VAL N 556 44.96 -24.99 32.95
N MET N 557 45.38 -25.81 33.91
CA MET N 557 46.60 -26.59 33.76
C MET N 557 46.25 -28.07 33.79
N ARG N 558 47.18 -28.88 33.31
CA ARG N 558 46.96 -30.31 33.22
C ARG N 558 47.28 -30.98 34.55
N PRO N 559 46.31 -31.62 35.20
CA PRO N 559 46.61 -32.30 36.47
C PRO N 559 47.78 -33.26 36.30
N THR N 560 48.76 -33.13 37.19
CA THR N 560 50.02 -33.86 37.06
C THR N 560 50.45 -34.37 38.42
N TYR N 561 50.77 -35.66 38.49
CA TYR N 561 51.27 -36.28 39.72
C TYR N 561 52.18 -37.42 39.32
N ARG N 562 53.35 -37.49 39.95
CA ARG N 562 54.32 -38.55 39.68
C ARG N 562 54.83 -39.09 41.01
N TYR N 563 54.67 -40.41 41.21
CA TYR N 563 55.13 -41.08 42.41
C TYR N 563 56.34 -41.94 42.07
N LYS N 564 57.36 -41.89 42.93
CA LYS N 564 58.49 -42.82 42.83
C LYS N 564 58.83 -43.31 44.22
N GLU N 565 59.03 -44.63 44.35
CA GLU N 565 59.53 -45.18 45.60
C GLU N 565 61.05 -45.16 45.58
N LEU N 566 61.64 -44.14 46.18
CA LEU N 566 63.07 -43.86 46.04
C LEU N 566 63.80 -44.60 47.16
N ASP N 567 64.00 -45.90 46.96
CA ASP N 567 64.75 -46.72 47.89
C ASP N 567 66.23 -46.63 47.52
N LEU N 568 67.00 -45.90 48.33
CA LEU N 568 68.34 -45.50 47.90
C LEU N 568 69.20 -46.71 47.56
N GLU N 569 69.01 -47.84 48.26
CA GLU N 569 69.80 -49.03 47.96
C GLU N 569 69.73 -49.39 46.49
N LYS N 570 68.59 -49.10 45.84
CA LYS N 570 68.40 -49.44 44.44
C LYS N 570 68.50 -48.22 43.53
N VAL N 571 68.99 -47.09 44.04
CA VAL N 571 69.10 -45.87 43.27
C VAL N 571 70.53 -45.37 43.20
N ILE N 572 71.28 -45.46 44.29
CA ILE N 572 72.58 -44.79 44.37
C ILE N 572 73.62 -45.59 43.59
N ASP N 573 74.55 -44.85 42.98
CA ASP N 573 75.77 -45.46 42.45
C ASP N 573 76.96 -44.77 43.12
N THR N 574 77.80 -45.57 43.78
CA THR N 574 78.93 -45.06 44.55
C THR N 574 80.04 -46.09 44.59
N ILE N 575 81.27 -45.59 44.68
CA ILE N 575 82.46 -46.43 44.72
C ILE N 575 83.34 -46.12 45.92
N LYS N 576 83.35 -44.86 46.37
CA LYS N 576 84.10 -44.44 47.53
C LYS N 576 83.15 -44.02 48.65
N SER N 577 83.60 -44.20 49.90
CA SER N 577 82.83 -43.75 51.05
C SER N 577 83.02 -42.26 51.33
N LYS N 578 84.16 -41.68 50.98
CA LYS N 578 84.36 -40.26 51.20
C LYS N 578 83.44 -39.41 50.33
N ASP N 579 82.88 -39.98 49.28
CA ASP N 579 81.91 -39.31 48.44
C ASP N 579 80.48 -39.69 48.79
N ARG N 580 80.28 -40.52 49.82
CA ARG N 580 78.96 -41.08 50.07
C ARG N 580 77.93 -40.01 50.41
N TRP N 581 78.33 -38.98 51.16
CA TRP N 581 77.38 -37.92 51.48
C TRP N 581 76.85 -37.25 50.21
N ASP N 582 77.76 -36.89 49.31
CA ASP N 582 77.34 -36.24 48.06
C ASP N 582 76.59 -37.21 47.18
N ASP N 583 77.00 -38.48 47.17
CA ASP N 583 76.37 -39.46 46.28
C ASP N 583 74.92 -39.70 46.69
N VAL N 584 74.64 -39.76 47.99
CA VAL N 584 73.25 -39.88 48.45
C VAL N 584 72.48 -38.61 48.14
N CYS N 585 73.09 -37.44 48.40
CA CYS N 585 72.39 -36.19 48.13
C CYS N 585 72.07 -36.05 46.65
N ALA N 586 73.02 -36.39 45.79
CA ALA N 586 72.79 -36.34 44.35
C ALA N 586 71.76 -37.38 43.93
N ALA N 587 71.80 -38.57 44.51
CA ALA N 587 70.84 -39.60 44.13
C ALA N 587 69.41 -39.12 44.35
N ILE N 588 69.18 -38.43 45.48
CA ILE N 588 67.84 -37.94 45.77
C ILE N 588 67.48 -36.79 44.85
N LEU N 589 68.39 -35.81 44.72
CA LEU N 589 68.07 -34.64 43.91
C LEU N 589 67.98 -34.98 42.42
N ASN N 590 68.80 -35.90 41.92
CA ASN N 590 68.73 -36.27 40.52
C ASN N 590 67.44 -37.01 40.20
N CYS N 591 66.91 -37.77 41.16
CA CYS N 591 65.60 -38.37 40.97
C CYS N 591 64.53 -37.28 40.86
N VAL N 592 64.64 -36.25 41.69
CA VAL N 592 63.71 -35.12 41.59
C VAL N 592 63.83 -34.44 40.23
N LYS N 593 65.07 -34.20 39.78
CA LYS N 593 65.28 -33.64 38.45
C LYS N 593 64.65 -34.52 37.37
N ALA N 594 64.89 -35.83 37.44
CA ALA N 594 64.42 -36.73 36.40
C ALA N 594 62.91 -36.66 36.25
N GLU N 595 62.20 -36.56 37.37
CA GLU N 595 60.74 -36.55 37.29
C GLU N 595 60.15 -35.14 37.22
N LEU N 596 60.84 -34.13 37.77
CA LEU N 596 60.29 -32.79 37.85
C LEU N 596 60.34 -32.05 36.53
N PHE N 597 61.43 -32.16 35.78
CA PHE N 597 61.52 -31.45 34.50
C PHE N 597 60.41 -31.85 33.53
N PRO N 598 60.13 -33.13 33.30
CA PRO N 598 59.01 -33.47 32.41
C PRO N 598 57.66 -33.14 33.02
N ALA N 599 57.54 -33.17 34.35
CA ALA N 599 56.30 -32.75 34.98
C ALA N 599 56.06 -31.26 34.78
N HIS N 600 57.13 -30.46 34.86
CA HIS N 600 57.03 -29.05 34.52
C HIS N 600 56.60 -28.86 33.08
N ARG N 601 57.26 -29.56 32.15
CA ARG N 601 56.90 -29.46 30.75
C ARG N 601 55.45 -29.86 30.49
N ASP N 602 55.06 -31.04 30.98
CA ASP N 602 53.77 -31.63 30.63
C ASP N 602 52.59 -31.04 31.39
N SER N 603 52.81 -30.51 32.58
CA SER N 603 51.72 -29.93 33.35
C SER N 603 51.27 -28.56 32.82
N ASN N 604 52.13 -27.86 32.09
CA ASN N 604 51.84 -26.52 31.60
C ASN N 604 51.53 -25.56 32.75
N ILE N 605 52.19 -25.75 33.89
CA ILE N 605 51.98 -24.86 35.03
C ILE N 605 52.60 -23.48 34.79
N GLU N 606 53.74 -23.44 34.09
CA GLU N 606 54.38 -22.16 33.82
C GLU N 606 53.46 -21.24 33.04
N ALA N 607 52.79 -21.78 32.01
CA ALA N 607 51.84 -20.97 31.25
C ALA N 607 50.68 -20.50 32.12
N ALA N 608 50.19 -21.36 33.01
CA ALA N 608 49.11 -20.96 33.90
C ALA N 608 49.50 -19.78 34.78
N PHE N 609 50.74 -19.80 35.30
CA PHE N 609 51.20 -18.68 36.10
C PHE N 609 51.33 -17.41 35.25
N ARG N 610 51.86 -17.55 34.04
CA ARG N 610 52.05 -16.38 33.18
C ARG N 610 50.72 -15.68 32.91
N VAL N 611 49.67 -16.47 32.65
CA VAL N 611 48.36 -15.92 32.34
C VAL N 611 47.72 -15.29 33.59
N ILE N 612 47.74 -16.00 34.71
CA ILE N 612 47.05 -15.50 35.91
C ILE N 612 47.79 -14.36 36.58
N SER N 613 49.11 -14.48 36.75
CA SER N 613 49.87 -13.46 37.46
C SER N 613 49.94 -12.16 36.66
N GLY N 614 49.92 -12.24 35.34
CA GLY N 614 50.13 -11.08 34.51
C GLY N 614 51.59 -10.73 34.29
N ASN N 615 52.50 -11.44 34.94
CA ASN N 615 53.92 -11.17 34.85
C ASN N 615 54.56 -12.17 33.91
N GLN N 616 55.02 -11.69 32.76
CA GLN N 616 55.53 -12.55 31.71
C GLN N 616 56.93 -13.08 31.98
N ASP N 617 57.51 -12.75 33.13
CA ASP N 617 58.79 -13.33 33.56
C ASP N 617 58.63 -14.20 34.80
N GLU N 618 57.39 -14.48 35.20
CA GLU N 618 57.12 -15.29 36.38
C GLU N 618 57.22 -16.78 36.05
N THR N 619 57.97 -17.50 36.87
CA THR N 619 58.11 -18.95 36.77
C THR N 619 57.84 -19.56 38.13
N PRO N 620 57.46 -20.84 38.18
CA PRO N 620 57.19 -21.48 39.47
C PRO N 620 58.46 -21.54 40.33
N MET N 621 58.26 -21.40 41.64
CA MET N 621 59.30 -21.69 42.62
C MET N 621 58.82 -22.92 43.40
N TYR N 622 59.54 -24.02 43.23
CA TYR N 622 59.11 -25.29 43.80
C TYR N 622 59.55 -25.42 45.26
N LEU N 623 58.64 -25.88 46.11
CA LEU N 623 58.93 -26.14 47.50
C LEU N 623 59.21 -27.63 47.69
N PHE N 624 60.33 -27.95 48.31
CA PHE N 624 60.67 -29.32 48.64
C PHE N 624 60.20 -29.61 50.06
N CYS N 625 59.08 -30.32 50.17
CA CYS N 625 58.45 -30.58 51.46
C CYS N 625 58.98 -31.91 52.00
N SER N 626 59.76 -31.85 53.07
CA SER N 626 60.51 -32.99 53.56
C SER N 626 60.35 -33.07 55.07
N ASP N 627 60.81 -34.18 55.65
CA ASP N 627 60.91 -34.30 57.08
C ASP N 627 62.28 -33.81 57.56
N LYS N 628 62.59 -34.03 58.83
CA LYS N 628 63.83 -33.54 59.41
C LYS N 628 65.03 -34.44 59.11
N GLU N 629 64.82 -35.56 58.43
CA GLU N 629 65.92 -36.42 58.01
C GLU N 629 66.28 -36.23 56.54
N ILE N 630 65.27 -36.06 55.68
CA ILE N 630 65.54 -35.84 54.27
C ILE N 630 66.07 -34.43 54.04
N ALA N 631 65.56 -33.45 54.78
CA ALA N 631 66.04 -32.08 54.62
C ALA N 631 67.53 -31.97 54.81
N ASN N 632 68.11 -32.81 55.68
CA ASN N 632 69.54 -32.77 55.90
C ASN N 632 70.31 -33.24 54.67
N TYR N 633 69.66 -33.97 53.78
CA TYR N 633 70.32 -34.37 52.59
C TYR N 633 70.07 -33.33 51.46
N LEU N 634 68.89 -32.74 51.35
CA LEU N 634 68.67 -31.75 50.29
C LEU N 634 69.40 -30.37 50.46
N MET N 635 69.62 -29.85 51.68
CA MET N 635 70.15 -28.47 51.81
C MET N 635 71.65 -28.57 51.59
N THR N 636 72.08 -28.61 50.34
CA THR N 636 73.50 -28.71 50.02
C THR N 636 74.25 -27.62 49.26
N LYS N 637 74.00 -26.36 49.64
CA LYS N 637 74.65 -25.24 48.95
C LYS N 637 74.78 -24.09 49.92
N GLY N 638 75.41 -22.99 49.51
CA GLY N 638 75.56 -21.86 50.40
C GLY N 638 74.28 -21.07 50.34
N ASP N 639 73.99 -20.50 49.17
CA ASP N 639 72.81 -19.65 49.02
C ASP N 639 72.06 -19.94 47.72
N ASP N 640 72.78 -20.06 46.61
CA ASP N 640 72.15 -20.33 45.32
C ASP N 640 71.22 -21.55 45.35
N ARG N 641 70.05 -21.43 44.71
CA ARG N 641 69.10 -22.53 44.68
C ARG N 641 68.40 -22.61 43.33
N THR N 642 68.84 -23.52 42.46
CA THR N 642 68.25 -23.65 41.14
C THR N 642 68.56 -25.01 40.51
N LEU N 643 67.63 -25.56 39.76
CA LEU N 643 67.85 -26.84 39.11
C LEU N 643 67.67 -26.53 37.62
N GLY N 644 68.57 -27.01 36.77
CA GLY N 644 68.45 -26.78 35.34
C GLY N 644 68.65 -25.36 34.83
N ALA N 645 67.94 -25.01 33.76
CA ALA N 645 68.16 -23.71 33.11
C ALA N 645 67.77 -22.50 33.96
N TYR N 646 66.65 -22.57 34.70
CA TYR N 646 66.14 -21.41 35.41
C TYR N 646 65.25 -21.73 36.61
N LEU N 647 64.76 -22.96 36.75
CA LEU N 647 63.76 -23.25 37.77
C LEU N 647 64.38 -23.19 39.16
N LYS N 648 63.73 -22.45 40.05
CA LYS N 648 64.21 -22.25 41.41
C LYS N 648 63.34 -23.05 42.37
N TYR N 649 63.87 -23.30 43.56
CA TYR N 649 63.15 -24.04 44.59
C TYR N 649 63.58 -23.57 45.97
N ASP N 650 62.80 -23.98 46.97
CA ASP N 650 63.15 -23.77 48.37
C ASP N 650 62.79 -25.02 49.17
N ILE N 651 63.46 -25.19 50.31
CA ILE N 651 63.35 -26.40 51.10
C ILE N 651 62.68 -26.07 52.43
N VAL N 652 61.59 -26.76 52.73
CA VAL N 652 60.83 -26.57 53.96
C VAL N 652 60.66 -27.95 54.61
N SER N 653 60.82 -28.03 55.92
CA SER N 653 60.81 -29.29 56.64
C SER N 653 59.80 -29.24 57.78
N THR N 654 59.27 -30.42 58.12
CA THR N 654 58.38 -30.58 59.26
C THR N 654 58.83 -31.76 60.11
N ASN N 655 58.37 -31.80 61.35
CA ASN N 655 58.59 -32.92 62.25
C ASN N 655 57.29 -33.70 62.52
N ASN N 656 56.31 -33.60 61.64
CA ASN N 656 55.02 -34.23 61.88
C ASN N 656 55.15 -35.75 61.81
N GLN N 657 54.40 -36.44 62.67
CA GLN N 657 54.38 -37.90 62.63
C GLN N 657 53.77 -38.42 61.33
N LEU N 658 52.80 -37.69 60.77
CA LEU N 658 52.14 -38.15 59.55
C LEU N 658 53.08 -38.06 58.35
N PHE N 659 53.85 -36.97 58.27
CA PHE N 659 54.75 -36.73 57.15
C PHE N 659 56.11 -37.35 57.48
N ASP N 660 56.11 -38.68 57.56
CA ASP N 660 57.25 -39.40 58.15
C ASP N 660 58.38 -39.63 57.14
N GLY N 661 58.08 -40.27 56.01
CA GLY N 661 59.11 -40.61 55.06
C GLY N 661 58.82 -40.17 53.65
N LYS N 662 58.44 -38.90 53.47
CA LYS N 662 58.00 -38.41 52.19
C LYS N 662 58.80 -37.16 51.80
N LEU N 663 59.01 -37.00 50.49
CA LEU N 663 59.39 -35.73 49.89
C LEU N 663 58.33 -35.39 48.86
N VAL N 664 57.74 -34.19 48.98
CA VAL N 664 56.71 -33.73 48.06
C VAL N 664 57.14 -32.40 47.49
N VAL N 665 57.17 -32.30 46.16
CA VAL N 665 57.57 -31.11 45.44
C VAL N 665 56.33 -30.45 44.88
N ILE N 666 56.10 -29.19 45.27
CA ILE N 666 54.93 -28.46 44.81
C ILE N 666 55.36 -27.07 44.36
N PRO N 667 54.80 -26.54 43.28
CA PRO N 667 55.13 -25.18 42.88
C PRO N 667 54.38 -24.14 43.71
N THR N 668 55.00 -22.99 43.93
CA THR N 668 54.29 -21.82 44.42
C THR N 668 54.81 -20.60 43.69
N ARG N 669 54.11 -19.48 43.86
CA ARG N 669 54.56 -18.22 43.29
C ARG N 669 55.84 -17.75 43.98
N ALA N 670 56.79 -17.27 43.17
CA ALA N 670 58.10 -16.90 43.70
C ALA N 670 57.98 -15.84 44.79
N VAL N 671 57.04 -14.91 44.64
CA VAL N 671 56.75 -13.90 45.64
C VAL N 671 55.29 -14.04 46.06
N GLN N 672 55.06 -14.18 47.36
CA GLN N 672 53.72 -14.39 47.87
C GLN N 672 53.00 -13.06 48.12
N GLN N 673 51.68 -13.11 47.99
CA GLN N 673 50.84 -11.94 48.21
C GLN N 673 49.61 -12.33 49.03
N GLU N 674 48.78 -11.36 49.38
CA GLU N 674 47.57 -11.62 50.14
C GLU N 674 46.51 -12.22 49.23
N ASN N 675 45.93 -13.35 49.67
CA ASN N 675 44.87 -14.03 48.93
C ASN N 675 45.32 -14.34 47.50
N ASP N 676 46.56 -14.81 47.38
CA ASP N 676 47.13 -15.12 46.08
C ASP N 676 46.71 -16.52 45.64
N ILE N 677 45.94 -16.59 44.55
CA ILE N 677 45.43 -17.87 44.09
C ILE N 677 46.54 -18.81 43.64
N LEU N 678 47.72 -18.27 43.32
CA LEU N 678 48.77 -19.10 42.73
C LEU N 678 49.59 -19.85 43.76
N SER N 679 49.29 -19.71 45.04
CA SER N 679 49.89 -20.57 46.05
C SER N 679 49.31 -21.98 45.95
N TRP N 680 50.18 -22.98 46.09
CA TRP N 680 49.74 -24.37 45.92
C TRP N 680 48.51 -24.66 46.74
N GLY N 681 48.49 -24.22 48.00
CA GLY N 681 47.30 -24.30 48.82
C GLY N 681 47.13 -22.96 49.51
N GLN N 682 46.06 -22.85 50.30
CA GLN N 682 45.79 -21.62 51.01
C GLN N 682 45.11 -21.93 52.33
N PHE N 683 45.47 -21.17 53.36
CA PHE N 683 44.89 -21.29 54.69
C PHE N 683 44.00 -20.08 54.97
N PHE N 684 42.71 -20.33 55.13
CA PHE N 684 41.76 -19.26 55.45
C PHE N 684 41.55 -19.21 56.96
N TYR N 685 42.03 -18.14 57.58
CA TYR N 685 41.99 -18.01 59.03
C TYR N 685 40.99 -16.94 59.44
N VAL N 686 40.18 -17.25 60.45
CA VAL N 686 39.29 -16.29 61.07
C VAL N 686 39.69 -16.20 62.54
N SER N 687 39.64 -15.00 63.09
CA SER N 687 40.05 -14.78 64.48
C SER N 687 39.47 -15.86 65.40
N THR N 688 40.34 -16.43 66.23
CA THR N 688 39.92 -17.49 67.14
C THR N 688 39.26 -16.88 68.37
N VAL N 689 38.12 -17.42 68.75
CA VAL N 689 37.31 -16.86 69.83
C VAL N 689 37.67 -17.57 71.13
N ILE N 690 37.90 -16.78 72.17
CA ILE N 690 38.09 -17.29 73.53
C ILE N 690 36.86 -16.88 74.33
N ALA N 691 36.05 -17.86 74.73
CA ALA N 691 34.79 -17.63 75.40
C ALA N 691 34.87 -18.14 76.83
N ASP N 692 34.45 -17.30 77.78
CA ASP N 692 34.55 -17.62 79.20
C ASP N 692 33.17 -17.46 79.83
N LEU N 693 32.61 -18.55 80.33
CA LEU N 693 31.27 -18.57 80.88
C LEU N 693 31.18 -19.61 81.97
N PRO N 694 30.60 -19.27 83.13
CA PRO N 694 30.52 -20.24 84.22
C PRO N 694 29.46 -21.29 83.98
N ILE N 695 29.81 -22.33 83.22
CA ILE N 695 28.88 -23.40 82.91
C ILE N 695 28.80 -24.37 84.09
N THR N 696 27.58 -24.79 84.42
CA THR N 696 27.32 -25.76 85.48
C THR N 696 27.21 -27.18 84.92
N ARG N 697 28.25 -27.62 84.21
CA ARG N 697 28.19 -28.86 83.46
C ARG N 697 28.01 -30.06 84.40
N GLY N 698 27.04 -30.90 84.07
CA GLY N 698 26.73 -32.09 84.83
C GLY N 698 25.58 -31.91 85.80
N GLY N 699 25.22 -30.68 86.13
CA GLY N 699 24.11 -30.40 87.01
C GLY N 699 24.43 -30.46 88.49
N HIS N 700 25.63 -30.91 88.87
CA HIS N 700 25.97 -31.03 90.28
C HIS N 700 27.30 -30.37 90.62
N GLN N 701 27.84 -29.53 89.75
CA GLN N 701 29.08 -28.80 90.02
C GLN N 701 29.12 -27.57 89.14
N VAL N 702 29.90 -26.57 89.56
CA VAL N 702 30.10 -25.35 88.77
C VAL N 702 31.59 -25.15 88.55
N THR N 703 31.98 -24.98 87.29
CA THR N 703 33.35 -24.68 86.91
C THR N 703 33.33 -23.70 85.75
N ARG N 704 34.15 -22.66 85.83
CA ARG N 704 34.25 -21.70 84.74
C ARG N 704 35.11 -22.30 83.64
N GLU N 705 34.57 -22.35 82.42
CA GLU N 705 35.23 -22.97 81.28
C GLU N 705 35.60 -21.89 80.28
N ILE N 706 36.89 -21.82 79.95
CA ILE N 706 37.39 -20.94 78.90
C ILE N 706 37.63 -21.78 77.66
N ALA N 707 36.89 -21.49 76.59
CA ALA N 707 36.92 -22.30 75.37
C ALA N 707 37.54 -21.49 74.24
N ALA N 708 38.41 -22.14 73.48
CA ALA N 708 38.93 -21.59 72.23
C ALA N 708 38.20 -22.26 71.08
N ILE N 709 37.57 -21.44 70.22
CA ILE N 709 36.75 -21.95 69.14
C ILE N 709 37.46 -21.73 67.81
N PRO N 710 38.18 -22.72 67.28
CA PRO N 710 38.84 -22.53 65.99
C PRO N 710 37.84 -22.41 64.86
N PHE N 711 38.20 -21.61 63.86
CA PHE N 711 37.37 -21.39 62.68
C PHE N 711 38.30 -21.03 61.53
N ASN N 712 38.64 -22.03 60.72
CA ASN N 712 39.57 -21.85 59.62
C ASN N 712 39.39 -22.98 58.62
N LEU N 713 40.05 -22.85 57.47
CA LEU N 713 39.92 -23.82 56.39
C LEU N 713 41.21 -23.89 55.60
N HIS N 714 41.65 -25.11 55.29
CA HIS N 714 42.74 -25.35 54.35
C HIS N 714 42.16 -25.77 53.01
N VAL N 715 42.60 -25.12 51.94
CA VAL N 715 42.19 -25.48 50.59
C VAL N 715 43.42 -25.68 49.73
N ASN N 716 43.22 -26.39 48.62
CA ASN N 716 44.27 -26.60 47.62
C ASN N 716 43.87 -25.90 46.33
N ASN N 717 44.85 -25.34 45.65
CA ASN N 717 44.61 -24.61 44.40
C ASN N 717 45.20 -25.31 43.19
N ILE N 718 46.40 -25.85 43.29
CA ILE N 718 47.14 -26.39 42.15
C ILE N 718 47.15 -27.91 42.27
N PRO N 719 46.51 -28.65 41.36
CA PRO N 719 46.59 -30.12 41.35
C PRO N 719 47.89 -30.65 40.76
N PHE N 720 49.01 -30.32 41.41
CA PHE N 720 50.34 -30.69 40.94
C PHE N 720 51.18 -31.10 42.13
N ALA N 721 51.83 -32.27 42.03
CA ALA N 721 52.75 -32.70 43.07
C ALA N 721 53.61 -33.82 42.51
N LEU N 722 54.85 -33.90 43.00
CA LEU N 722 55.71 -35.07 42.82
C LEU N 722 56.05 -35.63 44.20
N GLU N 723 55.71 -36.89 44.41
CA GLU N 723 55.85 -37.53 45.71
C GLU N 723 56.90 -38.62 45.64
N PHE N 724 57.90 -38.52 46.51
CA PHE N 724 59.01 -39.48 46.58
C PHE N 724 59.01 -40.12 47.96
N LYS N 725 58.90 -41.45 47.99
CA LYS N 725 58.97 -42.20 49.25
C LYS N 725 60.42 -42.60 49.49
N ILE N 726 61.19 -41.67 50.04
CA ILE N 726 62.64 -41.82 50.15
C ILE N 726 62.95 -42.64 51.39
N THR N 727 63.55 -43.81 51.19
CA THR N 727 63.87 -44.73 52.27
C THR N 727 65.22 -45.37 52.00
N GLY N 728 65.65 -46.22 52.93
CA GLY N 728 66.91 -46.92 52.79
C GLY N 728 68.15 -46.09 53.07
N PHE N 729 68.04 -45.08 53.94
CA PHE N 729 69.20 -44.25 54.23
C PHE N 729 70.29 -45.05 54.95
N GLN N 730 69.90 -45.85 55.93
CA GLN N 730 70.89 -46.56 56.75
C GLN N 730 71.58 -47.65 55.95
N LYS N 731 70.86 -48.26 54.99
CA LYS N 731 71.47 -49.28 54.15
C LYS N 731 72.51 -48.72 53.19
N VAL N 732 72.57 -47.40 53.04
CA VAL N 732 73.52 -46.77 52.13
C VAL N 732 74.55 -45.94 52.88
N MET N 733 74.13 -45.19 53.89
CA MET N 733 75.08 -44.41 54.67
C MET N 733 75.91 -45.30 55.59
N GLY N 734 75.29 -46.36 56.14
CA GLY N 734 75.96 -47.11 57.19
C GLY N 734 76.64 -48.37 56.69
N GLU N 735 76.33 -48.79 55.47
CA GLU N 735 76.80 -50.07 54.97
C GLU N 735 77.62 -49.89 53.69
N THR N 736 78.58 -50.80 53.50
CA THR N 736 79.38 -50.80 52.29
C THR N 736 78.52 -51.12 51.06
N GLN N 737 78.80 -50.41 49.97
CA GLN N 737 78.02 -50.51 48.75
C GLN N 737 78.79 -51.10 47.58
N PHE N 738 80.03 -50.67 47.35
CA PHE N 738 80.77 -51.12 46.17
C PHE N 738 81.57 -52.39 46.45
N ASN N 739 82.49 -52.35 47.40
CA ASN N 739 83.31 -53.51 47.70
C ASN N 739 82.49 -54.65 48.30
N GLY N 740 81.41 -54.35 49.03
CA GLY N 740 80.54 -55.40 49.52
C GLY N 740 79.90 -56.18 48.39
N LYS N 741 79.61 -55.51 47.27
CA LYS N 741 79.04 -56.20 46.11
C LYS N 741 80.07 -57.00 45.35
N LEU N 742 81.32 -56.52 45.25
CA LEU N 742 82.37 -57.29 44.60
C LEU N 742 82.62 -58.61 45.32
N ALA N 743 82.54 -58.61 46.65
CA ALA N 743 82.71 -59.84 47.41
C ALA N 743 81.67 -60.89 47.08
N ASP N 744 80.52 -60.49 46.52
CA ASP N 744 79.46 -61.43 46.20
C ASP N 744 79.68 -62.14 44.88
N LEU N 745 80.69 -61.77 44.12
CA LEU N 745 80.90 -62.32 42.78
C LEU N 745 81.90 -63.48 42.80
N LYS N 746 82.09 -64.07 43.98
CA LYS N 746 83.10 -65.11 44.14
C LYS N 746 82.46 -66.47 43.93
N PRO N 747 83.04 -67.34 43.08
CA PRO N 747 82.48 -68.66 42.79
C PRO N 747 82.88 -69.70 43.83
N ASN O 164 16.23 -18.64 64.21
CA ASN O 164 17.61 -18.90 63.80
C ASN O 164 18.56 -18.79 64.97
N TYR O 165 18.75 -19.92 65.66
CA TYR O 165 19.60 -19.93 66.84
C TYR O 165 21.03 -19.54 66.49
N ASN O 166 21.54 -20.07 65.37
CA ASN O 166 22.93 -19.85 64.94
C ASN O 166 22.91 -19.28 63.52
N GLU O 167 23.09 -17.97 63.42
CA GLU O 167 23.11 -17.30 62.11
C GLU O 167 24.55 -17.27 61.57
N LYS O 168 25.10 -18.46 61.38
CA LYS O 168 26.46 -18.58 60.86
C LYS O 168 26.49 -18.29 59.36
N SER O 169 27.53 -17.57 58.95
CA SER O 169 27.59 -17.03 57.59
C SER O 169 27.44 -18.15 56.56
N GLN O 170 26.48 -17.99 55.65
CA GLN O 170 26.27 -18.95 54.58
C GLN O 170 25.94 -18.26 53.26
N ARG O 171 25.46 -17.01 53.33
CA ARG O 171 24.94 -16.31 52.16
C ARG O 171 25.86 -15.18 51.69
N ASP O 172 27.03 -15.01 52.30
CA ASP O 172 27.90 -13.89 51.95
C ASP O 172 29.35 -14.36 52.05
N PHE O 173 30.07 -14.30 50.94
CA PHE O 173 31.43 -14.80 50.87
C PHE O 173 32.35 -13.69 50.37
N ARG O 174 33.64 -13.81 50.71
CA ARG O 174 34.65 -12.94 50.14
C ARG O 174 35.03 -13.41 48.74
N VAL O 175 34.50 -12.73 47.73
CA VAL O 175 34.70 -13.17 46.34
C VAL O 175 36.02 -12.64 45.82
N VAL O 176 36.84 -13.53 45.26
CA VAL O 176 38.12 -13.16 44.65
C VAL O 176 38.05 -13.53 43.17
N THR O 177 38.43 -12.58 42.32
CA THR O 177 38.45 -12.79 40.87
C THR O 177 39.86 -13.14 40.45
N ILE O 178 40.02 -14.31 39.81
CA ILE O 178 41.32 -14.78 39.37
C ILE O 178 41.69 -14.06 38.08
N GLY O 179 42.89 -13.51 38.04
CA GLY O 179 43.34 -12.81 36.84
C GLY O 179 43.47 -13.74 35.66
N TYR O 180 43.25 -13.18 34.47
CA TYR O 180 43.34 -13.91 33.20
C TYR O 180 43.99 -12.98 32.19
N ASN O 181 45.30 -12.80 32.31
CA ASN O 181 46.05 -11.95 31.37
C ASN O 181 46.67 -12.79 30.26
N LEU O 182 45.80 -13.43 29.49
CA LEU O 182 46.25 -14.20 28.33
C LEU O 182 46.94 -13.29 27.32
N ALA O 183 48.18 -13.65 26.97
CA ALA O 183 49.01 -12.75 26.19
C ALA O 183 49.84 -13.54 25.18
N ALA O 184 50.13 -12.90 24.05
CA ALA O 184 51.06 -13.42 23.06
C ALA O 184 51.53 -12.25 22.21
N SER O 185 52.82 -12.21 21.90
CA SER O 185 53.43 -11.12 21.15
C SER O 185 54.05 -11.67 19.88
N ARG O 186 53.49 -11.30 18.73
CA ARG O 186 53.92 -11.80 17.43
C ARG O 186 54.27 -13.28 17.52
N GLN O 187 55.55 -13.57 17.63
CA GLN O 187 56.04 -14.93 17.81
C GLN O 187 56.74 -15.04 19.17
N ASP O 188 56.72 -16.22 19.76
CA ASP O 188 57.42 -16.45 21.00
C ASP O 188 58.92 -16.55 20.75
N GLU O 189 59.69 -16.74 21.82
CA GLU O 189 61.15 -16.70 21.71
C GLU O 189 61.66 -17.77 20.76
N PHE O 190 61.03 -18.95 20.76
CA PHE O 190 61.47 -20.04 19.89
C PHE O 190 61.25 -19.70 18.43
N ALA O 191 60.01 -19.33 18.08
CA ALA O 191 59.70 -19.06 16.68
C ALA O 191 60.39 -17.78 16.21
N GLU O 192 60.51 -16.78 17.09
CA GLU O 192 61.12 -15.52 16.66
C GLU O 192 62.62 -15.67 16.46
N ARG O 193 63.29 -16.42 17.34
CA ARG O 193 64.72 -16.62 17.17
C ARG O 193 65.02 -17.42 15.91
N ILE O 194 64.15 -18.37 15.55
CA ILE O 194 64.41 -19.18 14.36
C ILE O 194 63.99 -18.43 13.10
N TYR O 195 62.84 -17.76 13.15
CA TYR O 195 62.27 -17.05 12.00
C TYR O 195 62.10 -15.58 12.38
N PRO O 196 63.19 -14.81 12.40
CA PRO O 196 63.06 -13.39 12.78
C PRO O 196 62.05 -12.67 11.91
N THR O 197 61.28 -11.77 12.53
CA THR O 197 60.20 -11.09 11.86
C THR O 197 60.75 -10.01 10.93
N THR O 198 60.24 -10.00 9.69
CA THR O 198 60.46 -8.90 8.76
C THR O 198 59.11 -8.37 8.33
N VAL O 199 58.93 -7.05 8.45
CA VAL O 199 57.65 -6.42 8.20
C VAL O 199 57.54 -6.13 6.70
N ILE O 200 56.46 -6.61 6.09
CA ILE O 200 56.20 -6.42 4.66
C ILE O 200 54.95 -5.58 4.52
N ASN O 201 54.98 -4.62 3.61
CA ASN O 201 53.84 -3.74 3.42
C ASN O 201 52.67 -4.53 2.82
N PRO O 202 51.44 -4.30 3.28
CA PRO O 202 50.29 -4.99 2.67
C PRO O 202 50.20 -4.82 1.17
N ILE O 203 50.73 -3.73 0.62
CA ILE O 203 50.67 -3.52 -0.82
C ILE O 203 51.64 -4.46 -1.54
N GLU O 204 52.70 -4.89 -0.86
CA GLU O 204 53.71 -5.73 -1.51
C GLU O 204 53.26 -7.18 -1.53
N GLY O 205 52.91 -7.72 -0.37
CA GLY O 205 52.31 -9.06 -0.31
C GLY O 205 53.24 -10.17 -0.73
N GLY O 206 54.54 -9.96 -0.62
CA GLY O 206 55.50 -10.96 -1.05
C GLY O 206 56.92 -10.43 -1.14
N VAL O 207 57.90 -11.33 -1.22
CA VAL O 207 59.31 -10.96 -1.27
C VAL O 207 59.98 -11.79 -2.34
N VAL O 208 60.98 -11.20 -3.00
CA VAL O 208 61.83 -11.89 -3.96
C VAL O 208 63.27 -11.83 -3.47
N GLN O 209 63.95 -12.96 -3.47
CA GLN O 209 65.34 -13.05 -3.04
C GLN O 209 66.23 -13.21 -4.26
N VAL O 210 67.15 -12.26 -4.44
CA VAL O 210 68.02 -12.22 -5.59
C VAL O 210 69.41 -12.66 -5.14
N LEU O 211 69.91 -13.75 -5.72
CA LEU O 211 71.17 -14.35 -5.29
C LEU O 211 72.20 -14.20 -6.41
N PRO O 212 73.05 -13.19 -6.37
CA PRO O 212 74.13 -13.09 -7.37
C PRO O 212 75.29 -14.01 -7.05
N TYR O 213 76.02 -14.41 -8.09
CA TYR O 213 77.23 -15.17 -7.91
C TYR O 213 78.08 -15.08 -9.17
N ILE O 214 79.34 -15.48 -9.04
CA ILE O 214 80.26 -15.63 -10.16
C ILE O 214 80.45 -17.12 -10.42
N ALA O 215 80.17 -17.55 -11.64
CA ALA O 215 80.16 -18.96 -12.00
C ALA O 215 81.48 -19.32 -12.69
N VAL O 216 81.93 -20.56 -12.46
CA VAL O 216 83.09 -21.09 -13.15
C VAL O 216 82.60 -21.82 -14.39
N MET O 217 83.11 -21.42 -15.56
CA MET O 217 82.69 -21.97 -16.83
C MET O 217 83.89 -22.49 -17.61
N LYS O 218 83.62 -23.45 -18.49
CA LYS O 218 84.59 -23.93 -19.46
C LYS O 218 84.29 -23.29 -20.81
N ASP O 219 85.34 -23.01 -21.58
CA ASP O 219 85.17 -22.37 -22.88
C ASP O 219 84.81 -23.40 -23.93
N VAL O 220 83.69 -24.08 -23.75
CA VAL O 220 83.26 -25.18 -24.62
C VAL O 220 82.50 -24.60 -25.80
N TYR O 221 82.85 -25.05 -27.00
CA TYR O 221 82.16 -24.58 -28.19
C TYR O 221 80.78 -25.19 -28.29
N HIS O 222 79.84 -24.45 -28.88
CA HIS O 222 78.50 -24.96 -29.10
C HIS O 222 78.54 -26.05 -30.16
N GLU O 223 77.93 -27.20 -29.85
CA GLU O 223 77.99 -28.35 -30.75
C GLU O 223 76.93 -28.22 -31.83
N VAL O 224 77.18 -28.92 -32.95
CA VAL O 224 76.22 -28.96 -34.05
C VAL O 224 74.89 -29.55 -33.59
N SER O 225 74.93 -30.61 -32.80
CA SER O 225 73.71 -31.22 -32.28
C SER O 225 73.52 -30.91 -30.80
N GLY O 226 74.04 -31.75 -29.91
CA GLY O 226 73.90 -31.55 -28.48
C GLY O 226 72.49 -31.58 -27.95
N VAL O 227 72.36 -31.69 -26.62
CA VAL O 227 71.07 -31.60 -25.96
C VAL O 227 71.08 -30.31 -25.16
N LYS O 228 72.28 -29.90 -24.75
CA LYS O 228 72.53 -28.69 -23.99
C LYS O 228 73.99 -28.33 -24.19
N MET O 229 74.34 -27.10 -23.81
CA MET O 229 75.74 -26.70 -23.84
C MET O 229 76.50 -27.52 -22.80
N ASP O 230 77.50 -28.28 -23.24
CA ASP O 230 78.21 -29.18 -22.35
C ASP O 230 79.26 -28.41 -21.56
N ASN O 231 78.80 -27.48 -20.73
CA ASN O 231 79.67 -26.60 -19.97
C ASN O 231 79.41 -26.88 -18.49
N GLU O 232 80.35 -27.57 -17.86
CA GLU O 232 80.18 -27.97 -16.46
C GLU O 232 80.34 -26.73 -15.59
N GLU O 233 79.25 -25.98 -15.43
CA GLU O 233 79.27 -24.72 -14.71
C GLU O 233 78.89 -24.96 -13.26
N VAL O 234 79.68 -24.39 -12.35
CA VAL O 234 79.41 -24.46 -10.92
C VAL O 234 79.65 -23.09 -10.32
N ASN O 235 79.02 -22.85 -9.17
CA ASN O 235 79.24 -21.61 -8.44
C ASN O 235 80.66 -21.54 -7.90
N MET O 236 81.30 -20.38 -8.06
CA MET O 236 82.66 -20.22 -7.57
C MET O 236 82.78 -20.51 -6.08
N VAL O 237 81.67 -20.40 -5.34
CA VAL O 237 81.70 -20.72 -3.91
C VAL O 237 82.15 -22.15 -3.69
N GLU O 238 81.75 -23.05 -4.58
CA GLU O 238 82.13 -24.45 -4.45
C GLU O 238 83.65 -24.65 -4.45
N ALA O 239 84.40 -23.71 -5.00
CA ALA O 239 85.85 -23.86 -5.11
C ALA O 239 86.54 -23.92 -3.75
N TYR O 240 85.89 -23.42 -2.69
CA TYR O 240 86.53 -23.45 -1.37
C TYR O 240 86.55 -24.86 -0.82
N ARG O 241 85.48 -25.64 -1.06
CA ARG O 241 85.44 -27.03 -0.62
C ARG O 241 86.06 -27.98 -1.63
N ASP O 242 85.80 -27.77 -2.91
CA ASP O 242 86.28 -28.64 -3.99
C ASP O 242 86.96 -27.76 -5.02
N PRO O 243 88.18 -27.29 -4.74
CA PRO O 243 88.87 -26.39 -5.67
C PRO O 243 89.34 -27.05 -6.95
N SER O 244 89.24 -28.38 -7.05
CA SER O 244 89.65 -29.06 -8.28
C SER O 244 88.82 -28.65 -9.48
N ILE O 245 87.66 -28.02 -9.26
CA ILE O 245 86.86 -27.52 -10.37
C ILE O 245 87.62 -26.45 -11.16
N LEU O 246 88.68 -25.90 -10.58
CA LEU O 246 89.46 -24.85 -11.21
C LEU O 246 90.65 -25.38 -12.00
N ASP O 247 90.97 -26.67 -11.89
CA ASP O 247 92.17 -27.19 -12.51
C ASP O 247 92.11 -27.04 -14.03
N ASP O 248 93.20 -26.59 -14.62
CA ASP O 248 93.27 -26.30 -16.04
C ASP O 248 94.63 -26.69 -16.58
N GLU O 249 94.66 -27.68 -17.47
CA GLU O 249 95.88 -28.17 -18.11
C GLU O 249 95.81 -27.95 -19.62
N SER O 250 95.01 -26.97 -20.05
CA SER O 250 94.80 -26.73 -21.47
C SER O 250 96.06 -26.25 -22.18
N ILE O 251 97.09 -25.83 -21.45
CA ILE O 251 98.31 -25.31 -22.06
C ILE O 251 99.38 -26.39 -22.18
N ALA O 252 99.06 -27.64 -21.83
CA ALA O 252 100.02 -28.71 -21.93
C ALA O 252 100.37 -28.99 -23.38
N LEU O 253 101.63 -29.31 -23.63
CA LEU O 253 102.08 -29.76 -24.95
C LEU O 253 102.06 -31.28 -24.94
N ILE O 254 100.99 -31.85 -25.48
CA ILE O 254 100.76 -33.29 -25.46
C ILE O 254 100.92 -33.80 -26.89
N PRO O 255 101.99 -34.54 -27.19
CA PRO O 255 102.12 -35.13 -28.53
C PRO O 255 100.90 -35.98 -28.87
N ALA O 256 100.36 -35.75 -30.06
CA ALA O 256 99.09 -36.34 -30.46
C ALA O 256 99.20 -36.93 -31.86
N LEU O 257 98.45 -38.01 -32.10
CA LEU O 257 98.48 -38.66 -33.40
C LEU O 257 97.62 -37.91 -34.39
N ASP O 258 98.14 -37.71 -35.60
CA ASP O 258 97.34 -37.17 -36.67
C ASP O 258 96.29 -38.20 -37.07
N PRO O 259 95.00 -37.86 -37.04
CA PRO O 259 93.98 -38.84 -37.47
C PRO O 259 94.26 -39.45 -38.84
N ALA O 260 95.01 -38.75 -39.68
CA ALA O 260 95.34 -39.27 -41.01
C ALA O 260 96.51 -40.24 -40.98
N GLY O 261 97.17 -40.40 -39.84
CA GLY O 261 98.31 -41.28 -39.75
C GLY O 261 99.60 -40.70 -40.28
N SER O 262 99.68 -39.38 -40.45
CA SER O 262 100.85 -38.77 -41.07
C SER O 262 102.06 -38.82 -40.15
N ASN O 263 101.85 -38.75 -38.84
CA ASN O 263 102.94 -38.68 -37.88
C ASN O 263 103.01 -39.90 -36.98
N ALA O 264 102.39 -41.01 -37.38
CA ALA O 264 102.36 -42.19 -36.54
C ALA O 264 103.76 -42.77 -36.30
N ASP O 265 104.72 -42.49 -37.18
CA ASP O 265 106.04 -43.08 -37.07
C ASP O 265 106.81 -42.54 -35.88
N PHE O 266 106.31 -41.49 -35.23
CA PHE O 266 106.98 -40.89 -34.08
C PHE O 266 106.51 -41.49 -32.76
N PHE O 267 105.53 -42.37 -32.78
CA PHE O 267 104.89 -42.87 -31.57
C PHE O 267 105.17 -44.36 -31.40
N VAL O 268 105.07 -44.82 -30.16
CA VAL O 268 105.30 -46.23 -29.86
C VAL O 268 104.29 -47.10 -30.61
N ASP O 269 104.79 -48.17 -31.21
CA ASP O 269 103.94 -49.10 -31.94
C ASP O 269 102.72 -49.47 -31.09
N PRO O 270 101.51 -49.24 -31.59
CA PRO O 270 100.32 -49.59 -30.79
C PRO O 270 100.34 -51.01 -30.25
N ALA O 271 101.04 -51.92 -30.92
CA ALA O 271 101.11 -53.30 -30.43
C ALA O 271 101.73 -53.36 -29.05
N LEU O 272 102.64 -52.44 -28.74
CA LEU O 272 103.26 -52.41 -27.42
C LEU O 272 102.48 -51.53 -26.46
N VAL O 273 102.09 -50.34 -26.92
CA VAL O 273 101.35 -49.39 -26.08
C VAL O 273 100.18 -48.83 -26.89
N PRO O 274 98.97 -49.35 -26.73
CA PRO O 274 97.84 -48.83 -27.49
C PRO O 274 97.64 -47.35 -27.21
N PRO O 275 97.24 -46.57 -28.22
CA PRO O 275 96.93 -45.16 -27.99
C PRO O 275 95.65 -45.01 -27.17
N TYR O 276 95.60 -43.96 -26.36
CA TYR O 276 94.42 -43.66 -25.57
C TYR O 276 93.90 -42.27 -25.95
N THR O 277 92.76 -41.88 -25.37
CA THR O 277 92.07 -40.66 -25.73
C THR O 277 92.09 -39.70 -24.56
N ILE O 278 92.35 -38.42 -24.84
CA ILE O 278 92.31 -37.37 -23.83
C ILE O 278 91.22 -36.37 -24.24
N LYS O 279 90.37 -36.02 -23.28
CA LYS O 279 89.39 -34.95 -23.44
C LYS O 279 89.82 -33.78 -22.56
N ASN O 280 90.09 -32.64 -23.18
CA ASN O 280 90.62 -31.49 -22.44
C ASN O 280 89.45 -30.64 -21.93
N GLU O 281 89.77 -29.46 -21.38
CA GLU O 281 88.73 -28.61 -20.81
C GLU O 281 87.65 -28.29 -21.84
N GLN O 282 88.05 -28.13 -23.10
CA GLN O 282 87.07 -28.01 -24.17
C GLN O 282 86.54 -29.39 -24.52
N ASN O 283 85.40 -29.42 -25.19
CA ASN O 283 84.85 -30.73 -25.57
C ASN O 283 85.61 -31.40 -26.70
N LEU O 284 86.77 -30.87 -27.11
CA LEU O 284 87.57 -31.52 -28.13
C LEU O 284 88.39 -32.65 -27.54
N THR O 285 88.64 -33.68 -28.35
CA THR O 285 89.43 -34.82 -27.91
C THR O 285 90.58 -35.06 -28.88
N ILE O 286 91.61 -35.73 -28.37
CA ILE O 286 92.78 -36.10 -29.16
C ILE O 286 93.10 -37.56 -28.92
N THR O 287 93.84 -38.14 -29.88
CA THR O 287 94.39 -39.48 -29.74
C THR O 287 95.86 -39.33 -29.35
N THR O 288 96.21 -39.84 -28.17
CA THR O 288 97.51 -39.61 -27.57
C THR O 288 98.22 -40.94 -27.32
N ALA O 289 99.51 -40.98 -27.63
CA ALA O 289 100.37 -42.10 -27.33
C ALA O 289 101.74 -41.57 -26.92
N PRO O 290 102.51 -42.36 -26.16
CA PRO O 290 103.87 -41.93 -25.83
C PRO O 290 104.74 -41.87 -27.09
N LEU O 291 105.66 -40.92 -27.10
CA LEU O 291 106.59 -40.81 -28.21
C LEU O 291 107.56 -41.98 -28.20
N LYS O 292 107.92 -42.45 -29.38
CA LYS O 292 108.91 -43.52 -29.49
C LYS O 292 110.29 -42.99 -29.11
N ALA O 293 111.06 -43.82 -28.41
CA ALA O 293 112.41 -43.44 -28.05
C ALA O 293 113.31 -43.41 -29.29
N ASN O 294 114.30 -42.52 -29.26
CA ASN O 294 115.27 -42.37 -30.34
C ASN O 294 114.59 -41.89 -31.63
N VAL O 295 113.88 -40.76 -31.51
CA VAL O 295 113.25 -40.12 -32.65
C VAL O 295 113.64 -38.66 -32.70
N ARG O 296 113.48 -38.07 -33.88
CA ARG O 296 113.67 -36.64 -34.11
C ARG O 296 112.41 -36.09 -34.73
N LEU O 297 111.83 -35.06 -34.13
CA LEU O 297 110.56 -34.55 -34.59
C LEU O 297 110.41 -33.08 -34.22
N ASP O 298 109.44 -32.44 -34.88
CA ASP O 298 108.99 -31.11 -34.48
C ASP O 298 108.03 -31.27 -33.30
N LEU O 299 108.48 -30.93 -32.10
CA LEU O 299 107.71 -31.24 -30.90
C LEU O 299 106.42 -30.44 -30.83
N MET O 300 106.48 -29.15 -31.19
CA MET O 300 105.27 -28.35 -31.25
C MET O 300 104.39 -28.74 -32.44
N GLY O 301 105.00 -28.99 -33.60
CA GLY O 301 104.22 -29.32 -34.78
C GLY O 301 103.39 -30.58 -34.59
N ASN O 302 103.91 -31.55 -33.84
CA ASN O 302 103.21 -32.79 -33.56
C ASN O 302 102.43 -32.73 -32.25
N SER O 303 102.29 -31.56 -31.64
CA SER O 303 101.58 -31.45 -30.39
C SER O 303 100.08 -31.47 -30.62
N ASN O 304 99.34 -31.69 -29.52
CA ASN O 304 97.88 -31.65 -29.61
C ASN O 304 97.37 -30.29 -30.07
N ALA O 305 98.15 -29.23 -29.82
CA ALA O 305 97.67 -27.88 -30.14
C ALA O 305 97.32 -27.72 -31.60
N ASN O 306 97.99 -28.48 -32.49
CA ASN O 306 97.71 -28.36 -33.91
C ASN O 306 96.42 -29.06 -34.29
N LEU O 307 96.07 -30.15 -33.60
CA LEU O 307 95.00 -31.03 -34.02
C LEU O 307 93.66 -30.73 -33.36
N LEU O 308 93.55 -29.63 -32.61
CA LEU O 308 92.29 -29.32 -31.95
C LEU O 308 91.33 -28.56 -32.86
N ILE O 309 91.76 -27.40 -33.37
CA ILE O 309 90.87 -26.45 -34.05
C ILE O 309 91.17 -26.41 -35.55
N GLN O 310 92.36 -25.95 -35.93
CA GLN O 310 92.82 -26.02 -37.30
C GLN O 310 94.27 -26.46 -37.31
N ARG O 311 94.66 -27.15 -38.39
CA ARG O 311 95.90 -27.91 -38.38
C ARG O 311 97.13 -27.01 -38.36
N GLY O 312 97.04 -25.81 -38.90
CA GLY O 312 98.21 -24.98 -39.04
C GLY O 312 98.14 -23.62 -38.38
N MET O 313 97.65 -23.56 -37.14
CA MET O 313 97.49 -22.28 -36.47
C MET O 313 98.75 -21.84 -35.72
N LEU O 314 99.62 -22.77 -35.36
CA LEU O 314 100.81 -22.42 -34.59
C LEU O 314 101.83 -21.72 -35.48
N GLU O 315 102.52 -20.74 -34.92
CA GLU O 315 103.49 -19.95 -35.67
C GLU O 315 104.68 -19.65 -34.79
N VAL O 316 105.57 -18.78 -35.28
CA VAL O 316 106.80 -18.48 -34.55
C VAL O 316 106.53 -17.91 -33.17
N SER O 317 105.33 -17.40 -32.94
CA SER O 317 104.97 -16.80 -31.65
C SER O 317 104.58 -17.84 -30.60
N ASP O 318 104.63 -19.13 -30.93
CA ASP O 318 104.34 -20.19 -29.98
C ASP O 318 105.63 -20.87 -29.57
N THR O 319 105.93 -20.84 -28.27
CA THR O 319 107.18 -21.35 -27.73
C THR O 319 106.89 -22.31 -26.58
N ILE O 320 107.90 -23.11 -26.23
CA ILE O 320 107.80 -24.11 -25.18
C ILE O 320 108.37 -23.52 -23.90
N ASP O 321 107.72 -23.79 -22.78
CA ASP O 321 108.20 -23.34 -21.49
C ASP O 321 109.45 -24.12 -21.10
N PRO O 322 110.59 -23.46 -20.87
CA PRO O 322 111.78 -24.20 -20.44
C PRO O 322 111.56 -25.00 -19.17
N ALA O 323 110.59 -24.63 -18.34
CA ALA O 323 110.33 -25.32 -17.08
C ALA O 323 109.49 -26.55 -17.36
N GLY O 324 110.14 -27.58 -17.92
CA GLY O 324 109.48 -28.84 -18.22
C GLY O 324 110.12 -29.98 -17.46
N ARG O 325 109.55 -31.16 -17.66
CA ARG O 325 109.99 -32.35 -16.95
C ARG O 325 109.82 -33.56 -17.85
N LEU O 326 110.58 -34.61 -17.56
CA LEU O 326 110.37 -35.93 -18.14
C LEU O 326 109.32 -36.64 -17.29
N LYS O 327 108.17 -36.94 -17.91
CA LYS O 327 107.03 -37.42 -17.13
C LYS O 327 107.06 -38.93 -16.97
N ASN O 328 107.18 -39.67 -18.07
CA ASN O 328 107.10 -41.13 -18.02
C ASN O 328 108.15 -41.73 -18.94
N LEU O 329 108.61 -42.93 -18.56
CA LEU O 329 109.40 -43.78 -19.43
C LEU O 329 108.68 -45.12 -19.55
N PHE O 330 108.48 -45.58 -20.78
CA PHE O 330 107.88 -46.89 -21.03
C PHE O 330 108.98 -47.88 -21.38
N VAL O 331 109.11 -48.92 -20.57
CA VAL O 331 110.19 -49.90 -20.70
C VAL O 331 109.59 -51.21 -21.17
N LEU O 332 110.24 -51.84 -22.16
CA LEU O 332 109.84 -53.17 -22.61
C LEU O 332 110.54 -54.19 -21.71
N LEU O 333 109.77 -54.84 -20.85
CA LEU O 333 110.30 -55.75 -19.84
C LEU O 333 109.64 -57.12 -20.01
N GLY O 334 110.42 -58.08 -20.49
CA GLY O 334 109.93 -59.44 -20.64
C GLY O 334 108.84 -59.63 -21.68
N GLY O 335 108.85 -58.80 -22.73
CA GLY O 335 107.86 -58.86 -23.78
C GLY O 335 106.69 -57.92 -23.62
N LYS O 336 106.52 -57.33 -22.44
CA LYS O 336 105.43 -56.40 -22.18
C LYS O 336 106.01 -55.09 -21.64
N VAL O 337 105.17 -54.06 -21.57
CA VAL O 337 105.60 -52.70 -21.28
C VAL O 337 105.24 -52.36 -19.84
N VAL O 338 106.20 -51.80 -19.11
CA VAL O 338 106.01 -51.33 -17.74
C VAL O 338 106.18 -49.82 -17.74
N LYS O 339 105.25 -49.11 -17.11
CA LYS O 339 105.24 -47.66 -17.09
C LYS O 339 105.92 -47.17 -15.82
N PHE O 340 106.95 -46.34 -15.96
CA PHE O 340 107.67 -45.75 -14.85
C PHE O 340 107.39 -44.27 -14.80
N LYS O 341 106.84 -43.80 -13.67
CA LYS O 341 106.53 -42.37 -13.50
C LYS O 341 107.71 -41.72 -12.80
N VAL O 342 108.36 -40.79 -13.48
CA VAL O 342 109.60 -40.19 -13.03
C VAL O 342 109.50 -38.67 -12.99
N ASP O 343 108.29 -38.12 -12.93
CA ASP O 343 108.10 -36.70 -13.25
C ASP O 343 108.77 -35.78 -12.23
N ARG O 344 108.68 -36.09 -10.95
CA ARG O 344 109.14 -35.18 -9.92
C ARG O 344 110.60 -35.41 -9.50
N LEU O 345 111.29 -36.37 -10.12
CA LEU O 345 112.64 -36.68 -9.68
C LEU O 345 113.58 -35.55 -10.07
N PRO O 346 114.67 -35.35 -9.32
CA PRO O 346 115.57 -34.23 -9.61
C PRO O 346 116.32 -34.34 -10.91
N ARG O 347 116.36 -35.54 -11.53
CA ARG O 347 116.99 -35.70 -12.83
C ARG O 347 116.02 -35.60 -13.99
N ALA O 348 114.74 -35.37 -13.73
CA ALA O 348 113.75 -35.29 -14.79
C ALA O 348 113.53 -33.87 -15.30
N VAL O 349 114.20 -32.87 -14.72
CA VAL O 349 113.94 -31.49 -15.07
C VAL O 349 114.68 -31.12 -16.35
N PHE O 350 114.12 -30.16 -17.09
CA PHE O 350 114.83 -29.57 -18.22
C PHE O 350 115.99 -28.71 -17.73
N GLN O 351 117.10 -28.76 -18.45
CA GLN O 351 118.29 -28.00 -18.12
C GLN O 351 118.69 -27.12 -19.30
N PRO O 352 119.35 -26.01 -19.04
CA PRO O 352 119.84 -25.18 -20.15
C PRO O 352 120.96 -25.87 -20.92
N ASP O 353 121.04 -25.55 -22.20
CA ASP O 353 122.12 -26.05 -23.05
C ASP O 353 123.26 -25.04 -23.02
N LEU O 354 124.35 -25.41 -22.34
CA LEU O 354 125.42 -24.45 -22.08
C LEU O 354 126.13 -24.05 -23.37
N VAL O 355 126.28 -24.98 -24.30
CA VAL O 355 127.00 -24.76 -25.55
C VAL O 355 126.01 -24.88 -26.70
N GLY O 356 125.84 -23.78 -27.44
CA GLY O 356 124.85 -23.74 -28.49
C GLY O 356 123.86 -22.61 -28.32
N ASP O 357 122.69 -22.72 -28.92
CA ASP O 357 121.69 -21.66 -28.84
C ASP O 357 121.14 -21.56 -27.42
N THR O 358 120.64 -20.37 -27.09
CA THR O 358 120.10 -20.15 -25.75
C THR O 358 118.82 -20.94 -25.51
N ARG O 359 117.94 -20.97 -26.51
CA ARG O 359 116.60 -21.52 -26.33
C ARG O 359 116.58 -23.03 -26.56
N ASN O 360 117.35 -23.73 -25.73
CA ASN O 360 117.45 -25.18 -25.78
C ASN O 360 117.18 -25.75 -24.40
N ALA O 361 116.40 -26.83 -24.37
CA ALA O 361 116.13 -27.55 -23.12
C ALA O 361 116.72 -28.94 -23.23
N VAL O 362 117.73 -29.21 -22.42
CA VAL O 362 118.44 -30.49 -22.45
C VAL O 362 117.85 -31.41 -21.39
N ILE O 363 117.66 -32.67 -21.75
CA ILE O 363 117.23 -33.71 -20.82
C ILE O 363 118.40 -34.64 -20.57
N ARG O 364 118.73 -34.86 -19.30
CA ARG O 364 119.76 -35.81 -18.91
C ARG O 364 119.24 -36.62 -17.74
N PHE O 365 118.49 -37.69 -18.04
CA PHE O 365 117.90 -38.54 -17.01
C PHE O 365 118.69 -39.83 -16.93
N ASP O 366 119.44 -39.99 -15.84
CA ASP O 366 120.29 -41.16 -15.61
C ASP O 366 119.97 -41.70 -14.22
N SER O 367 119.28 -42.83 -14.15
CA SER O 367 118.75 -43.33 -12.90
C SER O 367 118.96 -44.84 -12.83
N ASP O 368 119.46 -45.31 -11.69
CA ASP O 368 119.64 -46.74 -11.43
C ASP O 368 118.55 -47.29 -10.52
N ASP O 369 117.51 -46.52 -10.24
CA ASP O 369 116.57 -46.82 -9.17
C ASP O 369 115.17 -47.05 -9.71
N LEU O 370 115.05 -47.74 -10.84
CA LEU O 370 113.73 -48.12 -11.37
C LEU O 370 113.37 -49.48 -10.81
N VAL O 371 112.44 -49.49 -9.86
CA VAL O 371 112.13 -50.72 -9.11
C VAL O 371 111.10 -51.54 -9.87
N VAL O 372 111.37 -52.83 -10.03
CA VAL O 372 110.41 -53.80 -10.52
C VAL O 372 110.35 -54.94 -9.52
N SER O 373 109.16 -55.19 -8.98
CA SER O 373 109.00 -56.18 -7.93
C SER O 373 107.66 -56.89 -8.14
N GLY O 374 107.31 -57.78 -7.22
CA GLY O 374 106.03 -58.43 -7.27
C GLY O 374 104.85 -57.49 -7.17
N ASP O 375 105.08 -56.25 -6.76
CA ASP O 375 104.03 -55.24 -6.70
C ASP O 375 103.87 -54.47 -8.01
N THR O 376 104.70 -54.75 -9.01
CA THR O 376 104.64 -54.02 -10.26
C THR O 376 103.54 -54.61 -11.15
N THR O 377 102.86 -53.75 -11.90
CA THR O 377 101.95 -54.18 -12.95
C THR O 377 102.34 -53.56 -14.28
N PHE O 378 101.93 -54.22 -15.36
CA PHE O 378 102.18 -53.71 -16.70
C PHE O 378 101.14 -52.65 -17.06
N ILE O 379 101.32 -52.03 -18.24
CA ILE O 379 100.43 -50.95 -18.66
C ILE O 379 98.99 -51.45 -18.78
N ASP O 380 98.83 -52.74 -19.05
CA ASP O 380 97.50 -53.33 -19.22
C ASP O 380 96.93 -53.88 -17.92
N GLY O 381 97.60 -53.69 -16.80
CA GLY O 381 97.12 -54.15 -15.51
C GLY O 381 97.55 -55.55 -15.14
N SER O 382 98.16 -56.29 -16.05
CA SER O 382 98.59 -57.65 -15.75
C SER O 382 99.87 -57.64 -14.91
N ALA O 383 100.14 -58.76 -14.26
CA ALA O 383 101.37 -58.92 -13.50
C ALA O 383 101.89 -60.35 -13.65
N ASP O 384 101.81 -60.89 -14.86
CA ASP O 384 102.33 -62.22 -15.15
C ASP O 384 103.72 -62.13 -15.76
N GLY O 385 104.26 -63.27 -16.17
CA GLY O 385 105.58 -63.31 -16.76
C GLY O 385 106.69 -63.04 -15.76
N VAL O 386 107.58 -62.10 -16.09
CA VAL O 386 108.76 -61.87 -15.26
C VAL O 386 108.35 -61.42 -13.86
N ILE O 387 107.34 -60.55 -13.77
CA ILE O 387 106.93 -60.01 -12.47
C ILE O 387 106.42 -61.12 -11.57
N ASN O 388 105.61 -62.03 -12.12
CA ASN O 388 105.15 -63.17 -11.33
C ASN O 388 106.32 -64.00 -10.81
N ASP O 389 107.34 -64.21 -11.65
CA ASP O 389 108.52 -64.95 -11.22
C ASP O 389 109.31 -64.18 -10.17
N LEU O 390 109.37 -62.85 -10.30
CA LEU O 390 109.97 -62.03 -9.26
C LEU O 390 109.21 -62.16 -7.95
N LYS O 391 107.88 -62.19 -8.01
CA LYS O 391 107.09 -62.30 -6.79
C LYS O 391 107.34 -63.64 -6.09
N THR O 392 107.26 -64.74 -6.83
CA THR O 392 107.44 -66.05 -6.20
C THR O 392 108.87 -66.29 -5.75
N ALA O 393 109.84 -65.70 -6.43
CA ALA O 393 111.24 -65.82 -6.05
C ALA O 393 111.66 -64.81 -4.99
N LYS O 394 110.75 -63.93 -4.57
CA LYS O 394 111.05 -62.86 -3.62
C LYS O 394 112.26 -62.04 -4.06
N LEU O 395 112.27 -61.68 -5.35
CA LEU O 395 113.33 -60.87 -5.92
C LEU O 395 112.78 -59.50 -6.32
N SER O 396 113.68 -58.53 -6.40
CA SER O 396 113.33 -57.20 -6.89
C SER O 396 114.47 -56.68 -7.77
N LEU O 397 114.10 -56.09 -8.90
CA LEU O 397 115.08 -55.57 -9.85
C LEU O 397 115.29 -54.07 -9.62
N ARG O 398 116.51 -53.61 -9.89
CA ARG O 398 116.84 -52.19 -9.96
C ARG O 398 117.35 -51.91 -11.37
N LEU O 399 116.49 -51.35 -12.22
CA LEU O 399 116.85 -51.12 -13.60
C LEU O 399 117.62 -49.80 -13.75
N SER O 400 118.55 -49.77 -14.69
CA SER O 400 119.33 -48.58 -15.00
C SER O 400 118.98 -48.13 -16.41
N VAL O 401 118.51 -46.89 -16.53
CA VAL O 401 118.11 -46.34 -17.82
C VAL O 401 118.77 -44.98 -18.01
N GLY O 402 118.88 -44.59 -19.28
CA GLY O 402 119.38 -43.27 -19.61
C GLY O 402 118.59 -42.67 -20.76
N PHE O 403 117.92 -41.54 -20.51
CA PHE O 403 117.13 -40.87 -21.52
C PHE O 403 117.60 -39.43 -21.64
N GLY O 404 118.00 -39.03 -22.84
CA GLY O 404 118.41 -37.68 -23.13
C GLY O 404 117.61 -37.04 -24.22
N GLY O 405 118.16 -35.99 -24.80
CA GLY O 405 117.52 -35.26 -25.88
C GLY O 405 117.54 -33.76 -25.62
N THR O 406 117.48 -32.99 -26.70
CA THR O 406 117.47 -31.54 -26.64
C THR O 406 116.24 -31.03 -27.36
N ILE O 407 115.53 -30.11 -26.72
CA ILE O 407 114.33 -29.50 -27.29
C ILE O 407 114.63 -28.04 -27.59
N SER O 408 114.39 -27.62 -28.82
CA SER O 408 114.55 -26.24 -29.23
C SER O 408 113.30 -25.47 -28.82
N LEU O 409 113.41 -24.64 -27.79
CA LEU O 409 112.23 -24.07 -27.16
C LEU O 409 111.55 -23.05 -28.07
N SER O 410 112.32 -22.36 -28.90
CA SER O 410 111.74 -21.32 -29.74
C SER O 410 111.23 -21.88 -31.07
N LYS O 411 111.83 -22.97 -31.55
CA LYS O 411 111.51 -23.49 -32.87
C LYS O 411 110.68 -24.77 -32.84
N GLY O 412 110.76 -25.55 -31.77
CA GLY O 412 110.05 -26.81 -31.69
C GLY O 412 110.83 -28.03 -32.09
N ASP O 413 111.97 -27.86 -32.78
CA ASP O 413 112.78 -29.00 -33.16
C ASP O 413 113.26 -29.74 -31.92
N SER O 414 113.15 -31.07 -31.96
CA SER O 414 113.57 -31.89 -30.83
C SER O 414 114.23 -33.16 -31.35
N LYS O 415 115.31 -33.57 -30.69
CA LYS O 415 116.01 -34.81 -30.99
C LYS O 415 116.21 -35.56 -29.68
N PHE O 416 115.59 -36.73 -29.57
CA PHE O 416 115.62 -37.51 -28.35
C PHE O 416 116.48 -38.75 -28.52
N GLY O 417 116.92 -39.32 -27.42
CA GLY O 417 117.75 -40.50 -27.45
C GLY O 417 117.69 -41.30 -26.16
N ALA O 418 117.64 -42.62 -26.29
CA ALA O 418 117.61 -43.52 -25.13
C ALA O 418 118.71 -44.56 -25.28
N THR O 419 119.49 -44.75 -24.22
CA THR O 419 120.60 -45.70 -24.23
C THR O 419 120.10 -47.06 -23.79
N ASP O 420 121.00 -48.04 -23.73
CA ASP O 420 120.62 -49.39 -23.36
C ASP O 420 120.19 -49.45 -21.90
N THR O 421 119.28 -50.36 -21.61
CA THR O 421 118.75 -50.58 -20.27
C THR O 421 119.44 -51.79 -19.65
N TYR O 422 119.91 -51.63 -18.42
CA TYR O 422 120.63 -52.68 -17.72
C TYR O 422 119.92 -52.99 -16.40
N VAL O 423 120.12 -54.21 -15.92
CA VAL O 423 119.70 -54.59 -14.57
C VAL O 423 120.90 -54.36 -13.65
N ASP O 424 120.85 -53.28 -12.87
CA ASP O 424 121.99 -52.93 -12.03
C ASP O 424 122.11 -53.89 -10.85
N LYS O 425 121.00 -54.19 -10.18
CA LYS O 425 121.00 -55.11 -9.07
C LYS O 425 119.77 -56.01 -9.14
N VAL O 426 119.91 -57.21 -8.59
CA VAL O 426 118.78 -58.07 -8.26
C VAL O 426 118.84 -58.31 -6.76
N LEU O 427 117.84 -57.81 -6.05
CA LEU O 427 117.83 -57.82 -4.59
C LEU O 427 116.84 -58.84 -4.06
N ASN O 428 117.11 -59.36 -2.87
CA ASN O 428 116.14 -60.16 -2.14
C ASN O 428 115.26 -59.24 -1.30
N GLU O 429 114.32 -59.83 -0.55
CA GLU O 429 113.41 -59.03 0.25
C GLU O 429 114.12 -58.34 1.41
N ASP O 430 115.30 -58.84 1.81
CA ASP O 430 116.07 -58.18 2.86
C ASP O 430 116.81 -56.96 2.33
N GLY O 431 117.15 -56.94 1.05
CA GLY O 431 117.85 -55.81 0.47
C GLY O 431 119.32 -56.09 0.23
N GLN O 432 119.67 -57.35 0.02
CA GLN O 432 121.02 -57.78 -0.30
C GLN O 432 121.10 -58.15 -1.77
N VAL O 433 122.29 -58.00 -2.34
CA VAL O 433 122.49 -58.25 -3.77
C VAL O 433 122.62 -59.75 -3.99
N MET O 434 121.81 -60.30 -4.90
CA MET O 434 121.87 -61.72 -5.20
C MET O 434 122.94 -61.99 -6.27
N ASP O 435 123.49 -63.21 -6.21
CA ASP O 435 124.40 -63.66 -7.26
C ASP O 435 123.64 -63.90 -8.55
N ASN O 436 124.13 -63.29 -9.63
CA ASN O 436 123.51 -63.44 -10.94
C ASN O 436 123.60 -64.86 -11.49
N ALA O 437 124.42 -65.71 -10.90
CA ALA O 437 124.48 -67.12 -11.27
C ALA O 437 123.45 -67.96 -10.53
N ASP O 438 122.71 -67.38 -9.59
CA ASP O 438 121.69 -68.13 -8.86
C ASP O 438 120.61 -68.59 -9.84
N PRO O 439 120.22 -69.87 -9.81
CA PRO O 439 119.18 -70.33 -10.75
C PRO O 439 117.94 -69.46 -10.76
N ALA O 440 117.54 -68.92 -9.61
CA ALA O 440 116.34 -68.09 -9.57
C ALA O 440 116.59 -66.75 -10.24
N VAL O 441 117.76 -66.15 -10.01
CA VAL O 441 118.06 -64.87 -10.61
C VAL O 441 118.34 -65.01 -12.11
N LYS O 442 119.06 -66.06 -12.49
CA LYS O 442 119.32 -66.30 -13.90
C LYS O 442 118.04 -66.47 -14.70
N ALA O 443 117.08 -67.24 -14.17
CA ALA O 443 115.82 -67.42 -14.87
C ALA O 443 115.15 -66.07 -15.15
N ILE O 444 115.22 -65.15 -14.19
CA ILE O 444 114.71 -63.80 -14.42
C ILE O 444 115.50 -63.08 -15.50
N LEU O 445 116.84 -63.11 -15.41
CA LEU O 445 117.66 -62.37 -16.34
C LEU O 445 117.53 -62.91 -17.76
N ASP O 446 117.41 -64.23 -17.90
CA ASP O 446 117.29 -64.84 -19.22
C ASP O 446 116.04 -64.35 -19.93
N GLN O 447 114.99 -63.99 -19.19
CA GLN O 447 113.77 -63.49 -19.81
C GLN O 447 113.93 -62.07 -20.32
N LEU O 448 114.97 -61.35 -19.87
CA LEU O 448 115.11 -59.92 -20.15
C LEU O 448 116.12 -59.68 -21.27
N THR O 449 115.89 -60.36 -22.39
CA THR O 449 116.77 -60.18 -23.55
C THR O 449 116.39 -58.94 -24.34
N ASP O 450 115.14 -58.51 -24.24
CA ASP O 450 114.62 -57.35 -24.98
C ASP O 450 114.41 -56.15 -24.08
N LEU O 451 115.17 -56.04 -22.99
CA LEU O 451 114.96 -54.97 -22.02
C LEU O 451 115.47 -53.65 -22.60
N ALA O 452 114.57 -52.70 -22.82
CA ALA O 452 114.94 -51.43 -23.41
C ALA O 452 113.83 -50.42 -23.13
N VAL O 453 114.18 -49.14 -23.23
CA VAL O 453 113.22 -48.06 -23.22
C VAL O 453 112.64 -47.92 -24.62
N ILE O 454 111.30 -47.95 -24.72
CA ILE O 454 110.64 -47.86 -26.01
C ILE O 454 109.97 -46.50 -26.25
N GLY O 455 109.53 -45.81 -25.21
CA GLY O 455 108.89 -44.53 -25.41
C GLY O 455 108.91 -43.70 -24.15
N PHE O 456 108.37 -42.49 -24.26
CA PHE O 456 108.42 -41.53 -23.17
C PHE O 456 107.27 -40.55 -23.31
N GLU O 457 106.97 -39.86 -22.22
CA GLU O 457 106.05 -38.73 -22.21
C GLU O 457 106.69 -37.59 -21.43
N LEU O 458 106.42 -36.37 -21.88
CA LEU O 458 106.97 -35.17 -21.24
C LEU O 458 105.87 -34.36 -20.59
N ASP O 459 106.20 -33.72 -19.48
CA ASP O 459 105.31 -32.77 -18.82
C ASP O 459 105.60 -31.35 -19.34
N THR O 460 105.35 -31.16 -20.62
CA THR O 460 105.70 -29.94 -21.31
C THR O 460 104.49 -29.01 -21.41
N ARG O 461 104.76 -27.71 -21.33
CA ARG O 461 103.71 -26.70 -21.40
C ARG O 461 104.10 -25.63 -22.41
N PHE O 462 103.10 -24.99 -23.00
CA PHE O 462 103.35 -23.81 -23.80
C PHE O 462 103.47 -22.59 -22.89
N THR O 463 104.29 -21.64 -23.28
CA THR O 463 104.35 -20.34 -22.60
C THR O 463 103.49 -19.38 -23.39
N ASN O 464 102.42 -18.89 -22.77
CA ASN O 464 101.40 -18.13 -23.47
C ASN O 464 101.75 -16.64 -23.54
N THR O 465 102.89 -16.37 -24.20
CA THR O 465 103.13 -15.01 -24.67
C THR O 465 102.16 -14.65 -25.78
N ASN O 466 101.94 -15.56 -26.72
CA ASN O 466 100.77 -15.52 -27.57
C ASN O 466 99.61 -16.20 -26.86
N ARG O 467 98.60 -15.41 -26.52
CA ARG O 467 97.53 -15.88 -25.64
C ARG O 467 96.56 -16.79 -26.39
N ARG O 468 97.11 -17.91 -26.88
CA ARG O 468 96.31 -18.85 -27.66
C ARG O 468 95.30 -19.58 -26.79
N GLN O 469 95.68 -19.95 -25.57
CA GLN O 469 94.82 -20.67 -24.65
C GLN O 469 94.23 -19.69 -23.64
N ARG O 470 92.90 -19.67 -23.55
CA ARG O 470 92.22 -18.77 -22.63
C ARG O 470 91.94 -19.39 -21.27
N GLY O 471 91.87 -20.72 -21.19
CA GLY O 471 91.58 -21.36 -19.92
C GLY O 471 90.13 -21.20 -19.52
N HIS O 472 89.88 -21.30 -18.21
CA HIS O 472 88.53 -21.25 -17.68
C HIS O 472 87.95 -19.85 -17.80
N LEU O 473 86.63 -19.78 -17.86
CA LEU O 473 85.91 -18.51 -17.92
C LEU O 473 85.20 -18.25 -16.59
N LEU O 474 85.11 -16.97 -16.25
CA LEU O 474 84.26 -16.49 -15.17
C LEU O 474 83.17 -15.61 -15.77
N GLN O 475 81.92 -15.86 -15.38
CA GLN O 475 80.79 -15.04 -15.81
C GLN O 475 79.85 -14.85 -14.64
N THR O 476 79.40 -13.61 -14.44
CA THR O 476 78.51 -13.32 -13.32
C THR O 476 77.07 -13.61 -13.67
N ARG O 477 76.37 -14.24 -12.74
CA ARG O 477 74.98 -14.65 -12.94
C ARG O 477 74.22 -14.41 -11.64
N ALA O 478 72.89 -14.44 -11.73
CA ALA O 478 72.05 -14.30 -10.56
C ALA O 478 70.82 -15.19 -10.69
N LEU O 479 70.41 -15.75 -9.55
CA LEU O 479 69.18 -16.51 -9.45
C LEU O 479 68.20 -15.74 -8.57
N GLN O 480 66.92 -15.84 -8.89
CA GLN O 480 65.89 -15.17 -8.13
C GLN O 480 64.85 -16.17 -7.63
N PHE O 481 64.42 -15.99 -6.39
CA PHE O 481 63.41 -16.85 -5.76
C PHE O 481 62.20 -16.00 -5.41
N ARG O 482 61.02 -16.61 -5.47
CA ARG O 482 59.76 -15.91 -5.30
C ARG O 482 58.97 -16.54 -4.16
N HIS O 483 58.59 -15.73 -3.18
CA HIS O 483 57.86 -16.19 -2.00
C HIS O 483 56.58 -15.37 -1.82
N PRO O 484 55.48 -15.76 -2.43
CA PRO O 484 54.22 -15.04 -2.21
C PRO O 484 53.59 -15.36 -0.86
N ILE O 485 52.97 -14.37 -0.23
CA ILE O 485 52.43 -14.50 1.11
C ILE O 485 50.96 -14.89 1.00
N PRO O 486 50.54 -16.01 1.57
CA PRO O 486 49.12 -16.37 1.56
C PRO O 486 48.36 -15.73 2.70
N MET O 487 47.03 -15.69 2.53
CA MET O 487 46.12 -15.39 3.62
C MET O 487 45.81 -16.67 4.39
N HIS O 488 45.61 -16.54 5.70
CA HIS O 488 45.29 -17.68 6.54
C HIS O 488 43.85 -17.59 7.03
N ALA O 489 43.34 -18.73 7.50
CA ALA O 489 41.94 -18.80 7.91
C ALA O 489 41.68 -17.81 9.04
N PRO O 490 40.50 -17.23 9.10
CA PRO O 490 40.17 -16.27 10.16
C PRO O 490 39.86 -16.93 11.48
N VAL O 491 39.90 -16.11 12.53
CA VAL O 491 39.30 -16.44 13.82
C VAL O 491 38.27 -15.35 14.15
N THR O 492 37.11 -15.77 14.62
CA THR O 492 36.00 -14.86 14.86
C THR O 492 35.60 -14.86 16.33
N LEU O 493 35.21 -13.67 16.79
CA LEU O 493 34.65 -13.47 18.13
C LEU O 493 33.21 -13.01 17.94
N PRO O 494 32.25 -13.92 17.92
CA PRO O 494 30.84 -13.51 17.81
C PRO O 494 30.43 -12.68 19.01
N MET O 495 29.72 -11.59 18.75
CA MET O 495 29.26 -10.69 19.80
C MET O 495 27.78 -10.39 19.59
N ASP O 496 27.09 -10.11 20.69
CA ASP O 496 25.68 -9.79 20.63
C ASP O 496 25.42 -8.63 19.66
N THR O 497 24.26 -8.67 19.01
CA THR O 497 23.91 -7.65 18.04
C THR O 497 23.14 -6.48 18.63
N MET O 498 22.46 -6.67 19.76
CA MET O 498 21.64 -5.60 20.32
C MET O 498 22.49 -4.48 20.89
N THR O 499 23.65 -4.82 21.46
CA THR O 499 24.48 -3.81 22.12
C THR O 499 25.10 -2.88 21.08
N ASP O 500 25.06 -1.59 21.36
CA ASP O 500 25.76 -0.59 20.57
C ASP O 500 26.98 -0.01 21.29
N GLU O 501 27.38 -0.60 22.41
CA GLU O 501 28.52 -0.09 23.16
C GLU O 501 29.84 -0.48 22.49
N GLY O 502 29.92 -1.71 21.99
CA GLY O 502 31.14 -2.21 21.40
C GLY O 502 31.77 -3.30 22.25
N PRO O 503 32.83 -3.90 21.74
CA PRO O 503 33.52 -4.96 22.50
C PRO O 503 34.39 -4.40 23.62
N GLY O 504 34.65 -5.22 24.62
CA GLY O 504 35.65 -4.91 25.63
C GLY O 504 37.03 -5.41 25.23
N GLU O 505 37.92 -5.49 26.22
CA GLU O 505 39.29 -5.90 25.96
C GLU O 505 39.39 -7.31 25.40
N VAL O 506 38.35 -8.14 25.56
CA VAL O 506 38.37 -9.48 25.02
C VAL O 506 38.62 -9.50 23.52
N VAL O 507 38.33 -8.39 22.83
CA VAL O 507 38.58 -8.33 21.39
C VAL O 507 40.06 -8.56 21.08
N LYS O 508 40.96 -8.30 22.02
CA LYS O 508 42.38 -8.54 21.81
C LYS O 508 42.74 -10.02 21.80
N ALA O 509 41.82 -10.88 22.23
CA ALA O 509 42.08 -12.32 22.15
C ALA O 509 42.22 -12.78 20.71
N LEU O 510 41.63 -12.03 19.76
CA LEU O 510 41.74 -12.40 18.36
C LEU O 510 43.18 -12.28 17.87
N THR O 511 43.89 -11.23 18.32
CA THR O 511 45.30 -11.10 17.98
C THR O 511 46.14 -12.12 18.74
N VAL O 512 45.75 -12.45 19.98
CA VAL O 512 46.47 -13.46 20.74
C VAL O 512 46.36 -14.82 20.06
N ASN O 513 45.15 -15.18 19.62
CA ASN O 513 44.95 -16.41 18.87
C ASN O 513 45.82 -16.43 17.62
N THR O 514 45.86 -15.31 16.90
CA THR O 514 46.75 -15.22 15.73
C THR O 514 48.20 -15.38 16.12
N ASN O 515 48.64 -14.71 17.18
CA ASN O 515 50.05 -14.78 17.57
C ASN O 515 50.43 -16.19 18.05
N ILE O 516 49.52 -16.87 18.74
CA ILE O 516 49.77 -18.25 19.13
C ILE O 516 49.86 -19.13 17.88
N ARG O 517 48.96 -18.92 16.93
CA ARG O 517 49.03 -19.63 15.67
C ARG O 517 50.32 -19.32 14.92
N ASN O 518 50.78 -18.07 14.99
CA ASN O 518 52.03 -17.70 14.33
C ASN O 518 53.19 -18.54 14.85
N SER O 519 53.24 -18.77 16.17
CA SER O 519 54.32 -19.59 16.73
C SER O 519 54.17 -21.05 16.31
N ASN O 520 52.93 -21.56 16.33
CA ASN O 520 52.71 -22.95 15.93
C ASN O 520 53.02 -23.16 14.46
N ASN O 521 52.73 -22.16 13.62
CA ASN O 521 53.06 -22.25 12.20
C ASN O 521 54.56 -22.32 11.98
N ALA O 522 55.34 -21.58 12.76
CA ALA O 522 56.79 -21.71 12.68
C ALA O 522 57.23 -23.13 13.04
N VAL O 523 56.58 -23.72 14.04
CA VAL O 523 56.95 -25.08 14.44
C VAL O 523 56.62 -26.08 13.33
N LYS O 524 55.41 -25.99 12.78
CA LYS O 524 55.00 -26.91 11.71
C LYS O 524 55.91 -26.77 10.50
N ARG O 525 56.23 -25.53 10.11
CA ARG O 525 57.09 -25.30 8.97
C ARG O 525 58.50 -25.81 9.22
N MET O 526 59.02 -25.63 10.42
CA MET O 526 60.34 -26.17 10.72
C MET O 526 60.38 -27.68 10.51
N LEU O 527 59.40 -28.39 11.09
CA LEU O 527 59.42 -29.85 10.97
C LEU O 527 59.16 -30.30 9.54
N ASN O 528 58.29 -29.60 8.81
CA ASN O 528 58.06 -29.93 7.41
C ASN O 528 59.32 -29.69 6.58
N TYR O 529 60.10 -28.67 6.93
CA TYR O 529 61.36 -28.45 6.23
C TYR O 529 62.36 -29.55 6.51
N LEU O 530 62.44 -30.03 7.76
CA LEU O 530 63.34 -31.14 8.05
C LEU O 530 62.97 -32.36 7.23
N ALA O 531 61.67 -32.58 7.00
CA ALA O 531 61.23 -33.67 6.14
C ALA O 531 61.83 -33.53 4.74
N GLN O 532 61.90 -32.30 4.22
CA GLN O 532 62.55 -32.07 2.93
C GLN O 532 64.02 -32.47 2.97
N LEU O 533 64.74 -32.06 4.01
CA LEU O 533 66.16 -32.39 4.12
C LEU O 533 66.36 -33.89 4.20
N ARG O 534 65.51 -34.59 4.97
CA ARG O 534 65.63 -36.03 5.07
C ARG O 534 65.63 -36.68 3.70
N GLU O 535 64.65 -36.33 2.87
CA GLU O 535 64.53 -36.96 1.56
C GLU O 535 65.64 -36.51 0.61
N VAL O 536 65.96 -35.22 0.60
CA VAL O 536 66.93 -34.71 -0.36
C VAL O 536 68.34 -35.18 -0.03
N VAL O 537 68.74 -35.09 1.24
CA VAL O 537 70.08 -35.50 1.64
C VAL O 537 70.22 -37.01 1.58
N HIS O 538 69.14 -37.75 1.87
CA HIS O 538 69.16 -39.19 1.66
C HIS O 538 69.46 -39.54 0.21
N ASN O 539 68.87 -38.79 -0.73
CA ASN O 539 69.11 -39.04 -2.14
C ASN O 539 70.46 -38.44 -2.56
N GLY O 540 70.79 -38.61 -3.84
CA GLY O 540 72.11 -38.25 -4.31
C GLY O 540 72.27 -36.78 -4.62
N TYR O 541 72.20 -35.93 -3.60
CA TYR O 541 72.40 -34.50 -3.75
C TYR O 541 73.49 -34.05 -2.77
N ASN O 542 74.72 -34.01 -3.27
CA ASN O 542 75.86 -33.53 -2.50
C ASN O 542 76.52 -32.32 -3.15
N ARG O 543 75.80 -31.60 -3.99
CA ARG O 543 76.29 -30.40 -4.65
C ARG O 543 75.20 -29.35 -4.62
N PRO O 544 75.58 -28.06 -4.58
CA PRO O 544 74.58 -26.99 -4.63
C PRO O 544 73.96 -26.91 -6.02
N LYS O 545 72.64 -26.76 -6.08
CA LYS O 545 71.97 -26.48 -7.34
C LYS O 545 70.59 -25.90 -7.07
N PHE O 546 70.09 -25.15 -8.05
CA PHE O 546 68.76 -24.56 -7.98
C PHE O 546 67.68 -25.61 -8.21
N GLY O 547 66.60 -25.51 -7.44
CA GLY O 547 65.42 -26.32 -7.68
C GLY O 547 65.37 -27.66 -7.00
N ILE O 548 66.21 -27.90 -6.00
CA ILE O 548 66.21 -29.17 -5.29
C ILE O 548 65.36 -29.12 -4.03
N ILE O 549 65.46 -28.04 -3.26
CA ILE O 549 64.84 -27.95 -1.94
C ILE O 549 64.47 -26.49 -1.70
N GLU O 550 63.46 -26.28 -0.84
CA GLU O 550 63.18 -24.94 -0.36
C GLU O 550 64.42 -24.33 0.26
N GLY O 551 64.67 -23.07 -0.06
CA GLY O 551 65.78 -22.35 0.53
C GLY O 551 66.71 -21.80 -0.54
N ALA O 552 66.81 -20.49 -0.62
CA ALA O 552 67.62 -19.87 -1.67
C ALA O 552 69.08 -20.29 -1.56
N LEU O 553 69.57 -20.54 -0.35
CA LEU O 553 70.99 -20.81 -0.16
C LEU O 553 71.40 -22.22 -0.58
N SER O 554 70.46 -23.04 -1.02
CA SER O 554 70.84 -24.35 -1.57
C SER O 554 71.66 -24.21 -2.84
N ALA O 555 71.71 -23.01 -3.42
CA ALA O 555 72.50 -22.76 -4.62
C ALA O 555 73.95 -22.42 -4.33
N VAL O 556 74.33 -22.29 -3.06
CA VAL O 556 75.71 -21.98 -2.71
C VAL O 556 76.33 -23.01 -1.77
N MET O 557 75.56 -23.70 -0.95
CA MET O 557 76.10 -24.68 -0.02
C MET O 557 75.50 -26.06 -0.29
N ARG O 558 76.17 -27.08 0.21
CA ARG O 558 75.73 -28.45 0.03
C ARG O 558 74.66 -28.78 1.06
N PRO O 559 73.51 -29.31 0.65
CA PRO O 559 72.47 -29.70 1.62
C PRO O 559 72.97 -30.81 2.53
N THR O 560 72.75 -30.65 3.84
CA THR O 560 73.27 -31.57 4.83
C THR O 560 72.20 -31.87 5.86
N TYR O 561 72.12 -33.14 6.26
CA TYR O 561 71.15 -33.59 7.26
C TYR O 561 71.69 -34.85 7.90
N ARG O 562 71.71 -34.89 9.24
CA ARG O 562 72.11 -36.08 9.99
C ARG O 562 71.07 -36.34 11.06
N TYR O 563 70.65 -37.59 11.19
CA TYR O 563 69.61 -38.00 12.13
C TYR O 563 70.17 -39.07 13.05
N LYS O 564 70.03 -38.86 14.36
CA LYS O 564 70.48 -39.83 15.35
C LYS O 564 69.39 -40.03 16.39
N GLU O 565 69.12 -41.29 16.72
CA GLU O 565 68.23 -41.62 17.83
C GLU O 565 69.08 -41.84 19.08
N LEU O 566 68.99 -40.91 20.03
CA LEU O 566 69.88 -40.88 21.18
C LEU O 566 69.12 -41.43 22.38
N ASP O 567 69.27 -42.73 22.63
CA ASP O 567 68.65 -43.39 23.77
C ASP O 567 69.64 -43.39 24.93
N LEU O 568 69.39 -42.55 25.92
CA LEU O 568 70.39 -42.31 26.95
C LEU O 568 70.79 -43.58 27.69
N GLU O 569 69.89 -44.57 27.77
CA GLU O 569 70.24 -45.83 28.42
C GLU O 569 71.42 -46.50 27.71
N LYS O 570 71.55 -46.28 26.40
CA LYS O 570 72.62 -46.87 25.62
C LYS O 570 73.74 -45.89 25.29
N VAL O 571 73.75 -44.71 25.90
CA VAL O 571 74.76 -43.69 25.62
C VAL O 571 75.57 -43.34 26.86
N ILE O 572 74.94 -43.29 28.02
CA ILE O 572 75.58 -42.71 29.21
C ILE O 572 76.54 -43.72 29.83
N ASP O 573 77.76 -43.25 30.12
CA ASP O 573 78.71 -43.98 30.97
C ASP O 573 78.91 -43.14 32.23
N THR O 574 78.46 -43.68 33.37
CA THR O 574 78.60 -43.01 34.66
C THR O 574 78.95 -44.00 35.75
N ILE O 575 79.66 -43.51 36.76
CA ILE O 575 80.11 -44.31 37.89
C ILE O 575 79.53 -43.81 39.21
N LYS O 576 79.70 -42.52 39.50
CA LYS O 576 79.17 -41.93 40.72
C LYS O 576 77.83 -41.25 40.43
N SER O 577 76.91 -41.34 41.39
CA SER O 577 75.66 -40.62 41.30
C SER O 577 75.86 -39.11 41.26
N LYS O 578 76.93 -38.60 41.87
CA LYS O 578 77.17 -37.16 41.86
C LYS O 578 77.56 -36.65 40.48
N ASP O 579 77.93 -37.55 39.58
CA ASP O 579 78.38 -37.19 38.24
C ASP O 579 77.28 -37.31 37.20
N ARG O 580 76.10 -37.83 37.59
CA ARG O 580 75.06 -38.11 36.60
C ARG O 580 74.63 -36.86 35.83
N TRP O 581 74.55 -35.71 36.50
CA TRP O 581 74.15 -34.49 35.81
C TRP O 581 75.17 -34.12 34.73
N ASP O 582 76.45 -34.14 35.09
CA ASP O 582 77.50 -33.79 34.14
C ASP O 582 77.62 -34.86 33.06
N ASP O 583 77.41 -36.13 33.42
CA ASP O 583 77.51 -37.20 32.44
C ASP O 583 76.38 -37.13 31.42
N VAL O 584 75.16 -36.88 31.86
CA VAL O 584 74.04 -36.75 30.92
C VAL O 584 74.20 -35.48 30.08
N CYS O 585 74.54 -34.36 30.73
CA CYS O 585 74.72 -33.12 29.99
C CYS O 585 75.85 -33.25 28.97
N ALA O 586 76.98 -33.84 29.39
CA ALA O 586 78.10 -34.01 28.48
C ALA O 586 77.80 -35.02 27.38
N ALA O 587 77.13 -36.12 27.70
CA ALA O 587 76.87 -37.13 26.68
C ALA O 587 76.00 -36.59 25.57
N ILE O 588 74.98 -35.78 25.92
CA ILE O 588 74.12 -35.20 24.88
C ILE O 588 74.91 -34.24 24.02
N LEU O 589 75.70 -33.36 24.64
CA LEU O 589 76.51 -32.42 23.86
C LEU O 589 77.58 -33.15 23.06
N ASN O 590 78.16 -34.22 23.60
CA ASN O 590 79.17 -34.97 22.87
C ASN O 590 78.57 -35.69 21.68
N CYS O 591 77.34 -36.19 21.82
CA CYS O 591 76.66 -36.79 20.68
C CYS O 591 76.44 -35.76 19.58
N VAL O 592 76.02 -34.55 19.95
CA VAL O 592 75.85 -33.49 18.97
C VAL O 592 77.18 -33.15 18.31
N LYS O 593 78.25 -33.02 19.11
CA LYS O 593 79.56 -32.72 18.54
C LYS O 593 80.00 -33.80 17.56
N ALA O 594 79.84 -35.07 17.94
CA ALA O 594 80.28 -36.16 17.08
C ALA O 594 79.57 -36.12 15.73
N GLU O 595 78.29 -35.74 15.72
CA GLU O 595 77.57 -35.65 14.46
C GLU O 595 77.70 -34.29 13.78
N LEU O 596 77.92 -33.23 14.54
CA LEU O 596 77.92 -31.87 13.98
C LEU O 596 79.20 -31.52 13.25
N PHE O 597 80.36 -31.89 13.78
CA PHE O 597 81.62 -31.50 13.14
C PHE O 597 81.71 -31.94 11.69
N PRO O 598 81.41 -33.20 11.33
CA PRO O 598 81.45 -33.56 9.90
C PRO O 598 80.40 -32.85 9.08
N ALA O 599 79.28 -32.45 9.70
CA ALA O 599 78.28 -31.67 8.97
C ALA O 599 78.75 -30.25 8.71
N HIS O 600 79.42 -29.63 9.68
CA HIS O 600 80.03 -28.33 9.44
C HIS O 600 81.07 -28.42 8.32
N ARG O 601 81.91 -29.46 8.35
CA ARG O 601 82.91 -29.62 7.30
C ARG O 601 82.25 -29.85 5.94
N ASP O 602 81.42 -30.89 5.84
CA ASP O 602 80.96 -31.35 4.53
C ASP O 602 80.00 -30.36 3.87
N SER O 603 79.23 -29.62 4.66
CA SER O 603 78.25 -28.70 4.11
C SER O 603 78.88 -27.49 3.42
N ASN O 604 80.15 -27.19 3.70
CA ASN O 604 80.78 -25.95 3.23
C ASN O 604 79.96 -24.72 3.64
N ILE O 605 79.38 -24.77 4.85
CA ILE O 605 78.50 -23.69 5.27
C ILE O 605 79.29 -22.44 5.63
N GLU O 606 80.47 -22.58 6.23
CA GLU O 606 81.22 -21.42 6.66
C GLU O 606 81.58 -20.53 5.48
N ALA O 607 81.98 -21.14 4.36
CA ALA O 607 82.31 -20.37 3.17
C ALA O 607 81.09 -19.58 2.67
N ALA O 608 79.91 -20.20 2.72
CA ALA O 608 78.71 -19.53 2.24
C ALA O 608 78.44 -18.26 3.04
N PHE O 609 78.57 -18.32 4.37
CA PHE O 609 78.35 -17.15 5.20
C PHE O 609 79.37 -16.06 4.90
N ARG O 610 80.65 -16.44 4.77
CA ARG O 610 81.69 -15.45 4.55
C ARG O 610 81.54 -14.75 3.20
N VAL O 611 81.19 -15.51 2.16
CA VAL O 611 81.03 -14.90 0.83
C VAL O 611 79.82 -13.98 0.81
N ILE O 612 78.72 -14.39 1.44
CA ILE O 612 77.50 -13.59 1.42
C ILE O 612 77.67 -12.34 2.28
N SER O 613 78.20 -12.51 3.50
CA SER O 613 78.32 -11.37 4.41
C SER O 613 79.51 -10.47 4.09
N GLY O 614 80.55 -11.01 3.48
CA GLY O 614 81.76 -10.25 3.22
C GLY O 614 82.74 -10.19 4.37
N ASN O 615 82.44 -10.84 5.50
CA ASN O 615 83.31 -10.85 6.66
C ASN O 615 84.08 -12.16 6.69
N GLN O 616 85.37 -12.10 6.40
CA GLN O 616 86.19 -13.30 6.24
C GLN O 616 86.57 -13.94 7.56
N ASP O 617 86.21 -13.33 8.69
CA ASP O 617 86.45 -13.91 10.01
C ASP O 617 85.16 -14.36 10.68
N GLU O 618 84.06 -14.43 9.93
CA GLU O 618 82.77 -14.81 10.46
C GLU O 618 82.55 -16.32 10.35
N THR O 619 81.97 -16.89 11.40
CA THR O 619 81.64 -18.31 11.48
C THR O 619 80.19 -18.45 11.93
N PRO O 620 79.42 -19.35 11.32
CA PRO O 620 78.04 -19.54 11.74
C PRO O 620 77.94 -19.96 13.20
N MET O 621 76.85 -19.56 13.84
CA MET O 621 76.50 -19.98 15.19
C MET O 621 75.39 -21.02 15.09
N TYR O 622 75.52 -22.09 15.86
CA TYR O 622 74.59 -23.22 15.79
C TYR O 622 73.56 -23.11 16.91
N LEU O 623 72.30 -22.96 16.55
CA LEU O 623 71.24 -22.79 17.54
C LEU O 623 70.63 -24.13 17.91
N PHE O 624 70.58 -24.42 19.22
CA PHE O 624 70.03 -25.69 19.71
C PHE O 624 68.56 -25.48 19.99
N CYS O 625 67.70 -26.07 19.16
CA CYS O 625 66.26 -25.89 19.26
C CYS O 625 65.67 -27.07 20.01
N SER O 626 65.41 -26.90 21.30
CA SER O 626 65.02 -27.98 22.19
C SER O 626 63.64 -27.72 22.75
N ASP O 627 63.13 -28.68 23.52
CA ASP O 627 61.97 -28.48 24.36
C ASP O 627 62.40 -28.01 25.75
N LYS O 628 61.44 -27.97 26.68
CA LYS O 628 61.69 -27.46 28.01
C LYS O 628 62.49 -28.43 28.87
N GLU O 629 62.46 -29.72 28.55
CA GLU O 629 63.17 -30.73 29.33
C GLU O 629 64.62 -30.88 28.88
N ILE O 630 64.83 -31.01 27.57
CA ILE O 630 66.19 -31.14 27.05
C ILE O 630 66.99 -29.88 27.30
N ALA O 631 66.36 -28.71 27.19
CA ALA O 631 67.06 -27.45 27.40
C ALA O 631 67.77 -27.42 28.75
N ASN O 632 67.20 -28.07 29.76
CA ASN O 632 67.80 -28.05 31.09
C ASN O 632 69.10 -28.85 31.14
N TYR O 633 69.35 -29.70 30.15
CA TYR O 633 70.56 -30.51 30.09
C TYR O 633 71.62 -29.94 29.15
N LEU O 634 71.19 -29.17 28.16
CA LEU O 634 72.14 -28.54 27.25
C LEU O 634 72.81 -27.32 27.86
N MET O 635 72.09 -26.62 28.72
CA MET O 635 72.65 -25.43 29.35
C MET O 635 73.46 -25.84 30.57
N THR O 636 74.77 -25.65 30.51
CA THR O 636 75.65 -26.12 31.58
C THR O 636 76.50 -25.05 32.24
N LYS O 637 77.79 -25.02 31.93
CA LYS O 637 78.68 -24.03 32.49
C LYS O 637 78.67 -22.92 31.46
N GLY O 638 77.65 -22.07 31.55
CA GLY O 638 77.27 -21.16 30.49
C GLY O 638 78.35 -20.20 30.03
N ASP O 639 79.33 -19.93 30.89
CA ASP O 639 80.44 -19.07 30.53
C ASP O 639 81.19 -19.63 29.32
N ASP O 640 81.34 -20.94 29.28
CA ASP O 640 82.04 -21.57 28.17
C ASP O 640 81.04 -22.11 27.16
N ARG O 641 80.21 -21.23 26.60
CA ARG O 641 79.12 -21.68 25.74
C ARG O 641 79.71 -21.85 24.34
N THR O 642 80.61 -22.82 24.20
CA THR O 642 81.30 -23.04 22.94
C THR O 642 81.44 -24.53 22.71
N LEU O 643 81.69 -24.91 21.46
CA LEU O 643 81.74 -26.34 21.12
C LEU O 643 83.15 -26.92 21.17
N GLY O 644 83.46 -27.80 20.23
CA GLY O 644 84.76 -28.45 20.23
C GLY O 644 85.92 -27.49 20.15
N ALA O 645 85.79 -26.44 19.34
CA ALA O 645 86.88 -25.48 19.20
C ALA O 645 86.40 -24.06 18.91
N TYR O 646 86.36 -23.67 17.65
CA TYR O 646 86.00 -22.30 17.32
C TYR O 646 84.50 -22.07 17.18
N LEU O 647 83.69 -23.12 17.15
CA LEU O 647 82.25 -22.95 16.95
C LEU O 647 81.57 -22.55 18.23
N LYS O 648 80.54 -21.71 18.10
CA LYS O 648 79.72 -21.29 19.22
C LYS O 648 78.30 -21.78 19.01
N TYR O 649 77.52 -21.81 20.09
CA TYR O 649 76.13 -22.26 20.01
C TYR O 649 75.28 -21.46 20.98
N ASP O 650 73.96 -21.58 20.84
CA ASP O 650 73.00 -20.99 21.74
C ASP O 650 71.81 -21.93 21.89
N ILE O 651 71.05 -21.73 22.97
CA ILE O 651 69.98 -22.65 23.34
C ILE O 651 68.68 -21.87 23.46
N VAL O 652 67.65 -22.35 22.76
CA VAL O 652 66.31 -21.80 22.82
C VAL O 652 65.34 -22.97 23.00
N SER O 653 64.34 -22.79 23.85
CA SER O 653 63.41 -23.84 24.20
C SER O 653 61.99 -23.42 23.86
N THR O 654 61.17 -24.41 23.49
CA THR O 654 59.73 -24.24 23.42
C THR O 654 59.05 -25.38 24.18
N ASN O 655 57.74 -25.23 24.37
CA ASN O 655 56.94 -26.28 25.00
C ASN O 655 55.89 -26.85 24.07
N ASN O 656 56.07 -26.72 22.76
CA ASN O 656 55.17 -27.36 21.81
C ASN O 656 55.36 -28.87 21.84
N GLN O 657 54.23 -29.59 21.87
CA GLN O 657 54.28 -31.04 21.98
C GLN O 657 55.01 -31.68 20.80
N LEU O 658 55.15 -30.95 19.69
CA LEU O 658 55.78 -31.50 18.49
C LEU O 658 57.28 -31.68 18.64
N PHE O 659 57.88 -31.17 19.71
CA PHE O 659 59.28 -31.39 20.04
C PHE O 659 59.43 -32.20 21.34
N ASP O 660 58.37 -32.88 21.76
CA ASP O 660 58.42 -33.60 23.04
C ASP O 660 59.65 -34.48 23.14
N GLY O 661 60.11 -35.02 22.00
CA GLY O 661 61.30 -35.86 22.01
C GLY O 661 62.28 -35.52 20.92
N LYS O 662 62.43 -34.24 20.60
CA LYS O 662 63.27 -33.81 19.50
C LYS O 662 64.24 -32.72 19.97
N LEU O 663 65.47 -32.81 19.49
CA LEU O 663 66.41 -31.69 19.52
C LEU O 663 66.91 -31.48 18.10
N VAL O 664 66.81 -30.26 17.60
CA VAL O 664 67.24 -29.93 16.26
C VAL O 664 68.26 -28.78 16.34
N VAL O 665 69.38 -28.95 15.65
CA VAL O 665 70.45 -27.96 15.61
C VAL O 665 70.43 -27.30 14.24
N ILE O 666 70.29 -25.98 14.22
CA ILE O 666 70.23 -25.24 12.96
C ILE O 666 71.18 -24.05 13.05
N PRO O 667 72.01 -23.82 12.04
CA PRO O 667 72.89 -22.65 12.05
C PRO O 667 72.13 -21.37 11.78
N THR O 668 72.66 -20.28 12.31
CA THR O 668 72.13 -18.95 12.01
C THR O 668 73.26 -17.95 12.15
N ARG O 669 73.08 -16.77 11.53
CA ARG O 669 74.05 -15.70 11.68
C ARG O 669 74.18 -15.31 13.15
N ALA O 670 75.42 -15.19 13.61
CA ALA O 670 75.65 -14.87 15.02
C ALA O 670 74.97 -13.57 15.43
N VAL O 671 74.97 -12.58 14.54
CA VAL O 671 74.28 -11.31 14.75
C VAL O 671 73.16 -11.21 13.73
N GLN O 672 71.93 -11.11 14.22
CA GLN O 672 70.78 -11.08 13.34
C GLN O 672 70.53 -9.68 12.79
N GLN O 673 70.17 -9.61 11.51
CA GLN O 673 69.86 -8.37 10.83
C GLN O 673 68.51 -8.49 10.15
N GLU O 674 67.87 -7.35 9.91
CA GLU O 674 66.55 -7.34 9.29
C GLU O 674 66.63 -7.90 7.88
N ASN O 675 65.70 -8.79 7.55
CA ASN O 675 65.55 -9.33 6.19
C ASN O 675 66.88 -9.87 5.67
N ASP O 676 67.56 -10.62 6.53
CA ASP O 676 68.80 -11.29 6.19
C ASP O 676 68.51 -12.65 5.56
N ILE O 677 69.48 -13.13 4.76
CA ILE O 677 69.39 -14.45 4.16
C ILE O 677 70.10 -15.48 5.01
N LEU O 678 71.12 -15.04 5.75
CA LEU O 678 71.92 -15.97 6.54
C LEU O 678 71.22 -16.46 7.80
N SER O 679 70.05 -15.91 8.13
CA SER O 679 69.20 -16.53 9.15
C SER O 679 68.65 -17.85 8.62
N TRP O 680 68.55 -18.84 9.50
CA TRP O 680 68.02 -20.14 9.09
C TRP O 680 66.68 -20.02 8.41
N GLY O 681 65.83 -19.09 8.84
CA GLY O 681 64.59 -18.82 8.14
C GLY O 681 64.11 -17.42 8.49
N GLN O 682 63.03 -17.03 7.83
CA GLN O 682 62.46 -15.70 8.00
C GLN O 682 60.97 -15.81 8.22
N PHE O 683 60.43 -14.82 8.96
CA PHE O 683 59.00 -14.74 9.18
C PHE O 683 58.55 -13.42 8.59
N PHE O 684 57.85 -13.45 7.47
CA PHE O 684 57.41 -12.26 6.77
C PHE O 684 56.00 -11.93 7.27
N TYR O 685 55.89 -10.84 8.03
CA TYR O 685 54.66 -10.48 8.69
C TYR O 685 54.02 -9.26 8.04
N VAL O 686 52.71 -9.31 7.87
CA VAL O 686 51.92 -8.18 7.43
C VAL O 686 50.86 -7.90 8.48
N SER O 687 50.58 -6.62 8.73
CA SER O 687 49.61 -6.26 9.77
C SER O 687 48.35 -7.08 9.66
N THR O 688 47.86 -7.56 10.81
CA THR O 688 46.67 -8.40 10.84
C THR O 688 45.42 -7.54 10.76
N VAL O 689 44.49 -7.95 9.92
CA VAL O 689 43.26 -7.18 9.70
C VAL O 689 42.18 -7.68 10.64
N ILE O 690 41.51 -6.76 11.32
CA ILE O 690 40.39 -7.04 12.20
C ILE O 690 39.20 -6.24 11.71
N ALA O 691 38.13 -6.93 11.33
CA ALA O 691 36.97 -6.31 10.72
C ALA O 691 35.71 -6.65 11.50
N ASP O 692 34.77 -5.72 11.53
CA ASP O 692 33.55 -5.86 12.32
C ASP O 692 32.33 -5.50 11.46
N LEU O 693 31.45 -6.47 11.24
CA LEU O 693 30.29 -6.31 10.40
C LEU O 693 29.17 -7.18 10.93
N PRO O 694 27.96 -6.64 11.07
CA PRO O 694 26.82 -7.44 11.55
C PRO O 694 26.27 -8.36 10.45
N ILE O 695 27.05 -9.40 10.14
CA ILE O 695 26.66 -10.35 9.11
C ILE O 695 25.48 -11.18 9.61
N THR O 696 24.63 -11.62 8.68
CA THR O 696 23.45 -12.41 9.01
C THR O 696 23.68 -13.84 8.53
N ARG O 697 24.79 -14.44 8.98
CA ARG O 697 25.17 -15.77 8.51
C ARG O 697 24.08 -16.78 8.84
N GLY O 698 23.72 -17.59 7.82
CA GLY O 698 22.67 -18.56 7.94
C GLY O 698 21.33 -18.11 7.39
N GLY O 699 21.17 -16.82 7.13
CA GLY O 699 19.94 -16.30 6.55
C GLY O 699 18.81 -16.09 7.53
N HIS O 700 18.97 -16.50 8.79
CA HIS O 700 17.88 -16.37 9.76
C HIS O 700 18.29 -15.76 11.09
N GLN O 701 19.55 -15.37 11.28
CA GLN O 701 20.00 -14.73 12.51
C GLN O 701 21.05 -13.68 12.19
N VAL O 702 21.16 -12.68 13.04
CA VAL O 702 22.12 -11.60 12.86
C VAL O 702 23.11 -11.62 14.03
N THR O 703 24.40 -11.67 13.69
CA THR O 703 25.47 -11.70 14.68
C THR O 703 26.54 -10.71 14.25
N ARG O 704 27.07 -9.95 15.23
CA ARG O 704 28.27 -9.17 14.97
C ARG O 704 29.49 -10.07 15.05
N GLU O 705 30.20 -10.19 13.92
CA GLU O 705 31.40 -11.01 13.84
C GLU O 705 32.62 -10.11 13.72
N ILE O 706 33.48 -10.14 14.72
CA ILE O 706 34.76 -9.45 14.69
C ILE O 706 35.83 -10.49 14.40
N ALA O 707 36.41 -10.43 13.21
CA ALA O 707 37.30 -11.47 12.72
C ALA O 707 38.68 -10.92 12.49
N ALA O 708 39.70 -11.71 12.84
CA ALA O 708 41.09 -11.39 12.59
C ALA O 708 41.64 -12.32 11.52
N ILE O 709 42.22 -11.74 10.48
CA ILE O 709 42.70 -12.50 9.33
C ILE O 709 44.22 -12.40 9.30
N PRO O 710 44.94 -13.47 9.61
CA PRO O 710 46.40 -13.43 9.50
C PRO O 710 46.86 -13.35 8.05
N PHE O 711 48.02 -12.73 7.87
CA PHE O 711 48.62 -12.59 6.53
C PHE O 711 50.14 -12.60 6.73
N ASN O 712 50.74 -13.77 6.59
CA ASN O 712 52.17 -13.93 6.82
C ASN O 712 52.65 -15.22 6.17
N LEU O 713 53.97 -15.36 6.11
CA LEU O 713 54.59 -16.54 5.50
C LEU O 713 55.88 -16.87 6.24
N HIS O 714 56.09 -18.16 6.51
CA HIS O 714 57.35 -18.67 7.03
C HIS O 714 58.17 -19.20 5.86
N VAL O 715 59.41 -18.71 5.74
CA VAL O 715 60.30 -19.10 4.65
C VAL O 715 61.61 -19.58 5.25
N ASN O 716 62.11 -20.71 4.73
CA ASN O 716 63.41 -21.25 5.14
C ASN O 716 64.49 -20.80 4.16
N ASN O 717 65.69 -20.64 4.68
CA ASN O 717 66.84 -20.24 3.87
C ASN O 717 67.92 -21.31 3.76
N ILE O 718 68.36 -21.87 4.89
CA ILE O 718 69.55 -22.70 4.92
C ILE O 718 69.13 -24.17 4.90
N PRO O 719 69.52 -24.95 3.88
CA PRO O 719 69.21 -26.37 3.84
C PRO O 719 70.14 -27.22 4.72
N PHE O 720 70.09 -26.98 6.02
CA PHE O 720 71.00 -27.62 6.97
C PHE O 720 70.27 -27.84 8.28
N ALA O 721 70.37 -29.05 8.82
CA ALA O 721 69.86 -29.35 10.14
C ALA O 721 70.46 -30.66 10.62
N LEU O 722 70.58 -30.80 11.94
CA LEU O 722 70.83 -32.09 12.58
C LEU O 722 69.69 -32.36 13.55
N GLU O 723 69.08 -33.53 13.41
CA GLU O 723 67.91 -33.89 14.21
C GLU O 723 68.27 -35.04 15.16
N PHE O 724 67.98 -34.84 16.44
CA PHE O 724 68.25 -35.85 17.46
C PHE O 724 66.95 -36.21 18.16
N LYS O 725 66.77 -37.49 18.44
CA LYS O 725 65.65 -37.99 19.23
C LYS O 725 66.21 -38.43 20.57
N ILE O 726 66.08 -37.57 21.57
CA ILE O 726 66.68 -37.81 22.89
C ILE O 726 65.61 -38.30 23.85
N THR O 727 65.75 -39.55 24.30
CA THR O 727 64.78 -40.16 25.20
C THR O 727 65.51 -40.91 26.31
N GLY O 728 64.78 -41.23 27.36
CA GLY O 728 65.28 -42.09 28.41
C GLY O 728 65.94 -41.39 29.58
N PHE O 729 65.63 -40.12 29.83
CA PHE O 729 66.24 -39.41 30.96
C PHE O 729 65.95 -40.12 32.27
N GLN O 730 64.72 -40.58 32.49
CA GLN O 730 64.34 -41.13 33.77
C GLN O 730 65.02 -42.47 34.02
N LYS O 731 65.28 -43.22 32.95
CA LYS O 731 65.91 -44.53 33.06
C LYS O 731 67.35 -44.42 33.51
N VAL O 732 67.96 -43.25 33.41
CA VAL O 732 69.37 -43.09 33.75
C VAL O 732 69.54 -42.35 35.07
N MET O 733 68.84 -41.24 35.26
CA MET O 733 69.00 -40.46 36.49
C MET O 733 68.20 -41.06 37.64
N GLY O 734 67.07 -41.69 37.35
CA GLY O 734 66.26 -42.27 38.42
C GLY O 734 66.82 -43.59 38.94
N GLU O 735 67.42 -44.39 38.06
CA GLU O 735 67.85 -45.73 38.42
C GLU O 735 69.37 -45.81 38.52
N THR O 736 69.85 -46.99 38.88
CA THR O 736 71.28 -47.28 38.97
C THR O 736 71.83 -47.62 37.59
N GLN O 737 73.10 -47.29 37.40
CA GLN O 737 73.84 -47.66 36.19
C GLN O 737 75.07 -48.49 36.49
N PHE O 738 75.76 -48.21 37.60
CA PHE O 738 77.03 -48.89 37.87
C PHE O 738 76.85 -50.05 38.84
N ASN O 739 76.46 -49.75 40.09
CA ASN O 739 76.33 -50.83 41.07
C ASN O 739 75.14 -51.73 40.76
N GLY O 740 74.10 -51.19 40.12
CA GLY O 740 72.98 -52.03 39.75
C GLY O 740 73.38 -53.14 38.79
N LYS O 741 74.34 -52.86 37.93
CA LYS O 741 74.81 -53.88 36.99
C LYS O 741 75.69 -54.90 37.68
N LEU O 742 76.56 -54.46 38.59
CA LEU O 742 77.40 -55.40 39.35
C LEU O 742 76.56 -56.35 40.19
N ALA O 743 75.44 -55.86 40.72
CA ALA O 743 74.57 -56.71 41.53
C ALA O 743 73.99 -57.86 40.73
N ASP O 744 74.00 -57.78 39.41
CA ASP O 744 73.43 -58.84 38.58
C ASP O 744 74.38 -60.02 38.40
N LEU O 745 75.64 -59.88 38.81
CA LEU O 745 76.68 -60.87 38.50
C LEU O 745 76.88 -61.86 39.65
N LYS O 746 75.84 -62.05 40.45
CA LYS O 746 75.99 -62.93 41.61
C LYS O 746 75.69 -64.37 41.22
N PRO O 747 76.63 -65.30 41.43
CA PRO O 747 76.48 -66.71 41.05
C PRO O 747 75.74 -67.52 42.10
N ASN P 164 39.36 -4.98 -9.92
CA ASN P 164 38.69 -6.25 -9.70
C ASN P 164 38.06 -6.31 -8.33
N TYR P 165 37.37 -7.41 -8.04
CA TYR P 165 36.74 -7.58 -6.74
C TYR P 165 37.78 -7.61 -5.62
N ASN P 166 38.84 -8.40 -5.81
CA ASN P 166 39.88 -8.59 -4.80
C ASN P 166 41.22 -8.24 -5.42
N GLU P 167 41.70 -7.02 -5.16
CA GLU P 167 42.95 -6.53 -5.71
C GLU P 167 44.07 -6.87 -4.73
N LYS P 168 44.33 -8.17 -4.57
CA LYS P 168 45.44 -8.64 -3.74
C LYS P 168 46.72 -8.66 -4.57
N SER P 169 47.75 -8.00 -4.06
CA SER P 169 48.98 -7.81 -4.82
C SER P 169 49.69 -9.14 -5.07
N GLN P 170 50.25 -9.27 -6.27
CA GLN P 170 51.15 -10.38 -6.59
C GLN P 170 52.34 -9.95 -7.43
N ARG P 171 52.59 -8.65 -7.58
CA ARG P 171 53.59 -8.15 -8.50
C ARG P 171 54.64 -7.25 -7.87
N ASP P 172 54.24 -6.27 -7.06
CA ASP P 172 55.18 -5.30 -6.48
C ASP P 172 55.73 -5.89 -5.19
N PHE P 173 56.49 -6.97 -5.32
CA PHE P 173 57.08 -7.63 -4.17
C PHE P 173 58.35 -6.89 -3.73
N ARG P 174 58.70 -7.03 -2.47
CA ARG P 174 59.95 -6.47 -1.98
C ARG P 174 61.12 -7.33 -2.46
N VAL P 175 62.15 -6.67 -2.98
CA VAL P 175 63.31 -7.35 -3.53
C VAL P 175 64.49 -7.09 -2.60
N VAL P 176 65.15 -8.16 -2.18
CA VAL P 176 66.36 -8.07 -1.37
C VAL P 176 67.51 -8.68 -2.16
N THR P 177 68.62 -7.95 -2.21
CA THR P 177 69.82 -8.39 -2.94
C THR P 177 70.77 -9.04 -1.96
N ILE P 178 71.12 -10.30 -2.22
CA ILE P 178 72.04 -11.03 -1.35
C ILE P 178 73.47 -10.67 -1.71
N GLY P 179 74.29 -10.41 -0.70
CA GLY P 179 75.67 -10.08 -0.95
C GLY P 179 76.46 -11.25 -1.47
N TYR P 180 77.60 -10.94 -2.08
CA TYR P 180 78.47 -11.94 -2.68
C TYR P 180 79.86 -11.33 -2.83
N ASN P 181 80.80 -11.78 -2.00
CA ASN P 181 82.15 -11.22 -1.95
C ASN P 181 83.14 -12.36 -1.83
N LEU P 182 83.94 -12.56 -2.86
CA LEU P 182 84.97 -13.61 -2.87
C LEU P 182 86.28 -13.03 -2.40
N ALA P 183 87.03 -13.80 -1.62
CA ALA P 183 88.34 -13.39 -1.13
C ALA P 183 89.25 -14.60 -1.05
N ALA P 184 90.52 -14.40 -1.40
CA ALA P 184 91.56 -15.40 -1.18
C ALA P 184 92.90 -14.70 -1.30
N SER P 185 93.73 -14.84 -0.28
CA SER P 185 95.04 -14.18 -0.22
C SER P 185 96.12 -15.22 -0.46
N ARG P 186 96.71 -15.22 -1.66
CA ARG P 186 97.68 -16.22 -2.08
C ARG P 186 97.30 -17.59 -1.55
N GLN P 187 98.17 -18.18 -0.73
CA GLN P 187 97.89 -19.47 -0.13
C GLN P 187 97.10 -19.30 1.16
N ASP P 188 96.19 -20.25 1.40
CA ASP P 188 95.44 -20.27 2.65
C ASP P 188 96.35 -20.75 3.79
N GLU P 189 95.80 -20.73 5.00
CA GLU P 189 96.64 -21.02 6.17
C GLU P 189 97.27 -22.39 6.07
N PHE P 190 96.54 -23.37 5.54
CA PHE P 190 97.07 -24.73 5.41
C PHE P 190 98.25 -24.77 4.45
N ALA P 191 98.06 -24.27 3.24
CA ALA P 191 99.11 -24.31 2.24
C ALA P 191 100.28 -23.40 2.62
N GLU P 192 100.00 -22.27 3.26
CA GLU P 192 101.06 -21.34 3.64
C GLU P 192 101.89 -21.90 4.79
N ARG P 193 101.24 -22.56 5.74
CA ARG P 193 101.99 -23.13 6.85
C ARG P 193 102.87 -24.29 6.38
N ILE P 194 102.40 -25.06 5.41
CA ILE P 194 103.16 -26.20 4.92
C ILE P 194 104.17 -25.78 3.84
N TYR P 195 103.74 -24.89 2.95
CA TYR P 195 104.58 -24.42 1.84
C TYR P 195 104.76 -22.91 1.96
N PRO P 196 105.64 -22.45 2.83
CA PRO P 196 105.80 -20.99 3.00
C PRO P 196 106.13 -20.33 1.68
N THR P 197 105.58 -19.13 1.48
CA THR P 197 105.74 -18.41 0.23
C THR P 197 107.12 -17.74 0.17
N THR P 198 107.83 -17.98 -0.93
CA THR P 198 109.06 -17.27 -1.23
C THR P 198 108.89 -16.61 -2.60
N VAL P 199 109.16 -15.31 -2.66
CA VAL P 199 108.92 -14.52 -3.87
C VAL P 199 110.17 -14.62 -4.74
N ILE P 200 110.01 -15.11 -5.96
CA ILE P 200 111.11 -15.27 -6.90
C ILE P 200 110.94 -14.26 -8.02
N ASN P 201 112.02 -13.57 -8.35
CA ASN P 201 111.97 -12.60 -9.44
C ASN P 201 111.65 -13.29 -10.77
N PRO P 202 110.78 -12.72 -11.58
CA PRO P 202 110.49 -13.33 -12.89
C PRO P 202 111.70 -13.45 -13.79
N ILE P 203 112.73 -12.63 -13.56
CA ILE P 203 113.97 -12.76 -14.33
C ILE P 203 114.68 -14.05 -13.94
N GLU P 204 114.68 -14.38 -12.64
CA GLU P 204 115.33 -15.60 -12.20
C GLU P 204 114.55 -16.83 -12.67
N GLY P 205 113.23 -16.83 -12.46
CA GLY P 205 112.39 -17.86 -13.03
C GLY P 205 112.68 -19.28 -12.54
N GLY P 206 113.29 -19.40 -11.38
CA GLY P 206 113.65 -20.70 -10.86
C GLY P 206 114.63 -20.57 -9.71
N VAL P 207 114.83 -21.69 -9.03
CA VAL P 207 115.72 -21.75 -7.87
C VAL P 207 116.56 -23.01 -7.97
N VAL P 208 117.79 -22.93 -7.48
CA VAL P 208 118.71 -24.05 -7.41
C VAL P 208 119.13 -24.23 -5.97
N GLN P 209 119.04 -25.45 -5.46
CA GLN P 209 119.45 -25.76 -4.10
C GLN P 209 120.75 -26.57 -4.16
N VAL P 210 121.80 -26.03 -3.56
CA VAL P 210 123.12 -26.65 -3.56
C VAL P 210 123.33 -27.34 -2.22
N LEU P 211 123.65 -28.63 -2.25
CA LEU P 211 123.78 -29.44 -1.04
C LEU P 211 125.22 -29.88 -0.87
N PRO P 212 126.07 -29.09 -0.22
CA PRO P 212 127.40 -29.57 0.15
C PRO P 212 127.32 -30.51 1.33
N TYR P 213 128.21 -31.51 1.34
CA TYR P 213 128.35 -32.38 2.50
C TYR P 213 129.64 -33.15 2.38
N ILE P 214 130.02 -33.82 3.47
CA ILE P 214 131.20 -34.67 3.53
C ILE P 214 130.74 -36.12 3.55
N ALA P 215 131.31 -36.93 2.67
CA ALA P 215 130.86 -38.30 2.45
C ALA P 215 131.84 -39.29 3.06
N VAL P 216 131.32 -40.40 3.55
CA VAL P 216 132.14 -41.50 4.05
C VAL P 216 132.30 -42.51 2.92
N MET P 217 133.53 -42.84 2.60
CA MET P 217 133.85 -43.70 1.47
C MET P 217 134.60 -44.94 1.91
N LYS P 218 134.63 -45.94 1.04
CA LYS P 218 135.45 -47.13 1.22
C LYS P 218 136.68 -47.04 0.33
N ASP P 219 137.78 -47.63 0.78
CA ASP P 219 139.05 -47.59 0.05
C ASP P 219 139.05 -48.68 -1.01
N VAL P 220 138.72 -48.31 -2.25
CA VAL P 220 138.60 -49.26 -3.34
C VAL P 220 139.36 -48.72 -4.55
N TYR P 221 139.66 -49.63 -5.47
CA TYR P 221 140.37 -49.32 -6.70
C TYR P 221 139.47 -49.62 -7.89
N HIS P 222 139.78 -48.97 -9.01
CA HIS P 222 138.96 -49.18 -10.22
C HIS P 222 139.18 -50.58 -10.76
N GLU P 223 138.10 -51.17 -11.27
CA GLU P 223 138.13 -52.53 -11.81
C GLU P 223 138.37 -52.47 -13.32
N VAL P 224 138.98 -53.54 -13.84
CA VAL P 224 139.27 -53.61 -15.27
C VAL P 224 137.99 -53.62 -16.08
N SER P 225 136.98 -54.38 -15.64
CA SER P 225 135.71 -54.38 -16.35
C SER P 225 135.11 -52.98 -16.37
N GLY P 226 135.21 -52.26 -15.26
CA GLY P 226 134.93 -50.84 -15.22
C GLY P 226 133.48 -50.43 -15.40
N VAL P 227 132.54 -51.25 -14.93
CA VAL P 227 131.12 -50.88 -15.07
C VAL P 227 130.84 -49.64 -14.23
N LYS P 228 131.33 -49.62 -12.99
CA LYS P 228 131.23 -48.45 -12.14
C LYS P 228 132.17 -48.66 -10.95
N MET P 229 132.47 -47.56 -10.27
CA MET P 229 133.28 -47.61 -9.05
C MET P 229 132.36 -47.93 -7.88
N ASP P 230 132.33 -49.20 -7.48
CA ASP P 230 131.36 -49.68 -6.49
C ASP P 230 131.84 -49.34 -5.07
N ASN P 231 131.88 -48.04 -4.79
CA ASN P 231 132.32 -47.52 -3.52
C ASN P 231 131.09 -47.15 -2.70
N GLU P 232 130.96 -47.73 -1.51
CA GLU P 232 129.76 -47.53 -0.71
C GLU P 232 129.77 -46.13 -0.10
N GLU P 233 129.56 -45.12 -0.93
CA GLU P 233 129.55 -43.75 -0.46
C GLU P 233 128.25 -43.45 0.27
N VAL P 234 128.37 -42.92 1.48
CA VAL P 234 127.23 -42.53 2.30
C VAL P 234 127.50 -41.17 2.93
N ASN P 235 126.45 -40.38 3.13
CA ASN P 235 126.57 -39.10 3.78
C ASN P 235 127.02 -39.27 5.23
N MET P 236 127.98 -38.43 5.65
CA MET P 236 128.44 -38.47 7.04
C MET P 236 127.28 -38.37 8.02
N VAL P 237 126.23 -37.63 7.67
CA VAL P 237 125.13 -37.38 8.61
C VAL P 237 124.58 -38.69 9.14
N GLU P 238 124.51 -39.72 8.29
CA GLU P 238 123.97 -41.00 8.74
C GLU P 238 124.76 -41.56 9.92
N ALA P 239 126.05 -41.24 10.02
CA ALA P 239 126.87 -41.78 11.10
C ALA P 239 126.36 -41.39 12.48
N TYR P 240 125.52 -40.35 12.57
CA TYR P 240 124.94 -39.97 13.86
C TYR P 240 123.86 -40.93 14.31
N ARG P 241 123.28 -41.69 13.39
CA ARG P 241 122.18 -42.62 13.68
C ARG P 241 122.63 -44.07 13.66
N ASP P 242 123.62 -44.42 12.83
CA ASP P 242 124.17 -45.77 12.76
C ASP P 242 125.67 -45.62 12.63
N PRO P 243 126.38 -45.40 13.75
CA PRO P 243 127.81 -45.08 13.68
C PRO P 243 128.64 -46.26 13.18
N SER P 244 128.02 -47.44 13.10
CA SER P 244 128.76 -48.64 12.70
C SER P 244 129.33 -48.53 11.30
N ILE P 245 128.81 -47.62 10.48
CA ILE P 245 129.36 -47.41 9.14
C ILE P 245 130.79 -46.87 9.16
N LEU P 246 131.28 -46.46 10.33
CA LEU P 246 132.65 -46.00 10.46
C LEU P 246 133.60 -47.08 11.00
N ASP P 247 133.09 -48.25 11.36
CA ASP P 247 133.95 -49.25 11.99
C ASP P 247 135.05 -49.69 11.02
N ASP P 248 136.25 -49.87 11.55
CA ASP P 248 137.40 -50.31 10.78
C ASP P 248 138.22 -51.28 11.62
N GLU P 249 138.24 -52.54 11.20
CA GLU P 249 138.94 -53.59 11.91
C GLU P 249 140.25 -53.99 11.24
N SER P 250 140.66 -53.25 10.20
CA SER P 250 141.85 -53.62 9.45
C SER P 250 143.11 -53.56 10.30
N ILE P 251 143.09 -52.74 11.37
CA ILE P 251 144.24 -52.65 12.26
C ILE P 251 144.42 -53.93 13.08
N ALA P 252 143.39 -54.76 13.21
CA ALA P 252 143.45 -55.90 14.11
C ALA P 252 144.48 -56.91 13.65
N LEU P 253 145.13 -57.57 14.62
CA LEU P 253 146.07 -58.65 14.37
C LEU P 253 145.38 -59.96 14.75
N ILE P 254 144.87 -60.66 13.75
CA ILE P 254 144.07 -61.87 13.95
C ILE P 254 144.84 -63.05 13.38
N PRO P 255 145.28 -64.00 14.21
CA PRO P 255 145.96 -65.18 13.66
C PRO P 255 145.09 -65.88 12.62
N ALA P 256 145.73 -66.32 11.54
CA ALA P 256 145.03 -66.90 10.41
C ALA P 256 145.67 -68.21 10.00
N LEU P 257 144.83 -69.13 9.51
CA LEU P 257 145.29 -70.44 9.08
C LEU P 257 145.75 -70.39 7.63
N ASP P 258 146.85 -71.09 7.35
CA ASP P 258 147.23 -71.33 5.96
C ASP P 258 146.29 -72.36 5.35
N PRO P 259 145.59 -72.03 4.25
CA PRO P 259 144.74 -73.03 3.61
C PRO P 259 145.47 -74.33 3.32
N ALA P 260 146.78 -74.29 3.16
CA ALA P 260 147.57 -75.49 2.88
C ALA P 260 147.88 -76.29 4.15
N GLY P 261 147.55 -75.76 5.33
CA GLY P 261 147.87 -76.44 6.56
C GLY P 261 149.30 -76.31 7.03
N SER P 262 150.02 -75.31 6.53
CA SER P 262 151.44 -75.19 6.86
C SER P 262 151.65 -74.74 8.30
N ASN P 263 150.71 -73.96 8.84
CA ASN P 263 150.82 -73.45 10.20
C ASN P 263 149.71 -73.98 11.12
N ALA P 264 149.08 -75.08 10.72
CA ALA P 264 147.97 -75.63 11.50
C ALA P 264 148.40 -76.10 12.88
N ASP P 265 149.69 -76.38 13.08
CA ASP P 265 150.17 -76.90 14.35
C ASP P 265 150.20 -75.84 15.44
N PHE P 266 149.89 -74.59 15.12
CA PHE P 266 149.81 -73.52 16.11
C PHE P 266 148.40 -73.30 16.63
N PHE P 267 147.40 -73.99 16.07
CA PHE P 267 146.00 -73.71 16.34
C PHE P 267 145.35 -74.91 17.00
N VAL P 268 144.23 -74.65 17.67
CA VAL P 268 143.50 -75.71 18.37
C VAL P 268 143.00 -76.74 17.36
N ASP P 269 143.17 -78.01 17.71
CA ASP P 269 142.73 -79.12 16.87
C ASP P 269 141.29 -78.84 16.42
N PRO P 270 141.00 -78.82 15.11
CA PRO P 270 139.62 -78.61 14.66
C PRO P 270 138.63 -79.59 15.25
N ALA P 271 139.08 -80.75 15.75
CA ALA P 271 138.17 -81.69 16.36
C ALA P 271 137.59 -81.16 17.67
N LEU P 272 138.27 -80.20 18.30
CA LEU P 272 137.81 -79.63 19.56
C LEU P 272 137.13 -78.27 19.33
N VAL P 273 137.74 -77.41 18.54
CA VAL P 273 137.23 -76.08 18.24
C VAL P 273 137.31 -75.87 16.73
N PRO P 274 136.22 -76.09 16.01
CA PRO P 274 136.23 -75.91 14.56
C PRO P 274 136.59 -74.48 14.20
N PRO P 275 137.39 -74.28 13.16
CA PRO P 275 137.71 -72.92 12.72
C PRO P 275 136.48 -72.21 12.18
N TYR P 276 136.54 -70.88 12.21
CA TYR P 276 135.51 -70.04 11.62
C TYR P 276 136.17 -68.98 10.74
N THR P 277 135.43 -68.51 9.75
CA THR P 277 135.93 -67.48 8.84
C THR P 277 135.48 -66.10 9.27
N ILE P 278 136.24 -65.08 8.87
CA ILE P 278 135.90 -63.69 9.09
C ILE P 278 136.04 -62.94 7.77
N LYS P 279 135.27 -61.87 7.61
CA LYS P 279 135.26 -61.09 6.38
C LYS P 279 135.87 -59.71 6.61
N ASN P 280 136.60 -59.24 5.60
CA ASN P 280 137.20 -57.92 5.62
C ASN P 280 136.23 -56.90 5.02
N GLU P 281 136.72 -55.72 4.65
CA GLU P 281 135.87 -54.69 4.08
C GLU P 281 135.29 -55.13 2.74
N GLN P 282 135.90 -56.11 2.09
CA GLN P 282 135.33 -56.70 0.88
C GLN P 282 134.62 -58.00 1.23
N ASN P 283 134.29 -58.78 0.21
CA ASN P 283 133.70 -60.10 0.43
C ASN P 283 134.75 -61.21 0.54
N LEU P 284 136.03 -60.85 0.64
CA LEU P 284 137.07 -61.86 0.83
C LEU P 284 137.11 -62.29 2.29
N THR P 285 137.21 -63.59 2.51
CA THR P 285 137.26 -64.15 3.85
C THR P 285 138.53 -64.96 4.07
N ILE P 286 138.91 -65.10 5.33
CA ILE P 286 140.03 -65.92 5.75
C ILE P 286 139.58 -66.79 6.90
N THR P 287 140.31 -67.87 7.15
CA THR P 287 139.99 -68.80 8.23
C THR P 287 140.83 -68.46 9.46
N THR P 288 140.16 -68.35 10.61
CA THR P 288 140.84 -68.11 11.88
C THR P 288 140.34 -69.10 12.92
N ALA P 289 141.20 -69.43 13.87
CA ALA P 289 140.89 -70.32 14.98
C ALA P 289 141.71 -69.89 16.18
N PRO P 290 141.25 -70.22 17.39
CA PRO P 290 142.06 -69.92 18.59
C PRO P 290 143.43 -70.57 18.50
N LEU P 291 144.43 -69.89 19.06
CA LEU P 291 145.78 -70.46 19.10
C LEU P 291 145.83 -71.58 20.12
N LYS P 292 146.62 -72.61 19.81
CA LYS P 292 146.82 -73.71 20.75
C LYS P 292 147.66 -73.27 21.93
N ALA P 293 147.32 -73.78 23.11
CA ALA P 293 148.12 -73.50 24.29
C ALA P 293 149.43 -74.29 24.23
N ASN P 294 150.45 -73.75 24.91
CA ASN P 294 151.77 -74.38 24.96
C ASN P 294 152.43 -74.38 23.57
N VAL P 295 152.53 -73.20 22.98
CA VAL P 295 153.13 -73.04 21.66
C VAL P 295 154.13 -71.89 21.69
N ARG P 296 155.03 -71.90 20.70
CA ARG P 296 155.92 -70.78 20.42
C ARG P 296 155.81 -70.49 18.94
N LEU P 297 155.63 -69.21 18.60
CA LEU P 297 155.37 -68.86 17.21
C LEU P 297 155.73 -67.40 16.98
N ASP P 298 155.85 -67.05 15.70
CA ASP P 298 155.90 -65.67 15.27
C ASP P 298 154.47 -65.16 15.17
N LEU P 299 154.06 -64.32 16.13
CA LEU P 299 152.66 -63.93 16.22
C LEU P 299 152.25 -63.07 15.03
N MET P 300 153.12 -62.15 14.62
CA MET P 300 152.87 -61.38 13.41
C MET P 300 152.97 -62.24 12.17
N GLY P 301 153.93 -63.16 12.13
CA GLY P 301 154.10 -63.99 10.95
C GLY P 301 152.84 -64.77 10.61
N ASN P 302 152.15 -65.28 11.61
CA ASN P 302 150.94 -66.07 11.41
C ASN P 302 149.69 -65.22 11.35
N SER P 303 149.82 -63.90 11.35
CA SER P 303 148.66 -63.02 11.39
C SER P 303 148.01 -62.94 10.00
N ASN P 304 146.76 -62.48 9.99
CA ASN P 304 146.03 -62.30 8.75
C ASN P 304 146.75 -61.37 7.77
N ALA P 305 147.64 -60.50 8.25
CA ALA P 305 148.31 -59.56 7.38
C ALA P 305 149.27 -60.24 6.42
N ASN P 306 149.77 -61.42 6.77
CA ASN P 306 150.61 -62.19 5.86
C ASN P 306 149.85 -63.26 5.09
N LEU P 307 148.81 -63.84 5.69
CA LEU P 307 148.08 -64.91 5.00
C LEU P 307 147.38 -64.39 3.76
N LEU P 308 146.77 -63.21 3.85
CA LEU P 308 146.11 -62.57 2.73
C LEU P 308 146.88 -61.28 2.44
N ILE P 309 147.79 -61.33 1.47
CA ILE P 309 148.68 -60.22 1.18
C ILE P 309 147.98 -59.38 0.12
N GLN P 310 147.23 -58.38 0.56
CA GLN P 310 146.73 -57.31 -0.30
C GLN P 310 147.62 -56.08 -0.28
N ARG P 311 148.30 -55.83 0.84
CA ARG P 311 149.03 -54.60 1.06
C ARG P 311 150.52 -54.86 1.31
N GLY P 312 151.00 -56.05 0.95
CA GLY P 312 152.40 -56.39 1.06
C GLY P 312 152.70 -57.21 2.30
N MET P 313 153.88 -57.84 2.29
CA MET P 313 154.31 -58.65 3.41
C MET P 313 154.73 -57.76 4.58
N LEU P 314 154.58 -58.29 5.79
CA LEU P 314 154.99 -57.54 6.97
C LEU P 314 156.51 -57.37 7.01
N GLU P 315 156.95 -56.19 7.44
CA GLU P 315 158.35 -55.84 7.49
C GLU P 315 158.73 -55.51 8.94
N VAL P 316 159.98 -55.12 9.13
CA VAL P 316 160.46 -54.76 10.47
C VAL P 316 159.74 -53.52 10.99
N SER P 317 159.12 -52.73 10.11
CA SER P 317 158.39 -51.54 10.52
C SER P 317 157.01 -51.87 11.10
N ASP P 318 156.55 -53.10 10.96
CA ASP P 318 155.25 -53.51 11.48
C ASP P 318 155.42 -54.06 12.89
N THR P 319 154.74 -53.41 13.84
CA THR P 319 154.92 -53.69 15.26
C THR P 319 153.55 -53.93 15.90
N ILE P 320 153.57 -54.53 17.09
CA ILE P 320 152.37 -54.89 17.84
C ILE P 320 152.10 -53.80 18.87
N ASP P 321 150.82 -53.46 19.04
CA ASP P 321 150.44 -52.49 20.05
C ASP P 321 150.55 -53.11 21.44
N PRO P 322 151.34 -52.54 22.34
CA PRO P 322 151.42 -53.10 23.70
C PRO P 322 150.09 -53.15 24.43
N ALA P 323 149.13 -52.32 24.04
CA ALA P 323 147.83 -52.27 24.71
C ALA P 323 146.95 -53.40 24.20
N GLY P 324 147.30 -54.62 24.61
CA GLY P 324 146.58 -55.80 24.19
C GLY P 324 145.95 -56.48 25.38
N ARG P 325 145.09 -57.46 25.08
CA ARG P 325 144.39 -58.20 26.11
C ARG P 325 144.29 -59.67 25.71
N LEU P 326 144.08 -60.51 26.71
CA LEU P 326 143.63 -61.89 26.50
C LEU P 326 142.12 -61.86 26.31
N LYS P 327 141.66 -62.29 25.14
CA LYS P 327 140.24 -62.16 24.80
C LYS P 327 139.45 -63.38 25.28
N ASN P 328 139.92 -64.58 24.99
CA ASN P 328 139.20 -65.79 25.33
C ASN P 328 140.16 -66.88 25.78
N LEU P 329 139.67 -67.76 26.66
CA LEU P 329 140.30 -69.04 26.94
C LEU P 329 139.33 -70.15 26.60
N PHE P 330 139.84 -71.19 25.93
CA PHE P 330 139.05 -72.36 25.60
C PHE P 330 139.53 -73.53 26.45
N VAL P 331 138.65 -74.05 27.30
CA VAL P 331 139.00 -75.08 28.27
C VAL P 331 138.31 -76.37 27.87
N LEU P 332 139.07 -77.47 27.87
CA LEU P 332 138.52 -78.79 27.57
C LEU P 332 137.90 -79.34 28.85
N LEU P 333 136.63 -79.69 28.79
CA LEU P 333 135.88 -80.11 29.98
C LEU P 333 134.94 -81.23 29.59
N GLY P 334 135.30 -82.47 29.97
CA GLY P 334 134.43 -83.60 29.75
C GLY P 334 134.30 -84.00 28.30
N GLY P 335 135.34 -83.79 27.50
CA GLY P 335 135.32 -84.09 26.09
C GLY P 335 134.93 -82.94 25.18
N LYS P 336 134.34 -81.88 25.73
CA LYS P 336 133.91 -80.73 24.95
C LYS P 336 134.58 -79.47 25.49
N VAL P 337 134.42 -78.37 24.76
CA VAL P 337 135.16 -77.14 25.02
C VAL P 337 134.20 -76.07 25.51
N VAL P 338 134.59 -75.39 26.59
CA VAL P 338 133.85 -74.26 27.14
C VAL P 338 134.63 -72.99 26.85
N LYS P 339 133.97 -71.98 26.32
CA LYS P 339 134.60 -70.71 25.97
C LYS P 339 134.40 -69.71 27.10
N PHE P 340 135.49 -69.16 27.61
CA PHE P 340 135.48 -68.17 28.68
C PHE P 340 135.87 -66.82 28.11
N LYS P 341 134.98 -65.83 28.24
CA LYS P 341 135.26 -64.47 27.77
C LYS P 341 135.89 -63.70 28.93
N VAL P 342 137.18 -63.37 28.79
CA VAL P 342 137.97 -62.87 29.91
C VAL P 342 138.59 -61.54 29.54
N ASP P 343 138.03 -60.87 28.52
CA ASP P 343 138.70 -59.71 27.95
C ASP P 343 138.72 -58.53 28.90
N ARG P 344 137.71 -58.43 29.77
CA ARG P 344 137.57 -57.29 30.66
C ARG P 344 138.25 -57.50 32.02
N LEU P 345 138.71 -58.71 32.32
CA LEU P 345 139.30 -58.97 33.62
C LEU P 345 140.64 -58.25 33.75
N PRO P 346 140.95 -57.72 34.94
CA PRO P 346 142.25 -57.02 35.10
C PRO P 346 143.46 -57.92 34.95
N ARG P 347 143.30 -59.24 35.05
CA ARG P 347 144.40 -60.16 34.83
C ARG P 347 144.64 -60.48 33.36
N ALA P 348 143.76 -60.03 32.47
CA ALA P 348 143.92 -60.27 31.04
C ALA P 348 144.70 -59.17 30.33
N VAL P 349 145.14 -58.14 31.05
CA VAL P 349 145.78 -57.00 30.40
C VAL P 349 147.26 -57.30 30.20
N PHE P 350 147.78 -56.96 29.02
CA PHE P 350 149.20 -57.09 28.76
C PHE P 350 150.00 -56.16 29.67
N GLN P 351 151.10 -56.66 30.20
CA GLN P 351 151.92 -55.88 31.11
C GLN P 351 153.33 -55.76 30.56
N PRO P 352 154.07 -54.71 30.93
CA PRO P 352 155.49 -54.64 30.56
C PRO P 352 156.29 -55.76 31.23
N ASP P 353 157.22 -56.32 30.46
CA ASP P 353 158.16 -57.30 30.99
C ASP P 353 159.33 -56.58 31.62
N LEU P 354 159.44 -56.68 32.94
CA LEU P 354 160.44 -55.87 33.65
C LEU P 354 161.84 -56.45 33.50
N VAL P 355 161.95 -57.74 33.21
CA VAL P 355 163.23 -58.43 33.10
C VAL P 355 163.36 -58.94 31.68
N GLY P 356 164.18 -58.28 30.87
CA GLY P 356 164.30 -58.58 29.47
C GLY P 356 164.20 -57.32 28.62
N ASP P 357 163.90 -57.53 27.34
CA ASP P 357 163.80 -56.41 26.40
C ASP P 357 162.63 -55.50 26.78
N THR P 358 162.85 -54.19 26.64
CA THR P 358 161.83 -53.23 27.04
C THR P 358 160.57 -53.34 26.21
N ARG P 359 160.63 -54.04 25.07
CA ARG P 359 159.50 -54.19 24.18
C ARG P 359 158.87 -55.58 24.25
N ASN P 360 159.12 -56.31 25.33
CA ASN P 360 158.44 -57.57 25.58
C ASN P 360 157.19 -57.29 26.41
N ALA P 361 156.05 -57.84 25.97
CA ALA P 361 154.80 -57.75 26.70
C ALA P 361 154.51 -59.10 27.33
N VAL P 362 154.27 -59.11 28.63
CA VAL P 362 154.04 -60.33 29.38
C VAL P 362 152.63 -60.28 29.97
N ILE P 363 151.91 -61.40 29.83
CA ILE P 363 150.59 -61.56 30.42
C ILE P 363 150.65 -62.71 31.41
N ARG P 364 150.12 -62.48 32.60
CA ARG P 364 150.01 -63.52 33.63
C ARG P 364 148.55 -63.58 34.09
N PHE P 365 147.78 -64.49 33.51
CA PHE P 365 146.36 -64.61 33.81
C PHE P 365 146.19 -65.71 34.85
N ASP P 366 146.03 -65.31 36.11
CA ASP P 366 145.85 -66.24 37.23
C ASP P 366 144.48 -65.94 37.83
N SER P 367 143.51 -66.83 37.59
CA SER P 367 142.14 -66.63 38.02
C SER P 367 141.59 -67.93 38.59
N ASP P 368 140.93 -67.83 39.75
CA ASP P 368 140.20 -68.94 40.34
C ASP P 368 138.70 -68.77 40.20
N ASP P 369 138.24 -67.84 39.36
CA ASP P 369 136.84 -67.43 39.31
C ASP P 369 136.27 -67.63 37.91
N LEU P 370 136.68 -68.70 37.23
CA LEU P 370 136.07 -69.07 35.96
C LEU P 370 134.98 -70.10 36.24
N VAL P 371 133.73 -69.74 35.94
CA VAL P 371 132.57 -70.47 36.43
C VAL P 371 132.08 -71.42 35.34
N VAL P 372 131.80 -72.65 35.73
CA VAL P 372 131.06 -73.60 34.90
C VAL P 372 129.84 -74.00 35.71
N SER P 373 128.65 -73.66 35.21
CA SER P 373 127.42 -73.88 35.95
C SER P 373 126.35 -74.48 35.04
N GLY P 374 125.16 -74.72 35.59
CA GLY P 374 124.08 -75.27 34.80
C GLY P 374 123.67 -74.41 33.63
N ASP P 375 123.92 -73.10 33.69
CA ASP P 375 123.58 -72.21 32.59
C ASP P 375 124.72 -72.05 31.59
N THR P 376 125.82 -72.78 31.76
CA THR P 376 126.91 -72.75 30.79
C THR P 376 126.54 -73.57 29.56
N THR P 377 127.01 -73.12 28.40
CA THR P 377 126.87 -73.85 27.15
C THR P 377 128.25 -74.09 26.56
N PHE P 378 128.40 -75.20 25.83
CA PHE P 378 129.62 -75.47 25.10
C PHE P 378 129.68 -74.61 23.84
N ILE P 379 130.85 -74.60 23.20
CA ILE P 379 131.06 -73.78 22.01
C ILE P 379 130.09 -74.17 20.91
N ASP P 380 129.67 -75.44 20.90
CA ASP P 380 128.76 -75.92 19.87
C ASP P 380 127.28 -75.72 20.24
N GLY P 381 127.01 -75.08 21.37
CA GLY P 381 125.64 -74.79 21.79
C GLY P 381 125.02 -75.82 22.69
N SER P 382 125.63 -77.00 22.81
CA SER P 382 125.06 -78.05 23.65
C SER P 382 125.36 -77.77 25.12
N ALA P 383 124.56 -78.40 25.98
CA ALA P 383 124.73 -78.29 27.42
C ALA P 383 124.42 -79.63 28.09
N ASP P 384 124.99 -80.71 27.55
CA ASP P 384 124.85 -82.03 28.12
C ASP P 384 126.10 -82.40 28.90
N GLY P 385 126.16 -83.66 29.33
CA GLY P 385 127.29 -84.15 30.10
C GLY P 385 127.44 -83.49 31.45
N VAL P 386 128.64 -82.96 31.73
CA VAL P 386 128.92 -82.38 33.04
C VAL P 386 128.00 -81.20 33.31
N ILE P 387 127.74 -80.36 32.30
CA ILE P 387 126.90 -79.18 32.51
C ILE P 387 125.50 -79.59 32.95
N ASN P 388 124.93 -80.61 32.31
CA ASN P 388 123.61 -81.11 32.71
C ASN P 388 123.64 -81.65 34.13
N ASP P 389 124.73 -82.34 34.49
CA ASP P 389 124.86 -82.87 35.85
C ASP P 389 124.99 -81.75 36.87
N LEU P 390 125.69 -80.68 36.49
CA LEU P 390 125.78 -79.51 37.36
C LEU P 390 124.41 -78.89 37.60
N LYS P 391 123.61 -78.76 36.54
CA LYS P 391 122.26 -78.23 36.69
C LYS P 391 121.39 -79.14 37.56
N THR P 392 121.42 -80.44 37.32
CA THR P 392 120.59 -81.36 38.10
C THR P 392 120.97 -81.32 39.57
N ALA P 393 122.25 -81.28 39.88
CA ALA P 393 122.72 -81.28 41.25
C ALA P 393 122.76 -79.88 41.86
N LYS P 394 122.39 -78.84 41.11
CA LYS P 394 122.47 -77.45 41.55
C LYS P 394 123.88 -77.09 42.00
N LEU P 395 124.88 -77.53 41.23
CA LEU P 395 126.27 -77.26 41.52
C LEU P 395 126.85 -76.30 40.49
N SER P 396 127.96 -75.67 40.87
CA SER P 396 128.77 -74.87 39.94
C SER P 396 130.24 -75.10 40.29
N LEU P 397 131.10 -75.03 39.28
CA LEU P 397 132.53 -75.22 39.44
C LEU P 397 133.23 -73.87 39.38
N ARG P 398 134.17 -73.66 40.30
CA ARG P 398 135.09 -72.52 40.24
C ARG P 398 136.46 -73.05 39.83
N LEU P 399 136.85 -72.79 38.58
CA LEU P 399 138.07 -73.35 38.02
C LEU P 399 139.26 -72.46 38.36
N SER P 400 140.41 -73.09 38.57
CA SER P 400 141.68 -72.40 38.76
C SER P 400 142.51 -72.59 37.50
N VAL P 401 142.71 -71.52 36.75
CA VAL P 401 143.39 -71.56 35.47
C VAL P 401 144.55 -70.56 35.50
N GLY P 402 145.71 -71.00 35.06
CA GLY P 402 146.88 -70.15 34.97
C GLY P 402 147.46 -70.14 33.57
N PHE P 403 147.30 -69.03 32.86
CA PHE P 403 147.76 -68.90 31.49
C PHE P 403 148.72 -67.71 31.41
N GLY P 404 149.86 -67.92 30.77
CA GLY P 404 150.84 -66.87 30.63
C GLY P 404 151.60 -66.91 29.32
N GLY P 405 152.17 -65.79 28.92
CA GLY P 405 152.98 -65.75 27.71
C GLY P 405 153.66 -64.41 27.55
N THR P 406 154.65 -64.40 26.66
CA THR P 406 155.43 -63.21 26.36
C THR P 406 155.38 -62.94 24.87
N ILE P 407 155.15 -61.68 24.50
CA ILE P 407 155.12 -61.25 23.10
C ILE P 407 156.23 -60.22 22.89
N SER P 408 157.07 -60.46 21.90
CA SER P 408 158.08 -59.50 21.48
C SER P 408 157.43 -58.52 20.52
N LEU P 409 157.17 -57.30 21.00
CA LEU P 409 156.37 -56.34 20.25
C LEU P 409 157.09 -55.81 19.01
N SER P 410 158.41 -55.93 18.94
CA SER P 410 159.16 -55.48 17.76
C SER P 410 159.48 -56.61 16.80
N LYS P 411 159.65 -57.83 17.31
CA LYS P 411 160.04 -58.96 16.46
C LYS P 411 158.89 -59.87 16.10
N GLY P 412 157.84 -59.92 16.92
CA GLY P 412 156.74 -60.84 16.70
C GLY P 412 156.86 -62.17 17.41
N ASP P 413 158.05 -62.53 17.88
CA ASP P 413 158.21 -63.79 18.59
C ASP P 413 157.31 -63.82 19.83
N SER P 414 156.62 -64.95 20.03
CA SER P 414 155.77 -65.09 21.20
C SER P 414 155.81 -66.53 21.68
N LYS P 415 155.65 -66.71 22.99
CA LYS P 415 155.55 -68.02 23.61
C LYS P 415 154.40 -68.00 24.60
N PHE P 416 153.53 -69.00 24.54
CA PHE P 416 152.39 -69.09 25.42
C PHE P 416 152.32 -70.49 26.03
N GLY P 417 151.78 -70.55 27.25
CA GLY P 417 151.57 -71.84 27.90
C GLY P 417 150.58 -71.70 29.03
N ALA P 418 150.03 -72.85 29.45
CA ALA P 418 149.08 -72.91 30.54
C ALA P 418 149.49 -74.01 31.50
N THR P 419 149.29 -73.77 32.79
CA THR P 419 149.61 -74.76 33.82
C THR P 419 148.40 -75.68 34.02
N ASP P 420 148.55 -76.67 34.91
CA ASP P 420 147.48 -77.61 35.14
C ASP P 420 146.25 -76.92 35.69
N THR P 421 145.08 -77.29 35.19
CA THR P 421 143.82 -76.68 35.57
C THR P 421 143.13 -77.57 36.60
N TYR P 422 142.66 -76.94 37.69
CA TYR P 422 142.02 -77.65 38.78
C TYR P 422 140.67 -77.02 39.08
N VAL P 423 139.79 -77.80 39.69
CA VAL P 423 138.55 -77.27 40.26
C VAL P 423 138.85 -76.81 41.68
N ASP P 424 138.82 -75.49 41.90
CA ASP P 424 139.16 -74.96 43.22
C ASP P 424 138.04 -75.17 44.21
N LYS P 425 136.80 -74.88 43.81
CA LYS P 425 135.65 -75.06 44.68
C LYS P 425 134.47 -75.57 43.88
N VAL P 426 133.61 -76.33 44.56
CA VAL P 426 132.30 -76.70 44.03
C VAL P 426 131.26 -76.15 45.00
N LEU P 427 130.43 -75.24 44.50
CA LEU P 427 129.46 -74.54 45.32
C LEU P 427 128.04 -75.00 44.99
N ASN P 428 127.16 -74.92 45.98
CA ASN P 428 125.74 -75.17 45.79
C ASN P 428 125.04 -73.86 45.43
N GLU P 429 123.72 -73.93 45.23
CA GLU P 429 122.98 -72.75 44.79
C GLU P 429 122.99 -71.66 45.86
N ASP P 430 123.23 -72.03 47.11
CA ASP P 430 123.23 -71.06 48.20
C ASP P 430 124.58 -70.36 48.35
N GLY P 431 125.58 -70.74 47.56
CA GLY P 431 126.91 -70.17 47.66
C GLY P 431 127.84 -70.89 48.60
N GLN P 432 127.42 -71.99 49.20
CA GLN P 432 128.25 -72.70 50.16
C GLN P 432 129.13 -73.72 49.43
N VAL P 433 130.33 -73.94 49.96
CA VAL P 433 131.27 -74.89 49.39
C VAL P 433 130.93 -76.29 49.90
N MET P 434 130.79 -77.24 48.98
CA MET P 434 130.50 -78.62 49.33
C MET P 434 131.78 -79.45 49.32
N ASP P 435 131.85 -80.43 50.21
CA ASP P 435 132.99 -81.34 50.24
C ASP P 435 133.04 -82.18 48.97
N ASN P 436 134.26 -82.40 48.47
CA ASN P 436 134.44 -83.16 47.24
C ASN P 436 134.10 -84.64 47.39
N ALA P 437 133.92 -85.13 48.61
CA ALA P 437 133.51 -86.51 48.83
C ALA P 437 132.02 -86.73 48.65
N ASP P 438 131.22 -85.66 48.60
CA ASP P 438 129.78 -85.83 48.45
C ASP P 438 129.46 -86.55 47.16
N PRO P 439 128.64 -87.60 47.19
CA PRO P 439 128.32 -88.33 45.95
C PRO P 439 127.88 -87.42 44.82
N ALA P 440 127.16 -86.33 45.13
CA ALA P 440 126.71 -85.43 44.07
C ALA P 440 127.90 -84.70 43.44
N VAL P 441 128.92 -84.40 44.22
CA VAL P 441 130.07 -83.67 43.71
C VAL P 441 131.07 -84.63 43.08
N LYS P 442 131.35 -85.75 43.74
CA LYS P 442 132.27 -86.74 43.19
C LYS P 442 131.78 -87.25 41.84
N ALA P 443 130.46 -87.40 41.68
CA ALA P 443 129.91 -87.92 40.44
C ALA P 443 130.27 -87.07 39.23
N ILE P 444 130.54 -85.78 39.43
CA ILE P 444 130.88 -84.88 38.32
C ILE P 444 132.38 -84.67 38.24
N LEU P 445 133.06 -84.62 39.38
CA LEU P 445 134.52 -84.44 39.38
C LEU P 445 135.23 -85.64 38.74
N ASP P 446 134.70 -86.85 38.90
CA ASP P 446 135.34 -87.99 38.25
C ASP P 446 135.29 -87.90 36.73
N GLN P 447 134.47 -87.01 36.18
CA GLN P 447 134.41 -86.84 34.73
C GLN P 447 135.49 -85.90 34.22
N LEU P 448 136.10 -85.10 35.09
CA LEU P 448 136.99 -84.02 34.69
C LEU P 448 138.44 -84.50 34.69
N THR P 449 138.71 -85.52 33.88
CA THR P 449 140.06 -86.05 33.75
C THR P 449 140.83 -85.36 32.62
N ASP P 450 140.13 -84.67 31.73
CA ASP P 450 140.74 -83.96 30.61
C ASP P 450 140.79 -82.46 30.84
N LEU P 451 140.54 -82.02 32.07
CA LEU P 451 140.39 -80.60 32.37
C LEU P 451 141.72 -79.90 32.10
N ALA P 452 141.74 -79.05 31.08
CA ALA P 452 142.95 -78.34 30.69
C ALA P 452 142.56 -77.19 29.78
N VAL P 453 143.46 -76.21 29.68
CA VAL P 453 143.35 -75.16 28.68
C VAL P 453 143.94 -75.67 27.38
N ILE P 454 143.18 -75.56 26.30
CA ILE P 454 143.62 -76.03 24.99
C ILE P 454 143.98 -74.89 24.05
N GLY P 455 143.37 -73.71 24.20
CA GLY P 455 143.70 -72.61 23.31
C GLY P 455 143.19 -71.30 23.84
N PHE P 456 143.47 -70.24 23.09
CA PHE P 456 143.18 -68.89 23.53
C PHE P 456 143.05 -67.98 22.32
N GLU P 457 142.45 -66.83 22.53
CA GLU P 457 142.42 -65.75 21.54
C GLU P 457 142.88 -64.46 22.20
N LEU P 458 143.65 -63.67 21.46
CA LEU P 458 144.16 -62.40 21.94
C LEU P 458 143.46 -61.24 21.24
N ASP P 459 143.24 -60.17 21.99
CA ASP P 459 142.72 -58.92 21.43
C ASP P 459 143.87 -58.02 21.01
N THR P 460 144.59 -58.49 20.00
CA THR P 460 145.83 -57.84 19.56
C THR P 460 145.57 -57.05 18.28
N ARG P 461 146.24 -55.91 18.17
CA ARG P 461 146.16 -55.08 16.98
C ARG P 461 147.55 -54.56 16.64
N PHE P 462 147.73 -54.17 15.39
CA PHE P 462 148.96 -53.51 14.98
C PHE P 462 148.95 -52.06 15.42
N THR P 463 150.13 -51.48 15.54
CA THR P 463 150.30 -50.04 15.74
C THR P 463 150.76 -49.46 14.41
N ASN P 464 149.88 -48.71 13.74
CA ASN P 464 150.15 -48.25 12.38
C ASN P 464 151.00 -46.99 12.39
N THR P 465 152.22 -47.12 12.93
CA THR P 465 153.20 -46.07 12.76
C THR P 465 153.63 -45.97 11.29
N ASN P 466 153.81 -47.11 10.65
CA ASN P 466 153.96 -47.18 9.21
C ASN P 466 152.57 -47.33 8.59
N ARG P 467 152.35 -46.63 7.46
CA ARG P 467 151.02 -46.60 6.85
C ARG P 467 150.75 -47.90 6.10
N ARG P 468 150.81 -49.01 6.84
CA ARG P 468 150.49 -50.31 6.25
C ARG P 468 149.02 -50.39 5.88
N GLN P 469 148.15 -49.88 6.75
CA GLN P 469 146.71 -49.88 6.53
C GLN P 469 146.23 -48.45 6.27
N ARG P 470 145.37 -48.29 5.27
CA ARG P 470 144.62 -47.07 5.06
C ARG P 470 143.14 -47.38 5.26
N GLY P 471 142.51 -46.67 6.20
CA GLY P 471 141.13 -46.94 6.54
C GLY P 471 140.13 -46.27 5.63
N HIS P 472 138.90 -46.06 6.13
CA HIS P 472 137.86 -45.48 5.31
C HIS P 472 138.26 -44.09 4.82
N LEU P 473 137.91 -43.79 3.58
CA LEU P 473 138.27 -42.50 2.99
C LEU P 473 137.17 -41.47 3.25
N LEU P 474 137.58 -40.21 3.28
CA LEU P 474 136.73 -39.12 3.73
C LEU P 474 136.91 -37.96 2.75
N GLN P 475 135.86 -37.66 1.98
CA GLN P 475 135.96 -36.70 0.90
C GLN P 475 134.74 -35.81 0.87
N THR P 476 134.91 -34.61 0.34
CA THR P 476 133.83 -33.65 0.18
C THR P 476 133.03 -33.97 -1.07
N ARG P 477 131.71 -33.84 -0.97
CA ARG P 477 130.81 -33.97 -2.11
C ARG P 477 129.80 -32.84 -2.08
N ALA P 478 129.15 -32.62 -3.22
CA ALA P 478 128.05 -31.68 -3.32
C ALA P 478 127.08 -32.12 -4.39
N LEU P 479 125.80 -31.86 -4.18
CA LEU P 479 124.75 -32.17 -5.15
C LEU P 479 124.01 -30.89 -5.50
N GLN P 480 123.42 -30.86 -6.69
CA GLN P 480 122.64 -29.72 -7.14
C GLN P 480 121.21 -30.15 -7.43
N PHE P 481 120.26 -29.39 -6.91
CA PHE P 481 118.84 -29.58 -7.18
C PHE P 481 118.31 -28.37 -7.94
N ARG P 482 117.72 -28.61 -9.10
CA ARG P 482 117.15 -27.55 -9.93
C ARG P 482 115.63 -27.63 -9.88
N HIS P 483 115.00 -26.48 -9.63
CA HIS P 483 113.53 -26.39 -9.57
C HIS P 483 113.06 -25.26 -10.49
N PRO P 484 113.04 -25.49 -11.81
CA PRO P 484 112.48 -24.49 -12.73
C PRO P 484 110.98 -24.36 -12.53
N ILE P 485 110.50 -23.12 -12.52
CA ILE P 485 109.12 -22.81 -12.20
C ILE P 485 108.28 -22.79 -13.47
N PRO P 486 107.24 -23.62 -13.59
CA PRO P 486 106.38 -23.58 -14.76
C PRO P 486 105.37 -22.46 -14.71
N MET P 487 104.88 -22.09 -15.89
CA MET P 487 103.74 -21.21 -16.04
C MET P 487 102.47 -22.05 -16.14
N HIS P 488 101.40 -21.59 -15.52
CA HIS P 488 100.16 -22.35 -15.45
C HIS P 488 99.08 -21.74 -16.36
N ALA P 489 98.10 -22.57 -16.69
CA ALA P 489 97.01 -22.13 -17.54
C ALA P 489 96.26 -20.97 -16.89
N PRO P 490 95.91 -19.95 -17.65
CA PRO P 490 95.26 -18.77 -17.07
C PRO P 490 93.77 -18.99 -16.83
N VAL P 491 93.18 -18.01 -16.15
CA VAL P 491 91.73 -17.84 -16.10
C VAL P 491 91.39 -16.48 -16.69
N THR P 492 90.39 -16.44 -17.55
CA THR P 492 90.06 -15.24 -18.30
C THR P 492 88.64 -14.78 -17.97
N LEU P 493 88.20 -13.73 -18.66
CA LEU P 493 86.96 -13.04 -18.34
C LEU P 493 86.44 -12.39 -19.62
N PRO P 494 85.64 -13.11 -20.39
CA PRO P 494 85.05 -12.50 -21.59
C PRO P 494 84.15 -11.34 -21.22
N MET P 495 84.28 -10.24 -21.97
CA MET P 495 83.44 -9.08 -21.74
C MET P 495 83.17 -8.42 -23.09
N ASP P 496 81.99 -7.81 -23.19
CA ASP P 496 81.63 -7.07 -24.40
C ASP P 496 82.61 -5.93 -24.64
N THR P 497 83.09 -5.83 -25.88
CA THR P 497 84.07 -4.79 -26.21
C THR P 497 83.42 -3.42 -26.29
N MET P 498 82.11 -3.35 -26.52
CA MET P 498 81.42 -2.06 -26.56
C MET P 498 81.18 -1.51 -25.16
N THR P 499 81.17 -2.39 -24.15
CA THR P 499 81.03 -1.94 -22.77
C THR P 499 82.35 -1.37 -22.26
N ASP P 500 82.29 -0.15 -21.73
CA ASP P 500 83.49 0.56 -21.30
C ASP P 500 83.78 0.42 -19.81
N GLU P 501 83.00 -0.39 -19.09
CA GLU P 501 83.18 -0.56 -17.66
C GLU P 501 83.46 -2.03 -17.35
N GLY P 502 84.60 -2.26 -16.69
CA GLY P 502 84.94 -3.57 -16.20
C GLY P 502 84.62 -3.69 -14.73
N PRO P 503 83.61 -4.51 -14.39
CA PRO P 503 83.17 -4.59 -12.99
C PRO P 503 84.32 -4.97 -12.07
N GLY P 504 84.50 -4.17 -11.01
CA GLY P 504 85.65 -4.34 -10.15
C GLY P 504 85.67 -5.69 -9.46
N GLU P 505 84.55 -6.09 -8.88
CA GLU P 505 84.50 -7.34 -8.12
C GLU P 505 84.72 -8.55 -9.03
N VAL P 506 84.20 -8.48 -10.25
CA VAL P 506 84.32 -9.63 -11.15
C VAL P 506 85.76 -9.79 -11.62
N VAL P 507 86.45 -8.69 -11.93
CA VAL P 507 87.85 -8.76 -12.33
C VAL P 507 88.70 -9.30 -11.17
N LYS P 508 88.44 -8.83 -9.95
CA LYS P 508 89.19 -9.32 -8.80
C LYS P 508 88.99 -10.81 -8.58
N ALA P 509 87.84 -11.34 -9.00
CA ALA P 509 87.63 -12.78 -8.91
C ALA P 509 88.68 -13.55 -9.70
N LEU P 510 89.30 -12.93 -10.70
CA LEU P 510 90.38 -13.59 -11.44
C LEU P 510 91.56 -13.90 -10.53
N THR P 511 91.89 -12.97 -9.62
CA THR P 511 92.94 -13.23 -8.64
C THR P 511 92.50 -14.27 -7.62
N VAL P 512 91.24 -14.19 -7.16
CA VAL P 512 90.78 -15.20 -6.22
C VAL P 512 90.84 -16.59 -6.85
N ASN P 513 90.43 -16.71 -8.12
CA ASN P 513 90.57 -17.98 -8.83
C ASN P 513 92.01 -18.47 -8.79
N THR P 514 92.96 -17.60 -9.13
CA THR P 514 94.37 -18.00 -9.10
C THR P 514 94.79 -18.42 -7.70
N ASN P 515 94.43 -17.64 -6.68
CA ASN P 515 94.91 -17.92 -5.34
C ASN P 515 94.35 -19.24 -4.79
N ILE P 516 93.08 -19.54 -5.08
CA ILE P 516 92.50 -20.80 -4.64
C ILE P 516 93.20 -21.97 -5.33
N ARG P 517 93.48 -21.82 -6.64
CA ARG P 517 94.21 -22.86 -7.35
C ARG P 517 95.57 -23.11 -6.72
N ASN P 518 96.24 -22.05 -6.25
CA ASN P 518 97.54 -22.22 -5.61
C ASN P 518 97.42 -23.09 -4.37
N SER P 519 96.37 -22.87 -3.58
CA SER P 519 96.17 -23.68 -2.38
C SER P 519 95.87 -25.13 -2.73
N ASN P 520 95.06 -25.34 -3.77
CA ASN P 520 94.76 -26.70 -4.20
C ASN P 520 96.00 -27.41 -4.71
N ASN P 521 96.87 -26.69 -5.42
CA ASN P 521 98.13 -27.27 -5.89
C ASN P 521 99.01 -27.70 -4.72
N ALA P 522 99.00 -26.91 -3.64
CA ALA P 522 99.71 -27.33 -2.43
C ALA P 522 99.16 -28.63 -1.88
N VAL P 523 97.84 -28.80 -1.89
CA VAL P 523 97.25 -30.04 -1.37
C VAL P 523 97.58 -31.21 -2.28
N LYS P 524 97.40 -31.04 -3.60
CA LYS P 524 97.69 -32.12 -4.53
C LYS P 524 99.16 -32.51 -4.48
N ARG P 525 100.05 -31.52 -4.39
CA ARG P 525 101.47 -31.82 -4.27
C ARG P 525 101.79 -32.53 -2.97
N MET P 526 101.17 -32.09 -1.87
CA MET P 526 101.35 -32.79 -0.60
C MET P 526 100.91 -34.24 -0.71
N LEU P 527 99.71 -34.50 -1.21
CA LEU P 527 99.20 -35.86 -1.24
C LEU P 527 99.96 -36.72 -2.25
N ASN P 528 100.34 -36.14 -3.39
CA ASN P 528 101.14 -36.87 -4.36
C ASN P 528 102.53 -37.16 -3.81
N TYR P 529 103.11 -36.22 -3.06
CA TYR P 529 104.40 -36.47 -2.44
C TYR P 529 104.31 -37.60 -1.42
N LEU P 530 103.23 -37.62 -0.63
CA LEU P 530 103.06 -38.73 0.32
C LEU P 530 102.97 -40.06 -0.41
N ALA P 531 102.31 -40.08 -1.57
CA ALA P 531 102.27 -41.31 -2.37
C ALA P 531 103.68 -41.74 -2.79
N GLN P 532 104.53 -40.77 -3.12
CA GLN P 532 105.91 -41.10 -3.48
C GLN P 532 106.67 -41.68 -2.29
N LEU P 533 106.46 -41.12 -1.10
CA LEU P 533 107.08 -41.68 0.10
C LEU P 533 106.60 -43.09 0.35
N ARG P 534 105.31 -43.35 0.16
CA ARG P 534 104.79 -44.70 0.32
C ARG P 534 105.56 -45.69 -0.56
N GLU P 535 105.73 -45.34 -1.83
CA GLU P 535 106.40 -46.25 -2.76
C GLU P 535 107.88 -46.41 -2.41
N VAL P 536 108.57 -45.29 -2.16
CA VAL P 536 110.01 -45.35 -1.92
C VAL P 536 110.32 -46.04 -0.62
N VAL P 537 109.58 -45.71 0.46
CA VAL P 537 109.81 -46.35 1.75
C VAL P 537 109.33 -47.80 1.74
N HIS P 538 108.25 -48.09 1.02
CA HIS P 538 107.85 -49.48 0.83
C HIS P 538 108.97 -50.27 0.18
N ASN P 539 109.60 -49.70 -0.84
CA ASN P 539 110.72 -50.35 -1.50
C ASN P 539 111.96 -50.27 -0.62
N GLY P 540 113.05 -50.85 -1.09
CA GLY P 540 114.24 -50.96 -0.26
C GLY P 540 115.06 -49.68 -0.19
N TYR P 541 114.43 -48.59 0.22
CA TYR P 541 115.09 -47.28 0.27
C TYR P 541 114.83 -46.67 1.64
N ASN P 542 115.65 -47.07 2.62
CA ASN P 542 115.61 -46.52 3.96
C ASN P 542 116.95 -45.85 4.30
N ARG P 543 117.65 -45.39 3.28
CA ARG P 543 118.94 -44.74 3.42
C ARG P 543 118.96 -43.46 2.59
N PRO P 544 119.73 -42.46 3.01
CA PRO P 544 119.86 -41.24 2.19
C PRO P 544 120.53 -41.55 0.85
N LYS P 545 119.99 -40.97 -0.21
CA LYS P 545 120.50 -41.18 -1.55
C LYS P 545 119.94 -40.09 -2.46
N PHE P 546 120.62 -39.86 -3.58
CA PHE P 546 120.21 -38.86 -4.55
C PHE P 546 119.46 -39.52 -5.69
N GLY P 547 118.35 -38.89 -6.10
CA GLY P 547 117.64 -39.30 -7.30
C GLY P 547 116.50 -40.28 -7.06
N ILE P 548 116.28 -40.71 -5.82
CA ILE P 548 115.23 -41.69 -5.57
C ILE P 548 113.89 -41.00 -5.34
N ILE P 549 113.89 -39.79 -4.78
CA ILE P 549 112.67 -39.08 -4.45
C ILE P 549 112.96 -37.58 -4.51
N GLU P 550 111.92 -36.79 -4.78
CA GLU P 550 112.04 -35.35 -4.65
C GLU P 550 112.33 -34.97 -3.20
N GLY P 551 113.20 -33.98 -3.03
CA GLY P 551 113.51 -33.49 -1.71
C GLY P 551 114.98 -33.22 -1.51
N ALA P 552 115.34 -31.97 -1.21
CA ALA P 552 116.74 -31.61 -1.11
C ALA P 552 117.45 -32.42 -0.03
N LEU P 553 116.74 -32.81 1.02
CA LEU P 553 117.35 -33.56 2.11
C LEU P 553 117.28 -35.06 1.92
N SER P 554 116.80 -35.53 0.76
CA SER P 554 116.72 -36.96 0.54
C SER P 554 118.10 -37.62 0.51
N ALA P 555 119.16 -36.84 0.32
CA ALA P 555 120.52 -37.33 0.46
C ALA P 555 121.15 -37.01 1.81
N VAL P 556 120.37 -36.52 2.76
CA VAL P 556 120.91 -36.17 4.08
C VAL P 556 120.31 -37.09 5.14
N MET P 557 119.00 -37.31 5.07
CA MET P 557 118.30 -38.06 6.11
C MET P 557 117.61 -39.26 5.50
N ARG P 558 117.35 -40.26 6.32
CA ARG P 558 116.68 -41.48 5.87
C ARG P 558 115.22 -41.17 5.56
N PRO P 559 114.73 -41.50 4.37
CA PRO P 559 113.30 -41.29 4.09
C PRO P 559 112.46 -42.20 4.97
N THR P 560 111.38 -41.63 5.52
CA THR P 560 110.55 -42.36 6.47
C THR P 560 109.08 -42.10 6.17
N TYR P 561 108.28 -43.15 6.15
CA TYR P 561 106.84 -43.02 5.97
C TYR P 561 106.17 -44.13 6.77
N ARG P 562 105.24 -43.77 7.64
CA ARG P 562 104.45 -44.73 8.40
C ARG P 562 102.97 -44.41 8.24
N TYR P 563 102.19 -45.43 7.88
CA TYR P 563 100.75 -45.31 7.71
C TYR P 563 100.05 -46.12 8.80
N LYS P 564 99.14 -45.46 9.52
CA LYS P 564 98.41 -46.10 10.61
C LYS P 564 96.93 -45.75 10.53
N GLU P 565 96.08 -46.76 10.66
CA GLU P 565 94.62 -46.62 10.71
C GLU P 565 94.14 -46.66 12.15
N LEU P 566 93.61 -45.53 12.63
CA LEU P 566 93.20 -45.43 14.03
C LEU P 566 91.69 -45.51 14.13
N ASP P 567 91.20 -46.67 14.55
CA ASP P 567 89.77 -46.92 14.74
C ASP P 567 89.49 -46.72 16.22
N LEU P 568 88.89 -45.57 16.55
CA LEU P 568 88.77 -45.18 17.96
C LEU P 568 88.00 -46.21 18.77
N GLU P 569 87.12 -47.00 18.15
CA GLU P 569 86.40 -48.01 18.89
C GLU P 569 87.34 -49.01 19.55
N LYS P 570 88.51 -49.22 18.97
CA LYS P 570 89.50 -50.14 19.51
C LYS P 570 90.60 -49.46 20.30
N VAL P 571 90.48 -48.15 20.53
CA VAL P 571 91.49 -47.38 21.25
C VAL P 571 90.93 -46.79 22.54
N ILE P 572 89.72 -46.23 22.49
CA ILE P 572 89.16 -45.54 23.64
C ILE P 572 88.81 -46.53 24.74
N ASP P 573 89.30 -46.26 25.96
CA ASP P 573 88.97 -47.03 27.16
C ASP P 573 88.72 -46.03 28.27
N THR P 574 87.50 -45.52 28.34
CA THR P 574 87.10 -44.55 29.34
C THR P 574 85.86 -45.03 30.09
N ILE P 575 85.58 -44.38 31.21
CA ILE P 575 84.53 -44.84 32.11
C ILE P 575 83.48 -43.78 32.42
N LYS P 576 83.69 -42.51 32.08
CA LYS P 576 82.70 -41.48 32.34
C LYS P 576 82.43 -40.68 31.07
N SER P 577 81.17 -40.28 30.90
CA SER P 577 80.79 -39.46 29.75
C SER P 577 81.40 -38.07 29.81
N LYS P 578 81.46 -37.46 31.00
CA LYS P 578 81.97 -36.10 31.09
C LYS P 578 83.44 -36.02 30.76
N ASP P 579 84.16 -37.14 30.78
CA ASP P 579 85.55 -37.19 30.35
C ASP P 579 85.69 -37.62 28.91
N ARG P 580 84.59 -37.89 28.21
CA ARG P 580 84.68 -38.50 26.89
C ARG P 580 85.43 -37.62 25.90
N TRP P 581 85.22 -36.30 25.96
CA TRP P 581 85.89 -35.39 25.05
C TRP P 581 87.41 -35.47 25.24
N ASP P 582 87.86 -35.33 26.48
CA ASP P 582 89.30 -35.30 26.76
C ASP P 582 89.93 -36.64 26.45
N ASP P 583 89.20 -37.74 26.67
CA ASP P 583 89.75 -39.07 26.43
C ASP P 583 89.90 -39.33 24.93
N VAL P 584 88.93 -38.88 24.12
CA VAL P 584 89.06 -39.00 22.68
C VAL P 584 90.19 -38.10 22.16
N CYS P 585 90.24 -36.86 22.66
CA CYS P 585 91.31 -35.95 22.24
C CYS P 585 92.68 -36.52 22.58
N ALA P 586 92.84 -37.03 23.81
CA ALA P 586 94.11 -37.60 24.22
C ALA P 586 94.41 -38.89 23.48
N ALA P 587 93.40 -39.72 23.23
CA ALA P 587 93.67 -40.98 22.55
C ALA P 587 94.25 -40.75 21.16
N ILE P 588 93.76 -39.73 20.45
CA ILE P 588 94.30 -39.44 19.12
C ILE P 588 95.73 -38.96 19.24
N LEU P 589 95.97 -38.03 20.16
CA LEU P 589 97.33 -37.52 20.36
C LEU P 589 98.29 -38.61 20.81
N ASN P 590 97.82 -39.51 21.68
CA ASN P 590 98.67 -40.60 22.16
C ASN P 590 98.98 -41.58 21.05
N CYS P 591 98.02 -41.86 20.17
CA CYS P 591 98.34 -42.73 19.04
C CYS P 591 99.39 -42.11 18.14
N VAL P 592 99.30 -40.80 17.89
CA VAL P 592 100.31 -40.13 17.08
C VAL P 592 101.67 -40.19 17.76
N LYS P 593 101.72 -39.91 19.07
CA LYS P 593 102.98 -39.96 19.80
C LYS P 593 103.64 -41.33 19.67
N ALA P 594 102.86 -42.39 19.85
CA ALA P 594 103.41 -43.74 19.83
C ALA P 594 104.10 -44.04 18.50
N GLU P 595 103.51 -43.59 17.39
CA GLU P 595 104.14 -43.82 16.09
C GLU P 595 105.17 -42.76 15.74
N LEU P 596 105.00 -41.53 16.23
CA LEU P 596 105.87 -40.43 15.85
C LEU P 596 107.25 -40.52 16.49
N PHE P 597 107.34 -40.91 17.76
CA PHE P 597 108.65 -40.99 18.42
C PHE P 597 109.60 -41.94 17.72
N PRO P 598 109.26 -43.20 17.44
CA PRO P 598 110.24 -44.07 16.75
C PRO P 598 110.53 -43.63 15.33
N ALA P 599 109.59 -42.98 14.66
CA ALA P 599 109.89 -42.39 13.37
C ALA P 599 110.83 -41.20 13.50
N HIS P 600 110.66 -40.39 14.54
CA HIS P 600 111.60 -39.30 14.79
C HIS P 600 113.00 -39.83 15.02
N ARG P 601 113.15 -40.89 15.82
CA ARG P 601 114.46 -41.47 16.04
C ARG P 601 115.04 -42.09 14.79
N ASP P 602 114.25 -42.91 14.09
CA ASP P 602 114.77 -43.71 12.99
C ASP P 602 115.16 -42.84 11.80
N SER P 603 114.41 -41.77 11.54
CA SER P 603 114.64 -40.96 10.35
C SER P 603 115.91 -40.13 10.44
N ASN P 604 116.50 -39.98 11.62
CA ASN P 604 117.70 -39.17 11.81
C ASN P 604 117.50 -37.74 11.33
N ILE P 605 116.32 -37.18 11.64
CA ILE P 605 116.04 -35.82 11.20
C ILE P 605 116.82 -34.80 12.04
N GLU P 606 116.94 -35.04 13.34
CA GLU P 606 117.63 -34.07 14.20
C GLU P 606 119.05 -33.82 13.70
N ALA P 607 119.74 -34.88 13.28
CA ALA P 607 121.09 -34.74 12.75
C ALA P 607 121.10 -33.85 11.52
N ALA P 608 120.14 -34.06 10.61
CA ALA P 608 120.05 -33.22 9.41
C ALA P 608 119.81 -31.76 9.78
N PHE P 609 118.92 -31.52 10.73
CA PHE P 609 118.57 -30.15 11.10
C PHE P 609 119.75 -29.45 11.77
N ARG P 610 120.42 -30.13 12.69
CA ARG P 610 121.56 -29.53 13.38
C ARG P 610 122.68 -29.20 12.40
N VAL P 611 123.00 -30.14 11.51
CA VAL P 611 124.09 -29.92 10.57
C VAL P 611 123.75 -28.82 9.58
N ILE P 612 122.51 -28.80 9.08
CA ILE P 612 122.14 -27.78 8.10
C ILE P 612 122.04 -26.40 8.73
N SER P 613 121.38 -26.30 9.89
CA SER P 613 121.15 -25.00 10.49
C SER P 613 122.37 -24.47 11.25
N GLY P 614 123.24 -25.35 11.73
CA GLY P 614 124.35 -24.91 12.55
C GLY P 614 124.01 -24.67 14.01
N ASN P 615 122.78 -24.93 14.40
CA ASN P 615 122.32 -24.75 15.78
C ASN P 615 122.25 -26.13 16.42
N GLN P 616 123.15 -26.40 17.36
CA GLN P 616 123.29 -27.73 17.93
C GLN P 616 122.22 -28.09 18.94
N ASP P 617 121.26 -27.20 19.21
CA ASP P 617 120.16 -27.52 20.11
C ASP P 617 118.81 -27.24 19.44
N GLU P 618 118.77 -27.31 18.11
CA GLU P 618 117.54 -27.09 17.35
C GLU P 618 116.96 -28.43 16.93
N THR P 619 115.64 -28.55 17.04
CA THR P 619 114.90 -29.73 16.62
C THR P 619 113.73 -29.30 15.77
N PRO P 620 113.23 -30.19 14.91
CA PRO P 620 112.05 -29.84 14.10
C PRO P 620 110.81 -29.72 14.97
N MET P 621 109.89 -28.87 14.53
CA MET P 621 108.56 -28.76 15.12
C MET P 621 107.58 -29.38 14.14
N TYR P 622 106.67 -30.20 14.65
CA TYR P 622 105.79 -30.99 13.78
C TYR P 622 104.45 -30.30 13.59
N LEU P 623 103.94 -30.38 12.37
CA LEU P 623 102.62 -29.86 12.03
C LEU P 623 101.62 -31.02 11.99
N PHE P 624 100.45 -30.80 12.56
CA PHE P 624 99.35 -31.76 12.45
C PHE P 624 98.39 -31.24 11.37
N CYS P 625 98.44 -31.88 10.20
CA CYS P 625 97.72 -31.41 9.02
C CYS P 625 96.50 -32.29 8.83
N SER P 626 95.31 -31.69 8.91
CA SER P 626 94.07 -32.44 8.86
C SER P 626 92.95 -31.52 8.40
N ASP P 627 91.75 -32.07 8.30
CA ASP P 627 90.57 -31.29 8.01
C ASP P 627 90.01 -30.67 9.29
N LYS P 628 88.86 -30.00 9.18
CA LYS P 628 88.29 -29.31 10.32
C LYS P 628 87.79 -30.29 11.38
N GLU P 629 87.20 -31.42 10.96
CA GLU P 629 86.61 -32.35 11.92
C GLU P 629 87.66 -32.88 12.88
N ILE P 630 88.82 -33.31 12.36
CA ILE P 630 89.88 -33.81 13.22
C ILE P 630 90.53 -32.70 14.02
N ALA P 631 90.75 -31.54 13.42
CA ALA P 631 91.44 -30.46 14.13
C ALA P 631 90.71 -30.11 15.41
N ASN P 632 89.37 -30.18 15.40
CA ASN P 632 88.60 -29.87 16.60
C ASN P 632 88.96 -30.80 17.75
N TYR P 633 89.38 -32.01 17.44
CA TYR P 633 89.74 -32.97 18.49
C TYR P 633 91.19 -32.82 18.90
N LEU P 634 92.08 -32.53 17.94
CA LEU P 634 93.48 -32.31 18.29
C LEU P 634 93.66 -31.05 19.12
N MET P 635 92.86 -30.00 18.86
CA MET P 635 92.96 -28.80 19.70
C MET P 635 92.35 -28.85 21.10
N THR P 636 92.96 -29.63 21.98
CA THR P 636 92.41 -29.87 23.32
C THR P 636 92.57 -28.69 24.28
N LYS P 637 91.95 -28.77 25.46
CA LYS P 637 92.02 -27.68 26.41
C LYS P 637 93.42 -27.35 26.87
N GLY P 638 94.27 -28.37 27.00
CA GLY P 638 95.67 -28.14 27.37
C GLY P 638 96.37 -27.41 26.24
N ASP P 639 97.07 -26.30 26.52
CA ASP P 639 97.65 -25.44 25.46
C ASP P 639 99.17 -25.45 25.42
N ASP P 640 99.82 -26.46 25.99
CA ASP P 640 101.28 -26.58 25.95
C ASP P 640 101.69 -26.93 24.52
N ARG P 641 100.86 -27.68 23.80
CA ARG P 641 101.21 -28.11 22.45
C ARG P 641 102.56 -28.81 22.45
N THR P 642 102.81 -29.80 23.30
CA THR P 642 104.09 -30.47 23.40
C THR P 642 103.89 -31.97 23.19
N LEU P 643 104.94 -32.55 22.57
CA LEU P 643 104.94 -33.96 22.31
C LEU P 643 105.61 -34.82 23.36
N GLY P 644 106.94 -34.80 23.39
CA GLY P 644 107.67 -35.54 24.40
C GLY P 644 108.24 -34.59 25.39
N ALA P 645 109.36 -34.96 26.00
CA ALA P 645 109.98 -34.12 27.01
C ALA P 645 110.29 -32.76 26.40
N TYR P 646 110.70 -32.74 25.14
CA TYR P 646 111.08 -31.50 24.45
C TYR P 646 110.45 -31.25 23.05
N LEU P 647 110.09 -32.29 22.28
CA LEU P 647 109.57 -32.04 20.95
C LEU P 647 108.23 -31.29 21.03
N LYS P 648 107.92 -30.38 20.08
CA LYS P 648 106.63 -29.58 20.08
C LYS P 648 105.79 -29.71 18.76
N TYR P 649 104.51 -29.25 18.73
CA TYR P 649 103.67 -29.22 17.48
C TYR P 649 102.66 -28.04 17.21
N ASP P 650 102.09 -27.90 15.98
CA ASP P 650 101.12 -26.88 15.66
C ASP P 650 100.03 -27.52 14.81
N ILE P 651 98.78 -27.20 15.10
CA ILE P 651 97.64 -27.81 14.42
C ILE P 651 97.10 -26.86 13.35
N VAL P 652 97.07 -27.35 12.12
CA VAL P 652 96.66 -26.56 10.95
C VAL P 652 95.60 -27.33 10.20
N SER P 653 94.50 -26.66 9.87
CA SER P 653 93.34 -27.31 9.27
C SER P 653 93.08 -26.75 7.88
N THR P 654 92.44 -27.56 7.03
CA THR P 654 91.98 -27.11 5.73
C THR P 654 90.54 -27.50 5.53
N ASN P 655 89.90 -26.84 4.55
CA ASN P 655 88.56 -27.20 4.10
C ASN P 655 88.58 -28.05 2.84
N ASN P 656 89.77 -28.43 2.37
CA ASN P 656 89.87 -29.21 1.14
C ASN P 656 89.34 -30.63 1.36
N GLN P 657 88.38 -31.02 0.51
CA GLN P 657 87.69 -32.28 0.70
C GLN P 657 88.61 -33.48 0.47
N LEU P 658 89.84 -33.25 0.02
CA LEU P 658 90.80 -34.33 -0.20
C LEU P 658 91.37 -34.86 1.11
N PHE P 659 91.07 -34.23 2.23
CA PHE P 659 91.45 -34.70 3.56
C PHE P 659 90.24 -35.24 4.33
N ASP P 660 89.46 -36.10 3.67
CA ASP P 660 88.18 -36.52 4.24
C ASP P 660 88.36 -37.17 5.61
N GLY P 661 89.47 -37.87 5.82
CA GLY P 661 89.74 -38.44 7.13
C GLY P 661 91.20 -38.46 7.51
N LYS P 662 92.03 -37.76 6.73
CA LYS P 662 93.47 -37.88 6.88
C LYS P 662 94.00 -36.95 7.97
N LEU P 663 94.98 -37.44 8.72
CA LEU P 663 95.86 -36.61 9.52
C LEU P 663 97.29 -36.92 9.12
N VAL P 664 98.04 -35.90 8.71
CA VAL P 664 99.41 -36.07 8.26
C VAL P 664 100.31 -35.21 9.15
N VAL P 665 101.37 -35.83 9.69
CA VAL P 665 102.27 -35.17 10.62
C VAL P 665 103.60 -34.98 9.91
N ILE P 666 104.04 -33.74 9.78
CA ILE P 666 105.26 -33.41 9.05
C ILE P 666 106.12 -32.46 9.88
N PRO P 667 107.43 -32.57 9.82
CA PRO P 667 108.31 -31.61 10.49
C PRO P 667 108.46 -30.30 9.72
N THR P 668 108.71 -29.24 10.46
CA THR P 668 109.17 -27.99 9.88
C THR P 668 110.09 -27.31 10.89
N ARG P 669 110.85 -26.32 10.41
CA ARG P 669 111.67 -25.53 11.31
C ARG P 669 110.80 -24.66 12.20
N ALA P 670 111.08 -24.69 13.50
CA ALA P 670 110.23 -23.98 14.47
C ALA P 670 110.18 -22.49 14.17
N VAL P 671 111.30 -21.92 13.74
CA VAL P 671 111.36 -20.51 13.35
C VAL P 671 111.67 -20.47 11.85
N GLN P 672 110.81 -19.81 11.08
CA GLN P 672 110.90 -19.83 9.64
C GLN P 672 111.60 -18.56 9.14
N GLN P 673 112.60 -18.74 8.28
CA GLN P 673 113.32 -17.65 7.65
C GLN P 673 112.91 -17.58 6.17
N GLU P 674 113.35 -16.51 5.51
CA GLU P 674 113.07 -16.37 4.08
C GLU P 674 113.91 -17.35 3.28
N ASN P 675 113.26 -18.06 2.35
CA ASN P 675 113.90 -19.05 1.50
C ASN P 675 114.62 -20.11 2.34
N ASP P 676 113.93 -20.54 3.40
CA ASP P 676 114.45 -21.56 4.30
C ASP P 676 114.16 -22.94 3.73
N ILE P 677 115.21 -23.78 3.65
CA ILE P 677 115.06 -25.08 3.02
C ILE P 677 114.66 -26.16 4.01
N LEU P 678 114.75 -25.88 5.31
CA LEU P 678 114.34 -26.85 6.32
C LEU P 678 112.84 -26.92 6.51
N SER P 679 112.06 -26.13 5.78
CA SER P 679 110.62 -26.33 5.74
C SER P 679 110.28 -27.60 4.98
N TRP P 680 109.23 -28.28 5.42
CA TRP P 680 108.82 -29.53 4.77
C TRP P 680 108.62 -29.31 3.28
N GLY P 681 107.95 -28.23 2.90
CA GLY P 681 107.83 -27.84 1.52
C GLY P 681 108.06 -26.35 1.37
N GLN P 682 108.05 -25.89 0.12
CA GLN P 682 108.21 -24.47 -0.13
C GLN P 682 107.39 -24.09 -1.35
N PHE P 683 106.83 -22.88 -1.31
CA PHE P 683 106.03 -22.33 -2.39
C PHE P 683 106.83 -21.23 -3.06
N PHE P 684 107.18 -21.42 -4.33
CA PHE P 684 107.90 -20.43 -5.11
C PHE P 684 106.90 -19.63 -5.94
N TYR P 685 106.74 -18.36 -5.62
CA TYR P 685 105.73 -17.51 -6.21
C TYR P 685 106.37 -16.41 -7.04
N VAL P 686 105.84 -16.21 -8.25
CA VAL P 686 106.18 -15.08 -9.09
C VAL P 686 104.92 -14.28 -9.35
N SER P 687 105.04 -12.96 -9.30
CA SER P 687 103.87 -12.09 -9.39
C SER P 687 102.96 -12.50 -10.54
N THR P 688 101.66 -12.57 -10.25
CA THR P 688 100.68 -12.92 -11.26
C THR P 688 100.43 -11.75 -12.20
N VAL P 689 100.36 -12.05 -13.49
CA VAL P 689 100.20 -11.04 -14.52
C VAL P 689 98.74 -11.01 -14.98
N ILE P 690 98.18 -9.81 -15.03
CA ILE P 690 96.82 -9.59 -15.52
C ILE P 690 96.94 -8.78 -16.81
N ALA P 691 96.31 -9.27 -17.87
CA ALA P 691 96.40 -8.65 -19.19
C ALA P 691 95.01 -8.47 -19.78
N ASP P 692 94.85 -7.43 -20.59
CA ASP P 692 93.62 -7.23 -21.35
C ASP P 692 93.97 -6.78 -22.76
N LEU P 693 93.16 -7.22 -23.73
CA LEU P 693 93.39 -6.96 -25.14
C LEU P 693 92.17 -7.44 -25.92
N PRO P 694 91.68 -6.66 -26.87
CA PRO P 694 90.51 -7.11 -27.64
C PRO P 694 90.85 -8.21 -28.64
N ILE P 695 91.02 -9.43 -28.13
CA ILE P 695 91.42 -10.55 -28.97
C ILE P 695 90.26 -10.94 -29.88
N THR P 696 90.56 -11.13 -31.15
CA THR P 696 89.58 -11.55 -32.16
C THR P 696 89.59 -13.06 -32.33
N ARG P 697 89.38 -13.78 -31.23
CA ARG P 697 89.58 -15.23 -31.20
C ARG P 697 88.64 -15.93 -32.18
N GLY P 698 89.22 -16.76 -33.04
CA GLY P 698 88.47 -17.49 -34.03
C GLY P 698 88.39 -16.82 -35.38
N GLY P 699 88.75 -15.54 -35.46
CA GLY P 699 88.72 -14.81 -36.71
C GLY P 699 87.36 -14.28 -37.11
N HIS P 700 86.32 -14.57 -36.33
CA HIS P 700 84.97 -14.14 -36.71
C HIS P 700 84.21 -13.46 -35.58
N GLN P 701 84.77 -13.35 -34.37
CA GLN P 701 84.14 -12.63 -33.28
C GLN P 701 85.22 -11.94 -32.46
N VAL P 702 84.87 -10.78 -31.89
CA VAL P 702 85.82 -9.98 -31.11
C VAL P 702 85.30 -9.88 -29.68
N THR P 703 86.15 -10.25 -28.73
CA THR P 703 85.87 -10.16 -27.31
C THR P 703 87.12 -9.73 -26.58
N ARG P 704 87.00 -8.78 -25.67
CA ARG P 704 88.11 -8.39 -24.81
C ARG P 704 88.22 -9.38 -23.66
N GLU P 705 89.41 -9.92 -23.45
CA GLU P 705 89.64 -10.99 -22.49
C GLU P 705 90.60 -10.49 -21.43
N ILE P 706 90.11 -10.40 -20.19
CA ILE P 706 90.93 -10.02 -19.04
C ILE P 706 91.34 -11.31 -18.33
N ALA P 707 92.63 -11.61 -18.35
CA ALA P 707 93.15 -12.89 -17.91
C ALA P 707 94.23 -12.71 -16.86
N ALA P 708 94.28 -13.63 -15.92
CA ALA P 708 95.35 -13.71 -14.92
C ALA P 708 96.18 -14.94 -15.22
N ILE P 709 97.50 -14.76 -15.29
CA ILE P 709 98.41 -15.84 -15.64
C ILE P 709 99.22 -16.25 -14.42
N PRO P 710 98.95 -17.40 -13.81
CA PRO P 710 99.74 -17.83 -12.65
C PRO P 710 101.13 -18.27 -13.05
N PHE P 711 102.06 -18.15 -12.09
CA PHE P 711 103.46 -18.48 -12.32
C PHE P 711 104.06 -18.82 -10.95
N ASN P 712 104.07 -20.10 -10.61
CA ASN P 712 104.56 -20.52 -9.31
C ASN P 712 104.85 -22.02 -9.32
N LEU P 713 105.48 -22.50 -8.25
CA LEU P 713 105.87 -23.89 -8.12
C LEU P 713 105.84 -24.31 -6.66
N HIS P 714 105.32 -25.50 -6.40
CA HIS P 714 105.39 -26.13 -5.08
C HIS P 714 106.46 -27.21 -5.08
N VAL P 715 107.36 -27.15 -4.10
CA VAL P 715 108.47 -28.08 -3.99
C VAL P 715 108.50 -28.67 -2.59
N ASN P 716 108.82 -29.94 -2.48
CA ASN P 716 109.00 -30.63 -1.21
C ASN P 716 110.49 -30.76 -0.91
N ASN P 717 110.85 -30.58 0.36
CA ASN P 717 112.25 -30.67 0.77
C ASN P 717 112.57 -31.86 1.65
N ILE P 718 111.66 -32.28 2.52
CA ILE P 718 111.95 -33.27 3.56
C ILE P 718 111.13 -34.52 3.27
N PRO P 719 111.78 -35.66 2.95
CA PRO P 719 111.06 -36.90 2.70
C PRO P 719 110.62 -37.62 3.97
N PHE P 720 109.75 -36.97 4.75
CA PHE P 720 109.27 -37.52 6.01
C PHE P 720 107.80 -37.17 6.17
N ALA P 721 107.00 -38.17 6.54
CA ALA P 721 105.62 -37.93 6.92
C ALA P 721 105.10 -39.16 7.65
N LEU P 722 104.18 -38.93 8.60
CA LEU P 722 103.31 -39.96 9.13
C LEU P 722 101.88 -39.67 8.72
N GLU P 723 101.18 -40.68 8.23
CA GLU P 723 99.82 -40.54 7.75
C GLU P 723 98.89 -41.38 8.60
N PHE P 724 97.88 -40.75 9.20
CA PHE P 724 96.91 -41.42 10.05
C PHE P 724 95.53 -41.32 9.43
N LYS P 725 94.79 -42.43 9.46
CA LYS P 725 93.39 -42.45 9.06
C LYS P 725 92.57 -42.60 10.33
N ILE P 726 91.90 -41.53 10.73
CA ILE P 726 91.19 -41.47 12.00
C ILE P 726 89.70 -41.61 11.75
N THR P 727 89.11 -42.67 12.30
CA THR P 727 87.70 -42.96 12.08
C THR P 727 87.06 -43.42 13.38
N GLY P 728 85.74 -43.44 13.40
CA GLY P 728 85.00 -43.99 14.51
C GLY P 728 84.60 -43.03 15.60
N PHE P 729 84.60 -41.72 15.34
CA PHE P 729 84.24 -40.76 16.37
C PHE P 729 82.85 -41.02 16.92
N GLN P 730 81.88 -41.27 16.05
CA GLN P 730 80.49 -41.43 16.49
C GLN P 730 80.32 -42.71 17.29
N LYS P 731 81.18 -43.71 17.05
CA LYS P 731 81.04 -44.98 17.74
C LYS P 731 81.59 -44.94 19.16
N VAL P 732 82.31 -43.88 19.53
CA VAL P 732 82.88 -43.81 20.87
C VAL P 732 82.27 -42.64 21.61
N MET P 733 81.79 -41.64 20.88
CA MET P 733 81.12 -40.50 21.50
C MET P 733 79.60 -40.65 21.54
N GLY P 734 79.02 -41.47 20.66
CA GLY P 734 77.59 -41.64 20.62
C GLY P 734 77.10 -42.91 21.28
N GLU P 735 78.02 -43.73 21.79
CA GLU P 735 77.67 -44.99 22.42
C GLU P 735 78.41 -45.15 23.74
N THR P 736 77.86 -46.00 24.61
CA THR P 736 78.56 -46.42 25.83
C THR P 736 79.78 -47.25 25.49
N GLN P 737 80.82 -47.08 26.30
CA GLN P 737 82.03 -47.89 26.22
C GLN P 737 82.23 -48.75 27.47
N PHE P 738 81.97 -48.21 28.66
CA PHE P 738 82.24 -48.95 29.88
C PHE P 738 80.98 -49.68 30.36
N ASN P 739 79.91 -48.94 30.64
CA ASN P 739 78.71 -49.57 31.18
C ASN P 739 78.01 -50.45 30.14
N GLY P 740 78.14 -50.10 28.86
CA GLY P 740 77.59 -50.96 27.82
C GLY P 740 78.21 -52.34 27.82
N LYS P 741 79.50 -52.42 28.20
CA LYS P 741 80.17 -53.72 28.26
C LYS P 741 79.78 -54.48 29.52
N LEU P 742 79.62 -53.78 30.65
CA LEU P 742 79.14 -54.45 31.86
C LEU P 742 77.76 -55.02 31.67
N ALA P 743 76.91 -54.35 30.88
CA ALA P 743 75.57 -54.84 30.61
C ALA P 743 75.56 -56.21 29.97
N ASP P 744 76.66 -56.64 29.36
CA ASP P 744 76.72 -57.94 28.72
C ASP P 744 77.02 -59.07 29.70
N LEU P 745 77.43 -58.76 30.93
CA LEU P 745 77.93 -59.76 31.87
C LEU P 745 76.79 -60.41 32.66
N LYS P 746 75.85 -61.02 31.95
CA LYS P 746 74.73 -61.68 32.60
C LYS P 746 75.03 -63.15 32.80
N PRO P 747 74.93 -63.67 34.04
CA PRO P 747 75.24 -65.08 34.34
C PRO P 747 74.07 -66.02 34.06
N ASN Q 164 55.29 57.54 -130.29
CA ASN Q 164 54.53 57.96 -131.45
C ASN Q 164 53.19 58.56 -131.05
N TYR Q 165 52.09 57.91 -131.45
CA TYR Q 165 50.77 58.42 -131.09
C TYR Q 165 50.49 58.25 -129.61
N ASN Q 166 50.85 57.09 -129.06
CA ASN Q 166 50.68 56.82 -127.64
C ASN Q 166 52.04 56.60 -126.99
N GLU Q 167 52.21 57.16 -125.81
CA GLU Q 167 53.45 57.04 -125.06
C GLU Q 167 53.18 56.53 -123.66
N LYS Q 168 52.30 55.53 -123.54
CA LYS Q 168 52.08 54.91 -122.25
C LYS Q 168 53.38 54.32 -121.73
N SER Q 169 53.64 54.55 -120.45
CA SER Q 169 54.94 54.23 -119.88
C SER Q 169 55.22 52.74 -119.92
N GLN Q 170 56.46 52.39 -120.25
CA GLN Q 170 56.96 51.04 -120.05
C GLN Q 170 58.37 51.00 -119.50
N ARG Q 171 59.08 52.12 -119.39
CA ARG Q 171 60.47 52.13 -118.97
C ARG Q 171 60.67 52.51 -117.51
N ASP Q 172 59.84 53.40 -116.97
CA ASP Q 172 60.10 53.98 -115.67
C ASP Q 172 58.98 53.60 -114.73
N PHE Q 173 59.33 52.87 -113.67
CA PHE Q 173 58.34 52.34 -112.75
C PHE Q 173 58.75 52.73 -111.34
N ARG Q 174 57.78 52.67 -110.43
CA ARG Q 174 58.06 52.90 -109.01
C ARG Q 174 58.74 51.67 -108.44
N VAL Q 175 60.01 51.82 -108.06
CA VAL Q 175 60.79 50.70 -107.52
C VAL Q 175 60.61 50.67 -106.01
N VAL Q 176 60.22 49.52 -105.47
CA VAL Q 176 60.08 49.34 -104.04
C VAL Q 176 60.98 48.17 -103.65
N THR Q 177 61.71 48.34 -102.55
CA THR Q 177 62.63 47.32 -102.07
C THR Q 177 61.99 46.56 -100.92
N ILE Q 178 62.43 45.32 -100.74
CA ILE Q 178 61.92 44.47 -99.67
C ILE Q 178 63.03 44.21 -98.66
N GLY Q 179 62.71 44.40 -97.37
CA GLY Q 179 63.69 44.19 -96.33
C GLY Q 179 64.10 42.73 -96.20
N TYR Q 180 65.29 42.54 -95.65
CA TYR Q 180 65.87 41.21 -95.46
C TYR Q 180 66.67 41.19 -94.16
N ASN Q 181 66.00 41.41 -93.04
CA ASN Q 181 66.70 41.61 -91.77
C ASN Q 181 66.82 40.28 -91.03
N LEU Q 182 67.90 39.58 -91.31
CA LEU Q 182 68.16 38.32 -90.62
C LEU Q 182 68.61 38.60 -89.19
N ALA Q 183 68.31 37.68 -88.29
CA ALA Q 183 68.81 37.74 -86.93
C ALA Q 183 68.89 36.34 -86.34
N ALA Q 184 69.77 36.19 -85.36
CA ALA Q 184 69.91 34.91 -84.65
C ALA Q 184 70.68 35.17 -83.37
N SER Q 185 70.74 34.15 -82.51
CA SER Q 185 71.54 34.18 -81.30
C SER Q 185 72.19 32.82 -81.13
N ARG Q 186 73.10 32.71 -80.15
CA ARG Q 186 73.92 31.52 -80.02
C ARG Q 186 73.08 30.25 -80.13
N GLN Q 187 71.92 30.24 -79.46
CA GLN Q 187 70.93 29.19 -79.62
C GLN Q 187 69.53 29.78 -79.63
N ASP Q 188 68.63 29.12 -80.37
CA ASP Q 188 67.22 29.44 -80.31
C ASP Q 188 66.69 29.16 -78.93
N GLU Q 189 65.60 29.82 -78.54
CA GLU Q 189 65.02 29.59 -77.22
C GLU Q 189 64.73 28.12 -76.97
N PHE Q 190 64.29 27.41 -78.02
CA PHE Q 190 64.06 25.97 -77.91
C PHE Q 190 65.34 25.24 -77.52
N ALA Q 191 66.41 25.48 -78.27
CA ALA Q 191 67.69 24.82 -77.97
C ALA Q 191 68.28 25.31 -76.66
N GLU Q 192 68.09 26.58 -76.32
CA GLU Q 192 68.72 27.11 -75.12
C GLU Q 192 68.11 26.51 -73.86
N ARG Q 193 66.79 26.37 -73.83
CA ARG Q 193 66.15 25.80 -72.65
C ARG Q 193 66.54 24.34 -72.48
N ILE Q 194 66.73 23.62 -73.59
CA ILE Q 194 67.09 22.21 -73.48
C ILE Q 194 68.58 22.05 -73.21
N TYR Q 195 69.40 22.83 -73.91
CA TYR Q 195 70.85 22.78 -73.78
C TYR Q 195 71.36 24.13 -73.35
N PRO Q 196 71.25 24.51 -72.08
CA PRO Q 196 71.71 25.83 -71.67
C PRO Q 196 73.17 26.04 -72.03
N THR Q 197 73.49 27.28 -72.42
CA THR Q 197 74.82 27.64 -72.88
C THR Q 197 75.77 27.75 -71.70
N THR Q 198 76.91 27.07 -71.79
CA THR Q 198 77.99 27.22 -70.84
C THR Q 198 79.24 27.63 -71.62
N VAL Q 199 79.89 28.70 -71.16
CA VAL Q 199 81.06 29.20 -71.86
C VAL Q 199 82.29 28.44 -71.41
N ILE Q 200 83.02 27.89 -72.38
CA ILE Q 200 84.23 27.12 -72.11
C ILE Q 200 85.40 27.86 -72.70
N ASN Q 201 86.48 27.97 -71.94
CA ASN Q 201 87.67 28.63 -72.46
C ASN Q 201 88.24 27.81 -73.61
N PRO Q 202 88.67 28.46 -74.69
CA PRO Q 202 89.28 27.70 -75.79
C PRO Q 202 90.53 26.94 -75.38
N ILE Q 203 91.18 27.34 -74.28
CA ILE Q 203 92.34 26.62 -73.79
C ILE Q 203 91.94 25.23 -73.30
N GLU Q 204 90.74 25.11 -72.73
CA GLU Q 204 90.29 23.84 -72.19
C GLU Q 204 89.78 22.93 -73.30
N GLY Q 205 88.83 23.43 -74.09
CA GLY Q 205 88.37 22.67 -75.25
C GLY Q 205 87.68 21.37 -74.90
N GLY Q 206 87.06 21.31 -73.73
CA GLY Q 206 86.40 20.09 -73.28
C GLY Q 206 86.10 20.06 -71.81
N VAL Q 207 85.22 19.16 -71.38
CA VAL Q 207 84.82 19.09 -69.97
C VAL Q 207 84.88 17.64 -69.51
N VAL Q 208 85.30 17.43 -68.27
CA VAL Q 208 85.30 16.12 -67.64
C VAL Q 208 84.34 16.15 -66.47
N GLN Q 209 83.40 15.21 -66.45
CA GLN Q 209 82.38 15.14 -65.42
C GLN Q 209 82.71 14.03 -64.45
N VAL Q 210 82.92 14.40 -63.19
CA VAL Q 210 83.37 13.48 -62.15
C VAL Q 210 82.22 13.23 -61.19
N LEU Q 211 81.85 11.96 -61.02
CA LEU Q 211 80.70 11.59 -60.22
C LEU Q 211 81.15 10.75 -59.02
N PRO Q 212 81.38 11.35 -57.85
CA PRO Q 212 81.61 10.56 -56.65
C PRO Q 212 80.31 10.02 -56.09
N TYR Q 213 80.32 8.79 -55.56
CA TYR Q 213 79.14 8.27 -54.88
C TYR Q 213 79.54 7.15 -53.94
N ILE Q 214 78.62 6.77 -53.05
CA ILE Q 214 78.83 5.68 -52.11
C ILE Q 214 78.08 4.46 -52.64
N ALA Q 215 78.77 3.32 -52.71
CA ALA Q 215 78.19 2.11 -53.28
C ALA Q 215 77.89 1.12 -52.16
N VAL Q 216 76.76 0.44 -52.26
CA VAL Q 216 76.44 -0.65 -51.34
C VAL Q 216 76.82 -1.97 -51.98
N MET Q 217 77.57 -2.79 -51.26
CA MET Q 217 77.96 -4.10 -51.75
C MET Q 217 77.78 -5.13 -50.65
N LYS Q 218 77.47 -6.36 -51.05
CA LYS Q 218 77.36 -7.45 -50.10
C LYS Q 218 78.74 -7.89 -49.65
N ASP Q 219 78.82 -8.39 -48.41
CA ASP Q 219 80.08 -8.89 -47.87
C ASP Q 219 80.35 -10.27 -48.43
N VAL Q 220 80.88 -10.33 -49.64
CA VAL Q 220 81.08 -11.59 -50.35
C VAL Q 220 82.55 -11.72 -50.71
N TYR Q 221 83.08 -12.94 -50.59
CA TYR Q 221 84.47 -13.20 -50.87
C TYR Q 221 84.69 -13.34 -52.38
N HIS Q 222 85.94 -13.44 -52.82
CA HIS Q 222 86.26 -13.63 -54.22
C HIS Q 222 86.13 -15.10 -54.58
N GLU Q 223 85.73 -15.37 -55.81
CA GLU Q 223 85.59 -16.72 -56.31
C GLU Q 223 86.88 -17.13 -57.01
N VAL Q 224 87.36 -18.34 -56.66
CA VAL Q 224 88.65 -18.80 -57.15
C VAL Q 224 88.65 -18.83 -58.68
N SER Q 225 87.55 -19.25 -59.29
CA SER Q 225 87.48 -19.33 -60.75
C SER Q 225 86.41 -18.39 -61.30
N GLY Q 226 86.20 -17.25 -60.65
CA GLY Q 226 85.21 -16.29 -61.09
C GLY Q 226 85.76 -15.24 -62.04
N VAL Q 227 84.99 -14.89 -63.07
CA VAL Q 227 85.41 -13.86 -64.00
C VAL Q 227 85.32 -12.49 -63.35
N LYS Q 228 84.21 -12.22 -62.66
CA LYS Q 228 84.03 -10.97 -61.93
C LYS Q 228 83.59 -11.30 -60.51
N MET Q 229 83.95 -10.44 -59.56
CA MET Q 229 83.53 -10.61 -58.17
C MET Q 229 82.03 -10.54 -58.02
N ASP Q 230 81.46 -11.56 -57.40
CA ASP Q 230 80.01 -11.71 -57.33
C ASP Q 230 79.46 -10.92 -56.15
N ASN Q 231 79.28 -9.61 -56.35
CA ASN Q 231 78.67 -8.78 -55.32
C ASN Q 231 77.80 -7.73 -56.00
N GLU Q 232 76.58 -7.56 -55.50
CA GLU Q 232 75.68 -6.60 -56.12
C GLU Q 232 76.05 -5.20 -55.66
N GLU Q 233 76.98 -4.57 -56.36
CA GLU Q 233 77.47 -3.24 -56.02
C GLU Q 233 76.59 -2.21 -56.72
N VAL Q 234 75.85 -1.43 -55.95
CA VAL Q 234 74.88 -0.51 -56.50
C VAL Q 234 75.07 0.85 -55.84
N ASN Q 235 74.70 1.90 -56.56
CA ASN Q 235 74.75 3.25 -56.01
C ASN Q 235 73.75 3.40 -54.88
N MET Q 236 74.19 4.01 -53.78
CA MET Q 236 73.33 4.18 -52.61
C MET Q 236 72.02 4.86 -52.97
N VAL Q 237 71.97 5.65 -54.04
CA VAL Q 237 70.74 6.39 -54.34
C VAL Q 237 69.61 5.42 -54.64
N GLU Q 238 69.93 4.21 -55.07
CA GLU Q 238 68.90 3.24 -55.39
C GLU Q 238 68.05 2.92 -54.16
N ALA Q 239 68.64 3.06 -52.97
CA ALA Q 239 67.94 2.74 -51.73
C ALA Q 239 66.71 3.61 -51.53
N TYR Q 240 66.67 4.77 -52.18
CA TYR Q 240 65.52 5.65 -52.00
C TYR Q 240 64.29 5.11 -52.73
N ARG Q 241 64.52 4.34 -53.80
CA ARG Q 241 63.44 3.75 -54.58
C ARG Q 241 63.12 2.33 -54.15
N ASP Q 242 64.14 1.53 -53.88
CA ASP Q 242 63.99 0.12 -53.48
C ASP Q 242 64.82 -0.14 -52.24
N PRO Q 243 64.33 0.28 -51.07
CA PRO Q 243 65.16 0.17 -49.85
C PRO Q 243 65.53 -1.25 -49.49
N SER Q 244 64.85 -2.25 -50.05
CA SER Q 244 65.09 -3.64 -49.70
C SER Q 244 66.51 -4.08 -50.04
N ILE Q 245 67.19 -3.31 -50.89
CA ILE Q 245 68.57 -3.65 -51.22
C ILE Q 245 69.46 -3.56 -49.98
N LEU Q 246 68.97 -2.89 -48.94
CA LEU Q 246 69.72 -2.75 -47.71
C LEU Q 246 69.36 -3.78 -46.65
N ASP Q 247 68.36 -4.62 -46.89
CA ASP Q 247 67.93 -5.56 -45.86
C ASP Q 247 69.03 -6.58 -45.58
N ASP Q 248 69.17 -6.95 -44.32
CA ASP Q 248 70.20 -7.93 -43.97
C ASP Q 248 69.70 -8.70 -42.75
N GLU Q 249 69.20 -9.92 -43.01
CA GLU Q 249 68.68 -10.78 -41.96
C GLU Q 249 69.70 -11.86 -41.61
N SER Q 250 70.89 -11.40 -41.21
CA SER Q 250 71.99 -12.30 -40.90
C SER Q 250 72.07 -12.62 -39.41
N ILE Q 251 71.42 -11.84 -38.56
CA ILE Q 251 71.54 -12.03 -37.13
C ILE Q 251 70.51 -13.04 -36.65
N ALA Q 252 69.57 -13.40 -37.52
CA ALA Q 252 68.53 -14.34 -37.15
C ALA Q 252 69.13 -15.67 -36.74
N LEU Q 253 68.55 -16.28 -35.72
CA LEU Q 253 68.95 -17.59 -35.23
C LEU Q 253 68.00 -18.61 -35.84
N ILE Q 254 68.37 -19.14 -36.99
CA ILE Q 254 67.52 -20.05 -37.75
C ILE Q 254 68.07 -21.46 -37.54
N PRO Q 255 67.33 -22.36 -36.88
CA PRO Q 255 67.83 -23.73 -36.70
C PRO Q 255 68.15 -24.37 -38.03
N ALA Q 256 69.37 -24.88 -38.15
CA ALA Q 256 69.87 -25.45 -39.39
C ALA Q 256 70.06 -26.96 -39.26
N LEU Q 257 69.94 -27.64 -40.38
CA LEU Q 257 70.12 -29.08 -40.45
C LEU Q 257 71.55 -29.42 -40.84
N ASP Q 258 72.20 -30.25 -40.03
CA ASP Q 258 73.52 -30.73 -40.37
C ASP Q 258 73.45 -31.62 -41.60
N PRO Q 259 74.21 -31.32 -42.67
CA PRO Q 259 74.24 -32.23 -43.81
C PRO Q 259 74.50 -33.69 -43.43
N ALA Q 260 75.22 -33.92 -42.32
CA ALA Q 260 75.46 -35.28 -41.89
C ALA Q 260 74.26 -35.88 -41.17
N GLY Q 261 73.26 -35.06 -40.83
CA GLY Q 261 72.10 -35.54 -40.11
C GLY Q 261 72.29 -35.66 -38.61
N SER Q 262 73.40 -35.13 -38.07
CA SER Q 262 73.71 -35.36 -36.66
C SER Q 262 72.64 -34.79 -35.76
N ASN Q 263 71.96 -33.74 -36.21
CA ASN Q 263 70.91 -33.09 -35.44
C ASN Q 263 69.53 -33.23 -36.05
N ALA Q 264 69.33 -34.20 -36.95
CA ALA Q 264 68.04 -34.33 -37.62
C ALA Q 264 66.94 -34.69 -36.64
N ASP Q 265 67.30 -35.34 -35.52
CA ASP Q 265 66.31 -35.81 -34.57
C ASP Q 265 65.52 -34.66 -33.96
N PHE Q 266 66.08 -33.44 -33.99
CA PHE Q 266 65.42 -32.31 -33.34
C PHE Q 266 64.37 -31.68 -34.24
N PHE Q 267 64.35 -32.05 -35.52
CA PHE Q 267 63.47 -31.41 -36.49
C PHE Q 267 62.25 -32.27 -36.79
N VAL Q 268 61.20 -31.62 -37.29
CA VAL Q 268 59.99 -32.30 -37.72
C VAL Q 268 60.35 -33.27 -38.85
N ASP Q 269 59.86 -34.50 -38.74
CA ASP Q 269 60.19 -35.52 -39.73
C ASP Q 269 59.93 -34.96 -41.13
N PRO Q 270 60.89 -35.07 -42.06
CA PRO Q 270 60.65 -34.55 -43.41
C PRO Q 270 59.37 -35.06 -44.05
N ALA Q 271 58.88 -36.23 -43.64
CA ALA Q 271 57.65 -36.76 -44.21
C ALA Q 271 56.46 -35.86 -43.89
N LEU Q 272 56.49 -35.20 -42.73
CA LEU Q 272 55.39 -34.32 -42.36
C LEU Q 272 55.56 -32.92 -42.93
N VAL Q 273 56.76 -32.36 -42.79
CA VAL Q 273 57.09 -31.04 -43.31
C VAL Q 273 58.47 -31.12 -43.97
N PRO Q 274 58.58 -30.96 -45.28
CA PRO Q 274 59.89 -31.08 -45.93
C PRO Q 274 60.77 -29.89 -45.59
N PRO Q 275 62.07 -30.10 -45.43
CA PRO Q 275 62.98 -28.97 -45.21
C PRO Q 275 63.03 -28.05 -46.41
N TYR Q 276 63.39 -26.80 -46.17
CA TYR Q 276 63.56 -25.80 -47.21
C TYR Q 276 64.85 -25.02 -46.96
N THR Q 277 65.43 -24.49 -48.03
CA THR Q 277 66.70 -23.78 -47.92
C THR Q 277 66.48 -22.28 -47.83
N ILE Q 278 67.45 -21.58 -47.25
CA ILE Q 278 67.48 -20.13 -47.20
C ILE Q 278 68.85 -19.67 -47.68
N LYS Q 279 68.87 -18.78 -48.66
CA LYS Q 279 70.13 -18.17 -49.08
C LYS Q 279 70.30 -16.82 -48.41
N ASN Q 280 71.42 -16.64 -47.71
CA ASN Q 280 71.65 -15.43 -46.94
C ASN Q 280 72.31 -14.38 -47.82
N GLU Q 281 72.56 -13.21 -47.24
CA GLU Q 281 73.17 -12.13 -48.00
C GLU Q 281 74.63 -12.41 -48.32
N GLN Q 282 75.26 -13.30 -47.55
CA GLN Q 282 76.63 -13.64 -47.91
C GLN Q 282 76.72 -14.68 -49.05
N ASN Q 283 75.59 -15.08 -49.64
CA ASN Q 283 75.46 -16.11 -50.67
C ASN Q 283 75.68 -17.52 -50.14
N LEU Q 284 75.67 -17.72 -48.83
CA LEU Q 284 75.78 -19.07 -48.28
C LEU Q 284 74.40 -19.63 -47.93
N THR Q 285 74.06 -20.77 -48.51
CA THR Q 285 72.75 -21.37 -48.33
C THR Q 285 72.80 -22.39 -47.20
N ILE Q 286 71.78 -22.40 -46.36
CA ILE Q 286 71.65 -23.41 -45.33
C ILE Q 286 70.27 -24.05 -45.43
N THR Q 287 70.14 -25.28 -44.93
CA THR Q 287 68.87 -25.97 -44.88
C THR Q 287 68.22 -25.80 -43.52
N THR Q 288 66.92 -25.49 -43.50
CA THR Q 288 66.19 -25.37 -42.26
C THR Q 288 64.86 -26.10 -42.36
N ALA Q 289 64.27 -26.39 -41.21
CA ALA Q 289 62.99 -27.03 -41.04
C ALA Q 289 62.45 -26.65 -39.67
N PRO Q 290 61.14 -26.75 -39.45
CA PRO Q 290 60.62 -26.47 -38.10
C PRO Q 290 61.21 -27.44 -37.08
N LEU Q 291 61.36 -26.95 -35.86
CA LEU Q 291 61.81 -27.81 -34.77
C LEU Q 291 60.65 -28.68 -34.29
N LYS Q 292 60.96 -29.91 -33.90
CA LYS Q 292 59.94 -30.80 -33.36
C LYS Q 292 59.52 -30.32 -31.98
N ALA Q 293 58.23 -30.44 -31.68
CA ALA Q 293 57.78 -30.09 -30.34
C ALA Q 293 58.21 -31.18 -29.35
N ASN Q 294 58.31 -30.78 -28.08
CA ASN Q 294 58.69 -31.69 -27.01
C ASN Q 294 60.14 -32.18 -27.19
N VAL Q 295 61.05 -31.22 -27.36
CA VAL Q 295 62.47 -31.49 -27.50
C VAL Q 295 63.25 -30.57 -26.56
N ARG Q 296 64.48 -30.97 -26.26
CA ARG Q 296 65.45 -30.14 -25.55
C ARG Q 296 66.73 -30.16 -26.37
N LEU Q 297 67.29 -28.98 -26.64
CA LEU Q 297 68.41 -28.91 -27.56
C LEU Q 297 69.28 -27.71 -27.22
N ASP Q 298 70.47 -27.69 -27.81
CA ASP Q 298 71.32 -26.52 -27.79
C ASP Q 298 70.88 -25.60 -28.92
N LEU Q 299 70.18 -24.52 -28.57
CA LEU Q 299 69.51 -23.70 -29.57
C LEU Q 299 70.50 -22.95 -30.44
N MET Q 300 71.55 -22.40 -29.82
CA MET Q 300 72.59 -21.72 -30.59
C MET Q 300 73.46 -22.71 -31.36
N GLY Q 301 73.79 -23.85 -30.78
CA GLY Q 301 74.58 -24.86 -31.46
C GLY Q 301 73.94 -25.37 -32.72
N ASN Q 302 72.61 -25.45 -32.74
CA ASN Q 302 71.91 -25.92 -33.93
C ASN Q 302 71.53 -24.78 -34.87
N SER Q 303 71.97 -23.56 -34.60
CA SER Q 303 71.57 -22.43 -35.44
C SER Q 303 72.41 -22.39 -36.71
N ASN Q 304 71.87 -21.71 -37.72
CA ASN Q 304 72.61 -21.50 -38.95
C ASN Q 304 73.93 -20.80 -38.69
N ALA Q 305 73.97 -19.96 -37.66
CA ALA Q 305 75.18 -19.25 -37.27
C ALA Q 305 76.30 -20.21 -36.90
N ASN Q 306 75.95 -21.38 -36.37
CA ASN Q 306 76.98 -22.32 -35.98
C ASN Q 306 77.45 -23.17 -37.14
N LEU Q 307 76.58 -23.39 -38.13
CA LEU Q 307 76.91 -24.25 -39.26
C LEU Q 307 77.25 -23.45 -40.51
N LEU Q 308 77.30 -22.13 -40.42
CA LEU Q 308 77.38 -21.32 -41.64
C LEU Q 308 78.77 -21.35 -42.25
N ILE Q 309 79.82 -21.05 -41.47
CA ILE Q 309 81.20 -20.95 -42.00
C ILE Q 309 82.06 -22.17 -41.67
N GLN Q 310 81.96 -22.69 -40.44
CA GLN Q 310 82.75 -23.86 -40.02
C GLN Q 310 81.81 -24.81 -39.32
N ARG Q 311 82.31 -25.96 -38.87
CA ARG Q 311 81.48 -26.95 -38.18
C ARG Q 311 80.86 -26.45 -36.89
N GLY Q 312 81.53 -25.54 -36.20
CA GLY Q 312 80.95 -24.95 -35.02
C GLY Q 312 81.97 -24.05 -34.34
N MET Q 313 81.66 -22.78 -34.19
CA MET Q 313 82.58 -21.84 -33.56
C MET Q 313 81.86 -20.71 -32.87
N LEU Q 314 80.83 -21.03 -32.08
CA LEU Q 314 80.08 -20.03 -31.34
C LEU Q 314 80.60 -20.21 -29.94
N GLU Q 315 80.73 -19.14 -29.15
CA GLU Q 315 81.32 -19.21 -27.81
C GLU Q 315 80.45 -18.48 -26.79
N VAL Q 316 80.94 -18.26 -25.56
CA VAL Q 316 80.12 -17.59 -24.56
C VAL Q 316 79.76 -16.17 -25.01
N SER Q 317 80.62 -15.56 -25.83
CA SER Q 317 80.35 -14.21 -26.31
C SER Q 317 79.09 -14.15 -27.18
N ASP Q 318 78.67 -15.28 -27.72
CA ASP Q 318 77.45 -15.30 -28.53
C ASP Q 318 76.22 -15.43 -27.65
N THR Q 319 75.33 -14.45 -27.73
CA THR Q 319 74.19 -14.38 -26.83
C THR Q 319 72.90 -14.21 -27.64
N ILE Q 320 71.78 -14.56 -27.02
CA ILE Q 320 70.48 -14.46 -27.68
C ILE Q 320 69.75 -13.20 -27.22
N ASP Q 321 69.12 -12.51 -28.18
CA ASP Q 321 68.32 -11.34 -27.85
C ASP Q 321 67.01 -11.75 -27.19
N PRO Q 322 66.74 -11.26 -25.98
CA PRO Q 322 65.45 -11.55 -25.34
C PRO Q 322 64.23 -11.06 -26.11
N ALA Q 323 64.41 -10.08 -26.99
CA ALA Q 323 63.29 -9.53 -27.77
C ALA Q 323 63.01 -10.44 -28.96
N GLY Q 324 62.21 -11.46 -28.75
CA GLY Q 324 61.86 -12.39 -29.81
C GLY Q 324 60.46 -12.89 -29.60
N ARG Q 325 59.99 -13.69 -30.57
CA ARG Q 325 58.60 -14.13 -30.60
C ARG Q 325 58.51 -15.55 -31.11
N LEU Q 326 57.44 -16.25 -30.73
CA LEU Q 326 57.09 -17.53 -31.34
C LEU Q 326 56.52 -17.27 -32.73
N LYS Q 327 57.20 -17.79 -33.76
CA LYS Q 327 56.88 -17.40 -35.12
C LYS Q 327 55.78 -18.27 -35.72
N ASN Q 328 55.93 -19.59 -35.68
CA ASN Q 328 54.96 -20.48 -36.30
C ASN Q 328 54.69 -21.70 -35.43
N LEU Q 329 53.49 -22.24 -35.59
CA LEU Q 329 53.15 -23.56 -35.09
C LEU Q 329 52.67 -24.43 -36.24
N PHE Q 330 53.12 -25.68 -36.26
CA PHE Q 330 52.70 -26.65 -37.26
C PHE Q 330 51.88 -27.72 -36.56
N VAL Q 331 50.63 -27.87 -37.00
CA VAL Q 331 49.68 -28.77 -36.35
C VAL Q 331 49.34 -29.88 -37.32
N LEU Q 332 49.30 -31.11 -36.82
CA LEU Q 332 48.95 -32.27 -37.63
C LEU Q 332 47.44 -32.43 -37.59
N LEU Q 333 46.81 -32.37 -38.74
CA LEU Q 333 45.36 -32.48 -38.84
C LEU Q 333 45.03 -33.55 -39.89
N GLY Q 334 44.64 -34.73 -39.41
CA GLY Q 334 44.18 -35.77 -40.31
C GLY Q 334 45.25 -36.37 -41.20
N GLY Q 335 46.49 -36.43 -40.70
CA GLY Q 335 47.59 -36.95 -41.47
C GLY Q 335 48.37 -35.93 -42.26
N LYS Q 336 47.89 -34.70 -42.35
CA LYS Q 336 48.55 -33.65 -43.11
C LYS Q 336 48.74 -32.45 -42.19
N VAL Q 337 49.77 -31.68 -42.47
CA VAL Q 337 50.17 -30.60 -41.58
C VAL Q 337 49.68 -29.27 -42.14
N VAL Q 338 49.20 -28.40 -41.26
CA VAL Q 338 48.84 -27.03 -41.59
C VAL Q 338 49.78 -26.10 -40.83
N LYS Q 339 50.32 -25.11 -41.53
CA LYS Q 339 51.20 -24.11 -40.94
C LYS Q 339 50.39 -22.90 -40.51
N PHE Q 340 50.52 -22.52 -39.24
CA PHE Q 340 49.79 -21.40 -38.66
C PHE Q 340 50.78 -20.31 -38.29
N LYS Q 341 50.57 -19.11 -38.79
CA LYS Q 341 51.45 -17.98 -38.50
C LYS Q 341 50.93 -17.25 -37.27
N VAL Q 342 51.75 -17.21 -36.21
CA VAL Q 342 51.33 -16.64 -34.94
C VAL Q 342 52.36 -15.62 -34.46
N ASP Q 343 53.16 -15.09 -35.38
CA ASP Q 343 54.40 -14.41 -35.01
C ASP Q 343 54.17 -13.12 -34.21
N ARG Q 344 53.11 -12.37 -34.52
CA ARG Q 344 52.92 -11.09 -33.86
C ARG Q 344 51.98 -11.13 -32.68
N LEU Q 345 51.39 -12.28 -32.36
CA LEU Q 345 50.33 -12.33 -31.36
C LEU Q 345 50.92 -12.00 -29.98
N PRO Q 346 50.17 -11.34 -29.10
CA PRO Q 346 50.68 -11.05 -27.77
C PRO Q 346 51.25 -12.26 -27.04
N ARG Q 347 50.63 -13.42 -27.23
CA ARG Q 347 51.06 -14.61 -26.53
C ARG Q 347 52.39 -15.16 -27.05
N ALA Q 348 52.85 -14.66 -28.20
CA ALA Q 348 54.09 -15.17 -28.79
C ALA Q 348 55.32 -14.52 -28.20
N VAL Q 349 55.17 -13.48 -27.39
CA VAL Q 349 56.31 -12.70 -26.93
C VAL Q 349 57.04 -13.43 -25.81
N PHE Q 350 58.38 -13.40 -25.85
CA PHE Q 350 59.15 -13.96 -24.76
C PHE Q 350 58.99 -13.10 -23.51
N GLN Q 351 58.97 -13.77 -22.36
CA GLN Q 351 58.80 -13.17 -21.06
C GLN Q 351 60.00 -13.50 -20.19
N PRO Q 352 60.34 -12.65 -19.23
CA PRO Q 352 61.38 -13.01 -18.26
C PRO Q 352 60.95 -14.16 -17.38
N ASP Q 353 61.93 -15.00 -17.02
CA ASP Q 353 61.69 -16.09 -16.08
C ASP Q 353 61.74 -15.53 -14.68
N LEU Q 354 60.57 -15.39 -14.04
CA LEU Q 354 60.49 -14.67 -12.77
C LEU Q 354 61.09 -15.47 -11.63
N VAL Q 355 61.25 -16.78 -11.82
CA VAL Q 355 61.88 -17.66 -10.85
C VAL Q 355 62.96 -18.46 -11.57
N GLY Q 356 64.17 -18.40 -11.03
CA GLY Q 356 65.30 -19.10 -11.64
C GLY Q 356 66.30 -18.10 -12.17
N ASP Q 357 67.00 -18.49 -13.22
CA ASP Q 357 68.03 -17.63 -13.78
C ASP Q 357 67.41 -16.43 -14.48
N THR Q 358 67.97 -15.25 -14.21
CA THR Q 358 67.37 -14.02 -14.72
C THR Q 358 67.54 -13.92 -16.24
N ARG Q 359 68.40 -14.74 -16.83
CA ARG Q 359 68.60 -14.68 -18.28
C ARG Q 359 67.69 -15.63 -19.05
N ASN Q 360 66.81 -16.35 -18.38
CA ASN Q 360 65.93 -17.27 -19.08
C ASN Q 360 64.79 -16.50 -19.74
N ALA Q 361 64.49 -16.85 -20.99
CA ALA Q 361 63.36 -16.29 -21.71
C ALA Q 361 62.29 -17.36 -21.80
N VAL Q 362 61.08 -17.00 -21.36
CA VAL Q 362 59.97 -17.94 -21.28
C VAL Q 362 58.99 -17.62 -22.40
N ILE Q 363 58.53 -18.65 -23.09
CA ILE Q 363 57.44 -18.55 -24.04
C ILE Q 363 56.29 -19.39 -23.52
N ARG Q 364 55.14 -18.76 -23.32
CA ARG Q 364 53.91 -19.45 -22.92
C ARG Q 364 52.82 -19.00 -23.90
N PHE Q 365 52.63 -19.79 -24.94
CA PHE Q 365 51.63 -19.51 -25.96
C PHE Q 365 50.40 -20.34 -25.67
N ASP Q 366 49.32 -19.66 -25.29
CA ASP Q 366 48.09 -20.33 -24.88
C ASP Q 366 46.91 -19.62 -25.53
N SER Q 367 46.31 -20.27 -26.53
CA SER Q 367 45.30 -19.63 -27.36
C SER Q 367 44.19 -20.62 -27.66
N ASP Q 368 42.96 -20.21 -27.41
CA ASP Q 368 41.79 -20.98 -27.81
C ASP Q 368 41.16 -20.46 -29.09
N ASP Q 369 41.83 -19.53 -29.79
CA ASP Q 369 41.28 -18.86 -30.95
C ASP Q 369 41.92 -19.30 -32.26
N LEU Q 370 42.70 -20.37 -32.25
CA LEU Q 370 43.33 -20.85 -33.48
C LEU Q 370 42.28 -21.43 -34.40
N VAL Q 371 42.10 -20.82 -35.56
CA VAL Q 371 40.95 -21.06 -36.41
C VAL Q 371 41.40 -21.84 -37.64
N VAL Q 372 40.61 -22.85 -38.00
CA VAL Q 372 40.84 -23.61 -39.24
C VAL Q 372 39.58 -23.58 -40.12
N SER Q 373 39.54 -22.67 -41.07
CA SER Q 373 38.38 -22.49 -41.92
C SER Q 373 38.55 -23.32 -43.20
N GLY Q 374 37.47 -23.43 -43.99
CA GLY Q 374 37.56 -24.17 -45.24
C GLY Q 374 38.54 -23.57 -46.22
N ASP Q 375 38.91 -22.30 -46.03
CA ASP Q 375 39.85 -21.65 -46.92
C ASP Q 375 41.28 -22.04 -46.58
N THR Q 376 41.53 -22.47 -45.35
CA THR Q 376 42.88 -22.83 -44.94
C THR Q 376 43.36 -24.07 -45.70
N THR Q 377 44.60 -24.01 -46.17
CA THR Q 377 45.20 -25.11 -46.91
C THR Q 377 46.38 -25.66 -46.13
N PHE Q 378 46.81 -26.85 -46.53
CA PHE Q 378 47.93 -27.50 -45.90
C PHE Q 378 49.26 -26.93 -46.41
N ILE Q 379 50.35 -27.39 -45.81
CA ILE Q 379 51.67 -26.85 -46.16
C ILE Q 379 52.01 -27.14 -47.60
N ASP Q 380 51.42 -28.21 -48.16
CA ASP Q 380 51.64 -28.54 -49.56
C ASP Q 380 50.65 -27.87 -50.50
N GLY Q 381 49.77 -27.02 -49.98
CA GLY Q 381 48.80 -26.33 -50.78
C GLY Q 381 47.51 -27.09 -50.99
N SER Q 382 47.43 -28.32 -50.49
CA SER Q 382 46.25 -29.14 -50.67
C SER Q 382 45.11 -28.63 -49.80
N ALA Q 383 43.88 -28.85 -50.27
CA ALA Q 383 42.69 -28.61 -49.47
C ALA Q 383 41.86 -29.88 -49.36
N ASP Q 384 42.51 -31.05 -49.44
CA ASP Q 384 41.79 -32.32 -49.40
C ASP Q 384 41.59 -32.74 -47.95
N GLY Q 385 40.95 -33.89 -47.75
CA GLY Q 385 40.81 -34.43 -46.41
C GLY Q 385 39.89 -33.59 -45.55
N VAL Q 386 40.38 -33.26 -44.35
CA VAL Q 386 39.55 -32.54 -43.39
C VAL Q 386 39.09 -31.21 -43.95
N ILE Q 387 39.99 -30.49 -44.64
CA ILE Q 387 39.65 -29.16 -45.13
C ILE Q 387 38.51 -29.25 -46.13
N ASN Q 388 38.56 -30.25 -47.01
CA ASN Q 388 37.51 -30.42 -48.01
C ASN Q 388 36.17 -30.63 -47.36
N ASP Q 389 36.10 -31.60 -46.44
CA ASP Q 389 34.84 -31.96 -45.83
C ASP Q 389 34.35 -30.81 -44.99
N LEU Q 390 35.29 -30.15 -44.33
CA LEU Q 390 34.93 -28.99 -43.52
C LEU Q 390 34.39 -27.86 -44.38
N LYS Q 391 35.05 -27.59 -45.50
CA LYS Q 391 34.59 -26.52 -46.37
C LYS Q 391 33.21 -26.84 -46.96
N THR Q 392 33.02 -28.07 -47.45
CA THR Q 392 31.76 -28.37 -48.12
C THR Q 392 30.60 -28.47 -47.13
N ALA Q 393 30.90 -28.71 -45.85
CA ALA Q 393 29.88 -28.70 -44.82
C ALA Q 393 29.57 -27.29 -44.33
N LYS Q 394 30.26 -26.28 -44.87
CA LYS Q 394 30.09 -24.88 -44.47
C LYS Q 394 30.34 -24.71 -42.98
N LEU Q 395 31.41 -25.35 -42.50
CA LEU Q 395 31.77 -25.29 -41.10
C LEU Q 395 33.02 -24.43 -40.88
N SER Q 396 33.29 -24.10 -39.63
CA SER Q 396 34.59 -23.59 -39.22
C SER Q 396 34.95 -24.23 -37.90
N LEU Q 397 36.24 -24.36 -37.65
CA LEU Q 397 36.71 -25.14 -36.52
C LEU Q 397 37.79 -24.37 -35.77
N ARG Q 398 37.68 -24.31 -34.45
CA ARG Q 398 38.64 -23.57 -33.62
C ARG Q 398 39.40 -24.54 -32.73
N LEU Q 399 40.72 -24.54 -32.86
CA LEU Q 399 41.56 -25.40 -32.04
C LEU Q 399 41.95 -24.70 -30.75
N SER Q 400 42.25 -25.49 -29.74
CA SER Q 400 42.85 -25.01 -28.50
C SER Q 400 44.23 -25.61 -28.38
N VAL Q 401 45.25 -24.75 -28.38
CA VAL Q 401 46.63 -25.20 -28.40
C VAL Q 401 47.39 -24.56 -27.25
N GLY Q 402 48.44 -25.24 -26.82
CA GLY Q 402 49.32 -24.70 -25.80
C GLY Q 402 50.75 -25.08 -26.08
N PHE Q 403 51.64 -24.08 -26.11
CA PHE Q 403 53.05 -24.35 -26.42
C PHE Q 403 53.90 -23.57 -25.43
N GLY Q 404 54.74 -24.29 -24.69
CA GLY Q 404 55.58 -23.65 -23.69
C GLY Q 404 57.04 -24.04 -23.77
N GLY Q 405 57.94 -23.16 -23.34
CA GLY Q 405 59.35 -23.47 -23.32
C GLY Q 405 60.17 -22.38 -22.66
N THR Q 406 61.41 -22.72 -22.32
CA THR Q 406 62.34 -21.78 -21.70
C THR Q 406 63.64 -21.82 -22.47
N ILE Q 407 64.20 -20.64 -22.75
CA ILE Q 407 65.48 -20.51 -23.44
C ILE Q 407 66.44 -19.79 -22.51
N SER Q 408 67.62 -20.37 -22.31
CA SER Q 408 68.69 -19.65 -21.63
C SER Q 408 69.37 -18.74 -22.64
N LEU Q 409 69.34 -17.44 -22.39
CA LEU Q 409 69.78 -16.47 -23.39
C LEU Q 409 71.30 -16.34 -23.36
N SER Q 410 71.95 -17.04 -22.44
CA SER Q 410 73.41 -16.95 -22.33
C SER Q 410 74.05 -18.29 -22.61
N LYS Q 411 73.30 -19.37 -22.40
CA LYS Q 411 73.80 -20.72 -22.64
C LYS Q 411 73.23 -21.34 -23.89
N GLY Q 412 72.12 -20.82 -24.40
CA GLY Q 412 71.47 -21.42 -25.55
C GLY Q 412 70.73 -22.70 -25.24
N ASP Q 413 70.53 -23.02 -23.97
CA ASP Q 413 69.84 -24.23 -23.57
C ASP Q 413 68.34 -23.99 -23.60
N SER Q 414 67.64 -24.75 -24.46
CA SER Q 414 66.23 -24.53 -24.65
C SER Q 414 65.47 -25.84 -24.49
N LYS Q 415 64.28 -25.74 -23.90
CA LYS Q 415 63.38 -26.88 -23.72
C LYS Q 415 62.00 -26.40 -24.12
N PHE Q 416 61.33 -27.17 -24.99
CA PHE Q 416 60.00 -26.83 -25.46
C PHE Q 416 59.07 -28.01 -25.24
N GLY Q 417 57.81 -27.72 -24.94
CA GLY Q 417 56.82 -28.76 -24.81
C GLY Q 417 55.47 -28.35 -25.33
N ALA Q 418 54.72 -29.30 -25.87
CA ALA Q 418 53.38 -29.05 -26.40
C ALA Q 418 52.37 -29.87 -25.60
N THR Q 419 51.31 -29.21 -25.16
CA THR Q 419 50.25 -29.84 -24.39
C THR Q 419 49.25 -30.49 -25.34
N ASP Q 420 48.35 -31.30 -24.79
CA ASP Q 420 47.30 -31.91 -25.58
C ASP Q 420 46.46 -30.85 -26.29
N THR Q 421 46.24 -31.06 -27.58
CA THR Q 421 45.49 -30.14 -28.41
C THR Q 421 44.05 -30.62 -28.54
N TYR Q 422 43.11 -29.71 -28.38
CA TYR Q 422 41.71 -30.05 -28.41
C TYR Q 422 40.99 -29.19 -29.43
N VAL Q 423 39.87 -29.70 -29.93
CA VAL Q 423 38.94 -28.91 -30.73
C VAL Q 423 37.99 -28.19 -29.79
N ASP Q 424 38.07 -26.86 -29.76
CA ASP Q 424 37.31 -26.10 -28.77
C ASP Q 424 35.87 -25.89 -29.23
N LYS Q 425 35.68 -25.38 -30.45
CA LYS Q 425 34.36 -25.05 -30.96
C LYS Q 425 34.30 -25.39 -32.43
N VAL Q 426 33.12 -25.78 -32.90
CA VAL Q 426 32.85 -25.90 -34.32
C VAL Q 426 31.75 -24.93 -34.70
N LEU Q 427 32.07 -23.93 -35.52
CA LEU Q 427 31.11 -22.86 -35.76
C LEU Q 427 30.50 -22.97 -37.15
N ASN Q 428 29.32 -22.36 -37.29
CA ASN Q 428 28.71 -22.10 -38.58
C ASN Q 428 29.22 -20.75 -39.12
N GLU Q 429 28.79 -20.40 -40.33
CA GLU Q 429 29.26 -19.15 -40.92
C GLU Q 429 28.69 -17.94 -40.19
N ASP Q 430 27.64 -18.12 -39.41
CA ASP Q 430 27.03 -17.03 -38.66
C ASP Q 430 27.54 -16.94 -37.22
N GLY Q 431 28.55 -17.72 -36.86
CA GLY Q 431 29.10 -17.67 -35.53
C GLY Q 431 28.44 -18.62 -34.55
N GLN Q 432 27.40 -19.32 -34.96
CA GLN Q 432 26.73 -20.27 -34.09
C GLN Q 432 27.63 -21.46 -33.83
N VAL Q 433 27.75 -21.86 -32.57
CA VAL Q 433 28.55 -23.04 -32.20
C VAL Q 433 27.60 -24.23 -32.26
N MET Q 434 28.00 -25.22 -33.05
CA MET Q 434 27.19 -26.42 -33.22
C MET Q 434 27.45 -27.39 -32.08
N ASP Q 435 26.42 -28.16 -31.71
CA ASP Q 435 26.62 -29.28 -30.81
C ASP Q 435 27.47 -30.35 -31.49
N ASN Q 436 28.44 -30.88 -30.74
CA ASN Q 436 29.36 -31.84 -31.34
C ASN Q 436 28.70 -33.16 -31.67
N ALA Q 437 27.48 -33.40 -31.17
CA ALA Q 437 26.81 -34.66 -31.45
C ALA Q 437 26.19 -34.66 -32.85
N ASP Q 438 26.12 -33.50 -33.47
CA ASP Q 438 25.52 -33.37 -34.78
C ASP Q 438 26.36 -34.14 -35.80
N PRO Q 439 25.78 -35.11 -36.52
CA PRO Q 439 26.61 -35.87 -37.45
C PRO Q 439 27.28 -35.03 -38.54
N ALA Q 440 26.83 -33.79 -38.74
CA ALA Q 440 27.48 -32.91 -39.70
C ALA Q 440 28.90 -32.57 -39.27
N VAL Q 441 29.11 -32.46 -37.95
CA VAL Q 441 30.41 -32.04 -37.43
C VAL Q 441 31.16 -33.25 -36.87
N LYS Q 442 30.43 -34.31 -36.52
CA LYS Q 442 31.07 -35.51 -36.01
C LYS Q 442 32.07 -36.06 -37.01
N ALA Q 443 31.72 -36.05 -38.30
CA ALA Q 443 32.63 -36.62 -39.30
C ALA Q 443 34.00 -35.96 -39.24
N ILE Q 444 34.02 -34.64 -39.01
CA ILE Q 444 35.29 -33.92 -38.91
C ILE Q 444 36.01 -34.31 -37.63
N LEU Q 445 35.29 -34.37 -36.52
CA LEU Q 445 35.92 -34.74 -35.26
C LEU Q 445 36.48 -36.16 -35.30
N ASP Q 446 35.82 -37.06 -36.04
CA ASP Q 446 36.32 -38.43 -36.14
C ASP Q 446 37.59 -38.49 -36.98
N GLN Q 447 37.77 -37.56 -37.92
CA GLN Q 447 39.01 -37.53 -38.69
C GLN Q 447 40.17 -36.98 -37.88
N LEU Q 448 39.91 -36.05 -36.97
CA LEU Q 448 40.97 -35.41 -36.19
C LEU Q 448 41.31 -36.25 -34.95
N THR Q 449 41.87 -37.42 -35.21
CA THR Q 449 42.34 -38.29 -34.15
C THR Q 449 43.83 -38.13 -33.89
N ASP Q 450 44.57 -37.57 -34.84
CA ASP Q 450 46.00 -37.31 -34.69
C ASP Q 450 46.27 -35.87 -34.28
N LEU Q 451 45.24 -35.13 -33.88
CA LEU Q 451 45.35 -33.71 -33.54
C LEU Q 451 46.45 -33.49 -32.51
N ALA Q 452 47.51 -32.80 -32.94
CA ALA Q 452 48.61 -32.48 -32.05
C ALA Q 452 49.46 -31.41 -32.72
N VAL Q 453 50.22 -30.68 -31.91
CA VAL Q 453 51.25 -29.78 -32.40
C VAL Q 453 52.52 -30.59 -32.59
N ILE Q 454 53.08 -30.53 -33.79
CA ILE Q 454 54.27 -31.31 -34.12
C ILE Q 454 55.53 -30.48 -34.15
N GLY Q 455 55.45 -29.20 -34.53
CA GLY Q 455 56.64 -28.38 -34.63
C GLY Q 455 56.33 -26.91 -34.47
N PHE Q 456 57.39 -26.12 -34.50
CA PHE Q 456 57.32 -24.69 -34.29
C PHE Q 456 58.54 -24.05 -34.95
N GLU Q 457 58.45 -22.74 -35.15
CA GLU Q 457 59.59 -21.95 -35.59
C GLU Q 457 59.65 -20.70 -34.73
N LEU Q 458 60.86 -20.18 -34.50
CA LEU Q 458 61.02 -18.98 -33.71
C LEU Q 458 61.50 -17.81 -34.55
N ASP Q 459 61.32 -16.62 -33.99
CA ASP Q 459 61.95 -15.40 -34.48
C ASP Q 459 63.17 -15.03 -33.66
N THR Q 460 63.80 -15.99 -33.01
CA THR Q 460 64.98 -15.75 -32.19
C THR Q 460 66.12 -15.21 -33.06
N ARG Q 461 66.84 -14.21 -32.53
CA ARG Q 461 67.96 -13.60 -33.21
C ARG Q 461 69.10 -13.37 -32.24
N PHE Q 462 70.29 -13.26 -32.78
CA PHE Q 462 71.47 -12.99 -31.97
C PHE Q 462 71.60 -11.50 -31.69
N THR Q 463 72.39 -11.18 -30.69
CA THR Q 463 72.85 -9.82 -30.44
C THR Q 463 74.29 -9.72 -30.88
N ASN Q 464 74.62 -8.67 -31.62
CA ASN Q 464 75.97 -8.50 -32.14
C ASN Q 464 76.87 -7.77 -31.15
N THR Q 465 76.99 -8.35 -29.96
CA THR Q 465 77.91 -7.77 -28.99
C THR Q 465 79.35 -8.18 -29.27
N ASN Q 466 79.54 -9.28 -29.99
CA ASN Q 466 80.86 -9.70 -30.43
C ASN Q 466 81.13 -9.37 -31.88
N ARG Q 467 80.26 -8.61 -32.54
CA ARG Q 467 80.47 -8.17 -33.91
C ARG Q 467 80.73 -9.35 -34.85
N ARG Q 468 79.99 -10.44 -34.64
CA ARG Q 468 80.13 -11.60 -35.52
C ARG Q 468 79.67 -11.29 -36.93
N GLN Q 469 78.61 -10.49 -37.08
CA GLN Q 469 78.04 -10.17 -38.37
C GLN Q 469 78.55 -8.82 -38.85
N ARG Q 470 78.88 -8.73 -40.15
CA ARG Q 470 79.33 -7.47 -40.73
C ARG Q 470 78.23 -6.71 -41.46
N GLY Q 471 77.22 -7.40 -41.97
CA GLY Q 471 76.18 -6.72 -42.72
C GLY Q 471 76.69 -6.25 -44.06
N HIS Q 472 76.02 -5.23 -44.60
CA HIS Q 472 76.44 -4.65 -45.87
C HIS Q 472 77.63 -3.71 -45.67
N LEU Q 473 78.38 -3.51 -46.74
CA LEU Q 473 79.59 -2.70 -46.72
C LEU Q 473 79.37 -1.45 -47.56
N LEU Q 474 79.75 -0.30 -47.04
CA LEU Q 474 79.72 0.94 -47.79
C LEU Q 474 81.14 1.29 -48.23
N GLN Q 475 81.32 1.57 -49.51
CA GLN Q 475 82.61 1.99 -50.02
C GLN Q 475 82.41 3.15 -50.98
N THR Q 476 83.42 4.00 -51.10
CA THR Q 476 83.36 5.13 -52.01
C THR Q 476 83.76 4.69 -53.41
N ARG Q 477 83.05 5.24 -54.40
CA ARG Q 477 83.35 5.01 -55.81
C ARG Q 477 83.32 6.35 -56.54
N ALA Q 478 84.00 6.40 -57.68
CA ALA Q 478 83.93 7.56 -58.54
C ALA Q 478 83.98 7.12 -60.00
N LEU Q 479 83.24 7.83 -60.85
CA LEU Q 479 83.24 7.59 -62.29
C LEU Q 479 83.59 8.88 -63.01
N GLN Q 480 84.25 8.75 -64.15
CA GLN Q 480 84.63 9.91 -64.95
C GLN Q 480 84.03 9.81 -66.34
N PHE Q 481 83.42 10.89 -66.80
CA PHE Q 481 82.94 11.05 -68.16
C PHE Q 481 83.78 12.10 -68.86
N ARG Q 482 84.02 11.91 -70.15
CA ARG Q 482 84.84 12.83 -70.93
C ARG Q 482 84.03 13.35 -72.12
N HIS Q 483 84.06 14.67 -72.33
CA HIS Q 483 83.33 15.30 -73.42
C HIS Q 483 84.27 16.24 -74.16
N PRO Q 484 85.11 15.73 -75.08
CA PRO Q 484 85.95 16.62 -75.86
C PRO Q 484 85.16 17.36 -76.94
N ILE Q 485 85.45 18.65 -77.12
CA ILE Q 485 84.69 19.51 -78.03
C ILE Q 485 85.33 19.42 -79.41
N PRO Q 486 84.59 19.02 -80.44
CA PRO Q 486 85.14 18.99 -81.80
C PRO Q 486 85.04 20.33 -82.51
N MET Q 487 85.87 20.47 -83.55
CA MET Q 487 85.74 21.55 -84.52
C MET Q 487 84.58 21.27 -85.47
N HIS Q 488 84.02 22.34 -86.02
CA HIS Q 488 82.95 22.24 -87.01
C HIS Q 488 83.34 22.99 -88.27
N ALA Q 489 82.74 22.57 -89.39
CA ALA Q 489 83.10 23.12 -90.68
C ALA Q 489 82.82 24.62 -90.73
N PRO Q 490 83.68 25.39 -91.39
CA PRO Q 490 83.47 26.83 -91.47
C PRO Q 490 82.41 27.23 -92.48
N VAL Q 491 81.92 28.46 -92.39
CA VAL Q 491 81.16 29.08 -93.46
C VAL Q 491 81.94 30.31 -93.93
N THR Q 492 82.03 30.49 -95.24
CA THR Q 492 82.93 31.48 -95.81
C THR Q 492 82.12 32.50 -96.60
N LEU Q 493 82.58 33.75 -96.55
CA LEU Q 493 82.04 34.84 -97.36
C LEU Q 493 83.14 35.28 -98.31
N PRO Q 494 83.21 34.69 -99.50
CA PRO Q 494 84.29 35.05 -100.43
C PRO Q 494 84.02 36.40 -101.08
N MET Q 495 85.08 37.14 -101.37
CA MET Q 495 84.97 38.35 -102.14
C MET Q 495 86.30 38.68 -102.78
N ASP Q 496 86.28 39.66 -103.68
CA ASP Q 496 87.49 40.10 -104.35
C ASP Q 496 88.37 40.91 -103.40
N THR Q 497 89.63 41.05 -103.79
CA THR Q 497 90.61 41.80 -103.01
C THR Q 497 90.82 43.21 -103.54
N MET Q 498 89.99 43.64 -104.50
CA MET Q 498 90.14 44.94 -105.12
C MET Q 498 89.18 45.98 -104.57
N THR Q 499 88.35 45.62 -103.60
CA THR Q 499 87.36 46.52 -103.04
C THR Q 499 87.73 46.93 -101.62
N ASP Q 500 87.73 48.23 -101.36
CA ASP Q 500 88.15 48.72 -100.05
C ASP Q 500 87.06 48.52 -99.01
N GLU Q 501 85.81 48.47 -99.44
CA GLU Q 501 84.70 48.30 -98.51
C GLU Q 501 84.54 46.84 -98.13
N GLY Q 502 84.50 46.58 -96.83
CA GLY Q 502 84.12 45.28 -96.31
C GLY Q 502 82.73 45.34 -95.74
N PRO Q 503 81.75 44.78 -96.46
CA PRO Q 503 80.33 44.93 -96.08
C PRO Q 503 80.00 44.48 -94.67
N GLY Q 504 79.59 45.43 -93.83
CA GLY Q 504 79.38 45.13 -92.43
C GLY Q 504 78.05 44.48 -92.15
N GLU Q 505 77.12 44.48 -93.10
CA GLU Q 505 75.86 43.80 -92.93
C GLU Q 505 75.75 42.48 -93.67
N VAL Q 506 76.77 42.08 -94.41
CA VAL Q 506 76.78 40.76 -95.05
C VAL Q 506 77.69 39.83 -94.26
N VAL Q 507 78.79 40.38 -93.75
CA VAL Q 507 79.68 39.57 -92.93
C VAL Q 507 78.95 39.06 -91.70
N LYS Q 508 77.94 39.81 -91.24
CA LYS Q 508 77.14 39.36 -90.12
C LYS Q 508 76.39 38.07 -90.45
N ALA Q 509 76.20 37.79 -91.73
CA ALA Q 509 75.52 36.56 -92.11
C ALA Q 509 76.34 35.34 -91.73
N LEU Q 510 77.67 35.52 -91.61
CA LEU Q 510 78.50 34.40 -91.19
C LEU Q 510 78.15 33.95 -89.77
N THR Q 511 77.87 34.92 -88.89
CA THR Q 511 77.41 34.58 -87.54
C THR Q 511 76.01 33.98 -87.55
N VAL Q 512 75.10 34.54 -88.34
CA VAL Q 512 73.75 33.99 -88.38
C VAL Q 512 73.78 32.55 -88.88
N ASN Q 513 74.56 32.29 -89.91
CA ASN Q 513 74.73 30.92 -90.39
C ASN Q 513 75.17 30.01 -89.25
N THR Q 514 76.20 30.41 -88.51
CA THR Q 514 76.67 29.58 -87.40
C THR Q 514 75.59 29.40 -86.33
N ASN Q 515 74.90 30.49 -85.97
CA ASN Q 515 73.90 30.43 -84.92
C ASN Q 515 72.76 29.48 -85.26
N ILE Q 516 72.32 29.50 -86.52
CA ILE Q 516 71.24 28.59 -86.93
C ILE Q 516 71.73 27.16 -86.86
N ARG Q 517 72.96 26.91 -87.31
CA ARG Q 517 73.50 25.57 -87.24
C ARG Q 517 73.57 25.08 -85.80
N ASN Q 518 73.90 25.98 -84.87
CA ASN Q 518 73.92 25.60 -83.46
C ASN Q 518 72.57 25.05 -83.01
N SER Q 519 71.48 25.73 -83.39
CA SER Q 519 70.16 25.23 -83.04
C SER Q 519 69.88 23.88 -83.69
N ASN Q 520 70.25 23.74 -84.97
CA ASN Q 520 70.02 22.48 -85.66
C ASN Q 520 70.78 21.35 -84.99
N ASN Q 521 71.99 21.62 -84.52
CA ASN Q 521 72.75 20.60 -83.79
C ASN Q 521 72.06 20.21 -82.51
N ALA Q 522 71.47 21.18 -81.81
CA ALA Q 522 70.73 20.85 -80.61
C ALA Q 522 69.56 19.92 -80.92
N VAL Q 523 68.88 20.16 -82.04
CA VAL Q 523 67.75 19.29 -82.40
C VAL Q 523 68.24 17.90 -82.80
N LYS Q 524 69.30 17.84 -83.60
CA LYS Q 524 69.79 16.52 -84.01
C LYS Q 524 70.35 15.75 -82.82
N ARG Q 525 70.97 16.45 -81.87
CA ARG Q 525 71.46 15.78 -80.68
C ARG Q 525 70.33 15.27 -79.82
N MET Q 526 69.29 16.07 -79.66
CA MET Q 526 68.12 15.60 -78.92
C MET Q 526 67.53 14.35 -79.57
N LEU Q 527 67.30 14.41 -80.88
CA LEU Q 527 66.66 13.27 -81.55
C LEU Q 527 67.57 12.04 -81.57
N ASN Q 528 68.87 12.24 -81.79
CA ASN Q 528 69.80 11.11 -81.82
C ASN Q 528 69.95 10.48 -80.44
N TYR Q 529 69.93 11.32 -79.41
CA TYR Q 529 69.98 10.79 -78.05
C TYR Q 529 68.74 9.98 -77.73
N LEU Q 530 67.57 10.47 -78.11
CA LEU Q 530 66.35 9.68 -77.88
C LEU Q 530 66.40 8.35 -78.60
N ALA Q 531 66.96 8.32 -79.81
CA ALA Q 531 67.08 7.05 -80.52
C ALA Q 531 67.95 6.07 -79.74
N GLN Q 532 69.09 6.54 -79.23
CA GLN Q 532 69.94 5.68 -78.42
C GLN Q 532 69.23 5.26 -77.13
N LEU Q 533 68.51 6.19 -76.51
CA LEU Q 533 67.77 5.88 -75.30
C LEU Q 533 66.70 4.83 -75.55
N ARG Q 534 66.02 4.92 -76.71
CA ARG Q 534 65.05 3.89 -77.06
C ARG Q 534 65.65 2.51 -76.91
N GLU Q 535 66.82 2.31 -77.53
CA GLU Q 535 67.43 0.99 -77.54
C GLU Q 535 67.84 0.58 -76.13
N VAL Q 536 68.37 1.51 -75.34
CA VAL Q 536 68.84 1.17 -74.01
C VAL Q 536 67.69 0.74 -73.10
N VAL Q 537 66.60 1.52 -73.07
CA VAL Q 537 65.47 1.18 -72.24
C VAL Q 537 64.63 0.04 -72.83
N HIS Q 538 64.51 -0.03 -74.15
CA HIS Q 538 63.87 -1.21 -74.76
C HIS Q 538 64.60 -2.48 -74.35
N ASN Q 539 65.92 -2.44 -74.30
CA ASN Q 539 66.69 -3.60 -73.90
C ASN Q 539 66.76 -3.68 -72.38
N GLY Q 540 67.42 -4.72 -71.89
CA GLY Q 540 67.45 -4.97 -70.46
C GLY Q 540 68.38 -4.06 -69.69
N TYR Q 541 68.11 -2.76 -69.66
CA TYR Q 541 68.90 -1.79 -68.91
C TYR Q 541 67.94 -0.93 -68.09
N ASN Q 542 67.44 -1.48 -66.98
CA ASN Q 542 66.55 -0.75 -66.09
C ASN Q 542 67.22 -0.38 -64.78
N ARG Q 543 68.55 -0.46 -64.70
CA ARG Q 543 69.26 -0.07 -63.51
C ARG Q 543 70.47 0.77 -63.89
N PRO Q 544 70.95 1.64 -63.00
CA PRO Q 544 72.12 2.46 -63.34
C PRO Q 544 73.34 1.60 -63.61
N LYS Q 545 73.98 1.83 -64.75
CA LYS Q 545 75.22 1.16 -65.11
C LYS Q 545 76.07 2.16 -65.89
N PHE Q 546 77.38 2.17 -65.59
CA PHE Q 546 78.28 3.02 -66.34
C PHE Q 546 78.48 2.48 -67.75
N GLY Q 547 78.49 3.38 -68.73
CA GLY Q 547 78.87 3.04 -70.08
C GLY Q 547 77.76 2.64 -71.02
N ILE Q 548 76.52 2.52 -70.53
CA ILE Q 548 75.44 2.06 -71.40
C ILE Q 548 74.91 3.18 -72.27
N ILE Q 549 74.96 4.42 -71.76
CA ILE Q 549 74.40 5.56 -72.46
C ILE Q 549 75.17 6.81 -72.02
N GLU Q 550 75.20 7.79 -72.91
CA GLU Q 550 75.74 9.10 -72.54
C GLU Q 550 74.90 9.73 -71.45
N GLY Q 551 75.58 10.34 -70.49
CA GLY Q 551 74.87 11.05 -69.43
C GLY Q 551 75.48 10.79 -68.07
N ALA Q 552 75.93 11.86 -67.41
CA ALA Q 552 76.60 11.70 -66.14
C ALA Q 552 75.68 11.09 -65.09
N LEU Q 553 74.38 11.29 -65.22
CA LEU Q 553 73.45 10.76 -64.23
C LEU Q 553 72.96 9.36 -64.57
N SER Q 554 73.40 8.78 -65.70
CA SER Q 554 72.99 7.42 -66.02
C SER Q 554 73.51 6.43 -64.99
N ALA Q 555 74.56 6.79 -64.24
CA ALA Q 555 75.03 5.95 -63.16
C ALA Q 555 74.30 6.20 -61.85
N VAL Q 556 73.33 7.10 -61.83
CA VAL Q 556 72.61 7.46 -60.61
C VAL Q 556 71.15 7.02 -60.67
N MET Q 557 70.45 7.40 -61.73
CA MET Q 557 69.03 7.13 -61.88
C MET Q 557 68.80 6.05 -62.94
N ARG Q 558 67.72 5.31 -62.76
CA ARG Q 558 67.37 4.27 -63.70
C ARG Q 558 67.00 4.88 -65.05
N PRO Q 559 67.59 4.41 -66.15
CA PRO Q 559 67.18 4.90 -67.48
C PRO Q 559 65.71 4.61 -67.71
N THR Q 560 64.95 5.66 -67.99
CA THR Q 560 63.51 5.54 -68.17
C THR Q 560 63.10 6.22 -69.46
N TYR Q 561 62.33 5.50 -70.27
CA TYR Q 561 61.88 6.02 -71.55
C TYR Q 561 60.51 5.45 -71.87
N ARG Q 562 59.63 6.29 -72.41
CA ARG Q 562 58.34 5.82 -72.93
C ARG Q 562 58.10 6.38 -74.32
N TYR Q 563 57.52 5.54 -75.17
CA TYR Q 563 57.10 5.86 -76.53
C TYR Q 563 55.61 5.65 -76.68
N LYS Q 564 54.84 6.73 -76.55
CA LYS Q 564 53.42 6.66 -76.86
C LYS Q 564 53.19 7.08 -78.31
N GLU Q 565 52.29 6.38 -78.98
CA GLU Q 565 51.96 6.64 -80.38
C GLU Q 565 50.52 7.10 -80.44
N LEU Q 566 50.26 8.27 -79.87
CA LEU Q 566 48.92 8.85 -79.79
C LEU Q 566 48.35 9.12 -81.17
N ASP Q 567 47.29 8.38 -81.50
CA ASP Q 567 46.49 8.62 -82.69
C ASP Q 567 45.18 9.17 -82.17
N LEU Q 568 45.05 10.49 -82.19
CA LEU Q 568 44.13 11.19 -81.30
C LEU Q 568 42.70 10.67 -81.41
N GLU Q 569 42.26 10.28 -82.61
CA GLU Q 569 40.88 9.84 -82.76
C GLU Q 569 40.62 8.57 -81.96
N LYS Q 570 41.68 7.87 -81.56
CA LYS Q 570 41.56 6.61 -80.84
C LYS Q 570 41.76 6.76 -79.34
N VAL Q 571 42.12 7.94 -78.84
CA VAL Q 571 42.46 8.12 -77.44
C VAL Q 571 41.68 9.33 -76.92
N ILE Q 572 40.65 9.73 -77.66
CA ILE Q 572 39.85 10.90 -77.28
C ILE Q 572 38.40 10.45 -77.07
N ASP Q 573 37.75 11.03 -76.08
CA ASP Q 573 36.33 10.87 -75.90
C ASP Q 573 35.68 12.26 -75.99
N THR Q 574 34.78 12.41 -76.95
CA THR Q 574 34.13 13.70 -77.18
C THR Q 574 32.72 13.43 -77.67
N ILE Q 575 31.77 14.25 -77.27
CA ILE Q 575 30.38 14.03 -77.65
C ILE Q 575 29.78 15.21 -78.40
N LYS Q 576 30.27 16.42 -78.20
CA LYS Q 576 29.75 17.59 -78.87
C LYS Q 576 30.92 18.43 -79.38
N SER Q 577 30.68 19.18 -80.44
CA SER Q 577 31.73 19.96 -81.07
C SER Q 577 32.10 21.23 -80.31
N LYS Q 578 31.16 21.82 -79.56
CA LYS Q 578 31.49 23.04 -78.83
C LYS Q 578 32.57 22.80 -77.79
N ASP Q 579 32.78 21.56 -77.38
CA ASP Q 579 33.82 21.21 -76.42
C ASP Q 579 35.04 20.57 -77.09
N ARG Q 580 35.08 20.53 -78.43
CA ARG Q 580 36.11 19.76 -79.11
C ARG Q 580 37.49 20.33 -78.83
N TRP Q 581 37.61 21.65 -78.73
CA TRP Q 581 38.90 22.25 -78.43
C TRP Q 581 39.41 21.80 -77.08
N ASP Q 582 38.55 21.82 -76.06
CA ASP Q 582 38.99 21.39 -74.74
C ASP Q 582 39.20 19.89 -74.70
N ASP Q 583 38.38 19.13 -75.42
CA ASP Q 583 38.49 17.67 -75.39
C ASP Q 583 39.81 17.19 -75.98
N VAL Q 584 40.25 17.79 -77.09
CA VAL Q 584 41.53 17.37 -77.68
C VAL Q 584 42.70 17.89 -76.85
N CYS Q 585 42.59 19.10 -76.30
CA CYS Q 585 43.63 19.61 -75.45
C CYS Q 585 43.77 18.80 -74.17
N ALA Q 586 42.64 18.43 -73.55
CA ALA Q 586 42.70 17.57 -72.37
C ALA Q 586 43.23 16.20 -72.72
N ALA Q 587 42.84 15.65 -73.88
CA ALA Q 587 43.29 14.32 -74.24
C ALA Q 587 44.81 14.25 -74.33
N ILE Q 588 45.43 15.27 -74.94
CA ILE Q 588 46.88 15.26 -75.08
C ILE Q 588 47.56 15.40 -73.73
N LEU Q 589 47.10 16.35 -72.91
CA LEU Q 589 47.74 16.55 -71.60
C LEU Q 589 47.52 15.36 -70.69
N ASN Q 590 46.32 14.77 -70.72
CA ASN Q 590 46.03 13.62 -69.87
C ASN Q 590 46.86 12.42 -70.28
N CYS Q 591 47.11 12.25 -71.58
CA CYS Q 591 47.98 11.16 -72.00
C CYS Q 591 49.40 11.35 -71.47
N VAL Q 592 49.88 12.60 -71.44
CA VAL Q 592 51.22 12.85 -70.90
C VAL Q 592 51.27 12.48 -69.42
N LYS Q 593 50.25 12.90 -68.66
CA LYS Q 593 50.21 12.56 -67.24
C LYS Q 593 50.20 11.05 -67.04
N ALA Q 594 49.44 10.33 -67.87
CA ALA Q 594 49.37 8.89 -67.73
C ALA Q 594 50.75 8.25 -67.84
N GLU Q 595 51.57 8.74 -68.77
CA GLU Q 595 52.90 8.16 -68.93
C GLU Q 595 53.96 8.87 -68.09
N LEU Q 596 53.68 10.08 -67.62
CA LEU Q 596 54.65 10.83 -66.82
C LEU Q 596 54.60 10.50 -65.34
N PHE Q 597 53.41 10.26 -64.79
CA PHE Q 597 53.33 9.90 -63.37
C PHE Q 597 54.11 8.64 -63.05
N PRO Q 598 53.87 7.50 -63.72
CA PRO Q 598 54.67 6.31 -63.38
C PRO Q 598 56.12 6.41 -63.81
N ALA Q 599 56.42 7.21 -64.84
CA ALA Q 599 57.81 7.38 -65.25
C ALA Q 599 58.58 8.22 -64.24
N HIS Q 600 57.96 9.27 -63.72
CA HIS Q 600 58.55 10.01 -62.63
C HIS Q 600 58.71 9.12 -61.40
N ARG Q 601 57.69 8.31 -61.09
CA ARG Q 601 57.76 7.42 -59.94
C ARG Q 601 58.82 6.35 -60.13
N ASP Q 602 58.81 5.70 -61.29
CA ASP Q 602 59.71 4.56 -61.54
C ASP Q 602 61.15 5.03 -61.60
N SER Q 603 61.39 6.18 -62.21
CA SER Q 603 62.73 6.71 -62.29
C SER Q 603 63.14 7.32 -60.95
N ASN Q 604 64.43 7.62 -60.82
CA ASN Q 604 64.94 8.32 -59.66
C ASN Q 604 65.21 9.78 -59.94
N ILE Q 605 64.52 10.37 -60.91
CA ILE Q 605 64.81 11.74 -61.32
C ILE Q 605 64.72 12.65 -60.12
N GLU Q 606 63.77 12.38 -59.23
CA GLU Q 606 63.58 13.21 -58.04
C GLU Q 606 64.70 12.97 -57.03
N ALA Q 607 65.02 11.71 -56.76
CA ALA Q 607 66.09 11.39 -55.83
C ALA Q 607 67.44 11.86 -56.36
N ALA Q 608 67.68 11.74 -57.67
CA ALA Q 608 68.95 12.20 -58.23
C ALA Q 608 69.09 13.70 -58.09
N PHE Q 609 68.03 14.45 -58.37
CA PHE Q 609 68.10 15.89 -58.19
C PHE Q 609 68.38 16.25 -56.74
N ARG Q 610 67.76 15.52 -55.81
CA ARG Q 610 67.95 15.81 -54.40
C ARG Q 610 69.39 15.61 -53.97
N VAL Q 611 69.96 14.45 -54.30
CA VAL Q 611 71.29 14.12 -53.80
C VAL Q 611 72.37 14.93 -54.50
N ILE Q 612 72.13 15.36 -55.74
CA ILE Q 612 73.13 16.16 -56.44
C ILE Q 612 73.04 17.63 -56.06
N SER Q 613 71.85 18.19 -55.98
CA SER Q 613 71.75 19.59 -55.60
C SER Q 613 72.01 19.80 -54.11
N GLY Q 614 71.72 18.80 -53.29
CA GLY Q 614 71.86 18.93 -51.85
C GLY Q 614 70.67 19.58 -51.18
N ASN Q 615 69.65 19.95 -51.94
CA ASN Q 615 68.46 20.60 -51.42
C ASN Q 615 67.37 19.55 -51.25
N GLN Q 616 66.91 19.35 -50.01
CA GLN Q 616 65.90 18.33 -49.77
C GLN Q 616 64.59 18.64 -50.49
N ASP Q 617 64.23 19.90 -50.60
CA ASP Q 617 62.98 20.24 -51.29
C ASP Q 617 63.23 20.56 -52.76
N GLU Q 618 63.83 19.62 -53.49
CA GLU Q 618 64.23 19.83 -54.87
C GLU Q 618 63.52 18.83 -55.76
N THR Q 619 62.81 19.31 -56.76
CA THR Q 619 62.11 18.49 -57.73
C THR Q 619 62.41 18.98 -59.14
N PRO Q 620 62.36 18.10 -60.13
CA PRO Q 620 62.56 18.55 -61.51
C PRO Q 620 61.38 19.35 -62.01
N MET Q 621 61.65 20.24 -62.96
CA MET Q 621 60.62 20.87 -63.77
C MET Q 621 60.69 20.28 -65.16
N TYR Q 622 59.54 19.90 -65.70
CA TYR Q 622 59.48 19.22 -66.99
C TYR Q 622 59.21 20.22 -68.11
N LEU Q 623 59.89 20.02 -69.23
CA LEU Q 623 59.69 20.82 -70.43
C LEU Q 623 58.87 20.00 -71.43
N PHE Q 624 57.87 20.64 -72.02
CA PHE Q 624 57.10 20.04 -73.10
C PHE Q 624 57.67 20.55 -74.42
N CYS Q 625 58.48 19.72 -75.06
CA CYS Q 625 59.18 20.09 -76.28
C CYS Q 625 58.34 19.65 -77.46
N SER Q 626 57.85 20.61 -78.24
CA SER Q 626 56.86 20.31 -79.26
C SER Q 626 57.14 21.15 -80.49
N ASP Q 627 56.51 20.77 -81.61
CA ASP Q 627 56.53 21.64 -82.76
C ASP Q 627 55.41 22.67 -82.64
N LYS Q 628 55.27 23.49 -83.68
CA LYS Q 628 54.33 24.60 -83.58
C LYS Q 628 52.88 24.12 -83.57
N GLU Q 629 52.56 23.06 -84.29
CA GLU Q 629 51.21 22.50 -84.34
C GLU Q 629 50.72 21.99 -82.99
N ILE Q 630 51.55 21.19 -82.32
CA ILE Q 630 51.20 20.60 -81.05
C ILE Q 630 51.21 21.70 -80.01
N ALA Q 631 52.20 22.59 -80.10
CA ALA Q 631 52.38 23.61 -79.08
C ALA Q 631 51.12 24.44 -78.90
N ASN Q 632 50.39 24.71 -79.99
CA ASN Q 632 49.17 25.50 -79.87
C ASN Q 632 48.15 24.80 -79.00
N TYR Q 633 48.20 23.48 -78.95
CA TYR Q 633 47.27 22.71 -78.11
C TYR Q 633 47.67 22.70 -76.64
N LEU Q 634 48.97 22.71 -76.34
CA LEU Q 634 49.42 22.71 -74.95
C LEU Q 634 49.36 24.08 -74.30
N MET Q 635 49.63 25.16 -75.05
CA MET Q 635 49.63 26.52 -74.48
C MET Q 635 48.27 26.96 -74.02
N THR Q 636 47.24 26.19 -74.36
CA THR Q 636 45.88 26.46 -73.89
C THR Q 636 45.82 26.59 -72.38
N LYS Q 637 46.58 25.75 -71.65
CA LYS Q 637 46.61 25.79 -70.18
C LYS Q 637 47.84 26.48 -69.61
N GLY Q 638 48.34 27.52 -70.30
CA GLY Q 638 49.51 28.23 -69.82
C GLY Q 638 49.21 29.05 -68.59
N ASP Q 639 47.93 29.27 -68.29
CA ASP Q 639 47.55 30.09 -67.15
C ASP Q 639 48.09 29.52 -65.87
N ASP Q 640 48.09 28.19 -65.73
CA ASP Q 640 48.61 27.52 -64.54
C ASP Q 640 49.22 26.20 -65.00
N ARG Q 641 50.54 26.18 -65.30
CA ARG Q 641 51.17 24.99 -65.84
C ARG Q 641 51.62 24.07 -64.70
N THR Q 642 50.63 23.48 -64.04
CA THR Q 642 50.86 22.58 -62.93
C THR Q 642 50.22 21.22 -63.21
N LEU Q 643 50.93 20.17 -62.82
CA LEU Q 643 50.45 18.81 -63.05
C LEU Q 643 49.77 18.30 -61.80
N GLY Q 644 49.79 16.97 -61.61
CA GLY Q 644 49.03 16.32 -60.56
C GLY Q 644 49.11 16.86 -59.15
N ALA Q 645 50.32 16.88 -58.56
CA ALA Q 645 50.44 17.30 -57.17
C ALA Q 645 51.39 18.48 -57.09
N TYR Q 646 52.67 18.32 -57.40
CA TYR Q 646 53.65 19.37 -57.15
C TYR Q 646 54.59 19.58 -58.32
N LEU Q 647 54.42 18.85 -59.41
CA LEU Q 647 55.32 18.96 -60.56
C LEU Q 647 54.78 20.06 -61.47
N LYS Q 648 55.65 20.99 -61.84
CA LYS Q 648 55.31 22.03 -62.80
C LYS Q 648 56.00 21.75 -64.13
N TYR Q 649 55.48 22.35 -65.20
CA TYR Q 649 56.03 22.15 -66.53
C TYR Q 649 56.06 23.47 -67.28
N ASP Q 650 56.89 23.53 -68.32
CA ASP Q 650 56.92 24.66 -69.23
C ASP Q 650 56.88 24.14 -70.66
N ILE Q 651 56.51 25.04 -71.58
CA ILE Q 651 56.27 24.69 -72.96
C ILE Q 651 57.29 25.42 -73.82
N VAL Q 652 58.02 24.67 -74.64
CA VAL Q 652 58.98 25.24 -75.58
C VAL Q 652 58.69 24.62 -76.94
N SER Q 653 58.70 25.47 -77.97
CA SER Q 653 58.27 25.06 -79.31
C SER Q 653 59.39 25.34 -80.29
N THR Q 654 59.45 24.53 -81.35
CA THR Q 654 60.35 24.77 -82.46
C THR Q 654 59.61 24.57 -83.76
N ASN Q 655 60.17 25.12 -84.83
CA ASN Q 655 59.69 24.86 -86.18
C ASN Q 655 60.72 24.11 -87.01
N ASN Q 656 61.71 23.50 -86.38
CA ASN Q 656 62.65 22.66 -87.13
C ASN Q 656 61.96 21.39 -87.61
N GLN Q 657 61.92 21.21 -88.93
CA GLN Q 657 61.16 20.11 -89.49
C GLN Q 657 61.60 18.76 -88.95
N LEU Q 658 62.83 18.67 -88.43
CA LEU Q 658 63.30 17.40 -87.89
C LEU Q 658 62.49 16.98 -86.69
N PHE Q 659 61.79 17.93 -86.05
CA PHE Q 659 61.07 17.66 -84.82
C PHE Q 659 59.55 17.69 -85.05
N ASP Q 660 59.10 17.73 -86.29
CA ASP Q 660 57.67 17.85 -86.55
C ASP Q 660 56.91 16.63 -86.05
N GLY Q 661 55.73 16.88 -85.48
CA GLY Q 661 54.85 15.82 -85.05
C GLY Q 661 55.27 15.12 -83.78
N LYS Q 662 56.14 15.72 -82.97
CA LYS Q 662 56.67 15.09 -81.77
C LYS Q 662 56.36 15.96 -80.56
N LEU Q 663 56.07 15.32 -79.44
CA LEU Q 663 56.06 15.95 -78.13
C LEU Q 663 56.98 15.12 -77.23
N VAL Q 664 58.03 15.74 -76.73
CA VAL Q 664 59.01 15.07 -75.88
C VAL Q 664 59.03 15.79 -74.54
N VAL Q 665 58.90 15.03 -73.46
CA VAL Q 665 58.88 15.58 -72.11
C VAL Q 665 60.19 15.23 -71.43
N ILE Q 666 60.91 16.24 -70.98
CA ILE Q 666 62.20 16.04 -70.34
C ILE Q 666 62.27 16.87 -69.06
N PRO Q 667 62.91 16.36 -68.01
CA PRO Q 667 63.10 17.18 -66.80
C PRO Q 667 64.29 18.12 -66.93
N THR Q 668 64.20 19.22 -66.20
CA THR Q 668 65.35 20.09 -65.99
C THR Q 668 65.21 20.72 -64.61
N ARG Q 669 66.30 21.28 -64.09
CA ARG Q 669 66.23 21.97 -62.82
C ARG Q 669 65.35 23.20 -62.93
N ALA Q 670 64.47 23.38 -61.95
CA ALA Q 670 63.54 24.49 -62.00
C ALA Q 670 64.27 25.82 -62.11
N VAL Q 671 65.40 25.95 -61.43
CA VAL Q 671 66.28 27.11 -61.54
C VAL Q 671 67.58 26.67 -62.18
N GLN Q 672 67.93 27.33 -63.28
CA GLN Q 672 69.11 26.96 -64.05
C GLN Q 672 70.34 27.71 -63.53
N GLN Q 673 71.47 27.03 -63.49
CA GLN Q 673 72.73 27.63 -63.07
C GLN Q 673 73.80 27.28 -64.10
N GLU Q 674 74.83 28.13 -64.17
CA GLU Q 674 75.91 27.86 -65.12
C GLU Q 674 76.59 26.53 -64.82
N ASN Q 675 76.81 25.75 -65.88
CA ASN Q 675 77.47 24.45 -65.80
C ASN Q 675 76.83 23.56 -64.75
N ASP Q 676 75.50 23.54 -64.77
CA ASP Q 676 74.72 22.75 -63.82
C ASP Q 676 74.46 21.38 -64.43
N ILE Q 677 75.01 20.34 -63.79
CA ILE Q 677 74.86 18.99 -64.30
C ILE Q 677 73.42 18.53 -64.38
N LEU Q 678 72.52 19.17 -63.61
CA LEU Q 678 71.13 18.74 -63.59
C LEU Q 678 70.33 19.25 -64.78
N SER Q 679 70.95 20.06 -65.64
CA SER Q 679 70.32 20.41 -66.90
C SER Q 679 70.27 19.20 -67.82
N TRP Q 680 69.12 19.03 -68.49
CA TRP Q 680 68.91 17.82 -69.29
C TRP Q 680 70.05 17.60 -70.27
N GLY Q 681 70.44 18.65 -70.99
CA GLY Q 681 71.69 18.65 -71.70
C GLY Q 681 72.42 19.96 -71.45
N GLN Q 682 73.57 20.10 -72.08
CA GLN Q 682 74.36 21.31 -71.98
C GLN Q 682 74.86 21.66 -73.37
N PHE Q 683 75.02 22.96 -73.62
CA PHE Q 683 75.68 23.45 -74.83
C PHE Q 683 77.00 24.08 -74.43
N PHE Q 684 78.10 23.47 -74.82
CA PHE Q 684 79.42 24.02 -74.51
C PHE Q 684 79.85 24.91 -75.66
N TYR Q 685 79.93 26.21 -75.42
CA TYR Q 685 80.19 27.19 -76.45
C TYR Q 685 81.55 27.82 -76.24
N VAL Q 686 82.31 27.94 -77.31
CA VAL Q 686 83.57 28.69 -77.32
C VAL Q 686 83.43 29.77 -78.38
N SER Q 687 83.93 30.96 -78.07
CA SER Q 687 83.77 32.10 -78.98
C SER Q 687 84.14 31.72 -80.42
N THR Q 688 83.28 32.09 -81.35
CA THR Q 688 83.50 31.76 -82.74
C THR Q 688 84.61 32.62 -83.34
N VAL Q 689 85.50 31.98 -84.08
CA VAL Q 689 86.67 32.63 -84.65
C VAL Q 689 86.30 33.15 -86.04
N ILE Q 690 86.65 34.40 -86.31
CA ILE Q 690 86.44 34.99 -87.63
C ILE Q 690 87.79 35.22 -88.30
N ALA Q 691 88.08 34.44 -89.34
CA ALA Q 691 89.36 34.58 -90.03
C ALA Q 691 89.19 35.39 -91.31
N ASP Q 692 90.12 36.31 -91.53
CA ASP Q 692 90.07 37.24 -92.66
C ASP Q 692 91.45 37.37 -93.33
N LEU Q 693 91.66 36.58 -94.38
CA LEU Q 693 92.94 36.47 -95.03
C LEU Q 693 92.73 36.26 -96.52
N PRO Q 694 93.43 37.02 -97.37
CA PRO Q 694 93.46 36.68 -98.80
C PRO Q 694 94.24 35.42 -99.06
N ILE Q 695 93.62 34.47 -99.77
CA ILE Q 695 94.19 33.15 -100.01
C ILE Q 695 94.21 32.91 -101.52
N THR Q 696 95.38 32.52 -102.03
CA THR Q 696 95.50 32.21 -103.44
C THR Q 696 95.01 30.79 -103.71
N ARG Q 697 93.70 30.57 -103.55
CA ARG Q 697 93.18 29.21 -103.63
C ARG Q 697 93.16 28.73 -105.08
N GLY Q 698 93.76 27.58 -105.31
CA GLY Q 698 93.91 27.01 -106.63
C GLY Q 698 95.20 27.39 -107.30
N GLY Q 699 95.96 28.31 -106.73
CA GLY Q 699 97.23 28.70 -107.29
C GLY Q 699 97.15 29.68 -108.43
N HIS Q 700 95.94 30.02 -108.88
CA HIS Q 700 95.80 30.90 -110.03
C HIS Q 700 94.77 31.99 -109.84
N GLN Q 701 94.31 32.25 -108.62
CA GLN Q 701 93.38 33.34 -108.37
C GLN Q 701 93.51 33.76 -106.92
N VAL Q 702 93.35 35.05 -106.64
CA VAL Q 702 93.46 35.56 -105.27
C VAL Q 702 92.10 36.02 -104.77
N THR Q 703 91.57 35.34 -103.76
CA THR Q 703 90.25 35.65 -103.24
C THR Q 703 90.33 36.01 -101.77
N ARG Q 704 89.58 37.03 -101.36
CA ARG Q 704 89.45 37.34 -99.94
C ARG Q 704 88.41 36.42 -99.32
N GLU Q 705 88.83 35.66 -98.31
CA GLU Q 705 87.97 34.66 -97.67
C GLU Q 705 87.78 34.99 -96.20
N ILE Q 706 86.62 35.46 -95.84
CA ILE Q 706 86.26 35.70 -94.45
C ILE Q 706 85.36 34.57 -93.99
N ALA Q 707 85.77 33.85 -92.95
CA ALA Q 707 85.06 32.64 -92.57
C ALA Q 707 84.92 32.57 -91.06
N ALA Q 708 83.81 31.98 -90.62
CA ALA Q 708 83.49 31.78 -89.21
C ALA Q 708 83.69 30.32 -88.87
N ILE Q 709 84.48 30.04 -87.84
CA ILE Q 709 84.81 28.67 -87.46
C ILE Q 709 84.14 28.36 -86.13
N PRO Q 710 83.08 27.57 -86.14
CA PRO Q 710 82.41 27.20 -84.88
C PRO Q 710 83.27 26.24 -84.07
N PHE Q 711 83.03 26.26 -82.75
CA PHE Q 711 83.72 25.35 -81.85
C PHE Q 711 82.79 25.18 -80.65
N ASN Q 712 82.05 24.07 -80.62
CA ASN Q 712 81.04 23.84 -79.59
C ASN Q 712 80.71 22.37 -79.53
N LEU Q 713 79.95 21.99 -78.48
CA LEU Q 713 79.53 20.61 -78.29
C LEU Q 713 78.24 20.58 -77.49
N HIS Q 714 77.30 19.74 -77.93
CA HIS Q 714 76.09 19.40 -77.19
C HIS Q 714 76.30 18.07 -76.48
N VAL Q 715 75.92 18.00 -75.22
CA VAL Q 715 75.98 16.77 -74.44
C VAL Q 715 74.65 16.59 -73.73
N ASN Q 716 74.32 15.34 -73.43
CA ASN Q 716 73.14 15.00 -72.64
C ASN Q 716 73.60 14.51 -71.28
N ASN Q 717 72.88 14.91 -70.23
CA ASN Q 717 73.16 14.47 -68.87
C ASN Q 717 72.14 13.48 -68.35
N ILE Q 718 70.86 13.75 -68.56
CA ILE Q 718 69.79 13.00 -67.92
C ILE Q 718 69.20 12.04 -68.94
N PRO Q 719 69.19 10.72 -68.67
CA PRO Q 719 68.67 9.78 -69.67
C PRO Q 719 67.16 9.68 -69.68
N PHE Q 720 66.45 10.51 -68.92
CA PHE Q 720 65.00 10.42 -68.88
C PHE Q 720 64.40 11.16 -70.06
N ALA Q 721 63.43 10.54 -70.73
CA ALA Q 721 62.64 11.21 -71.74
C ALA Q 721 61.36 10.42 -71.99
N LEU Q 722 60.28 11.15 -72.28
CA LEU Q 722 59.04 10.57 -72.78
C LEU Q 722 58.77 11.13 -74.17
N GLU Q 723 58.67 10.26 -75.16
CA GLU Q 723 58.46 10.69 -76.54
C GLU Q 723 57.04 10.33 -76.97
N PHE Q 724 56.31 11.33 -77.44
CA PHE Q 724 54.95 11.15 -77.93
C PHE Q 724 54.91 11.46 -79.41
N LYS Q 725 54.45 10.51 -80.21
CA LYS Q 725 54.17 10.73 -81.63
C LYS Q 725 52.69 11.00 -81.76
N ILE Q 726 52.32 12.25 -82.02
CA ILE Q 726 50.95 12.69 -81.95
C ILE Q 726 50.46 12.99 -83.37
N THR Q 727 49.47 12.23 -83.83
CA THR Q 727 48.92 12.41 -85.17
C THR Q 727 47.41 12.41 -85.10
N GLY Q 728 46.78 12.71 -86.23
CA GLY Q 728 45.35 12.66 -86.33
C GLY Q 728 44.63 13.94 -85.99
N PHE Q 729 45.34 15.06 -85.89
CA PHE Q 729 44.68 16.31 -85.52
C PHE Q 729 43.55 16.63 -86.48
N GLN Q 730 43.76 16.38 -87.78
CA GLN Q 730 42.74 16.74 -88.76
C GLN Q 730 41.61 15.72 -88.81
N LYS Q 731 41.77 14.58 -88.13
CA LYS Q 731 40.70 13.60 -88.06
C LYS Q 731 39.77 13.88 -86.88
N VAL Q 732 40.35 14.34 -85.76
CA VAL Q 732 39.53 14.64 -84.59
C VAL Q 732 38.76 15.93 -84.79
N MET Q 733 39.42 16.97 -85.28
CA MET Q 733 38.82 18.28 -85.44
C MET Q 733 38.34 18.53 -86.86
N GLY Q 734 38.28 17.49 -87.69
CA GLY Q 734 37.82 17.65 -89.05
C GLY Q 734 36.77 16.63 -89.47
N GLU Q 735 36.31 15.82 -88.53
CA GLU Q 735 35.32 14.79 -88.81
C GLU Q 735 34.47 14.58 -87.57
N THR Q 736 33.30 13.96 -87.77
CA THR Q 736 32.48 13.53 -86.65
C THR Q 736 33.17 12.45 -85.87
N GLN Q 737 33.14 12.55 -84.55
CA GLN Q 737 33.67 11.53 -83.66
C GLN Q 737 32.62 10.77 -82.89
N PHE Q 738 31.41 11.30 -82.76
CA PHE Q 738 30.40 10.69 -81.91
C PHE Q 738 29.16 10.29 -82.70
N ASN Q 739 28.49 11.23 -83.37
CA ASN Q 739 27.25 10.91 -84.06
C ASN Q 739 27.50 10.02 -85.27
N GLY Q 740 28.66 10.16 -85.90
CA GLY Q 740 28.98 9.29 -87.01
C GLY Q 740 29.04 7.83 -86.61
N LYS Q 741 29.57 7.56 -85.41
CA LYS Q 741 29.64 6.18 -84.94
C LYS Q 741 28.24 5.62 -84.71
N LEU Q 742 27.35 6.42 -84.13
CA LEU Q 742 25.98 5.98 -83.93
C LEU Q 742 25.29 5.67 -85.25
N ALA Q 743 25.58 6.45 -86.29
CA ALA Q 743 25.05 6.16 -87.60
C ALA Q 743 25.53 4.81 -88.11
N ASP Q 744 26.79 4.46 -87.80
CA ASP Q 744 27.31 3.17 -88.25
C ASP Q 744 26.61 2.00 -87.58
N LEU Q 745 26.03 2.21 -86.39
CA LEU Q 745 25.27 1.16 -85.75
C LEU Q 745 23.93 0.91 -86.44
N LYS Q 746 23.53 1.77 -87.34
CA LYS Q 746 22.24 1.62 -88.00
C LYS Q 746 22.24 0.33 -88.81
N PRO Q 747 21.27 -0.57 -88.60
CA PRO Q 747 21.10 -1.85 -89.29
C PRO Q 747 21.23 -1.76 -90.81
N ASN R 164 104.45 21.55 -82.65
CA ASN R 164 103.47 21.05 -83.60
C ASN R 164 102.81 22.22 -84.32
N TYR R 165 102.30 21.97 -85.52
CA TYR R 165 101.57 23.01 -86.23
C TYR R 165 100.28 23.38 -85.49
N ASN R 166 99.56 22.39 -84.99
CA ASN R 166 98.32 22.63 -84.27
C ASN R 166 98.44 22.11 -82.85
N GLU R 167 98.31 23.01 -81.88
CA GLU R 167 98.40 22.66 -80.47
C GLU R 167 97.03 22.88 -79.86
N LYS R 168 96.23 21.81 -79.83
CA LYS R 168 94.92 21.86 -79.19
C LYS R 168 94.96 20.99 -77.94
N SER R 169 94.33 21.50 -76.89
CA SER R 169 94.40 20.88 -75.56
C SER R 169 93.60 19.58 -75.56
N GLN R 170 94.31 18.48 -75.34
CA GLN R 170 93.66 17.19 -75.26
C GLN R 170 93.62 16.65 -73.83
N ARG R 171 94.41 17.23 -72.93
CA ARG R 171 94.49 16.74 -71.56
C ARG R 171 93.87 17.72 -70.56
N ASP R 172 94.09 19.02 -70.74
CA ASP R 172 93.63 20.00 -69.77
C ASP R 172 92.20 20.41 -70.07
N PHE R 173 91.26 19.91 -69.26
CA PHE R 173 89.85 20.20 -69.46
C PHE R 173 89.32 20.83 -68.18
N ARG R 174 88.06 21.26 -68.22
CA ARG R 174 87.39 21.74 -67.02
C ARG R 174 86.72 20.58 -66.32
N VAL R 175 86.67 20.66 -64.98
CA VAL R 175 86.14 19.59 -64.14
C VAL R 175 84.86 20.11 -63.49
N VAL R 176 83.80 19.31 -63.56
CA VAL R 176 82.54 19.76 -63.00
C VAL R 176 82.45 19.48 -61.50
N THR R 177 82.89 18.29 -61.07
CA THR R 177 82.80 17.87 -59.67
C THR R 177 81.34 17.83 -59.20
N ILE R 178 80.65 16.76 -59.59
CA ILE R 178 79.22 16.61 -59.33
C ILE R 178 78.99 16.37 -57.85
N GLY R 179 78.03 17.09 -57.28
CA GLY R 179 77.73 16.92 -55.87
C GLY R 179 77.07 15.60 -55.58
N TYR R 180 77.21 15.15 -54.33
CA TYR R 180 76.62 13.87 -53.89
C TYR R 180 76.38 13.94 -52.40
N ASN R 181 75.22 14.45 -52.00
CA ASN R 181 74.91 14.71 -50.61
C ASN R 181 73.66 13.94 -50.21
N LEU R 182 73.86 12.84 -49.51
CA LEU R 182 72.74 11.98 -49.15
C LEU R 182 72.39 12.20 -47.69
N ALA R 183 71.10 12.05 -47.38
CA ALA R 183 70.60 12.27 -46.04
C ALA R 183 69.35 11.44 -45.85
N ALA R 184 69.02 11.19 -44.59
CA ALA R 184 67.73 10.59 -44.26
C ALA R 184 67.35 11.00 -42.84
N SER R 185 66.08 11.32 -42.66
CA SER R 185 65.54 11.63 -41.34
C SER R 185 65.42 10.36 -40.50
N ARG R 186 65.11 10.56 -39.21
CA ARG R 186 64.91 9.44 -38.30
C ARG R 186 64.16 8.31 -38.98
N GLN R 187 63.07 8.65 -39.66
CA GLN R 187 62.43 7.78 -40.64
C GLN R 187 61.61 8.66 -41.57
N ASP R 188 61.28 8.15 -42.75
CA ASP R 188 60.61 8.95 -43.77
C ASP R 188 59.32 9.56 -43.26
N GLU R 189 58.92 10.71 -43.82
CA GLU R 189 57.65 11.31 -43.43
C GLU R 189 56.50 10.32 -43.55
N PHE R 190 56.55 9.46 -44.57
CA PHE R 190 55.55 8.41 -44.70
C PHE R 190 55.54 7.50 -43.47
N ALA R 191 56.72 7.02 -43.08
CA ALA R 191 56.81 6.18 -41.90
C ALA R 191 56.48 6.94 -40.63
N GLU R 192 56.85 8.22 -40.57
CA GLU R 192 56.69 8.98 -39.33
C GLU R 192 55.22 9.24 -39.05
N ARG R 193 54.44 9.55 -40.08
CA ARG R 193 53.02 9.78 -39.88
C ARG R 193 52.30 8.49 -39.52
N ILE R 194 52.79 7.35 -40.03
CA ILE R 194 52.12 6.09 -39.69
C ILE R 194 52.62 5.55 -38.36
N TYR R 195 53.93 5.62 -38.13
CA TYR R 195 54.55 5.11 -36.91
C TYR R 195 55.29 6.24 -36.21
N PRO R 196 54.59 7.14 -35.50
CA PRO R 196 55.29 8.28 -34.90
C PRO R 196 56.41 7.80 -33.99
N THR R 197 57.53 8.51 -34.04
CA THR R 197 58.71 8.11 -33.29
C THR R 197 58.50 8.36 -31.81
N THR R 198 58.81 7.35 -31.00
CA THR R 198 58.87 7.51 -29.55
C THR R 198 60.25 7.07 -29.08
N VAL R 199 60.91 7.92 -28.31
CA VAL R 199 62.25 7.63 -27.85
C VAL R 199 62.18 6.77 -26.61
N ILE R 200 62.87 5.64 -26.63
CA ILE R 200 62.90 4.68 -25.53
C ILE R 200 64.33 4.61 -25.01
N ASN R 201 64.47 4.53 -23.70
CA ASN R 201 65.80 4.42 -23.12
C ASN R 201 66.38 3.04 -23.42
N PRO R 202 67.67 2.95 -23.73
CA PRO R 202 68.28 1.63 -23.97
C PRO R 202 68.18 0.70 -22.76
N ILE R 203 68.05 1.26 -21.56
CA ILE R 203 67.84 0.42 -20.38
C ILE R 203 66.42 -0.14 -20.36
N GLU R 204 65.44 0.67 -20.76
CA GLU R 204 64.06 0.19 -20.77
C GLU R 204 63.86 -0.91 -21.80
N GLY R 205 64.44 -0.75 -22.98
CA GLY R 205 64.49 -1.85 -23.93
C GLY R 205 63.15 -2.22 -24.54
N GLY R 206 62.13 -1.40 -24.31
CA GLY R 206 60.81 -1.72 -24.83
C GLY R 206 59.70 -1.08 -24.01
N VAL R 207 58.46 -1.38 -24.39
CA VAL R 207 57.31 -0.73 -23.79
C VAL R 207 56.26 -1.75 -23.38
N VAL R 208 55.59 -1.50 -22.26
CA VAL R 208 54.46 -2.30 -21.80
C VAL R 208 53.21 -1.45 -21.85
N GLN R 209 52.13 -1.99 -22.41
CA GLN R 209 50.89 -1.27 -22.60
C GLN R 209 49.85 -1.83 -21.64
N VAL R 210 49.37 -0.99 -20.74
CA VAL R 210 48.44 -1.40 -19.69
C VAL R 210 47.06 -0.85 -20.04
N LEU R 211 46.09 -1.74 -20.21
CA LEU R 211 44.75 -1.36 -20.67
C LEU R 211 43.72 -1.64 -19.60
N PRO R 212 43.45 -0.68 -18.71
CA PRO R 212 42.32 -0.82 -17.79
C PRO R 212 40.99 -0.59 -18.48
N TYR R 213 39.96 -1.31 -18.02
CA TYR R 213 38.63 -1.13 -18.56
C TYR R 213 37.62 -1.64 -17.53
N ILE R 214 36.36 -1.28 -17.74
CA ILE R 214 35.26 -1.79 -16.92
C ILE R 214 34.52 -2.83 -17.74
N ALA R 215 34.41 -4.03 -17.20
CA ALA R 215 33.77 -5.14 -17.89
C ALA R 215 32.39 -5.37 -17.29
N VAL R 216 31.41 -5.63 -18.14
CA VAL R 216 30.07 -6.00 -17.69
C VAL R 216 30.00 -7.52 -17.66
N MET R 217 29.89 -8.07 -16.45
CA MET R 217 29.86 -9.51 -16.25
C MET R 217 28.50 -9.94 -15.77
N LYS R 218 28.05 -11.09 -16.25
CA LYS R 218 26.72 -11.58 -15.96
C LYS R 218 26.71 -12.26 -14.59
N ASP R 219 25.65 -12.04 -13.82
CA ASP R 219 25.56 -12.61 -12.49
C ASP R 219 25.31 -14.11 -12.54
N VAL R 220 26.35 -14.91 -12.33
CA VAL R 220 26.27 -16.35 -12.55
C VAL R 220 26.87 -17.05 -11.35
N TYR R 221 26.18 -18.09 -10.88
CA TYR R 221 26.75 -18.94 -9.85
C TYR R 221 27.72 -19.94 -10.46
N HIS R 222 28.73 -20.33 -9.68
CA HIS R 222 29.71 -21.27 -10.17
C HIS R 222 29.10 -22.66 -10.30
N GLU R 223 29.37 -23.32 -11.41
CA GLU R 223 28.83 -24.64 -11.66
C GLU R 223 29.64 -25.69 -10.90
N VAL R 224 28.99 -26.80 -10.55
CA VAL R 224 29.70 -27.88 -9.90
C VAL R 224 30.65 -28.56 -10.88
N SER R 225 30.19 -28.85 -12.09
CA SER R 225 30.97 -29.61 -13.06
C SER R 225 31.37 -28.78 -14.28
N GLY R 226 31.25 -27.46 -14.21
CA GLY R 226 31.51 -26.63 -15.37
C GLY R 226 32.96 -26.62 -15.81
N VAL R 227 33.19 -26.71 -17.12
CA VAL R 227 34.55 -26.60 -17.65
C VAL R 227 35.01 -25.15 -17.62
N LYS R 228 34.14 -24.22 -18.02
CA LYS R 228 34.49 -22.81 -18.03
C LYS R 228 33.27 -22.02 -17.61
N MET R 229 33.47 -21.05 -16.72
CA MET R 229 32.35 -20.28 -16.17
C MET R 229 31.59 -19.59 -17.29
N ASP R 230 30.29 -19.88 -17.38
CA ASP R 230 29.46 -19.35 -18.45
C ASP R 230 29.00 -17.93 -18.11
N ASN R 231 29.98 -17.04 -18.07
CA ASN R 231 29.78 -15.64 -17.73
C ASN R 231 29.98 -14.79 -18.99
N GLU R 232 28.87 -14.32 -19.56
CA GLU R 232 29.01 -13.58 -20.81
C GLU R 232 29.49 -12.18 -20.50
N GLU R 233 30.80 -12.01 -20.37
CA GLU R 233 31.38 -10.75 -19.98
C GLU R 233 31.93 -10.03 -21.20
N VAL R 234 31.63 -8.75 -21.28
CA VAL R 234 31.98 -7.94 -22.44
C VAL R 234 32.54 -6.63 -21.93
N ASN R 235 33.53 -6.11 -22.64
CA ASN R 235 34.04 -4.80 -22.31
C ASN R 235 32.93 -3.77 -22.44
N MET R 236 32.79 -2.92 -21.43
CA MET R 236 31.71 -1.94 -21.44
C MET R 236 31.74 -1.09 -22.71
N VAL R 237 32.91 -0.95 -23.33
CA VAL R 237 33.05 -0.11 -24.52
C VAL R 237 32.17 -0.61 -25.66
N GLU R 238 31.89 -1.91 -25.71
CA GLU R 238 31.01 -2.42 -26.74
C GLU R 238 29.57 -2.01 -26.53
N ALA R 239 29.22 -1.47 -25.36
CA ALA R 239 27.84 -1.08 -25.15
C ALA R 239 27.44 0.08 -26.03
N TYR R 240 28.42 0.80 -26.58
CA TYR R 240 28.11 1.91 -27.46
C TYR R 240 27.65 1.41 -28.83
N ARG R 241 28.33 0.38 -29.36
CA ARG R 241 27.92 -0.20 -30.63
C ARG R 241 26.76 -1.17 -30.47
N ASP R 242 26.81 -2.02 -29.45
CA ASP R 242 25.79 -3.04 -29.21
C ASP R 242 25.37 -2.99 -27.75
N PRO R 243 24.43 -2.12 -27.39
CA PRO R 243 24.09 -1.95 -25.97
C PRO R 243 23.20 -3.07 -25.45
N SER R 244 22.90 -4.06 -26.28
CA SER R 244 22.06 -5.18 -25.90
C SER R 244 22.71 -6.05 -24.83
N ILE R 245 24.03 -5.94 -24.66
CA ILE R 245 24.74 -6.68 -23.62
C ILE R 245 24.33 -6.24 -22.22
N LEU R 246 23.61 -5.13 -22.10
CA LEU R 246 23.20 -4.57 -20.82
C LEU R 246 21.80 -4.99 -20.44
N ASP R 247 21.12 -5.74 -21.29
CA ASP R 247 19.71 -6.06 -21.09
C ASP R 247 19.58 -7.02 -19.92
N ASP R 248 18.67 -6.72 -19.00
CA ASP R 248 18.42 -7.58 -17.86
C ASP R 248 16.95 -7.51 -17.49
N GLU R 249 16.33 -8.69 -17.42
CA GLU R 249 14.92 -8.81 -17.04
C GLU R 249 14.74 -9.62 -15.76
N SER R 250 15.75 -9.71 -14.91
CA SER R 250 15.73 -10.59 -13.76
C SER R 250 14.60 -10.25 -12.80
N ILE R 251 14.15 -9.00 -12.80
CA ILE R 251 13.10 -8.58 -11.89
C ILE R 251 11.73 -9.02 -12.37
N ALA R 252 11.64 -9.53 -13.60
CA ALA R 252 10.36 -9.90 -14.18
C ALA R 252 9.71 -11.04 -13.39
N LEU R 253 8.37 -10.98 -13.32
CA LEU R 253 7.55 -11.98 -12.67
C LEU R 253 7.03 -12.91 -13.75
N ILE R 254 7.65 -14.07 -13.88
CA ILE R 254 7.33 -15.04 -14.93
C ILE R 254 6.76 -16.28 -14.25
N PRO R 255 5.46 -16.55 -14.37
CA PRO R 255 4.91 -17.75 -13.76
C PRO R 255 5.66 -18.99 -14.22
N ALA R 256 6.01 -19.85 -13.25
CA ALA R 256 6.83 -21.00 -13.51
C ALA R 256 6.10 -22.28 -13.08
N LEU R 257 6.33 -23.34 -13.84
CA LEU R 257 5.71 -24.63 -13.57
C LEU R 257 6.58 -25.37 -12.57
N ASP R 258 5.99 -25.81 -11.48
CA ASP R 258 6.70 -26.65 -10.53
C ASP R 258 7.02 -27.99 -11.18
N PRO R 259 8.30 -28.39 -11.23
CA PRO R 259 8.63 -29.72 -11.78
C PRO R 259 7.82 -30.85 -11.17
N ALA R 260 7.32 -30.69 -9.95
CA ALA R 260 6.51 -31.75 -9.34
C ALA R 260 5.11 -31.78 -9.96
N GLY R 261 4.72 -30.72 -10.66
CA GLY R 261 3.38 -30.63 -11.19
C GLY R 261 2.40 -30.08 -10.19
N SER R 262 2.92 -29.62 -9.05
CA SER R 262 2.05 -29.19 -7.96
C SER R 262 1.13 -28.04 -8.39
N ASN R 263 1.59 -27.21 -9.31
CA ASN R 263 0.80 -26.08 -9.80
C ASN R 263 0.47 -26.19 -11.28
N ALA R 264 0.38 -27.40 -11.82
CA ALA R 264 0.11 -27.57 -13.24
C ALA R 264 -1.30 -27.11 -13.57
N ASP R 265 -2.14 -27.00 -12.55
CA ASP R 265 -3.54 -26.63 -12.71
C ASP R 265 -3.74 -25.14 -12.90
N PHE R 266 -2.66 -24.35 -12.87
CA PHE R 266 -2.72 -22.93 -13.11
C PHE R 266 -2.31 -22.57 -14.54
N PHE R 267 -2.02 -23.56 -15.38
CA PHE R 267 -1.47 -23.32 -16.69
C PHE R 267 -2.35 -23.98 -17.74
N VAL R 268 -2.26 -23.47 -18.98
CA VAL R 268 -2.99 -24.08 -20.08
C VAL R 268 -2.48 -25.49 -20.32
N ASP R 269 -3.39 -26.37 -20.74
CA ASP R 269 -3.01 -27.74 -21.00
C ASP R 269 -1.93 -27.81 -22.07
N PRO R 270 -0.85 -28.56 -21.87
CA PRO R 270 0.18 -28.66 -22.89
C PRO R 270 -0.38 -29.06 -24.25
N ALA R 271 -1.51 -29.76 -24.27
CA ALA R 271 -2.09 -30.17 -25.55
C ALA R 271 -2.43 -28.96 -26.42
N LEU R 272 -2.81 -27.84 -25.78
CA LEU R 272 -3.12 -26.63 -26.54
C LEU R 272 -1.86 -25.81 -26.79
N VAL R 273 -1.06 -25.59 -25.76
CA VAL R 273 0.17 -24.80 -25.86
C VAL R 273 1.28 -25.52 -25.14
N PRO R 274 2.17 -26.22 -25.84
CA PRO R 274 3.27 -26.93 -25.17
C PRO R 274 4.12 -25.98 -24.34
N PRO R 275 4.58 -26.41 -23.18
CA PRO R 275 5.42 -25.54 -22.35
C PRO R 275 6.78 -25.33 -22.99
N TYR R 276 7.39 -24.19 -22.69
CA TYR R 276 8.73 -23.88 -23.16
C TYR R 276 9.60 -23.48 -21.97
N THR R 277 10.88 -23.31 -22.23
CA THR R 277 11.85 -23.02 -21.18
C THR R 277 12.47 -21.65 -21.41
N ILE R 278 12.84 -20.98 -20.31
CA ILE R 278 13.52 -19.70 -20.35
C ILE R 278 14.81 -19.85 -19.58
N LYS R 279 15.94 -19.49 -20.20
CA LYS R 279 17.19 -19.43 -19.47
C LYS R 279 17.42 -18.03 -18.94
N ASN R 280 17.42 -17.89 -17.62
CA ASN R 280 17.48 -16.58 -16.99
C ASN R 280 18.92 -16.09 -16.94
N GLU R 281 19.08 -14.88 -16.40
CA GLU R 281 20.39 -14.23 -16.43
C GLU R 281 21.41 -15.03 -15.63
N GLN R 282 20.98 -15.68 -14.57
CA GLN R 282 21.88 -16.46 -13.72
C GLN R 282 22.11 -17.87 -14.25
N ASN R 283 21.72 -18.13 -15.50
CA ASN R 283 21.83 -19.44 -16.13
C ASN R 283 20.95 -20.49 -15.45
N LEU R 284 19.96 -20.06 -14.69
CA LEU R 284 19.01 -20.97 -14.05
C LEU R 284 17.75 -21.02 -14.92
N THR R 285 17.44 -22.20 -15.45
CA THR R 285 16.33 -22.33 -16.39
C THR R 285 15.03 -22.58 -15.64
N ILE R 286 13.91 -22.21 -16.29
CA ILE R 286 12.59 -22.52 -15.79
C ILE R 286 11.75 -23.10 -16.92
N THR R 287 10.69 -23.81 -16.55
CA THR R 287 9.67 -24.24 -17.50
C THR R 287 8.39 -23.43 -17.26
N THR R 288 7.87 -22.83 -18.33
CA THR R 288 6.74 -21.92 -18.22
C THR R 288 5.78 -22.14 -19.37
N ALA R 289 4.52 -21.84 -19.13
CA ALA R 289 3.48 -21.83 -20.16
C ALA R 289 2.48 -20.74 -19.81
N PRO R 290 1.71 -20.28 -20.77
CA PRO R 290 0.68 -19.28 -20.48
C PRO R 290 -0.25 -19.75 -19.37
N LEU R 291 -0.66 -18.81 -18.54
CA LEU R 291 -1.57 -19.13 -17.46
C LEU R 291 -2.94 -19.50 -17.99
N LYS R 292 -3.58 -20.45 -17.33
CA LYS R 292 -4.93 -20.86 -17.71
C LYS R 292 -5.90 -19.71 -17.55
N ALA R 293 -6.76 -19.52 -18.55
CA ALA R 293 -7.83 -18.56 -18.40
C ALA R 293 -8.84 -19.06 -17.38
N ASN R 294 -9.41 -18.13 -16.63
CA ASN R 294 -10.28 -18.46 -15.50
C ASN R 294 -9.49 -19.22 -14.43
N VAL R 295 -8.41 -18.58 -13.97
CA VAL R 295 -7.53 -19.21 -12.99
C VAL R 295 -7.46 -18.30 -11.76
N ARG R 296 -7.37 -18.92 -10.60
CA ARG R 296 -7.17 -18.24 -9.34
C ARG R 296 -5.91 -18.79 -8.70
N LEU R 297 -4.86 -17.97 -8.62
CA LEU R 297 -3.59 -18.46 -8.13
C LEU R 297 -2.91 -17.37 -7.32
N ASP R 298 -1.99 -17.80 -6.46
CA ASP R 298 -1.04 -16.90 -5.81
C ASP R 298 0.00 -16.53 -6.86
N LEU R 299 -0.07 -15.30 -7.35
CA LEU R 299 0.70 -14.92 -8.53
C LEU R 299 2.18 -14.87 -8.24
N MET R 300 2.57 -14.41 -7.05
CA MET R 300 3.97 -14.40 -6.67
C MET R 300 4.47 -15.78 -6.28
N GLY R 301 3.70 -16.54 -5.50
CA GLY R 301 4.16 -17.85 -5.07
C GLY R 301 4.49 -18.75 -6.25
N ASN R 302 3.76 -18.61 -7.35
CA ASN R 302 3.96 -19.38 -8.57
C ASN R 302 4.98 -18.76 -9.51
N SER R 303 5.62 -17.67 -9.12
CA SER R 303 6.51 -16.99 -10.03
C SER R 303 7.86 -17.70 -10.08
N ASN R 304 8.60 -17.44 -11.15
CA ASN R 304 9.96 -17.98 -11.25
C ASN R 304 10.80 -17.52 -10.07
N ALA R 305 10.50 -16.35 -9.52
CA ALA R 305 11.24 -15.84 -8.38
C ALA R 305 11.15 -16.75 -7.17
N ASN R 306 10.04 -17.47 -7.01
CA ASN R 306 9.91 -18.35 -5.85
C ASN R 306 10.59 -19.68 -6.07
N LEU R 307 10.71 -20.13 -7.31
CA LEU R 307 11.37 -21.39 -7.63
C LEU R 307 12.78 -21.21 -8.18
N LEU R 308 13.31 -19.98 -8.20
CA LEU R 308 14.54 -19.72 -8.94
C LEU R 308 15.74 -20.43 -8.33
N ILE R 309 15.95 -20.27 -7.02
CA ILE R 309 17.10 -20.87 -6.38
C ILE R 309 16.64 -21.89 -5.35
N GLN R 310 15.79 -21.48 -4.42
CA GLN R 310 15.14 -22.38 -3.48
C GLN R 310 13.64 -22.34 -3.71
N ARG R 311 12.96 -23.43 -3.35
CA ARG R 311 11.53 -23.56 -3.65
C ARG R 311 10.69 -22.48 -2.98
N GLY R 312 11.07 -22.03 -1.80
CA GLY R 312 10.28 -21.01 -1.15
C GLY R 312 11.12 -19.91 -0.56
N MET R 313 11.01 -18.71 -1.12
CA MET R 313 11.87 -17.60 -0.70
C MET R 313 11.07 -16.33 -0.51
N LEU R 314 9.89 -16.22 -1.15
CA LEU R 314 9.23 -14.93 -1.27
C LEU R 314 8.45 -14.65 0.01
N GLU R 315 9.02 -13.79 0.85
CA GLU R 315 8.28 -13.29 2.00
C GLU R 315 7.61 -11.98 1.65
N VAL R 316 6.91 -11.38 2.62
CA VAL R 316 6.03 -10.26 2.33
C VAL R 316 6.81 -9.08 1.75
N SER R 317 8.13 -9.09 1.92
CA SER R 317 8.95 -8.00 1.42
C SER R 317 8.95 -7.96 -0.10
N ASP R 318 8.51 -9.03 -0.75
CA ASP R 318 8.43 -9.05 -2.19
C ASP R 318 7.08 -8.51 -2.65
N THR R 319 7.09 -7.47 -3.49
CA THR R 319 5.86 -6.82 -3.93
C THR R 319 5.82 -6.77 -5.45
N ILE R 320 4.60 -6.66 -5.97
CA ILE R 320 4.35 -6.56 -7.40
C ILE R 320 4.32 -5.10 -7.80
N ASP R 321 4.95 -4.78 -8.92
CA ASP R 321 4.94 -3.42 -9.42
C ASP R 321 3.57 -3.09 -10.01
N PRO R 322 2.90 -2.05 -9.54
CA PRO R 322 1.63 -1.63 -10.16
C PRO R 322 1.72 -1.29 -11.63
N ALA R 323 2.90 -1.01 -12.16
CA ALA R 323 3.06 -0.70 -13.56
C ALA R 323 3.34 -1.99 -14.31
N GLY R 324 2.32 -2.51 -14.98
CA GLY R 324 2.42 -3.76 -15.69
C GLY R 324 1.36 -3.77 -16.77
N ARG R 325 1.42 -4.78 -17.63
CA ARG R 325 0.52 -4.85 -18.76
C ARG R 325 0.20 -6.30 -19.06
N LEU R 326 -0.90 -6.51 -19.77
CA LEU R 326 -1.17 -7.83 -20.33
C LEU R 326 -0.34 -8.02 -21.59
N LYS R 327 0.54 -9.02 -21.57
CA LYS R 327 1.52 -9.18 -22.63
C LYS R 327 1.04 -10.03 -23.79
N ASN R 328 0.45 -11.19 -23.53
CA ASN R 328 -0.01 -12.07 -24.59
C ASN R 328 -1.37 -12.62 -24.24
N LEU R 329 -2.19 -12.81 -25.27
CA LEU R 329 -3.52 -13.40 -25.12
C LEU R 329 -3.68 -14.50 -26.14
N PHE R 330 -4.13 -15.66 -25.69
CA PHE R 330 -4.19 -16.85 -26.53
C PHE R 330 -5.65 -17.24 -26.73
N VAL R 331 -6.04 -17.39 -27.98
CA VAL R 331 -7.40 -17.77 -28.36
C VAL R 331 -7.32 -19.08 -29.12
N LEU R 332 -8.29 -19.97 -28.89
CA LEU R 332 -8.38 -21.22 -29.60
C LEU R 332 -9.29 -21.02 -30.81
N LEU R 333 -8.78 -21.28 -32.01
CA LEU R 333 -9.53 -21.12 -33.25
C LEU R 333 -9.49 -22.43 -34.02
N GLY R 334 -10.57 -23.20 -33.93
CA GLY R 334 -10.71 -24.37 -34.79
C GLY R 334 -9.75 -25.49 -34.47
N GLY R 335 -9.41 -25.69 -33.20
CA GLY R 335 -8.50 -26.73 -32.81
C GLY R 335 -7.07 -26.30 -32.61
N LYS R 336 -6.68 -25.11 -33.07
CA LYS R 336 -5.33 -24.63 -32.95
C LYS R 336 -5.35 -23.24 -32.31
N VAL R 337 -4.25 -22.93 -31.63
CA VAL R 337 -4.16 -21.71 -30.84
C VAL R 337 -3.47 -20.62 -31.64
N VAL R 338 -3.98 -19.40 -31.54
CA VAL R 338 -3.38 -18.23 -32.17
C VAL R 338 -2.87 -17.32 -31.06
N LYS R 339 -1.61 -16.92 -31.16
CA LYS R 339 -1.03 -16.01 -30.18
C LYS R 339 -1.24 -14.56 -30.62
N PHE R 340 -1.77 -13.74 -29.71
CA PHE R 340 -1.97 -12.32 -29.97
C PHE R 340 -1.06 -11.51 -29.07
N LYS R 341 -0.32 -10.56 -29.66
CA LYS R 341 0.56 -9.69 -28.88
C LYS R 341 -0.17 -8.38 -28.61
N VAL R 342 -0.54 -8.20 -27.34
CA VAL R 342 -1.43 -7.13 -26.92
C VAL R 342 -0.71 -6.24 -25.93
N ASP R 343 0.61 -6.38 -25.88
CA ASP R 343 1.40 -5.86 -24.76
C ASP R 343 1.25 -4.36 -24.61
N ARG R 344 1.14 -3.63 -25.71
CA ARG R 344 1.10 -2.18 -25.67
C ARG R 344 -0.25 -1.56 -25.99
N LEU R 345 -1.31 -2.35 -26.05
CA LEU R 345 -2.61 -1.78 -26.39
C LEU R 345 -3.13 -0.96 -25.22
N PRO R 346 -3.88 0.11 -25.46
CA PRO R 346 -4.34 0.94 -24.34
C PRO R 346 -5.12 0.18 -23.30
N ARG R 347 -5.80 -0.89 -23.68
CA ARG R 347 -6.64 -1.65 -22.76
C ARG R 347 -5.87 -2.73 -22.03
N ALA R 348 -4.56 -2.84 -22.24
CA ALA R 348 -3.75 -3.88 -21.62
C ALA R 348 -2.94 -3.38 -20.43
N VAL R 349 -3.33 -2.26 -19.85
CA VAL R 349 -2.55 -1.61 -18.81
C VAL R 349 -3.23 -1.80 -17.46
N PHE R 350 -2.42 -2.02 -16.42
CA PHE R 350 -2.95 -2.17 -15.08
C PHE R 350 -3.62 -0.88 -14.63
N GLN R 351 -4.76 -1.01 -13.95
CA GLN R 351 -5.46 0.13 -13.41
C GLN R 351 -5.68 -0.11 -11.92
N PRO R 352 -5.73 0.94 -11.10
CA PRO R 352 -6.06 0.74 -9.69
C PRO R 352 -7.50 0.30 -9.50
N ASP R 353 -7.73 -0.48 -8.46
CA ASP R 353 -9.07 -0.85 -8.03
C ASP R 353 -9.54 0.23 -7.06
N LEU R 354 -10.39 1.13 -7.55
CA LEU R 354 -10.72 2.32 -6.77
C LEU R 354 -11.55 1.99 -5.55
N VAL R 355 -12.28 0.87 -5.58
CA VAL R 355 -13.01 0.38 -4.41
C VAL R 355 -12.42 -0.95 -4.00
N GLY R 356 -12.06 -1.07 -2.73
CA GLY R 356 -11.38 -2.24 -2.23
C GLY R 356 -10.05 -1.87 -1.61
N ASP R 357 -9.15 -2.86 -1.58
CA ASP R 357 -7.83 -2.63 -1.03
C ASP R 357 -7.05 -1.65 -1.90
N THR R 358 -6.39 -0.70 -1.23
CA THR R 358 -5.68 0.35 -1.96
C THR R 358 -4.70 -0.21 -2.98
N ARG R 359 -4.10 -1.37 -2.72
CA ARG R 359 -3.02 -1.89 -3.54
C ARG R 359 -3.46 -3.04 -4.44
N ASN R 360 -4.72 -3.07 -4.85
CA ASN R 360 -5.17 -4.00 -5.86
C ASN R 360 -5.15 -3.34 -7.23
N ALA R 361 -4.68 -4.08 -8.22
CA ALA R 361 -4.68 -3.62 -9.60
C ALA R 361 -5.62 -4.49 -10.40
N VAL R 362 -6.32 -3.89 -11.36
CA VAL R 362 -7.30 -4.59 -12.18
C VAL R 362 -6.90 -4.53 -13.64
N ILE R 363 -7.12 -5.64 -14.34
CA ILE R 363 -6.94 -5.70 -15.79
C ILE R 363 -8.30 -5.75 -16.45
N ARG R 364 -8.61 -4.78 -17.29
CA ARG R 364 -9.86 -4.83 -18.06
C ARG R 364 -9.52 -4.68 -19.53
N PHE R 365 -9.32 -5.79 -20.22
CA PHE R 365 -8.92 -5.82 -21.61
C PHE R 365 -10.13 -6.13 -22.47
N ASP R 366 -10.58 -5.14 -23.24
CA ASP R 366 -11.71 -5.28 -24.13
C ASP R 366 -11.26 -4.85 -25.52
N SER R 367 -11.41 -5.77 -26.49
CA SER R 367 -10.96 -5.45 -27.83
C SER R 367 -11.84 -6.16 -28.84
N ASP R 368 -12.24 -5.41 -29.86
CA ASP R 368 -12.99 -5.95 -30.99
C ASP R 368 -12.13 -6.02 -32.24
N ASP R 369 -10.82 -5.81 -32.11
CA ASP R 369 -9.95 -5.59 -33.26
C ASP R 369 -8.79 -6.57 -33.32
N LEU R 370 -8.89 -7.72 -32.66
CA LEU R 370 -7.90 -8.76 -32.87
C LEU R 370 -8.23 -9.51 -34.15
N VAL R 371 -7.35 -9.37 -35.14
CA VAL R 371 -7.62 -9.78 -36.51
C VAL R 371 -6.88 -11.07 -36.81
N VAL R 372 -7.59 -12.02 -37.42
CA VAL R 372 -7.03 -13.26 -37.92
C VAL R 372 -7.33 -13.34 -39.40
N SER R 373 -6.29 -13.57 -40.21
CA SER R 373 -6.45 -13.62 -41.65
C SER R 373 -5.66 -14.81 -42.18
N GLY R 374 -5.60 -14.92 -43.51
CA GLY R 374 -4.87 -16.00 -44.14
C GLY R 374 -3.37 -15.90 -43.95
N ASP R 375 -2.87 -14.74 -43.50
CA ASP R 375 -1.44 -14.56 -43.31
C ASP R 375 -0.98 -14.92 -41.90
N THR R 376 -1.85 -14.76 -40.90
CA THR R 376 -1.52 -15.15 -39.54
C THR R 376 -1.45 -16.67 -39.43
N THR R 377 -0.42 -17.16 -38.74
CA THR R 377 -0.24 -18.59 -38.53
C THR R 377 -0.50 -18.93 -37.06
N PHE R 378 -0.64 -20.23 -36.80
CA PHE R 378 -0.83 -20.72 -35.45
C PHE R 378 0.50 -20.74 -34.71
N ILE R 379 0.43 -20.96 -33.39
CA ILE R 379 1.65 -21.06 -32.60
C ILE R 379 2.51 -22.23 -33.07
N ASP R 380 1.89 -23.23 -33.69
CA ASP R 380 2.64 -24.34 -34.26
C ASP R 380 3.40 -23.93 -35.52
N GLY R 381 3.01 -22.82 -36.15
CA GLY R 381 3.56 -22.41 -37.42
C GLY R 381 2.72 -22.84 -38.60
N SER R 382 1.76 -23.73 -38.39
CA SER R 382 0.91 -24.21 -39.47
C SER R 382 -0.21 -23.23 -39.75
N ALA R 383 -0.85 -23.40 -40.91
CA ALA R 383 -2.05 -22.65 -41.25
C ALA R 383 -3.22 -23.57 -41.56
N ASP R 384 -3.10 -24.85 -41.21
CA ASP R 384 -4.13 -25.82 -41.58
C ASP R 384 -5.45 -25.47 -40.90
N GLY R 385 -6.54 -25.56 -41.65
CA GLY R 385 -7.84 -25.27 -41.11
C GLY R 385 -8.33 -23.89 -41.47
N VAL R 386 -8.80 -23.14 -40.47
CA VAL R 386 -9.54 -21.92 -40.75
C VAL R 386 -8.66 -20.91 -41.47
N ILE R 387 -7.36 -20.93 -41.17
CA ILE R 387 -6.47 -19.92 -41.72
C ILE R 387 -6.33 -20.10 -43.23
N ASN R 388 -6.08 -21.33 -43.67
CA ASN R 388 -6.00 -21.61 -45.09
C ASN R 388 -7.34 -21.35 -45.77
N ASP R 389 -8.44 -21.59 -45.06
CA ASP R 389 -9.76 -21.30 -45.59
C ASP R 389 -9.96 -19.79 -45.77
N LEU R 390 -9.46 -19.01 -44.81
CA LEU R 390 -9.48 -17.56 -44.95
C LEU R 390 -8.60 -17.10 -46.10
N LYS R 391 -7.43 -17.72 -46.24
CA LYS R 391 -6.50 -17.35 -47.32
C LYS R 391 -7.11 -17.65 -48.68
N THR R 392 -7.75 -18.81 -48.83
CA THR R 392 -8.37 -19.15 -50.10
C THR R 392 -9.54 -18.22 -50.40
N ALA R 393 -10.37 -17.93 -49.39
CA ALA R 393 -11.49 -17.04 -49.61
C ALA R 393 -11.09 -15.57 -49.60
N LYS R 394 -9.85 -15.26 -49.23
CA LYS R 394 -9.32 -13.91 -49.05
C LYS R 394 -9.99 -13.16 -47.91
N LEU R 395 -10.68 -13.84 -47.01
CA LEU R 395 -11.44 -13.15 -45.96
C LEU R 395 -10.52 -12.83 -44.79
N SER R 396 -10.79 -11.71 -44.12
CA SER R 396 -10.21 -11.43 -42.82
C SER R 396 -11.25 -11.77 -41.75
N LEU R 397 -10.90 -11.58 -40.48
CA LEU R 397 -11.81 -11.94 -39.41
C LEU R 397 -11.40 -11.19 -38.15
N ARG R 398 -12.37 -10.52 -37.53
CA ARG R 398 -12.11 -9.69 -36.35
C ARG R 398 -12.73 -10.34 -35.13
N LEU R 399 -11.92 -10.63 -34.12
CA LEU R 399 -12.43 -11.24 -32.92
C LEU R 399 -12.82 -10.18 -31.91
N SER R 400 -13.75 -10.53 -31.02
CA SER R 400 -14.13 -9.69 -29.89
C SER R 400 -13.86 -10.46 -28.61
N VAL R 401 -12.80 -10.07 -27.91
CA VAL R 401 -12.41 -10.79 -26.70
C VAL R 401 -12.61 -9.90 -25.48
N GLY R 402 -12.68 -10.55 -24.32
CA GLY R 402 -12.71 -9.87 -23.05
C GLY R 402 -11.92 -10.64 -22.01
N PHE R 403 -10.91 -10.01 -21.43
CA PHE R 403 -10.11 -10.64 -20.41
C PHE R 403 -9.88 -9.64 -19.28
N GLY R 404 -9.91 -10.12 -18.05
CA GLY R 404 -9.59 -9.28 -16.93
C GLY R 404 -9.34 -10.02 -15.63
N GLY R 405 -8.88 -9.31 -14.61
CA GLY R 405 -8.63 -9.95 -13.34
C GLY R 405 -8.12 -8.97 -12.32
N THR R 406 -8.03 -9.42 -11.07
CA THR R 406 -7.53 -8.63 -9.97
C THR R 406 -6.16 -9.18 -9.55
N ILE R 407 -5.20 -8.30 -9.35
CA ILE R 407 -3.90 -8.67 -8.82
C ILE R 407 -3.70 -7.86 -7.55
N SER R 408 -3.58 -8.55 -6.43
CA SER R 408 -3.27 -7.87 -5.17
C SER R 408 -1.78 -7.63 -5.11
N LEU R 409 -1.38 -6.36 -5.15
CA LEU R 409 0.04 -6.05 -5.29
C LEU R 409 0.81 -6.34 -4.01
N SER R 410 0.17 -6.12 -2.86
CA SER R 410 0.85 -6.37 -1.59
C SER R 410 0.75 -7.84 -1.20
N LYS R 411 -0.40 -8.47 -1.43
CA LYS R 411 -0.61 -9.82 -0.91
C LYS R 411 -0.24 -10.90 -1.90
N GLY R 412 -0.32 -10.61 -3.21
CA GLY R 412 -0.01 -11.59 -4.22
C GLY R 412 -1.18 -12.38 -4.75
N ASP R 413 -2.34 -12.32 -4.10
CA ASP R 413 -3.49 -13.05 -4.60
C ASP R 413 -3.94 -12.49 -5.96
N SER R 414 -4.54 -13.35 -6.76
CA SER R 414 -5.02 -12.93 -8.07
C SER R 414 -6.28 -13.71 -8.42
N LYS R 415 -7.07 -13.15 -9.33
CA LYS R 415 -8.25 -13.83 -9.85
C LYS R 415 -8.51 -13.32 -11.25
N PHE R 416 -8.46 -14.22 -12.23
CA PHE R 416 -8.54 -13.87 -13.63
C PHE R 416 -9.79 -14.50 -14.24
N GLY R 417 -10.31 -13.87 -15.30
CA GLY R 417 -11.39 -14.46 -16.04
C GLY R 417 -11.46 -14.02 -17.49
N ALA R 418 -12.03 -14.85 -18.35
CA ALA R 418 -12.22 -14.53 -19.76
C ALA R 418 -13.71 -14.49 -20.06
N THR R 419 -14.10 -13.60 -20.97
CA THR R 419 -15.47 -13.58 -21.45
C THR R 419 -15.62 -14.61 -22.58
N ASP R 420 -16.86 -14.88 -22.96
CA ASP R 420 -17.11 -15.59 -24.20
C ASP R 420 -16.56 -14.79 -25.38
N THR R 421 -15.89 -15.49 -26.29
CA THR R 421 -15.28 -14.83 -27.43
C THR R 421 -16.21 -14.89 -28.64
N TYR R 422 -16.38 -13.73 -29.28
CA TYR R 422 -17.27 -13.61 -30.42
C TYR R 422 -16.46 -13.26 -31.66
N VAL R 423 -16.99 -13.62 -32.82
CA VAL R 423 -16.50 -13.09 -34.08
C VAL R 423 -17.28 -11.81 -34.35
N ASP R 424 -16.59 -10.67 -34.27
CA ASP R 424 -17.28 -9.39 -34.36
C ASP R 424 -17.77 -9.13 -35.78
N LYS R 425 -16.94 -9.47 -36.77
CA LYS R 425 -17.31 -9.29 -38.16
C LYS R 425 -16.31 -10.05 -39.02
N VAL R 426 -16.72 -10.36 -40.25
CA VAL R 426 -15.84 -10.91 -41.27
C VAL R 426 -15.75 -9.91 -42.41
N LEU R 427 -14.52 -9.53 -42.77
CA LEU R 427 -14.27 -8.55 -43.81
C LEU R 427 -13.62 -9.20 -45.02
N ASN R 428 -13.86 -8.63 -46.20
CA ASN R 428 -13.13 -9.01 -47.39
C ASN R 428 -11.84 -8.20 -47.49
N GLU R 429 -11.09 -8.42 -48.56
CA GLU R 429 -9.82 -7.73 -48.74
C GLU R 429 -10.00 -6.23 -48.90
N ASP R 430 -11.20 -5.77 -49.22
CA ASP R 430 -11.48 -4.34 -49.33
C ASP R 430 -11.98 -3.73 -48.03
N GLY R 431 -12.11 -4.52 -46.97
CA GLY R 431 -12.60 -4.00 -45.70
C GLY R 431 -14.09 -3.90 -45.57
N GLN R 432 -14.86 -4.59 -46.42
CA GLN R 432 -16.32 -4.50 -46.38
C GLN R 432 -16.87 -5.67 -45.57
N VAL R 433 -17.98 -5.43 -44.88
CA VAL R 433 -18.58 -6.46 -44.04
C VAL R 433 -19.31 -7.48 -44.91
N MET R 434 -19.02 -8.76 -44.70
CA MET R 434 -19.65 -9.85 -45.42
C MET R 434 -20.89 -10.32 -44.68
N ASP R 435 -21.92 -10.71 -45.44
CA ASP R 435 -23.09 -11.29 -44.82
C ASP R 435 -22.74 -12.65 -44.23
N ASN R 436 -23.21 -12.91 -43.01
CA ASN R 436 -22.87 -14.15 -42.34
C ASN R 436 -23.52 -15.35 -43.01
N ALA R 437 -24.48 -15.12 -43.90
CA ALA R 437 -25.14 -16.22 -44.60
C ALA R 437 -24.36 -16.67 -45.83
N ASP R 438 -23.31 -15.95 -46.20
CA ASP R 438 -22.49 -16.30 -47.37
C ASP R 438 -21.85 -17.66 -47.15
N PRO R 439 -21.95 -18.58 -48.12
CA PRO R 439 -21.33 -19.91 -47.97
C PRO R 439 -19.88 -19.90 -47.51
N ALA R 440 -19.07 -18.95 -47.99
CA ALA R 440 -17.67 -18.90 -47.63
C ALA R 440 -17.52 -18.48 -46.18
N VAL R 441 -18.31 -17.49 -45.77
CA VAL R 441 -18.27 -17.00 -44.39
C VAL R 441 -18.80 -18.06 -43.44
N LYS R 442 -19.90 -18.73 -43.83
CA LYS R 442 -20.45 -19.78 -42.99
C LYS R 442 -19.42 -20.87 -42.73
N ALA R 443 -18.71 -21.31 -43.77
CA ALA R 443 -17.70 -22.35 -43.59
C ALA R 443 -16.66 -21.93 -42.55
N ILE R 444 -16.28 -20.66 -42.55
CA ILE R 444 -15.33 -20.16 -41.56
C ILE R 444 -15.94 -20.23 -40.17
N LEU R 445 -17.18 -19.78 -40.04
CA LEU R 445 -17.83 -19.78 -38.74
C LEU R 445 -18.15 -21.19 -38.26
N ASP R 446 -18.37 -22.13 -39.19
CA ASP R 446 -18.61 -23.50 -38.80
C ASP R 446 -17.34 -24.15 -38.25
N GLN R 447 -16.18 -23.70 -38.73
CA GLN R 447 -14.94 -24.21 -38.15
C GLN R 447 -14.71 -23.63 -36.75
N LEU R 448 -15.04 -22.36 -36.54
CA LEU R 448 -14.78 -21.67 -35.27
C LEU R 448 -15.93 -21.91 -34.29
N THR R 449 -16.05 -23.17 -33.86
CA THR R 449 -17.03 -23.52 -32.84
C THR R 449 -16.42 -23.66 -31.46
N ASP R 450 -15.08 -23.69 -31.36
CA ASP R 450 -14.37 -23.77 -30.09
C ASP R 450 -13.78 -22.44 -29.69
N LEU R 451 -14.30 -21.35 -30.24
CA LEU R 451 -13.68 -20.04 -30.13
C LEU R 451 -13.73 -19.56 -28.69
N ALA R 452 -12.56 -19.44 -28.05
CA ALA R 452 -12.49 -19.02 -26.66
C ALA R 452 -11.06 -18.58 -26.36
N VAL R 453 -10.93 -17.74 -25.34
CA VAL R 453 -9.62 -17.41 -24.76
C VAL R 453 -9.22 -18.57 -23.86
N ILE R 454 -8.00 -19.08 -24.06
CA ILE R 454 -7.55 -20.21 -23.26
C ILE R 454 -6.52 -19.81 -22.22
N GLY R 455 -5.66 -18.83 -22.51
CA GLY R 455 -4.60 -18.48 -21.61
C GLY R 455 -4.10 -17.08 -21.86
N PHE R 456 -3.13 -16.68 -21.05
CA PHE R 456 -2.57 -15.34 -21.13
C PHE R 456 -1.18 -15.36 -20.52
N GLU R 457 -0.41 -14.33 -20.83
CA GLU R 457 0.86 -14.07 -20.17
C GLU R 457 0.89 -12.60 -19.79
N LEU R 458 1.52 -12.29 -18.67
CA LEU R 458 1.63 -10.92 -18.19
C LEU R 458 3.05 -10.39 -18.35
N ASP R 459 3.16 -9.06 -18.36
CA ASP R 459 4.43 -8.37 -18.22
C ASP R 459 4.66 -7.92 -16.79
N THR R 460 4.05 -8.61 -15.83
CA THR R 460 4.21 -8.27 -14.42
C THR R 460 5.67 -8.42 -14.01
N ARG R 461 6.16 -7.46 -13.23
CA ARG R 461 7.51 -7.51 -12.71
C ARG R 461 7.50 -7.16 -11.23
N PHE R 462 8.54 -7.60 -10.54
CA PHE R 462 8.68 -7.26 -9.14
C PHE R 462 9.25 -5.86 -9.00
N THR R 463 9.00 -5.24 -7.85
CA THR R 463 9.67 -4.03 -7.45
C THR R 463 10.87 -4.45 -6.61
N ASN R 464 12.07 -4.15 -7.10
CA ASN R 464 13.29 -4.67 -6.49
C ASN R 464 13.70 -3.79 -5.31
N THR R 465 12.75 -3.59 -4.41
CA THR R 465 13.00 -2.72 -3.27
C THR R 465 13.64 -3.48 -2.11
N ASN R 466 13.54 -4.81 -2.13
CA ASN R 466 14.29 -5.66 -1.21
C ASN R 466 15.60 -6.15 -1.80
N ARG R 467 16.00 -5.63 -2.96
CA ARG R 467 17.29 -5.95 -3.57
C ARG R 467 17.47 -7.46 -3.76
N ARG R 468 16.40 -8.15 -4.14
CA ARG R 468 16.53 -9.58 -4.40
C ARG R 468 17.41 -9.85 -5.62
N GLN R 469 17.27 -9.02 -6.65
CA GLN R 469 18.02 -9.20 -7.90
C GLN R 469 19.17 -8.20 -7.94
N ARG R 470 20.32 -8.64 -8.45
CA ARG R 470 21.45 -7.73 -8.62
C ARG R 470 21.55 -7.21 -10.05
N GLY R 471 21.03 -7.94 -11.01
CA GLY R 471 21.21 -7.58 -12.40
C GLY R 471 22.62 -7.86 -12.85
N HIS R 472 23.13 -7.07 -13.78
CA HIS R 472 24.50 -7.24 -14.23
C HIS R 472 25.47 -6.59 -13.25
N LEU R 473 26.69 -7.10 -13.25
CA LEU R 473 27.72 -6.66 -12.32
C LEU R 473 28.83 -5.98 -13.11
N LEU R 474 29.44 -4.97 -12.49
CA LEU R 474 30.61 -4.30 -13.04
C LEU R 474 31.83 -4.72 -12.26
N GLN R 475 32.88 -5.09 -12.97
CA GLN R 475 34.17 -5.38 -12.35
C GLN R 475 35.26 -4.71 -13.15
N THR R 476 36.18 -4.03 -12.47
CA THR R 476 37.30 -3.44 -13.16
C THR R 476 38.33 -4.51 -13.48
N ARG R 477 38.83 -4.48 -14.71
CA ARG R 477 39.84 -5.40 -15.18
C ARG R 477 40.90 -4.62 -15.94
N ALA R 478 42.04 -5.25 -16.16
CA ALA R 478 43.06 -4.66 -17.01
C ALA R 478 43.80 -5.74 -17.79
N LEU R 479 44.19 -5.42 -19.01
CA LEU R 479 45.00 -6.28 -19.84
C LEU R 479 46.39 -5.66 -20.01
N GLN R 480 47.40 -6.52 -20.12
CA GLN R 480 48.75 -6.01 -20.30
C GLN R 480 49.40 -6.64 -21.53
N PHE R 481 50.01 -5.79 -22.35
CA PHE R 481 50.71 -6.19 -23.56
C PHE R 481 52.19 -5.86 -23.39
N ARG R 482 53.06 -6.65 -24.01
CA ARG R 482 54.50 -6.43 -23.95
C ARG R 482 55.10 -6.45 -25.34
N HIS R 483 55.92 -5.45 -25.66
CA HIS R 483 56.57 -5.32 -26.95
C HIS R 483 58.06 -5.08 -26.78
N PRO R 484 58.88 -6.11 -26.61
CA PRO R 484 60.32 -5.89 -26.48
C PRO R 484 60.97 -5.53 -27.81
N ILE R 485 62.01 -4.71 -27.77
CA ILE R 485 62.62 -4.19 -29.00
C ILE R 485 63.72 -5.13 -29.44
N PRO R 486 63.72 -5.62 -30.67
CA PRO R 486 64.85 -6.43 -31.14
C PRO R 486 66.01 -5.60 -31.66
N MET R 487 67.21 -6.18 -31.66
CA MET R 487 68.32 -5.60 -32.40
C MET R 487 68.23 -5.99 -33.87
N HIS R 488 68.87 -5.19 -34.72
CA HIS R 488 68.93 -5.48 -36.15
C HIS R 488 70.37 -5.59 -36.61
N ALA R 489 70.54 -6.15 -37.80
CA ALA R 489 71.87 -6.35 -38.36
C ALA R 489 72.56 -5.02 -38.63
N PRO R 490 73.87 -4.96 -38.45
CA PRO R 490 74.59 -3.69 -38.64
C PRO R 490 74.87 -3.38 -40.10
N VAL R 491 75.28 -2.16 -40.38
CA VAL R 491 75.97 -1.84 -41.62
C VAL R 491 77.37 -1.36 -41.29
N THR R 492 78.34 -1.83 -42.05
CA THR R 492 79.75 -1.60 -41.74
C THR R 492 80.38 -0.74 -42.81
N LEU R 493 81.29 0.14 -42.40
CA LEU R 493 82.17 0.85 -43.32
C LEU R 493 83.57 0.29 -43.12
N PRO R 494 84.05 -0.59 -44.00
CA PRO R 494 85.34 -1.25 -43.73
C PRO R 494 86.53 -0.43 -44.21
N MET R 495 86.88 0.61 -43.44
CA MET R 495 88.03 1.43 -43.79
C MET R 495 89.29 0.66 -43.45
N ASP R 496 90.25 0.65 -44.37
CA ASP R 496 91.49 -0.05 -44.11
C ASP R 496 92.27 0.64 -43.01
N THR R 497 93.12 -0.12 -42.32
CA THR R 497 93.96 0.41 -41.26
C THR R 497 95.26 0.96 -41.83
N MET R 498 96.16 1.39 -40.94
CA MET R 498 97.41 2.11 -41.18
C MET R 498 97.18 3.53 -41.70
N THR R 499 95.96 4.06 -41.63
CA THR R 499 95.68 5.41 -42.08
C THR R 499 95.55 6.33 -40.87
N ASP R 500 96.26 7.47 -40.93
CA ASP R 500 96.21 8.42 -39.83
C ASP R 500 94.94 9.26 -39.89
N GLU R 501 94.60 9.78 -41.07
CA GLU R 501 93.36 10.54 -41.23
C GLU R 501 92.14 9.61 -41.30
N GLY R 502 91.29 9.68 -40.30
CA GLY R 502 90.18 8.76 -40.19
C GLY R 502 89.06 9.09 -41.13
N PRO R 503 88.06 8.23 -41.22
CA PRO R 503 86.92 8.50 -42.10
C PRO R 503 86.24 9.80 -41.71
N GLY R 504 85.83 10.54 -42.73
CA GLY R 504 85.13 11.78 -42.55
C GLY R 504 83.62 11.64 -42.69
N GLU R 505 83.05 12.46 -43.55
CA GLU R 505 81.60 12.50 -43.75
C GLU R 505 81.05 11.18 -44.27
N VAL R 506 81.91 10.26 -44.72
CA VAL R 506 81.43 8.96 -45.17
C VAL R 506 80.84 8.15 -44.03
N VAL R 507 81.21 8.49 -42.78
CA VAL R 507 80.64 7.78 -41.63
C VAL R 507 79.14 8.02 -41.55
N LYS R 508 78.70 9.25 -41.86
CA LYS R 508 77.28 9.55 -41.82
C LYS R 508 76.47 8.70 -42.76
N ALA R 509 77.10 8.13 -43.79
CA ALA R 509 76.40 7.20 -44.66
C ALA R 509 75.88 6.01 -43.86
N LEU R 510 76.56 5.64 -42.78
CA LEU R 510 76.08 4.55 -41.94
C LEU R 510 74.75 4.90 -41.28
N THR R 511 74.59 6.15 -40.86
CA THR R 511 73.31 6.60 -40.32
C THR R 511 72.24 6.66 -41.38
N VAL R 512 72.57 7.16 -42.57
CA VAL R 512 71.60 7.21 -43.66
C VAL R 512 71.13 5.81 -44.04
N ASN R 513 72.07 4.87 -44.14
CA ASN R 513 71.72 3.49 -44.38
C ASN R 513 70.74 2.99 -43.33
N THR R 514 71.05 3.21 -42.05
CA THR R 514 70.17 2.76 -40.98
C THR R 514 68.80 3.42 -41.09
N ASN R 515 68.76 4.72 -41.29
CA ASN R 515 67.48 5.44 -41.33
C ASN R 515 66.61 4.97 -42.49
N ILE R 516 67.22 4.71 -43.65
CA ILE R 516 66.43 4.20 -44.77
C ILE R 516 65.89 2.82 -44.46
N ARG R 517 66.71 1.96 -43.86
CA ARG R 517 66.24 0.63 -43.49
C ARG R 517 65.09 0.74 -42.50
N ASN R 518 65.16 1.69 -41.56
CA ASN R 518 64.07 1.89 -40.61
C ASN R 518 62.78 2.24 -41.32
N SER R 519 62.85 3.10 -42.34
CA SER R 519 61.65 3.40 -43.12
C SER R 519 61.14 2.16 -43.86
N ASN R 520 62.08 1.36 -44.38
CA ASN R 520 61.69 0.13 -45.06
C ASN R 520 61.02 -0.83 -44.10
N ASN R 521 61.48 -0.86 -42.85
CA ASN R 521 60.86 -1.71 -41.85
C ASN R 521 59.43 -1.26 -41.59
N ALA R 522 59.19 0.04 -41.58
CA ALA R 522 57.82 0.54 -41.43
C ALA R 522 56.93 0.05 -42.54
N VAL R 523 57.44 0.05 -43.78
CA VAL R 523 56.62 -0.41 -44.90
C VAL R 523 56.41 -1.92 -44.83
N LYS R 524 57.48 -2.69 -44.57
CA LYS R 524 57.35 -4.13 -44.47
C LYS R 524 56.41 -4.52 -43.34
N ARG R 525 56.53 -3.85 -42.20
CA ARG R 525 55.63 -4.09 -41.06
C ARG R 525 54.20 -3.70 -41.38
N MET R 526 54.00 -2.57 -42.05
CA MET R 526 52.65 -2.21 -42.43
C MET R 526 52.02 -3.29 -43.32
N LEU R 527 52.74 -3.74 -44.35
CA LEU R 527 52.16 -4.72 -45.25
C LEU R 527 51.94 -6.07 -44.56
N ASN R 528 52.88 -6.49 -43.72
CA ASN R 528 52.69 -7.75 -43.01
C ASN R 528 51.57 -7.65 -41.98
N TYR R 529 51.41 -6.48 -41.38
CA TYR R 529 50.29 -6.28 -40.45
C TYR R 529 48.97 -6.37 -41.18
N LEU R 530 48.88 -5.77 -42.37
CA LEU R 530 47.63 -5.84 -43.12
C LEU R 530 47.27 -7.28 -43.44
N ALA R 531 48.26 -8.10 -43.81
CA ALA R 531 47.98 -9.51 -44.06
C ALA R 531 47.45 -10.21 -42.80
N GLN R 532 48.04 -9.90 -41.65
CA GLN R 532 47.58 -10.52 -40.40
C GLN R 532 46.17 -10.08 -40.06
N LEU R 533 45.87 -8.80 -40.28
CA LEU R 533 44.53 -8.30 -40.03
C LEU R 533 43.51 -8.91 -40.99
N ARG R 534 43.90 -9.08 -42.25
CA ARG R 534 42.99 -9.67 -43.22
C ARG R 534 42.54 -11.05 -42.78
N GLU R 535 43.49 -11.84 -42.28
CA GLU R 535 43.15 -13.20 -41.86
C GLU R 535 42.21 -13.19 -40.66
N VAL R 536 42.47 -12.32 -39.70
CA VAL R 536 41.63 -12.25 -38.50
C VAL R 536 40.23 -11.76 -38.85
N VAL R 537 40.13 -10.75 -39.70
CA VAL R 537 38.80 -10.25 -40.05
C VAL R 537 38.11 -11.19 -41.02
N HIS R 538 38.86 -11.89 -41.87
CA HIS R 538 38.24 -12.87 -42.76
C HIS R 538 37.49 -13.93 -41.96
N ASN R 539 38.10 -14.39 -40.87
CA ASN R 539 37.49 -15.39 -40.02
C ASN R 539 36.48 -14.73 -39.09
N GLY R 540 35.82 -15.53 -38.27
CA GLY R 540 34.71 -15.02 -37.49
C GLY R 540 35.15 -14.34 -36.20
N TYR R 541 35.95 -13.28 -36.32
CA TYR R 541 36.46 -12.55 -35.17
C TYR R 541 36.22 -11.06 -35.42
N ASN R 542 34.97 -10.63 -35.25
CA ASN R 542 34.55 -9.26 -35.49
C ASN R 542 34.11 -8.65 -34.16
N ARG R 543 34.69 -9.14 -33.08
CA ARG R 543 34.45 -8.65 -31.72
C ARG R 543 35.80 -8.49 -31.05
N PRO R 544 35.93 -7.53 -30.15
CA PRO R 544 37.19 -7.39 -29.40
C PRO R 544 37.44 -8.57 -28.49
N LYS R 545 38.72 -8.90 -28.36
CA LYS R 545 39.20 -10.01 -27.56
C LYS R 545 40.70 -9.82 -27.41
N PHE R 546 41.28 -10.47 -26.42
CA PHE R 546 42.73 -10.45 -26.23
C PHE R 546 43.34 -11.67 -26.90
N GLY R 547 44.42 -11.46 -27.63
CA GLY R 547 45.19 -12.54 -28.19
C GLY R 547 44.90 -12.87 -29.64
N ILE R 548 43.87 -12.27 -30.24
CA ILE R 548 43.57 -12.60 -31.64
C ILE R 548 44.52 -11.87 -32.57
N ILE R 549 44.92 -10.65 -32.21
CA ILE R 549 45.82 -9.85 -33.03
C ILE R 549 46.58 -8.89 -32.14
N GLU R 550 47.75 -8.46 -32.61
CA GLU R 550 48.56 -7.47 -31.91
C GLU R 550 47.84 -6.14 -31.81
N GLY R 551 48.13 -5.39 -30.75
CA GLY R 551 47.58 -4.07 -30.59
C GLY R 551 46.70 -3.96 -29.37
N ALA R 552 46.99 -3.01 -28.49
CA ALA R 552 46.24 -2.91 -27.24
C ALA R 552 44.76 -2.68 -27.53
N LEU R 553 44.45 -1.91 -28.56
CA LEU R 553 43.06 -1.58 -28.86
C LEU R 553 42.30 -2.75 -29.46
N SER R 554 42.96 -3.86 -29.77
CA SER R 554 42.25 -5.04 -30.27
C SER R 554 41.30 -5.60 -29.23
N ALA R 555 41.50 -5.27 -27.95
CA ALA R 555 40.53 -5.64 -26.93
C ALA R 555 39.46 -4.58 -26.73
N VAL R 556 39.52 -3.48 -27.47
CA VAL R 556 38.58 -2.39 -27.28
C VAL R 556 37.61 -2.22 -28.45
N MET R 557 38.08 -2.32 -29.68
CA MET R 557 37.24 -2.11 -30.86
C MET R 557 37.16 -3.37 -31.68
N ARG R 558 36.06 -3.50 -32.42
CA ARG R 558 35.90 -4.63 -33.34
C ARG R 558 36.90 -4.53 -34.47
N PRO R 559 37.71 -5.56 -34.69
CA PRO R 559 38.59 -5.57 -35.87
C PRO R 559 37.78 -5.48 -37.15
N THR R 560 38.30 -4.73 -38.11
CA THR R 560 37.65 -4.57 -39.40
C THR R 560 38.68 -4.40 -40.50
N TYR R 561 38.33 -4.84 -41.69
CA TYR R 561 39.25 -4.86 -42.83
C TYR R 561 38.40 -4.95 -44.09
N ARG R 562 38.65 -4.06 -45.03
CA ARG R 562 38.00 -4.11 -46.33
C ARG R 562 39.06 -4.06 -47.41
N TYR R 563 39.03 -5.03 -48.32
CA TYR R 563 39.93 -5.11 -49.45
C TYR R 563 39.13 -4.95 -50.74
N LYS R 564 39.60 -4.06 -51.60
CA LYS R 564 38.94 -3.82 -52.88
C LYS R 564 40.01 -3.66 -53.95
N GLU R 565 39.74 -4.19 -55.14
CA GLU R 565 40.64 -4.06 -56.28
C GLU R 565 40.00 -3.11 -57.29
N LEU R 566 40.62 -1.94 -57.47
CA LEU R 566 40.12 -0.92 -58.38
C LEU R 566 40.79 -1.09 -59.75
N ASP R 567 40.25 -2.02 -60.54
CA ASP R 567 40.64 -2.10 -61.94
C ASP R 567 39.87 -1.00 -62.66
N LEU R 568 40.54 0.13 -62.88
CA LEU R 568 39.82 1.39 -63.11
C LEU R 568 38.91 1.31 -64.32
N GLU R 569 39.29 0.54 -65.33
CA GLU R 569 38.41 0.38 -66.49
C GLU R 569 37.03 -0.12 -66.09
N LYS R 570 36.96 -0.93 -65.03
CA LYS R 570 35.70 -1.46 -64.54
C LYS R 570 35.08 -0.63 -63.43
N VAL R 571 35.64 0.53 -63.12
CA VAL R 571 35.12 1.38 -62.06
C VAL R 571 34.74 2.77 -62.56
N ILE R 572 35.52 3.37 -63.43
CA ILE R 572 35.31 4.75 -63.85
C ILE R 572 34.25 4.79 -64.94
N ASP R 573 33.34 5.75 -64.82
CA ASP R 573 32.35 6.07 -65.86
C ASP R 573 32.67 7.46 -66.37
N THR R 574 33.12 7.56 -67.61
CA THR R 574 33.51 8.85 -68.18
C THR R 574 32.97 8.97 -69.59
N ILE R 575 32.65 10.20 -69.97
CA ILE R 575 31.99 10.50 -71.23
C ILE R 575 32.90 11.25 -72.19
N LYS R 576 33.54 12.32 -71.72
CA LYS R 576 34.41 13.13 -72.56
C LYS R 576 35.72 13.45 -71.85
N SER R 577 36.78 13.61 -72.64
CA SER R 577 38.13 13.78 -72.09
C SER R 577 38.25 15.03 -71.23
N LYS R 578 37.46 16.07 -71.50
CA LYS R 578 37.57 17.28 -70.67
C LYS R 578 37.41 16.94 -69.20
N ASP R 579 36.58 15.95 -68.90
CA ASP R 579 36.29 15.55 -67.53
C ASP R 579 37.13 14.38 -67.04
N ARG R 580 38.09 13.92 -67.83
CA ARG R 580 38.75 12.64 -67.51
C ARG R 580 39.47 12.72 -66.17
N TRP R 581 40.12 13.85 -65.89
CA TRP R 581 40.85 13.98 -64.63
C TRP R 581 39.91 13.88 -63.44
N ASP R 582 38.80 14.61 -63.48
CA ASP R 582 37.89 14.57 -62.34
C ASP R 582 37.24 13.20 -62.21
N ASP R 583 36.98 12.53 -63.34
CA ASP R 583 36.40 11.20 -63.28
C ASP R 583 37.36 10.18 -62.69
N VAL R 584 38.65 10.25 -63.04
CA VAL R 584 39.60 9.31 -62.43
C VAL R 584 39.73 9.57 -60.93
N CYS R 585 39.91 10.85 -60.55
CA CYS R 585 40.10 11.16 -59.13
C CYS R 585 38.86 10.85 -58.31
N ALA R 586 37.68 11.18 -58.83
CA ALA R 586 36.46 10.94 -58.09
C ALA R 586 36.23 9.46 -57.88
N ALA R 587 36.49 8.64 -58.90
CA ALA R 587 36.24 7.21 -58.78
C ALA R 587 37.08 6.61 -57.66
N ILE R 588 38.35 7.03 -57.56
CA ILE R 588 39.20 6.47 -56.52
C ILE R 588 38.73 6.92 -55.14
N LEU R 589 38.45 8.23 -54.99
CA LEU R 589 37.99 8.74 -53.70
C LEU R 589 36.63 8.17 -53.32
N ASN R 590 35.73 8.02 -54.30
CA ASN R 590 34.41 7.48 -54.02
C ASN R 590 34.50 6.03 -53.58
N CYS R 591 35.42 5.26 -54.16
CA CYS R 591 35.60 3.89 -53.69
C CYS R 591 36.02 3.86 -52.24
N VAL R 592 36.91 4.78 -51.83
CA VAL R 592 37.30 4.85 -50.43
C VAL R 592 36.10 5.19 -49.57
N LYS R 593 35.30 6.18 -49.97
CA LYS R 593 34.12 6.54 -49.18
C LYS R 593 33.19 5.34 -49.03
N ALA R 594 32.92 4.63 -50.12
CA ALA R 594 31.99 3.51 -50.08
C ALA R 594 32.44 2.42 -49.13
N GLU R 595 33.74 2.12 -49.08
CA GLU R 595 34.21 1.07 -48.18
C GLU R 595 34.49 1.60 -46.79
N LEU R 596 34.80 2.89 -46.64
CA LEU R 596 35.15 3.43 -45.35
C LEU R 596 33.94 3.63 -44.45
N PHE R 597 32.88 4.25 -44.97
CA PHE R 597 31.72 4.55 -44.13
C PHE R 597 31.16 3.32 -43.43
N PRO R 598 30.94 2.18 -44.11
CA PRO R 598 30.46 1.01 -43.37
C PRO R 598 31.49 0.43 -42.42
N ALA R 599 32.78 0.64 -42.67
CA ALA R 599 33.80 0.19 -41.72
C ALA R 599 33.82 1.09 -40.51
N HIS R 600 33.65 2.40 -40.70
CA HIS R 600 33.52 3.29 -39.56
C HIS R 600 32.27 2.99 -38.76
N ARG R 601 31.17 2.61 -39.43
CA ARG R 601 29.98 2.23 -38.70
C ARG R 601 30.13 0.88 -38.02
N ASP R 602 30.59 -0.13 -38.76
CA ASP R 602 30.65 -1.49 -38.24
C ASP R 602 31.66 -1.61 -37.11
N SER R 603 32.79 -0.91 -37.24
CA SER R 603 33.76 -0.94 -36.17
C SER R 603 33.29 -0.07 -35.01
N ASN R 604 33.96 -0.24 -33.88
CA ASN R 604 33.68 0.59 -32.70
C ASN R 604 34.74 1.66 -32.53
N ILE R 605 35.33 2.09 -33.65
CA ILE R 605 36.47 3.00 -33.59
C ILE R 605 36.05 4.35 -33.00
N GLU R 606 34.82 4.78 -33.29
CA GLU R 606 34.39 6.08 -32.79
C GLU R 606 34.35 6.09 -31.26
N ALA R 607 33.80 5.02 -30.65
CA ALA R 607 33.80 4.93 -29.20
C ALA R 607 35.21 4.78 -28.64
N ALA R 608 36.06 4.02 -29.33
CA ALA R 608 37.40 3.75 -28.82
C ALA R 608 38.17 5.04 -28.59
N PHE R 609 38.12 5.97 -29.55
CA PHE R 609 38.84 7.23 -29.36
C PHE R 609 38.16 8.10 -28.30
N ARG R 610 36.83 8.14 -28.31
CA ARG R 610 36.15 8.97 -27.33
C ARG R 610 36.41 8.47 -25.91
N VAL R 611 36.45 7.15 -25.72
CA VAL R 611 36.65 6.63 -24.36
C VAL R 611 38.12 6.67 -23.97
N ILE R 612 39.04 6.34 -24.88
CA ILE R 612 40.43 6.26 -24.48
C ILE R 612 41.05 7.64 -24.36
N SER R 613 40.75 8.54 -25.28
CA SER R 613 41.36 9.86 -25.26
C SER R 613 40.97 10.65 -24.03
N GLY R 614 39.82 10.35 -23.44
CA GLY R 614 39.27 11.18 -22.38
C GLY R 614 38.53 12.41 -22.85
N ASN R 615 38.45 12.64 -24.16
CA ASN R 615 37.80 13.81 -24.73
C ASN R 615 36.42 13.39 -25.22
N GLN R 616 35.38 14.03 -24.69
CA GLN R 616 34.02 13.64 -25.03
C GLN R 616 33.78 13.77 -26.53
N ASP R 617 34.41 14.75 -27.17
CA ASP R 617 34.24 15.01 -28.59
C ASP R 617 35.57 14.76 -29.27
N GLU R 618 35.75 13.51 -29.72
CA GLU R 618 36.98 13.10 -30.38
C GLU R 618 36.63 12.08 -31.45
N THR R 619 37.13 12.29 -32.64
CA THR R 619 36.94 11.37 -33.75
C THR R 619 38.27 11.09 -34.41
N PRO R 620 38.44 9.91 -35.01
CA PRO R 620 39.70 9.62 -35.70
C PRO R 620 39.83 10.44 -36.98
N MET R 621 41.08 10.70 -37.35
CA MET R 621 41.39 11.23 -38.66
C MET R 621 42.06 10.12 -39.46
N TYR R 622 41.70 10.03 -40.74
CA TYR R 622 42.20 8.98 -41.60
C TYR R 622 43.32 9.48 -42.49
N LEU R 623 44.37 8.68 -42.61
CA LEU R 623 45.49 8.97 -43.52
C LEU R 623 45.34 8.14 -44.77
N PHE R 624 45.51 8.77 -45.93
CA PHE R 624 45.51 8.05 -47.19
C PHE R 624 46.95 7.71 -47.53
N CYS R 625 47.33 6.46 -47.33
CA CYS R 625 48.70 6.01 -47.55
C CYS R 625 48.81 5.48 -48.97
N SER R 626 49.60 6.15 -49.81
CA SER R 626 49.61 5.83 -51.22
C SER R 626 51.03 5.92 -51.76
N ASP R 627 51.21 5.43 -52.97
CA ASP R 627 52.44 5.65 -53.72
C ASP R 627 52.33 6.98 -54.46
N LYS R 628 53.36 7.32 -55.24
CA LYS R 628 53.42 8.64 -55.86
C LYS R 628 52.40 8.79 -56.99
N GLU R 629 52.17 7.73 -57.75
CA GLU R 629 51.23 7.79 -58.87
C GLU R 629 49.81 8.03 -58.37
N ILE R 630 49.41 7.30 -57.34
CA ILE R 630 48.07 7.45 -56.80
C ILE R 630 47.91 8.79 -56.10
N ALA R 631 48.92 9.20 -55.34
CA ALA R 631 48.85 10.46 -54.61
C ALA R 631 48.60 11.62 -55.55
N ASN R 632 49.15 11.55 -56.77
CA ASN R 632 48.96 12.64 -57.72
C ASN R 632 47.48 12.88 -58.01
N TYR R 633 46.67 11.83 -57.87
CA TYR R 633 45.25 11.98 -58.06
C TYR R 633 44.52 12.34 -56.75
N LEU R 634 44.84 11.73 -55.62
CA LEU R 634 44.07 12.06 -54.40
C LEU R 634 44.28 13.52 -53.96
N MET R 635 45.47 14.08 -54.21
CA MET R 635 45.79 15.46 -53.78
C MET R 635 45.12 16.53 -54.59
N THR R 636 44.45 16.17 -55.66
CA THR R 636 43.82 17.14 -56.57
C THR R 636 43.39 18.45 -55.99
N LYS R 637 42.48 18.42 -55.03
CA LYS R 637 41.97 19.62 -54.42
C LYS R 637 42.10 19.26 -52.97
N GLY R 638 43.18 19.71 -52.33
CA GLY R 638 43.32 19.41 -50.91
C GLY R 638 42.80 20.59 -50.10
N ASP R 639 42.07 21.48 -50.75
CA ASP R 639 41.59 22.69 -50.09
C ASP R 639 40.69 22.32 -48.92
N ASP R 640 39.89 21.25 -49.04
CA ASP R 640 39.02 20.87 -47.93
C ASP R 640 38.91 19.37 -47.93
N ARG R 641 39.73 18.71 -47.10
CA ARG R 641 39.84 17.27 -47.13
C ARG R 641 38.83 16.61 -46.19
N THR R 642 37.55 16.49 -46.61
CA THR R 642 36.54 15.84 -45.79
C THR R 642 35.94 14.68 -46.56
N LEU R 643 35.36 13.73 -45.83
CA LEU R 643 34.70 12.59 -46.46
C LEU R 643 33.20 12.56 -46.20
N GLY R 644 32.78 12.66 -44.96
CA GLY R 644 31.38 12.59 -44.61
C GLY R 644 30.94 13.89 -43.98
N ALA R 645 30.10 13.77 -42.95
CA ALA R 645 29.63 14.98 -42.27
C ALA R 645 30.74 15.63 -41.48
N TYR R 646 31.59 14.83 -40.85
CA TYR R 646 32.61 15.34 -39.93
C TYR R 646 33.99 14.78 -40.21
N LEU R 647 34.08 13.67 -40.94
CA LEU R 647 35.34 12.97 -41.12
C LEU R 647 36.31 13.81 -41.96
N LYS R 648 37.56 13.81 -41.54
CA LYS R 648 38.62 14.50 -42.24
C LYS R 648 39.72 13.50 -42.56
N TYR R 649 40.55 13.84 -43.54
CA TYR R 649 41.65 12.95 -43.91
C TYR R 649 42.87 13.78 -44.31
N ASP R 650 44.01 13.09 -44.37
CA ASP R 650 45.24 13.67 -44.88
C ASP R 650 45.91 12.65 -45.78
N ILE R 651 46.81 13.12 -46.63
CA ILE R 651 47.43 12.29 -47.67
C ILE R 651 48.92 12.22 -47.41
N VAL R 652 49.45 11.01 -47.34
CA VAL R 652 50.88 10.78 -47.18
C VAL R 652 51.32 9.79 -48.24
N SER R 653 52.48 10.00 -48.84
CA SER R 653 52.93 9.21 -49.97
C SER R 653 54.36 8.73 -49.77
N THR R 654 54.67 7.59 -50.40
CA THR R 654 56.03 7.05 -50.45
C THR R 654 56.32 6.50 -51.83
N ASN R 655 57.60 6.42 -52.16
CA ASN R 655 58.05 5.76 -53.39
C ASN R 655 58.69 4.40 -53.15
N ASN R 656 58.47 3.80 -51.99
CA ASN R 656 58.98 2.46 -51.72
C ASN R 656 58.36 1.45 -52.68
N GLN R 657 59.21 0.70 -53.36
CA GLN R 657 58.72 -0.30 -54.31
C GLN R 657 57.73 -1.27 -53.70
N LEU R 658 57.87 -1.58 -52.40
CA LEU R 658 57.01 -2.59 -51.80
C LEU R 658 55.56 -2.11 -51.79
N PHE R 659 55.35 -0.80 -51.87
CA PHE R 659 54.04 -0.19 -51.74
C PHE R 659 53.53 0.31 -53.08
N ASP R 660 54.14 -0.16 -54.17
CA ASP R 660 53.78 0.31 -55.50
C ASP R 660 52.37 -0.12 -55.88
N GLY R 661 51.51 0.86 -56.17
CA GLY R 661 50.16 0.57 -56.58
C GLY R 661 49.18 0.29 -55.46
N LYS R 662 49.55 0.57 -54.22
CA LYS R 662 48.71 0.29 -53.07
C LYS R 662 48.18 1.61 -52.50
N LEU R 663 46.93 1.59 -52.06
CA LEU R 663 46.37 2.66 -51.26
C LEU R 663 45.77 2.04 -50.02
N VAL R 664 46.23 2.48 -48.85
CA VAL R 664 45.75 1.97 -47.58
C VAL R 664 45.34 3.15 -46.72
N VAL R 665 44.12 3.10 -46.19
CA VAL R 665 43.57 4.17 -45.38
C VAL R 665 43.55 3.69 -43.94
N ILE R 666 44.15 4.46 -43.04
CA ILE R 666 44.25 4.09 -41.64
C ILE R 666 43.87 5.27 -40.77
N PRO R 667 43.28 5.02 -39.60
CA PRO R 667 42.98 6.09 -38.66
C PRO R 667 44.23 6.57 -37.93
N THR R 668 44.14 7.78 -37.41
CA THR R 668 45.15 8.31 -36.51
C THR R 668 44.49 9.37 -35.64
N ARG R 669 45.09 9.64 -34.49
CA ARG R 669 44.65 10.75 -33.67
C ARG R 669 44.91 12.08 -34.35
N ALA R 670 43.91 12.95 -34.36
CA ALA R 670 44.00 14.21 -35.11
C ALA R 670 45.17 15.04 -34.63
N VAL R 671 45.43 15.05 -33.32
CA VAL R 671 46.55 15.80 -32.75
C VAL R 671 47.46 14.79 -32.06
N GLN R 672 48.65 14.60 -32.61
CA GLN R 672 49.56 13.59 -32.08
C GLN R 672 50.21 14.07 -30.78
N GLN R 673 50.40 13.15 -29.86
CA GLN R 673 51.07 13.49 -28.61
C GLN R 673 52.39 12.73 -28.49
N GLU R 674 52.65 12.17 -27.31
CA GLU R 674 53.91 11.46 -27.10
C GLU R 674 53.71 9.97 -27.37
N ASN R 675 53.60 9.17 -26.32
CA ASN R 675 53.43 7.73 -26.50
C ASN R 675 51.97 7.45 -26.77
N ASP R 676 51.42 8.09 -27.80
CA ASP R 676 49.98 8.04 -28.04
C ASP R 676 49.49 6.68 -28.44
N ILE R 677 48.71 6.03 -27.58
CA ILE R 677 48.24 4.70 -27.97
C ILE R 677 47.32 4.76 -29.17
N LEU R 678 46.68 5.92 -29.38
CA LEU R 678 45.63 6.02 -30.38
C LEU R 678 46.24 6.17 -31.77
N SER R 679 47.56 6.26 -31.85
CA SER R 679 48.28 6.22 -33.12
C SER R 679 48.17 4.83 -33.74
N TRP R 680 47.93 4.80 -35.05
CA TRP R 680 47.74 3.52 -35.72
C TRP R 680 48.89 2.56 -35.46
N GLY R 681 50.13 3.02 -35.62
CA GLY R 681 51.27 2.28 -35.14
C GLY R 681 52.23 3.22 -34.44
N GLN R 682 53.30 2.65 -33.90
CA GLN R 682 54.30 3.45 -33.23
C GLN R 682 55.67 2.92 -33.59
N PHE R 683 56.64 3.83 -33.61
CA PHE R 683 58.04 3.50 -33.87
C PHE R 683 58.83 3.72 -32.59
N PHE R 684 59.20 2.64 -31.93
CA PHE R 684 59.89 2.73 -30.66
C PHE R 684 61.38 2.67 -30.92
N TYR R 685 62.06 3.79 -30.78
CA TYR R 685 63.44 3.94 -31.24
C TYR R 685 64.36 4.06 -30.03
N VAL R 686 65.43 3.30 -30.04
CA VAL R 686 66.53 3.48 -29.09
C VAL R 686 67.75 3.94 -29.86
N SER R 687 68.52 4.85 -29.26
CA SER R 687 69.65 5.46 -29.96
C SER R 687 70.54 4.39 -30.59
N THR R 688 70.94 4.66 -31.84
CA THR R 688 71.81 3.78 -32.59
C THR R 688 73.26 3.97 -32.12
N VAL R 689 74.01 2.87 -32.11
CA VAL R 689 75.41 2.91 -31.66
C VAL R 689 76.30 2.64 -32.85
N ILE R 690 77.36 3.42 -32.98
CA ILE R 690 78.36 3.24 -34.03
C ILE R 690 79.61 2.74 -33.32
N ALA R 691 80.01 1.51 -33.61
CA ALA R 691 81.16 0.90 -32.95
C ALA R 691 82.36 0.92 -33.86
N ASP R 692 83.51 1.35 -33.33
CA ASP R 692 84.75 1.43 -34.10
C ASP R 692 85.85 0.68 -33.36
N LEU R 693 86.33 -0.40 -33.96
CA LEU R 693 87.32 -1.27 -33.34
C LEU R 693 88.06 -1.97 -34.46
N PRO R 694 89.39 -1.97 -34.45
CA PRO R 694 90.12 -2.72 -35.46
C PRO R 694 90.02 -4.22 -35.22
N ILE R 695 89.49 -4.95 -36.19
CA ILE R 695 89.21 -6.37 -36.06
C ILE R 695 90.00 -7.13 -37.10
N THR R 696 90.72 -8.16 -36.67
CA THR R 696 91.42 -9.05 -37.59
C THR R 696 90.44 -10.02 -38.24
N ARG R 697 89.53 -9.49 -39.06
CA ARG R 697 88.43 -10.29 -39.60
C ARG R 697 88.97 -11.37 -40.53
N GLY R 698 88.56 -12.60 -40.27
CA GLY R 698 88.99 -13.72 -41.07
C GLY R 698 90.28 -14.38 -40.59
N GLY R 699 90.99 -13.77 -39.65
CA GLY R 699 92.23 -14.31 -39.15
C GLY R 699 93.47 -13.98 -39.94
N HIS R 700 93.35 -13.31 -41.08
CA HIS R 700 94.53 -13.01 -41.88
C HIS R 700 94.60 -11.55 -42.31
N GLN R 701 93.47 -10.84 -42.25
CA GLN R 701 93.40 -9.45 -42.67
C GLN R 701 93.00 -8.58 -41.49
N VAL R 702 93.55 -7.37 -41.44
CA VAL R 702 93.24 -6.41 -40.38
C VAL R 702 92.59 -5.19 -41.03
N THR R 703 91.33 -4.94 -40.65
CA THR R 703 90.57 -3.81 -41.18
C THR R 703 89.82 -3.16 -40.03
N ARG R 704 89.82 -1.83 -39.99
CA ARG R 704 88.95 -1.12 -39.09
C ARG R 704 87.52 -1.20 -39.60
N GLU R 705 86.63 -1.70 -38.75
CA GLU R 705 85.22 -1.84 -39.11
C GLU R 705 84.39 -0.91 -38.24
N ILE R 706 83.74 0.07 -38.86
CA ILE R 706 82.84 0.99 -38.17
C ILE R 706 81.43 0.53 -38.49
N ALA R 707 80.73 0.01 -37.49
CA ALA R 707 79.43 -0.62 -37.69
C ALA R 707 78.35 0.14 -36.94
N ALA R 708 77.25 0.42 -37.63
CA ALA R 708 76.08 1.06 -37.04
C ALA R 708 75.04 -0.02 -36.74
N ILE R 709 74.74 -0.22 -35.46
CA ILE R 709 73.87 -1.31 -35.02
C ILE R 709 72.51 -0.72 -34.67
N PRO R 710 71.48 -1.06 -35.46
CA PRO R 710 70.13 -0.56 -35.16
C PRO R 710 69.50 -1.17 -33.91
N PHE R 711 68.58 -0.45 -33.30
CA PHE R 711 67.87 -0.92 -32.11
C PHE R 711 66.50 -0.28 -32.10
N ASN R 712 65.52 -0.89 -32.78
CA ASN R 712 64.21 -0.25 -32.84
C ASN R 712 63.14 -1.27 -33.22
N LEU R 713 61.90 -0.90 -32.93
CA LEU R 713 60.74 -1.74 -33.17
C LEU R 713 59.58 -0.89 -33.67
N HIS R 714 58.89 -1.40 -34.68
CA HIS R 714 57.60 -0.88 -35.12
C HIS R 714 56.50 -1.73 -34.49
N VAL R 715 55.48 -1.07 -33.95
CA VAL R 715 54.37 -1.77 -33.31
C VAL R 715 53.08 -1.22 -33.90
N ASN R 716 52.11 -2.10 -34.13
CA ASN R 716 50.80 -1.73 -34.63
C ASN R 716 49.82 -1.76 -33.48
N ASN R 717 48.95 -0.76 -33.39
CA ASN R 717 48.00 -0.69 -32.30
C ASN R 717 46.59 -1.03 -32.77
N ILE R 718 46.11 -0.33 -33.78
CA ILE R 718 44.68 -0.34 -34.12
C ILE R 718 44.41 -1.47 -35.10
N PRO R 719 43.45 -2.34 -34.83
CA PRO R 719 43.12 -3.41 -35.78
C PRO R 719 42.24 -2.96 -36.94
N PHE R 720 42.53 -1.79 -37.51
CA PHE R 720 41.73 -1.23 -38.60
C PHE R 720 42.61 -1.02 -39.83
N ALA R 721 42.09 -1.37 -41.00
CA ALA R 721 42.73 -1.01 -42.25
C ALA R 721 41.70 -1.06 -43.37
N LEU R 722 41.86 -0.17 -44.36
CA LEU R 722 41.19 -0.28 -45.65
C LEU R 722 42.24 -0.39 -46.72
N GLU R 723 42.24 -1.48 -47.46
CA GLU R 723 43.29 -1.76 -48.42
C GLU R 723 42.73 -1.73 -49.84
N PHE R 724 43.34 -0.89 -50.68
CA PHE R 724 42.90 -0.73 -52.06
C PHE R 724 44.05 -1.01 -53.02
N LYS R 725 43.77 -1.83 -54.02
CA LYS R 725 44.71 -2.14 -55.09
C LYS R 725 44.22 -1.41 -56.34
N ILE R 726 44.97 -0.38 -56.75
CA ILE R 726 44.54 0.52 -57.82
C ILE R 726 45.48 0.31 -59.00
N THR R 727 44.91 -0.05 -60.15
CA THR R 727 45.70 -0.37 -61.32
C THR R 727 44.96 0.12 -62.56
N GLY R 728 45.72 0.40 -63.61
CA GLY R 728 45.13 0.72 -64.89
C GLY R 728 44.89 2.19 -65.12
N PHE R 729 45.87 3.03 -64.80
CA PHE R 729 45.72 4.45 -65.14
C PHE R 729 45.98 4.68 -66.62
N GLN R 730 46.93 3.95 -67.19
CA GLN R 730 47.37 4.23 -68.56
C GLN R 730 46.32 3.80 -69.57
N LYS R 731 45.56 2.76 -69.27
CA LYS R 731 44.53 2.31 -70.19
C LYS R 731 43.23 3.10 -70.00
N VAL R 732 43.19 4.04 -69.05
CA VAL R 732 42.01 4.87 -68.90
C VAL R 732 42.28 6.28 -69.39
N MET R 733 43.41 6.87 -69.00
CA MET R 733 43.71 8.22 -69.45
C MET R 733 44.43 8.26 -70.79
N GLY R 734 44.88 7.13 -71.31
CA GLY R 734 45.56 7.11 -72.58
C GLY R 734 44.78 6.46 -73.69
N GLU R 735 43.50 6.18 -73.44
CA GLU R 735 42.67 5.49 -74.42
C GLU R 735 41.25 6.02 -74.32
N THR R 736 40.51 5.84 -75.41
CA THR R 736 39.08 6.11 -75.41
C THR R 736 38.37 5.13 -74.49
N GLN R 737 37.50 5.64 -73.63
CA GLN R 737 36.71 4.82 -72.74
C GLN R 737 35.23 4.81 -73.12
N PHE R 738 34.81 5.76 -73.96
CA PHE R 738 33.39 5.88 -74.27
C PHE R 738 33.14 5.71 -75.76
N ASN R 739 33.77 6.55 -76.58
CA ASN R 739 33.56 6.48 -78.03
C ASN R 739 34.09 5.18 -78.61
N GLY R 740 35.18 4.67 -78.05
CA GLY R 740 35.71 3.40 -78.52
C GLY R 740 34.73 2.27 -78.33
N LYS R 741 34.00 2.28 -77.21
CA LYS R 741 33.02 1.24 -76.95
C LYS R 741 31.88 1.30 -77.96
N LEU R 742 31.41 2.51 -78.27
CA LEU R 742 30.37 2.65 -79.28
C LEU R 742 30.84 2.15 -80.64
N ALA R 743 32.10 2.38 -80.97
CA ALA R 743 32.66 1.82 -82.20
C ALA R 743 32.64 0.29 -82.16
N ASP R 744 32.88 -0.30 -81.00
CA ASP R 744 32.91 -1.76 -80.92
C ASP R 744 31.53 -2.35 -81.19
N LEU R 745 30.48 -1.59 -80.94
CA LEU R 745 29.12 -2.04 -81.25
C LEU R 745 28.80 -1.99 -82.74
N LYS R 746 29.69 -1.44 -83.55
CA LYS R 746 29.48 -1.39 -84.99
C LYS R 746 29.49 -2.82 -85.55
N PRO R 747 28.50 -3.20 -86.37
CA PRO R 747 28.39 -4.50 -87.05
C PRO R 747 29.67 -4.94 -87.76
N ASN S 164 76.90 -13.52 -17.52
CA ASN S 164 76.01 -12.80 -18.41
C ASN S 164 76.81 -11.90 -19.34
N TYR S 165 77.24 -12.46 -20.46
CA TYR S 165 78.03 -11.68 -21.40
C TYR S 165 77.29 -10.46 -21.90
N ASN S 166 76.00 -10.60 -22.19
CA ASN S 166 75.19 -9.51 -22.72
C ASN S 166 74.04 -9.27 -21.75
N GLU S 167 74.19 -8.28 -20.88
CA GLU S 167 73.15 -7.95 -19.93
C GLU S 167 72.18 -6.95 -20.60
N LYS S 168 71.54 -7.44 -21.66
CA LYS S 168 70.51 -6.68 -22.34
C LYS S 168 69.22 -6.70 -21.56
N SER S 169 68.55 -5.55 -21.52
CA SER S 169 67.39 -5.37 -20.66
C SER S 169 66.32 -6.37 -21.04
N GLN S 170 65.82 -7.11 -20.07
CA GLN S 170 64.71 -8.02 -20.29
C GLN S 170 63.55 -7.82 -19.33
N ARG S 171 63.78 -7.14 -18.21
CA ARG S 171 62.74 -7.10 -17.17
C ARG S 171 62.10 -5.72 -17.10
N ASP S 172 62.91 -4.67 -17.04
CA ASP S 172 62.42 -3.31 -16.88
C ASP S 172 62.02 -2.74 -18.23
N PHE S 173 60.82 -2.18 -18.29
CA PHE S 173 60.32 -1.57 -19.51
C PHE S 173 59.60 -0.27 -19.17
N ARG S 174 59.45 0.60 -20.15
CA ARG S 174 58.59 1.76 -19.97
C ARG S 174 57.14 1.34 -20.02
N VAL S 175 56.32 1.91 -19.14
CA VAL S 175 54.91 1.58 -19.04
C VAL S 175 54.09 2.79 -19.47
N VAL S 176 53.10 2.57 -20.32
CA VAL S 176 52.11 3.58 -20.66
C VAL S 176 50.74 3.11 -20.19
N THR S 177 50.03 4.00 -19.49
CA THR S 177 48.69 3.72 -18.98
C THR S 177 47.67 4.22 -19.99
N ILE S 178 46.87 3.30 -20.53
CA ILE S 178 45.87 3.69 -21.52
C ILE S 178 44.63 4.23 -20.81
N GLY S 179 44.18 5.39 -21.27
CA GLY S 179 43.03 6.04 -20.68
C GLY S 179 41.76 5.25 -20.90
N TYR S 180 40.79 5.50 -20.01
CA TYR S 180 39.51 4.81 -20.12
C TYR S 180 38.42 5.62 -19.42
N ASN S 181 37.72 6.46 -20.16
CA ASN S 181 36.76 7.41 -19.59
C ASN S 181 35.40 7.22 -20.24
N LEU S 182 34.50 6.53 -19.54
CA LEU S 182 33.18 6.26 -20.10
C LEU S 182 32.24 7.40 -19.74
N ALA S 183 31.34 7.73 -20.65
CA ALA S 183 30.35 8.77 -20.44
C ALA S 183 29.08 8.44 -21.22
N ALA S 184 27.95 8.87 -20.68
CA ALA S 184 26.69 8.80 -21.42
C ALA S 184 25.71 9.79 -20.80
N SER S 185 25.01 10.51 -21.66
CA SER S 185 23.95 11.41 -21.23
C SER S 185 22.68 10.61 -20.97
N ARG S 186 21.75 11.23 -20.22
CA ARG S 186 20.50 10.56 -19.87
C ARG S 186 19.90 9.86 -21.08
N GLN S 187 19.90 10.53 -22.22
CA GLN S 187 19.68 9.89 -23.50
C GLN S 187 20.66 10.47 -24.50
N ASP S 188 21.09 9.64 -25.44
CA ASP S 188 21.91 10.13 -26.55
C ASP S 188 21.09 11.12 -27.35
N GLU S 189 21.77 12.03 -28.07
CA GLU S 189 21.09 12.99 -28.91
C GLU S 189 20.08 12.30 -29.81
N PHE S 190 20.44 11.12 -30.33
CA PHE S 190 19.54 10.36 -31.18
C PHE S 190 18.26 9.99 -30.44
N ALA S 191 18.40 9.37 -29.27
CA ALA S 191 17.23 8.97 -28.50
C ALA S 191 16.49 10.19 -27.97
N GLU S 192 17.21 11.26 -27.65
CA GLU S 192 16.56 12.42 -27.05
C GLU S 192 15.68 13.14 -28.06
N ARG S 193 16.15 13.28 -29.31
CA ARG S 193 15.32 13.95 -30.31
C ARG S 193 14.07 13.14 -30.60
N ILE S 194 14.18 11.81 -30.58
CA ILE S 194 13.02 10.97 -30.87
C ILE S 194 12.10 10.88 -29.67
N TYR S 195 12.67 10.70 -28.48
CA TYR S 195 11.91 10.60 -27.23
C TYR S 195 12.39 11.70 -26.28
N PRO S 196 11.94 12.94 -26.45
CA PRO S 196 12.42 14.00 -25.55
C PRO S 196 12.10 13.67 -24.10
N THR S 197 13.00 14.08 -23.21
CA THR S 197 12.89 13.74 -21.79
C THR S 197 11.87 14.66 -21.14
N THR S 198 10.95 14.07 -20.38
CA THR S 198 10.06 14.82 -19.50
C THR S 198 10.24 14.31 -18.08
N VAL S 199 10.42 15.23 -17.14
CA VAL S 199 10.66 14.87 -15.75
C VAL S 199 9.32 14.63 -15.06
N ILE S 200 9.15 13.45 -14.50
CA ILE S 200 7.92 13.05 -13.82
C ILE S 200 8.23 12.84 -12.35
N ASN S 201 7.43 13.45 -11.48
CA ASN S 201 7.67 13.35 -10.06
C ASN S 201 7.52 11.90 -9.59
N PRO S 202 8.41 11.42 -8.72
CA PRO S 202 8.26 10.04 -8.21
C PRO S 202 6.90 9.75 -7.61
N ILE S 203 6.22 10.75 -7.05
CA ILE S 203 4.90 10.51 -6.45
C ILE S 203 3.88 10.21 -7.54
N GLU S 204 4.16 10.63 -8.78
CA GLU S 204 3.22 10.40 -9.87
C GLU S 204 3.48 9.06 -10.51
N GLY S 205 4.73 8.79 -10.89
CA GLY S 205 5.08 7.49 -11.44
C GLY S 205 4.38 7.17 -12.74
N GLY S 206 4.03 8.17 -13.52
CA GLY S 206 3.33 7.93 -14.78
C GLY S 206 2.50 9.14 -15.14
N VAL S 207 1.89 9.05 -16.32
CA VAL S 207 1.13 10.15 -16.90
C VAL S 207 -0.22 9.62 -17.36
N VAL S 208 -1.18 10.53 -17.53
CA VAL S 208 -2.44 10.25 -18.19
C VAL S 208 -2.64 11.27 -19.30
N GLN S 209 -2.99 10.79 -20.50
CA GLN S 209 -3.19 11.65 -21.65
C GLN S 209 -4.67 11.74 -21.95
N VAL S 210 -5.23 12.94 -21.83
CA VAL S 210 -6.65 13.17 -22.01
C VAL S 210 -6.84 13.83 -23.37
N LEU S 211 -7.67 13.22 -24.21
CA LEU S 211 -7.83 13.66 -25.60
C LEU S 211 -9.29 13.99 -25.87
N PRO S 212 -9.75 15.20 -25.55
CA PRO S 212 -11.11 15.58 -25.89
C PRO S 212 -11.27 15.83 -27.39
N TYR S 213 -12.47 15.56 -27.90
CA TYR S 213 -12.77 15.86 -29.29
C TYR S 213 -14.27 15.91 -29.50
N ILE S 214 -14.68 16.38 -30.67
CA ILE S 214 -16.08 16.43 -31.07
C ILE S 214 -16.34 15.36 -32.11
N ALA S 215 -17.32 14.50 -31.83
CA ALA S 215 -17.61 13.35 -32.68
C ALA S 215 -18.80 13.64 -33.58
N VAL S 216 -18.79 13.07 -34.78
CA VAL S 216 -19.90 13.20 -35.71
C VAL S 216 -20.68 11.89 -35.64
N MET S 217 -21.89 11.96 -35.10
CA MET S 217 -22.73 10.78 -34.96
C MET S 217 -23.85 10.82 -35.98
N LYS S 218 -24.34 9.64 -36.33
CA LYS S 218 -25.56 9.52 -37.11
C LYS S 218 -26.77 9.58 -36.19
N ASP S 219 -27.92 9.95 -36.72
CA ASP S 219 -29.15 9.91 -35.93
C ASP S 219 -29.71 8.48 -35.97
N VAL S 220 -29.40 7.69 -34.94
CA VAL S 220 -29.68 6.26 -34.94
C VAL S 220 -30.48 5.91 -33.70
N TYR S 221 -31.58 5.20 -33.89
CA TYR S 221 -32.42 4.71 -32.81
C TYR S 221 -31.89 3.41 -32.25
N HIS S 222 -32.20 3.14 -30.99
CA HIS S 222 -31.75 1.91 -30.36
C HIS S 222 -32.61 0.73 -30.80
N GLU S 223 -31.97 -0.42 -31.03
CA GLU S 223 -32.68 -1.62 -31.41
C GLU S 223 -33.07 -2.42 -30.17
N VAL S 224 -34.20 -3.13 -30.28
CA VAL S 224 -34.71 -3.98 -29.21
C VAL S 224 -33.94 -5.29 -29.08
N SER S 225 -33.22 -5.71 -30.12
CA SER S 225 -32.47 -6.95 -30.05
C SER S 225 -31.06 -6.73 -30.58
N GLY S 226 -30.53 -5.53 -30.38
CA GLY S 226 -29.22 -5.17 -30.86
C GLY S 226 -28.14 -5.59 -29.88
N VAL S 227 -27.00 -6.01 -30.42
CA VAL S 227 -25.82 -6.29 -29.61
C VAL S 227 -24.99 -5.06 -29.32
N LYS S 228 -25.15 -4.00 -30.11
CA LYS S 228 -24.45 -2.74 -29.89
C LYS S 228 -25.25 -1.66 -30.58
N MET S 229 -24.99 -0.41 -30.21
CA MET S 229 -25.60 0.73 -30.88
C MET S 229 -24.90 0.94 -32.22
N ASP S 230 -25.62 0.70 -33.31
CA ASP S 230 -25.02 0.77 -34.63
C ASP S 230 -24.94 2.20 -35.15
N ASN S 231 -24.20 3.05 -34.45
CA ASN S 231 -24.06 4.46 -34.83
C ASN S 231 -22.61 4.74 -35.20
N GLU S 232 -22.35 4.90 -36.48
CA GLU S 232 -20.98 5.13 -36.91
C GLU S 232 -20.51 6.48 -36.42
N GLU S 233 -19.57 6.46 -35.49
CA GLU S 233 -19.07 7.65 -34.81
C GLU S 233 -17.64 7.90 -35.26
N VAL S 234 -17.36 9.12 -35.70
CA VAL S 234 -16.03 9.45 -36.19
C VAL S 234 -15.63 10.80 -35.63
N ASN S 235 -14.34 10.94 -35.29
CA ASN S 235 -13.81 12.22 -34.88
C ASN S 235 -13.86 13.20 -36.04
N MET S 236 -14.42 14.39 -35.78
CA MET S 236 -14.59 15.38 -36.84
C MET S 236 -13.28 15.72 -37.53
N VAL S 237 -12.12 15.50 -36.88
CA VAL S 237 -10.85 15.82 -37.53
C VAL S 237 -10.67 15.02 -38.80
N GLU S 238 -11.32 13.87 -38.93
CA GLU S 238 -11.26 13.09 -40.16
C GLU S 238 -11.84 13.83 -41.35
N ALA S 239 -12.77 14.76 -41.14
CA ALA S 239 -13.41 15.44 -42.26
C ALA S 239 -12.39 16.22 -43.08
N TYR S 240 -11.29 16.65 -42.46
CA TYR S 240 -10.31 17.43 -43.20
C TYR S 240 -9.69 16.65 -44.34
N ARG S 241 -9.39 15.37 -44.13
CA ARG S 241 -8.91 14.51 -45.20
C ARG S 241 -10.03 13.98 -46.09
N ASP S 242 -11.15 13.58 -45.47
CA ASP S 242 -12.31 13.04 -46.19
C ASP S 242 -13.58 13.69 -45.70
N PRO S 243 -13.98 14.83 -46.25
CA PRO S 243 -15.18 15.52 -45.74
C PRO S 243 -16.49 14.79 -45.97
N SER S 244 -16.51 13.71 -46.77
CA SER S 244 -17.76 13.04 -47.07
C SER S 244 -18.42 12.43 -45.83
N ILE S 245 -17.69 12.27 -44.74
CA ILE S 245 -18.31 11.77 -43.51
C ILE S 245 -19.38 12.73 -43.03
N LEU S 246 -19.32 13.98 -43.50
CA LEU S 246 -20.27 15.01 -43.09
C LEU S 246 -21.45 15.11 -44.02
N ASP S 247 -21.42 14.44 -45.16
CA ASP S 247 -22.48 14.58 -46.14
C ASP S 247 -23.78 14.01 -45.57
N ASP S 248 -24.88 14.73 -45.80
CA ASP S 248 -26.18 14.31 -45.35
C ASP S 248 -27.21 14.69 -46.41
N GLU S 249 -28.01 13.70 -46.81
CA GLU S 249 -29.05 13.92 -47.81
C GLU S 249 -30.42 13.64 -47.24
N SER S 250 -30.59 13.69 -45.91
CA SER S 250 -31.88 13.44 -45.31
C SER S 250 -32.91 14.47 -45.71
N ILE S 251 -32.45 15.65 -46.16
CA ILE S 251 -33.34 16.69 -46.65
C ILE S 251 -34.00 16.28 -47.96
N ALA S 252 -33.38 15.36 -48.71
CA ALA S 252 -33.84 15.04 -50.05
C ALA S 252 -35.22 14.41 -50.04
N LEU S 253 -35.99 14.73 -51.08
CA LEU S 253 -37.33 14.19 -51.28
C LEU S 253 -37.24 13.11 -52.35
N ILE S 254 -37.12 11.87 -51.91
CA ILE S 254 -36.86 10.74 -52.80
C ILE S 254 -38.11 9.87 -52.85
N PRO S 255 -38.76 9.78 -54.01
CA PRO S 255 -39.94 8.92 -54.12
C PRO S 255 -39.65 7.50 -53.67
N ALA S 256 -40.53 6.95 -52.85
CA ALA S 256 -40.33 5.64 -52.25
C ALA S 256 -41.45 4.70 -52.67
N LEU S 257 -41.08 3.45 -52.91
CA LEU S 257 -42.05 2.43 -53.27
C LEU S 257 -42.65 1.85 -52.00
N ASP S 258 -43.97 1.77 -51.96
CA ASP S 258 -44.62 1.13 -50.84
C ASP S 258 -44.37 -0.37 -50.92
N PRO S 259 -43.76 -0.97 -49.89
CA PRO S 259 -43.58 -2.44 -49.91
C PRO S 259 -44.85 -3.20 -50.22
N ALA S 260 -46.01 -2.63 -49.90
CA ALA S 260 -47.27 -3.30 -50.21
C ALA S 260 -47.60 -3.20 -51.70
N GLY S 261 -46.93 -2.31 -52.43
CA GLY S 261 -47.25 -2.07 -53.82
C GLY S 261 -48.38 -1.10 -54.07
N SER S 262 -48.80 -0.35 -53.05
CA SER S 262 -49.97 0.51 -53.22
C SER S 262 -49.72 1.65 -54.19
N ASN S 263 -48.46 2.06 -54.37
CA ASN S 263 -48.13 3.15 -55.29
C ASN S 263 -47.22 2.69 -56.42
N ALA S 264 -47.21 1.40 -56.75
CA ALA S 264 -46.32 0.92 -57.80
C ALA S 264 -46.66 1.52 -59.15
N ASP S 265 -47.91 1.91 -59.37
CA ASP S 265 -48.32 2.45 -60.66
C ASP S 265 -47.59 3.74 -60.98
N PHE S 266 -47.05 4.41 -59.95
CA PHE S 266 -46.36 5.67 -60.16
C PHE S 266 -44.95 5.48 -60.70
N PHE S 267 -44.40 4.29 -60.61
CA PHE S 267 -43.00 4.08 -60.92
C PHE S 267 -42.83 3.34 -62.24
N VAL S 268 -41.63 3.45 -62.82
CA VAL S 268 -41.34 2.74 -64.08
C VAL S 268 -41.48 1.24 -63.87
N ASP S 269 -41.78 0.54 -64.95
CA ASP S 269 -41.96 -0.89 -64.90
C ASP S 269 -40.64 -1.54 -64.49
N PRO S 270 -40.59 -2.30 -63.39
CA PRO S 270 -39.35 -2.96 -63.00
C PRO S 270 -38.73 -3.79 -64.10
N ALA S 271 -39.53 -4.26 -65.06
CA ALA S 271 -38.98 -5.06 -66.15
C ALA S 271 -37.99 -4.24 -66.97
N LEU S 272 -38.22 -2.93 -67.08
CA LEU S 272 -37.32 -2.08 -67.85
C LEU S 272 -36.21 -1.51 -67.00
N VAL S 273 -36.55 -1.03 -65.81
CA VAL S 273 -35.59 -0.45 -64.88
C VAL S 273 -35.82 -1.09 -63.51
N PRO S 274 -34.93 -1.96 -63.04
CA PRO S 274 -35.15 -2.61 -61.75
C PRO S 274 -35.02 -1.62 -60.61
N PRO S 275 -35.83 -1.75 -59.57
CA PRO S 275 -35.70 -0.86 -58.41
C PRO S 275 -34.40 -1.13 -57.66
N TYR S 276 -33.92 -0.10 -56.98
CA TYR S 276 -32.73 -0.22 -56.16
C TYR S 276 -33.00 0.34 -54.77
N THR S 277 -32.28 -0.18 -53.77
CA THR S 277 -32.45 0.26 -52.41
C THR S 277 -31.34 1.21 -52.00
N ILE S 278 -31.68 2.18 -51.15
CA ILE S 278 -30.69 3.10 -50.57
C ILE S 278 -30.94 3.19 -49.07
N LYS S 279 -29.88 3.43 -48.31
CA LYS S 279 -29.95 3.53 -46.86
C LYS S 279 -29.62 4.95 -46.44
N ASN S 280 -30.47 5.56 -45.62
CA ASN S 280 -30.28 6.93 -45.19
C ASN S 280 -29.34 6.98 -43.99
N GLU S 281 -29.09 8.19 -43.49
CA GLU S 281 -28.21 8.35 -42.34
C GLU S 281 -28.79 7.73 -41.08
N GLN S 282 -30.11 7.60 -41.01
CA GLN S 282 -30.74 6.91 -39.89
C GLN S 282 -30.66 5.40 -39.99
N ASN S 283 -29.95 4.87 -40.99
CA ASN S 283 -29.80 3.43 -41.20
C ASN S 283 -31.15 2.77 -41.45
N LEU S 284 -32.01 3.46 -42.19
CA LEU S 284 -33.32 2.93 -42.59
C LEU S 284 -33.33 2.77 -44.11
N THR S 285 -33.48 1.54 -44.56
CA THR S 285 -33.46 1.25 -45.99
C THR S 285 -34.83 1.50 -46.60
N ILE S 286 -34.83 2.11 -47.79
CA ILE S 286 -36.05 2.30 -48.56
C ILE S 286 -35.79 1.78 -49.96
N THR S 287 -36.86 1.45 -50.67
CA THR S 287 -36.76 1.02 -52.05
C THR S 287 -37.28 2.14 -52.94
N THR S 288 -36.48 2.54 -53.93
CA THR S 288 -36.81 3.63 -54.83
C THR S 288 -36.53 3.22 -56.27
N ALA S 289 -37.26 3.84 -57.19
CA ALA S 289 -37.09 3.66 -58.63
C ALA S 289 -37.49 4.97 -59.30
N PRO S 290 -37.03 5.20 -60.52
CA PRO S 290 -37.45 6.41 -61.23
C PRO S 290 -38.97 6.47 -61.36
N LEU S 291 -39.52 7.67 -61.36
CA LEU S 291 -40.95 7.82 -61.55
C LEU S 291 -41.29 7.57 -63.00
N LYS S 292 -42.47 7.00 -63.24
CA LYS S 292 -42.92 6.77 -64.60
C LYS S 292 -43.21 8.09 -65.29
N ALA S 293 -42.78 8.21 -66.54
CA ALA S 293 -43.10 9.39 -67.33
C ALA S 293 -44.60 9.41 -67.60
N ASN S 294 -45.15 10.62 -67.71
CA ASN S 294 -46.58 10.80 -67.87
C ASN S 294 -47.32 10.28 -66.63
N VAL S 295 -46.93 10.76 -65.45
CA VAL S 295 -47.55 10.34 -64.21
C VAL S 295 -48.08 11.55 -63.43
N ARG S 296 -49.26 11.41 -62.85
CA ARG S 296 -49.71 12.38 -61.85
C ARG S 296 -49.80 11.71 -60.49
N LEU S 297 -49.27 12.36 -59.47
CA LEU S 297 -49.18 11.76 -58.16
C LEU S 297 -49.04 12.86 -57.11
N ASP S 298 -49.24 12.49 -55.85
CA ASP S 298 -48.90 13.31 -54.69
C ASP S 298 -47.40 13.11 -54.44
N LEU S 299 -46.59 14.02 -54.97
CA LEU S 299 -45.15 13.86 -54.94
C LEU S 299 -44.62 13.88 -53.52
N MET S 300 -45.18 14.77 -52.71
CA MET S 300 -44.79 14.83 -51.30
C MET S 300 -45.23 13.57 -50.56
N GLY S 301 -46.47 13.15 -50.74
CA GLY S 301 -46.96 11.98 -50.07
C GLY S 301 -46.28 10.69 -50.48
N ASN S 302 -45.80 10.61 -51.70
CA ASN S 302 -45.09 9.42 -52.16
C ASN S 302 -43.60 9.49 -51.87
N SER S 303 -43.16 10.53 -51.17
CA SER S 303 -41.74 10.67 -50.86
C SER S 303 -41.35 9.72 -49.74
N ASN S 304 -40.04 9.45 -49.65
CA ASN S 304 -39.56 8.60 -48.57
C ASN S 304 -39.93 9.17 -47.22
N ALA S 305 -40.00 10.50 -47.11
CA ALA S 305 -40.31 11.12 -45.82
C ALA S 305 -41.67 10.72 -45.28
N ASN S 306 -42.65 10.46 -46.16
CA ASN S 306 -43.98 10.12 -45.68
C ASN S 306 -44.06 8.66 -45.28
N LEU S 307 -43.17 7.84 -45.81
CA LEU S 307 -43.22 6.40 -45.65
C LEU S 307 -42.13 5.87 -44.74
N LEU S 308 -41.20 6.71 -44.33
CA LEU S 308 -39.94 6.27 -43.73
C LEU S 308 -40.16 5.62 -42.37
N ILE S 309 -40.82 6.32 -41.41
CA ILE S 309 -41.02 5.79 -40.07
C ILE S 309 -42.52 5.53 -39.91
N GLN S 310 -43.34 6.59 -39.89
CA GLN S 310 -44.79 6.42 -39.92
C GLN S 310 -45.19 6.46 -41.38
N ARG S 311 -46.37 5.93 -41.72
CA ARG S 311 -46.83 5.87 -43.11
C ARG S 311 -47.62 7.12 -43.52
N GLY S 312 -48.12 7.89 -42.56
CA GLY S 312 -48.85 9.10 -42.88
C GLY S 312 -48.12 10.20 -42.15
N MET S 313 -46.80 10.22 -42.28
CA MET S 313 -45.97 11.13 -41.48
C MET S 313 -46.07 12.63 -41.81
N LEU S 314 -46.26 13.01 -43.08
CA LEU S 314 -46.13 14.43 -43.49
C LEU S 314 -47.39 15.30 -43.33
N GLU S 315 -47.26 16.64 -43.15
CA GLU S 315 -48.37 17.54 -42.91
C GLU S 315 -48.20 18.80 -43.75
N VAL S 316 -49.14 19.72 -43.59
CA VAL S 316 -49.15 20.93 -44.40
C VAL S 316 -47.91 21.76 -44.09
N SER S 317 -47.29 21.49 -42.94
CA SER S 317 -46.06 22.17 -42.56
C SER S 317 -44.85 21.72 -43.37
N ASP S 318 -44.96 20.67 -44.16
CA ASP S 318 -43.88 20.25 -45.03
C ASP S 318 -44.01 20.91 -46.38
N THR S 319 -42.92 21.52 -46.84
CA THR S 319 -42.92 22.26 -48.09
C THR S 319 -41.74 21.81 -48.94
N ILE S 320 -41.86 21.97 -50.25
CA ILE S 320 -40.79 21.62 -51.17
C ILE S 320 -39.98 22.87 -51.50
N ASP S 321 -38.66 22.72 -51.49
CA ASP S 321 -37.77 23.85 -51.75
C ASP S 321 -37.96 24.30 -53.19
N PRO S 322 -38.28 25.58 -53.42
CA PRO S 322 -38.44 26.05 -54.81
C PRO S 322 -37.24 25.76 -55.70
N ALA S 323 -36.05 25.61 -55.12
CA ALA S 323 -34.82 25.37 -55.88
C ALA S 323 -34.67 23.88 -56.12
N GLY S 324 -35.03 23.43 -57.32
CA GLY S 324 -34.97 22.02 -57.65
C GLY S 324 -34.53 21.83 -59.08
N ARG S 325 -34.21 20.59 -59.41
CA ARG S 325 -33.72 20.26 -60.73
C ARG S 325 -34.29 18.94 -61.23
N LEU S 326 -34.38 18.81 -62.54
CA LEU S 326 -34.57 17.52 -63.17
C LEU S 326 -33.23 16.78 -63.23
N LYS S 327 -33.10 15.69 -62.48
CA LYS S 327 -31.83 15.01 -62.35
C LYS S 327 -31.52 14.02 -63.46
N ASN S 328 -32.45 13.13 -63.80
CA ASN S 328 -32.17 12.11 -64.80
C ASN S 328 -33.39 11.88 -65.67
N LEU S 329 -33.15 11.44 -66.89
CA LEU S 329 -34.18 10.97 -67.79
C LEU S 329 -33.80 9.56 -68.24
N PHE S 330 -34.77 8.65 -68.21
CA PHE S 330 -34.56 7.27 -68.64
C PHE S 330 -35.30 7.06 -69.96
N VAL S 331 -34.57 6.69 -71.00
CA VAL S 331 -35.11 6.56 -72.35
C VAL S 331 -35.02 5.11 -72.79
N LEU S 332 -36.10 4.61 -73.39
CA LEU S 332 -36.13 3.27 -73.94
C LEU S 332 -35.59 3.32 -75.36
N LEU S 333 -34.43 2.73 -75.58
CA LEU S 333 -33.71 2.82 -76.85
C LEU S 333 -33.43 1.42 -77.35
N GLY S 334 -34.19 0.98 -78.35
CA GLY S 334 -33.96 -0.33 -78.96
C GLY S 334 -34.29 -1.49 -78.05
N GLY S 335 -35.23 -1.33 -77.14
CA GLY S 335 -35.58 -2.37 -76.18
C GLY S 335 -34.88 -2.31 -74.85
N LYS S 336 -33.86 -1.47 -74.70
CA LYS S 336 -33.14 -1.36 -73.43
C LYS S 336 -33.07 0.10 -73.03
N VAL S 337 -32.97 0.31 -71.74
CA VAL S 337 -33.07 1.65 -71.17
C VAL S 337 -31.68 2.28 -71.07
N VAL S 338 -31.58 3.55 -71.47
CA VAL S 338 -30.37 4.34 -71.34
C VAL S 338 -30.65 5.47 -70.36
N LYS S 339 -29.71 5.73 -69.45
CA LYS S 339 -29.85 6.77 -68.45
C LYS S 339 -29.08 8.02 -68.87
N PHE S 340 -29.75 9.16 -68.85
CA PHE S 340 -29.15 10.45 -69.17
C PHE S 340 -29.05 11.27 -67.89
N LYS S 341 -27.90 11.90 -67.69
CA LYS S 341 -27.69 12.82 -66.56
C LYS S 341 -27.87 14.25 -67.08
N VAL S 342 -28.90 14.92 -66.61
CA VAL S 342 -29.29 16.22 -67.15
C VAL S 342 -29.43 17.23 -66.03
N ASP S 343 -28.76 16.98 -64.90
CA ASP S 343 -29.07 17.72 -63.68
C ASP S 343 -28.62 19.18 -63.77
N ARG S 344 -27.43 19.42 -64.32
CA ARG S 344 -26.86 20.75 -64.33
C ARG S 344 -27.15 21.55 -65.59
N LEU S 345 -27.89 21.00 -66.54
CA LEU S 345 -28.11 21.70 -67.79
C LEU S 345 -29.00 22.92 -67.54
N PRO S 346 -28.87 23.99 -68.31
CA PRO S 346 -29.66 25.19 -68.02
C PRO S 346 -31.15 24.96 -68.07
N ARG S 347 -31.59 23.91 -68.75
CA ARG S 347 -33.02 23.61 -68.86
C ARG S 347 -33.57 22.74 -67.74
N ALA S 348 -32.72 22.21 -66.85
CA ALA S 348 -33.23 21.30 -65.83
C ALA S 348 -33.70 22.03 -64.58
N VAL S 349 -33.44 23.34 -64.46
CA VAL S 349 -33.80 24.06 -63.25
C VAL S 349 -35.29 24.35 -63.21
N PHE S 350 -35.85 24.30 -62.00
CA PHE S 350 -37.25 24.65 -61.83
C PHE S 350 -37.47 26.12 -62.12
N GLN S 351 -38.59 26.43 -62.71
CA GLN S 351 -38.95 27.82 -62.95
C GLN S 351 -40.24 28.14 -62.21
N PRO S 352 -40.42 29.39 -61.79
CA PRO S 352 -41.70 29.76 -61.16
C PRO S 352 -42.83 29.67 -62.17
N ASP S 353 -44.00 29.26 -61.68
CA ASP S 353 -45.21 29.22 -62.49
C ASP S 353 -45.69 30.66 -62.70
N LEU S 354 -45.66 31.12 -63.95
CA LEU S 354 -45.95 32.51 -64.25
C LEU S 354 -47.46 32.78 -64.20
N VAL S 355 -48.26 31.78 -64.55
CA VAL S 355 -49.72 31.91 -64.52
C VAL S 355 -50.30 30.74 -63.74
N GLY S 356 -50.99 31.03 -62.66
CA GLY S 356 -51.49 30.01 -61.76
C GLY S 356 -51.12 30.28 -60.33
N ASP S 357 -51.05 29.24 -59.50
CA ASP S 357 -50.69 29.43 -58.11
C ASP S 357 -49.24 29.88 -57.99
N THR S 358 -49.01 30.87 -57.14
CA THR S 358 -47.69 31.46 -57.03
C THR S 358 -46.66 30.51 -56.45
N ARG S 359 -47.10 29.41 -55.86
CA ARG S 359 -46.18 28.42 -55.30
C ARG S 359 -45.97 27.22 -56.20
N ASN S 360 -46.45 27.23 -57.44
CA ASN S 360 -46.16 26.14 -58.35
C ASN S 360 -44.76 26.33 -58.91
N ALA S 361 -44.03 25.22 -59.04
CA ALA S 361 -42.72 25.22 -59.69
C ALA S 361 -42.85 24.38 -60.95
N VAL S 362 -42.64 24.99 -62.09
CA VAL S 362 -42.84 24.33 -63.36
C VAL S 362 -41.47 23.99 -63.96
N ILE S 363 -41.34 22.76 -64.41
CA ILE S 363 -40.14 22.31 -65.13
C ILE S 363 -40.51 22.14 -66.60
N ARG S 364 -39.70 22.73 -67.48
CA ARG S 364 -39.86 22.56 -68.92
C ARG S 364 -38.48 22.28 -69.50
N PHE S 365 -38.13 21.00 -69.57
CA PHE S 365 -36.84 20.56 -70.08
C PHE S 365 -37.00 20.27 -71.57
N ASP S 366 -36.26 21.01 -72.40
CA ASP S 366 -36.39 20.92 -73.85
C ASP S 366 -34.99 20.90 -74.44
N SER S 367 -34.51 19.73 -74.82
CA SER S 367 -33.13 19.54 -75.26
C SER S 367 -33.09 18.74 -76.53
N ASP S 368 -32.40 19.25 -77.54
CA ASP S 368 -32.11 18.52 -78.76
C ASP S 368 -30.72 17.91 -78.77
N ASP S 369 -29.98 17.99 -77.66
CA ASP S 369 -28.55 17.73 -77.67
C ASP S 369 -28.16 16.47 -76.88
N LEU S 370 -29.12 15.63 -76.52
CA LEU S 370 -28.74 14.38 -75.86
C LEU S 370 -28.08 13.45 -76.86
N VAL S 371 -26.96 12.87 -76.44
CA VAL S 371 -26.11 12.12 -77.34
C VAL S 371 -26.12 10.65 -76.95
N VAL S 372 -26.29 9.79 -77.94
CA VAL S 372 -26.08 8.36 -77.78
C VAL S 372 -25.05 7.89 -78.80
N SER S 373 -23.81 7.73 -78.34
CA SER S 373 -22.72 7.32 -79.20
C SER S 373 -22.42 5.85 -78.95
N GLY S 374 -21.44 5.28 -79.66
CA GLY S 374 -21.07 3.91 -79.41
C GLY S 374 -20.39 3.71 -78.06
N ASP S 375 -20.04 4.81 -77.39
CA ASP S 375 -19.35 4.69 -76.11
C ASP S 375 -20.33 4.58 -74.95
N THR S 376 -21.54 5.10 -75.11
CA THR S 376 -22.54 5.02 -74.05
C THR S 376 -22.97 3.57 -73.80
N THR S 377 -23.30 3.26 -72.56
CA THR S 377 -23.86 1.99 -72.19
C THR S 377 -25.31 2.15 -71.74
N PHE S 378 -26.02 1.02 -71.70
CA PHE S 378 -27.35 0.97 -71.11
C PHE S 378 -27.25 0.95 -69.59
N ILE S 379 -28.39 1.02 -68.90
CA ILE S 379 -28.36 1.00 -67.44
C ILE S 379 -27.77 -0.31 -66.94
N ASP S 380 -27.85 -1.36 -67.75
CA ASP S 380 -27.24 -2.63 -67.39
C ASP S 380 -25.72 -2.50 -67.33
N GLY S 381 -25.16 -1.58 -68.09
CA GLY S 381 -23.72 -1.42 -68.20
C GLY S 381 -23.19 -2.01 -69.48
N SER S 382 -24.04 -2.77 -70.17
CA SER S 382 -23.65 -3.41 -71.42
C SER S 382 -23.94 -2.48 -72.59
N ALA S 383 -22.98 -2.34 -73.50
CA ALA S 383 -23.21 -1.68 -74.77
C ALA S 383 -23.52 -2.74 -75.82
N ASP S 384 -24.78 -2.81 -76.25
CA ASP S 384 -25.22 -3.87 -77.15
C ASP S 384 -26.30 -3.30 -78.05
N GLY S 385 -26.81 -4.15 -78.94
CA GLY S 385 -27.97 -3.78 -79.72
C GLY S 385 -27.71 -2.53 -80.54
N VAL S 386 -28.55 -1.51 -80.37
CA VAL S 386 -28.42 -0.31 -81.18
C VAL S 386 -27.06 0.35 -80.95
N ILE S 387 -26.61 0.37 -79.70
CA ILE S 387 -25.35 1.06 -79.40
C ILE S 387 -24.18 0.36 -80.08
N ASN S 388 -24.18 -0.98 -80.07
CA ASN S 388 -23.12 -1.72 -80.73
C ASN S 388 -23.07 -1.38 -82.22
N ASP S 389 -24.23 -1.30 -82.87
CA ASP S 389 -24.26 -0.93 -84.29
C ASP S 389 -23.79 0.50 -84.49
N LEU S 390 -24.12 1.40 -83.55
CA LEU S 390 -23.60 2.76 -83.63
C LEU S 390 -22.08 2.77 -83.51
N LYS S 391 -21.53 1.92 -82.65
CA LYS S 391 -20.08 1.87 -82.48
C LYS S 391 -19.39 1.40 -83.75
N THR S 392 -19.89 0.32 -84.35
CA THR S 392 -19.24 -0.21 -85.54
C THR S 392 -19.46 0.68 -86.75
N ALA S 393 -20.55 1.42 -86.78
CA ALA S 393 -20.80 2.38 -87.85
C ALA S 393 -20.13 3.72 -87.62
N LYS S 394 -19.49 3.91 -86.46
CA LYS S 394 -18.89 5.19 -86.08
C LYS S 394 -19.90 6.33 -86.17
N LEU S 395 -21.10 6.09 -85.67
CA LEU S 395 -22.18 7.06 -85.69
C LEU S 395 -22.61 7.39 -84.26
N SER S 396 -23.19 8.58 -84.10
CA SER S 396 -23.80 8.99 -82.85
C SER S 396 -25.15 9.63 -83.13
N LEU S 397 -26.11 9.38 -82.25
CA LEU S 397 -27.46 9.91 -82.40
C LEU S 397 -27.62 11.16 -81.55
N ARG S 398 -28.30 12.16 -82.09
CA ARG S 398 -28.74 13.31 -81.32
C ARG S 398 -30.25 13.20 -81.13
N LEU S 399 -30.67 13.09 -79.88
CA LEU S 399 -32.07 12.86 -79.54
C LEU S 399 -32.72 14.15 -79.07
N SER S 400 -34.02 14.27 -79.34
CA SER S 400 -34.80 15.44 -78.95
C SER S 400 -35.89 14.95 -78.00
N VAL S 401 -35.87 15.47 -76.78
CA VAL S 401 -36.81 15.06 -75.75
C VAL S 401 -37.50 16.27 -75.18
N GLY S 402 -38.77 16.12 -74.83
CA GLY S 402 -39.47 17.19 -74.16
C GLY S 402 -40.14 16.67 -72.91
N PHE S 403 -39.67 17.12 -71.76
CA PHE S 403 -40.20 16.70 -70.47
C PHE S 403 -40.64 17.92 -69.68
N GLY S 404 -41.86 17.86 -69.14
CA GLY S 404 -42.38 18.98 -68.38
C GLY S 404 -43.29 18.54 -67.26
N GLY S 405 -43.56 19.45 -66.33
CA GLY S 405 -44.49 19.14 -65.26
C GLY S 405 -44.55 20.29 -64.27
N THR S 406 -45.55 20.23 -63.41
CA THR S 406 -45.79 21.25 -62.40
C THR S 406 -45.79 20.59 -61.04
N ILE S 407 -45.07 21.19 -60.09
CA ILE S 407 -45.06 20.75 -58.70
C ILE S 407 -45.68 21.85 -57.88
N SER S 408 -46.68 21.51 -57.06
CA SER S 408 -47.26 22.47 -56.14
C SER S 408 -46.41 22.44 -54.88
N LEU S 409 -45.58 23.46 -54.69
CA LEU S 409 -44.58 23.41 -53.63
C LEU S 409 -45.22 23.37 -52.26
N SER S 410 -46.41 23.92 -52.11
CA SER S 410 -47.09 23.90 -50.82
C SER S 410 -47.87 22.60 -50.64
N LYS S 411 -48.64 22.20 -51.64
CA LYS S 411 -49.54 21.07 -51.49
C LYS S 411 -48.80 19.75 -51.58
N GLY S 412 -47.83 19.65 -52.48
CA GLY S 412 -47.19 18.39 -52.77
C GLY S 412 -47.66 17.68 -54.01
N ASP S 413 -48.76 18.13 -54.64
CA ASP S 413 -49.22 17.54 -55.88
C ASP S 413 -48.27 17.87 -57.03
N SER S 414 -48.11 16.91 -57.95
CA SER S 414 -47.28 17.10 -59.12
C SER S 414 -47.93 16.40 -60.32
N LYS S 415 -47.71 16.96 -61.51
CA LYS S 415 -48.10 16.31 -62.75
C LYS S 415 -46.97 16.46 -63.75
N PHE S 416 -46.56 15.34 -64.35
CA PHE S 416 -45.48 15.32 -65.32
C PHE S 416 -45.96 14.68 -66.62
N GLY S 417 -45.25 15.00 -67.70
CA GLY S 417 -45.49 14.35 -68.98
C GLY S 417 -44.30 14.48 -69.87
N ALA S 418 -44.25 13.65 -70.90
CA ALA S 418 -43.13 13.62 -71.83
C ALA S 418 -43.68 13.54 -73.25
N THR S 419 -43.12 14.34 -74.15
CA THR S 419 -43.53 14.35 -75.54
C THR S 419 -42.83 13.23 -76.30
N ASP S 420 -43.28 12.97 -77.52
CA ASP S 420 -42.65 11.96 -78.35
C ASP S 420 -41.17 12.28 -78.55
N THR S 421 -40.35 11.23 -78.45
CA THR S 421 -38.91 11.35 -78.59
C THR S 421 -38.50 11.05 -80.02
N TYR S 422 -37.68 11.93 -80.60
CA TYR S 422 -37.21 11.78 -81.96
C TYR S 422 -35.69 11.81 -82.00
N VAL S 423 -35.12 11.16 -83.00
CA VAL S 423 -33.71 11.31 -83.32
C VAL S 423 -33.57 12.50 -84.29
N ASP S 424 -33.02 13.60 -83.80
CA ASP S 424 -32.97 14.81 -84.60
C ASP S 424 -31.90 14.73 -85.67
N LYS S 425 -30.72 14.20 -85.34
CA LYS S 425 -29.63 14.10 -86.28
C LYS S 425 -28.92 12.77 -86.07
N VAL S 426 -28.33 12.27 -87.15
CA VAL S 426 -27.33 11.20 -87.08
C VAL S 426 -26.02 11.76 -87.59
N LEU S 427 -25.00 11.77 -86.74
CA LEU S 427 -23.72 12.38 -87.05
C LEU S 427 -22.64 11.30 -87.12
N ASN S 428 -21.64 11.53 -87.96
CA ASN S 428 -20.45 10.68 -87.95
C ASN S 428 -19.39 11.31 -87.03
N GLU S 429 -18.22 10.68 -86.96
CA GLU S 429 -17.17 11.20 -86.08
C GLU S 429 -16.74 12.59 -86.52
N ASP S 430 -16.78 12.85 -87.83
CA ASP S 430 -16.38 14.15 -88.34
C ASP S 430 -17.39 15.25 -88.02
N GLY S 431 -18.53 14.91 -87.45
CA GLY S 431 -19.56 15.87 -87.14
C GLY S 431 -20.53 16.16 -88.27
N GLN S 432 -20.47 15.41 -89.36
CA GLN S 432 -21.33 15.68 -90.52
C GLN S 432 -22.66 14.98 -90.36
N VAL S 433 -23.70 15.59 -90.95
CA VAL S 433 -25.04 15.01 -90.90
C VAL S 433 -25.16 13.93 -91.96
N MET S 434 -25.59 12.75 -91.55
CA MET S 434 -25.73 11.60 -92.43
C MET S 434 -27.16 11.56 -92.97
N ASP S 435 -27.30 11.16 -94.23
CA ASP S 435 -28.62 10.96 -94.81
C ASP S 435 -29.30 9.74 -94.18
N ASN S 436 -30.51 9.95 -93.69
CA ASN S 436 -31.25 8.88 -93.04
C ASN S 436 -31.66 7.79 -94.00
N ALA S 437 -31.52 8.03 -95.31
CA ALA S 437 -31.78 6.99 -96.30
C ALA S 437 -30.61 6.03 -96.47
N ASP S 438 -29.45 6.35 -95.92
CA ASP S 438 -28.29 5.49 -96.08
C ASP S 438 -28.58 4.12 -95.48
N PRO S 439 -28.29 3.03 -96.20
CA PRO S 439 -28.59 1.70 -95.64
C PRO S 439 -28.04 1.50 -94.24
N ALA S 440 -26.88 2.07 -93.92
CA ALA S 440 -26.31 1.89 -92.60
C ALA S 440 -27.08 2.68 -91.55
N VAL S 441 -27.40 3.94 -91.87
CA VAL S 441 -28.12 4.78 -90.92
C VAL S 441 -29.56 4.28 -90.75
N LYS S 442 -30.23 3.96 -91.86
CA LYS S 442 -31.59 3.46 -91.79
C LYS S 442 -31.68 2.19 -90.95
N ALA S 443 -30.80 1.22 -91.19
CA ALA S 443 -30.87 -0.04 -90.46
C ALA S 443 -30.83 0.20 -88.96
N ILE S 444 -30.02 1.17 -88.52
CA ILE S 444 -29.94 1.50 -87.11
C ILE S 444 -31.21 2.20 -86.65
N LEU S 445 -31.67 3.18 -87.41
CA LEU S 445 -32.85 3.93 -87.01
C LEU S 445 -34.08 3.03 -86.98
N ASP S 446 -34.14 2.04 -87.87
CA ASP S 446 -35.27 1.12 -87.88
C ASP S 446 -35.39 0.37 -86.57
N GLN S 447 -34.30 0.26 -85.81
CA GLN S 447 -34.41 -0.44 -84.53
C GLN S 447 -35.12 0.40 -83.48
N LEU S 448 -35.23 1.71 -83.69
CA LEU S 448 -35.75 2.63 -82.69
C LEU S 448 -37.22 2.93 -82.93
N THR S 449 -38.04 1.87 -82.97
CA THR S 449 -39.49 2.08 -83.14
C THR S 449 -40.17 2.40 -81.82
N ASP S 450 -39.55 2.05 -80.69
CA ASP S 450 -40.14 2.23 -79.38
C ASP S 450 -39.43 3.33 -78.61
N LEU S 451 -38.76 4.23 -79.33
CA LEU S 451 -37.97 5.26 -78.69
C LEU S 451 -38.89 6.22 -77.94
N ALA S 452 -38.71 6.29 -76.61
CA ALA S 452 -39.54 7.17 -75.80
C ALA S 452 -38.86 7.35 -74.45
N VAL S 453 -39.25 8.42 -73.76
CA VAL S 453 -38.90 8.63 -72.36
C VAL S 453 -39.85 7.80 -71.52
N ILE S 454 -39.30 6.96 -70.65
CA ILE S 454 -40.11 6.10 -69.81
C ILE S 454 -40.17 6.56 -68.36
N GLY S 455 -39.13 7.21 -67.85
CA GLY S 455 -39.13 7.63 -66.46
C GLY S 455 -38.17 8.78 -66.23
N PHE S 456 -38.16 9.26 -64.99
CA PHE S 456 -37.32 10.39 -64.63
C PHE S 456 -37.03 10.34 -63.15
N GLU S 457 -36.01 11.10 -62.75
CA GLU S 457 -35.70 11.30 -61.34
C GLU S 457 -35.50 12.79 -61.11
N LEU S 458 -35.93 13.24 -59.93
CA LEU S 458 -35.84 14.64 -59.56
C LEU S 458 -34.78 14.85 -58.49
N ASP S 459 -34.30 16.10 -58.42
CA ASP S 459 -33.41 16.53 -57.37
C ASP S 459 -34.13 17.38 -56.33
N THR S 460 -35.39 17.11 -56.09
CA THR S 460 -36.16 17.91 -55.12
C THR S 460 -35.75 17.56 -53.70
N ARG S 461 -35.97 18.50 -52.80
CA ARG S 461 -35.66 18.33 -51.40
C ARG S 461 -36.70 19.07 -50.57
N PHE S 462 -36.83 18.69 -49.31
CA PHE S 462 -37.71 19.42 -48.41
C PHE S 462 -37.02 20.67 -47.90
N THR S 463 -37.81 21.64 -47.48
CA THR S 463 -37.30 22.67 -46.60
C THR S 463 -37.64 22.30 -45.16
N ASN S 464 -36.65 22.39 -44.28
CA ASN S 464 -36.80 21.97 -42.90
C ASN S 464 -37.32 23.10 -42.02
N THR S 465 -38.35 23.79 -42.49
CA THR S 465 -38.95 24.83 -41.67
C THR S 465 -39.70 24.23 -40.48
N ASN S 466 -40.08 22.95 -40.57
CA ASN S 466 -40.65 22.26 -39.43
C ASN S 466 -39.64 21.40 -38.68
N ARG S 467 -38.36 21.54 -38.98
CA ARG S 467 -37.30 20.82 -38.27
C ARG S 467 -37.57 19.32 -38.25
N ARG S 468 -38.07 18.79 -39.38
CA ARG S 468 -38.33 17.37 -39.44
C ARG S 468 -37.05 16.55 -39.37
N GLN S 469 -35.98 17.05 -39.98
CA GLN S 469 -34.72 16.34 -40.06
C GLN S 469 -33.66 17.02 -39.20
N ARG S 470 -32.83 16.20 -38.55
CA ARG S 470 -31.65 16.70 -37.86
C ARG S 470 -30.36 16.39 -38.57
N GLY S 471 -30.35 15.46 -39.51
CA GLY S 471 -29.10 15.07 -40.12
C GLY S 471 -28.17 14.43 -39.11
N HIS S 472 -26.90 14.81 -39.17
CA HIS S 472 -25.91 14.29 -38.26
C HIS S 472 -25.98 15.02 -36.93
N LEU S 473 -25.54 14.36 -35.86
CA LEU S 473 -25.50 14.93 -34.53
C LEU S 473 -24.07 15.09 -34.08
N LEU S 474 -23.80 16.19 -33.36
CA LEU S 474 -22.49 16.44 -32.76
C LEU S 474 -22.59 16.22 -31.26
N GLN S 475 -21.69 15.41 -30.72
CA GLN S 475 -21.59 15.22 -29.29
C GLN S 475 -20.12 15.17 -28.91
N THR S 476 -19.79 15.76 -27.76
CA THR S 476 -18.42 15.82 -27.31
C THR S 476 -18.02 14.49 -26.69
N ARG S 477 -16.76 14.11 -26.87
CA ARG S 477 -16.22 12.90 -26.30
C ARG S 477 -14.82 13.21 -25.77
N ALA S 478 -14.33 12.34 -24.90
CA ALA S 478 -12.92 12.39 -24.52
C ALA S 478 -12.42 10.99 -24.25
N LEU S 479 -11.19 10.73 -24.67
CA LEU S 479 -10.51 9.45 -24.43
C LEU S 479 -9.36 9.69 -23.47
N GLN S 480 -9.08 8.72 -22.62
CA GLN S 480 -7.97 8.80 -21.68
C GLN S 480 -7.03 7.62 -21.85
N PHE S 481 -5.74 7.89 -21.95
CA PHE S 481 -4.70 6.87 -21.97
C PHE S 481 -3.92 6.94 -20.68
N ARG S 482 -3.46 5.79 -20.21
CA ARG S 482 -2.74 5.69 -18.95
C ARG S 482 -1.44 4.93 -19.14
N HIS S 483 -0.33 5.55 -18.71
CA HIS S 483 1.01 4.99 -18.92
C HIS S 483 1.78 4.98 -17.61
N PRO S 484 1.57 3.96 -16.78
CA PRO S 484 2.34 3.85 -15.54
C PRO S 484 3.79 3.47 -15.84
N ILE S 485 4.70 3.97 -15.02
CA ILE S 485 6.13 3.77 -15.27
C ILE S 485 6.62 2.55 -14.50
N PRO S 486 7.19 1.54 -15.16
CA PRO S 486 7.74 0.39 -14.44
C PRO S 486 9.13 0.64 -13.87
N MET S 487 9.55 -0.20 -12.93
CA MET S 487 10.94 -0.30 -12.53
C MET S 487 11.70 -1.20 -13.49
N HIS S 488 13.02 -1.05 -13.51
CA HIS S 488 13.87 -1.86 -14.37
C HIS S 488 14.96 -2.52 -13.54
N ALA S 489 15.47 -3.63 -14.06
CA ALA S 489 16.49 -4.38 -13.35
C ALA S 489 17.71 -3.49 -13.10
N PRO S 490 18.31 -3.55 -11.92
CA PRO S 490 19.44 -2.68 -11.60
C PRO S 490 20.75 -3.20 -12.16
N VAL S 491 21.80 -2.39 -12.00
CA VAL S 491 23.18 -2.81 -12.20
C VAL S 491 23.91 -2.63 -10.87
N THR S 492 24.69 -3.63 -10.49
CA THR S 492 25.32 -3.67 -9.18
C THR S 492 26.83 -3.65 -9.30
N LEU S 493 27.48 -2.97 -8.37
CA LEU S 493 28.93 -2.94 -8.24
C LEU S 493 29.33 -3.69 -6.98
N PRO S 494 29.76 -4.94 -7.07
CA PRO S 494 30.01 -5.75 -5.86
C PRO S 494 31.42 -5.57 -5.29
N MET S 495 31.62 -4.49 -4.54
CA MET S 495 32.92 -4.29 -3.91
C MET S 495 33.05 -5.18 -2.68
N ASP S 496 34.30 -5.45 -2.28
CA ASP S 496 34.53 -6.16 -1.03
C ASP S 496 34.24 -5.25 0.15
N THR S 497 34.04 -5.86 1.31
CA THR S 497 33.72 -5.10 2.52
C THR S 497 34.95 -4.73 3.32
N MET S 498 36.08 -5.39 3.07
CA MET S 498 37.28 -5.14 3.87
C MET S 498 37.92 -3.80 3.54
N THR S 499 37.86 -3.35 2.29
CA THR S 499 38.48 -2.08 1.93
C THR S 499 37.77 -0.92 2.59
N ASP S 500 38.53 -0.02 3.19
CA ASP S 500 37.94 1.14 3.85
C ASP S 500 37.57 2.21 2.82
N GLU S 501 38.36 2.35 1.77
CA GLU S 501 38.07 3.33 0.74
C GLU S 501 36.86 2.90 -0.08
N GLY S 502 36.03 3.88 -0.44
CA GLY S 502 34.89 3.62 -1.29
C GLY S 502 35.25 3.70 -2.76
N PRO S 503 34.23 3.68 -3.62
CA PRO S 503 34.46 3.78 -5.07
C PRO S 503 35.24 5.04 -5.41
N GLY S 504 36.14 4.95 -6.38
CA GLY S 504 36.80 6.15 -6.87
C GLY S 504 35.92 6.92 -7.83
N GLU S 505 35.94 6.55 -9.10
CA GLU S 505 35.01 7.10 -10.08
C GLU S 505 34.14 5.97 -10.64
N VAL S 506 34.48 4.74 -10.29
CA VAL S 506 33.93 3.57 -10.95
C VAL S 506 32.43 3.50 -10.68
N VAL S 507 32.00 4.01 -9.52
CA VAL S 507 30.58 4.00 -9.19
C VAL S 507 29.78 4.82 -10.19
N LYS S 508 30.39 5.83 -10.80
CA LYS S 508 29.69 6.61 -11.82
C LYS S 508 29.41 5.77 -13.06
N ALA S 509 30.13 4.66 -13.24
CA ALA S 509 29.85 3.77 -14.35
C ALA S 509 28.47 3.16 -14.23
N LEU S 510 27.93 3.05 -13.01
CA LEU S 510 26.57 2.55 -12.87
C LEU S 510 25.57 3.49 -13.51
N THR S 511 25.78 4.80 -13.38
CA THR S 511 24.90 5.74 -14.07
C THR S 511 25.12 5.68 -15.58
N VAL S 512 26.38 5.57 -16.00
CA VAL S 512 26.67 5.49 -17.43
C VAL S 512 25.98 4.26 -18.04
N ASN S 513 26.08 3.13 -17.35
CA ASN S 513 25.41 1.92 -17.78
C ASN S 513 23.91 2.15 -17.93
N THR S 514 23.30 2.75 -16.91
CA THR S 514 21.87 3.06 -16.98
C THR S 514 21.57 3.99 -18.16
N ASN S 515 22.38 5.03 -18.33
CA ASN S 515 22.12 6.00 -19.39
C ASN S 515 22.20 5.37 -20.78
N ILE S 516 23.15 4.45 -20.96
CA ILE S 516 23.24 3.72 -22.22
C ILE S 516 22.02 2.83 -22.41
N ARG S 517 21.59 2.17 -21.34
CA ARG S 517 20.39 1.36 -21.40
C ARG S 517 19.17 2.21 -21.77
N ASN S 518 19.11 3.45 -21.31
CA ASN S 518 18.02 4.34 -21.70
C ASN S 518 17.99 4.51 -23.21
N SER S 519 19.14 4.79 -23.81
CA SER S 519 19.17 4.95 -25.26
C SER S 519 18.84 3.63 -25.96
N ASN S 520 19.31 2.53 -25.40
CA ASN S 520 19.02 1.22 -25.98
C ASN S 520 17.52 0.94 -25.97
N ASN S 521 16.85 1.26 -24.85
CA ASN S 521 15.42 1.08 -24.77
C ASN S 521 14.69 1.95 -25.77
N ALA S 522 15.19 3.17 -26.00
CA ALA S 522 14.60 4.03 -27.03
C ALA S 522 14.72 3.40 -28.41
N VAL S 523 15.88 2.80 -28.72
CA VAL S 523 16.03 2.19 -30.04
C VAL S 523 15.15 0.95 -30.18
N LYS S 524 15.18 0.07 -29.18
CA LYS S 524 14.33 -1.12 -29.24
C LYS S 524 12.86 -0.73 -29.26
N ARG S 525 12.48 0.30 -28.49
CA ARG S 525 11.09 0.71 -28.43
C ARG S 525 10.63 1.26 -29.77
N MET S 526 11.48 2.06 -30.42
CA MET S 526 11.14 2.56 -31.75
C MET S 526 10.96 1.40 -32.72
N LEU S 527 11.92 0.48 -32.76
CA LEU S 527 11.86 -0.60 -33.74
C LEU S 527 10.71 -1.55 -33.45
N ASN S 528 10.44 -1.82 -32.17
CA ASN S 528 9.30 -2.67 -31.83
C ASN S 528 7.99 -1.96 -32.13
N TYR S 529 7.94 -0.63 -31.96
CA TYR S 529 6.75 0.11 -32.35
C TYR S 529 6.53 0.04 -33.85
N LEU S 530 7.60 0.15 -34.64
CA LEU S 530 7.44 0.07 -36.08
C LEU S 530 6.86 -1.29 -36.47
N ALA S 531 7.33 -2.35 -35.81
CA ALA S 531 6.79 -3.67 -36.08
C ALA S 531 5.30 -3.75 -35.79
N GLN S 532 4.86 -3.20 -34.66
CA GLN S 532 3.42 -3.19 -34.35
C GLN S 532 2.66 -2.34 -35.36
N LEU S 533 3.20 -1.18 -35.71
CA LEU S 533 2.55 -0.30 -36.67
C LEU S 533 2.44 -0.97 -38.03
N ARG S 534 3.50 -1.68 -38.44
CA ARG S 534 3.46 -2.37 -39.72
C ARG S 534 2.32 -3.37 -39.78
N GLU S 535 2.09 -4.14 -38.72
CA GLU S 535 1.00 -5.10 -38.66
C GLU S 535 -0.37 -4.43 -38.66
N VAL S 536 -0.52 -3.34 -37.90
CA VAL S 536 -1.81 -2.65 -37.87
C VAL S 536 -2.12 -2.03 -39.23
N VAL S 537 -1.13 -1.40 -39.86
CA VAL S 537 -1.36 -0.79 -41.16
C VAL S 537 -1.49 -1.85 -42.25
N HIS S 538 -0.77 -2.95 -42.12
CA HIS S 538 -0.92 -4.06 -43.07
C HIS S 538 -2.35 -4.56 -43.10
N ASN S 539 -2.97 -4.68 -41.94
CA ASN S 539 -4.34 -5.15 -41.83
C ASN S 539 -5.31 -4.01 -42.06
N GLY S 540 -6.60 -4.31 -42.00
CA GLY S 540 -7.60 -3.33 -42.38
C GLY S 540 -7.82 -2.26 -41.33
N TYR S 541 -6.81 -1.44 -41.05
CA TYR S 541 -6.96 -0.37 -40.07
C TYR S 541 -6.47 0.97 -40.61
N ASN S 542 -7.15 1.49 -41.62
CA ASN S 542 -6.78 2.74 -42.26
C ASN S 542 -7.52 3.96 -41.71
N ARG S 543 -8.22 3.83 -40.59
CA ARG S 543 -8.87 4.99 -40.01
C ARG S 543 -8.53 5.07 -38.52
N PRO S 544 -8.52 6.29 -37.94
CA PRO S 544 -8.21 6.42 -36.52
C PRO S 544 -9.30 5.84 -35.65
N LYS S 545 -8.92 4.99 -34.69
CA LYS S 545 -9.85 4.51 -33.69
C LYS S 545 -9.05 4.10 -32.45
N PHE S 546 -9.74 4.00 -31.32
CA PHE S 546 -9.10 3.72 -30.04
C PHE S 546 -8.98 2.22 -29.85
N GLY S 547 -7.80 1.77 -29.43
CA GLY S 547 -7.66 0.42 -28.92
C GLY S 547 -7.07 -0.58 -29.90
N ILE S 548 -6.43 -0.09 -30.96
CA ILE S 548 -5.84 -0.94 -31.97
C ILE S 548 -4.31 -0.92 -31.92
N ILE S 549 -3.74 0.21 -31.52
CA ILE S 549 -2.31 0.43 -31.58
C ILE S 549 -1.89 1.31 -30.41
N GLU S 550 -0.66 1.14 -29.97
CA GLU S 550 -0.07 2.09 -29.03
C GLU S 550 0.02 3.46 -29.67
N GLY S 551 -0.31 4.49 -28.88
CA GLY S 551 -0.21 5.85 -29.36
C GLY S 551 -1.51 6.61 -29.18
N ALA S 552 -1.50 7.60 -28.30
CA ALA S 552 -2.74 8.31 -27.98
C ALA S 552 -3.32 8.96 -29.22
N LEU S 553 -2.48 9.47 -30.12
CA LEU S 553 -2.98 10.17 -31.28
C LEU S 553 -3.51 9.24 -32.36
N SER S 554 -3.46 7.93 -32.16
CA SER S 554 -4.08 7.03 -33.11
C SER S 554 -5.58 7.19 -33.20
N ALA S 555 -6.21 7.84 -32.22
CA ALA S 555 -7.62 8.19 -32.31
C ALA S 555 -7.86 9.50 -33.03
N VAL S 556 -6.80 10.15 -33.52
CA VAL S 556 -6.93 11.42 -34.23
C VAL S 556 -6.49 11.33 -35.68
N MET S 557 -5.43 10.59 -35.99
CA MET S 557 -4.86 10.57 -37.32
C MET S 557 -4.80 9.13 -37.82
N ARG S 558 -4.94 8.96 -39.13
CA ARG S 558 -4.84 7.64 -39.72
C ARG S 558 -3.47 7.03 -39.46
N PRO S 559 -3.41 5.80 -38.94
CA PRO S 559 -2.11 5.13 -38.81
C PRO S 559 -1.57 4.78 -40.19
N THR S 560 -0.34 5.22 -40.47
CA THR S 560 0.25 5.13 -41.79
C THR S 560 1.67 4.60 -41.71
N TYR S 561 1.96 3.58 -42.50
CA TYR S 561 3.28 2.95 -42.54
C TYR S 561 3.59 2.58 -43.97
N ARG S 562 4.81 2.85 -44.42
CA ARG S 562 5.31 2.40 -45.71
C ARG S 562 6.68 1.78 -45.56
N TYR S 563 6.85 0.59 -46.12
CA TYR S 563 8.12 -0.12 -46.12
C TYR S 563 8.65 -0.20 -47.54
N LYS S 564 9.84 0.34 -47.76
CA LYS S 564 10.44 0.40 -49.09
C LYS S 564 11.85 -0.13 -48.99
N GLU S 565 12.20 -1.06 -49.88
CA GLU S 565 13.52 -1.67 -49.90
C GLU S 565 14.32 -1.07 -51.05
N LEU S 566 15.26 -0.18 -50.71
CA LEU S 566 16.14 0.39 -51.69
C LEU S 566 17.32 -0.52 -51.98
N ASP S 567 17.62 -0.69 -53.27
CA ASP S 567 18.82 -1.39 -53.73
C ASP S 567 19.45 -0.46 -54.77
N LEU S 568 20.46 0.30 -54.37
CA LEU S 568 20.90 1.43 -55.17
C LEU S 568 21.39 1.01 -56.55
N GLU S 569 21.92 -0.20 -56.69
CA GLU S 569 22.29 -0.69 -58.00
C GLU S 569 21.11 -0.73 -58.95
N LYS S 570 19.88 -0.78 -58.44
CA LYS S 570 18.71 -0.70 -59.31
C LYS S 570 17.89 0.57 -59.13
N VAL S 571 18.45 1.62 -58.53
CA VAL S 571 17.73 2.86 -58.33
C VAL S 571 18.44 4.05 -58.97
N ILE S 572 19.76 4.12 -58.87
CA ILE S 572 20.48 5.35 -59.21
C ILE S 572 20.63 5.41 -60.72
N ASP S 573 20.42 6.59 -61.30
CA ASP S 573 20.83 6.84 -62.67
C ASP S 573 22.00 7.81 -62.69
N THR S 574 23.19 7.28 -63.01
CA THR S 574 24.43 8.02 -62.95
C THR S 574 25.23 7.79 -64.22
N ILE S 575 25.95 8.83 -64.64
CA ILE S 575 26.71 8.79 -65.88
C ILE S 575 28.18 9.05 -65.64
N LYS S 576 28.50 10.14 -64.94
CA LYS S 576 29.88 10.56 -64.75
C LYS S 576 30.31 10.27 -63.33
N SER S 577 31.54 9.76 -63.21
CA SER S 577 32.09 9.45 -61.90
C SER S 577 32.22 10.69 -61.03
N LYS S 578 32.58 11.82 -61.61
CA LYS S 578 32.75 13.03 -60.82
C LYS S 578 31.45 13.46 -60.15
N ASP S 579 30.31 12.98 -60.63
CA ASP S 579 29.02 13.31 -60.06
C ASP S 579 28.40 12.16 -59.27
N ARG S 580 29.13 11.08 -59.02
CA ARG S 580 28.55 9.90 -58.40
C ARG S 580 28.01 10.19 -57.01
N TRP S 581 28.71 11.02 -56.25
CA TRP S 581 28.24 11.37 -54.93
C TRP S 581 26.89 12.07 -54.99
N ASP S 582 26.76 13.04 -55.88
CA ASP S 582 25.48 13.74 -55.99
C ASP S 582 24.36 12.78 -56.38
N ASP S 583 24.67 11.79 -57.22
CA ASP S 583 23.64 10.86 -57.67
C ASP S 583 23.26 9.87 -56.56
N VAL S 584 24.23 9.41 -55.77
CA VAL S 584 23.87 8.54 -54.65
C VAL S 584 23.01 9.30 -53.64
N CYS S 585 23.43 10.51 -53.28
CA CYS S 585 22.67 11.28 -52.30
C CYS S 585 21.29 11.64 -52.83
N ALA S 586 21.21 12.07 -54.09
CA ALA S 586 19.93 12.48 -54.65
C ALA S 586 18.97 11.30 -54.73
N ALA S 587 19.46 10.12 -55.13
CA ALA S 587 18.57 8.98 -55.29
C ALA S 587 17.95 8.58 -53.96
N ILE S 588 18.74 8.58 -52.89
CA ILE S 588 18.22 8.19 -51.59
C ILE S 588 17.21 9.21 -51.09
N LEU S 589 17.56 10.50 -51.17
CA LEU S 589 16.64 11.53 -50.72
C LEU S 589 15.38 11.58 -51.59
N ASN S 590 15.54 11.39 -52.90
CA ASN S 590 14.38 11.41 -53.78
C ASN S 590 13.46 10.23 -53.52
N CYS S 591 14.03 9.07 -53.19
CA CYS S 591 13.16 7.95 -52.83
C CYS S 591 12.34 8.27 -51.59
N VAL S 592 12.95 8.92 -50.60
CA VAL S 592 12.20 9.30 -49.41
C VAL S 592 11.09 10.28 -49.77
N LYS S 593 11.41 11.28 -50.60
CA LYS S 593 10.40 12.24 -51.03
C LYS S 593 9.24 11.54 -51.76
N ALA S 594 9.57 10.61 -52.65
CA ALA S 594 8.53 9.90 -53.39
C ALA S 594 7.60 9.12 -52.48
N GLU S 595 8.12 8.52 -51.41
CA GLU S 595 7.27 7.79 -50.47
C GLU S 595 6.65 8.67 -49.40
N LEU S 596 7.27 9.81 -49.08
CA LEU S 596 6.74 10.71 -48.07
C LEU S 596 5.55 11.52 -48.55
N PHE S 597 5.63 12.10 -49.74
CA PHE S 597 4.55 12.99 -50.15
C PHE S 597 3.18 12.31 -50.12
N PRO S 598 3.02 11.12 -50.71
CA PRO S 598 1.70 10.48 -50.65
C PRO S 598 1.31 10.04 -49.25
N ALA S 599 2.28 9.75 -48.39
CA ALA S 599 1.94 9.40 -47.00
C ALA S 599 1.54 10.61 -46.21
N HIS S 600 2.23 11.74 -46.43
CA HIS S 600 1.82 12.99 -45.81
C HIS S 600 0.47 13.45 -46.33
N ARG S 601 0.19 13.21 -47.61
CA ARG S 601 -1.13 13.52 -48.15
C ARG S 601 -2.21 12.62 -47.55
N ASP S 602 -1.99 11.30 -47.57
CA ASP S 602 -3.04 10.36 -47.18
C ASP S 602 -3.36 10.51 -45.70
N SER S 603 -2.34 10.52 -44.87
CA SER S 603 -2.58 10.67 -43.44
C SER S 603 -2.94 12.12 -43.15
N ASN S 604 -3.92 12.30 -42.27
CA ASN S 604 -4.34 13.65 -41.91
C ASN S 604 -3.40 14.24 -40.86
N ILE S 605 -2.11 14.33 -41.20
CA ILE S 605 -1.12 14.76 -40.21
C ILE S 605 -1.31 16.23 -39.87
N GLU S 606 -1.41 17.06 -40.91
CA GLU S 606 -1.49 18.50 -40.71
C GLU S 606 -2.70 18.87 -39.88
N ALA S 607 -3.81 18.17 -40.09
CA ALA S 607 -4.99 18.38 -39.25
C ALA S 607 -4.71 18.02 -37.81
N ALA S 608 -3.97 16.93 -37.59
CA ALA S 608 -3.69 16.52 -36.21
C ALA S 608 -2.88 17.57 -35.47
N PHE S 609 -1.82 18.08 -36.11
CA PHE S 609 -0.98 19.09 -35.48
C PHE S 609 -1.70 20.43 -35.37
N ARG S 610 -2.40 20.84 -36.42
CA ARG S 610 -3.09 22.13 -36.39
C ARG S 610 -4.19 22.14 -35.33
N VAL S 611 -4.93 21.04 -35.21
CA VAL S 611 -6.03 20.99 -34.26
C VAL S 611 -5.52 20.79 -32.85
N ILE S 612 -4.60 19.85 -32.63
CA ILE S 612 -4.16 19.57 -31.27
C ILE S 612 -3.32 20.70 -30.71
N SER S 613 -2.40 21.25 -31.51
CA SER S 613 -1.55 22.32 -31.02
C SER S 613 -2.33 23.58 -30.71
N GLY S 614 -3.48 23.76 -31.34
CA GLY S 614 -4.22 25.00 -31.24
C GLY S 614 -3.84 26.05 -32.26
N ASN S 615 -2.75 25.86 -33.00
CA ASN S 615 -2.29 26.82 -33.99
C ASN S 615 -2.71 26.34 -35.37
N GLN S 616 -3.60 27.08 -36.01
CA GLN S 616 -4.13 26.64 -37.29
C GLN S 616 -3.08 26.64 -38.40
N ASP S 617 -1.86 27.13 -38.12
CA ASP S 617 -0.74 27.02 -39.06
C ASP S 617 0.43 26.35 -38.36
N GLU S 618 0.41 25.01 -38.34
CA GLU S 618 1.39 24.21 -37.63
C GLU S 618 1.88 23.11 -38.57
N THR S 619 3.13 23.22 -39.01
CA THR S 619 3.70 22.29 -39.97
C THR S 619 4.66 21.37 -39.25
N PRO S 620 4.49 20.06 -39.32
CA PRO S 620 5.40 19.16 -38.61
C PRO S 620 6.76 19.14 -39.28
N MET S 621 7.78 18.85 -38.49
CA MET S 621 9.12 18.63 -39.03
C MET S 621 9.38 17.12 -39.01
N TYR S 622 9.97 16.63 -40.10
CA TYR S 622 10.25 15.21 -40.23
C TYR S 622 11.69 14.92 -39.85
N LEU S 623 11.89 13.96 -38.95
CA LEU S 623 13.22 13.50 -38.63
C LEU S 623 13.59 12.32 -39.52
N PHE S 624 14.79 12.35 -40.07
CA PHE S 624 15.35 11.24 -40.82
C PHE S 624 16.31 10.50 -39.90
N CYS S 625 15.86 9.38 -39.37
CA CYS S 625 16.59 8.66 -38.33
C CYS S 625 17.29 7.48 -38.98
N SER S 626 18.61 7.46 -38.91
CA SER S 626 19.37 6.46 -39.64
C SER S 626 20.66 6.13 -38.92
N ASP S 627 21.39 5.16 -39.46
CA ASP S 627 22.71 4.85 -38.93
C ASP S 627 23.74 5.81 -39.49
N LYS S 628 25.01 5.57 -39.12
CA LYS S 628 26.07 6.52 -39.47
C LYS S 628 26.35 6.51 -40.97
N GLU S 629 26.28 5.33 -41.61
CA GLU S 629 26.58 5.24 -43.04
C GLU S 629 25.63 6.09 -43.87
N ILE S 630 24.33 5.94 -43.64
CA ILE S 630 23.35 6.69 -44.40
C ILE S 630 23.49 8.18 -44.09
N ALA S 631 23.69 8.52 -42.82
CA ALA S 631 23.76 9.93 -42.45
C ALA S 631 24.85 10.64 -43.25
N ASN S 632 25.98 9.96 -43.47
CA ASN S 632 27.05 10.56 -44.25
C ASN S 632 26.64 10.75 -45.69
N TYR S 633 25.80 9.85 -46.22
CA TYR S 633 25.20 10.04 -47.54
C TYR S 633 23.95 10.90 -47.52
N LEU S 634 23.46 11.29 -46.34
CA LEU S 634 22.17 11.98 -46.26
C LEU S 634 22.33 13.48 -46.04
N MET S 635 23.30 13.87 -45.19
CA MET S 635 23.59 15.29 -44.99
C MET S 635 24.30 15.91 -46.18
N THR S 636 23.54 16.30 -47.19
CA THR S 636 24.12 16.91 -48.37
C THR S 636 24.53 18.32 -47.99
N LYS S 637 23.73 18.97 -47.14
CA LYS S 637 24.04 20.30 -46.66
C LYS S 637 23.02 20.66 -45.60
N GLY S 638 23.42 21.39 -44.57
CA GLY S 638 22.47 21.84 -43.58
C GLY S 638 21.84 23.18 -43.94
N ASP S 639 22.23 23.75 -45.08
CA ASP S 639 21.79 25.08 -45.45
C ASP S 639 20.32 25.20 -45.79
N ASP S 640 19.73 24.15 -46.35
CA ASP S 640 18.34 24.19 -46.81
C ASP S 640 17.77 22.79 -46.74
N ARG S 641 17.42 22.36 -45.53
CA ARG S 641 16.88 21.01 -45.33
C ARG S 641 15.38 21.16 -45.60
N THR S 642 14.96 21.21 -46.89
CA THR S 642 13.56 21.39 -47.23
C THR S 642 13.10 20.24 -48.10
N LEU S 643 11.83 19.85 -47.92
CA LEU S 643 11.20 18.80 -48.69
C LEU S 643 9.99 19.39 -49.41
N GLY S 644 9.98 19.26 -50.73
CA GLY S 644 8.87 19.82 -51.49
C GLY S 644 8.81 21.32 -51.33
N ALA S 645 7.60 21.82 -51.07
CA ALA S 645 7.38 23.26 -51.01
C ALA S 645 7.68 23.82 -49.63
N TYR S 646 7.06 23.27 -48.60
CA TYR S 646 7.06 23.88 -47.28
C TYR S 646 7.50 22.97 -46.14
N LEU S 647 7.74 21.69 -46.39
CA LEU S 647 8.14 20.79 -45.31
C LEU S 647 9.62 20.91 -45.00
N LYS S 648 9.97 20.73 -43.74
CA LYS S 648 11.35 20.75 -43.26
C LYS S 648 11.70 19.40 -42.66
N TYR S 649 13.00 19.12 -42.58
CA TYR S 649 13.45 17.89 -41.94
C TYR S 649 14.77 18.14 -41.23
N ASP S 650 15.15 17.18 -40.39
CA ASP S 650 16.43 17.19 -39.71
C ASP S 650 16.98 15.78 -39.68
N ILE S 651 18.28 15.65 -39.50
CA ILE S 651 18.97 14.37 -39.61
C ILE S 651 19.55 14.02 -38.25
N VAL S 652 19.19 12.85 -37.74
CA VAL S 652 19.73 12.36 -36.49
C VAL S 652 20.27 10.95 -36.74
N SER S 653 21.48 10.68 -36.26
CA SER S 653 22.17 9.43 -36.55
C SER S 653 22.52 8.70 -35.27
N THR S 654 22.60 7.37 -35.37
CA THR S 654 23.08 6.53 -34.28
C THR S 654 24.06 5.50 -34.81
N ASN S 655 24.91 5.01 -33.91
CA ASN S 655 25.80 3.89 -34.20
C ASN S 655 25.30 2.60 -33.57
N ASN S 656 24.03 2.55 -33.16
CA ASN S 656 23.45 1.36 -32.57
C ASN S 656 23.45 0.24 -33.60
N GLN S 657 23.88 -0.95 -33.19
CA GLN S 657 23.88 -2.08 -34.11
C GLN S 657 22.49 -2.39 -34.65
N LEU S 658 21.45 -2.05 -33.90
CA LEU S 658 20.10 -2.43 -34.31
C LEU S 658 19.70 -1.71 -35.59
N PHE S 659 20.18 -0.50 -35.79
CA PHE S 659 19.98 0.26 -37.03
C PHE S 659 21.08 -0.11 -38.01
N ASP S 660 20.71 -0.81 -39.07
CA ASP S 660 21.64 -1.21 -40.11
C ASP S 660 21.03 -0.95 -41.47
N GLY S 661 21.33 0.22 -42.05
CA GLY S 661 20.75 0.61 -43.32
C GLY S 661 19.26 0.82 -43.21
N LYS S 662 18.81 1.32 -42.06
CA LYS S 662 17.40 1.47 -41.77
C LYS S 662 17.03 2.91 -41.50
N LEU S 663 16.95 3.73 -42.55
CA LEU S 663 16.44 5.08 -42.35
C LEU S 663 14.95 5.00 -42.05
N VAL S 664 14.51 5.70 -41.02
CA VAL S 664 13.08 5.78 -40.69
C VAL S 664 12.71 7.26 -40.60
N VAL S 665 11.60 7.63 -41.23
CA VAL S 665 11.11 9.00 -41.22
C VAL S 665 9.94 9.10 -40.26
N ILE S 666 10.02 10.03 -39.32
CA ILE S 666 8.96 10.24 -38.34
C ILE S 666 8.72 11.73 -38.20
N PRO S 667 7.47 12.15 -38.06
CA PRO S 667 7.20 13.57 -37.84
C PRO S 667 7.43 13.96 -36.38
N THR S 668 7.72 15.23 -36.13
CA THR S 668 7.69 15.76 -34.77
C THR S 668 7.42 17.24 -34.87
N ARG S 669 6.88 17.81 -33.78
CA ARG S 669 6.66 19.25 -33.76
C ARG S 669 7.98 20.00 -33.89
N ALA S 670 8.01 20.99 -34.78
CA ALA S 670 9.24 21.71 -35.04
C ALA S 670 9.80 22.35 -33.78
N VAL S 671 8.90 22.84 -32.92
CA VAL S 671 9.28 23.41 -31.63
C VAL S 671 8.76 22.49 -30.53
N GLN S 672 9.68 21.97 -29.70
CA GLN S 672 9.30 21.06 -28.64
C GLN S 672 8.90 21.87 -27.40
N GLN S 673 7.82 21.46 -26.74
CA GLN S 673 7.28 22.21 -25.60
C GLN S 673 7.07 21.26 -24.42
N GLU S 674 8.17 20.87 -23.78
CA GLU S 674 8.16 20.01 -22.58
C GLU S 674 7.26 18.81 -22.89
N ASN S 675 6.19 18.58 -22.13
CA ASN S 675 5.35 17.41 -22.30
C ASN S 675 4.34 17.70 -23.41
N ASP S 676 4.76 17.46 -24.65
CA ASP S 676 3.96 17.78 -25.82
C ASP S 676 3.58 16.49 -26.52
N ILE S 677 2.28 16.19 -26.56
CA ILE S 677 1.81 14.94 -27.14
C ILE S 677 2.24 14.85 -28.61
N LEU S 678 2.46 16.00 -29.24
CA LEU S 678 2.79 15.99 -30.66
C LEU S 678 4.22 15.54 -30.93
N SER S 679 5.01 15.28 -29.89
CA SER S 679 6.28 14.60 -30.10
C SER S 679 6.04 13.14 -30.48
N TRP S 680 6.80 12.67 -31.47
CA TRP S 680 6.59 11.31 -31.97
C TRP S 680 6.63 10.31 -30.83
N GLY S 681 7.61 10.43 -29.96
CA GLY S 681 7.62 9.67 -28.71
C GLY S 681 8.07 10.56 -27.57
N GLN S 682 7.92 10.03 -26.36
CA GLN S 682 8.34 10.75 -25.17
C GLN S 682 9.14 9.81 -24.27
N PHE S 683 10.12 10.35 -23.57
CA PHE S 683 10.85 9.62 -22.54
C PHE S 683 10.45 10.20 -21.20
N PHE S 684 9.78 9.39 -20.37
CA PHE S 684 9.33 9.81 -19.06
C PHE S 684 10.32 9.32 -18.02
N TYR S 685 11.09 10.23 -17.46
CA TYR S 685 12.17 9.90 -16.56
C TYR S 685 11.80 10.37 -15.17
N VAL S 686 11.97 9.51 -14.17
CA VAL S 686 11.66 9.85 -12.79
C VAL S 686 12.92 9.99 -11.95
N SER S 687 13.72 8.93 -11.87
CA SER S 687 14.87 8.88 -10.97
C SER S 687 15.79 7.76 -11.43
N THR S 688 17.05 7.87 -11.01
CA THR S 688 18.00 6.74 -11.03
C THR S 688 18.63 6.70 -9.64
N VAL S 689 18.05 5.90 -8.74
CA VAL S 689 18.53 5.90 -7.37
C VAL S 689 19.62 4.85 -7.21
N ILE S 690 20.67 5.22 -6.48
CA ILE S 690 21.80 4.36 -6.20
C ILE S 690 21.79 4.09 -4.71
N ALA S 691 21.88 2.83 -4.31
CA ALA S 691 21.84 2.44 -2.91
C ALA S 691 23.03 1.53 -2.63
N ASP S 692 23.55 1.62 -1.41
CA ASP S 692 24.64 0.76 -0.96
C ASP S 692 24.25 0.13 0.36
N LEU S 693 24.42 -1.19 0.46
CA LEU S 693 24.07 -1.91 1.67
C LEU S 693 24.83 -3.23 1.72
N PRO S 694 25.44 -3.58 2.84
CA PRO S 694 26.20 -4.84 2.91
C PRO S 694 25.29 -6.04 3.01
N ILE S 695 24.76 -6.50 1.88
CA ILE S 695 23.87 -7.64 1.86
C ILE S 695 24.65 -8.93 2.03
N THR S 696 24.16 -9.80 2.92
CA THR S 696 24.76 -11.11 3.16
C THR S 696 24.11 -12.09 2.21
N ARG S 697 24.47 -12.03 0.93
CA ARG S 697 23.76 -12.76 -0.12
C ARG S 697 24.24 -14.20 -0.15
N GLY S 698 23.31 -15.12 -0.01
CA GLY S 698 23.61 -16.53 0.13
C GLY S 698 23.66 -17.00 1.57
N GLY S 699 23.61 -16.07 2.53
CA GLY S 699 23.63 -16.46 3.92
C GLY S 699 24.98 -16.86 4.45
N HIS S 700 26.02 -16.84 3.63
CA HIS S 700 27.33 -17.31 4.06
C HIS S 700 28.46 -16.42 3.55
N GLN S 701 28.15 -15.23 3.05
CA GLN S 701 29.19 -14.26 2.71
C GLN S 701 28.56 -12.89 2.67
N VAL S 702 29.33 -11.85 2.99
CA VAL S 702 28.83 -10.51 2.90
C VAL S 702 29.61 -9.71 1.86
N THR S 703 28.86 -9.03 0.99
CA THR S 703 29.44 -8.13 -0.01
C THR S 703 28.67 -6.83 -0.05
N ARG S 704 29.38 -5.69 0.01
CA ARG S 704 28.72 -4.40 -0.18
C ARG S 704 28.32 -4.23 -1.65
N GLU S 705 27.03 -4.00 -1.88
CA GLU S 705 26.49 -3.98 -3.24
C GLU S 705 25.94 -2.58 -3.54
N ILE S 706 26.62 -1.86 -4.42
CA ILE S 706 26.16 -0.54 -4.83
C ILE S 706 25.39 -0.70 -6.13
N ALA S 707 24.09 -0.44 -6.08
CA ALA S 707 23.22 -0.75 -7.20
C ALA S 707 22.47 0.51 -7.63
N ALA S 708 22.31 0.66 -8.94
CA ALA S 708 21.53 1.74 -9.52
C ALA S 708 20.23 1.14 -10.05
N ILE S 709 19.11 1.70 -9.65
CA ILE S 709 17.81 1.15 -10.03
C ILE S 709 17.13 2.14 -10.97
N PRO S 710 17.09 1.88 -12.27
CA PRO S 710 16.40 2.77 -13.19
C PRO S 710 14.90 2.76 -12.99
N PHE S 711 14.27 3.89 -13.32
CA PHE S 711 12.83 4.07 -13.20
C PHE S 711 12.40 5.07 -14.28
N ASN S 712 11.96 4.55 -15.43
CA ASN S 712 11.62 5.38 -16.56
C ASN S 712 10.78 4.60 -17.54
N LEU S 713 10.19 5.31 -18.51
CA LEU S 713 9.32 4.70 -19.50
C LEU S 713 9.43 5.47 -20.82
N HIS S 714 9.52 4.73 -21.91
CA HIS S 714 9.40 5.27 -23.27
C HIS S 714 7.98 5.04 -23.76
N VAL S 715 7.36 6.09 -24.30
CA VAL S 715 5.99 6.01 -24.81
C VAL S 715 5.97 6.59 -26.22
N ASN S 716 5.23 5.93 -27.10
CA ASN S 716 5.03 6.39 -28.47
C ASN S 716 3.70 7.11 -28.58
N ASN S 717 3.67 8.19 -29.35
CA ASN S 717 2.45 8.96 -29.55
C ASN S 717 1.90 8.84 -30.96
N ILE S 718 2.74 9.08 -31.96
CA ILE S 718 2.26 9.23 -33.33
C ILE S 718 2.41 7.91 -34.07
N PRO S 719 1.33 7.35 -34.62
CA PRO S 719 1.44 6.09 -35.37
C PRO S 719 1.92 6.24 -36.80
N PHE S 720 2.85 7.15 -37.09
CA PHE S 720 3.33 7.34 -38.45
C PHE S 720 4.82 7.04 -38.54
N ALA S 721 5.20 6.29 -39.58
CA ALA S 721 6.60 6.04 -39.86
C ALA S 721 6.74 5.62 -41.31
N LEU S 722 7.89 5.94 -41.90
CA LEU S 722 8.28 5.40 -43.20
C LEU S 722 9.63 4.72 -43.05
N GLU S 723 9.67 3.42 -43.28
CA GLU S 723 10.87 2.62 -43.05
C GLU S 723 11.56 2.29 -44.37
N PHE S 724 12.82 2.67 -44.50
CA PHE S 724 13.59 2.46 -45.71
C PHE S 724 14.77 1.54 -45.42
N LYS S 725 14.87 0.44 -46.14
CA LYS S 725 16.00 -0.47 -46.07
C LYS S 725 16.91 -0.15 -47.25
N ILE S 726 18.07 0.44 -46.97
CA ILE S 726 18.93 1.03 -48.00
C ILE S 726 20.23 0.25 -48.04
N THR S 727 20.48 -0.42 -49.17
CA THR S 727 21.72 -1.14 -49.38
C THR S 727 22.26 -0.85 -50.77
N GLY S 728 23.42 -1.42 -51.07
CA GLY S 728 24.00 -1.28 -52.39
C GLY S 728 24.95 -0.12 -52.55
N PHE S 729 25.38 0.50 -51.45
CA PHE S 729 26.29 1.64 -51.56
C PHE S 729 27.57 1.26 -52.28
N GLN S 730 28.11 0.07 -51.98
CA GLN S 730 29.40 -0.31 -52.53
C GLN S 730 29.27 -0.77 -53.98
N LYS S 731 28.06 -1.08 -54.41
CA LYS S 731 27.86 -1.57 -55.77
C LYS S 731 27.71 -0.43 -56.77
N VAL S 732 27.25 0.74 -56.35
CA VAL S 732 27.06 1.89 -57.23
C VAL S 732 28.24 2.85 -57.20
N MET S 733 29.02 2.85 -56.11
CA MET S 733 30.24 3.66 -56.04
C MET S 733 31.51 2.88 -56.32
N GLY S 734 31.48 1.56 -56.34
CA GLY S 734 32.70 0.79 -56.47
C GLY S 734 32.74 0.02 -57.77
N GLU S 735 31.74 0.24 -58.61
CA GLU S 735 31.64 -0.47 -59.88
C GLU S 735 31.12 0.49 -60.93
N THR S 736 31.59 0.29 -62.16
CA THR S 736 31.07 1.06 -63.29
C THR S 736 29.58 0.86 -63.44
N GLN S 737 28.85 1.95 -63.64
CA GLN S 737 27.41 1.90 -63.83
C GLN S 737 26.96 2.23 -65.25
N PHE S 738 27.79 2.91 -66.04
CA PHE S 738 27.39 3.36 -67.35
C PHE S 738 28.26 2.77 -68.45
N ASN S 739 29.57 3.01 -68.41
CA ASN S 739 30.43 2.50 -69.47
C ASN S 739 30.49 0.99 -69.45
N GLY S 740 30.44 0.38 -68.25
CA GLY S 740 30.45 -1.06 -68.17
C GLY S 740 29.27 -1.70 -68.89
N LYS S 741 28.11 -1.07 -68.80
CA LYS S 741 26.94 -1.61 -69.47
C LYS S 741 27.10 -1.55 -70.99
N LEU S 742 27.64 -0.44 -71.49
CA LEU S 742 27.89 -0.32 -72.93
C LEU S 742 28.87 -1.39 -73.40
N ALA S 743 29.87 -1.71 -72.58
CA ALA S 743 30.77 -2.81 -72.89
C ALA S 743 30.03 -4.15 -72.96
N ASP S 744 29.05 -4.35 -72.08
CA ASP S 744 28.32 -5.61 -72.08
C ASP S 744 27.54 -5.81 -73.38
N LEU S 745 27.14 -4.70 -74.02
CA LEU S 745 26.47 -4.71 -75.32
C LEU S 745 27.39 -5.07 -76.47
N LYS S 746 28.70 -5.11 -76.24
CA LYS S 746 29.62 -5.43 -77.31
C LYS S 746 29.38 -6.84 -77.81
N PRO S 747 29.14 -7.02 -79.12
CA PRO S 747 28.91 -8.32 -79.74
C PRO S 747 30.05 -9.30 -79.48
N ASN T 164 1.29 -2.30 3.70
CA ASN T 164 1.84 -2.06 2.39
C ASN T 164 3.35 -1.90 2.46
N TYR T 165 4.07 -2.91 1.99
CA TYR T 165 5.52 -2.87 2.08
C TYR T 165 6.10 -1.81 1.14
N ASN T 166 5.52 -1.68 -0.05
CA ASN T 166 6.02 -0.79 -1.10
C ASN T 166 4.88 0.09 -1.56
N GLU T 167 4.89 1.35 -1.13
CA GLU T 167 3.87 2.33 -1.50
C GLU T 167 4.25 3.03 -2.80
N LYS T 168 4.52 2.24 -3.83
CA LYS T 168 4.80 2.79 -5.15
C LYS T 168 3.55 3.40 -5.73
N SER T 169 3.68 4.57 -6.33
CA SER T 169 2.52 5.31 -6.79
C SER T 169 1.70 4.48 -7.77
N GLN T 170 0.39 4.52 -7.59
CA GLN T 170 -0.53 3.79 -8.46
C GLN T 170 -1.74 4.57 -8.91
N ARG T 171 -2.16 5.61 -8.17
CA ARG T 171 -3.41 6.30 -8.45
C ARG T 171 -3.21 7.72 -8.95
N ASP T 172 -2.27 8.46 -8.37
CA ASP T 172 -2.00 9.82 -8.84
C ASP T 172 -1.07 9.77 -10.03
N PHE T 173 -1.42 10.50 -11.09
CA PHE T 173 -0.58 10.61 -12.27
C PHE T 173 -0.50 12.07 -12.68
N ARG T 174 0.50 12.38 -13.49
CA ARG T 174 0.55 13.70 -14.11
C ARG T 174 -0.40 13.72 -15.29
N VAL T 175 -1.45 14.52 -15.19
CA VAL T 175 -2.51 14.52 -16.18
C VAL T 175 -2.29 15.67 -17.15
N VAL T 176 -2.27 15.35 -18.44
CA VAL T 176 -2.06 16.32 -19.50
C VAL T 176 -3.30 16.31 -20.39
N THR T 177 -3.94 17.47 -20.51
CA THR T 177 -5.12 17.62 -21.36
C THR T 177 -4.69 18.38 -22.61
N ILE T 178 -4.80 17.72 -23.76
CA ILE T 178 -4.28 18.31 -24.97
C ILE T 178 -5.30 19.25 -25.58
N GLY T 179 -4.84 20.13 -26.46
CA GLY T 179 -5.72 21.04 -27.16
C GLY T 179 -6.55 20.34 -28.22
N TYR T 180 -7.60 21.03 -28.66
CA TYR T 180 -8.44 20.51 -29.74
C TYR T 180 -9.17 21.70 -30.37
N ASN T 181 -8.54 22.31 -31.37
CA ASN T 181 -9.03 23.55 -31.95
C ASN T 181 -9.41 23.29 -33.41
N LEU T 182 -10.71 23.22 -33.67
CA LEU T 182 -11.21 23.08 -35.04
C LEU T 182 -11.56 24.44 -35.60
N ALA T 183 -11.28 24.64 -36.89
CA ALA T 183 -11.54 25.92 -37.52
C ALA T 183 -11.91 25.68 -38.98
N ALA T 184 -12.74 26.56 -39.53
CA ALA T 184 -12.99 26.58 -40.97
C ALA T 184 -13.55 27.94 -41.35
N SER T 185 -13.15 28.44 -42.51
CA SER T 185 -13.75 29.64 -43.08
C SER T 185 -15.01 29.25 -43.83
N ARG T 186 -15.82 30.23 -44.23
CA ARG T 186 -17.04 29.90 -44.97
C ARG T 186 -16.74 28.98 -46.14
N GLN T 187 -15.52 29.08 -46.69
CA GLN T 187 -15.10 28.22 -47.77
C GLN T 187 -13.57 28.20 -47.74
N ASP T 188 -13.01 27.00 -47.82
CA ASP T 188 -11.58 26.86 -47.68
C ASP T 188 -10.91 27.48 -48.86
N GLU T 189 -9.64 27.86 -48.72
CA GLU T 189 -9.01 28.62 -49.79
C GLU T 189 -9.04 27.88 -51.12
N PHE T 190 -8.79 26.57 -51.10
CA PHE T 190 -8.85 25.84 -52.35
C PHE T 190 -10.16 26.09 -53.02
N ALA T 191 -11.26 26.09 -52.28
CA ALA T 191 -12.54 26.24 -52.95
C ALA T 191 -12.89 27.72 -53.14
N GLU T 192 -12.33 28.59 -52.31
CA GLU T 192 -12.57 30.01 -52.46
C GLU T 192 -11.92 30.55 -53.73
N ARG T 193 -10.74 30.04 -54.07
CA ARG T 193 -10.09 30.48 -55.31
C ARG T 193 -10.81 29.94 -56.53
N ILE T 194 -11.36 28.72 -56.43
CA ILE T 194 -12.08 28.15 -57.57
C ILE T 194 -13.48 28.74 -57.65
N TYR T 195 -14.16 28.85 -56.52
CA TYR T 195 -15.51 29.38 -56.45
C TYR T 195 -15.56 30.59 -55.52
N PRO T 196 -15.07 31.74 -55.94
CA PRO T 196 -15.09 32.92 -55.07
C PRO T 196 -16.48 33.21 -54.56
N THR T 197 -16.56 33.59 -53.29
CA THR T 197 -17.85 33.73 -52.65
C THR T 197 -18.52 35.04 -53.07
N THR T 198 -19.81 34.95 -53.39
CA THR T 198 -20.61 36.15 -53.59
C THR T 198 -21.81 36.07 -52.64
N VAL T 199 -22.01 37.11 -51.85
CA VAL T 199 -23.08 37.10 -50.87
C VAL T 199 -24.40 37.47 -51.53
N ILE T 200 -25.42 36.64 -51.29
CA ILE T 200 -26.75 36.81 -51.87
C ILE T 200 -27.73 37.03 -50.73
N ASN T 201 -28.54 38.08 -50.84
CA ASN T 201 -29.47 38.37 -49.77
C ASN T 201 -30.50 37.26 -49.64
N PRO T 202 -30.87 36.86 -48.41
CA PRO T 202 -31.89 35.81 -48.27
C PRO T 202 -33.19 36.12 -48.98
N ILE T 203 -33.50 37.40 -49.21
CA ILE T 203 -34.73 37.75 -49.91
C ILE T 203 -34.66 37.29 -51.36
N GLU T 204 -33.45 37.13 -51.89
CA GLU T 204 -33.29 36.76 -53.29
C GLU T 204 -33.24 35.25 -53.46
N GLY T 205 -32.26 34.60 -52.84
CA GLY T 205 -32.20 33.16 -52.92
C GLY T 205 -31.84 32.61 -54.28
N GLY T 206 -31.14 33.36 -55.11
CA GLY T 206 -30.77 32.91 -56.44
C GLY T 206 -30.25 34.05 -57.27
N VAL T 207 -29.63 33.69 -58.40
CA VAL T 207 -28.97 34.66 -59.28
C VAL T 207 -29.39 34.37 -60.71
N VAL T 208 -29.53 35.42 -61.50
CA VAL T 208 -29.84 35.32 -62.93
C VAL T 208 -28.78 36.08 -63.70
N GLN T 209 -28.18 35.42 -64.69
CA GLN T 209 -27.15 36.00 -65.53
C GLN T 209 -27.75 36.34 -66.88
N VAL T 210 -27.55 37.58 -67.34
CA VAL T 210 -28.03 38.03 -68.64
C VAL T 210 -26.82 38.31 -69.51
N LEU T 211 -26.74 37.63 -70.66
CA LEU T 211 -25.56 37.71 -71.52
C LEU T 211 -25.96 38.25 -72.89
N PRO T 212 -25.88 39.56 -73.12
CA PRO T 212 -26.16 40.09 -74.45
C PRO T 212 -25.01 39.81 -75.40
N TYR T 213 -25.33 39.74 -76.69
CA TYR T 213 -24.29 39.73 -77.70
C TYR T 213 -24.86 40.11 -79.05
N ILE T 214 -23.96 40.49 -79.95
CA ILE T 214 -24.32 40.81 -81.32
C ILE T 214 -24.08 39.57 -82.17
N ALA T 215 -25.06 39.22 -82.99
CA ALA T 215 -24.97 37.99 -83.77
C ALA T 215 -24.89 38.28 -85.26
N VAL T 216 -24.12 37.46 -85.97
CA VAL T 216 -23.96 37.57 -87.42
C VAL T 216 -24.82 36.54 -88.10
N MET T 217 -25.76 36.98 -88.93
CA MET T 217 -26.63 36.01 -89.60
C MET T 217 -26.35 35.99 -91.09
N LYS T 218 -26.30 34.79 -91.65
CA LYS T 218 -26.31 34.63 -93.09
C LYS T 218 -27.64 35.15 -93.62
N ASP T 219 -27.60 35.88 -94.74
CA ASP T 219 -28.80 36.47 -95.29
C ASP T 219 -29.62 35.39 -95.99
N VAL T 220 -30.61 34.84 -95.32
CA VAL T 220 -31.32 33.66 -95.80
C VAL T 220 -32.83 33.91 -95.70
N TYR T 221 -33.57 33.38 -96.66
CA TYR T 221 -35.03 33.49 -96.63
C TYR T 221 -35.66 32.30 -95.93
N HIS T 222 -36.85 32.53 -95.42
CA HIS T 222 -37.62 31.44 -94.81
C HIS T 222 -38.08 30.48 -95.90
N GLU T 223 -38.09 29.20 -95.58
CA GLU T 223 -38.43 28.16 -96.55
C GLU T 223 -39.74 27.49 -96.14
N VAL T 224 -40.61 27.26 -97.11
CA VAL T 224 -41.95 26.76 -96.83
C VAL T 224 -41.90 25.39 -96.17
N SER T 225 -41.01 24.53 -96.61
CA SER T 225 -40.90 23.18 -96.06
C SER T 225 -39.82 23.06 -95.00
N GLY T 226 -39.27 24.18 -94.54
CA GLY T 226 -38.15 24.13 -93.63
C GLY T 226 -38.56 23.64 -92.25
N VAL T 227 -37.69 22.87 -91.62
CA VAL T 227 -37.91 22.48 -90.24
C VAL T 227 -37.60 23.63 -89.30
N LYS T 228 -36.54 24.39 -89.60
CA LYS T 228 -36.11 25.51 -88.78
C LYS T 228 -35.51 26.56 -89.71
N MET T 229 -35.29 27.77 -89.20
CA MET T 229 -34.66 28.81 -90.01
C MET T 229 -33.20 28.50 -90.25
N ASP T 230 -32.72 28.70 -91.47
CA ASP T 230 -31.37 28.30 -91.80
C ASP T 230 -30.47 29.51 -91.91
N ASN T 231 -30.76 30.54 -91.12
CA ASN T 231 -29.91 31.74 -91.13
C ASN T 231 -28.69 31.57 -90.25
N GLU T 232 -27.75 30.72 -90.67
CA GLU T 232 -26.62 30.37 -89.83
C GLU T 232 -26.25 31.57 -88.98
N GLU T 233 -26.35 31.42 -87.68
CA GLU T 233 -26.13 32.53 -86.77
C GLU T 233 -24.96 32.22 -85.84
N VAL T 234 -23.98 33.13 -85.81
CA VAL T 234 -22.78 32.95 -85.01
C VAL T 234 -22.53 34.24 -84.25
N ASN T 235 -21.76 34.12 -83.17
CA ASN T 235 -21.42 35.26 -82.34
C ASN T 235 -20.32 36.09 -83.01
N MET T 236 -20.33 37.40 -82.77
CA MET T 236 -19.19 38.21 -83.18
C MET T 236 -17.89 37.71 -82.58
N VAL T 237 -17.95 37.20 -81.36
CA VAL T 237 -16.73 36.78 -80.66
C VAL T 237 -15.99 35.73 -81.47
N GLU T 238 -16.74 34.86 -82.15
CA GLU T 238 -16.12 33.84 -82.99
C GLU T 238 -15.31 34.45 -84.12
N ALA T 239 -15.59 35.71 -84.49
CA ALA T 239 -14.89 36.33 -85.60
C ALA T 239 -13.42 36.56 -85.30
N TYR T 240 -13.04 36.63 -84.03
CA TYR T 240 -11.64 36.91 -83.71
C TYR T 240 -10.76 35.69 -83.98
N ARG T 241 -11.24 34.50 -83.67
CA ARG T 241 -10.51 33.28 -84.00
C ARG T 241 -10.75 32.87 -85.44
N ASP T 242 -11.99 32.99 -85.92
CA ASP T 242 -12.40 32.53 -87.25
C ASP T 242 -13.09 33.68 -87.96
N PRO T 243 -12.36 34.69 -88.41
CA PRO T 243 -13.00 35.86 -89.05
C PRO T 243 -13.61 35.54 -90.40
N SER T 244 -13.34 34.37 -90.97
CA SER T 244 -13.94 34.00 -92.25
C SER T 244 -15.45 33.92 -92.17
N ILE T 245 -16.02 33.86 -90.96
CA ILE T 245 -17.47 33.85 -90.83
C ILE T 245 -18.05 35.15 -91.38
N LEU T 246 -17.21 36.18 -91.56
CA LEU T 246 -17.66 37.46 -92.06
C LEU T 246 -17.48 37.58 -93.56
N ASP T 247 -16.80 36.62 -94.20
CA ASP T 247 -16.48 36.78 -95.61
C ASP T 247 -17.74 36.84 -96.44
N ASP T 248 -17.79 37.80 -97.35
CA ASP T 248 -18.92 37.97 -98.24
C ASP T 248 -18.45 38.50 -99.58
N GLU T 249 -18.72 37.74 -100.63
CA GLU T 249 -18.37 38.12 -101.99
C GLU T 249 -19.63 38.27 -102.83
N SER T 250 -20.74 38.67 -102.20
CA SER T 250 -22.01 38.76 -102.89
C SER T 250 -21.97 39.77 -104.02
N ILE T 251 -21.02 40.70 -104.01
CA ILE T 251 -20.96 41.69 -105.08
C ILE T 251 -20.13 41.22 -106.26
N ALA T 252 -19.48 40.07 -106.17
CA ALA T 252 -18.63 39.61 -107.26
C ALA T 252 -19.46 39.38 -108.53
N LEU T 253 -18.84 39.66 -109.66
CA LEU T 253 -19.44 39.47 -110.97
C LEU T 253 -18.89 38.18 -111.56
N ILE T 254 -19.65 37.11 -111.43
CA ILE T 254 -19.22 35.78 -111.85
C ILE T 254 -20.07 35.37 -113.05
N PRO T 255 -19.49 35.21 -114.23
CA PRO T 255 -20.28 34.75 -115.37
C PRO T 255 -20.99 33.45 -115.04
N ALA T 256 -22.27 33.40 -115.36
CA ALA T 256 -23.13 32.28 -114.97
C ALA T 256 -23.77 31.66 -116.19
N LEU T 257 -24.04 30.36 -116.11
CA LEU T 257 -24.66 29.63 -117.20
C LEU T 257 -26.16 29.61 -116.99
N ASP T 258 -26.91 30.00 -118.01
CA ASP T 258 -28.36 29.89 -117.94
C ASP T 258 -28.76 28.41 -117.95
N PRO T 259 -29.49 27.94 -116.95
CA PRO T 259 -29.96 26.55 -116.98
C PRO T 259 -30.68 26.19 -118.26
N ALA T 260 -31.29 27.17 -118.93
CA ALA T 260 -31.99 26.88 -120.18
C ALA T 260 -31.01 26.66 -121.31
N GLY T 261 -29.75 27.06 -121.12
CA GLY T 261 -28.75 27.00 -122.16
C GLY T 261 -28.70 28.19 -123.11
N SER T 262 -29.47 29.24 -122.84
CA SER T 262 -29.59 30.34 -123.78
C SER T 262 -28.24 31.00 -124.06
N ASN T 263 -27.33 30.99 -123.08
CA ASN T 263 -26.03 31.62 -123.24
C ASN T 263 -24.89 30.63 -123.19
N ALA T 264 -25.16 29.34 -123.45
CA ALA T 264 -24.10 28.35 -123.38
C ALA T 264 -23.02 28.57 -124.43
N ASP T 265 -23.36 29.25 -125.54
CA ASP T 265 -22.40 29.44 -126.61
C ASP T 265 -21.27 30.38 -126.19
N PHE T 266 -21.44 31.07 -125.06
CA PHE T 266 -20.42 31.99 -124.60
C PHE T 266 -19.29 31.29 -123.85
N PHE T 267 -19.50 30.06 -123.40
CA PHE T 267 -18.60 29.41 -122.47
C PHE T 267 -17.81 28.31 -123.17
N VAL T 268 -16.69 27.94 -122.54
CA VAL T 268 -15.80 26.91 -123.06
C VAL T 268 -16.58 25.61 -123.14
N ASP T 269 -16.43 24.88 -124.23
CA ASP T 269 -17.15 23.61 -124.39
C ASP T 269 -16.98 22.77 -123.13
N PRO T 270 -18.08 22.35 -122.50
CA PRO T 270 -17.94 21.51 -121.29
C PRO T 270 -17.06 20.29 -121.50
N ALA T 271 -16.90 19.83 -122.74
CA ALA T 271 -16.05 18.67 -123.00
C ALA T 271 -14.63 18.93 -122.54
N LEU T 272 -14.18 20.18 -122.61
CA LEU T 272 -12.81 20.51 -122.20
C LEU T 272 -12.75 20.82 -120.71
N VAL T 273 -13.67 21.64 -120.21
CA VAL T 273 -13.74 21.99 -118.80
C VAL T 273 -15.20 21.95 -118.36
N PRO T 274 -15.60 21.04 -117.48
CA PRO T 274 -17.00 20.98 -117.06
C PRO T 274 -17.33 22.14 -116.12
N PRO T 275 -18.54 22.66 -116.20
CA PRO T 275 -18.96 23.70 -115.25
C PRO T 275 -18.94 23.18 -113.82
N TYR T 276 -18.74 24.10 -112.88
CA TYR T 276 -18.73 23.79 -111.46
C TYR T 276 -19.71 24.69 -110.74
N THR T 277 -20.20 24.22 -109.60
CA THR T 277 -21.21 24.97 -108.85
C THR T 277 -20.55 25.88 -107.84
N ILE T 278 -21.10 27.08 -107.69
CA ILE T 278 -20.71 28.02 -106.66
C ILE T 278 -21.91 28.30 -105.79
N LYS T 279 -21.76 28.14 -104.48
CA LYS T 279 -22.82 28.45 -103.52
C LYS T 279 -22.50 29.79 -102.86
N ASN T 280 -23.40 30.75 -103.00
CA ASN T 280 -23.14 32.10 -102.54
C ASN T 280 -23.56 32.23 -101.08
N GLU T 281 -23.47 33.45 -100.54
CA GLU T 281 -23.73 33.66 -99.12
C GLU T 281 -25.21 33.69 -98.76
N GLN T 282 -26.10 33.45 -99.72
CA GLN T 282 -27.52 33.37 -99.43
C GLN T 282 -28.05 31.95 -99.57
N ASN T 283 -27.15 30.96 -99.63
CA ASN T 283 -27.50 29.56 -99.86
C ASN T 283 -28.19 29.37 -101.22
N LEU T 284 -27.76 30.16 -102.21
CA LEU T 284 -28.27 30.06 -103.57
C LEU T 284 -27.12 29.66 -104.48
N THR T 285 -27.31 28.61 -105.27
CA THR T 285 -26.25 28.06 -106.10
C THR T 285 -26.44 28.50 -107.56
N ILE T 286 -25.33 28.80 -108.23
CA ILE T 286 -25.33 29.04 -109.66
C ILE T 286 -24.23 28.20 -110.29
N THR T 287 -24.33 28.00 -111.61
CA THR T 287 -23.35 27.24 -112.36
C THR T 287 -22.39 28.18 -113.06
N THR T 288 -21.09 27.91 -112.90
CA THR T 288 -20.04 28.74 -113.49
C THR T 288 -19.10 27.88 -114.32
N ALA T 289 -18.59 28.44 -115.39
CA ALA T 289 -17.58 27.80 -116.22
C ALA T 289 -16.64 28.86 -116.76
N PRO T 290 -15.42 28.49 -117.14
CA PRO T 290 -14.53 29.43 -117.79
C PRO T 290 -15.16 30.02 -119.03
N LEU T 291 -15.03 31.34 -119.18
CA LEU T 291 -15.67 32.03 -120.30
C LEU T 291 -14.82 31.93 -121.55
N LYS T 292 -15.47 31.65 -122.67
CA LYS T 292 -14.75 31.27 -123.88
C LYS T 292 -13.95 32.46 -124.38
N ALA T 293 -12.73 32.20 -124.84
CA ALA T 293 -11.96 33.26 -125.48
C ALA T 293 -12.58 33.59 -126.83
N ASN T 294 -12.34 34.82 -127.28
CA ASN T 294 -12.91 35.38 -128.51
C ASN T 294 -14.44 35.42 -128.47
N VAL T 295 -14.96 35.94 -127.36
CA VAL T 295 -16.40 35.98 -127.10
C VAL T 295 -16.81 37.44 -126.99
N ARG T 296 -17.95 37.77 -127.59
CA ARG T 296 -18.57 39.07 -127.42
C ARG T 296 -19.89 38.87 -126.71
N LEU T 297 -20.10 39.57 -125.60
CA LEU T 297 -21.26 39.31 -124.77
C LEU T 297 -21.55 40.52 -123.89
N ASP T 298 -22.77 40.55 -123.36
CA ASP T 298 -23.14 41.47 -122.29
C ASP T 298 -22.67 40.86 -120.97
N LEU T 299 -21.61 41.44 -120.39
CA LEU T 299 -20.96 40.80 -119.26
C LEU T 299 -21.85 40.80 -118.03
N MET T 300 -22.58 41.88 -117.82
CA MET T 300 -23.49 41.95 -116.69
C MET T 300 -24.71 41.05 -116.89
N GLY T 301 -25.29 41.07 -118.07
CA GLY T 301 -26.47 40.28 -118.34
C GLY T 301 -26.25 38.81 -118.15
N ASN T 302 -25.03 38.35 -118.41
CA ASN T 302 -24.70 36.94 -118.27
C ASN T 302 -24.08 36.62 -116.93
N SER T 303 -24.08 37.56 -115.98
CA SER T 303 -23.47 37.34 -114.69
C SER T 303 -24.42 36.60 -113.76
N ASN T 304 -23.87 36.04 -112.69
CA ASN T 304 -24.70 35.44 -111.66
C ASN T 304 -25.64 36.47 -111.06
N ALA T 305 -25.25 37.75 -111.06
CA ALA T 305 -26.09 38.78 -110.46
C ALA T 305 -27.42 38.90 -111.18
N ASN T 306 -27.51 38.39 -112.41
CA ASN T 306 -28.76 38.48 -113.16
C ASN T 306 -29.58 37.21 -113.00
N LEU T 307 -28.93 36.07 -113.12
CA LEU T 307 -29.65 34.81 -113.16
C LEU T 307 -30.00 34.33 -111.77
N LEU T 308 -29.54 35.05 -110.75
CA LEU T 308 -29.63 34.54 -109.39
C LEU T 308 -31.05 34.52 -108.86
N ILE T 309 -31.73 35.67 -108.86
CA ILE T 309 -33.02 35.75 -108.19
C ILE T 309 -34.14 35.91 -109.21
N GLN T 310 -34.02 36.89 -110.09
CA GLN T 310 -34.99 37.11 -111.16
C GLN T 310 -34.25 37.12 -112.48
N ARG T 311 -34.89 36.57 -113.51
CA ARG T 311 -34.32 36.37 -114.84
C ARG T 311 -33.63 37.60 -115.41
N GLY T 312 -34.27 38.76 -115.32
CA GLY T 312 -33.69 40.01 -115.78
C GLY T 312 -34.01 41.12 -114.81
N MET T 313 -33.01 41.53 -114.05
CA MET T 313 -33.26 42.50 -112.98
C MET T 313 -32.13 43.52 -112.87
N LEU T 314 -31.18 43.50 -113.79
CA LEU T 314 -30.04 44.42 -113.73
C LEU T 314 -30.34 45.64 -114.58
N GLU T 315 -30.54 46.79 -113.92
CA GLU T 315 -30.87 48.03 -114.63
C GLU T 315 -29.62 48.86 -114.85
N VAL T 316 -29.77 50.03 -115.48
CA VAL T 316 -28.61 50.84 -115.82
C VAL T 316 -27.84 51.23 -114.56
N SER T 317 -28.48 51.19 -113.40
CA SER T 317 -27.82 51.55 -112.15
C SER T 317 -26.71 50.57 -111.81
N ASP T 318 -26.76 49.37 -112.36
CA ASP T 318 -25.71 48.40 -112.08
C ASP T 318 -24.49 48.67 -112.93
N THR T 319 -23.34 48.86 -112.30
CA THR T 319 -22.09 49.18 -112.95
C THR T 319 -20.99 48.24 -112.46
N ILE T 320 -19.90 48.20 -113.22
CA ILE T 320 -18.77 47.32 -112.94
C ILE T 320 -17.62 48.15 -112.39
N ASP T 321 -16.98 47.63 -111.36
CA ASP T 321 -15.84 48.28 -110.70
C ASP T 321 -14.61 48.22 -111.60
N PRO T 322 -14.03 49.36 -111.97
CA PRO T 322 -12.81 49.35 -112.78
C PRO T 322 -11.64 48.62 -112.15
N ALA T 323 -11.65 48.40 -110.84
CA ALA T 323 -10.55 47.70 -110.16
C ALA T 323 -10.73 46.19 -110.32
N GLY T 324 -10.65 45.74 -111.57
CA GLY T 324 -10.79 44.33 -111.88
C GLY T 324 -9.50 43.74 -112.40
N ARG T 325 -9.44 42.42 -112.53
CA ARG T 325 -8.24 41.75 -112.96
C ARG T 325 -8.62 40.49 -113.73
N LEU T 326 -7.68 40.03 -114.55
CA LEU T 326 -7.81 38.75 -115.24
C LEU T 326 -7.42 37.65 -114.26
N LYS T 327 -8.40 36.83 -113.88
CA LYS T 327 -8.15 35.85 -112.81
C LYS T 327 -7.44 34.61 -113.33
N ASN T 328 -7.99 33.95 -114.35
CA ASN T 328 -7.40 32.72 -114.85
C ASN T 328 -7.35 32.73 -116.37
N LEU T 329 -6.36 32.02 -116.91
CA LEU T 329 -6.22 31.83 -118.35
C LEU T 329 -6.05 30.36 -118.63
N PHE T 330 -6.88 29.81 -119.51
CA PHE T 330 -6.96 28.38 -119.75
C PHE T 330 -6.35 28.07 -121.11
N VAL T 331 -5.29 27.27 -121.11
CA VAL T 331 -4.55 26.93 -122.32
C VAL T 331 -4.82 25.47 -122.66
N LEU T 332 -5.05 25.19 -123.94
CA LEU T 332 -5.28 23.82 -124.40
C LEU T 332 -3.95 23.23 -124.87
N LEU T 333 -3.49 22.16 -124.21
CA LEU T 333 -2.19 21.56 -124.52
C LEU T 333 -2.41 20.10 -124.90
N GLY T 334 -2.33 19.81 -126.19
CA GLY T 334 -2.41 18.42 -126.63
C GLY T 334 -3.75 17.77 -126.34
N GLY T 335 -4.83 18.53 -126.35
CA GLY T 335 -6.15 18.01 -126.08
C GLY T 335 -6.63 18.16 -124.65
N LYS T 336 -5.79 18.54 -123.71
CA LYS T 336 -6.22 18.70 -122.34
C LYS T 336 -5.86 20.09 -121.84
N VAL T 337 -6.70 20.61 -120.95
CA VAL T 337 -6.64 22.01 -120.53
C VAL T 337 -5.83 22.14 -119.26
N VAL T 338 -5.00 23.17 -119.20
CA VAL T 338 -4.27 23.54 -117.99
C VAL T 338 -4.69 24.96 -117.59
N LYS T 339 -5.01 25.13 -116.32
CA LYS T 339 -5.39 26.42 -115.78
C LYS T 339 -4.14 27.13 -115.29
N PHE T 340 -3.98 28.38 -115.70
CA PHE T 340 -2.90 29.23 -115.21
C PHE T 340 -3.50 30.32 -114.34
N LYS T 341 -2.93 30.52 -113.15
CA LYS T 341 -3.37 31.56 -112.24
C LYS T 341 -2.58 32.83 -112.52
N VAL T 342 -3.27 33.86 -112.97
CA VAL T 342 -2.61 35.07 -113.44
C VAL T 342 -3.23 36.29 -112.77
N ASP T 343 -3.84 36.11 -111.60
CA ASP T 343 -4.73 37.13 -111.07
C ASP T 343 -3.96 38.36 -110.63
N ARG T 344 -2.86 38.20 -109.92
CA ARG T 344 -2.19 39.38 -109.37
C ARG T 344 -1.05 39.92 -110.23
N LEU T 345 -0.80 39.30 -111.37
CA LEU T 345 0.32 39.72 -112.21
C LEU T 345 0.12 41.14 -112.71
N PRO T 346 1.18 41.93 -112.85
CA PRO T 346 1.00 43.30 -113.35
C PRO T 346 0.28 43.39 -114.68
N ARG T 347 0.33 42.34 -115.50
CA ARG T 347 -0.31 42.38 -116.80
C ARG T 347 -1.80 42.08 -116.71
N ALA T 348 -2.27 41.59 -115.57
CA ALA T 348 -3.68 41.27 -115.43
C ALA T 348 -4.53 42.44 -114.96
N VAL T 349 -3.92 43.59 -114.65
CA VAL T 349 -4.69 44.69 -114.10
C VAL T 349 -5.38 45.47 -115.21
N PHE T 350 -6.63 45.85 -114.97
CA PHE T 350 -7.37 46.64 -115.95
C PHE T 350 -6.72 48.01 -116.12
N GLN T 351 -6.73 48.51 -117.36
CA GLN T 351 -6.15 49.82 -117.58
C GLN T 351 -7.20 50.78 -118.14
N PRO T 352 -7.06 52.07 -117.87
CA PRO T 352 -7.96 53.05 -118.49
C PRO T 352 -7.86 53.00 -120.00
N ASP T 353 -8.97 53.28 -120.65
CA ASP T 353 -9.00 53.36 -122.11
C ASP T 353 -8.66 54.78 -122.53
N LEU T 354 -7.46 54.98 -123.09
CA LEU T 354 -6.99 56.32 -123.37
C LEU T 354 -7.82 56.99 -124.45
N VAL T 355 -8.25 56.22 -125.45
CA VAL T 355 -9.02 56.72 -126.57
C VAL T 355 -10.30 55.92 -126.69
N GLY T 356 -11.44 56.59 -126.51
CA GLY T 356 -12.73 55.96 -126.50
C GLY T 356 -13.50 56.37 -125.27
N ASP T 357 -14.52 55.59 -124.93
CA ASP T 357 -15.36 55.92 -123.80
C ASP T 357 -14.54 55.86 -122.52
N THR T 358 -14.74 56.85 -121.65
CA THR T 358 -13.93 56.94 -120.44
C THR T 358 -14.23 55.82 -119.47
N ARG T 359 -15.35 55.11 -119.67
CA ARG T 359 -15.72 53.99 -118.82
C ARG T 359 -15.21 52.64 -119.29
N ASN T 360 -14.44 52.59 -120.37
CA ASN T 360 -13.92 51.30 -120.83
C ASN T 360 -12.75 50.86 -119.96
N ALA T 361 -12.65 49.55 -119.78
CA ALA T 361 -11.51 48.95 -119.11
C ALA T 361 -10.78 48.13 -120.15
N VAL T 362 -9.51 48.45 -120.35
CA VAL T 362 -8.68 47.79 -121.33
C VAL T 362 -7.90 46.67 -120.65
N ILE T 363 -7.89 45.51 -121.29
CA ILE T 363 -7.12 44.37 -120.81
C ILE T 363 -6.09 44.05 -121.88
N ARG T 364 -4.82 44.02 -121.48
CA ARG T 364 -3.77 43.63 -122.41
C ARG T 364 -2.82 42.70 -121.65
N PHE T 365 -3.07 41.39 -121.72
CA PHE T 365 -2.24 40.44 -121.01
C PHE T 365 -1.14 39.90 -121.91
N ASP T 366 -0.13 40.71 -122.19
CA ASP T 366 1.01 40.24 -122.97
C ASP T 366 2.04 39.64 -122.01
N SER T 367 2.16 38.33 -122.01
CA SER T 367 3.02 37.64 -121.06
C SER T 367 3.70 36.45 -121.72
N ASP T 368 5.00 36.31 -121.51
CA ASP T 368 5.77 35.18 -122.00
C ASP T 368 6.22 34.27 -120.88
N ASP T 369 5.67 34.42 -119.68
CA ASP T 369 6.17 33.75 -118.48
C ASP T 369 5.24 32.66 -117.96
N LEU T 370 4.30 32.19 -118.76
CA LEU T 370 3.50 31.03 -118.36
C LEU T 370 4.31 29.76 -118.57
N VAL T 371 4.44 28.97 -117.52
CA VAL T 371 5.38 27.86 -117.50
C VAL T 371 4.64 26.54 -117.31
N VAL T 372 5.06 25.53 -118.07
CA VAL T 372 4.55 24.17 -117.95
C VAL T 372 5.70 23.25 -117.61
N SER T 373 5.50 22.39 -116.62
CA SER T 373 6.55 21.48 -116.19
C SER T 373 5.90 20.19 -115.70
N GLY T 374 6.75 19.23 -115.37
CA GLY T 374 6.29 17.92 -114.93
C GLY T 374 5.42 17.96 -113.70
N ASP T 375 5.53 19.03 -112.91
CA ASP T 375 4.74 19.14 -111.68
C ASP T 375 3.33 19.64 -111.97
N THR T 376 3.13 20.26 -113.14
CA THR T 376 1.84 20.80 -113.50
C THR T 376 0.84 19.68 -113.75
N THR T 377 -0.43 19.94 -113.45
CA THR T 377 -1.49 18.99 -113.75
C THR T 377 -2.53 19.66 -114.63
N PHE T 378 -3.32 18.85 -115.31
CA PHE T 378 -4.42 19.37 -116.09
C PHE T 378 -5.63 19.60 -115.19
N ILE T 379 -6.71 20.10 -115.77
CA ILE T 379 -7.89 20.42 -114.96
C ILE T 379 -8.34 19.19 -114.17
N ASP T 380 -8.29 18.02 -114.79
CA ASP T 380 -8.78 16.82 -114.13
C ASP T 380 -7.73 16.16 -113.26
N GLY T 381 -6.55 16.76 -113.14
CA GLY T 381 -5.50 16.24 -112.27
C GLY T 381 -4.65 15.15 -112.86
N SER T 382 -4.98 14.66 -114.05
CA SER T 382 -4.24 13.55 -114.64
C SER T 382 -3.11 14.13 -115.50
N ALA T 383 -1.91 14.15 -114.93
CA ALA T 383 -0.76 14.75 -115.60
C ALA T 383 -0.16 13.80 -116.63
N ASP T 384 -0.94 13.45 -117.64
CA ASP T 384 -0.47 12.52 -118.65
C ASP T 384 -0.13 13.26 -119.92
N GLY T 385 0.32 12.55 -120.94
CA GLY T 385 0.52 13.20 -122.22
C GLY T 385 1.74 14.11 -122.20
N VAL T 386 1.54 15.36 -122.64
CA VAL T 386 2.66 16.26 -122.82
C VAL T 386 3.43 16.45 -121.52
N ILE T 387 2.70 16.63 -120.42
CA ILE T 387 3.37 16.91 -119.15
C ILE T 387 4.19 15.71 -118.70
N ASN T 388 3.65 14.51 -118.88
CA ASN T 388 4.39 13.30 -118.50
C ASN T 388 5.69 13.19 -119.27
N ASP T 389 5.67 13.57 -120.54
CA ASP T 389 6.85 13.51 -121.39
C ASP T 389 7.83 14.62 -121.01
N LEU T 390 7.30 15.78 -120.61
CA LEU T 390 8.13 16.84 -120.05
C LEU T 390 8.80 16.42 -118.75
N LYS T 391 8.08 15.71 -117.88
CA LYS T 391 8.68 15.20 -116.67
C LYS T 391 9.78 14.19 -116.97
N THR T 392 9.49 13.23 -117.86
CA THR T 392 10.50 12.22 -118.20
C THR T 392 11.71 12.86 -118.86
N ALA T 393 11.50 13.83 -119.74
CA ALA T 393 12.59 14.46 -120.46
C ALA T 393 13.28 15.55 -119.66
N LYS T 394 12.82 15.83 -118.43
CA LYS T 394 13.35 16.89 -117.59
C LYS T 394 13.36 18.23 -118.33
N LEU T 395 12.24 18.54 -118.97
CA LEU T 395 12.03 19.78 -119.71
C LEU T 395 10.91 20.59 -119.07
N SER T 396 10.89 21.88 -119.40
CA SER T 396 9.78 22.75 -119.06
C SER T 396 9.59 23.72 -120.21
N LEU T 397 8.37 24.25 -120.34
CA LEU T 397 8.03 25.12 -121.45
C LEU T 397 7.71 26.52 -120.95
N ARG T 398 8.04 27.51 -121.77
CA ARG T 398 7.58 28.88 -121.55
C ARG T 398 6.70 29.28 -122.72
N LEU T 399 5.45 29.60 -122.44
CA LEU T 399 4.46 29.85 -123.48
C LEU T 399 4.28 31.34 -123.66
N SER T 400 4.25 31.78 -124.92
CA SER T 400 3.96 33.17 -125.25
C SER T 400 2.49 33.26 -125.60
N VAL T 401 1.67 33.61 -124.59
CA VAL T 401 0.25 33.77 -124.78
C VAL T 401 -0.05 35.23 -125.02
N GLY T 402 -1.24 35.54 -125.56
CA GLY T 402 -1.70 36.90 -125.68
C GLY T 402 -3.20 36.97 -125.53
N PHE T 403 -3.68 37.86 -124.66
CA PHE T 403 -5.10 37.95 -124.35
C PHE T 403 -5.47 39.37 -123.98
N GLY T 404 -6.52 39.90 -124.60
CA GLY T 404 -6.98 41.24 -124.30
C GLY T 404 -8.48 41.34 -124.50
N GLY T 405 -9.00 42.52 -124.21
CA GLY T 405 -10.42 42.78 -124.37
C GLY T 405 -10.77 44.15 -123.82
N THR T 406 -11.99 44.57 -124.11
CA THR T 406 -12.52 45.84 -123.60
C THR T 406 -13.84 45.56 -122.89
N ILE T 407 -13.97 46.09 -121.68
CA ILE T 407 -15.20 45.98 -120.90
C ILE T 407 -15.77 47.37 -120.75
N SER T 408 -17.04 47.54 -121.05
CA SER T 408 -17.74 48.79 -120.80
C SER T 408 -18.29 48.74 -119.38
N LEU T 409 -17.78 49.61 -118.52
CA LEU T 409 -18.08 49.50 -117.10
C LEU T 409 -19.41 50.14 -116.77
N SER T 410 -20.24 50.38 -117.78
CA SER T 410 -21.51 51.03 -117.59
C SER T 410 -22.57 50.28 -118.37
N LYS T 411 -22.22 49.88 -119.58
CA LYS T 411 -23.17 49.25 -120.48
C LYS T 411 -23.09 47.73 -120.37
N GLY T 412 -21.93 47.21 -119.99
CA GLY T 412 -21.72 45.79 -119.92
C GLY T 412 -21.19 45.15 -121.19
N ASP T 413 -20.94 45.94 -122.23
CA ASP T 413 -20.41 45.38 -123.46
C ASP T 413 -19.02 44.78 -123.22
N SER T 414 -18.70 43.72 -123.95
CA SER T 414 -17.43 43.04 -123.80
C SER T 414 -17.02 42.47 -125.14
N LYS T 415 -15.79 42.77 -125.55
CA LYS T 415 -15.26 42.28 -126.83
C LYS T 415 -13.89 41.67 -126.62
N PHE T 416 -13.85 40.46 -126.06
CA PHE T 416 -12.58 39.82 -125.78
C PHE T 416 -11.99 39.23 -127.05
N GLY T 417 -10.67 39.15 -127.10
CA GLY T 417 -9.98 38.52 -128.20
C GLY T 417 -8.69 37.89 -127.75
N ALA T 418 -8.38 36.71 -128.28
CA ALA T 418 -7.15 35.99 -127.97
C ALA T 418 -6.35 35.77 -129.24
N THR T 419 -5.06 36.04 -129.17
CA THR T 419 -4.20 35.95 -130.34
C THR T 419 -3.48 34.60 -130.33
N ASP T 420 -2.61 34.39 -131.32
CA ASP T 420 -1.92 33.11 -131.43
C ASP T 420 -0.98 32.89 -130.25
N THR T 421 -0.84 31.63 -129.88
CA THR T 421 0.02 31.22 -128.78
C THR T 421 1.16 30.37 -129.31
N TYR T 422 2.38 30.69 -128.88
CA TYR T 422 3.57 29.99 -129.33
C TYR T 422 4.35 29.49 -128.12
N VAL T 423 5.15 28.46 -128.33
CA VAL T 423 6.11 28.01 -127.32
C VAL T 423 7.38 28.83 -127.50
N ASP T 424 7.61 29.76 -126.57
CA ASP T 424 8.71 30.71 -126.71
C ASP T 424 10.06 30.06 -126.45
N LYS T 425 10.17 29.30 -125.36
CA LYS T 425 11.42 28.62 -125.01
C LYS T 425 11.11 27.25 -124.45
N VAL T 426 12.06 26.33 -124.65
CA VAL T 426 12.06 25.04 -123.98
C VAL T 426 13.33 24.96 -123.16
N LEU T 427 13.19 24.81 -121.85
CA LEU T 427 14.32 24.83 -120.93
C LEU T 427 14.50 23.47 -120.27
N ASN T 428 15.73 23.15 -119.89
CA ASN T 428 15.99 22.01 -119.04
C ASN T 428 15.91 22.44 -117.58
N GLU T 429 16.19 21.49 -116.67
CA GLU T 429 16.12 21.79 -115.25
C GLU T 429 17.22 22.76 -114.83
N ASP T 430 18.36 22.72 -115.51
CA ASP T 430 19.44 23.66 -115.21
C ASP T 430 19.01 25.09 -115.53
N GLY T 431 18.16 25.27 -116.53
CA GLY T 431 17.68 26.58 -116.90
C GLY T 431 18.31 27.07 -118.19
N GLN T 432 18.70 26.13 -119.05
CA GLN T 432 19.27 26.46 -120.36
C GLN T 432 18.26 26.15 -121.44
N VAL T 433 18.30 26.95 -122.51
CA VAL T 433 17.36 26.76 -123.61
C VAL T 433 17.86 25.61 -124.48
N MET T 434 16.94 24.71 -124.83
CA MET T 434 17.27 23.52 -125.60
C MET T 434 17.08 23.79 -127.08
N ASP T 435 17.85 23.11 -127.90
CA ASP T 435 17.65 23.16 -129.34
C ASP T 435 16.31 22.53 -129.71
N ASN T 436 15.50 23.26 -130.47
CA ASN T 436 14.20 22.72 -130.87
C ASN T 436 14.34 21.54 -131.83
N ALA T 437 15.53 21.32 -132.38
CA ALA T 437 15.75 20.15 -133.23
C ALA T 437 16.01 18.89 -132.43
N ASP T 438 16.18 19.00 -131.11
CA ASP T 438 16.43 17.84 -130.27
C ASP T 438 15.24 16.89 -130.33
N PRO T 439 15.48 15.58 -130.59
CA PRO T 439 14.37 14.62 -130.65
C PRO T 439 13.38 14.68 -129.49
N ALA T 440 13.86 14.92 -128.27
CA ALA T 440 12.95 14.96 -127.13
C ALA T 440 12.10 16.23 -127.17
N VAL T 441 12.73 17.36 -127.52
CA VAL T 441 12.00 18.61 -127.59
C VAL T 441 11.03 18.58 -128.75
N LYS T 442 11.45 18.02 -129.88
CA LYS T 442 10.59 17.96 -131.06
C LYS T 442 9.33 17.16 -130.77
N ALA T 443 9.45 16.04 -130.08
CA ALA T 443 8.28 15.25 -129.73
C ALA T 443 7.27 16.08 -128.94
N ILE T 444 7.75 16.92 -128.01
CA ILE T 444 6.84 17.78 -127.27
C ILE T 444 6.18 18.79 -128.20
N LEU T 445 6.99 19.40 -129.08
CA LEU T 445 6.46 20.44 -129.97
C LEU T 445 5.41 19.86 -130.92
N ASP T 446 5.60 18.62 -131.36
CA ASP T 446 4.62 17.98 -132.21
C ASP T 446 3.31 17.76 -131.47
N GLN T 447 3.40 17.33 -130.21
CA GLN T 447 2.19 17.12 -129.42
C GLN T 447 1.43 18.42 -129.15
N LEU T 448 2.11 19.56 -129.14
CA LEU T 448 1.46 20.86 -128.97
C LEU T 448 1.16 21.56 -130.31
N THR T 449 0.93 20.80 -131.38
CA THR T 449 0.43 21.43 -132.59
C THR T 449 -0.86 22.21 -132.32
N ASP T 450 -1.77 21.63 -131.55
CA ASP T 450 -3.01 22.31 -131.15
C ASP T 450 -2.81 23.17 -129.91
N LEU T 451 -2.03 24.23 -130.02
CA LEU T 451 -1.73 25.12 -128.90
C LEU T 451 -2.56 26.39 -129.04
N ALA T 452 -3.46 26.61 -128.09
CA ALA T 452 -4.36 27.75 -128.16
C ALA T 452 -4.85 28.09 -126.76
N VAL T 453 -5.25 29.34 -126.60
CA VAL T 453 -5.97 29.80 -125.40
C VAL T 453 -7.45 29.64 -125.67
N ILE T 454 -8.15 28.96 -124.77
CA ILE T 454 -9.55 28.61 -125.01
C ILE T 454 -10.51 29.39 -124.13
N GLY T 455 -10.12 29.80 -122.93
CA GLY T 455 -11.03 30.47 -122.03
C GLY T 455 -10.29 31.20 -120.93
N PHE T 456 -11.06 31.87 -120.10
CA PHE T 456 -10.53 32.72 -119.04
C PHE T 456 -11.60 32.91 -117.98
N GLU T 457 -11.20 33.41 -116.83
CA GLU T 457 -12.14 33.86 -115.80
C GLU T 457 -11.73 35.24 -115.34
N LEU T 458 -12.72 36.07 -115.01
CA LEU T 458 -12.40 37.41 -114.54
C LEU T 458 -12.55 37.52 -113.03
N ASP T 459 -11.88 38.52 -112.48
CA ASP T 459 -11.98 38.86 -111.07
C ASP T 459 -12.76 40.16 -110.86
N THR T 460 -13.70 40.46 -111.75
CA THR T 460 -14.43 41.71 -111.65
C THR T 460 -15.54 41.60 -110.62
N ARG T 461 -16.04 42.75 -110.20
CA ARG T 461 -17.12 42.81 -109.23
C ARG T 461 -17.97 44.04 -109.50
N PHE T 462 -19.19 44.02 -108.99
CA PHE T 462 -20.07 45.17 -109.12
C PHE T 462 -19.69 46.24 -108.10
N THR T 463 -19.97 47.48 -108.45
CA THR T 463 -19.93 48.57 -107.49
C THR T 463 -21.32 48.69 -106.87
N ASN T 464 -21.42 48.42 -105.58
CA ASN T 464 -22.74 48.27 -104.96
C ASN T 464 -23.32 49.62 -104.57
N THR T 465 -23.33 50.54 -105.54
CA THR T 465 -23.80 51.88 -105.25
C THR T 465 -25.31 51.95 -105.23
N ASN T 466 -25.99 51.02 -105.90
CA ASN T 466 -27.43 50.89 -105.78
C ASN T 466 -27.84 50.01 -104.61
N ARG T 467 -26.88 49.55 -103.81
CA ARG T 467 -27.16 48.73 -102.65
C ARG T 467 -28.05 47.55 -103.01
N ARG T 468 -27.86 47.00 -104.20
CA ARG T 468 -28.58 45.79 -104.56
C ARG T 468 -28.24 44.65 -103.61
N GLN T 469 -26.97 44.48 -103.30
CA GLN T 469 -26.50 43.38 -102.47
C GLN T 469 -26.27 43.86 -101.04
N ARG T 470 -26.69 43.07 -100.07
CA ARG T 470 -26.37 43.28 -98.67
C ARG T 470 -25.68 42.03 -98.16
N GLY T 471 -24.73 42.20 -97.26
CA GLY T 471 -24.04 41.05 -96.72
C GLY T 471 -24.65 40.50 -95.46
N HIS T 472 -23.81 39.93 -94.60
CA HIS T 472 -24.29 39.31 -93.39
C HIS T 472 -25.02 40.34 -92.53
N LEU T 473 -26.06 39.91 -91.84
CA LEU T 473 -26.88 40.84 -91.10
C LEU T 473 -26.51 40.80 -89.62
N LEU T 474 -26.61 41.94 -88.97
CA LEU T 474 -26.33 42.03 -87.54
C LEU T 474 -27.65 42.23 -86.80
N GLN T 475 -27.83 41.49 -85.72
CA GLN T 475 -28.88 41.79 -84.77
C GLN T 475 -28.42 41.42 -83.38
N THR T 476 -28.96 42.10 -82.38
CA THR T 476 -28.62 41.81 -81.00
C THR T 476 -29.42 40.62 -80.49
N ARG T 477 -28.78 39.78 -79.67
CA ARG T 477 -29.44 38.69 -78.98
C ARG T 477 -29.03 38.74 -77.52
N ALA T 478 -29.82 38.10 -76.66
CA ALA T 478 -29.45 37.99 -75.26
C ALA T 478 -29.98 36.68 -74.69
N LEU T 479 -29.20 36.07 -73.81
CA LEU T 479 -29.59 34.84 -73.14
C LEU T 479 -29.75 35.10 -71.66
N GLN T 480 -30.67 34.37 -71.04
CA GLN T 480 -30.84 34.41 -69.59
C GLN T 480 -30.54 33.04 -69.00
N PHE T 481 -29.79 33.02 -67.90
CA PHE T 481 -29.46 31.81 -67.17
C PHE T 481 -29.97 31.96 -65.74
N ARG T 482 -30.66 30.94 -65.23
CA ARG T 482 -31.28 30.99 -63.91
C ARG T 482 -30.67 29.94 -63.00
N HIS T 483 -30.22 30.38 -61.82
CA HIS T 483 -29.56 29.50 -60.84
C HIS T 483 -30.24 29.65 -59.48
N PRO T 484 -31.25 28.85 -59.17
CA PRO T 484 -31.86 28.91 -57.83
C PRO T 484 -31.02 28.20 -56.78
N ILE T 485 -31.01 28.77 -55.59
CA ILE T 485 -30.16 28.28 -54.50
C ILE T 485 -31.01 27.40 -53.59
N PRO T 486 -30.67 26.13 -53.43
CA PRO T 486 -31.32 25.28 -52.43
C PRO T 486 -30.72 25.42 -51.04
N MET T 487 -31.50 24.98 -50.06
CA MET T 487 -31.00 24.67 -48.73
C MET T 487 -30.51 23.23 -48.67
N HIS T 488 -29.66 22.94 -47.70
CA HIS T 488 -29.12 21.60 -47.55
C HIS T 488 -29.37 21.09 -46.14
N ALA T 489 -29.17 19.78 -45.96
CA ALA T 489 -29.54 19.12 -44.72
C ALA T 489 -28.82 19.75 -43.55
N PRO T 490 -29.47 19.86 -42.39
CA PRO T 490 -28.85 20.49 -41.23
C PRO T 490 -27.91 19.56 -40.49
N VAL T 491 -27.11 20.15 -39.61
CA VAL T 491 -26.48 19.43 -38.53
C VAL T 491 -26.91 20.06 -37.21
N THR T 492 -27.16 19.22 -36.21
CA THR T 492 -27.73 19.71 -34.97
C THR T 492 -26.81 19.31 -33.82
N LEU T 493 -27.13 19.83 -32.64
CA LEU T 493 -26.37 19.68 -31.42
C LEU T 493 -27.35 19.41 -30.28
N PRO T 494 -27.64 18.15 -29.98
CA PRO T 494 -28.57 17.89 -28.88
C PRO T 494 -27.99 18.38 -27.57
N MET T 495 -28.83 19.06 -26.79
CA MET T 495 -28.45 19.48 -25.46
C MET T 495 -29.61 19.20 -24.52
N ASP T 496 -29.37 19.25 -23.22
CA ASP T 496 -30.40 19.04 -22.21
C ASP T 496 -31.12 20.36 -22.00
N THR T 497 -32.38 20.28 -21.60
CA THR T 497 -33.21 21.47 -21.39
C THR T 497 -33.17 21.94 -19.95
N MET T 498 -32.52 21.18 -19.07
CA MET T 498 -32.39 21.57 -17.67
C MET T 498 -31.01 22.12 -17.35
N THR T 499 -30.22 22.38 -18.39
CA THR T 499 -28.91 22.96 -18.18
C THR T 499 -28.99 24.44 -18.44
N ASP T 500 -28.58 25.23 -17.46
CA ASP T 500 -28.71 26.67 -17.58
C ASP T 500 -27.57 27.20 -18.44
N GLU T 501 -26.45 26.49 -18.46
CA GLU T 501 -25.31 26.94 -19.24
C GLU T 501 -25.36 26.38 -20.66
N GLY T 502 -25.48 27.28 -21.64
CA GLY T 502 -25.62 26.85 -23.01
C GLY T 502 -24.30 26.35 -23.51
N PRO T 503 -24.28 25.73 -24.70
CA PRO T 503 -23.00 25.25 -25.22
C PRO T 503 -22.23 26.47 -25.67
N GLY T 504 -21.36 26.99 -24.80
CA GLY T 504 -20.68 28.23 -25.13
C GLY T 504 -19.84 28.22 -26.40
N GLU T 505 -18.89 27.31 -26.50
CA GLU T 505 -18.09 27.24 -27.71
C GLU T 505 -18.44 26.07 -28.60
N VAL T 506 -18.95 25.00 -28.00
CA VAL T 506 -19.25 23.80 -28.78
C VAL T 506 -20.25 24.11 -29.89
N VAL T 507 -21.15 25.07 -29.66
CA VAL T 507 -22.14 25.41 -30.68
C VAL T 507 -21.44 25.87 -31.96
N LYS T 508 -20.26 26.47 -31.83
CA LYS T 508 -19.56 26.92 -33.02
C LYS T 508 -19.17 25.74 -33.89
N ALA T 509 -19.09 24.54 -33.30
CA ALA T 509 -18.79 23.36 -34.11
C ALA T 509 -19.86 23.12 -35.18
N LEU T 510 -21.09 23.57 -34.93
CA LEU T 510 -22.12 23.43 -35.96
C LEU T 510 -21.74 24.22 -37.20
N THR T 511 -21.16 25.40 -37.02
CA THR T 511 -20.70 26.17 -38.16
C THR T 511 -19.46 25.56 -38.80
N VAL T 512 -18.49 25.10 -37.99
CA VAL T 512 -17.30 24.48 -38.60
C VAL T 512 -17.69 23.25 -39.39
N ASN T 513 -18.56 22.39 -38.87
CA ASN T 513 -19.08 21.29 -39.67
C ASN T 513 -19.66 21.82 -40.98
N THR T 514 -20.52 22.84 -40.88
CA THR T 514 -21.14 23.38 -42.09
C THR T 514 -20.09 23.91 -43.05
N ASN T 515 -19.11 24.66 -42.55
CA ASN T 515 -18.10 25.26 -43.41
C ASN T 515 -17.28 24.22 -44.15
N ILE T 516 -16.96 23.10 -43.48
CA ILE T 516 -16.23 22.03 -44.16
C ILE T 516 -17.07 21.44 -45.27
N ARG T 517 -18.37 21.24 -45.01
CA ARG T 517 -19.25 20.71 -46.05
C ARG T 517 -19.27 21.63 -47.26
N ASN T 518 -19.22 22.95 -47.05
CA ASN T 518 -19.19 23.90 -48.15
C ASN T 518 -18.00 23.66 -49.07
N SER T 519 -16.81 23.44 -48.49
CA SER T 519 -15.64 23.15 -49.33
C SER T 519 -15.79 21.81 -50.03
N ASN T 520 -16.38 20.83 -49.36
CA ASN T 520 -16.57 19.53 -49.99
C ASN T 520 -17.50 19.63 -51.19
N ASN T 521 -18.54 20.46 -51.09
CA ASN T 521 -19.43 20.65 -52.24
C ASN T 521 -18.69 21.24 -53.42
N ALA T 522 -17.77 22.17 -53.16
CA ALA T 522 -16.99 22.74 -54.25
C ALA T 522 -16.21 21.67 -55.00
N VAL T 523 -15.62 20.72 -54.27
CA VAL T 523 -14.84 19.67 -54.93
C VAL T 523 -15.75 18.73 -55.72
N LYS T 524 -16.85 18.31 -55.11
CA LYS T 524 -17.79 17.45 -55.81
C LYS T 524 -18.39 18.14 -57.03
N ARG T 525 -18.68 19.43 -56.91
CA ARG T 525 -19.25 20.18 -58.02
C ARG T 525 -18.24 20.31 -59.15
N MET T 526 -16.99 20.60 -58.80
CA MET T 526 -15.94 20.66 -59.81
C MET T 526 -15.78 19.35 -60.54
N LEU T 527 -15.70 18.24 -59.79
CA LEU T 527 -15.50 16.95 -60.44
C LEU T 527 -16.71 16.56 -61.29
N ASN T 528 -17.92 16.82 -60.78
CA ASN T 528 -19.11 16.53 -61.56
C ASN T 528 -19.21 17.43 -62.78
N TYR T 529 -18.79 18.69 -62.64
CA TYR T 529 -18.77 19.60 -63.78
C TYR T 529 -17.78 19.12 -64.82
N LEU T 530 -16.58 18.70 -64.40
CA LEU T 530 -15.62 18.18 -65.36
C LEU T 530 -16.16 16.95 -66.06
N ALA T 531 -16.88 16.10 -65.32
CA ALA T 531 -17.48 14.92 -65.94
C ALA T 531 -18.42 15.31 -67.07
N GLN T 532 -19.26 16.33 -66.84
CA GLN T 532 -20.15 16.81 -67.90
C GLN T 532 -19.36 17.45 -69.03
N LEU T 533 -18.35 18.24 -68.70
CA LEU T 533 -17.54 18.91 -69.72
C LEU T 533 -16.80 17.90 -70.57
N ARG T 534 -16.27 16.84 -69.96
CA ARG T 534 -15.58 15.82 -70.74
C ARG T 534 -16.52 15.21 -71.75
N GLU T 535 -17.75 14.91 -71.35
CA GLU T 535 -18.72 14.33 -72.27
C GLU T 535 -19.06 15.29 -73.40
N VAL T 536 -19.27 16.56 -73.05
CA VAL T 536 -19.66 17.55 -74.06
C VAL T 536 -18.56 17.80 -75.07
N VAL T 537 -17.32 17.97 -74.62
CA VAL T 537 -16.21 18.19 -75.53
C VAL T 537 -15.77 16.90 -76.22
N HIS T 538 -15.87 15.76 -75.54
CA HIS T 538 -15.72 14.49 -76.25
C HIS T 538 -16.77 14.37 -77.35
N ASN T 539 -17.99 14.75 -77.06
CA ASN T 539 -19.02 14.80 -78.09
C ASN T 539 -18.79 16.00 -78.99
N GLY T 540 -19.39 15.98 -80.16
CA GLY T 540 -19.09 17.02 -81.14
C GLY T 540 -19.70 18.37 -80.85
N TYR T 541 -19.36 18.97 -79.70
CA TYR T 541 -19.81 20.34 -79.39
C TYR T 541 -18.60 21.25 -79.27
N ASN T 542 -18.05 21.62 -80.41
CA ASN T 542 -16.83 22.41 -80.47
C ASN T 542 -17.09 23.88 -80.80
N ARG T 543 -18.33 24.32 -80.70
CA ARG T 543 -18.72 25.70 -80.98
C ARG T 543 -19.66 26.18 -79.89
N PRO T 544 -19.73 27.48 -79.65
CA PRO T 544 -20.64 28.01 -78.63
C PRO T 544 -22.09 27.69 -78.97
N LYS T 545 -22.80 27.16 -77.98
CA LYS T 545 -24.23 26.89 -78.10
C LYS T 545 -24.86 27.01 -76.72
N PHE T 546 -26.19 27.15 -76.70
CA PHE T 546 -26.93 27.29 -75.46
C PHE T 546 -27.54 25.94 -75.10
N GLY T 547 -27.50 25.59 -73.82
CA GLY T 547 -28.24 24.46 -73.32
C GLY T 547 -27.48 23.15 -73.29
N ILE T 548 -26.25 23.11 -73.80
CA ILE T 548 -25.54 21.84 -73.88
C ILE T 548 -24.80 21.56 -72.57
N ILE T 549 -24.38 22.61 -71.87
CA ILE T 549 -23.56 22.45 -70.68
C ILE T 549 -23.88 23.58 -69.71
N GLU T 550 -23.68 23.31 -68.43
CA GLU T 550 -23.72 24.38 -67.44
C GLU T 550 -22.58 25.36 -67.68
N GLY T 551 -22.88 26.64 -67.51
CA GLY T 551 -21.88 27.67 -67.69
C GLY T 551 -22.40 28.71 -68.66
N ALA T 552 -22.74 29.88 -68.14
CA ALA T 552 -23.34 30.90 -69.01
C ALA T 552 -22.40 31.27 -70.15
N LEU T 553 -21.10 31.25 -69.92
CA LEU T 553 -20.19 31.67 -70.96
C LEU T 553 -19.98 30.61 -72.04
N SER T 554 -20.61 29.45 -71.91
CA SER T 554 -20.54 28.46 -72.97
C SER T 554 -21.19 28.97 -74.25
N ALA T 555 -22.04 29.98 -74.15
CA ALA T 555 -22.62 30.58 -75.35
C ALA T 555 -21.70 31.62 -75.98
N VAL T 556 -20.56 31.90 -75.35
CA VAL T 556 -19.67 32.95 -75.84
C VAL T 556 -18.37 32.35 -76.38
N MET T 557 -17.71 31.51 -75.60
CA MET T 557 -16.44 30.91 -75.96
C MET T 557 -16.64 29.45 -76.33
N ARG T 558 -15.75 28.96 -77.20
CA ARG T 558 -15.75 27.53 -77.52
C ARG T 558 -15.45 26.72 -76.26
N PRO T 559 -16.32 25.75 -75.91
CA PRO T 559 -16.02 24.89 -74.77
C PRO T 559 -14.86 23.96 -75.09
N THR T 560 -13.79 24.03 -74.31
CA THR T 560 -12.55 23.33 -74.59
C THR T 560 -12.12 22.52 -73.38
N TYR T 561 -11.85 21.24 -73.59
CA TYR T 561 -11.44 20.33 -72.54
C TYR T 561 -10.38 19.39 -73.10
N ARG T 562 -9.31 19.15 -72.35
CA ARG T 562 -8.32 18.17 -72.74
C ARG T 562 -7.99 17.29 -71.54
N TYR T 563 -8.09 15.99 -71.74
CA TYR T 563 -7.77 14.99 -70.74
C TYR T 563 -6.48 14.27 -71.13
N LYS T 564 -5.49 14.32 -70.25
CA LYS T 564 -4.20 13.69 -70.51
C LYS T 564 -3.81 12.88 -69.29
N GLU T 565 -3.42 11.62 -69.51
CA GLU T 565 -2.94 10.76 -68.44
C GLU T 565 -1.41 10.81 -68.44
N LEU T 566 -0.84 11.46 -67.43
CA LEU T 566 0.61 11.62 -67.35
C LEU T 566 1.20 10.58 -66.42
N ASP T 567 1.39 9.38 -66.94
CA ASP T 567 2.12 8.33 -66.24
C ASP T 567 3.59 8.62 -66.46
N LEU T 568 4.26 9.18 -65.45
CA LEU T 568 5.55 9.81 -65.69
C LEU T 568 6.55 8.81 -66.23
N GLU T 569 6.41 7.53 -65.89
CA GLU T 569 7.33 6.53 -66.40
C GLU T 569 7.38 6.57 -67.93
N LYS T 570 6.27 6.92 -68.56
CA LYS T 570 6.23 7.00 -70.03
C LYS T 570 6.35 8.41 -70.55
N VAL T 571 6.64 9.39 -69.68
CA VAL T 571 6.69 10.77 -70.15
C VAL T 571 8.04 11.40 -69.89
N ILE T 572 8.66 11.11 -68.74
CA ILE T 572 9.82 11.88 -68.32
C ILE T 572 11.06 11.42 -69.08
N ASP T 573 11.90 12.39 -69.44
CA ASP T 573 13.25 12.12 -69.92
C ASP T 573 14.24 12.59 -68.87
N THR T 574 14.88 11.64 -68.20
CA THR T 574 15.84 11.95 -67.16
C THR T 574 17.09 11.14 -67.41
N ILE T 575 18.25 11.67 -67.01
CA ILE T 575 19.50 10.97 -67.23
C ILE T 575 20.35 10.88 -65.96
N LYS T 576 20.25 11.84 -65.04
CA LYS T 576 21.05 11.83 -63.83
C LYS T 576 20.13 12.02 -62.63
N SER T 577 20.40 11.27 -61.57
CA SER T 577 19.57 11.36 -60.37
C SER T 577 19.65 12.73 -59.72
N LYS T 578 20.81 13.38 -59.76
CA LYS T 578 20.93 14.68 -59.14
C LYS T 578 20.02 15.72 -59.79
N ASP T 579 19.54 15.45 -60.99
CA ASP T 579 18.59 16.31 -61.68
C ASP T 579 17.17 15.78 -61.60
N ARG T 580 16.93 14.69 -60.88
CA ARG T 580 15.65 14.01 -60.98
C ARG T 580 14.51 14.90 -60.51
N TRP T 581 14.73 15.68 -59.45
CA TRP T 581 13.68 16.54 -58.95
C TRP T 581 13.27 17.57 -60.00
N ASP T 582 14.25 18.21 -60.63
CA ASP T 582 13.94 19.21 -61.65
C ASP T 582 13.32 18.56 -62.87
N ASP T 583 13.79 17.36 -63.23
CA ASP T 583 13.24 16.66 -64.38
C ASP T 583 11.77 16.30 -64.17
N VAL T 584 11.40 15.90 -62.95
CA VAL T 584 9.99 15.63 -62.70
C VAL T 584 9.17 16.93 -62.66
N CYS T 585 9.69 17.99 -62.05
CA CYS T 585 8.97 19.26 -62.06
C CYS T 585 8.81 19.77 -63.50
N ALA T 586 9.85 19.65 -64.31
CA ALA T 586 9.76 20.10 -65.68
C ALA T 586 8.81 19.23 -66.49
N ALA T 587 8.84 17.92 -66.28
CA ALA T 587 7.99 17.05 -67.08
C ALA T 587 6.52 17.38 -66.88
N ILE T 588 6.13 17.63 -65.62
CA ILE T 588 4.74 17.94 -65.33
C ILE T 588 4.38 19.32 -65.88
N LEU T 589 5.23 20.32 -65.63
CA LEU T 589 4.90 21.67 -66.09
C LEU T 589 4.93 21.76 -67.61
N ASN T 590 5.88 21.09 -68.26
CA ASN T 590 5.94 21.15 -69.72
C ASN T 590 4.74 20.48 -70.35
N CYS T 591 4.24 19.41 -69.74
CA CYS T 591 3.03 18.79 -70.25
C CYS T 591 1.85 19.74 -70.16
N VAL T 592 1.74 20.50 -69.07
CA VAL T 592 0.68 21.48 -68.98
C VAL T 592 0.82 22.54 -70.07
N LYS T 593 2.04 23.04 -70.27
CA LYS T 593 2.26 24.00 -71.37
C LYS T 593 1.88 23.40 -72.72
N ALA T 594 2.30 22.18 -72.99
CA ALA T 594 2.05 21.54 -74.28
C ALA T 594 0.57 21.36 -74.55
N GLU T 595 -0.22 20.99 -73.55
CA GLU T 595 -1.65 20.85 -73.76
C GLU T 595 -2.43 22.14 -73.54
N LEU T 596 -1.90 23.08 -72.76
CA LEU T 596 -2.61 24.32 -72.51
C LEU T 596 -2.45 25.34 -73.63
N PHE T 597 -1.26 25.47 -74.21
CA PHE T 597 -1.10 26.42 -75.32
C PHE T 597 -2.11 26.17 -76.44
N PRO T 598 -2.24 24.96 -76.99
CA PRO T 598 -3.26 24.78 -78.03
C PRO T 598 -4.68 24.96 -77.51
N ALA T 599 -4.93 24.69 -76.24
CA ALA T 599 -6.25 24.93 -75.67
C ALA T 599 -6.57 26.41 -75.53
N HIS T 600 -5.61 27.22 -75.11
CA HIS T 600 -5.77 28.67 -75.12
C HIS T 600 -5.83 29.23 -76.52
N ARG T 601 -5.07 28.68 -77.46
CA ARG T 601 -5.10 29.11 -78.85
C ARG T 601 -6.40 28.70 -79.56
N ASP T 602 -6.82 27.45 -79.38
CA ASP T 602 -8.00 26.95 -80.09
C ASP T 602 -9.28 27.54 -79.54
N SER T 603 -9.32 27.76 -78.23
CA SER T 603 -10.49 28.34 -77.59
C SER T 603 -10.54 29.83 -77.84
N ASN T 604 -11.69 30.44 -77.54
CA ASN T 604 -11.83 31.88 -77.61
C ASN T 604 -11.84 32.53 -76.25
N ILE T 605 -11.21 31.92 -75.25
CA ILE T 605 -11.26 32.47 -73.91
C ILE T 605 -10.61 33.85 -73.89
N GLU T 606 -9.55 34.03 -74.67
CA GLU T 606 -8.86 35.32 -74.70
C GLU T 606 -9.78 36.41 -75.22
N ALA T 607 -10.47 36.15 -76.34
CA ALA T 607 -11.45 37.10 -76.84
C ALA T 607 -12.61 37.30 -75.88
N ALA T 608 -13.08 36.22 -75.25
CA ALA T 608 -14.21 36.34 -74.34
C ALA T 608 -13.86 37.25 -73.17
N PHE T 609 -12.66 37.08 -72.61
CA PHE T 609 -12.24 37.93 -71.50
C PHE T 609 -12.14 39.39 -71.93
N ARG T 610 -11.60 39.66 -73.12
CA ARG T 610 -11.49 41.05 -73.56
C ARG T 610 -12.86 41.68 -73.74
N VAL T 611 -13.80 40.98 -74.39
CA VAL T 611 -15.09 41.60 -74.68
C VAL T 611 -15.94 41.74 -73.42
N ILE T 612 -15.72 40.91 -72.41
CA ILE T 612 -16.48 41.06 -71.16
C ILE T 612 -15.82 42.06 -70.23
N SER T 613 -14.50 41.97 -70.05
CA SER T 613 -13.81 42.87 -69.14
C SER T 613 -13.74 44.29 -69.66
N GLY T 614 -13.70 44.48 -70.97
CA GLY T 614 -13.54 45.80 -71.54
C GLY T 614 -12.12 46.30 -71.60
N ASN T 615 -11.14 45.49 -71.22
CA ASN T 615 -9.74 45.89 -71.18
C ASN T 615 -8.98 45.06 -72.20
N GLN T 616 -8.43 45.71 -73.22
CA GLN T 616 -7.75 44.99 -74.29
C GLN T 616 -6.52 44.25 -73.79
N ASP T 617 -6.04 44.58 -72.60
CA ASP T 617 -4.86 43.92 -72.04
C ASP T 617 -5.20 42.81 -71.05
N GLU T 618 -6.47 42.46 -70.89
CA GLU T 618 -6.84 41.39 -69.96
C GLU T 618 -6.46 40.03 -70.52
N THR T 619 -6.17 39.09 -69.62
CA THR T 619 -5.86 37.73 -70.00
C THR T 619 -6.20 36.84 -68.82
N PRO T 620 -6.70 35.63 -69.05
CA PRO T 620 -7.00 34.73 -67.93
C PRO T 620 -5.74 34.28 -67.23
N MET T 621 -5.86 34.13 -65.91
CA MET T 621 -4.80 33.56 -65.09
C MET T 621 -5.24 32.16 -64.68
N TYR T 622 -4.41 31.19 -65.01
CA TYR T 622 -4.76 29.78 -64.82
C TYR T 622 -4.35 29.30 -63.45
N LEU T 623 -5.28 28.61 -62.79
CA LEU T 623 -5.06 28.03 -61.48
C LEU T 623 -4.68 26.56 -61.65
N PHE T 624 -3.62 26.13 -60.98
CA PHE T 624 -3.24 24.73 -60.94
C PHE T 624 -3.86 24.12 -59.70
N CYS T 625 -4.94 23.38 -59.87
CA CYS T 625 -5.68 22.77 -58.77
C CYS T 625 -5.16 21.37 -58.57
N SER T 626 -4.51 21.12 -57.43
CA SER T 626 -3.84 19.85 -57.25
C SER T 626 -4.01 19.39 -55.81
N ASP T 627 -3.66 18.13 -55.58
CA ASP T 627 -3.58 17.63 -54.22
C ASP T 627 -2.22 17.95 -53.62
N LYS T 628 -1.99 17.48 -52.39
CA LYS T 628 -0.77 17.81 -51.67
C LYS T 628 0.46 17.22 -52.35
N GLU T 629 0.34 15.98 -52.86
CA GLU T 629 1.50 15.33 -53.47
C GLU T 629 1.95 16.08 -54.72
N ILE T 630 1.02 16.40 -55.62
CA ILE T 630 1.41 17.04 -56.88
C ILE T 630 1.84 18.48 -56.63
N ALA T 631 1.16 19.17 -55.71
CA ALA T 631 1.46 20.58 -55.48
C ALA T 631 2.93 20.78 -55.11
N ASN T 632 3.51 19.84 -54.36
CA ASN T 632 4.90 19.94 -53.95
C ASN T 632 5.82 19.90 -55.14
N TYR T 633 5.39 19.20 -56.20
CA TYR T 633 6.15 19.19 -57.44
C TYR T 633 5.96 20.42 -58.34
N LEU T 634 4.74 20.98 -58.47
CA LEU T 634 4.55 22.21 -59.26
C LEU T 634 5.25 23.43 -58.69
N MET T 635 5.31 23.55 -57.36
CA MET T 635 5.91 24.70 -56.70
C MET T 635 7.43 24.53 -56.76
N THR T 636 7.98 24.58 -57.96
CA THR T 636 9.42 24.44 -58.13
C THR T 636 10.08 25.77 -57.82
N LYS T 637 9.39 26.90 -58.12
CA LYS T 637 9.93 28.23 -57.86
C LYS T 637 8.80 29.25 -57.90
N GLY T 638 8.61 30.02 -56.83
CA GLY T 638 7.51 30.98 -56.75
C GLY T 638 7.80 32.26 -57.51
N ASP T 639 9.08 32.58 -57.67
CA ASP T 639 9.48 33.84 -58.30
C ASP T 639 8.90 33.97 -59.69
N ASP T 640 8.93 32.88 -60.47
CA ASP T 640 8.54 32.92 -61.87
C ASP T 640 7.33 32.01 -62.07
N ARG T 641 6.14 32.57 -62.28
CA ARG T 641 4.94 31.76 -62.43
C ARG T 641 4.36 32.10 -63.80
N THR T 642 5.21 32.23 -64.83
CA THR T 642 4.74 32.52 -66.17
C THR T 642 4.65 31.25 -67.00
N LEU T 643 3.55 31.06 -67.76
CA LEU T 643 3.50 29.99 -68.75
C LEU T 643 3.76 30.56 -70.13
N GLY T 644 4.95 30.30 -70.66
CA GLY T 644 5.31 30.89 -71.94
C GLY T 644 5.73 32.35 -71.78
N ALA T 645 5.07 33.23 -72.52
CA ALA T 645 5.48 34.61 -72.62
C ALA T 645 4.67 35.57 -71.76
N TYR T 646 3.37 35.34 -71.61
CA TYR T 646 2.49 36.34 -71.00
C TYR T 646 1.49 35.72 -70.03
N LEU T 647 1.24 34.42 -70.16
CA LEU T 647 0.30 33.75 -69.28
C LEU T 647 0.88 33.57 -67.88
N LYS T 648 0.04 33.73 -66.87
CA LYS T 648 0.42 33.51 -65.48
C LYS T 648 -0.36 32.34 -64.91
N TYR T 649 0.17 31.76 -63.84
CA TYR T 649 -0.57 30.75 -63.10
C TYR T 649 -0.36 30.94 -61.61
N ASP T 650 -1.26 30.36 -60.83
CA ASP T 650 -1.12 30.23 -59.39
C ASP T 650 -1.43 28.80 -58.99
N ILE T 651 -0.90 28.37 -57.86
CA ILE T 651 -1.02 26.99 -57.41
C ILE T 651 -1.91 26.96 -56.17
N VAL T 652 -2.98 26.20 -56.23
CA VAL T 652 -3.87 26.01 -55.08
C VAL T 652 -4.01 24.52 -54.85
N SER T 653 -3.96 24.12 -53.58
CA SER T 653 -3.89 22.72 -53.21
C SER T 653 -4.96 22.38 -52.18
N THR T 654 -5.42 21.13 -52.21
CA THR T 654 -6.28 20.60 -51.18
C THR T 654 -5.80 19.22 -50.77
N ASN T 655 -6.32 18.74 -49.65
CA ASN T 655 -6.09 17.37 -49.22
C ASN T 655 -7.37 16.56 -49.21
N ASN T 656 -8.41 17.03 -49.90
CA ASN T 656 -9.66 16.30 -49.97
C ASN T 656 -9.45 14.95 -50.65
N GLN T 657 -9.84 13.89 -49.94
CA GLN T 657 -9.67 12.54 -50.46
C GLN T 657 -10.32 12.35 -51.82
N LEU T 658 -11.40 13.08 -52.10
CA LEU T 658 -12.05 12.95 -53.39
C LEU T 658 -11.15 13.42 -54.52
N PHE T 659 -10.33 14.43 -54.27
CA PHE T 659 -9.47 15.03 -55.29
C PHE T 659 -8.04 14.53 -55.12
N ASP T 660 -7.84 13.25 -55.40
CA ASP T 660 -6.58 12.59 -55.09
C ASP T 660 -5.89 12.16 -56.39
N GLY T 661 -4.67 12.62 -56.58
CA GLY T 661 -3.92 12.27 -57.78
C GLY T 661 -4.40 12.97 -59.03
N LYS T 662 -4.94 14.17 -58.89
CA LYS T 662 -5.51 14.93 -59.99
C LYS T 662 -4.85 16.29 -60.07
N LEU T 663 -4.65 16.77 -61.29
CA LEU T 663 -4.30 18.17 -61.55
C LEU T 663 -5.32 18.71 -62.54
N VAL T 664 -5.99 19.79 -62.17
CA VAL T 664 -6.96 20.43 -63.05
C VAL T 664 -6.57 21.89 -63.21
N VAL T 665 -6.46 22.34 -64.45
CA VAL T 665 -6.03 23.69 -64.76
C VAL T 665 -7.25 24.47 -65.25
N ILE T 666 -7.60 25.54 -64.55
CA ILE T 666 -8.78 26.32 -64.88
C ILE T 666 -8.41 27.80 -64.93
N PRO T 667 -8.99 28.59 -65.82
CA PRO T 667 -8.74 30.03 -65.81
C PRO T 667 -9.55 30.76 -64.74
N THR T 668 -9.01 31.88 -64.27
CA THR T 668 -9.77 32.85 -63.50
C THR T 668 -9.26 34.23 -63.87
N ARG T 669 -10.05 35.25 -63.57
CA ARG T 669 -9.59 36.61 -63.82
C ARG T 669 -8.45 36.97 -62.87
N ALA T 670 -7.42 37.60 -63.43
CA ALA T 670 -6.23 37.92 -62.63
C ALA T 670 -6.58 38.78 -61.42
N VAL T 671 -7.50 39.73 -61.59
CA VAL T 671 -7.97 40.55 -60.48
C VAL T 671 -9.43 40.26 -60.20
N GLN T 672 -9.70 39.58 -59.08
CA GLN T 672 -11.05 39.11 -58.81
C GLN T 672 -11.97 40.26 -58.43
N GLN T 673 -13.11 40.36 -59.12
CA GLN T 673 -14.13 41.32 -58.77
C GLN T 673 -15.32 40.64 -58.13
N GLU T 674 -16.30 41.40 -57.69
CA GLU T 674 -17.49 40.86 -57.03
C GLU T 674 -18.48 40.43 -58.10
N ASN T 675 -18.97 39.19 -57.96
CA ASN T 675 -19.98 38.63 -58.88
C ASN T 675 -19.49 38.73 -60.31
N ASP T 676 -18.23 38.36 -60.51
CA ASP T 676 -17.58 38.45 -61.81
C ASP T 676 -17.80 37.14 -62.56
N ILE T 677 -18.50 37.21 -63.69
CA ILE T 677 -18.74 36.00 -64.48
C ILE T 677 -17.43 35.40 -64.97
N LEU T 678 -16.37 36.21 -65.03
CA LEU T 678 -15.11 35.71 -65.56
C LEU T 678 -14.37 34.79 -64.60
N SER T 679 -14.87 34.60 -63.38
CA SER T 679 -14.34 33.56 -62.53
C SER T 679 -14.81 32.19 -63.02
N TRP T 680 -13.95 31.19 -62.86
CA TRP T 680 -14.30 29.86 -63.34
C TRP T 680 -15.62 29.39 -62.75
N GLY T 681 -15.80 29.55 -61.46
CA GLY T 681 -17.09 29.34 -60.83
C GLY T 681 -17.36 30.41 -59.79
N GLN T 682 -18.51 30.29 -59.14
CA GLN T 682 -18.89 31.18 -58.05
C GLN T 682 -19.48 30.35 -56.92
N PHE T 683 -19.30 30.80 -55.68
CA PHE T 683 -19.95 30.23 -54.52
C PHE T 683 -20.95 31.25 -53.97
N PHE T 684 -22.23 30.99 -54.15
CA PHE T 684 -23.27 31.92 -53.72
C PHE T 684 -23.70 31.57 -52.31
N TYR T 685 -23.32 32.40 -51.34
CA TYR T 685 -23.53 32.12 -49.93
C TYR T 685 -24.59 33.08 -49.39
N VAL T 686 -25.71 32.55 -48.91
CA VAL T 686 -26.74 33.42 -48.39
C VAL T 686 -26.55 33.63 -46.89
N SER T 687 -26.57 32.54 -46.12
CA SER T 687 -26.41 32.57 -44.68
C SER T 687 -26.28 31.16 -44.14
N THR T 688 -25.88 31.01 -42.88
CA THR T 688 -26.11 29.80 -42.11
C THR T 688 -27.07 30.14 -40.99
N VAL T 689 -28.21 29.47 -40.95
CA VAL T 689 -29.29 29.81 -40.01
C VAL T 689 -29.10 28.94 -38.77
N ILE T 690 -29.06 29.60 -37.61
CA ILE T 690 -28.99 28.87 -36.35
C ILE T 690 -30.34 28.94 -35.66
N ALA T 691 -30.87 27.78 -35.29
CA ALA T 691 -32.17 27.72 -34.65
C ALA T 691 -32.08 26.86 -33.40
N ASP T 692 -32.86 27.24 -32.38
CA ASP T 692 -32.84 26.55 -31.10
C ASP T 692 -34.26 26.40 -30.59
N LEU T 693 -34.73 25.17 -30.52
CA LEU T 693 -36.11 24.91 -30.11
C LEU T 693 -36.12 23.68 -29.24
N PRO T 694 -36.81 23.70 -28.10
CA PRO T 694 -36.91 22.50 -27.27
C PRO T 694 -37.90 21.48 -27.82
N ILE T 695 -37.50 20.77 -28.88
CA ILE T 695 -38.41 19.85 -29.57
C ILE T 695 -38.47 18.52 -28.85
N THR T 696 -39.68 18.02 -28.63
CA THR T 696 -39.92 16.73 -27.99
C THR T 696 -40.00 15.67 -29.08
N ARG T 697 -38.85 15.24 -29.58
CA ARG T 697 -38.81 14.43 -30.79
C ARG T 697 -38.99 12.97 -30.39
N GLY T 698 -39.94 12.29 -31.03
CA GLY T 698 -40.33 10.94 -30.68
C GLY T 698 -41.62 10.88 -29.90
N GLY T 699 -42.06 11.99 -29.34
CA GLY T 699 -43.28 12.04 -28.56
C GLY T 699 -43.11 11.80 -27.08
N HIS T 700 -41.98 11.21 -26.66
CA HIS T 700 -41.72 10.94 -25.24
C HIS T 700 -40.25 11.16 -24.91
N GLN T 701 -39.72 12.36 -25.16
CA GLN T 701 -38.29 12.58 -25.19
C GLN T 701 -38.01 14.04 -25.48
N VAL T 702 -37.41 14.77 -24.54
CA VAL T 702 -37.27 16.21 -24.67
C VAL T 702 -35.79 16.55 -24.81
N THR T 703 -35.45 17.20 -25.92
CA THR T 703 -34.09 17.60 -26.23
C THR T 703 -34.09 19.09 -26.53
N ARG T 704 -33.03 19.77 -26.14
CA ARG T 704 -32.79 21.10 -26.71
C ARG T 704 -31.96 20.95 -27.98
N GLU T 705 -32.56 21.29 -29.11
CA GLU T 705 -31.95 21.05 -30.41
C GLU T 705 -31.51 22.34 -31.06
N ILE T 706 -30.20 22.52 -31.22
CA ILE T 706 -29.64 23.66 -31.91
C ILE T 706 -29.20 23.21 -33.29
N ALA T 707 -29.73 23.83 -34.33
CA ALA T 707 -29.49 23.41 -35.70
C ALA T 707 -28.77 24.49 -36.49
N ALA T 708 -27.90 24.06 -37.39
CA ALA T 708 -27.28 24.92 -38.39
C ALA T 708 -27.77 24.49 -39.77
N ILE T 709 -28.48 25.37 -40.45
CA ILE T 709 -29.07 25.08 -41.75
C ILE T 709 -28.33 25.90 -42.80
N PRO T 710 -27.44 25.29 -43.59
CA PRO T 710 -26.76 26.05 -44.65
C PRO T 710 -27.69 26.40 -45.80
N PHE T 711 -27.36 27.51 -46.46
CA PHE T 711 -28.16 28.05 -47.56
C PHE T 711 -27.20 28.67 -48.58
N ASN T 712 -26.76 27.86 -49.54
CA ASN T 712 -25.75 28.31 -50.49
C ASN T 712 -25.77 27.42 -51.73
N LEU T 713 -25.08 27.88 -52.78
CA LEU T 713 -25.01 27.18 -54.05
C LEU T 713 -23.65 27.40 -54.69
N HIS T 714 -23.14 26.37 -55.37
CA HIS T 714 -21.97 26.47 -56.23
C HIS T 714 -22.42 26.45 -57.69
N VAL T 715 -21.87 27.36 -58.50
CA VAL T 715 -22.21 27.49 -59.91
C VAL T 715 -20.92 27.60 -60.71
N ASN T 716 -20.91 27.01 -61.89
CA ASN T 716 -19.78 27.12 -62.82
C ASN T 716 -20.12 28.08 -63.95
N ASN T 717 -19.13 28.86 -64.37
CA ASN T 717 -19.32 29.83 -65.44
C ASN T 717 -18.53 29.55 -66.70
N ILE T 718 -17.32 29.02 -66.61
CA ILE T 718 -16.44 28.86 -67.76
C ILE T 718 -16.32 27.37 -68.07
N PRO T 719 -16.73 26.91 -69.24
CA PRO T 719 -16.64 25.49 -69.55
C PRO T 719 -15.25 25.08 -70.04
N PHE T 720 -14.20 25.67 -69.47
CA PHE T 720 -12.84 25.41 -69.90
C PHE T 720 -12.09 24.73 -68.77
N ALA T 721 -11.40 23.64 -69.09
CA ALA T 721 -10.56 22.96 -68.11
C ALA T 721 -9.63 22.03 -68.86
N LEU T 722 -8.44 21.82 -68.30
CA LEU T 722 -7.56 20.72 -68.67
C LEU T 722 -7.37 19.83 -67.46
N GLU T 723 -7.60 18.52 -67.62
CA GLU T 723 -7.48 17.59 -66.52
C GLU T 723 -6.31 16.65 -66.79
N PHE T 724 -5.38 16.59 -65.85
CA PHE T 724 -4.19 15.76 -65.94
C PHE T 724 -4.22 14.73 -64.83
N LYS T 725 -4.05 13.47 -65.18
CA LYS T 725 -3.95 12.39 -64.22
C LYS T 725 -2.48 12.04 -64.07
N ILE T 726 -1.86 12.49 -62.98
CA ILE T 726 -0.42 12.37 -62.81
C ILE T 726 -0.16 11.24 -61.84
N THR T 727 0.52 10.20 -62.32
CA THR T 727 0.81 9.03 -61.54
C THR T 727 2.25 8.60 -61.83
N GLY T 728 2.72 7.62 -61.07
CA GLY T 728 4.03 7.05 -61.32
C GLY T 728 5.17 7.74 -60.60
N PHE T 729 4.89 8.60 -59.62
CA PHE T 729 5.98 9.28 -58.92
C PHE T 729 6.95 8.28 -58.31
N GLN T 730 6.45 7.20 -57.73
CA GLN T 730 7.31 6.21 -57.09
C GLN T 730 8.01 5.32 -58.09
N LYS T 731 7.48 5.21 -59.31
CA LYS T 731 8.10 4.43 -60.35
C LYS T 731 9.17 5.20 -61.10
N VAL T 732 9.18 6.53 -61.01
CA VAL T 732 10.21 7.31 -61.65
C VAL T 732 11.29 7.73 -60.67
N MET T 733 10.91 8.15 -59.46
CA MET T 733 11.90 8.60 -58.48
C MET T 733 12.47 7.47 -57.66
N GLY T 734 11.95 6.26 -57.76
CA GLY T 734 12.49 5.16 -57.01
C GLY T 734 13.09 4.07 -57.88
N GLU T 735 13.23 4.35 -59.18
CA GLU T 735 13.75 3.35 -60.08
C GLU T 735 14.65 4.01 -61.11
N THR T 736 15.47 3.17 -61.76
CA THR T 736 16.37 3.62 -62.82
C THR T 736 15.55 3.87 -64.06
N GLN T 737 15.51 5.13 -64.51
CA GLN T 737 14.87 5.40 -65.79
C GLN T 737 15.86 5.47 -66.93
N PHE T 738 17.16 5.53 -66.63
CA PHE T 738 18.10 5.65 -67.74
C PHE T 738 19.04 4.45 -67.84
N ASN T 739 19.82 4.16 -66.78
CA ASN T 739 20.76 3.05 -66.87
C ASN T 739 20.07 1.70 -66.90
N GLY T 740 18.91 1.59 -66.27
CA GLY T 740 18.18 0.34 -66.33
C GLY T 740 17.76 -0.01 -67.74
N LYS T 741 17.36 1.00 -68.50
CA LYS T 741 16.98 0.78 -69.90
C LYS T 741 18.15 0.33 -70.76
N LEU T 742 19.35 0.88 -70.53
CA LEU T 742 20.54 0.40 -71.22
C LEU T 742 20.87 -1.03 -70.83
N ALA T 743 20.70 -1.39 -69.56
CA ALA T 743 20.94 -2.76 -69.15
C ALA T 743 20.02 -3.73 -69.87
N ASP T 744 18.80 -3.30 -70.17
CA ASP T 744 17.85 -4.19 -70.82
C ASP T 744 18.34 -4.60 -72.21
N LEU T 745 19.29 -3.84 -72.75
CA LEU T 745 19.80 -4.15 -74.08
C LEU T 745 20.81 -5.30 -74.04
N LYS T 746 21.31 -5.64 -72.86
CA LYS T 746 22.35 -6.65 -72.71
C LYS T 746 21.87 -8.01 -73.18
N PRO T 747 22.65 -8.69 -74.03
CA PRO T 747 22.31 -10.03 -74.55
C PRO T 747 22.63 -11.14 -73.55
N ASN U 164 -49.59 29.87 -47.15
CA ASN U 164 -48.41 29.10 -47.46
C ASN U 164 -47.49 29.05 -46.25
N TYR U 165 -47.02 27.85 -45.92
CA TYR U 165 -46.20 27.66 -44.72
C TYR U 165 -44.82 28.25 -44.88
N ASN U 166 -44.21 28.09 -46.05
CA ASN U 166 -42.83 28.50 -46.32
C ASN U 166 -42.83 29.34 -47.59
N GLU U 167 -42.76 30.66 -47.42
CA GLU U 167 -42.66 31.56 -48.57
C GLU U 167 -41.20 31.82 -48.92
N LYS U 168 -40.51 30.75 -49.29
CA LYS U 168 -39.11 30.87 -49.71
C LYS U 168 -39.05 31.54 -51.09
N SER U 169 -38.10 32.46 -51.24
CA SER U 169 -38.02 33.27 -52.45
C SER U 169 -37.85 32.40 -53.68
N GLN U 170 -38.63 32.70 -54.71
CA GLN U 170 -38.59 31.94 -55.95
C GLN U 170 -38.48 32.82 -57.18
N ARG U 171 -38.75 34.12 -57.06
CA ARG U 171 -38.88 35.00 -58.24
C ARG U 171 -37.85 36.12 -58.21
N ASP U 172 -37.70 36.83 -57.11
CA ASP U 172 -36.82 37.98 -57.07
C ASP U 172 -35.40 37.51 -56.85
N PHE U 173 -34.56 37.68 -57.87
CA PHE U 173 -33.20 37.17 -57.84
C PHE U 173 -32.24 38.31 -58.15
N ARG U 174 -30.97 38.09 -57.82
CA ARG U 174 -29.92 39.06 -58.14
C ARG U 174 -29.64 39.00 -59.62
N VAL U 175 -30.00 40.05 -60.34
CA VAL U 175 -29.79 40.09 -61.77
C VAL U 175 -28.48 40.79 -62.07
N VAL U 176 -27.63 40.15 -62.87
CA VAL U 176 -26.36 40.72 -63.29
C VAL U 176 -26.33 40.74 -64.81
N THR U 177 -25.98 41.90 -65.38
CA THR U 177 -25.87 42.06 -66.82
C THR U 177 -24.38 42.04 -67.16
N ILE U 178 -24.00 41.12 -68.04
CA ILE U 178 -22.59 40.94 -68.38
C ILE U 178 -22.22 41.86 -69.55
N GLY U 179 -21.08 42.51 -69.43
CA GLY U 179 -20.64 43.44 -70.44
C GLY U 179 -20.33 42.78 -71.76
N TYR U 180 -20.48 43.50 -72.85
CA TYR U 180 -20.22 43.00 -74.19
C TYR U 180 -19.63 44.13 -75.03
N ASN U 181 -18.31 44.28 -74.96
CA ASN U 181 -17.64 45.41 -75.55
C ASN U 181 -16.64 44.95 -76.60
N LEU U 182 -17.03 45.10 -77.87
CA LEU U 182 -16.21 44.59 -78.96
C LEU U 182 -15.60 45.76 -79.71
N ALA U 183 -14.44 45.54 -80.29
CA ALA U 183 -13.77 46.57 -81.04
C ALA U 183 -12.75 45.94 -81.97
N ALA U 184 -12.42 46.67 -83.02
CA ALA U 184 -11.29 46.32 -83.89
C ALA U 184 -10.89 47.56 -84.66
N SER U 185 -9.58 47.80 -84.73
CA SER U 185 -9.06 48.95 -85.45
C SER U 185 -9.03 48.62 -86.95
N ARG U 186 -8.71 49.63 -87.76
CA ARG U 186 -8.73 49.43 -89.20
C ARG U 186 -8.17 48.06 -89.57
N GLN U 187 -7.06 47.66 -88.96
CA GLN U 187 -6.63 46.28 -88.95
C GLN U 187 -5.75 46.05 -87.73
N ASP U 188 -5.68 44.81 -87.30
CA ASP U 188 -5.03 44.48 -86.04
C ASP U 188 -3.52 44.65 -86.15
N GLU U 189 -2.86 44.63 -84.98
CA GLU U 189 -1.42 44.89 -84.93
C GLU U 189 -0.68 43.92 -85.85
N PHE U 190 -1.13 42.67 -85.91
CA PHE U 190 -0.49 41.69 -86.79
C PHE U 190 -0.55 42.14 -88.24
N ALA U 191 -1.75 42.47 -88.72
CA ALA U 191 -1.90 42.91 -90.10
C ALA U 191 -1.22 44.25 -90.32
N GLU U 192 -1.23 45.13 -89.32
CA GLU U 192 -0.69 46.47 -89.50
C GLU U 192 0.81 46.43 -89.70
N ARG U 193 1.50 45.62 -88.91
CA ARG U 193 2.95 45.50 -89.09
C ARG U 193 3.30 44.94 -90.46
N ILE U 194 2.53 43.96 -90.94
CA ILE U 194 2.86 43.37 -92.23
C ILE U 194 2.42 44.29 -93.37
N TYR U 195 1.23 44.85 -93.27
CA TYR U 195 0.67 45.73 -94.30
C TYR U 195 0.35 47.11 -93.73
N PRO U 196 1.35 47.97 -93.54
CA PRO U 196 1.08 49.27 -92.92
C PRO U 196 0.02 50.04 -93.69
N THR U 197 -0.82 50.76 -92.96
CA THR U 197 -1.95 51.45 -93.55
C THR U 197 -1.49 52.72 -94.25
N THR U 198 -1.95 52.92 -95.47
CA THR U 198 -1.75 54.18 -96.19
C THR U 198 -3.10 54.74 -96.59
N VAL U 199 -3.31 56.03 -96.33
CA VAL U 199 -4.62 56.63 -96.55
C VAL U 199 -4.73 57.18 -97.96
N ILE U 200 -5.64 56.62 -98.75
CA ILE U 200 -5.78 57.03 -100.14
C ILE U 200 -7.00 57.93 -100.29
N ASN U 201 -6.88 58.93 -101.10
CA ASN U 201 -8.05 59.78 -101.30
C ASN U 201 -9.11 59.03 -102.10
N PRO U 202 -10.38 59.15 -101.72
CA PRO U 202 -11.43 58.47 -102.48
C PRO U 202 -11.41 58.80 -103.96
N ILE U 203 -10.93 60.00 -104.33
CA ILE U 203 -10.93 60.41 -105.72
C ILE U 203 -9.90 59.63 -106.52
N GLU U 204 -8.88 59.10 -105.85
CA GLU U 204 -7.79 58.40 -106.53
C GLU U 204 -8.13 56.93 -106.70
N GLY U 205 -8.46 56.25 -105.61
CA GLY U 205 -8.89 54.87 -105.69
C GLY U 205 -7.82 53.90 -106.15
N GLY U 206 -6.55 54.19 -105.83
CA GLY U 206 -5.46 53.32 -106.20
C GLY U 206 -4.14 54.06 -106.28
N VAL U 207 -3.04 53.34 -106.49
CA VAL U 207 -1.71 53.93 -106.50
C VAL U 207 -0.93 53.40 -107.69
N VAL U 208 -0.04 54.23 -108.24
CA VAL U 208 0.87 53.83 -109.29
C VAL U 208 2.27 53.86 -108.70
N GLN U 209 3.07 52.83 -108.94
CA GLN U 209 4.42 52.77 -108.39
C GLN U 209 5.41 52.90 -109.54
N VAL U 210 6.19 53.97 -109.54
CA VAL U 210 7.16 54.24 -110.59
C VAL U 210 8.54 53.87 -110.09
N LEU U 211 9.23 53.00 -110.83
CA LEU U 211 10.51 52.44 -110.40
C LEU U 211 11.57 52.74 -111.44
N PRO U 212 12.22 53.90 -111.39
CA PRO U 212 13.32 54.18 -112.32
C PRO U 212 14.59 53.44 -111.92
N TYR U 213 15.42 53.13 -112.92
CA TYR U 213 16.72 52.54 -112.63
C TYR U 213 17.65 52.73 -113.81
N ILE U 214 18.94 52.53 -113.55
CA ILE U 214 19.95 52.54 -114.60
C ILE U 214 20.22 51.10 -115.01
N ALA U 215 20.12 50.82 -116.30
CA ALA U 215 20.28 49.47 -116.82
C ALA U 215 21.64 49.33 -117.46
N VAL U 216 22.24 48.15 -117.36
CA VAL U 216 23.46 47.83 -118.08
C VAL U 216 23.07 47.23 -119.42
N MET U 217 23.50 47.85 -120.50
CA MET U 217 23.18 47.40 -121.84
C MET U 217 24.45 46.93 -122.52
N LYS U 218 24.39 45.74 -123.12
CA LYS U 218 25.49 45.24 -123.91
C LYS U 218 25.43 45.91 -125.28
N ASP U 219 26.58 46.33 -125.79
CA ASP U 219 26.62 47.05 -127.05
C ASP U 219 26.40 46.07 -128.19
N VAL U 220 25.20 46.07 -128.75
CA VAL U 220 24.81 45.08 -129.75
C VAL U 220 24.19 45.81 -130.93
N TYR U 221 24.59 45.41 -132.14
CA TYR U 221 24.01 45.97 -133.34
C TYR U 221 22.66 45.35 -133.63
N HIS U 222 21.78 46.11 -134.27
CA HIS U 222 20.51 45.58 -134.70
C HIS U 222 20.72 44.52 -135.78
N GLU U 223 19.98 43.43 -135.69
CA GLU U 223 20.06 42.40 -136.71
C GLU U 223 19.07 42.70 -137.83
N VAL U 224 19.37 42.17 -139.02
CA VAL U 224 18.47 42.32 -140.16
C VAL U 224 17.32 41.31 -140.13
N SER U 225 17.52 40.17 -139.49
CA SER U 225 16.50 39.13 -139.41
C SER U 225 16.33 38.70 -137.96
N GLY U 226 16.43 39.66 -137.05
CA GLY U 226 16.28 39.36 -135.64
C GLY U 226 14.91 39.60 -135.07
N VAL U 227 14.45 38.68 -134.21
CA VAL U 227 13.16 38.85 -133.56
C VAL U 227 13.25 39.81 -132.38
N LYS U 228 14.46 40.05 -131.86
CA LYS U 228 14.64 40.87 -130.67
C LYS U 228 16.07 41.38 -130.67
N MET U 229 16.32 42.40 -129.85
CA MET U 229 17.69 42.74 -129.53
C MET U 229 18.25 41.74 -128.52
N ASP U 230 19.50 41.37 -128.70
CA ASP U 230 20.18 40.47 -127.77
C ASP U 230 21.01 41.19 -126.73
N ASN U 231 20.83 42.50 -126.54
CA ASN U 231 21.54 43.15 -125.45
C ASN U 231 21.05 42.64 -124.11
N GLU U 232 21.96 42.20 -123.26
CA GLU U 232 21.60 41.59 -121.99
C GLU U 232 21.31 42.71 -120.99
N GLU U 233 20.14 43.33 -121.16
CA GLU U 233 19.76 44.43 -120.29
C GLU U 233 19.47 43.90 -118.88
N VAL U 234 20.22 44.44 -117.92
CA VAL U 234 20.10 44.03 -116.52
C VAL U 234 20.09 45.28 -115.67
N ASN U 235 19.26 45.27 -114.63
CA ASN U 235 19.24 46.35 -113.67
C ASN U 235 20.59 46.47 -112.99
N MET U 236 21.12 47.69 -112.90
CA MET U 236 22.45 47.86 -112.34
C MET U 236 22.53 47.32 -110.93
N VAL U 237 21.40 47.24 -110.23
CA VAL U 237 21.40 46.76 -108.85
C VAL U 237 21.86 45.31 -108.79
N GLU U 238 21.65 44.57 -109.87
CA GLU U 238 22.12 43.19 -109.94
C GLU U 238 23.63 43.09 -109.87
N ALA U 239 24.36 44.13 -110.27
CA ALA U 239 25.82 44.04 -110.29
C ALA U 239 26.40 43.86 -108.90
N TYR U 240 25.67 44.20 -107.83
CA TYR U 240 26.18 43.96 -106.49
C TYR U 240 26.19 42.47 -106.16
N ARG U 241 25.16 41.75 -106.59
CA ARG U 241 25.14 40.31 -106.37
C ARG U 241 25.94 39.58 -107.43
N ASP U 242 25.83 40.00 -108.69
CA ASP U 242 26.45 39.30 -109.81
C ASP U 242 27.18 40.32 -110.70
N PRO U 243 28.33 40.80 -110.29
CA PRO U 243 29.01 41.85 -111.05
C PRO U 243 29.65 41.35 -112.33
N SER U 244 29.55 40.06 -112.61
CA SER U 244 30.08 39.50 -113.84
C SER U 244 29.40 40.07 -115.08
N ILE U 245 28.22 40.67 -114.91
CA ILE U 245 27.51 41.27 -116.03
C ILE U 245 28.25 42.48 -116.57
N LEU U 246 29.25 42.97 -115.84
CA LEU U 246 30.01 44.16 -116.20
C LEU U 246 31.30 43.82 -116.94
N ASP U 247 31.61 42.54 -117.09
CA ASP U 247 32.87 42.12 -117.69
C ASP U 247 32.94 42.56 -119.14
N ASP U 248 34.09 43.10 -119.54
CA ASP U 248 34.27 43.60 -120.89
C ASP U 248 35.72 43.43 -121.29
N GLU U 249 35.98 42.57 -122.26
CA GLU U 249 37.34 42.33 -122.72
C GLU U 249 37.45 42.71 -124.18
N SER U 250 36.57 43.62 -124.62
CA SER U 250 36.52 43.97 -126.04
C SER U 250 37.83 44.58 -126.53
N ILE U 251 38.65 45.09 -125.61
CA ILE U 251 39.90 45.74 -126.01
C ILE U 251 41.03 44.75 -126.23
N ALA U 252 40.80 43.47 -125.98
CA ALA U 252 41.86 42.47 -126.10
C ALA U 252 42.36 42.40 -127.53
N LEU U 253 43.66 42.21 -127.68
CA LEU U 253 44.27 42.03 -128.99
C LEU U 253 44.48 40.53 -129.20
N ILE U 254 43.57 39.91 -129.92
CA ILE U 254 43.57 38.46 -130.09
C ILE U 254 43.85 38.15 -131.54
N PRO U 255 44.96 37.49 -131.87
CA PRO U 255 45.20 37.10 -133.26
C PRO U 255 44.02 36.32 -133.82
N ALA U 256 43.66 36.64 -135.05
CA ALA U 256 42.45 36.10 -135.65
C ALA U 256 42.74 35.53 -137.03
N LEU U 257 42.00 34.50 -137.40
CA LEU U 257 42.14 33.90 -138.71
C LEU U 257 41.29 34.63 -139.73
N ASP U 258 41.87 34.92 -140.87
CA ASP U 258 41.10 35.44 -141.98
C ASP U 258 40.23 34.33 -142.55
N PRO U 259 38.91 34.50 -142.61
CA PRO U 259 38.08 33.46 -143.24
C PRO U 259 38.53 33.09 -144.64
N ALA U 260 39.23 33.99 -145.33
CA ALA U 260 39.72 33.68 -146.66
C ALA U 260 41.00 32.85 -146.62
N GLY U 261 41.60 32.67 -145.45
CA GLY U 261 42.83 31.92 -145.35
C GLY U 261 44.08 32.71 -145.67
N SER U 262 43.97 34.02 -145.89
CA SER U 262 45.11 34.80 -146.34
C SER U 262 46.24 34.79 -145.31
N ASN U 263 45.91 34.65 -144.02
CA ASN U 263 46.91 34.65 -142.97
C ASN U 263 46.98 33.32 -142.23
N ALA U 264 46.55 32.23 -142.87
CA ALA U 264 46.53 30.95 -142.19
C ALA U 264 47.92 30.45 -141.84
N ASP U 265 48.96 30.97 -142.51
CA ASP U 265 50.32 30.48 -142.32
C ASP U 265 50.99 31.03 -141.07
N PHE U 266 50.31 31.86 -140.28
CA PHE U 266 50.87 32.38 -139.04
C PHE U 266 50.32 31.64 -137.83
N PHE U 267 49.53 30.60 -138.05
CA PHE U 267 48.84 29.93 -136.97
C PHE U 267 49.20 28.45 -136.99
N VAL U 268 49.10 27.82 -135.82
CA VAL U 268 49.43 26.40 -135.71
C VAL U 268 48.50 25.59 -136.61
N ASP U 269 49.09 24.64 -137.34
CA ASP U 269 48.32 23.80 -138.25
C ASP U 269 47.12 23.19 -137.52
N PRO U 270 45.92 23.28 -138.10
CA PRO U 270 44.75 22.70 -137.42
C PRO U 270 44.95 21.25 -137.03
N ALA U 271 45.84 20.53 -137.72
CA ALA U 271 46.06 19.14 -137.38
C ALA U 271 46.58 18.98 -135.96
N LEU U 272 47.36 19.97 -135.48
CA LEU U 272 47.90 19.87 -134.13
C LEU U 272 46.95 20.49 -133.10
N VAL U 273 46.41 21.67 -133.41
CA VAL U 273 45.45 22.32 -132.53
C VAL U 273 44.30 22.87 -133.36
N PRO U 274 43.08 22.38 -133.19
CA PRO U 274 41.96 22.87 -134.00
C PRO U 274 41.59 24.29 -133.60
N PRO U 275 41.29 25.15 -134.57
CA PRO U 275 40.84 26.51 -134.24
C PRO U 275 39.54 26.48 -133.44
N TYR U 276 39.34 27.52 -132.64
CA TYR U 276 38.14 27.67 -131.83
C TYR U 276 37.59 29.08 -131.99
N THR U 277 36.28 29.23 -131.79
CA THR U 277 35.63 30.52 -131.93
C THR U 277 35.62 31.27 -130.60
N ILE U 278 35.68 32.60 -130.70
CA ILE U 278 35.47 33.50 -129.57
C ILE U 278 34.34 34.47 -129.93
N LYS U 279 33.38 34.63 -129.03
CA LYS U 279 32.24 35.50 -129.27
C LYS U 279 32.50 36.86 -128.63
N ASN U 280 32.43 37.91 -129.45
CA ASN U 280 32.64 39.28 -129.02
C ASN U 280 31.45 39.74 -128.18
N GLU U 281 31.68 40.75 -127.33
CA GLU U 281 30.57 41.37 -126.60
C GLU U 281 29.50 41.91 -127.55
N GLN U 282 29.88 42.29 -128.76
CA GLN U 282 28.91 42.74 -129.76
C GLN U 282 28.25 41.58 -130.50
N ASN U 283 28.41 40.35 -130.01
CA ASN U 283 27.85 39.15 -130.63
C ASN U 283 28.48 38.87 -131.99
N LEU U 284 29.73 39.26 -132.19
CA LEU U 284 30.46 39.01 -133.43
C LEU U 284 31.46 37.89 -133.21
N THR U 285 31.39 36.85 -134.04
CA THR U 285 32.16 35.63 -133.86
C THR U 285 33.41 35.70 -134.72
N ILE U 286 34.57 35.47 -134.10
CA ILE U 286 35.84 35.44 -134.80
C ILE U 286 36.55 34.14 -134.47
N THR U 287 37.12 33.50 -135.48
CA THR U 287 37.85 32.25 -135.30
C THR U 287 39.28 32.55 -134.87
N THR U 288 39.69 31.89 -133.78
CA THR U 288 41.01 32.09 -133.20
C THR U 288 41.76 30.76 -133.12
N ALA U 289 43.08 30.83 -133.27
CA ALA U 289 43.91 29.67 -133.10
C ALA U 289 45.18 30.15 -132.42
N PRO U 290 45.90 29.28 -131.71
CA PRO U 290 47.17 29.69 -131.12
C PRO U 290 48.12 30.19 -132.19
N LEU U 291 48.79 31.29 -131.91
CA LEU U 291 49.64 31.92 -132.91
C LEU U 291 50.92 31.10 -133.04
N LYS U 292 51.33 30.83 -134.28
CA LYS U 292 52.42 29.90 -134.54
C LYS U 292 53.74 30.47 -134.02
N ALA U 293 54.54 29.62 -133.37
CA ALA U 293 55.86 30.03 -132.92
C ALA U 293 56.80 30.14 -134.11
N ASN U 294 57.86 30.93 -133.93
CA ASN U 294 58.91 31.20 -134.93
C ASN U 294 58.36 31.84 -136.20
N VAL U 295 57.53 32.87 -136.02
CA VAL U 295 56.98 33.62 -137.15
C VAL U 295 57.23 35.11 -136.96
N ARG U 296 57.17 35.84 -138.06
CA ARG U 296 57.18 37.29 -138.09
C ARG U 296 55.93 37.76 -138.79
N LEU U 297 55.22 38.71 -138.20
CA LEU U 297 53.94 39.12 -138.75
C LEU U 297 53.63 40.52 -138.29
N ASP U 298 52.64 41.13 -138.94
CA ASP U 298 52.03 42.36 -138.46
C ASP U 298 50.98 41.96 -137.44
N LEU U 299 51.32 42.09 -136.17
CA LEU U 299 50.49 41.55 -135.09
C LEU U 299 49.15 42.24 -135.01
N MET U 300 49.15 43.56 -135.20
CA MET U 300 47.91 44.31 -135.20
C MET U 300 47.06 43.98 -136.43
N GLY U 301 47.70 43.94 -137.60
CA GLY U 301 46.95 43.67 -138.82
C GLY U 301 46.24 42.33 -138.79
N ASN U 302 46.83 41.37 -138.09
CA ASN U 302 46.24 40.05 -137.96
C ASN U 302 45.40 39.90 -136.71
N SER U 303 45.14 40.99 -135.99
CA SER U 303 44.37 40.94 -134.76
C SER U 303 42.88 40.80 -135.04
N ASN U 304 42.14 40.38 -134.02
CA ASN U 304 40.69 40.30 -134.14
C ASN U 304 40.10 41.66 -134.48
N ALA U 305 40.75 42.74 -134.03
CA ALA U 305 40.21 44.08 -134.26
C ALA U 305 40.07 44.36 -135.74
N ASN U 306 40.95 43.79 -136.57
CA ASN U 306 40.92 44.06 -138.00
C ASN U 306 39.82 43.30 -138.70
N LEU U 307 39.33 42.21 -138.10
CA LEU U 307 38.31 41.37 -138.71
C LEU U 307 36.96 41.47 -137.99
N LEU U 308 36.81 42.42 -137.07
CA LEU U 308 35.63 42.42 -136.22
C LEU U 308 34.42 43.05 -136.91
N ILE U 309 34.48 44.36 -137.16
CA ILE U 309 33.34 45.03 -137.79
C ILE U 309 33.57 45.18 -139.29
N GLN U 310 34.74 45.66 -139.67
CA GLN U 310 35.04 45.92 -141.07
C GLN U 310 36.54 45.81 -141.27
N ARG U 311 36.93 45.20 -142.38
CA ARG U 311 38.34 44.97 -142.67
C ARG U 311 39.04 46.29 -142.99
N GLY U 312 40.30 46.37 -142.57
CA GLY U 312 41.14 47.50 -142.93
C GLY U 312 40.84 48.76 -142.15
N MET U 313 40.33 48.62 -140.94
CA MET U 313 39.96 49.77 -140.12
C MET U 313 41.08 50.21 -139.18
N LEU U 314 42.13 49.42 -139.02
CA LEU U 314 43.23 49.81 -138.14
C LEU U 314 44.13 50.82 -138.83
N GLU U 315 44.56 51.82 -138.08
CA GLU U 315 45.37 52.90 -138.61
C GLU U 315 46.42 53.33 -137.59
N VAL U 316 47.22 54.36 -137.92
CA VAL U 316 48.31 54.79 -137.05
C VAL U 316 47.82 55.19 -135.67
N SER U 317 46.55 55.56 -135.54
CA SER U 317 45.97 55.95 -134.26
C SER U 317 45.75 54.77 -133.32
N ASP U 318 45.96 53.53 -133.76
CA ASP U 318 45.86 52.36 -132.90
C ASP U 318 47.24 51.99 -132.39
N THR U 319 47.35 51.79 -131.08
CA THR U 319 48.59 51.46 -130.41
C THR U 319 48.36 50.29 -129.47
N ILE U 320 49.45 49.61 -129.09
CA ILE U 320 49.39 48.44 -128.22
C ILE U 320 49.75 48.85 -126.80
N ASP U 321 49.03 48.30 -125.84
CA ASP U 321 49.33 48.53 -124.44
C ASP U 321 50.61 47.80 -124.06
N PRO U 322 51.65 48.51 -123.61
CA PRO U 322 52.90 47.81 -123.25
C PRO U 322 52.73 46.77 -122.15
N ALA U 323 51.68 46.87 -121.33
CA ALA U 323 51.46 45.96 -120.23
C ALA U 323 50.80 44.68 -120.72
N GLY U 324 51.57 43.88 -121.48
CA GLY U 324 51.06 42.65 -122.02
C GLY U 324 51.78 41.46 -121.40
N ARG U 325 51.36 40.27 -121.80
CA ARG U 325 51.86 39.05 -121.18
C ARG U 325 51.83 37.92 -122.20
N LEU U 326 52.62 36.89 -121.92
CA LEU U 326 52.47 35.60 -122.60
C LEU U 326 51.41 34.79 -121.87
N LYS U 327 50.29 34.54 -122.55
CA LYS U 327 49.15 33.90 -121.89
C LYS U 327 49.29 32.39 -121.85
N ASN U 328 49.50 31.76 -122.99
CA ASN U 328 49.56 30.30 -123.07
C ASN U 328 50.74 29.90 -123.94
N LEU U 329 51.29 28.72 -123.67
CA LEU U 329 52.38 28.18 -124.45
C LEU U 329 52.08 26.73 -124.80
N PHE U 330 52.19 26.39 -126.07
CA PHE U 330 51.78 25.08 -126.59
C PHE U 330 53.02 24.27 -126.93
N VAL U 331 53.15 23.10 -126.31
CA VAL U 331 54.29 22.21 -126.47
C VAL U 331 53.82 20.94 -127.15
N LEU U 332 54.58 20.47 -128.13
CA LEU U 332 54.25 19.24 -128.84
C LEU U 332 54.96 18.08 -128.16
N LEU U 333 54.20 17.08 -127.73
CA LEU U 333 54.76 15.92 -127.04
C LEU U 333 54.30 14.67 -127.77
N GLY U 334 55.17 14.12 -128.61
CA GLY U 334 54.91 12.84 -129.24
C GLY U 334 53.73 12.84 -130.20
N GLY U 335 53.52 13.94 -130.92
CA GLY U 335 52.40 14.06 -131.81
C GLY U 335 51.16 14.70 -131.22
N LYS U 336 51.11 14.89 -129.91
CA LYS U 336 49.96 15.47 -129.24
C LYS U 336 50.39 16.77 -128.59
N VAL U 337 49.47 17.71 -128.48
CA VAL U 337 49.79 19.03 -127.97
C VAL U 337 49.19 19.21 -126.58
N VAL U 338 49.98 19.79 -125.68
CA VAL U 338 49.55 20.16 -124.35
C VAL U 338 49.68 21.67 -124.19
N LYS U 339 48.68 22.29 -123.57
CA LYS U 339 48.68 23.74 -123.34
C LYS U 339 49.14 24.02 -121.93
N PHE U 340 50.07 24.96 -121.78
CA PHE U 340 50.51 25.45 -120.49
C PHE U 340 49.97 26.85 -120.24
N LYS U 341 49.44 27.07 -119.04
CA LYS U 341 48.99 28.39 -118.62
C LYS U 341 50.17 29.08 -117.95
N VAL U 342 50.63 30.18 -118.53
CA VAL U 342 51.81 30.87 -118.06
C VAL U 342 51.58 32.38 -117.93
N ASP U 343 50.34 32.79 -117.69
CA ASP U 343 49.96 34.18 -117.91
C ASP U 343 50.55 35.09 -116.84
N ARG U 344 50.39 34.71 -115.55
CA ARG U 344 50.80 35.59 -114.48
C ARG U 344 52.24 35.40 -114.04
N LEU U 345 52.96 34.44 -114.63
CA LEU U 345 54.32 34.15 -114.18
C LEU U 345 55.22 35.35 -114.47
N PRO U 346 56.14 35.68 -113.56
CA PRO U 346 57.04 36.82 -113.82
C PRO U 346 57.75 36.78 -115.17
N ARG U 347 58.07 35.59 -115.67
CA ARG U 347 58.78 35.47 -116.94
C ARG U 347 57.91 35.83 -118.12
N ALA U 348 56.60 35.87 -117.93
CA ALA U 348 55.68 36.16 -119.02
C ALA U 348 55.43 37.65 -119.22
N VAL U 349 56.04 38.52 -118.40
CA VAL U 349 55.74 39.94 -118.47
C VAL U 349 56.54 40.61 -119.58
N PHE U 350 55.89 41.51 -120.30
CA PHE U 350 56.57 42.31 -121.31
C PHE U 350 57.55 43.26 -120.64
N GLN U 351 58.72 43.43 -121.25
CA GLN U 351 59.73 44.33 -120.72
C GLN U 351 60.08 45.38 -121.76
N PRO U 352 60.53 46.57 -121.35
CA PRO U 352 61.00 47.54 -122.33
C PRO U 352 62.23 47.03 -123.06
N ASP U 353 62.29 47.31 -124.36
CA ASP U 353 63.45 46.94 -125.17
C ASP U 353 64.44 48.09 -125.10
N LEU U 354 65.54 47.87 -124.39
CA LEU U 354 66.46 48.96 -124.10
C LEU U 354 67.24 49.38 -125.33
N VAL U 355 67.60 48.43 -126.19
CA VAL U 355 68.40 48.70 -127.39
C VAL U 355 67.53 48.55 -128.62
N GLY U 356 67.18 49.67 -129.23
CA GLY U 356 66.20 49.73 -130.29
C GLY U 356 65.28 50.92 -130.11
N ASP U 357 64.11 50.82 -130.73
CA ASP U 357 63.16 51.91 -130.69
C ASP U 357 62.56 52.03 -129.29
N THR U 358 62.12 53.23 -128.95
CA THR U 358 61.62 53.49 -127.61
C THR U 358 60.36 52.68 -127.32
N ARG U 359 59.53 52.45 -128.33
CA ARG U 359 58.24 51.80 -128.12
C ARG U 359 58.27 50.32 -128.46
N ASN U 360 59.44 49.67 -128.45
CA ASN U 360 59.54 48.24 -128.64
C ASN U 360 59.47 47.58 -127.28
N ALA U 361 58.63 46.56 -127.15
CA ALA U 361 58.57 45.75 -125.95
C ALA U 361 59.05 44.35 -126.25
N VAL U 362 59.88 43.80 -125.37
CA VAL U 362 60.52 42.52 -125.57
C VAL U 362 60.12 41.58 -124.43
N ILE U 363 59.86 40.33 -124.78
CA ILE U 363 59.55 39.29 -123.80
C ILE U 363 60.60 38.22 -123.88
N ARG U 364 61.05 37.74 -122.73
CA ARG U 364 62.02 36.63 -122.69
C ARG U 364 61.51 35.63 -121.65
N PHE U 365 60.76 34.64 -122.10
CA PHE U 365 60.14 33.65 -121.24
C PHE U 365 61.09 32.48 -121.12
N ASP U 366 61.83 32.43 -120.02
CA ASP U 366 62.78 31.38 -119.73
C ASP U 366 62.30 30.64 -118.49
N SER U 367 61.76 29.44 -118.70
CA SER U 367 61.10 28.69 -117.64
C SER U 367 61.52 27.23 -117.69
N ASP U 368 61.90 26.70 -116.54
CA ASP U 368 62.20 25.28 -116.38
C ASP U 368 61.15 24.57 -115.54
N ASP U 369 59.98 25.19 -115.35
CA ASP U 369 58.97 24.64 -114.45
C ASP U 369 57.71 24.15 -115.16
N LEU U 370 57.79 23.81 -116.44
CA LEU U 370 56.63 23.24 -117.11
C LEU U 370 56.49 21.78 -116.76
N VAL U 371 55.34 21.41 -116.22
CA VAL U 371 55.11 20.10 -115.64
C VAL U 371 54.21 19.28 -116.55
N VAL U 372 54.68 18.09 -116.91
CA VAL U 372 53.88 17.10 -117.60
C VAL U 372 53.85 15.84 -116.74
N SER U 373 52.66 15.37 -116.43
CA SER U 373 52.48 14.26 -115.49
C SER U 373 51.26 13.45 -115.92
N GLY U 374 51.01 12.35 -115.22
CA GLY U 374 49.86 11.53 -115.55
C GLY U 374 48.54 12.25 -115.33
N ASP U 375 48.54 13.27 -114.46
CA ASP U 375 47.31 13.99 -114.18
C ASP U 375 46.99 15.02 -115.26
N THR U 376 48.01 15.49 -115.98
CA THR U 376 47.79 16.46 -117.05
C THR U 376 47.13 15.80 -118.24
N THR U 377 46.47 16.62 -119.05
CA THR U 377 45.81 16.16 -120.26
C THR U 377 46.31 16.96 -121.46
N PHE U 378 46.09 16.42 -122.64
CA PHE U 378 46.38 17.17 -123.85
C PHE U 378 45.26 18.16 -124.15
N ILE U 379 45.52 19.03 -125.14
CA ILE U 379 44.51 20.00 -125.54
C ILE U 379 43.23 19.31 -125.98
N ASP U 380 43.35 18.08 -126.49
CA ASP U 380 42.17 17.32 -126.90
C ASP U 380 41.29 17.00 -125.70
N GLY U 381 41.88 16.90 -124.52
CA GLY U 381 41.16 16.45 -123.34
C GLY U 381 41.39 14.98 -123.12
N SER U 382 42.46 14.45 -123.70
CA SER U 382 42.82 13.05 -123.61
C SER U 382 44.15 12.92 -122.89
N ALA U 383 44.42 11.71 -122.37
CA ALA U 383 45.65 11.47 -121.62
C ALA U 383 46.33 10.19 -122.09
N ASP U 384 46.54 10.07 -123.40
CA ASP U 384 47.14 8.89 -123.99
C ASP U 384 48.65 9.07 -124.15
N GLY U 385 49.31 8.05 -124.68
CA GLY U 385 50.70 8.21 -125.07
C GLY U 385 51.58 8.47 -123.87
N VAL U 386 52.39 9.52 -123.97
CA VAL U 386 53.38 9.79 -122.92
C VAL U 386 52.70 9.99 -121.58
N ILE U 387 51.59 10.71 -121.57
CA ILE U 387 50.92 11.01 -120.30
C ILE U 387 50.47 9.72 -119.62
N ASN U 388 49.91 8.79 -120.39
CA ASN U 388 49.50 7.52 -119.81
C ASN U 388 50.69 6.78 -119.22
N ASP U 389 51.83 6.78 -119.92
CA ASP U 389 53.01 6.10 -119.39
C ASP U 389 53.55 6.80 -118.16
N LEU U 390 53.45 8.13 -118.10
CA LEU U 390 53.84 8.86 -116.91
C LEU U 390 52.98 8.47 -115.71
N LYS U 391 51.69 8.25 -115.94
CA LYS U 391 50.80 7.84 -114.86
C LYS U 391 51.15 6.45 -114.34
N THR U 392 51.43 5.52 -115.26
CA THR U 392 51.78 4.16 -114.82
C THR U 392 53.14 4.13 -114.15
N ALA U 393 54.10 4.84 -114.72
CA ALA U 393 55.48 4.78 -114.22
C ALA U 393 55.71 5.67 -113.01
N LYS U 394 54.72 6.48 -112.62
CA LYS U 394 54.86 7.44 -111.53
C LYS U 394 56.05 8.39 -111.77
N LEU U 395 56.07 8.98 -112.95
CA LEU U 395 57.11 9.90 -113.36
C LEU U 395 56.50 11.23 -113.75
N SER U 396 57.23 12.31 -113.52
CA SER U 396 56.81 13.67 -113.88
C SER U 396 57.96 14.37 -114.57
N LEU U 397 57.66 15.05 -115.67
CA LEU U 397 58.67 15.70 -116.49
C LEU U 397 58.72 17.18 -116.18
N ARG U 398 59.93 17.74 -116.09
CA ARG U 398 60.11 19.18 -115.97
C ARG U 398 60.75 19.65 -117.27
N LEU U 399 60.03 20.46 -118.03
CA LEU U 399 60.48 20.89 -119.34
C LEU U 399 61.08 22.27 -119.25
N SER U 400 62.14 22.51 -120.02
CA SER U 400 62.78 23.80 -120.12
C SER U 400 62.46 24.39 -121.48
N VAL U 401 61.79 25.53 -121.50
CA VAL U 401 61.39 26.18 -122.74
C VAL U 401 61.91 27.61 -122.72
N GLY U 402 62.22 28.12 -123.90
CA GLY U 402 62.64 29.50 -124.03
C GLY U 402 61.94 30.17 -125.19
N PHE U 403 61.04 31.10 -124.88
CA PHE U 403 60.25 31.79 -125.88
C PHE U 403 60.54 33.28 -125.79
N GLY U 404 60.89 33.88 -126.92
CA GLY U 404 61.14 35.31 -126.94
C GLY U 404 60.55 36.00 -128.15
N GLY U 405 60.40 37.32 -128.08
CA GLY U 405 59.91 38.08 -129.21
C GLY U 405 59.94 39.56 -128.92
N THR U 406 59.88 40.35 -129.98
CA THR U 406 59.85 41.80 -129.87
C THR U 406 58.59 42.31 -130.57
N ILE U 407 57.84 43.16 -129.87
CA ILE U 407 56.61 43.73 -130.40
C ILE U 407 56.77 45.24 -130.50
N SER U 408 56.51 45.77 -131.69
CA SER U 408 56.50 47.20 -131.90
C SER U 408 55.14 47.76 -131.50
N LEU U 409 55.12 48.55 -130.44
CA LEU U 409 53.86 48.97 -129.83
C LEU U 409 53.14 50.04 -130.63
N SER U 410 53.77 50.58 -131.67
CA SER U 410 53.10 51.59 -132.49
C SER U 410 52.88 51.08 -133.91
N LYS U 411 53.91 50.49 -134.52
CA LYS U 411 53.77 49.97 -135.86
C LYS U 411 52.86 48.75 -135.89
N GLY U 412 52.97 47.88 -134.90
CA GLY U 412 52.23 46.65 -134.86
C GLY U 412 53.00 45.43 -135.33
N ASP U 413 54.19 45.61 -135.91
CA ASP U 413 54.98 44.48 -136.33
C ASP U 413 55.61 43.77 -135.13
N SER U 414 55.77 42.46 -135.25
CA SER U 414 56.45 41.71 -134.20
C SER U 414 57.14 40.50 -134.80
N LYS U 415 58.14 40.01 -134.08
CA LYS U 415 58.87 38.81 -134.43
C LYS U 415 58.96 37.94 -133.19
N PHE U 416 58.65 36.65 -133.32
CA PHE U 416 58.72 35.73 -132.21
C PHE U 416 59.61 34.56 -132.57
N GLY U 417 60.17 33.90 -131.55
CA GLY U 417 60.87 32.66 -131.76
C GLY U 417 61.03 31.86 -130.50
N ALA U 418 61.29 30.56 -130.62
CA ALA U 418 61.47 29.68 -129.49
C ALA U 418 62.73 28.87 -129.68
N THR U 419 63.45 28.63 -128.57
CA THR U 419 64.65 27.80 -128.64
C THR U 419 64.30 26.34 -128.40
N ASP U 420 65.33 25.49 -128.44
CA ASP U 420 65.12 24.06 -128.26
C ASP U 420 64.54 23.78 -126.89
N THR U 421 63.60 22.84 -126.83
CA THR U 421 62.95 22.45 -125.58
C THR U 421 63.64 21.20 -125.03
N TYR U 422 64.00 21.25 -123.76
CA TYR U 422 64.74 20.17 -123.13
C TYR U 422 63.92 19.60 -121.98
N VAL U 423 64.16 18.32 -121.68
CA VAL U 423 63.64 17.72 -120.45
C VAL U 423 64.73 17.89 -119.41
N ASP U 424 64.51 18.81 -118.46
CA ASP U 424 65.54 19.15 -117.49
C ASP U 424 65.64 18.09 -116.40
N LYS U 425 64.49 17.65 -115.89
CA LYS U 425 64.44 16.64 -114.84
C LYS U 425 63.35 15.63 -115.16
N VAL U 426 63.55 14.39 -114.71
CA VAL U 426 62.47 13.41 -114.65
C VAL U 426 62.28 12.96 -113.22
N LEU U 427 61.24 13.47 -112.55
CA LEU U 427 61.04 13.23 -111.13
C LEU U 427 60.13 12.03 -110.94
N ASN U 428 60.26 11.36 -109.80
CA ASN U 428 59.31 10.28 -109.53
C ASN U 428 58.08 10.79 -108.76
N GLU U 429 58.18 10.85 -107.44
CA GLU U 429 57.08 11.31 -106.60
C GLU U 429 57.50 12.26 -105.49
N ASP U 430 58.76 12.18 -105.04
CA ASP U 430 59.21 12.86 -103.83
C ASP U 430 60.29 13.89 -104.13
N GLY U 431 60.50 14.24 -105.38
CA GLY U 431 61.51 15.20 -105.76
C GLY U 431 62.81 14.59 -106.24
N GLN U 432 62.99 13.28 -106.07
CA GLN U 432 64.21 12.64 -106.54
C GLN U 432 64.25 12.66 -108.06
N VAL U 433 65.42 12.93 -108.62
CA VAL U 433 65.57 12.92 -110.07
C VAL U 433 66.00 11.51 -110.50
N MET U 434 65.25 10.93 -111.44
CA MET U 434 65.53 9.58 -111.87
C MET U 434 66.61 9.58 -112.95
N ASP U 435 67.48 8.58 -112.91
CA ASP U 435 68.51 8.44 -113.91
C ASP U 435 67.89 8.18 -115.28
N ASN U 436 68.43 8.85 -116.30
CA ASN U 436 67.84 8.72 -117.64
C ASN U 436 68.07 7.33 -118.22
N ALA U 437 68.95 6.53 -117.59
CA ALA U 437 69.18 5.19 -118.08
C ALA U 437 68.09 4.21 -117.62
N ASP U 438 67.24 4.63 -116.69
CA ASP U 438 66.17 3.78 -116.20
C ASP U 438 65.26 3.37 -117.35
N PRO U 439 64.98 2.07 -117.54
CA PRO U 439 64.11 1.63 -118.64
C PRO U 439 62.79 2.38 -118.78
N ALA U 440 62.11 2.67 -117.67
CA ALA U 440 60.84 3.39 -117.78
C ALA U 440 61.07 4.85 -118.18
N VAL U 441 62.09 5.47 -117.60
CA VAL U 441 62.40 6.86 -117.95
C VAL U 441 62.83 6.95 -119.40
N LYS U 442 63.67 6.01 -119.86
CA LYS U 442 64.12 6.04 -121.24
C LYS U 442 62.95 5.90 -122.19
N ALA U 443 62.03 4.96 -121.91
CA ALA U 443 60.93 4.70 -122.81
C ALA U 443 60.10 5.97 -123.06
N ILE U 444 59.81 6.71 -122.00
CA ILE U 444 58.99 7.92 -122.14
C ILE U 444 59.80 9.03 -122.80
N LEU U 445 61.10 9.08 -122.57
CA LEU U 445 61.94 10.06 -123.25
C LEU U 445 62.08 9.75 -124.73
N ASP U 446 62.15 8.47 -125.10
CA ASP U 446 62.28 8.11 -126.51
C ASP U 446 61.03 8.54 -127.28
N GLN U 447 59.88 8.62 -126.61
CA GLN U 447 58.68 9.07 -127.29
C GLN U 447 58.73 10.56 -127.61
N LEU U 448 59.65 11.29 -126.96
CA LEU U 448 59.73 12.75 -127.10
C LEU U 448 60.82 13.12 -128.09
N THR U 449 60.56 12.80 -129.36
CA THR U 449 61.45 13.19 -130.43
C THR U 449 61.00 14.46 -131.15
N ASP U 450 59.74 14.85 -131.00
CA ASP U 450 59.25 16.09 -131.56
C ASP U 450 59.14 17.19 -130.52
N LEU U 451 59.77 17.03 -129.37
CA LEU U 451 59.65 17.98 -128.28
C LEU U 451 60.04 19.37 -128.74
N ALA U 452 59.06 20.27 -128.84
CA ALA U 452 59.28 21.62 -129.32
C ALA U 452 58.09 22.47 -128.93
N VAL U 453 58.31 23.78 -128.89
CA VAL U 453 57.22 24.74 -128.74
C VAL U 453 56.67 25.06 -130.13
N ILE U 454 55.36 24.89 -130.30
CA ILE U 454 54.76 25.04 -131.62
C ILE U 454 53.96 26.34 -131.72
N GLY U 455 53.35 26.78 -130.64
CA GLY U 455 52.49 27.95 -130.68
C GLY U 455 52.41 28.61 -129.33
N PHE U 456 51.70 29.74 -129.31
CA PHE U 456 51.52 30.54 -128.11
C PHE U 456 50.30 31.42 -128.29
N GLU U 457 49.83 31.98 -127.19
CA GLU U 457 48.79 32.98 -127.20
C GLU U 457 49.21 34.12 -126.29
N LEU U 458 48.90 35.36 -126.70
CA LEU U 458 49.26 36.52 -125.90
C LEU U 458 48.05 37.07 -125.15
N ASP U 459 48.33 37.84 -124.12
CA ASP U 459 47.33 38.61 -123.39
C ASP U 459 47.41 40.08 -123.79
N THR U 460 47.83 40.37 -125.02
CA THR U 460 47.98 41.75 -125.44
C THR U 460 46.62 42.44 -125.47
N ARG U 461 46.63 43.71 -125.12
CA ARG U 461 45.44 44.53 -125.17
C ARG U 461 45.72 45.77 -126.00
N PHE U 462 44.67 46.31 -126.61
CA PHE U 462 44.81 47.60 -127.25
C PHE U 462 44.77 48.69 -126.18
N THR U 463 45.36 49.83 -126.51
CA THR U 463 45.18 51.03 -125.71
C THR U 463 44.18 51.94 -126.39
N ASN U 464 43.14 52.32 -125.66
CA ASN U 464 42.05 53.12 -126.22
C ASN U 464 42.41 54.61 -126.22
N THR U 465 43.47 54.93 -126.94
CA THR U 465 43.77 56.34 -127.17
C THR U 465 42.86 56.93 -128.25
N ASN U 466 42.46 56.13 -129.23
CA ASN U 466 41.49 56.56 -130.22
C ASN U 466 40.07 56.15 -129.88
N ARG U 467 39.83 55.55 -128.72
CA ARG U 467 38.50 55.18 -128.27
C ARG U 467 37.77 54.33 -129.33
N ARG U 468 38.49 53.36 -129.89
CA ARG U 468 37.86 52.49 -130.87
C ARG U 468 36.75 51.66 -130.25
N GLN U 469 36.97 51.13 -129.05
CA GLN U 469 36.02 50.24 -128.39
C GLN U 469 35.11 51.05 -127.47
N ARG U 470 33.80 50.93 -127.70
CA ARG U 470 32.84 51.70 -126.92
C ARG U 470 32.59 51.07 -125.57
N GLY U 471 32.57 49.75 -125.50
CA GLY U 471 32.28 49.05 -124.28
C GLY U 471 30.79 48.99 -123.98
N HIS U 472 30.48 48.61 -122.75
CA HIS U 472 29.08 48.47 -122.35
C HIS U 472 28.43 49.84 -122.21
N LEU U 473 27.11 49.88 -122.38
CA LEU U 473 26.37 51.12 -122.30
C LEU U 473 25.52 51.17 -121.04
N LEU U 474 25.33 52.38 -120.54
CA LEU U 474 24.41 52.67 -119.45
C LEU U 474 23.26 53.48 -120.02
N GLN U 475 22.03 53.06 -119.74
CA GLN U 475 20.86 53.80 -120.18
C GLN U 475 19.81 53.78 -119.07
N THR U 476 18.99 54.82 -119.04
CA THR U 476 17.94 54.91 -118.04
C THR U 476 16.74 54.07 -118.47
N ARG U 477 16.14 53.36 -117.53
CA ARG U 477 14.91 52.63 -117.76
C ARG U 477 13.96 52.91 -116.61
N ALA U 478 12.67 52.62 -116.82
CA ALA U 478 11.70 52.72 -115.75
C ALA U 478 10.55 51.75 -116.00
N LEU U 479 9.95 51.28 -114.90
CA LEU U 479 8.79 50.39 -114.93
C LEU U 479 7.67 51.04 -114.16
N GLN U 480 6.43 50.71 -114.49
CA GLN U 480 5.30 51.17 -113.69
C GLN U 480 4.40 50.02 -113.32
N PHE U 481 3.92 50.05 -112.08
CA PHE U 481 2.93 49.11 -111.58
C PHE U 481 1.67 49.88 -111.23
N ARG U 482 0.51 49.23 -111.34
CA ARG U 482 -0.76 49.89 -111.09
C ARG U 482 -1.61 49.05 -110.16
N HIS U 483 -2.15 49.68 -109.11
CA HIS U 483 -2.93 48.97 -108.09
C HIS U 483 -4.26 49.68 -107.89
N PRO U 484 -5.29 49.37 -108.66
CA PRO U 484 -6.63 49.92 -108.40
C PRO U 484 -7.33 49.22 -107.24
N ILE U 485 -8.03 50.02 -106.44
CA ILE U 485 -8.68 49.54 -105.22
C ILE U 485 -10.08 49.07 -105.57
N PRO U 486 -10.46 47.84 -105.24
CA PRO U 486 -11.83 47.38 -105.45
C PRO U 486 -12.79 47.73 -104.33
N MET U 487 -14.07 47.65 -104.65
CA MET U 487 -15.13 47.69 -103.67
C MET U 487 -15.23 46.33 -102.98
N HIS U 488 -15.78 46.33 -101.77
CA HIS U 488 -16.06 45.09 -101.06
C HIS U 488 -17.50 45.07 -100.58
N ALA U 489 -18.01 43.86 -100.38
CA ALA U 489 -19.38 43.67 -99.96
C ALA U 489 -19.62 44.33 -98.60
N PRO U 490 -20.76 45.02 -98.44
CA PRO U 490 -21.07 45.68 -97.17
C PRO U 490 -21.65 44.75 -96.11
N VAL U 491 -21.59 45.16 -94.85
CA VAL U 491 -22.35 44.55 -93.76
C VAL U 491 -23.51 45.44 -93.40
N THR U 492 -24.67 44.86 -93.10
CA THR U 492 -25.87 45.65 -92.92
C THR U 492 -26.44 45.43 -91.53
N LEU U 493 -26.95 46.51 -90.92
CA LEU U 493 -27.71 46.48 -89.68
C LEU U 493 -29.15 46.86 -89.98
N PRO U 494 -30.01 45.90 -90.26
CA PRO U 494 -31.42 46.23 -90.53
C PRO U 494 -32.16 46.52 -89.23
N MET U 495 -32.87 47.64 -89.21
CA MET U 495 -33.73 48.00 -88.09
C MET U 495 -35.12 48.37 -88.60
N ASP U 496 -36.01 48.70 -87.68
CA ASP U 496 -37.37 49.10 -87.99
C ASP U 496 -37.39 50.47 -88.65
N THR U 497 -38.43 50.72 -89.44
CA THR U 497 -38.57 51.99 -90.13
C THR U 497 -39.48 52.95 -89.40
N MET U 498 -40.17 52.49 -88.36
CA MET U 498 -41.03 53.33 -87.53
C MET U 498 -40.36 53.63 -86.19
N THR U 499 -39.07 53.35 -86.07
CA THR U 499 -38.30 53.65 -84.88
C THR U 499 -37.28 54.71 -85.18
N ASP U 500 -37.34 55.82 -84.45
CA ASP U 500 -36.37 56.90 -84.65
C ASP U 500 -35.09 56.65 -83.86
N GLU U 501 -35.21 55.96 -82.73
CA GLU U 501 -34.10 55.74 -81.81
C GLU U 501 -33.21 54.64 -82.39
N GLY U 502 -32.47 54.99 -83.42
CA GLY U 502 -31.53 54.08 -84.03
C GLY U 502 -30.46 53.66 -83.04
N PRO U 503 -30.04 52.40 -83.12
CA PRO U 503 -28.99 51.92 -82.20
C PRO U 503 -27.75 52.81 -82.31
N GLY U 504 -27.14 53.08 -81.17
CA GLY U 504 -25.95 53.90 -81.17
C GLY U 504 -24.69 53.11 -80.92
N GLU U 505 -24.84 51.85 -80.50
CA GLU U 505 -23.68 51.02 -80.20
C GLU U 505 -23.50 49.89 -81.22
N VAL U 506 -24.59 49.22 -81.60
CA VAL U 506 -24.49 48.12 -82.54
C VAL U 506 -24.11 48.68 -83.91
N VAL U 507 -24.64 49.87 -84.21
CA VAL U 507 -24.34 50.52 -85.47
C VAL U 507 -22.83 50.66 -85.64
N LYS U 508 -22.10 50.78 -84.55
CA LYS U 508 -20.64 50.83 -84.64
C LYS U 508 -20.05 49.46 -84.96
N ALA U 509 -20.78 48.39 -84.65
CA ALA U 509 -20.30 47.07 -85.02
C ALA U 509 -20.15 46.94 -86.53
N LEU U 510 -20.92 47.73 -87.28
CA LEU U 510 -20.79 47.72 -88.73
C LEU U 510 -19.35 48.00 -89.15
N THR U 511 -18.70 48.95 -88.49
CA THR U 511 -17.29 49.20 -88.72
C THR U 511 -16.43 48.05 -88.20
N VAL U 512 -16.78 47.51 -87.04
CA VAL U 512 -15.99 46.42 -86.47
C VAL U 512 -15.97 45.22 -87.40
N ASN U 513 -17.13 44.90 -87.98
CA ASN U 513 -17.20 43.79 -88.93
C ASN U 513 -16.28 44.05 -90.12
N THR U 514 -16.32 45.26 -90.67
CA THR U 514 -15.38 45.60 -91.74
C THR U 514 -13.93 45.53 -91.28
N ASN U 515 -13.63 46.06 -90.10
CA ASN U 515 -12.25 46.09 -89.62
C ASN U 515 -11.72 44.67 -89.38
N ILE U 516 -12.56 43.78 -88.87
CA ILE U 516 -12.12 42.40 -88.70
C ILE U 516 -11.85 41.76 -90.06
N ARG U 517 -12.74 42.01 -91.02
CA ARG U 517 -12.52 41.48 -92.36
C ARG U 517 -11.23 42.01 -92.96
N ASN U 518 -10.90 43.28 -92.69
CA ASN U 518 -9.64 43.84 -93.19
C ASN U 518 -8.45 43.02 -92.72
N SER U 519 -8.43 42.64 -91.44
CA SER U 519 -7.34 41.79 -90.95
C SER U 519 -7.37 40.40 -91.58
N ASN U 520 -8.57 39.84 -91.78
CA ASN U 520 -8.65 38.54 -92.43
C ASN U 520 -8.21 38.63 -93.88
N ASN U 521 -8.47 39.75 -94.54
CA ASN U 521 -8.00 39.92 -95.91
C ASN U 521 -6.49 39.98 -95.96
N ALA U 522 -5.88 40.63 -94.97
CA ALA U 522 -4.42 40.64 -94.90
C ALA U 522 -3.87 39.22 -94.78
N VAL U 523 -4.52 38.39 -93.97
CA VAL U 523 -4.03 37.01 -93.82
C VAL U 523 -4.25 36.21 -95.11
N LYS U 524 -5.44 36.29 -95.69
CA LYS U 524 -5.70 35.53 -96.91
C LYS U 524 -4.80 36.00 -98.04
N ARG U 525 -4.60 37.31 -98.16
CA ARG U 525 -3.72 37.82 -99.20
C ARG U 525 -2.29 37.39 -98.96
N MET U 526 -1.84 37.43 -97.70
CA MET U 526 -0.50 36.96 -97.39
C MET U 526 -0.32 35.51 -97.78
N LEU U 527 -1.25 34.64 -97.36
CA LEU U 527 -1.08 33.21 -97.61
C LEU U 527 -1.20 32.88 -99.10
N ASN U 528 -2.11 33.54 -99.81
CA ASN U 528 -2.22 33.32 -101.24
C ASN U 528 -0.99 33.84 -101.98
N TYR U 529 -0.44 34.96 -101.54
CA TYR U 529 0.77 35.45 -102.16
C TYR U 529 1.89 34.46 -102.00
N LEU U 530 2.04 33.87 -100.80
CA LEU U 530 3.11 32.90 -100.59
C LEU U 530 2.97 31.72 -101.53
N ALA U 531 1.74 31.22 -101.73
CA ALA U 531 1.56 30.12 -102.67
C ALA U 531 1.95 30.53 -104.09
N GLN U 532 1.59 31.74 -104.49
CA GLN U 532 1.96 32.23 -105.83
C GLN U 532 3.47 32.39 -105.94
N LEU U 533 4.10 32.87 -104.88
CA LEU U 533 5.55 32.99 -104.86
C LEU U 533 6.22 31.62 -104.98
N ARG U 534 5.66 30.61 -104.31
CA ARG U 534 6.23 29.26 -104.40
C ARG U 534 6.30 28.80 -105.85
N GLU U 535 5.21 29.00 -106.59
CA GLU U 535 5.16 28.56 -107.97
C GLU U 535 6.20 29.27 -108.83
N VAL U 536 6.34 30.58 -108.64
CA VAL U 536 7.29 31.35 -109.44
C VAL U 536 8.72 30.95 -109.15
N VAL U 537 9.08 30.83 -107.86
CA VAL U 537 10.44 30.44 -107.51
C VAL U 537 10.69 28.97 -107.86
N HIS U 538 9.67 28.12 -107.67
CA HIS U 538 9.84 26.71 -108.01
C HIS U 538 10.27 26.51 -109.45
N ASN U 539 9.74 27.32 -110.37
CA ASN U 539 10.01 27.17 -111.79
C ASN U 539 11.18 28.02 -112.27
N GLY U 540 12.02 28.49 -111.36
CA GLY U 540 13.21 29.24 -111.73
C GLY U 540 13.00 30.72 -111.52
N TYR U 541 13.21 31.51 -112.56
CA TYR U 541 13.10 32.97 -112.49
C TYR U 541 13.97 33.57 -111.39
N ASN U 542 15.20 33.06 -111.26
CA ASN U 542 16.07 33.52 -110.18
C ASN U 542 16.38 35.00 -110.32
N ARG U 543 16.57 35.47 -111.55
CA ARG U 543 16.91 36.86 -111.77
C ARG U 543 15.66 37.75 -111.75
N PRO U 544 15.82 39.01 -111.39
CA PRO U 544 14.67 39.92 -111.42
C PRO U 544 14.15 40.13 -112.83
N LYS U 545 12.84 40.33 -112.94
CA LYS U 545 12.20 40.51 -114.23
C LYS U 545 10.86 41.20 -113.97
N PHE U 546 10.31 41.80 -115.02
CA PHE U 546 9.02 42.45 -114.91
C PHE U 546 7.93 41.53 -115.43
N GLY U 547 6.87 41.35 -114.64
CA GLY U 547 5.72 40.61 -115.06
C GLY U 547 5.68 39.15 -114.65
N ILE U 548 6.62 38.69 -113.82
CA ILE U 548 6.64 37.29 -113.44
C ILE U 548 5.82 37.06 -112.17
N ILE U 549 5.73 38.06 -111.30
CA ILE U 549 5.03 37.91 -110.03
C ILE U 549 4.54 39.29 -109.58
N GLU U 550 3.48 39.29 -108.79
CA GLU U 550 3.10 40.50 -108.08
C GLU U 550 4.23 40.96 -107.19
N GLY U 551 4.45 42.26 -107.16
CA GLY U 551 5.47 42.84 -106.32
C GLY U 551 6.28 43.84 -107.10
N ALA U 552 6.17 45.11 -106.71
CA ALA U 552 6.85 46.16 -107.47
C ALA U 552 8.34 45.93 -107.51
N LEU U 553 8.90 45.31 -106.46
CA LEU U 553 10.34 45.12 -106.40
C LEU U 553 10.79 43.81 -107.00
N SER U 554 9.89 43.02 -107.59
CA SER U 554 10.32 41.78 -108.22
C SER U 554 11.19 42.06 -109.42
N ALA U 555 11.14 43.29 -109.94
CA ALA U 555 12.05 43.71 -110.99
C ALA U 555 13.37 44.23 -110.45
N VAL U 556 13.53 44.30 -109.12
CA VAL U 556 14.73 44.84 -108.54
C VAL U 556 15.58 43.76 -107.87
N MET U 557 14.94 42.86 -107.13
CA MET U 557 15.65 41.81 -106.42
C MET U 557 15.24 40.43 -106.92
N ARG U 558 16.14 39.46 -106.76
CA ARG U 558 15.84 38.09 -107.08
C ARG U 558 14.73 37.54 -106.19
N PRO U 559 13.68 36.98 -106.79
CA PRO U 559 12.62 36.36 -105.99
C PRO U 559 13.06 35.05 -105.36
N THR U 560 13.05 35.01 -104.03
CA THR U 560 13.58 33.89 -103.27
C THR U 560 12.53 33.40 -102.29
N TYR U 561 12.27 32.09 -102.31
CA TYR U 561 11.30 31.49 -101.43
C TYR U 561 11.83 30.13 -100.97
N ARG U 562 11.72 29.85 -99.68
CA ARG U 562 12.06 28.54 -99.13
C ARG U 562 10.97 28.04 -98.20
N TYR U 563 10.59 26.78 -98.40
CA TYR U 563 9.59 26.08 -97.60
C TYR U 563 10.25 24.93 -96.87
N LYS U 564 10.01 24.82 -95.57
CA LYS U 564 10.51 23.72 -94.76
C LYS U 564 9.41 23.23 -93.83
N GLU U 565 9.15 21.92 -93.86
CA GLU U 565 8.19 21.28 -92.95
C GLU U 565 8.93 20.84 -91.69
N LEU U 566 8.64 21.48 -90.57
CA LEU U 566 9.34 21.20 -89.33
C LEU U 566 8.45 20.34 -88.46
N ASP U 567 8.48 19.04 -88.70
CA ASP U 567 7.82 18.06 -87.85
C ASP U 567 8.75 17.82 -86.67
N LEU U 568 8.44 18.43 -85.53
CA LEU U 568 9.45 18.55 -84.49
C LEU U 568 9.97 17.20 -84.02
N GLU U 569 9.14 16.15 -84.05
CA GLU U 569 9.65 14.83 -83.66
C GLU U 569 10.89 14.47 -84.45
N LYS U 570 10.96 14.93 -85.69
CA LYS U 570 12.06 14.59 -86.58
C LYS U 570 13.10 15.68 -86.66
N VAL U 571 12.99 16.73 -85.85
CA VAL U 571 13.89 17.87 -85.89
C VAL U 571 14.59 18.09 -84.55
N ILE U 572 13.85 17.96 -83.45
CA ILE U 572 14.41 18.33 -82.15
C ILE U 572 15.37 17.25 -81.67
N ASP U 573 16.46 17.71 -81.04
CA ASP U 573 17.33 16.81 -80.28
C ASP U 573 17.33 17.26 -78.84
N THR U 574 16.77 16.44 -77.96
CA THR U 574 16.61 16.75 -76.55
C THR U 574 16.98 15.53 -75.72
N ILE U 575 17.53 15.77 -74.55
CA ILE U 575 18.02 14.67 -73.73
C ILE U 575 17.19 14.51 -72.45
N LYS U 576 16.85 15.62 -71.78
CA LYS U 576 16.19 15.55 -70.49
C LYS U 576 15.12 16.64 -70.40
N SER U 577 14.09 16.34 -69.59
CA SER U 577 12.94 17.24 -69.50
C SER U 577 13.31 18.64 -69.03
N LYS U 578 14.32 18.77 -68.17
CA LYS U 578 14.66 20.10 -67.68
C LYS U 578 15.04 21.05 -68.81
N ASP U 579 15.56 20.53 -69.91
CA ASP U 579 16.00 21.34 -71.04
C ASP U 579 14.99 21.36 -72.17
N ARG U 580 13.83 20.72 -71.98
CA ARG U 580 12.90 20.50 -73.09
C ARG U 580 12.42 21.82 -73.69
N TRP U 581 12.18 22.81 -72.84
CA TRP U 581 11.73 24.11 -73.33
C TRP U 581 12.78 24.75 -74.22
N ASP U 582 14.02 24.81 -73.74
CA ASP U 582 15.07 25.43 -74.52
C ASP U 582 15.31 24.68 -75.81
N ASP U 583 15.19 23.35 -75.76
CA ASP U 583 15.40 22.55 -76.97
C ASP U 583 14.31 22.82 -78.02
N VAL U 584 13.06 22.98 -77.60
CA VAL U 584 12.03 23.33 -78.57
C VAL U 584 12.27 24.74 -79.11
N CYS U 585 12.55 25.71 -78.24
CA CYS U 585 12.76 27.07 -78.71
C CYS U 585 13.97 27.13 -79.66
N ALA U 586 15.05 26.42 -79.30
CA ALA U 586 16.23 26.44 -80.14
C ALA U 586 16.00 25.71 -81.45
N ALA U 587 15.31 24.57 -81.43
CA ALA U 587 15.12 23.81 -82.67
C ALA U 587 14.38 24.65 -83.69
N ILE U 588 13.34 25.36 -83.26
CA ILE U 588 12.54 26.13 -84.21
C ILE U 588 13.34 27.32 -84.73
N LEU U 589 13.99 28.05 -83.82
CA LEU U 589 14.73 29.24 -84.24
C LEU U 589 15.95 28.87 -85.08
N ASN U 590 16.64 27.77 -84.74
CA ASN U 590 17.79 27.34 -85.49
C ASN U 590 17.39 26.91 -86.90
N CYS U 591 16.19 26.35 -87.05
CA CYS U 591 15.73 26.02 -88.40
C CYS U 591 15.57 27.27 -89.23
N VAL U 592 15.01 28.33 -88.63
CA VAL U 592 14.89 29.59 -89.36
C VAL U 592 16.27 30.15 -89.72
N LYS U 593 17.21 30.11 -88.76
CA LYS U 593 18.57 30.58 -89.05
C LYS U 593 19.14 29.89 -90.28
N ALA U 594 19.10 28.55 -90.29
CA ALA U 594 19.76 27.82 -91.35
C ALA U 594 19.13 28.10 -92.71
N GLU U 595 17.80 28.23 -92.76
CA GLU U 595 17.15 28.50 -94.03
C GLU U 595 17.23 29.96 -94.42
N LEU U 596 17.23 30.86 -93.45
CA LEU U 596 17.19 32.28 -93.74
C LEU U 596 18.51 32.79 -94.27
N PHE U 597 19.62 32.40 -93.66
CA PHE U 597 20.91 32.94 -94.10
C PHE U 597 21.15 32.73 -95.58
N PRO U 598 20.98 31.53 -96.16
CA PRO U 598 21.20 31.41 -97.61
C PRO U 598 20.17 32.16 -98.43
N ALA U 599 18.97 32.38 -97.90
CA ALA U 599 17.99 33.18 -98.63
C ALA U 599 18.37 34.65 -98.61
N HIS U 600 18.90 35.13 -97.48
CA HIS U 600 19.42 36.49 -97.46
C HIS U 600 20.65 36.65 -98.35
N ARG U 601 21.46 35.60 -98.48
CA ARG U 601 22.57 35.67 -99.42
C ARG U 601 22.11 35.54 -100.86
N ASP U 602 21.27 34.54 -101.16
CA ASP U 602 20.85 34.30 -102.54
C ASP U 602 20.05 35.47 -103.07
N SER U 603 19.24 36.10 -102.24
CA SER U 603 18.48 37.24 -102.67
C SER U 603 19.39 38.47 -102.73
N ASN U 604 18.87 39.55 -103.29
CA ASN U 604 19.58 40.81 -103.37
C ASN U 604 18.96 41.90 -102.50
N ILE U 605 18.40 41.55 -101.34
CA ILE U 605 17.60 42.52 -100.60
C ILE U 605 18.46 43.65 -100.09
N GLU U 606 19.62 43.32 -99.51
CA GLU U 606 20.44 44.38 -98.93
C GLU U 606 20.74 45.47 -99.95
N ALA U 607 21.11 45.08 -101.18
CA ALA U 607 21.37 46.08 -102.21
C ALA U 607 20.09 46.84 -102.57
N ALA U 608 18.97 46.12 -102.70
CA ALA U 608 17.72 46.78 -103.06
C ALA U 608 17.31 47.80 -102.02
N PHE U 609 17.45 47.47 -100.74
CA PHE U 609 17.07 48.39 -99.68
C PHE U 609 17.97 49.63 -99.68
N ARG U 610 19.28 49.42 -99.81
CA ARG U 610 20.21 50.54 -99.79
C ARG U 610 20.05 51.41 -101.03
N VAL U 611 19.83 50.82 -102.20
CA VAL U 611 19.69 51.65 -103.39
C VAL U 611 18.37 52.40 -103.40
N ILE U 612 17.31 51.84 -102.84
CA ILE U 612 16.01 52.51 -102.86
C ILE U 612 15.90 53.53 -101.75
N SER U 613 16.33 53.17 -100.53
CA SER U 613 16.22 54.09 -99.41
C SER U 613 17.24 55.22 -99.50
N GLY U 614 18.37 54.99 -100.14
CA GLY U 614 19.45 55.95 -100.19
C GLY U 614 20.38 55.91 -99.02
N ASN U 615 20.14 55.03 -98.05
CA ASN U 615 20.98 54.91 -96.88
C ASN U 615 22.13 53.96 -97.20
N GLN U 616 23.36 54.46 -97.09
CA GLN U 616 24.52 53.68 -97.48
C GLN U 616 24.56 52.34 -96.76
N ASP U 617 24.03 52.30 -95.53
CA ASP U 617 24.06 51.08 -94.71
C ASP U 617 22.71 50.95 -94.02
N GLU U 618 21.77 50.29 -94.69
CA GLU U 618 20.48 49.97 -94.10
C GLU U 618 20.13 48.54 -94.49
N THR U 619 19.88 47.70 -93.48
CA THR U 619 19.56 46.32 -93.69
C THR U 619 18.10 46.09 -93.34
N PRO U 620 17.46 45.06 -93.89
CA PRO U 620 16.08 44.75 -93.49
C PRO U 620 16.05 44.14 -92.10
N MET U 621 14.89 44.22 -91.47
CA MET U 621 14.59 43.40 -90.31
C MET U 621 13.54 42.39 -90.72
N TYR U 622 13.63 41.18 -90.18
CA TYR U 622 12.68 40.13 -90.53
C TYR U 622 11.63 39.97 -89.45
N LEU U 623 10.38 39.90 -89.86
CA LEU U 623 9.28 39.61 -88.96
C LEU U 623 9.03 38.11 -88.92
N PHE U 624 8.81 37.60 -87.72
CA PHE U 624 8.36 36.23 -87.54
C PHE U 624 6.85 36.23 -87.36
N CYS U 625 6.13 35.80 -88.39
CA CYS U 625 4.67 35.88 -88.42
C CYS U 625 4.11 34.50 -88.15
N SER U 626 3.46 34.34 -87.00
CA SER U 626 3.02 33.02 -86.58
C SER U 626 1.77 33.14 -85.73
N ASP U 627 1.23 31.98 -85.34
CA ASP U 627 0.09 31.93 -84.46
C ASP U 627 0.51 32.07 -83.00
N LYS U 628 -0.46 32.00 -82.11
CA LYS U 628 -0.18 32.19 -80.68
C LYS U 628 0.63 31.04 -80.10
N GLU U 629 0.36 29.82 -80.55
CA GLU U 629 1.07 28.66 -80.01
C GLU U 629 2.55 28.74 -80.31
N ILE U 630 2.91 29.05 -81.55
CA ILE U 630 4.32 29.14 -81.92
C ILE U 630 4.98 30.33 -81.23
N ALA U 631 4.32 31.49 -81.23
CA ALA U 631 4.91 32.69 -80.65
C ALA U 631 5.28 32.46 -79.20
N ASN U 632 4.48 31.68 -78.47
CA ASN U 632 4.78 31.45 -77.06
C ASN U 632 6.11 30.75 -76.87
N TYR U 633 6.69 30.22 -77.94
CA TYR U 633 8.03 29.64 -77.85
C TYR U 633 9.10 30.59 -78.38
N LEU U 634 8.75 31.42 -79.36
CA LEU U 634 9.76 32.28 -79.96
C LEU U 634 10.07 33.51 -79.14
N MET U 635 9.06 34.24 -78.67
CA MET U 635 9.27 35.54 -78.05
C MET U 635 9.57 35.45 -76.57
N THR U 636 9.65 34.24 -76.01
CA THR U 636 10.19 34.10 -74.67
C THR U 636 11.71 34.17 -74.66
N LYS U 637 12.33 34.15 -75.84
CA LYS U 637 13.77 34.35 -75.96
C LYS U 637 14.05 35.44 -76.98
N GLY U 638 13.21 36.47 -76.97
CA GLY U 638 13.21 37.46 -78.04
C GLY U 638 13.93 38.74 -77.69
N ASP U 639 14.74 38.71 -76.64
CA ASP U 639 15.57 39.85 -76.29
C ASP U 639 16.80 39.93 -77.16
N ASP U 640 17.44 38.80 -77.46
CA ASP U 640 18.68 38.75 -78.21
C ASP U 640 18.33 38.75 -79.70
N ARG U 641 17.78 39.87 -80.16
CA ARG U 641 17.29 40.00 -81.54
C ARG U 641 18.48 40.35 -82.45
N THR U 642 19.44 39.44 -82.51
CA THR U 642 20.68 39.69 -83.23
C THR U 642 21.12 38.42 -83.96
N LEU U 643 20.25 37.93 -84.84
CA LEU U 643 20.50 36.73 -85.62
C LEU U 643 21.72 36.92 -86.51
N GLY U 644 22.67 35.99 -86.40
CA GLY U 644 23.88 36.07 -87.21
C GLY U 644 24.76 37.24 -86.82
N ALA U 645 25.32 37.89 -87.85
CA ALA U 645 26.27 38.97 -87.61
C ALA U 645 25.55 40.26 -87.24
N TYR U 646 24.56 40.64 -88.04
CA TYR U 646 23.96 41.97 -88.00
C TYR U 646 22.44 41.94 -88.05
N LEU U 647 21.84 40.82 -88.43
CA LEU U 647 20.41 40.79 -88.72
C LEU U 647 19.59 40.93 -87.44
N LYS U 648 18.48 41.64 -87.54
CA LYS U 648 17.54 41.79 -86.44
C LYS U 648 16.18 41.29 -86.90
N TYR U 649 15.33 40.93 -85.94
CA TYR U 649 13.99 40.43 -86.26
C TYR U 649 12.99 40.95 -85.24
N ASP U 650 11.72 40.71 -85.51
CA ASP U 650 10.68 40.94 -84.52
C ASP U 650 9.59 39.90 -84.71
N ILE U 651 8.81 39.69 -83.66
CA ILE U 651 7.84 38.60 -83.61
C ILE U 651 6.46 39.23 -83.51
N VAL U 652 5.58 38.87 -84.43
CA VAL U 652 4.20 39.32 -84.42
C VAL U 652 3.32 38.07 -84.51
N SER U 653 2.22 38.08 -83.77
CA SER U 653 1.39 36.89 -83.63
C SER U 653 -0.03 37.22 -83.99
N THR U 654 -0.75 36.21 -84.49
CA THR U 654 -2.18 36.34 -84.76
C THR U 654 -2.92 35.14 -84.19
N ASN U 655 -4.21 35.34 -83.96
CA ASN U 655 -5.10 34.25 -83.55
C ASN U 655 -5.97 33.76 -84.69
N ASN U 656 -5.66 34.15 -85.92
CA ASN U 656 -6.46 33.75 -87.05
C ASN U 656 -6.41 32.23 -87.22
N GLN U 657 -7.57 31.64 -87.50
CA GLN U 657 -7.60 30.21 -87.74
C GLN U 657 -6.74 29.81 -88.94
N LEU U 658 -6.61 30.69 -89.92
CA LEU U 658 -5.83 30.36 -91.11
C LEU U 658 -4.38 30.10 -90.73
N PHE U 659 -3.84 30.88 -89.80
CA PHE U 659 -2.52 30.62 -89.24
C PHE U 659 -2.60 29.52 -88.18
N ASP U 660 -2.63 28.28 -88.66
CA ASP U 660 -2.66 27.11 -87.81
C ASP U 660 -1.34 26.37 -87.97
N GLY U 661 -0.42 26.61 -87.04
CA GLY U 661 0.88 25.97 -87.11
C GLY U 661 1.80 26.55 -88.16
N LYS U 662 1.62 27.81 -88.54
CA LYS U 662 2.41 28.42 -89.60
C LYS U 662 3.37 29.45 -89.01
N LEU U 663 4.58 29.47 -89.54
CA LEU U 663 5.55 30.53 -89.28
C LEU U 663 6.07 31.02 -90.62
N VAL U 664 5.94 32.31 -90.89
CA VAL U 664 6.44 32.92 -92.11
C VAL U 664 7.37 34.04 -91.74
N VAL U 665 8.52 34.12 -92.42
CA VAL U 665 9.53 35.12 -92.16
C VAL U 665 9.58 36.07 -93.36
N ILE U 666 9.37 37.35 -93.10
CA ILE U 666 9.35 38.36 -94.17
C ILE U 666 10.18 39.55 -93.76
N PRO U 667 10.93 40.12 -94.70
CA PRO U 667 11.70 41.33 -94.39
C PRO U 667 10.84 42.57 -94.46
N THR U 668 11.09 43.54 -93.57
CA THR U 668 10.48 44.84 -93.67
C THR U 668 11.54 45.89 -93.39
N ARG U 669 11.23 47.14 -93.70
CA ARG U 669 12.16 48.21 -93.36
C ARG U 669 12.19 48.42 -91.85
N ALA U 670 13.37 48.68 -91.31
CA ALA U 670 13.53 48.84 -89.87
C ALA U 670 12.64 49.96 -89.34
N VAL U 671 12.54 51.05 -90.08
CA VAL U 671 11.65 52.16 -89.75
C VAL U 671 10.68 52.35 -90.92
N GLN U 672 9.39 52.24 -90.64
CA GLN U 672 8.37 52.30 -91.68
C GLN U 672 7.94 53.74 -91.93
N GLN U 673 7.73 54.07 -93.20
CA GLN U 673 7.25 55.37 -93.62
C GLN U 673 5.97 55.19 -94.41
N GLU U 674 5.18 56.26 -94.51
CA GLU U 674 3.96 56.21 -95.29
C GLU U 674 4.26 55.89 -96.75
N ASN U 675 3.49 54.95 -97.31
CA ASN U 675 3.61 54.54 -98.70
C ASN U 675 5.05 54.17 -99.05
N ASP U 676 5.68 53.43 -98.15
CA ASP U 676 7.06 53.01 -98.33
C ASP U 676 7.08 51.70 -99.10
N ILE U 677 7.70 51.70 -100.28
CA ILE U 677 7.78 50.48 -101.09
C ILE U 677 8.56 49.37 -100.42
N LEU U 678 9.46 49.71 -99.49
CA LEU U 678 10.29 48.67 -98.89
C LEU U 678 9.56 47.87 -97.84
N SER U 679 8.35 48.28 -97.45
CA SER U 679 7.51 47.44 -96.62
C SER U 679 7.09 46.21 -97.40
N TRP U 680 7.15 45.04 -96.73
CA TRP U 680 6.84 43.79 -97.42
C TRP U 680 5.50 43.88 -98.13
N GLY U 681 4.51 44.46 -97.48
CA GLY U 681 3.27 44.75 -98.17
C GLY U 681 2.68 46.04 -97.70
N GLN U 682 1.60 46.48 -98.32
CA GLN U 682 0.96 47.74 -97.97
C GLN U 682 -0.53 47.49 -97.87
N PHE U 683 -1.20 48.26 -97.02
CA PHE U 683 -2.66 48.25 -96.97
C PHE U 683 -3.14 49.64 -97.38
N PHE U 684 -3.84 49.72 -98.51
CA PHE U 684 -4.40 50.96 -99.02
C PHE U 684 -5.83 51.10 -98.55
N TYR U 685 -6.07 52.08 -97.68
CA TYR U 685 -7.37 52.24 -97.02
C TYR U 685 -8.03 53.52 -97.47
N VAL U 686 -9.31 53.44 -97.75
CA VAL U 686 -10.16 54.60 -97.99
C VAL U 686 -11.31 54.56 -96.99
N SER U 687 -11.71 55.73 -96.50
CA SER U 687 -12.74 55.81 -95.48
C SER U 687 -13.95 54.96 -95.84
N THR U 688 -14.48 54.26 -94.85
CA THR U 688 -15.60 53.35 -95.03
C THR U 688 -16.88 54.17 -94.99
N VAL U 689 -17.72 53.98 -95.98
CA VAL U 689 -18.94 54.78 -96.09
C VAL U 689 -20.08 54.06 -95.37
N ILE U 690 -20.88 54.82 -94.65
CA ILE U 690 -22.08 54.33 -93.98
C ILE U 690 -23.29 54.83 -94.76
N ALA U 691 -24.14 53.91 -95.21
CA ALA U 691 -25.32 54.25 -95.98
C ALA U 691 -26.57 53.96 -95.16
N ASP U 692 -27.44 54.95 -95.02
CA ASP U 692 -28.64 54.83 -94.19
C ASP U 692 -29.86 55.25 -95.01
N LEU U 693 -30.66 54.28 -95.43
CA LEU U 693 -31.77 54.53 -96.33
C LEU U 693 -32.79 53.41 -96.19
N PRO U 694 -34.07 53.74 -96.05
CA PRO U 694 -35.11 52.69 -96.01
C PRO U 694 -35.31 52.08 -97.39
N ILE U 695 -35.10 50.77 -97.48
CA ILE U 695 -35.14 50.05 -98.74
C ILE U 695 -36.27 49.03 -98.69
N THR U 696 -37.13 49.07 -99.72
CA THR U 696 -38.28 48.16 -99.80
C THR U 696 -37.85 46.84 -100.42
N ARG U 697 -36.83 46.22 -99.80
CA ARG U 697 -36.24 45.02 -100.38
C ARG U 697 -37.26 43.90 -100.44
N GLY U 698 -37.41 43.30 -101.61
CA GLY U 698 -38.36 42.24 -101.83
C GLY U 698 -39.66 42.70 -102.43
N GLY U 699 -39.95 44.00 -102.39
CA GLY U 699 -41.15 44.54 -102.96
C GLY U 699 -42.37 44.57 -102.04
N HIS U 700 -42.32 43.90 -100.90
CA HIS U 700 -43.46 43.88 -99.98
C HIS U 700 -42.99 44.06 -98.55
N GLN U 701 -42.13 45.04 -98.31
CA GLN U 701 -41.47 45.18 -97.03
C GLN U 701 -40.84 46.57 -96.96
N VAL U 702 -40.70 47.09 -95.74
CA VAL U 702 -39.78 48.20 -95.49
C VAL U 702 -38.78 47.78 -94.42
N THR U 703 -37.50 47.96 -94.72
CA THR U 703 -36.43 47.78 -93.74
C THR U 703 -35.53 48.99 -93.81
N ARG U 704 -35.17 49.52 -92.65
CA ARG U 704 -34.19 50.59 -92.62
C ARG U 704 -32.81 49.97 -92.52
N GLU U 705 -32.07 49.98 -93.62
CA GLU U 705 -30.79 49.29 -93.71
C GLU U 705 -29.67 50.31 -93.54
N ILE U 706 -28.83 50.12 -92.53
CA ILE U 706 -27.61 50.89 -92.35
C ILE U 706 -26.44 49.99 -92.69
N ALA U 707 -25.72 50.32 -93.75
CA ALA U 707 -24.70 49.43 -94.28
C ALA U 707 -23.36 50.13 -94.32
N ALA U 708 -22.30 49.38 -94.04
CA ALA U 708 -20.93 49.88 -94.12
C ALA U 708 -20.29 49.30 -95.36
N ILE U 709 -19.82 50.17 -96.25
CA ILE U 709 -19.30 49.76 -97.55
C ILE U 709 -17.79 49.95 -97.55
N PRO U 710 -17.00 48.89 -97.47
CA PRO U 710 -15.54 49.04 -97.47
C PRO U 710 -14.98 49.38 -98.83
N PHE U 711 -13.77 49.94 -98.83
CA PHE U 711 -13.04 50.28 -100.04
C PHE U 711 -11.56 50.28 -99.70
N ASN U 712 -10.86 49.19 -99.97
CA ASN U 712 -9.45 49.09 -99.62
C ASN U 712 -8.78 47.97 -100.40
N LEU U 713 -7.46 47.91 -100.33
CA LEU U 713 -6.70 46.91 -101.05
C LEU U 713 -5.41 46.60 -100.30
N HIS U 714 -5.09 45.32 -100.20
CA HIS U 714 -3.78 44.85 -99.76
C HIS U 714 -2.93 44.54 -100.99
N VAL U 715 -1.68 44.95 -100.96
CA VAL U 715 -0.73 44.63 -102.02
C VAL U 715 0.56 44.15 -101.40
N ASN U 716 1.32 43.36 -102.14
CA ASN U 716 2.65 42.91 -101.73
C ASN U 716 3.69 43.63 -102.57
N ASN U 717 4.85 43.89 -101.97
CA ASN U 717 5.96 44.49 -102.70
C ASN U 717 7.13 43.53 -102.87
N ILE U 718 7.53 42.86 -101.81
CA ILE U 718 8.79 42.11 -101.84
C ILE U 718 8.47 40.63 -102.08
N PRO U 719 8.93 40.04 -103.16
CA PRO U 719 8.67 38.63 -103.43
C PRO U 719 9.58 37.68 -102.66
N PHE U 720 9.76 37.93 -101.37
CA PHE U 720 10.67 37.17 -100.54
C PHE U 720 9.91 36.69 -99.30
N ALA U 721 10.01 35.41 -98.99
CA ALA U 721 9.41 34.83 -97.81
C ALA U 721 10.06 33.48 -97.53
N LEU U 722 10.07 33.09 -96.26
CA LEU U 722 10.34 31.71 -95.86
C LEU U 722 9.14 31.21 -95.07
N GLU U 723 8.62 30.05 -95.47
CA GLU U 723 7.42 29.50 -94.85
C GLU U 723 7.78 28.20 -94.17
N PHE U 724 7.40 28.08 -92.90
CA PHE U 724 7.66 26.90 -92.09
C PHE U 724 6.33 26.36 -91.63
N LYS U 725 6.19 25.03 -91.61
CA LYS U 725 5.03 24.37 -91.04
C LYS U 725 5.53 23.62 -89.82
N ILE U 726 5.10 24.06 -88.64
CA ILE U 726 5.63 23.56 -87.39
C ILE U 726 4.54 22.74 -86.70
N THR U 727 4.80 21.46 -86.50
CA THR U 727 3.80 20.57 -85.90
C THR U 727 4.47 19.67 -84.89
N GLY U 728 3.66 19.15 -83.96
CA GLY U 728 4.11 18.17 -83.01
C GLY U 728 4.42 18.64 -81.61
N PHE U 729 4.02 19.86 -81.22
CA PHE U 729 4.34 20.33 -79.89
C PHE U 729 3.83 19.37 -78.82
N GLN U 730 2.62 18.86 -79.01
CA GLN U 730 2.00 18.03 -77.97
C GLN U 730 2.74 16.70 -77.83
N LYS U 731 3.32 16.21 -78.91
CA LYS U 731 4.01 14.93 -78.85
C LYS U 731 5.45 15.09 -78.34
N VAL U 732 6.11 16.20 -78.67
CA VAL U 732 7.51 16.37 -78.24
C VAL U 732 7.56 16.72 -76.74
N MET U 733 6.71 17.65 -76.30
CA MET U 733 6.76 18.08 -74.91
C MET U 733 5.92 17.19 -74.00
N GLY U 734 5.05 16.36 -74.56
CA GLY U 734 4.20 15.50 -73.76
C GLY U 734 4.62 14.05 -73.67
N GLU U 735 5.75 13.66 -74.25
CA GLU U 735 6.18 12.28 -74.25
C GLU U 735 7.69 12.19 -74.13
N THR U 736 8.19 10.97 -74.10
CA THR U 736 9.62 10.71 -74.03
C THR U 736 10.24 10.81 -75.40
N GLN U 737 11.30 11.59 -75.51
CA GLN U 737 12.05 11.71 -76.75
C GLN U 737 13.38 11.00 -76.69
N PHE U 738 13.91 10.73 -75.51
CA PHE U 738 15.24 10.12 -75.40
C PHE U 738 15.17 8.74 -74.75
N ASN U 739 14.66 8.65 -73.52
CA ASN U 739 14.64 7.38 -72.82
C ASN U 739 13.67 6.39 -73.47
N GLY U 740 12.59 6.89 -74.06
CA GLY U 740 11.66 6.00 -74.73
C GLY U 740 12.29 5.29 -75.91
N LYS U 741 13.12 5.98 -76.69
CA LYS U 741 13.79 5.35 -77.81
C LYS U 741 14.74 4.28 -77.34
N LEU U 742 15.48 4.55 -76.25
CA LEU U 742 16.39 3.54 -75.70
C LEU U 742 15.64 2.31 -75.22
N ALA U 743 14.47 2.50 -74.60
CA ALA U 743 13.68 1.36 -74.16
C ALA U 743 13.29 0.49 -75.34
N ASP U 744 12.99 1.11 -76.48
CA ASP U 744 12.57 0.32 -77.64
C ASP U 744 13.68 -0.57 -78.17
N LEU U 745 14.94 -0.28 -77.83
CA LEU U 745 16.06 -1.02 -78.41
C LEU U 745 16.23 -2.40 -77.78
N LYS U 746 15.59 -2.66 -76.65
CA LYS U 746 15.83 -3.91 -75.96
C LYS U 746 15.24 -5.07 -76.75
N PRO U 747 15.83 -6.27 -76.68
CA PRO U 747 15.27 -7.42 -77.40
C PRO U 747 14.04 -8.00 -76.71
N ASN V 164 -23.14 55.52 -117.25
CA ASN V 164 -22.39 56.46 -116.42
C ASN V 164 -23.12 56.78 -115.13
N TYR V 165 -23.76 55.76 -114.57
CA TYR V 165 -24.42 55.92 -113.28
C TYR V 165 -23.40 56.15 -112.18
N ASN V 166 -22.30 55.41 -112.19
CA ASN V 166 -21.29 55.42 -111.16
C ASN V 166 -19.96 55.86 -111.77
N GLU V 167 -19.56 57.09 -111.49
CA GLU V 167 -18.30 57.65 -111.97
C GLU V 167 -17.14 57.34 -111.02
N LYS V 168 -16.95 56.06 -110.70
CA LYS V 168 -15.84 55.65 -109.85
C LYS V 168 -14.52 55.94 -110.54
N SER V 169 -13.56 56.50 -109.80
CA SER V 169 -12.34 56.99 -110.41
C SER V 169 -11.59 55.84 -111.08
N GLN V 170 -11.20 56.05 -112.30
CA GLN V 170 -10.41 55.08 -113.05
C GLN V 170 -9.11 55.65 -113.60
N ARG V 171 -9.03 56.97 -113.77
CA ARG V 171 -7.92 57.61 -114.47
C ARG V 171 -6.84 58.07 -113.51
N ASP V 172 -7.20 58.96 -112.59
CA ASP V 172 -6.23 59.57 -111.71
C ASP V 172 -5.90 58.66 -110.54
N PHE V 173 -4.62 58.57 -110.20
CA PHE V 173 -4.20 57.81 -109.04
C PHE V 173 -3.08 58.55 -108.34
N ARG V 174 -2.78 58.12 -107.11
CA ARG V 174 -1.59 58.61 -106.44
C ARG V 174 -0.36 57.97 -107.05
N VAL V 175 0.62 58.81 -107.41
CA VAL V 175 1.80 58.33 -108.11
C VAL V 175 3.01 58.48 -107.19
N VAL V 176 3.64 57.36 -106.84
CA VAL V 176 4.82 57.43 -105.98
C VAL V 176 6.03 56.98 -106.77
N THR V 177 7.11 57.76 -106.67
CA THR V 177 8.37 57.45 -107.32
C THR V 177 9.37 57.09 -106.23
N ILE V 178 10.10 56.00 -106.45
CA ILE V 178 11.04 55.53 -105.43
C ILE V 178 12.44 56.01 -105.79
N GLY V 179 13.27 56.20 -104.76
CA GLY V 179 14.65 56.61 -104.99
C GLY V 179 15.44 55.48 -105.62
N TYR V 180 16.53 55.83 -106.27
CA TYR V 180 17.45 54.87 -106.87
C TYR V 180 18.85 55.46 -106.79
N ASN V 181 19.56 55.14 -105.71
CA ASN V 181 20.83 55.77 -105.37
C ASN V 181 21.91 54.71 -105.39
N LEU V 182 22.77 54.75 -106.40
CA LEU V 182 23.88 53.82 -106.50
C LEU V 182 25.13 54.45 -105.91
N ALA V 183 25.96 53.61 -105.29
CA ALA V 183 27.22 54.08 -104.73
C ALA V 183 28.20 52.91 -104.73
N ALA V 184 29.48 53.26 -104.83
CA ALA V 184 30.53 52.27 -104.64
C ALA V 184 31.84 52.97 -104.34
N SER V 185 32.59 52.42 -103.38
CA SER V 185 33.93 52.91 -103.10
C SER V 185 34.91 52.31 -104.10
N ARG V 186 36.13 52.86 -104.12
CA ARG V 186 37.14 52.38 -105.06
C ARG V 186 37.24 50.86 -105.03
N GLN V 187 37.22 50.28 -103.84
CA GLN V 187 37.06 48.84 -103.71
C GLN V 187 36.10 48.55 -102.57
N ASP V 188 35.35 47.47 -102.71
CA ASP V 188 34.53 46.99 -101.60
C ASP V 188 35.45 46.66 -100.44
N GLU V 189 34.91 46.75 -99.22
CA GLU V 189 35.73 46.45 -98.05
C GLU V 189 36.35 45.07 -98.13
N PHE V 190 35.64 44.12 -98.74
CA PHE V 190 36.20 42.78 -98.96
C PHE V 190 37.44 42.86 -99.83
N ALA V 191 37.32 43.50 -100.99
CA ALA V 191 38.46 43.63 -101.89
C ALA V 191 39.55 44.51 -101.29
N GLU V 192 39.19 45.55 -100.55
CA GLU V 192 40.20 46.47 -100.04
C GLU V 192 41.06 45.81 -98.98
N ARG V 193 40.46 45.01 -98.09
CA ARG V 193 41.24 44.33 -97.07
C ARG V 193 42.18 43.31 -97.69
N ILE V 194 41.74 42.64 -98.76
CA ILE V 194 42.60 41.66 -99.40
C ILE V 194 43.65 42.34 -100.29
N TYR V 195 43.22 43.35 -101.05
CA TYR V 195 44.10 44.07 -101.98
C TYR V 195 44.11 45.54 -101.63
N PRO V 196 44.84 45.96 -100.60
CA PRO V 196 44.84 47.37 -100.21
C PRO V 196 45.25 48.27 -101.37
N THR V 197 44.64 49.44 -101.44
CA THR V 197 44.87 50.34 -102.56
C THR V 197 46.24 51.01 -102.40
N THR V 198 47.00 50.99 -103.48
CA THR V 198 48.20 51.80 -103.60
C THR V 198 48.07 52.68 -104.82
N VAL V 199 48.27 53.99 -104.66
CA VAL V 199 48.08 54.94 -105.74
C VAL V 199 49.37 55.04 -106.53
N ILE V 200 49.26 54.81 -107.84
CA ILE V 200 50.40 54.83 -108.74
C ILE V 200 50.21 56.01 -109.69
N ASN V 201 51.25 56.80 -109.86
CA ASN V 201 51.19 57.94 -110.76
C ASN V 201 51.01 57.42 -112.19
N PRO V 202 50.13 58.01 -112.99
CA PRO V 202 49.99 57.58 -114.38
C PRO V 202 51.24 57.74 -115.23
N ILE V 203 52.18 58.61 -114.84
CA ILE V 203 53.42 58.74 -115.60
C ILE V 203 54.27 57.48 -115.51
N GLU V 204 54.35 56.85 -114.34
CA GLU V 204 55.12 55.62 -114.25
C GLU V 204 54.35 54.42 -114.78
N GLY V 205 53.09 54.28 -114.38
CA GLY V 205 52.24 53.23 -114.92
C GLY V 205 52.62 51.82 -114.60
N GLY V 206 53.22 51.61 -113.43
CA GLY V 206 53.61 50.29 -112.99
C GLY V 206 54.63 50.32 -111.88
N VAL V 207 54.96 49.16 -111.31
CA VAL V 207 55.89 49.08 -110.20
C VAL V 207 56.92 47.98 -110.48
N VAL V 208 58.04 48.03 -109.77
CA VAL V 208 59.03 46.96 -109.77
C VAL V 208 59.36 46.63 -108.32
N GLN V 209 59.39 45.35 -108.00
CA GLN V 209 59.65 44.89 -106.64
C GLN V 209 60.97 44.16 -106.59
N VAL V 210 61.89 44.63 -105.76
CA VAL V 210 63.26 44.12 -105.67
C VAL V 210 63.39 43.36 -104.36
N LEU V 211 63.71 42.07 -104.46
CA LEU V 211 63.80 41.19 -103.30
C LEU V 211 65.26 40.80 -103.07
N PRO V 212 66.00 41.55 -102.26
CA PRO V 212 67.37 41.15 -101.93
C PRO V 212 67.37 39.96 -100.97
N TYR V 213 68.43 39.16 -101.04
CA TYR V 213 68.58 38.09 -100.07
C TYR V 213 70.04 37.65 -100.00
N ILE V 214 70.34 36.92 -98.93
CA ILE V 214 71.62 36.25 -98.75
C ILE V 214 71.43 34.79 -99.14
N ALA V 215 72.27 34.31 -100.05
CA ALA V 215 72.10 32.99 -100.64
C ALA V 215 73.16 32.04 -100.10
N VAL V 216 72.75 30.83 -99.73
CA VAL V 216 73.69 29.78 -99.37
C VAL V 216 74.02 29.01 -100.63
N MET V 217 75.28 29.06 -101.04
CA MET V 217 75.73 28.43 -102.26
C MET V 217 76.72 27.32 -101.93
N LYS V 218 76.51 26.16 -102.54
CA LYS V 218 77.46 25.06 -102.45
C LYS V 218 78.76 25.45 -103.13
N ASP V 219 79.89 25.16 -102.49
CA ASP V 219 81.19 25.43 -103.10
C ASP V 219 81.47 24.39 -104.18
N VAL V 220 81.38 24.81 -105.45
CA VAL V 220 81.53 23.89 -106.57
C VAL V 220 82.42 24.55 -107.62
N TYR V 221 83.07 23.72 -108.43
CA TYR V 221 83.85 24.20 -109.55
C TYR V 221 83.05 24.13 -110.85
N HIS V 222 83.44 24.95 -111.82
CA HIS V 222 82.85 24.87 -113.15
C HIS V 222 83.32 23.62 -113.87
N GLU V 223 82.38 22.86 -114.42
CA GLU V 223 82.71 21.67 -115.17
C GLU V 223 83.20 22.03 -116.56
N VAL V 224 84.12 21.24 -117.09
CA VAL V 224 84.63 21.49 -118.44
C VAL V 224 83.55 21.23 -119.47
N SER V 225 82.81 20.14 -119.34
CA SER V 225 81.81 19.77 -120.33
C SER V 225 80.39 19.97 -119.83
N GLY V 226 80.23 20.61 -118.67
CA GLY V 226 78.93 20.77 -118.06
C GLY V 226 78.01 21.74 -118.77
N VAL V 227 76.71 21.47 -118.74
CA VAL V 227 75.73 22.38 -119.34
C VAL V 227 75.31 23.49 -118.39
N LYS V 228 75.53 23.33 -117.08
CA LYS V 228 75.16 24.33 -116.09
C LYS V 228 76.11 24.17 -114.92
N MET V 229 76.19 25.22 -114.09
CA MET V 229 76.97 25.15 -112.86
C MET V 229 76.08 24.64 -111.74
N ASP V 230 76.40 23.45 -111.25
CA ASP V 230 75.58 22.75 -110.25
C ASP V 230 75.82 23.33 -108.85
N ASN V 231 75.54 24.61 -108.71
CA ASN V 231 75.74 25.31 -107.44
C ASN V 231 74.40 25.49 -106.71
N GLU V 232 74.03 24.45 -105.95
CA GLU V 232 72.76 24.46 -105.23
C GLU V 232 72.62 25.73 -104.40
N GLU V 233 71.56 26.48 -104.64
CA GLU V 233 71.35 27.79 -104.02
C GLU V 233 70.05 27.80 -103.23
N VAL V 234 70.17 28.10 -101.93
CA VAL V 234 69.00 28.24 -101.08
C VAL V 234 69.21 29.48 -100.20
N ASN V 235 68.16 30.27 -100.06
CA ASN V 235 68.19 31.50 -99.29
C ASN V 235 68.29 31.20 -97.80
N MET V 236 68.85 32.16 -97.04
CA MET V 236 68.99 31.98 -95.59
C MET V 236 67.65 31.81 -94.89
N VAL V 237 66.60 32.46 -95.40
CA VAL V 237 65.34 32.48 -94.67
C VAL V 237 64.82 31.07 -94.48
N GLU V 238 64.90 30.26 -95.52
CA GLU V 238 64.40 28.89 -95.42
C GLU V 238 65.13 28.14 -94.30
N ALA V 239 66.37 28.53 -94.01
CA ALA V 239 67.11 27.85 -92.95
C ALA V 239 66.37 27.91 -91.63
N TYR V 240 65.53 28.93 -91.42
CA TYR V 240 64.72 28.98 -90.21
C TYR V 240 63.78 27.80 -90.06
N ARG V 241 63.21 27.33 -91.18
CA ARG V 241 62.26 26.24 -91.16
C ARG V 241 62.96 24.90 -91.34
N ASP V 242 63.99 24.87 -92.19
CA ASP V 242 64.78 23.67 -92.47
C ASP V 242 66.26 24.05 -92.37
N PRO V 243 66.83 24.08 -91.17
CA PRO V 243 68.23 24.50 -91.02
C PRO V 243 69.24 23.46 -91.46
N SER V 244 68.79 22.27 -91.86
CA SER V 244 69.72 21.23 -92.28
C SER V 244 70.45 21.59 -93.57
N ILE V 245 69.94 22.57 -94.32
CA ILE V 245 70.61 22.99 -95.54
C ILE V 245 71.97 23.60 -95.23
N LEU V 246 72.19 23.98 -93.98
CA LEU V 246 73.45 24.61 -93.60
C LEU V 246 74.48 23.60 -93.13
N ASP V 247 74.10 22.32 -93.00
CA ASP V 247 75.02 21.32 -92.50
C ASP V 247 76.18 21.15 -93.46
N ASP V 248 77.39 21.06 -92.91
CA ASP V 248 78.59 20.87 -93.70
C ASP V 248 79.55 20.00 -92.93
N GLU V 249 80.00 18.91 -93.55
CA GLU V 249 80.98 18.01 -92.97
C GLU V 249 82.24 17.93 -93.82
N SER V 250 82.54 19.00 -94.55
CA SER V 250 83.67 18.98 -95.47
C SER V 250 85.01 18.79 -94.75
N ILE V 251 85.07 19.10 -93.45
CA ILE V 251 86.30 18.93 -92.71
C ILE V 251 86.46 17.54 -92.13
N ALA V 252 85.44 16.68 -92.28
CA ALA V 252 85.49 15.33 -91.73
C ALA V 252 86.58 14.52 -92.39
N LEU V 253 87.21 13.64 -91.61
CA LEU V 253 88.26 12.74 -92.07
C LEU V 253 87.61 11.38 -92.30
N ILE V 254 87.32 11.07 -93.56
CA ILE V 254 86.60 9.84 -93.89
C ILE V 254 87.53 9.00 -94.77
N PRO V 255 87.94 7.82 -94.31
CA PRO V 255 88.79 6.97 -95.15
C PRO V 255 88.15 6.69 -96.50
N ALA V 256 88.98 6.71 -97.53
CA ALA V 256 88.50 6.61 -98.90
C ALA V 256 89.27 5.55 -99.66
N LEU V 257 88.57 4.86 -100.56
CA LEU V 257 89.19 3.89 -101.44
C LEU V 257 89.86 4.63 -102.59
N ASP V 258 91.12 4.30 -102.83
CA ASP V 258 91.79 4.84 -104.00
C ASP V 258 91.14 4.24 -105.24
N PRO V 259 90.84 5.05 -106.27
CA PRO V 259 90.27 4.48 -107.49
C PRO V 259 91.07 3.33 -108.05
N ALA V 260 92.39 3.31 -107.82
CA ALA V 260 93.23 2.23 -108.33
C ALA V 260 93.17 1.00 -107.45
N GLY V 261 92.62 1.11 -106.24
CA GLY V 261 92.63 0.01 -105.29
C GLY V 261 93.92 -0.15 -104.51
N SER V 262 94.85 0.81 -104.63
CA SER V 262 96.16 0.64 -104.01
C SER V 262 96.05 0.50 -102.50
N ASN V 263 95.04 1.10 -101.90
CA ASN V 263 94.83 1.04 -100.46
C ASN V 263 93.66 0.15 -100.06
N ALA V 264 93.19 -0.71 -100.96
CA ALA V 264 92.01 -1.50 -100.64
C ALA V 264 92.27 -2.47 -99.49
N ASP V 265 93.54 -2.85 -99.28
CA ASP V 265 93.88 -3.82 -98.26
C ASP V 265 93.48 -3.35 -96.87
N PHE V 266 93.32 -2.03 -96.70
CA PHE V 266 93.00 -1.48 -95.38
C PHE V 266 91.53 -1.57 -95.02
N PHE V 267 90.67 -1.93 -95.97
CA PHE V 267 89.23 -1.85 -95.78
C PHE V 267 88.60 -3.23 -95.64
N VAL V 268 87.39 -3.24 -95.10
CA VAL V 268 86.65 -4.49 -94.94
C VAL V 268 86.39 -5.11 -96.31
N ASP V 269 86.52 -6.43 -96.37
CA ASP V 269 86.28 -7.16 -97.60
C ASP V 269 84.90 -6.83 -98.14
N PRO V 270 84.77 -6.33 -99.38
CA PRO V 270 83.45 -6.03 -99.92
C PRO V 270 82.45 -7.15 -99.77
N ALA V 271 82.91 -8.41 -99.73
CA ALA V 271 81.98 -9.53 -99.57
C ALA V 271 81.23 -9.42 -98.25
N LEU V 272 81.88 -8.88 -97.22
CA LEU V 272 81.21 -8.74 -95.93
C LEU V 272 80.46 -7.41 -95.83
N VAL V 273 81.08 -6.31 -96.24
CA VAL V 273 80.47 -4.99 -96.20
C VAL V 273 80.75 -4.28 -97.53
N PRO V 274 79.75 -4.07 -98.37
CA PRO V 274 80.00 -3.43 -99.66
C PRO V 274 80.33 -1.95 -99.49
N PRO V 275 81.28 -1.44 -100.27
CA PRO V 275 81.56 0.00 -100.23
C PRO V 275 80.34 0.80 -100.68
N TYR V 276 80.20 2.00 -100.13
CA TYR V 276 79.12 2.90 -100.49
C TYR V 276 79.71 4.22 -100.96
N THR V 277 78.99 4.91 -101.85
CA THR V 277 79.42 6.20 -102.34
C THR V 277 78.84 7.33 -101.51
N ILE V 278 79.69 8.31 -101.21
CA ILE V 278 79.28 9.54 -100.54
C ILE V 278 79.64 10.73 -101.43
N LYS V 279 78.81 11.75 -101.41
CA LYS V 279 79.07 12.98 -102.16
C LYS V 279 79.46 14.11 -101.22
N ASN V 280 80.61 14.70 -101.52
CA ASN V 280 81.16 15.79 -100.71
C ASN V 280 80.45 17.10 -101.05
N GLU V 281 80.84 18.17 -100.36
CA GLU V 281 80.20 19.46 -100.50
C GLU V 281 80.69 20.22 -101.71
N GLN V 282 81.44 19.57 -102.61
CA GLN V 282 81.85 20.14 -103.88
C GLN V 282 81.36 19.29 -105.05
N ASN V 283 80.34 18.48 -104.79
CA ASN V 283 79.79 17.55 -105.80
C ASN V 283 80.85 16.55 -106.26
N LEU V 284 81.77 16.19 -105.37
CA LEU V 284 82.83 15.24 -105.67
C LEU V 284 82.56 13.95 -104.90
N THR V 285 82.43 12.85 -105.62
CA THR V 285 82.01 11.59 -105.03
C THR V 285 83.23 10.81 -104.55
N ILE V 286 83.07 10.13 -103.42
CA ILE V 286 84.14 9.33 -102.85
C ILE V 286 83.58 7.96 -102.47
N THR V 287 84.39 6.93 -102.70
CA THR V 287 84.05 5.57 -102.28
C THR V 287 84.56 5.31 -100.87
N THR V 288 83.64 4.96 -99.98
CA THR V 288 83.94 4.79 -98.57
C THR V 288 83.51 3.41 -98.11
N ALA V 289 84.33 2.79 -97.25
CA ALA V 289 83.96 1.55 -96.60
C ALA V 289 84.57 1.57 -95.21
N PRO V 290 84.01 0.83 -94.27
CA PRO V 290 84.62 0.76 -92.94
C PRO V 290 86.03 0.24 -93.03
N LEU V 291 86.90 0.72 -92.13
CA LEU V 291 88.26 0.22 -92.09
C LEU V 291 88.26 -1.18 -91.49
N LYS V 292 89.15 -2.04 -92.00
CA LYS V 292 89.26 -3.37 -91.43
C LYS V 292 89.92 -3.30 -90.06
N ALA V 293 89.42 -4.10 -89.13
CA ALA V 293 90.03 -4.17 -87.81
C ALA V 293 91.40 -4.85 -87.92
N ASN V 294 92.26 -4.51 -86.96
CA ASN V 294 93.64 -4.98 -86.85
C ASN V 294 94.51 -4.61 -88.04
N VAL V 295 94.48 -3.33 -88.43
CA VAL V 295 95.32 -2.81 -89.49
C VAL V 295 96.06 -1.60 -88.95
N ARG V 296 97.20 -1.30 -89.57
CA ARG V 296 97.92 -0.05 -89.36
C ARG V 296 97.98 0.70 -90.67
N LEU V 297 97.64 1.99 -90.62
CA LEU V 297 97.53 2.78 -91.83
C LEU V 297 97.74 4.24 -91.48
N ASP V 298 97.98 5.04 -92.51
CA ASP V 298 98.06 6.50 -92.39
C ASP V 298 96.65 7.01 -92.66
N LEU V 299 95.95 7.41 -91.60
CA LEU V 299 94.56 7.84 -91.74
C LEU V 299 94.46 9.08 -92.62
N MET V 300 95.41 10.00 -92.50
CA MET V 300 95.37 11.21 -93.32
C MET V 300 95.63 10.91 -94.79
N GLY V 301 96.67 10.13 -95.08
CA GLY V 301 96.98 9.81 -96.46
C GLY V 301 95.97 8.95 -97.16
N ASN V 302 95.12 8.26 -96.40
CA ASN V 302 94.03 7.47 -96.94
C ASN V 302 92.68 8.16 -96.77
N SER V 303 92.69 9.45 -96.43
CA SER V 303 91.46 10.19 -96.19
C SER V 303 90.80 10.59 -97.50
N ASN V 304 89.51 10.91 -97.41
CA ASN V 304 88.81 11.48 -98.56
C ASN V 304 89.41 12.82 -98.96
N ALA V 305 89.94 13.56 -97.99
CA ALA V 305 90.60 14.83 -98.28
C ALA V 305 91.81 14.61 -99.18
N ASN V 306 92.58 13.55 -98.93
CA ASN V 306 93.78 13.29 -99.71
C ASN V 306 93.44 12.98 -101.16
N LEU V 307 92.30 12.35 -101.40
CA LEU V 307 91.88 11.98 -102.75
C LEU V 307 90.82 12.92 -103.31
N LEU V 308 90.59 14.05 -102.66
CA LEU V 308 89.48 14.91 -103.05
C LEU V 308 89.74 15.71 -104.33
N ILE V 309 90.85 16.47 -104.37
CA ILE V 309 91.16 17.23 -105.57
C ILE V 309 92.35 16.62 -106.29
N GLN V 310 93.47 16.48 -105.58
CA GLN V 310 94.63 15.78 -106.11
C GLN V 310 95.11 14.80 -105.05
N ARG V 311 95.78 13.74 -105.49
CA ARG V 311 96.17 12.65 -104.60
C ARG V 311 97.27 13.05 -103.61
N GLY V 312 97.89 14.20 -103.78
CA GLY V 312 98.94 14.59 -102.85
C GLY V 312 98.80 15.98 -102.27
N MET V 313 97.59 16.38 -101.91
CA MET V 313 97.36 17.74 -101.41
C MET V 313 97.83 17.90 -99.97
N LEU V 314 97.71 16.87 -99.14
CA LEU V 314 97.92 17.02 -97.70
C LEU V 314 99.37 17.29 -97.36
N GLU V 315 99.60 18.14 -96.37
CA GLU V 315 100.94 18.50 -95.93
C GLU V 315 100.95 18.58 -94.42
N VAL V 316 102.11 18.92 -93.85
CA VAL V 316 102.29 18.93 -92.39
C VAL V 316 101.39 19.95 -91.70
N SER V 317 100.87 20.92 -92.46
CA SER V 317 99.93 21.88 -91.87
C SER V 317 98.59 21.23 -91.53
N ASP V 318 98.28 20.09 -92.13
CA ASP V 318 97.09 19.35 -91.76
C ASP V 318 97.30 18.50 -90.51
N THR V 319 96.34 18.55 -89.60
CA THR V 319 96.39 17.83 -88.33
C THR V 319 95.02 17.24 -88.04
N ILE V 320 95.02 16.20 -87.21
CA ILE V 320 93.77 15.55 -86.82
C ILE V 320 93.25 16.18 -85.53
N ASP V 321 91.95 16.36 -85.47
CA ASP V 321 91.36 16.94 -84.27
C ASP V 321 91.38 15.93 -83.15
N PRO V 322 92.01 16.23 -82.01
CA PRO V 322 91.98 15.29 -80.88
C PRO V 322 90.60 14.96 -80.38
N ALA V 323 89.61 15.79 -80.65
CA ALA V 323 88.24 15.54 -80.21
C ALA V 323 87.55 14.68 -81.27
N GLY V 324 87.48 13.39 -81.01
CA GLY V 324 86.92 12.45 -81.97
C GLY V 324 86.26 11.30 -81.23
N ARG V 325 85.58 10.45 -81.98
CA ARG V 325 84.81 9.36 -81.42
C ARG V 325 84.93 8.13 -82.31
N LEU V 326 84.73 6.96 -81.72
CA LEU V 326 84.51 5.74 -82.48
C LEU V 326 83.04 5.70 -82.90
N LYS V 327 82.78 5.80 -84.20
CA LYS V 327 81.42 6.00 -84.67
C LYS V 327 80.65 4.69 -84.75
N ASN V 328 81.18 3.71 -85.48
CA ASN V 328 80.48 2.46 -85.71
C ASN V 328 81.45 1.30 -85.53
N LEU V 329 80.92 0.18 -85.03
CA LEU V 329 81.68 -1.06 -84.91
C LEU V 329 80.89 -2.15 -85.63
N PHE V 330 81.56 -2.89 -86.52
CA PHE V 330 80.91 -3.89 -87.36
C PHE V 330 81.33 -5.28 -86.92
N VAL V 331 80.36 -6.11 -86.54
CA VAL V 331 80.61 -7.46 -86.06
C VAL V 331 80.12 -8.46 -87.10
N LEU V 332 80.92 -9.48 -87.36
CA LEU V 332 80.51 -10.60 -88.21
C LEU V 332 79.80 -11.61 -87.31
N LEU V 333 78.49 -11.74 -87.49
CA LEU V 333 77.66 -12.50 -86.58
C LEU V 333 76.83 -13.50 -87.39
N GLY V 334 77.32 -14.73 -87.49
CA GLY V 334 76.61 -15.77 -88.20
C GLY V 334 76.54 -15.61 -89.70
N GLY V 335 77.69 -15.32 -90.32
CA GLY V 335 77.74 -15.10 -91.75
C GLY V 335 77.57 -13.66 -92.18
N LYS V 336 76.57 -12.97 -91.63
CA LYS V 336 76.29 -11.59 -92.00
C LYS V 336 76.77 -10.63 -90.92
N VAL V 337 76.84 -9.35 -91.28
CA VAL V 337 77.44 -8.31 -90.46
C VAL V 337 76.35 -7.53 -89.75
N VAL V 338 76.55 -7.24 -88.48
CA VAL V 338 75.68 -6.38 -87.70
C VAL V 338 76.40 -5.08 -87.40
N LYS V 339 75.73 -3.95 -87.66
CA LYS V 339 76.28 -2.63 -87.45
C LYS V 339 75.84 -2.10 -86.10
N PHE V 340 76.81 -1.70 -85.27
CA PHE V 340 76.55 -1.16 -83.92
C PHE V 340 76.91 0.31 -83.91
N LYS V 341 75.94 1.17 -83.62
CA LYS V 341 76.23 2.59 -83.47
C LYS V 341 76.64 2.89 -82.03
N VAL V 342 77.88 3.35 -81.85
CA VAL V 342 78.46 3.43 -80.52
C VAL V 342 79.04 4.82 -80.25
N ASP V 343 78.69 5.80 -81.08
CA ASP V 343 79.44 7.05 -81.10
C ASP V 343 79.34 7.80 -79.77
N ARG V 344 78.19 7.71 -79.10
CA ARG V 344 77.98 8.57 -77.94
C ARG V 344 78.28 7.86 -76.63
N LEU V 345 78.75 6.62 -76.68
CA LEU V 345 79.06 5.90 -75.46
C LEU V 345 80.28 6.52 -74.79
N PRO V 346 80.32 6.57 -73.45
CA PRO V 346 81.47 7.17 -72.77
C PRO V 346 82.80 6.54 -73.19
N ARG V 347 82.74 5.29 -73.65
CA ARG V 347 83.95 4.57 -74.03
C ARG V 347 84.41 4.91 -75.44
N ALA V 348 83.54 5.56 -76.22
CA ALA V 348 83.84 5.82 -77.62
C ALA V 348 84.70 7.05 -77.86
N VAL V 349 84.88 7.91 -76.85
CA VAL V 349 85.59 9.16 -77.07
C VAL V 349 87.09 8.93 -77.08
N PHE V 350 87.80 9.76 -77.84
CA PHE V 350 89.26 9.73 -77.85
C PHE V 350 89.78 10.16 -76.49
N GLN V 351 90.84 9.50 -76.05
CA GLN V 351 91.50 9.88 -74.81
C GLN V 351 92.95 10.26 -75.13
N PRO V 352 93.54 11.14 -74.33
CA PRO V 352 94.97 11.42 -74.48
C PRO V 352 95.80 10.19 -74.12
N ASP V 353 96.86 9.98 -74.88
CA ASP V 353 97.78 8.89 -74.62
C ASP V 353 98.78 9.35 -73.56
N LEU V 354 98.72 8.71 -72.39
CA LEU V 354 99.50 9.21 -71.26
C LEU V 354 100.98 8.94 -71.46
N VAL V 355 101.31 7.82 -72.09
CA VAL V 355 102.69 7.36 -72.22
C VAL V 355 103.08 7.40 -73.69
N GLY V 356 104.12 8.13 -74.00
CA GLY V 356 104.52 8.34 -75.39
C GLY V 356 104.52 9.79 -75.80
N ASP V 357 104.25 10.00 -77.07
CA ASP V 357 104.27 11.34 -77.65
C ASP V 357 103.11 12.18 -77.11
N THR V 358 103.29 13.49 -77.15
CA THR V 358 102.29 14.40 -76.60
C THR V 358 101.01 14.42 -77.42
N ARG V 359 101.11 14.22 -78.74
CA ARG V 359 99.99 14.38 -79.66
C ARG V 359 99.46 13.03 -80.13
N ASN V 360 99.44 12.03 -79.24
CA ASN V 360 98.88 10.73 -79.53
C ASN V 360 97.53 10.61 -78.85
N ALA V 361 96.53 10.18 -79.60
CA ALA V 361 95.21 9.88 -79.04
C ALA V 361 95.04 8.37 -78.96
N VAL V 362 94.53 7.89 -77.84
CA VAL V 362 94.35 6.46 -77.60
C VAL V 362 92.86 6.18 -77.51
N ILE V 363 92.43 5.12 -78.17
CA ILE V 363 91.02 4.68 -78.11
C ILE V 363 91.00 3.40 -77.29
N ARG V 364 90.29 3.46 -76.16
CA ARG V 364 90.07 2.30 -75.31
C ARG V 364 88.57 2.05 -75.21
N PHE V 365 88.06 1.17 -76.05
CA PHE V 365 86.63 0.86 -76.13
C PHE V 365 86.42 -0.56 -75.61
N ASP V 366 85.85 -0.69 -74.42
CA ASP V 366 85.62 -1.97 -73.78
C ASP V 366 84.19 -2.01 -73.29
N SER V 367 83.33 -2.71 -74.02
CA SER V 367 81.89 -2.65 -73.77
C SER V 367 81.32 -4.05 -73.89
N ASP V 368 80.59 -4.48 -72.85
CA ASP V 368 79.81 -5.71 -72.91
C ASP V 368 78.32 -5.43 -73.05
N ASP V 369 77.94 -4.22 -73.46
CA ASP V 369 76.55 -3.82 -73.55
C ASP V 369 76.03 -3.80 -74.98
N LEU V 370 76.75 -4.41 -75.92
CA LEU V 370 76.23 -4.56 -77.28
C LEU V 370 75.16 -5.63 -77.30
N VAL V 371 74.00 -5.29 -77.86
CA VAL V 371 72.83 -6.14 -77.82
C VAL V 371 72.47 -6.60 -79.24
N VAL V 372 72.22 -7.89 -79.39
CA VAL V 372 71.68 -8.46 -80.62
C VAL V 372 70.44 -9.27 -80.25
N SER V 373 69.34 -9.01 -80.96
CA SER V 373 68.07 -9.63 -80.64
C SER V 373 67.26 -9.77 -81.93
N GLY V 374 66.14 -10.47 -81.84
CA GLY V 374 65.23 -10.62 -82.95
C GLY V 374 64.74 -9.32 -83.55
N ASP V 375 64.84 -8.21 -82.80
CA ASP V 375 64.37 -6.93 -83.33
C ASP V 375 65.41 -6.30 -84.23
N THR V 376 66.68 -6.71 -84.11
CA THR V 376 67.75 -6.09 -84.88
C THR V 376 67.81 -6.69 -86.28
N THR V 377 68.55 -6.02 -87.15
CA THR V 377 68.76 -6.47 -88.52
C THR V 377 70.24 -6.47 -88.84
N PHE V 378 70.59 -7.12 -89.95
CA PHE V 378 71.95 -7.05 -90.47
C PHE V 378 72.12 -5.77 -91.28
N ILE V 379 73.34 -5.53 -91.77
CA ILE V 379 73.59 -4.31 -92.53
C ILE V 379 72.73 -4.26 -93.77
N ASP V 380 72.32 -5.42 -94.28
CA ASP V 380 71.50 -5.49 -95.48
C ASP V 380 70.02 -5.30 -95.17
N GLY V 381 69.65 -5.06 -93.92
CA GLY V 381 68.28 -4.81 -93.58
C GLY V 381 67.45 -6.05 -93.38
N SER V 382 68.04 -7.24 -93.51
CA SER V 382 67.35 -8.50 -93.37
C SER V 382 67.51 -9.04 -91.96
N ALA V 383 66.42 -9.57 -91.41
CA ALA V 383 66.46 -10.26 -90.12
C ALA V 383 66.32 -11.76 -90.38
N ASP V 384 67.43 -12.48 -90.35
CA ASP V 384 67.44 -13.89 -90.67
C ASP V 384 68.55 -14.59 -89.91
N GLY V 385 68.66 -15.89 -90.11
CA GLY V 385 69.73 -16.64 -89.48
C GLY V 385 69.62 -16.58 -87.98
N VAL V 386 70.69 -16.13 -87.33
CA VAL V 386 70.69 -16.07 -85.87
C VAL V 386 69.60 -15.15 -85.36
N ILE V 387 69.39 -14.04 -86.07
CA ILE V 387 68.42 -13.05 -85.62
C ILE V 387 67.02 -13.66 -85.58
N ASN V 388 66.66 -14.47 -86.59
CA ASN V 388 65.36 -15.12 -86.60
C ASN V 388 65.23 -16.08 -85.43
N ASP V 389 66.30 -16.86 -85.17
CA ASP V 389 66.26 -17.79 -84.04
C ASP V 389 66.17 -17.05 -82.72
N LEU V 390 66.83 -15.89 -82.61
CA LEU V 390 66.66 -15.08 -81.41
C LEU V 390 65.22 -14.59 -81.25
N LYS V 391 64.57 -14.25 -82.36
CA LYS V 391 63.20 -13.74 -82.29
C LYS V 391 62.25 -14.82 -81.81
N THR V 392 62.38 -16.03 -82.35
CA THR V 392 61.47 -17.11 -81.97
C THR V 392 61.73 -17.60 -80.55
N ALA V 393 62.99 -17.55 -80.11
CA ALA V 393 63.34 -17.96 -78.76
C ALA V 393 63.23 -16.84 -77.73
N LYS V 394 62.86 -15.63 -78.16
CA LYS V 394 62.73 -14.46 -77.30
C LYS V 394 64.03 -14.13 -76.57
N LEU V 395 65.18 -14.39 -77.21
CA LEU V 395 66.46 -14.22 -76.54
C LEU V 395 67.08 -12.89 -76.91
N SER V 396 68.00 -12.43 -76.07
CA SER V 396 68.75 -11.20 -76.31
C SER V 396 70.21 -11.44 -75.94
N LEU V 397 71.10 -11.32 -76.92
CA LEU V 397 72.52 -11.55 -76.68
C LEU V 397 73.21 -10.29 -76.17
N ARG V 398 74.11 -10.48 -75.20
CA ARG V 398 75.03 -9.45 -74.77
C ARG V 398 76.43 -9.82 -75.20
N LEU V 399 77.05 -9.01 -76.05
CA LEU V 399 78.34 -9.30 -76.63
C LEU V 399 79.42 -8.50 -75.92
N SER V 400 80.59 -9.11 -75.77
CA SER V 400 81.76 -8.46 -75.18
C SER V 400 82.75 -8.18 -76.30
N VAL V 401 82.96 -6.90 -76.61
CA VAL V 401 83.85 -6.50 -77.68
C VAL V 401 84.93 -5.60 -77.11
N GLY V 402 86.12 -5.71 -77.69
CA GLY V 402 87.23 -4.89 -77.29
C GLY V 402 87.90 -4.28 -78.51
N PHE V 403 87.84 -2.96 -78.63
CA PHE V 403 88.46 -2.28 -79.76
C PHE V 403 89.37 -1.18 -79.23
N GLY V 404 90.58 -1.10 -79.80
CA GLY V 404 91.55 -0.11 -79.37
C GLY V 404 92.43 0.36 -80.50
N GLY V 405 93.06 1.50 -80.34
CA GLY V 405 94.03 1.98 -81.31
C GLY V 405 94.69 3.26 -80.84
N THR V 406 95.80 3.61 -81.49
CA THR V 406 96.52 4.85 -81.21
C THR V 406 96.65 5.65 -82.49
N ILE V 407 96.32 6.94 -82.42
CA ILE V 407 96.36 7.84 -83.57
C ILE V 407 97.39 8.92 -83.28
N SER V 408 98.36 9.07 -84.18
CA SER V 408 99.33 10.17 -84.11
C SER V 408 98.71 11.39 -84.76
N LEU V 409 98.29 12.35 -83.94
CA LEU V 409 97.45 13.45 -84.43
C LEU V 409 98.22 14.36 -85.37
N SER V 410 99.53 14.50 -85.16
CA SER V 410 100.33 15.39 -85.99
C SER V 410 100.74 14.71 -87.29
N LYS V 411 100.89 13.39 -87.26
CA LYS V 411 101.45 12.66 -88.40
C LYS V 411 100.41 11.95 -89.24
N GLY V 412 99.27 11.58 -88.67
CA GLY V 412 98.30 10.80 -89.39
C GLY V 412 98.49 9.30 -89.36
N ASP V 413 99.51 8.81 -88.68
CA ASP V 413 99.76 7.37 -88.59
C ASP V 413 99.07 6.80 -87.36
N SER V 414 98.34 5.71 -87.57
CA SER V 414 97.59 5.08 -86.49
C SER V 414 97.64 3.56 -86.63
N LYS V 415 97.49 2.90 -85.49
CA LYS V 415 97.42 1.44 -85.42
C LYS V 415 96.18 1.06 -84.63
N PHE V 416 95.36 0.19 -85.19
CA PHE V 416 94.14 -0.27 -84.54
C PHE V 416 94.23 -1.77 -84.30
N GLY V 417 93.43 -2.24 -83.35
CA GLY V 417 93.32 -3.67 -83.10
C GLY V 417 92.01 -3.99 -82.43
N ALA V 418 91.58 -5.24 -82.56
CA ALA V 418 90.34 -5.71 -81.96
C ALA V 418 90.60 -7.06 -81.31
N THR V 419 90.17 -7.19 -80.05
CA THR V 419 90.44 -8.40 -79.30
C THR V 419 89.40 -9.47 -79.61
N ASP V 420 89.63 -10.69 -79.15
CA ASP V 420 88.65 -11.76 -79.31
C ASP V 420 87.35 -11.34 -78.65
N THR V 421 86.25 -11.55 -79.36
CA THR V 421 84.92 -11.21 -78.86
C THR V 421 84.13 -12.48 -78.59
N TYR V 422 83.26 -12.42 -77.58
CA TYR V 422 82.49 -13.57 -77.14
C TYR V 422 81.13 -13.11 -76.65
N VAL V 423 80.21 -14.07 -76.56
CA VAL V 423 78.88 -13.79 -76.02
C VAL V 423 79.01 -13.86 -74.51
N ASP V 424 78.72 -12.74 -73.83
CA ASP V 424 78.86 -12.71 -72.38
C ASP V 424 77.63 -13.28 -71.70
N LYS V 425 76.45 -12.87 -72.15
CA LYS V 425 75.20 -13.31 -71.54
C LYS V 425 74.17 -13.60 -72.61
N VAL V 426 73.41 -14.67 -72.43
CA VAL V 426 72.22 -14.93 -73.24
C VAL V 426 70.97 -14.73 -72.40
N LEU V 427 70.29 -13.61 -72.58
CA LEU V 427 69.16 -13.25 -71.73
C LEU V 427 67.84 -13.68 -72.35
N ASN V 428 66.86 -13.98 -71.50
CA ASN V 428 65.49 -14.16 -71.94
C ASN V 428 64.77 -12.82 -71.92
N GLU V 429 63.48 -12.80 -72.23
CA GLU V 429 62.78 -11.52 -72.33
C GLU V 429 62.68 -10.85 -70.96
N ASP V 430 62.87 -11.63 -69.89
CA ASP V 430 62.81 -11.13 -68.52
C ASP V 430 64.15 -10.64 -68.01
N GLY V 431 65.19 -10.67 -68.84
CA GLY V 431 66.51 -10.24 -68.41
C GLY V 431 67.26 -11.24 -67.58
N GLN V 432 66.87 -12.51 -67.60
CA GLN V 432 67.50 -13.55 -66.79
C GLN V 432 68.54 -14.26 -67.65
N VAL V 433 69.68 -14.58 -67.05
CA VAL V 433 70.72 -15.30 -67.78
C VAL V 433 70.34 -16.76 -67.93
N MET V 434 70.40 -17.26 -69.16
CA MET V 434 70.04 -18.64 -69.48
C MET V 434 71.29 -19.51 -69.44
N ASP V 435 71.13 -20.73 -68.92
CA ASP V 435 72.24 -21.68 -68.94
C ASP V 435 72.59 -22.05 -70.39
N ASN V 436 73.88 -21.99 -70.70
CA ASN V 436 74.32 -22.18 -72.07
C ASN V 436 74.11 -23.62 -72.57
N ALA V 437 73.79 -24.55 -71.67
CA ALA V 437 73.55 -25.92 -72.08
C ALA V 437 72.16 -26.14 -72.64
N ASP V 438 71.23 -25.21 -72.41
CA ASP V 438 69.87 -25.37 -72.87
C ASP V 438 69.86 -25.45 -74.40
N PRO V 439 69.20 -26.45 -74.99
CA PRO V 439 69.22 -26.54 -76.47
C PRO V 439 68.80 -25.26 -77.17
N ALA V 440 67.90 -24.48 -76.58
CA ALA V 440 67.41 -23.27 -77.23
C ALA V 440 68.55 -22.26 -77.43
N VAL V 441 69.42 -22.12 -76.43
CA VAL V 441 70.51 -21.17 -76.55
C VAL V 441 71.73 -21.84 -77.17
N LYS V 442 71.92 -23.13 -76.90
CA LYS V 442 73.12 -23.81 -77.40
C LYS V 442 73.15 -23.84 -78.91
N ALA V 443 72.00 -24.10 -79.54
CA ALA V 443 71.95 -24.15 -81.00
C ALA V 443 72.43 -22.83 -81.60
N ILE V 444 72.06 -21.71 -81.00
CA ILE V 444 72.52 -20.41 -81.48
C ILE V 444 74.01 -20.24 -81.23
N LEU V 445 74.46 -20.60 -80.04
CA LEU V 445 75.88 -20.48 -79.71
C LEU V 445 76.72 -21.34 -80.64
N ASP V 446 76.18 -22.48 -81.08
CA ASP V 446 76.87 -23.30 -82.07
C ASP V 446 76.90 -22.61 -83.42
N GLN V 447 75.92 -21.76 -83.72
CA GLN V 447 76.00 -20.98 -84.95
C GLN V 447 77.06 -19.89 -84.88
N LEU V 448 77.29 -19.31 -83.69
CA LEU V 448 78.19 -18.18 -83.55
C LEU V 448 79.65 -18.64 -83.44
N THR V 449 80.09 -19.31 -84.50
CA THR V 449 81.50 -19.71 -84.56
C THR V 449 82.37 -18.66 -85.24
N ASP V 450 81.78 -17.72 -85.97
CA ASP V 450 82.54 -16.70 -86.68
C ASP V 450 82.50 -15.34 -85.99
N LEU V 451 82.01 -15.30 -84.74
CA LEU V 451 81.78 -14.03 -84.08
C LEU V 451 83.08 -13.24 -83.97
N ALA V 452 83.19 -12.13 -84.69
CA ALA V 452 84.42 -11.35 -84.69
C ALA V 452 84.09 -9.91 -85.04
N VAL V 453 84.95 -9.00 -84.58
CA VAL V 453 84.91 -7.61 -85.00
C VAL V 453 85.70 -7.50 -86.29
N ILE V 454 85.06 -7.00 -87.34
CA ILE V 454 85.71 -7.00 -88.65
C ILE V 454 86.05 -5.58 -89.12
N GLY V 455 85.24 -4.59 -88.78
CA GLY V 455 85.44 -3.25 -89.28
C GLY V 455 84.98 -2.21 -88.29
N PHE V 456 85.38 -0.97 -88.55
CA PHE V 456 85.00 0.16 -87.73
C PHE V 456 84.98 1.41 -88.59
N GLU V 457 84.27 2.42 -88.09
CA GLU V 457 84.29 3.75 -88.67
C GLU V 457 84.52 4.78 -87.58
N LEU V 458 85.26 5.83 -87.90
CA LEU V 458 85.56 6.89 -86.95
C LEU V 458 84.73 8.13 -87.24
N ASP V 459 84.58 8.96 -86.20
CA ASP V 459 84.00 10.29 -86.31
C ASP V 459 85.11 11.33 -86.32
N THR V 460 86.27 10.96 -86.88
CA THR V 460 87.41 11.84 -86.91
C THR V 460 87.18 13.01 -87.84
N ARG V 461 87.65 14.17 -87.44
CA ARG V 461 87.59 15.38 -88.25
C ARG V 461 88.99 15.98 -88.34
N PHE V 462 89.24 16.71 -89.41
CA PHE V 462 90.46 17.51 -89.45
C PHE V 462 90.26 18.74 -88.59
N THR V 463 91.36 19.27 -88.06
CA THR V 463 91.35 20.59 -87.46
C THR V 463 91.74 21.57 -88.56
N ASN V 464 90.80 22.42 -88.96
CA ASN V 464 90.99 23.24 -90.15
C ASN V 464 91.79 24.49 -89.79
N THR V 465 93.01 24.25 -89.34
CA THR V 465 93.91 25.35 -89.00
C THR V 465 94.52 25.98 -90.23
N ASN V 466 94.71 25.21 -91.30
CA ASN V 466 95.24 25.74 -92.54
C ASN V 466 94.15 26.23 -93.48
N ARG V 467 92.90 26.25 -93.04
CA ARG V 467 91.79 26.77 -93.83
C ARG V 467 91.74 26.13 -95.21
N ARG V 468 91.83 24.81 -95.21
CA ARG V 468 91.72 24.05 -96.45
C ARG V 468 90.30 23.99 -96.99
N GLN V 469 89.30 23.84 -96.12
CA GLN V 469 87.90 23.74 -96.53
C GLN V 469 87.22 25.06 -96.25
N ARG V 470 86.55 25.61 -97.26
CA ARG V 470 85.81 26.85 -97.07
C ARG V 470 84.42 26.58 -96.51
N GLY V 471 83.88 25.41 -96.80
CA GLY V 471 82.51 25.08 -96.45
C GLY V 471 81.52 25.72 -97.41
N HIS V 472 80.31 25.94 -96.89
CA HIS V 472 79.29 26.62 -97.67
C HIS V 472 79.66 28.09 -97.86
N LEU V 473 79.24 28.64 -98.99
CA LEU V 473 79.53 30.02 -99.34
C LEU V 473 78.27 30.86 -99.20
N LEU V 474 78.44 32.09 -98.76
CA LEU V 474 77.38 33.08 -98.71
C LEU V 474 77.65 34.14 -99.77
N GLN V 475 76.63 34.49 -100.53
CA GLN V 475 76.72 35.56 -101.52
C GLN V 475 75.44 36.37 -101.48
N THR V 476 75.54 37.66 -101.81
CA THR V 476 74.37 38.51 -101.85
C THR V 476 73.79 38.52 -103.27
N ARG V 477 72.48 38.30 -103.36
CA ARG V 477 71.77 38.28 -104.63
C ARG V 477 70.43 38.98 -104.45
N ALA V 478 69.81 39.36 -105.56
CA ALA V 478 68.50 40.00 -105.53
C ALA V 478 67.68 39.52 -106.72
N LEU V 479 66.38 39.40 -106.53
CA LEU V 479 65.45 39.04 -107.59
C LEU V 479 64.62 40.25 -107.96
N GLN V 480 64.26 40.36 -109.23
CA GLN V 480 63.53 41.51 -109.73
C GLN V 480 62.21 41.09 -110.36
N PHE V 481 61.12 41.64 -109.82
CA PHE V 481 59.76 41.37 -110.27
C PHE V 481 59.22 42.63 -110.95
N ARG V 482 58.47 42.45 -112.03
CA ARG V 482 57.94 43.56 -112.80
C ARG V 482 56.43 43.41 -112.93
N HIS V 483 55.69 44.46 -112.58
CA HIS V 483 54.23 44.45 -112.61
C HIS V 483 53.73 45.66 -113.37
N PRO V 484 53.73 45.66 -114.70
CA PRO V 484 53.12 46.77 -115.43
C PRO V 484 51.61 46.72 -115.36
N ILE V 485 51.00 47.89 -115.32
CA ILE V 485 49.55 48.04 -115.11
C ILE V 485 48.89 48.17 -116.49
N PRO V 486 47.96 47.28 -116.84
CA PRO V 486 47.27 47.42 -118.12
C PRO V 486 46.08 48.35 -118.05
N MET V 487 45.55 48.68 -119.22
CA MET V 487 44.25 49.32 -119.37
C MET V 487 43.13 48.29 -119.40
N HIS V 488 41.91 48.75 -119.11
CA HIS V 488 40.72 47.91 -119.17
C HIS V 488 39.67 48.58 -120.05
N ALA V 489 38.75 47.77 -120.55
CA ALA V 489 37.70 48.23 -121.44
C ALA V 489 36.84 49.26 -120.74
N PRO V 490 36.41 50.30 -121.46
CA PRO V 490 35.63 51.37 -120.83
C PRO V 490 34.15 51.06 -120.69
N VAL V 491 33.41 51.92 -119.99
CA VAL V 491 31.95 51.94 -120.04
C VAL V 491 31.53 53.32 -120.53
N THR V 492 30.54 53.36 -121.41
CA THR V 492 30.15 54.58 -122.09
C THR V 492 28.72 54.97 -121.74
N LEU V 493 28.49 56.25 -121.50
CA LEU V 493 27.11 56.73 -121.40
C LEU V 493 26.76 57.48 -122.67
N PRO V 494 26.01 56.89 -123.59
CA PRO V 494 25.68 57.59 -124.83
C PRO V 494 24.60 58.63 -124.60
N MET V 495 24.69 59.71 -125.36
CA MET V 495 23.66 60.73 -125.35
C MET V 495 23.39 61.20 -126.78
N ASP V 496 22.20 61.73 -126.99
CA ASP V 496 21.88 62.37 -128.25
C ASP V 496 22.47 63.77 -128.29
N THR V 497 23.21 64.08 -129.36
CA THR V 497 23.85 65.39 -129.40
C THR V 497 22.85 66.50 -129.59
N MET V 498 21.59 66.17 -129.93
CA MET V 498 20.57 67.20 -130.06
C MET V 498 20.15 67.79 -128.73
N THR V 499 20.38 67.09 -127.62
CA THR V 499 19.93 67.55 -126.33
C THR V 499 20.88 68.60 -125.74
N ASP V 500 20.33 69.74 -125.31
CA ASP V 500 21.16 70.77 -124.70
C ASP V 500 21.52 70.42 -123.26
N GLU V 501 20.60 69.80 -122.53
CA GLU V 501 20.87 69.46 -121.13
C GLU V 501 21.94 68.39 -121.05
N GLY V 502 22.85 68.54 -120.09
CA GLY V 502 23.88 67.56 -119.88
C GLY V 502 23.38 66.41 -119.04
N PRO V 503 24.28 65.44 -118.77
CA PRO V 503 23.77 64.36 -117.91
C PRO V 503 23.56 64.86 -116.49
N GLY V 504 22.55 64.34 -115.81
CA GLY V 504 22.32 64.71 -114.43
C GLY V 504 23.16 63.87 -113.49
N GLU V 505 22.65 62.71 -113.12
CA GLU V 505 23.36 61.86 -112.18
C GLU V 505 23.81 60.55 -112.80
N VAL V 506 23.29 60.20 -113.96
CA VAL V 506 23.57 58.90 -114.53
C VAL V 506 25.05 58.81 -114.81
N VAL V 507 25.65 59.93 -115.20
CA VAL V 507 27.06 59.94 -115.53
C VAL V 507 27.89 59.45 -114.35
N LYS V 508 27.40 59.65 -113.12
CA LYS V 508 28.15 59.17 -111.96
C LYS V 508 28.14 57.65 -111.88
N ALA V 509 27.18 57.00 -112.56
CA ALA V 509 27.18 55.54 -112.59
C ALA V 509 28.34 54.96 -113.37
N LEU V 510 29.03 55.78 -114.17
CA LEU V 510 30.24 55.29 -114.83
C LEU V 510 31.34 54.99 -113.82
N THR V 511 31.47 55.83 -112.78
CA THR V 511 32.42 55.53 -111.72
C THR V 511 31.95 54.37 -110.87
N VAL V 512 30.65 54.31 -110.55
CA VAL V 512 30.15 53.19 -109.74
C VAL V 512 30.34 51.88 -110.50
N ASN V 513 30.04 51.89 -111.79
CA ASN V 513 30.29 50.70 -112.59
C ASN V 513 31.76 50.30 -112.53
N THR V 514 32.66 51.25 -112.74
CA THR V 514 34.08 50.94 -112.67
C THR V 514 34.46 50.40 -111.29
N ASN V 515 33.98 51.02 -110.23
CA ASN V 515 34.33 50.61 -108.88
C ASN V 515 33.85 49.19 -108.58
N ILE V 516 32.66 48.84 -109.05
CA ILE V 516 32.17 47.49 -108.87
C ILE V 516 33.03 46.51 -109.66
N ARG V 517 33.42 46.88 -110.88
CA ARG V 517 34.32 46.03 -111.65
C ARG V 517 35.64 45.82 -110.91
N ASN V 518 36.14 46.85 -110.23
CA ASN V 518 37.34 46.68 -109.42
C ASN V 518 37.15 45.58 -108.38
N SER V 519 36.03 45.63 -107.65
CA SER V 519 35.78 44.60 -106.65
C SER V 519 35.66 43.22 -107.30
N ASN V 520 34.95 43.14 -108.43
CA ASN V 520 34.77 41.85 -109.09
C ASN V 520 36.10 41.31 -109.60
N ASN V 521 36.98 42.18 -110.09
CA ASN V 521 38.29 41.75 -110.53
C ASN V 521 39.09 41.20 -109.36
N ALA V 522 38.98 41.80 -108.18
CA ALA V 522 39.67 41.28 -107.02
C ALA V 522 39.20 39.86 -106.69
N VAL V 523 37.89 39.62 -106.82
CA VAL V 523 37.37 38.29 -106.51
C VAL V 523 37.82 37.28 -107.55
N LYS V 524 37.70 37.63 -108.83
CA LYS V 524 38.12 36.71 -109.88
C LYS V 524 39.61 36.44 -109.80
N ARG V 525 40.42 37.47 -109.54
CA ARG V 525 41.86 37.30 -109.39
C ARG V 525 42.19 36.43 -108.19
N MET V 526 41.50 36.63 -107.08
CA MET V 526 41.71 35.74 -105.94
C MET V 526 41.40 34.30 -106.29
N LEU V 527 40.24 34.05 -106.91
CA LEU V 527 39.83 32.68 -107.20
C LEU V 527 40.77 32.02 -108.21
N ASN V 528 41.20 32.79 -109.22
CA ASN V 528 42.13 32.23 -110.21
C ASN V 528 43.48 31.97 -109.58
N TYR V 529 43.92 32.84 -108.68
CA TYR V 529 45.19 32.58 -108.00
C TYR V 529 45.13 31.31 -107.16
N LEU V 530 44.01 31.09 -106.47
CA LEU V 530 43.90 29.85 -105.70
C LEU V 530 44.04 28.63 -106.61
N ALA V 531 43.44 28.68 -107.80
CA ALA V 531 43.62 27.57 -108.74
C ALA V 531 45.09 27.39 -109.13
N GLN V 532 45.81 28.51 -109.27
CA GLN V 532 47.23 28.41 -109.61
C GLN V 532 48.01 27.77 -108.48
N LEU V 533 47.65 28.09 -107.24
CA LEU V 533 48.30 27.47 -106.09
C LEU V 533 48.06 25.97 -106.04
N ARG V 534 46.82 25.56 -106.34
CA ARG V 534 46.47 24.14 -106.40
C ARG V 534 47.43 23.39 -107.30
N GLU V 535 47.66 23.94 -108.50
CA GLU V 535 48.52 23.28 -109.46
C GLU V 535 49.97 23.24 -108.99
N VAL V 536 50.50 24.36 -108.52
CA VAL V 536 51.90 24.42 -108.15
C VAL V 536 52.19 23.54 -106.93
N VAL V 537 51.32 23.58 -105.91
CA VAL V 537 51.55 22.73 -104.74
C VAL V 537 51.33 21.27 -105.11
N HIS V 538 50.32 20.98 -105.92
CA HIS V 538 50.07 19.60 -106.34
C HIS V 538 51.27 19.02 -107.08
N ASN V 539 52.05 19.84 -107.76
CA ASN V 539 53.20 19.40 -108.53
C ASN V 539 54.48 19.34 -107.70
N GLY V 540 54.40 19.49 -106.38
CA GLY V 540 55.52 19.25 -105.50
C GLY V 540 56.56 20.34 -105.40
N TYR V 541 56.14 21.60 -105.53
CA TYR V 541 57.01 22.76 -105.37
C TYR V 541 56.89 23.39 -103.98
N ASN V 542 57.09 22.58 -102.94
CA ASN V 542 57.03 23.11 -101.59
C ASN V 542 58.20 24.03 -101.30
N ARG V 543 59.30 23.89 -102.03
CA ARG V 543 60.46 24.73 -101.80
C ARG V 543 60.27 26.09 -102.48
N PRO V 544 60.82 27.17 -101.92
CA PRO V 544 60.75 28.47 -102.61
C PRO V 544 61.59 28.47 -103.88
N LYS V 545 61.12 29.23 -104.86
CA LYS V 545 61.82 29.37 -106.13
C LYS V 545 61.32 30.61 -106.85
N PHE V 546 62.15 31.13 -107.75
CA PHE V 546 61.78 32.27 -108.58
C PHE V 546 61.14 31.80 -109.86
N GLY V 547 59.97 32.35 -110.18
CA GLY V 547 59.29 32.08 -111.43
C GLY V 547 58.31 30.94 -111.39
N ILE V 548 58.13 30.27 -110.26
CA ILE V 548 57.21 29.13 -110.21
C ILE V 548 55.76 29.62 -110.21
N ILE V 549 55.49 30.74 -109.55
CA ILE V 549 54.15 31.29 -109.44
C ILE V 549 54.24 32.80 -109.29
N GLU V 550 53.18 33.49 -109.67
CA GLU V 550 53.05 34.91 -109.36
C GLU V 550 53.18 35.12 -107.87
N GLY V 551 53.93 36.13 -107.48
CA GLY V 551 54.08 36.48 -106.08
C GLY V 551 55.52 36.73 -105.75
N ALA V 552 55.86 37.98 -105.44
CA ALA V 552 57.25 38.31 -105.17
C ALA V 552 57.81 37.52 -103.99
N LEU V 553 56.96 37.15 -103.04
CA LEU V 553 57.46 36.44 -101.87
C LEU V 553 57.51 34.93 -102.07
N SER V 554 57.05 34.42 -103.22
CA SER V 554 57.11 32.98 -103.44
C SER V 554 58.54 32.50 -103.61
N ALA V 555 59.48 33.42 -103.84
CA ALA V 555 60.87 33.03 -104.01
C ALA V 555 61.58 32.85 -102.68
N VAL V 556 60.96 33.29 -101.59
CA VAL V 556 61.51 33.16 -100.25
C VAL V 556 60.62 32.31 -99.35
N MET V 557 59.31 32.35 -99.60
CA MET V 557 58.31 31.65 -98.82
C MET V 557 58.00 30.31 -99.46
N ARG V 558 57.71 29.31 -98.63
CA ARG V 558 57.22 28.05 -99.15
C ARG V 558 55.74 28.18 -99.54
N PRO V 559 55.37 27.92 -100.78
CA PRO V 559 53.95 27.94 -101.14
C PRO V 559 53.20 26.80 -100.47
N THR V 560 52.02 27.10 -99.93
CA THR V 560 51.21 26.10 -99.27
C THR V 560 49.75 26.27 -99.67
N TYR V 561 49.11 25.16 -100.02
CA TYR V 561 47.70 25.16 -100.38
C TYR V 561 47.07 23.88 -99.89
N ARG V 562 45.99 23.98 -99.12
CA ARG V 562 45.25 22.83 -98.64
C ARG V 562 43.77 23.05 -98.92
N TYR V 563 43.12 22.05 -99.49
CA TYR V 563 41.70 22.10 -99.78
C TYR V 563 40.98 21.04 -98.96
N LYS V 564 39.96 21.46 -98.22
CA LYS V 564 39.12 20.56 -97.44
C LYS V 564 37.67 20.83 -97.77
N GLU V 565 36.94 19.77 -98.11
CA GLU V 565 35.51 19.86 -98.39
C GLU V 565 34.77 19.50 -97.11
N LEU V 566 33.94 20.41 -96.63
CA LEU V 566 33.22 20.23 -95.38
C LEU V 566 31.76 19.95 -95.65
N ASP V 567 31.32 18.73 -95.39
CA ASP V 567 29.90 18.39 -95.34
C ASP V 567 29.56 18.26 -93.87
N LEU V 568 28.86 19.28 -93.34
CA LEU V 568 28.72 19.41 -91.90
C LEU V 568 28.06 18.17 -91.27
N GLU V 569 27.25 17.44 -92.02
CA GLU V 569 26.63 16.25 -91.45
C GLU V 569 27.69 15.26 -91.01
N LYS V 570 28.82 15.21 -91.72
CA LYS V 570 29.91 14.30 -91.39
C LYS V 570 30.96 14.92 -90.48
N VAL V 571 30.75 16.15 -90.02
CA VAL V 571 31.74 16.85 -89.20
C VAL V 571 31.17 17.21 -87.83
N ILE V 572 29.92 17.67 -87.77
CA ILE V 572 29.40 18.18 -86.51
C ILE V 572 29.07 17.02 -85.57
N ASP V 573 29.39 17.19 -84.29
CA ASP V 573 28.87 16.33 -83.24
C ASP V 573 28.03 17.19 -82.31
N THR V 574 26.79 16.77 -82.10
CA THR V 574 25.83 17.54 -81.31
C THR V 574 24.88 16.61 -80.59
N ILE V 575 24.46 17.02 -79.40
CA ILE V 575 23.63 16.20 -78.53
C ILE V 575 22.23 16.77 -78.41
N LYS V 576 22.12 18.04 -78.10
CA LYS V 576 20.86 18.72 -77.92
C LYS V 576 20.78 19.95 -78.82
N SER V 577 19.57 20.30 -79.22
CA SER V 577 19.34 21.47 -80.05
C SER V 577 19.69 22.78 -79.37
N LYS V 578 19.65 22.83 -78.03
CA LYS V 578 20.03 24.05 -77.33
C LYS V 578 21.43 24.51 -77.73
N ASP V 579 22.32 23.57 -78.02
CA ASP V 579 23.71 23.87 -78.32
C ASP V 579 24.01 23.78 -79.81
N ARG V 580 22.97 23.69 -80.63
CA ARG V 580 23.18 23.43 -82.06
C ARG V 580 23.98 24.55 -82.71
N TRP V 581 23.69 25.79 -82.32
CA TRP V 581 24.42 26.92 -82.89
C TRP V 581 25.90 26.82 -82.55
N ASP V 582 26.20 26.57 -81.27
CA ASP V 582 27.60 26.50 -80.88
C ASP V 582 28.30 25.33 -81.54
N ASP V 583 27.59 24.23 -81.75
CA ASP V 583 28.19 23.06 -82.39
C ASP V 583 28.46 23.31 -83.86
N VAL V 584 27.56 24.00 -84.56
CA VAL V 584 27.84 24.33 -85.96
C VAL V 584 29.04 25.28 -86.06
N CYS V 585 29.05 26.33 -85.24
CA CYS V 585 30.13 27.30 -85.30
C CYS V 585 31.45 26.67 -84.89
N ALA V 586 31.43 25.86 -83.83
CA ALA V 586 32.66 25.23 -83.38
C ALA V 586 33.22 24.29 -84.44
N ALA V 587 32.36 23.52 -85.10
CA ALA V 587 32.84 22.56 -86.10
C ALA V 587 33.56 23.29 -87.23
N ILE V 588 33.00 24.41 -87.67
CA ILE V 588 33.62 25.14 -88.79
C ILE V 588 34.94 25.76 -88.35
N LEU V 589 34.94 26.42 -87.20
CA LEU V 589 36.16 27.06 -86.73
C LEU V 589 37.23 26.04 -86.36
N ASN V 590 36.82 24.91 -85.78
CA ASN V 590 37.79 23.88 -85.42
C ASN V 590 38.44 23.29 -86.65
N CYS V 591 37.65 23.13 -87.72
CA CYS V 591 38.23 22.65 -88.97
C CYS V 591 39.28 23.62 -89.50
N VAL V 592 39.01 24.94 -89.41
CA VAL V 592 40.02 25.89 -89.85
C VAL V 592 41.27 25.77 -88.99
N LYS V 593 41.11 25.67 -87.66
CA LYS V 593 42.28 25.51 -86.80
C LYS V 593 43.07 24.27 -87.16
N ALA V 594 42.37 23.15 -87.38
CA ALA V 594 43.04 21.89 -87.65
C ALA V 594 43.87 21.96 -88.92
N GLU V 595 43.36 22.63 -89.96
CA GLU V 595 44.12 22.71 -91.20
C GLU V 595 45.14 23.84 -91.17
N LEU V 596 44.82 24.94 -90.49
CA LEU V 596 45.73 26.08 -90.42
C LEU V 596 46.99 25.76 -89.61
N PHE V 597 46.83 25.07 -88.48
CA PHE V 597 47.99 24.79 -87.64
C PHE V 597 49.12 24.10 -88.41
N PRO V 598 48.91 22.98 -89.09
CA PRO V 598 50.04 22.37 -89.81
C PRO V 598 50.46 23.16 -91.03
N ALA V 599 49.55 23.91 -91.64
CA ALA V 599 49.92 24.76 -92.76
C ALA V 599 50.77 25.92 -92.30
N HIS V 600 50.44 26.50 -91.14
CA HIS V 600 51.28 27.55 -90.57
C HIS V 600 52.63 27.00 -90.17
N ARG V 601 52.66 25.82 -89.57
CA ARG V 601 53.93 25.15 -89.27
C ARG V 601 54.70 24.83 -90.54
N ASP V 602 54.04 24.23 -91.54
CA ASP V 602 54.75 23.76 -92.72
C ASP V 602 55.38 24.91 -93.48
N SER V 603 54.68 26.03 -93.57
CA SER V 603 55.21 27.21 -94.25
C SER V 603 56.19 27.93 -93.34
N ASN V 604 56.95 28.85 -93.94
CA ASN V 604 57.87 29.69 -93.18
C ASN V 604 57.38 31.13 -93.07
N ILE V 605 56.08 31.35 -92.86
CA ILE V 605 55.55 32.71 -92.92
C ILE V 605 56.13 33.56 -91.81
N GLU V 606 56.21 33.01 -90.60
CA GLU V 606 56.71 33.79 -89.49
C GLU V 606 58.13 34.26 -89.78
N ALA V 607 58.95 33.39 -90.36
CA ALA V 607 60.29 33.79 -90.79
C ALA V 607 60.23 34.87 -91.87
N ALA V 608 59.32 34.74 -92.84
CA ALA V 608 59.23 35.74 -93.89
C ALA V 608 58.84 37.10 -93.31
N PHE V 609 57.87 37.14 -92.40
CA PHE V 609 57.42 38.40 -91.87
C PHE V 609 58.47 38.99 -90.93
N ARG V 610 59.10 38.15 -90.10
CA ARG V 610 60.11 38.65 -89.18
C ARG V 610 61.31 39.20 -89.91
N VAL V 611 61.71 38.53 -91.00
CA VAL V 611 62.88 38.99 -91.74
C VAL V 611 62.53 40.19 -92.62
N ILE V 612 61.34 40.19 -93.21
CA ILE V 612 61.02 41.25 -94.16
C ILE V 612 60.58 42.53 -93.45
N SER V 613 59.71 42.40 -92.44
CA SER V 613 59.20 43.58 -91.75
C SER V 613 60.28 44.29 -90.96
N GLY V 614 61.29 43.54 -90.51
CA GLY V 614 62.28 44.08 -89.62
C GLY V 614 61.99 43.89 -88.15
N ASN V 615 60.79 43.47 -87.80
CA ASN V 615 60.43 43.23 -86.40
C ASN V 615 60.56 41.73 -86.12
N GLN V 616 61.54 41.38 -85.29
CA GLN V 616 61.82 39.98 -85.02
C GLN V 616 60.69 39.28 -84.27
N ASP V 617 59.67 40.02 -83.85
CA ASP V 617 58.46 39.44 -83.27
C ASP V 617 57.27 39.93 -84.08
N GLU V 618 56.96 39.19 -85.15
CA GLU V 618 55.93 39.59 -86.10
C GLU V 618 55.25 38.34 -86.62
N THR V 619 53.94 38.29 -86.47
CA THR V 619 53.16 37.18 -86.95
C THR V 619 52.08 37.66 -87.91
N PRO V 620 51.64 36.80 -88.83
CA PRO V 620 50.56 37.17 -89.73
C PRO V 620 49.22 37.26 -89.00
N MET V 621 48.35 38.12 -89.52
CA MET V 621 46.95 38.16 -89.11
C MET V 621 46.13 37.56 -90.24
N TYR V 622 45.45 36.47 -89.97
CA TYR V 622 44.72 35.76 -91.01
C TYR V 622 43.33 36.34 -91.20
N LEU V 623 42.91 36.39 -92.46
CA LEU V 623 41.57 36.83 -92.82
C LEU V 623 40.74 35.61 -93.20
N PHE V 624 39.52 35.56 -92.68
CA PHE V 624 38.56 34.56 -93.09
C PHE V 624 37.67 35.15 -94.17
N CYS V 625 37.94 34.79 -95.42
CA CYS V 625 37.22 35.33 -96.56
C CYS V 625 36.09 34.36 -96.91
N SER V 626 34.84 34.81 -96.75
CA SER V 626 33.70 33.93 -96.89
C SER V 626 32.53 34.73 -97.43
N ASP V 627 31.45 34.03 -97.78
CA ASP V 627 30.23 34.71 -98.19
C ASP V 627 29.41 35.05 -96.95
N LYS V 628 28.22 35.62 -97.16
CA LYS V 628 27.42 36.09 -96.04
C LYS V 628 26.94 34.92 -95.18
N GLU V 629 26.51 33.83 -95.80
CA GLU V 629 25.98 32.68 -95.09
C GLU V 629 26.98 32.08 -94.10
N ILE V 630 28.21 31.86 -94.56
CA ILE V 630 29.23 31.29 -93.68
C ILE V 630 29.68 32.32 -92.64
N ALA V 631 29.86 33.58 -93.06
CA ALA V 631 30.38 34.57 -92.12
C ALA V 631 29.48 34.68 -90.91
N ASN V 632 28.16 34.55 -91.09
CA ASN V 632 27.26 34.63 -89.95
C ASN V 632 27.56 33.57 -88.91
N TYR V 633 28.26 32.51 -89.29
CA TYR V 633 28.66 31.46 -88.34
C TYR V 633 30.06 31.66 -87.76
N LEU V 634 30.79 32.70 -88.14
CA LEU V 634 32.14 32.88 -87.61
C LEU V 634 32.17 33.90 -86.49
N MET V 635 31.32 34.93 -86.55
CA MET V 635 31.32 35.99 -85.53
C MET V 635 30.58 35.46 -84.32
N THR V 636 31.30 34.76 -83.43
CA THR V 636 30.70 34.17 -82.23
C THR V 636 31.03 34.91 -80.96
N LYS V 637 32.07 35.75 -80.96
CA LYS V 637 32.50 36.46 -79.76
C LYS V 637 32.59 37.93 -80.07
N GLY V 638 32.59 38.78 -79.04
CA GLY V 638 32.68 40.21 -79.26
C GLY V 638 34.00 40.54 -79.88
N ASP V 639 35.10 40.18 -79.22
CA ASP V 639 36.45 40.47 -79.73
C ASP V 639 37.51 39.38 -79.50
N ASP V 640 37.12 38.14 -79.19
CA ASP V 640 38.08 37.05 -78.98
C ASP V 640 38.53 36.45 -80.31
N ARG V 641 39.26 37.27 -81.08
CA ARG V 641 39.65 36.87 -82.43
C ARG V 641 41.01 36.15 -82.42
N THR V 642 41.06 34.99 -81.77
CA THR V 642 42.33 34.29 -81.57
C THR V 642 42.23 32.87 -82.10
N LEU V 643 43.26 32.44 -82.82
CA LEU V 643 43.43 31.04 -83.19
C LEU V 643 44.62 30.46 -82.41
N GLY V 644 44.47 29.22 -81.96
CA GLY V 644 45.51 28.57 -81.19
C GLY V 644 45.93 29.30 -79.93
N ALA V 645 47.23 29.58 -79.82
CA ALA V 645 47.76 30.24 -78.65
C ALA V 645 47.94 31.74 -78.80
N TYR V 646 48.23 32.23 -80.01
CA TYR V 646 48.63 33.62 -80.17
C TYR V 646 48.17 34.22 -81.49
N LEU V 647 47.84 33.38 -82.46
CA LEU V 647 47.48 33.88 -83.78
C LEU V 647 46.14 34.62 -83.73
N LYS V 648 46.06 35.70 -84.50
CA LYS V 648 44.85 36.50 -84.60
C LYS V 648 44.26 36.36 -86.00
N TYR V 649 42.96 36.64 -86.10
CA TYR V 649 42.28 36.58 -87.39
C TYR V 649 41.26 37.71 -87.46
N ASP V 650 40.77 37.97 -88.67
CA ASP V 650 39.65 38.87 -88.87
C ASP V 650 38.70 38.30 -89.90
N ILE V 651 37.44 38.73 -89.85
CA ILE V 651 36.40 38.15 -90.68
C ILE V 651 35.97 39.17 -91.71
N VAL V 652 36.04 38.80 -92.99
CA VAL V 652 35.61 39.67 -94.08
C VAL V 652 34.68 38.87 -94.99
N SER V 653 33.60 39.50 -95.43
CA SER V 653 32.57 38.83 -96.20
C SER V 653 32.36 39.52 -97.54
N THR V 654 31.88 38.75 -98.52
CA THR V 654 31.54 39.29 -99.83
C THR V 654 30.17 38.78 -100.25
N ASN V 655 29.50 39.54 -101.11
CA ASN V 655 28.24 39.14 -101.70
C ASN V 655 28.40 38.66 -103.14
N ASN V 656 29.64 38.50 -103.59
CA ASN V 656 29.89 38.09 -104.97
C ASN V 656 29.41 36.67 -105.21
N GLN V 657 28.57 36.48 -106.24
CA GLN V 657 28.06 35.16 -106.51
C GLN V 657 29.19 34.16 -106.73
N LEU V 658 30.33 34.62 -107.23
CA LEU V 658 31.42 33.70 -107.54
C LEU V 658 32.06 33.11 -106.30
N PHE V 659 31.74 33.64 -105.12
CA PHE V 659 32.35 33.22 -103.88
C PHE V 659 31.42 32.44 -102.97
N ASP V 660 30.24 32.05 -103.45
CA ASP V 660 29.27 31.40 -102.58
C ASP V 660 29.82 30.09 -102.04
N GLY V 661 29.57 29.84 -100.75
CA GLY V 661 29.90 28.56 -100.17
C GLY V 661 31.38 28.32 -99.97
N LYS V 662 32.18 29.37 -99.89
CA LYS V 662 33.62 29.26 -99.76
C LYS V 662 34.07 29.95 -98.48
N LEU V 663 35.15 29.42 -97.90
CA LEU V 663 35.90 30.15 -96.89
C LEU V 663 37.38 29.96 -97.22
N VAL V 664 38.09 31.07 -97.41
CA VAL V 664 39.50 31.05 -97.76
C VAL V 664 40.26 31.83 -96.70
N VAL V 665 41.31 31.22 -96.16
CA VAL V 665 42.11 31.81 -95.08
C VAL V 665 43.43 32.28 -95.67
N ILE V 666 43.70 33.57 -95.55
CA ILE V 666 44.93 34.15 -96.09
C ILE V 666 45.58 35.03 -95.03
N PRO V 667 46.91 35.06 -94.94
CA PRO V 667 47.58 35.96 -94.02
C PRO V 667 47.71 37.36 -94.58
N THR V 668 47.70 38.34 -93.67
CA THR V 668 48.18 39.67 -94.02
C THR V 668 48.85 40.27 -92.79
N ARG V 669 49.66 41.30 -93.01
CA ARG V 669 50.29 42.01 -91.91
C ARG V 669 49.26 42.66 -91.01
N ALA V 670 49.43 42.48 -89.70
CA ALA V 670 48.45 42.97 -88.74
C ALA V 670 48.22 44.47 -88.89
N VAL V 671 49.27 45.22 -89.19
CA VAL V 671 49.20 46.65 -89.48
C VAL V 671 49.63 46.87 -90.91
N GLN V 672 48.75 47.46 -91.71
CA GLN V 672 49.00 47.65 -93.12
C GLN V 672 49.75 48.95 -93.36
N GLN V 673 50.81 48.89 -94.14
CA GLN V 673 51.56 50.07 -94.57
C GLN V 673 51.31 50.33 -96.05
N GLU V 674 51.60 51.55 -96.47
CA GLU V 674 51.47 51.90 -97.88
C GLU V 674 52.45 51.08 -98.71
N ASN V 675 51.93 50.47 -99.78
CA ASN V 675 52.74 49.66 -100.68
C ASN V 675 53.53 48.59 -99.92
N ASP V 676 52.85 47.94 -98.98
CA ASP V 676 53.48 46.94 -98.13
C ASP V 676 53.49 45.60 -98.84
N ILE V 677 54.69 45.06 -99.07
CA ILE V 677 54.80 43.78 -99.77
C ILE V 677 54.13 42.66 -99.00
N LEU V 678 54.04 42.78 -97.68
CA LEU V 678 53.56 41.68 -96.86
C LEU V 678 52.04 41.55 -96.87
N SER V 679 51.33 42.38 -97.61
CA SER V 679 49.92 42.13 -97.83
C SER V 679 49.74 40.96 -98.78
N TRP V 680 48.70 40.16 -98.55
CA TRP V 680 48.45 39.02 -99.41
C TRP V 680 48.41 39.43 -100.88
N GLY V 681 47.74 40.53 -101.17
CA GLY V 681 47.80 41.12 -102.48
C GLY V 681 47.79 42.62 -102.39
N GLN V 682 47.90 43.27 -103.53
CA GLN V 682 47.93 44.71 -103.63
C GLN V 682 47.01 45.13 -104.76
N PHE V 683 46.37 46.28 -104.62
CA PHE V 683 45.61 46.90 -105.70
C PHE V 683 46.33 48.16 -106.14
N PHE V 684 46.84 48.17 -107.37
CA PHE V 684 47.52 49.33 -107.90
C PHE V 684 46.55 50.15 -108.74
N TYR V 685 46.22 51.35 -108.26
CA TYR V 685 45.19 52.19 -108.86
C TYR V 685 45.82 53.42 -109.48
N VAL V 686 45.51 53.65 -110.74
CA VAL V 686 45.85 54.91 -111.40
C VAL V 686 44.57 55.67 -111.65
N SER V 687 44.60 56.99 -111.54
CA SER V 687 43.39 57.80 -111.67
C SER V 687 42.60 57.43 -112.91
N THR V 688 41.28 57.34 -112.75
CA THR V 688 40.38 56.98 -113.83
C THR V 688 39.95 58.24 -114.57
N VAL V 689 39.99 58.18 -115.89
CA VAL V 689 39.68 59.34 -116.74
C VAL V 689 38.32 59.15 -117.38
N ILE V 690 37.54 60.23 -117.42
CA ILE V 690 36.28 60.29 -118.13
C ILE V 690 36.43 61.32 -119.26
N ALA V 691 36.20 60.89 -120.50
CA ALA V 691 36.33 61.76 -121.66
C ALA V 691 35.08 61.65 -122.52
N ASP V 692 34.69 62.77 -123.13
CA ASP V 692 33.52 62.82 -124.00
C ASP V 692 33.75 63.74 -125.18
N LEU V 693 33.15 63.40 -126.32
CA LEU V 693 33.07 64.28 -127.48
C LEU V 693 32.15 63.66 -128.52
N PRO V 694 31.50 64.45 -129.37
CA PRO V 694 30.72 63.88 -130.48
C PRO V 694 31.56 62.98 -131.37
N ILE V 695 31.07 61.76 -131.60
CA ILE V 695 31.75 60.77 -132.43
C ILE V 695 30.76 60.32 -133.49
N THR V 696 31.19 60.32 -134.75
CA THR V 696 30.38 59.82 -135.85
C THR V 696 30.70 58.34 -136.03
N ARG V 697 30.22 57.52 -135.11
CA ARG V 697 30.59 56.11 -135.09
C ARG V 697 29.75 55.36 -136.13
N GLY V 698 30.45 54.74 -137.08
CA GLY V 698 29.81 54.12 -138.22
C GLY V 698 29.71 54.99 -139.45
N GLY V 699 30.02 56.29 -139.30
CA GLY V 699 29.99 57.19 -140.45
C GLY V 699 28.59 57.63 -140.86
N HIS V 700 27.58 57.30 -140.06
CA HIS V 700 26.22 57.63 -140.44
C HIS V 700 25.44 58.30 -139.31
N GLN V 701 25.83 58.08 -138.06
CA GLN V 701 25.14 58.66 -136.93
C GLN V 701 26.16 59.25 -135.97
N VAL V 702 25.81 60.41 -135.39
CA VAL V 702 26.67 61.10 -134.44
C VAL V 702 26.00 61.00 -133.07
N THR V 703 26.77 60.60 -132.06
CA THR V 703 26.32 60.55 -130.69
C THR V 703 27.37 61.15 -129.78
N ARG V 704 26.96 61.53 -128.57
CA ARG V 704 27.90 61.98 -127.56
C ARG V 704 28.19 60.82 -126.62
N GLU V 705 29.45 60.37 -126.62
CA GLU V 705 29.86 59.19 -125.86
C GLU V 705 30.72 59.64 -124.68
N ILE V 706 30.18 59.46 -123.47
CA ILE V 706 30.91 59.79 -122.25
C ILE V 706 31.46 58.49 -121.68
N ALA V 707 32.78 58.30 -121.79
CA ALA V 707 33.38 57.01 -121.50
C ALA V 707 34.32 57.15 -120.31
N ALA V 708 34.28 56.17 -119.40
CA ALA V 708 35.21 56.07 -118.29
C ALA V 708 36.17 54.92 -118.56
N ILE V 709 37.47 55.19 -118.48
CA ILE V 709 38.48 54.19 -118.81
C ILE V 709 39.24 53.75 -117.55
N PRO V 710 39.03 52.54 -117.06
CA PRO V 710 39.79 52.08 -115.88
C PRO V 710 41.27 51.87 -116.22
N PHE V 711 42.10 51.98 -115.19
CA PHE V 711 43.55 51.87 -115.34
C PHE V 711 44.06 51.40 -113.97
N ASN V 712 44.07 50.08 -113.78
CA ASN V 712 44.51 49.54 -112.50
C ASN V 712 44.90 48.07 -112.66
N LEU V 713 45.50 47.52 -111.61
CA LEU V 713 45.99 46.15 -111.61
C LEU V 713 45.89 45.57 -110.21
N HIS V 714 45.45 44.31 -110.13
CA HIS V 714 45.52 43.52 -108.91
C HIS V 714 46.71 42.58 -109.02
N VAL V 715 47.48 42.45 -107.93
CA VAL V 715 48.57 41.47 -107.89
C VAL V 715 48.49 40.69 -106.58
N ASN V 716 48.99 39.46 -106.61
CA ASN V 716 49.16 38.64 -105.42
C ASN V 716 50.62 38.53 -105.04
N ASN V 717 50.91 38.65 -103.75
CA ASN V 717 52.26 38.58 -103.22
C ASN V 717 52.54 37.29 -102.47
N ILE V 718 51.61 36.87 -101.61
CA ILE V 718 51.86 35.74 -100.72
C ILE V 718 51.19 34.49 -101.31
N PRO V 719 51.94 33.42 -101.56
CA PRO V 719 51.32 32.21 -102.14
C PRO V 719 50.50 31.40 -101.14
N PHE V 720 50.55 31.69 -99.84
CA PHE V 720 49.82 30.88 -98.87
C PHE V 720 48.33 31.14 -98.99
N ALA V 721 47.55 30.05 -99.01
CA ALA V 721 46.10 30.12 -98.90
C ALA V 721 45.56 28.76 -98.48
N LEU V 722 44.47 28.78 -97.73
CA LEU V 722 43.70 27.58 -97.41
C LEU V 722 42.28 27.76 -97.92
N GLU V 723 41.78 26.77 -98.66
CA GLU V 723 40.46 26.88 -99.26
C GLU V 723 39.53 25.85 -98.64
N PHE V 724 38.38 26.30 -98.16
CA PHE V 724 37.38 25.43 -97.57
C PHE V 724 36.10 25.54 -98.37
N LYS V 725 35.45 24.40 -98.62
CA LYS V 725 34.13 24.37 -99.23
C LYS V 725 33.15 23.87 -98.17
N ILE V 726 32.32 24.77 -97.67
CA ILE V 726 31.48 24.50 -96.50
C ILE V 726 30.02 24.44 -96.94
N THR V 727 29.42 23.27 -96.80
CA THR V 727 28.04 23.05 -97.23
C THR V 727 27.34 22.17 -96.20
N GLY V 728 26.02 22.18 -96.23
CA GLY V 728 25.27 21.29 -95.36
C GLY V 728 24.60 21.94 -94.17
N PHE V 729 24.59 23.27 -94.13
CA PHE V 729 24.03 23.98 -92.99
C PHE V 729 22.58 23.54 -92.72
N GLN V 730 21.79 23.39 -93.78
CA GLN V 730 20.35 23.23 -93.60
C GLN V 730 20.01 21.84 -93.10
N LYS V 731 20.76 20.84 -93.53
CA LYS V 731 20.46 19.46 -93.23
C LYS V 731 21.07 19.03 -91.89
N VAL V 732 21.82 19.91 -91.23
CA VAL V 732 22.28 19.65 -89.88
C VAL V 732 21.58 20.51 -88.83
N MET V 733 21.14 21.71 -89.18
CA MET V 733 20.39 22.55 -88.25
C MET V 733 18.88 22.33 -88.34
N GLY V 734 18.37 21.92 -89.48
CA GLY V 734 16.94 21.73 -89.63
C GLY V 734 16.48 20.31 -89.41
N GLU V 735 17.38 19.44 -88.94
CA GLU V 735 17.07 18.03 -88.78
C GLU V 735 17.57 17.56 -87.43
N THR V 736 17.04 16.43 -86.99
CA THR V 736 17.56 15.73 -85.82
C THR V 736 18.89 15.07 -86.18
N GLN V 737 19.89 15.28 -85.34
CA GLN V 737 21.19 14.66 -85.53
C GLN V 737 21.49 13.58 -84.50
N PHE V 738 20.78 13.55 -83.37
CA PHE V 738 21.11 12.59 -82.35
C PHE V 738 19.98 11.61 -82.08
N ASN V 739 18.81 12.12 -81.67
CA ASN V 739 17.71 11.24 -81.32
C ASN V 739 17.19 10.51 -82.55
N GLY V 740 17.22 11.16 -83.71
CA GLY V 740 16.80 10.50 -84.92
C GLY V 740 17.63 9.28 -85.24
N LYS V 741 18.94 9.34 -84.97
CA LYS V 741 19.79 8.19 -85.22
C LYS V 741 19.47 7.04 -84.26
N LEU V 742 19.18 7.35 -82.99
CA LEU V 742 18.78 6.29 -82.07
C LEU V 742 17.48 5.64 -82.52
N ALA V 743 16.57 6.43 -83.09
CA ALA V 743 15.35 5.86 -83.65
C ALA V 743 15.65 4.89 -84.80
N ASP V 744 16.67 5.21 -85.60
CA ASP V 744 16.98 4.33 -86.73
C ASP V 744 17.51 2.98 -86.24
N LEU V 745 18.10 2.94 -85.04
CA LEU V 745 18.56 1.69 -84.47
C LEU V 745 17.40 0.82 -84.03
N LYS V 746 16.20 1.38 -83.99
CA LYS V 746 15.09 0.60 -83.50
C LYS V 746 14.76 -0.52 -84.48
N PRO V 747 14.70 -1.76 -84.00
CA PRO V 747 14.36 -2.93 -84.81
C PRO V 747 13.04 -2.74 -85.57
N ASN W 164 -82.22 78.76 -130.84
CA ASN W 164 -83.27 77.86 -131.30
C ASN W 164 -84.65 78.41 -130.99
N TYR W 165 -85.69 77.69 -131.41
CA TYR W 165 -87.04 78.06 -131.03
C TYR W 165 -87.28 77.85 -129.56
N ASN W 166 -86.80 76.74 -129.01
CA ASN W 166 -86.99 76.39 -127.61
C ASN W 166 -85.64 76.20 -126.94
N GLU W 167 -85.26 77.13 -126.08
CA GLU W 167 -83.98 77.05 -125.38
C GLU W 167 -84.19 76.72 -123.90
N LYS W 168 -85.13 75.83 -123.65
CA LYS W 168 -85.33 75.35 -122.28
C LYS W 168 -84.03 74.77 -121.74
N SER W 169 -83.65 75.22 -120.55
CA SER W 169 -82.33 74.95 -120.02
C SER W 169 -82.14 73.46 -119.74
N GLN W 170 -80.99 72.93 -120.13
CA GLN W 170 -80.58 71.58 -119.75
C GLN W 170 -79.17 71.49 -119.19
N ARG W 171 -78.28 72.42 -119.53
CA ARG W 171 -76.87 72.24 -119.20
C ARG W 171 -76.57 72.66 -117.76
N ASP W 172 -77.29 73.65 -117.26
CA ASP W 172 -77.03 74.23 -115.94
C ASP W 172 -78.03 73.69 -114.94
N PHE W 173 -77.53 73.33 -113.76
CA PHE W 173 -78.40 72.90 -112.67
C PHE W 173 -77.93 73.55 -111.39
N ARG W 174 -78.83 73.66 -110.42
CA ARG W 174 -78.41 74.05 -109.09
C ARG W 174 -77.77 72.88 -108.38
N VAL W 175 -76.55 73.07 -107.90
CA VAL W 175 -75.75 71.99 -107.34
C VAL W 175 -75.66 72.18 -105.83
N VAL W 176 -75.98 71.12 -105.09
CA VAL W 176 -75.91 71.12 -103.65
C VAL W 176 -74.93 70.04 -103.22
N THR W 177 -74.06 70.38 -102.27
CA THR W 177 -73.05 69.48 -101.74
C THR W 177 -73.58 68.91 -100.44
N ILE W 178 -73.57 67.60 -100.30
CA ILE W 178 -74.09 66.95 -99.11
C ILE W 178 -72.96 66.72 -98.12
N GLY W 179 -73.21 67.05 -96.86
CA GLY W 179 -72.22 66.90 -95.82
C GLY W 179 -71.83 65.47 -95.55
N TYR W 180 -70.59 65.24 -95.12
CA TYR W 180 -70.10 63.91 -94.79
C TYR W 180 -69.15 64.01 -93.61
N ASN W 181 -69.70 63.95 -92.41
CA ASN W 181 -68.95 64.25 -91.19
C ASN W 181 -69.02 63.07 -90.25
N LEU W 182 -67.98 62.23 -90.26
CA LEU W 182 -67.95 61.02 -89.48
C LEU W 182 -67.07 61.23 -88.26
N ALA W 183 -67.44 60.63 -87.15
CA ALA W 183 -66.65 60.73 -85.92
C ALA W 183 -66.89 59.50 -85.07
N ALA W 184 -65.91 59.19 -84.21
CA ALA W 184 -66.06 58.15 -83.21
C ALA W 184 -65.13 58.43 -82.04
N SER W 185 -65.60 58.08 -80.83
CA SER W 185 -64.76 58.14 -79.65
C SER W 185 -63.88 56.89 -79.60
N ARG W 186 -62.94 56.84 -78.65
CA ARG W 186 -62.02 55.70 -78.56
C ARG W 186 -62.74 54.37 -78.70
N GLN W 187 -63.90 54.24 -78.06
CA GLN W 187 -64.83 53.16 -78.35
C GLN W 187 -66.22 53.62 -77.96
N ASP W 188 -67.23 52.98 -78.53
CA ASP W 188 -68.60 53.41 -78.35
C ASP W 188 -68.99 53.39 -76.87
N GLU W 189 -70.00 54.18 -76.53
CA GLU W 189 -70.44 54.25 -75.14
C GLU W 189 -70.82 52.86 -74.64
N PHE W 190 -71.39 52.03 -75.51
CA PHE W 190 -71.70 50.66 -75.16
C PHE W 190 -70.44 49.91 -74.75
N ALA W 191 -69.40 49.97 -75.58
CA ALA W 191 -68.16 49.30 -75.26
C ALA W 191 -67.47 49.94 -74.05
N GLU W 192 -67.56 51.25 -73.92
CA GLU W 192 -66.86 51.95 -72.84
C GLU W 192 -67.48 51.63 -71.50
N ARG W 193 -68.82 51.59 -71.43
CA ARG W 193 -69.47 51.28 -70.17
C ARG W 193 -69.18 49.85 -69.74
N ILE W 194 -69.09 48.92 -70.70
CA ILE W 194 -68.83 47.53 -70.34
C ILE W 194 -67.34 47.28 -70.13
N TYR W 195 -66.52 47.86 -71.01
CA TYR W 195 -65.06 47.69 -70.95
C TYR W 195 -64.41 49.06 -70.77
N PRO W 196 -64.44 49.65 -69.58
CA PRO W 196 -63.86 50.98 -69.42
C PRO W 196 -62.40 51.01 -69.82
N THR W 197 -61.98 52.14 -70.38
CA THR W 197 -60.64 52.29 -70.93
C THR W 197 -59.63 52.42 -69.79
N THR W 198 -58.54 51.64 -69.89
CA THR W 198 -57.39 51.79 -69.04
C THR W 198 -56.16 52.00 -69.91
N VAL W 199 -55.37 53.02 -69.62
CA VAL W 199 -54.20 53.34 -70.44
C VAL W 199 -53.02 52.51 -69.97
N ILE W 200 -52.40 51.80 -70.91
CA ILE W 200 -51.27 50.92 -70.65
C ILE W 200 -50.07 51.47 -71.41
N ASN W 201 -48.94 51.61 -70.72
CA ASN W 201 -47.75 52.12 -71.38
C ASN W 201 -47.27 51.14 -72.44
N PRO W 202 -46.87 51.64 -73.61
CA PRO W 202 -46.37 50.74 -74.65
C PRO W 202 -45.11 50.00 -74.23
N ILE W 203 -44.38 50.49 -73.23
CA ILE W 203 -43.22 49.78 -72.73
C ILE W 203 -43.64 48.48 -72.04
N GLU W 204 -44.86 48.44 -71.50
CA GLU W 204 -45.32 47.24 -70.82
C GLU W 204 -46.05 46.31 -71.77
N GLY W 205 -47.02 46.82 -72.51
CA GLY W 205 -47.77 46.01 -73.44
C GLY W 205 -48.65 44.93 -72.85
N GLY W 206 -49.15 45.14 -71.63
CA GLY W 206 -50.01 44.16 -71.01
C GLY W 206 -50.19 44.31 -69.51
N VAL W 207 -51.00 43.46 -68.90
CA VAL W 207 -51.33 43.54 -67.48
C VAL W 207 -51.28 42.16 -66.86
N VAL W 208 -50.88 42.10 -65.59
CA VAL W 208 -50.88 40.89 -64.78
C VAL W 208 -51.83 41.11 -63.62
N GLN W 209 -52.72 40.15 -63.39
CA GLN W 209 -53.72 40.26 -62.32
C GLN W 209 -53.38 39.28 -61.21
N VAL W 210 -53.05 39.80 -60.04
CA VAL W 210 -52.58 39.00 -58.91
C VAL W 210 -53.68 39.00 -57.84
N LEU W 211 -54.19 37.82 -57.50
CA LEU W 211 -55.33 37.68 -56.58
C LEU W 211 -54.89 37.04 -55.27
N PRO W 212 -54.69 37.81 -54.20
CA PRO W 212 -54.49 37.21 -52.89
C PRO W 212 -55.80 36.75 -52.26
N TYR W 213 -55.72 35.68 -51.47
CA TYR W 213 -56.85 35.30 -50.62
C TYR W 213 -56.42 34.34 -49.53
N ILE W 214 -57.33 34.10 -48.59
CA ILE W 214 -57.12 33.12 -47.52
C ILE W 214 -57.85 31.83 -47.89
N ALA W 215 -57.16 30.71 -47.79
CA ALA W 215 -57.74 29.42 -48.12
C ALA W 215 -58.03 28.63 -46.85
N VAL W 216 -59.17 27.96 -46.82
CA VAL W 216 -59.52 27.09 -45.70
C VAL W 216 -59.07 25.69 -46.04
N MET W 217 -58.29 25.09 -45.15
CA MET W 217 -57.76 23.76 -45.37
C MET W 217 -58.27 22.82 -44.29
N LYS W 218 -58.45 21.56 -44.66
CA LYS W 218 -58.73 20.54 -43.68
C LYS W 218 -57.42 20.04 -43.07
N ASP W 219 -57.51 19.44 -41.88
CA ASP W 219 -56.34 18.85 -41.24
C ASP W 219 -56.13 17.43 -41.75
N VAL W 220 -55.36 17.29 -42.83
CA VAL W 220 -55.28 16.01 -43.55
C VAL W 220 -53.82 15.66 -43.76
N TYR W 221 -53.48 14.40 -43.50
CA TYR W 221 -52.14 13.87 -43.74
C TYR W 221 -51.99 13.50 -45.21
N HIS W 222 -50.76 13.58 -45.70
CA HIS W 222 -50.49 13.15 -47.07
C HIS W 222 -50.60 11.64 -47.19
N GLU W 223 -51.16 11.16 -48.29
CA GLU W 223 -51.30 9.73 -48.46
C GLU W 223 -50.04 9.12 -49.05
N VAL W 224 -49.84 7.84 -48.77
CA VAL W 224 -48.70 7.12 -49.33
C VAL W 224 -48.89 6.90 -50.83
N SER W 225 -50.10 6.52 -51.25
CA SER W 225 -50.33 6.19 -52.65
C SER W 225 -51.32 7.13 -53.33
N GLY W 226 -51.60 8.28 -52.74
CA GLY W 226 -52.57 9.18 -53.30
C GLY W 226 -52.15 9.83 -54.59
N VAL W 227 -53.11 10.06 -55.48
CA VAL W 227 -52.83 10.81 -56.71
C VAL W 227 -52.69 12.29 -56.39
N LYS W 228 -53.46 12.81 -55.45
CA LYS W 228 -53.35 14.21 -55.06
C LYS W 228 -53.79 14.41 -53.62
N MET W 229 -53.26 15.41 -52.92
CA MET W 229 -53.65 15.65 -51.52
C MET W 229 -55.14 15.89 -51.34
N ASP W 230 -55.81 15.02 -50.59
CA ASP W 230 -57.28 15.08 -50.49
C ASP W 230 -57.62 16.04 -49.39
N ASN W 231 -57.56 17.32 -49.68
CA ASN W 231 -57.76 18.31 -48.66
C ASN W 231 -58.58 19.40 -49.28
N GLU W 232 -59.89 19.35 -49.07
CA GLU W 232 -60.76 20.39 -49.59
C GLU W 232 -60.20 21.78 -49.32
N GLU W 233 -59.51 22.34 -50.31
CA GLU W 233 -59.01 23.71 -50.15
C GLU W 233 -59.95 24.65 -50.89
N VAL W 234 -60.56 25.57 -50.15
CA VAL W 234 -61.54 26.46 -50.75
C VAL W 234 -61.19 27.89 -50.35
N ASN W 235 -61.66 28.85 -51.14
CA ASN W 235 -61.46 30.24 -50.77
C ASN W 235 -62.29 30.58 -49.54
N MET W 236 -61.70 31.39 -48.66
CA MET W 236 -62.44 31.83 -47.48
C MET W 236 -63.70 32.60 -47.85
N VAL W 237 -63.73 33.21 -49.04
CA VAL W 237 -64.92 33.95 -49.45
C VAL W 237 -66.12 33.02 -49.57
N GLU W 238 -65.87 31.74 -49.82
CA GLU W 238 -66.96 30.76 -49.91
C GLU W 238 -67.73 30.67 -48.60
N ALA W 239 -67.10 30.97 -47.48
CA ALA W 239 -67.77 30.82 -46.19
C ALA W 239 -68.94 31.77 -46.05
N TYR W 240 -68.99 32.83 -46.86
CA TYR W 240 -70.12 33.75 -46.78
C TYR W 240 -71.38 33.14 -47.41
N ARG W 241 -71.21 32.27 -48.40
CA ARG W 241 -72.37 31.67 -49.05
C ARG W 241 -72.71 30.32 -48.43
N ASP W 242 -71.71 29.56 -48.03
CA ASP W 242 -71.91 28.23 -47.44
C ASP W 242 -71.04 28.14 -46.20
N PRO W 243 -71.48 28.71 -45.09
CA PRO W 243 -70.62 28.77 -43.90
C PRO W 243 -70.29 27.39 -43.36
N SER W 244 -71.04 26.37 -43.77
CA SER W 244 -70.83 25.03 -43.23
C SER W 244 -69.44 24.49 -43.54
N ILE W 245 -68.72 25.07 -44.50
CA ILE W 245 -67.37 24.60 -44.80
C ILE W 245 -66.46 24.80 -43.60
N LEU W 246 -66.89 25.64 -42.65
CA LEU W 246 -66.10 25.91 -41.47
C LEU W 246 -66.44 25.01 -40.28
N ASP W 247 -67.50 24.22 -40.35
CA ASP W 247 -67.91 23.49 -39.16
C ASP W 247 -66.84 22.49 -38.77
N ASP W 248 -66.66 22.32 -37.47
CA ASP W 248 -65.74 21.32 -36.95
C ASP W 248 -66.25 20.79 -35.62
N GLU W 249 -66.42 19.47 -35.57
CA GLU W 249 -66.84 18.78 -34.36
C GLU W 249 -65.79 17.81 -33.83
N SER W 250 -64.52 18.02 -34.17
CA SER W 250 -63.48 17.06 -33.82
C SER W 250 -63.33 16.88 -32.32
N ILE W 251 -63.73 17.89 -31.55
CA ILE W 251 -63.61 17.78 -30.10
C ILE W 251 -64.68 16.88 -29.49
N ALA W 252 -65.68 16.49 -30.26
CA ALA W 252 -66.77 15.68 -29.74
C ALA W 252 -66.26 14.33 -29.23
N LEU W 253 -66.88 13.88 -28.15
CA LEU W 253 -66.58 12.58 -27.54
C LEU W 253 -67.65 11.59 -27.97
N ILE W 254 -67.29 10.68 -28.87
CA ILE W 254 -68.26 9.74 -29.42
C ILE W 254 -67.81 8.32 -29.07
N PRO W 255 -68.58 7.58 -28.29
CA PRO W 255 -68.19 6.19 -27.99
C PRO W 255 -67.94 5.42 -29.27
N ALA W 256 -66.85 4.65 -29.28
CA ALA W 256 -66.40 3.99 -30.48
C ALA W 256 -66.16 2.51 -30.24
N LEU W 257 -66.45 1.70 -31.23
CA LEU W 257 -66.19 0.26 -31.14
C LEU W 257 -64.73 0.00 -31.46
N ASP W 258 -64.09 -0.83 -30.66
CA ASP W 258 -62.77 -1.34 -31.03
C ASP W 258 -62.94 -2.30 -32.19
N PRO W 259 -62.29 -2.07 -33.32
CA PRO W 259 -62.38 -3.04 -34.43
C PRO W 259 -62.04 -4.45 -33.99
N ALA W 260 -61.24 -4.61 -32.94
CA ALA W 260 -60.91 -5.95 -32.46
C ALA W 260 -62.04 -6.56 -31.65
N GLY W 261 -63.03 -5.75 -31.26
CA GLY W 261 -64.11 -6.22 -30.42
C GLY W 261 -63.82 -6.26 -28.94
N SER W 262 -62.77 -5.57 -28.48
CA SER W 262 -62.38 -5.67 -27.09
C SER W 262 -63.39 -4.99 -26.17
N ASN W 263 -64.03 -3.92 -26.65
CA ASN W 263 -64.94 -3.13 -25.84
C ASN W 263 -66.38 -3.25 -26.30
N ALA W 264 -66.69 -4.28 -27.10
CA ALA W 264 -68.04 -4.41 -27.65
C ALA W 264 -69.09 -4.59 -26.58
N ASP W 265 -68.74 -5.14 -25.42
CA ASP W 265 -69.76 -5.41 -24.40
C ASP W 265 -70.32 -4.14 -23.78
N PHE W 266 -69.73 -2.98 -24.05
CA PHE W 266 -70.29 -1.75 -23.50
C PHE W 266 -71.44 -1.22 -24.36
N PHE W 267 -71.64 -1.79 -25.54
CA PHE W 267 -72.55 -1.21 -26.52
C PHE W 267 -73.81 -2.06 -26.65
N VAL W 268 -74.83 -1.46 -27.25
CA VAL W 268 -76.10 -2.13 -27.50
C VAL W 268 -75.86 -3.28 -28.45
N ASP W 269 -76.70 -4.32 -28.35
CA ASP W 269 -76.55 -5.47 -29.21
C ASP W 269 -76.77 -5.07 -30.66
N PRO W 270 -75.79 -5.27 -31.55
CA PRO W 270 -76.00 -4.89 -32.96
C PRO W 270 -77.26 -5.48 -33.55
N ALA W 271 -77.74 -6.60 -33.02
CA ALA W 271 -78.95 -7.21 -33.55
C ALA W 271 -80.15 -6.27 -33.43
N LEU W 272 -80.18 -5.47 -32.37
CA LEU W 272 -81.29 -4.53 -32.20
C LEU W 272 -81.00 -3.18 -32.84
N VAL W 273 -79.77 -2.69 -32.70
CA VAL W 273 -79.37 -1.40 -33.23
C VAL W 273 -78.05 -1.58 -33.96
N PRO W 274 -78.03 -1.55 -35.29
CA PRO W 274 -76.78 -1.77 -36.01
C PRO W 274 -75.85 -0.58 -35.84
N PRO W 275 -74.53 -0.82 -35.89
CA PRO W 275 -73.58 0.29 -35.81
C PRO W 275 -73.57 1.10 -37.10
N TYR W 276 -73.06 2.33 -37.00
CA TYR W 276 -72.84 3.19 -38.15
C TYR W 276 -71.51 3.91 -38.01
N THR W 277 -70.94 4.32 -39.14
CA THR W 277 -69.64 4.99 -39.13
C THR W 277 -69.80 6.50 -39.20
N ILE W 278 -68.82 7.21 -38.68
CA ILE W 278 -68.73 8.65 -38.83
C ILE W 278 -67.35 8.99 -39.40
N LYS W 279 -67.34 9.85 -40.41
CA LYS W 279 -66.11 10.36 -41.00
C LYS W 279 -65.86 11.77 -40.50
N ASN W 280 -64.71 12.00 -39.87
CA ASN W 280 -64.42 13.26 -39.23
C ASN W 280 -63.72 14.20 -40.21
N GLU W 281 -63.37 15.40 -39.72
CA GLU W 281 -62.74 16.39 -40.59
C GLU W 281 -61.37 15.93 -41.07
N GLN W 282 -60.70 15.11 -40.30
CA GLN W 282 -59.40 14.60 -40.70
C GLN W 282 -59.48 13.46 -41.71
N ASN W 283 -60.68 13.10 -42.18
CA ASN W 283 -60.95 12.00 -43.09
C ASN W 283 -60.73 10.63 -42.45
N LEU W 284 -60.67 10.54 -41.12
CA LEU W 284 -60.57 9.23 -40.48
C LEU W 284 -61.93 8.78 -39.99
N THR W 285 -62.33 7.59 -40.38
CA THR W 285 -63.63 7.06 -40.01
C THR W 285 -63.54 6.31 -38.68
N ILE W 286 -64.67 6.20 -38.00
CA ILE W 286 -64.77 5.41 -36.77
C ILE W 286 -66.16 4.81 -36.69
N THR W 287 -66.24 3.59 -36.14
CA THR W 287 -67.51 2.92 -35.97
C THR W 287 -68.07 3.21 -34.58
N THR W 288 -69.32 3.68 -34.54
CA THR W 288 -69.96 4.04 -33.29
C THR W 288 -71.32 3.37 -33.19
N ALA W 289 -71.77 3.12 -31.96
CA ALA W 289 -73.10 2.63 -31.69
C ALA W 289 -73.54 3.16 -30.33
N PRO W 290 -74.85 3.26 -30.08
CA PRO W 290 -75.30 3.71 -28.77
C PRO W 290 -74.75 2.83 -27.68
N LEU W 291 -74.49 3.44 -26.52
CA LEU W 291 -74.03 2.68 -25.36
C LEU W 291 -75.17 1.87 -24.77
N LYS W 292 -74.84 0.71 -24.22
CA LYS W 292 -75.86 -0.12 -23.59
C LYS W 292 -76.34 0.53 -22.30
N ALA W 293 -77.66 0.51 -22.08
CA ALA W 293 -78.19 0.97 -20.82
C ALA W 293 -77.74 0.05 -19.70
N ASN W 294 -77.56 0.63 -18.51
CA ASN W 294 -77.02 -0.09 -17.36
C ASN W 294 -75.58 -0.52 -17.63
N VAL W 295 -74.70 0.46 -17.83
CA VAL W 295 -73.32 0.21 -18.19
C VAL W 295 -72.41 1.08 -17.35
N ARG W 296 -71.28 0.51 -16.96
CA ARG W 296 -70.19 1.23 -16.30
C ARG W 296 -68.95 1.09 -17.17
N LEU W 297 -68.27 2.19 -17.45
CA LEU W 297 -67.17 2.17 -18.40
C LEU W 297 -66.28 3.37 -18.19
N ASP W 298 -65.08 3.29 -18.75
CA ASP W 298 -64.23 4.47 -18.90
C ASP W 298 -64.71 5.25 -20.13
N LEU W 299 -65.38 6.37 -19.89
CA LEU W 299 -66.05 7.08 -20.97
C LEU W 299 -65.07 7.71 -21.95
N MET W 300 -63.93 8.19 -21.50
CA MET W 300 -62.94 8.71 -22.44
C MET W 300 -62.14 7.61 -23.13
N GLY W 301 -61.82 6.53 -22.43
CA GLY W 301 -61.08 5.45 -23.02
C GLY W 301 -61.83 4.79 -24.16
N ASN W 302 -63.14 4.76 -24.06
CA ASN W 302 -63.97 4.16 -25.10
C ASN W 302 -64.37 5.16 -26.18
N SER W 303 -63.85 6.38 -26.13
CA SER W 303 -64.26 7.39 -27.09
C SER W 303 -63.51 7.22 -28.41
N ASN W 304 -64.05 7.82 -29.46
CA ASN W 304 -63.36 7.84 -30.75
C ASN W 304 -62.00 8.50 -30.60
N ALA W 305 -61.86 9.41 -29.65
CA ALA W 305 -60.59 10.07 -29.43
C ALA W 305 -59.48 9.10 -29.06
N ASN W 306 -59.83 7.93 -28.52
CA ASN W 306 -58.80 6.97 -28.14
C ASN W 306 -58.44 6.06 -29.29
N LEU W 307 -59.39 5.73 -30.14
CA LEU W 307 -59.15 4.81 -31.24
C LEU W 307 -58.79 5.54 -32.54
N LEU W 308 -58.73 6.86 -32.50
CA LEU W 308 -58.66 7.63 -33.74
C LEU W 308 -57.27 7.51 -34.38
N ILE W 309 -56.22 7.83 -33.64
CA ILE W 309 -54.87 7.72 -34.18
C ILE W 309 -54.04 6.75 -33.36
N GLN W 310 -53.87 7.05 -32.07
CA GLN W 310 -53.08 6.20 -31.20
C GLN W 310 -54.02 5.40 -30.29
N ARG W 311 -54.07 4.08 -30.51
CA ARG W 311 -55.17 3.28 -29.97
C ARG W 311 -55.37 3.49 -28.47
N GLY W 312 -54.32 3.74 -27.72
CA GLY W 312 -54.49 3.89 -26.29
C GLY W 312 -53.70 5.01 -25.65
N MET W 313 -53.57 6.16 -26.31
CA MET W 313 -52.73 7.24 -25.83
C MET W 313 -53.60 8.47 -25.57
N LEU W 314 -54.32 8.45 -24.45
CA LEU W 314 -55.03 9.58 -23.86
C LEU W 314 -54.51 9.70 -22.44
N GLU W 315 -53.90 10.82 -22.12
CA GLU W 315 -53.36 11.05 -20.80
C GLU W 315 -54.40 11.76 -19.94
N VAL W 316 -54.05 12.01 -18.67
CA VAL W 316 -54.98 12.65 -17.76
C VAL W 316 -55.34 14.04 -18.24
N SER W 317 -54.52 14.62 -19.12
CA SER W 317 -54.77 15.96 -19.63
C SER W 317 -56.08 16.05 -20.38
N ASP W 318 -56.59 14.93 -20.89
CA ASP W 318 -57.88 14.97 -21.56
C ASP W 318 -59.02 14.95 -20.56
N THR W 319 -59.87 15.98 -20.62
CA THR W 319 -60.96 16.15 -19.69
C THR W 319 -62.27 16.30 -20.45
N ILE W 320 -63.37 16.05 -19.74
CA ILE W 320 -64.70 16.10 -20.32
C ILE W 320 -65.33 17.46 -20.03
N ASP W 321 -65.99 18.02 -21.03
CA ASP W 321 -66.66 19.31 -20.85
C ASP W 321 -67.94 19.15 -20.05
N PRO W 322 -68.09 19.87 -18.94
CA PRO W 322 -69.33 19.77 -18.15
C PRO W 322 -70.59 20.12 -18.91
N ALA W 323 -70.50 20.90 -19.97
CA ALA W 323 -71.66 21.34 -20.72
C ALA W 323 -72.03 20.26 -21.72
N GLY W 324 -72.64 19.19 -21.24
CA GLY W 324 -73.11 18.13 -22.11
C GLY W 324 -74.58 17.89 -21.92
N ARG W 325 -75.16 17.08 -22.80
CA ARG W 325 -76.57 16.78 -22.77
C ARG W 325 -76.78 15.32 -23.17
N LEU W 326 -77.86 14.75 -22.66
CA LEU W 326 -78.33 13.44 -23.11
C LEU W 326 -78.95 13.61 -24.50
N LYS W 327 -78.38 12.93 -25.50
CA LYS W 327 -78.80 13.16 -26.88
C LYS W 327 -79.99 12.28 -27.26
N ASN W 328 -79.85 10.96 -27.14
CA ASN W 328 -80.89 10.04 -27.58
C ASN W 328 -81.10 8.95 -26.57
N LEU W 329 -82.33 8.44 -26.51
CA LEU W 329 -82.65 7.18 -25.86
C LEU W 329 -83.22 6.22 -26.89
N PHE W 330 -82.84 4.96 -26.79
CA PHE W 330 -83.35 3.92 -27.67
C PHE W 330 -84.21 2.98 -26.82
N VAL W 331 -85.48 2.86 -27.18
CA VAL W 331 -86.44 2.08 -26.42
C VAL W 331 -86.86 0.89 -27.26
N LEU W 332 -86.92 -0.28 -26.63
CA LEU W 332 -87.32 -1.51 -27.32
C LEU W 332 -88.82 -1.66 -27.20
N LEU W 333 -89.51 -1.64 -28.33
CA LEU W 333 -90.96 -1.69 -28.38
C LEU W 333 -91.38 -2.84 -29.30
N GLY W 334 -91.80 -3.95 -28.70
CA GLY W 334 -92.33 -5.06 -29.49
C GLY W 334 -91.31 -5.76 -30.34
N GLY W 335 -90.06 -5.83 -29.89
CA GLY W 335 -88.99 -6.46 -30.62
C GLY W 335 -88.20 -5.56 -31.55
N LYS W 336 -88.64 -4.32 -31.74
CA LYS W 336 -87.96 -3.38 -32.62
C LYS W 336 -87.70 -2.10 -31.85
N VAL W 337 -86.68 -1.38 -32.25
CA VAL W 337 -86.18 -0.24 -31.48
C VAL W 337 -86.64 1.06 -32.11
N VAL W 338 -87.07 2.00 -31.28
CA VAL W 338 -87.41 3.35 -31.71
C VAL W 338 -86.49 4.33 -31.01
N LYS W 339 -85.94 5.28 -31.78
CA LYS W 339 -85.07 6.31 -31.24
C LYS W 339 -85.88 7.53 -30.84
N PHE W 340 -85.59 8.05 -29.65
CA PHE W 340 -86.26 9.26 -29.14
C PHE W 340 -85.22 10.35 -28.99
N LYS W 341 -85.41 11.47 -29.69
CA LYS W 341 -84.49 12.57 -29.65
C LYS W 341 -84.85 13.47 -28.48
N VAL W 342 -83.95 13.58 -27.51
CA VAL W 342 -84.22 14.24 -26.25
C VAL W 342 -83.12 15.24 -25.97
N ASP W 343 -82.44 15.67 -27.03
CA ASP W 343 -81.14 16.32 -26.87
C ASP W 343 -81.25 17.65 -26.14
N ARG W 344 -82.24 18.47 -26.50
CA ARG W 344 -82.33 19.81 -25.90
C ARG W 344 -83.25 19.92 -24.70
N LEU W 345 -83.88 18.83 -24.31
CA LEU W 345 -84.90 18.95 -23.28
C LEU W 345 -84.30 19.45 -21.97
N PRO W 346 -85.04 20.24 -21.19
CA PRO W 346 -84.49 20.73 -19.93
C PRO W 346 -83.94 19.63 -19.04
N ARG W 347 -84.49 18.42 -19.10
CA ARG W 347 -84.01 17.34 -18.25
C ARG W 347 -82.77 16.67 -18.81
N ALA W 348 -82.38 16.99 -20.05
CA ALA W 348 -81.25 16.31 -20.66
C ALA W 348 -79.92 16.94 -20.32
N VAL W 349 -79.91 18.09 -19.66
CA VAL W 349 -78.67 18.81 -19.42
C VAL W 349 -77.89 18.17 -18.27
N PHE W 350 -76.56 18.18 -18.37
CA PHE W 350 -75.73 17.71 -17.28
C PHE W 350 -75.86 18.63 -16.07
N GLN W 351 -75.85 18.02 -14.89
CA GLN W 351 -75.95 18.80 -13.67
C GLN W 351 -74.73 18.55 -12.79
N PRO W 352 -74.32 19.54 -12.00
CA PRO W 352 -73.22 19.31 -11.06
C PRO W 352 -73.62 18.33 -9.97
N ASP W 353 -72.67 17.51 -9.57
CA ASP W 353 -72.88 16.57 -8.48
C ASP W 353 -72.71 17.32 -7.17
N LEU W 354 -73.79 17.43 -6.40
CA LEU W 354 -73.77 18.25 -5.19
C LEU W 354 -73.06 17.54 -4.04
N VAL W 355 -73.11 16.21 -4.02
CA VAL W 355 -72.51 15.40 -2.97
C VAL W 355 -71.52 14.44 -3.63
N GLY W 356 -70.25 14.56 -3.26
CA GLY W 356 -69.20 13.79 -3.87
C GLY W 356 -68.17 14.70 -4.48
N ASP W 357 -67.42 14.18 -5.44
CA ASP W 357 -66.36 14.95 -6.07
C ASP W 357 -66.97 16.09 -6.88
N THR W 358 -66.35 17.27 -6.77
CA THR W 358 -66.91 18.45 -7.41
C THR W 358 -66.83 18.35 -8.93
N ARG W 359 -66.04 17.41 -9.45
CA ARG W 359 -65.96 17.23 -10.90
C ARG W 359 -67.01 16.30 -11.46
N ASN W 360 -67.83 15.66 -10.62
CA ASN W 360 -68.82 14.74 -11.16
C ASN W 360 -69.97 15.52 -11.77
N ALA W 361 -70.45 15.04 -12.92
CA ALA W 361 -71.67 15.54 -13.53
C ALA W 361 -72.69 14.41 -13.51
N VAL W 362 -73.90 14.72 -13.07
CA VAL W 362 -74.95 13.72 -12.89
C VAL W 362 -76.03 13.98 -13.92
N ILE W 363 -76.62 12.90 -14.43
CA ILE W 363 -77.75 12.98 -15.35
C ILE W 363 -78.96 12.39 -14.64
N ARG W 364 -80.05 13.15 -14.60
CA ARG W 364 -81.32 12.73 -14.01
C ARG W 364 -82.41 13.10 -15.00
N PHE W 365 -82.69 12.18 -15.92
CA PHE W 365 -83.65 12.39 -16.99
C PHE W 365 -84.94 11.65 -16.67
N ASP W 366 -85.98 12.39 -16.32
CA ASP W 366 -87.29 11.82 -16.01
C ASP W 366 -88.32 12.50 -16.88
N SER W 367 -88.91 11.76 -17.81
CA SER W 367 -89.81 12.33 -18.80
C SER W 367 -90.98 11.39 -19.03
N ASP W 368 -92.19 11.94 -18.97
CA ASP W 368 -93.40 11.22 -19.33
C ASP W 368 -93.90 11.61 -20.71
N ASP W 369 -93.13 12.41 -21.44
CA ASP W 369 -93.59 13.06 -22.66
C ASP W 369 -93.07 12.40 -23.92
N LEU W 370 -92.51 11.19 -23.82
CA LEU W 370 -92.09 10.48 -25.01
C LEU W 370 -93.29 9.91 -25.72
N VAL W 371 -93.37 10.14 -27.03
CA VAL W 371 -94.56 9.84 -27.81
C VAL W 371 -94.26 8.72 -28.78
N VAL W 372 -95.13 7.72 -28.81
CA VAL W 372 -95.14 6.69 -29.85
C VAL W 372 -96.50 6.72 -30.52
N SER W 373 -96.52 6.90 -31.83
CA SER W 373 -97.75 7.08 -32.58
C SER W 373 -97.61 6.40 -33.93
N GLY W 374 -98.70 6.36 -34.69
CA GLY W 374 -98.65 5.73 -36.00
C GLY W 374 -97.77 6.49 -36.99
N ASP W 375 -97.47 7.75 -36.69
CA ASP W 375 -96.65 8.55 -37.59
C ASP W 375 -95.16 8.28 -37.40
N THR W 376 -94.76 7.83 -36.22
CA THR W 376 -93.35 7.58 -35.95
C THR W 376 -92.90 6.30 -36.65
N THR W 377 -91.58 6.14 -36.76
CA THR W 377 -90.98 4.96 -37.38
C THR W 377 -89.95 4.38 -36.43
N PHE W 378 -89.54 3.14 -36.72
CA PHE W 378 -88.44 2.53 -35.99
C PHE W 378 -87.11 3.06 -36.53
N ILE W 379 -86.00 2.67 -35.90
CA ILE W 379 -84.71 3.19 -36.31
C ILE W 379 -84.37 2.76 -37.73
N ASP W 380 -84.92 1.62 -38.15
CA ASP W 380 -84.66 1.10 -39.49
C ASP W 380 -85.57 1.71 -40.54
N GLY W 381 -86.46 2.62 -40.16
CA GLY W 381 -87.32 3.31 -41.09
C GLY W 381 -88.68 2.66 -41.25
N SER W 382 -88.85 1.45 -40.73
CA SER W 382 -90.11 0.74 -40.88
C SER W 382 -91.13 1.27 -39.87
N ALA W 383 -92.40 0.98 -40.14
CA ALA W 383 -93.50 1.35 -39.26
C ALA W 383 -94.48 0.18 -39.23
N ASP W 384 -94.14 -0.86 -38.46
CA ASP W 384 -94.93 -2.08 -38.45
C ASP W 384 -95.21 -2.50 -37.01
N GLY W 385 -95.91 -3.59 -36.83
CA GLY W 385 -96.14 -4.08 -35.47
C GLY W 385 -96.92 -3.06 -34.67
N VAL W 386 -96.33 -2.63 -33.55
CA VAL W 386 -97.05 -1.73 -32.63
C VAL W 386 -97.42 -0.43 -33.33
N ILE W 387 -96.48 0.15 -34.08
CA ILE W 387 -96.75 1.44 -34.70
C ILE W 387 -97.89 1.34 -35.69
N ASN W 388 -97.91 0.27 -36.50
CA ASN W 388 -99.00 0.07 -37.45
C ASN W 388 -100.34 -0.03 -36.74
N ASP W 389 -100.39 -0.77 -35.63
CA ASP W 389 -101.64 -0.91 -34.90
C ASP W 389 -102.05 0.41 -34.27
N LEU W 390 -101.09 1.21 -33.82
CA LEU W 390 -101.41 2.54 -33.34
C LEU W 390 -101.98 3.40 -34.46
N LYS W 391 -101.47 3.23 -35.67
CA LYS W 391 -101.94 4.05 -36.79
C LYS W 391 -103.39 3.72 -37.13
N THR W 392 -103.73 2.43 -37.15
CA THR W 392 -105.09 2.04 -37.51
C THR W 392 -106.05 2.21 -36.33
N ALA W 393 -105.55 2.14 -35.10
CA ALA W 393 -106.39 2.39 -33.93
C ALA W 393 -106.50 3.86 -33.57
N LYS W 394 -105.78 4.74 -34.28
CA LYS W 394 -105.77 6.18 -33.99
C LYS W 394 -105.43 6.45 -32.53
N LEU W 395 -104.39 5.78 -32.05
CA LEU W 395 -103.94 5.92 -30.67
C LEU W 395 -102.56 6.58 -30.65
N SER W 396 -102.34 7.38 -29.62
CA SER W 396 -101.03 7.96 -29.33
C SER W 396 -100.61 7.52 -27.95
N LEU W 397 -99.46 6.87 -27.85
CA LEU W 397 -99.03 6.22 -26.63
C LEU W 397 -97.90 7.03 -26.00
N ARG W 398 -98.01 7.27 -24.70
CA ARG W 398 -97.05 8.09 -23.98
C ARG W 398 -96.24 7.22 -23.05
N LEU W 399 -94.91 7.24 -23.21
CA LEU W 399 -94.01 6.44 -22.41
C LEU W 399 -93.49 7.26 -21.25
N SER W 400 -93.19 6.59 -20.13
CA SER W 400 -92.50 7.19 -19.00
C SER W 400 -91.17 6.51 -18.85
N VAL W 401 -90.08 7.27 -19.01
CA VAL W 401 -88.74 6.70 -18.98
C VAL W 401 -87.92 7.40 -17.91
N GLY W 402 -87.06 6.62 -17.26
CA GLY W 402 -86.14 7.17 -16.29
C GLY W 402 -84.72 6.75 -16.58
N PHE W 403 -83.87 7.70 -16.91
CA PHE W 403 -82.47 7.43 -17.24
C PHE W 403 -81.58 8.41 -16.50
N GLY W 404 -80.49 7.90 -15.94
CA GLY W 404 -79.53 8.75 -15.27
C GLY W 404 -78.14 8.14 -15.20
N GLY W 405 -77.19 8.88 -14.62
CA GLY W 405 -75.83 8.38 -14.53
C GLY W 405 -74.91 9.43 -13.96
N THR W 406 -73.66 9.03 -13.74
CA THR W 406 -72.64 9.92 -13.23
C THR W 406 -71.44 9.85 -14.17
N ILE W 407 -70.88 11.01 -14.51
CA ILE W 407 -69.67 11.12 -15.31
C ILE W 407 -68.64 11.87 -14.49
N SER W 408 -67.46 11.28 -14.34
CA SER W 408 -66.37 11.94 -13.64
C SER W 408 -65.60 12.75 -14.67
N LEU W 409 -65.81 14.07 -14.65
CA LEU W 409 -65.30 14.91 -15.71
C LEU W 409 -63.78 14.90 -15.75
N SER W 410 -63.14 14.75 -14.59
CA SER W 410 -61.68 14.74 -14.55
C SER W 410 -61.13 13.34 -14.78
N LYS W 411 -61.74 12.31 -14.18
CA LYS W 411 -61.18 10.98 -14.23
C LYS W 411 -61.59 10.19 -15.46
N GLY W 412 -62.75 10.49 -16.04
CA GLY W 412 -63.18 9.77 -17.22
C GLY W 412 -64.04 8.56 -16.97
N ASP W 413 -64.38 8.26 -15.72
CA ASP W 413 -65.25 7.14 -15.44
C ASP W 413 -66.71 7.56 -15.60
N SER W 414 -67.57 6.60 -15.92
CA SER W 414 -68.99 6.88 -15.98
C SER W 414 -69.79 5.65 -15.61
N LYS W 415 -70.99 5.88 -15.07
CA LYS W 415 -71.94 4.82 -14.79
C LYS W 415 -73.32 5.30 -15.19
N PHE W 416 -73.99 4.56 -16.06
CA PHE W 416 -75.28 4.92 -16.59
C PHE W 416 -76.29 3.83 -16.24
N GLY W 417 -77.52 4.23 -15.93
CA GLY W 417 -78.52 3.26 -15.56
C GLY W 417 -79.92 3.66 -16.00
N ALA W 418 -80.73 2.69 -16.38
CA ALA W 418 -82.10 2.92 -16.79
C ALA W 418 -83.04 2.26 -15.80
N THR W 419 -84.07 2.98 -15.38
CA THR W 419 -85.07 2.42 -14.48
C THR W 419 -86.15 1.73 -15.31
N ASP W 420 -87.05 1.02 -14.62
CA ASP W 420 -88.15 0.36 -15.33
C ASP W 420 -88.98 1.38 -16.10
N THR W 421 -89.38 0.99 -17.30
CA THR W 421 -90.11 1.85 -18.21
C THR W 421 -91.58 1.43 -18.24
N TYR W 422 -92.48 2.41 -18.16
CA TYR W 422 -93.90 2.15 -18.08
C TYR W 422 -94.63 2.93 -19.16
N VAL W 423 -95.82 2.45 -19.52
CA VAL W 423 -96.72 3.19 -20.39
C VAL W 423 -97.59 4.08 -19.51
N ASP W 424 -97.44 5.41 -19.64
CA ASP W 424 -98.16 6.29 -18.75
C ASP W 424 -99.59 6.49 -19.21
N LYS W 425 -99.78 6.80 -20.48
CA LYS W 425 -101.10 7.06 -21.03
C LYS W 425 -101.19 6.53 -22.45
N VAL W 426 -102.40 6.21 -22.86
CA VAL W 426 -102.74 5.99 -24.26
C VAL W 426 -103.87 6.95 -24.58
N LEU W 427 -103.62 7.85 -25.55
CA LEU W 427 -104.58 8.90 -25.84
C LEU W 427 -105.24 8.65 -27.19
N ASN W 428 -106.45 9.18 -27.34
CA ASN W 428 -107.10 9.26 -28.63
C ASN W 428 -106.65 10.53 -29.35
N GLU W 429 -107.18 10.77 -30.55
CA GLU W 429 -106.73 11.93 -31.32
C GLU W 429 -107.11 13.23 -30.62
N ASP W 430 -108.25 13.24 -29.93
CA ASP W 430 -108.68 14.44 -29.23
C ASP W 430 -107.75 14.77 -28.07
N GLY W 431 -107.13 13.75 -27.49
CA GLY W 431 -106.25 13.91 -26.35
C GLY W 431 -106.77 13.33 -25.06
N GLN W 432 -107.90 12.62 -25.07
CA GLN W 432 -108.43 12.05 -23.84
C GLN W 432 -107.76 10.72 -23.54
N VAL W 433 -107.68 10.39 -22.25
CA VAL W 433 -107.14 9.11 -21.82
C VAL W 433 -108.16 8.01 -22.05
N MET W 434 -107.74 6.90 -22.64
CA MET W 434 -108.58 5.75 -22.85
C MET W 434 -108.29 4.70 -21.80
N ASP W 435 -109.34 4.00 -21.35
CA ASP W 435 -109.17 2.94 -20.37
C ASP W 435 -108.37 1.80 -20.96
N ASN W 436 -107.53 1.18 -20.13
CA ASN W 436 -106.67 0.10 -20.61
C ASN W 436 -107.44 -1.18 -20.88
N ALA W 437 -108.72 -1.24 -20.51
CA ALA W 437 -109.54 -2.41 -20.83
C ALA W 437 -109.99 -2.42 -22.29
N ASP W 438 -109.91 -1.28 -22.97
CA ASP W 438 -110.39 -1.19 -24.35
C ASP W 438 -109.63 -2.19 -25.21
N PRO W 439 -110.32 -3.04 -25.97
CA PRO W 439 -109.61 -4.03 -26.80
C PRO W 439 -108.51 -3.44 -27.66
N ALA W 440 -108.66 -2.23 -28.20
CA ALA W 440 -107.60 -1.66 -29.03
C ALA W 440 -106.41 -1.25 -28.18
N VAL W 441 -106.67 -0.67 -27.00
CA VAL W 441 -105.58 -0.28 -26.13
C VAL W 441 -104.89 -1.51 -25.55
N LYS W 442 -105.66 -2.51 -25.13
CA LYS W 442 -105.05 -3.71 -24.55
C LYS W 442 -104.12 -4.38 -25.55
N ALA W 443 -104.56 -4.50 -26.81
CA ALA W 443 -103.73 -5.17 -27.81
C ALA W 443 -102.36 -4.50 -27.90
N ILE W 444 -102.32 -3.17 -27.86
CA ILE W 444 -101.04 -2.47 -27.88
C ILE W 444 -100.23 -2.81 -26.64
N LEU W 445 -100.86 -2.80 -25.47
CA LEU W 445 -100.15 -3.07 -24.23
C LEU W 445 -99.67 -4.52 -24.17
N ASP W 446 -100.40 -5.44 -24.80
CA ASP W 446 -99.98 -6.84 -24.78
C ASP W 446 -98.73 -7.03 -25.62
N GLN W 447 -98.56 -6.19 -26.64
CA GLN W 447 -97.35 -6.24 -27.46
C GLN W 447 -96.15 -5.64 -26.73
N LEU W 448 -96.37 -4.61 -25.92
CA LEU W 448 -95.28 -3.93 -25.23
C LEU W 448 -94.95 -4.63 -23.93
N THR W 449 -94.36 -5.82 -24.01
CA THR W 449 -93.96 -6.53 -22.80
C THR W 449 -92.46 -6.42 -22.67
N ASP W 450 -91.80 -6.01 -23.74
CA ASP W 450 -90.36 -5.81 -23.70
C ASP W 450 -90.02 -4.35 -23.50
N LEU W 451 -91.02 -3.54 -23.17
CA LEU W 451 -90.79 -2.10 -23.00
C LEU W 451 -89.65 -1.81 -22.08
N ALA W 452 -88.52 -1.42 -22.63
CA ALA W 452 -87.37 -1.06 -21.83
C ALA W 452 -86.51 -0.08 -22.61
N VAL W 453 -85.72 0.70 -21.88
CA VAL W 453 -84.66 1.50 -22.45
C VAL W 453 -83.42 0.65 -22.58
N ILE W 454 -82.92 0.52 -23.82
CA ILE W 454 -81.81 -0.37 -24.09
C ILE W 454 -80.51 0.36 -24.38
N GLY W 455 -80.54 1.57 -24.92
CA GLY W 455 -79.33 2.28 -25.27
C GLY W 455 -79.52 3.77 -25.15
N PHE W 456 -78.41 4.49 -25.29
CA PHE W 456 -78.43 5.94 -25.25
C PHE W 456 -77.24 6.48 -26.01
N GLU W 457 -77.33 7.74 -26.40
CA GLU W 457 -76.21 8.45 -26.97
C GLU W 457 -76.07 9.78 -26.27
N LEU W 458 -74.84 10.26 -26.16
CA LEU W 458 -74.56 11.50 -25.45
C LEU W 458 -74.13 12.56 -26.44
N ASP W 459 -74.31 13.82 -26.06
CA ASP W 459 -73.69 14.95 -26.73
C ASP W 459 -72.41 15.39 -26.02
N THR W 460 -71.70 14.48 -25.37
CA THR W 460 -70.50 14.87 -24.64
C THR W 460 -69.39 15.25 -25.61
N ARG W 461 -68.62 16.25 -25.23
CA ARG W 461 -67.46 16.69 -26.00
C ARG W 461 -66.29 16.88 -25.05
N PHE W 462 -65.09 16.84 -25.60
CA PHE W 462 -63.91 17.12 -24.79
C PHE W 462 -63.76 18.61 -24.59
N THR W 463 -62.90 18.97 -23.65
CA THR W 463 -62.39 20.31 -23.49
C THR W 463 -60.99 20.35 -24.10
N ASN W 464 -60.79 21.23 -25.07
CA ASN W 464 -59.55 21.23 -25.84
C ASN W 464 -58.49 22.07 -25.13
N THR W 465 -58.22 21.66 -23.89
CA THR W 465 -57.31 22.41 -23.03
C THR W 465 -55.88 21.91 -23.18
N ASN W 466 -55.70 20.83 -23.92
CA ASN W 466 -54.39 20.32 -24.27
C ASN W 466 -54.08 20.43 -25.76
N ARG W 467 -54.89 21.17 -26.51
CA ARG W 467 -54.69 21.43 -27.93
C ARG W 467 -54.60 20.13 -28.72
N ARG W 468 -55.38 19.13 -28.32
CA ARG W 468 -55.40 17.88 -29.06
C ARG W 468 -56.01 18.07 -30.44
N GLN W 469 -57.06 18.87 -30.54
CA GLN W 469 -57.76 19.12 -31.80
C GLN W 469 -57.46 20.52 -32.27
N ARG W 470 -56.78 20.65 -33.41
CA ARG W 470 -56.48 21.98 -33.92
C ARG W 470 -57.53 22.46 -34.92
N GLY W 471 -58.40 21.58 -35.37
CA GLY W 471 -59.49 21.98 -36.25
C GLY W 471 -59.01 22.32 -37.64
N HIS W 472 -59.74 23.21 -38.31
CA HIS W 472 -59.39 23.61 -39.67
C HIS W 472 -58.20 24.57 -39.65
N LEU W 473 -57.50 24.62 -40.76
CA LEU W 473 -56.30 25.42 -40.91
C LEU W 473 -56.49 26.51 -41.94
N LEU W 474 -55.88 27.66 -41.68
CA LEU W 474 -55.92 28.80 -42.58
C LEU W 474 -54.53 28.99 -43.15
N GLN W 475 -54.45 29.14 -44.46
CA GLN W 475 -53.21 29.55 -45.12
C GLN W 475 -53.53 30.56 -46.21
N THR W 476 -52.58 31.45 -46.48
CA THR W 476 -52.75 32.43 -47.53
C THR W 476 -52.34 31.86 -48.87
N ARG W 477 -52.96 32.36 -49.93
CA ARG W 477 -52.72 31.89 -51.28
C ARG W 477 -52.71 33.07 -52.23
N ALA W 478 -52.17 32.88 -53.42
CA ALA W 478 -52.24 33.88 -54.47
C ALA W 478 -52.28 33.21 -55.83
N LEU W 479 -53.04 33.80 -56.75
CA LEU W 479 -53.15 33.33 -58.12
C LEU W 479 -52.76 34.46 -59.06
N GLN W 480 -52.10 34.10 -60.16
CA GLN W 480 -51.69 35.08 -61.16
C GLN W 480 -52.38 34.79 -62.48
N PHE W 481 -52.91 35.84 -63.11
CA PHE W 481 -53.43 35.80 -64.46
C PHE W 481 -52.59 36.73 -65.32
N ARG W 482 -52.49 36.43 -66.61
CA ARG W 482 -51.65 37.21 -67.49
C ARG W 482 -52.37 37.52 -68.79
N HIS W 483 -52.35 38.79 -69.19
CA HIS W 483 -53.08 39.26 -70.36
C HIS W 483 -52.13 40.07 -71.22
N PRO W 484 -51.42 39.45 -72.16
CA PRO W 484 -50.63 40.20 -73.14
C PRO W 484 -51.50 40.82 -74.22
N ILE W 485 -51.10 42.01 -74.66
CA ILE W 485 -51.87 42.80 -75.61
C ILE W 485 -51.34 42.54 -77.01
N PRO W 486 -52.15 42.02 -77.92
CA PRO W 486 -51.72 41.81 -79.31
C PRO W 486 -51.83 43.06 -80.19
N MET W 487 -51.08 43.02 -81.29
CA MET W 487 -51.25 43.96 -82.39
C MET W 487 -52.40 43.53 -83.30
N HIS W 488 -52.91 44.47 -84.08
CA HIS W 488 -54.02 44.22 -84.98
C HIS W 488 -53.70 44.81 -86.33
N ALA W 489 -54.39 44.31 -87.35
CA ALA W 489 -54.12 44.73 -88.72
C ALA W 489 -54.36 46.22 -88.90
N PRO W 490 -53.53 46.92 -89.66
CA PRO W 490 -53.71 48.35 -89.85
C PRO W 490 -54.77 48.68 -90.89
N VAL W 491 -55.08 49.97 -91.00
CA VAL W 491 -55.78 50.54 -92.15
C VAL W 491 -54.85 51.54 -92.83
N THR W 492 -54.77 51.47 -94.16
CA THR W 492 -53.83 52.24 -94.94
C THR W 492 -54.56 53.21 -95.85
N LEU W 493 -53.98 54.38 -96.06
CA LEU W 493 -54.48 55.34 -97.05
C LEU W 493 -53.55 55.33 -98.24
N PRO W 494 -54.00 54.94 -99.44
CA PRO W 494 -53.17 55.13 -100.62
C PRO W 494 -53.20 56.56 -101.12
N MET W 495 -52.03 57.13 -101.35
CA MET W 495 -51.90 58.50 -101.83
C MET W 495 -50.72 58.58 -102.80
N ASP W 496 -50.82 59.49 -103.77
CA ASP W 496 -49.69 59.74 -104.66
C ASP W 496 -48.61 60.54 -103.96
N THR W 497 -47.37 60.37 -104.43
CA THR W 497 -46.28 61.15 -103.87
C THR W 497 -46.08 62.47 -104.56
N MET W 498 -46.54 62.59 -105.79
CA MET W 498 -46.40 63.82 -106.53
C MET W 498 -47.49 64.80 -106.14
N THR W 499 -47.52 65.18 -104.88
CA THR W 499 -48.57 66.07 -104.40
C THR W 499 -47.95 67.18 -103.60
N ASP W 500 -48.17 68.41 -104.04
CA ASP W 500 -47.66 69.57 -103.30
C ASP W 500 -48.54 69.90 -102.11
N GLU W 501 -49.79 69.45 -102.15
CA GLU W 501 -50.68 69.70 -101.04
C GLU W 501 -50.46 68.58 -100.04
N GLY W 502 -51.52 68.04 -99.48
CA GLY W 502 -51.34 67.04 -98.46
C GLY W 502 -52.60 66.32 -98.03
N PRO W 503 -52.46 65.35 -97.12
CA PRO W 503 -53.62 64.60 -96.65
C PRO W 503 -54.57 65.54 -95.95
N GLY W 504 -55.86 65.31 -96.05
CA GLY W 504 -56.82 66.09 -95.30
C GLY W 504 -57.55 65.37 -94.19
N GLU W 505 -58.85 65.20 -94.36
CA GLU W 505 -59.64 64.53 -93.32
C GLU W 505 -59.45 63.02 -93.38
N VAL W 506 -58.78 62.55 -94.45
CA VAL W 506 -58.64 61.10 -94.61
C VAL W 506 -57.77 60.53 -93.50
N VAL W 507 -56.83 61.31 -92.99
CA VAL W 507 -56.01 60.85 -91.88
C VAL W 507 -56.84 60.67 -90.63
N LYS W 508 -57.75 61.59 -90.36
CA LYS W 508 -58.69 61.41 -89.25
C LYS W 508 -59.61 60.23 -89.49
N ALA W 509 -59.93 59.93 -90.75
CA ALA W 509 -60.75 58.75 -91.04
C ALA W 509 -60.10 57.49 -90.52
N LEU W 510 -58.78 57.42 -90.52
CA LEU W 510 -58.09 56.27 -89.92
C LEU W 510 -58.46 56.12 -88.44
N THR W 511 -58.59 57.24 -87.73
CA THR W 511 -58.97 57.17 -86.32
C THR W 511 -60.42 56.71 -86.17
N VAL W 512 -61.32 57.22 -87.00
CA VAL W 512 -62.72 56.78 -86.90
C VAL W 512 -62.83 55.30 -87.23
N ASN W 513 -62.16 54.87 -88.30
CA ASN W 513 -62.15 53.47 -88.65
C ASN W 513 -61.62 52.62 -87.50
N THR W 514 -60.47 53.01 -86.96
CA THR W 514 -59.90 52.25 -85.83
C THR W 514 -60.85 52.24 -84.64
N ASN W 515 -61.44 53.39 -84.31
CA ASN W 515 -62.32 53.47 -83.15
C ASN W 515 -63.56 52.59 -83.31
N ILE W 516 -64.11 52.53 -84.52
CA ILE W 516 -65.27 51.68 -84.75
C ILE W 516 -64.88 50.22 -84.56
N ARG W 517 -63.71 49.84 -85.07
CA ARG W 517 -63.24 48.48 -84.89
C ARG W 517 -63.11 48.13 -83.40
N ASN W 518 -62.67 49.09 -82.58
CA ASN W 518 -62.58 48.85 -81.15
C ASN W 518 -63.95 48.50 -80.58
N SER W 519 -64.99 49.22 -81.00
CA SER W 519 -66.34 48.90 -80.51
C SER W 519 -66.75 47.50 -80.94
N ASN W 520 -66.48 47.15 -82.20
CA ASN W 520 -66.86 45.83 -82.70
C ASN W 520 -66.13 44.73 -81.96
N ASN W 521 -64.85 44.96 -81.61
CA ASN W 521 -64.11 43.98 -80.83
C ASN W 521 -64.73 43.78 -79.46
N ALA W 522 -65.21 44.88 -78.85
CA ALA W 522 -65.86 44.73 -77.55
C ALA W 522 -67.10 43.83 -77.66
N VAL W 523 -67.88 44.01 -78.73
CA VAL W 523 -69.09 43.18 -78.87
C VAL W 523 -68.72 41.73 -79.18
N LYS W 524 -67.78 41.53 -80.09
CA LYS W 524 -67.37 40.17 -80.43
C LYS W 524 -66.79 39.45 -79.22
N ARG W 525 -65.98 40.15 -78.43
CA ARG W 525 -65.42 39.53 -77.24
C ARG W 525 -66.49 39.28 -76.18
N MET W 526 -67.42 40.21 -76.00
CA MET W 526 -68.51 39.97 -75.07
C MET W 526 -69.28 38.72 -75.45
N LEU W 527 -69.66 38.61 -76.73
CA LEU W 527 -70.47 37.47 -77.15
C LEU W 527 -69.69 36.16 -77.04
N ASN W 528 -68.40 36.19 -77.36
CA ASN W 528 -67.57 34.99 -77.21
C ASN W 528 -67.44 34.59 -75.75
N TYR W 529 -67.27 35.57 -74.86
CA TYR W 529 -67.18 35.28 -73.44
C TYR W 529 -68.48 34.67 -72.94
N LEU W 530 -69.62 35.22 -73.36
CA LEU W 530 -70.90 34.67 -72.95
C LEU W 530 -71.07 33.23 -73.42
N ALA W 531 -70.65 32.93 -74.64
CA ALA W 531 -70.75 31.54 -75.08
C ALA W 531 -69.95 30.62 -74.17
N GLN W 532 -68.81 31.09 -73.68
CA GLN W 532 -67.97 30.26 -72.82
C GLN W 532 -68.71 30.01 -71.53
N LEU W 533 -69.36 31.04 -71.02
CA LEU W 533 -70.09 30.88 -69.79
C LEU W 533 -71.18 29.83 -69.98
N ARG W 534 -71.85 29.81 -71.14
CA ARG W 534 -72.87 28.78 -71.30
C ARG W 534 -72.26 27.40 -71.12
N GLU W 535 -71.11 27.17 -71.76
CA GLU W 535 -70.49 25.85 -71.66
C GLU W 535 -69.98 25.57 -70.25
N VAL W 536 -69.37 26.55 -69.59
CA VAL W 536 -68.82 26.31 -68.27
C VAL W 536 -69.90 26.03 -67.23
N VAL W 537 -70.98 26.82 -67.24
CA VAL W 537 -72.04 26.62 -66.25
C VAL W 537 -72.97 25.49 -66.63
N HIS W 538 -73.12 25.20 -67.93
CA HIS W 538 -73.84 24.00 -68.33
C HIS W 538 -73.16 22.76 -67.78
N ASN W 539 -71.84 22.72 -67.83
CA ASN W 539 -71.10 21.60 -67.26
C ASN W 539 -70.98 21.79 -65.75
N GLY W 540 -70.35 20.82 -65.11
CA GLY W 540 -70.29 20.84 -63.66
C GLY W 540 -69.21 21.73 -63.08
N TYR W 541 -69.33 23.05 -63.25
CA TYR W 541 -68.37 24.01 -62.70
C TYR W 541 -69.18 25.08 -61.98
N ASN W 542 -69.66 24.74 -60.79
CA ASN W 542 -70.44 25.66 -59.98
C ASN W 542 -69.67 26.18 -58.78
N ARG W 543 -68.35 26.00 -58.75
CA ARG W 543 -67.54 26.48 -57.65
C ARG W 543 -66.31 27.19 -58.20
N PRO W 544 -65.73 28.10 -57.43
CA PRO W 544 -64.52 28.81 -57.90
C PRO W 544 -63.39 27.82 -58.13
N LYS W 545 -62.77 27.93 -59.30
CA LYS W 545 -61.60 27.13 -59.65
C LYS W 545 -60.76 27.93 -60.63
N PHE W 546 -59.46 27.94 -60.42
CA PHE W 546 -58.58 28.59 -61.39
C PHE W 546 -58.48 27.75 -62.65
N GLY W 547 -58.48 28.43 -63.79
CA GLY W 547 -58.23 27.77 -65.06
C GLY W 547 -59.46 27.34 -65.83
N ILE W 548 -60.65 27.72 -65.36
CA ILE W 548 -61.86 27.31 -66.08
C ILE W 548 -62.27 28.35 -67.12
N ILE W 549 -62.19 29.63 -66.80
CA ILE W 549 -62.57 30.70 -67.74
C ILE W 549 -61.72 31.92 -67.49
N GLU W 550 -61.61 32.81 -68.47
CA GLU W 550 -60.93 34.07 -68.24
C GLU W 550 -61.67 34.86 -67.18
N GLY W 551 -60.94 35.49 -66.24
CA GLY W 551 -61.66 36.31 -65.30
C GLY W 551 -60.98 36.24 -63.95
N ALA W 552 -60.49 37.38 -63.47
CA ALA W 552 -59.72 37.37 -62.24
C ALA W 552 -60.58 36.96 -61.06
N LEU W 553 -61.90 37.16 -61.15
CA LEU W 553 -62.75 36.79 -60.04
C LEU W 553 -63.32 35.38 -60.18
N SER W 554 -62.97 34.65 -61.23
CA SER W 554 -63.49 33.30 -61.37
C SER W 554 -62.96 32.40 -60.27
N ALA W 555 -61.87 32.78 -59.63
CA ALA W 555 -61.38 32.04 -58.47
C ALA W 555 -62.00 32.53 -57.16
N VAL W 556 -62.89 33.50 -57.21
CA VAL W 556 -63.53 34.04 -56.01
C VAL W 556 -65.00 33.62 -55.92
N MET W 557 -65.77 33.86 -56.97
CA MET W 557 -67.21 33.66 -56.98
C MET W 557 -67.58 32.45 -57.82
N ARG W 558 -68.76 31.92 -57.59
CA ARG W 558 -69.23 30.77 -58.35
C ARG W 558 -69.60 31.20 -59.76
N PRO W 559 -69.01 30.60 -60.79
CA PRO W 559 -69.41 30.91 -62.17
C PRO W 559 -70.90 30.67 -62.36
N THR W 560 -71.61 31.73 -62.73
CA THR W 560 -73.07 31.73 -62.78
C THR W 560 -73.54 32.26 -64.12
N TYR W 561 -74.36 31.50 -64.82
CA TYR W 561 -74.88 31.88 -66.11
C TYR W 561 -76.27 31.30 -66.27
N ARG W 562 -77.21 32.11 -66.76
CA ARG W 562 -78.56 31.65 -67.01
C ARG W 562 -79.04 32.16 -68.36
N TYR W 563 -79.48 31.23 -69.19
CA TYR W 563 -79.97 31.53 -70.54
C TYR W 563 -81.46 31.24 -70.59
N LYS W 564 -82.26 32.26 -70.88
CA LYS W 564 -83.71 32.15 -70.95
C LYS W 564 -84.18 32.71 -72.28
N GLU W 565 -84.95 31.92 -73.01
CA GLU W 565 -85.54 32.35 -74.26
C GLU W 565 -86.96 32.83 -73.96
N LEU W 566 -87.19 34.13 -74.13
CA LEU W 566 -88.48 34.74 -73.80
C LEU W 566 -89.29 34.92 -75.07
N ASP W 567 -90.22 34.01 -75.31
CA ASP W 567 -91.14 34.12 -76.43
C ASP W 567 -92.38 34.85 -75.93
N LEU W 568 -92.46 36.15 -76.23
CA LEU W 568 -93.36 37.02 -75.49
C LEU W 568 -94.81 36.54 -75.55
N GLU W 569 -95.21 35.92 -76.67
CA GLU W 569 -96.56 35.36 -76.71
C GLU W 569 -96.79 34.37 -75.58
N LYS W 570 -95.77 33.61 -75.20
CA LYS W 570 -95.94 32.62 -74.14
C LYS W 570 -95.52 33.17 -72.78
N VAL W 571 -95.21 34.46 -72.69
CA VAL W 571 -94.73 35.04 -71.45
C VAL W 571 -95.69 36.08 -70.87
N ILE W 572 -96.29 36.91 -71.71
CA ILE W 572 -97.04 38.08 -71.28
C ILE W 572 -98.35 37.63 -70.67
N ASP W 573 -98.93 38.48 -69.82
CA ASP W 573 -100.35 38.41 -69.49
C ASP W 573 -100.92 39.81 -69.67
N THR W 574 -101.81 39.96 -70.64
CA THR W 574 -102.43 41.24 -70.96
C THR W 574 -103.90 41.02 -71.21
N ILE W 575 -104.72 42.01 -70.85
CA ILE W 575 -106.15 41.87 -71.02
C ILE W 575 -106.66 42.78 -72.11
N LYS W 576 -106.31 44.06 -72.03
CA LYS W 576 -106.82 45.08 -72.94
C LYS W 576 -105.67 45.88 -73.52
N SER W 577 -105.87 46.34 -74.76
CA SER W 577 -104.78 46.89 -75.55
C SER W 577 -104.20 48.17 -74.97
N LYS W 578 -105.00 48.99 -74.30
CA LYS W 578 -104.48 50.24 -73.79
C LYS W 578 -103.43 50.04 -72.69
N ASP W 579 -103.31 48.83 -72.16
CA ASP W 579 -102.25 48.50 -71.21
C ASP W 579 -101.12 47.71 -71.85
N ARG W 580 -101.15 47.49 -73.17
CA ARG W 580 -100.24 46.53 -73.77
C ARG W 580 -98.79 46.95 -73.59
N TRP W 581 -98.50 48.25 -73.69
CA TRP W 581 -97.14 48.72 -73.52
C TRP W 581 -96.61 48.41 -72.12
N ASP W 582 -97.39 48.72 -71.08
CA ASP W 582 -96.91 48.43 -69.74
C ASP W 582 -96.80 46.93 -69.52
N ASP W 583 -97.70 46.15 -70.11
CA ASP W 583 -97.67 44.70 -69.95
C ASP W 583 -96.43 44.09 -70.61
N VAL W 584 -96.06 44.59 -71.79
CA VAL W 584 -94.83 44.09 -72.41
C VAL W 584 -93.59 44.53 -71.61
N CYS W 585 -93.54 45.79 -71.20
CA CYS W 585 -92.39 46.24 -70.42
C CYS W 585 -92.30 45.48 -69.10
N ALA W 586 -93.42 45.29 -68.41
CA ALA W 586 -93.41 44.55 -67.16
C ALA W 586 -93.00 43.11 -67.38
N ALA W 587 -93.48 42.47 -68.45
CA ALA W 587 -93.13 41.07 -68.69
C ALA W 587 -91.62 40.90 -68.85
N ILE W 588 -90.99 41.79 -69.59
CA ILE W 588 -89.55 41.66 -69.80
C ILE W 588 -88.79 41.92 -68.49
N LEU W 589 -89.15 43.00 -67.79
CA LEU W 589 -88.46 43.31 -66.54
C LEU W 589 -88.71 42.24 -65.47
N ASN W 590 -89.93 41.69 -65.41
CA ASN W 590 -90.21 40.68 -64.42
C ASN W 590 -89.46 39.39 -64.73
N CYS W 591 -89.29 39.05 -66.00
CA CYS W 591 -88.50 37.87 -66.32
C CYS W 591 -87.06 38.05 -65.88
N VAL W 592 -86.50 39.25 -66.08
CA VAL W 592 -85.14 39.51 -65.62
C VAL W 592 -85.06 39.45 -64.10
N LYS W 593 -86.04 40.04 -63.41
CA LYS W 593 -86.04 39.97 -61.95
C LYS W 593 -86.13 38.53 -61.46
N ALA W 594 -87.01 37.75 -62.08
CA ALA W 594 -87.23 36.37 -61.63
C ALA W 594 -85.96 35.55 -61.77
N GLU W 595 -85.25 35.70 -62.89
CA GLU W 595 -83.99 34.98 -63.06
C GLU W 595 -82.82 35.62 -62.34
N LEU W 596 -82.78 36.95 -62.19
CA LEU W 596 -81.67 37.60 -61.55
C LEU W 596 -81.59 37.39 -60.05
N PHE W 597 -82.70 37.53 -59.32
CA PHE W 597 -82.60 37.40 -57.87
C PHE W 597 -81.95 36.09 -57.45
N PRO W 598 -82.36 34.93 -57.95
CA PRO W 598 -81.67 33.69 -57.54
C PRO W 598 -80.25 33.59 -58.06
N ALA W 599 -79.95 34.21 -59.20
CA ALA W 599 -78.56 34.24 -59.67
C ALA W 599 -77.71 35.15 -58.79
N HIS W 600 -78.25 36.28 -58.35
CA HIS W 600 -77.56 37.11 -57.37
C HIS W 600 -77.36 36.37 -56.06
N ARG W 601 -78.39 35.66 -55.59
CA ARG W 601 -78.28 34.91 -54.35
C ARG W 601 -77.34 33.72 -54.49
N ASP W 602 -77.47 32.97 -55.59
CA ASP W 602 -76.66 31.77 -55.78
C ASP W 602 -75.21 32.10 -56.06
N SER W 603 -74.97 33.14 -56.84
CA SER W 603 -73.60 33.56 -57.08
C SER W 603 -73.08 34.30 -55.86
N ASN W 604 -71.76 34.52 -55.84
CA ASN W 604 -71.15 35.32 -54.79
C ASN W 604 -70.82 36.72 -55.26
N ILE W 605 -71.54 37.21 -56.27
CA ILE W 605 -71.21 38.50 -56.88
C ILE W 605 -71.21 39.59 -55.82
N GLU W 606 -72.12 39.50 -54.86
CA GLU W 606 -72.19 40.50 -53.80
C GLU W 606 -71.00 40.36 -52.85
N ALA W 607 -70.71 39.13 -52.42
CA ALA W 607 -69.56 38.90 -51.55
C ALA W 607 -68.25 39.22 -52.27
N ALA W 608 -68.16 38.92 -53.57
CA ALA W 608 -66.93 39.17 -54.29
C ALA W 608 -66.58 40.65 -54.30
N PHE W 609 -67.57 41.51 -54.56
CA PHE W 609 -67.31 42.94 -54.53
C PHE W 609 -66.94 43.40 -53.13
N ARG W 610 -67.66 42.92 -52.12
CA ARG W 610 -67.36 43.35 -50.76
C ARG W 610 -65.97 42.90 -50.32
N VAL W 611 -65.61 41.64 -50.58
CA VAL W 611 -64.36 41.12 -50.05
C VAL W 611 -63.17 41.70 -50.79
N ILE W 612 -63.38 42.29 -51.96
CA ILE W 612 -62.30 42.95 -52.67
C ILE W 612 -62.23 44.44 -52.35
N SER W 613 -63.36 45.13 -52.46
CA SER W 613 -63.32 46.58 -52.30
C SER W 613 -63.09 47.00 -50.85
N GLY W 614 -63.53 46.19 -49.90
CA GLY W 614 -63.44 46.55 -48.50
C GLY W 614 -64.59 47.38 -47.96
N ASN W 615 -65.55 47.77 -48.79
CA ASN W 615 -66.70 48.55 -48.37
C ASN W 615 -67.83 47.60 -48.03
N GLN W 616 -68.21 47.56 -46.75
CA GLN W 616 -69.25 46.64 -46.33
C GLN W 616 -70.59 46.97 -46.99
N ASP W 617 -70.83 48.24 -47.28
CA ASP W 617 -72.11 48.67 -47.83
C ASP W 617 -72.07 48.86 -49.35
N GLU W 618 -71.40 47.96 -50.07
CA GLU W 618 -71.34 48.06 -51.53
C GLU W 618 -71.85 46.78 -52.18
N THR W 619 -72.68 46.94 -53.20
CA THR W 619 -73.29 45.88 -53.98
C THR W 619 -73.06 46.15 -55.46
N PRO W 620 -73.10 45.13 -56.30
CA PRO W 620 -72.97 45.36 -57.75
C PRO W 620 -74.16 46.11 -58.31
N MET W 621 -73.90 46.89 -59.34
CA MET W 621 -74.96 47.53 -60.12
C MET W 621 -75.06 46.83 -61.45
N TYR W 622 -76.24 46.33 -61.77
CA TYR W 622 -76.44 45.52 -62.96
C TYR W 622 -76.70 46.40 -64.18
N LEU W 623 -76.04 46.06 -65.28
CA LEU W 623 -76.13 46.83 -66.51
C LEU W 623 -76.92 46.03 -67.54
N PHE W 624 -77.98 46.63 -68.05
CA PHE W 624 -78.84 45.99 -69.04
C PHE W 624 -78.28 46.31 -70.41
N CYS W 625 -77.68 45.33 -71.06
CA CYS W 625 -77.03 45.49 -72.35
C CYS W 625 -77.99 44.97 -73.42
N SER W 626 -78.42 45.84 -74.33
CA SER W 626 -79.42 45.42 -75.29
C SER W 626 -79.24 46.13 -76.61
N ASP W 627 -79.96 45.66 -77.61
CA ASP W 627 -80.03 46.34 -78.90
C ASP W 627 -81.01 47.49 -78.77
N LYS W 628 -81.24 48.23 -79.86
CA LYS W 628 -82.06 49.42 -79.74
C LYS W 628 -83.55 49.10 -79.72
N GLU W 629 -83.97 47.97 -80.31
CA GLU W 629 -85.38 47.61 -80.21
C GLU W 629 -85.77 47.36 -78.77
N ILE W 630 -84.97 46.52 -78.10
CA ILE W 630 -85.26 46.14 -76.72
C ILE W 630 -85.12 47.35 -75.81
N ALA W 631 -84.08 48.17 -76.02
CA ALA W 631 -83.83 49.26 -75.10
C ALA W 631 -85.05 50.16 -74.97
N ASN W 632 -85.78 50.40 -76.08
CA ASN W 632 -86.94 51.27 -75.99
C ASN W 632 -87.99 50.72 -75.04
N TYR W 633 -88.04 49.39 -74.89
CA TYR W 633 -88.99 48.81 -73.94
C TYR W 633 -88.49 48.91 -72.51
N LEU W 634 -87.18 48.83 -72.30
CA LEU W 634 -86.62 48.92 -70.96
C LEU W 634 -86.55 50.35 -70.45
N MET W 635 -86.31 51.31 -71.34
CA MET W 635 -86.14 52.71 -70.95
C MET W 635 -87.45 53.38 -70.55
N THR W 636 -88.59 52.70 -70.66
CA THR W 636 -89.86 53.29 -70.23
C THR W 636 -89.73 53.71 -68.79
N LYS W 637 -89.14 52.86 -67.96
CA LYS W 637 -88.99 53.16 -66.55
C LYS W 637 -87.69 53.92 -66.39
N GLY W 638 -87.69 55.19 -66.82
CA GLY W 638 -86.46 55.99 -66.85
C GLY W 638 -86.58 56.84 -65.61
N ASP W 639 -86.80 56.21 -64.46
CA ASP W 639 -86.85 56.90 -63.17
C ASP W 639 -86.55 55.88 -62.11
N ASP W 640 -87.39 54.86 -61.94
CA ASP W 640 -87.20 53.88 -60.89
C ASP W 640 -86.27 52.89 -61.57
N ARG W 641 -85.01 52.76 -61.10
CA ARG W 641 -84.08 51.83 -61.71
C ARG W 641 -83.57 50.87 -60.62
N THR W 642 -84.49 50.26 -59.89
CA THR W 642 -84.12 49.37 -58.81
C THR W 642 -84.77 48.00 -59.00
N LEU W 643 -84.17 47.00 -58.37
CA LEU W 643 -84.67 45.63 -58.40
C LEU W 643 -84.94 45.15 -56.99
N GLY W 644 -86.19 44.84 -56.64
CA GLY W 644 -86.51 44.36 -55.29
C GLY W 644 -86.41 45.46 -54.25
N ALA W 645 -85.19 45.81 -53.84
CA ALA W 645 -84.99 46.83 -52.81
C ALA W 645 -83.66 47.54 -53.02
N TYR W 646 -82.54 46.90 -52.67
CA TYR W 646 -81.25 47.60 -52.62
C TYR W 646 -80.53 47.60 -53.95
N LEU W 647 -80.87 46.68 -54.84
CA LEU W 647 -80.18 46.60 -56.12
C LEU W 647 -80.56 47.74 -57.04
N LYS W 648 -79.61 48.16 -57.88
CA LYS W 648 -79.85 49.23 -58.84
C LYS W 648 -79.37 48.72 -60.19
N TYR W 649 -79.84 49.31 -61.30
CA TYR W 649 -79.37 48.93 -62.62
C TYR W 649 -79.34 50.14 -63.53
N ASP W 650 -78.74 49.97 -64.71
CA ASP W 650 -78.76 51.00 -65.73
C ASP W 650 -78.92 50.33 -67.08
N ILE W 651 -79.29 51.12 -68.08
CA ILE W 651 -79.61 50.60 -69.41
C ILE W 651 -78.68 51.23 -70.43
N VAL W 652 -78.04 50.38 -71.22
CA VAL W 652 -77.15 50.82 -72.30
C VAL W 652 -77.55 50.06 -73.56
N SER W 653 -77.57 50.77 -74.68
CA SER W 653 -78.01 50.19 -75.94
C SER W 653 -76.88 50.17 -76.94
N THR W 654 -76.92 49.20 -77.85
CA THR W 654 -75.99 49.14 -78.96
C THR W 654 -76.75 48.96 -80.26
N ASN W 655 -76.12 49.39 -81.35
CA ASN W 655 -76.64 49.15 -82.68
C ASN W 655 -75.84 48.09 -83.43
N ASN W 656 -74.96 47.37 -82.75
CA ASN W 656 -74.11 46.40 -83.42
C ASN W 656 -74.92 45.25 -83.99
N GLN W 657 -74.63 44.89 -85.23
CA GLN W 657 -75.42 43.86 -85.91
C GLN W 657 -75.43 42.55 -85.12
N LEU W 658 -74.31 42.23 -84.47
CA LEU W 658 -74.17 40.92 -83.85
C LEU W 658 -75.02 40.80 -82.58
N PHE W 659 -75.49 41.92 -82.05
CA PHE W 659 -76.13 41.95 -80.74
C PHE W 659 -77.64 42.05 -80.85
N ASP W 660 -78.20 42.03 -82.06
CA ASP W 660 -79.64 42.20 -82.20
C ASP W 660 -80.41 41.08 -81.51
N GLY W 661 -81.50 41.45 -80.86
CA GLY W 661 -82.40 40.49 -80.23
C GLY W 661 -81.89 39.92 -78.93
N LYS W 662 -80.84 40.49 -78.36
CA LYS W 662 -80.22 39.97 -77.15
C LYS W 662 -80.39 40.98 -76.01
N LEU W 663 -80.64 40.48 -74.82
CA LEU W 663 -80.54 41.27 -73.60
C LEU W 663 -79.61 40.51 -72.67
N VAL W 664 -78.51 41.13 -72.29
CA VAL W 664 -77.53 40.55 -71.40
C VAL W 664 -77.37 41.47 -70.20
N VAL W 665 -77.47 40.90 -69.01
CA VAL W 665 -77.38 41.67 -67.77
C VAL W 665 -76.07 41.29 -67.10
N ILE W 666 -75.22 42.28 -66.87
CA ILE W 666 -73.92 42.01 -66.26
C ILE W 666 -73.70 42.99 -65.11
N PRO W 667 -73.13 42.55 -64.00
CA PRO W 667 -72.84 43.49 -62.91
C PRO W 667 -71.57 44.29 -63.18
N THR W 668 -71.59 45.55 -62.75
CA THR W 668 -70.40 46.37 -62.72
C THR W 668 -70.35 47.07 -61.38
N ARG W 669 -69.23 47.69 -61.06
CA ARG W 669 -69.16 48.47 -59.85
C ARG W 669 -69.97 49.74 -60.03
N ALA W 670 -70.70 50.15 -59.01
CA ALA W 670 -71.51 51.35 -59.08
C ALA W 670 -70.67 52.60 -59.28
N VAL W 671 -69.59 52.70 -58.54
CA VAL W 671 -68.70 53.84 -58.70
C VAL W 671 -67.49 53.39 -59.46
N GLN W 672 -67.52 53.53 -60.78
CA GLN W 672 -66.43 53.04 -61.60
C GLN W 672 -65.15 53.79 -61.31
N GLN W 673 -64.06 53.06 -61.09
CA GLN W 673 -62.77 53.70 -60.89
C GLN W 673 -61.84 53.27 -61.99
N GLU W 674 -60.69 53.93 -62.12
CA GLU W 674 -59.72 53.53 -63.13
C GLU W 674 -59.08 52.20 -62.85
N ASN W 675 -58.89 51.38 -63.89
CA ASN W 675 -58.20 50.11 -63.73
C ASN W 675 -58.78 49.32 -62.56
N ASP W 676 -60.11 49.27 -62.51
CA ASP W 676 -60.82 48.66 -61.41
C ASP W 676 -61.16 47.22 -61.76
N ILE W 677 -60.58 46.29 -61.02
CA ILE W 677 -60.80 44.87 -61.27
C ILE W 677 -62.25 44.47 -61.12
N LEU W 678 -63.06 45.25 -60.42
CA LEU W 678 -64.45 44.88 -60.21
C LEU W 678 -65.34 45.24 -61.40
N SER W 679 -64.80 45.86 -62.45
CA SER W 679 -65.55 46.04 -63.69
C SER W 679 -65.71 44.71 -64.41
N TRP W 680 -66.87 44.50 -65.02
CA TRP W 680 -67.14 43.24 -65.70
C TRP W 680 -66.06 42.92 -66.71
N GLY W 681 -65.62 43.92 -67.47
CA GLY W 681 -64.45 43.78 -68.29
C GLY W 681 -63.66 45.08 -68.30
N GLN W 682 -62.54 45.05 -68.98
CA GLN W 682 -61.70 46.23 -69.13
C GLN W 682 -61.25 46.34 -70.57
N PHE W 683 -61.04 47.57 -71.03
CA PHE W 683 -60.43 47.82 -72.32
C PHE W 683 -59.05 48.39 -72.10
N PHE W 684 -58.02 47.62 -72.45
CA PHE W 684 -56.64 48.06 -72.27
C PHE W 684 -56.14 48.66 -73.58
N TYR W 685 -55.93 49.97 -73.58
CA TYR W 685 -55.60 50.73 -74.78
C TYR W 685 -54.20 51.29 -74.62
N VAL W 686 -53.32 50.97 -75.55
CA VAL W 686 -51.97 51.52 -75.49
C VAL W 686 -51.85 52.74 -76.38
N SER W 687 -52.07 52.57 -77.68
CA SER W 687 -51.92 53.66 -78.66
C SER W 687 -52.47 53.26 -80.02
N THR W 688 -52.60 54.22 -80.92
CA THR W 688 -52.80 53.96 -82.35
C THR W 688 -51.70 54.71 -83.09
N VAL W 689 -50.76 53.97 -83.67
CA VAL W 689 -49.60 54.61 -84.28
C VAL W 689 -49.91 54.97 -85.72
N ILE W 690 -49.62 56.22 -86.07
CA ILE W 690 -49.81 56.74 -87.43
C ILE W 690 -48.43 56.78 -88.07
N ALA W 691 -48.27 56.10 -89.20
CA ALA W 691 -46.98 56.00 -89.86
C ALA W 691 -47.12 56.38 -91.31
N ASP W 692 -46.19 57.21 -91.79
CA ASP W 692 -46.15 57.65 -93.18
C ASP W 692 -44.77 57.41 -93.76
N LEU W 693 -44.73 56.71 -94.91
CA LEU W 693 -43.47 56.42 -95.58
C LEU W 693 -43.76 56.05 -97.02
N PRO W 694 -43.11 56.69 -97.99
CA PRO W 694 -43.29 56.27 -99.38
C PRO W 694 -42.84 54.83 -99.58
N ILE W 695 -43.70 54.03 -100.21
CA ILE W 695 -43.46 52.61 -100.39
C ILE W 695 -43.36 52.35 -101.89
N THR W 696 -42.33 51.61 -102.31
CA THR W 696 -42.21 51.16 -103.68
C THR W 696 -42.80 49.77 -103.83
N ARG W 697 -44.03 49.58 -103.34
CA ARG W 697 -44.60 48.26 -103.21
C ARG W 697 -44.77 47.61 -104.58
N GLY W 698 -44.29 46.37 -104.69
CA GLY W 698 -44.32 45.63 -105.93
C GLY W 698 -43.06 45.76 -106.76
N GLY W 699 -42.20 46.72 -106.43
CA GLY W 699 -40.98 46.95 -107.17
C GLY W 699 -41.11 47.84 -108.38
N HIS W 700 -42.33 48.21 -108.77
CA HIS W 700 -42.51 49.03 -109.96
C HIS W 700 -43.45 50.20 -109.81
N GLN W 701 -43.94 50.51 -108.61
CA GLN W 701 -44.87 51.60 -108.40
C GLN W 701 -44.55 52.29 -107.08
N VAL W 702 -44.47 53.61 -107.11
CA VAL W 702 -44.31 54.42 -105.91
C VAL W 702 -45.68 54.81 -105.39
N THR W 703 -45.92 54.54 -104.12
CA THR W 703 -47.18 54.91 -103.47
C THR W 703 -46.86 55.50 -102.11
N ARG W 704 -47.56 56.57 -101.76
CA ARG W 704 -47.49 57.07 -100.40
C ARG W 704 -48.55 56.36 -99.55
N GLU W 705 -48.10 55.65 -98.52
CA GLU W 705 -48.99 54.86 -97.67
C GLU W 705 -48.96 55.42 -96.26
N ILE W 706 -50.12 55.77 -95.75
CA ILE W 706 -50.28 56.21 -94.36
C ILE W 706 -51.09 55.16 -93.64
N ALA W 707 -50.53 54.59 -92.58
CA ALA W 707 -51.15 53.49 -91.86
C ALA W 707 -51.43 53.87 -90.42
N ALA W 708 -52.52 53.33 -89.88
CA ALA W 708 -52.87 53.46 -88.48
C ALA W 708 -52.83 52.06 -87.86
N ILE W 709 -51.92 51.85 -86.91
CA ILE W 709 -51.71 50.55 -86.30
C ILE W 709 -52.22 50.62 -84.86
N PRO W 710 -53.39 50.08 -84.56
CA PRO W 710 -53.85 50.01 -83.18
C PRO W 710 -53.16 48.92 -82.39
N PHE W 711 -53.24 49.07 -81.06
CA PHE W 711 -52.61 48.17 -80.10
C PHE W 711 -53.43 48.21 -78.82
N ASN W 712 -54.32 47.24 -78.65
CA ASN W 712 -55.23 47.23 -77.50
C ASN W 712 -55.77 45.82 -77.28
N LEU W 713 -56.49 45.66 -76.18
CA LEU W 713 -57.02 44.36 -75.78
C LEU W 713 -58.27 44.57 -74.95
N HIS W 714 -59.28 43.74 -75.19
CA HIS W 714 -60.45 43.64 -74.34
C HIS W 714 -60.31 42.40 -73.46
N VAL W 715 -60.49 42.58 -72.16
CA VAL W 715 -60.33 41.51 -71.18
C VAL W 715 -61.57 41.46 -70.31
N ASN W 716 -62.01 40.26 -69.98
CA ASN W 716 -63.15 40.05 -69.09
C ASN W 716 -62.63 39.73 -67.70
N ASN W 717 -63.40 40.11 -66.68
CA ASN W 717 -63.06 39.82 -65.29
C ASN W 717 -64.10 38.94 -64.60
N ILE W 718 -65.37 39.28 -64.71
CA ILE W 718 -66.42 38.69 -63.88
C ILE W 718 -67.14 37.64 -64.70
N PRO W 719 -67.23 36.39 -64.23
CA PRO W 719 -67.88 35.36 -65.04
C PRO W 719 -69.39 35.36 -64.94
N PHE W 720 -69.98 36.33 -64.26
CA PHE W 720 -71.43 36.35 -64.09
C PHE W 720 -72.08 37.02 -65.30
N ALA W 721 -73.12 36.38 -65.84
CA ALA W 721 -73.92 36.97 -66.90
C ALA W 721 -75.27 36.29 -66.95
N LEU W 722 -76.31 37.08 -67.21
CA LEU W 722 -77.64 36.56 -67.52
C LEU W 722 -77.99 36.95 -68.95
N GLU W 723 -78.31 35.97 -69.78
CA GLU W 723 -78.58 36.20 -71.18
C GLU W 723 -80.03 35.87 -71.49
N PHE W 724 -80.74 36.82 -72.07
CA PHE W 724 -82.15 36.67 -72.43
C PHE W 724 -82.29 36.88 -73.93
N LYS W 725 -83.01 35.99 -74.59
CA LYS W 725 -83.35 36.11 -76.00
C LYS W 725 -84.80 36.54 -76.07
N ILE W 726 -85.06 37.76 -76.52
CA ILE W 726 -86.38 38.34 -76.50
C ILE W 726 -86.93 38.41 -77.92
N THR W 727 -87.97 37.64 -78.19
CA THR W 727 -88.53 37.55 -79.54
C THR W 727 -90.05 37.59 -79.41
N GLY W 728 -90.72 38.10 -80.44
CA GLY W 728 -92.17 38.09 -80.44
C GLY W 728 -92.85 39.45 -80.41
N PHE W 729 -92.06 40.52 -80.43
CA PHE W 729 -92.65 41.87 -80.38
C PHE W 729 -93.71 42.05 -81.45
N GLN W 730 -93.44 41.59 -82.67
CA GLN W 730 -94.38 41.80 -83.76
C GLN W 730 -95.67 41.02 -83.57
N LYS W 731 -95.66 40.00 -82.72
CA LYS W 731 -96.85 39.18 -82.50
C LYS W 731 -97.55 39.47 -81.18
N VAL W 732 -96.81 39.75 -80.10
CA VAL W 732 -97.47 40.03 -78.83
C VAL W 732 -98.10 41.42 -78.80
N MET W 733 -97.59 42.36 -79.58
CA MET W 733 -98.24 43.65 -79.77
C MET W 733 -99.06 43.73 -81.04
N GLY W 734 -98.70 43.00 -82.09
CA GLY W 734 -99.38 43.15 -83.36
C GLY W 734 -100.70 42.40 -83.40
N GLU W 735 -100.82 41.32 -82.64
CA GLU W 735 -102.01 40.50 -82.64
C GLU W 735 -102.70 40.58 -81.28
N THR W 736 -103.84 39.89 -81.19
CA THR W 736 -104.57 39.79 -79.94
C THR W 736 -103.94 38.74 -79.02
N GLN W 737 -104.07 38.97 -77.72
CA GLN W 737 -103.63 37.99 -76.73
C GLN W 737 -104.76 37.46 -75.86
N PHE W 738 -105.89 38.17 -75.78
CA PHE W 738 -106.98 37.80 -74.88
C PHE W 738 -108.26 37.49 -75.63
N ASN W 739 -108.74 38.42 -76.46
CA ASN W 739 -109.98 38.18 -77.19
C ASN W 739 -109.84 37.02 -78.17
N GLY W 740 -108.64 36.77 -78.69
CA GLY W 740 -108.46 35.66 -79.59
C GLY W 740 -108.75 34.33 -78.91
N LYS W 741 -108.39 34.21 -77.64
CA LYS W 741 -108.64 32.97 -76.93
C LYS W 741 -110.12 32.70 -76.80
N LEU W 742 -110.91 33.74 -76.49
CA LEU W 742 -112.36 33.59 -76.41
C LEU W 742 -112.95 33.16 -77.74
N ALA W 743 -112.40 33.64 -78.85
CA ALA W 743 -112.86 33.18 -80.15
C ALA W 743 -112.47 31.73 -80.37
N ASP W 744 -111.25 31.36 -79.99
CA ASP W 744 -110.79 29.98 -80.20
C ASP W 744 -111.61 28.98 -79.37
N LEU W 745 -112.14 29.41 -78.22
CA LEU W 745 -112.97 28.51 -77.42
C LEU W 745 -114.33 28.27 -78.05
N LYS W 746 -114.69 29.03 -79.07
CA LYS W 746 -116.00 28.86 -79.69
C LYS W 746 -116.09 27.47 -80.32
N PRO W 747 -117.12 26.68 -79.97
CA PRO W 747 -117.35 25.32 -80.50
C PRO W 747 -117.28 25.26 -82.02
N ASN X 164 -32.74 43.08 -81.53
CA ASN X 164 -33.51 42.35 -82.54
C ASN X 164 -34.10 43.34 -83.51
N TYR X 165 -34.80 42.85 -84.53
CA TYR X 165 -35.49 43.77 -85.42
C TYR X 165 -36.67 44.44 -84.73
N ASN X 166 -37.52 43.67 -84.07
CA ASN X 166 -38.62 44.20 -83.27
C ASN X 166 -38.42 43.78 -81.83
N GLU X 167 -38.26 44.77 -80.95
CA GLU X 167 -38.13 44.55 -79.51
C GLU X 167 -39.46 44.89 -78.85
N LYS X 168 -40.26 43.86 -78.56
CA LYS X 168 -41.57 44.09 -78.01
C LYS X 168 -41.61 43.55 -76.59
N SER X 169 -42.40 44.21 -75.74
CA SER X 169 -42.46 43.88 -74.32
C SER X 169 -43.34 42.66 -74.13
N GLN X 170 -42.68 41.52 -73.94
CA GLN X 170 -43.40 40.32 -73.55
C GLN X 170 -43.17 39.96 -72.09
N ARG X 171 -42.44 40.78 -71.35
CA ARG X 171 -42.05 40.44 -69.99
C ARG X 171 -42.42 41.52 -68.98
N ASP X 172 -42.26 42.79 -69.32
CA ASP X 172 -42.67 43.83 -68.41
C ASP X 172 -44.17 44.07 -68.56
N PHE X 173 -44.87 44.11 -67.43
CA PHE X 173 -46.32 44.23 -67.41
C PHE X 173 -46.70 45.08 -66.22
N ARG X 174 -47.85 45.73 -66.29
CA ARG X 174 -48.39 46.35 -65.09
C ARG X 174 -49.06 45.30 -64.22
N VAL X 175 -48.96 45.50 -62.91
CA VAL X 175 -49.58 44.63 -61.92
C VAL X 175 -50.68 45.42 -61.22
N VAL X 176 -51.88 44.87 -61.16
CA VAL X 176 -53.00 45.64 -60.65
C VAL X 176 -53.20 45.42 -59.16
N THR X 177 -52.47 44.49 -58.55
CA THR X 177 -52.48 44.23 -57.11
C THR X 177 -53.90 44.23 -56.53
N ILE X 178 -54.60 43.12 -56.78
CA ILE X 178 -56.01 42.99 -56.39
C ILE X 178 -56.14 42.97 -54.88
N GLY X 179 -57.07 43.75 -54.35
CA GLY X 179 -57.27 43.81 -52.93
C GLY X 179 -58.02 42.60 -52.41
N TYR X 180 -58.01 42.44 -51.09
CA TYR X 180 -58.69 41.32 -50.44
C TYR X 180 -59.02 41.73 -49.02
N ASN X 181 -60.24 42.23 -48.81
CA ASN X 181 -60.63 42.83 -47.55
C ASN X 181 -61.88 42.14 -47.02
N LEU X 182 -61.72 41.34 -45.97
CA LEU X 182 -62.85 40.58 -45.45
C LEU X 182 -63.05 40.87 -43.98
N ALA X 183 -64.30 40.73 -43.53
CA ALA X 183 -64.67 41.05 -42.17
C ALA X 183 -65.89 40.23 -41.76
N ALA X 184 -66.05 40.08 -40.45
CA ALA X 184 -67.26 39.47 -39.89
C ALA X 184 -67.40 39.97 -38.46
N SER X 185 -68.60 40.43 -38.09
CA SER X 185 -68.87 40.84 -36.73
C SER X 185 -69.09 39.63 -35.84
N ARG X 186 -69.09 39.81 -34.51
CA ARG X 186 -69.31 38.70 -33.60
C ARG X 186 -70.41 37.78 -34.11
N GLN X 187 -71.51 38.36 -34.56
CA GLN X 187 -72.48 37.67 -35.40
C GLN X 187 -73.20 38.70 -36.24
N ASP X 188 -73.72 38.27 -37.37
CA ASP X 188 -74.30 39.17 -38.35
C ASP X 188 -75.69 39.62 -37.92
N GLU X 189 -76.28 40.49 -38.75
CA GLU X 189 -77.54 41.10 -38.38
C GLU X 189 -78.64 40.05 -38.26
N PHE X 190 -78.60 39.04 -39.13
CA PHE X 190 -79.59 37.97 -39.09
C PHE X 190 -79.53 37.24 -37.75
N ALA X 191 -78.34 36.78 -37.36
CA ALA X 191 -78.21 36.08 -36.10
C ALA X 191 -78.43 37.00 -34.90
N GLU X 192 -78.00 38.25 -35.00
CA GLU X 192 -78.09 39.15 -33.85
C GLU X 192 -79.53 39.47 -33.52
N ARG X 193 -80.36 39.66 -34.54
CA ARG X 193 -81.76 39.97 -34.27
C ARG X 193 -82.50 38.74 -33.76
N ILE X 194 -82.08 37.56 -34.18
CA ILE X 194 -82.77 36.34 -33.75
C ILE X 194 -82.23 35.88 -32.40
N TYR X 195 -80.90 35.90 -32.25
CA TYR X 195 -80.24 35.47 -31.01
C TYR X 195 -79.40 36.63 -30.48
N PRO X 196 -80.03 37.64 -29.85
CA PRO X 196 -79.26 38.78 -29.38
C PRO X 196 -78.13 38.35 -28.44
N THR X 197 -77.01 39.05 -28.54
CA THR X 197 -75.80 38.66 -27.82
C THR X 197 -75.90 39.05 -26.35
N THR X 198 -75.58 38.10 -25.47
CA THR X 198 -75.46 38.33 -24.05
C THR X 198 -74.08 37.88 -23.59
N VAL X 199 -73.37 38.75 -22.89
CA VAL X 199 -72.01 38.45 -22.47
C VAL X 199 -72.05 37.71 -21.14
N ILE X 200 -71.37 36.57 -21.09
CA ILE X 200 -71.29 35.72 -19.91
C ILE X 200 -69.85 35.72 -19.44
N ASN X 201 -69.65 35.82 -18.13
CA ASN X 201 -68.30 35.83 -17.62
C ASN X 201 -67.68 34.45 -17.78
N PRO X 202 -66.41 34.35 -18.17
CA PRO X 202 -65.78 33.03 -18.30
C PRO X 202 -65.83 32.20 -17.03
N ILE X 203 -65.90 32.83 -15.85
CA ILE X 203 -65.92 32.08 -14.59
C ILE X 203 -67.23 31.34 -14.45
N GLU X 204 -68.27 31.79 -15.17
CA GLU X 204 -69.59 31.20 -15.04
C GLU X 204 -69.79 30.10 -16.07
N GLY X 205 -69.71 30.45 -17.35
CA GLY X 205 -69.91 29.46 -18.39
C GLY X 205 -71.32 28.96 -18.56
N GLY X 206 -72.33 29.75 -18.22
CA GLY X 206 -73.71 29.32 -18.36
C GLY X 206 -74.66 30.21 -17.60
N VAL X 207 -75.96 29.99 -17.76
CA VAL X 207 -76.98 30.81 -17.10
C VAL X 207 -78.02 29.88 -16.49
N VAL X 208 -78.78 30.40 -15.53
CA VAL X 208 -79.92 29.71 -14.94
C VAL X 208 -81.14 30.62 -15.08
N GLN X 209 -82.24 30.06 -15.54
CA GLN X 209 -83.47 30.82 -15.75
C GLN X 209 -84.49 30.40 -14.72
N VAL X 210 -84.91 31.33 -13.86
CA VAL X 210 -85.83 31.03 -12.77
C VAL X 210 -87.18 31.62 -13.13
N LEU X 211 -88.20 30.78 -13.18
CA LEU X 211 -89.53 31.16 -13.65
C LEU X 211 -90.53 31.07 -12.50
N PRO X 212 -90.74 32.12 -11.73
CA PRO X 212 -91.81 32.12 -10.72
C PRO X 212 -93.17 32.25 -11.38
N TYR X 213 -94.18 31.70 -10.72
CA TYR X 213 -95.55 31.95 -11.15
C TYR X 213 -96.51 31.58 -10.04
N ILE X 214 -97.77 32.00 -10.22
CA ILE X 214 -98.85 31.67 -9.30
C ILE X 214 -99.75 30.65 -9.97
N ALA X 215 -99.95 29.51 -9.32
CA ALA X 215 -100.72 28.42 -9.91
C ALA X 215 -102.07 28.30 -9.23
N VAL X 216 -103.11 28.06 -10.01
CA VAL X 216 -104.43 27.80 -9.47
C VAL X 216 -104.61 26.29 -9.46
N MET X 217 -105.11 25.75 -8.36
CA MET X 217 -105.27 24.32 -8.21
C MET X 217 -106.59 24.02 -7.51
N LYS X 218 -107.05 22.79 -7.67
CA LYS X 218 -108.28 22.34 -7.07
C LYS X 218 -108.05 22.06 -5.59
N ASP X 219 -109.08 22.20 -4.77
CA ASP X 219 -108.99 21.76 -3.38
C ASP X 219 -109.17 20.25 -3.27
N VAL X 220 -108.07 19.51 -3.19
CA VAL X 220 -108.09 18.05 -3.32
C VAL X 220 -107.34 17.45 -2.14
N TYR X 221 -107.92 16.42 -1.53
CA TYR X 221 -107.25 15.69 -0.46
C TYR X 221 -106.33 14.63 -1.05
N HIS X 222 -105.29 14.27 -0.31
CA HIS X 222 -104.41 13.18 -0.75
C HIS X 222 -105.14 11.85 -0.67
N GLU X 223 -105.22 11.17 -1.81
CA GLU X 223 -105.94 9.91 -1.88
C GLU X 223 -105.07 8.78 -1.34
N VAL X 224 -105.65 7.95 -0.48
CA VAL X 224 -104.89 6.91 0.21
C VAL X 224 -104.17 6.00 -0.78
N SER X 225 -104.85 5.56 -1.84
CA SER X 225 -104.27 4.63 -2.80
C SER X 225 -103.84 5.30 -4.09
N GLY X 226 -103.77 6.63 -4.11
CA GLY X 226 -103.49 7.36 -5.34
C GLY X 226 -102.09 7.20 -5.84
N VAL X 227 -101.91 7.15 -7.16
CA VAL X 227 -100.56 7.18 -7.72
C VAL X 227 -100.03 8.59 -7.71
N LYS X 228 -100.86 9.59 -8.02
CA LYS X 228 -100.44 10.97 -8.02
C LYS X 228 -101.65 11.83 -7.69
N MET X 229 -101.39 13.08 -7.28
CA MET X 229 -102.45 13.98 -6.90
C MET X 229 -103.31 14.33 -8.11
N ASP X 230 -104.61 14.02 -8.06
CA ASP X 230 -105.50 14.34 -9.16
C ASP X 230 -106.00 15.77 -9.02
N ASN X 231 -105.11 16.72 -9.29
CA ASN X 231 -105.36 18.13 -9.07
C ASN X 231 -104.86 18.90 -10.27
N GLU X 232 -105.78 19.39 -11.11
CA GLU X 232 -105.34 20.06 -12.32
C GLU X 232 -104.80 21.43 -11.95
N GLU X 233 -103.50 21.49 -11.73
CA GLU X 233 -102.78 22.69 -11.37
C GLU X 233 -102.34 23.37 -12.65
N VAL X 234 -102.71 24.63 -12.81
CA VAL X 234 -102.47 25.36 -14.05
C VAL X 234 -101.88 26.73 -13.71
N ASN X 235 -100.88 27.14 -14.47
CA ASN X 235 -100.33 28.46 -14.33
C ASN X 235 -101.41 29.50 -14.58
N MET X 236 -101.53 30.47 -13.68
CA MET X 236 -102.62 31.43 -13.82
C MET X 236 -102.60 32.11 -15.18
N VAL X 237 -101.44 32.17 -15.82
CA VAL X 237 -101.34 32.85 -17.11
C VAL X 237 -102.28 32.20 -18.12
N GLU X 238 -102.57 30.91 -17.93
CA GLU X 238 -103.47 30.22 -18.84
C GLU X 238 -104.88 30.78 -18.76
N ALA X 239 -105.28 31.32 -17.61
CA ALA X 239 -106.64 31.81 -17.45
C ALA X 239 -106.95 32.97 -18.40
N TYR X 240 -105.94 33.64 -18.94
CA TYR X 240 -106.20 34.74 -19.87
C TYR X 240 -106.74 34.22 -21.20
N ARG X 241 -106.38 33.01 -21.58
CA ARG X 241 -106.92 32.40 -22.79
C ARG X 241 -108.10 31.51 -22.49
N ASP X 242 -108.06 30.78 -21.39
CA ASP X 242 -109.12 29.82 -21.07
C ASP X 242 -109.56 29.98 -19.64
N PRO X 243 -110.36 31.00 -19.35
CA PRO X 243 -110.68 31.26 -17.95
C PRO X 243 -111.46 30.13 -17.30
N SER X 244 -112.01 29.22 -18.08
CA SER X 244 -112.83 28.15 -17.52
C SER X 244 -112.11 27.32 -16.46
N ILE X 245 -110.79 27.35 -16.47
CA ILE X 245 -110.02 26.60 -15.47
C ILE X 245 -110.29 27.13 -14.09
N LEU X 246 -110.84 28.33 -13.98
CA LEU X 246 -111.12 28.97 -12.71
C LEU X 246 -112.52 28.69 -12.18
N ASP X 247 -113.37 28.04 -12.98
CA ASP X 247 -114.75 27.85 -12.58
C ASP X 247 -114.85 26.98 -11.34
N ASP X 248 -115.73 27.36 -10.43
CA ASP X 248 -116.00 26.60 -9.22
C ASP X 248 -117.47 26.76 -8.85
N GLU X 249 -118.16 25.63 -8.71
CA GLU X 249 -119.57 25.63 -8.33
C GLU X 249 -119.80 24.87 -7.04
N SER X 250 -118.77 24.79 -6.19
CA SER X 250 -118.89 24.08 -4.92
C SER X 250 -119.89 24.74 -3.98
N ILE X 251 -120.17 26.03 -4.15
CA ILE X 251 -121.15 26.67 -3.29
C ILE X 251 -122.57 26.19 -3.60
N ALA X 252 -122.76 25.56 -4.75
CA ALA X 252 -124.08 25.18 -5.21
C ALA X 252 -124.73 24.16 -4.28
N LEU X 253 -126.04 24.28 -4.14
CA LEU X 253 -126.85 23.31 -3.40
C LEU X 253 -127.49 22.35 -4.37
N ILE X 254 -126.99 21.12 -4.40
CA ILE X 254 -127.40 20.11 -5.36
C ILE X 254 -128.03 18.97 -4.57
N PRO X 255 -129.34 18.77 -4.65
CA PRO X 255 -129.95 17.62 -3.95
C PRO X 255 -129.28 16.33 -4.35
N ALA X 256 -128.92 15.54 -3.35
CA ALA X 256 -128.15 14.32 -3.57
C ALA X 256 -128.88 13.11 -3.04
N LEU X 257 -128.65 11.98 -3.69
CA LEU X 257 -129.27 10.73 -3.28
C LEU X 257 -128.39 10.08 -2.22
N ASP X 258 -129.01 9.61 -1.14
CA ASP X 258 -128.27 8.85 -0.15
C ASP X 258 -127.94 7.49 -0.75
N PRO X 259 -126.65 7.13 -0.83
CA PRO X 259 -126.31 5.79 -1.35
C PRO X 259 -127.06 4.67 -0.66
N ALA X 260 -127.51 4.87 0.57
CA ALA X 260 -128.25 3.83 1.27
C ALA X 260 -129.71 3.76 0.83
N GLY X 261 -130.18 4.73 0.04
CA GLY X 261 -131.57 4.78 -0.37
C GLY X 261 -132.51 5.36 0.66
N SER X 262 -132.00 6.11 1.64
CA SER X 262 -132.85 6.60 2.72
C SER X 262 -133.78 7.70 2.25
N ASN X 263 -133.37 8.47 1.24
CA ASN X 263 -134.16 9.60 0.76
C ASN X 263 -134.58 9.43 -0.70
N ALA X 264 -134.60 8.20 -1.20
CA ALA X 264 -134.96 7.98 -2.59
C ALA X 264 -136.35 8.51 -2.89
N ASP X 265 -137.24 8.49 -1.91
CA ASP X 265 -138.63 8.90 -2.10
C ASP X 265 -138.78 10.38 -2.43
N PHE X 266 -137.72 11.18 -2.29
CA PHE X 266 -137.80 12.60 -2.62
C PHE X 266 -137.47 12.88 -4.08
N PHE X 267 -137.02 11.88 -4.83
CA PHE X 267 -136.50 12.07 -6.17
C PHE X 267 -137.39 11.37 -7.18
N VAL X 268 -137.26 11.79 -8.44
CA VAL X 268 -138.00 11.14 -9.51
C VAL X 268 -137.57 9.68 -9.62
N ASP X 269 -138.53 8.82 -9.88
CA ASP X 269 -138.23 7.39 -9.99
C ASP X 269 -137.18 7.17 -11.07
N PRO X 270 -136.13 6.39 -10.79
CA PRO X 270 -135.12 6.15 -11.82
C PRO X 270 -135.73 5.66 -13.13
N ALA X 271 -136.87 5.00 -13.07
CA ALA X 271 -137.50 4.50 -14.29
C ALA X 271 -137.83 5.64 -15.25
N LEU X 272 -138.16 6.82 -14.71
CA LEU X 272 -138.50 7.94 -15.58
C LEU X 272 -137.27 8.76 -15.92
N VAL X 273 -136.44 9.06 -14.92
CA VAL X 273 -135.23 9.85 -15.12
C VAL X 273 -134.08 9.18 -14.37
N PRO X 274 -133.23 8.42 -15.05
CA PRO X 274 -132.15 7.75 -14.34
C PRO X 274 -131.26 8.76 -13.67
N PRO X 275 -130.79 8.48 -12.45
CA PRO X 275 -129.87 9.41 -11.79
C PRO X 275 -128.57 9.51 -12.55
N TYR X 276 -127.92 10.66 -12.42
CA TYR X 276 -126.63 10.90 -13.04
C TYR X 276 -125.65 11.34 -11.97
N THR X 277 -124.38 11.08 -12.18
CA THR X 277 -123.35 11.45 -11.21
C THR X 277 -122.80 12.83 -11.51
N ILE X 278 -122.26 13.47 -10.47
CA ILE X 278 -121.54 14.72 -10.59
C ILE X 278 -120.22 14.59 -9.85
N LYS X 279 -119.14 15.06 -10.47
CA LYS X 279 -117.83 15.08 -9.84
C LYS X 279 -117.57 16.45 -9.24
N ASN X 280 -117.35 16.49 -7.92
CA ASN X 280 -117.07 17.73 -7.23
C ASN X 280 -115.68 18.24 -7.59
N GLU X 281 -115.49 19.55 -7.40
CA GLU X 281 -114.17 20.14 -7.55
C GLU X 281 -113.16 19.49 -6.60
N GLN X 282 -113.64 18.91 -5.50
CA GLN X 282 -112.77 18.17 -4.61
C GLN X 282 -112.56 16.73 -5.03
N ASN X 283 -112.97 16.36 -6.24
CA ASN X 283 -112.92 14.98 -6.73
C ASN X 283 -113.83 14.04 -5.94
N LEU X 284 -114.90 14.56 -5.36
CA LEU X 284 -115.85 13.74 -4.60
C LEU X 284 -117.10 13.54 -5.43
N THR X 285 -117.43 12.29 -5.71
CA THR X 285 -118.56 11.97 -6.59
C THR X 285 -119.86 11.90 -5.79
N ILE X 286 -120.92 12.49 -6.36
CA ILE X 286 -122.26 12.40 -5.78
C ILE X 286 -123.22 11.90 -6.85
N THR X 287 -124.36 11.37 -6.40
CA THR X 287 -125.45 10.97 -7.29
C THR X 287 -126.57 11.98 -7.19
N THR X 288 -126.99 12.52 -8.34
CA THR X 288 -128.02 13.55 -8.39
C THR X 288 -129.15 13.13 -9.31
N ALA X 289 -130.37 13.53 -8.94
CA ALA X 289 -131.55 13.35 -9.77
C ALA X 289 -132.50 14.49 -9.51
N PRO X 290 -133.39 14.79 -10.46
CA PRO X 290 -134.39 15.82 -10.21
C PRO X 290 -135.25 15.47 -9.00
N LEU X 291 -135.63 16.50 -8.25
CA LEU X 291 -136.53 16.29 -7.14
C LEU X 291 -137.92 15.93 -7.65
N LYS X 292 -138.62 15.06 -6.93
CA LYS X 292 -139.96 14.68 -7.33
C LYS X 292 -140.89 15.87 -7.19
N ALA X 293 -141.81 16.02 -8.14
CA ALA X 293 -142.84 17.02 -7.98
C ALA X 293 -143.77 16.62 -6.84
N ASN X 294 -144.35 17.64 -6.20
CA ASN X 294 -145.23 17.50 -5.02
C ASN X 294 -144.54 16.80 -3.86
N VAL X 295 -143.36 17.32 -3.49
CA VAL X 295 -142.50 16.72 -2.49
C VAL X 295 -142.31 17.73 -1.36
N ARG X 296 -142.29 17.23 -0.13
CA ARG X 296 -141.90 18.03 1.03
C ARG X 296 -140.67 17.39 1.67
N LEU X 297 -139.65 18.20 1.94
CA LEU X 297 -138.39 17.67 2.40
C LEU X 297 -137.57 18.75 3.08
N ASP X 298 -136.53 18.31 3.79
CA ASP X 298 -135.45 19.18 4.26
C ASP X 298 -134.49 19.39 3.10
N LEU X 299 -134.56 20.56 2.47
CA LEU X 299 -133.79 20.79 1.26
C LEU X 299 -132.30 20.80 1.55
N MET X 300 -131.90 21.37 2.69
CA MET X 300 -130.50 21.36 3.07
C MET X 300 -130.04 19.95 3.45
N GLY X 301 -130.82 19.25 4.27
CA GLY X 301 -130.39 17.94 4.72
C GLY X 301 -130.17 16.99 3.56
N ASN X 302 -130.96 17.12 2.51
CA ASN X 302 -130.85 16.26 1.33
C ASN X 302 -129.87 16.79 0.30
N SER X 303 -129.14 17.86 0.62
CA SER X 303 -128.22 18.46 -0.32
C SER X 303 -126.93 17.67 -0.40
N ASN X 304 -126.19 17.88 -1.48
CA ASN X 304 -124.87 17.27 -1.61
C ASN X 304 -123.95 17.69 -0.48
N ALA X 305 -124.17 18.88 0.09
CA ALA X 305 -123.33 19.37 1.17
C ALA X 305 -123.44 18.52 2.42
N ASN X 306 -124.53 17.77 2.58
CA ASN X 306 -124.68 16.95 3.77
C ASN X 306 -124.10 15.56 3.60
N LEU X 307 -123.87 15.13 2.35
CA LEU X 307 -123.29 13.82 2.08
C LEU X 307 -121.90 13.93 1.46
N LEU X 308 -121.34 15.12 1.36
CA LEU X 308 -120.14 15.31 0.54
C LEU X 308 -118.92 14.65 1.16
N ILE X 309 -118.63 14.98 2.41
CA ILE X 309 -117.50 14.38 3.13
C ILE X 309 -117.98 13.53 4.30
N GLN X 310 -118.86 14.07 5.13
CA GLN X 310 -119.49 13.31 6.21
C GLN X 310 -120.98 13.56 6.18
N ARG X 311 -121.75 12.62 6.75
CA ARG X 311 -123.19 12.58 6.55
C ARG X 311 -123.96 13.60 7.38
N GLY X 312 -123.30 14.33 8.27
CA GLY X 312 -124.05 15.22 9.13
C GLY X 312 -123.42 16.56 9.46
N MET X 313 -122.78 17.20 8.47
CA MET X 313 -122.00 18.38 8.76
C MET X 313 -122.87 19.63 8.88
N LEU X 314 -124.00 19.67 8.20
CA LEU X 314 -124.78 20.90 8.07
C LEU X 314 -125.38 21.29 9.42
N GLU X 315 -125.28 22.58 9.75
CA GLU X 315 -125.82 23.10 11.00
C GLU X 315 -126.66 24.33 10.70
N VAL X 316 -127.24 24.91 11.76
CA VAL X 316 -128.11 26.07 11.58
C VAL X 316 -127.31 27.24 11.05
N SER X 317 -125.98 27.20 11.20
CA SER X 317 -125.13 28.25 10.65
C SER X 317 -125.18 28.29 9.14
N ASP X 318 -125.51 27.19 8.49
CA ASP X 318 -125.63 27.18 7.04
C ASP X 318 -126.97 27.76 6.60
N THR X 319 -126.92 28.65 5.60
CA THR X 319 -128.12 29.28 5.07
C THR X 319 -128.17 29.16 3.55
N ILE X 320 -129.38 29.28 3.00
CA ILE X 320 -129.63 29.22 1.56
C ILE X 320 -129.65 30.63 0.99
N ASP X 321 -129.05 30.79 -0.19
CA ASP X 321 -129.02 32.09 -0.84
C ASP X 321 -130.40 32.38 -1.43
N PRO X 322 -131.05 33.48 -1.05
CA PRO X 322 -132.33 33.83 -1.66
C PRO X 322 -132.29 33.98 -3.17
N ALA X 323 -131.15 34.30 -3.75
CA ALA X 323 -131.06 34.53 -5.19
C ALA X 323 -130.93 33.18 -5.87
N GLY X 324 -132.06 32.48 -5.98
CA GLY X 324 -132.08 31.19 -6.63
C GLY X 324 -133.04 31.22 -7.80
N ARG X 325 -132.97 30.17 -8.61
CA ARG X 325 -133.78 30.08 -9.81
C ARG X 325 -134.40 28.70 -9.90
N LEU X 326 -135.52 28.63 -10.61
CA LEU X 326 -136.10 27.35 -11.00
C LEU X 326 -135.41 26.92 -12.29
N LYS X 327 -134.53 25.93 -12.19
CA LYS X 327 -133.61 25.65 -13.28
C LYS X 327 -134.26 24.78 -14.37
N ASN X 328 -134.86 23.66 -13.98
CA ASN X 328 -135.45 22.77 -14.98
C ASN X 328 -136.79 22.25 -14.48
N LEU X 329 -137.66 21.93 -15.42
CA LEU X 329 -138.86 21.15 -15.16
C LEU X 329 -138.84 19.92 -16.05
N PHE X 330 -139.20 18.76 -15.49
CA PHE X 330 -139.26 17.53 -16.24
C PHE X 330 -140.71 17.10 -16.38
N VAL X 331 -141.18 17.01 -17.61
CA VAL X 331 -142.59 16.73 -17.88
C VAL X 331 -142.70 15.33 -18.48
N LEU X 332 -143.66 14.57 -17.99
CA LEU X 332 -143.95 13.25 -18.54
C LEU X 332 -144.87 13.47 -19.73
N LEU X 333 -144.35 13.20 -20.93
CA LEU X 333 -145.04 13.51 -22.16
C LEU X 333 -145.37 12.20 -22.88
N GLY X 334 -146.53 11.63 -22.56
CA GLY X 334 -146.94 10.40 -23.23
C GLY X 334 -146.14 9.18 -22.86
N GLY X 335 -145.66 9.12 -21.62
CA GLY X 335 -144.90 7.98 -21.15
C GLY X 335 -143.41 8.17 -21.08
N LYS X 336 -142.86 9.22 -21.69
CA LYS X 336 -141.44 9.50 -21.66
C LYS X 336 -141.22 10.96 -21.27
N VAL X 337 -140.06 11.23 -20.69
CA VAL X 337 -139.82 12.50 -20.03
C VAL X 337 -139.13 13.47 -20.99
N VAL X 338 -139.60 14.71 -20.99
CA VAL X 338 -138.96 15.79 -21.75
C VAL X 338 -138.45 16.83 -20.77
N LYS X 339 -137.21 17.24 -20.95
CA LYS X 339 -136.57 18.21 -20.07
C LYS X 339 -136.76 19.61 -20.65
N PHE X 340 -137.27 20.51 -19.81
CA PHE X 340 -137.48 21.91 -20.18
C PHE X 340 -136.58 22.79 -19.34
N LYS X 341 -135.78 23.61 -19.99
CA LYS X 341 -134.88 24.52 -19.30
C LYS X 341 -135.58 25.87 -19.15
N VAL X 342 -135.80 26.30 -17.92
CA VAL X 342 -136.60 27.49 -17.64
C VAL X 342 -135.87 28.41 -16.66
N ASP X 343 -134.56 28.39 -16.68
CA ASP X 343 -133.82 29.03 -15.59
C ASP X 343 -133.87 30.55 -15.58
N ARG X 344 -133.68 31.19 -16.72
CA ARG X 344 -133.65 32.67 -16.73
C ARG X 344 -134.98 33.40 -16.94
N LEU X 345 -136.07 32.67 -17.10
CA LEU X 345 -137.34 33.32 -17.39
C LEU X 345 -137.75 34.23 -16.24
N PRO X 346 -138.46 35.31 -16.53
CA PRO X 346 -138.90 36.25 -15.46
C PRO X 346 -139.66 35.65 -14.29
N ARG X 347 -140.29 34.50 -14.47
CA ARG X 347 -141.08 33.84 -13.43
C ARG X 347 -140.33 32.68 -12.81
N ALA X 348 -139.04 32.53 -13.13
CA ALA X 348 -138.23 31.45 -12.59
C ALA X 348 -137.37 31.89 -11.42
N VAL X 349 -137.54 33.12 -10.96
CA VAL X 349 -136.71 33.65 -9.89
C VAL X 349 -137.42 33.51 -8.55
N PHE X 350 -136.65 33.26 -7.50
CA PHE X 350 -137.23 33.18 -6.17
C PHE X 350 -137.79 34.52 -5.77
N GLN X 351 -138.93 34.51 -5.10
CA GLN X 351 -139.50 35.75 -4.63
C GLN X 351 -139.65 35.70 -3.12
N PRO X 352 -139.61 36.84 -2.44
CA PRO X 352 -139.82 36.83 -1.00
C PRO X 352 -141.26 36.47 -0.67
N ASP X 353 -141.45 35.79 0.45
CA ASP X 353 -142.78 35.50 0.97
C ASP X 353 -143.24 36.69 1.81
N LEU X 354 -144.39 37.24 1.45
CA LEU X 354 -144.84 38.48 2.08
C LEU X 354 -145.70 38.18 3.31
N VAL X 355 -146.03 36.91 3.52
CA VAL X 355 -146.85 36.48 4.65
C VAL X 355 -146.16 35.32 5.35
N GLY X 356 -145.89 35.50 6.63
CA GLY X 356 -145.25 34.47 7.42
C GLY X 356 -143.78 34.80 7.69
N ASP X 357 -143.00 33.74 7.86
CA ASP X 357 -141.60 33.92 8.21
C ASP X 357 -140.91 34.72 7.12
N THR X 358 -140.22 35.79 7.53
CA THR X 358 -139.62 36.69 6.56
C THR X 358 -138.45 36.06 5.81
N ARG X 359 -137.99 34.89 6.24
CA ARG X 359 -136.93 34.16 5.57
C ARG X 359 -137.43 33.19 4.52
N ASN X 360 -138.74 33.10 4.31
CA ASN X 360 -139.29 32.20 3.31
C ASN X 360 -139.18 32.83 1.93
N ALA X 361 -138.81 32.02 0.95
CA ALA X 361 -138.84 32.42 -0.46
C ALA X 361 -139.75 31.47 -1.21
N VAL X 362 -140.52 32.00 -2.14
CA VAL X 362 -141.55 31.24 -2.83
C VAL X 362 -141.25 31.24 -4.32
N ILE X 363 -141.57 30.13 -4.97
CA ILE X 363 -141.52 30.00 -6.42
C ILE X 363 -142.94 30.07 -6.94
N ARG X 364 -143.18 30.94 -7.91
CA ARG X 364 -144.50 31.04 -8.53
C ARG X 364 -144.23 31.06 -10.03
N PHE X 365 -144.13 29.88 -10.62
CA PHE X 365 -143.80 29.71 -12.03
C PHE X 365 -145.08 29.33 -12.76
N ASP X 366 -145.52 30.20 -13.67
CA ASP X 366 -146.76 30.01 -14.40
C ASP X 366 -146.50 30.35 -15.86
N SER X 367 -146.39 29.32 -16.70
CA SER X 367 -145.92 29.50 -18.06
C SER X 367 -146.80 28.70 -19.01
N ASP X 368 -147.25 29.34 -20.09
CA ASP X 368 -147.95 28.67 -21.16
C ASP X 368 -147.08 28.40 -22.37
N ASP X 369 -145.76 28.61 -22.25
CA ASP X 369 -144.89 28.68 -23.41
C ASP X 369 -143.91 27.51 -23.50
N LEU X 370 -144.27 26.35 -22.98
CA LEU X 370 -143.39 25.20 -23.15
C LEU X 370 -143.68 24.55 -24.50
N VAL X 371 -142.66 24.45 -25.34
CA VAL X 371 -142.80 24.07 -26.74
C VAL X 371 -142.26 22.67 -26.93
N VAL X 372 -143.05 21.81 -27.57
CA VAL X 372 -142.59 20.52 -28.05
C VAL X 372 -142.85 20.47 -29.55
N SER X 373 -141.83 20.08 -30.31
CA SER X 373 -141.95 20.00 -31.75
C SER X 373 -141.05 18.88 -32.25
N GLY X 374 -141.03 18.69 -33.57
CA GLY X 374 -140.17 17.67 -34.14
C GLY X 374 -138.70 17.92 -33.87
N ASP X 375 -138.36 19.13 -33.42
CA ASP X 375 -136.97 19.46 -33.14
C ASP X 375 -136.52 18.99 -31.77
N THR X 376 -137.45 18.69 -30.87
CA THR X 376 -137.08 18.35 -29.51
C THR X 376 -136.82 16.85 -29.40
N THR X 377 -136.17 16.45 -28.31
CA THR X 377 -136.00 15.05 -27.96
C THR X 377 -136.37 14.84 -26.50
N PHE X 378 -136.54 13.57 -26.13
CA PHE X 378 -136.72 13.21 -24.72
C PHE X 378 -135.38 13.24 -24.00
N ILE X 379 -135.40 12.96 -22.70
CA ILE X 379 -134.19 13.03 -21.89
C ILE X 379 -133.14 12.07 -22.43
N ASP X 380 -133.57 10.98 -23.04
CA ASP X 380 -132.64 9.97 -23.56
C ASP X 380 -132.10 10.35 -24.93
N GLY X 381 -132.51 11.48 -25.48
CA GLY X 381 -132.00 11.93 -26.76
C GLY X 381 -132.74 11.32 -27.94
N SER X 382 -133.79 10.55 -27.68
CA SER X 382 -134.56 9.89 -28.72
C SER X 382 -135.79 10.72 -29.05
N ALA X 383 -136.11 10.82 -30.33
CA ALA X 383 -137.35 11.43 -30.79
C ALA X 383 -138.28 10.32 -31.28
N ASP X 384 -139.39 10.13 -30.58
CA ASP X 384 -140.33 9.07 -30.92
C ASP X 384 -141.69 9.47 -30.38
N GLY X 385 -142.71 8.71 -30.77
CA GLY X 385 -144.03 8.89 -30.22
C GLY X 385 -144.62 10.26 -30.51
N VAL X 386 -144.94 11.01 -29.46
CA VAL X 386 -145.57 12.31 -29.65
C VAL X 386 -144.72 13.20 -30.55
N ILE X 387 -143.39 13.16 -30.39
CA ILE X 387 -142.53 14.08 -31.11
C ILE X 387 -142.60 13.81 -32.60
N ASN X 388 -142.53 12.54 -33.00
CA ASN X 388 -142.54 12.21 -34.42
C ASN X 388 -143.91 12.48 -35.03
N ASP X 389 -144.97 12.33 -34.25
CA ASP X 389 -146.30 12.68 -34.74
C ASP X 389 -146.45 14.19 -34.91
N LEU X 390 -145.89 14.96 -33.97
CA LEU X 390 -145.84 16.41 -34.15
C LEU X 390 -144.98 16.78 -35.36
N LYS X 391 -143.87 16.07 -35.55
CA LYS X 391 -143.03 16.35 -36.71
C LYS X 391 -143.76 16.04 -38.01
N THR X 392 -144.39 14.86 -38.10
CA THR X 392 -145.06 14.48 -39.35
C THR X 392 -146.17 15.46 -39.68
N ALA X 393 -146.95 15.87 -38.68
CA ALA X 393 -148.05 16.79 -38.93
C ALA X 393 -147.62 18.24 -38.96
N LYS X 394 -146.33 18.52 -38.76
CA LYS X 394 -145.81 19.89 -38.70
C LYS X 394 -146.60 20.73 -37.70
N LEU X 395 -146.83 20.17 -36.52
CA LEU X 395 -147.60 20.81 -35.46
C LEU X 395 -146.69 21.16 -34.30
N SER X 396 -146.86 22.37 -33.76
CA SER X 396 -146.15 22.77 -32.56
C SER X 396 -147.07 22.63 -31.37
N LEU X 397 -146.58 21.99 -30.32
CA LEU X 397 -147.39 21.70 -29.14
C LEU X 397 -147.00 22.66 -28.03
N ARG X 398 -147.95 23.41 -27.50
CA ARG X 398 -147.70 24.37 -26.45
C ARG X 398 -148.34 23.89 -25.16
N LEU X 399 -147.52 23.70 -24.13
CA LEU X 399 -147.97 23.15 -22.87
C LEU X 399 -148.07 24.26 -21.84
N SER X 400 -149.02 24.14 -20.93
CA SER X 400 -149.17 25.07 -19.83
C SER X 400 -148.88 24.32 -18.54
N VAL X 401 -147.91 24.82 -17.77
CA VAL X 401 -147.49 24.17 -16.54
C VAL X 401 -147.52 25.20 -15.42
N GLY X 402 -147.77 24.74 -14.21
CA GLY X 402 -147.71 25.60 -13.06
C GLY X 402 -146.91 24.93 -11.96
N PHE X 403 -145.87 25.59 -11.50
CA PHE X 403 -145.02 25.03 -10.46
C PHE X 403 -144.81 26.06 -9.37
N GLY X 404 -144.93 25.63 -8.12
CA GLY X 404 -144.71 26.52 -7.00
C GLY X 404 -144.15 25.80 -5.79
N GLY X 405 -143.58 26.56 -4.87
CA GLY X 405 -143.06 25.98 -3.64
C GLY X 405 -142.56 27.05 -2.70
N THR X 406 -142.47 26.68 -1.43
CA THR X 406 -141.93 27.56 -0.40
C THR X 406 -140.67 26.94 0.17
N ILE X 407 -139.60 27.74 0.21
CA ILE X 407 -138.31 27.33 0.75
C ILE X 407 -137.99 28.22 1.92
N SER X 408 -137.68 27.62 3.07
CA SER X 408 -137.28 28.37 4.25
C SER X 408 -135.77 28.55 4.22
N LEU X 409 -135.33 29.75 3.90
CA LEU X 409 -133.93 29.95 3.56
C LEU X 409 -133.02 29.68 4.76
N SER X 410 -133.48 30.00 5.97
CA SER X 410 -132.63 29.80 7.14
C SER X 410 -132.80 28.40 7.72
N LYS X 411 -133.99 27.83 7.62
CA LYS X 411 -134.26 26.53 8.24
C LYS X 411 -134.05 25.36 7.30
N GLY X 412 -134.02 25.59 5.99
CA GLY X 412 -133.77 24.51 5.07
C GLY X 412 -134.97 23.69 4.67
N ASP X 413 -136.15 24.01 5.18
CA ASP X 413 -137.35 23.25 4.85
C ASP X 413 -137.86 23.69 3.49
N SER X 414 -138.54 22.77 2.79
CA SER X 414 -139.21 23.18 1.58
C SER X 414 -140.43 22.32 1.34
N LYS X 415 -141.44 22.92 0.72
CA LYS X 415 -142.63 22.22 0.26
C LYS X 415 -142.92 22.69 -1.16
N PHE X 416 -142.97 21.75 -2.10
CA PHE X 416 -143.18 22.05 -3.51
C PHE X 416 -144.51 21.48 -3.95
N GLY X 417 -145.08 22.05 -5.00
CA GLY X 417 -146.29 21.53 -5.58
C GLY X 417 -146.38 21.82 -7.07
N ALA X 418 -147.00 20.92 -7.82
CA ALA X 418 -147.13 21.07 -9.26
C ALA X 418 -148.60 20.99 -9.62
N THR X 419 -149.08 21.94 -10.41
CA THR X 419 -150.48 21.97 -10.81
C THR X 419 -150.71 21.02 -11.98
N ASP X 420 -151.99 20.80 -12.28
CA ASP X 420 -152.33 19.99 -13.44
C ASP X 420 -151.77 20.62 -14.71
N THR X 421 -151.23 19.77 -15.58
CA THR X 421 -150.63 20.20 -16.83
C THR X 421 -151.65 20.09 -17.95
N TYR X 422 -151.78 21.16 -18.73
CA TYR X 422 -152.77 21.24 -19.79
C TYR X 422 -152.08 21.52 -21.12
N VAL X 423 -152.72 21.09 -22.21
CA VAL X 423 -152.32 21.51 -23.54
C VAL X 423 -152.98 22.85 -23.80
N ASP X 424 -152.18 23.89 -23.96
CA ASP X 424 -152.73 25.23 -24.16
C ASP X 424 -153.23 25.40 -25.59
N LYS X 425 -152.46 24.94 -26.57
CA LYS X 425 -152.89 25.02 -27.95
C LYS X 425 -151.95 24.18 -28.81
N VAL X 426 -152.41 23.83 -29.99
CA VAL X 426 -151.58 23.22 -31.01
C VAL X 426 -151.56 24.16 -32.21
N LEU X 427 -150.37 24.52 -32.67
CA LEU X 427 -150.19 25.42 -33.79
C LEU X 427 -149.65 24.66 -35.00
N ASN X 428 -150.00 25.12 -36.18
CA ASN X 428 -149.43 24.61 -37.42
C ASN X 428 -148.12 25.33 -37.68
N GLU X 429 -147.47 25.00 -38.80
CA GLU X 429 -146.17 25.60 -39.10
C GLU X 429 -146.26 27.11 -39.15
N ASP X 430 -147.35 27.64 -39.69
CA ASP X 430 -147.52 29.09 -39.80
C ASP X 430 -147.73 29.73 -38.44
N GLY X 431 -148.30 29.02 -37.49
CA GLY X 431 -148.57 29.58 -36.18
C GLY X 431 -150.03 29.82 -35.92
N GLN X 432 -150.91 29.15 -36.65
CA GLN X 432 -152.35 29.27 -36.46
C GLN X 432 -152.87 28.14 -35.59
N VAL X 433 -153.92 28.45 -34.83
CA VAL X 433 -154.47 27.50 -33.88
C VAL X 433 -155.28 26.44 -34.63
N MET X 434 -154.99 25.18 -34.34
CA MET X 434 -155.69 24.07 -34.95
C MET X 434 -156.84 23.60 -34.06
N ASP X 435 -157.95 23.23 -34.69
CA ASP X 435 -159.07 22.68 -33.97
C ASP X 435 -158.73 21.30 -33.45
N ASN X 436 -159.18 21.01 -32.22
CA ASN X 436 -158.85 19.75 -31.58
C ASN X 436 -159.59 18.57 -32.18
N ALA X 437 -160.55 18.80 -33.08
CA ALA X 437 -161.22 17.72 -33.76
C ALA X 437 -160.45 17.19 -34.95
N ASP X 438 -159.39 17.86 -35.37
CA ASP X 438 -158.63 17.42 -36.52
C ASP X 438 -158.04 16.03 -36.27
N PRO X 439 -158.18 15.10 -37.21
CA PRO X 439 -157.64 13.74 -36.97
C PRO X 439 -156.19 13.73 -36.49
N ALA X 440 -155.36 14.66 -36.98
CA ALA X 440 -153.97 14.68 -36.55
C ALA X 440 -153.84 15.19 -35.13
N VAL X 441 -154.53 16.28 -34.81
CA VAL X 441 -154.43 16.86 -33.48
C VAL X 441 -155.07 15.93 -32.46
N LYS X 442 -156.24 15.38 -32.77
CA LYS X 442 -156.92 14.51 -31.82
C LYS X 442 -156.07 13.29 -31.47
N ALA X 443 -155.45 12.65 -32.48
CA ALA X 443 -154.64 11.47 -32.21
C ALA X 443 -153.49 11.80 -31.27
N ILE X 444 -152.88 12.97 -31.45
CA ILE X 444 -151.78 13.36 -30.58
C ILE X 444 -152.29 13.64 -29.17
N LEU X 445 -153.39 14.38 -29.06
CA LEU X 445 -153.91 14.71 -27.74
C LEU X 445 -154.42 13.46 -27.02
N ASP X 446 -154.79 12.41 -27.77
CA ASP X 446 -155.06 11.13 -27.14
C ASP X 446 -153.78 10.56 -26.53
N GLN X 447 -152.65 10.73 -27.20
CA GLN X 447 -151.39 10.29 -26.60
C GLN X 447 -151.00 11.14 -25.41
N LEU X 448 -151.58 12.33 -25.29
CA LEU X 448 -151.24 13.23 -24.19
C LEU X 448 -152.15 13.10 -22.98
N THR X 449 -152.92 12.02 -22.86
CA THR X 449 -153.70 11.81 -21.65
C THR X 449 -152.81 11.52 -20.45
N ASP X 450 -151.57 11.11 -20.69
CA ASP X 450 -150.57 10.92 -19.65
C ASP X 450 -149.61 12.11 -19.72
N LEU X 451 -149.94 13.17 -18.99
CA LEU X 451 -149.22 14.43 -19.08
C LEU X 451 -149.20 15.09 -17.72
N ALA X 452 -148.00 15.25 -17.16
CA ALA X 452 -147.84 15.86 -15.84
C ALA X 452 -146.39 16.27 -15.68
N VAL X 453 -146.16 17.18 -14.75
CA VAL X 453 -144.81 17.49 -14.27
C VAL X 453 -144.44 16.44 -13.25
N ILE X 454 -143.27 15.82 -13.43
CA ILE X 454 -142.83 14.77 -12.53
C ILE X 454 -141.71 15.22 -11.61
N GLY X 455 -140.84 16.13 -12.06
CA GLY X 455 -139.70 16.53 -11.26
C GLY X 455 -139.22 17.90 -11.65
N PHE X 456 -138.22 18.37 -10.93
CA PHE X 456 -137.67 19.69 -11.16
C PHE X 456 -136.25 19.75 -10.64
N GLU X 457 -135.50 20.75 -11.08
CA GLU X 457 -134.18 21.05 -10.55
C GLU X 457 -134.08 22.53 -10.24
N LEU X 458 -133.34 22.86 -9.19
CA LEU X 458 -133.15 24.25 -8.82
C LEU X 458 -131.72 24.69 -9.10
N ASP X 459 -131.53 26.01 -9.13
CA ASP X 459 -130.22 26.62 -9.07
C ASP X 459 -129.89 27.10 -7.67
N THR X 460 -130.45 26.47 -6.65
CA THR X 460 -130.22 26.90 -5.27
C THR X 460 -128.74 26.77 -4.93
N ARG X 461 -128.22 27.75 -4.24
CA ARG X 461 -126.85 27.72 -3.76
C ARG X 461 -126.81 28.20 -2.31
N PHE X 462 -125.76 27.83 -1.61
CA PHE X 462 -125.61 28.24 -0.23
C PHE X 462 -125.09 29.67 -0.17
N THR X 463 -125.11 30.25 1.02
CA THR X 463 -124.34 31.44 1.31
C THR X 463 -123.29 31.06 2.33
N ASN X 464 -122.05 30.90 1.87
CA ASN X 464 -121.02 30.27 2.70
C ASN X 464 -120.41 31.31 3.63
N THR X 465 -121.27 31.89 4.46
CA THR X 465 -120.82 32.88 5.43
C THR X 465 -120.07 32.22 6.58
N ASN X 466 -120.09 30.89 6.62
CA ASN X 466 -119.31 30.13 7.59
C ASN X 466 -118.10 29.46 6.95
N ARG X 467 -117.77 29.81 5.71
CA ARG X 467 -116.65 29.21 4.99
C ARG X 467 -116.83 27.71 4.79
N ARG X 468 -118.07 27.26 4.66
CA ARG X 468 -118.28 25.84 4.40
C ARG X 468 -117.48 25.39 3.19
N GLN X 469 -117.40 26.23 2.16
CA GLN X 469 -116.66 25.93 0.94
C GLN X 469 -115.60 27.01 0.73
N ARG X 470 -114.37 26.59 0.46
CA ARG X 470 -113.29 27.55 0.20
C ARG X 470 -112.87 27.60 -1.26
N GLY X 471 -113.46 26.77 -2.11
CA GLY X 471 -113.19 26.85 -3.53
C GLY X 471 -111.79 26.43 -3.95
N HIS X 472 -111.29 27.03 -5.02
CA HIS X 472 -109.97 26.72 -5.52
C HIS X 472 -108.90 27.39 -4.68
N LEU X 473 -107.66 26.93 -4.87
CA LEU X 473 -106.53 27.36 -4.08
C LEU X 473 -105.50 28.01 -4.98
N LEU X 474 -104.84 29.04 -4.45
CA LEU X 474 -103.73 29.69 -5.13
C LEU X 474 -102.47 29.47 -4.31
N GLN X 475 -101.40 29.01 -4.96
CA GLN X 475 -100.11 28.85 -4.32
C GLN X 475 -99.01 29.31 -5.26
N THR X 476 -97.92 29.80 -4.69
CA THR X 476 -96.78 30.22 -5.49
C THR X 476 -95.98 29.00 -5.95
N ARG X 477 -95.50 29.06 -7.19
CA ARG X 477 -94.65 28.01 -7.71
C ARG X 477 -93.46 28.66 -8.43
N ALA X 478 -92.41 27.87 -8.67
CA ALA X 478 -91.31 28.32 -9.49
C ALA X 478 -90.65 27.14 -10.18
N LEU X 479 -90.21 27.35 -11.41
CA LEU X 479 -89.48 26.35 -12.19
C LEU X 479 -88.08 26.86 -12.43
N GLN X 480 -87.12 25.95 -12.54
CA GLN X 480 -85.77 26.38 -12.87
C GLN X 480 -85.20 25.60 -14.03
N PHE X 481 -84.59 26.33 -14.96
CA PHE X 481 -83.96 25.79 -16.15
C PHE X 481 -82.48 26.11 -16.07
N ARG X 482 -81.64 25.23 -16.61
CA ARG X 482 -80.20 25.41 -16.59
C ARG X 482 -79.63 25.23 -18.00
N HIS X 483 -78.79 26.16 -18.43
CA HIS X 483 -78.20 26.14 -19.77
C HIS X 483 -76.69 26.24 -19.71
N PRO X 484 -75.96 25.13 -19.67
CA PRO X 484 -74.50 25.21 -19.68
C PRO X 484 -73.94 25.48 -21.07
N ILE X 485 -72.84 26.22 -21.14
CA ILE X 485 -72.25 26.64 -22.41
C ILE X 485 -71.03 25.80 -22.73
N PRO X 486 -71.00 25.12 -23.87
CA PRO X 486 -69.85 24.26 -24.21
C PRO X 486 -68.70 25.01 -24.85
N MET X 487 -67.54 24.36 -24.86
CA MET X 487 -66.47 24.71 -25.77
C MET X 487 -66.80 24.21 -27.18
N HIS X 488 -66.24 24.90 -28.16
CA HIS X 488 -66.38 24.48 -29.56
C HIS X 488 -64.99 24.32 -30.18
N ALA X 489 -64.94 23.53 -31.24
CA ALA X 489 -63.66 23.22 -31.85
C ALA X 489 -62.97 24.48 -32.36
N PRO X 490 -61.65 24.57 -32.23
CA PRO X 490 -60.95 25.78 -32.63
C PRO X 490 -60.61 25.81 -34.12
N VAL X 491 -60.05 26.93 -34.55
CA VAL X 491 -59.37 27.05 -35.83
C VAL X 491 -57.94 27.50 -35.59
N THR X 492 -57.01 26.91 -36.33
CA THR X 492 -55.59 27.09 -36.10
C THR X 492 -54.91 27.71 -37.31
N LEU X 493 -53.94 28.57 -37.06
CA LEU X 493 -53.06 29.12 -38.09
C LEU X 493 -51.64 28.61 -37.88
N PRO X 494 -51.16 27.67 -38.68
CA PRO X 494 -49.76 27.27 -38.59
C PRO X 494 -48.83 28.28 -39.26
N MET X 495 -47.62 28.36 -38.70
CA MET X 495 -46.57 29.17 -39.30
C MET X 495 -45.23 28.58 -38.92
N ASP X 496 -44.20 29.01 -39.62
CA ASP X 496 -42.86 28.49 -39.37
C ASP X 496 -42.39 28.88 -37.99
N THR X 497 -41.61 28.01 -37.35
CA THR X 497 -41.13 28.33 -36.02
C THR X 497 -39.86 29.15 -36.07
N MET X 498 -39.13 29.13 -37.19
CA MET X 498 -37.86 29.85 -37.28
C MET X 498 -38.03 31.29 -37.75
N THR X 499 -39.27 31.71 -37.95
CA THR X 499 -39.54 33.06 -38.37
C THR X 499 -39.67 34.01 -37.19
N ASP X 500 -38.78 34.98 -37.10
CA ASP X 500 -38.84 35.95 -36.01
C ASP X 500 -39.91 37.00 -36.27
N GLU X 501 -40.19 37.31 -37.53
CA GLU X 501 -41.27 38.23 -37.86
C GLU X 501 -42.59 37.69 -37.36
N GLY X 502 -43.43 38.57 -36.83
CA GLY X 502 -44.70 38.14 -36.27
C GLY X 502 -45.73 37.68 -37.27
N PRO X 503 -46.85 37.17 -36.77
CA PRO X 503 -47.93 36.70 -37.65
C PRO X 503 -48.43 37.84 -38.52
N GLY X 504 -48.77 37.54 -39.76
CA GLY X 504 -49.34 38.55 -40.63
C GLY X 504 -50.78 38.85 -40.26
N GLU X 505 -51.40 39.77 -40.99
CA GLU X 505 -52.76 40.17 -40.68
C GLU X 505 -53.68 38.98 -40.75
N VAL X 506 -53.26 37.94 -41.47
CA VAL X 506 -54.08 36.75 -41.59
C VAL X 506 -54.40 36.17 -40.22
N VAL X 507 -53.60 36.50 -39.20
CA VAL X 507 -53.85 35.96 -37.86
C VAL X 507 -55.22 36.44 -37.37
N LYS X 508 -55.64 37.62 -37.81
CA LYS X 508 -56.98 38.08 -37.45
C LYS X 508 -58.07 37.30 -38.17
N ALA X 509 -57.71 36.54 -39.20
CA ALA X 509 -58.73 35.74 -39.88
C ALA X 509 -59.23 34.61 -38.99
N LEU X 510 -58.49 34.27 -37.94
CA LEU X 510 -59.01 33.29 -36.98
C LEU X 510 -60.26 33.81 -36.30
N THR X 511 -60.31 35.11 -36.02
CA THR X 511 -61.52 35.70 -35.47
C THR X 511 -62.64 35.76 -36.51
N VAL X 512 -62.31 36.17 -37.73
CA VAL X 512 -63.34 36.24 -38.77
C VAL X 512 -63.92 34.84 -38.99
N ASN X 513 -63.06 33.84 -39.12
CA ASN X 513 -63.53 32.46 -39.25
C ASN X 513 -64.46 32.10 -38.10
N THR X 514 -64.04 32.38 -36.87
CA THR X 514 -64.89 32.11 -35.72
C THR X 514 -66.22 32.84 -35.82
N ASN X 515 -66.19 34.12 -36.19
CA ASN X 515 -67.42 34.91 -36.23
C ASN X 515 -68.41 34.38 -37.26
N ILE X 516 -67.90 33.91 -38.40
CA ILE X 516 -68.79 33.32 -39.40
C ILE X 516 -69.42 32.04 -38.85
N ARG X 517 -68.61 31.23 -38.16
CA ARG X 517 -69.14 30.01 -37.56
C ARG X 517 -70.24 30.35 -36.56
N ASN X 518 -70.10 31.45 -35.81
CA ASN X 518 -71.15 31.86 -34.89
C ASN X 518 -72.47 32.06 -35.61
N SER X 519 -72.46 32.78 -36.73
CA SER X 519 -73.70 33.00 -37.47
C SER X 519 -74.26 31.69 -38.02
N ASN X 520 -73.38 30.81 -38.47
CA ASN X 520 -73.83 29.53 -39.00
C ASN X 520 -74.49 28.70 -37.91
N ASN X 521 -73.93 28.73 -36.70
CA ASN X 521 -74.53 27.99 -35.60
C ASN X 521 -75.91 28.53 -35.27
N ALA X 522 -76.09 29.85 -35.36
CA ALA X 522 -77.42 30.43 -35.15
C ALA X 522 -78.43 29.88 -36.15
N VAL X 523 -78.01 29.71 -37.41
CA VAL X 523 -78.95 29.19 -38.42
C VAL X 523 -79.27 27.72 -38.15
N LYS X 524 -78.25 26.93 -37.83
CA LYS X 524 -78.47 25.52 -37.56
C LYS X 524 -79.34 25.33 -36.32
N ARG X 525 -79.11 26.15 -35.31
CA ARG X 525 -79.94 26.03 -34.12
C ARG X 525 -81.35 26.42 -34.52
N MET X 526 -81.49 27.49 -35.30
CA MET X 526 -82.84 27.88 -35.67
C MET X 526 -83.57 26.75 -36.39
N LEU X 527 -82.92 26.16 -37.40
CA LEU X 527 -83.59 25.14 -38.20
C LEU X 527 -83.86 23.88 -37.40
N ASN X 528 -82.90 23.47 -36.56
CA ASN X 528 -83.12 22.30 -35.72
C ASN X 528 -84.16 22.56 -34.65
N TYR X 529 -84.19 23.79 -34.13
CA TYR X 529 -85.22 24.15 -33.18
C TYR X 529 -86.60 24.09 -33.81
N LEU X 530 -86.73 24.61 -35.03
CA LEU X 530 -88.02 24.55 -35.70
C LEU X 530 -88.46 23.11 -35.91
N ALA X 531 -87.53 22.24 -36.30
CA ALA X 531 -87.88 20.83 -36.46
C ALA X 531 -88.33 20.21 -35.14
N GLN X 532 -87.66 20.53 -34.04
CA GLN X 532 -88.08 19.97 -32.76
C GLN X 532 -89.44 20.51 -32.34
N LEU X 533 -89.69 21.79 -32.60
CA LEU X 533 -90.99 22.39 -32.31
C LEU X 533 -92.08 21.78 -33.18
N ARG X 534 -91.80 21.54 -34.46
CA ARG X 534 -92.78 20.92 -35.33
C ARG X 534 -93.24 19.59 -34.76
N GLU X 535 -92.29 18.79 -34.28
CA GLU X 535 -92.66 17.51 -33.70
C GLU X 535 -93.50 17.69 -32.45
N VAL X 536 -93.14 18.63 -31.56
CA VAL X 536 -93.94 18.82 -30.35
C VAL X 536 -95.34 19.30 -30.69
N VAL X 537 -95.48 20.27 -31.59
CA VAL X 537 -96.82 20.77 -31.89
C VAL X 537 -97.61 19.75 -32.69
N HIS X 538 -96.93 18.94 -33.50
CA HIS X 538 -97.61 17.85 -34.19
C HIS X 538 -98.26 16.89 -33.19
N ASN X 539 -97.56 16.59 -32.10
CA ASN X 539 -98.08 15.68 -31.10
C ASN X 539 -99.06 16.41 -30.18
N GLY X 540 -99.62 15.66 -29.24
CA GLY X 540 -100.64 16.23 -28.40
C GLY X 540 -100.08 17.11 -27.31
N TYR X 541 -99.45 18.22 -27.68
CA TYR X 541 -98.87 19.17 -26.74
C TYR X 541 -99.34 20.56 -27.14
N ASN X 542 -100.49 20.97 -26.63
CA ASN X 542 -101.04 22.27 -26.95
C ASN X 542 -101.27 23.12 -25.71
N ARG X 543 -100.63 22.78 -24.59
CA ARG X 543 -100.74 23.51 -23.35
C ARG X 543 -99.35 23.74 -22.76
N PRO X 544 -99.16 24.78 -21.96
CA PRO X 544 -97.86 24.98 -21.34
C PRO X 544 -97.56 23.85 -20.36
N LYS X 545 -96.29 23.47 -20.30
CA LYS X 545 -95.84 22.45 -19.39
C LYS X 545 -94.33 22.51 -19.32
N PHE X 546 -93.76 22.01 -18.23
CA PHE X 546 -92.32 21.88 -18.14
C PHE X 546 -91.89 20.57 -18.77
N GLY X 547 -90.82 20.62 -19.55
CA GLY X 547 -90.15 19.40 -19.97
C GLY X 547 -90.53 18.88 -21.34
N ILE X 548 -91.41 19.57 -22.05
CA ILE X 548 -91.77 19.12 -23.39
C ILE X 548 -90.75 19.62 -24.41
N ILE X 549 -90.38 20.90 -24.34
CA ILE X 549 -89.45 21.50 -25.29
C ILE X 549 -88.56 22.47 -24.53
N GLU X 550 -87.37 22.74 -25.08
CA GLU X 550 -86.51 23.74 -24.46
C GLU X 550 -87.04 25.14 -24.64
N GLY X 551 -86.61 26.02 -23.75
CA GLY X 551 -87.05 27.39 -23.72
C GLY X 551 -87.95 27.58 -22.52
N ALA X 552 -87.52 28.42 -21.58
CA ALA X 552 -88.22 28.51 -20.30
C ALA X 552 -89.68 28.88 -20.50
N LEU X 553 -89.96 29.67 -21.51
CA LEU X 553 -91.29 30.22 -21.71
C LEU X 553 -92.29 29.18 -22.17
N SER X 554 -91.84 27.96 -22.51
CA SER X 554 -92.75 26.89 -22.85
C SER X 554 -93.62 26.47 -21.67
N ALA X 555 -93.23 26.82 -20.46
CA ALA X 555 -94.10 26.58 -19.31
C ALA X 555 -95.09 27.71 -19.09
N VAL X 556 -95.01 28.77 -19.89
CA VAL X 556 -95.89 29.93 -19.74
C VAL X 556 -96.94 29.99 -20.82
N MET X 557 -96.56 29.82 -22.09
CA MET X 557 -97.49 29.95 -23.21
C MET X 557 -97.73 28.60 -23.88
N ARG X 558 -98.80 28.53 -24.64
CA ARG X 558 -99.10 27.37 -25.46
C ARG X 558 -98.13 27.29 -26.62
N PRO X 559 -97.46 26.16 -26.81
CA PRO X 559 -96.57 26.03 -27.98
C PRO X 559 -97.37 25.85 -29.25
N THR X 560 -97.10 26.68 -30.27
CA THR X 560 -97.79 26.58 -31.55
C THR X 560 -96.79 26.65 -32.69
N TYR X 561 -97.14 26.02 -33.81
CA TYR X 561 -96.31 25.99 -34.99
C TYR X 561 -97.20 25.75 -36.20
N ARG X 562 -96.94 26.48 -37.28
CA ARG X 562 -97.66 26.29 -38.53
C ARG X 562 -96.69 26.13 -39.67
N TYR X 563 -96.90 25.10 -40.48
CA TYR X 563 -96.08 24.81 -41.64
C TYR X 563 -96.95 24.89 -42.89
N LYS X 564 -96.55 25.72 -43.85
CA LYS X 564 -97.29 25.89 -45.10
C LYS X 564 -96.30 25.89 -46.25
N GLU X 565 -96.58 25.10 -47.28
CA GLU X 565 -95.76 25.02 -48.47
C GLU X 565 -96.39 25.90 -49.55
N LEU X 566 -95.83 27.09 -49.74
CA LEU X 566 -96.40 28.06 -50.68
C LEU X 566 -95.79 27.87 -52.06
N ASP X 567 -96.25 26.88 -52.79
CA ASP X 567 -95.85 26.70 -54.18
C ASP X 567 -96.60 27.75 -54.97
N LEU X 568 -95.89 28.80 -55.38
CA LEU X 568 -96.58 30.02 -55.80
C LEU X 568 -97.47 29.76 -57.00
N GLU X 569 -97.12 28.77 -57.84
CA GLU X 569 -97.96 28.45 -58.99
C GLU X 569 -99.41 28.19 -58.56
N LYS X 570 -99.59 27.61 -57.39
CA LYS X 570 -100.93 27.28 -56.92
C LYS X 570 -101.48 28.29 -55.92
N VAL X 571 -100.76 29.38 -55.67
CA VAL X 571 -101.18 30.32 -54.64
C VAL X 571 -101.55 31.67 -55.23
N ILE X 572 -100.76 32.15 -56.19
CA ILE X 572 -100.93 33.51 -56.68
C ILE X 572 -102.09 33.55 -57.67
N ASP X 573 -102.92 34.57 -57.54
CA ASP X 573 -103.89 34.92 -58.56
C ASP X 573 -103.52 36.23 -59.22
N THR X 574 -103.22 36.16 -60.52
CA THR X 574 -102.74 37.29 -61.30
C THR X 574 -103.46 37.33 -62.63
N ILE X 575 -103.63 38.52 -63.17
CA ILE X 575 -104.39 38.72 -64.39
C ILE X 575 -103.53 39.31 -65.50
N LYS X 576 -102.76 40.35 -65.20
CA LYS X 576 -101.91 40.99 -66.20
C LYS X 576 -100.53 41.28 -65.62
N SER X 577 -99.53 41.29 -66.50
CA SER X 577 -98.14 41.44 -66.07
C SER X 577 -97.84 42.76 -65.35
N LYS X 578 -98.58 43.83 -65.64
CA LYS X 578 -98.29 45.10 -64.94
C LYS X 578 -98.36 44.92 -63.44
N ASP X 579 -99.26 44.05 -62.99
CA ASP X 579 -99.51 43.82 -61.59
C ASP X 579 -98.72 42.67 -61.02
N ARG X 580 -97.86 42.02 -61.81
CA ARG X 580 -97.29 40.74 -61.39
C ARG X 580 -96.45 40.89 -60.12
N TRP X 581 -95.72 42.00 -60.02
CA TRP X 581 -94.90 42.21 -58.83
C TRP X 581 -95.75 42.31 -57.58
N ASP X 582 -96.81 43.11 -57.63
CA ASP X 582 -97.65 43.24 -56.44
C ASP X 582 -98.37 41.95 -56.14
N ASP X 583 -98.73 41.19 -57.18
CA ASP X 583 -99.40 39.92 -56.97
C ASP X 583 -98.49 38.90 -56.29
N VAL X 584 -97.21 38.85 -56.68
CA VAL X 584 -96.30 37.94 -55.98
C VAL X 584 -96.10 38.37 -54.53
N CYS X 585 -95.81 39.66 -54.32
CA CYS X 585 -95.54 40.14 -52.97
C CYS X 585 -96.77 40.01 -52.08
N ALA X 586 -97.94 40.36 -52.61
CA ALA X 586 -99.16 40.30 -51.82
C ALA X 586 -99.49 38.87 -51.44
N ALA X 587 -99.31 37.92 -52.34
CA ALA X 587 -99.67 36.53 -52.03
C ALA X 587 -98.83 36.02 -50.87
N ILE X 588 -97.53 36.34 -50.88
CA ILE X 588 -96.66 35.84 -49.82
C ILE X 588 -97.02 36.49 -48.49
N LEU X 589 -97.20 37.81 -48.48
CA LEU X 589 -97.54 38.50 -47.23
C LEU X 589 -98.92 38.09 -46.73
N ASN X 590 -99.89 37.94 -47.64
CA ASN X 590 -101.23 37.52 -47.22
C ASN X 590 -101.21 36.10 -46.66
N CYS X 591 -100.37 35.22 -47.21
CA CYS X 591 -100.28 33.89 -46.62
C CYS X 591 -99.77 33.95 -45.19
N VAL X 592 -98.79 34.82 -44.94
CA VAL X 592 -98.30 34.97 -43.57
C VAL X 592 -99.40 35.50 -42.65
N LYS X 593 -100.13 36.52 -43.10
CA LYS X 593 -101.22 37.04 -42.29
C LYS X 593 -102.24 35.95 -41.97
N ALA X 594 -102.57 35.12 -42.95
CA ALA X 594 -103.54 34.07 -42.74
C ALA X 594 -103.10 33.07 -41.69
N GLU X 595 -101.79 32.80 -41.56
CA GLU X 595 -101.33 31.89 -40.52
C GLU X 595 -100.98 32.59 -39.23
N LEU X 596 -100.49 33.82 -39.30
CA LEU X 596 -100.03 34.53 -38.11
C LEU X 596 -101.17 35.01 -37.24
N PHE X 597 -102.24 35.51 -37.85
CA PHE X 597 -103.38 35.95 -37.04
C PHE X 597 -103.98 34.82 -36.21
N PRO X 598 -104.36 33.67 -36.77
CA PRO X 598 -104.86 32.60 -35.90
C PRO X 598 -103.80 32.04 -34.99
N ALA X 599 -102.55 32.03 -35.42
CA ALA X 599 -101.48 31.51 -34.58
C ALA X 599 -101.24 32.43 -33.39
N HIS X 600 -101.31 33.74 -33.60
CA HIS X 600 -101.24 34.65 -32.46
C HIS X 600 -102.39 34.41 -31.50
N ARG X 601 -103.60 34.21 -32.02
CA ARG X 601 -104.72 33.87 -31.13
C ARG X 601 -104.55 32.48 -30.51
N ASP X 602 -104.10 31.50 -31.30
CA ASP X 602 -104.03 30.13 -30.80
C ASP X 602 -102.98 29.99 -29.71
N SER X 603 -101.88 30.72 -29.83
CA SER X 603 -100.91 30.72 -28.76
C SER X 603 -101.39 31.63 -27.65
N ASN X 604 -100.73 31.54 -26.50
CA ASN X 604 -100.98 32.49 -25.41
C ASN X 604 -99.87 33.50 -25.32
N ILE X 605 -99.30 33.87 -26.48
CA ILE X 605 -98.07 34.67 -26.51
C ILE X 605 -98.31 36.08 -26.00
N GLU X 606 -99.48 36.65 -26.30
CA GLU X 606 -99.73 38.03 -25.90
C GLU X 606 -99.77 38.16 -24.39
N ALA X 607 -100.42 37.20 -23.71
CA ALA X 607 -100.41 37.18 -22.26
C ALA X 607 -99.01 36.96 -21.70
N ALA X 608 -98.20 36.12 -22.36
CA ALA X 608 -96.86 35.85 -21.85
C ALA X 608 -96.01 37.11 -21.82
N PHE X 609 -96.04 37.90 -22.89
CA PHE X 609 -95.27 39.15 -22.88
C PHE X 609 -95.83 40.13 -21.87
N ARG X 610 -97.17 40.24 -21.80
CA ARG X 610 -97.75 41.18 -20.85
C ARG X 610 -97.40 40.82 -19.41
N VAL X 611 -97.55 39.55 -19.03
CA VAL X 611 -97.32 39.17 -17.65
C VAL X 611 -95.84 39.18 -17.31
N ILE X 612 -94.98 38.86 -18.28
CA ILE X 612 -93.55 38.81 -17.98
C ILE X 612 -92.92 40.19 -18.00
N SER X 613 -93.26 40.99 -19.02
CA SER X 613 -92.67 42.32 -19.12
C SER X 613 -93.18 43.28 -18.05
N GLY X 614 -94.41 43.09 -17.60
CA GLY X 614 -95.00 44.04 -16.66
C GLY X 614 -95.66 45.23 -17.29
N ASN X 615 -95.76 45.29 -18.61
CA ASN X 615 -96.38 46.41 -19.30
C ASN X 615 -97.78 46.01 -19.74
N GLN X 616 -98.79 46.71 -19.21
CA GLN X 616 -100.16 46.37 -19.52
C GLN X 616 -100.43 46.41 -21.02
N ASP X 617 -99.73 47.30 -21.73
CA ASP X 617 -99.90 47.45 -23.17
C ASP X 617 -98.56 47.17 -23.85
N GLU X 618 -98.32 45.89 -24.14
CA GLU X 618 -97.18 45.47 -24.93
C GLU X 618 -97.50 44.18 -25.64
N THR X 619 -97.14 44.13 -26.93
CA THR X 619 -97.34 42.98 -27.78
C THR X 619 -96.02 42.60 -28.44
N PRO X 620 -95.87 41.34 -28.85
CA PRO X 620 -94.65 40.96 -29.57
C PRO X 620 -94.60 41.61 -30.94
N MET X 621 -93.38 41.85 -31.41
CA MET X 621 -93.13 42.28 -32.78
C MET X 621 -92.45 41.13 -33.51
N TYR X 622 -92.94 40.84 -34.70
CA TYR X 622 -92.54 39.64 -35.42
C TYR X 622 -91.48 39.95 -36.47
N LEU X 623 -90.49 39.07 -36.57
CA LEU X 623 -89.44 39.18 -37.57
C LEU X 623 -89.76 38.24 -38.71
N PHE X 624 -89.65 38.74 -39.94
CA PHE X 624 -89.72 37.88 -41.11
C PHE X 624 -88.33 37.43 -41.51
N CYS X 625 -88.00 36.18 -41.22
CA CYS X 625 -86.66 35.65 -41.44
C CYS X 625 -86.68 34.92 -42.78
N SER X 626 -85.90 35.43 -43.74
CA SER X 626 -86.00 34.92 -45.10
C SER X 626 -84.62 34.91 -45.72
N ASP X 627 -84.51 34.23 -46.85
CA ASP X 627 -83.27 34.27 -47.62
C ASP X 627 -83.30 35.52 -48.50
N LYS X 628 -82.26 35.69 -49.32
CA LYS X 628 -82.16 36.92 -50.10
C LYS X 628 -83.21 37.02 -51.19
N GLU X 629 -83.54 35.91 -51.85
CA GLU X 629 -84.52 35.96 -52.92
C GLU X 629 -85.90 36.37 -52.37
N ILE X 630 -86.33 35.77 -51.27
CA ILE X 630 -87.64 36.09 -50.72
C ILE X 630 -87.65 37.50 -50.14
N ALA X 631 -86.58 37.88 -49.44
CA ALA X 631 -86.54 39.21 -48.84
C ALA X 631 -86.73 40.29 -49.89
N ASN X 632 -86.21 40.10 -51.09
CA ASN X 632 -86.36 41.11 -52.13
C ASN X 632 -87.83 41.34 -52.45
N TYR X 633 -88.71 40.38 -52.20
CA TYR X 633 -90.14 40.59 -52.38
C TYR X 633 -90.81 41.19 -51.14
N LEU X 634 -90.50 40.69 -49.94
CA LEU X 634 -91.11 41.25 -48.70
C LEU X 634 -90.75 42.71 -48.39
N MET X 635 -89.56 43.18 -48.80
CA MET X 635 -89.15 44.57 -48.57
C MET X 635 -89.86 45.57 -49.47
N THR X 636 -90.73 45.11 -50.37
CA THR X 636 -91.47 45.99 -51.26
C THR X 636 -92.22 47.09 -50.54
N LYS X 637 -92.86 46.74 -49.43
CA LYS X 637 -93.66 47.71 -48.68
C LYS X 637 -92.87 48.94 -48.29
N GLY X 638 -91.66 48.74 -47.79
CA GLY X 638 -90.84 49.88 -47.42
C GLY X 638 -90.94 50.34 -45.99
N ASP X 639 -91.59 51.47 -45.75
CA ASP X 639 -91.62 52.07 -44.42
C ASP X 639 -92.65 51.46 -43.47
N ASP X 640 -93.92 51.46 -43.86
CA ASP X 640 -95.00 51.06 -42.94
C ASP X 640 -95.17 49.55 -42.87
N ARG X 641 -94.24 48.87 -42.20
CA ARG X 641 -94.31 47.43 -42.07
C ARG X 641 -95.29 47.14 -40.96
N THR X 642 -96.58 47.22 -41.26
CA THR X 642 -97.63 47.01 -40.25
C THR X 642 -98.64 46.03 -40.83
N LEU X 643 -99.17 45.11 -40.00
CA LEU X 643 -100.13 44.13 -40.46
C LEU X 643 -101.55 44.67 -40.29
N GLY X 644 -102.51 43.86 -40.74
CA GLY X 644 -103.90 44.27 -40.60
C GLY X 644 -104.31 44.53 -39.17
N ALA X 645 -103.56 43.99 -38.22
CA ALA X 645 -103.85 44.15 -36.80
C ALA X 645 -103.07 45.32 -36.20
N TYR X 646 -102.91 45.27 -34.89
CA TYR X 646 -101.99 46.15 -34.19
C TYR X 646 -100.56 45.66 -34.29
N LEU X 647 -100.35 44.42 -34.75
CA LEU X 647 -99.02 43.84 -34.82
C LEU X 647 -98.19 44.47 -35.92
N LYS X 648 -96.91 44.64 -35.64
CA LYS X 648 -95.94 45.19 -36.59
C LYS X 648 -94.89 44.12 -36.84
N TYR X 649 -94.11 44.29 -37.90
CA TYR X 649 -93.07 43.32 -38.23
C TYR X 649 -91.84 44.01 -38.81
N ASP X 650 -90.74 43.27 -38.82
CA ASP X 650 -89.49 43.70 -39.42
C ASP X 650 -88.96 42.56 -40.27
N ILE X 651 -88.05 42.88 -41.18
CA ILE X 651 -87.54 41.91 -42.14
C ILE X 651 -86.04 41.76 -41.95
N VAL X 652 -85.60 40.52 -41.79
CA VAL X 652 -84.19 40.18 -41.67
C VAL X 652 -83.88 39.08 -42.67
N SER X 653 -82.73 39.17 -43.33
CA SER X 653 -82.38 38.28 -44.42
C SER X 653 -81.04 37.62 -44.14
N THR X 654 -80.87 36.41 -44.68
CA THR X 654 -79.61 35.68 -44.62
C THR X 654 -79.25 35.14 -45.99
N ASN X 655 -77.96 34.96 -46.21
CA ASN X 655 -77.46 34.27 -47.39
C ASN X 655 -76.90 32.89 -47.08
N ASN X 656 -77.26 32.32 -45.93
CA ASN X 656 -76.79 30.99 -45.58
C ASN X 656 -77.43 29.93 -46.46
N GLN X 657 -76.61 29.03 -46.99
CA GLN X 657 -77.14 27.99 -47.86
C GLN X 657 -78.23 27.18 -47.17
N LEU X 658 -78.11 26.98 -45.86
CA LEU X 658 -79.04 26.11 -45.15
C LEU X 658 -80.43 26.70 -45.11
N PHE X 659 -80.54 28.02 -45.28
CA PHE X 659 -81.80 28.72 -45.11
C PHE X 659 -82.47 29.07 -46.43
N ASP X 660 -81.89 28.65 -47.56
CA ASP X 660 -82.46 29.01 -48.86
C ASP X 660 -83.85 28.44 -49.04
N GLY X 661 -84.75 29.26 -49.59
CA GLY X 661 -86.11 28.86 -49.87
C GLY X 661 -86.99 28.76 -48.65
N LYS X 662 -86.68 29.52 -47.60
CA LYS X 662 -87.42 29.45 -46.36
C LYS X 662 -87.83 30.84 -45.93
N LEU X 663 -89.02 30.92 -45.36
CA LEU X 663 -89.49 32.11 -44.65
C LEU X 663 -90.00 31.64 -43.30
N VAL X 664 -89.45 32.18 -42.22
CA VAL X 664 -89.86 31.84 -40.88
C VAL X 664 -90.20 33.13 -40.14
N VAL X 665 -91.33 33.13 -39.46
CA VAL X 665 -91.81 34.29 -38.73
C VAL X 665 -91.70 33.98 -37.25
N ILE X 666 -90.96 34.80 -36.52
CA ILE X 666 -90.74 34.58 -35.09
C ILE X 666 -91.04 35.87 -34.34
N PRO X 667 -91.58 35.76 -33.14
CA PRO X 667 -91.79 36.95 -32.31
C PRO X 667 -90.50 37.40 -31.66
N THR X 668 -90.45 38.69 -31.35
CA THR X 668 -89.43 39.22 -30.46
C THR X 668 -90.02 40.43 -29.75
N ARG X 669 -89.36 40.86 -28.68
CA ARG X 669 -89.78 42.06 -27.98
C ARG X 669 -89.49 43.30 -28.82
N ALA X 670 -90.44 44.23 -28.83
CA ALA X 670 -90.32 45.42 -29.66
C ALA X 670 -89.06 46.20 -29.33
N VAL X 671 -88.69 46.25 -28.06
CA VAL X 671 -87.46 46.89 -27.60
C VAL X 671 -86.61 45.82 -26.94
N GLN X 672 -85.39 45.63 -27.42
CA GLN X 672 -84.54 44.57 -26.91
C GLN X 672 -83.81 45.03 -25.64
N GLN X 673 -83.92 44.22 -24.59
CA GLN X 673 -83.19 44.45 -23.35
C GLN X 673 -82.06 43.43 -23.22
N GLU X 674 -81.12 43.72 -22.33
CA GLU X 674 -80.03 42.79 -22.09
C GLU X 674 -80.55 41.54 -21.39
N ASN X 675 -80.13 40.38 -21.89
CA ASN X 675 -80.47 39.09 -21.31
C ASN X 675 -81.98 38.97 -21.09
N ASP X 676 -82.73 39.30 -22.14
CA ASP X 676 -84.18 39.38 -22.06
C ASP X 676 -84.77 38.04 -22.43
N ILE X 677 -85.48 37.42 -21.49
CA ILE X 677 -86.10 36.12 -21.77
C ILE X 677 -87.10 36.22 -22.92
N LEU X 678 -87.64 37.41 -23.17
CA LEU X 678 -88.68 37.52 -24.18
C LEU X 678 -88.12 37.57 -25.60
N SER X 679 -86.80 37.52 -25.76
CA SER X 679 -86.24 37.37 -27.09
C SER X 679 -86.40 35.93 -27.57
N TRP X 680 -86.67 35.77 -28.87
CA TRP X 680 -86.96 34.44 -29.40
C TRP X 680 -85.86 33.46 -29.04
N GLY X 681 -84.61 33.83 -29.29
CA GLY X 681 -83.48 33.11 -28.73
C GLY X 681 -82.46 34.07 -28.18
N GLN X 682 -81.39 33.50 -27.66
CA GLN X 682 -80.28 34.29 -27.15
C GLN X 682 -78.97 33.66 -27.60
N PHE X 683 -77.97 34.50 -27.78
CA PHE X 683 -76.60 34.06 -28.08
C PHE X 683 -75.74 34.35 -26.86
N PHE X 684 -75.38 33.30 -26.12
CA PHE X 684 -74.60 33.44 -24.91
C PHE X 684 -73.13 33.27 -25.26
N TYR X 685 -72.37 34.34 -25.16
CA TYR X 685 -71.01 34.39 -25.69
C TYR X 685 -70.04 34.59 -24.54
N VAL X 686 -69.00 33.78 -24.50
CA VAL X 686 -67.88 34.05 -23.60
C VAL X 686 -66.68 34.45 -24.43
N SER X 687 -65.97 35.48 -23.97
CA SER X 687 -64.86 36.05 -24.74
C SER X 687 -63.95 34.96 -25.29
N THR X 688 -63.69 35.06 -26.59
CA THR X 688 -62.81 34.13 -27.27
C THR X 688 -61.36 34.48 -26.97
N VAL X 689 -60.51 33.46 -26.92
CA VAL X 689 -59.09 33.66 -26.70
C VAL X 689 -58.32 32.98 -27.83
N ILE X 690 -57.10 33.46 -28.05
CA ILE X 690 -56.16 32.84 -29.00
C ILE X 690 -54.95 32.36 -28.21
N ALA X 691 -54.49 31.15 -28.51
CA ALA X 691 -53.30 30.59 -27.89
C ALA X 691 -52.20 30.49 -28.94
N ASP X 692 -50.97 30.78 -28.54
CA ASP X 692 -49.83 30.83 -29.46
C ASP X 692 -48.69 30.01 -28.87
N LEU X 693 -48.50 28.79 -29.35
CA LEU X 693 -47.59 27.83 -28.72
C LEU X 693 -47.00 26.89 -29.77
N PRO X 694 -45.67 26.80 -29.85
CA PRO X 694 -45.05 25.79 -30.71
C PRO X 694 -45.31 24.37 -30.22
N ILE X 695 -45.92 23.54 -31.08
CA ILE X 695 -46.34 22.20 -30.71
C ILE X 695 -45.77 21.20 -31.71
N THR X 696 -45.28 20.08 -31.19
CA THR X 696 -44.75 18.99 -32.00
C THR X 696 -45.88 18.02 -32.30
N ARG X 697 -46.23 17.88 -33.58
CA ARG X 697 -47.36 17.04 -33.98
C ARG X 697 -46.83 15.80 -34.68
N GLY X 698 -47.19 14.64 -34.17
CA GLY X 698 -46.69 13.39 -34.68
C GLY X 698 -45.37 12.96 -34.10
N GLY X 699 -44.72 13.82 -33.31
CA GLY X 699 -43.45 13.49 -32.70
C GLY X 699 -42.23 13.74 -33.55
N HIS X 700 -42.39 14.26 -34.78
CA HIS X 700 -41.22 14.44 -35.61
C HIS X 700 -41.05 15.86 -36.16
N GLN X 701 -42.13 16.57 -36.41
CA GLN X 701 -42.06 17.92 -36.95
C GLN X 701 -42.70 18.89 -35.97
N VAL X 702 -42.18 20.11 -35.91
CA VAL X 702 -42.68 21.13 -34.98
C VAL X 702 -43.25 22.31 -35.76
N THR X 703 -44.45 22.74 -35.37
CA THR X 703 -45.13 23.86 -36.01
C THR X 703 -45.55 24.87 -34.95
N ARG X 704 -45.51 26.14 -35.30
CA ARG X 704 -46.07 27.17 -34.44
C ARG X 704 -47.55 27.35 -34.75
N GLU X 705 -48.39 27.01 -33.79
CA GLU X 705 -49.83 26.98 -33.97
C GLU X 705 -50.48 28.11 -33.18
N ILE X 706 -51.22 28.96 -33.88
CA ILE X 706 -52.02 30.01 -33.27
C ILE X 706 -53.48 29.62 -33.43
N ALA X 707 -54.14 29.31 -32.31
CA ALA X 707 -55.47 28.74 -32.35
C ALA X 707 -56.45 29.64 -31.62
N ALA X 708 -57.64 29.78 -32.20
CA ALA X 708 -58.72 30.56 -31.59
C ALA X 708 -59.78 29.57 -31.11
N ILE X 709 -60.14 29.64 -29.85
CA ILE X 709 -61.04 28.66 -29.21
C ILE X 709 -62.32 29.38 -28.82
N PRO X 710 -63.39 29.29 -29.61
CA PRO X 710 -64.66 29.91 -29.24
C PRO X 710 -65.39 29.13 -28.16
N PHE X 711 -66.32 29.83 -27.50
CA PHE X 711 -67.05 29.34 -26.33
C PHE X 711 -68.40 30.07 -26.28
N ASN X 712 -69.46 29.39 -26.74
CA ASN X 712 -70.75 30.05 -26.87
C ASN X 712 -71.88 29.03 -26.91
N LEU X 713 -73.10 29.52 -26.71
CA LEU X 713 -74.30 28.71 -26.76
C LEU X 713 -75.43 29.52 -27.38
N HIS X 714 -76.21 28.86 -28.23
CA HIS X 714 -77.47 29.40 -28.73
C HIS X 714 -78.63 28.73 -28.00
N VAL X 715 -79.54 29.54 -27.47
CA VAL X 715 -80.69 29.05 -26.71
C VAL X 715 -81.95 29.68 -27.28
N ASN X 716 -83.02 28.88 -27.38
CA ASN X 716 -84.33 29.36 -27.80
C ASN X 716 -85.22 29.46 -26.57
N ASN X 717 -86.03 30.52 -26.50
CA ASN X 717 -86.92 30.72 -25.35
C ASN X 717 -88.38 30.49 -25.72
N ILE X 718 -88.80 30.95 -26.89
CA ILE X 718 -90.22 31.00 -27.22
C ILE X 718 -90.57 29.81 -28.11
N PRO X 719 -91.56 28.99 -27.75
CA PRO X 719 -91.91 27.84 -28.57
C PRO X 719 -92.83 28.15 -29.73
N PHE X 720 -92.75 29.36 -30.26
CA PHE X 720 -93.62 29.82 -31.33
C PHE X 720 -92.82 30.04 -32.59
N ALA X 721 -93.31 29.53 -33.72
CA ALA X 721 -92.72 29.81 -35.01
C ALA X 721 -93.73 29.50 -36.09
N LEU X 722 -93.65 30.23 -37.20
CA LEU X 722 -94.35 29.89 -38.43
C LEU X 722 -93.32 29.64 -39.52
N GLU X 723 -93.41 28.51 -40.18
CA GLU X 723 -92.44 28.15 -41.21
C GLU X 723 -93.13 28.01 -42.56
N PHE X 724 -92.63 28.75 -43.55
CA PHE X 724 -93.17 28.73 -44.89
C PHE X 724 -92.09 28.24 -45.86
N LYS X 725 -92.49 27.40 -46.81
CA LYS X 725 -91.64 26.99 -47.92
C LYS X 725 -92.16 27.69 -49.17
N ILE X 726 -91.40 28.67 -49.66
CA ILE X 726 -91.83 29.49 -50.78
C ILE X 726 -90.97 29.13 -51.99
N THR X 727 -91.61 28.62 -53.04
CA THR X 727 -90.89 28.16 -54.22
C THR X 727 -91.67 28.53 -55.46
N GLY X 728 -90.98 28.59 -56.58
CA GLY X 728 -91.62 28.84 -57.85
C GLY X 728 -91.78 30.30 -58.17
N PHE X 729 -90.78 31.11 -57.86
CA PHE X 729 -90.84 32.50 -58.29
C PHE X 729 -90.71 32.61 -59.80
N GLN X 730 -89.87 31.78 -60.39
CA GLN X 730 -89.66 31.84 -61.83
C GLN X 730 -90.88 31.32 -62.57
N LYS X 731 -91.56 30.34 -62.00
CA LYS X 731 -92.75 29.80 -62.66
C LYS X 731 -93.82 30.86 -62.81
N VAL X 732 -93.99 31.75 -61.82
CA VAL X 732 -95.11 32.67 -61.86
C VAL X 732 -94.70 33.99 -62.51
N MET X 733 -93.43 34.37 -62.39
CA MET X 733 -93.02 35.61 -63.06
C MET X 733 -92.47 35.36 -64.47
N GLY X 734 -91.71 34.28 -64.66
CA GLY X 734 -91.12 34.05 -65.96
C GLY X 734 -92.16 33.67 -67.00
N GLU X 735 -93.08 32.78 -66.64
CA GLU X 735 -94.04 32.27 -67.61
C GLU X 735 -95.33 33.07 -67.54
N THR X 736 -96.25 32.73 -68.45
CA THR X 736 -97.58 33.33 -68.50
C THR X 736 -98.52 32.52 -67.62
N GLN X 737 -99.31 33.20 -66.81
CA GLN X 737 -100.14 32.51 -65.83
C GLN X 737 -101.62 32.60 -66.14
N PHE X 738 -102.04 33.59 -66.92
CA PHE X 738 -103.47 33.76 -67.17
C PHE X 738 -103.86 33.39 -68.60
N ASN X 739 -103.30 34.10 -69.57
CA ASN X 739 -103.63 33.83 -70.96
C ASN X 739 -103.13 32.47 -71.40
N GLY X 740 -102.05 31.98 -70.79
CA GLY X 740 -101.59 30.64 -71.10
C GLY X 740 -102.60 29.58 -70.73
N LYS X 741 -103.23 29.72 -69.56
CA LYS X 741 -104.24 28.75 -69.16
C LYS X 741 -105.44 28.80 -70.10
N LEU X 742 -105.84 30.00 -70.51
CA LEU X 742 -106.94 30.09 -71.46
C LEU X 742 -106.60 29.39 -72.77
N ALA X 743 -105.36 29.47 -73.21
CA ALA X 743 -104.94 28.72 -74.39
C ALA X 743 -105.08 27.23 -74.17
N ASP X 744 -104.78 26.76 -72.95
CA ASP X 744 -104.87 25.33 -72.69
C ASP X 744 -106.31 24.83 -72.74
N LEU X 745 -107.28 25.70 -72.52
CA LEU X 745 -108.67 25.31 -72.67
C LEU X 745 -109.09 25.12 -74.12
N LYS X 746 -108.26 25.55 -75.07
CA LYS X 746 -108.59 25.50 -76.48
C LYS X 746 -108.77 24.06 -76.96
N PRO X 747 -109.88 23.73 -77.62
CA PRO X 747 -110.11 22.37 -78.13
C PRO X 747 -108.99 21.89 -79.06
N ASN Y 164 -57.49 18.26 -10.57
CA ASN Y 164 -58.31 19.00 -11.51
C ASN Y 164 -57.45 19.66 -12.57
N TYR Y 165 -57.18 18.92 -13.64
CA TYR Y 165 -56.44 19.47 -14.76
C TYR Y 165 -57.20 20.63 -15.40
N ASN Y 166 -58.50 20.48 -15.59
CA ASN Y 166 -59.34 21.52 -16.20
C ASN Y 166 -60.34 21.95 -15.17
N GLU Y 167 -60.07 23.06 -14.49
CA GLU Y 167 -60.97 23.57 -13.46
C GLU Y 167 -62.06 24.41 -14.12
N LYS Y 168 -62.77 23.77 -15.04
CA LYS Y 168 -63.87 24.41 -15.74
C LYS Y 168 -65.06 24.59 -14.82
N SER Y 169 -65.72 25.73 -14.92
CA SER Y 169 -66.80 26.08 -14.01
C SER Y 169 -68.08 25.37 -14.46
N GLN Y 170 -68.71 24.66 -13.55
CA GLN Y 170 -70.04 24.11 -13.77
C GLN Y 170 -70.98 24.40 -12.62
N ARG Y 171 -70.51 25.10 -11.58
CA ARG Y 171 -71.33 25.32 -10.41
C ARG Y 171 -72.01 26.67 -10.42
N ASP Y 172 -71.26 27.73 -10.69
CA ASP Y 172 -71.75 29.09 -10.54
C ASP Y 172 -72.16 29.63 -11.89
N PHE Y 173 -73.43 29.97 -12.03
CA PHE Y 173 -73.93 30.55 -13.27
C PHE Y 173 -74.69 31.82 -12.99
N ARG Y 174 -74.83 32.65 -14.03
CA ARG Y 174 -75.63 33.86 -13.89
C ARG Y 174 -77.10 33.49 -13.80
N VAL Y 175 -77.77 33.98 -12.77
CA VAL Y 175 -79.18 33.67 -12.53
C VAL Y 175 -80.01 34.86 -12.98
N VAL Y 176 -80.99 34.60 -13.83
CA VAL Y 176 -81.90 35.64 -14.30
C VAL Y 176 -83.30 35.30 -13.82
N THR Y 177 -83.98 36.28 -13.25
CA THR Y 177 -85.32 36.12 -12.72
C THR Y 177 -86.31 36.62 -13.77
N ILE Y 178 -87.27 35.78 -14.12
CA ILE Y 178 -88.30 36.13 -15.08
C ILE Y 178 -89.45 36.79 -14.33
N GLY Y 179 -89.86 37.97 -14.79
CA GLY Y 179 -90.94 38.69 -14.15
C GLY Y 179 -92.26 37.96 -14.27
N TYR Y 180 -93.17 38.22 -13.34
CA TYR Y 180 -94.50 37.59 -13.34
C TYR Y 180 -95.48 38.57 -12.71
N ASN Y 181 -96.12 39.39 -13.55
CA ASN Y 181 -97.01 40.44 -13.08
C ASN Y 181 -98.41 40.18 -13.60
N LEU Y 182 -99.33 39.83 -12.70
CA LEU Y 182 -100.71 39.60 -13.08
C LEU Y 182 -101.53 40.85 -12.80
N ALA Y 183 -102.52 41.09 -13.66
CA ALA Y 183 -103.44 42.20 -13.49
C ALA Y 183 -104.75 41.86 -14.19
N ALA Y 184 -105.86 42.34 -13.62
CA ALA Y 184 -107.15 42.29 -14.27
C ALA Y 184 -108.03 43.41 -13.75
N SER Y 185 -108.77 44.05 -14.65
CA SER Y 185 -109.76 45.04 -14.26
C SER Y 185 -111.02 44.35 -13.75
N ARG Y 186 -111.86 45.13 -13.06
CA ARG Y 186 -113.11 44.58 -12.54
C ARG Y 186 -113.84 43.77 -13.60
N GLN Y 187 -113.84 44.25 -14.84
CA GLN Y 187 -114.39 43.49 -15.96
C GLN Y 187 -113.63 43.89 -17.21
N ASP Y 188 -113.32 42.89 -18.04
CA ASP Y 188 -112.53 43.13 -19.22
C ASP Y 188 -113.25 44.12 -20.13
N GLU Y 189 -112.50 44.88 -20.90
CA GLU Y 189 -113.10 45.89 -21.76
C GLU Y 189 -114.15 45.22 -22.61
N PHE Y 190 -113.83 44.04 -23.10
CA PHE Y 190 -114.77 43.33 -23.97
C PHE Y 190 -116.09 43.08 -23.24
N ALA Y 191 -116.02 42.48 -22.05
CA ALA Y 191 -117.22 42.22 -21.28
C ALA Y 191 -117.84 43.51 -20.77
N GLU Y 192 -117.02 44.54 -20.56
CA GLU Y 192 -117.54 45.81 -20.05
C GLU Y 192 -118.41 46.50 -21.09
N ARG Y 193 -118.01 46.44 -22.35
CA ARG Y 193 -118.82 47.04 -23.40
C ARG Y 193 -120.12 46.28 -23.59
N ILE Y 194 -120.11 44.96 -23.39
CA ILE Y 194 -121.33 44.19 -23.56
C ILE Y 194 -122.20 44.29 -22.30
N TYR Y 195 -121.57 44.16 -21.12
CA TYR Y 195 -122.29 44.22 -19.85
C TYR Y 195 -121.70 45.35 -19.02
N PRO Y 196 -122.02 46.61 -19.29
CA PRO Y 196 -121.44 47.69 -18.51
C PRO Y 196 -121.73 47.50 -17.04
N THR Y 197 -120.77 47.86 -16.20
CA THR Y 197 -120.85 47.59 -14.77
C THR Y 197 -121.77 48.61 -14.12
N THR Y 198 -122.72 48.12 -13.32
CA THR Y 198 -123.55 48.96 -12.48
C THR Y 198 -123.35 48.54 -11.02
N VAL Y 199 -123.08 49.52 -10.17
CA VAL Y 199 -122.75 49.24 -8.78
C VAL Y 199 -124.06 49.18 -8.00
N ILE Y 200 -124.27 48.08 -7.29
CA ILE Y 200 -125.48 47.87 -6.50
C ILE Y 200 -125.10 47.79 -5.03
N ASN Y 201 -125.82 48.54 -4.20
CA ASN Y 201 -125.55 48.61 -2.78
C ASN Y 201 -125.71 47.21 -2.16
N PRO Y 202 -124.79 46.77 -1.31
CA PRO Y 202 -124.94 45.44 -0.68
C PRO Y 202 -126.25 45.24 0.06
N ILE Y 203 -126.88 46.30 0.56
CA ILE Y 203 -128.13 46.13 1.30
C ILE Y 203 -129.24 45.70 0.34
N GLU Y 204 -129.07 45.99 -0.95
CA GLU Y 204 -130.11 45.70 -1.94
C GLU Y 204 -129.90 44.31 -2.53
N GLY Y 205 -128.76 44.08 -3.16
CA GLY Y 205 -128.49 42.77 -3.72
C GLY Y 205 -129.37 42.37 -4.87
N GLY Y 206 -129.84 43.33 -5.66
CA GLY Y 206 -130.69 43.02 -6.78
C GLY Y 206 -131.43 44.27 -7.24
N VAL Y 207 -132.10 44.13 -8.38
CA VAL Y 207 -132.82 45.23 -8.99
C VAL Y 207 -134.20 44.75 -9.40
N VAL Y 208 -135.12 45.70 -9.57
CA VAL Y 208 -136.43 45.45 -10.15
C VAL Y 208 -136.62 46.41 -11.32
N GLN Y 209 -137.09 45.88 -12.44
CA GLN Y 209 -137.27 46.67 -13.66
C GLN Y 209 -138.74 46.82 -13.95
N VAL Y 210 -139.22 48.06 -13.94
CA VAL Y 210 -140.65 48.34 -14.04
C VAL Y 210 -140.91 48.89 -15.44
N LEU Y 211 -141.78 48.21 -16.18
CA LEU Y 211 -142.03 48.52 -17.59
C LEU Y 211 -143.48 48.94 -17.79
N PRO Y 212 -143.81 50.22 -17.72
CA PRO Y 212 -145.15 50.66 -18.08
C PRO Y 212 -145.36 50.68 -19.59
N TYR Y 213 -146.62 50.51 -20.00
CA TYR Y 213 -146.97 50.72 -21.40
C TYR Y 213 -148.46 50.89 -21.54
N ILE Y 214 -148.86 51.31 -22.74
CA ILE Y 214 -150.27 51.46 -23.10
C ILE Y 214 -150.65 50.31 -24.02
N ALA Y 215 -151.72 49.60 -23.68
CA ALA Y 215 -152.20 48.48 -24.47
C ALA Y 215 -153.42 48.89 -25.28
N VAL Y 216 -153.50 48.41 -26.51
CA VAL Y 216 -154.66 48.63 -27.37
C VAL Y 216 -155.47 47.34 -27.32
N MET Y 217 -156.58 47.39 -26.59
CA MET Y 217 -157.39 46.20 -26.38
C MET Y 217 -158.71 46.30 -27.13
N LYS Y 218 -159.20 45.14 -27.54
CA LYS Y 218 -160.50 45.06 -28.20
C LYS Y 218 -161.62 45.28 -27.20
N ASP Y 219 -162.73 45.83 -27.66
CA ASP Y 219 -163.89 46.02 -26.79
C ASP Y 219 -164.64 44.70 -26.64
N VAL Y 220 -164.42 44.01 -25.53
CA VAL Y 220 -164.88 42.64 -25.36
C VAL Y 220 -165.75 42.56 -24.12
N TYR Y 221 -166.89 41.90 -24.23
CA TYR Y 221 -167.75 41.63 -23.09
C TYR Y 221 -167.26 40.38 -22.37
N HIS Y 222 -167.44 40.34 -21.05
CA HIS Y 222 -167.04 39.17 -20.29
C HIS Y 222 -167.93 37.98 -20.66
N GLU Y 223 -167.32 36.84 -20.91
CA GLU Y 223 -168.08 35.67 -21.34
C GLU Y 223 -168.74 35.00 -20.14
N VAL Y 224 -169.85 34.29 -20.41
CA VAL Y 224 -170.51 33.52 -19.35
C VAL Y 224 -169.72 32.26 -19.04
N SER Y 225 -169.27 31.53 -20.06
CA SER Y 225 -168.55 30.28 -19.86
C SER Y 225 -167.11 30.32 -20.33
N GLY Y 226 -166.58 31.48 -20.68
CA GLY Y 226 -165.23 31.58 -21.20
C GLY Y 226 -164.12 31.37 -20.19
N VAL Y 227 -162.99 30.82 -20.63
CA VAL Y 227 -161.82 30.69 -19.76
C VAL Y 227 -161.18 32.05 -19.53
N LYS Y 228 -161.12 32.88 -20.57
CA LYS Y 228 -160.46 34.19 -20.48
C LYS Y 228 -161.17 35.19 -21.38
N MET Y 229 -160.97 36.48 -21.15
CA MET Y 229 -161.44 37.49 -22.10
C MET Y 229 -160.44 37.70 -23.22
N ASP Y 230 -160.87 37.54 -24.47
CA ASP Y 230 -159.97 37.65 -25.62
C ASP Y 230 -159.76 39.10 -25.97
N ASN Y 231 -159.14 39.84 -25.06
CA ASN Y 231 -158.89 41.25 -25.27
C ASN Y 231 -157.82 41.48 -26.30
N GLU Y 232 -156.92 40.51 -26.46
CA GLU Y 232 -155.81 40.65 -27.41
C GLU Y 232 -155.04 41.92 -27.16
N GLU Y 233 -154.66 42.18 -25.91
CA GLU Y 233 -153.88 43.35 -25.60
C GLU Y 233 -152.59 43.36 -26.38
N VAL Y 234 -152.26 44.49 -26.96
CA VAL Y 234 -151.06 44.60 -27.75
C VAL Y 234 -150.45 45.90 -27.36
N ASN Y 235 -149.14 45.94 -27.28
CA ASN Y 235 -148.45 47.18 -26.95
C ASN Y 235 -148.63 48.20 -28.07
N MET Y 236 -148.88 49.45 -27.66
CA MET Y 236 -148.97 50.53 -28.64
C MET Y 236 -147.72 50.59 -29.51
N VAL Y 237 -146.57 50.21 -28.95
CA VAL Y 237 -145.31 50.27 -29.69
C VAL Y 237 -145.36 49.42 -30.93
N GLU Y 238 -146.07 48.30 -30.89
CA GLU Y 238 -146.19 47.43 -32.05
C GLU Y 238 -146.80 48.15 -33.25
N ALA Y 239 -147.59 49.20 -33.00
CA ALA Y 239 -148.25 49.89 -34.11
C ALA Y 239 -147.25 50.59 -35.02
N TYR Y 240 -146.03 50.86 -34.54
CA TYR Y 240 -145.04 51.50 -35.40
C TYR Y 240 -144.58 50.56 -36.51
N ARG Y 241 -144.43 49.27 -36.19
CA ARG Y 241 -144.06 48.28 -37.21
C ARG Y 241 -145.27 47.82 -38.00
N ASP Y 242 -146.37 47.51 -37.32
CA ASP Y 242 -147.58 47.01 -37.96
C ASP Y 242 -148.77 47.79 -37.42
N PRO Y 243 -149.05 48.98 -37.95
CA PRO Y 243 -150.17 49.79 -37.44
C PRO Y 243 -151.55 49.26 -37.79
N SER Y 244 -151.66 48.13 -38.50
CA SER Y 244 -152.97 47.54 -38.76
C SER Y 244 -153.64 47.04 -37.49
N ILE Y 245 -152.87 46.88 -36.41
CA ILE Y 245 -153.47 46.45 -35.14
C ILE Y 245 -154.45 47.50 -34.66
N LEU Y 246 -154.35 48.72 -35.19
CA LEU Y 246 -155.22 49.82 -34.81
C LEU Y 246 -156.47 49.93 -35.65
N ASP Y 247 -156.59 49.16 -36.73
CA ASP Y 247 -157.72 49.31 -37.63
C ASP Y 247 -159.03 49.03 -36.91
N ASP Y 248 -160.03 49.85 -37.22
CA ASP Y 248 -161.34 49.74 -36.61
C ASP Y 248 -162.40 50.08 -37.64
N GLU Y 249 -163.23 49.08 -37.96
CA GLU Y 249 -164.28 49.26 -38.95
C GLU Y 249 -165.65 49.09 -38.31
N SER Y 250 -165.74 49.25 -36.99
CA SER Y 250 -167.02 49.08 -36.31
C SER Y 250 -168.03 50.13 -36.75
N ILE Y 251 -167.55 51.26 -37.28
CA ILE Y 251 -168.47 52.30 -37.73
C ILE Y 251 -169.19 51.89 -39.00
N ALA Y 252 -168.66 50.88 -39.71
CA ALA Y 252 -169.16 50.49 -41.01
C ALA Y 252 -170.59 49.96 -40.93
N LEU Y 253 -171.36 50.27 -41.97
CA LEU Y 253 -172.71 49.77 -42.12
C LEU Y 253 -172.70 48.61 -43.09
N ILE Y 254 -172.74 47.39 -42.54
CA ILE Y 254 -172.57 46.17 -43.32
C ILE Y 254 -173.92 45.47 -43.33
N PRO Y 255 -174.58 45.32 -44.47
CA PRO Y 255 -175.85 44.60 -44.49
C PRO Y 255 -175.68 43.21 -43.91
N ALA Y 256 -176.56 42.86 -42.98
CA ALA Y 256 -176.45 41.62 -42.22
C ALA Y 256 -177.62 40.72 -42.52
N LEU Y 257 -177.35 39.43 -42.63
CA LEU Y 257 -178.41 38.45 -42.86
C LEU Y 257 -178.98 38.00 -41.54
N ASP Y 258 -180.30 38.11 -41.39
CA ASP Y 258 -180.96 37.68 -40.16
C ASP Y 258 -180.84 36.17 -40.02
N PRO Y 259 -180.26 35.65 -38.94
CA PRO Y 259 -180.24 34.20 -38.73
C PRO Y 259 -181.59 33.54 -38.89
N ALA Y 260 -182.68 34.25 -38.63
CA ALA Y 260 -184.00 33.67 -38.78
C ALA Y 260 -184.42 33.61 -40.25
N GLY Y 261 -183.69 34.30 -41.12
CA GLY Y 261 -184.04 34.36 -42.53
C GLY Y 261 -185.08 35.39 -42.87
N SER Y 262 -185.47 36.24 -41.92
CA SER Y 262 -186.58 37.15 -42.16
C SER Y 262 -186.30 38.11 -43.29
N ASN Y 263 -185.03 38.47 -43.50
CA ASN Y 263 -184.64 39.42 -44.53
C ASN Y 263 -183.81 38.76 -45.64
N ALA Y 264 -183.90 37.44 -45.77
CA ALA Y 264 -183.15 36.74 -46.80
C ALA Y 264 -183.52 37.18 -48.20
N ASP Y 265 -184.76 37.64 -48.41
CA ASP Y 265 -185.18 38.05 -49.74
C ASP Y 265 -184.37 39.23 -50.24
N PHE Y 266 -183.73 39.96 -49.32
CA PHE Y 266 -182.97 41.16 -49.72
C PHE Y 266 -181.60 40.81 -50.29
N PHE Y 267 -181.14 39.59 -50.12
CA PHE Y 267 -179.76 39.25 -50.45
C PHE Y 267 -179.68 38.34 -51.67
N VAL Y 268 -178.49 38.29 -52.27
CA VAL Y 268 -178.28 37.43 -53.42
C VAL Y 268 -178.50 35.97 -53.05
N ASP Y 269 -179.20 35.26 -53.92
CA ASP Y 269 -179.47 33.85 -53.68
C ASP Y 269 -178.17 33.13 -53.33
N PRO Y 270 -178.09 32.46 -52.19
CA PRO Y 270 -176.84 31.76 -51.85
C PRO Y 270 -176.34 30.84 -52.93
N ALA Y 271 -177.22 30.35 -53.80
CA ALA Y 271 -176.78 29.47 -54.88
C ALA Y 271 -175.78 30.17 -55.78
N LEU Y 272 -175.92 31.49 -55.94
CA LEU Y 272 -175.01 32.23 -56.80
C LEU Y 272 -173.82 32.78 -56.02
N VAL Y 273 -174.06 33.36 -54.85
CA VAL Y 273 -173.02 33.93 -54.01
C VAL Y 273 -173.26 33.47 -52.58
N PRO Y 274 -172.44 32.59 -52.04
CA PRO Y 274 -172.67 32.10 -50.68
C PRO Y 274 -172.36 33.17 -49.65
N PRO Y 275 -173.14 33.26 -48.58
CA PRO Y 275 -172.81 34.20 -47.51
C PRO Y 275 -171.50 33.83 -46.84
N TYR Y 276 -170.85 34.84 -46.26
CA TYR Y 276 -169.63 34.65 -45.50
C TYR Y 276 -169.78 35.25 -44.12
N THR Y 277 -169.03 34.72 -43.17
CA THR Y 277 -169.04 35.26 -41.82
C THR Y 277 -167.95 36.31 -41.66
N ILE Y 278 -168.29 37.42 -41.03
CA ILE Y 278 -167.34 38.48 -40.71
C ILE Y 278 -167.36 38.69 -39.20
N LYS Y 279 -166.18 38.81 -38.59
CA LYS Y 279 -166.06 39.04 -37.15
C LYS Y 279 -165.61 40.48 -36.92
N ASN Y 280 -166.32 41.18 -36.06
CA ASN Y 280 -166.00 42.59 -35.78
C ASN Y 280 -165.03 42.66 -34.61
N GLU Y 281 -164.68 43.88 -34.21
CA GLU Y 281 -163.73 44.03 -33.13
C GLU Y 281 -164.27 43.50 -31.80
N GLN Y 282 -165.59 43.49 -31.64
CA GLN Y 282 -166.17 42.98 -30.41
C GLN Y 282 -166.29 41.46 -30.37
N ASN Y 283 -165.75 40.77 -31.39
CA ASN Y 283 -165.81 39.31 -31.49
C ASN Y 283 -167.24 38.80 -31.52
N LEU Y 284 -168.11 39.54 -32.19
CA LEU Y 284 -169.51 39.16 -32.39
C LEU Y 284 -169.72 38.86 -33.87
N THR Y 285 -169.74 37.57 -34.22
CA THR Y 285 -169.74 37.20 -35.64
C THR Y 285 -171.12 37.42 -36.24
N ILE Y 286 -171.15 37.96 -37.46
CA ILE Y 286 -172.40 38.15 -38.18
C ILE Y 286 -172.23 37.65 -39.60
N THR Y 287 -173.28 37.02 -40.13
CA THR Y 287 -173.28 36.53 -41.50
C THR Y 287 -173.58 37.67 -42.46
N THR Y 288 -172.72 37.88 -43.44
CA THR Y 288 -172.84 38.98 -44.38
C THR Y 288 -172.92 38.43 -45.80
N ALA Y 289 -173.76 39.04 -46.61
CA ALA Y 289 -173.89 38.72 -48.02
C ALA Y 289 -174.19 40.00 -48.79
N PRO Y 290 -173.84 40.05 -50.08
CA PRO Y 290 -174.18 41.23 -50.87
C PRO Y 290 -175.69 41.35 -51.05
N LEU Y 291 -176.17 42.58 -51.10
CA LEU Y 291 -177.58 42.80 -51.33
C LEU Y 291 -177.93 42.45 -52.77
N LYS Y 292 -179.13 41.93 -52.97
CA LYS Y 292 -179.60 41.60 -54.31
C LYS Y 292 -179.84 42.88 -55.10
N ALA Y 293 -179.49 42.85 -56.38
CA ALA Y 293 -179.78 43.99 -57.23
C ALA Y 293 -181.28 44.13 -57.41
N ASN Y 294 -181.72 45.38 -57.63
CA ASN Y 294 -183.12 45.77 -57.71
C ASN Y 294 -183.93 45.48 -56.45
N VAL Y 295 -183.42 45.89 -55.28
CA VAL Y 295 -184.06 45.61 -54.01
C VAL Y 295 -184.42 46.92 -53.32
N ARG Y 296 -185.60 46.94 -52.72
CA ARG Y 296 -186.01 48.03 -51.84
C ARG Y 296 -186.11 47.51 -50.42
N LEU Y 297 -185.45 48.20 -49.50
CA LEU Y 297 -185.32 47.73 -48.13
C LEU Y 297 -185.00 48.90 -47.22
N ASP Y 298 -185.12 48.67 -45.92
CA ASP Y 298 -184.59 49.58 -44.91
C ASP Y 298 -183.12 49.28 -44.73
N LEU Y 299 -182.26 50.16 -45.25
CA LEU Y 299 -180.83 49.86 -45.31
C LEU Y 299 -180.20 49.79 -43.93
N MET Y 300 -180.79 50.45 -42.95
CA MET Y 300 -180.28 50.49 -41.60
C MET Y 300 -180.80 49.37 -40.74
N GLY Y 301 -182.09 49.07 -40.81
CA GLY Y 301 -182.66 48.01 -40.02
C GLY Y 301 -182.13 46.65 -40.41
N ASN Y 302 -181.55 46.55 -41.60
CA ASN Y 302 -180.91 45.33 -42.06
C ASN Y 302 -179.40 45.37 -41.91
N SER Y 303 -178.87 46.37 -41.22
CA SER Y 303 -177.43 46.49 -41.08
C SER Y 303 -176.93 45.63 -39.92
N ASN Y 304 -175.63 45.39 -39.91
CA ASN Y 304 -175.02 44.67 -38.80
C ASN Y 304 -175.25 45.40 -37.49
N ALA Y 305 -175.40 46.72 -37.55
CA ALA Y 305 -175.61 47.50 -36.34
C ALA Y 305 -176.95 47.19 -35.67
N ASN Y 306 -177.91 46.66 -36.41
CA ASN Y 306 -179.20 46.41 -35.81
C ASN Y 306 -179.26 45.05 -35.13
N LEU Y 307 -178.52 44.07 -35.64
CA LEU Y 307 -178.56 42.73 -35.12
C LEU Y 307 -177.39 42.40 -34.22
N LEU Y 308 -176.53 43.37 -33.95
CA LEU Y 308 -175.24 43.09 -33.32
C LEU Y 308 -175.39 42.63 -31.88
N ILE Y 309 -176.01 43.44 -31.03
CA ILE Y 309 -176.15 43.10 -29.62
C ILE Y 309 -177.59 42.74 -29.33
N GLN Y 310 -178.51 43.64 -29.64
CA GLN Y 310 -179.94 43.35 -29.61
C GLN Y 310 -180.56 43.76 -30.94
N ARG Y 311 -181.67 43.11 -31.27
CA ARG Y 311 -182.22 43.21 -32.62
C ARG Y 311 -182.83 44.57 -32.96
N GLY Y 312 -183.03 45.44 -31.99
CA GLY Y 312 -183.68 46.68 -32.31
C GLY Y 312 -183.16 47.95 -31.68
N MET Y 313 -181.84 48.15 -31.65
CA MET Y 313 -181.26 49.26 -30.92
C MET Y 313 -181.10 50.52 -31.77
N LEU Y 314 -181.51 50.50 -33.03
CA LEU Y 314 -181.36 51.68 -33.87
C LEU Y 314 -182.51 52.64 -33.65
N GLU Y 315 -182.15 53.90 -33.41
CA GLU Y 315 -183.10 54.95 -33.08
C GLU Y 315 -182.89 56.09 -34.06
N VAL Y 316 -183.70 57.15 -33.91
CA VAL Y 316 -183.66 58.25 -34.85
C VAL Y 316 -182.30 58.92 -34.82
N SER Y 317 -181.56 58.79 -33.71
CA SER Y 317 -180.24 59.41 -33.62
C SER Y 317 -179.25 58.79 -34.58
N ASP Y 318 -179.52 57.57 -35.04
CA ASP Y 318 -178.62 56.92 -35.98
C ASP Y 318 -178.84 57.46 -37.40
N THR Y 319 -177.75 57.85 -38.06
CA THR Y 319 -177.79 58.41 -39.39
C THR Y 319 -176.70 57.78 -40.25
N ILE Y 320 -176.88 57.84 -41.57
CA ILE Y 320 -175.89 57.30 -42.51
C ILE Y 320 -174.96 58.43 -42.94
N ASP Y 321 -173.68 58.09 -43.07
CA ASP Y 321 -172.69 59.07 -43.51
C ASP Y 321 -172.92 59.46 -44.95
N PRO Y 322 -173.17 60.74 -45.25
CA PRO Y 322 -173.29 61.17 -46.65
C PRO Y 322 -172.13 60.78 -47.54
N ALA Y 323 -170.94 60.61 -46.97
CA ALA Y 323 -169.75 60.23 -47.74
C ALA Y 323 -169.69 58.72 -47.83
N GLY Y 324 -169.87 58.19 -49.04
CA GLY Y 324 -169.90 56.76 -49.23
C GLY Y 324 -169.64 56.43 -50.68
N ARG Y 325 -169.36 55.15 -50.93
CA ARG Y 325 -169.04 54.70 -52.26
C ARG Y 325 -169.66 53.34 -52.49
N LEU Y 326 -169.87 53.01 -53.76
CA LEU Y 326 -170.28 51.66 -54.13
C LEU Y 326 -169.04 50.79 -54.24
N LYS Y 327 -168.99 49.70 -53.47
CA LYS Y 327 -167.76 48.93 -53.38
C LYS Y 327 -167.64 47.84 -54.43
N ASN Y 328 -168.65 46.99 -54.59
CA ASN Y 328 -168.52 45.86 -55.50
C ASN Y 328 -169.80 45.73 -56.33
N LEU Y 329 -169.64 45.20 -57.54
CA LEU Y 329 -170.76 44.79 -58.36
C LEU Y 329 -170.59 43.31 -58.68
N PHE Y 330 -171.65 42.54 -58.52
CA PHE Y 330 -171.63 41.11 -58.78
C PHE Y 330 -172.37 40.85 -60.09
N VAL Y 331 -171.63 40.43 -61.10
CA VAL Y 331 -172.16 40.24 -62.45
C VAL Y 331 -172.20 38.75 -62.73
N LEU Y 332 -173.33 38.29 -63.26
CA LEU Y 332 -173.52 36.86 -63.55
C LEU Y 332 -173.10 36.61 -65.00
N LEU Y 333 -172.14 35.72 -65.20
CA LEU Y 333 -171.64 35.39 -66.52
C LEU Y 333 -171.69 33.88 -66.71
N GLY Y 334 -172.67 33.40 -67.46
CA GLY Y 334 -172.70 31.99 -67.82
C GLY Y 334 -172.98 31.06 -66.66
N GLY Y 335 -173.79 31.49 -65.70
CA GLY Y 335 -174.10 30.69 -64.54
C GLY Y 335 -173.17 30.87 -63.36
N LYS Y 336 -172.07 31.59 -63.52
CA LYS Y 336 -171.10 31.80 -62.45
C LYS Y 336 -170.92 33.30 -62.26
N VAL Y 337 -170.60 33.69 -61.04
CA VAL Y 337 -170.58 35.10 -60.68
C VAL Y 337 -169.14 35.60 -60.62
N VAL Y 338 -168.91 36.79 -61.19
CA VAL Y 338 -167.63 37.48 -61.10
C VAL Y 338 -167.85 38.76 -60.30
N LYS Y 339 -166.97 39.02 -59.33
CA LYS Y 339 -167.05 40.24 -58.54
C LYS Y 339 -166.14 41.31 -59.11
N PHE Y 340 -166.70 42.47 -59.39
CA PHE Y 340 -165.95 43.61 -59.90
C PHE Y 340 -165.73 44.61 -58.79
N LYS Y 341 -164.47 44.95 -58.55
CA LYS Y 341 -164.11 45.91 -57.51
C LYS Y 341 -164.09 47.30 -58.13
N VAL Y 342 -165.03 48.15 -57.70
CA VAL Y 342 -165.22 49.46 -58.33
C VAL Y 342 -165.22 50.53 -57.25
N ASP Y 343 -164.58 50.28 -56.12
CA ASP Y 343 -164.79 51.12 -54.96
C ASP Y 343 -164.23 52.53 -55.09
N ARG Y 344 -163.29 52.74 -55.99
CA ARG Y 344 -162.70 54.08 -56.11
C ARG Y 344 -163.07 54.87 -57.36
N LEU Y 345 -163.80 54.27 -58.29
CA LEU Y 345 -164.01 54.90 -59.58
C LEU Y 345 -164.78 56.20 -59.36
N PRO Y 346 -164.56 57.21 -60.21
CA PRO Y 346 -165.24 58.50 -60.06
C PRO Y 346 -166.76 58.43 -60.09
N ARG Y 347 -167.32 57.34 -60.60
CA ARG Y 347 -168.77 57.17 -60.69
C ARG Y 347 -169.34 56.31 -59.58
N ALA Y 348 -168.54 55.91 -58.59
CA ALA Y 348 -169.05 55.12 -57.47
C ALA Y 348 -169.37 55.95 -56.24
N VAL Y 349 -169.37 57.27 -56.35
CA VAL Y 349 -169.53 58.15 -55.21
C VAL Y 349 -171.01 58.42 -54.96
N PHE Y 350 -171.40 58.59 -53.69
CA PHE Y 350 -172.77 58.96 -53.31
C PHE Y 350 -172.97 60.44 -53.58
N GLN Y 351 -173.85 60.76 -54.50
CA GLN Y 351 -174.06 62.15 -54.86
C GLN Y 351 -175.27 62.71 -54.14
N PRO Y 352 -175.31 64.02 -53.90
CA PRO Y 352 -176.49 64.63 -53.31
C PRO Y 352 -177.69 64.53 -54.25
N ASP Y 353 -178.86 64.32 -53.67
CA ASP Y 353 -180.12 64.31 -54.41
C ASP Y 353 -180.60 65.74 -54.62
N LEU Y 354 -180.60 66.19 -55.88
CA LEU Y 354 -180.86 67.60 -56.15
C LEU Y 354 -182.32 67.94 -55.90
N VAL Y 355 -183.22 67.02 -56.23
CA VAL Y 355 -184.66 67.24 -56.19
C VAL Y 355 -185.28 66.26 -55.19
N GLY Y 356 -185.85 66.81 -54.12
CA GLY Y 356 -186.40 65.98 -53.08
C GLY Y 356 -185.80 66.32 -51.74
N ASP Y 357 -185.84 65.39 -50.80
CA ASP Y 357 -185.30 65.66 -49.47
C ASP Y 357 -183.80 65.87 -49.54
N THR Y 358 -183.32 66.88 -48.81
CA THR Y 358 -181.91 67.25 -48.91
C THR Y 358 -181.01 66.18 -48.30
N ARG Y 359 -181.58 65.23 -47.57
CA ARG Y 359 -180.78 64.17 -46.97
C ARG Y 359 -180.71 62.92 -47.84
N ASN Y 360 -181.29 62.94 -49.03
CA ASN Y 360 -181.20 61.81 -49.92
C ASN Y 360 -179.87 61.83 -50.66
N ALA Y 361 -179.27 60.66 -50.82
CA ALA Y 361 -178.09 60.51 -51.66
C ALA Y 361 -178.41 59.51 -52.76
N VAL Y 362 -177.84 59.74 -53.94
CA VAL Y 362 -178.16 58.97 -55.13
C VAL Y 362 -176.89 58.34 -55.67
N ILE Y 363 -177.03 57.12 -56.17
CA ILE Y 363 -175.95 56.42 -56.86
C ILE Y 363 -176.28 56.39 -58.35
N ARG Y 364 -175.34 56.84 -59.18
CA ARG Y 364 -175.50 56.82 -60.63
C ARG Y 364 -174.22 56.25 -61.22
N PHE Y 365 -174.12 54.92 -61.22
CA PHE Y 365 -172.92 54.23 -61.68
C PHE Y 365 -173.21 53.65 -63.05
N ASP Y 366 -172.57 54.22 -64.08
CA ASP Y 366 -172.82 53.85 -65.46
C ASP Y 366 -171.47 53.73 -66.16
N SER Y 367 -170.96 52.51 -66.28
CA SER Y 367 -169.60 52.28 -66.75
C SER Y 367 -169.61 51.27 -67.87
N ASP Y 368 -168.89 51.56 -68.95
CA ASP Y 368 -168.66 50.63 -70.04
C ASP Y 368 -167.31 49.97 -69.96
N ASP Y 369 -166.57 50.17 -68.88
CA ASP Y 369 -165.16 49.81 -68.80
C ASP Y 369 -164.90 48.60 -67.91
N LEU Y 370 -165.93 47.79 -67.62
CA LEU Y 370 -165.69 46.56 -66.88
C LEU Y 370 -165.09 45.52 -67.82
N VAL Y 371 -164.04 44.84 -67.35
CA VAL Y 371 -163.23 43.98 -68.19
C VAL Y 371 -163.33 42.54 -67.71
N VAL Y 372 -163.54 41.63 -68.64
CA VAL Y 372 -163.44 40.19 -68.40
C VAL Y 372 -162.47 39.61 -69.40
N SER Y 373 -161.47 38.88 -68.89
CA SER Y 373 -160.45 38.30 -69.74
C SER Y 373 -159.93 37.03 -69.05
N GLY Y 374 -158.96 36.36 -69.67
CA GLY Y 374 -158.39 35.17 -69.07
C GLY Y 374 -157.77 35.42 -67.72
N ASP Y 375 -157.45 36.68 -67.41
CA ASP Y 375 -156.85 37.00 -66.12
C ASP Y 375 -157.89 36.99 -65.00
N THR Y 376 -159.15 37.28 -65.34
CA THR Y 376 -160.21 37.30 -64.34
C THR Y 376 -160.57 35.90 -63.88
N THR Y 377 -160.93 35.78 -62.61
CA THR Y 377 -161.52 34.58 -62.08
C THR Y 377 -162.89 34.87 -61.49
N PHE Y 378 -163.70 33.82 -61.36
CA PHE Y 378 -164.99 33.93 -60.69
C PHE Y 378 -164.79 34.05 -59.18
N ILE Y 379 -165.90 34.31 -58.47
CA ILE Y 379 -165.80 34.54 -57.03
C ILE Y 379 -165.24 33.30 -56.34
N ASP Y 380 -165.44 32.13 -56.95
CA ASP Y 380 -164.95 30.89 -56.37
C ASP Y 380 -163.48 30.65 -56.70
N GLY Y 381 -162.86 31.56 -57.46
CA GLY Y 381 -161.45 31.48 -57.78
C GLY Y 381 -161.14 30.64 -58.98
N SER Y 382 -162.15 30.10 -59.66
CA SER Y 382 -161.96 29.24 -60.82
C SER Y 382 -162.02 30.10 -62.08
N ALA Y 383 -161.10 29.86 -62.99
CA ALA Y 383 -161.18 30.43 -64.34
C ALA Y 383 -161.70 29.35 -65.29
N ASP Y 384 -162.98 29.45 -65.66
CA ASP Y 384 -163.62 28.41 -66.44
C ASP Y 384 -164.67 29.04 -67.33
N GLY Y 385 -165.32 28.20 -68.12
CA GLY Y 385 -166.46 28.64 -68.89
C GLY Y 385 -166.12 29.78 -69.82
N VAL Y 386 -166.82 30.90 -69.68
CA VAL Y 386 -166.59 32.04 -70.58
C VAL Y 386 -165.16 32.53 -70.45
N ILE Y 387 -164.63 32.56 -69.23
CA ILE Y 387 -163.28 33.09 -69.03
C ILE Y 387 -162.25 32.23 -69.74
N ASN Y 388 -162.40 30.90 -69.62
CA ASN Y 388 -161.46 30.01 -70.27
C ASN Y 388 -161.46 30.21 -71.78
N ASP Y 389 -162.64 30.34 -72.38
CA ASP Y 389 -162.71 30.53 -73.83
C ASP Y 389 -162.16 31.89 -74.23
N LEU Y 390 -162.38 32.91 -73.40
CA LEU Y 390 -161.74 34.21 -73.66
C LEU Y 390 -160.22 34.08 -73.60
N LYS Y 391 -159.71 33.31 -72.67
CA LYS Y 391 -158.27 33.13 -72.57
C LYS Y 391 -157.69 32.48 -73.83
N THR Y 392 -158.28 31.38 -74.28
CA THR Y 392 -157.71 30.67 -75.42
C THR Y 392 -157.97 31.40 -76.73
N ALA Y 393 -159.01 32.23 -76.78
CA ALA Y 393 -159.29 33.03 -77.95
C ALA Y 393 -158.52 34.34 -77.96
N LYS Y 394 -157.77 34.64 -76.91
CA LYS Y 394 -157.07 35.92 -76.77
C LYS Y 394 -158.02 37.11 -76.90
N LEU Y 395 -159.17 37.01 -76.24
CA LEU Y 395 -160.19 38.06 -76.27
C LEU Y 395 -160.45 38.58 -74.87
N SER Y 396 -160.96 39.82 -74.81
CA SER Y 396 -161.48 40.40 -73.57
C SER Y 396 -162.81 41.07 -73.87
N LEU Y 397 -163.68 41.11 -72.87
CA LEU Y 397 -164.98 41.75 -72.98
C LEU Y 397 -164.98 43.09 -72.27
N ARG Y 398 -165.68 44.06 -72.85
CA ARG Y 398 -166.00 45.30 -72.17
C ARG Y 398 -167.49 45.33 -71.89
N LEU Y 399 -167.85 45.34 -70.62
CA LEU Y 399 -169.24 45.23 -70.19
C LEU Y 399 -169.78 46.61 -69.86
N SER Y 400 -171.06 46.83 -70.14
CA SER Y 400 -171.75 48.07 -69.82
C SER Y 400 -172.75 47.76 -68.72
N VAL Y 401 -172.55 48.33 -67.53
CA VAL Y 401 -173.42 48.07 -66.40
C VAL Y 401 -173.98 49.38 -65.89
N GLY Y 402 -175.27 49.38 -65.57
CA GLY Y 402 -175.91 50.56 -65.04
C GLY Y 402 -176.55 50.24 -63.71
N PHE Y 403 -176.03 50.80 -62.63
CA PHE Y 403 -176.53 50.58 -61.29
C PHE Y 403 -176.77 51.92 -60.62
N GLY Y 404 -177.91 52.05 -59.93
CA GLY Y 404 -178.22 53.27 -59.22
C GLY Y 404 -179.16 53.03 -58.06
N GLY Y 405 -179.37 54.06 -57.25
CA GLY Y 405 -180.26 53.94 -56.12
C GLY Y 405 -180.35 55.22 -55.32
N THR Y 406 -181.40 55.32 -54.52
CA THR Y 406 -181.61 56.45 -53.63
C THR Y 406 -181.56 55.95 -52.20
N ILE Y 407 -180.72 56.59 -51.38
CA ILE Y 407 -180.58 56.25 -49.97
C ILE Y 407 -181.03 57.45 -49.16
N SER Y 408 -181.99 57.23 -48.27
CA SER Y 408 -182.44 58.29 -47.37
C SER Y 408 -181.51 58.27 -46.17
N LEU Y 409 -180.59 59.23 -46.11
CA LEU Y 409 -179.52 59.16 -45.13
C LEU Y 409 -180.06 59.32 -43.71
N SER Y 410 -181.21 59.96 -43.55
CA SER Y 410 -181.82 60.07 -42.23
C SER Y 410 -182.66 58.86 -41.88
N LYS Y 411 -183.68 58.57 -42.69
CA LYS Y 411 -184.60 57.48 -42.35
C LYS Y 411 -183.90 56.13 -42.46
N GLY Y 412 -183.06 55.95 -43.47
CA GLY Y 412 -182.42 54.67 -43.72
C GLY Y 412 -183.02 53.83 -44.81
N ASP Y 413 -184.21 54.17 -45.30
CA ASP Y 413 -184.81 53.45 -46.42
C ASP Y 413 -184.08 53.77 -47.71
N SER Y 414 -183.98 52.77 -48.58
CA SER Y 414 -183.30 52.95 -49.85
C SER Y 414 -183.96 52.08 -50.91
N LYS Y 415 -183.83 52.50 -52.16
CA LYS Y 415 -184.27 51.72 -53.30
C LYS Y 415 -183.14 51.66 -54.30
N PHE Y 416 -182.76 50.45 -54.70
CA PHE Y 416 -181.66 50.24 -55.63
C PHE Y 416 -182.22 49.67 -56.93
N GLY Y 417 -181.48 49.88 -58.01
CA GLY Y 417 -181.87 49.29 -59.28
C GLY Y 417 -180.72 49.01 -60.21
N ALA Y 418 -180.85 48.00 -61.06
CA ALA Y 418 -179.80 47.62 -62.01
C ALA Y 418 -180.42 47.42 -63.37
N THR Y 419 -179.86 48.10 -64.37
CA THR Y 419 -180.37 48.04 -65.73
C THR Y 419 -179.81 46.81 -66.44
N ASP Y 420 -180.35 46.51 -67.62
CA ASP Y 420 -179.83 45.41 -68.42
C ASP Y 420 -178.35 45.61 -68.72
N THR Y 421 -177.59 44.54 -68.60
CA THR Y 421 -176.14 44.56 -68.83
C THR Y 421 -175.87 44.09 -70.25
N TYR Y 422 -174.99 44.81 -70.94
CA TYR Y 422 -174.65 44.51 -72.33
C TYR Y 422 -173.14 44.39 -72.47
N VAL Y 423 -172.72 43.64 -73.49
CA VAL Y 423 -171.32 43.60 -73.91
C VAL Y 423 -171.11 44.73 -74.91
N ASP Y 424 -170.36 45.76 -74.51
CA ASP Y 424 -170.19 46.92 -75.37
C ASP Y 424 -169.20 46.63 -76.49
N LYS Y 425 -168.08 45.99 -76.15
CA LYS Y 425 -167.05 45.70 -77.14
C LYS Y 425 -166.41 44.37 -76.81
N VAL Y 426 -165.91 43.70 -77.83
CA VAL Y 426 -165.03 42.54 -77.66
C VAL Y 426 -163.70 42.90 -78.34
N LEU Y 427 -162.63 42.91 -77.55
CA LEU Y 427 -161.31 43.29 -78.05
C LEU Y 427 -160.37 42.10 -78.02
N ASN Y 428 -159.39 42.12 -78.92
CA ASN Y 428 -158.29 41.19 -78.90
C ASN Y 428 -157.16 41.79 -78.07
N GLU Y 429 -156.04 41.07 -77.95
CA GLU Y 429 -154.93 41.56 -77.14
C GLU Y 429 -154.32 42.81 -77.75
N ASP Y 430 -154.45 42.98 -79.07
CA ASP Y 430 -153.85 44.15 -79.71
C ASP Y 430 -154.68 45.40 -79.48
N GLY Y 431 -155.85 45.28 -78.86
CA GLY Y 431 -156.74 46.39 -78.65
C GLY Y 431 -157.74 46.61 -79.76
N GLN Y 432 -157.77 45.74 -80.77
CA GLN Y 432 -158.71 45.95 -81.87
C GLN Y 432 -160.07 45.38 -81.52
N VAL Y 433 -161.11 46.09 -81.94
CA VAL Y 433 -162.47 45.62 -81.73
C VAL Y 433 -162.80 44.54 -82.74
N MET Y 434 -163.30 43.41 -82.26
CA MET Y 434 -163.58 42.26 -83.11
C MET Y 434 -165.04 42.32 -83.56
N ASP Y 435 -165.29 41.85 -84.77
CA ASP Y 435 -166.66 41.69 -85.25
C ASP Y 435 -167.38 40.63 -84.44
N ASN Y 436 -168.55 40.98 -83.92
CA ASN Y 436 -169.33 40.04 -83.11
C ASN Y 436 -169.83 38.86 -83.94
N ALA Y 437 -169.77 38.95 -85.26
CA ALA Y 437 -170.15 37.83 -86.12
C ALA Y 437 -169.04 36.80 -86.25
N ASP Y 438 -167.84 37.09 -85.77
CA ASP Y 438 -166.72 36.17 -85.91
C ASP Y 438 -167.07 34.86 -85.22
N PRO Y 439 -166.83 33.71 -85.86
CA PRO Y 439 -167.17 32.43 -85.21
C PRO Y 439 -166.62 32.31 -83.80
N ALA Y 440 -165.43 32.86 -83.54
CA ALA Y 440 -164.85 32.75 -82.21
C ALA Y 440 -165.56 33.64 -81.21
N VAL Y 441 -165.82 34.89 -81.60
CA VAL Y 441 -166.47 35.84 -80.71
C VAL Y 441 -167.92 35.43 -80.48
N LYS Y 442 -168.62 35.06 -81.57
CA LYS Y 442 -170.03 34.68 -81.46
C LYS Y 442 -170.22 33.47 -80.54
N ALA Y 443 -169.37 32.45 -80.68
CA ALA Y 443 -169.54 31.26 -79.86
C ALA Y 443 -169.45 31.62 -78.38
N ILE Y 444 -168.55 32.55 -78.03
CA ILE Y 444 -168.40 32.95 -76.64
C ILE Y 444 -169.60 33.78 -76.21
N LEU Y 445 -170.02 34.73 -77.04
CA LEU Y 445 -171.14 35.59 -76.67
C LEU Y 445 -172.41 34.78 -76.49
N ASP Y 446 -172.57 33.69 -77.25
CA ASP Y 446 -173.75 32.86 -77.09
C ASP Y 446 -173.86 32.33 -75.67
N GLN Y 447 -172.74 32.27 -74.96
CA GLN Y 447 -172.76 31.75 -73.59
C GLN Y 447 -173.34 32.75 -72.61
N LEU Y 448 -173.37 34.04 -72.95
CA LEU Y 448 -173.80 35.09 -72.02
C LEU Y 448 -175.29 35.34 -72.15
N THR Y 449 -176.07 34.27 -71.91
CA THR Y 449 -177.52 34.37 -71.96
C THR Y 449 -178.09 34.97 -70.68
N ASP Y 450 -177.31 34.94 -69.61
CA ASP Y 450 -177.73 35.40 -68.29
C ASP Y 450 -176.98 36.66 -67.87
N LEU Y 451 -176.44 37.39 -68.83
CA LEU Y 451 -175.64 38.57 -68.52
C LEU Y 451 -176.49 39.57 -67.77
N ALA Y 452 -176.15 39.83 -66.51
CA ALA Y 452 -176.88 40.79 -65.69
C ALA Y 452 -176.07 41.05 -64.43
N VAL Y 453 -176.42 42.14 -63.76
CA VAL Y 453 -175.97 42.44 -62.41
C VAL Y 453 -176.94 41.78 -61.44
N ILE Y 454 -176.43 40.96 -60.53
CA ILE Y 454 -177.27 40.26 -59.57
C ILE Y 454 -177.20 40.84 -58.16
N GLY Y 455 -176.08 41.43 -57.77
CA GLY Y 455 -175.95 41.99 -56.44
C GLY Y 455 -174.94 43.12 -56.40
N PHE Y 456 -174.79 43.69 -55.21
CA PHE Y 456 -173.89 44.82 -55.01
C PHE Y 456 -173.43 44.84 -53.56
N GLU Y 457 -172.35 45.56 -53.32
CA GLU Y 457 -171.88 45.80 -51.96
C GLU Y 457 -171.50 47.26 -51.84
N LEU Y 458 -171.85 47.87 -50.70
CA LEU Y 458 -171.55 49.27 -50.46
C LEU Y 458 -170.44 49.44 -49.44
N ASP Y 459 -169.80 50.60 -49.50
CA ASP Y 459 -168.85 51.07 -48.50
C ASP Y 459 -169.50 52.04 -47.53
N THR Y 460 -170.79 51.87 -47.24
CA THR Y 460 -171.49 52.80 -46.38
C THR Y 460 -170.98 52.69 -44.96
N ARG Y 461 -170.91 53.82 -44.28
CA ARG Y 461 -170.54 53.91 -42.88
C ARG Y 461 -171.62 54.68 -42.14
N PHE Y 462 -171.74 54.41 -40.84
CA PHE Y 462 -172.61 55.23 -40.02
C PHE Y 462 -171.91 56.54 -39.71
N THR Y 463 -172.66 57.49 -39.17
CA THR Y 463 -172.06 58.59 -38.45
C THR Y 463 -172.20 58.32 -36.97
N ASN Y 464 -171.08 58.38 -36.26
CA ASN Y 464 -171.03 57.96 -34.86
C ASN Y 464 -171.32 59.10 -33.91
N THR Y 465 -172.22 60.00 -34.29
CA THR Y 465 -172.46 61.17 -33.45
C THR Y 465 -173.21 60.80 -32.18
N ASN Y 466 -173.92 59.67 -32.17
CA ASN Y 466 -174.58 59.20 -30.97
C ASN Y 466 -173.68 58.32 -30.12
N ARG Y 467 -172.41 58.18 -30.51
CA ARG Y 467 -171.42 57.41 -29.76
C ARG Y 467 -171.88 55.97 -29.56
N ARG Y 468 -172.59 55.44 -30.56
CA ARG Y 468 -172.98 54.05 -30.52
C ARG Y 468 -171.78 53.13 -30.41
N GLN Y 469 -170.69 53.44 -31.12
CA GLN Y 469 -169.49 52.63 -31.13
C GLN Y 469 -168.34 53.42 -30.52
N ARG Y 470 -167.66 52.82 -29.55
CA ARG Y 470 -166.48 53.41 -28.94
C ARG Y 470 -165.17 52.84 -29.46
N GLY Y 471 -165.22 51.79 -30.29
CA GLY Y 471 -163.99 51.33 -30.92
C GLY Y 471 -163.05 50.68 -29.92
N HIS Y 472 -161.75 50.78 -30.21
CA HIS Y 472 -160.75 50.18 -29.36
C HIS Y 472 -160.56 50.99 -28.08
N LEU Y 473 -160.07 50.32 -27.04
CA LEU Y 473 -159.87 50.90 -25.73
C LEU Y 473 -158.39 50.98 -25.42
N LEU Y 474 -157.97 52.13 -24.89
CA LEU Y 474 -156.58 52.34 -24.49
C LEU Y 474 -156.51 52.19 -22.98
N GLN Y 475 -155.74 51.21 -22.52
CA GLN Y 475 -155.64 50.89 -21.11
C GLN Y 475 -154.18 50.80 -20.72
N THR Y 476 -153.85 51.41 -19.58
CA THR Y 476 -152.49 51.41 -19.10
C THR Y 476 -152.18 50.09 -18.42
N ARG Y 477 -150.99 49.55 -18.69
CA ARG Y 477 -150.54 48.32 -18.07
C ARG Y 477 -149.09 48.50 -17.66
N ALA Y 478 -148.62 47.63 -16.77
CA ALA Y 478 -147.23 47.62 -16.40
C ALA Y 478 -146.80 46.21 -16.04
N LEU Y 479 -145.53 45.91 -16.28
CA LEU Y 479 -144.93 44.64 -15.91
C LEU Y 479 -143.73 44.90 -15.02
N GLN Y 480 -143.38 43.92 -14.20
CA GLN Y 480 -142.20 44.02 -13.37
C GLN Y 480 -141.32 42.80 -13.55
N PHE Y 481 -140.01 43.03 -13.62
CA PHE Y 481 -139.00 41.98 -13.70
C PHE Y 481 -138.14 42.06 -12.45
N ARG Y 482 -137.74 40.90 -11.94
CA ARG Y 482 -136.98 40.83 -10.69
C ARG Y 482 -135.69 40.06 -10.92
N HIS Y 483 -134.57 40.66 -10.54
CA HIS Y 483 -133.24 40.08 -10.76
C HIS Y 483 -132.45 40.07 -9.46
N PRO Y 484 -132.55 39.02 -8.65
CA PRO Y 484 -131.70 38.92 -7.46
C PRO Y 484 -130.29 38.46 -7.79
N ILE Y 485 -129.33 38.95 -7.02
CA ILE Y 485 -127.91 38.71 -7.26
C ILE Y 485 -127.46 37.55 -6.38
N PRO Y 486 -126.89 36.49 -6.94
CA PRO Y 486 -126.35 35.40 -6.13
C PRO Y 486 -124.92 35.62 -5.66
N MET Y 487 -124.58 34.91 -4.58
CA MET Y 487 -123.18 34.76 -4.19
C MET Y 487 -122.54 33.67 -5.04
N HIS Y 488 -121.23 33.77 -5.23
CA HIS Y 488 -120.46 32.81 -6.01
C HIS Y 488 -119.36 32.20 -5.17
N ALA Y 489 -118.89 31.04 -5.60
CA ALA Y 489 -117.89 30.29 -4.85
C ALA Y 489 -116.60 31.10 -4.73
N PRO Y 490 -115.97 31.12 -3.58
CA PRO Y 490 -114.77 31.93 -3.38
C PRO Y 490 -113.53 31.23 -3.91
N VAL Y 491 -112.41 31.96 -3.86
CA VAL Y 491 -111.08 31.39 -4.05
C VAL Y 491 -110.27 31.69 -2.80
N THR Y 492 -109.49 30.72 -2.35
CA THR Y 492 -108.78 30.82 -1.09
C THR Y 492 -107.28 30.71 -1.29
N LEU Y 493 -106.52 31.41 -0.45
CA LEU Y 493 -105.06 31.35 -0.48
C LEU Y 493 -104.54 30.88 0.87
N PRO Y 494 -104.39 29.57 1.10
CA PRO Y 494 -103.87 29.11 2.39
C PRO Y 494 -102.43 29.54 2.60
N MET Y 495 -102.11 29.84 3.85
CA MET Y 495 -100.74 30.18 4.20
C MET Y 495 -100.46 29.71 5.63
N ASP Y 496 -99.19 29.56 5.94
CA ASP Y 496 -98.73 29.13 7.26
C ASP Y 496 -99.26 30.07 8.33
N THR Y 497 -99.68 29.50 9.45
CA THR Y 497 -100.14 30.33 10.56
C THR Y 497 -98.98 30.72 11.45
N MET Y 498 -97.89 29.95 11.43
CA MET Y 498 -96.75 30.22 12.31
C MET Y 498 -95.96 31.44 11.84
N THR Y 499 -95.75 31.55 10.53
CA THR Y 499 -95.06 32.69 9.95
C THR Y 499 -95.76 34.00 10.29
N ASP Y 500 -95.00 34.94 10.83
CA ASP Y 500 -95.57 36.23 11.20
C ASP Y 500 -95.79 37.10 9.97
N GLU Y 501 -94.90 37.00 8.99
CA GLU Y 501 -95.00 37.85 7.80
C GLU Y 501 -96.27 37.54 7.04
N GLY Y 502 -96.94 38.59 6.56
CA GLY Y 502 -98.13 38.44 5.77
C GLY Y 502 -97.81 38.16 4.32
N PRO Y 503 -98.83 37.96 3.50
CA PRO Y 503 -98.58 37.73 2.07
C PRO Y 503 -98.16 39.02 1.40
N GLY Y 504 -97.38 38.88 0.33
CA GLY Y 504 -97.05 40.02 -0.50
C GLY Y 504 -98.02 40.20 -1.65
N GLU Y 505 -97.50 40.50 -2.84
CA GLU Y 505 -98.36 40.80 -3.97
C GLU Y 505 -99.21 39.59 -4.33
N VAL Y 506 -98.84 38.40 -3.85
CA VAL Y 506 -99.59 37.20 -4.18
C VAL Y 506 -101.04 37.28 -3.70
N VAL Y 507 -101.31 38.03 -2.64
CA VAL Y 507 -102.69 38.13 -2.14
C VAL Y 507 -103.59 38.80 -3.17
N LYS Y 508 -103.04 39.66 -4.03
CA LYS Y 508 -103.86 40.29 -5.06
C LYS Y 508 -104.32 39.29 -6.12
N ALA Y 509 -103.72 38.10 -6.15
CA ALA Y 509 -104.15 37.10 -7.11
C ALA Y 509 -105.57 36.65 -6.84
N LEU Y 510 -106.05 36.81 -5.61
CA LEU Y 510 -107.45 36.52 -5.33
C LEU Y 510 -108.37 37.49 -6.07
N THR Y 511 -107.98 38.76 -6.14
CA THR Y 511 -108.75 39.71 -6.92
C THR Y 511 -108.61 39.44 -8.42
N VAL Y 512 -107.40 39.17 -8.90
CA VAL Y 512 -107.22 38.91 -10.32
C VAL Y 512 -108.00 37.67 -10.74
N ASN Y 513 -107.94 36.61 -9.95
CA ASN Y 513 -108.73 35.41 -10.22
C ASN Y 513 -110.20 35.76 -10.33
N THR Y 514 -110.73 36.50 -9.35
CA THR Y 514 -112.14 36.87 -9.40
C THR Y 514 -112.45 37.73 -10.61
N ASN Y 515 -111.60 38.72 -10.91
CA ASN Y 515 -111.85 39.62 -12.03
C ASN Y 515 -111.84 38.86 -13.36
N ILE Y 516 -110.95 37.88 -13.50
CA ILE Y 516 -110.96 37.07 -14.70
C ILE Y 516 -112.26 36.28 -14.79
N ARG Y 517 -112.71 35.71 -13.67
CA ARG Y 517 -113.96 34.98 -13.68
C ARG Y 517 -115.13 35.89 -14.05
N ASN Y 518 -115.08 37.16 -13.64
CA ASN Y 518 -116.13 38.11 -14.02
C ASN Y 518 -116.24 38.22 -15.53
N SER Y 519 -115.12 38.39 -16.20
CA SER Y 519 -115.15 38.49 -17.66
C SER Y 519 -115.63 37.19 -18.30
N ASN Y 520 -115.20 36.06 -17.74
CA ASN Y 520 -115.61 34.77 -18.27
C ASN Y 520 -117.10 34.54 -18.10
N ASN Y 521 -117.65 34.96 -16.96
CA ASN Y 521 -119.09 34.84 -16.75
C ASN Y 521 -119.85 35.64 -17.77
N ALA Y 522 -119.31 36.81 -18.15
CA ALA Y 522 -119.95 37.59 -19.21
C ALA Y 522 -119.98 36.82 -20.52
N VAL Y 523 -118.89 36.15 -20.86
CA VAL Y 523 -118.86 35.40 -22.12
C VAL Y 523 -119.80 34.21 -22.06
N LYS Y 524 -119.78 33.44 -20.96
CA LYS Y 524 -120.68 32.31 -20.82
C LYS Y 524 -122.13 32.75 -20.78
N ARG Y 525 -122.40 33.87 -20.11
CA ARG Y 525 -123.75 34.36 -20.00
C ARG Y 525 -124.21 34.74 -21.37
N MET Y 526 -123.37 35.42 -22.12
CA MET Y 526 -123.72 35.81 -23.47
C MET Y 526 -124.03 34.59 -24.33
N LEU Y 527 -123.16 33.59 -24.31
CA LEU Y 527 -123.37 32.42 -25.17
C LEU Y 527 -124.58 31.62 -24.74
N ASN Y 528 -124.78 31.46 -23.43
CA ASN Y 528 -125.96 30.74 -22.95
C ASN Y 528 -127.22 31.55 -23.22
N TYR Y 529 -127.11 32.88 -23.19
CA TYR Y 529 -128.22 33.73 -23.58
C TYR Y 529 -128.54 33.60 -25.05
N LEU Y 530 -127.52 33.64 -25.90
CA LEU Y 530 -127.77 33.54 -27.33
C LEU Y 530 -128.46 32.22 -27.66
N ALA Y 531 -128.11 31.17 -26.94
CA ALA Y 531 -128.73 29.88 -27.20
C ALA Y 531 -130.15 29.83 -26.70
N GLN Y 532 -130.57 30.81 -25.90
CA GLN Y 532 -131.94 30.82 -25.42
C GLN Y 532 -132.71 31.57 -26.47
N LEU Y 533 -132.14 32.67 -26.94
CA LEU Y 533 -132.81 33.43 -27.95
C LEU Y 533 -132.92 32.58 -29.20
N ARG Y 534 -131.91 31.78 -29.53
CA ARG Y 534 -132.12 31.01 -30.76
C ARG Y 534 -133.38 30.17 -30.65
N GLU Y 535 -133.58 29.54 -29.51
CA GLU Y 535 -134.72 28.64 -29.36
C GLU Y 535 -136.04 29.40 -29.39
N VAL Y 536 -136.11 30.54 -28.71
CA VAL Y 536 -137.35 31.31 -28.70
C VAL Y 536 -137.68 31.86 -30.09
N VAL Y 537 -136.69 32.36 -30.82
CA VAL Y 537 -136.97 32.88 -32.16
C VAL Y 537 -137.22 31.74 -33.13
N HIS Y 538 -136.52 30.62 -32.97
CA HIS Y 538 -136.77 29.45 -33.80
C HIS Y 538 -138.22 29.02 -33.70
N ASN Y 539 -138.78 28.99 -32.50
CA ASN Y 539 -140.15 28.60 -32.33
C ASN Y 539 -141.07 29.77 -32.70
N GLY Y 540 -142.37 29.54 -32.61
CA GLY Y 540 -143.32 30.53 -33.06
C GLY Y 540 -143.49 31.67 -32.08
N TYR Y 541 -142.45 32.47 -31.91
CA TYR Y 541 -142.50 33.66 -31.06
C TYR Y 541 -141.84 34.77 -31.86
N ASN Y 542 -142.64 35.48 -32.65
CA ASN Y 542 -142.17 36.58 -33.47
C ASN Y 542 -142.85 37.89 -33.09
N ARG Y 543 -143.47 37.94 -31.92
CA ARG Y 543 -144.19 39.11 -31.43
C ARG Y 543 -143.87 39.30 -29.95
N PRO Y 544 -144.01 40.52 -29.45
CA PRO Y 544 -143.75 40.76 -28.02
C PRO Y 544 -144.68 39.93 -27.14
N LYS Y 545 -144.13 39.51 -25.99
CA LYS Y 545 -144.90 38.79 -24.99
C LYS Y 545 -144.08 38.79 -23.71
N PHE Y 546 -144.76 38.54 -22.60
CA PHE Y 546 -144.10 38.47 -21.29
C PHE Y 546 -143.89 37.02 -20.89
N GLY Y 547 -142.70 36.71 -20.40
CA GLY Y 547 -142.41 35.40 -19.88
C GLY Y 547 -141.87 34.39 -20.86
N ILE Y 548 -141.48 34.82 -22.07
CA ILE Y 548 -140.99 33.87 -23.06
C ILE Y 548 -139.47 33.79 -23.05
N ILE Y 549 -138.78 34.87 -22.65
CA ILE Y 549 -137.33 34.94 -22.70
C ILE Y 549 -136.86 35.92 -21.65
N GLU Y 550 -135.63 35.74 -21.20
CA GLU Y 550 -134.97 36.75 -20.38
C GLU Y 550 -134.87 38.07 -21.16
N GLY Y 551 -135.11 39.16 -20.46
CA GLY Y 551 -134.93 40.46 -21.10
C GLY Y 551 -136.22 41.26 -21.02
N ALA Y 552 -136.14 42.40 -20.35
CA ALA Y 552 -137.33 43.21 -20.14
C ALA Y 552 -137.95 43.64 -21.45
N LEU Y 553 -137.11 43.91 -22.46
CA LEU Y 553 -137.62 44.43 -23.73
C LEU Y 553 -138.38 43.39 -24.54
N SER Y 554 -138.39 42.12 -24.13
CA SER Y 554 -139.15 41.12 -24.85
C SER Y 554 -140.64 41.42 -24.81
N ALA Y 555 -141.08 42.26 -23.86
CA ALA Y 555 -142.47 42.68 -23.84
C ALA Y 555 -142.73 43.88 -24.74
N VAL Y 556 -141.69 44.44 -25.35
CA VAL Y 556 -141.84 45.62 -26.19
C VAL Y 556 -141.56 45.32 -27.66
N MET Y 557 -140.41 44.71 -27.95
CA MET Y 557 -139.97 44.47 -29.32
C MET Y 557 -140.13 43.00 -29.68
N ARG Y 558 -140.11 42.73 -30.98
CA ARG Y 558 -140.12 41.35 -31.44
C ARG Y 558 -138.77 40.69 -31.19
N PRO Y 559 -138.75 39.50 -30.59
CA PRO Y 559 -137.48 38.77 -30.42
C PRO Y 559 -136.95 38.33 -31.78
N THR Y 560 -135.73 38.75 -32.11
CA THR Y 560 -135.19 38.58 -33.45
C THR Y 560 -133.78 37.99 -33.37
N TYR Y 561 -133.58 36.89 -34.09
CA TYR Y 561 -132.29 36.20 -34.13
C TYR Y 561 -132.08 35.70 -35.55
N ARG Y 562 -130.87 35.89 -36.08
CA ARG Y 562 -130.49 35.24 -37.33
C ARG Y 562 -129.09 34.66 -37.20
N TYR Y 563 -128.93 33.42 -37.66
CA TYR Y 563 -127.66 32.70 -37.66
C TYR Y 563 -127.25 32.41 -39.09
N LYS Y 564 -126.02 32.79 -39.44
CA LYS Y 564 -125.47 32.56 -40.77
C LYS Y 564 -124.08 31.98 -40.61
N GLU Y 565 -123.83 30.85 -41.26
CA GLU Y 565 -122.53 30.21 -41.25
C GLU Y 565 -121.75 30.63 -42.50
N LEU Y 566 -120.68 31.38 -42.30
CA LEU Y 566 -119.91 31.93 -43.40
C LEU Y 566 -118.59 31.16 -43.53
N ASP Y 567 -118.54 30.28 -44.51
CA ASP Y 567 -117.30 29.60 -44.88
C ASP Y 567 -116.74 30.39 -46.06
N LEU Y 568 -115.66 31.14 -45.82
CA LEU Y 568 -115.21 32.10 -46.81
C LEU Y 568 -114.89 31.44 -48.14
N GLU Y 569 -114.55 30.15 -48.12
CA GLU Y 569 -114.26 29.46 -49.37
C GLU Y 569 -115.43 29.55 -50.33
N LYS Y 570 -116.65 29.64 -49.81
CA LYS Y 570 -117.85 29.73 -50.63
C LYS Y 570 -118.43 31.13 -50.67
N VAL Y 571 -117.78 32.10 -50.03
CA VAL Y 571 -118.29 33.47 -49.95
C VAL Y 571 -117.34 34.49 -50.55
N ILE Y 572 -116.03 34.21 -50.59
CA ILE Y 572 -115.07 35.13 -51.16
C ILE Y 572 -115.27 35.19 -52.67
N ASP Y 573 -115.22 36.39 -53.23
CA ASP Y 573 -115.27 36.55 -54.68
C ASP Y 573 -114.12 37.49 -55.06
N THR Y 574 -113.03 36.90 -55.54
CA THR Y 574 -111.75 37.60 -55.68
C THR Y 574 -111.11 37.24 -57.00
N ILE Y 575 -110.30 38.16 -57.53
CA ILE Y 575 -109.71 37.93 -58.85
C ILE Y 575 -108.19 37.82 -58.75
N LYS Y 576 -107.54 38.74 -58.04
CA LYS Y 576 -106.09 38.83 -58.04
C LYS Y 576 -105.58 39.11 -56.63
N SER Y 577 -104.38 38.60 -56.34
CA SER Y 577 -103.92 38.53 -54.96
C SER Y 577 -103.73 39.91 -54.35
N LYS Y 578 -103.32 40.90 -55.13
CA LYS Y 578 -103.07 42.22 -54.54
C LYS Y 578 -104.32 42.84 -53.95
N ASP Y 579 -105.50 42.32 -54.30
CA ASP Y 579 -106.75 42.76 -53.72
C ASP Y 579 -107.29 41.79 -52.68
N ARG Y 580 -106.54 40.73 -52.37
CA ARG Y 580 -107.11 39.65 -51.57
C ARG Y 580 -107.49 40.12 -50.18
N TRP Y 581 -106.70 41.01 -49.57
CA TRP Y 581 -107.05 41.51 -48.25
C TRP Y 581 -108.38 42.24 -48.27
N ASP Y 582 -108.54 43.20 -49.19
CA ASP Y 582 -109.78 43.97 -49.23
C ASP Y 582 -110.96 43.07 -49.54
N ASP Y 583 -110.76 42.06 -50.39
CA ASP Y 583 -111.84 41.16 -50.76
C ASP Y 583 -112.32 40.35 -49.57
N VAL Y 584 -111.41 39.89 -48.70
CA VAL Y 584 -111.84 39.17 -47.51
C VAL Y 584 -112.59 40.10 -46.57
N CYS Y 585 -112.05 41.31 -46.35
CA CYS Y 585 -112.71 42.25 -45.46
C CYS Y 585 -114.08 42.63 -45.97
N ALA Y 586 -114.20 42.85 -47.29
CA ALA Y 586 -115.50 43.21 -47.85
C ALA Y 586 -116.46 42.04 -47.75
N ALA Y 587 -116.00 40.82 -48.01
CA ALA Y 587 -116.91 39.67 -47.98
C ALA Y 587 -117.55 39.51 -46.62
N ILE Y 588 -116.77 39.68 -45.55
CA ILE Y 588 -117.30 39.50 -44.21
C ILE Y 588 -118.24 40.65 -43.86
N LEU Y 589 -117.82 41.88 -44.11
CA LEU Y 589 -118.64 43.04 -43.74
C LEU Y 589 -119.92 43.10 -44.55
N ASN Y 590 -119.87 42.74 -45.84
CA ASN Y 590 -121.07 42.74 -46.66
C ASN Y 590 -122.05 41.69 -46.18
N CYS Y 591 -121.55 40.56 -45.69
CA CYS Y 591 -122.48 39.57 -45.14
C CYS Y 591 -123.22 40.14 -43.93
N VAL Y 592 -122.53 40.91 -43.09
CA VAL Y 592 -123.20 41.52 -41.95
C VAL Y 592 -124.27 42.48 -42.39
N LYS Y 593 -123.96 43.34 -43.37
CA LYS Y 593 -124.95 44.29 -43.88
C LYS Y 593 -126.20 43.58 -44.38
N ALA Y 594 -126.02 42.54 -45.20
CA ALA Y 594 -127.15 41.87 -45.82
C ALA Y 594 -128.03 41.21 -44.76
N GLU Y 595 -127.43 40.61 -43.73
CA GLU Y 595 -128.25 39.90 -42.76
C GLU Y 595 -128.80 40.83 -41.68
N LEU Y 596 -128.09 41.92 -41.38
CA LEU Y 596 -128.55 42.87 -40.38
C LEU Y 596 -129.65 43.78 -40.86
N PHE Y 597 -129.54 44.29 -42.09
CA PHE Y 597 -130.57 45.21 -42.59
C PHE Y 597 -131.99 44.67 -42.46
N PRO Y 598 -132.32 43.44 -42.88
CA PRO Y 598 -133.68 42.96 -42.61
C PRO Y 598 -133.97 42.71 -41.14
N ALA Y 599 -132.96 42.43 -40.30
CA ALA Y 599 -133.25 42.27 -38.87
C ALA Y 599 -133.53 43.62 -38.24
N HIS Y 600 -132.89 44.68 -38.71
CA HIS Y 600 -133.14 46.00 -38.15
C HIS Y 600 -134.58 46.43 -38.41
N ARG Y 601 -135.07 46.23 -39.63
CA ARG Y 601 -136.43 46.65 -39.95
C ARG Y 601 -137.46 45.69 -39.39
N ASP Y 602 -137.14 44.40 -39.34
CA ASP Y 602 -138.10 43.40 -38.86
C ASP Y 602 -138.24 43.48 -37.35
N SER Y 603 -137.14 43.65 -36.64
CA SER Y 603 -137.25 43.88 -35.21
C SER Y 603 -137.74 45.29 -34.95
N ASN Y 604 -138.10 45.55 -33.70
CA ASN Y 604 -138.57 46.88 -33.32
C ASN Y 604 -137.55 47.66 -32.51
N ILE Y 605 -136.26 47.51 -32.84
CA ILE Y 605 -135.22 48.20 -32.09
C ILE Y 605 -135.41 49.71 -32.20
N GLU Y 606 -135.63 50.19 -33.42
CA GLU Y 606 -135.78 51.63 -33.63
C GLU Y 606 -136.96 52.16 -32.82
N ALA Y 607 -138.09 51.45 -32.85
CA ALA Y 607 -139.26 51.88 -32.10
C ALA Y 607 -139.03 51.78 -30.60
N ALA Y 608 -138.42 50.69 -30.13
CA ALA Y 608 -138.18 50.53 -28.70
C ALA Y 608 -137.20 51.59 -28.19
N PHE Y 609 -136.13 51.85 -28.94
CA PHE Y 609 -135.14 52.81 -28.46
C PHE Y 609 -135.75 54.21 -28.40
N ARG Y 610 -136.50 54.59 -29.43
CA ARG Y 610 -137.17 55.88 -29.43
C ARG Y 610 -138.12 56.02 -28.26
N VAL Y 611 -138.97 55.01 -28.05
CA VAL Y 611 -140.00 55.12 -27.01
C VAL Y 611 -139.38 55.05 -25.63
N ILE Y 612 -138.38 54.20 -25.44
CA ILE Y 612 -137.80 54.07 -24.11
C ILE Y 612 -136.92 55.25 -23.79
N SER Y 613 -136.07 55.67 -24.73
CA SER Y 613 -135.15 56.76 -24.44
C SER Y 613 -135.88 58.10 -24.38
N GLY Y 614 -136.95 58.25 -25.14
CA GLY Y 614 -137.64 59.52 -25.21
C GLY Y 614 -137.14 60.49 -26.25
N ASN Y 615 -136.07 60.14 -26.95
CA ASN Y 615 -135.50 60.99 -28.00
C ASN Y 615 -136.16 60.64 -29.32
N GLN Y 616 -136.68 61.67 -30.00
CA GLN Y 616 -137.30 61.43 -31.31
C GLN Y 616 -136.30 60.84 -32.28
N ASP Y 617 -135.03 61.22 -32.17
CA ASP Y 617 -133.97 60.65 -32.97
C ASP Y 617 -133.04 59.85 -32.07
N GLU Y 618 -133.08 58.54 -32.21
CA GLU Y 618 -132.28 57.66 -31.37
C GLU Y 618 -131.90 56.45 -32.19
N THR Y 619 -130.61 56.34 -32.52
CA THR Y 619 -130.10 55.31 -33.40
C THR Y 619 -129.32 54.30 -32.58
N PRO Y 620 -129.65 53.01 -32.66
CA PRO Y 620 -128.88 52.01 -31.93
C PRO Y 620 -127.49 51.87 -32.53
N MET Y 621 -126.51 51.63 -31.67
CA MET Y 621 -125.17 51.34 -32.15
C MET Y 621 -124.89 49.85 -31.98
N TYR Y 622 -124.40 49.24 -33.04
CA TYR Y 622 -124.11 47.81 -33.04
C TYR Y 622 -122.66 47.55 -32.74
N LEU Y 623 -122.41 46.55 -31.89
CA LEU Y 623 -121.06 46.13 -31.57
C LEU Y 623 -120.75 44.84 -32.30
N PHE Y 624 -119.60 44.79 -32.95
CA PHE Y 624 -119.11 43.58 -33.58
C PHE Y 624 -118.25 42.85 -32.57
N CYS Y 625 -118.80 41.81 -31.95
CA CYS Y 625 -118.11 41.06 -30.92
C CYS Y 625 -117.45 39.86 -31.57
N SER Y 626 -116.12 39.83 -31.56
CA SER Y 626 -115.41 38.82 -32.33
C SER Y 626 -114.16 38.40 -31.57
N ASP Y 627 -113.56 37.31 -32.04
CA ASP Y 627 -112.27 36.87 -31.54
C ASP Y 627 -111.15 37.66 -32.22
N LYS Y 628 -109.91 37.34 -31.88
CA LYS Y 628 -108.78 38.12 -32.38
C LYS Y 628 -108.60 37.95 -33.87
N GLU Y 629 -108.79 36.73 -34.37
CA GLU Y 629 -108.61 36.46 -35.79
C GLU Y 629 -109.60 37.24 -36.65
N ILE Y 630 -110.88 37.19 -36.30
CA ILE Y 630 -111.87 37.87 -37.12
C ILE Y 630 -111.73 39.36 -36.99
N ALA Y 631 -111.54 39.84 -35.76
CA ALA Y 631 -111.42 41.28 -35.52
C ALA Y 631 -110.33 41.90 -36.36
N ASN Y 632 -109.25 41.17 -36.59
CA ASN Y 632 -108.15 41.75 -37.35
C ASN Y 632 -108.60 42.16 -38.75
N TYR Y 633 -109.65 41.54 -39.27
CA TYR Y 633 -110.13 41.86 -40.60
C TYR Y 633 -111.15 42.99 -40.57
N LEU Y 634 -111.93 43.07 -39.48
CA LEU Y 634 -113.01 44.05 -39.40
C LEU Y 634 -112.50 45.46 -39.13
N MET Y 635 -111.45 45.60 -38.29
CA MET Y 635 -111.03 46.94 -37.83
C MET Y 635 -109.98 47.60 -38.70
N THR Y 636 -110.10 47.52 -40.02
CA THR Y 636 -109.13 48.09 -40.95
C THR Y 636 -110.00 48.77 -41.97
N LYS Y 637 -110.98 49.53 -41.50
CA LYS Y 637 -111.93 50.21 -42.37
C LYS Y 637 -111.93 51.65 -41.93
N GLY Y 638 -112.60 52.51 -42.67
CA GLY Y 638 -112.67 53.91 -42.30
C GLY Y 638 -113.23 54.10 -40.92
N ASP Y 639 -112.71 55.07 -40.19
CA ASP Y 639 -113.14 55.31 -38.82
C ASP Y 639 -114.61 55.63 -38.80
N ASP Y 640 -115.15 56.21 -39.88
CA ASP Y 640 -116.57 56.54 -39.95
C ASP Y 640 -117.22 55.21 -40.23
N ARG Y 641 -117.49 54.42 -39.18
CA ARG Y 641 -117.96 53.07 -39.33
C ARG Y 641 -119.46 53.06 -39.37
N THR Y 642 -120.02 53.00 -40.58
CA THR Y 642 -121.48 53.04 -40.74
C THR Y 642 -121.79 51.92 -41.70
N LEU Y 643 -122.84 51.16 -41.40
CA LEU Y 643 -123.28 50.15 -42.32
C LEU Y 643 -124.26 50.49 -43.43
N GLY Y 644 -125.28 51.31 -43.15
CA GLY Y 644 -126.31 51.63 -44.12
C GLY Y 644 -126.29 53.12 -44.22
N ALA Y 645 -127.46 53.73 -44.27
CA ALA Y 645 -127.54 55.18 -44.33
C ALA Y 645 -127.15 55.77 -42.99
N TYR Y 646 -127.44 55.07 -41.91
CA TYR Y 646 -127.20 55.59 -40.55
C TYR Y 646 -126.70 54.67 -39.43
N LEU Y 647 -126.55 53.35 -39.63
CA LEU Y 647 -126.27 52.43 -38.53
C LEU Y 647 -124.78 52.37 -38.21
N LYS Y 648 -124.31 53.26 -37.35
CA LYS Y 648 -122.91 53.20 -36.95
C LYS Y 648 -122.68 51.99 -36.06
N TYR Y 649 -121.42 51.54 -36.00
CA TYR Y 649 -121.07 50.36 -35.23
C TYR Y 649 -119.67 50.50 -34.67
N ASP Y 650 -119.34 49.61 -33.74
CA ASP Y 650 -118.01 49.55 -33.16
C ASP Y 650 -117.56 48.10 -33.04
N ILE Y 651 -116.25 47.92 -32.91
CA ILE Y 651 -115.62 46.60 -32.94
C ILE Y 651 -114.95 46.35 -31.61
N VAL Y 652 -115.29 45.22 -30.99
CA VAL Y 652 -114.67 44.81 -29.74
C VAL Y 652 -114.23 43.36 -29.88
N SER Y 653 -113.04 43.04 -29.39
CA SER Y 653 -112.42 41.75 -29.56
C SER Y 653 -112.25 41.07 -28.22
N THR Y 654 -112.21 39.73 -28.22
CA THR Y 654 -111.85 38.98 -27.04
C THR Y 654 -110.90 37.85 -27.40
N ASN Y 655 -110.11 37.42 -26.41
CA ASN Y 655 -109.27 36.23 -26.55
C ASN Y 655 -109.83 35.02 -25.81
N ASN Y 656 -111.07 35.09 -25.35
CA ASN Y 656 -111.63 33.98 -24.60
C ASN Y 656 -111.82 32.77 -25.51
N GLN Y 657 -111.20 31.65 -25.14
CA GLN Y 657 -111.27 30.46 -25.97
C GLN Y 657 -112.69 30.08 -26.30
N LEU Y 658 -113.62 30.36 -25.40
CA LEU Y 658 -115.00 29.92 -25.57
C LEU Y 658 -115.67 30.66 -26.72
N PHE Y 659 -115.04 31.72 -27.22
CA PHE Y 659 -115.63 32.55 -28.26
C PHE Y 659 -114.88 32.46 -29.59
N ASP Y 660 -113.97 31.51 -29.75
CA ASP Y 660 -113.21 31.44 -30.99
C ASP Y 660 -114.12 31.20 -32.19
N GLY Y 661 -113.85 31.93 -33.28
CA GLY Y 661 -114.55 31.72 -34.52
C GLY Y 661 -115.92 32.35 -34.62
N LYS Y 662 -116.37 33.06 -33.58
CA LYS Y 662 -117.71 33.62 -33.54
C LYS Y 662 -117.63 35.11 -33.79
N LEU Y 663 -118.60 35.62 -34.56
CA LEU Y 663 -118.86 37.05 -34.69
C LEU Y 663 -120.31 37.27 -34.28
N VAL Y 664 -120.53 38.04 -33.23
CA VAL Y 664 -121.87 38.32 -32.73
C VAL Y 664 -122.08 39.81 -32.75
N VAL Y 665 -123.16 40.24 -33.40
CA VAL Y 665 -123.47 41.65 -33.56
C VAL Y 665 -124.66 41.97 -32.66
N ILE Y 666 -124.49 42.93 -31.76
CA ILE Y 666 -125.54 43.24 -30.81
C ILE Y 666 -125.76 44.75 -30.78
N PRO Y 667 -126.99 45.23 -30.67
CA PRO Y 667 -127.23 46.66 -30.52
C PRO Y 667 -126.96 47.13 -29.10
N THR Y 668 -126.60 48.41 -29.00
CA THR Y 668 -126.54 49.05 -27.70
C THR Y 668 -126.77 50.54 -27.89
N ARG Y 669 -127.15 51.22 -26.80
CA ARG Y 669 -127.33 52.66 -26.86
C ARG Y 669 -126.01 53.35 -27.16
N ALA Y 670 -126.03 54.25 -28.13
CA ALA Y 670 -124.79 54.89 -28.58
C ALA Y 670 -124.10 55.62 -27.44
N VAL Y 671 -124.85 56.23 -26.54
CA VAL Y 671 -124.31 56.91 -25.38
C VAL Y 671 -124.78 56.16 -24.14
N GLN Y 672 -123.83 55.58 -23.41
CA GLN Y 672 -124.16 54.74 -22.27
C GLN Y 672 -124.56 55.61 -21.08
N GLN Y 673 -125.71 55.30 -20.49
CA GLN Y 673 -126.20 55.97 -19.30
C GLN Y 673 -126.11 55.05 -18.09
N GLU Y 674 -126.41 55.63 -16.93
CA GLU Y 674 -126.34 54.87 -15.69
C GLU Y 674 -127.57 53.96 -15.59
N ASN Y 675 -127.32 52.67 -15.39
CA ASN Y 675 -128.38 51.68 -15.20
C ASN Y 675 -129.44 51.77 -16.27
N ASP Y 676 -128.99 51.80 -17.53
CA ASP Y 676 -129.88 51.98 -18.67
C ASP Y 676 -130.43 50.62 -19.10
N ILE Y 677 -131.74 50.56 -19.31
CA ILE Y 677 -132.34 49.32 -19.78
C ILE Y 677 -131.94 49.04 -21.21
N LEU Y 678 -131.63 50.08 -21.99
CA LEU Y 678 -131.34 49.89 -23.40
C LEU Y 678 -129.99 49.25 -23.65
N SER Y 679 -129.09 49.26 -22.68
CA SER Y 679 -127.82 48.55 -22.85
C SER Y 679 -128.10 47.06 -23.07
N TRP Y 680 -127.39 46.48 -24.02
CA TRP Y 680 -127.68 45.10 -24.41
C TRP Y 680 -127.72 44.19 -23.20
N GLY Y 681 -126.73 44.28 -22.34
CA GLY Y 681 -126.76 43.58 -21.06
C GLY Y 681 -126.15 44.46 -20.00
N GLN Y 682 -126.28 44.02 -18.76
CA GLN Y 682 -125.70 44.73 -17.63
C GLN Y 682 -124.91 43.78 -16.75
N PHE Y 683 -123.88 44.30 -16.10
CA PHE Y 683 -123.16 43.59 -15.05
C PHE Y 683 -123.42 44.28 -13.72
N PHE Y 684 -124.15 43.61 -12.84
CA PHE Y 684 -124.49 44.17 -11.54
C PHE Y 684 -123.43 43.71 -10.53
N TYR Y 685 -122.64 44.66 -10.06
CA TYR Y 685 -121.48 44.40 -9.22
C TYR Y 685 -121.75 44.95 -7.82
N VAL Y 686 -121.44 44.14 -6.81
CA VAL Y 686 -121.58 44.62 -5.44
C VAL Y 686 -120.25 44.66 -4.72
N SER Y 687 -119.60 43.51 -4.56
CA SER Y 687 -118.35 43.44 -3.82
C SER Y 687 -117.64 42.14 -4.14
N THR Y 688 -116.36 42.09 -3.80
CA THR Y 688 -115.57 40.87 -3.81
C THR Y 688 -114.80 40.79 -2.49
N VAL Y 689 -115.54 40.75 -1.37
CA VAL Y 689 -114.93 40.95 -0.06
C VAL Y 689 -113.84 39.92 0.21
N ILE Y 690 -112.73 40.40 0.74
CA ILE Y 690 -111.58 39.56 1.11
C ILE Y 690 -111.56 39.47 2.63
N ALA Y 691 -111.66 38.26 3.16
CA ALA Y 691 -111.63 38.04 4.60
C ALA Y 691 -110.79 36.82 4.90
N ASP Y 692 -110.17 36.80 6.08
CA ASP Y 692 -109.32 35.68 6.49
C ASP Y 692 -109.58 35.36 7.95
N LEU Y 693 -109.40 34.09 8.32
CA LEU Y 693 -109.51 33.69 9.72
C LEU Y 693 -108.82 32.34 9.84
N PRO Y 694 -107.97 32.13 10.84
CA PRO Y 694 -107.26 30.85 10.95
C PRO Y 694 -108.15 29.72 11.43
N ILE Y 695 -108.89 29.10 10.52
CA ILE Y 695 -109.77 28.00 10.90
C ILE Y 695 -108.97 26.71 10.98
N THR Y 696 -109.51 25.73 11.69
CA THR Y 696 -108.89 24.41 11.79
C THR Y 696 -109.71 23.44 10.95
N ARG Y 697 -109.54 23.53 9.63
CA ARG Y 697 -110.39 22.76 8.73
C ARG Y 697 -110.00 21.29 8.77
N GLY Y 698 -110.98 20.43 8.97
CA GLY Y 698 -110.75 19.01 9.10
C GLY Y 698 -110.66 18.52 10.52
N GLY Y 699 -110.54 19.43 11.49
CA GLY Y 699 -110.42 19.06 12.88
C GLY Y 699 -109.04 18.62 13.31
N HIS Y 700 -108.08 18.55 12.41
CA HIS Y 700 -106.75 18.06 12.76
C HIS Y 700 -105.61 18.87 12.21
N GLN Y 701 -105.85 20.06 11.65
CA GLN Y 701 -104.78 20.93 11.16
C GLN Y 701 -105.28 22.35 11.11
N VAL Y 702 -104.41 23.32 11.40
CA VAL Y 702 -104.81 24.72 11.38
C VAL Y 702 -104.06 25.42 10.26
N THR Y 703 -104.79 26.22 9.47
CA THR Y 703 -104.22 26.96 8.36
C THR Y 703 -104.94 28.28 8.21
N ARG Y 704 -104.22 29.30 7.77
CA ARG Y 704 -104.82 30.62 7.55
C ARG Y 704 -105.37 30.69 6.13
N GLU Y 705 -106.67 30.99 6.02
CA GLU Y 705 -107.35 30.98 4.72
C GLU Y 705 -107.79 32.38 4.35
N ILE Y 706 -107.07 33.01 3.43
CA ILE Y 706 -107.46 34.29 2.88
C ILE Y 706 -108.29 34.06 1.64
N ALA Y 707 -109.54 34.51 1.65
CA ALA Y 707 -110.48 34.18 0.59
C ALA Y 707 -111.22 35.41 0.11
N ALA Y 708 -111.55 35.43 -1.18
CA ALA Y 708 -112.36 36.47 -1.79
C ALA Y 708 -113.70 35.86 -2.17
N ILE Y 709 -114.79 36.51 -1.76
CA ILE Y 709 -116.14 35.99 -2.00
C ILE Y 709 -116.83 36.91 -3.00
N PRO Y 710 -116.95 36.53 -4.26
CA PRO Y 710 -117.62 37.41 -5.23
C PRO Y 710 -119.12 37.46 -4.99
N PHE Y 711 -119.69 38.61 -5.33
CA PHE Y 711 -121.14 38.83 -5.28
C PHE Y 711 -121.53 39.71 -6.47
N ASN Y 712 -122.05 39.09 -7.52
CA ASN Y 712 -122.35 39.82 -8.75
C ASN Y 712 -123.32 39.03 -9.60
N LEU Y 713 -123.87 39.69 -10.62
CA LEU Y 713 -124.83 39.08 -11.53
C LEU Y 713 -124.72 39.72 -12.90
N HIS Y 714 -124.76 38.90 -13.95
CA HIS Y 714 -124.90 39.36 -15.33
C HIS Y 714 -126.34 39.17 -15.76
N VAL Y 715 -126.91 40.21 -16.36
CA VAL Y 715 -128.30 40.19 -16.80
C VAL Y 715 -128.36 40.70 -18.23
N ASN Y 716 -129.22 40.08 -19.04
CA ASN Y 716 -129.48 40.50 -20.41
C ASN Y 716 -130.79 41.25 -20.46
N ASN Y 717 -130.82 42.32 -21.24
CA ASN Y 717 -132.01 43.16 -21.34
C ASN Y 717 -132.79 42.93 -22.63
N ILE Y 718 -132.10 42.88 -23.77
CA ILE Y 718 -132.76 42.99 -25.06
C ILE Y 718 -132.72 41.65 -25.77
N PRO Y 719 -133.84 41.18 -26.32
CA PRO Y 719 -133.85 39.88 -27.01
C PRO Y 719 -133.38 39.90 -28.45
N PHE Y 720 -132.38 40.69 -28.81
CA PHE Y 720 -131.91 40.73 -30.19
C PHE Y 720 -130.45 40.29 -30.27
N ALA Y 721 -130.14 39.49 -31.29
CA ALA Y 721 -128.76 39.12 -31.58
C ALA Y 721 -128.67 38.73 -33.05
N LEU Y 722 -127.49 38.91 -33.62
CA LEU Y 722 -127.19 38.49 -34.99
C LEU Y 722 -125.85 37.78 -34.99
N GLU Y 723 -125.83 36.49 -35.28
CA GLU Y 723 -124.66 35.66 -35.03
C GLU Y 723 -124.12 35.09 -36.32
N PHE Y 724 -122.81 35.21 -36.50
CA PHE Y 724 -122.10 34.63 -37.64
C PHE Y 724 -121.05 33.66 -37.13
N LYS Y 725 -120.84 32.57 -37.87
CA LYS Y 725 -119.71 31.69 -37.66
C LYS Y 725 -118.82 31.78 -38.90
N ILE Y 726 -117.62 32.29 -38.73
CA ILE Y 726 -116.75 32.65 -39.85
C ILE Y 726 -115.53 31.74 -39.82
N THR Y 727 -115.32 31.01 -40.90
CA THR Y 727 -114.18 30.11 -41.03
C THR Y 727 -113.64 30.20 -42.45
N GLY Y 728 -112.54 29.50 -42.69
CA GLY Y 728 -112.01 29.43 -44.04
C GLY Y 728 -111.01 30.49 -44.41
N PHE Y 729 -110.44 31.20 -43.44
CA PHE Y 729 -109.50 32.27 -43.75
C PHE Y 729 -108.29 31.73 -44.51
N GLN Y 730 -107.78 30.58 -44.06
CA GLN Y 730 -106.54 30.06 -44.64
C GLN Y 730 -106.80 29.47 -46.02
N LYS Y 731 -107.97 28.87 -46.21
CA LYS Y 731 -108.28 28.32 -47.54
C LYS Y 731 -108.40 29.43 -48.57
N VAL Y 732 -108.86 30.62 -48.17
CA VAL Y 732 -108.99 31.69 -49.15
C VAL Y 732 -107.68 32.46 -49.32
N MET Y 733 -106.99 32.76 -48.23
CA MET Y 733 -105.81 33.62 -48.40
C MET Y 733 -104.54 32.85 -48.74
N GLY Y 734 -104.51 31.55 -48.49
CA GLY Y 734 -103.31 30.77 -48.78
C GLY Y 734 -103.35 29.99 -50.07
N GLU Y 735 -104.40 30.13 -50.86
CA GLU Y 735 -104.60 29.31 -52.04
C GLU Y 735 -105.04 30.19 -53.19
N THR Y 736 -104.81 29.72 -54.42
CA THR Y 736 -105.43 30.32 -55.58
C THR Y 736 -106.94 30.18 -55.51
N GLN Y 737 -107.63 31.27 -55.81
CA GLN Y 737 -109.09 31.25 -55.86
C GLN Y 737 -109.62 31.44 -57.28
N PHE Y 738 -108.81 31.96 -58.19
CA PHE Y 738 -109.29 32.23 -59.53
C PHE Y 738 -108.54 31.43 -60.60
N ASN Y 739 -107.22 31.55 -60.67
CA ASN Y 739 -106.47 30.88 -61.73
C ASN Y 739 -106.46 29.37 -61.54
N GLY Y 740 -106.52 28.90 -60.30
CA GLY Y 740 -106.63 27.46 -60.10
C GLY Y 740 -107.89 26.88 -60.71
N LYS Y 741 -108.99 27.65 -60.67
CA LYS Y 741 -110.24 27.21 -61.25
C LYS Y 741 -110.15 27.14 -62.77
N LEU Y 742 -109.46 28.11 -63.38
CA LEU Y 742 -109.20 28.05 -64.82
C LEU Y 742 -108.33 26.85 -65.16
N ALA Y 743 -107.36 26.53 -64.32
CA ALA Y 743 -106.55 25.34 -64.54
C ALA Y 743 -107.40 24.08 -64.45
N ASP Y 744 -108.35 24.04 -63.52
CA ASP Y 744 -109.24 22.88 -63.42
C ASP Y 744 -110.09 22.70 -64.67
N LEU Y 745 -110.35 23.77 -65.42
CA LEU Y 745 -111.09 23.63 -66.67
C LEU Y 745 -110.25 23.04 -67.79
N LYS Y 746 -108.94 22.87 -67.60
CA LYS Y 746 -108.11 22.31 -68.64
C LYS Y 746 -108.45 20.85 -68.89
N PRO Y 747 -108.72 20.47 -70.15
CA PRO Y 747 -109.09 19.10 -70.50
C PRO Y 747 -107.89 18.16 -70.52
N ASN Z 164 -132.23 33.77 12.08
CA ASN Z 164 -131.78 34.70 11.06
C ASN Z 164 -130.31 35.03 11.24
N TYR Z 165 -129.47 34.01 10.99
CA TYR Z 165 -128.03 34.19 11.11
C TYR Z 165 -127.47 35.03 9.97
N ASN Z 166 -127.94 34.79 8.76
CA ASN Z 166 -127.47 35.47 7.56
C ASN Z 166 -128.56 36.44 7.11
N GLU Z 167 -128.43 37.71 7.48
CA GLU Z 167 -129.43 38.70 7.16
C GLU Z 167 -129.29 39.16 5.70
N LYS Z 168 -129.38 38.18 4.81
CA LYS Z 168 -129.28 38.47 3.38
C LYS Z 168 -130.55 39.17 2.90
N SER Z 169 -130.37 40.25 2.17
CA SER Z 169 -131.49 41.07 1.71
C SER Z 169 -132.14 40.40 0.51
N GLN Z 170 -133.45 40.15 0.61
CA GLN Z 170 -134.20 39.66 -0.54
C GLN Z 170 -135.39 40.55 -0.85
N ARG Z 171 -135.60 41.60 -0.05
CA ARG Z 171 -136.84 42.35 -0.19
C ARG Z 171 -136.61 43.68 -0.89
N ASP Z 172 -135.70 44.50 -0.39
CA ASP Z 172 -135.53 45.87 -0.85
C ASP Z 172 -134.50 45.89 -1.97
N PHE Z 173 -134.95 46.18 -3.18
CA PHE Z 173 -134.08 46.20 -4.35
C PHE Z 173 -134.13 47.57 -4.97
N ARG Z 174 -133.11 47.90 -5.76
CA ARG Z 174 -133.14 49.13 -6.54
C ARG Z 174 -134.18 49.02 -7.63
N VAL Z 175 -135.00 50.05 -7.78
CA VAL Z 175 -136.09 50.04 -8.75
C VAL Z 175 -135.80 51.08 -9.82
N VAL Z 176 -135.80 50.64 -11.08
CA VAL Z 176 -135.56 51.50 -12.22
C VAL Z 176 -136.84 51.56 -13.05
N THR Z 177 -137.26 52.77 -13.39
CA THR Z 177 -138.45 52.98 -14.21
C THR Z 177 -138.00 53.04 -15.66
N ILE Z 178 -138.70 52.31 -16.52
CA ILE Z 178 -138.39 52.37 -17.94
C ILE Z 178 -139.30 53.37 -18.61
N GLY Z 179 -138.71 54.26 -19.40
CA GLY Z 179 -139.47 55.30 -20.07
C GLY Z 179 -140.42 54.75 -21.11
N TYR Z 180 -141.47 55.49 -21.42
CA TYR Z 180 -142.49 55.07 -22.37
C TYR Z 180 -143.07 56.32 -23.02
N ASN Z 181 -142.28 56.96 -23.87
CA ASN Z 181 -142.64 58.23 -24.49
C ASN Z 181 -142.97 57.99 -25.95
N LEU Z 182 -144.26 58.04 -26.29
CA LEU Z 182 -144.69 57.79 -27.65
C LEU Z 182 -145.13 59.10 -28.27
N ALA Z 183 -145.01 59.20 -29.59
CA ALA Z 183 -145.45 60.38 -30.30
C ALA Z 183 -145.77 60.00 -31.73
N ALA Z 184 -146.59 60.81 -32.39
CA ALA Z 184 -146.81 60.68 -33.83
C ALA Z 184 -147.27 62.01 -34.37
N SER Z 185 -146.85 62.32 -35.60
CA SER Z 185 -147.30 63.52 -36.29
C SER Z 185 -148.56 63.22 -37.09
N ARG Z 186 -149.28 64.27 -37.46
CA ARG Z 186 -150.52 64.08 -38.22
C ARG Z 186 -150.33 63.07 -39.33
N GLN Z 187 -149.25 63.20 -40.09
CA GLN Z 187 -148.75 62.15 -40.96
C GLN Z 187 -147.24 62.05 -40.80
N ASP Z 188 -146.71 60.84 -40.93
CA ASP Z 188 -145.27 60.68 -40.88
C ASP Z 188 -144.66 61.02 -42.25
N GLU Z 189 -143.35 60.90 -42.38
CA GLU Z 189 -142.70 61.32 -43.62
C GLU Z 189 -143.16 60.55 -44.84
N PHE Z 190 -143.42 59.26 -44.69
CA PHE Z 190 -143.81 58.46 -45.84
C PHE Z 190 -145.12 59.01 -46.31
N ALA Z 191 -146.07 59.11 -45.40
CA ALA Z 191 -147.42 59.52 -45.76
C ALA Z 191 -147.46 60.97 -46.21
N GLU Z 192 -146.68 61.84 -45.55
CA GLU Z 192 -146.78 63.26 -45.85
C GLU Z 192 -146.18 63.58 -47.19
N ARG Z 193 -145.05 62.94 -47.54
CA ARG Z 193 -144.42 63.22 -48.81
C ARG Z 193 -145.24 62.65 -49.97
N ILE Z 194 -146.02 61.60 -49.71
CA ILE Z 194 -146.82 61.03 -50.79
C ILE Z 194 -148.20 61.67 -50.84
N TYR Z 195 -148.80 61.91 -49.68
CA TYR Z 195 -150.13 62.52 -49.58
C TYR Z 195 -150.05 63.78 -48.75
N PRO Z 196 -149.54 64.88 -49.29
CA PRO Z 196 -149.39 66.09 -48.48
C PRO Z 196 -150.72 66.52 -47.87
N THR Z 197 -150.64 67.02 -46.64
CA THR Z 197 -151.84 67.36 -45.88
C THR Z 197 -152.43 68.66 -46.42
N THR Z 198 -153.74 68.64 -46.66
CA THR Z 198 -154.51 69.85 -46.92
C THR Z 198 -155.66 69.92 -45.93
N VAL Z 199 -155.82 71.05 -45.27
CA VAL Z 199 -156.82 71.19 -44.23
C VAL Z 199 -158.14 71.61 -44.86
N ILE Z 200 -159.21 70.87 -44.57
CA ILE Z 200 -160.52 71.12 -45.12
C ILE Z 200 -161.43 71.56 -43.99
N ASN Z 201 -162.24 72.59 -44.23
CA ASN Z 201 -163.12 73.09 -43.19
C ASN Z 201 -164.16 72.01 -42.84
N PRO Z 202 -164.42 71.78 -41.54
CA PRO Z 202 -165.45 70.81 -41.16
C PRO Z 202 -166.79 71.03 -41.85
N ILE Z 203 -167.13 72.27 -42.19
CA ILE Z 203 -168.44 72.55 -42.78
C ILE Z 203 -168.49 72.03 -44.21
N GLU Z 204 -167.34 72.00 -44.90
CA GLU Z 204 -167.31 71.63 -46.30
C GLU Z 204 -167.47 70.11 -46.46
N GLY Z 205 -166.73 69.35 -45.68
CA GLY Z 205 -166.86 67.90 -45.71
C GLY Z 205 -166.35 67.21 -46.95
N GLY Z 206 -165.51 67.85 -47.74
CA GLY Z 206 -165.04 67.26 -48.99
C GLY Z 206 -164.64 68.30 -50.00
N VAL Z 207 -164.14 67.82 -51.12
CA VAL Z 207 -163.63 68.69 -52.18
C VAL Z 207 -164.22 68.24 -53.51
N VAL Z 208 -164.20 69.14 -54.50
CA VAL Z 208 -164.55 68.85 -55.88
C VAL Z 208 -163.44 69.35 -56.78
N GLN Z 209 -163.02 68.52 -57.73
CA GLN Z 209 -161.97 68.85 -58.67
C GLN Z 209 -162.59 69.09 -60.03
N VAL Z 210 -162.22 70.19 -60.68
CA VAL Z 210 -162.74 70.57 -61.99
C VAL Z 210 -161.58 70.62 -62.96
N LEU Z 211 -161.71 69.91 -64.08
CA LEU Z 211 -160.65 69.80 -65.07
C LEU Z 211 -161.11 70.36 -66.41
N PRO Z 212 -160.91 71.65 -66.67
CA PRO Z 212 -161.20 72.19 -68.00
C PRO Z 212 -160.15 71.76 -69.00
N TYR Z 213 -160.55 71.65 -70.26
CA TYR Z 213 -159.58 71.43 -71.32
C TYR Z 213 -160.18 71.75 -72.68
N ILE Z 214 -159.30 71.84 -73.68
CA ILE Z 214 -159.69 72.01 -75.08
C ILE Z 214 -159.33 70.73 -75.81
N ALA Z 215 -160.28 70.19 -76.57
CA ALA Z 215 -160.08 68.93 -77.29
C ALA Z 215 -160.30 69.12 -78.79
N VAL Z 216 -159.64 68.28 -79.58
CA VAL Z 216 -159.77 68.31 -81.04
C VAL Z 216 -160.58 67.11 -81.47
N MET Z 217 -161.52 67.32 -82.38
CA MET Z 217 -162.38 66.25 -82.83
C MET Z 217 -162.56 66.29 -84.35
N LYS Z 218 -162.79 65.13 -84.92
CA LYS Z 218 -163.05 65.02 -86.36
C LYS Z 218 -164.37 65.71 -86.68
N ASP Z 219 -164.44 66.33 -87.85
CA ASP Z 219 -165.67 66.98 -88.31
C ASP Z 219 -166.56 65.95 -88.97
N VAL Z 220 -167.51 65.40 -88.22
CA VAL Z 220 -168.34 64.30 -88.69
C VAL Z 220 -169.80 64.61 -88.42
N TYR Z 221 -170.69 63.89 -89.08
CA TYR Z 221 -172.11 64.04 -88.87
C TYR Z 221 -172.67 62.89 -88.05
N HIS Z 222 -173.74 63.17 -87.31
CA HIS Z 222 -174.37 62.12 -86.52
C HIS Z 222 -174.94 61.05 -87.43
N GLU Z 223 -174.77 59.80 -87.03
CA GLU Z 223 -175.26 58.65 -87.79
C GLU Z 223 -176.70 58.39 -87.41
N VAL Z 224 -177.57 58.30 -88.42
CA VAL Z 224 -179.00 58.21 -88.15
C VAL Z 224 -179.32 57.02 -87.28
N SER Z 225 -178.67 55.88 -87.52
CA SER Z 225 -178.92 54.66 -86.76
C SER Z 225 -177.80 54.33 -85.79
N GLY Z 226 -176.92 55.28 -85.49
CA GLY Z 226 -175.76 54.99 -84.65
C GLY Z 226 -176.12 55.03 -83.18
N VAL Z 227 -175.30 54.39 -82.36
CA VAL Z 227 -175.51 54.42 -80.91
C VAL Z 227 -174.77 55.60 -80.28
N LYS Z 228 -173.61 55.97 -80.86
CA LYS Z 228 -172.84 57.11 -80.35
C LYS Z 228 -172.21 57.95 -81.47
N MET Z 229 -171.88 59.21 -81.21
CA MET Z 229 -171.22 60.04 -82.22
C MET Z 229 -169.78 59.62 -82.45
N ASP Z 230 -169.33 59.65 -83.69
CA ASP Z 230 -167.98 59.19 -84.00
C ASP Z 230 -166.99 60.33 -84.13
N ASN Z 231 -167.22 61.43 -83.43
CA ASN Z 231 -166.36 62.57 -83.57
C ASN Z 231 -165.18 62.29 -82.67
N GLU Z 232 -164.31 61.37 -83.07
CA GLU Z 232 -163.21 60.99 -82.21
C GLU Z 232 -162.62 62.22 -81.56
N GLU Z 233 -162.62 62.26 -80.24
CA GLU Z 233 -162.24 63.49 -79.53
C GLU Z 233 -161.05 63.27 -78.63
N VAL Z 234 -160.00 64.05 -78.80
CA VAL Z 234 -158.77 63.87 -78.03
C VAL Z 234 -158.36 65.17 -77.39
N ASN Z 235 -158.04 65.12 -76.10
CA ASN Z 235 -157.56 66.31 -75.41
C ASN Z 235 -156.32 66.84 -76.11
N MET Z 236 -156.27 68.13 -76.37
CA MET Z 236 -155.15 68.74 -77.07
C MET Z 236 -153.81 68.43 -76.41
N VAL Z 237 -153.81 68.15 -75.10
CA VAL Z 237 -152.56 67.85 -74.42
C VAL Z 237 -151.91 66.61 -74.99
N GLU Z 238 -152.72 65.71 -75.55
CA GLU Z 238 -152.19 64.51 -76.17
C GLU Z 238 -151.26 64.83 -77.34
N ALA Z 239 -151.53 65.93 -78.05
CA ALA Z 239 -150.73 66.26 -79.23
C ALA Z 239 -149.28 66.55 -78.87
N TYR Z 240 -148.98 66.79 -77.60
CA TYR Z 240 -147.59 66.98 -77.22
C TYR Z 240 -146.79 65.69 -77.29
N ARG Z 241 -147.48 64.55 -77.12
CA ARG Z 241 -146.79 63.26 -77.18
C ARG Z 241 -147.02 62.56 -78.51
N ASP Z 242 -148.15 62.84 -79.15
CA ASP Z 242 -148.52 62.24 -80.44
C ASP Z 242 -149.10 63.33 -81.32
N PRO Z 243 -148.27 64.20 -81.91
CA PRO Z 243 -148.81 65.31 -82.71
C PRO Z 243 -149.62 64.86 -83.90
N SER Z 244 -149.46 63.62 -84.34
CA SER Z 244 -150.15 63.16 -85.54
C SER Z 244 -151.66 63.21 -85.41
N ILE Z 245 -152.19 63.32 -84.19
CA ILE Z 245 -153.64 63.36 -84.02
C ILE Z 245 -154.20 64.63 -84.64
N LEU Z 246 -153.33 65.60 -84.93
CA LEU Z 246 -153.79 66.85 -85.51
C LEU Z 246 -153.68 66.87 -87.04
N ASP Z 247 -153.11 65.83 -87.63
CA ASP Z 247 -152.90 65.85 -89.07
C ASP Z 247 -154.23 65.91 -89.81
N ASP Z 248 -154.24 66.68 -90.88
CA ASP Z 248 -155.40 66.84 -91.73
C ASP Z 248 -154.95 67.06 -93.16
N GLU Z 249 -155.38 66.17 -94.06
CA GLU Z 249 -155.10 66.28 -95.48
C GLU Z 249 -156.39 66.45 -96.27
N SER Z 250 -157.44 66.99 -95.64
CA SER Z 250 -158.74 67.07 -96.27
C SER Z 250 -158.75 67.97 -97.49
N ILE Z 251 -157.72 68.81 -97.66
CA ILE Z 251 -157.68 69.70 -98.82
C ILE Z 251 -156.95 69.09 -100.01
N ALA Z 252 -156.40 67.89 -99.86
CA ALA Z 252 -155.65 67.28 -100.95
C ALA Z 252 -156.57 67.02 -102.15
N LEU Z 253 -156.00 67.17 -103.34
CA LEU Z 253 -156.70 66.88 -104.59
C LEU Z 253 -156.38 65.47 -105.03
N ILE Z 254 -157.23 64.52 -104.65
CA ILE Z 254 -156.98 63.11 -104.91
C ILE Z 254 -157.94 62.62 -105.98
N PRO Z 255 -157.47 62.32 -107.19
CA PRO Z 255 -158.36 61.79 -108.23
C PRO Z 255 -159.11 60.56 -107.73
N ALA Z 256 -160.42 60.59 -107.91
CA ALA Z 256 -161.33 59.58 -107.39
C ALA Z 256 -162.11 58.93 -108.51
N LEU Z 257 -162.48 57.68 -108.32
CA LEU Z 257 -163.21 56.93 -109.32
C LEU Z 257 -164.70 57.08 -109.02
N ASP Z 258 -165.47 57.40 -110.04
CA ASP Z 258 -166.92 57.41 -109.89
C ASP Z 258 -167.37 55.96 -109.66
N PRO Z 259 -168.08 55.68 -108.57
CA PRO Z 259 -168.61 54.32 -108.38
C PRO Z 259 -169.39 53.82 -109.58
N ALA Z 260 -169.95 54.72 -110.38
CA ALA Z 260 -170.71 54.29 -111.55
C ALA Z 260 -169.78 53.98 -112.72
N GLY Z 261 -168.49 54.28 -112.57
CA GLY Z 261 -167.52 54.04 -113.62
C GLY Z 261 -167.48 55.10 -114.70
N SER Z 262 -168.16 56.23 -114.52
CA SER Z 262 -168.27 57.21 -115.59
C SER Z 262 -166.91 57.76 -116.00
N ASN Z 263 -165.95 57.78 -115.08
CA ASN Z 263 -164.62 58.31 -115.35
C ASN Z 263 -163.53 57.25 -115.23
N ALA Z 264 -163.88 55.97 -115.38
CA ALA Z 264 -162.88 54.92 -115.27
C ALA Z 264 -161.84 55.00 -116.36
N ASP Z 265 -162.17 55.69 -117.47
CA ASP Z 265 -161.26 55.71 -118.61
C ASP Z 265 -160.12 56.70 -118.37
N PHE Z 266 -160.12 57.37 -117.22
CA PHE Z 266 -159.01 58.24 -116.86
C PHE Z 266 -157.95 57.55 -116.02
N PHE Z 267 -158.20 56.32 -115.58
CA PHE Z 267 -157.32 55.70 -114.60
C PHE Z 267 -156.64 54.47 -115.19
N VAL Z 268 -155.53 54.08 -114.58
CA VAL Z 268 -154.76 52.92 -115.00
C VAL Z 268 -155.63 51.68 -114.88
N ASP Z 269 -155.62 50.84 -115.92
CA ASP Z 269 -156.40 49.62 -115.91
C ASP Z 269 -156.22 48.92 -114.56
N PRO Z 270 -157.31 48.63 -113.84
CA PRO Z 270 -157.15 47.91 -112.56
C PRO Z 270 -156.31 46.65 -112.68
N ALA Z 271 -156.27 46.04 -113.86
CA ALA Z 271 -155.48 44.83 -114.03
C ALA Z 271 -154.01 45.08 -113.73
N LEU Z 272 -153.54 46.30 -113.97
CA LEU Z 272 -152.12 46.61 -113.72
C LEU Z 272 -151.93 47.19 -112.33
N VAL Z 273 -152.79 48.11 -111.90
CA VAL Z 273 -152.70 48.73 -110.59
C VAL Z 273 -154.11 48.80 -109.99
N PRO Z 274 -154.53 47.83 -109.20
CA PRO Z 274 -155.89 47.85 -108.64
C PRO Z 274 -156.10 49.10 -107.81
N PRO Z 275 -157.29 49.69 -107.85
CA PRO Z 275 -157.57 50.83 -106.98
C PRO Z 275 -157.50 50.47 -105.52
N TYR Z 276 -157.30 51.50 -104.68
CA TYR Z 276 -157.22 51.34 -103.23
C TYR Z 276 -158.03 52.44 -102.56
N THR Z 277 -158.38 52.21 -101.31
CA THR Z 277 -159.28 53.10 -100.60
C THR Z 277 -158.50 54.05 -99.70
N ILE Z 278 -158.98 55.30 -99.63
CA ILE Z 278 -158.48 56.29 -98.69
C ILE Z 278 -159.64 56.76 -97.83
N LYS Z 279 -159.44 56.80 -96.52
CA LYS Z 279 -160.44 57.30 -95.60
C LYS Z 279 -159.97 58.65 -95.08
N ASN Z 280 -160.84 59.66 -95.16
CA ASN Z 280 -160.44 61.02 -94.86
C ASN Z 280 -160.81 61.36 -93.42
N GLU Z 281 -160.58 62.62 -93.03
CA GLU Z 281 -160.81 63.00 -91.65
C GLU Z 281 -162.29 63.09 -91.30
N GLN Z 282 -163.17 63.04 -92.28
CA GLN Z 282 -164.60 63.07 -92.06
C GLN Z 282 -165.19 61.67 -91.98
N ASN Z 283 -164.34 60.64 -91.98
CA ASN Z 283 -164.76 59.24 -91.98
C ASN Z 283 -165.53 58.89 -93.24
N LEU Z 284 -165.22 59.59 -94.33
CA LEU Z 284 -165.73 59.28 -95.66
C LEU Z 284 -164.62 58.57 -96.43
N THR Z 285 -165.01 57.68 -97.34
CA THR Z 285 -164.04 56.91 -98.10
C THR Z 285 -164.18 57.18 -99.60
N ILE Z 286 -163.07 57.06 -100.32
CA ILE Z 286 -163.03 57.16 -101.77
C ILE Z 286 -162.27 55.97 -102.32
N THR Z 287 -162.53 55.64 -103.57
CA THR Z 287 -161.70 54.72 -104.35
C THR Z 287 -160.83 55.53 -105.30
N THR Z 288 -159.52 55.30 -105.23
CA THR Z 288 -158.57 56.07 -106.02
C THR Z 288 -157.60 55.14 -106.74
N ALA Z 289 -156.95 55.65 -107.77
CA ALA Z 289 -155.94 54.92 -108.51
C ALA Z 289 -155.09 55.90 -109.30
N PRO Z 290 -153.89 55.52 -109.72
CA PRO Z 290 -153.08 56.39 -110.57
C PRO Z 290 -153.82 56.75 -111.84
N LEU Z 291 -153.57 57.97 -112.32
CA LEU Z 291 -154.15 58.41 -113.58
C LEU Z 291 -153.42 57.77 -114.74
N LYS Z 292 -154.17 57.46 -115.80
CA LYS Z 292 -153.56 56.89 -116.99
C LYS Z 292 -152.59 57.88 -117.61
N ALA Z 293 -151.42 57.40 -117.99
CA ALA Z 293 -150.52 58.26 -118.73
C ALA Z 293 -151.10 58.54 -120.11
N ASN Z 294 -150.84 59.74 -120.62
CA ASN Z 294 -151.41 60.24 -121.87
C ASN Z 294 -152.93 60.38 -121.80
N VAL Z 295 -153.39 61.14 -120.81
CA VAL Z 295 -154.80 61.34 -120.55
C VAL Z 295 -155.06 62.84 -120.52
N ARG Z 296 -156.24 63.25 -120.93
CA ARG Z 296 -156.73 64.61 -120.71
C ARG Z 296 -158.03 64.53 -119.92
N LEU Z 297 -158.18 65.41 -118.93
CA LEU Z 297 -159.35 65.34 -118.06
C LEU Z 297 -159.50 66.66 -117.32
N ASP Z 298 -160.66 66.82 -116.69
CA ASP Z 298 -160.89 67.88 -115.72
C ASP Z 298 -160.35 67.39 -114.38
N LEU Z 299 -159.17 67.90 -113.98
CA LEU Z 299 -158.51 67.35 -112.81
C LEU Z 299 -159.30 67.63 -111.53
N MET Z 300 -159.85 68.83 -111.39
CA MET Z 300 -160.67 69.10 -110.22
C MET Z 300 -162.01 68.37 -110.27
N GLY Z 301 -162.64 68.31 -111.44
CA GLY Z 301 -163.92 67.68 -111.59
C GLY Z 301 -163.92 66.21 -111.23
N ASN Z 302 -162.78 65.56 -111.41
CA ASN Z 302 -162.66 64.14 -111.11
C ASN Z 302 -161.97 63.90 -109.77
N SER Z 303 -161.85 64.96 -108.97
CA SER Z 303 -161.20 64.84 -107.67
C SER Z 303 -162.18 64.35 -106.61
N ASN Z 304 -161.61 63.87 -105.50
CA ASN Z 304 -162.46 63.49 -104.39
C ASN Z 304 -163.29 64.66 -103.90
N ALA Z 305 -162.78 65.89 -104.06
CA ALA Z 305 -163.52 67.06 -103.60
C ALA Z 305 -164.85 67.20 -104.32
N ASN Z 306 -164.99 66.55 -105.48
CA ASN Z 306 -166.22 66.67 -106.23
C ASN Z 306 -167.12 65.45 -106.02
N LEU Z 307 -166.78 64.58 -105.08
CA LEU Z 307 -167.65 63.43 -104.76
C LEU Z 307 -167.96 63.28 -103.27
N LEU Z 308 -167.13 63.77 -102.35
CA LEU Z 308 -167.25 63.35 -100.97
C LEU Z 308 -168.62 63.74 -100.42
N ILE Z 309 -169.11 64.95 -100.68
CA ILE Z 309 -170.34 65.37 -100.02
C ILE Z 309 -171.51 65.26 -100.99
N GLN Z 310 -171.33 65.74 -102.21
CA GLN Z 310 -172.34 65.63 -103.25
C GLN Z 310 -171.68 65.17 -104.55
N ARG Z 311 -172.49 64.60 -105.44
CA ARG Z 311 -171.97 64.02 -106.67
C ARG Z 311 -171.23 65.02 -107.55
N GLY Z 312 -171.48 66.31 -107.36
CA GLY Z 312 -170.72 67.27 -108.12
C GLY Z 312 -171.16 68.69 -107.85
N MET Z 313 -170.25 69.50 -107.35
CA MET Z 313 -170.56 70.88 -107.03
C MET Z 313 -169.34 71.76 -106.85
N LEU Z 314 -168.21 71.44 -107.49
CA LEU Z 314 -167.10 72.39 -107.53
C LEU Z 314 -167.42 73.49 -108.53
N GLU Z 315 -166.92 74.69 -108.26
CA GLU Z 315 -167.24 75.85 -109.10
C GLU Z 315 -165.99 76.68 -109.37
N VAL Z 316 -166.18 77.93 -109.79
CA VAL Z 316 -165.06 78.72 -110.29
C VAL Z 316 -164.22 79.14 -109.09
N SER Z 317 -164.83 79.12 -107.91
CA SER Z 317 -164.15 79.47 -106.67
C SER Z 317 -163.18 78.40 -106.19
N ASP Z 318 -163.20 77.22 -106.79
CA ASP Z 318 -162.29 76.14 -106.41
C ASP Z 318 -161.11 76.11 -107.35
N THR Z 319 -159.93 76.36 -106.80
CA THR Z 319 -158.71 76.51 -107.59
C THR Z 319 -157.65 75.58 -107.05
N ILE Z 320 -156.64 75.32 -107.87
CA ILE Z 320 -155.56 74.42 -107.48
C ILE Z 320 -154.39 75.23 -106.94
N ASP Z 321 -153.79 74.75 -105.87
CA ASP Z 321 -152.62 75.40 -105.29
C ASP Z 321 -151.47 75.31 -106.28
N PRO Z 322 -150.92 76.45 -106.73
CA PRO Z 322 -149.79 76.38 -107.67
C PRO Z 322 -148.63 75.53 -107.18
N ALA Z 323 -148.43 75.38 -105.88
CA ALA Z 323 -147.31 74.63 -105.34
C ALA Z 323 -147.61 73.14 -105.38
N GLY Z 324 -147.81 72.65 -106.59
CA GLY Z 324 -148.14 71.25 -106.80
C GLY Z 324 -146.91 70.46 -107.18
N ARG Z 325 -146.99 69.13 -107.16
CA ARG Z 325 -145.85 68.30 -107.52
C ARG Z 325 -146.33 66.97 -108.09
N LEU Z 326 -145.42 66.31 -108.82
CA LEU Z 326 -145.60 64.93 -109.27
C LEU Z 326 -145.19 64.01 -108.13
N LYS Z 327 -146.08 63.08 -107.78
CA LYS Z 327 -145.78 62.19 -106.66
C LYS Z 327 -145.18 60.88 -107.11
N ASN Z 328 -145.84 60.16 -108.02
CA ASN Z 328 -145.38 58.83 -108.42
C ASN Z 328 -145.51 58.63 -109.92
N LEU Z 329 -144.59 57.86 -110.47
CA LEU Z 329 -144.69 57.30 -111.81
C LEU Z 329 -144.79 55.79 -111.72
N PHE Z 330 -145.68 55.20 -112.51
CA PHE Z 330 -145.87 53.76 -112.56
C PHE Z 330 -145.41 53.28 -113.93
N VAL Z 331 -144.40 52.41 -113.95
CA VAL Z 331 -143.77 51.96 -115.19
C VAL Z 331 -144.02 50.47 -115.34
N LEU Z 332 -144.33 50.05 -116.56
CA LEU Z 332 -144.60 48.66 -116.87
C LEU Z 332 -143.29 48.00 -117.30
N LEU Z 333 -142.92 46.92 -116.63
CA LEU Z 333 -141.72 46.16 -116.93
C LEU Z 333 -142.07 44.68 -117.01
N GLY Z 334 -142.18 44.15 -118.22
CA GLY Z 334 -142.38 42.72 -118.39
C GLY Z 334 -143.72 42.22 -117.91
N GLY Z 335 -144.76 43.03 -118.03
CA GLY Z 335 -146.07 42.69 -117.55
C GLY Z 335 -146.36 43.09 -116.12
N LYS Z 336 -145.37 43.53 -115.35
CA LYS Z 336 -145.58 43.91 -113.97
C LYS Z 336 -145.29 45.39 -113.80
N VAL Z 337 -145.81 45.98 -112.76
CA VAL Z 337 -145.69 47.40 -112.53
C VAL Z 337 -144.72 47.68 -111.39
N VAL Z 338 -143.81 48.63 -111.61
CA VAL Z 338 -142.90 49.10 -110.59
C VAL Z 338 -143.24 50.55 -110.27
N LYS Z 339 -143.36 50.86 -108.99
CA LYS Z 339 -143.74 52.18 -108.52
C LYS Z 339 -142.50 53.00 -108.20
N PHE Z 340 -142.38 54.16 -108.83
CA PHE Z 340 -141.24 55.05 -108.63
C PHE Z 340 -141.68 56.32 -107.92
N LYS Z 341 -141.15 56.54 -106.72
CA LYS Z 341 -141.46 57.71 -105.92
C LYS Z 341 -140.54 58.84 -106.35
N VAL Z 342 -141.13 59.94 -106.81
CA VAL Z 342 -140.35 61.01 -107.43
C VAL Z 342 -140.70 62.35 -106.79
N ASP Z 343 -141.46 62.31 -105.70
CA ASP Z 343 -142.00 63.55 -105.14
C ASP Z 343 -140.90 64.52 -104.73
N ARG Z 344 -139.76 64.04 -104.26
CA ARG Z 344 -138.75 64.98 -103.78
C ARG Z 344 -137.74 65.40 -104.83
N LEU Z 345 -137.91 64.96 -106.06
CA LEU Z 345 -136.92 65.25 -107.07
C LEU Z 345 -137.14 66.67 -107.61
N PRO Z 346 -136.07 67.40 -107.92
CA PRO Z 346 -136.24 68.75 -108.46
C PRO Z 346 -137.07 68.80 -109.73
N ARG Z 347 -137.17 67.69 -110.47
CA ARG Z 347 -137.92 67.70 -111.71
C ARG Z 347 -139.41 67.43 -111.50
N ALA Z 348 -139.84 67.16 -110.27
CA ALA Z 348 -141.25 66.93 -110.01
C ALA Z 348 -142.01 68.19 -109.67
N VAL Z 349 -141.32 69.33 -109.59
CA VAL Z 349 -141.98 70.55 -109.13
C VAL Z 349 -142.68 71.25 -110.28
N PHE Z 350 -143.91 71.72 -110.01
CA PHE Z 350 -144.66 72.49 -111.00
C PHE Z 350 -143.97 73.81 -111.28
N GLN Z 351 -143.97 74.21 -112.56
CA GLN Z 351 -143.38 75.50 -112.89
C GLN Z 351 -144.42 76.40 -113.54
N PRO Z 352 -144.24 77.71 -113.48
CA PRO Z 352 -145.16 78.61 -114.17
C PRO Z 352 -145.04 78.45 -115.67
N ASP Z 353 -146.18 78.57 -116.35
CA ASP Z 353 -146.19 78.55 -117.81
C ASP Z 353 -145.68 79.90 -118.31
N LEU Z 354 -144.53 79.89 -118.99
CA LEU Z 354 -143.90 81.13 -119.42
C LEU Z 354 -144.58 81.70 -120.66
N VAL Z 355 -145.13 80.83 -121.51
CA VAL Z 355 -145.78 81.25 -122.74
C VAL Z 355 -147.17 80.62 -122.79
N GLY Z 356 -148.17 81.37 -122.33
CA GLY Z 356 -149.50 80.82 -122.16
C GLY Z 356 -150.28 81.56 -121.10
N ASP Z 357 -151.36 80.95 -120.61
CA ASP Z 357 -152.18 81.61 -119.61
C ASP Z 357 -151.38 81.84 -118.33
N THR Z 358 -151.56 83.01 -117.72
CA THR Z 358 -150.85 83.32 -116.48
C THR Z 358 -151.03 82.22 -115.45
N ARG Z 359 -152.19 81.58 -115.42
CA ARG Z 359 -152.53 80.62 -114.37
C ARG Z 359 -152.28 79.18 -114.77
N ASN Z 360 -151.53 78.92 -115.85
CA ASN Z 360 -151.14 77.56 -116.17
C ASN Z 360 -149.91 77.16 -115.38
N ALA Z 361 -149.91 75.93 -114.87
CA ALA Z 361 -148.71 75.32 -114.33
C ALA Z 361 -148.29 74.19 -115.26
N VAL Z 362 -147.00 74.11 -115.53
CA VAL Z 362 -146.44 73.12 -116.45
C VAL Z 362 -145.40 72.30 -115.70
N ILE Z 363 -145.41 71.00 -115.92
CA ILE Z 363 -144.39 70.11 -115.34
C ILE Z 363 -143.63 69.36 -116.42
N ARG Z 364 -142.31 69.35 -116.34
CA ARG Z 364 -141.50 68.57 -117.27
C ARG Z 364 -140.55 67.64 -116.57
N PHE Z 365 -140.89 66.37 -116.49
CA PHE Z 365 -140.09 65.42 -115.74
C PHE Z 365 -139.20 64.63 -116.66
N ASP Z 366 -138.03 65.17 -117.00
CA ASP Z 366 -137.09 64.42 -117.82
C ASP Z 366 -136.01 63.88 -116.89
N SER Z 367 -135.92 62.56 -116.78
CA SER Z 367 -135.03 61.94 -115.82
C SER Z 367 -134.54 60.61 -116.38
N ASP Z 368 -133.26 60.32 -116.14
CA ASP Z 368 -132.68 59.03 -116.43
C ASP Z 368 -132.19 58.32 -115.17
N ASP Z 369 -132.71 58.69 -114.00
CA ASP Z 369 -132.28 58.15 -112.72
C ASP Z 369 -133.31 57.23 -112.08
N LEU Z 370 -134.17 56.59 -112.87
CA LEU Z 370 -135.12 55.63 -112.31
C LEU Z 370 -134.46 54.26 -112.25
N VAL Z 371 -134.34 53.71 -111.06
CA VAL Z 371 -133.51 52.55 -110.81
C VAL Z 371 -134.38 51.32 -110.67
N VAL Z 372 -134.03 50.26 -111.39
CA VAL Z 372 -134.62 48.94 -111.18
C VAL Z 372 -133.50 47.96 -110.91
N SER Z 373 -133.60 47.23 -109.80
CA SER Z 373 -132.55 46.32 -109.36
C SER Z 373 -133.22 45.13 -108.68
N GLY Z 374 -132.40 44.16 -108.25
CA GLY Z 374 -132.94 42.97 -107.63
C GLY Z 374 -133.60 43.25 -106.29
N ASP Z 375 -133.35 44.43 -105.72
CA ASP Z 375 -133.92 44.76 -104.42
C ASP Z 375 -135.24 45.50 -104.56
N THR Z 376 -135.71 45.71 -105.78
CA THR Z 376 -137.00 46.37 -105.99
C THR Z 376 -138.13 45.35 -106.05
N THR Z 377 -139.32 45.77 -105.62
CA THR Z 377 -140.52 44.94 -105.69
C THR Z 377 -141.54 45.61 -106.58
N PHE Z 378 -142.52 44.82 -107.02
CA PHE Z 378 -143.57 45.34 -107.88
C PHE Z 378 -144.68 45.98 -107.03
N ILE Z 379 -145.68 46.55 -107.69
CA ILE Z 379 -146.74 47.24 -106.96
C ILE Z 379 -147.45 46.28 -106.01
N ASP Z 380 -147.46 44.99 -106.34
CA ASP Z 380 -148.14 44.02 -105.48
C ASP Z 380 -147.21 43.37 -104.48
N GLY Z 381 -145.98 43.86 -104.37
CA GLY Z 381 -145.04 43.37 -103.39
C GLY Z 381 -144.19 42.20 -103.83
N SER Z 382 -144.49 41.61 -104.97
CA SER Z 382 -143.77 40.45 -105.47
C SER Z 382 -142.49 40.92 -106.16
N ALA Z 383 -141.58 40.00 -106.39
CA ALA Z 383 -140.36 40.27 -107.15
C ALA Z 383 -140.03 39.03 -107.96
N ASP Z 384 -140.14 39.15 -109.28
CA ASP Z 384 -139.96 37.99 -110.16
C ASP Z 384 -139.56 38.51 -111.52
N GLY Z 385 -139.35 37.58 -112.45
CA GLY Z 385 -139.10 37.94 -113.83
C GLY Z 385 -137.89 38.83 -113.95
N VAL Z 386 -138.07 40.03 -114.50
CA VAL Z 386 -136.92 40.90 -114.74
C VAL Z 386 -136.16 41.16 -113.45
N ILE Z 387 -136.88 41.37 -112.35
CA ILE Z 387 -136.22 41.72 -111.10
C ILE Z 387 -135.39 40.56 -110.58
N ASN Z 388 -135.94 39.35 -110.63
CA ASN Z 388 -135.20 38.19 -110.15
C ASN Z 388 -133.96 37.96 -111.00
N ASP Z 389 -134.06 38.19 -112.31
CA ASP Z 389 -132.91 38.02 -113.18
C ASP Z 389 -131.87 39.10 -112.93
N LEU Z 390 -132.30 40.32 -112.66
CA LEU Z 390 -131.35 41.36 -112.25
C LEU Z 390 -130.66 41.01 -110.95
N LYS Z 391 -131.39 40.42 -110.01
CA LYS Z 391 -130.78 40.05 -108.73
C LYS Z 391 -129.66 39.03 -108.93
N THR Z 392 -129.94 37.95 -109.67
CA THR Z 392 -128.94 36.89 -109.80
C THR Z 392 -127.79 37.31 -110.71
N ALA Z 393 -128.05 38.20 -111.66
CA ALA Z 393 -127.01 38.69 -112.55
C ALA Z 393 -126.21 39.84 -111.96
N LYS Z 394 -126.57 40.32 -110.78
CA LYS Z 394 -125.93 41.48 -110.15
C LYS Z 394 -125.91 42.68 -111.11
N LEU Z 395 -127.07 42.91 -111.73
CA LEU Z 395 -127.26 44.02 -112.66
C LEU Z 395 -128.29 44.97 -112.08
N SER Z 396 -128.24 46.21 -112.52
CA SER Z 396 -129.30 47.18 -112.24
C SER Z 396 -129.52 48.04 -113.48
N LEU Z 397 -130.71 48.59 -113.61
CA LEU Z 397 -131.08 49.38 -114.76
C LEU Z 397 -131.15 50.85 -114.40
N ARG Z 398 -130.86 51.72 -115.36
CA ARG Z 398 -131.23 53.12 -115.29
C ARG Z 398 -132.20 53.41 -116.42
N LEU Z 399 -133.43 53.77 -116.07
CA LEU Z 399 -134.48 53.99 -117.03
C LEU Z 399 -134.56 55.47 -117.37
N SER Z 400 -134.81 55.79 -118.64
CA SER Z 400 -135.00 57.15 -119.08
C SER Z 400 -136.47 57.35 -119.40
N VAL Z 401 -137.10 58.31 -118.73
CA VAL Z 401 -138.52 58.58 -118.91
C VAL Z 401 -138.69 60.06 -119.22
N GLY Z 402 -139.85 60.41 -119.78
CA GLY Z 402 -140.15 61.80 -120.06
C GLY Z 402 -141.63 62.05 -119.88
N PHE Z 403 -142.03 62.49 -118.69
CA PHE Z 403 -143.43 62.72 -118.38
C PHE Z 403 -143.65 64.20 -118.12
N GLY Z 404 -144.77 64.73 -118.60
CA GLY Z 404 -145.11 66.11 -118.37
C GLY Z 404 -146.56 66.42 -118.69
N GLY Z 405 -146.93 67.69 -118.57
CA GLY Z 405 -148.30 68.09 -118.79
C GLY Z 405 -148.54 69.51 -118.34
N THR Z 406 -149.74 70.00 -118.60
CA THR Z 406 -150.13 71.36 -118.23
C THR Z 406 -151.43 71.29 -117.43
N ILE Z 407 -151.49 72.03 -116.33
CA ILE Z 407 -152.67 72.13 -115.50
C ILE Z 407 -153.13 73.58 -115.48
N SER Z 408 -154.38 73.81 -115.85
CA SER Z 408 -154.99 75.12 -115.74
C SER Z 408 -155.50 75.28 -114.32
N LEU Z 409 -154.75 76.04 -113.52
CA LEU Z 409 -154.98 76.05 -112.08
C LEU Z 409 -156.32 76.67 -111.72
N SER Z 410 -156.84 77.54 -112.59
CA SER Z 410 -158.09 78.23 -112.26
C SER Z 410 -159.29 77.51 -112.85
N LYS Z 411 -159.05 76.47 -113.65
CA LYS Z 411 -160.14 75.81 -114.36
C LYS Z 411 -160.20 74.31 -114.09
N GLY Z 412 -159.06 73.66 -113.92
CA GLY Z 412 -159.02 72.21 -113.80
C GLY Z 412 -158.70 71.45 -115.05
N ASP Z 413 -158.78 72.07 -116.22
CA ASP Z 413 -158.46 71.40 -117.47
C ASP Z 413 -156.97 71.11 -117.54
N SER Z 414 -156.62 69.83 -117.64
CA SER Z 414 -155.23 69.44 -117.66
C SER Z 414 -155.01 68.36 -118.70
N LYS Z 415 -153.81 68.35 -119.28
CA LYS Z 415 -153.39 67.33 -120.24
C LYS Z 415 -152.02 66.82 -119.86
N PHE Z 416 -151.87 65.51 -119.84
CA PHE Z 416 -150.62 64.87 -119.47
C PHE Z 416 -150.18 63.91 -120.57
N GLY Z 417 -148.89 63.59 -120.57
CA GLY Z 417 -148.39 62.56 -121.47
C GLY Z 417 -146.99 62.11 -121.12
N ALA Z 418 -146.49 61.10 -121.83
CA ALA Z 418 -145.18 60.54 -121.55
C ALA Z 418 -144.55 60.08 -122.85
N THR Z 419 -143.25 60.33 -122.99
CA THR Z 419 -142.52 59.90 -124.17
C THR Z 419 -142.12 58.44 -124.04
N ASP Z 420 -141.67 57.85 -125.14
CA ASP Z 420 -141.22 56.47 -125.10
C ASP Z 420 -140.14 56.29 -124.04
N THR Z 421 -140.30 55.26 -123.23
CA THR Z 421 -139.35 54.93 -122.18
C THR Z 421 -138.36 53.89 -122.69
N TYR Z 422 -137.09 54.07 -122.36
CA TYR Z 422 -136.03 53.16 -122.78
C TYR Z 422 -135.03 52.99 -121.67
N VAL Z 423 -134.28 51.90 -121.72
CA VAL Z 423 -133.19 51.68 -120.77
C VAL Z 423 -131.98 52.49 -121.23
N ASP Z 424 -131.50 53.38 -120.37
CA ASP Z 424 -130.36 54.22 -120.73
C ASP Z 424 -129.05 53.52 -120.46
N LYS Z 425 -128.91 52.91 -119.29
CA LYS Z 425 -127.69 52.21 -118.93
C LYS Z 425 -128.06 50.94 -118.18
N VAL Z 426 -127.23 49.92 -118.35
CA VAL Z 426 -127.27 48.72 -117.50
C VAL Z 426 -125.96 48.67 -116.74
N LEU Z 427 -126.04 48.67 -115.41
CA LEU Z 427 -124.86 48.75 -114.57
C LEU Z 427 -124.70 47.46 -113.76
N ASN Z 428 -123.46 47.17 -113.40
CA ASN Z 428 -123.14 46.12 -112.45
C ASN Z 428 -123.07 46.73 -111.05
N GLU Z 429 -122.73 45.90 -110.05
CA GLU Z 429 -122.70 46.38 -108.67
C GLU Z 429 -121.57 47.38 -108.47
N ASP Z 430 -120.62 47.43 -109.40
CA ASP Z 430 -119.51 48.37 -109.26
C ASP Z 430 -119.80 49.68 -109.98
N GLY Z 431 -120.99 49.82 -110.55
CA GLY Z 431 -121.37 51.03 -111.25
C GLY Z 431 -120.83 51.13 -112.66
N GLN Z 432 -120.35 50.04 -113.24
CA GLN Z 432 -119.78 50.08 -114.57
C GLN Z 432 -120.84 49.78 -115.63
N VAL Z 433 -120.70 50.40 -116.80
CA VAL Z 433 -121.66 50.20 -117.87
C VAL Z 433 -121.38 48.87 -118.57
N MET Z 434 -122.42 48.05 -118.68
CA MET Z 434 -122.31 46.75 -119.33
C MET Z 434 -122.64 46.84 -120.81
N ASP Z 435 -121.90 46.09 -121.61
CA ASP Z 435 -122.19 45.98 -123.04
C ASP Z 435 -123.47 45.18 -123.25
N ASN Z 436 -124.35 45.73 -124.10
CA ASN Z 436 -125.66 45.11 -124.31
C ASN Z 436 -125.57 43.79 -125.07
N ALA Z 437 -124.41 43.41 -125.56
CA ALA Z 437 -124.27 42.11 -126.20
C ALA Z 437 -124.13 40.98 -125.19
N ASP Z 438 -123.86 41.29 -123.93
CA ASP Z 438 -123.69 40.25 -122.93
C ASP Z 438 -124.98 39.45 -122.79
N PRO Z 439 -124.90 38.11 -122.85
CA PRO Z 439 -126.13 37.31 -122.73
C PRO Z 439 -126.98 37.67 -121.52
N ALA Z 440 -126.35 38.01 -120.39
CA ALA Z 440 -127.13 38.35 -119.21
C ALA Z 440 -127.88 39.66 -119.39
N VAL Z 441 -127.24 40.63 -120.05
CA VAL Z 441 -127.89 41.92 -120.27
C VAL Z 441 -128.93 41.82 -121.37
N LYS Z 442 -128.62 41.10 -122.44
CA LYS Z 442 -129.59 40.92 -123.51
C LYS Z 442 -130.85 40.28 -122.99
N ALA Z 443 -130.72 39.23 -122.16
CA ALA Z 443 -131.89 38.55 -121.62
C ALA Z 443 -132.82 39.51 -120.91
N ILE Z 444 -132.26 40.46 -120.14
CA ILE Z 444 -133.09 41.47 -119.49
C ILE Z 444 -133.77 42.36 -120.52
N LEU Z 445 -133.00 42.82 -121.52
CA LEU Z 445 -133.57 43.72 -122.51
C LEU Z 445 -134.57 43.02 -123.42
N ASP Z 446 -134.44 41.70 -123.62
CA ASP Z 446 -135.41 40.99 -124.43
C ASP Z 446 -136.74 40.88 -123.69
N GLN Z 447 -136.70 40.86 -122.36
CA GLN Z 447 -137.92 40.85 -121.59
C GLN Z 447 -138.62 42.22 -121.60
N LEU Z 448 -137.87 43.30 -121.61
CA LEU Z 448 -138.43 44.65 -121.51
C LEU Z 448 -138.86 45.16 -122.90
N THR Z 449 -139.86 44.47 -123.46
CA THR Z 449 -140.44 44.93 -124.72
C THR Z 449 -141.67 45.79 -124.51
N ASP Z 450 -142.26 45.74 -123.31
CA ASP Z 450 -143.42 46.56 -122.98
C ASP Z 450 -143.07 47.78 -122.16
N LEU Z 451 -141.79 48.12 -122.07
CA LEU Z 451 -141.33 49.18 -121.18
C LEU Z 451 -142.01 50.49 -121.54
N ALA Z 452 -142.81 51.01 -120.61
CA ALA Z 452 -143.53 52.26 -120.80
C ALA Z 452 -144.00 52.77 -119.45
N VAL Z 453 -144.27 54.08 -119.39
CA VAL Z 453 -144.99 54.69 -118.28
C VAL Z 453 -146.47 54.49 -118.50
N ILE Z 454 -147.15 53.90 -117.52
CA ILE Z 454 -148.56 53.63 -117.64
C ILE Z 454 -149.44 54.60 -116.87
N GLY Z 455 -148.97 55.19 -115.77
CA GLY Z 455 -149.77 56.12 -115.02
C GLY Z 455 -148.93 56.90 -114.03
N PHE Z 456 -149.60 57.78 -113.30
CA PHE Z 456 -148.92 58.69 -112.39
C PHE Z 456 -149.89 59.10 -111.28
N GLU Z 457 -149.34 59.63 -110.20
CA GLU Z 457 -150.13 60.23 -109.14
C GLU Z 457 -149.59 61.62 -108.86
N LEU Z 458 -150.49 62.57 -108.61
CA LEU Z 458 -150.04 63.91 -108.29
C LEU Z 458 -150.15 64.19 -106.81
N ASP Z 459 -149.41 65.21 -106.37
CA ASP Z 459 -149.42 65.68 -105.00
C ASP Z 459 -150.07 67.05 -104.89
N THR Z 460 -151.05 67.33 -105.75
CA THR Z 460 -151.69 68.64 -105.75
C THR Z 460 -152.72 68.73 -104.65
N ARG Z 461 -153.12 69.97 -104.34
CA ARG Z 461 -154.09 70.23 -103.30
C ARG Z 461 -154.89 71.47 -103.66
N PHE Z 462 -156.04 71.61 -103.02
CA PHE Z 462 -156.87 72.79 -103.22
C PHE Z 462 -156.37 73.92 -102.34
N THR Z 463 -156.60 75.14 -102.80
CA THR Z 463 -156.37 76.33 -101.99
C THR Z 463 -157.70 76.82 -101.47
N ASN Z 464 -157.81 77.04 -100.17
CA ASN Z 464 -159.08 77.40 -99.55
C ASN Z 464 -159.33 78.90 -99.64
N THR Z 465 -159.53 79.36 -100.88
CA THR Z 465 -159.98 80.73 -101.06
C THR Z 465 -161.48 80.86 -100.83
N ASN Z 466 -162.23 79.76 -100.91
CA ASN Z 466 -163.64 79.77 -100.58
C ASN Z 466 -163.95 79.10 -99.25
N ARG Z 467 -162.94 78.59 -98.55
CA ARG Z 467 -163.13 77.89 -97.29
C ARG Z 467 -164.16 76.76 -97.42
N ARG Z 468 -164.16 76.08 -98.56
CA ARG Z 468 -165.10 74.97 -98.74
C ARG Z 468 -164.85 73.89 -97.70
N GLN Z 469 -163.60 73.53 -97.47
CA GLN Z 469 -163.22 72.39 -96.61
C GLN Z 469 -162.67 72.94 -95.30
N ARG Z 470 -163.29 72.54 -94.18
CA ARG Z 470 -162.75 72.92 -92.88
C ARG Z 470 -162.00 71.72 -92.30
N GLY Z 471 -161.13 71.99 -91.34
CA GLY Z 471 -160.36 70.93 -90.71
C GLY Z 471 -160.95 70.46 -89.40
N HIS Z 472 -160.10 69.99 -88.51
CA HIS Z 472 -160.55 69.47 -87.23
C HIS Z 472 -161.14 70.60 -86.40
N LEU Z 473 -162.07 70.28 -85.50
CA LEU Z 473 -162.76 71.28 -84.71
C LEU Z 473 -162.20 71.26 -83.30
N LEU Z 474 -162.06 72.44 -82.72
CA LEU Z 474 -161.70 72.56 -81.31
C LEU Z 474 -162.92 73.00 -80.53
N GLN Z 475 -163.13 72.39 -79.37
CA GLN Z 475 -164.20 72.80 -78.48
C GLN Z 475 -163.73 72.71 -77.05
N THR Z 476 -164.38 73.46 -76.18
CA THR Z 476 -164.03 73.47 -74.76
C THR Z 476 -164.83 72.38 -74.03
N ARG Z 477 -164.15 71.66 -73.14
CA ARG Z 477 -164.83 70.65 -72.33
C ARG Z 477 -164.36 70.78 -70.89
N ALA Z 478 -165.10 70.17 -69.97
CA ALA Z 478 -164.65 70.06 -68.60
C ALA Z 478 -165.24 68.81 -67.95
N LEU Z 479 -164.46 68.21 -67.06
CA LEU Z 479 -164.88 67.07 -66.26
C LEU Z 479 -164.98 67.51 -64.81
N GLN Z 480 -165.78 66.82 -64.02
CA GLN Z 480 -165.79 67.03 -62.58
C GLN Z 480 -165.61 65.72 -61.83
N PHE Z 481 -164.92 65.81 -60.69
CA PHE Z 481 -164.67 64.69 -59.79
C PHE Z 481 -165.09 65.10 -58.39
N ARG Z 482 -165.59 64.16 -57.61
CA ARG Z 482 -165.98 64.42 -56.23
C ARG Z 482 -165.26 63.48 -55.28
N HIS Z 483 -164.85 64.01 -54.13
CA HIS Z 483 -164.12 63.25 -53.12
C HIS Z 483 -164.69 63.57 -51.75
N PRO Z 484 -165.85 63.03 -51.39
CA PRO Z 484 -166.37 63.23 -50.03
C PRO Z 484 -165.57 62.49 -48.98
N ILE Z 485 -165.51 63.08 -47.79
CA ILE Z 485 -164.66 62.60 -46.71
C ILE Z 485 -165.51 61.71 -45.79
N PRO Z 486 -165.12 60.45 -45.57
CA PRO Z 486 -165.88 59.58 -44.68
C PRO Z 486 -165.55 59.80 -43.21
N MET Z 487 -166.48 59.34 -42.37
CA MET Z 487 -166.22 59.22 -40.94
C MET Z 487 -165.41 57.95 -40.67
N HIS Z 488 -164.55 58.01 -39.67
CA HIS Z 488 -163.77 56.86 -39.25
C HIS Z 488 -164.20 56.44 -37.85
N ALA Z 489 -164.03 55.16 -37.56
CA ALA Z 489 -164.33 54.65 -36.24
C ALA Z 489 -163.40 55.28 -35.20
N PRO Z 490 -163.91 55.67 -34.04
CA PRO Z 490 -163.09 56.32 -33.03
C PRO Z 490 -162.29 55.33 -32.21
N VAL Z 491 -161.41 55.87 -31.38
CA VAL Z 491 -160.77 55.13 -30.30
C VAL Z 491 -161.08 55.81 -28.97
N THR Z 492 -161.33 55.01 -27.94
CA THR Z 492 -161.83 55.51 -26.67
C THR Z 492 -160.88 55.16 -25.52
N LEU Z 493 -160.78 56.08 -24.56
CA LEU Z 493 -160.07 55.85 -23.30
C LEU Z 493 -161.07 55.98 -22.16
N PRO Z 494 -161.55 54.88 -21.59
CA PRO Z 494 -162.54 54.98 -20.52
C PRO Z 494 -161.90 55.33 -19.19
N MET Z 495 -162.69 55.94 -18.32
CA MET Z 495 -162.27 56.23 -16.95
C MET Z 495 -163.40 55.87 -16.01
N ASP Z 496 -163.05 55.62 -14.75
CA ASP Z 496 -164.03 55.48 -13.70
C ASP Z 496 -164.52 56.85 -13.30
N THR Z 497 -165.84 57.00 -13.19
CA THR Z 497 -166.42 58.30 -12.94
C THR Z 497 -166.24 58.74 -11.50
N MET Z 498 -165.78 57.84 -10.62
CA MET Z 498 -165.68 58.14 -9.20
C MET Z 498 -164.55 59.12 -8.91
N THR Z 499 -163.56 59.21 -9.80
CA THR Z 499 -162.38 60.02 -9.52
C THR Z 499 -162.55 61.44 -10.05
N ASP Z 500 -161.98 62.39 -9.31
CA ASP Z 500 -161.93 63.78 -9.74
C ASP Z 500 -160.67 64.15 -10.51
N GLU Z 501 -159.80 63.19 -10.79
CA GLU Z 501 -158.60 63.49 -11.58
C GLU Z 501 -158.90 63.37 -13.06
N GLY Z 502 -158.19 64.14 -13.87
CA GLY Z 502 -158.30 64.02 -15.30
C GLY Z 502 -157.52 62.81 -15.79
N PRO Z 503 -157.58 62.53 -17.09
CA PRO Z 503 -156.86 61.36 -17.60
C PRO Z 503 -155.35 61.49 -17.48
N GLY Z 504 -154.85 62.73 -17.37
CA GLY Z 504 -153.43 63.00 -17.36
C GLY Z 504 -152.85 62.94 -18.76
N GLU Z 505 -151.52 62.78 -18.85
CA GLU Z 505 -150.81 62.83 -20.11
C GLU Z 505 -151.21 61.69 -21.04
N VAL Z 506 -151.74 60.60 -20.50
CA VAL Z 506 -152.09 59.46 -21.33
C VAL Z 506 -153.14 59.82 -22.38
N VAL Z 507 -153.88 60.91 -22.19
CA VAL Z 507 -154.95 61.26 -23.12
C VAL Z 507 -154.40 61.47 -24.52
N LYS Z 508 -153.12 61.84 -24.63
CA LYS Z 508 -152.51 62.05 -25.95
C LYS Z 508 -152.50 60.76 -26.76
N ALA Z 509 -152.60 59.62 -26.09
CA ALA Z 509 -152.58 58.35 -26.81
C ALA Z 509 -153.72 58.26 -27.80
N LEU Z 510 -154.81 58.95 -27.55
CA LEU Z 510 -155.91 58.96 -28.50
C LEU Z 510 -155.51 59.67 -29.78
N THR Z 511 -154.73 60.74 -29.64
CA THR Z 511 -154.21 61.44 -30.81
C THR Z 511 -153.09 60.65 -31.48
N VAL Z 512 -152.19 60.08 -30.70
CA VAL Z 512 -151.13 59.28 -31.32
C VAL Z 512 -151.73 58.08 -32.04
N ASN Z 513 -152.71 57.40 -31.42
CA ASN Z 513 -153.39 56.30 -32.09
C ASN Z 513 -153.94 56.76 -33.43
N THR Z 514 -154.67 57.88 -33.43
CA THR Z 514 -155.24 58.38 -34.68
C THR Z 514 -154.14 58.72 -35.70
N ASN Z 515 -153.08 59.39 -35.25
CA ASN Z 515 -152.02 59.79 -36.17
C ASN Z 515 -151.34 58.59 -36.82
N ILE Z 516 -151.16 57.51 -36.06
CA ILE Z 516 -150.57 56.30 -36.63
C ILE Z 516 -151.52 55.70 -37.66
N ARG Z 517 -152.81 55.66 -37.34
CA ARG Z 517 -153.78 55.13 -38.29
C ARG Z 517 -153.73 55.90 -39.59
N ASN Z 518 -153.57 57.22 -39.52
CA ASN Z 518 -153.46 58.03 -40.72
C ASN Z 518 -152.38 57.49 -41.66
N SER Z 519 -151.19 57.21 -41.11
CA SER Z 519 -150.14 56.66 -41.94
C SER Z 519 -150.52 55.30 -42.51
N ASN Z 520 -151.08 54.42 -41.68
CA ASN Z 520 -151.44 53.09 -42.16
C ASN Z 520 -152.45 53.18 -43.29
N ASN Z 521 -153.38 54.13 -43.22
CA ASN Z 521 -154.33 54.31 -44.32
C ASN Z 521 -153.62 54.79 -45.58
N ALA Z 522 -152.64 55.68 -45.43
CA ALA Z 522 -151.88 56.13 -46.57
C ALA Z 522 -151.17 54.96 -47.26
N VAL Z 523 -150.64 54.02 -46.47
CA VAL Z 523 -149.95 52.88 -47.08
C VAL Z 523 -150.95 51.95 -47.76
N LYS Z 524 -152.05 51.63 -47.11
CA LYS Z 524 -153.02 50.74 -47.70
C LYS Z 524 -153.60 51.38 -48.94
N ARG Z 525 -153.83 52.68 -48.89
CA ARG Z 525 -154.44 53.35 -50.02
C ARG Z 525 -153.49 53.31 -51.18
N MET Z 526 -152.22 53.57 -50.90
CA MET Z 526 -151.22 53.51 -51.93
C MET Z 526 -151.21 52.13 -52.51
N LEU Z 527 -151.14 51.10 -51.68
CA LEU Z 527 -151.02 49.77 -52.29
C LEU Z 527 -152.27 49.39 -53.07
N ASN Z 528 -153.45 49.76 -52.55
CA ASN Z 528 -154.69 49.44 -53.24
C ASN Z 528 -154.80 50.22 -54.55
N TYR Z 529 -154.34 51.47 -54.56
CA TYR Z 529 -154.34 52.25 -55.79
C TYR Z 529 -153.38 51.63 -56.81
N LEU Z 530 -152.21 51.19 -56.37
CA LEU Z 530 -151.28 50.56 -57.29
C LEU Z 530 -151.89 49.31 -57.89
N ALA Z 531 -152.64 48.54 -57.09
CA ALA Z 531 -153.32 47.37 -57.62
C ALA Z 531 -154.33 47.76 -58.70
N GLN Z 532 -155.11 48.82 -58.45
CA GLN Z 532 -156.06 49.28 -59.47
C GLN Z 532 -155.32 49.78 -60.71
N LEU Z 533 -154.24 50.53 -60.51
CA LEU Z 533 -153.47 51.04 -61.64
C LEU Z 533 -152.88 49.91 -62.45
N ARG Z 534 -152.36 48.88 -61.79
CA ARG Z 534 -151.84 47.74 -62.52
C ARG Z 534 -152.92 47.09 -63.38
N GLU Z 535 -154.11 46.91 -62.82
CA GLU Z 535 -155.19 46.27 -63.56
C GLU Z 535 -155.63 47.11 -64.74
N VAL Z 536 -155.79 48.43 -64.53
CA VAL Z 536 -156.24 49.28 -65.62
C VAL Z 536 -155.19 49.37 -66.73
N VAL Z 537 -153.92 49.54 -66.38
CA VAL Z 537 -152.89 49.62 -67.41
C VAL Z 537 -152.69 48.27 -68.07
N HIS Z 538 -152.78 47.18 -67.31
CA HIS Z 538 -152.68 45.85 -67.91
C HIS Z 538 -153.71 45.68 -69.01
N ASN Z 539 -154.94 46.12 -68.78
CA ASN Z 539 -155.98 46.05 -69.79
C ASN Z 539 -155.79 47.17 -70.80
N GLY Z 540 -156.66 47.20 -71.79
CA GLY Z 540 -156.49 48.13 -72.89
C GLY Z 540 -156.86 49.56 -72.56
N TYR Z 541 -156.14 50.20 -71.65
CA TYR Z 541 -156.38 51.58 -71.27
C TYR Z 541 -155.05 52.32 -71.26
N ASN Z 542 -154.55 52.65 -72.44
CA ASN Z 542 -153.29 53.35 -72.59
C ASN Z 542 -153.46 54.75 -73.14
N ARG Z 543 -154.66 55.34 -73.00
CA ARG Z 543 -154.96 56.70 -73.45
C ARG Z 543 -155.80 57.41 -72.37
N PRO Z 544 -155.73 58.74 -72.30
CA PRO Z 544 -156.55 59.46 -71.30
C PRO Z 544 -158.02 59.15 -71.50
N LYS Z 545 -158.74 58.98 -70.40
CA LYS Z 545 -160.17 58.72 -70.43
C LYS Z 545 -160.74 59.03 -69.05
N PHE Z 546 -162.05 59.26 -69.01
CA PHE Z 546 -162.74 59.54 -67.77
C PHE Z 546 -163.43 58.28 -67.27
N GLY Z 547 -163.35 58.02 -65.96
CA GLY Z 547 -164.12 56.98 -65.35
C GLY Z 547 -163.49 55.61 -65.33
N ILE Z 548 -162.18 55.50 -65.60
CA ILE Z 548 -161.55 54.18 -65.62
C ILE Z 548 -160.73 53.95 -64.36
N ILE Z 549 -160.18 55.03 -63.78
CA ILE Z 549 -159.30 54.94 -62.64
C ILE Z 549 -159.46 56.19 -61.78
N GLU Z 550 -159.23 56.03 -60.49
CA GLU Z 550 -159.21 57.18 -59.60
C GLU Z 550 -158.06 58.10 -59.98
N GLY Z 551 -158.31 59.39 -59.88
CA GLY Z 551 -157.27 60.36 -60.16
C GLY Z 551 -157.70 61.29 -61.29
N ALA Z 552 -157.89 62.56 -60.96
CA ALA Z 552 -158.41 63.48 -61.95
C ALA Z 552 -157.53 63.52 -63.20
N LEU Z 553 -156.21 63.39 -63.03
CA LEU Z 553 -155.31 63.52 -64.17
C LEU Z 553 -155.31 62.30 -65.07
N SER Z 554 -156.09 61.26 -64.77
CA SER Z 554 -156.21 60.17 -65.72
C SER Z 554 -156.89 60.60 -67.00
N ALA Z 555 -157.55 61.75 -66.99
CA ALA Z 555 -158.07 62.33 -68.22
C ALA Z 555 -157.05 63.18 -68.94
N VAL Z 556 -155.83 63.27 -68.42
CA VAL Z 556 -154.80 64.12 -69.02
C VAL Z 556 -153.67 63.29 -69.60
N MET Z 557 -153.08 62.40 -68.80
CA MET Z 557 -151.94 61.60 -69.19
C MET Z 557 -152.34 60.16 -69.46
N ARG Z 558 -151.57 59.48 -70.30
CA ARG Z 558 -151.78 58.07 -70.52
C ARG Z 558 -151.51 57.28 -69.24
N PRO Z 559 -152.50 56.53 -68.75
CA PRO Z 559 -152.28 55.65 -67.58
C PRO Z 559 -151.11 54.71 -67.85
N THR Z 560 -150.12 54.76 -66.96
CA THR Z 560 -148.85 54.09 -67.17
C THR Z 560 -148.42 53.34 -65.92
N TYR Z 561 -148.04 52.08 -66.07
CA TYR Z 561 -147.63 51.23 -64.97
C TYR Z 561 -146.55 50.29 -65.47
N ARG Z 562 -145.51 50.09 -64.66
CA ARG Z 562 -144.54 49.03 -64.94
C ARG Z 562 -144.36 48.18 -63.69
N TYR Z 563 -144.23 46.88 -63.88
CA TYR Z 563 -143.91 45.93 -62.82
C TYR Z 563 -142.70 45.12 -63.20
N LYS Z 564 -141.68 45.13 -62.34
CA LYS Z 564 -140.45 44.38 -62.56
C LYS Z 564 -140.09 43.69 -61.26
N GLU Z 565 -139.71 42.42 -61.36
CA GLU Z 565 -139.25 41.65 -60.21
C GLU Z 565 -137.73 41.58 -60.25
N LEU Z 566 -137.07 42.42 -59.46
CA LEU Z 566 -135.62 42.56 -59.48
C LEU Z 566 -134.99 41.51 -58.59
N ASP Z 567 -135.01 40.27 -59.04
CA ASP Z 567 -134.33 39.17 -58.35
C ASP Z 567 -132.85 39.34 -58.60
N LEU Z 568 -132.13 39.88 -57.61
CA LEU Z 568 -130.80 40.41 -57.88
C LEU Z 568 -129.84 39.33 -58.35
N GLU Z 569 -130.08 38.07 -57.99
CA GLU Z 569 -129.20 37.01 -58.47
C GLU Z 569 -129.18 36.95 -59.99
N LYS Z 570 -130.24 37.43 -60.63
CA LYS Z 570 -130.30 37.40 -62.09
C LYS Z 570 -130.02 38.75 -62.71
N VAL Z 571 -129.64 39.74 -61.92
CA VAL Z 571 -129.48 41.09 -62.44
C VAL Z 571 -128.04 41.58 -62.29
N ILE Z 572 -127.45 41.35 -61.11
CA ILE Z 572 -126.19 42.00 -60.79
C ILE Z 572 -125.05 41.34 -61.56
N ASP Z 573 -124.19 42.16 -62.15
CA ASP Z 573 -122.92 41.71 -62.69
C ASP Z 573 -121.82 42.19 -61.78
N THR Z 574 -121.18 41.27 -61.05
CA THR Z 574 -120.15 41.64 -60.11
C THR Z 574 -118.94 40.76 -60.33
N ILE Z 575 -117.75 41.30 -60.06
CA ILE Z 575 -116.52 40.59 -60.30
C ILE Z 575 -115.77 40.26 -59.01
N LYS Z 576 -115.60 41.23 -58.11
CA LYS Z 576 -114.91 40.98 -56.85
C LYS Z 576 -115.69 41.61 -55.72
N SER Z 577 -115.58 41.01 -54.53
CA SER Z 577 -116.39 41.45 -53.39
C SER Z 577 -116.10 42.89 -53.01
N LYS Z 578 -114.91 43.40 -53.30
CA LYS Z 578 -114.63 44.79 -52.95
C LYS Z 578 -115.64 45.74 -53.57
N ASP Z 579 -116.22 45.36 -54.71
CA ASP Z 579 -117.17 46.19 -55.43
C ASP Z 579 -118.62 45.78 -55.18
N ARG Z 580 -118.87 44.80 -54.31
CA ARG Z 580 -120.19 44.21 -54.21
C ARG Z 580 -121.24 45.24 -53.78
N TRP Z 581 -120.84 46.15 -52.89
CA TRP Z 581 -121.78 47.16 -52.43
C TRP Z 581 -122.24 48.04 -53.59
N ASP Z 582 -121.28 48.55 -54.38
CA ASP Z 582 -121.64 49.43 -55.49
C ASP Z 582 -122.38 48.65 -56.56
N ASP Z 583 -122.04 47.38 -56.73
CA ASP Z 583 -122.73 46.57 -57.74
C ASP Z 583 -124.18 46.31 -57.36
N VAL Z 584 -124.47 46.05 -56.08
CA VAL Z 584 -125.87 45.90 -55.67
C VAL Z 584 -126.61 47.23 -55.85
N CYS Z 585 -126.04 48.33 -55.38
CA CYS Z 585 -126.74 49.61 -55.46
C CYS Z 585 -126.93 50.03 -56.91
N ALA Z 586 -125.88 49.86 -57.73
CA ALA Z 586 -125.97 50.24 -59.13
C ALA Z 586 -127.00 49.42 -59.87
N ALA Z 587 -127.08 48.11 -59.60
CA ALA Z 587 -128.04 47.29 -60.31
C ALA Z 587 -129.47 47.75 -60.02
N ILE Z 588 -129.75 48.07 -58.77
CA ILE Z 588 -131.11 48.50 -58.42
C ILE Z 588 -131.41 49.85 -59.05
N LEU Z 589 -130.50 50.81 -58.93
CA LEU Z 589 -130.75 52.14 -59.52
C LEU Z 589 -130.78 52.08 -61.04
N ASN Z 590 -129.91 51.30 -61.65
CA ASN Z 590 -129.89 51.22 -63.11
C ASN Z 590 -131.15 50.59 -63.65
N CYS Z 591 -131.70 49.60 -62.93
CA CYS Z 591 -132.96 49.02 -63.36
C CYS Z 591 -134.07 50.05 -63.31
N VAL Z 592 -134.08 50.89 -62.28
CA VAL Z 592 -135.08 51.95 -62.22
C VAL Z 592 -134.91 52.91 -63.38
N LYS Z 593 -133.68 53.31 -63.69
CA LYS Z 593 -133.46 54.19 -64.84
C LYS Z 593 -134.00 53.58 -66.12
N ALA Z 594 -133.67 52.31 -66.36
CA ALA Z 594 -134.07 51.67 -67.61
C ALA Z 594 -135.58 51.61 -67.77
N GLU Z 595 -136.32 51.34 -66.69
CA GLU Z 595 -137.77 51.29 -66.77
C GLU Z 595 -138.38 52.69 -66.77
N LEU Z 596 -137.79 53.62 -66.00
CA LEU Z 596 -138.35 54.95 -65.88
C LEU Z 596 -138.34 55.70 -67.19
N PHE Z 597 -137.21 55.69 -67.91
CA PHE Z 597 -137.11 56.47 -69.12
C PHE Z 597 -138.23 56.19 -70.11
N PRO Z 598 -138.52 54.94 -70.50
CA PRO Z 598 -139.62 54.72 -71.45
C PRO Z 598 -140.97 55.00 -70.86
N ALA Z 599 -141.14 54.83 -69.54
CA ALA Z 599 -142.39 55.24 -68.92
C ALA Z 599 -142.54 56.76 -68.89
N HIS Z 600 -141.46 57.48 -68.63
CA HIS Z 600 -141.54 58.94 -68.73
C HIS Z 600 -141.78 59.37 -70.17
N ARG Z 601 -141.12 58.71 -71.12
CA ARG Z 601 -141.28 59.07 -72.51
C ARG Z 601 -142.67 58.71 -73.02
N ASP Z 602 -143.12 57.49 -72.72
CA ASP Z 602 -144.40 57.01 -73.23
C ASP Z 602 -145.57 57.75 -72.60
N SER Z 603 -145.45 58.11 -71.33
CA SER Z 603 -146.49 58.89 -70.70
C SER Z 603 -146.23 60.36 -70.96
N ASN Z 604 -147.26 61.07 -71.41
CA ASN Z 604 -147.17 62.52 -71.57
C ASN Z 604 -147.18 63.24 -70.25
N ILE Z 605 -146.49 62.68 -69.24
CA ILE Z 605 -146.57 63.23 -67.89
C ILE Z 605 -145.85 64.57 -67.83
N GLU Z 606 -144.74 64.72 -68.55
CA GLU Z 606 -144.02 65.98 -68.54
C GLU Z 606 -144.89 67.09 -69.10
N ALA Z 607 -145.63 66.81 -70.17
CA ALA Z 607 -146.60 67.79 -70.68
C ALA Z 607 -147.72 68.03 -69.68
N ALA Z 608 -148.16 66.99 -68.98
CA ALA Z 608 -149.26 67.15 -68.04
C ALA Z 608 -148.91 68.16 -66.96
N PHE Z 609 -147.72 68.04 -66.37
CA PHE Z 609 -147.28 69.03 -65.38
C PHE Z 609 -147.09 70.41 -66.02
N ARG Z 610 -146.51 70.45 -67.22
CA ARG Z 610 -146.30 71.73 -67.89
C ARG Z 610 -147.62 72.44 -68.12
N VAL Z 611 -148.60 71.72 -68.65
CA VAL Z 611 -149.88 72.34 -69.00
C VAL Z 611 -150.66 72.74 -67.75
N ILE Z 612 -150.68 71.91 -66.72
CA ILE Z 612 -151.46 72.22 -65.52
C ILE Z 612 -150.85 73.39 -64.75
N SER Z 613 -149.54 73.40 -64.58
CA SER Z 613 -148.92 74.48 -63.81
C SER Z 613 -148.68 75.72 -64.66
N GLY Z 614 -148.48 75.57 -65.96
CA GLY Z 614 -148.14 76.68 -66.80
C GLY Z 614 -146.68 77.08 -66.81
N ASN Z 615 -145.84 76.38 -66.05
CA ASN Z 615 -144.44 76.73 -65.97
C ASN Z 615 -143.76 75.91 -67.01
N GLN Z 616 -143.26 76.55 -68.06
CA GLN Z 616 -142.74 75.81 -69.21
C GLN Z 616 -141.55 74.97 -68.80
N ASP Z 617 -140.86 75.38 -67.75
CA ASP Z 617 -139.59 74.76 -67.41
C ASP Z 617 -139.78 73.85 -66.22
N GLU Z 618 -141.02 73.55 -65.89
CA GLU Z 618 -141.28 72.67 -64.76
C GLU Z 618 -141.40 71.26 -65.21
N THR Z 619 -140.68 70.37 -64.55
CA THR Z 619 -140.78 68.96 -64.87
C THR Z 619 -141.07 68.23 -63.57
N PRO Z 620 -141.65 67.03 -63.68
CA PRO Z 620 -141.94 66.23 -62.49
C PRO Z 620 -140.67 65.70 -61.85
N MET Z 621 -140.74 65.50 -60.54
CA MET Z 621 -139.67 64.88 -59.79
C MET Z 621 -140.21 63.59 -59.18
N TYR Z 622 -139.36 62.58 -59.10
CA TYR Z 622 -139.82 61.25 -58.69
C TYR Z 622 -139.34 60.90 -57.29
N LEU Z 623 -140.22 60.25 -56.54
CA LEU Z 623 -139.90 59.77 -55.21
C LEU Z 623 -139.61 58.28 -55.31
N PHE Z 624 -138.62 57.81 -54.55
CA PHE Z 624 -138.38 56.38 -54.39
C PHE Z 624 -139.02 55.96 -53.07
N CYS Z 625 -140.14 55.27 -53.14
CA CYS Z 625 -140.85 54.81 -51.96
C CYS Z 625 -140.41 53.39 -51.66
N SER Z 626 -139.82 53.17 -50.49
CA SER Z 626 -139.21 51.89 -50.19
C SER Z 626 -139.28 51.62 -48.70
N ASP Z 627 -138.97 50.39 -48.33
CA ASP Z 627 -138.79 50.02 -46.93
C ASP Z 627 -137.38 50.35 -46.47
N LYS Z 628 -137.08 49.98 -45.23
CA LYS Z 628 -135.81 50.37 -44.62
C LYS Z 628 -134.64 49.58 -45.20
N GLU Z 629 -134.88 48.30 -45.53
CA GLU Z 629 -133.82 47.46 -46.07
C GLU Z 629 -133.36 47.93 -47.45
N ILE Z 630 -134.32 48.31 -48.30
CA ILE Z 630 -133.99 48.84 -49.61
C ILE Z 630 -133.38 50.23 -49.50
N ALA Z 631 -133.94 51.08 -48.64
CA ALA Z 631 -133.48 52.46 -48.57
C ALA Z 631 -131.99 52.53 -48.27
N ASN Z 632 -131.48 51.58 -47.49
CA ASN Z 632 -130.05 51.60 -47.14
C ASN Z 632 -129.17 51.50 -48.39
N TYR Z 633 -129.74 51.01 -49.50
CA TYR Z 633 -129.01 50.83 -50.75
C TYR Z 633 -129.19 52.02 -51.69
N LEU Z 634 -130.05 52.95 -51.30
CA LEU Z 634 -130.36 54.07 -52.19
C LEU Z 634 -129.82 55.35 -51.59
N MET Z 635 -129.86 55.46 -50.27
CA MET Z 635 -129.44 56.69 -49.61
C MET Z 635 -127.92 56.73 -49.51
N THR Z 636 -127.27 55.64 -49.91
CA THR Z 636 -125.81 55.62 -49.92
C THR Z 636 -125.32 56.41 -51.11
N LYS Z 637 -126.25 56.81 -51.99
CA LYS Z 637 -125.87 57.57 -53.18
C LYS Z 637 -125.26 58.92 -52.84
N GLY Z 638 -125.96 59.71 -52.05
CA GLY Z 638 -125.44 61.01 -51.65
C GLY Z 638 -125.96 62.20 -52.44
N ASP Z 639 -125.05 62.99 -53.01
CA ASP Z 639 -125.45 64.21 -53.71
C ASP Z 639 -126.06 64.01 -55.10
N ASP Z 640 -125.34 63.36 -56.01
CA ASP Z 640 -125.85 63.22 -57.37
C ASP Z 640 -127.20 62.55 -57.38
N ARG Z 641 -128.27 63.35 -57.42
CA ARG Z 641 -129.58 62.78 -57.50
C ARG Z 641 -130.16 63.13 -58.84
N THR Z 642 -129.69 62.49 -59.90
CA THR Z 642 -130.23 62.74 -61.22
C THR Z 642 -130.43 61.42 -61.93
N LEU Z 643 -131.66 61.11 -62.33
CA LEU Z 643 -131.88 59.82 -62.94
C LEU Z 643 -131.60 59.93 -64.44
N GLY Z 644 -130.97 61.02 -64.84
CA GLY Z 644 -130.77 61.27 -66.25
C GLY Z 644 -130.37 62.70 -66.53
N ALA Z 645 -130.62 63.17 -67.74
CA ALA Z 645 -130.12 64.47 -68.16
C ALA Z 645 -130.65 65.59 -67.29
N TYR Z 646 -131.91 65.51 -66.87
CA TYR Z 646 -132.53 66.55 -66.07
C TYR Z 646 -133.48 66.06 -64.99
N LEU Z 647 -133.76 64.76 -64.90
CA LEU Z 647 -134.70 64.22 -63.92
C LEU Z 647 -134.01 64.09 -62.57
N LYS Z 648 -134.68 64.52 -61.51
CA LYS Z 648 -134.18 64.34 -60.15
C LYS Z 648 -135.09 63.40 -59.39
N TYR Z 649 -134.62 62.92 -58.24
CA TYR Z 649 -135.41 62.04 -57.40
C TYR Z 649 -135.14 62.31 -55.93
N ASP Z 650 -136.01 61.80 -55.06
CA ASP Z 650 -135.78 61.78 -53.63
C ASP Z 650 -136.20 60.44 -53.06
N ILE Z 651 -135.72 60.13 -51.86
CA ILE Z 651 -135.89 58.82 -51.26
C ILE Z 651 -136.69 58.95 -49.97
N VAL Z 652 -137.80 58.22 -49.90
CA VAL Z 652 -138.69 58.25 -48.75
C VAL Z 652 -138.94 56.82 -48.30
N SER Z 653 -138.57 56.52 -47.06
CA SER Z 653 -138.61 55.17 -46.52
C SER Z 653 -139.82 55.02 -45.62
N THR Z 654 -140.22 53.78 -45.38
CA THR Z 654 -141.22 53.46 -44.37
C THR Z 654 -140.84 52.18 -43.66
N ASN Z 655 -141.29 52.05 -42.42
CA ASN Z 655 -141.14 50.82 -41.66
C ASN Z 655 -142.42 50.02 -41.59
N ASN Z 656 -143.44 50.38 -42.36
CA ASN Z 656 -144.69 49.64 -42.37
C ASN Z 656 -144.50 48.32 -43.10
N GLN Z 657 -144.73 47.22 -42.37
CA GLN Z 657 -144.43 45.90 -42.91
C GLN Z 657 -145.26 45.58 -44.15
N LEU Z 658 -146.29 46.37 -44.44
CA LEU Z 658 -147.09 46.11 -45.63
C LEU Z 658 -146.33 46.48 -46.89
N PHE Z 659 -145.25 47.24 -46.74
CA PHE Z 659 -144.53 47.81 -47.88
C PHE Z 659 -143.16 47.14 -48.00
N ASP Z 660 -142.98 46.09 -47.22
CA ASP Z 660 -141.73 45.36 -47.14
C ASP Z 660 -141.37 44.82 -48.52
N GLY Z 661 -140.13 45.04 -48.94
CA GLY Z 661 -139.64 44.44 -50.16
C GLY Z 661 -140.07 45.18 -51.42
N LYS Z 662 -140.83 46.26 -51.27
CA LYS Z 662 -141.38 46.99 -52.39
C LYS Z 662 -140.59 48.27 -52.59
N LEU Z 663 -140.25 48.56 -53.85
CA LEU Z 663 -139.77 49.87 -54.26
C LEU Z 663 -140.73 50.38 -55.31
N VAL Z 664 -141.35 51.52 -55.04
CA VAL Z 664 -142.33 52.10 -55.95
C VAL Z 664 -141.88 53.53 -56.26
N VAL Z 665 -141.76 53.83 -57.54
CA VAL Z 665 -141.32 55.14 -58.01
C VAL Z 665 -142.54 55.90 -58.48
N ILE Z 666 -142.78 57.07 -57.90
CA ILE Z 666 -143.96 57.86 -58.23
C ILE Z 666 -143.53 59.29 -58.51
N PRO Z 667 -144.18 60.00 -59.42
CA PRO Z 667 -143.87 61.41 -59.65
C PRO Z 667 -144.43 62.29 -58.55
N THR Z 668 -143.84 63.47 -58.41
CA THR Z 668 -144.37 64.51 -57.55
C THR Z 668 -143.88 65.86 -58.05
N ARG Z 669 -144.56 66.92 -57.64
CA ARG Z 669 -144.11 68.25 -58.01
C ARG Z 669 -142.94 68.66 -57.11
N ALA Z 670 -141.87 69.14 -57.76
CA ALA Z 670 -140.68 69.51 -56.99
C ALA Z 670 -140.99 70.59 -55.97
N VAL Z 671 -141.89 71.51 -56.29
CA VAL Z 671 -142.33 72.55 -55.37
C VAL Z 671 -143.76 72.24 -54.95
N GLN Z 672 -143.96 72.02 -53.66
CA GLN Z 672 -145.26 71.63 -53.14
C GLN Z 672 -146.08 72.87 -52.80
N GLN Z 673 -147.38 72.79 -53.06
CA GLN Z 673 -148.29 73.87 -52.73
C GLN Z 673 -149.52 73.30 -52.08
N GLU Z 674 -150.25 74.11 -51.32
CA GLU Z 674 -151.49 73.64 -50.71
C GLU Z 674 -152.51 73.19 -51.74
N ASN Z 675 -153.15 72.06 -51.49
CA ASN Z 675 -154.19 71.58 -52.39
C ASN Z 675 -153.66 71.53 -53.80
N ASP Z 676 -152.47 70.98 -53.98
CA ASP Z 676 -151.85 70.97 -55.29
C ASP Z 676 -152.27 69.74 -56.04
N ILE Z 677 -152.97 69.93 -57.13
CA ILE Z 677 -153.41 68.76 -57.89
C ILE Z 677 -152.26 67.93 -58.41
N LEU Z 678 -151.09 68.52 -58.57
CA LEU Z 678 -149.95 67.82 -59.15
C LEU Z 678 -149.21 66.94 -58.16
N SER Z 679 -149.63 66.90 -56.91
CA SER Z 679 -149.09 65.92 -55.97
C SER Z 679 -149.66 64.54 -56.28
N TRP Z 680 -148.81 63.51 -56.14
CA TRP Z 680 -149.22 62.17 -56.52
C TRP Z 680 -150.54 61.80 -55.84
N GLY Z 681 -150.65 62.03 -54.56
CA GLY Z 681 -151.94 62.01 -53.89
C GLY Z 681 -152.05 63.18 -52.95
N GLN Z 682 -153.16 63.25 -52.24
CA GLN Z 682 -153.40 64.29 -51.25
C GLN Z 682 -153.99 63.65 -50.00
N PHE Z 683 -153.72 64.24 -48.84
CA PHE Z 683 -154.38 63.86 -47.60
C PHE Z 683 -155.29 65.01 -47.18
N PHE Z 684 -156.59 64.77 -47.20
CA PHE Z 684 -157.56 65.79 -46.82
C PHE Z 684 -157.94 65.58 -45.36
N TYR Z 685 -157.52 66.50 -44.51
CA TYR Z 685 -157.63 66.36 -43.07
C TYR Z 685 -158.66 67.34 -42.54
N VAL Z 686 -159.48 66.88 -41.60
CA VAL Z 686 -160.37 67.72 -40.82
C VAL Z 686 -160.06 67.49 -39.34
N SER Z 687 -160.07 68.58 -38.58
CA SER Z 687 -159.69 68.50 -37.16
C SER Z 687 -160.38 67.34 -36.46
N THR Z 688 -159.58 66.54 -35.75
CA THR Z 688 -160.10 65.41 -35.00
C THR Z 688 -160.81 65.91 -33.75
N VAL Z 689 -161.99 65.36 -33.49
CA VAL Z 689 -162.82 65.79 -32.37
C VAL Z 689 -162.68 64.80 -31.23
N ILE Z 690 -162.53 65.32 -30.02
CA ILE Z 690 -162.46 64.52 -28.81
C ILE Z 690 -163.70 64.84 -27.99
N ALA Z 691 -164.45 63.81 -27.60
CA ALA Z 691 -165.65 63.99 -26.79
C ALA Z 691 -165.50 63.24 -25.48
N ASP Z 692 -166.16 63.73 -24.44
CA ASP Z 692 -166.06 63.15 -23.10
C ASP Z 692 -167.42 63.20 -22.41
N LEU Z 693 -168.10 62.05 -22.35
CA LEU Z 693 -169.47 61.99 -21.89
C LEU Z 693 -169.60 60.88 -20.88
N PRO Z 694 -170.34 61.07 -19.80
CA PRO Z 694 -170.55 59.97 -18.85
C PRO Z 694 -171.61 59.00 -19.34
N ILE Z 695 -171.26 58.18 -20.31
CA ILE Z 695 -172.24 57.38 -21.03
C ILE Z 695 -172.58 56.14 -20.21
N THR Z 696 -173.88 55.93 -19.98
CA THR Z 696 -174.37 54.76 -19.25
C THR Z 696 -174.49 53.61 -20.25
N ARG Z 697 -173.35 53.16 -20.75
CA ARG Z 697 -173.36 52.13 -21.78
C ARG Z 697 -173.81 50.81 -21.21
N GLY Z 698 -174.78 50.19 -21.87
CA GLY Z 698 -175.31 48.93 -21.43
C GLY Z 698 -176.40 49.06 -20.39
N GLY Z 699 -176.70 50.26 -19.95
CA GLY Z 699 -177.72 50.48 -18.95
C GLY Z 699 -177.32 50.17 -17.53
N HIS Z 700 -176.06 49.80 -17.28
CA HIS Z 700 -175.71 49.40 -15.93
C HIS Z 700 -174.34 49.86 -15.46
N GLN Z 701 -173.25 49.54 -16.13
CA GLN Z 701 -171.94 49.98 -15.69
C GLN Z 701 -171.67 51.37 -16.23
N VAL Z 702 -171.69 52.36 -15.35
CA VAL Z 702 -171.59 53.76 -15.74
C VAL Z 702 -170.11 54.11 -15.85
N THR Z 703 -169.72 54.65 -17.01
CA THR Z 703 -168.33 55.06 -17.24
C THR Z 703 -168.34 56.44 -17.89
N ARG Z 704 -167.17 57.06 -17.95
CA ARG Z 704 -166.98 58.21 -18.82
C ARG Z 704 -166.02 57.83 -19.94
N GLU Z 705 -166.38 58.16 -21.18
CA GLU Z 705 -165.63 57.72 -22.34
C GLU Z 705 -165.05 58.93 -23.07
N ILE Z 706 -163.73 58.97 -23.17
CA ILE Z 706 -163.03 60.01 -23.92
C ILE Z 706 -162.62 59.41 -25.25
N ALA Z 707 -163.22 59.90 -26.33
CA ALA Z 707 -163.09 59.29 -27.64
C ALA Z 707 -162.69 60.32 -28.69
N ALA Z 708 -161.82 59.91 -29.59
CA ALA Z 708 -161.36 60.75 -30.69
C ALA Z 708 -161.98 60.22 -31.97
N ILE Z 709 -162.59 61.11 -32.74
CA ILE Z 709 -163.29 60.73 -33.96
C ILE Z 709 -162.50 61.29 -35.15
N PRO Z 710 -161.78 60.47 -35.90
CA PRO Z 710 -161.08 60.97 -37.10
C PRO Z 710 -162.06 61.29 -38.21
N PHE Z 711 -161.64 62.20 -39.10
CA PHE Z 711 -162.43 62.60 -40.27
C PHE Z 711 -161.44 63.05 -41.34
N ASN Z 712 -161.13 62.16 -42.29
CA ASN Z 712 -160.10 62.46 -43.28
C ASN Z 712 -160.24 61.53 -44.47
N LEU Z 713 -159.52 61.86 -45.55
CA LEU Z 713 -159.57 61.09 -46.78
C LEU Z 713 -158.23 61.21 -47.50
N HIS Z 714 -157.73 60.08 -48.00
CA HIS Z 714 -156.60 60.03 -48.90
C HIS Z 714 -157.10 59.87 -50.34
N VAL Z 715 -156.57 60.70 -51.24
CA VAL Z 715 -156.98 60.70 -52.63
C VAL Z 715 -155.75 60.64 -53.51
N ASN Z 716 -155.82 59.87 -54.59
CA ASN Z 716 -154.76 59.81 -55.58
C ASN Z 716 -155.13 60.68 -56.77
N ASN Z 717 -154.12 61.36 -57.31
CA ASN Z 717 -154.29 62.23 -58.46
C ASN Z 717 -153.67 61.69 -59.74
N ILE Z 718 -152.49 61.10 -59.67
CA ILE Z 718 -151.69 60.79 -60.85
C ILE Z 718 -151.67 59.28 -61.06
N PRO Z 719 -152.24 58.76 -62.12
CA PRO Z 719 -152.20 57.31 -62.37
C PRO Z 719 -150.89 56.84 -62.97
N PHE Z 720 -149.79 56.99 -62.23
CA PHE Z 720 -148.47 56.61 -62.72
C PHE Z 720 -147.67 55.99 -61.58
N ALA Z 721 -147.09 54.82 -61.83
CA ALA Z 721 -146.22 54.20 -60.85
C ALA Z 721 -145.33 53.17 -61.53
N LEU Z 722 -144.12 52.99 -61.01
CA LEU Z 722 -143.24 51.89 -61.36
C LEU Z 722 -142.99 51.04 -60.13
N GLU Z 723 -143.48 49.81 -60.14
CA GLU Z 723 -143.39 48.95 -58.97
C GLU Z 723 -142.28 47.92 -59.15
N PHE Z 724 -141.33 47.91 -58.23
CA PHE Z 724 -140.19 47.01 -58.27
C PHE Z 724 -140.23 46.12 -57.04
N LYS Z 725 -140.23 44.81 -57.27
CA LYS Z 725 -140.13 43.82 -56.21
C LYS Z 725 -138.66 43.41 -56.12
N ILE Z 726 -138.00 43.76 -55.02
CA ILE Z 726 -136.57 43.56 -54.89
C ILE Z 726 -136.32 42.45 -53.87
N THR Z 727 -135.65 41.38 -54.30
CA THR Z 727 -135.35 40.25 -53.44
C THR Z 727 -133.95 39.74 -53.71
N GLY Z 728 -133.49 38.85 -52.84
CA GLY Z 728 -132.19 38.25 -53.00
C GLY Z 728 -131.02 39.02 -52.47
N PHE Z 729 -131.23 40.00 -51.59
CA PHE Z 729 -130.10 40.76 -51.07
C PHE Z 729 -129.07 39.84 -50.43
N GLN Z 730 -129.53 38.86 -49.64
CA GLN Z 730 -128.58 38.00 -48.95
C GLN Z 730 -127.93 37.04 -49.93
N LYS Z 731 -128.67 36.63 -50.95
CA LYS Z 731 -128.16 35.69 -51.94
C LYS Z 731 -126.99 36.26 -52.74
N VAL Z 732 -127.02 37.56 -53.05
CA VAL Z 732 -125.97 38.16 -53.88
C VAL Z 732 -124.86 38.74 -53.02
N MET Z 733 -125.17 39.20 -51.81
CA MET Z 733 -124.14 39.75 -50.94
C MET Z 733 -123.46 38.70 -50.08
N GLY Z 734 -124.17 37.66 -49.67
CA GLY Z 734 -123.63 36.71 -48.73
C GLY Z 734 -123.03 35.49 -49.40
N GLU Z 735 -123.06 35.45 -50.72
CA GLU Z 735 -122.62 34.29 -51.48
C GLU Z 735 -121.56 34.74 -52.48
N THR Z 736 -121.04 33.78 -53.25
CA THR Z 736 -120.03 34.06 -54.26
C THR Z 736 -120.68 34.04 -55.63
N GLN Z 737 -120.44 35.07 -56.43
CA GLN Z 737 -121.09 35.16 -57.73
C GLN Z 737 -120.13 34.75 -58.85
N PHE Z 738 -119.06 35.51 -59.04
CA PHE Z 738 -118.20 35.30 -60.21
C PHE Z 738 -117.43 33.99 -60.09
N ASN Z 739 -116.64 33.85 -59.02
CA ASN Z 739 -115.89 32.62 -58.82
C ASN Z 739 -116.81 31.43 -58.57
N GLY Z 740 -117.99 31.70 -58.01
CA GLY Z 740 -118.95 30.62 -57.82
C GLY Z 740 -119.41 30.01 -59.12
N LYS Z 741 -119.88 30.84 -60.06
CA LYS Z 741 -120.30 30.33 -61.36
C LYS Z 741 -119.14 29.69 -62.10
N LEU Z 742 -117.94 30.26 -61.96
CA LEU Z 742 -116.76 29.69 -62.60
C LEU Z 742 -116.49 28.28 -62.09
N ALA Z 743 -116.62 28.06 -60.79
CA ALA Z 743 -116.48 26.71 -60.25
C ALA Z 743 -117.54 25.78 -60.80
N ASP Z 744 -118.74 26.27 -61.04
CA ASP Z 744 -119.81 25.41 -61.55
C ASP Z 744 -119.42 24.84 -62.91
N LEU Z 745 -118.56 25.55 -63.66
CA LEU Z 745 -118.09 25.05 -64.94
C LEU Z 745 -117.07 23.92 -64.82
N LYS Z 746 -116.59 23.58 -63.64
CA LYS Z 746 -115.60 22.52 -63.54
C LYS Z 746 -116.26 21.18 -63.87
N PRO Z 747 -115.67 20.40 -64.78
CA PRO Z 747 -116.22 19.08 -65.12
C PRO Z 747 -116.52 18.24 -63.88
N ASN AA 164 -183.56 64.85 -39.25
CA ASN AA 164 -182.11 64.99 -39.29
C ASN AA 164 -181.51 65.54 -38.01
N TYR AA 165 -181.57 64.76 -36.93
CA TYR AA 165 -180.97 65.24 -35.70
C TYR AA 165 -179.46 65.40 -35.88
N ASN AA 166 -178.86 64.50 -36.64
CA ASN AA 166 -177.44 64.49 -36.93
C ASN AA 166 -177.26 64.56 -38.44
N GLU AA 167 -176.50 65.55 -38.89
CA GLU AA 167 -176.26 65.74 -40.31
C GLU AA 167 -174.81 66.16 -40.50
N LYS AA 168 -174.15 65.51 -41.44
CA LYS AA 168 -172.86 65.98 -41.93
C LYS AA 168 -173.11 66.66 -43.26
N SER AA 169 -172.26 67.62 -43.60
CA SER AA 169 -172.40 68.31 -44.88
C SER AA 169 -172.17 67.34 -46.03
N GLN AA 170 -173.00 67.47 -47.06
CA GLN AA 170 -172.82 66.77 -48.32
C GLN AA 170 -172.56 67.72 -49.48
N ARG AA 171 -173.02 68.96 -49.38
CA ARG AA 171 -172.92 69.95 -50.42
C ARG AA 171 -171.88 70.99 -49.98
N ASP AA 172 -171.69 72.03 -50.78
CA ASP AA 172 -170.75 73.11 -50.44
C ASP AA 172 -169.34 72.58 -50.24
N PHE AA 173 -168.92 71.68 -51.11
CA PHE AA 173 -167.55 71.19 -51.06
C PHE AA 173 -166.60 72.27 -51.54
N ARG AA 174 -165.35 72.17 -51.13
CA ARG AA 174 -164.33 73.09 -51.61
C ARG AA 174 -163.96 72.73 -53.03
N VAL AA 175 -164.10 73.69 -53.94
CA VAL AA 175 -163.86 73.47 -55.36
C VAL AA 175 -162.46 73.97 -55.70
N VAL AA 176 -161.70 73.14 -56.39
CA VAL AA 176 -160.37 73.50 -56.86
C VAL AA 176 -160.36 73.39 -58.38
N THR AA 177 -159.82 74.40 -59.04
CA THR AA 177 -159.76 74.47 -60.49
C THR AA 177 -158.37 74.01 -60.91
N ILE AA 178 -158.31 73.08 -61.85
CA ILE AA 178 -157.03 72.63 -62.37
C ILE AA 178 -156.64 73.52 -63.54
N GLY AA 179 -155.40 74.01 -63.52
CA GLY AA 179 -154.95 74.88 -64.59
C GLY AA 179 -154.86 74.14 -65.91
N TYR AA 180 -154.99 74.87 -67.01
CA TYR AA 180 -154.94 74.31 -68.35
C TYR AA 180 -154.30 75.34 -69.25
N ASN AA 181 -152.97 75.34 -69.35
CA ASN AA 181 -152.25 76.36 -70.07
C ASN AA 181 -151.36 75.71 -71.12
N LEU AA 182 -151.69 75.92 -72.39
CA LEU AA 182 -150.97 75.34 -73.50
C LEU AA 182 -150.26 76.43 -74.29
N ALA AA 183 -149.12 76.09 -74.86
CA ALA AA 183 -148.37 77.03 -75.69
C ALA AA 183 -147.53 76.25 -76.68
N ALA AA 184 -147.16 76.92 -77.76
CA ALA AA 184 -146.20 76.37 -78.71
C ALA AA 184 -145.53 77.52 -79.45
N SER AA 185 -144.24 77.34 -79.72
CA SER AA 185 -143.52 78.29 -80.57
C SER AA 185 -143.87 78.01 -82.03
N ARG AA 186 -143.44 78.90 -82.93
CA ARG AA 186 -143.74 78.69 -84.35
C ARG AA 186 -143.48 77.25 -84.75
N GLN AA 187 -142.37 76.69 -84.29
CA GLN AA 187 -142.14 75.25 -84.33
C GLN AA 187 -141.20 74.89 -83.19
N ASP AA 188 -141.25 73.63 -82.80
CA ASP AA 188 -140.52 73.16 -81.63
C ASP AA 188 -139.02 73.37 -81.79
N GLU AA 189 -138.32 73.46 -80.65
CA GLU AA 189 -136.88 73.58 -80.70
C GLU AA 189 -136.25 72.50 -81.56
N PHE AA 190 -136.78 71.27 -81.48
CA PHE AA 190 -136.28 70.19 -82.32
C PHE AA 190 -136.44 70.52 -83.80
N ALA AA 191 -137.64 70.95 -84.19
CA ALA AA 191 -137.85 71.35 -85.58
C ALA AA 191 -137.03 72.56 -85.96
N GLU AA 192 -136.83 73.50 -85.02
CA GLU AA 192 -136.11 74.72 -85.35
C GLU AA 192 -134.63 74.45 -85.59
N ARG AA 193 -134.03 73.61 -84.75
CA ARG AA 193 -132.61 73.33 -84.96
C ARG AA 193 -132.40 72.57 -86.27
N ILE AA 194 -133.34 71.74 -86.67
CA ILE AA 194 -133.15 70.99 -87.90
C ILE AA 194 -133.57 71.82 -89.10
N TYR AA 195 -134.68 72.54 -89.00
CA TYR AA 195 -135.22 73.36 -90.09
C TYR AA 195 -135.36 74.80 -89.62
N PRO AA 196 -134.27 75.56 -89.50
CA PRO AA 196 -134.37 76.93 -89.01
C PRO AA 196 -135.36 77.75 -89.84
N THR AA 197 -136.08 78.64 -89.16
CA THR AA 197 -137.16 79.40 -89.76
C THR AA 197 -136.61 80.51 -90.65
N THR AA 198 -137.16 80.61 -91.85
CA THR AA 198 -136.96 81.76 -92.71
C THR AA 198 -138.31 82.32 -93.13
N VAL AA 199 -138.49 83.63 -92.97
CA VAL AA 199 -139.77 84.28 -93.23
C VAL AA 199 -139.82 84.66 -94.70
N ILE AA 200 -140.86 84.21 -95.40
CA ILE AA 200 -141.04 84.45 -96.82
C ILE AA 200 -142.27 85.32 -96.99
N ASN AA 201 -142.16 86.35 -97.82
CA ASN AA 201 -143.32 87.22 -98.01
C ASN AA 201 -144.45 86.44 -98.68
N PRO AA 202 -145.69 86.62 -98.24
CA PRO AA 202 -146.82 85.92 -98.88
C PRO AA 202 -147.02 86.27 -100.35
N ILE AA 203 -146.53 87.42 -100.82
CA ILE AA 203 -146.69 87.76 -102.24
C ILE AA 203 -145.81 86.87 -103.12
N GLU AA 204 -144.84 86.17 -102.50
CA GLU AA 204 -143.94 85.33 -103.26
C GLU AA 204 -144.33 83.86 -103.17
N GLY AA 205 -144.51 83.35 -101.96
CA GLY AA 205 -144.95 81.97 -101.81
C GLY AA 205 -143.99 80.92 -102.28
N GLY AA 206 -142.68 81.19 -102.24
CA GLY AA 206 -141.70 80.20 -102.68
C GLY AA 206 -140.30 80.77 -102.80
N VAL AA 207 -139.31 79.92 -102.96
CA VAL AA 207 -137.92 80.35 -103.04
C VAL AA 207 -137.25 79.63 -104.19
N VAL AA 208 -136.33 80.32 -104.86
CA VAL AA 208 -135.52 79.75 -105.93
C VAL AA 208 -134.06 79.87 -105.50
N GLN AA 209 -133.32 78.79 -105.64
CA GLN AA 209 -131.95 78.70 -105.15
C GLN AA 209 -131.02 78.53 -106.34
N VAL AA 210 -130.01 79.38 -106.45
CA VAL AA 210 -129.11 79.40 -107.58
C VAL AA 210 -127.77 78.82 -107.14
N LEU AA 211 -127.30 77.82 -107.88
CA LEU AA 211 -126.03 77.14 -107.60
C LEU AA 211 -125.02 77.47 -108.69
N PRO AA 212 -124.26 78.55 -108.56
CA PRO AA 212 -123.14 78.79 -109.47
C PRO AA 212 -121.95 77.92 -109.12
N TYR AA 213 -121.21 77.53 -110.14
CA TYR AA 213 -119.96 76.81 -109.89
C TYR AA 213 -119.09 76.86 -111.14
N ILE AA 214 -117.82 76.50 -110.96
CA ILE AA 214 -116.89 76.35 -112.06
C ILE AA 214 -116.70 74.86 -112.33
N ALA AA 215 -116.98 74.45 -113.56
CA ALA AA 215 -116.95 73.04 -113.92
C ALA AA 215 -115.69 72.71 -114.68
N VAL AA 216 -115.17 71.50 -114.48
CA VAL AA 216 -114.00 71.01 -115.20
C VAL AA 216 -114.48 70.38 -116.49
N MET AA 217 -114.00 70.92 -117.61
CA MET AA 217 -114.34 70.41 -118.92
C MET AA 217 -113.19 69.56 -119.42
N LYS AA 218 -113.53 68.46 -120.08
CA LYS AA 218 -112.55 67.70 -120.84
C LYS AA 218 -112.63 68.15 -122.28
N ASP AA 219 -111.52 68.62 -122.84
CA ASP AA 219 -111.49 69.16 -124.20
C ASP AA 219 -111.74 68.03 -125.19
N VAL AA 220 -112.91 68.00 -125.79
CA VAL AA 220 -113.28 66.93 -126.72
C VAL AA 220 -113.97 67.53 -127.93
N TYR AA 221 -113.87 66.85 -129.07
CA TYR AA 221 -114.59 67.27 -130.25
C TYR AA 221 -115.99 66.66 -130.27
N HIS AA 222 -116.89 67.33 -130.96
CA HIS AA 222 -118.23 66.80 -131.13
C HIS AA 222 -118.24 65.71 -132.18
N GLU AA 223 -118.76 64.53 -131.82
CA GLU AA 223 -118.76 63.42 -132.74
C GLU AA 223 -119.80 63.63 -133.83
N VAL AA 224 -119.51 63.08 -135.02
CA VAL AA 224 -120.44 63.21 -136.12
C VAL AA 224 -121.75 62.49 -135.82
N SER AA 225 -121.65 61.27 -135.27
CA SER AA 225 -122.84 60.47 -134.99
C SER AA 225 -123.06 60.25 -133.50
N GLY AA 226 -122.47 61.07 -132.63
CA GLY AA 226 -122.63 60.87 -131.21
C GLY AA 226 -124.01 61.27 -130.73
N VAL AA 227 -124.51 60.55 -129.72
CA VAL AA 227 -125.78 60.90 -129.11
C VAL AA 227 -125.62 62.07 -128.15
N LYS AA 228 -124.49 62.14 -127.46
CA LYS AA 228 -124.21 63.19 -126.49
C LYS AA 228 -122.74 63.54 -126.56
N MET AA 229 -122.40 64.74 -126.09
CA MET AA 229 -121.00 65.15 -126.02
C MET AA 229 -120.29 64.36 -124.94
N ASP AA 230 -119.21 63.67 -125.32
CA ASP AA 230 -118.49 62.79 -124.42
C ASP AA 230 -117.50 63.58 -123.56
N ASN AA 231 -118.06 64.42 -122.71
CA ASN AA 231 -117.29 65.34 -121.88
C ASN AA 231 -117.57 65.01 -120.42
N GLU AA 232 -116.52 64.69 -119.67
CA GLU AA 232 -116.69 64.35 -118.26
C GLU AA 232 -116.83 65.63 -117.44
N GLU AA 233 -118.02 66.19 -117.52
CA GLU AA 233 -118.31 67.48 -116.90
C GLU AA 233 -118.52 67.30 -115.41
N VAL AA 234 -117.58 67.78 -114.60
CA VAL AA 234 -117.62 67.61 -113.15
C VAL AA 234 -117.35 68.94 -112.47
N ASN AA 235 -117.87 69.07 -111.26
CA ASN AA 235 -117.66 70.27 -110.47
C ASN AA 235 -116.22 70.33 -109.95
N MET AA 236 -115.64 71.53 -110.02
CA MET AA 236 -114.30 71.71 -109.46
C MET AA 236 -114.23 71.31 -108.01
N VAL AA 237 -115.35 71.44 -107.28
CA VAL AA 237 -115.34 71.11 -105.85
C VAL AA 237 -114.92 69.66 -105.65
N GLU AA 238 -115.33 68.78 -106.57
CA GLU AA 238 -114.99 67.37 -106.45
C GLU AA 238 -113.50 67.15 -106.43
N ALA AA 239 -112.71 68.04 -107.05
CA ALA AA 239 -111.27 67.84 -107.08
C ALA AA 239 -110.65 67.86 -105.69
N TYR AA 240 -111.36 68.37 -104.69
CA TYR AA 240 -110.82 68.37 -103.34
C TYR AA 240 -110.75 66.95 -102.78
N ARG AA 241 -111.68 66.09 -103.18
CA ARG AA 241 -111.71 64.71 -102.76
C ARG AA 241 -111.05 63.77 -103.77
N ASP AA 242 -111.25 64.02 -105.06
CA ASP AA 242 -110.76 63.17 -106.13
C ASP AA 242 -110.00 64.01 -107.14
N PRO AA 243 -108.77 64.43 -106.83
CA PRO AA 243 -108.04 65.32 -107.74
C PRO AA 243 -107.70 64.70 -109.08
N SER AA 244 -107.83 63.38 -109.23
CA SER AA 244 -107.45 62.74 -110.47
C SER AA 244 -108.25 63.25 -111.66
N ILE AA 245 -109.40 63.88 -111.41
CA ILE AA 245 -110.20 64.42 -112.50
C ILE AA 245 -109.45 65.53 -113.22
N LEU AA 246 -108.40 66.05 -112.59
CA LEU AA 246 -107.63 67.13 -113.18
C LEU AA 246 -106.40 66.64 -113.94
N ASP AA 247 -106.08 65.36 -113.86
CA ASP AA 247 -104.87 64.87 -114.49
C ASP AA 247 -104.91 65.03 -115.99
N ASP AA 248 -103.78 65.43 -116.57
CA ASP AA 248 -103.66 65.70 -117.99
C ASP AA 248 -102.27 65.31 -118.46
N GLU AA 249 -102.22 64.33 -119.35
CA GLU AA 249 -100.96 63.83 -119.90
C GLU AA 249 -100.85 64.10 -121.39
N SER AA 250 -101.64 65.04 -121.92
CA SER AA 250 -101.61 65.30 -123.34
C SER AA 250 -100.27 65.86 -123.80
N ILE AA 251 -99.46 66.34 -122.85
CA ILE AA 251 -98.15 66.88 -123.22
C ILE AA 251 -97.22 65.75 -123.63
N ALA AA 252 -97.55 64.51 -123.27
CA ALA AA 252 -96.63 63.39 -123.43
C ALA AA 252 -96.33 63.14 -124.90
N LEU AA 253 -95.11 62.71 -125.18
CA LEU AA 253 -94.68 62.29 -126.50
C LEU AA 253 -94.69 60.77 -126.55
N ILE AA 254 -95.66 60.21 -127.28
CA ILE AA 254 -95.86 58.77 -127.33
C ILE AA 254 -95.65 58.29 -128.77
N PRO AA 255 -94.61 57.52 -129.04
CA PRO AA 255 -94.47 56.94 -130.38
C PRO AA 255 -95.71 56.13 -130.74
N ALA AA 256 -96.16 56.29 -131.97
CA ALA AA 256 -97.42 55.70 -132.39
C ALA AA 256 -97.26 55.01 -133.74
N LEU AA 257 -98.04 53.95 -133.94
CA LEU AA 257 -97.98 53.23 -135.19
C LEU AA 257 -98.87 53.91 -136.24
N ASP AA 258 -98.33 54.07 -137.43
CA ASP AA 258 -99.14 54.51 -138.55
C ASP AA 258 -100.12 53.42 -138.93
N PRO AA 259 -101.42 53.68 -138.95
CA PRO AA 259 -102.37 52.65 -139.41
C PRO AA 259 -102.01 52.04 -140.74
N ALA AA 260 -101.30 52.79 -141.59
CA ALA AA 260 -100.89 52.25 -142.88
C ALA AA 260 -99.67 51.33 -142.76
N GLY AA 261 -99.03 51.31 -141.60
CA GLY AA 261 -97.82 50.52 -141.41
C GLY AA 261 -96.55 51.16 -141.91
N SER AA 262 -96.60 52.44 -142.30
CA SER AA 262 -95.43 53.06 -142.93
C SER AA 262 -94.23 53.09 -141.98
N ASN AA 263 -94.48 53.16 -140.67
CA ASN AA 263 -93.42 53.23 -139.68
C ASN AA 263 -93.38 52.00 -138.79
N ALA AA 264 -93.98 50.89 -139.23
CA ALA AA 264 -94.01 49.70 -138.39
C ALA AA 264 -92.61 49.18 -138.11
N ASP AA 265 -91.65 49.43 -139.01
CA ASP AA 265 -90.32 48.86 -138.87
C ASP AA 265 -89.54 49.44 -137.69
N PHE AA 266 -90.05 50.48 -137.03
CA PHE AA 266 -89.34 51.04 -135.89
C PHE AA 266 -89.75 50.40 -134.57
N PHE AA 267 -90.80 49.56 -134.57
CA PHE AA 267 -91.42 49.06 -133.37
C PHE AA 267 -91.14 47.58 -133.21
N VAL AA 268 -91.21 47.10 -131.97
CA VAL AA 268 -90.89 45.71 -131.71
C VAL AA 268 -91.90 44.81 -132.42
N ASP AA 269 -91.40 43.73 -132.98
CA ASP AA 269 -92.24 42.77 -133.68
C ASP AA 269 -93.47 42.45 -132.82
N PRO AA 270 -94.69 42.64 -133.34
CA PRO AA 270 -95.87 42.32 -132.52
C PRO AA 270 -95.86 40.91 -131.98
N ALA AA 271 -95.10 40.01 -132.60
CA ALA AA 271 -95.05 38.64 -132.11
C ALA AA 271 -94.51 38.59 -130.68
N LEU AA 272 -93.63 39.52 -130.33
CA LEU AA 272 -93.04 39.52 -128.99
C LEU AA 272 -93.87 40.35 -128.02
N VAL AA 273 -94.31 41.53 -128.45
CA VAL AA 273 -95.13 42.40 -127.61
C VAL AA 273 -96.29 42.93 -128.43
N PRO AA 274 -97.53 42.71 -127.99
CA PRO AA 274 -98.68 43.18 -128.75
C PRO AA 274 -98.84 44.69 -128.63
N PRO AA 275 -99.30 45.35 -129.68
CA PRO AA 275 -99.65 46.77 -129.55
C PRO AA 275 -100.83 46.97 -128.62
N TYR AA 276 -100.88 48.14 -127.99
CA TYR AA 276 -102.00 48.52 -127.13
C TYR AA 276 -102.42 49.94 -127.46
N THR AA 277 -103.70 50.24 -127.23
CA THR AA 277 -104.23 51.55 -127.56
C THR AA 277 -104.25 52.47 -126.34
N ILE AA 278 -104.15 53.76 -126.60
CA ILE AA 278 -104.30 54.79 -125.59
C ILE AA 278 -105.37 55.78 -126.05
N LYS AA 279 -106.37 56.01 -125.21
CA LYS AA 279 -107.40 57.00 -125.47
C LYS AA 279 -107.07 58.27 -124.69
N ASN AA 280 -106.75 59.33 -125.40
CA ASN AA 280 -106.26 60.54 -124.77
C ASN AA 280 -107.44 61.37 -124.23
N GLU AA 281 -107.11 62.55 -123.68
CA GLU AA 281 -108.15 63.38 -123.10
C GLU AA 281 -109.16 63.83 -124.15
N GLN AA 282 -108.74 64.01 -125.39
CA GLN AA 282 -109.67 64.43 -126.43
C GLN AA 282 -110.47 63.28 -127.01
N ASN AA 283 -110.40 62.09 -126.43
CA ASN AA 283 -111.09 60.89 -126.92
C ASN AA 283 -110.56 60.46 -128.28
N LEU AA 284 -109.33 60.82 -128.61
CA LEU AA 284 -108.69 60.44 -129.85
C LEU AA 284 -107.71 59.30 -129.55
N THR AA 285 -108.03 58.12 -130.06
CA THR AA 285 -107.24 56.92 -129.75
C THR AA 285 -106.10 56.77 -130.74
N ILE AA 286 -104.93 56.40 -130.21
CA ILE AA 286 -103.78 56.04 -131.03
C ILE AA 286 -103.27 54.67 -130.60
N THR AA 287 -102.65 53.96 -131.53
CA THR AA 287 -102.07 52.65 -131.25
C THR AA 287 -100.56 52.80 -131.07
N THR AA 288 -100.04 52.31 -129.93
CA THR AA 288 -98.63 52.43 -129.59
C THR AA 288 -98.09 51.06 -129.22
N ALA AA 289 -96.80 50.83 -129.48
CA ALA AA 289 -96.13 49.63 -129.05
C ALA AA 289 -94.74 49.97 -128.57
N PRO AA 290 -94.15 49.13 -127.72
CA PRO AA 290 -92.76 49.38 -127.30
C PRO AA 290 -91.86 49.60 -128.51
N LEU AA 291 -91.03 50.62 -128.41
CA LEU AA 291 -90.22 51.02 -129.54
C LEU AA 291 -88.97 50.16 -129.63
N LYS AA 292 -88.60 49.75 -130.83
CA LYS AA 292 -87.55 48.75 -131.01
C LYS AA 292 -86.19 49.36 -130.72
N ALA AA 293 -85.35 48.62 -130.00
CA ALA AA 293 -83.99 49.08 -129.74
C ALA AA 293 -83.14 48.91 -131.00
N ASN AA 294 -82.05 49.67 -131.06
CA ASN AA 294 -81.11 49.62 -132.18
C ASN AA 294 -81.78 50.14 -133.45
N VAL AA 295 -82.45 51.30 -133.33
CA VAL AA 295 -83.08 51.95 -134.46
C VAL AA 295 -82.64 53.41 -134.49
N ARG AA 296 -82.78 54.03 -135.66
CA ARG AA 296 -82.66 55.48 -135.82
C ARG AA 296 -83.94 55.97 -136.47
N LEU AA 297 -84.63 56.91 -135.81
CA LEU AA 297 -85.92 57.39 -136.28
C LEU AA 297 -86.07 58.87 -135.99
N ASP AA 298 -87.00 59.51 -136.69
CA ASP AA 298 -87.47 60.84 -136.33
C ASP AA 298 -88.49 60.68 -135.22
N LEU AA 299 -88.03 60.97 -134.00
CA LEU AA 299 -88.82 60.69 -132.81
C LEU AA 299 -90.10 61.52 -132.73
N MET AA 300 -90.03 62.80 -133.07
CA MET AA 300 -91.25 63.59 -133.13
C MET AA 300 -92.10 63.23 -134.33
N GLY AA 301 -91.46 62.95 -135.47
CA GLY AA 301 -92.22 62.60 -136.66
C GLY AA 301 -93.04 61.34 -136.47
N ASN AA 302 -92.54 60.41 -135.68
CA ASN AA 302 -93.24 59.17 -135.42
C ASN AA 302 -94.08 59.23 -134.14
N SER AA 303 -94.19 60.40 -133.52
CA SER AA 303 -94.95 60.54 -132.30
C SER AA 303 -96.43 60.66 -132.60
N ASN AA 304 -97.26 60.41 -131.57
CA ASN AA 304 -98.68 60.58 -131.74
C ASN AA 304 -99.02 61.99 -132.19
N ALA AA 305 -98.20 62.97 -131.80
CA ALA AA 305 -98.53 64.36 -132.11
C ALA AA 305 -98.60 64.62 -133.61
N ASN AA 306 -97.82 63.89 -134.40
CA ASN AA 306 -97.74 64.20 -135.82
C ASN AA 306 -98.89 63.59 -136.60
N LEU AA 307 -99.60 62.62 -136.05
CA LEU AA 307 -100.69 61.98 -136.75
C LEU AA 307 -101.96 61.87 -135.91
N LEU AA 308 -102.06 62.62 -134.82
CA LEU AA 308 -103.20 62.53 -133.92
C LEU AA 308 -104.45 63.07 -134.58
N ILE AA 309 -104.38 64.28 -135.15
CA ILE AA 309 -105.51 64.86 -135.88
C ILE AA 309 -105.28 64.89 -137.38
N GLN AA 310 -104.09 65.30 -137.82
CA GLN AA 310 -103.72 65.23 -139.23
C GLN AA 310 -102.35 64.59 -139.32
N ARG AA 311 -102.04 64.02 -140.47
CA ARG AA 311 -100.83 63.22 -140.60
C ARG AA 311 -99.57 64.06 -140.71
N GLY AA 312 -99.66 65.38 -140.76
CA GLY AA 312 -98.46 66.19 -140.88
C GLY AA 312 -98.48 67.47 -140.09
N MET AA 313 -99.05 67.44 -138.89
CA MET AA 313 -99.33 68.66 -138.14
C MET AA 313 -98.08 69.11 -137.40
N LEU AA 314 -97.06 68.25 -137.39
CA LEU AA 314 -95.80 68.52 -136.74
C LEU AA 314 -95.08 69.63 -137.49
N GLU AA 315 -94.52 70.59 -136.75
CA GLU AA 315 -93.77 71.66 -137.38
C GLU AA 315 -92.49 71.92 -136.61
N VAL AA 316 -91.69 72.86 -137.11
CA VAL AA 316 -90.40 73.18 -136.49
C VAL AA 316 -90.60 73.77 -135.11
N SER AA 317 -91.76 74.37 -134.85
CA SER AA 317 -92.04 74.94 -133.54
C SER AA 317 -92.14 73.88 -132.45
N ASP AA 318 -92.35 72.62 -132.84
CA ASP AA 318 -92.42 71.55 -131.86
C ASP AA 318 -91.03 71.09 -131.44
N THR AA 319 -90.78 71.11 -130.14
CA THR AA 319 -89.50 70.76 -129.56
C THR AA 319 -89.71 69.80 -128.39
N ILE AA 320 -88.66 69.06 -128.05
CA ILE AA 320 -88.74 68.05 -127.01
C ILE AA 320 -88.26 68.65 -125.70
N ASP AA 321 -88.94 68.30 -124.62
CA ASP AA 321 -88.55 68.78 -123.30
C ASP AA 321 -87.29 68.06 -122.85
N PRO AA 322 -86.22 68.79 -122.51
CA PRO AA 322 -85.00 68.13 -122.03
C PRO AA 322 -85.23 67.18 -120.88
N ALA AA 323 -86.26 67.41 -120.06
CA ALA AA 323 -86.47 66.60 -118.87
C ALA AA 323 -87.22 65.33 -119.26
N GLY AA 324 -86.48 64.38 -119.82
CA GLY AA 324 -87.04 63.11 -120.23
C GLY AA 324 -86.43 61.97 -119.42
N ARG AA 325 -86.96 60.77 -119.66
CA ARG AA 325 -86.56 59.60 -118.92
C ARG AA 325 -86.67 58.37 -119.82
N LEU AA 326 -85.92 57.33 -119.45
CA LEU AA 326 -86.14 55.98 -119.99
C LEU AA 326 -87.20 55.30 -119.14
N LYS AA 327 -88.40 55.14 -119.71
CA LYS AA 327 -89.55 54.75 -118.90
C LYS AA 327 -89.60 53.25 -118.67
N ASN AA 328 -89.48 52.46 -119.72
CA ASN AA 328 -89.55 51.01 -119.62
C ASN AA 328 -88.44 50.39 -120.46
N LEU AA 329 -87.97 49.22 -120.02
CA LEU AA 329 -86.99 48.47 -120.78
C LEU AA 329 -87.48 47.04 -120.94
N PHE AA 330 -87.50 46.54 -122.17
CA PHE AA 330 -88.12 45.26 -122.50
C PHE AA 330 -87.03 44.27 -122.90
N VAL AA 331 -86.92 43.19 -122.12
CA VAL AA 331 -85.89 42.18 -122.34
C VAL AA 331 -86.55 40.90 -122.81
N LEU AA 332 -85.96 40.27 -123.81
CA LEU AA 332 -86.40 38.95 -124.26
C LEU AA 332 -85.70 37.89 -123.43
N LEU AA 333 -86.48 37.14 -122.65
CA LEU AA 333 -85.93 36.19 -121.68
C LEU AA 333 -86.55 34.83 -121.94
N GLY AA 334 -85.78 33.93 -122.55
CA GLY AA 334 -86.24 32.57 -122.78
C GLY AA 334 -87.37 32.47 -123.78
N GLY AA 335 -87.42 33.38 -124.75
CA GLY AA 335 -88.44 33.38 -125.77
C GLY AA 335 -89.64 34.26 -125.48
N LYS AA 336 -89.78 34.78 -124.26
CA LYS AA 336 -90.89 35.64 -123.88
C LYS AA 336 -90.35 36.89 -123.22
N VAL AA 337 -91.11 37.97 -123.30
CA VAL AA 337 -90.63 39.29 -122.93
C VAL AA 337 -90.98 39.58 -121.47
N VAL AA 338 -90.02 40.19 -120.77
CA VAL AA 338 -90.20 40.68 -119.41
C VAL AA 338 -90.04 42.18 -119.42
N LYS AA 339 -90.99 42.90 -118.83
CA LYS AA 339 -90.94 44.36 -118.79
C LYS AA 339 -90.32 44.81 -117.48
N PHE AA 340 -89.34 45.70 -117.56
CA PHE AA 340 -88.72 46.30 -116.39
C PHE AA 340 -89.09 47.76 -116.27
N LYS AA 341 -89.46 48.17 -115.07
CA LYS AA 341 -89.86 49.55 -114.78
C LYS AA 341 -88.64 50.31 -114.30
N VAL AA 342 -88.05 51.12 -115.18
CA VAL AA 342 -86.79 51.78 -114.91
C VAL AA 342 -86.94 53.30 -114.99
N ASP AA 343 -88.17 53.79 -114.82
CA ASP AA 343 -88.47 55.17 -115.21
C ASP AA 343 -87.68 56.18 -114.39
N ARG AA 344 -87.69 56.06 -113.06
CA ARG AA 344 -87.11 57.11 -112.25
C ARG AA 344 -85.80 56.71 -111.60
N LEU AA 345 -85.13 55.68 -112.08
CA LEU AA 345 -83.81 55.34 -111.54
C LEU AA 345 -82.86 56.49 -111.86
N PRO AA 346 -81.85 56.75 -111.01
CA PRO AA 346 -80.93 57.86 -111.28
C PRO AA 346 -80.31 57.84 -112.66
N ARG AA 347 -80.10 56.68 -113.26
CA ARG AA 347 -79.47 56.60 -114.57
C ARG AA 347 -80.45 56.70 -115.72
N ALA AA 348 -81.75 56.80 -115.44
CA ALA AA 348 -82.74 56.83 -116.51
C ALA AA 348 -83.01 58.23 -117.05
N VAL AA 349 -82.43 59.27 -116.46
CA VAL AA 349 -82.74 60.63 -116.88
C VAL AA 349 -81.95 61.00 -118.13
N PHE AA 350 -82.48 61.96 -118.89
CA PHE AA 350 -81.75 62.54 -120.01
C PHE AA 350 -80.64 63.46 -119.52
N GLN AA 351 -79.48 63.37 -120.17
CA GLN AA 351 -78.35 64.20 -119.83
C GLN AA 351 -78.01 65.08 -121.03
N PRO AA 352 -77.47 66.28 -120.80
CA PRO AA 352 -76.99 67.08 -121.93
C PRO AA 352 -75.82 66.42 -122.63
N ASP AA 353 -75.78 66.52 -123.95
CA ASP AA 353 -74.68 65.99 -124.73
C ASP AA 353 -73.62 67.07 -124.88
N LEU AA 354 -72.44 66.81 -124.28
CA LEU AA 354 -71.43 67.87 -124.18
C LEU AA 354 -70.81 68.18 -125.53
N VAL AA 355 -70.66 67.17 -126.39
CA VAL AA 355 -69.97 67.31 -127.66
C VAL AA 355 -70.99 67.23 -128.77
N GLY AA 356 -71.05 68.27 -129.60
CA GLY AA 356 -72.04 68.37 -130.66
C GLY AA 356 -72.99 69.53 -130.43
N ASP AA 357 -74.18 69.41 -131.02
CA ASP AA 357 -75.17 70.48 -130.91
C ASP AA 357 -75.59 70.67 -129.46
N THR AA 358 -75.77 71.92 -129.06
CA THR AA 358 -76.10 72.21 -127.67
C THR AA 358 -77.41 71.56 -127.25
N ARG AA 359 -78.33 71.32 -128.19
CA ARG AA 359 -79.65 70.82 -127.86
C ARG AA 359 -79.74 69.30 -127.92
N ASN AA 360 -78.62 68.62 -128.08
CA ASN AA 360 -78.63 67.15 -128.09
C ASN AA 360 -78.67 66.63 -126.67
N ALA AA 361 -79.50 65.62 -126.41
CA ALA AA 361 -79.51 64.93 -125.13
C ALA AA 361 -79.10 63.48 -125.31
N VAL AA 362 -78.39 62.95 -124.32
CA VAL AA 362 -77.80 61.62 -124.38
C VAL AA 362 -78.38 60.76 -123.27
N ILE AA 363 -78.63 59.50 -123.59
CA ILE AA 363 -79.09 58.51 -122.62
C ILE AA 363 -77.95 57.51 -122.37
N ARG AA 364 -77.63 57.32 -121.09
CA ARG AA 364 -76.62 56.34 -120.71
C ARG AA 364 -77.11 55.53 -119.54
N PHE AA 365 -77.87 54.48 -119.80
CA PHE AA 365 -78.49 53.65 -118.78
C PHE AA 365 -77.69 52.36 -118.65
N ASP AA 366 -77.04 52.18 -117.51
CA ASP AA 366 -76.17 51.04 -117.26
C ASP AA 366 -76.51 50.49 -115.88
N SER AA 367 -77.17 49.33 -115.85
CA SER AA 367 -77.71 48.79 -114.61
C SER AA 367 -77.55 47.29 -114.59
N ASP AA 368 -77.08 46.77 -113.45
CA ASP AA 368 -77.01 45.34 -113.20
C ASP AA 368 -77.99 44.90 -112.12
N ASP AA 369 -79.05 45.68 -111.88
CA ASP AA 369 -80.02 45.39 -110.83
C ASP AA 369 -81.34 44.90 -111.40
N LEU AA 370 -81.33 44.31 -112.59
CA LEU AA 370 -82.55 43.77 -113.15
C LEU AA 370 -82.81 42.39 -112.55
N VAL AA 371 -83.89 42.29 -111.80
CA VAL AA 371 -84.20 41.12 -111.00
C VAL AA 371 -85.25 40.28 -111.72
N VAL AA 372 -84.95 39.00 -111.88
CA VAL AA 372 -85.90 38.03 -112.41
C VAL AA 372 -85.98 36.88 -111.41
N SER AA 373 -87.19 36.52 -111.02
CA SER AA 373 -87.41 35.49 -110.01
C SER AA 373 -88.78 34.88 -110.25
N GLY AA 374 -89.13 33.88 -109.44
CA GLY AA 374 -90.41 33.22 -109.63
C GLY AA 374 -91.58 34.16 -109.47
N ASP AA 375 -91.39 35.26 -108.75
CA ASP AA 375 -92.47 36.21 -108.50
C ASP AA 375 -92.77 37.04 -109.74
N THR AA 376 -91.77 37.23 -110.62
CA THR AA 376 -91.96 38.05 -111.80
C THR AA 376 -92.79 37.32 -112.84
N THR AA 377 -93.40 38.08 -113.74
CA THR AA 377 -94.17 37.52 -114.84
C THR AA 377 -93.72 38.12 -116.16
N PHE AA 378 -94.07 37.44 -117.25
CA PHE AA 378 -93.82 37.97 -118.57
C PHE AA 378 -94.82 39.09 -118.89
N ILE AA 379 -94.58 39.78 -120.00
CA ILE AA 379 -95.44 40.91 -120.37
C ILE AA 379 -96.88 40.48 -120.51
N ASP AA 380 -97.13 39.23 -120.90
CA ASP AA 380 -98.50 38.77 -121.05
C ASP AA 380 -99.13 38.38 -119.73
N GLY AA 381 -98.40 38.46 -118.63
CA GLY AA 381 -98.91 38.11 -117.32
C GLY AA 381 -98.75 36.66 -116.95
N SER AA 382 -98.09 35.87 -117.79
CA SER AA 382 -97.88 34.45 -117.56
C SER AA 382 -96.50 34.25 -116.95
N ALA AA 383 -96.41 33.36 -115.97
CA ALA AA 383 -95.13 32.92 -115.42
C ALA AA 383 -94.83 31.53 -115.97
N ASP AA 384 -93.79 31.42 -116.80
CA ASP AA 384 -93.48 30.17 -117.47
C ASP AA 384 -91.99 30.10 -117.73
N GLY AA 385 -91.56 28.99 -118.33
CA GLY AA 385 -90.19 28.88 -118.78
C GLY AA 385 -89.19 29.10 -117.65
N VAL AA 386 -88.25 30.01 -117.86
CA VAL AA 386 -87.20 30.22 -116.86
C VAL AA 386 -87.80 30.66 -115.54
N ILE AA 387 -88.88 31.43 -115.59
CA ILE AA 387 -89.45 31.99 -114.36
C ILE AA 387 -89.89 30.87 -113.43
N ASN AA 388 -90.57 29.86 -113.98
CA ASN AA 388 -91.03 28.75 -113.15
C ASN AA 388 -89.86 27.91 -112.66
N ASP AA 389 -88.81 27.78 -113.47
CA ASP AA 389 -87.63 27.06 -113.03
C ASP AA 389 -86.92 27.79 -111.90
N LEU AA 390 -86.91 29.13 -111.96
CA LEU AA 390 -86.36 29.91 -110.86
C LEU AA 390 -87.17 29.70 -109.59
N LYS AA 391 -88.50 29.64 -109.71
CA LYS AA 391 -89.34 29.40 -108.55
C LYS AA 391 -89.07 28.04 -107.93
N THR AA 392 -88.97 27.00 -108.76
CA THR AA 392 -88.72 25.67 -108.23
C THR AA 392 -87.34 25.56 -107.61
N ALA AA 393 -86.33 26.13 -108.27
CA ALA AA 393 -84.95 26.03 -107.80
C ALA AA 393 -84.61 27.05 -106.73
N LYS AA 394 -85.55 27.94 -106.37
CA LYS AA 394 -85.30 29.01 -105.40
C LYS AA 394 -84.09 29.85 -105.79
N LEU AA 395 -84.05 30.25 -107.06
CA LEU AA 395 -82.97 31.04 -107.63
C LEU AA 395 -83.51 32.41 -108.01
N SER AA 396 -82.63 33.41 -107.97
CA SER AA 396 -82.93 34.74 -108.46
C SER AA 396 -81.78 35.21 -109.32
N LEU AA 397 -82.10 35.87 -110.44
CA LEU AA 397 -81.12 36.30 -111.42
C LEU AA 397 -80.87 37.78 -111.26
N ARG AA 398 -79.65 38.22 -111.52
CA ARG AA 398 -79.36 39.63 -111.67
C ARG AA 398 -78.84 39.85 -113.09
N LEU AA 399 -79.57 40.63 -113.88
CA LEU AA 399 -79.25 40.86 -115.27
C LEU AA 399 -78.57 42.21 -115.43
N SER AA 400 -77.63 42.28 -116.37
CA SER AA 400 -76.91 43.51 -116.65
C SER AA 400 -77.26 43.93 -118.08
N VAL AA 401 -77.79 45.14 -118.22
CA VAL AA 401 -78.15 45.65 -119.53
C VAL AA 401 -77.53 47.04 -119.70
N GLY AA 402 -77.41 47.45 -120.95
CA GLY AA 402 -76.96 48.79 -121.27
C GLY AA 402 -77.78 49.36 -122.40
N PHE AA 403 -78.37 50.53 -122.17
CA PHE AA 403 -79.17 51.21 -123.17
C PHE AA 403 -78.66 52.63 -123.33
N GLY AA 404 -78.44 53.04 -124.57
CA GLY AA 404 -77.99 54.39 -124.83
C GLY AA 404 -78.56 54.96 -126.12
N GLY AA 405 -78.50 56.27 -126.27
CA GLY AA 405 -78.97 56.90 -127.49
C GLY AA 405 -78.80 58.40 -127.41
N THR AA 406 -78.92 59.06 -128.55
CA THR AA 406 -78.87 60.52 -128.61
C THR AA 406 -80.13 61.04 -129.27
N ILE AA 407 -80.73 62.07 -128.66
CA ILE AA 407 -81.93 62.70 -129.18
C ILE AA 407 -81.61 64.15 -129.47
N SER AA 408 -81.85 64.58 -130.70
CA SER AA 408 -81.76 65.99 -131.06
C SER AA 408 -83.06 66.66 -130.68
N LEU AA 409 -83.03 67.41 -129.58
CA LEU AA 409 -84.26 67.92 -128.97
C LEU AA 409 -84.99 68.89 -129.89
N SER AA 410 -84.26 69.61 -130.72
CA SER AA 410 -84.90 70.59 -131.60
C SER AA 410 -85.38 69.95 -132.89
N LYS AA 411 -84.75 68.87 -133.33
CA LYS AA 411 -85.03 68.30 -134.64
C LYS AA 411 -85.80 66.99 -134.58
N GLY AA 412 -85.72 66.26 -133.48
CA GLY AA 412 -86.36 64.95 -133.41
C GLY AA 412 -85.55 63.80 -133.95
N ASP AA 413 -84.33 64.04 -134.42
CA ASP AA 413 -83.50 62.98 -134.95
C ASP AA 413 -82.83 62.24 -133.81
N SER AA 414 -83.17 60.97 -133.65
CA SER AA 414 -82.72 60.19 -132.51
C SER AA 414 -82.16 58.86 -132.99
N LYS AA 415 -81.15 58.39 -132.27
CA LYS AA 415 -80.51 57.10 -132.54
C LYS AA 415 -80.32 56.36 -131.23
N PHE AA 416 -80.75 55.11 -131.19
CA PHE AA 416 -80.73 54.31 -129.98
C PHE AA 416 -79.94 53.04 -130.22
N GLY AA 417 -79.35 52.51 -129.15
CA GLY AA 417 -78.66 51.25 -129.23
C GLY AA 417 -78.65 50.50 -127.91
N ALA AA 418 -78.60 49.18 -127.96
CA ALA AA 418 -78.57 48.36 -126.76
C ALA AA 418 -77.27 47.56 -126.74
N THR AA 419 -76.69 47.40 -125.56
CA THR AA 419 -75.50 46.59 -125.40
C THR AA 419 -75.89 45.13 -125.20
N ASP AA 420 -74.88 44.26 -125.22
CA ASP AA 420 -75.10 42.85 -124.90
C ASP AA 420 -75.60 42.70 -123.47
N THR AA 421 -76.51 41.74 -123.28
CA THR AA 421 -77.12 41.46 -121.99
C THR AA 421 -76.43 40.27 -121.33
N TYR AA 422 -76.07 40.43 -120.07
CA TYR AA 422 -75.37 39.41 -119.30
C TYR AA 422 -76.19 39.03 -118.07
N VAL AA 423 -76.00 37.81 -117.61
CA VAL AA 423 -76.49 37.38 -116.30
C VAL AA 423 -75.33 37.56 -115.32
N ASP AA 424 -75.37 38.64 -114.55
CA ASP AA 424 -74.21 39.02 -113.75
C ASP AA 424 -74.03 38.11 -112.54
N LYS AA 425 -75.12 37.79 -111.86
CA LYS AA 425 -75.08 36.94 -110.67
C LYS AA 425 -76.28 36.03 -110.66
N VAL AA 426 -76.11 34.85 -110.05
CA VAL AA 426 -77.23 33.98 -109.72
C VAL AA 426 -77.22 33.78 -108.22
N LEU AA 427 -78.32 34.16 -107.56
CA LEU AA 427 -78.38 34.18 -106.11
C LEU AA 427 -79.45 33.21 -105.62
N ASN AA 428 -79.28 32.75 -104.38
CA ASN AA 428 -80.29 31.97 -103.69
C ASN AA 428 -81.19 32.92 -102.91
N GLU AA 429 -82.20 32.39 -102.22
CA GLU AA 429 -83.10 33.24 -101.46
C GLU AA 429 -82.38 33.88 -100.27
N ASP AA 430 -81.28 33.29 -99.83
CA ASP AA 430 -80.53 33.86 -98.71
C ASP AA 430 -79.65 35.03 -99.13
N GLY AA 431 -79.63 35.37 -100.41
CA GLY AA 431 -78.84 36.47 -100.90
C GLY AA 431 -77.40 36.13 -101.22
N GLN AA 432 -77.06 34.86 -101.26
CA GLN AA 432 -75.69 34.43 -101.55
C GLN AA 432 -75.53 34.15 -103.03
N VAL AA 433 -74.37 34.50 -103.58
CA VAL AA 433 -74.07 34.18 -104.96
C VAL AA 433 -73.51 32.76 -105.04
N MET AA 434 -73.99 32.01 -106.03
CA MET AA 434 -73.55 30.63 -106.20
C MET AA 434 -72.84 30.48 -107.52
N ASP AA 435 -72.05 29.43 -107.63
CA ASP AA 435 -71.35 29.13 -108.88
C ASP AA 435 -72.34 28.72 -109.97
N ASN AA 436 -71.94 28.93 -111.21
CA ASN AA 436 -72.78 28.62 -112.35
C ASN AA 436 -72.70 27.15 -112.77
N ALA AA 437 -71.85 26.37 -112.11
CA ALA AA 437 -71.74 24.94 -112.43
C ALA AA 437 -72.87 24.11 -111.83
N ASP AA 438 -73.64 24.67 -110.91
CA ASP AA 438 -74.72 23.93 -110.30
C ASP AA 438 -75.69 23.44 -111.38
N PRO AA 439 -76.05 22.16 -111.39
CA PRO AA 439 -76.97 21.67 -112.45
C PRO AA 439 -78.23 22.51 -112.60
N ALA AA 440 -78.78 23.02 -111.48
CA ALA AA 440 -80.00 23.81 -111.58
C ALA AA 440 -79.73 25.16 -112.23
N VAL AA 441 -78.57 25.76 -111.92
CA VAL AA 441 -78.24 27.05 -112.51
C VAL AA 441 -77.86 26.90 -113.97
N LYS AA 442 -77.07 25.88 -114.28
CA LYS AA 442 -76.67 25.67 -115.67
C LYS AA 442 -77.87 25.45 -116.58
N ALA AA 443 -78.88 24.72 -116.10
CA ALA AA 443 -80.04 24.44 -116.94
C ALA AA 443 -80.73 25.72 -117.38
N ILE AA 444 -80.94 26.63 -116.43
CA ILE AA 444 -81.65 27.88 -116.74
C ILE AA 444 -80.77 28.80 -117.56
N LEU AA 445 -79.46 28.76 -117.32
CA LEU AA 445 -78.55 29.57 -118.13
C LEU AA 445 -78.53 29.12 -119.58
N ASP AA 446 -78.65 27.82 -119.82
CA ASP AA 446 -78.76 27.34 -121.20
C ASP AA 446 -80.05 27.82 -121.85
N GLN AA 447 -81.14 27.91 -121.07
CA GLN AA 447 -82.36 28.49 -121.62
C GLN AA 447 -82.17 29.95 -122.03
N LEU AA 448 -81.31 30.68 -121.31
CA LEU AA 448 -81.05 32.08 -121.63
C LEU AA 448 -80.00 32.20 -122.74
N THR AA 449 -80.30 31.54 -123.86
CA THR AA 449 -79.43 31.65 -125.01
C THR AA 449 -79.75 32.91 -125.82
N ASP AA 450 -81.01 33.33 -125.82
CA ASP AA 450 -81.44 34.47 -126.62
C ASP AA 450 -81.73 35.69 -125.77
N LEU AA 451 -80.99 35.84 -124.67
CA LEU AA 451 -81.24 36.94 -123.76
C LEU AA 451 -80.73 38.25 -124.35
N ALA AA 452 -81.64 39.19 -124.57
CA ALA AA 452 -81.28 40.46 -125.19
C ALA AA 452 -82.34 41.50 -124.88
N VAL AA 453 -81.94 42.77 -125.00
CA VAL AA 453 -82.86 43.89 -124.92
C VAL AA 453 -83.45 44.11 -126.31
N ILE AA 454 -84.77 44.13 -126.41
CA ILE AA 454 -85.46 44.21 -127.68
C ILE AA 454 -86.12 45.56 -127.90
N GLY AA 455 -86.65 46.17 -126.83
CA GLY AA 455 -87.47 47.36 -126.98
C GLY AA 455 -87.33 48.27 -125.78
N PHE AA 456 -87.97 49.43 -125.88
CA PHE AA 456 -87.98 50.38 -124.79
C PHE AA 456 -89.14 51.34 -124.99
N GLU AA 457 -89.46 52.08 -123.93
CA GLU AA 457 -90.38 53.19 -123.99
C GLU AA 457 -89.79 54.38 -123.24
N LEU AA 458 -90.08 55.59 -123.70
CA LEU AA 458 -89.60 56.79 -123.06
C LEU AA 458 -90.72 57.52 -122.34
N ASP AA 459 -90.33 58.37 -121.39
CA ASP AA 459 -91.22 59.33 -120.75
C ASP AA 459 -91.09 60.70 -121.41
N THR AA 460 -90.68 60.74 -122.69
CA THR AA 460 -90.48 62.02 -123.35
C THR AA 460 -91.81 62.76 -123.46
N ARG AA 461 -91.74 64.08 -123.30
CA ARG AA 461 -92.88 64.95 -123.46
C ARG AA 461 -92.48 66.16 -124.28
N PHE AA 462 -93.47 66.81 -124.87
CA PHE AA 462 -93.19 68.04 -125.58
C PHE AA 462 -93.11 69.19 -124.60
N THR AA 463 -92.63 70.32 -125.07
CA THR AA 463 -92.79 71.59 -124.40
C THR AA 463 -93.86 72.39 -125.14
N ASN AA 464 -94.83 72.92 -124.39
CA ASN AA 464 -95.94 73.65 -124.99
C ASN AA 464 -95.58 75.11 -125.18
N THR AA 465 -94.51 75.34 -125.94
CA THR AA 465 -94.13 76.70 -126.30
C THR AA 465 -94.86 77.17 -127.54
N ASN AA 466 -95.36 76.24 -128.35
CA ASN AA 466 -96.22 76.61 -129.48
C ASN AA 466 -97.69 76.47 -129.15
N ARG AA 467 -98.04 76.18 -127.89
CA ARG AA 467 -99.43 76.07 -127.47
C ARG AA 467 -100.19 75.05 -128.30
N ARG AA 468 -99.53 73.93 -128.60
CA ARG AA 468 -100.20 72.85 -129.32
C ARG AA 468 -101.32 72.24 -128.48
N GLN AA 469 -101.07 72.02 -127.19
CA GLN AA 469 -102.00 71.33 -126.33
C GLN AA 469 -102.79 72.34 -125.50
N ARG AA 470 -104.11 72.25 -125.57
CA ARG AA 470 -104.99 73.10 -124.77
C ARG AA 470 -105.08 72.61 -123.33
N GLY AA 471 -105.04 71.29 -123.13
CA GLY AA 471 -105.32 70.72 -121.84
C GLY AA 471 -106.79 70.75 -121.49
N HIS AA 472 -107.07 70.65 -120.19
CA HIS AA 472 -108.43 70.77 -119.70
C HIS AA 472 -108.90 72.22 -119.71
N LEU AA 473 -110.21 72.40 -119.80
CA LEU AA 473 -110.84 73.71 -119.87
C LEU AA 473 -111.72 73.96 -118.66
N LEU AA 474 -111.88 75.22 -118.32
CA LEU AA 474 -112.76 75.65 -117.24
C LEU AA 474 -113.95 76.39 -117.84
N GLN AA 475 -115.16 76.03 -117.41
CA GLN AA 475 -116.36 76.66 -117.91
C GLN AA 475 -117.28 76.98 -116.73
N THR AA 476 -117.75 78.22 -116.67
CA THR AA 476 -118.70 78.59 -115.63
C THR AA 476 -120.06 78.00 -115.93
N ARG AA 477 -120.69 77.42 -114.91
CA ARG AA 477 -122.02 76.84 -115.04
C ARG AA 477 -122.85 77.26 -113.84
N ALA AA 478 -124.17 77.13 -113.98
CA ALA AA 478 -125.07 77.33 -112.85
C ALA AA 478 -126.30 76.46 -113.01
N LEU AA 479 -126.83 76.00 -111.88
CA LEU AA 479 -128.04 75.18 -111.83
C LEU AA 479 -129.09 75.89 -111.00
N GLN AA 480 -130.36 75.58 -111.26
CA GLN AA 480 -131.44 76.25 -110.55
C GLN AA 480 -132.35 75.24 -109.89
N PHE AA 481 -132.68 75.51 -108.62
CA PHE AA 481 -133.62 74.73 -107.83
C PHE AA 481 -134.83 75.58 -107.52
N ARG AA 482 -136.01 74.96 -107.47
CA ARG AA 482 -137.25 75.68 -107.22
C ARG AA 482 -138.06 74.99 -106.13
N HIS AA 483 -138.49 75.75 -105.13
CA HIS AA 483 -139.22 75.22 -103.98
C HIS AA 483 -140.45 76.08 -103.71
N PRO AA 484 -141.59 75.79 -104.32
CA PRO AA 484 -142.82 76.52 -104.00
C PRO AA 484 -143.46 76.02 -102.72
N ILE AA 485 -144.06 76.96 -101.98
CA ILE AA 485 -144.61 76.67 -100.66
C ILE AA 485 -146.10 76.35 -100.82
N PRO AA 486 -146.57 75.19 -100.38
CA PRO AA 486 -148.00 74.90 -100.46
C PRO AA 486 -148.78 75.42 -99.27
N MET AA 487 -150.10 75.44 -99.44
CA MET AA 487 -151.03 75.67 -98.35
C MET AA 487 -151.32 74.36 -97.64
N HIS AA 488 -151.62 74.42 -96.36
CA HIS AA 488 -151.99 73.22 -95.62
C HIS AA 488 -153.35 73.37 -94.98
N ALA AA 489 -153.96 72.22 -94.66
CA ALA AA 489 -155.33 72.21 -94.20
C ALA AA 489 -155.50 73.07 -92.94
N PRO AA 490 -156.58 73.81 -92.82
CA PRO AA 490 -156.76 74.69 -91.66
C PRO AA 490 -157.31 73.96 -90.45
N VAL AA 491 -157.36 74.63 -89.31
CA VAL AA 491 -158.10 74.15 -88.15
C VAL AA 491 -159.15 75.20 -87.80
N THR AA 492 -160.35 74.73 -87.47
CA THR AA 492 -161.52 75.59 -87.33
C THR AA 492 -162.03 75.57 -85.90
N LEU AA 493 -162.47 76.74 -85.43
CA LEU AA 493 -163.16 76.86 -84.14
C LEU AA 493 -164.61 77.24 -84.41
N PRO AA 494 -165.57 76.34 -84.26
CA PRO AA 494 -166.96 76.74 -84.44
C PRO AA 494 -167.46 77.55 -83.25
N MET AA 495 -168.40 78.45 -83.53
CA MET AA 495 -169.00 79.26 -82.49
C MET AA 495 -170.46 79.50 -82.82
N ASP AA 496 -171.25 79.70 -81.77
CA ASP AA 496 -172.66 80.02 -81.92
C ASP AA 496 -172.78 81.47 -82.39
N THR AA 497 -173.52 81.69 -83.48
CA THR AA 497 -173.62 83.04 -84.02
C THR AA 497 -174.41 83.96 -83.09
N MET AA 498 -175.17 83.39 -82.15
CA MET AA 498 -175.95 84.19 -81.23
C MET AA 498 -175.07 84.92 -80.22
N THR AA 499 -173.89 84.38 -79.92
CA THR AA 499 -173.05 84.95 -78.87
C THR AA 499 -172.21 86.09 -79.41
N ASP AA 500 -172.27 87.23 -78.72
CA ASP AA 500 -171.50 88.40 -79.10
C ASP AA 500 -170.18 88.51 -78.35
N GLU AA 501 -169.94 87.63 -77.38
CA GLU AA 501 -168.71 87.64 -76.60
C GLU AA 501 -167.74 86.67 -77.23
N GLY AA 502 -166.76 87.21 -77.95
CA GLY AA 502 -165.82 86.39 -78.66
C GLY AA 502 -165.06 85.51 -77.71
N PRO AA 503 -164.51 84.41 -78.20
CA PRO AA 503 -163.76 83.51 -77.32
C PRO AA 503 -162.55 84.24 -76.74
N GLY AA 504 -162.26 83.95 -75.49
CA GLY AA 504 -161.13 84.58 -74.85
C GLY AA 504 -159.82 83.83 -75.03
N GLU AA 505 -159.83 82.53 -74.74
CA GLU AA 505 -158.60 81.76 -74.74
C GLU AA 505 -158.54 80.65 -75.77
N VAL AA 506 -159.64 80.37 -76.50
CA VAL AA 506 -159.65 79.18 -77.35
C VAL AA 506 -159.10 79.50 -78.73
N VAL AA 507 -159.31 80.74 -79.21
CA VAL AA 507 -158.73 81.13 -80.49
C VAL AA 507 -157.22 80.94 -80.48
N LYS AA 508 -156.58 81.25 -79.35
CA LYS AA 508 -155.15 80.96 -79.25
C LYS AA 508 -154.87 79.48 -79.46
N ALA AA 509 -155.81 78.60 -79.11
CA ALA AA 509 -155.60 77.19 -79.35
C ALA AA 509 -155.54 76.88 -80.84
N LEU AA 510 -156.19 77.70 -81.66
CA LEU AA 510 -156.04 77.54 -83.11
C LEU AA 510 -154.59 77.75 -83.54
N THR AA 511 -153.92 78.72 -82.92
CA THR AA 511 -152.50 78.94 -83.19
C THR AA 511 -151.64 77.80 -82.64
N VAL AA 512 -151.90 77.36 -81.41
CA VAL AA 512 -151.13 76.27 -80.83
C VAL AA 512 -151.31 74.99 -81.63
N ASN AA 513 -152.55 74.71 -82.02
CA ASN AA 513 -152.82 73.58 -82.91
C ASN AA 513 -151.95 73.66 -84.15
N THR AA 514 -151.94 74.80 -84.82
CA THR AA 514 -151.11 74.94 -86.02
C THR AA 514 -149.62 74.77 -85.69
N ASN AA 515 -149.15 75.38 -84.60
CA ASN AA 515 -147.72 75.32 -84.28
C ASN AA 515 -147.28 73.89 -84.01
N ILE AA 516 -148.12 73.11 -83.34
CA ILE AA 516 -147.79 71.72 -83.07
C ILE AA 516 -147.71 70.94 -84.39
N ARG AA 517 -148.66 71.20 -85.29
CA ARG AA 517 -148.63 70.54 -86.59
C ARG AA 517 -147.35 70.89 -87.34
N ASN AA 518 -146.87 72.13 -87.21
CA ASN AA 518 -145.61 72.51 -87.85
C ASN AA 518 -144.46 71.64 -87.38
N SER AA 519 -144.39 71.39 -86.07
CA SER AA 519 -143.35 70.51 -85.56
C SER AA 519 -143.51 69.08 -86.09
N ASN AA 520 -144.75 68.61 -86.19
CA ASN AA 520 -144.97 67.27 -86.70
C ASN AA 520 -144.55 67.18 -88.16
N ASN AA 521 -144.77 68.25 -88.92
CA ASN AA 521 -144.33 68.27 -90.31
C ASN AA 521 -142.82 68.16 -90.41
N ALA AA 522 -142.11 68.85 -89.54
CA ALA AA 522 -140.65 68.76 -89.56
C ALA AA 522 -140.19 67.32 -89.34
N VAL AA 523 -140.83 66.61 -88.42
CA VAL AA 523 -140.41 65.23 -88.16
C VAL AA 523 -140.76 64.32 -89.33
N LYS AA 524 -141.97 64.47 -89.86
CA LYS AA 524 -142.38 63.67 -91.00
C LYS AA 524 -141.49 63.93 -92.20
N ARG AA 525 -141.15 65.19 -92.40
CA ARG AA 525 -140.36 65.57 -93.56
C ARG AA 525 -138.97 64.98 -93.40
N MET AA 526 -138.44 65.06 -92.20
CA MET AA 526 -137.13 64.48 -91.94
C MET AA 526 -137.13 62.98 -92.21
N LEU AA 527 -138.10 62.27 -91.63
CA LEU AA 527 -138.09 60.81 -91.77
C LEU AA 527 -138.34 60.38 -93.21
N ASN AA 528 -139.24 61.09 -93.91
CA ASN AA 528 -139.48 60.76 -95.31
C ASN AA 528 -138.27 61.09 -96.17
N TYR AA 529 -137.57 62.19 -95.86
CA TYR AA 529 -136.35 62.51 -96.58
C TYR AA 529 -135.28 61.47 -96.32
N LEU AA 530 -135.11 61.03 -95.08
CA LEU AA 530 -134.09 60.01 -94.81
C LEU AA 530 -134.37 58.75 -95.59
N ALA AA 531 -135.65 58.35 -95.69
CA ALA AA 531 -135.98 57.18 -96.50
C ALA AA 531 -135.62 57.40 -97.96
N GLN AA 532 -135.89 58.60 -98.49
CA GLN AA 532 -135.52 58.89 -99.87
C GLN AA 532 -134.00 58.90 -100.05
N LEU AA 533 -133.28 59.43 -99.06
CA LEU AA 533 -131.83 59.44 -99.12
C LEU AA 533 -131.27 58.03 -99.09
N ARG AA 534 -131.84 57.16 -98.26
CA ARG AA 534 -131.40 55.78 -98.19
C ARG AA 534 -131.56 55.10 -99.54
N GLU AA 535 -132.70 55.36 -100.20
CA GLU AA 535 -132.96 54.74 -101.50
C GLU AA 535 -131.95 55.20 -102.55
N VAL AA 536 -131.58 56.48 -102.52
CA VAL AA 536 -130.60 56.96 -103.48
C VAL AA 536 -129.21 56.39 -103.20
N VAL AA 537 -128.76 56.45 -101.95
CA VAL AA 537 -127.43 55.95 -101.63
C VAL AA 537 -127.35 54.44 -101.84
N HIS AA 538 -128.43 53.72 -101.54
CA HIS AA 538 -128.41 52.27 -101.74
C HIS AA 538 -128.12 51.92 -103.20
N ASN AA 539 -128.41 52.84 -104.12
CA ASN AA 539 -128.33 52.56 -105.56
C ASN AA 539 -127.10 53.19 -106.20
N GLY AA 540 -126.12 53.58 -105.41
CA GLY AA 540 -124.91 54.19 -105.96
C GLY AA 540 -124.98 55.70 -105.90
N TYR AA 541 -124.79 56.36 -107.03
CA TYR AA 541 -124.75 57.82 -107.11
C TYR AA 541 -123.72 58.41 -106.17
N ASN AA 542 -122.55 57.77 -106.08
CA ASN AA 542 -121.53 58.24 -105.16
C ASN AA 542 -121.05 59.65 -105.51
N ARG AA 543 -120.99 59.97 -106.79
CA ARG AA 543 -120.57 61.30 -107.21
C ARG AA 543 -121.75 62.27 -107.27
N PRO AA 544 -121.49 63.58 -107.08
CA PRO AA 544 -122.59 64.56 -107.17
C PRO AA 544 -123.26 64.56 -108.53
N LYS AA 545 -124.55 64.87 -108.54
CA LYS AA 545 -125.35 64.94 -109.75
C LYS AA 545 -126.58 65.79 -109.44
N PHE AA 546 -127.16 66.36 -110.48
CA PHE AA 546 -128.39 67.14 -110.34
C PHE AA 546 -129.59 66.29 -110.73
N GLY AA 547 -130.62 66.30 -109.89
CA GLY AA 547 -131.85 65.60 -110.21
C GLY AA 547 -132.03 64.26 -109.55
N ILE AA 548 -131.16 63.87 -108.61
CA ILE AA 548 -131.30 62.56 -107.99
C ILE AA 548 -132.00 62.64 -106.64
N ILE AA 549 -131.93 63.79 -105.96
CA ILE AA 549 -132.50 63.93 -104.63
C ILE AA 549 -132.74 65.42 -104.39
N GLU AA 550 -133.67 65.70 -103.47
CA GLU AA 550 -133.84 67.06 -102.98
C GLU AA 550 -132.57 67.54 -102.30
N GLY AA 551 -132.22 68.79 -102.55
CA GLY AA 551 -131.09 69.40 -101.87
C GLY AA 551 -130.20 70.14 -102.84
N ALA AA 552 -130.04 71.45 -102.63
CA ALA AA 552 -129.22 72.23 -103.54
C ALA AA 552 -127.78 71.74 -103.57
N LEU AA 553 -127.34 71.09 -102.51
CA LEU AA 553 -125.97 70.61 -102.42
C LEU AA 553 -125.79 69.21 -103.00
N SER AA 554 -126.86 68.60 -103.50
CA SER AA 554 -126.73 67.27 -104.08
C SER AA 554 -125.83 67.30 -105.31
N ALA AA 555 -125.70 68.46 -105.94
CA ALA AA 555 -124.77 68.60 -107.06
C ALA AA 555 -123.38 69.03 -106.62
N VAL AA 556 -123.14 69.15 -105.33
CA VAL AA 556 -121.84 69.64 -104.84
C VAL AA 556 -121.13 68.54 -104.07
N MET AA 557 -121.81 67.96 -103.09
CA MET AA 557 -121.22 66.97 -102.20
C MET AA 557 -121.84 65.61 -102.47
N ARG AA 558 -121.03 64.57 -102.28
CA ARG AA 558 -121.49 63.22 -102.49
C ARG AA 558 -122.61 62.87 -101.51
N PRO AA 559 -123.69 62.27 -101.99
CA PRO AA 559 -124.74 61.81 -101.08
C PRO AA 559 -124.28 60.62 -100.25
N THR AA 560 -124.53 60.71 -98.94
CA THR AA 560 -124.06 59.70 -98.00
C THR AA 560 -125.14 59.38 -96.97
N TYR AA 561 -125.35 58.09 -96.75
CA TYR AA 561 -126.27 57.61 -95.74
C TYR AA 561 -125.75 56.31 -95.17
N ARG AA 562 -125.79 56.15 -93.85
CA ARG AA 562 -125.45 54.90 -93.20
C ARG AA 562 -126.50 54.54 -92.15
N TYR AA 563 -126.97 53.30 -92.21
CA TYR AA 563 -128.00 52.76 -91.34
C TYR AA 563 -127.39 51.66 -90.50
N LYS AA 564 -127.51 51.79 -89.19
CA LYS AA 564 -126.98 50.79 -88.26
C LYS AA 564 -128.02 50.50 -87.19
N GLU AA 565 -128.32 49.22 -86.98
CA GLU AA 565 -129.28 48.78 -85.99
C GLU AA 565 -128.55 48.43 -84.70
N LEU AA 566 -128.54 49.35 -83.73
CA LEU AA 566 -127.78 49.18 -82.50
C LEU AA 566 -128.70 48.55 -81.46
N ASP AA 567 -128.88 47.24 -81.56
CA ASP AA 567 -129.59 46.47 -80.55
C ASP AA 567 -128.59 46.22 -79.43
N LEU AA 568 -128.71 46.98 -78.33
CA LEU AA 568 -127.58 47.10 -77.41
C LEU AA 568 -127.16 45.75 -76.83
N GLU AA 569 -128.08 44.80 -76.67
CA GLU AA 569 -127.67 43.50 -76.17
C GLU AA 569 -126.56 42.91 -77.04
N LYS AA 570 -126.59 43.21 -78.34
CA LYS AA 570 -125.58 42.68 -79.25
C LYS AA 570 -124.48 43.71 -79.55
N VAL AA 571 -124.45 44.83 -78.85
CA VAL AA 571 -123.46 45.86 -79.10
C VAL AA 571 -122.61 46.13 -77.87
N ILE AA 572 -123.20 46.11 -76.68
CA ILE AA 572 -122.48 46.55 -75.50
C ILE AA 572 -121.53 45.46 -75.03
N ASP AA 573 -120.36 45.88 -74.55
CA ASP AA 573 -119.50 45.00 -73.76
C ASP AA 573 -119.37 45.59 -72.37
N THR AA 574 -119.89 44.88 -71.37
CA THR AA 574 -119.93 45.35 -70.00
C THR AA 574 -119.53 44.20 -69.09
N ILE AA 575 -118.84 44.54 -68.00
CA ILE AA 575 -118.29 43.52 -67.11
C ILE AA 575 -118.99 43.56 -65.76
N LYS AA 576 -119.14 44.74 -65.16
CA LYS AA 576 -119.65 44.88 -63.80
C LYS AA 576 -120.63 46.04 -63.74
N SER AA 577 -121.61 45.91 -62.84
CA SER AA 577 -122.81 46.74 -62.90
C SER AA 577 -122.58 48.21 -62.61
N LYS AA 578 -121.59 48.57 -61.79
CA LYS AA 578 -121.40 49.97 -61.46
C LYS AA 578 -120.81 50.76 -62.62
N ASP AA 579 -120.36 50.09 -63.67
CA ASP AA 579 -119.95 50.75 -64.90
C ASP AA 579 -121.02 50.69 -65.97
N ARG AA 580 -122.20 50.13 -65.65
CA ARG AA 580 -123.19 49.87 -66.68
C ARG AA 580 -123.67 51.12 -67.38
N TRP AA 581 -123.85 52.22 -66.64
CA TRP AA 581 -124.26 53.46 -67.28
C TRP AA 581 -123.20 53.94 -68.27
N ASP AA 582 -121.94 53.99 -67.85
CA ASP AA 582 -120.88 54.44 -68.74
C ASP AA 582 -120.74 53.50 -69.92
N ASP AA 583 -120.93 52.20 -69.69
CA ASP AA 583 -120.83 51.25 -70.79
C ASP AA 583 -121.94 51.45 -71.81
N VAL AA 584 -123.18 51.73 -71.37
CA VAL AA 584 -124.23 52.02 -72.34
C VAL AA 584 -123.95 53.34 -73.05
N CYS AA 585 -123.57 54.38 -72.30
CA CYS AA 585 -123.30 55.68 -72.92
C CYS AA 585 -122.17 55.57 -73.92
N ALA AA 586 -121.08 54.88 -73.54
CA ALA AA 586 -119.96 54.70 -74.44
C ALA AA 586 -120.33 53.88 -75.66
N ALA AA 587 -121.08 52.80 -75.48
CA ALA AA 587 -121.42 51.95 -76.61
C ALA AA 587 -122.19 52.73 -77.66
N ILE AA 588 -123.15 53.54 -77.24
CA ILE AA 588 -123.96 54.29 -78.21
C ILE AA 588 -123.11 55.33 -78.92
N LEU AA 589 -122.34 56.10 -78.15
CA LEU AA 589 -121.56 57.18 -78.75
C LEU AA 589 -120.43 56.64 -79.61
N ASN AA 590 -119.78 55.56 -79.16
CA ASN AA 590 -118.68 54.97 -79.93
C ASN AA 590 -119.18 54.39 -81.23
N CYS AA 591 -120.38 53.81 -81.24
CA CYS AA 591 -120.90 53.30 -82.51
C CYS AA 591 -121.09 54.43 -83.51
N VAL AA 592 -121.58 55.58 -83.05
CA VAL AA 592 -121.72 56.73 -83.95
C VAL AA 592 -120.36 57.19 -84.47
N LYS AA 593 -119.37 57.28 -83.59
CA LYS AA 593 -118.04 57.69 -84.04
C LYS AA 593 -117.57 56.79 -85.18
N ALA AA 594 -117.64 55.47 -84.98
CA ALA AA 594 -117.12 54.54 -85.96
C ALA AA 594 -117.84 54.66 -87.30
N GLU AA 595 -119.16 54.85 -87.28
CA GLU AA 595 -119.90 55.02 -88.53
C GLU AA 595 -119.80 56.43 -89.09
N LEU AA 596 -119.61 57.43 -88.25
CA LEU AA 596 -119.60 58.82 -88.70
C LEU AA 596 -118.30 59.18 -89.40
N PHE AA 597 -117.18 58.72 -88.87
CA PHE AA 597 -115.90 59.07 -89.49
C PHE AA 597 -115.84 58.68 -90.97
N PRO AA 598 -116.19 57.46 -91.39
CA PRO AA 598 -116.25 57.18 -92.83
C PRO AA 598 -117.12 58.17 -93.55
N ALA AA 599 -118.35 58.37 -93.08
CA ALA AA 599 -119.26 59.24 -93.77
C ALA AA 599 -118.72 60.67 -93.85
N HIS AA 600 -118.09 61.14 -92.78
CA HIS AA 600 -117.48 62.48 -92.84
C HIS AA 600 -116.39 62.52 -93.91
N ARG AA 601 -115.55 61.49 -93.98
CA ARG AA 601 -114.52 61.46 -95.03
C ARG AA 601 -115.12 61.20 -96.40
N ASP AA 602 -116.11 60.32 -96.48
CA ASP AA 602 -116.61 59.84 -97.76
C ASP AA 602 -117.25 60.96 -98.58
N SER AA 603 -117.92 61.88 -97.91
CA SER AA 603 -118.58 62.94 -98.64
C SER AA 603 -117.69 64.18 -98.66
N ASN AA 604 -118.24 65.27 -99.19
CA ASN AA 604 -117.51 66.53 -99.31
C ASN AA 604 -118.01 67.56 -98.33
N ILE AA 605 -118.47 67.15 -97.15
CA ILE AA 605 -119.16 68.07 -96.27
C ILE AA 605 -118.25 69.24 -95.93
N GLU AA 606 -116.96 68.95 -95.77
CA GLU AA 606 -116.00 70.02 -95.44
C GLU AA 606 -115.71 70.89 -96.66
N ALA AA 607 -115.49 70.29 -97.83
CA ALA AA 607 -115.20 71.09 -99.01
C ALA AA 607 -116.40 71.95 -99.40
N ALA AA 608 -117.61 71.39 -99.30
CA ALA AA 608 -118.80 72.14 -99.66
C ALA AA 608 -118.99 73.33 -98.74
N PHE AA 609 -118.78 73.15 -97.43
CA PHE AA 609 -118.97 74.25 -96.49
C PHE AA 609 -117.99 75.36 -96.76
N ARG AA 610 -116.73 75.03 -97.04
CA ARG AA 610 -115.73 76.05 -97.31
C ARG AA 610 -116.08 76.87 -98.56
N VAL AA 611 -116.43 76.20 -99.66
CA VAL AA 611 -116.65 76.94 -100.90
C VAL AA 611 -117.95 77.72 -100.88
N ILE AA 612 -118.95 77.28 -100.12
CA ILE AA 612 -120.20 78.01 -100.07
C ILE AA 612 -120.13 79.17 -99.09
N SER AA 613 -119.56 78.94 -97.90
CA SER AA 613 -119.48 80.00 -96.91
C SER AA 613 -118.42 81.03 -97.21
N GLY AA 614 -117.37 80.62 -97.91
CA GLY AA 614 -116.23 81.51 -98.12
C GLY AA 614 -115.19 81.47 -97.02
N ASN AA 615 -115.38 80.63 -96.01
CA ASN AA 615 -114.42 80.54 -94.91
C ASN AA 615 -113.57 79.33 -95.13
N GLN AA 616 -112.30 79.52 -95.46
CA GLN AA 616 -111.45 78.39 -95.81
C GLN AA 616 -111.12 77.54 -94.60
N ASP AA 617 -111.58 77.96 -93.43
CA ASP AA 617 -111.39 77.17 -92.23
C ASP AA 617 -112.67 77.02 -91.46
N GLU AA 618 -113.62 76.28 -92.02
CA GLU AA 618 -114.87 76.07 -91.33
C GLU AA 618 -115.35 74.64 -91.44
N THR AA 619 -115.68 74.03 -90.32
CA THR AA 619 -116.10 72.64 -90.39
C THR AA 619 -117.56 72.55 -89.99
N PRO AA 620 -118.26 71.49 -90.39
CA PRO AA 620 -119.64 71.34 -89.94
C PRO AA 620 -119.69 70.98 -88.46
N MET AA 621 -120.82 71.31 -87.84
CA MET AA 621 -121.14 70.81 -86.52
C MET AA 621 -122.25 69.79 -86.68
N TYR AA 622 -122.06 68.63 -86.05
CA TYR AA 622 -123.02 67.54 -86.20
C TYR AA 622 -124.06 67.59 -85.10
N LEU AA 623 -125.32 67.56 -85.49
CA LEU AA 623 -126.43 67.64 -84.55
C LEU AA 623 -126.98 66.25 -84.30
N PHE AA 624 -127.08 65.87 -83.04
CA PHE AA 624 -127.64 64.58 -82.68
C PHE AA 624 -129.13 64.73 -82.43
N CYS AA 625 -129.93 64.14 -83.30
CA CYS AA 625 -131.39 64.20 -83.22
C CYS AA 625 -131.86 62.91 -82.56
N SER AA 626 -132.34 63.01 -81.33
CA SER AA 626 -132.69 61.83 -80.58
C SER AA 626 -134.03 62.03 -79.89
N ASP AA 627 -134.64 60.93 -79.48
CA ASP AA 627 -135.83 61.03 -78.66
C ASP AA 627 -135.43 61.18 -77.19
N LYS AA 628 -136.42 61.26 -76.32
CA LYS AA 628 -136.15 61.54 -74.90
C LYS AA 628 -135.43 60.38 -74.21
N GLU AA 629 -135.79 59.14 -74.56
CA GLU AA 629 -135.17 58.00 -73.89
C GLU AA 629 -133.70 57.88 -74.28
N ILE AA 630 -133.39 58.03 -75.56
CA ILE AA 630 -131.99 57.93 -76.00
C ILE AA 630 -131.20 59.13 -75.53
N ALA AA 631 -131.78 60.33 -75.61
CA ALA AA 631 -131.05 61.52 -75.25
C ALA AA 631 -130.48 61.45 -73.85
N ASN AA 632 -131.18 60.80 -72.92
CA ASN AA 632 -130.67 60.71 -71.56
C ASN AA 632 -129.40 59.89 -71.50
N TYR AA 633 -129.23 58.95 -72.44
CA TYR AA 633 -128.02 58.14 -72.51
C TYR AA 633 -126.93 58.80 -73.33
N LEU AA 634 -127.32 59.53 -74.38
CA LEU AA 634 -126.35 60.26 -75.19
C LEU AA 634 -125.71 61.39 -74.42
N MET AA 635 -126.53 62.09 -73.61
CA MET AA 635 -126.06 63.25 -72.87
C MET AA 635 -124.73 62.95 -72.25
N THR AA 636 -123.70 63.67 -72.66
CA THR AA 636 -122.38 63.45 -72.10
C THR AA 636 -122.23 64.38 -70.92
N LYS AA 637 -121.19 64.21 -70.08
CA LYS AA 637 -120.99 65.09 -68.94
C LYS AA 637 -120.41 66.44 -69.33
N GLY AA 638 -120.87 67.50 -68.64
CA GLY AA 638 -120.32 68.83 -68.77
C GLY AA 638 -120.48 69.39 -70.16
N ASP AA 639 -119.36 69.60 -70.85
CA ASP AA 639 -119.40 70.12 -72.22
C ASP AA 639 -118.26 69.49 -73.00
N ASP AA 640 -118.06 68.19 -72.84
CA ASP AA 640 -117.05 67.45 -73.61
C ASP AA 640 -117.75 67.03 -74.90
N ARG AA 641 -118.23 68.01 -75.69
CA ARG AA 641 -118.96 67.69 -76.91
C ARG AA 641 -118.12 67.72 -78.19
N THR AA 642 -117.10 66.85 -78.28
CA THR AA 642 -116.31 66.73 -79.51
C THR AA 642 -116.08 65.28 -79.94
N LEU AA 643 -116.18 64.96 -81.25
CA LEU AA 643 -115.89 63.64 -81.78
C LEU AA 643 -114.55 63.66 -82.48
N GLY AA 644 -113.77 62.60 -82.30
CA GLY AA 644 -112.45 62.56 -82.90
C GLY AA 644 -111.59 63.69 -82.38
N ALA AA 645 -111.04 64.47 -83.31
CA ALA AA 645 -110.17 65.59 -82.97
C ALA AA 645 -110.96 66.89 -82.81
N TYR AA 646 -111.73 67.28 -83.81
CA TYR AA 646 -112.28 68.61 -83.91
C TYR AA 646 -113.77 68.65 -84.23
N LEU AA 647 -114.43 67.49 -84.34
CA LEU AA 647 -115.81 67.46 -84.81
C LEU AA 647 -116.77 67.73 -83.67
N LYS AA 648 -117.08 69.01 -83.43
CA LYS AA 648 -117.99 69.33 -82.35
C LYS AA 648 -119.41 68.92 -82.72
N TYR AA 649 -120.23 68.70 -81.71
CA TYR AA 649 -121.61 68.29 -81.93
C TYR AA 649 -122.51 68.87 -80.85
N ASP AA 650 -123.81 68.71 -81.04
CA ASP AA 650 -124.80 69.15 -80.08
C ASP AA 650 -125.95 68.14 -80.04
N ILE AA 651 -126.71 68.18 -78.96
CA ILE AA 651 -127.76 67.21 -78.69
C ILE AA 651 -129.09 67.95 -78.60
N VAL AA 652 -130.07 67.51 -79.39
CA VAL AA 652 -131.43 68.03 -79.31
C VAL AA 652 -132.38 66.86 -79.22
N SER AA 653 -133.41 66.99 -78.38
CA SER AA 653 -134.31 65.89 -78.08
C SER AA 653 -135.73 66.24 -78.47
N THR AA 654 -136.50 65.22 -78.86
CA THR AA 654 -137.93 65.37 -79.11
C THR AA 654 -138.68 64.19 -78.51
N ASN AA 655 -139.97 64.40 -78.25
CA ASN AA 655 -140.85 63.33 -77.82
C ASN AA 655 -141.95 63.05 -78.82
N ASN AA 656 -141.71 63.32 -80.10
CA ASN AA 656 -142.69 62.99 -81.13
C ASN AA 656 -142.87 61.48 -81.21
N GLN AA 657 -144.11 61.04 -81.38
CA GLN AA 657 -144.35 59.60 -81.45
C GLN AA 657 -143.68 58.98 -82.66
N LEU AA 658 -143.57 59.72 -83.77
CA LEU AA 658 -142.98 59.16 -84.97
C LEU AA 658 -141.51 58.85 -84.77
N PHE AA 659 -140.81 59.72 -84.04
CA PHE AA 659 -139.38 59.58 -83.83
C PHE AA 659 -139.11 58.74 -82.59
N ASP AA 660 -139.59 57.50 -82.62
CA ASP AA 660 -139.56 56.61 -81.48
C ASP AA 660 -138.35 55.68 -81.59
N GLY AA 661 -137.41 55.83 -80.67
CA GLY AA 661 -136.26 54.94 -80.65
C GLY AA 661 -135.33 55.14 -81.82
N LYS AA 662 -135.14 56.39 -82.26
CA LYS AA 662 -134.32 56.73 -83.41
C LYS AA 662 -133.24 57.69 -82.97
N LEU AA 663 -132.06 57.59 -83.58
CA LEU AA 663 -131.02 58.59 -83.47
C LEU AA 663 -130.54 58.94 -84.87
N VAL AA 664 -130.61 60.22 -85.23
CA VAL AA 664 -130.18 60.70 -86.53
C VAL AA 664 -129.15 61.79 -86.35
N VAL AA 665 -128.04 61.69 -87.08
CA VAL AA 665 -126.93 62.63 -86.99
C VAL AA 665 -126.86 63.40 -88.29
N ILE AA 666 -127.00 64.71 -88.22
CA ILE AA 666 -126.98 65.56 -89.42
C ILE AA 666 -126.05 66.73 -89.18
N PRO AA 667 -125.29 67.10 -90.21
CA PRO AA 667 -124.42 68.28 -90.08
C PRO AA 667 -125.18 69.57 -90.29
N THR AA 668 -124.86 70.57 -89.48
CA THR AA 668 -125.37 71.91 -89.71
C THR AA 668 -124.21 72.87 -89.54
N ARG AA 669 -124.41 74.09 -90.04
CA ARG AA 669 -123.44 75.15 -89.81
C ARG AA 669 -123.40 75.54 -88.34
N ALA AA 670 -122.19 75.70 -87.80
CA ALA AA 670 -122.04 76.03 -86.38
C ALA AA 670 -122.71 77.34 -86.04
N VAL AA 671 -122.59 78.34 -86.91
CA VAL AA 671 -123.24 79.63 -86.74
C VAL AA 671 -124.32 79.76 -87.81
N GLN AA 672 -125.54 79.99 -87.38
CA GLN AA 672 -126.67 80.08 -88.30
C GLN AA 672 -126.86 81.50 -88.83
N GLN AA 673 -127.31 81.58 -90.08
CA GLN AA 673 -127.64 82.82 -90.74
C GLN AA 673 -128.97 82.66 -91.47
N GLU AA 674 -129.64 83.79 -91.70
CA GLU AA 674 -130.94 83.74 -92.37
C GLU AA 674 -130.79 83.17 -93.78
N ASN AA 675 -131.69 82.26 -94.14
CA ASN AA 675 -131.72 81.64 -95.47
C ASN AA 675 -130.34 81.09 -95.83
N ASP AA 676 -129.77 80.35 -94.91
CA ASP AA 676 -128.42 79.80 -95.07
C ASP AA 676 -128.51 78.40 -95.63
N ILE AA 677 -128.03 78.22 -96.86
CA ILE AA 677 -128.11 76.92 -97.50
C ILE AA 677 -127.35 75.83 -96.78
N LEU AA 678 -126.38 76.19 -95.94
CA LEU AA 678 -125.58 75.17 -95.26
C LEU AA 678 -126.32 74.55 -94.08
N SER AA 679 -127.51 75.02 -93.75
CA SER AA 679 -128.34 74.32 -92.78
C SER AA 679 -128.86 73.03 -93.40
N TRP AA 680 -128.86 71.95 -92.60
CA TRP AA 680 -129.31 70.66 -93.13
C TRP AA 680 -130.68 70.78 -93.77
N GLY AA 681 -131.59 71.51 -93.14
CA GLY AA 681 -132.85 71.81 -93.77
C GLY AA 681 -133.28 73.22 -93.44
N GLN AA 682 -134.31 73.70 -94.08
CA GLN AA 682 -134.84 75.03 -93.81
C GLN AA 682 -136.35 74.94 -93.63
N PHE AA 683 -136.90 75.80 -92.80
CA PHE AA 683 -138.33 75.94 -92.65
C PHE AA 683 -138.75 77.29 -93.21
N PHE AA 684 -139.51 77.26 -94.29
CA PHE AA 684 -139.97 78.49 -94.93
C PHE AA 684 -141.36 78.80 -94.41
N TYR AA 685 -141.49 79.93 -93.70
CA TYR AA 685 -142.71 80.29 -93.02
C TYR AA 685 -143.30 81.53 -93.64
N VAL AA 686 -144.60 81.52 -93.86
CA VAL AA 686 -145.35 82.70 -94.25
C VAL AA 686 -146.40 82.94 -93.19
N SER AA 687 -146.53 84.20 -92.77
CA SER AA 687 -147.48 84.56 -91.71
C SER AA 687 -148.85 83.95 -91.99
N THR AA 688 -149.41 83.30 -90.96
CA THR AA 688 -150.69 82.63 -91.10
C THR AA 688 -151.81 83.65 -90.97
N VAL AA 689 -153.00 83.27 -91.41
CA VAL AA 689 -154.16 84.15 -91.36
C VAL AA 689 -155.30 83.42 -90.64
N ILE AA 690 -156.07 84.18 -89.87
CA ILE AA 690 -157.26 83.68 -89.20
C ILE AA 690 -158.47 84.28 -89.91
N ALA AA 691 -159.36 83.43 -90.40
CA ALA AA 691 -160.53 83.88 -91.13
C ALA AA 691 -161.77 83.72 -90.25
N ASP AA 692 -162.51 84.81 -90.07
CA ASP AA 692 -163.66 84.86 -89.17
C ASP AA 692 -164.88 85.34 -89.94
N LEU AA 693 -165.78 84.41 -90.28
CA LEU AA 693 -166.92 84.71 -91.12
C LEU AA 693 -168.07 83.84 -90.65
N PRO AA 694 -169.28 84.39 -90.53
CA PRO AA 694 -170.46 83.53 -90.33
C PRO AA 694 -170.81 82.81 -91.62
N ILE AA 695 -170.70 81.49 -91.58
CA ILE AA 695 -170.83 80.66 -92.77
C ILE AA 695 -171.96 79.67 -92.55
N THR AA 696 -172.84 79.57 -93.54
CA THR AA 696 -173.93 78.59 -93.53
C THR AA 696 -173.42 77.32 -94.21
N ARG AA 697 -173.12 76.30 -93.42
CA ARG AA 697 -172.52 75.08 -93.93
C ARG AA 697 -173.56 73.97 -93.88
N GLY AA 698 -173.86 73.39 -95.03
CA GLY AA 698 -174.93 72.44 -95.15
C GLY AA 698 -176.22 73.03 -95.66
N GLY AA 699 -176.34 74.35 -95.68
CA GLY AA 699 -177.50 75.02 -96.18
C GLY AA 699 -178.65 75.16 -95.21
N HIS AA 700 -178.50 74.70 -93.96
CA HIS AA 700 -179.59 74.77 -93.01
C HIS AA 700 -179.24 75.34 -91.64
N GLN AA 701 -178.01 75.16 -91.15
CA GLN AA 701 -177.62 75.68 -89.84
C GLN AA 701 -176.42 76.57 -90.03
N VAL AA 702 -176.52 77.83 -89.62
CA VAL AA 702 -175.45 78.80 -89.74
C VAL AA 702 -174.62 78.77 -88.46
N THR AA 703 -173.29 78.76 -88.62
CA THR AA 703 -172.36 78.75 -87.50
C THR AA 703 -171.28 79.80 -87.74
N ARG AA 704 -170.70 80.33 -86.68
CA ARG AA 704 -169.56 81.22 -86.82
C ARG AA 704 -168.27 80.43 -86.78
N GLU AA 705 -167.48 80.53 -87.85
CA GLU AA 705 -166.28 79.73 -88.01
C GLU AA 705 -165.06 80.65 -87.98
N ILE AA 706 -164.17 80.39 -87.02
CA ILE AA 706 -162.88 81.06 -86.96
C ILE AA 706 -161.81 80.01 -87.28
N ALA AA 707 -161.14 80.18 -88.40
CA ALA AA 707 -160.21 79.17 -88.90
C ALA AA 707 -158.83 79.77 -89.06
N ALA AA 708 -157.81 79.01 -88.65
CA ALA AA 708 -156.41 79.39 -88.83
C ALA AA 708 -155.87 78.63 -90.02
N ILE AA 709 -155.37 79.34 -91.01
CA ILE AA 709 -154.95 78.74 -92.27
C ILE AA 709 -153.43 78.74 -92.34
N PRO AA 710 -152.76 77.59 -92.16
CA PRO AA 710 -151.30 77.56 -92.25
C PRO AA 710 -150.80 77.69 -93.69
N PHE AA 711 -149.55 78.15 -93.81
CA PHE AA 711 -148.88 78.41 -95.07
C PHE AA 711 -147.37 78.30 -94.83
N ASN AA 712 -146.79 77.13 -95.11
CA ASN AA 712 -145.37 76.98 -94.87
C ASN AA 712 -144.84 75.73 -95.57
N LEU AA 713 -143.52 75.57 -95.54
CA LEU AA 713 -142.86 74.44 -96.17
C LEU AA 713 -141.55 74.12 -95.46
N HIS AA 714 -141.24 72.84 -95.38
CA HIS AA 714 -139.95 72.34 -94.92
C HIS AA 714 -139.17 71.80 -96.10
N VAL AA 715 -137.92 72.22 -96.23
CA VAL AA 715 -137.08 71.84 -97.37
C VAL AA 715 -135.76 71.31 -96.85
N ASN AA 716 -135.24 70.28 -97.50
CA ASN AA 716 -133.97 69.64 -97.13
C ASN AA 716 -132.88 70.14 -98.05
N ASN AA 717 -131.70 70.40 -97.49
CA ASN AA 717 -130.57 70.88 -98.28
C ASN AA 717 -129.50 69.80 -98.46
N ILE AA 718 -129.02 69.23 -97.38
CA ILE AA 718 -127.78 68.45 -97.42
C ILE AA 718 -128.15 66.97 -97.56
N PRO AA 719 -127.63 66.27 -98.57
CA PRO AA 719 -127.99 64.86 -98.75
C PRO AA 719 -127.15 63.94 -97.89
N PHE AA 720 -127.06 64.24 -96.60
CA PHE AA 720 -126.19 63.54 -95.66
C PHE AA 720 -126.94 63.24 -94.38
N ALA AA 721 -126.88 61.99 -93.93
CA ALA AA 721 -127.41 61.61 -92.63
C ALA AA 721 -126.88 60.25 -92.23
N LEU AA 722 -126.81 60.01 -90.92
CA LEU AA 722 -126.65 58.69 -90.33
C LEU AA 722 -127.88 58.39 -89.49
N GLU AA 723 -128.43 57.18 -89.61
CA GLU AA 723 -129.61 56.79 -88.87
C GLU AA 723 -129.30 55.55 -88.06
N PHE AA 724 -129.55 55.62 -86.76
CA PHE AA 724 -129.28 54.52 -85.83
C PHE AA 724 -130.58 54.09 -85.18
N LYS AA 725 -130.82 52.79 -85.14
CA LYS AA 725 -131.98 52.23 -84.44
C LYS AA 725 -131.47 51.64 -83.12
N ILE AA 726 -131.71 52.34 -82.03
CA ILE AA 726 -131.15 52.00 -80.73
C ILE AA 726 -132.25 51.45 -79.85
N THR AA 727 -132.14 50.18 -79.48
CA THR AA 727 -133.16 49.50 -78.70
C THR AA 727 -132.48 48.60 -77.68
N GLY AA 728 -133.30 47.96 -76.84
CA GLY AA 728 -132.80 47.01 -75.88
C GLY AA 728 -132.27 47.58 -74.59
N PHE AA 729 -132.68 48.79 -74.23
CA PHE AA 729 -132.22 49.40 -73.00
C PHE AA 729 -132.63 48.59 -71.77
N GLN AA 730 -133.85 48.07 -71.77
CA GLN AA 730 -134.41 47.33 -70.65
C GLN AA 730 -133.89 45.91 -70.58
N LYS AA 731 -133.21 45.44 -71.62
CA LYS AA 731 -132.60 44.13 -71.63
C LYS AA 731 -131.11 44.17 -71.26
N VAL AA 732 -130.45 45.31 -71.46
CA VAL AA 732 -129.05 45.42 -71.10
C VAL AA 732 -128.90 45.89 -69.66
N MET AA 733 -129.74 46.82 -69.22
CA MET AA 733 -129.65 47.32 -67.85
C MET AA 733 -130.51 46.54 -66.87
N GLY AA 734 -131.61 45.97 -67.34
CA GLY AA 734 -132.50 45.26 -66.44
C GLY AA 734 -132.00 43.89 -66.08
N GLU AA 735 -131.10 43.33 -66.88
CA GLU AA 735 -130.68 41.94 -66.74
C GLU AA 735 -129.16 41.85 -66.66
N THR AA 736 -128.69 40.75 -66.07
CA THR AA 736 -127.27 40.41 -66.08
C THR AA 736 -126.78 40.25 -67.51
N GLN AA 737 -125.60 40.81 -67.79
CA GLN AA 737 -125.01 40.71 -69.11
C GLN AA 737 -123.76 39.83 -69.12
N PHE AA 738 -123.12 39.63 -67.98
CA PHE AA 738 -121.87 38.88 -67.93
C PHE AA 738 -121.97 37.61 -67.10
N ASN AA 739 -122.33 37.73 -65.83
CA ASN AA 739 -122.39 36.54 -64.98
C ASN AA 739 -123.50 35.59 -65.40
N GLY AA 740 -124.59 36.11 -65.96
CA GLY AA 740 -125.62 35.24 -66.49
C GLY AA 740 -125.12 34.37 -67.63
N LYS AA 741 -124.24 34.89 -68.46
CA LYS AA 741 -123.69 34.09 -69.54
C LYS AA 741 -122.79 32.98 -69.01
N LEU AA 742 -122.01 33.28 -67.98
CA LEU AA 742 -121.21 32.26 -67.32
C LEU AA 742 -122.09 31.16 -66.73
N ALA AA 743 -123.24 31.54 -66.18
CA ALA AA 743 -124.18 30.55 -65.67
C ALA AA 743 -124.67 29.64 -66.79
N ASP AA 744 -124.90 30.20 -67.98
CA ASP AA 744 -125.36 29.39 -69.11
C ASP AA 744 -124.29 28.41 -69.57
N LEU AA 745 -123.01 28.68 -69.29
CA LEU AA 745 -121.98 27.73 -69.66
C LEU AA 745 -121.96 26.51 -68.75
N LYS AA 746 -122.71 26.54 -67.66
CA LYS AA 746 -122.70 25.45 -66.72
C LYS AA 746 -123.15 24.15 -67.39
N PRO AA 747 -122.36 23.07 -67.31
CA PRO AA 747 -122.69 21.80 -67.96
C PRO AA 747 -123.72 20.99 -67.17
N ASN BA 164 -159.85 83.45 -112.64
CA ASN BA 164 -158.75 83.94 -111.82
C ASN BA 164 -159.28 84.38 -110.46
N TYR BA 165 -160.01 83.46 -109.81
CA TYR BA 165 -160.49 83.69 -108.44
C TYR BA 165 -159.36 83.66 -107.44
N ASN BA 166 -158.33 82.85 -107.67
CA ASN BA 166 -157.22 82.69 -106.76
C ASN BA 166 -155.98 83.30 -107.39
N GLU BA 167 -155.56 84.45 -106.88
CA GLU BA 167 -154.37 85.12 -107.38
C GLU BA 167 -153.14 84.70 -106.59
N LYS BA 168 -152.99 83.41 -106.35
CA LYS BA 168 -151.80 82.92 -105.64
C LYS BA 168 -150.59 82.99 -106.56
N SER BA 169 -149.52 83.59 -106.06
CA SER BA 169 -148.33 83.80 -106.86
C SER BA 169 -147.67 82.48 -107.21
N GLN BA 170 -147.24 82.35 -108.45
CA GLN BA 170 -146.36 81.27 -108.86
C GLN BA 170 -145.21 81.74 -109.74
N ARG BA 171 -145.11 83.04 -110.01
CA ARG BA 171 -144.07 83.53 -110.91
C ARG BA 171 -142.90 84.12 -110.13
N ASP BA 172 -143.18 85.00 -109.18
CA ASP BA 172 -142.16 85.79 -108.49
C ASP BA 172 -141.79 85.11 -107.18
N PHE BA 173 -140.52 84.74 -107.04
CA PHE BA 173 -140.03 84.07 -105.85
C PHE BA 173 -138.81 84.79 -105.33
N ARG BA 174 -138.48 84.53 -104.06
CA ARG BA 174 -137.22 85.02 -103.51
C ARG BA 174 -136.07 84.20 -104.06
N VAL BA 175 -135.13 84.87 -104.72
CA VAL BA 175 -134.01 84.21 -105.37
C VAL BA 175 -132.77 84.41 -104.50
N VAL BA 176 -132.15 83.32 -104.09
CA VAL BA 176 -130.96 83.35 -103.25
C VAL BA 176 -129.82 82.70 -104.02
N THR BA 177 -128.70 83.40 -104.13
CA THR BA 177 -127.50 82.90 -104.76
C THR BA 177 -126.46 82.62 -103.68
N ILE BA 178 -125.89 81.43 -103.70
CA ILE BA 178 -124.97 81.02 -102.64
C ILE BA 178 -123.54 81.09 -103.15
N GLY BA 179 -122.61 81.34 -102.24
CA GLY BA 179 -121.25 81.64 -102.63
C GLY BA 179 -120.56 80.45 -103.26
N TYR BA 180 -119.47 80.71 -103.97
CA TYR BA 180 -118.64 79.67 -104.58
C TYR BA 180 -117.20 80.15 -104.56
N ASN BA 181 -116.52 79.94 -103.44
CA ASN BA 181 -115.21 80.53 -103.19
C ASN BA 181 -114.20 79.42 -103.04
N LEU BA 182 -113.46 79.12 -104.10
CA LEU BA 182 -112.50 78.03 -104.11
C LEU BA 182 -111.10 78.60 -103.96
N ALA BA 183 -110.23 77.85 -103.29
CA ALA BA 183 -108.85 78.27 -103.08
C ALA BA 183 -107.95 77.06 -102.92
N ALA BA 184 -106.67 77.24 -103.22
CA ALA BA 184 -105.66 76.23 -102.97
C ALA BA 184 -104.29 76.88 -102.89
N SER BA 185 -103.51 76.50 -101.89
CA SER BA 185 -102.15 76.98 -101.75
C SER BA 185 -101.23 76.26 -102.75
N ARG BA 186 -100.00 76.77 -102.90
CA ARG BA 186 -99.05 76.17 -103.83
C ARG BA 186 -99.05 74.65 -103.74
N GLN BA 187 -99.05 74.11 -102.53
CA GLN BA 187 -99.37 72.71 -102.33
C GLN BA 187 -99.98 72.55 -100.95
N ASP BA 188 -100.80 71.51 -100.79
CA ASP BA 188 -101.49 71.27 -99.54
C ASP BA 188 -100.50 71.07 -98.41
N GLU BA 189 -100.96 71.36 -97.18
CA GLU BA 189 -100.11 71.15 -96.01
C GLU BA 189 -99.65 69.70 -95.92
N PHE BA 190 -100.47 68.74 -96.34
CA PHE BA 190 -100.06 67.35 -96.39
C PHE BA 190 -98.86 67.17 -97.33
N ALA BA 191 -98.98 67.70 -98.55
CA ALA BA 191 -97.86 67.61 -99.49
C ALA BA 191 -96.68 68.44 -99.02
N GLU BA 192 -96.92 69.58 -98.37
CA GLU BA 192 -95.82 70.45 -97.99
C GLU BA 192 -94.94 69.81 -96.94
N ARG BA 193 -95.55 69.13 -95.96
CA ARG BA 193 -94.76 68.47 -94.93
C ARG BA 193 -93.99 67.28 -95.48
N ILE BA 194 -94.56 66.58 -96.46
CA ILE BA 194 -93.86 65.42 -97.01
C ILE BA 194 -92.85 65.85 -98.06
N TYR BA 195 -93.25 66.78 -98.94
CA TYR BA 195 -92.41 67.30 -100.02
C TYR BA 195 -92.21 68.79 -99.84
N PRO BA 196 -91.35 69.22 -98.91
CA PRO BA 196 -91.20 70.65 -98.69
C PRO BA 196 -90.83 71.37 -99.97
N THR BA 197 -91.37 72.56 -100.15
CA THR BA 197 -91.20 73.29 -101.39
C THR BA 197 -89.84 73.98 -101.41
N THR BA 198 -89.12 73.79 -102.52
CA THR BA 198 -87.91 74.53 -102.78
C THR BA 198 -88.06 75.22 -104.13
N VAL BA 199 -87.80 76.52 -104.18
CA VAL BA 199 -87.98 77.31 -105.39
C VAL BA 199 -86.71 77.21 -106.21
N ILE BA 200 -86.86 76.84 -107.48
CA ILE BA 200 -85.73 76.68 -108.39
C ILE BA 200 -85.89 77.72 -109.49
N ASN BA 201 -84.80 78.43 -109.78
CA ASN BA 201 -84.85 79.44 -110.82
C ASN BA 201 -85.08 78.78 -112.17
N PRO BA 202 -85.92 79.34 -113.03
CA PRO BA 202 -86.16 78.71 -114.33
C PRO BA 202 -84.93 78.65 -115.21
N ILE BA 203 -83.89 79.42 -114.90
CA ILE BA 203 -82.66 79.38 -115.67
C ILE BA 203 -82.03 78.00 -115.63
N GLU BA 204 -82.08 77.35 -114.47
CA GLU BA 204 -81.49 76.02 -114.35
C GLU BA 204 -82.48 74.91 -114.66
N GLY BA 205 -83.70 75.00 -114.14
CA GLY BA 205 -84.68 73.95 -114.41
C GLY BA 205 -84.34 72.59 -113.87
N GLY BA 206 -83.61 72.51 -112.76
CA GLY BA 206 -83.23 71.23 -112.21
C GLY BA 206 -82.17 71.34 -111.13
N VAL BA 207 -81.91 70.23 -110.44
CA VAL BA 207 -80.98 70.19 -109.33
C VAL BA 207 -80.08 68.98 -109.48
N VAL BA 208 -78.83 69.11 -109.06
CA VAL BA 208 -77.89 67.99 -108.99
C VAL BA 208 -77.39 67.87 -107.56
N GLN BA 209 -77.36 66.64 -107.05
CA GLN BA 209 -76.93 66.37 -105.69
C GLN BA 209 -75.62 65.61 -105.70
N VAL BA 210 -74.61 66.16 -105.04
CA VAL BA 210 -73.28 65.58 -104.99
C VAL BA 210 -73.04 65.03 -103.60
N LEU BA 211 -72.81 63.71 -103.51
CA LEU BA 211 -72.70 63.01 -102.23
C LEU BA 211 -71.30 62.45 -102.06
N PRO BA 212 -70.41 63.17 -101.39
CA PRO BA 212 -69.07 62.62 -101.11
C PRO BA 212 -69.11 61.58 -100.00
N TYR BA 213 -68.19 60.63 -100.07
CA TYR BA 213 -68.04 59.70 -98.97
C TYR BA 213 -66.66 59.04 -99.00
N ILE BA 214 -66.30 58.46 -97.87
CA ILE BA 214 -65.09 57.66 -97.74
C ILE BA 214 -65.50 56.20 -97.77
N ALA BA 215 -64.94 55.45 -98.72
CA ALA BA 215 -65.35 54.08 -98.94
C ALA BA 215 -64.26 53.13 -98.44
N VAL BA 216 -64.67 52.01 -97.86
CA VAL BA 216 -63.74 50.95 -97.50
C VAL BA 216 -63.53 50.07 -98.72
N MET BA 217 -62.30 50.01 -99.20
CA MET BA 217 -61.96 49.22 -100.36
C MET BA 217 -61.18 47.99 -99.93
N LYS BA 218 -61.58 46.85 -100.46
CA LYS BA 218 -60.81 45.61 -100.33
C LYS BA 218 -59.59 45.67 -101.22
N ASP BA 219 -58.41 45.44 -100.63
CA ASP BA 219 -57.16 45.55 -101.36
C ASP BA 219 -56.92 44.31 -102.22
N VAL BA 220 -57.16 44.44 -103.52
CA VAL BA 220 -57.09 43.31 -104.44
C VAL BA 220 -56.34 43.74 -105.69
N TYR BA 221 -55.48 42.85 -106.18
CA TYR BA 221 -54.70 43.13 -107.36
C TYR BA 221 -55.56 42.99 -108.62
N HIS BA 222 -55.20 43.74 -109.65
CA HIS BA 222 -55.90 43.62 -110.93
C HIS BA 222 -55.68 42.23 -111.52
N GLU BA 223 -56.74 41.62 -112.01
CA GLU BA 223 -56.65 40.30 -112.63
C GLU BA 223 -56.46 40.43 -114.13
N VAL BA 224 -55.46 39.73 -114.66
CA VAL BA 224 -55.11 39.89 -116.06
C VAL BA 224 -56.27 39.49 -116.97
N SER BA 225 -57.07 38.52 -116.54
CA SER BA 225 -58.22 38.10 -117.33
C SER BA 225 -59.53 38.53 -116.71
N GLY BA 226 -59.50 39.48 -115.78
CA GLY BA 226 -60.68 39.88 -115.04
C GLY BA 226 -61.71 40.63 -115.84
N VAL BA 227 -62.98 40.30 -115.63
CA VAL BA 227 -64.06 41.05 -116.26
C VAL BA 227 -64.26 42.39 -115.54
N LYS BA 228 -64.11 42.39 -114.23
CA LYS BA 228 -64.28 43.60 -113.44
C LYS BA 228 -63.28 43.56 -112.30
N MET BA 229 -62.93 44.70 -111.71
CA MET BA 229 -62.00 44.65 -110.58
C MET BA 229 -62.73 44.36 -109.29
N ASP BA 230 -62.40 43.24 -108.64
CA ASP BA 230 -63.12 42.84 -107.43
C ASP BA 230 -62.54 43.54 -106.24
N ASN BA 231 -62.95 44.77 -106.03
CA ASN BA 231 -62.49 45.54 -104.92
C ASN BA 231 -63.74 45.94 -104.17
N GLU BA 232 -64.31 45.01 -103.41
CA GLU BA 232 -65.55 45.32 -102.73
C GLU BA 232 -65.42 46.69 -102.08
N GLU BA 233 -66.33 47.59 -102.44
CA GLU BA 233 -66.30 48.97 -101.98
C GLU BA 233 -67.58 49.29 -101.23
N VAL BA 234 -67.44 49.65 -99.95
CA VAL BA 234 -68.57 49.98 -99.11
C VAL BA 234 -68.30 51.28 -98.38
N ASN BA 235 -69.36 51.92 -97.90
CA ASN BA 235 -69.25 53.20 -97.23
C ASN BA 235 -68.87 53.03 -95.76
N MET BA 236 -68.06 53.95 -95.26
CA MET BA 236 -67.80 53.97 -93.81
C MET BA 236 -69.08 54.09 -93.01
N VAL BA 237 -70.11 54.74 -93.57
CA VAL BA 237 -71.35 54.92 -92.85
C VAL BA 237 -71.95 53.56 -92.49
N GLU BA 238 -71.79 52.58 -93.39
CA GLU BA 238 -72.29 51.24 -93.10
C GLU BA 238 -71.65 50.66 -91.86
N ALA BA 239 -70.41 51.05 -91.56
CA ALA BA 239 -69.75 50.47 -90.39
C ALA BA 239 -70.49 50.79 -89.11
N TYR BA 240 -71.20 51.92 -89.04
CA TYR BA 240 -71.96 52.21 -87.80
C TYR BA 240 -73.03 51.16 -87.51
N ARG BA 241 -73.72 50.66 -88.54
CA ARG BA 241 -74.74 49.66 -88.26
C ARG BA 241 -74.14 48.26 -88.21
N ASP BA 242 -73.15 48.00 -89.06
CA ASP BA 242 -72.47 46.71 -89.10
C ASP BA 242 -70.96 46.95 -89.21
N PRO BA 243 -70.25 47.07 -88.09
CA PRO BA 243 -68.82 47.41 -88.16
C PRO BA 243 -67.93 46.26 -88.58
N SER BA 244 -68.50 45.07 -88.81
CA SER BA 244 -67.69 43.92 -89.21
C SER BA 244 -67.05 44.12 -90.57
N ILE BA 245 -67.53 45.07 -91.37
CA ILE BA 245 -66.92 45.30 -92.67
C ILE BA 245 -65.50 45.80 -92.50
N LEU BA 246 -65.16 46.28 -91.31
CA LEU BA 246 -63.84 46.83 -91.06
C LEU BA 246 -62.86 45.78 -90.55
N ASP BA 247 -63.34 44.58 -90.28
CA ASP BA 247 -62.48 43.56 -89.71
C ASP BA 247 -61.40 43.15 -90.68
N ASP BA 248 -60.17 43.15 -90.20
CA ASP BA 248 -59.05 42.70 -91.02
C ASP BA 248 -58.14 41.84 -90.19
N GLU BA 249 -57.87 40.64 -90.65
CA GLU BA 249 -56.94 39.77 -89.95
C GLU BA 249 -55.94 39.30 -90.94
N SER BA 250 -55.28 40.25 -91.61
CA SER BA 250 -54.33 39.89 -92.64
C SER BA 250 -52.95 39.74 -92.06
N ILE BA 251 -52.77 40.14 -90.81
CA ILE BA 251 -51.47 40.01 -90.20
C ILE BA 251 -51.41 38.72 -89.42
N ALA BA 252 -52.49 37.94 -89.44
CA ALA BA 252 -52.43 36.69 -88.71
C ALA BA 252 -51.43 35.73 -89.33
N LEU BA 253 -50.81 34.91 -88.49
CA LEU BA 253 -49.89 33.87 -88.92
C LEU BA 253 -50.65 32.55 -88.95
N ILE BA 254 -51.11 32.16 -90.14
CA ILE BA 254 -51.94 30.97 -90.26
C ILE BA 254 -51.12 29.93 -91.01
N PRO BA 255 -50.76 28.82 -90.39
CA PRO BA 255 -50.00 27.80 -91.11
C PRO BA 255 -50.73 27.39 -92.38
N ALA BA 256 -49.96 27.24 -93.45
CA ALA BA 256 -50.54 27.00 -94.76
C ALA BA 256 -49.89 25.80 -95.42
N LEU BA 257 -50.67 25.10 -96.22
CA LEU BA 257 -50.19 23.92 -96.93
C LEU BA 257 -49.64 24.33 -98.29
N ASP BA 258 -48.46 23.86 -98.61
CA ASP BA 258 -47.93 24.04 -99.95
C ASP BA 258 -48.77 23.23 -100.94
N PRO BA 259 -49.31 23.86 -101.98
CA PRO BA 259 -50.04 23.07 -102.99
C PRO BA 259 -49.26 21.88 -103.52
N ALA BA 260 -47.93 21.96 -103.49
CA ALA BA 260 -47.12 20.84 -103.95
C ALA BA 260 -46.96 19.76 -102.89
N GLY BA 261 -47.42 20.02 -101.67
CA GLY BA 261 -47.29 19.07 -100.58
C GLY BA 261 -45.93 19.05 -99.90
N SER BA 262 -45.06 19.99 -100.22
CA SER BA 262 -43.70 19.95 -99.71
C SER BA 262 -43.67 20.02 -98.19
N ASN BA 263 -44.66 20.69 -97.58
CA ASN BA 263 -44.72 20.83 -96.15
C ASN BA 263 -45.90 20.09 -95.53
N ALA BA 264 -46.47 19.12 -96.24
CA ALA BA 264 -47.65 18.43 -95.72
C ALA BA 264 -47.33 17.66 -94.45
N ASP BA 265 -46.09 17.20 -94.28
CA ASP BA 265 -45.79 16.36 -93.12
C ASP BA 265 -45.91 17.11 -91.80
N PHE BA 266 -46.01 18.45 -91.84
CA PHE BA 266 -46.11 19.21 -90.61
C PHE BA 266 -47.54 19.28 -90.08
N PHE BA 267 -48.51 18.83 -90.87
CA PHE BA 267 -49.93 19.01 -90.58
C PHE BA 267 -50.56 17.69 -90.18
N VAL BA 268 -51.74 17.78 -89.54
CA VAL BA 268 -52.48 16.58 -89.20
C VAL BA 268 -52.91 15.87 -90.48
N ASP BA 269 -53.00 14.56 -90.41
CA ASP BA 269 -53.42 13.79 -91.57
C ASP BA 269 -54.82 14.21 -91.99
N PRO BA 270 -55.03 14.51 -93.28
CA PRO BA 270 -56.37 14.90 -93.72
C PRO BA 270 -57.45 13.91 -93.35
N ALA BA 271 -57.10 12.63 -93.14
CA ALA BA 271 -58.10 11.64 -92.79
C ALA BA 271 -58.76 11.97 -91.46
N LEU BA 272 -58.02 12.58 -90.54
CA LEU BA 272 -58.61 12.92 -89.25
C LEU BA 272 -59.26 14.30 -89.27
N VAL BA 273 -58.57 15.28 -89.84
CA VAL BA 273 -59.13 16.62 -89.99
C VAL BA 273 -58.87 17.12 -91.40
N PRO BA 274 -59.90 17.25 -92.23
CA PRO BA 274 -59.68 17.70 -93.61
C PRO BA 274 -59.30 19.17 -93.66
N PRO BA 275 -58.39 19.55 -94.54
CA PRO BA 275 -58.06 20.96 -94.70
C PRO BA 275 -59.26 21.77 -95.19
N TYR BA 276 -59.28 23.04 -94.81
CA TYR BA 276 -60.32 23.99 -95.20
C TYR BA 276 -59.66 25.21 -95.82
N THR BA 277 -60.37 25.87 -96.73
CA THR BA 277 -59.81 27.02 -97.42
C THR BA 277 -60.16 28.31 -96.68
N ILE BA 278 -59.20 29.23 -96.63
CA ILE BA 278 -59.42 30.58 -96.14
C ILE BA 278 -59.19 31.54 -97.30
N LYS BA 279 -60.16 32.43 -97.52
CA LYS BA 279 -60.03 33.48 -98.52
C LYS BA 279 -59.88 34.81 -97.81
N ASN BA 280 -58.68 35.36 -97.85
CA ASN BA 280 -58.36 36.52 -97.02
C ASN BA 280 -58.80 37.80 -97.72
N GLU BA 281 -58.47 38.94 -97.12
CA GLU BA 281 -58.94 40.21 -97.65
C GLU BA 281 -58.44 40.44 -99.07
N GLN BA 282 -57.27 39.93 -99.41
CA GLN BA 282 -56.75 40.10 -100.76
C GLN BA 282 -57.34 39.12 -101.77
N ASN BA 283 -58.31 38.31 -101.37
CA ASN BA 283 -58.96 37.33 -102.23
C ASN BA 283 -57.95 36.34 -102.82
N LEU BA 284 -56.99 35.95 -101.99
CA LEU BA 284 -55.99 34.96 -102.34
C LEU BA 284 -56.20 33.74 -101.43
N THR BA 285 -56.70 32.66 -102.01
CA THR BA 285 -57.12 31.50 -101.22
C THR BA 285 -55.90 30.70 -100.74
N ILE BA 286 -55.96 30.28 -99.47
CA ILE BA 286 -54.90 29.46 -98.89
C ILE BA 286 -55.53 28.26 -98.21
N THR BA 287 -54.88 27.11 -98.32
CA THR BA 287 -55.31 25.87 -97.67
C THR BA 287 -54.72 25.80 -96.26
N THR BA 288 -55.58 25.62 -95.27
CA THR BA 288 -55.17 25.60 -93.87
C THR BA 288 -55.63 24.30 -93.23
N ALA BA 289 -54.80 23.75 -92.35
CA ALA BA 289 -55.17 22.62 -91.51
C ALA BA 289 -54.42 22.73 -90.20
N PRO BA 290 -54.96 22.14 -89.13
CA PRO BA 290 -54.24 22.16 -87.85
C PRO BA 290 -52.86 21.55 -87.97
N LEU BA 291 -51.91 22.10 -87.22
CA LEU BA 291 -50.57 21.54 -87.17
C LEU BA 291 -50.57 20.23 -86.39
N LYS BA 292 -49.72 19.31 -86.82
CA LYS BA 292 -49.61 18.04 -86.11
C LYS BA 292 -48.94 18.25 -84.76
N ALA BA 293 -49.47 17.61 -83.73
CA ALA BA 293 -48.82 17.64 -82.44
C ALA BA 293 -47.50 16.86 -82.51
N ASN BA 294 -46.53 17.30 -81.71
CA ASN BA 294 -45.18 16.74 -81.74
C ASN BA 294 -44.52 17.04 -83.09
N VAL BA 295 -44.36 18.34 -83.36
CA VAL BA 295 -43.86 18.80 -84.64
C VAL BA 295 -42.83 19.89 -84.40
N ARG BA 296 -41.78 19.89 -85.24
CA ARG BA 296 -40.78 20.95 -85.24
C ARG BA 296 -40.81 21.58 -86.62
N LEU BA 297 -41.18 22.86 -86.71
CA LEU BA 297 -41.38 23.48 -88.00
C LEU BA 297 -40.85 24.91 -88.00
N ASP BA 298 -40.54 25.42 -89.19
CA ASP BA 298 -40.33 26.83 -89.41
C ASP BA 298 -41.68 27.52 -89.42
N LEU BA 299 -42.06 28.15 -88.31
CA LEU BA 299 -43.44 28.58 -88.13
C LEU BA 299 -43.81 29.69 -89.10
N MET BA 300 -42.90 30.64 -89.31
CA MET BA 300 -43.13 31.68 -90.31
C MET BA 300 -42.99 31.17 -91.72
N GLY BA 301 -42.02 30.30 -91.99
CA GLY BA 301 -41.84 29.80 -93.33
C GLY BA 301 -43.06 29.06 -93.80
N ASN BA 302 -43.74 28.38 -92.86
CA ASN BA 302 -44.93 27.60 -93.18
C ASN BA 302 -46.21 28.42 -93.12
N SER BA 303 -46.10 29.73 -92.90
CA SER BA 303 -47.26 30.57 -92.72
C SER BA 303 -47.90 30.93 -94.05
N ASN BA 304 -49.17 31.32 -93.99
CA ASN BA 304 -49.86 31.82 -95.17
C ASN BA 304 -49.16 33.04 -95.74
N ALA BA 305 -48.42 33.77 -94.90
CA ALA BA 305 -47.70 34.94 -95.37
C ALA BA 305 -46.65 34.58 -96.39
N ASN BA 306 -46.11 33.37 -96.35
CA ASN BA 306 -45.08 32.99 -97.31
C ASN BA 306 -45.69 32.51 -98.61
N LEU BA 307 -46.85 31.88 -98.56
CA LEU BA 307 -47.53 31.38 -99.75
C LEU BA 307 -48.56 32.35 -100.32
N LEU BA 308 -48.70 33.53 -99.72
CA LEU BA 308 -49.81 34.40 -100.08
C LEU BA 308 -49.61 35.02 -101.46
N ILE BA 309 -48.55 35.78 -101.64
CA ILE BA 309 -48.29 36.49 -102.89
C ILE BA 309 -47.16 35.84 -103.68
N GLN BA 310 -45.98 35.72 -103.06
CA GLN BA 310 -44.84 35.09 -103.72
C GLN BA 310 -44.04 34.35 -102.66
N ARG BA 311 -43.56 33.15 -103.01
CA ARG BA 311 -42.82 32.34 -102.06
C ARG BA 311 -41.42 32.91 -101.85
N GLY BA 312 -41.01 32.99 -100.58
CA GLY BA 312 -39.65 33.36 -100.21
C GLY BA 312 -39.51 34.83 -99.83
N MET BA 313 -40.63 35.54 -99.69
CA MET BA 313 -40.58 36.97 -99.41
C MET BA 313 -40.15 37.24 -97.98
N LEU BA 314 -40.46 36.31 -97.08
CA LEU BA 314 -40.31 36.53 -95.65
C LEU BA 314 -38.83 36.64 -95.29
N GLU BA 315 -38.48 37.65 -94.49
CA GLU BA 315 -37.10 37.87 -94.10
C GLU BA 315 -37.02 38.00 -92.58
N VAL BA 316 -35.79 38.23 -92.09
CA VAL BA 316 -35.56 38.36 -90.67
C VAL BA 316 -36.32 39.56 -90.10
N SER BA 317 -36.66 40.52 -90.95
CA SER BA 317 -37.47 41.65 -90.51
C SER BA 317 -38.87 41.21 -90.09
N ASP BA 318 -39.36 40.12 -90.63
CA ASP BA 318 -40.63 39.59 -90.18
C ASP BA 318 -40.50 38.88 -88.85
N THR BA 319 -41.24 39.36 -87.85
CA THR BA 319 -41.13 38.84 -86.50
C THR BA 319 -42.51 38.43 -86.00
N ILE BA 320 -42.53 37.53 -85.01
CA ILE BA 320 -43.79 37.07 -84.43
C ILE BA 320 -44.14 37.92 -83.21
N ASP BA 321 -45.42 38.21 -83.09
CA ASP BA 321 -45.92 38.98 -81.97
C ASP BA 321 -45.90 38.11 -80.71
N PRO BA 322 -45.19 38.51 -79.67
CA PRO BA 322 -45.19 37.72 -78.42
C PRO BA 322 -46.56 37.58 -77.79
N ALA BA 323 -47.49 38.49 -78.08
CA ALA BA 323 -48.84 38.43 -77.51
C ALA BA 323 -49.72 37.55 -78.39
N GLY BA 324 -49.90 36.31 -77.99
CA GLY BA 324 -50.65 35.35 -78.78
C GLY BA 324 -51.29 34.33 -77.86
N ARG BA 325 -52.05 33.42 -78.45
CA ARG BA 325 -52.79 32.44 -77.67
C ARG BA 325 -52.73 31.09 -78.36
N LEU BA 326 -52.94 30.04 -77.57
CA LEU BA 326 -53.27 28.72 -78.09
C LEU BA 326 -54.75 28.74 -78.44
N LYS BA 327 -55.06 28.54 -79.72
CA LYS BA 327 -56.45 28.71 -80.15
C LYS BA 327 -57.26 27.43 -79.97
N ASN BA 328 -56.80 26.31 -80.54
CA ASN BA 328 -57.58 25.08 -80.52
C ASN BA 328 -56.69 23.88 -80.24
N LEU BA 329 -57.26 22.87 -79.58
CA LEU BA 329 -56.68 21.53 -79.51
C LEU BA 329 -57.64 20.57 -80.17
N PHE BA 330 -57.13 19.71 -81.06
CA PHE BA 330 -57.93 18.69 -81.71
C PHE BA 330 -57.56 17.34 -81.09
N VAL BA 331 -58.53 16.71 -80.45
CA VAL BA 331 -58.28 15.50 -79.65
C VAL BA 331 -58.99 14.33 -80.32
N LEU BA 332 -58.24 13.28 -80.62
CA LEU BA 332 -58.84 12.07 -81.15
C LEU BA 332 -59.50 11.30 -80.04
N LEU BA 333 -60.76 10.91 -80.25
CA LEU BA 333 -61.52 10.24 -79.21
C LEU BA 333 -62.53 9.32 -79.88
N GLY BA 334 -62.31 8.02 -79.77
CA GLY BA 334 -63.26 7.05 -80.28
C GLY BA 334 -63.31 6.96 -81.80
N GLY BA 335 -62.19 7.20 -82.46
CA GLY BA 335 -62.15 7.17 -83.91
C GLY BA 335 -62.44 8.48 -84.61
N LYS BA 336 -62.91 9.50 -83.88
CA LYS BA 336 -63.21 10.79 -84.48
C LYS BA 336 -62.61 11.89 -83.62
N VAL BA 337 -62.52 13.09 -84.19
CA VAL BA 337 -61.82 14.21 -83.58
C VAL BA 337 -62.82 15.15 -82.95
N VAL BA 338 -62.53 15.61 -81.74
CA VAL BA 338 -63.30 16.66 -81.07
C VAL BA 338 -62.45 17.92 -81.02
N LYS BA 339 -63.06 19.04 -81.37
CA LYS BA 339 -62.39 20.33 -81.38
C LYS BA 339 -62.66 21.07 -80.09
N PHE BA 340 -61.59 21.42 -79.37
CA PHE BA 340 -61.70 22.11 -78.10
C PHE BA 340 -61.20 23.54 -78.27
N LYS BA 341 -62.04 24.51 -77.97
CA LYS BA 341 -61.64 25.92 -78.00
C LYS BA 341 -61.10 26.30 -76.63
N VAL BA 342 -59.82 26.65 -76.59
CA VAL BA 342 -59.13 26.86 -75.32
C VAL BA 342 -58.56 28.27 -75.26
N ASP BA 343 -58.88 29.10 -76.25
CA ASP BA 343 -58.22 30.39 -76.37
C ASP BA 343 -58.52 31.30 -75.19
N ARG BA 344 -59.68 31.14 -74.59
CA ARG BA 344 -60.11 32.04 -73.52
C ARG BA 344 -59.41 31.70 -72.19
N LEU BA 345 -58.82 30.51 -72.09
CA LEU BA 345 -58.39 30.00 -70.80
C LEU BA 345 -57.08 30.67 -70.36
N PRO BA 346 -56.89 30.88 -69.05
CA PRO BA 346 -55.65 31.50 -68.58
C PRO BA 346 -54.39 30.78 -69.02
N ARG BA 347 -54.47 29.47 -69.30
CA ARG BA 347 -53.28 28.71 -69.69
C ARG BA 347 -52.99 28.81 -71.19
N ALA BA 348 -53.86 29.43 -71.98
CA ALA BA 348 -53.65 29.53 -73.41
C ALA BA 348 -52.77 30.70 -73.82
N VAL BA 349 -52.43 31.60 -72.90
CA VAL BA 349 -51.66 32.78 -73.27
C VAL BA 349 -50.20 32.41 -73.46
N PHE BA 350 -49.54 33.10 -74.39
CA PHE BA 350 -48.11 32.94 -74.54
C PHE BA 350 -47.38 33.51 -73.34
N GLN BA 351 -46.31 32.85 -72.94
CA GLN BA 351 -45.50 33.36 -71.86
C GLN BA 351 -44.06 33.52 -72.32
N PRO BA 352 -43.33 34.46 -71.74
CA PRO BA 352 -41.91 34.58 -72.06
C PRO BA 352 -41.12 33.39 -71.54
N ASP BA 353 -40.08 33.02 -72.28
CA ASP BA 353 -39.16 31.98 -71.85
C ASP BA 353 -38.20 32.58 -70.84
N LEU BA 354 -38.25 32.10 -69.59
CA LEU BA 354 -37.44 32.70 -68.54
C LEU BA 354 -35.96 32.34 -68.69
N VAL BA 355 -35.66 31.19 -69.29
CA VAL BA 355 -34.29 30.73 -69.42
C VAL BA 355 -34.00 30.49 -70.90
N GLY BA 356 -32.98 31.15 -71.40
CA GLY BA 356 -32.69 31.11 -72.82
C GLY BA 356 -32.83 32.48 -73.46
N ASP BA 357 -33.05 32.46 -74.76
CA ASP BA 357 -33.13 33.69 -75.52
C ASP BA 357 -34.32 34.53 -75.04
N THR BA 358 -34.08 35.83 -74.88
CA THR BA 358 -35.12 36.70 -74.35
C THR BA 358 -36.29 36.82 -75.30
N ARG BA 359 -36.10 36.43 -76.57
CA ARG BA 359 -37.17 36.55 -77.53
C ARG BA 359 -37.97 35.25 -77.67
N ASN BA 360 -37.65 34.24 -76.88
CA ASN BA 360 -38.42 33.00 -76.93
C ASN BA 360 -39.74 33.15 -76.20
N ALA BA 361 -40.82 32.69 -76.81
CA ALA BA 361 -42.10 32.59 -76.13
C ALA BA 361 -42.47 31.13 -75.95
N VAL BA 362 -42.85 30.77 -74.73
CA VAL BA 362 -43.12 29.39 -74.38
C VAL BA 362 -44.61 29.23 -74.11
N ILE BA 363 -45.18 28.16 -74.63
CA ILE BA 363 -46.57 27.81 -74.38
C ILE BA 363 -46.58 26.54 -73.52
N ARG BA 364 -47.26 26.62 -72.38
CA ARG BA 364 -47.46 25.46 -71.50
C ARG BA 364 -48.94 25.40 -71.16
N PHE BA 365 -49.70 24.60 -71.91
CA PHE BA 365 -51.11 24.44 -71.63
C PHE BA 365 -51.39 23.16 -70.88
N ASP BA 366 -51.84 23.27 -69.64
CA ASP BA 366 -52.01 22.10 -68.81
C ASP BA 366 -53.34 22.21 -68.14
N SER BA 367 -54.30 21.40 -68.58
CA SER BA 367 -55.66 21.55 -68.10
C SER BA 367 -56.27 20.20 -67.99
N ASP BA 368 -56.89 19.95 -66.85
CA ASP BA 368 -57.66 18.73 -66.65
C ASP BA 368 -59.15 18.92 -66.85
N ASP BA 369 -59.59 20.09 -67.31
CA ASP BA 369 -61.01 20.46 -67.33
C ASP BA 369 -61.58 20.53 -68.74
N LEU BA 370 -60.99 19.84 -69.70
CA LEU BA 370 -61.59 19.72 -71.02
C LEU BA 370 -62.73 18.73 -70.96
N VAL BA 371 -63.92 19.15 -71.39
CA VAL BA 371 -65.14 18.38 -71.20
C VAL BA 371 -65.63 17.87 -72.55
N VAL BA 372 -65.91 16.57 -72.62
CA VAL BA 372 -66.63 15.96 -73.72
C VAL BA 372 -67.79 15.18 -73.14
N SER BA 373 -68.97 15.32 -73.74
CA SER BA 373 -70.18 14.77 -73.16
C SER BA 373 -71.17 14.49 -74.28
N GLY BA 374 -72.31 13.93 -73.91
CA GLY BA 374 -73.34 13.64 -74.89
C GLY BA 374 -73.86 14.85 -75.63
N ASP BA 375 -73.69 16.04 -75.06
CA ASP BA 375 -74.18 17.25 -75.73
C ASP BA 375 -73.21 17.73 -76.81
N THR BA 376 -71.94 17.34 -76.72
CA THR BA 376 -70.95 17.80 -77.67
C THR BA 376 -71.03 17.02 -78.97
N THR BA 377 -70.35 17.51 -79.99
CA THR BA 377 -70.29 16.87 -81.29
C THR BA 377 -68.84 16.74 -81.74
N PHE BA 378 -68.61 15.87 -82.72
CA PHE BA 378 -67.31 15.81 -83.39
C PHE BA 378 -67.19 16.96 -84.40
N ILE BA 379 -66.00 17.06 -85.02
CA ILE BA 379 -65.74 18.13 -85.98
C ILE BA 379 -66.69 18.00 -87.16
N ASP BA 380 -67.18 16.79 -87.42
CA ASP BA 380 -68.09 16.57 -88.53
C ASP BA 380 -69.53 16.87 -88.16
N GLY BA 381 -69.79 17.31 -86.93
CA GLY BA 381 -71.13 17.68 -86.52
C GLY BA 381 -71.96 16.52 -86.06
N SER BA 382 -71.42 15.31 -86.05
CA SER BA 382 -72.16 14.11 -85.68
C SER BA 382 -71.93 13.82 -84.21
N ALA BA 383 -73.00 13.55 -83.48
CA ALA BA 383 -72.91 13.02 -82.13
C ALA BA 383 -73.16 11.52 -82.19
N ASP BA 384 -72.08 10.75 -82.18
CA ASP BA 384 -72.19 9.31 -82.34
C ASP BA 384 -71.06 8.64 -81.59
N GLY BA 385 -71.02 7.32 -81.68
CA GLY BA 385 -69.92 6.61 -81.06
C GLY BA 385 -69.91 6.86 -79.57
N VAL BA 386 -68.77 7.28 -79.05
CA VAL BA 386 -68.65 7.52 -77.61
C VAL BA 386 -69.63 8.60 -77.17
N ILE BA 387 -69.85 9.62 -77.98
CA ILE BA 387 -70.71 10.72 -77.57
C ILE BA 387 -72.13 10.23 -77.34
N ASN BA 388 -72.63 9.37 -78.23
CA ASN BA 388 -73.98 8.84 -78.07
C ASN BA 388 -74.08 8.02 -76.78
N ASP BA 389 -73.06 7.20 -76.50
CA ASP BA 389 -73.09 6.40 -75.29
C ASP BA 389 -73.02 7.26 -74.04
N LEU BA 390 -72.24 8.35 -74.10
CA LEU BA 390 -72.22 9.29 -72.98
C LEU BA 390 -73.59 9.94 -72.79
N LYS BA 391 -74.29 10.22 -73.89
CA LYS BA 391 -75.61 10.83 -73.77
C LYS BA 391 -76.60 9.87 -73.11
N THR BA 392 -76.64 8.62 -73.58
CA THR BA 392 -77.60 7.68 -73.02
C THR BA 392 -77.24 7.26 -71.60
N ALA BA 393 -75.95 7.26 -71.24
CA ALA BA 393 -75.53 6.93 -69.89
C ALA BA 393 -75.59 8.11 -68.94
N LYS BA 394 -75.93 9.30 -69.43
CA LYS BA 394 -75.92 10.52 -68.63
C LYS BA 394 -74.58 10.74 -67.96
N LEU BA 395 -73.49 10.58 -68.71
CA LEU BA 395 -72.14 10.73 -68.20
C LEU BA 395 -71.42 11.82 -68.97
N SER BA 396 -70.54 12.54 -68.29
CA SER BA 396 -69.62 13.47 -68.91
C SER BA 396 -68.19 13.09 -68.52
N LEU BA 397 -67.26 13.24 -69.46
CA LEU BA 397 -65.86 12.94 -69.23
C LEU BA 397 -65.08 14.22 -69.01
N ARG BA 398 -64.11 14.18 -68.10
CA ARG BA 398 -63.15 15.25 -67.95
C ARG BA 398 -61.79 14.73 -68.46
N LEU BA 399 -61.26 15.39 -69.48
CA LEU BA 399 -60.06 14.94 -70.14
C LEU BA 399 -58.86 15.71 -69.61
N SER BA 400 -57.73 15.02 -69.43
CA SER BA 400 -56.50 15.64 -68.98
C SER BA 400 -55.53 15.69 -70.15
N VAL BA 401 -55.16 16.91 -70.56
CA VAL BA 401 -54.29 17.09 -71.72
C VAL BA 401 -53.10 17.94 -71.31
N GLY BA 402 -52.03 17.80 -72.08
CA GLY BA 402 -50.84 18.62 -71.91
C GLY BA 402 -50.20 18.96 -73.23
N PHE BA 403 -50.16 20.25 -73.56
CA PHE BA 403 -49.62 20.71 -74.83
C PHE BA 403 -48.65 21.87 -74.56
N GLY BA 404 -47.49 21.84 -75.19
CA GLY BA 404 -46.53 22.91 -75.01
C GLY BA 404 -45.57 23.06 -76.17
N GLY BA 405 -44.92 24.22 -76.27
CA GLY BA 405 -43.95 24.43 -77.33
C GLY BA 405 -43.24 25.75 -77.15
N THR BA 406 -42.13 25.90 -77.86
CA THR BA 406 -41.33 27.11 -77.79
C THR BA 406 -41.30 27.77 -79.16
N ILE BA 407 -41.62 29.06 -79.21
CA ILE BA 407 -41.57 29.84 -80.45
C ILE BA 407 -40.41 30.81 -80.33
N SER BA 408 -39.51 30.76 -81.30
CA SER BA 408 -38.44 31.75 -81.40
C SER BA 408 -38.97 32.94 -82.19
N LEU BA 409 -39.32 34.01 -81.48
CA LEU BA 409 -40.09 35.09 -82.10
C LEU BA 409 -39.30 35.77 -83.20
N SER BA 410 -37.98 35.84 -83.06
CA SER BA 410 -37.18 36.51 -84.08
C SER BA 410 -36.90 35.60 -85.27
N LYS BA 411 -36.55 34.34 -85.00
CA LYS BA 411 -36.19 33.40 -86.07
C LYS BA 411 -37.38 32.85 -86.81
N GLY BA 412 -38.48 32.57 -86.11
CA GLY BA 412 -39.63 31.99 -86.76
C GLY BA 412 -39.74 30.49 -86.65
N ASP BA 413 -38.79 29.83 -85.98
CA ASP BA 413 -38.86 28.39 -85.78
C ASP BA 413 -39.55 28.09 -84.46
N SER BA 414 -40.22 26.93 -84.40
CA SER BA 414 -40.87 26.52 -83.16
C SER BA 414 -40.97 25.01 -83.12
N LYS BA 415 -41.09 24.49 -81.91
CA LYS BA 415 -41.34 23.07 -81.66
C LYS BA 415 -42.48 22.93 -80.67
N PHE BA 416 -43.46 22.10 -81.02
CA PHE BA 416 -44.60 21.83 -80.15
C PHE BA 416 -44.67 20.33 -79.88
N GLY BA 417 -45.18 19.98 -78.71
CA GLY BA 417 -45.37 18.59 -78.36
C GLY BA 417 -46.56 18.41 -77.46
N ALA BA 418 -47.02 17.17 -77.34
CA ALA BA 418 -48.20 16.86 -76.54
C ALA BA 418 -47.92 15.62 -75.72
N THR BA 419 -48.35 15.63 -74.46
CA THR BA 419 -48.13 14.50 -73.58
C THR BA 419 -49.29 13.51 -73.70
N ASP BA 420 -49.12 12.35 -73.07
CA ASP BA 420 -50.19 11.36 -73.06
C ASP BA 420 -51.46 11.96 -72.47
N THR BA 421 -52.59 11.63 -73.08
CA THR BA 421 -53.89 12.16 -72.68
C THR BA 421 -54.64 11.09 -71.89
N TYR BA 422 -55.21 11.49 -70.75
CA TYR BA 422 -55.93 10.58 -69.88
C TYR BA 422 -57.32 11.11 -69.57
N VAL BA 423 -58.20 10.21 -69.16
CA VAL BA 423 -59.52 10.58 -68.65
C VAL BA 423 -59.36 10.88 -67.16
N ASP BA 424 -59.53 12.14 -66.79
CA ASP BA 424 -59.31 12.53 -65.40
C ASP BA 424 -60.45 12.06 -64.51
N LYS BA 425 -61.68 12.30 -64.92
CA LYS BA 425 -62.84 11.95 -64.13
C LYS BA 425 -63.95 11.47 -65.05
N VAL BA 426 -64.87 10.70 -64.46
CA VAL BA 426 -66.10 10.35 -65.15
C VAL BA 426 -67.13 10.86 -64.16
N LEU BA 427 -68.06 11.71 -64.57
CA LEU BA 427 -69.07 12.28 -63.69
C LEU BA 427 -70.46 12.00 -64.27
N ASN BA 428 -71.44 11.89 -63.38
CA ASN BA 428 -72.84 11.84 -63.77
C ASN BA 428 -73.36 13.27 -63.92
N GLU BA 429 -74.63 13.40 -64.32
CA GLU BA 429 -75.19 14.73 -64.50
C GLU BA 429 -75.32 15.46 -63.17
N ASP BA 430 -75.57 14.70 -62.10
CA ASP BA 430 -75.73 15.31 -60.79
C ASP BA 430 -74.43 15.94 -60.29
N GLY BA 431 -73.29 15.44 -60.75
CA GLY BA 431 -72.01 16.01 -60.40
C GLY BA 431 -71.12 15.13 -59.55
N GLN BA 432 -71.44 13.86 -59.36
CA GLN BA 432 -70.60 12.97 -58.57
C GLN BA 432 -69.64 12.22 -59.48
N VAL BA 433 -68.43 11.98 -58.99
CA VAL BA 433 -67.47 11.16 -59.72
C VAL BA 433 -67.83 9.70 -59.51
N MET BA 434 -67.87 8.94 -60.60
CA MET BA 434 -68.23 7.54 -60.55
C MET BA 434 -66.99 6.66 -60.70
N ASP BA 435 -67.02 5.51 -60.04
CA ASP BA 435 -65.93 4.55 -60.19
C ASP BA 435 -65.85 4.04 -61.62
N ASN BA 436 -64.64 3.93 -62.12
CA ASN BA 436 -64.42 3.55 -63.51
C ASN BA 436 -64.75 2.08 -63.78
N ALA BA 437 -64.95 1.28 -62.72
CA ALA BA 437 -65.28 -0.13 -62.90
C ALA BA 437 -66.77 -0.34 -63.18
N ASP BA 438 -67.60 0.66 -62.97
CA ASP BA 438 -69.03 0.51 -63.18
C ASP BA 438 -69.28 0.18 -64.66
N PRO BA 439 -69.95 -0.94 -64.97
CA PRO BA 439 -70.15 -1.28 -66.38
C PRO BA 439 -70.72 -0.15 -67.21
N ALA BA 440 -71.54 0.72 -66.62
CA ALA BA 440 -72.13 1.82 -67.36
C ALA BA 440 -71.07 2.72 -67.96
N VAL BA 441 -69.97 2.93 -67.23
CA VAL BA 441 -68.89 3.78 -67.72
C VAL BA 441 -67.74 2.97 -68.31
N LYS BA 442 -67.47 1.77 -67.77
CA LYS BA 442 -66.35 0.99 -68.28
C LYS BA 442 -66.55 0.65 -69.75
N ALA BA 443 -67.78 0.32 -70.15
CA ALA BA 443 -68.05 0.03 -71.54
C ALA BA 443 -67.70 1.21 -72.43
N ILE BA 444 -67.82 2.43 -71.91
CA ILE BA 444 -67.46 3.61 -72.68
C ILE BA 444 -65.96 3.83 -72.67
N LEU BA 445 -65.33 3.71 -71.50
CA LEU BA 445 -63.90 3.99 -71.40
C LEU BA 445 -63.08 3.04 -72.26
N ASP BA 446 -63.55 1.81 -72.46
CA ASP BA 446 -62.84 0.87 -73.33
C ASP BA 446 -62.77 1.39 -74.76
N GLN BA 447 -63.61 2.36 -75.11
CA GLN BA 447 -63.61 2.89 -76.47
C GLN BA 447 -62.59 3.98 -76.67
N LEU BA 448 -61.95 4.44 -75.60
CA LEU BA 448 -61.03 5.58 -75.64
C LEU BA 448 -59.58 5.11 -75.59
N THR BA 449 -59.30 4.08 -76.38
CA THR BA 449 -57.93 3.59 -76.48
C THR BA 449 -57.08 4.45 -77.41
N ASP BA 450 -57.72 5.31 -78.21
CA ASP BA 450 -57.03 6.20 -79.12
C ASP BA 450 -57.02 7.64 -78.61
N LEU BA 451 -57.26 7.83 -77.32
CA LEU BA 451 -57.38 9.16 -76.74
C LEU BA 451 -56.06 9.90 -76.83
N ALA BA 452 -55.97 10.93 -77.67
CA ALA BA 452 -54.72 11.67 -77.79
C ALA BA 452 -54.98 13.02 -78.46
N VAL BA 453 -54.06 13.95 -78.23
CA VAL BA 453 -54.05 15.23 -78.93
C VAL BA 453 -53.34 15.00 -80.26
N ILE BA 454 -54.03 15.28 -81.36
CA ILE BA 454 -53.42 15.06 -82.67
C ILE BA 454 -52.91 16.34 -83.31
N GLY BA 455 -53.56 17.47 -83.07
CA GLY BA 455 -53.16 18.72 -83.68
C GLY BA 455 -53.57 19.91 -82.86
N PHE BA 456 -53.22 21.09 -83.35
CA PHE BA 456 -53.48 22.33 -82.65
C PHE BA 456 -53.54 23.46 -83.66
N GLU BA 457 -54.12 24.57 -83.24
CA GLU BA 457 -54.08 25.80 -84.01
C GLU BA 457 -53.71 26.95 -83.08
N LEU BA 458 -52.95 27.90 -83.61
CA LEU BA 458 -52.49 29.04 -82.85
C LEU BA 458 -53.25 30.31 -83.24
N ASP BA 459 -53.18 31.29 -82.36
CA ASP BA 459 -53.64 32.64 -82.62
C ASP BA 459 -52.43 33.53 -82.90
N THR BA 460 -51.34 32.92 -83.35
CA THR BA 460 -50.12 33.65 -83.63
C THR BA 460 -50.36 34.65 -84.77
N ARG BA 461 -49.82 35.85 -84.60
CA ARG BA 461 -49.93 36.89 -85.60
C ARG BA 461 -48.59 37.57 -85.76
N PHE BA 462 -48.40 38.23 -86.90
CA PHE BA 462 -47.14 38.92 -87.15
C PHE BA 462 -47.17 40.27 -86.45
N THR BA 463 -45.99 40.79 -86.16
CA THR BA 463 -45.82 42.19 -85.81
C THR BA 463 -45.62 42.96 -87.11
N ASN BA 464 -46.65 43.68 -87.54
CA ASN BA 464 -46.63 44.31 -88.85
C ASN BA 464 -45.86 45.63 -88.79
N THR BA 465 -44.61 45.51 -88.35
CA THR BA 465 -43.76 46.68 -88.23
C THR BA 465 -42.99 46.94 -89.52
N ASN BA 466 -42.78 45.92 -90.36
CA ASN BA 466 -42.24 46.14 -91.69
C ASN BA 466 -43.32 46.44 -92.71
N ARG BA 467 -44.56 46.67 -92.27
CA ARG BA 467 -45.61 47.16 -93.14
C ARG BA 467 -45.74 46.27 -94.38
N ARG BA 468 -45.66 44.96 -94.14
CA ARG BA 468 -45.92 44.00 -95.20
C ARG BA 468 -47.39 43.98 -95.58
N GLN BA 469 -48.27 44.03 -94.60
CA GLN BA 469 -49.72 43.97 -94.80
C GLN BA 469 -50.28 45.39 -94.79
N ARG BA 470 -51.08 45.71 -95.80
CA ARG BA 470 -51.66 47.04 -95.89
C ARG BA 470 -52.97 47.12 -95.11
N GLY BA 471 -53.71 46.03 -95.07
CA GLY BA 471 -55.05 46.03 -94.51
C GLY BA 471 -56.06 46.58 -95.50
N HIS BA 472 -57.11 47.22 -94.98
CA HIS BA 472 -58.13 47.84 -95.80
C HIS BA 472 -57.67 49.23 -96.23
N LEU BA 473 -58.22 49.69 -97.35
CA LEU BA 473 -57.89 51.00 -97.88
C LEU BA 473 -59.12 51.89 -97.82
N LEU BA 474 -58.89 53.16 -97.49
CA LEU BA 474 -59.94 54.17 -97.48
C LEU BA 474 -59.65 55.14 -98.62
N GLN BA 475 -60.61 55.31 -99.52
CA GLN BA 475 -60.46 56.24 -100.63
C GLN BA 475 -61.72 57.08 -100.77
N THR BA 476 -61.56 58.33 -101.21
CA THR BA 476 -62.70 59.21 -101.33
C THR BA 476 -63.41 58.98 -102.65
N ARG BA 477 -64.74 58.92 -102.61
CA ARG BA 477 -65.56 58.83 -103.81
C ARG BA 477 -66.72 59.79 -103.66
N ALA BA 478 -67.37 60.11 -104.78
CA ALA BA 478 -68.55 60.97 -104.75
C ALA BA 478 -69.57 60.44 -105.76
N LEU BA 479 -70.85 60.56 -105.43
CA LEU BA 479 -71.94 60.16 -106.30
C LEU BA 479 -72.67 61.39 -106.79
N GLN BA 480 -73.25 61.30 -107.98
CA GLN BA 480 -74.01 62.40 -108.56
C GLN BA 480 -75.40 61.93 -108.94
N PHE BA 481 -76.41 62.70 -108.51
CA PHE BA 481 -77.80 62.49 -108.91
C PHE BA 481 -78.30 63.70 -109.67
N ARG BA 482 -79.09 63.45 -110.71
CA ARG BA 482 -79.58 64.49 -111.59
C ARG BA 482 -81.10 64.46 -111.64
N HIS BA 483 -81.72 65.60 -111.38
CA HIS BA 483 -83.18 65.71 -111.33
C HIS BA 483 -83.64 66.86 -112.21
N PRO BA 484 -83.88 66.63 -113.51
CA PRO BA 484 -84.44 67.68 -114.36
C PRO BA 484 -85.93 67.86 -114.14
N ILE BA 485 -86.38 69.10 -114.28
CA ILE BA 485 -87.76 69.48 -114.00
C ILE BA 485 -88.52 69.52 -115.33
N PRO BA 486 -89.57 68.72 -115.51
CA PRO BA 486 -90.35 68.75 -116.73
C PRO BA 486 -91.40 69.85 -116.75
N MET BA 487 -91.84 70.18 -117.96
CA MET BA 487 -93.05 70.97 -118.12
C MET BA 487 -94.26 70.04 -118.10
N HIS BA 488 -95.39 70.57 -117.64
CA HIS BA 488 -96.61 69.78 -117.54
C HIS BA 488 -97.69 70.40 -118.40
N ALA BA 489 -98.68 69.58 -118.75
CA ALA BA 489 -99.76 70.05 -119.60
C ALA BA 489 -100.53 71.18 -118.92
N PRO BA 490 -100.95 72.19 -119.66
CA PRO BA 490 -101.62 73.33 -119.06
C PRO BA 490 -103.11 73.11 -118.86
N VAL BA 491 -103.75 74.10 -118.25
CA VAL BA 491 -105.20 74.24 -118.23
C VAL BA 491 -105.55 75.59 -118.87
N THR BA 492 -106.58 75.58 -119.72
CA THR BA 492 -106.91 76.74 -120.54
C THR BA 492 -108.29 77.25 -120.16
N LEU BA 493 -108.44 78.57 -120.04
CA LEU BA 493 -109.76 79.15 -119.91
C LEU BA 493 -110.17 79.81 -121.22
N PRO BA 494 -111.05 79.21 -122.00
CA PRO BA 494 -111.43 79.80 -123.28
C PRO BA 494 -112.37 80.97 -123.05
N MET BA 495 -112.30 81.92 -123.96
CA MET BA 495 -113.21 83.05 -123.97
C MET BA 495 -113.60 83.34 -125.41
N ASP BA 496 -114.77 83.93 -125.58
CA ASP BA 496 -115.16 84.44 -126.88
C ASP BA 496 -114.38 85.72 -127.14
N THR BA 497 -113.75 85.81 -128.31
CA THR BA 497 -112.96 86.99 -128.62
C THR BA 497 -113.83 88.23 -128.79
N MET BA 498 -115.15 88.07 -128.91
CA MET BA 498 -116.05 89.20 -129.07
C MET BA 498 -116.44 89.86 -127.76
N THR BA 499 -115.98 89.36 -126.61
CA THR BA 499 -116.31 89.94 -125.32
C THR BA 499 -115.16 90.80 -124.83
N ASP BA 500 -115.43 92.09 -124.63
CA ASP BA 500 -114.42 93.03 -124.21
C ASP BA 500 -114.44 93.27 -122.70
N GLU BA 501 -115.26 92.53 -121.96
CA GLU BA 501 -115.34 92.72 -120.51
C GLU BA 501 -114.08 92.20 -119.82
N GLY BA 502 -113.39 91.23 -120.42
CA GLY BA 502 -112.24 90.62 -119.82
C GLY BA 502 -112.65 89.53 -118.86
N PRO BA 503 -111.69 88.73 -118.43
CA PRO BA 503 -112.01 87.66 -117.49
C PRO BA 503 -112.33 88.25 -116.12
N GLY BA 504 -113.16 87.54 -115.37
CA GLY BA 504 -113.37 87.94 -114.00
C GLY BA 504 -112.49 87.13 -113.06
N GLU BA 505 -113.10 86.57 -112.01
CA GLU BA 505 -112.37 85.80 -111.03
C GLU BA 505 -112.14 84.36 -111.45
N VAL BA 506 -112.77 83.92 -112.54
CA VAL BA 506 -112.60 82.55 -112.98
C VAL BA 506 -111.17 82.29 -113.42
N VAL BA 507 -110.48 83.30 -113.96
CA VAL BA 507 -109.11 83.10 -114.41
C VAL BA 507 -108.24 82.65 -113.25
N LYS BA 508 -108.61 83.03 -112.03
CA LYS BA 508 -107.85 82.60 -110.86
C LYS BA 508 -108.03 81.11 -110.60
N ALA BA 509 -109.06 80.49 -111.17
CA ALA BA 509 -109.23 79.05 -111.01
C ALA BA 509 -108.19 78.27 -111.79
N LEU BA 510 -107.49 78.92 -112.71
CA LEU BA 510 -106.38 78.24 -113.38
C LEU BA 510 -105.24 77.98 -112.41
N THR BA 511 -104.97 78.91 -111.50
CA THR BA 511 -103.97 78.65 -110.46
C THR BA 511 -104.46 77.60 -109.47
N VAL BA 512 -105.73 77.69 -109.06
CA VAL BA 512 -106.26 76.71 -108.12
C VAL BA 512 -106.23 75.31 -108.73
N ASN BA 513 -106.64 75.20 -109.99
CA ASN BA 513 -106.56 73.91 -110.67
C ASN BA 513 -105.15 73.35 -110.63
N THR BA 514 -104.16 74.18 -110.99
CA THR BA 514 -102.77 73.74 -110.95
C THR BA 514 -102.32 73.37 -109.53
N ASN BA 515 -102.69 74.19 -108.53
CA ASN BA 515 -102.25 73.92 -107.17
C ASN BA 515 -102.82 72.59 -106.66
N ILE BA 516 -104.07 72.29 -107.05
CA ILE BA 516 -104.63 71.00 -106.66
C ILE BA 516 -103.87 69.86 -107.33
N ARG BA 517 -103.54 70.01 -108.62
CA ARG BA 517 -102.75 68.96 -109.25
C ARG BA 517 -101.40 68.79 -108.56
N ASN BA 518 -100.79 69.88 -108.10
CA ASN BA 518 -99.51 69.76 -107.39
C ASN BA 518 -99.66 68.83 -106.19
N SER BA 519 -100.72 69.01 -105.41
CA SER BA 519 -100.95 68.12 -104.28
C SER BA 519 -101.20 66.69 -104.73
N ASN BA 520 -101.96 66.51 -105.81
CA ASN BA 520 -102.24 65.15 -106.29
C ASN BA 520 -100.97 64.48 -106.78
N ASN BA 521 -100.06 65.23 -107.39
CA ASN BA 521 -98.80 64.68 -107.84
C ASN BA 521 -97.97 64.22 -106.67
N ALA BA 522 -98.00 64.96 -105.56
CA ALA BA 522 -97.30 64.52 -104.36
C ALA BA 522 -97.88 63.20 -103.86
N VAL BA 523 -99.21 63.06 -103.90
CA VAL BA 523 -99.79 61.81 -103.42
C VAL BA 523 -99.46 60.66 -104.38
N LYS BA 524 -99.60 60.87 -105.68
CA LYS BA 524 -99.29 59.81 -106.64
C LYS BA 524 -97.82 59.42 -106.57
N ARG BA 525 -96.92 60.39 -106.44
CA ARG BA 525 -95.51 60.07 -106.28
C ARG BA 525 -95.27 59.28 -105.00
N MET BA 526 -95.90 59.69 -103.90
CA MET BA 526 -95.74 58.95 -102.66
C MET BA 526 -96.17 57.50 -102.82
N LEU BA 527 -97.35 57.28 -103.40
CA LEU BA 527 -97.87 55.92 -103.49
C LEU BA 527 -97.04 55.08 -104.45
N ASN BA 528 -96.61 55.65 -105.57
CA ASN BA 528 -95.77 54.92 -106.51
C ASN BA 528 -94.39 54.68 -105.92
N TYR BA 529 -93.88 55.65 -105.16
CA TYR BA 529 -92.59 55.46 -104.51
C TYR BA 529 -92.63 54.34 -103.51
N LEU BA 530 -93.70 54.25 -102.72
CA LEU BA 530 -93.80 53.16 -101.76
C LEU BA 530 -93.80 51.82 -102.49
N ALA BA 531 -94.50 51.74 -103.62
CA ALA BA 531 -94.47 50.48 -104.39
C ALA BA 531 -93.05 50.14 -104.86
N GLN BA 532 -92.27 51.14 -105.26
CA GLN BA 532 -90.90 50.87 -105.70
C GLN BA 532 -90.07 50.31 -104.55
N LEU BA 533 -90.29 50.85 -103.35
CA LEU BA 533 -89.57 50.39 -102.17
C LEU BA 533 -89.91 48.95 -101.84
N ARG BA 534 -91.18 48.58 -101.98
CA ARG BA 534 -91.61 47.20 -101.75
C ARG BA 534 -90.86 46.28 -102.68
N GLU BA 535 -90.79 46.67 -103.95
CA GLU BA 535 -90.21 45.80 -104.96
C GLU BA 535 -88.73 45.57 -104.71
N VAL BA 536 -88.00 46.62 -104.32
CA VAL BA 536 -86.56 46.48 -104.14
C VAL BA 536 -86.25 45.74 -102.85
N VAL BA 537 -86.96 46.04 -101.76
CA VAL BA 537 -86.67 45.35 -100.51
C VAL BA 537 -87.03 43.86 -100.63
N HIS BA 538 -88.10 43.55 -101.33
CA HIS BA 538 -88.48 42.15 -101.51
C HIS BA 538 -87.38 41.37 -102.21
N ASN BA 539 -86.50 42.05 -102.92
CA ASN BA 539 -85.48 41.45 -103.77
C ASN BA 539 -84.13 41.34 -103.08
N GLY BA 540 -84.07 41.65 -101.78
CA GLY BA 540 -82.87 41.41 -101.00
C GLY BA 540 -81.80 42.46 -101.18
N TYR BA 541 -82.18 43.73 -101.23
CA TYR BA 541 -81.23 44.84 -101.27
C TYR BA 541 -81.25 45.61 -99.96
N ASN BA 542 -81.03 44.90 -98.85
CA ASN BA 542 -80.92 45.57 -97.56
C ASN BA 542 -79.68 46.44 -97.47
N ARG BA 543 -78.64 46.12 -98.24
CA ARG BA 543 -77.43 46.94 -98.22
C ARG BA 543 -77.59 48.13 -99.17
N PRO BA 544 -76.97 49.27 -98.86
CA PRO BA 544 -77.04 50.42 -99.77
C PRO BA 544 -76.27 50.18 -101.05
N LYS BA 545 -76.66 50.89 -102.11
CA LYS BA 545 -76.00 50.84 -103.40
C LYS BA 545 -76.43 52.06 -104.18
N PHE BA 546 -75.62 52.45 -105.16
CA PHE BA 546 -75.97 53.53 -106.06
C PHE BA 546 -76.71 52.98 -107.27
N GLY BA 547 -77.85 53.59 -107.59
CA GLY BA 547 -78.60 53.23 -108.77
C GLY BA 547 -79.62 52.12 -108.59
N ILE BA 548 -79.85 51.64 -107.37
CA ILE BA 548 -80.82 50.56 -107.20
C ILE BA 548 -82.24 51.08 -107.24
N ILE BA 549 -82.51 52.24 -106.63
CA ILE BA 549 -83.81 52.88 -106.70
C ILE BA 549 -83.63 54.39 -106.76
N GLU BA 550 -84.74 55.09 -106.93
CA GLU BA 550 -84.75 56.53 -106.76
C GLU BA 550 -84.41 56.86 -105.31
N GLY BA 551 -83.68 57.95 -105.11
CA GLY BA 551 -83.41 58.43 -103.77
C GLY BA 551 -81.93 58.69 -103.60
N ALA BA 552 -81.58 59.96 -103.40
CA ALA BA 552 -80.17 60.33 -103.30
C ALA BA 552 -79.50 59.64 -102.12
N LEU BA 553 -80.27 59.27 -101.09
CA LEU BA 553 -79.66 58.62 -99.94
C LEU BA 553 -79.71 57.10 -100.02
N SER BA 554 -80.24 56.52 -101.09
CA SER BA 554 -80.30 55.08 -101.17
C SER BA 554 -78.92 54.46 -101.25
N ALA BA 555 -77.92 55.27 -101.63
CA ALA BA 555 -76.54 54.77 -101.64
C ALA BA 555 -75.92 54.79 -100.25
N VAL BA 556 -76.57 55.43 -99.28
CA VAL BA 556 -76.03 55.54 -97.93
C VAL BA 556 -76.87 54.74 -96.93
N MET BA 557 -78.18 54.81 -97.04
CA MET BA 557 -79.11 54.22 -96.09
C MET BA 557 -79.49 52.81 -96.51
N ARG BA 558 -79.72 51.94 -95.54
CA ARG BA 558 -80.24 50.62 -95.86
C ARG BA 558 -81.67 50.74 -96.36
N PRO BA 559 -81.95 50.36 -97.61
CA PRO BA 559 -83.34 50.35 -98.07
C PRO BA 559 -84.21 49.49 -97.17
N THR BA 560 -85.29 50.09 -96.66
CA THR BA 560 -86.11 49.47 -95.64
C THR BA 560 -87.58 49.69 -95.93
N TYR BA 561 -88.37 48.62 -95.89
CA TYR BA 561 -89.80 48.73 -96.12
C TYR BA 561 -90.51 47.60 -95.41
N ARG BA 562 -91.58 47.91 -94.67
CA ARG BA 562 -92.43 46.88 -94.09
C ARG BA 562 -93.89 47.22 -94.34
N TYR BA 563 -94.62 46.24 -94.88
CA TYR BA 563 -96.05 46.34 -95.14
C TYR BA 563 -96.78 45.46 -94.14
N LYS BA 564 -97.68 46.07 -93.37
CA LYS BA 564 -98.43 45.40 -92.33
C LYS BA 564 -99.90 45.73 -92.50
N GLU BA 565 -100.74 44.70 -92.51
CA GLU BA 565 -102.18 44.87 -92.62
C GLU BA 565 -102.80 44.76 -91.22
N LEU BA 566 -103.53 45.79 -90.82
CA LEU BA 566 -104.15 45.82 -89.51
C LEU BA 566 -105.65 45.57 -89.63
N ASP BA 567 -106.08 44.36 -89.34
CA ASP BA 567 -107.48 44.00 -89.33
C ASP BA 567 -107.90 44.11 -87.87
N LEU BA 568 -108.51 45.22 -87.50
CA LEU BA 568 -108.63 45.55 -86.09
C LEU BA 568 -109.40 44.49 -85.33
N GLU BA 569 -110.35 43.82 -85.98
CA GLU BA 569 -111.08 42.75 -85.32
C GLU BA 569 -110.12 41.69 -84.80
N LYS BA 570 -108.97 41.52 -85.47
CA LYS BA 570 -107.97 40.54 -85.06
C LYS BA 570 -106.79 41.15 -84.34
N VAL BA 571 -106.84 42.42 -83.97
CA VAL BA 571 -105.73 43.10 -83.29
C VAL BA 571 -106.14 43.59 -81.91
N ILE BA 572 -107.37 44.09 -81.77
CA ILE BA 572 -107.74 44.76 -80.55
C ILE BA 572 -108.03 43.75 -79.46
N ASP BA 573 -107.59 44.08 -78.24
CA ASP BA 573 -108.02 43.36 -77.04
C ASP BA 573 -108.75 44.33 -76.11
N THR BA 574 -110.03 44.03 -75.86
CA THR BA 574 -110.89 44.87 -75.05
C THR BA 574 -111.82 43.99 -74.22
N ILE BA 575 -112.36 44.56 -73.15
CA ILE BA 575 -113.32 43.86 -72.31
C ILE BA 575 -114.60 44.66 -72.12
N LYS BA 576 -114.52 45.99 -72.05
CA LYS BA 576 -115.70 46.80 -71.81
C LYS BA 576 -115.70 48.02 -72.71
N SER BA 577 -116.90 48.44 -73.10
CA SER BA 577 -117.08 49.55 -74.03
C SER BA 577 -116.59 50.88 -73.47
N LYS BA 578 -116.57 51.05 -72.15
CA LYS BA 578 -116.10 52.29 -71.57
C LYS BA 578 -114.70 52.64 -72.06
N ASP BA 579 -113.88 51.64 -72.36
CA ASP BA 579 -112.50 51.85 -72.77
C ASP BA 579 -112.32 51.59 -74.26
N ARG BA 580 -113.41 51.44 -75.00
CA ARG BA 580 -113.29 51.01 -76.40
C ARG BA 580 -112.50 52.01 -77.21
N TRP BA 581 -112.69 53.30 -76.94
CA TRP BA 581 -111.95 54.32 -77.66
C TRP BA 581 -110.47 54.21 -77.37
N ASP BA 582 -110.09 54.08 -76.10
CA ASP BA 582 -108.67 54.00 -75.78
C ASP BA 582 -108.07 52.74 -76.39
N ASP BA 583 -108.83 51.64 -76.40
CA ASP BA 583 -108.32 50.38 -76.91
C ASP BA 583 -108.12 50.42 -78.43
N VAL BA 584 -109.01 51.07 -79.19
CA VAL BA 584 -108.78 51.18 -80.63
C VAL BA 584 -107.56 52.04 -80.91
N CYS BA 585 -107.47 53.20 -80.26
CA CYS BA 585 -106.35 54.10 -80.50
C CYS BA 585 -105.03 53.47 -80.07
N ALA BA 586 -105.02 52.82 -78.90
CA ALA BA 586 -103.81 52.18 -78.43
C ALA BA 586 -103.41 51.02 -79.35
N ALA BA 587 -104.39 50.24 -79.80
CA ALA BA 587 -104.08 49.09 -80.64
C ALA BA 587 -103.36 49.50 -81.92
N ILE BA 588 -103.82 50.59 -82.54
CA ILE BA 588 -103.19 51.03 -83.79
C ILE BA 588 -101.79 51.53 -83.52
N LEU BA 589 -101.64 52.39 -82.50
CA LEU BA 589 -100.33 52.95 -82.20
C LEU BA 589 -99.36 51.87 -81.75
N ASN BA 590 -99.83 50.91 -80.94
CA ASN BA 590 -98.93 49.87 -80.45
C ASN BA 590 -98.45 48.97 -81.57
N CYS BA 591 -99.34 48.64 -82.51
CA CYS BA 591 -98.89 47.85 -83.65
C CYS BA 591 -97.81 48.58 -84.43
N VAL BA 592 -97.99 49.88 -84.65
CA VAL BA 592 -96.98 50.65 -85.37
C VAL BA 592 -95.64 50.62 -84.63
N LYS BA 593 -95.66 50.80 -83.31
CA LYS BA 593 -94.42 50.72 -82.53
C LYS BA 593 -93.73 49.38 -82.73
N ALA BA 594 -94.50 48.30 -82.66
CA ALA BA 594 -93.91 46.97 -82.79
C ALA BA 594 -93.26 46.77 -84.15
N GLU BA 595 -93.86 47.33 -85.20
CA GLU BA 595 -93.23 47.18 -86.51
C GLU BA 595 -92.16 48.23 -86.76
N LEU BA 596 -92.27 49.41 -86.14
CA LEU BA 596 -91.32 50.48 -86.42
C LEU BA 596 -89.97 50.24 -85.77
N PHE BA 597 -89.94 49.88 -84.49
CA PHE BA 597 -88.66 49.70 -83.82
C PHE BA 597 -87.75 48.71 -84.54
N PRO BA 598 -88.21 47.52 -84.94
CA PRO BA 598 -87.35 46.66 -85.76
C PRO BA 598 -86.83 47.34 -87.00
N ALA BA 599 -87.65 48.14 -87.68
CA ALA BA 599 -87.20 48.79 -88.90
C ALA BA 599 -86.23 49.93 -88.58
N HIS BA 600 -86.47 50.64 -87.49
CA HIS BA 600 -85.52 51.67 -87.07
C HIS BA 600 -84.20 51.05 -86.67
N ARG BA 601 -84.24 49.91 -85.97
CA ARG BA 601 -83.02 49.22 -85.63
C ARG BA 601 -82.31 48.67 -86.86
N ASP BA 602 -83.05 47.97 -87.72
CA ASP BA 602 -82.46 47.33 -88.89
C ASP BA 602 -81.88 48.34 -89.85
N SER BA 603 -82.54 49.49 -89.99
CA SER BA 603 -82.01 50.55 -90.83
C SER BA 603 -80.91 51.31 -90.10
N ASN BA 604 -80.18 52.14 -90.85
CA ASN BA 604 -79.12 52.94 -90.27
C ASN BA 604 -79.46 54.42 -90.27
N ILE BA 605 -80.69 54.78 -89.94
CA ILE BA 605 -81.13 56.16 -90.14
C ILE BA 605 -80.30 57.09 -89.26
N GLU BA 606 -80.15 56.74 -87.98
CA GLU BA 606 -79.45 57.66 -87.08
C GLU BA 606 -78.01 57.87 -87.53
N ALA BA 607 -77.35 56.79 -87.98
CA ALA BA 607 -76.00 56.95 -88.52
C ALA BA 607 -75.99 57.81 -89.77
N ALA BA 608 -76.97 57.62 -90.65
CA ALA BA 608 -77.00 58.38 -91.89
C ALA BA 608 -77.24 59.86 -91.62
N PHE BA 609 -78.17 60.17 -90.73
CA PHE BA 609 -78.51 61.58 -90.50
C PHE BA 609 -77.36 62.29 -89.78
N ARG BA 610 -76.69 61.62 -88.86
CA ARG BA 610 -75.61 62.29 -88.13
C ARG BA 610 -74.46 62.64 -89.06
N VAL BA 611 -74.10 61.74 -89.96
CA VAL BA 611 -72.95 62.00 -90.83
C VAL BA 611 -73.32 63.02 -91.90
N ILE BA 612 -74.61 63.14 -92.22
CA ILE BA 612 -75.01 64.13 -93.20
C ILE BA 612 -75.18 65.52 -92.58
N SER BA 613 -75.87 65.61 -91.45
CA SER BA 613 -76.11 66.91 -90.84
C SER BA 613 -74.87 67.44 -90.14
N GLY BA 614 -74.01 66.56 -89.65
CA GLY BA 614 -72.88 66.96 -88.85
C GLY BA 614 -73.17 67.04 -87.38
N ASN BA 615 -74.41 66.81 -86.96
CA ASN BA 615 -74.79 66.86 -85.55
C ASN BA 615 -74.78 65.44 -85.02
N GLN BA 616 -73.86 65.16 -84.10
CA GLN BA 616 -73.69 63.80 -83.62
C GLN BA 616 -74.87 63.32 -82.80
N ASP BA 617 -75.86 64.18 -82.58
CA ASP BA 617 -77.13 63.80 -81.96
C ASP BA 617 -78.26 64.28 -82.86
N GLU BA 618 -78.68 63.41 -83.78
CA GLU BA 618 -79.64 63.76 -84.83
C GLU BA 618 -80.52 62.55 -85.09
N THR BA 619 -81.80 62.67 -84.74
CA THR BA 619 -82.73 61.56 -84.88
C THR BA 619 -83.86 61.94 -85.81
N PRO BA 620 -84.49 60.96 -86.46
CA PRO BA 620 -85.62 61.25 -87.33
C PRO BA 620 -86.84 61.68 -86.54
N MET BA 621 -87.65 62.53 -87.16
CA MET BA 621 -89.00 62.83 -86.69
C MET BA 621 -89.95 62.17 -87.67
N TYR BA 622 -90.69 61.17 -87.21
CA TYR BA 622 -91.57 60.41 -88.09
C TYR BA 622 -92.90 61.12 -88.29
N LEU BA 623 -93.41 61.06 -89.52
CA LEU BA 623 -94.72 61.59 -89.85
C LEU BA 623 -95.70 60.44 -90.01
N PHE BA 624 -96.85 60.56 -89.38
CA PHE BA 624 -97.94 59.60 -89.57
C PHE BA 624 -98.86 60.14 -90.65
N CYS BA 625 -98.74 59.61 -91.86
CA CYS BA 625 -99.50 60.08 -93.01
C CYS BA 625 -100.77 59.23 -93.11
N SER BA 626 -101.92 59.86 -92.90
CA SER BA 626 -103.16 59.10 -92.79
C SER BA 626 -104.29 59.83 -93.50
N ASP BA 627 -105.39 59.11 -93.71
CA ASP BA 627 -106.62 59.69 -94.19
C ASP BA 627 -107.40 60.28 -93.03
N LYS BA 628 -108.59 60.82 -93.31
CA LYS BA 628 -109.35 61.53 -92.29
C LYS BA 628 -109.85 60.60 -91.19
N GLU BA 629 -110.25 59.38 -91.53
CA GLU BA 629 -110.76 58.43 -90.54
C GLU BA 629 -109.67 58.04 -89.55
N ILE BA 630 -108.56 57.56 -90.08
CA ILE BA 630 -107.48 57.10 -89.24
C ILE BA 630 -106.92 58.25 -88.42
N ALA BA 631 -106.80 59.43 -89.04
CA ALA BA 631 -106.22 60.56 -88.34
C ALA BA 631 -106.99 60.86 -87.06
N ASN BA 632 -108.32 60.73 -87.11
CA ASN BA 632 -109.11 61.05 -85.93
C ASN BA 632 -108.83 60.06 -84.80
N TYR BA 633 -108.39 58.86 -85.15
CA TYR BA 633 -107.93 57.92 -84.14
C TYR BA 633 -106.49 58.15 -83.68
N LEU BA 634 -105.70 58.96 -84.38
CA LEU BA 634 -104.35 59.26 -83.89
C LEU BA 634 -104.21 60.64 -83.29
N MET BA 635 -105.00 61.62 -83.74
CA MET BA 635 -104.83 62.98 -83.27
C MET BA 635 -105.30 63.20 -81.84
N THR BA 636 -105.81 62.15 -81.18
CA THR BA 636 -106.20 62.26 -79.78
C THR BA 636 -104.98 62.35 -78.87
N LYS BA 637 -103.81 61.99 -79.36
CA LYS BA 637 -102.60 62.08 -78.56
C LYS BA 637 -102.26 63.55 -78.32
N GLY BA 638 -101.79 63.83 -77.11
CA GLY BA 638 -101.41 65.18 -76.75
C GLY BA 638 -100.04 65.55 -77.30
N ASP BA 639 -99.39 66.50 -76.63
CA ASP BA 639 -98.12 67.02 -77.12
C ASP BA 639 -97.00 66.01 -76.96
N ASP BA 640 -97.15 65.01 -76.08
CA ASP BA 640 -96.09 64.06 -75.79
C ASP BA 640 -96.07 62.94 -76.82
N ARG BA 641 -95.81 63.33 -78.07
CA ARG BA 641 -95.82 62.41 -79.20
C ARG BA 641 -94.42 61.80 -79.29
N THR BA 642 -94.20 60.73 -78.52
CA THR BA 642 -92.89 60.09 -78.46
C THR BA 642 -93.10 58.57 -78.60
N LEU BA 643 -92.31 57.97 -79.49
CA LEU BA 643 -92.27 56.52 -79.57
C LEU BA 643 -91.08 55.97 -78.81
N GLY BA 644 -91.36 55.07 -77.87
CA GLY BA 644 -90.29 54.56 -77.02
C GLY BA 644 -89.74 55.63 -76.11
N ALA BA 645 -88.42 55.78 -76.10
CA ALA BA 645 -87.76 56.69 -75.20
C ALA BA 645 -87.70 58.12 -75.75
N TYR BA 646 -87.27 58.27 -77.00
CA TYR BA 646 -86.87 59.58 -77.51
C TYR BA 646 -87.39 59.91 -78.90
N LEU BA 647 -87.93 58.96 -79.65
CA LEU BA 647 -88.29 59.19 -81.04
C LEU BA 647 -89.57 60.01 -81.13
N LYS BA 648 -89.52 61.17 -81.78
CA LYS BA 648 -90.68 62.05 -81.90
C LYS BA 648 -91.39 61.76 -83.21
N TYR BA 649 -92.67 62.12 -83.28
CA TYR BA 649 -93.43 62.01 -84.51
C TYR BA 649 -94.48 63.10 -84.58
N ASP BA 650 -95.06 63.27 -85.77
CA ASP BA 650 -96.16 64.20 -85.98
C ASP BA 650 -97.20 63.56 -86.88
N ILE BA 651 -98.40 64.12 -86.88
CA ILE BA 651 -99.53 63.53 -87.59
C ILE BA 651 -99.96 64.50 -88.68
N VAL BA 652 -100.02 64.01 -89.91
CA VAL BA 652 -100.48 64.80 -91.04
C VAL BA 652 -101.54 63.99 -91.78
N SER BA 653 -102.60 64.65 -92.22
CA SER BA 653 -103.76 63.97 -92.79
C SER BA 653 -104.07 64.51 -94.17
N THR BA 654 -104.71 63.68 -95.00
CA THR BA 654 -105.14 64.12 -96.31
C THR BA 654 -106.54 63.59 -96.60
N ASN BA 655 -107.25 64.29 -97.49
CA ASN BA 655 -108.54 63.84 -97.97
C ASN BA 655 -108.47 63.34 -99.41
N ASN BA 656 -107.28 63.04 -99.91
CA ASN BA 656 -107.16 62.53 -101.27
C ASN BA 656 -107.64 61.09 -101.33
N GLN BA 657 -108.67 60.85 -102.15
CA GLN BA 657 -109.25 59.52 -102.23
C GLN BA 657 -108.23 58.43 -102.47
N LEU BA 658 -107.15 58.73 -103.20
CA LEU BA 658 -106.16 57.71 -103.50
C LEU BA 658 -105.49 57.17 -102.24
N PHE BA 659 -105.55 57.93 -101.16
CA PHE BA 659 -104.87 57.59 -99.92
C PHE BA 659 -105.79 56.98 -98.89
N ASP BA 660 -107.06 56.77 -99.20
CA ASP BA 660 -108.00 56.26 -98.21
C ASP BA 660 -107.56 54.90 -97.68
N GLY BA 661 -107.70 54.72 -96.37
CA GLY BA 661 -107.40 53.44 -95.75
C GLY BA 661 -105.92 53.15 -95.61
N LYS BA 662 -105.08 54.18 -95.60
CA LYS BA 662 -103.63 53.99 -95.55
C LYS BA 662 -103.05 54.82 -94.41
N LEU BA 663 -102.14 54.20 -93.66
CA LEU BA 663 -101.31 54.92 -92.71
C LEU BA 663 -99.87 54.63 -93.09
N VAL BA 664 -99.14 55.66 -93.50
CA VAL BA 664 -97.77 55.53 -93.94
C VAL BA 664 -96.89 56.37 -93.04
N VAL BA 665 -95.86 55.74 -92.45
CA VAL BA 665 -94.98 56.39 -91.50
C VAL BA 665 -93.63 56.59 -92.18
N ILE BA 666 -93.18 57.84 -92.25
CA ILE BA 666 -91.95 58.19 -92.93
C ILE BA 666 -91.14 59.12 -92.05
N PRO BA 667 -89.81 59.02 -92.04
CA PRO BA 667 -88.98 59.98 -91.31
C PRO BA 667 -88.82 61.29 -92.07
N THR BA 668 -88.61 62.35 -91.30
CA THR BA 668 -88.12 63.61 -91.85
C THR BA 668 -87.24 64.26 -90.80
N ARG BA 669 -86.42 65.20 -91.24
CA ARG BA 669 -85.63 65.98 -90.30
C ARG BA 669 -86.53 66.84 -89.42
N ALA BA 670 -86.25 66.88 -88.13
CA ALA BA 670 -87.10 67.64 -87.24
C ALA BA 670 -87.19 69.03 -87.77
N VAL BA 671 -86.05 69.73 -87.82
CA VAL BA 671 -86.01 71.07 -88.38
C VAL BA 671 -85.80 70.98 -89.87
N GLN BA 672 -86.68 71.60 -90.63
CA GLN BA 672 -86.58 71.54 -92.09
C GLN BA 672 -85.74 72.68 -92.62
N GLN BA 673 -85.02 72.43 -93.71
CA GLN BA 673 -84.23 73.48 -94.33
C GLN BA 673 -84.44 73.43 -95.83
N GLU BA 674 -84.18 74.54 -96.51
CA GLU BA 674 -84.38 74.58 -97.95
C GLU BA 674 -83.47 73.59 -98.66
N ASN BA 675 -84.01 72.88 -99.64
CA ASN BA 675 -83.19 71.96 -100.43
C ASN BA 675 -82.42 71.06 -99.50
N ASP BA 676 -83.11 70.51 -98.51
CA ASP BA 676 -82.44 69.62 -97.57
C ASP BA 676 -82.59 68.17 -98.04
N ILE BA 677 -81.48 67.51 -98.32
CA ILE BA 677 -81.53 66.10 -98.71
C ILE BA 677 -82.19 65.25 -97.64
N LEU BA 678 -82.18 65.69 -96.38
CA LEU BA 678 -82.75 64.89 -95.30
C LEU BA 678 -84.26 64.96 -95.23
N SER BA 679 -84.91 65.76 -96.08
CA SER BA 679 -86.35 65.68 -96.18
C SER BA 679 -86.75 64.40 -96.90
N TRP BA 680 -87.85 63.79 -96.48
CA TRP BA 680 -88.25 62.53 -97.08
C TRP BA 680 -88.41 62.67 -98.58
N GLY BA 681 -89.12 63.68 -99.03
CA GLY BA 681 -89.09 64.07 -100.42
C GLY BA 681 -88.94 65.57 -100.55
N GLN BA 682 -88.93 66.03 -101.79
CA GLN BA 682 -88.84 67.45 -102.07
C GLN BA 682 -89.81 67.80 -103.18
N PHE BA 683 -90.31 69.02 -103.16
CA PHE BA 683 -91.11 69.57 -104.25
C PHE BA 683 -90.35 70.75 -104.84
N PHE BA 684 -89.94 70.62 -106.09
CA PHE BA 684 -89.21 71.67 -106.79
C PHE BA 684 -90.19 72.51 -107.59
N TYR BA 685 -90.36 73.77 -107.19
CA TYR BA 685 -91.32 74.67 -107.79
C TYR BA 685 -90.55 75.75 -108.56
N VAL BA 686 -90.96 76.00 -109.80
CA VAL BA 686 -90.37 77.09 -110.56
C VAL BA 686 -91.40 78.19 -110.85
N SER BA 687 -92.46 77.85 -111.57
CA SER BA 687 -93.45 78.84 -111.96
C SER BA 687 -94.70 78.14 -112.46
N THR BA 688 -95.78 78.92 -112.57
CA THR BA 688 -97.03 78.48 -113.20
C THR BA 688 -97.49 79.57 -114.16
N VAL BA 689 -96.65 79.87 -115.16
CA VAL BA 689 -96.81 81.05 -115.99
C VAL BA 689 -98.16 81.04 -116.70
N ILE BA 690 -98.81 82.20 -116.74
CA ILE BA 690 -100.10 82.39 -117.39
C ILE BA 690 -99.85 83.25 -118.63
N ALA BA 691 -100.29 82.76 -119.79
CA ALA BA 691 -100.14 83.49 -121.05
C ALA BA 691 -101.41 83.33 -121.87
N ASP BA 692 -101.81 84.39 -122.57
CA ASP BA 692 -103.02 84.38 -123.36
C ASP BA 692 -102.83 85.07 -124.71
N LEU BA 693 -103.58 84.61 -125.72
CA LEU BA 693 -103.65 85.24 -127.03
C LEU BA 693 -104.78 84.57 -127.82
N PRO BA 694 -105.40 85.27 -128.78
CA PRO BA 694 -106.30 84.58 -129.70
C PRO BA 694 -105.61 83.58 -130.59
N ILE BA 695 -106.16 82.37 -130.67
CA ILE BA 695 -105.60 81.29 -131.48
C ILE BA 695 -106.70 80.76 -132.39
N THR BA 696 -106.41 80.70 -133.68
CA THR BA 696 -107.35 80.21 -134.68
C THR BA 696 -107.11 78.72 -134.88
N ARG BA 697 -107.63 77.89 -133.98
CA ARG BA 697 -107.38 76.46 -134.06
C ARG BA 697 -108.30 75.82 -135.09
N GLY BA 698 -107.71 74.99 -135.95
CA GLY BA 698 -108.42 74.34 -137.01
C GLY BA 698 -108.56 75.19 -138.26
N GLY BA 699 -108.14 76.45 -138.20
CA GLY BA 699 -108.27 77.33 -139.32
C GLY BA 699 -109.63 77.97 -139.50
N HIS BA 700 -110.54 77.81 -138.55
CA HIS BA 700 -111.86 78.35 -138.83
C HIS BA 700 -112.45 79.22 -137.72
N GLN BA 701 -112.50 78.74 -136.48
CA GLN BA 701 -113.07 79.53 -135.38
C GLN BA 701 -111.97 79.93 -134.43
N VAL BA 702 -111.83 81.23 -134.21
CA VAL BA 702 -110.81 81.79 -133.33
C VAL BA 702 -111.41 82.03 -131.94
N THR BA 703 -110.65 81.64 -130.91
CA THR BA 703 -111.03 81.86 -129.52
C THR BA 703 -109.87 82.44 -128.75
N ARG BA 704 -110.17 83.16 -127.67
CA ARG BA 704 -109.12 83.60 -126.77
C ARG BA 704 -108.84 82.51 -125.76
N GLU BA 705 -107.57 82.18 -125.56
CA GLU BA 705 -107.17 81.13 -124.62
C GLU BA 705 -106.24 81.71 -123.58
N ILE BA 706 -106.64 81.59 -122.31
CA ILE BA 706 -105.78 81.94 -121.19
C ILE BA 706 -105.31 80.65 -120.57
N ALA BA 707 -104.03 80.34 -120.72
CA ALA BA 707 -103.48 79.05 -120.32
C ALA BA 707 -102.49 79.24 -119.20
N ALA BA 708 -102.51 78.33 -118.23
CA ALA BA 708 -101.53 78.28 -117.17
C ALA BA 708 -100.67 77.04 -117.33
N ILE BA 709 -99.37 77.22 -117.42
CA ILE BA 709 -98.44 76.11 -117.67
C ILE BA 709 -97.66 75.77 -116.41
N PRO BA 710 -97.91 74.64 -115.77
CA PRO BA 710 -97.14 74.27 -114.58
C PRO BA 710 -95.71 73.93 -114.95
N PHE BA 711 -94.80 74.08 -113.98
CA PHE BA 711 -93.40 73.75 -114.21
C PHE BA 711 -92.84 73.37 -112.83
N ASN BA 712 -92.82 72.08 -112.52
CA ASN BA 712 -92.34 71.63 -111.22
C ASN BA 712 -92.04 70.15 -111.24
N LEU BA 713 -91.45 69.67 -110.14
CA LEU BA 713 -90.99 68.28 -110.03
C LEU BA 713 -91.10 67.83 -108.58
N HIS BA 714 -91.57 66.60 -108.37
CA HIS BA 714 -91.49 65.91 -107.09
C HIS BA 714 -90.38 64.87 -107.15
N VAL BA 715 -89.57 64.80 -106.10
CA VAL BA 715 -88.55 63.77 -105.99
C VAL BA 715 -88.59 63.18 -104.58
N ASN BA 716 -88.09 61.96 -104.44
CA ASN BA 716 -87.93 61.31 -103.15
C ASN BA 716 -86.46 61.21 -102.80
N ASN BA 717 -86.17 61.22 -101.50
CA ASN BA 717 -84.79 61.13 -101.01
C ASN BA 717 -84.58 59.86 -100.19
N ILE BA 718 -85.40 59.64 -99.18
CA ILE BA 718 -85.11 58.65 -98.15
C ILE BA 718 -85.77 57.33 -98.52
N PRO BA 719 -85.03 56.22 -98.57
CA PRO BA 719 -85.67 54.94 -98.94
C PRO BA 719 -86.49 54.33 -97.84
N PHE BA 720 -86.44 54.83 -96.61
CA PHE BA 720 -87.20 54.21 -95.53
C PHE BA 720 -88.67 54.58 -95.63
N ALA BA 721 -89.53 53.59 -95.48
CA ALA BA 721 -90.97 53.81 -95.38
C ALA BA 721 -91.60 52.62 -94.66
N LEU BA 722 -92.66 52.90 -93.91
CA LEU BA 722 -93.54 51.88 -93.36
C LEU BA 722 -94.94 52.14 -93.84
N GLU BA 723 -95.62 51.10 -94.31
CA GLU BA 723 -96.96 51.22 -94.85
C GLU BA 723 -97.90 50.32 -94.05
N PHE BA 724 -98.96 50.92 -93.49
CA PHE BA 724 -99.93 50.20 -92.70
C PHE BA 724 -101.30 50.32 -93.34
N LYS BA 725 -101.98 49.18 -93.48
CA LYS BA 725 -103.33 49.14 -94.03
C LYS BA 725 -104.32 48.88 -92.90
N ILE BA 726 -104.95 49.95 -92.42
CA ILE BA 726 -105.84 49.80 -91.27
C ILE BA 726 -107.28 49.71 -91.75
N THR BA 727 -107.96 48.62 -91.38
CA THR BA 727 -109.34 48.40 -91.78
C THR BA 727 -110.08 47.75 -90.62
N GLY BA 728 -111.40 47.86 -90.64
CA GLY BA 728 -112.24 47.20 -89.68
C GLY BA 728 -112.70 47.99 -88.48
N PHE BA 729 -112.68 49.34 -88.55
CA PHE BA 729 -113.11 50.12 -87.40
C PHE BA 729 -114.53 49.79 -86.99
N GLN BA 730 -115.44 49.61 -87.96
CA GLN BA 730 -116.85 49.42 -87.66
C GLN BA 730 -117.15 48.06 -87.08
N LYS BA 731 -116.35 47.06 -87.41
CA LYS BA 731 -116.55 45.74 -86.88
C LYS BA 731 -116.03 45.61 -85.46
N VAL BA 732 -115.28 46.61 -84.98
CA VAL BA 732 -114.79 46.58 -83.60
C VAL BA 732 -115.60 47.49 -82.68
N MET BA 733 -115.94 48.69 -83.12
CA MET BA 733 -116.67 49.62 -82.27
C MET BA 733 -118.18 49.46 -82.37
N GLY BA 734 -118.68 49.03 -83.54
CA GLY BA 734 -120.11 48.84 -83.68
C GLY BA 734 -120.60 47.54 -83.07
N GLU BA 735 -119.72 46.56 -82.92
CA GLU BA 735 -120.13 45.25 -82.42
C GLU BA 735 -119.47 44.95 -81.08
N THR BA 736 -119.81 43.78 -80.54
CA THR BA 736 -119.19 43.31 -79.30
C THR BA 736 -117.89 42.57 -79.58
N GLN BA 737 -116.94 42.73 -78.67
CA GLN BA 737 -115.70 41.98 -78.71
C GLN BA 737 -115.52 41.03 -77.55
N PHE BA 738 -116.24 41.23 -76.44
CA PHE BA 738 -116.04 40.39 -75.27
C PHE BA 738 -117.27 39.55 -74.92
N ASN BA 739 -118.39 40.18 -74.59
CA ASN BA 739 -119.55 39.39 -74.20
C ASN BA 739 -120.13 38.61 -75.37
N GLY BA 740 -119.99 39.12 -76.58
CA GLY BA 740 -120.45 38.37 -77.73
C GLY BA 740 -119.68 37.08 -77.91
N LYS BA 741 -118.34 37.16 -77.83
CA LYS BA 741 -117.53 35.96 -77.94
C LYS BA 741 -117.81 34.99 -76.79
N LEU BA 742 -118.05 35.51 -75.58
CA LEU BA 742 -118.38 34.65 -74.45
C LEU BA 742 -119.71 33.95 -74.69
N ALA BA 743 -120.70 34.67 -75.20
CA ALA BA 743 -122.01 34.07 -75.47
C ALA BA 743 -121.88 32.93 -76.47
N ASP BA 744 -120.96 33.06 -77.43
CA ASP BA 744 -120.81 32.02 -78.46
C ASP BA 744 -120.36 30.70 -77.85
N LEU BA 745 -119.84 30.72 -76.62
CA LEU BA 745 -119.40 29.46 -75.99
C LEU BA 745 -120.59 28.66 -75.49
N LYS BA 746 -121.75 29.28 -75.40
CA LYS BA 746 -122.93 28.62 -74.85
C LYS BA 746 -123.31 27.42 -75.71
N PRO BA 747 -123.52 26.24 -75.11
CA PRO BA 747 -123.93 25.02 -75.81
C PRO BA 747 -125.17 25.23 -76.68
N ASN CA 164 -20.84 15.12 -24.12
CA ASN CA 164 -21.89 14.13 -24.13
C ASN CA 164 -23.23 14.81 -23.91
N TYR CA 165 -24.31 14.04 -23.97
CA TYR CA 165 -25.63 14.59 -23.65
C TYR CA 165 -25.75 14.86 -22.16
N ASN CA 166 -25.33 13.91 -21.34
CA ASN CA 166 -25.36 14.02 -19.89
C ASN CA 166 -24.01 13.58 -19.34
N GLU CA 167 -23.43 14.41 -18.47
CA GLU CA 167 -22.17 14.09 -17.83
C GLU CA 167 -22.35 13.43 -16.46
N LYS CA 168 -23.17 14.03 -15.60
CA LYS CA 168 -23.48 13.47 -14.28
C LYS CA 168 -22.29 13.43 -13.34
N SER CA 169 -21.08 13.75 -13.84
CA SER CA 169 -19.89 13.91 -13.01
C SER CA 169 -19.65 12.69 -12.11
N GLN CA 170 -19.36 11.56 -12.75
CA GLN CA 170 -19.19 10.30 -12.05
C GLN CA 170 -17.72 9.91 -11.87
N ARG CA 171 -16.79 10.84 -12.09
CA ARG CA 171 -15.38 10.53 -11.87
C ARG CA 171 -14.89 11.04 -10.53
N ASP CA 172 -15.09 12.32 -10.24
CA ASP CA 172 -14.54 12.96 -9.05
C ASP CA 172 -15.61 13.00 -7.97
N PHE CA 173 -15.31 12.43 -6.81
CA PHE CA 173 -16.22 12.43 -5.68
C PHE CA 173 -15.55 13.10 -4.49
N ARG CA 174 -16.35 13.45 -3.50
CA ARG CA 174 -15.81 13.95 -2.24
C ARG CA 174 -15.15 12.80 -1.50
N VAL CA 175 -13.94 13.04 -0.99
CA VAL CA 175 -13.18 12.04 -0.26
C VAL CA 175 -13.11 12.45 1.21
N VAL CA 176 -13.47 11.54 2.10
CA VAL CA 176 -13.38 11.75 3.54
C VAL CA 176 -12.46 10.69 4.12
N THR CA 177 -11.53 11.12 4.98
CA THR CA 177 -10.57 10.21 5.59
C THR CA 177 -11.12 9.80 6.95
N ILE CA 178 -11.25 8.49 7.17
CA ILE CA 178 -11.68 8.01 8.47
C ILE CA 178 -10.51 8.02 9.43
N GLY CA 179 -10.71 8.59 10.61
CA GLY CA 179 -9.66 8.63 11.59
C GLY CA 179 -9.29 7.25 12.08
N TYR CA 180 -8.05 7.09 12.51
CA TYR CA 180 -7.57 5.82 13.01
C TYR CA 180 -6.43 6.11 13.98
N ASN CA 181 -6.73 6.06 15.28
CA ASN CA 181 -5.81 6.51 16.32
C ASN CA 181 -5.75 5.43 17.39
N LEU CA 182 -4.80 4.52 17.27
CA LEU CA 182 -4.57 3.50 18.28
C LEU CA 182 -3.89 4.12 19.50
N ALA CA 183 -4.18 3.57 20.67
CA ALA CA 183 -3.58 4.03 21.91
C ALA CA 183 -3.44 2.86 22.87
N ALA CA 184 -2.43 2.93 23.72
CA ALA CA 184 -2.28 1.97 24.81
C ALA CA 184 -1.30 2.51 25.83
N SER CA 185 -1.63 2.37 27.11
CA SER CA 185 -0.67 2.64 28.18
C SER CA 185 0.24 1.43 28.37
N ARG CA 186 1.32 1.62 29.15
CA ARG CA 186 2.22 0.52 29.45
C ARG CA 186 1.47 -0.77 29.75
N GLN CA 187 0.41 -0.68 30.55
CA GLN CA 187 -0.60 -1.73 30.61
C GLN CA 187 -1.92 -1.08 30.97
N ASP CA 188 -3.01 -1.75 30.62
CA ASP CA 188 -4.33 -1.18 30.78
C ASP CA 188 -4.61 -0.89 32.25
N GLU CA 189 -5.50 0.08 32.50
CA GLU CA 189 -5.89 0.40 33.87
C GLU CA 189 -6.36 -0.85 34.60
N PHE CA 190 -7.05 -1.75 33.91
CA PHE CA 190 -7.48 -2.99 34.55
C PHE CA 190 -6.27 -3.77 35.04
N ALA CA 191 -5.26 -3.94 34.19
CA ALA CA 191 -4.05 -4.65 34.58
C ALA CA 191 -3.27 -3.87 35.62
N GLU CA 192 -3.29 -2.53 35.54
CA GLU CA 192 -2.48 -1.73 36.44
C GLU CA 192 -3.02 -1.82 37.87
N ARG CA 193 -4.34 -1.79 38.03
CA ARG CA 193 -4.92 -1.86 39.36
C ARG CA 193 -4.66 -3.22 40.00
N ILE CA 194 -4.64 -4.27 39.19
CA ILE CA 194 -4.42 -5.61 39.73
C ILE CA 194 -2.93 -5.88 39.89
N TYR CA 195 -2.14 -5.52 38.89
CA TYR CA 195 -0.69 -5.71 38.90
C TYR CA 195 0.02 -4.39 38.75
N PRO CA 196 0.12 -3.56 39.79
CA PRO CA 196 0.77 -2.27 39.64
C PRO CA 196 2.18 -2.42 39.10
N THR CA 197 2.60 -1.43 38.32
CA THR CA 197 3.88 -1.49 37.62
C THR CA 197 5.02 -1.14 38.54
N THR CA 198 6.06 -1.98 38.54
CA THR CA 198 7.33 -1.67 39.19
C THR CA 198 8.42 -1.76 38.15
N VAL CA 199 9.25 -0.72 38.05
CA VAL CA 199 10.29 -0.66 37.03
C VAL CA 199 11.53 -1.35 37.55
N ILE CA 200 12.05 -2.29 36.77
CA ILE CA 200 13.22 -3.07 37.14
C ILE CA 200 14.34 -2.73 36.17
N ASN CA 201 15.53 -2.47 36.70
CA ASN CA 201 16.66 -2.14 35.85
C ASN CA 201 17.04 -3.35 35.01
N PRO CA 202 17.35 -3.17 33.72
CA PRO CA 202 17.76 -4.32 32.91
C PRO CA 202 18.90 -5.12 33.52
N ILE CA 203 19.78 -4.48 34.29
CA ILE CA 203 20.93 -5.18 34.86
C ILE CA 203 20.47 -6.19 35.91
N GLU CA 204 19.30 -5.97 36.50
CA GLU CA 204 18.80 -6.87 37.55
C GLU CA 204 18.01 -8.04 36.95
N GLY CA 205 17.01 -7.75 36.14
CA GLY CA 205 16.32 -8.79 35.39
C GLY CA 205 15.59 -9.80 36.24
N GLY CA 206 15.19 -9.41 37.44
CA GLY CA 206 14.53 -10.33 38.36
C GLY CA 206 14.36 -9.70 39.72
N VAL CA 207 13.52 -10.29 40.57
CA VAL CA 207 13.26 -9.76 41.90
C VAL CA 207 13.33 -10.92 42.90
N VAL CA 208 13.88 -10.64 44.08
CA VAL CA 208 13.93 -11.59 45.18
C VAL CA 208 13.15 -10.99 46.34
N GLN CA 209 12.28 -11.78 46.93
CA GLN CA 209 11.46 -11.34 48.06
C GLN CA 209 11.93 -12.02 49.32
N VAL CA 210 12.17 -11.23 50.36
CA VAL CA 210 12.68 -11.72 51.64
C VAL CA 210 11.56 -11.59 52.65
N LEU CA 211 11.19 -12.70 53.27
CA LEU CA 211 10.05 -12.74 54.18
C LEU CA 211 10.51 -13.13 55.57
N PRO CA 212 10.91 -12.18 56.41
CA PRO CA 212 11.16 -12.50 57.82
C PRO CA 212 9.88 -12.69 58.60
N TYR CA 213 9.94 -13.50 59.64
CA TYR CA 213 8.82 -13.62 60.56
C TYR CA 213 9.30 -14.17 61.89
N ILE CA 214 8.42 -14.09 62.90
CA ILE CA 214 8.66 -14.66 64.21
C ILE CA 214 7.99 -16.02 64.26
N ALA CA 215 8.76 -17.06 64.57
CA ALA CA 215 8.25 -18.43 64.57
C ALA CA 215 7.89 -18.85 65.98
N VAL CA 216 6.71 -19.46 66.14
CA VAL CA 216 6.30 -20.06 67.40
C VAL CA 216 6.70 -21.52 67.36
N MET CA 217 7.60 -21.92 68.23
CA MET CA 217 8.15 -23.26 68.21
C MET CA 217 7.83 -23.96 69.52
N LYS CA 218 7.30 -25.17 69.39
CA LYS CA 218 7.06 -26.02 70.54
C LYS CA 218 8.37 -26.59 71.06
N ASP CA 219 8.52 -26.66 72.37
CA ASP CA 219 9.76 -27.14 72.96
C ASP CA 219 9.72 -28.66 72.96
N VAL CA 220 10.40 -29.28 72.00
CA VAL CA 220 10.43 -30.72 71.90
C VAL CA 220 11.87 -31.17 71.72
N TYR CA 221 12.18 -32.36 72.21
CA TYR CA 221 13.49 -32.94 71.99
C TYR CA 221 13.55 -33.66 70.64
N HIS CA 222 14.75 -33.77 70.10
CA HIS CA 222 14.93 -34.54 68.88
C HIS CA 222 14.75 -36.02 69.16
N GLU CA 223 14.04 -36.70 68.28
CA GLU CA 223 13.82 -38.14 68.44
C GLU CA 223 15.00 -38.92 67.90
N VAL CA 224 15.23 -40.10 68.49
CA VAL CA 224 16.31 -40.96 68.03
C VAL CA 224 16.00 -41.55 66.66
N SER CA 225 14.77 -41.99 66.44
CA SER CA 225 14.40 -42.65 65.20
C SER CA 225 13.43 -41.86 64.35
N GLY CA 226 13.25 -40.57 64.64
CA GLY CA 226 12.26 -39.76 63.95
C GLY CA 226 12.57 -39.50 62.49
N VAL CA 227 11.54 -39.49 61.65
CA VAL CA 227 11.74 -39.09 60.27
C VAL CA 227 11.90 -37.58 60.22
N LYS CA 228 11.11 -36.86 61.00
CA LYS CA 228 11.26 -35.40 61.10
C LYS CA 228 11.12 -34.94 62.54
N MET CA 229 11.57 -33.73 62.83
CA MET CA 229 11.38 -33.15 64.16
C MET CA 229 9.91 -32.87 64.40
N ASP CA 230 9.45 -33.05 65.64
CA ASP CA 230 8.04 -32.76 65.95
C ASP CA 230 7.80 -31.33 66.42
N ASN CA 231 8.67 -30.40 66.08
CA ASN CA 231 8.51 -29.04 66.58
C ASN CA 231 7.44 -28.38 65.74
N GLU CA 232 6.29 -28.09 66.33
CA GLU CA 232 5.18 -27.61 65.53
C GLU CA 232 5.39 -26.14 65.26
N GLU CA 233 6.32 -25.83 64.36
CA GLU CA 233 6.60 -24.43 64.05
C GLU CA 233 5.39 -23.79 63.41
N VAL CA 234 4.99 -22.63 63.91
CA VAL CA 234 3.90 -21.89 63.30
C VAL CA 234 4.27 -20.42 63.22
N ASN CA 235 3.81 -19.73 62.19
CA ASN CA 235 4.08 -18.31 62.11
C ASN CA 235 3.28 -17.57 63.18
N MET CA 236 3.94 -16.61 63.85
CA MET CA 236 3.24 -15.84 64.88
C MET CA 236 1.97 -15.23 64.34
N VAL CA 237 1.94 -14.91 63.04
CA VAL CA 237 0.76 -14.27 62.47
C VAL CA 237 -0.46 -15.17 62.66
N GLU CA 238 -0.26 -16.48 62.61
CA GLU CA 238 -1.36 -17.41 62.82
C GLU CA 238 -1.96 -17.26 64.21
N ALA CA 239 -1.17 -16.83 65.19
CA ALA CA 239 -1.68 -16.68 66.54
C ALA CA 239 -2.82 -15.67 66.62
N TYR CA 240 -2.96 -14.78 65.64
CA TYR CA 240 -4.09 -13.86 65.65
C TYR CA 240 -5.38 -14.55 65.24
N ARG CA 241 -5.28 -15.60 64.42
CA ARG CA 241 -6.50 -16.30 64.01
C ARG CA 241 -6.80 -17.48 64.92
N ASP CA 242 -5.76 -18.17 65.38
CA ASP CA 242 -5.91 -19.33 66.25
C ASP CA 242 -4.91 -19.24 67.39
N PRO CA 243 -5.17 -18.42 68.42
CA PRO CA 243 -4.18 -18.21 69.48
C PRO CA 243 -3.87 -19.43 70.33
N SER CA 244 -4.66 -20.49 70.21
CA SER CA 244 -4.45 -21.66 71.05
C SER CA 244 -3.09 -22.30 70.82
N ILE CA 245 -2.44 -21.99 69.70
CA ILE CA 245 -1.11 -22.51 69.44
C ILE CA 245 -0.11 -22.01 70.47
N LEU CA 246 -0.47 -20.96 71.21
CA LEU CA 246 0.44 -20.39 72.20
C LEU CA 246 0.26 -21.00 73.58
N ASP CA 247 -0.77 -21.82 73.76
CA ASP CA 247 -1.11 -22.31 75.09
C ASP CA 247 -0.03 -23.24 75.63
N ASP CA 248 0.28 -23.08 76.90
CA ASP CA 248 1.26 -23.92 77.57
C ASP CA 248 0.86 -24.09 79.03
N GLU CA 249 0.83 -25.35 79.48
CA GLU CA 249 0.55 -25.68 80.87
C GLU CA 249 1.69 -26.47 81.49
N SER CA 250 2.90 -26.31 81.00
CA SER CA 250 4.00 -27.15 81.45
C SER CA 250 4.31 -26.94 82.93
N ILE CA 251 3.86 -25.83 83.52
CA ILE CA 251 4.14 -25.57 84.93
C ILE CA 251 3.13 -26.24 85.85
N ALA CA 252 2.08 -26.84 85.31
CA ALA CA 252 1.05 -27.45 86.13
C ALA CA 252 1.62 -28.61 86.94
N LEU CA 253 1.09 -28.77 88.14
CA LEU CA 253 1.46 -29.85 89.05
C LEU CA 253 0.40 -30.94 88.97
N ILE CA 254 0.74 -32.05 88.33
CA ILE CA 254 -0.22 -33.11 88.11
C ILE CA 254 0.26 -34.37 88.82
N PRO CA 255 -0.45 -34.86 89.83
CA PRO CA 255 -0.07 -36.13 90.44
C PRO CA 255 0.06 -37.23 89.40
N ALA CA 256 1.16 -37.97 89.48
CA ALA CA 256 1.54 -38.91 88.44
C ALA CA 256 1.91 -40.25 89.05
N LEU CA 257 1.62 -41.33 88.30
CA LEU CA 257 1.96 -42.66 88.76
C LEU CA 257 3.44 -42.94 88.51
N ASP CA 258 4.12 -43.47 89.51
CA ASP CA 258 5.47 -43.98 89.29
C ASP CA 258 5.38 -45.27 88.49
N PRO CA 259 6.05 -45.35 87.32
CA PRO CA 259 6.01 -46.60 86.54
C PRO CA 259 6.38 -47.83 87.34
N ALA CA 260 7.16 -47.68 88.42
CA ALA CA 260 7.53 -48.84 89.23
C ALA CA 260 6.41 -49.26 90.17
N GLY CA 261 5.36 -48.46 90.30
CA GLY CA 261 4.30 -48.74 91.23
C GLY CA 261 4.58 -48.34 92.66
N SER CA 262 5.57 -47.47 92.89
CA SER CA 262 5.96 -47.14 94.25
C SER CA 262 4.89 -46.31 94.95
N ASN CA 263 4.18 -45.46 94.22
CA ASN CA 263 3.20 -44.56 94.81
C ASN CA 263 1.78 -44.87 94.38
N ALA CA 264 1.53 -46.11 93.92
CA ALA CA 264 0.20 -46.45 93.43
C ALA CA 264 -0.85 -46.29 94.51
N ASP CA 265 -0.47 -46.53 95.77
CA ASP CA 265 -1.44 -46.51 96.85
C ASP CA 265 -2.00 -45.12 97.12
N PHE CA 266 -1.38 -44.07 96.55
CA PHE CA 266 -1.88 -42.72 96.77
C PHE CA 266 -3.09 -42.45 95.90
N PHE CA 267 -3.29 -43.26 94.87
CA PHE CA 267 -4.23 -42.98 93.80
C PHE CA 267 -5.46 -43.87 93.92
N VAL CA 268 -6.54 -43.44 93.26
CA VAL CA 268 -7.76 -44.24 93.26
C VAL CA 268 -7.50 -45.58 92.56
N ASP CA 269 -8.01 -46.65 93.17
CA ASP CA 269 -7.78 -47.96 92.62
C ASP CA 269 -8.23 -48.00 91.16
N PRO CA 270 -7.41 -48.55 90.27
CA PRO CA 270 -7.77 -48.60 88.85
C PRO CA 270 -9.11 -49.28 88.60
N ALA CA 271 -9.59 -50.12 89.52
CA ALA CA 271 -10.87 -50.77 89.33
C ALA CA 271 -12.01 -49.75 89.27
N LEU CA 272 -11.88 -48.64 90.01
CA LEU CA 272 -12.93 -47.64 90.00
C LEU CA 272 -12.68 -46.56 88.96
N VAL CA 273 -11.44 -46.10 88.85
CA VAL CA 273 -11.06 -45.08 87.88
C VAL CA 273 -9.78 -45.53 87.19
N PRO CA 274 -9.82 -45.93 85.93
CA PRO CA 274 -8.62 -46.35 85.24
C PRO CA 274 -7.70 -45.18 84.97
N PRO CA 275 -6.38 -45.37 85.11
CA PRO CA 275 -5.44 -44.29 84.79
C PRO CA 275 -5.56 -43.86 83.34
N TYR CA 276 -5.27 -42.60 83.08
CA TYR CA 276 -5.29 -42.03 81.74
C TYR CA 276 -4.00 -41.27 81.47
N THR CA 277 -3.65 -41.15 80.19
CA THR CA 277 -2.40 -40.53 79.80
C THR CA 277 -2.59 -39.04 79.51
N ILE CA 278 -1.56 -38.26 79.85
CA ILE CA 278 -1.48 -36.85 79.47
C ILE CA 278 -0.19 -36.64 78.69
N LYS CA 279 -0.29 -36.00 77.54
CA LYS CA 279 0.86 -35.67 76.70
C LYS CA 279 1.14 -34.19 76.81
N ASN CA 280 2.34 -33.85 77.27
CA ASN CA 280 2.70 -32.47 77.53
C ASN CA 280 3.32 -31.85 76.27
N GLU CA 281 3.73 -30.58 76.39
CA GLU CA 281 4.29 -29.89 75.23
C GLU CA 281 5.57 -30.53 74.75
N GLN CA 282 6.35 -31.09 75.67
CA GLN CA 282 7.60 -31.71 75.25
C GLN CA 282 7.42 -33.12 74.68
N ASN CA 283 6.19 -33.58 74.44
CA ASN CA 283 5.94 -34.92 73.89
C ASN CA 283 6.44 -36.00 74.85
N LEU CA 284 6.38 -35.71 76.15
CA LEU CA 284 6.72 -36.67 77.19
C LEU CA 284 5.44 -37.06 77.90
N THR CA 285 4.98 -38.30 77.68
CA THR CA 285 3.71 -38.74 78.23
C THR CA 285 3.88 -39.18 79.67
N ILE CA 286 2.82 -39.00 80.47
CA ILE CA 286 2.83 -39.44 81.86
C ILE CA 286 1.47 -40.01 82.20
N THR CA 287 1.47 -41.04 83.06
CA THR CA 287 0.24 -41.69 83.50
C THR CA 287 -0.32 -40.95 84.71
N THR CA 288 -1.58 -40.54 84.62
CA THR CA 288 -2.22 -39.74 85.65
C THR CA 288 -3.47 -40.44 86.14
N ALA CA 289 -3.75 -40.32 87.42
CA ALA CA 289 -5.01 -40.76 88.01
C ALA CA 289 -5.38 -39.84 89.14
N PRO CA 290 -6.66 -39.72 89.46
CA PRO CA 290 -7.05 -38.92 90.63
C PRO CA 290 -6.42 -39.46 91.90
N LEU CA 291 -6.10 -38.54 92.81
CA LEU CA 291 -5.59 -38.93 94.11
C LEU CA 291 -6.72 -39.51 94.95
N LYS CA 292 -6.40 -40.51 95.76
CA LYS CA 292 -7.40 -41.09 96.64
C LYS CA 292 -7.69 -40.13 97.78
N ALA CA 293 -8.96 -40.09 98.19
CA ALA CA 293 -9.30 -39.32 99.39
C ALA CA 293 -8.70 -40.01 100.60
N ASN CA 294 -8.50 -39.23 101.67
CA ASN CA 294 -7.84 -39.61 102.92
C ASN CA 294 -6.42 -40.10 102.67
N VAL CA 295 -5.65 -39.31 101.92
CA VAL CA 295 -4.31 -39.65 101.49
C VAL CA 295 -3.33 -38.66 102.11
N ARG CA 296 -2.16 -39.16 102.49
CA ARG CA 296 -1.08 -38.31 102.99
C ARG CA 296 0.13 -38.54 102.09
N LEU CA 297 0.50 -37.52 101.33
CA LEU CA 297 1.52 -37.69 100.30
C LEU CA 297 2.27 -36.37 100.12
N ASP CA 298 3.36 -36.44 99.37
CA ASP CA 298 4.14 -35.28 98.97
C ASP CA 298 3.72 -34.92 97.56
N LEU CA 299 2.99 -33.81 97.39
CA LEU CA 299 2.40 -33.51 96.09
C LEU CA 299 3.47 -33.23 95.05
N MET CA 300 4.53 -32.54 95.43
CA MET CA 300 5.58 -32.26 94.45
C MET CA 300 6.35 -33.52 94.11
N GLY CA 301 6.73 -34.28 95.13
CA GLY CA 301 7.51 -35.49 94.89
C GLY CA 301 6.78 -36.50 94.02
N ASN CA 302 5.45 -36.51 94.11
CA ASN CA 302 4.62 -37.43 93.37
C ASN CA 302 4.03 -36.80 92.12
N SER CA 303 4.50 -35.61 91.74
CA SER CA 303 3.98 -34.94 90.57
C SER CA 303 4.66 -35.46 89.30
N ASN CA 304 4.02 -35.16 88.17
CA ASN CA 304 4.63 -35.46 86.88
C ASN CA 304 5.99 -34.79 86.75
N ALA CA 305 6.15 -33.62 87.37
CA ALA CA 305 7.43 -32.91 87.28
C ALA CA 305 8.58 -33.74 87.81
N ASN CA 306 8.29 -34.74 88.65
CA ASN CA 306 9.36 -35.54 89.23
C ASN CA 306 9.55 -36.86 88.52
N LEU CA 307 8.84 -37.10 87.42
CA LEU CA 307 8.98 -38.35 86.67
C LEU CA 307 9.36 -38.15 85.22
N LEU CA 308 9.06 -37.00 84.63
CA LEU CA 308 9.22 -36.81 83.20
C LEU CA 308 10.67 -36.94 82.75
N ILE CA 309 11.60 -36.38 83.52
CA ILE CA 309 13.00 -36.42 83.10
C ILE CA 309 13.80 -37.43 83.91
N GLN CA 310 13.77 -37.31 85.24
CA GLN CA 310 14.36 -38.30 86.11
C GLN CA 310 13.51 -38.43 87.38
N ARG CA 311 13.69 -39.55 88.08
CA ARG CA 311 12.80 -39.87 89.20
C ARG CA 311 12.88 -38.80 90.28
N GLY CA 312 14.01 -38.12 90.41
CA GLY CA 312 14.14 -37.11 91.44
C GLY CA 312 14.98 -35.92 91.02
N MET CA 313 14.33 -34.80 90.74
CA MET CA 313 15.01 -33.57 90.33
C MET CA 313 14.38 -32.34 90.97
N LEU CA 314 13.49 -32.54 91.93
CA LEU CA 314 12.78 -31.44 92.58
C LEU CA 314 13.50 -31.10 93.88
N GLU CA 315 13.97 -29.86 93.97
CA GLU CA 315 14.73 -29.40 95.11
C GLU CA 315 13.94 -28.36 95.88
N VAL CA 316 14.53 -27.83 96.94
CA VAL CA 316 13.83 -26.86 97.77
C VAL CA 316 13.39 -25.65 96.97
N SER CA 317 14.05 -25.38 95.84
CA SER CA 317 13.69 -24.24 95.01
C SER CA 317 12.31 -24.43 94.36
N ASP CA 318 11.86 -25.68 94.26
CA ASP CA 318 10.54 -25.94 93.69
C ASP CA 318 9.46 -25.76 94.74
N THR CA 319 8.53 -24.83 94.48
CA THR CA 319 7.48 -24.48 95.41
C THR CA 319 6.12 -24.53 94.72
N ILE CA 320 5.07 -24.59 95.53
CA ILE CA 320 3.70 -24.68 95.04
C ILE CA 320 3.06 -23.30 95.09
N ASP CA 321 2.34 -22.96 94.02
CA ASP CA 321 1.65 -21.67 93.95
C ASP CA 321 0.45 -21.68 94.88
N PRO CA 322 0.36 -20.77 95.85
CA PRO CA 322 -0.84 -20.72 96.70
C PRO CA 322 -2.11 -20.48 95.93
N ALA CA 323 -2.04 -19.96 94.72
CA ALA CA 323 -3.22 -19.70 93.90
C ALA CA 323 -3.58 -20.98 93.16
N GLY CA 324 -4.69 -21.59 93.56
CA GLY CA 324 -5.11 -22.84 92.97
C GLY CA 324 -6.49 -23.21 93.45
N ARG CA 325 -7.04 -24.26 92.86
CA ARG CA 325 -8.40 -24.66 93.11
C ARG CA 325 -8.52 -26.17 93.12
N LEU CA 326 -9.56 -26.67 93.77
CA LEU CA 326 -9.93 -28.08 93.70
C LEU CA 326 -10.57 -28.31 92.34
N LYS CA 327 -9.92 -29.12 91.50
CA LYS CA 327 -10.33 -29.20 90.09
C LYS CA 327 -11.49 -30.16 89.90
N ASN CA 328 -11.37 -31.38 90.41
CA ASN CA 328 -12.41 -32.37 90.22
C ASN CA 328 -12.65 -33.16 91.49
N LEU CA 329 -13.87 -33.66 91.64
CA LEU CA 329 -14.27 -34.45 92.79
C LEU CA 329 -14.95 -35.71 92.28
N PHE CA 330 -14.45 -36.87 92.70
CA PHE CA 330 -14.91 -38.15 92.18
C PHE CA 330 -15.70 -38.87 93.26
N VAL CA 331 -16.97 -39.15 92.98
CA VAL CA 331 -17.85 -39.80 93.93
C VAL CA 331 -18.15 -41.21 93.45
N LEU CA 332 -18.15 -42.16 94.36
CA LEU CA 332 -18.59 -43.53 94.07
C LEU CA 332 -20.09 -43.59 94.30
N LEU CA 333 -20.86 -43.74 93.23
CA LEU CA 333 -22.31 -43.65 93.31
C LEU CA 333 -22.91 -44.93 92.73
N GLY CA 334 -23.49 -45.77 93.59
CA GLY CA 334 -24.13 -46.98 93.14
C GLY CA 334 -23.19 -48.00 92.54
N GLY CA 335 -21.93 -48.02 92.99
CA GLY CA 335 -20.95 -48.93 92.47
C GLY CA 335 -20.09 -48.40 91.34
N LYS CA 336 -20.43 -47.25 90.76
CA LYS CA 336 -19.66 -46.68 89.66
C LYS CA 336 -19.41 -45.20 89.93
N VAL CA 337 -18.34 -44.70 89.34
CA VAL CA 337 -17.80 -43.38 89.70
C VAL CA 337 -18.41 -42.30 88.83
N VAL CA 338 -18.77 -41.18 89.45
CA VAL CA 338 -19.24 -39.99 88.75
C VAL CA 338 -18.22 -38.86 88.97
N LYS CA 339 -17.80 -38.24 87.87
CA LYS CA 339 -16.83 -37.15 87.90
C LYS CA 339 -17.55 -35.81 87.94
N PHE CA 340 -17.30 -35.02 88.99
CA PHE CA 340 -17.91 -33.71 89.14
C PHE CA 340 -16.87 -32.65 88.85
N LYS CA 341 -17.22 -31.68 88.03
CA LYS CA 341 -16.34 -30.55 87.73
C LYS CA 341 -16.65 -29.41 88.68
N VAL CA 342 -15.73 -29.14 89.60
CA VAL CA 342 -15.94 -28.18 90.68
C VAL CA 342 -14.83 -27.14 90.61
N ASP CA 343 -14.10 -27.10 89.51
CA ASP CA 343 -12.84 -26.36 89.46
C ASP CA 343 -13.03 -24.92 89.87
N ARG CA 344 -14.05 -24.23 89.33
CA ARG CA 344 -14.16 -22.79 89.62
C ARG CA 344 -15.05 -22.34 90.76
N LEU CA 345 -15.64 -23.28 91.51
CA LEU CA 345 -16.61 -22.87 92.52
C LEU CA 345 -15.92 -22.08 93.63
N PRO CA 346 -16.61 -21.12 94.25
CA PRO CA 346 -16.01 -20.37 95.36
C PRO CA 346 -15.48 -21.25 96.48
N ARG CA 347 -16.02 -22.44 96.66
CA ARG CA 347 -15.60 -23.33 97.71
C ARG CA 347 -14.34 -24.13 97.34
N ALA CA 348 -13.91 -24.07 96.08
CA ALA CA 348 -12.74 -24.80 95.62
C ALA CA 348 -11.43 -24.06 95.78
N VAL CA 349 -11.45 -22.82 96.28
CA VAL CA 349 -10.26 -21.99 96.31
C VAL CA 349 -9.40 -22.33 97.53
N PHE CA 350 -8.09 -22.41 97.33
CA PHE CA 350 -7.19 -22.55 98.47
C PHE CA 350 -7.18 -21.28 99.29
N GLN CA 351 -7.21 -21.43 100.61
CA GLN CA 351 -7.19 -20.31 101.52
C GLN CA 351 -5.92 -20.38 102.37
N PRO CA 352 -5.42 -19.26 102.86
CA PRO CA 352 -4.25 -19.32 103.75
C PRO CA 352 -4.63 -19.97 105.06
N ASP CA 353 -3.69 -20.68 105.66
CA ASP CA 353 -3.89 -21.16 107.02
C ASP CA 353 -3.39 -20.10 107.98
N LEU CA 354 -4.30 -19.58 108.79
CA LEU CA 354 -3.95 -18.47 109.66
C LEU CA 354 -3.18 -18.94 110.87
N VAL CA 355 -3.30 -20.22 111.22
CA VAL CA 355 -2.70 -20.76 112.43
C VAL CA 355 -1.65 -21.79 112.06
N GLY CA 356 -0.41 -21.51 112.43
CA GLY CA 356 0.70 -22.36 112.08
C GLY CA 356 1.60 -21.71 111.03
N ASP CA 357 2.33 -22.56 110.32
CA ASP CA 357 3.28 -22.07 109.33
C ASP CA 357 2.57 -21.25 108.27
N THR CA 358 3.15 -20.12 107.90
CA THR CA 358 2.49 -19.20 106.98
C THR CA 358 2.44 -19.75 105.56
N ARG CA 359 3.19 -20.81 105.28
CA ARG CA 359 3.17 -21.42 103.94
C ARG CA 359 2.10 -22.47 103.77
N ASN CA 360 1.30 -22.75 104.80
CA ASN CA 360 0.25 -23.75 104.66
C ASN CA 360 -0.98 -23.16 104.00
N ALA CA 361 -1.54 -23.91 103.05
CA ALA CA 361 -2.78 -23.56 102.41
C ALA CA 361 -3.81 -24.63 102.74
N VAL CA 362 -5.04 -24.21 102.97
CA VAL CA 362 -6.12 -25.10 103.40
C VAL CA 362 -7.24 -25.03 102.37
N ILE CA 363 -7.74 -26.19 101.97
CA ILE CA 363 -8.93 -26.29 101.14
C ILE CA 363 -10.08 -26.77 102.00
N ARG CA 364 -11.21 -26.07 101.92
CA ARG CA 364 -12.42 -26.45 102.66
C ARG CA 364 -13.57 -26.40 101.66
N PHE CA 365 -13.84 -27.54 101.03
CA PHE CA 365 -14.85 -27.65 100.00
C PHE CA 365 -16.10 -28.25 100.65
N ASP CA 366 -17.09 -27.41 100.92
CA ASP CA 366 -18.34 -27.82 101.54
C ASP CA 366 -19.48 -27.45 100.61
N SER CA 367 -20.03 -28.44 99.91
CA SER CA 367 -21.01 -28.16 98.87
C SER CA 367 -22.10 -29.23 98.94
N ASP CA 368 -23.35 -28.76 98.89
CA ASP CA 368 -24.48 -29.64 98.70
C ASP CA 368 -25.16 -29.40 97.36
N ASP CA 369 -24.42 -28.85 96.40
CA ASP CA 369 -24.96 -28.51 95.10
C ASP CA 369 -24.53 -29.48 94.01
N LEU CA 370 -23.99 -30.64 94.38
CA LEU CA 370 -23.66 -31.64 93.37
C LEU CA 370 -24.92 -32.39 92.96
N VAL CA 371 -25.17 -32.43 91.67
CA VAL CA 371 -26.43 -32.91 91.12
C VAL CA 371 -26.19 -34.15 90.27
N VAL CA 372 -27.00 -35.18 90.51
CA VAL CA 372 -27.02 -36.38 89.68
C VAL CA 372 -28.45 -36.57 89.18
N SER CA 373 -28.61 -36.73 87.87
CA SER CA 373 -29.92 -36.88 87.27
C SER CA 373 -29.78 -37.79 86.05
N GLY CA 374 -30.89 -37.98 85.34
CA GLY CA 374 -30.87 -38.86 84.18
C GLY CA 374 -29.85 -38.43 83.14
N ASP CA 375 -29.53 -37.14 83.09
CA ASP CA 375 -28.58 -36.63 82.12
C ASP CA 375 -27.14 -36.87 82.56
N THR CA 376 -26.94 -37.40 83.76
CA THR CA 376 -25.60 -37.64 84.26
C THR CA 376 -25.04 -38.92 83.63
N THR CA 377 -23.73 -38.94 83.42
CA THR CA 377 -23.03 -40.15 83.01
C THR CA 377 -21.90 -40.45 83.97
N PHE CA 378 -21.53 -41.73 84.04
CA PHE CA 378 -20.40 -42.17 84.85
C PHE CA 378 -19.11 -41.81 84.10
N ILE CA 379 -17.96 -42.08 84.70
CA ILE CA 379 -16.71 -41.69 84.06
C ILE CA 379 -16.54 -42.40 82.72
N ASP CA 380 -17.17 -43.56 82.57
CA ASP CA 380 -17.09 -44.33 81.33
C ASP CA 380 -18.08 -43.87 80.28
N GLY CA 381 -18.87 -42.84 80.55
CA GLY CA 381 -19.79 -42.32 79.57
C GLY CA 381 -21.11 -43.03 79.52
N SER CA 382 -21.31 -44.02 80.38
CA SER CA 382 -22.53 -44.82 80.40
C SER CA 382 -23.46 -44.25 81.47
N ALA CA 383 -24.72 -44.08 81.11
CA ALA CA 383 -25.77 -43.72 82.06
C ALA CA 383 -26.57 -44.99 82.35
N ASP CA 384 -26.32 -45.58 83.51
CA ASP CA 384 -26.91 -46.87 83.84
C ASP CA 384 -27.12 -46.96 85.35
N GLY CA 385 -27.75 -48.05 85.77
CA GLY CA 385 -27.92 -48.31 87.18
C GLY CA 385 -28.77 -47.26 87.86
N VAL CA 386 -28.22 -46.60 88.88
CA VAL CA 386 -28.98 -45.59 89.60
C VAL CA 386 -29.36 -44.45 88.66
N ILE CA 387 -28.46 -44.06 87.77
CA ILE CA 387 -28.76 -42.95 86.86
C ILE CA 387 -29.94 -43.29 85.97
N ASN CA 388 -29.99 -44.51 85.44
CA ASN CA 388 -31.13 -44.89 84.62
C ASN CA 388 -32.43 -44.84 85.41
N ASP CA 389 -32.38 -45.24 86.68
CA ASP CA 389 -33.56 -45.20 87.52
C ASP CA 389 -33.94 -43.76 87.84
N LEU CA 390 -32.96 -42.89 88.03
CA LEU CA 390 -33.23 -41.47 88.19
C LEU CA 390 -33.86 -40.89 86.92
N LYS CA 391 -33.39 -41.33 85.76
CA LYS CA 391 -33.99 -40.87 84.51
C LYS CA 391 -35.43 -41.34 84.38
N THR CA 392 -35.67 -42.62 84.65
CA THR CA 392 -37.03 -43.15 84.51
C THR CA 392 -37.99 -42.51 85.52
N ALA CA 393 -37.56 -42.35 86.76
CA ALA CA 393 -38.40 -41.76 87.80
C ALA CA 393 -38.46 -40.25 87.72
N LYS CA 394 -37.68 -39.63 86.83
CA LYS CA 394 -37.60 -38.17 86.70
C LYS CA 394 -37.26 -37.53 88.04
N LEU CA 395 -36.19 -38.02 88.65
CA LEU CA 395 -35.71 -37.54 89.94
C LEU CA 395 -34.34 -36.91 89.79
N SER CA 396 -34.14 -35.78 90.46
CA SER CA 396 -32.84 -35.13 90.53
C SER CA 396 -32.31 -35.29 91.93
N LEU CA 397 -31.12 -35.87 92.06
CA LEU CA 397 -30.56 -36.25 93.35
C LEU CA 397 -29.45 -35.29 93.71
N ARG CA 398 -29.48 -34.77 94.94
CA ARG CA 398 -28.52 -33.79 95.43
C ARG CA 398 -27.61 -34.42 96.46
N LEU CA 399 -26.31 -34.30 96.26
CA LEU CA 399 -25.32 -34.87 97.16
C LEU CA 399 -24.80 -33.79 98.09
N SER CA 400 -24.41 -34.21 99.30
CA SER CA 400 -23.69 -33.36 100.23
C SER CA 400 -22.30 -33.94 100.43
N VAL CA 401 -21.29 -33.21 99.98
CA VAL CA 401 -19.91 -33.69 100.01
C VAL CA 401 -19.04 -32.68 100.76
N GLY CA 402 -18.11 -33.20 101.55
CA GLY CA 402 -17.15 -32.37 102.24
C GLY CA 402 -15.74 -32.87 102.02
N PHE CA 403 -14.90 -32.05 101.42
CA PHE CA 403 -13.52 -32.39 101.15
C PHE CA 403 -12.62 -31.29 101.71
N GLY CA 404 -11.59 -31.67 102.43
CA GLY CA 404 -10.66 -30.72 102.99
C GLY CA 404 -9.25 -31.27 103.01
N GLY CA 405 -8.29 -30.39 103.23
CA GLY CA 405 -6.91 -30.79 103.33
C GLY CA 405 -6.00 -29.59 103.48
N THR CA 406 -4.76 -29.88 103.88
CA THR CA 406 -3.75 -28.85 104.10
C THR CA 406 -2.53 -29.19 103.27
N ILE CA 407 -2.00 -28.19 102.57
CA ILE CA 407 -0.80 -28.34 101.75
C ILE CA 407 0.27 -27.41 102.28
N SER CA 408 1.46 -27.96 102.54
CA SER CA 408 2.62 -27.14 102.85
C SER CA 408 3.26 -26.69 101.55
N LEU CA 409 3.10 -25.41 101.21
CA LEU CA 409 3.50 -24.93 99.89
C LEU CA 409 5.00 -24.98 99.68
N SER CA 410 5.79 -24.87 100.75
CA SER CA 410 7.24 -24.89 100.60
C SER CA 410 7.78 -26.32 100.59
N LYS CA 411 7.06 -27.26 101.18
CA LYS CA 411 7.57 -28.61 101.33
C LYS CA 411 6.87 -29.63 100.45
N GLY CA 412 5.61 -29.42 100.10
CA GLY CA 412 4.88 -30.43 99.38
C GLY CA 412 4.17 -31.45 100.24
N ASP CA 413 4.31 -31.35 101.55
CA ASP CA 413 3.66 -32.27 102.47
C ASP CA 413 2.19 -31.90 102.58
N SER CA 414 1.30 -32.83 102.24
CA SER CA 414 -0.11 -32.56 102.22
C SER CA 414 -0.88 -33.66 102.94
N LYS CA 415 -2.00 -33.27 103.52
CA LYS CA 415 -2.96 -34.17 104.15
C LYS CA 415 -4.34 -33.83 103.63
N PHE CA 416 -5.07 -34.82 103.13
CA PHE CA 416 -6.42 -34.63 102.65
C PHE CA 416 -7.37 -35.60 103.34
N GLY CA 417 -8.66 -35.28 103.32
CA GLY CA 417 -9.69 -36.18 103.78
C GLY CA 417 -11.08 -35.76 103.39
N ALA CA 418 -12.02 -36.70 103.32
CA ALA CA 418 -13.39 -36.41 102.95
C ALA CA 418 -14.33 -36.75 104.10
N THR CA 419 -15.38 -35.95 104.26
CA THR CA 419 -16.37 -36.22 105.28
C THR CA 419 -17.36 -37.26 104.76
N ASP CA 420 -18.20 -37.77 105.68
CA ASP CA 420 -19.27 -38.67 105.29
C ASP CA 420 -20.15 -38.04 104.21
N THR CA 421 -20.40 -38.80 103.15
CA THR CA 421 -21.20 -38.34 102.03
C THR CA 421 -22.60 -38.92 102.12
N TYR CA 422 -23.60 -38.07 101.92
CA TYR CA 422 -24.99 -38.47 102.00
C TYR CA 422 -25.81 -37.70 100.97
N VAL CA 423 -27.00 -38.21 100.69
CA VAL CA 423 -27.93 -37.56 99.79
C VAL CA 423 -28.75 -36.54 100.58
N ASP CA 424 -28.64 -35.27 100.21
CA ASP CA 424 -29.34 -34.23 100.96
C ASP CA 424 -30.80 -34.14 100.54
N LYS CA 425 -31.07 -34.16 99.23
CA LYS CA 425 -32.42 -34.02 98.73
C LYS CA 425 -32.58 -34.87 97.47
N VAL CA 426 -33.81 -35.28 97.21
CA VAL CA 426 -34.22 -35.80 95.91
C VAL CA 426 -35.41 -34.97 95.44
N LEU CA 427 -35.26 -34.33 94.28
CA LEU CA 427 -36.27 -33.44 93.75
C LEU CA 427 -36.93 -34.06 92.52
N ASN CA 428 -38.15 -33.64 92.24
CA ASN CA 428 -38.81 -34.03 91.01
C ASN CA 428 -38.46 -33.03 89.90
N GLU CA 429 -39.02 -33.27 88.70
CA GLU CA 429 -38.66 -32.45 87.57
C GLU CA 429 -39.17 -31.02 87.73
N ASP CA 430 -40.12 -30.80 88.65
CA ASP CA 430 -40.64 -29.47 88.89
C ASP CA 430 -39.85 -28.70 89.93
N GLY CA 431 -38.82 -29.30 90.53
CA GLY CA 431 -38.05 -28.65 91.57
C GLY CA 431 -38.58 -28.83 92.97
N GLN CA 432 -39.61 -29.66 93.15
CA GLN CA 432 -40.18 -29.88 94.47
C GLN CA 432 -39.41 -30.95 95.22
N VAL CA 433 -39.20 -30.77 96.52
CA VAL CA 433 -38.46 -31.78 97.26
C VAL CA 433 -39.40 -32.92 97.55
N MET CA 434 -38.98 -34.15 97.29
CA MET CA 434 -39.84 -35.30 97.59
C MET CA 434 -39.48 -35.99 98.90
N ASP CA 435 -40.44 -36.74 99.44
CA ASP CA 435 -40.18 -37.54 100.64
C ASP CA 435 -39.39 -38.80 100.31
N ASN CA 436 -38.52 -39.20 101.22
CA ASN CA 436 -37.73 -40.41 101.00
C ASN CA 436 -38.60 -41.64 101.12
N ALA CA 437 -39.71 -41.53 101.84
CA ALA CA 437 -40.65 -42.64 101.94
C ALA CA 437 -41.20 -43.03 100.58
N ASP CA 438 -41.32 -42.06 99.68
CA ASP CA 438 -41.86 -42.34 98.35
C ASP CA 438 -41.23 -43.59 97.78
N PRO CA 439 -42.06 -44.58 97.41
CA PRO CA 439 -41.44 -45.82 96.93
C PRO CA 439 -40.44 -45.61 95.81
N ALA CA 440 -40.68 -44.66 94.90
CA ALA CA 440 -39.77 -44.45 93.79
C ALA CA 440 -38.45 -43.85 94.28
N VAL CA 441 -38.53 -42.86 95.16
CA VAL CA 441 -37.32 -42.27 95.72
C VAL CA 441 -36.55 -43.29 96.54
N LYS CA 442 -37.23 -44.09 97.34
CA LYS CA 442 -36.54 -45.10 98.13
C LYS CA 442 -35.84 -46.10 97.23
N ALA CA 443 -36.49 -46.52 96.15
CA ALA CA 443 -35.88 -47.48 95.23
C ALA CA 443 -34.52 -47.02 94.76
N ILE CA 444 -34.35 -45.71 94.55
CA ILE CA 444 -33.04 -45.18 94.20
C ILE CA 444 -32.11 -45.22 95.40
N LEU CA 445 -32.57 -44.72 96.55
CA LEU CA 445 -31.71 -44.58 97.71
C LEU CA 445 -31.22 -45.93 98.22
N ASP CA 446 -32.02 -46.99 98.07
CA ASP CA 446 -31.58 -48.30 98.55
C ASP CA 446 -30.35 -48.78 97.79
N GLN CA 447 -30.05 -48.17 96.66
CA GLN CA 447 -28.90 -48.56 95.85
C GLN CA 447 -27.62 -47.82 96.22
N LEU CA 448 -27.71 -46.84 97.13
CA LEU CA 448 -26.59 -45.98 97.44
C LEU CA 448 -26.01 -46.24 98.81
N THR CA 449 -26.06 -47.49 99.28
CA THR CA 449 -25.48 -47.82 100.57
C THR CA 449 -23.96 -47.67 100.56
N ASP CA 450 -23.35 -47.79 99.38
CA ASP CA 450 -21.94 -47.51 99.19
C ASP CA 450 -21.80 -46.17 98.50
N LEU CA 451 -21.72 -45.10 99.29
CA LEU CA 451 -21.66 -43.76 98.73
C LEU CA 451 -20.57 -43.02 99.49
N ALA CA 452 -19.54 -42.58 98.79
CA ALA CA 452 -18.40 -41.94 99.41
C ALA CA 452 -17.68 -41.14 98.33
N VAL CA 453 -16.96 -40.11 98.73
CA VAL CA 453 -15.96 -39.50 97.86
C VAL CA 453 -14.72 -40.37 97.89
N ILE CA 454 -14.21 -40.72 96.71
CA ILE CA 454 -13.11 -41.66 96.61
C ILE CA 454 -11.85 -40.95 96.14
N GLY CA 455 -12.01 -39.96 95.27
CA GLY CA 455 -10.87 -39.35 94.60
C GLY CA 455 -11.05 -37.87 94.43
N PHE CA 456 -9.95 -37.21 94.04
CA PHE CA 456 -9.97 -35.80 93.71
C PHE CA 456 -8.81 -35.48 92.79
N GLU CA 457 -8.91 -34.35 92.10
CA GLU CA 457 -7.82 -33.80 91.33
C GLU CA 457 -7.69 -32.31 91.66
N LEU CA 458 -6.46 -31.82 91.63
CA LEU CA 458 -6.19 -30.43 91.95
C LEU CA 458 -5.83 -29.65 90.69
N ASP CA 459 -6.12 -28.35 90.72
CA ASP CA 459 -5.64 -27.40 89.71
C ASP CA 459 -4.35 -26.73 90.17
N THR CA 460 -3.49 -27.48 90.87
CA THR CA 460 -2.26 -26.96 91.41
C THR CA 460 -1.22 -26.77 90.31
N ARG CA 461 -0.42 -25.72 90.42
CA ARG CA 461 0.69 -25.49 89.53
C ARG CA 461 1.92 -25.07 90.33
N PHE CA 462 3.08 -25.26 89.73
CA PHE CA 462 4.33 -24.80 90.31
C PHE CA 462 4.47 -23.30 90.10
N THR CA 463 5.21 -22.65 90.99
CA THR CA 463 5.68 -21.29 90.78
C THR CA 463 7.02 -21.37 90.07
N ASN CA 464 7.05 -20.95 88.81
CA ASN CA 464 8.22 -21.16 87.95
C ASN CA 464 9.29 -20.11 88.24
N THR CA 465 9.60 -19.94 89.52
CA THR CA 465 10.57 -18.93 89.89
C THR CA 465 11.99 -19.45 89.74
N ASN CA 466 12.18 -20.76 89.74
CA ASN CA 466 13.44 -21.37 89.37
C ASN CA 466 13.56 -21.58 87.88
N ARG CA 467 12.56 -21.16 87.11
CA ARG CA 467 12.58 -21.23 85.65
C ARG CA 467 12.88 -22.65 85.19
N ARG CA 468 12.29 -23.62 85.88
CA ARG CA 468 12.39 -25.01 85.45
C ARG CA 468 11.80 -25.21 84.07
N GLN CA 469 10.67 -24.57 83.79
CA GLN CA 469 9.95 -24.73 82.53
C GLN CA 469 10.27 -23.56 81.62
N ARG CA 470 10.47 -23.84 80.33
CA ARG CA 470 10.63 -22.75 79.38
C ARG CA 470 9.33 -22.37 78.71
N GLY CA 471 8.38 -23.29 78.63
CA GLY CA 471 7.20 -23.07 77.82
C GLY CA 471 7.51 -23.14 76.35
N HIS CA 472 6.79 -22.35 75.56
CA HIS CA 472 7.01 -22.31 74.13
C HIS CA 472 8.23 -21.43 73.82
N LEU CA 473 8.84 -21.71 72.68
CA LEU CA 473 10.04 -20.99 72.26
C LEU CA 473 9.73 -20.12 71.06
N LEU CA 474 10.41 -18.98 70.97
CA LEU CA 474 10.36 -18.13 69.80
C LEU CA 474 11.71 -18.15 69.09
N GLN CA 475 11.68 -18.21 67.78
CA GLN CA 475 12.87 -18.02 66.96
C GLN CA 475 12.50 -17.20 65.74
N THR CA 476 13.44 -16.37 65.29
CA THR CA 476 13.23 -15.52 64.13
C THR CA 476 13.67 -16.25 62.88
N ARG CA 477 12.83 -16.24 61.85
CA ARG CA 477 13.06 -16.98 60.62
C ARG CA 477 12.82 -16.05 59.44
N ALA CA 478 13.32 -16.44 58.27
CA ALA CA 478 13.04 -15.74 57.02
C ALA CA 478 12.95 -16.75 55.89
N LEU CA 479 12.07 -16.49 54.93
CA LEU CA 479 11.98 -17.27 53.71
C LEU CA 479 12.36 -16.40 52.53
N GLN CA 480 12.87 -17.01 51.47
CA GLN CA 480 13.24 -16.28 50.26
C GLN CA 480 12.45 -16.81 49.07
N PHE CA 481 11.93 -15.90 48.27
CA PHE CA 481 11.23 -16.23 47.04
C PHE CA 481 11.98 -15.58 45.89
N ARG CA 482 12.05 -16.27 44.75
CA ARG CA 482 12.81 -15.80 43.61
C ARG CA 482 11.90 -15.73 42.38
N HIS CA 483 11.90 -14.59 41.70
CA HIS CA 483 11.04 -14.36 40.54
C HIS CA 483 11.89 -13.83 39.39
N PRO CA 484 12.41 -14.69 38.50
CA PRO CA 484 13.15 -14.23 37.34
C PRO CA 484 12.22 -13.77 36.21
N ILE CA 485 12.64 -12.73 35.51
CA ILE CA 485 11.84 -12.11 34.47
C ILE CA 485 12.22 -12.73 33.13
N PRO CA 486 11.27 -13.31 32.40
CA PRO CA 486 11.55 -13.83 31.06
C PRO CA 486 11.42 -12.79 29.96
N MET CA 487 12.08 -13.08 28.84
CA MET CA 487 11.80 -12.37 27.61
C MET CA 487 10.62 -13.00 26.88
N HIS CA 488 9.99 -12.22 26.01
CA HIS CA 488 8.89 -12.69 25.19
C HIS CA 488 9.16 -12.33 23.74
N ALA CA 489 8.50 -13.04 22.84
CA ALA CA 489 8.78 -12.85 21.42
C ALA CA 489 8.48 -11.41 21.01
N PRO CA 490 9.29 -10.82 20.14
CA PRO CA 490 9.04 -9.46 19.69
C PRO CA 490 7.98 -9.38 18.61
N VAL CA 491 7.58 -8.16 18.32
CA VAL CA 491 6.78 -7.82 17.15
C VAL CA 491 7.61 -6.92 16.25
N THR CA 492 7.56 -7.17 14.94
CA THR CA 492 8.43 -6.50 14.00
C THR CA 492 7.63 -5.72 12.98
N LEU CA 493 8.15 -4.57 12.57
CA LEU CA 493 7.54 -3.83 11.48
C LEU CA 493 8.54 -3.79 10.33
N PRO CA 494 8.34 -4.53 9.26
CA PRO CA 494 9.31 -4.51 8.17
C PRO CA 494 9.09 -3.30 7.29
N MET CA 495 10.18 -2.71 6.82
CA MET CA 495 10.11 -1.70 5.78
C MET CA 495 11.33 -1.88 4.87
N ASP CA 496 11.20 -1.37 3.64
CA ASP CA 496 12.30 -1.43 2.69
C ASP CA 496 13.46 -0.54 3.14
N THR CA 497 14.65 -0.86 2.65
CA THR CA 497 15.83 -0.07 2.97
C THR CA 497 16.00 1.12 2.04
N MET CA 498 15.29 1.14 0.91
CA MET CA 498 15.44 2.23 -0.05
C MET CA 498 14.91 3.54 0.52
N THR CA 499 13.80 3.49 1.23
CA THR CA 499 13.18 4.70 1.77
C THR CA 499 14.09 5.35 2.80
N ASP CA 500 14.39 6.62 2.57
CA ASP CA 500 15.23 7.41 3.45
C ASP CA 500 14.44 8.31 4.37
N GLU CA 501 13.10 8.24 4.32
CA GLU CA 501 12.28 9.06 5.20
C GLU CA 501 12.22 8.49 6.60
N GLY CA 502 12.61 7.23 6.77
CA GLY CA 502 12.43 6.55 8.02
C GLY CA 502 11.04 5.96 8.14
N PRO CA 503 10.80 5.18 9.19
CA PRO CA 503 9.48 4.57 9.35
C PRO CA 503 8.38 5.58 9.62
N GLY CA 504 8.74 6.77 10.09
CA GLY CA 504 7.73 7.75 10.46
C GLY CA 504 7.12 7.41 11.81
N GLU CA 505 5.81 7.58 11.91
CA GLU CA 505 5.10 7.47 13.18
C GLU CA 505 4.45 6.09 13.35
N VAL CA 506 4.84 5.12 12.54
CA VAL CA 506 4.24 3.80 12.65
C VAL CA 506 5.00 2.89 13.60
N VAL CA 507 6.22 3.28 14.02
CA VAL CA 507 6.93 2.48 15.02
C VAL CA 507 6.12 2.40 16.29
N LYS CA 508 5.37 3.47 16.61
CA LYS CA 508 4.52 3.45 17.79
C LYS CA 508 3.58 2.26 17.76
N ALA CA 509 3.17 1.83 16.56
CA ALA CA 509 2.29 0.67 16.46
C ALA CA 509 2.94 -0.57 17.07
N LEU CA 510 4.26 -0.69 16.98
CA LEU CA 510 4.94 -1.82 17.61
C LEU CA 510 4.83 -1.72 19.12
N THR CA 511 4.93 -0.51 19.66
CA THR CA 511 4.83 -0.37 21.12
C THR CA 511 3.39 -0.56 21.59
N VAL CA 512 2.42 -0.09 20.80
CA VAL CA 512 1.02 -0.32 21.15
C VAL CA 512 0.71 -1.82 21.15
N ASN CA 513 1.18 -2.53 20.13
CA ASN CA 513 1.04 -3.98 20.12
C ASN CA 513 1.63 -4.58 21.38
N THR CA 514 2.85 -4.17 21.74
CA THR CA 514 3.47 -4.68 22.96
C THR CA 514 2.64 -4.34 24.19
N ASN CA 515 2.17 -3.09 24.29
CA ASN CA 515 1.37 -2.70 25.46
C ASN CA 515 0.09 -3.51 25.58
N ILE CA 516 -0.56 -3.79 24.46
CA ILE CA 516 -1.78 -4.60 24.52
C ILE CA 516 -1.44 -6.01 25.00
N ARG CA 517 -0.35 -6.57 24.50
CA ARG CA 517 0.06 -7.89 24.94
C ARG CA 517 0.34 -7.91 26.44
N ASN CA 518 0.90 -6.82 26.98
CA ASN CA 518 1.11 -6.73 28.43
C ASN CA 518 -0.21 -6.86 29.18
N SER CA 519 -1.25 -6.19 28.71
CA SER CA 519 -2.55 -6.32 29.37
C SER CA 519 -3.09 -7.74 29.28
N ASN CA 520 -2.92 -8.37 28.11
CA ASN CA 520 -3.38 -9.74 27.95
C ASN CA 520 -2.59 -10.71 28.82
N ASN CA 521 -1.29 -10.44 29.01
CA ASN CA 521 -0.50 -11.28 29.90
C ASN CA 521 -1.01 -11.20 31.32
N ALA CA 522 -1.43 -10.02 31.77
CA ALA CA 522 -2.00 -9.91 33.10
C ALA CA 522 -3.26 -10.78 33.23
N VAL CA 523 -4.11 -10.76 32.21
CA VAL CA 523 -5.34 -11.56 32.29
C VAL CA 523 -5.01 -13.05 32.23
N LYS CA 524 -4.13 -13.45 31.31
CA LYS CA 524 -3.77 -14.86 31.20
C LYS CA 524 -3.17 -15.39 32.49
N ARG CA 525 -2.27 -14.61 33.10
CA ARG CA 525 -1.63 -15.06 34.33
C ARG CA 525 -2.61 -15.05 35.49
N MET CA 526 -3.49 -14.05 35.56
CA MET CA 526 -4.51 -14.03 36.60
C MET CA 526 -5.40 -15.26 36.54
N LEU CA 527 -5.90 -15.60 35.36
CA LEU CA 527 -6.80 -16.75 35.25
C LEU CA 527 -6.07 -18.06 35.53
N ASN CA 528 -4.81 -18.17 35.09
CA ASN CA 528 -4.06 -19.38 35.38
C ASN CA 528 -3.76 -19.50 36.87
N TYR CA 529 -3.45 -18.37 37.51
CA TYR CA 529 -3.24 -18.38 38.94
C TYR CA 529 -4.50 -18.79 39.68
N LEU CA 530 -5.65 -18.24 39.31
CA LEU CA 530 -6.87 -18.62 40.00
C LEU CA 530 -7.18 -20.10 39.81
N ALA CA 531 -6.94 -20.63 38.61
CA ALA CA 531 -7.22 -22.04 38.38
C ALA CA 531 -6.38 -22.93 39.29
N GLN CA 532 -5.11 -22.59 39.47
CA GLN CA 532 -4.29 -23.43 40.32
C GLN CA 532 -4.47 -23.06 41.79
N LEU CA 533 -4.97 -21.86 42.06
CA LEU CA 533 -5.43 -21.51 43.40
C LEU CA 533 -6.58 -22.40 43.83
N ARG CA 534 -7.54 -22.63 42.92
CA ARG CA 534 -8.66 -23.50 43.23
C ARG CA 534 -8.16 -24.85 43.70
N GLU CA 535 -7.16 -25.37 42.99
CA GLU CA 535 -6.63 -26.69 43.35
C GLU CA 535 -5.98 -26.68 44.73
N VAL CA 536 -5.21 -25.63 45.04
CA VAL CA 536 -4.53 -25.60 46.33
C VAL CA 536 -5.52 -25.49 47.49
N VAL CA 537 -6.50 -24.62 47.39
CA VAL CA 537 -7.47 -24.45 48.47
C VAL CA 537 -8.47 -25.59 48.49
N HIS CA 538 -8.83 -26.13 47.32
CA HIS CA 538 -9.68 -27.31 47.30
C HIS CA 538 -9.06 -28.46 48.08
N ASN CA 539 -7.76 -28.67 47.90
CA ASN CA 539 -7.09 -29.74 48.63
C ASN CA 539 -6.78 -29.26 50.04
N GLY CA 540 -6.18 -30.15 50.83
CA GLY CA 540 -6.00 -29.86 52.24
C GLY CA 540 -4.83 -28.92 52.51
N TYR CA 541 -4.95 -27.67 52.11
CA TYR CA 541 -3.97 -26.62 52.37
C TYR CA 541 -4.64 -25.38 52.94
N ASN CA 542 -5.31 -25.52 54.07
CA ASN CA 542 -5.93 -24.39 54.72
C ASN CA 542 -5.01 -23.68 55.71
N ARG CA 543 -3.73 -24.07 55.81
CA ARG CA 543 -2.81 -23.34 56.67
C ARG CA 543 -1.63 -22.81 55.88
N PRO CA 544 -0.96 -21.77 56.37
CA PRO CA 544 0.20 -21.24 55.66
C PRO CA 544 1.28 -22.31 55.49
N LYS CA 545 1.93 -22.29 54.33
CA LYS CA 545 3.01 -23.22 54.03
C LYS CA 545 3.78 -22.67 52.84
N PHE CA 546 5.10 -22.76 52.91
CA PHE CA 546 5.92 -22.41 51.77
C PHE CA 546 5.86 -23.51 50.72
N GLY CA 547 5.78 -23.12 49.46
CA GLY CA 547 5.94 -24.05 48.36
C GLY CA 547 4.65 -24.61 47.79
N ILE CA 548 3.49 -24.12 48.21
CA ILE CA 548 2.23 -24.68 47.71
C ILE CA 548 1.65 -23.81 46.60
N ILE CA 549 1.94 -22.51 46.61
CA ILE CA 549 1.37 -21.58 45.63
C ILE CA 549 2.32 -20.40 45.50
N GLU CA 550 2.30 -19.73 44.36
CA GLU CA 550 3.11 -18.54 44.19
C GLU CA 550 2.62 -17.44 45.10
N GLY CA 551 3.55 -16.63 45.60
CA GLY CA 551 3.19 -15.49 46.41
C GLY CA 551 3.76 -15.57 47.81
N ALA CA 552 4.56 -14.58 48.19
CA ALA CA 552 5.25 -14.65 49.47
C ALA CA 552 4.28 -14.75 50.65
N LEU CA 553 3.14 -14.08 50.58
CA LEU CA 553 2.20 -14.11 51.69
C LEU CA 553 1.52 -15.46 51.87
N SER CA 554 1.66 -16.38 50.92
CA SER CA 554 1.10 -17.72 51.12
C SER CA 554 1.75 -18.43 52.29
N ALA CA 555 2.95 -17.99 52.70
CA ALA CA 555 3.55 -18.56 53.90
C ALA CA 555 3.08 -17.84 55.15
N VAL CA 556 2.25 -16.80 55.00
CA VAL CA 556 1.81 -16.00 56.14
C VAL CA 556 0.32 -16.23 56.42
N MET CA 557 -0.51 -16.09 55.40
CA MET CA 557 -1.95 -16.15 55.57
C MET CA 557 -2.51 -17.49 55.07
N ARG CA 558 -3.62 -17.90 55.66
CA ARG CA 558 -4.32 -19.11 55.23
C ARG CA 558 -4.78 -18.96 53.77
N PRO CA 559 -4.38 -19.88 52.89
CA PRO CA 559 -4.83 -19.81 51.50
C PRO CA 559 -6.34 -19.95 51.41
N THR CA 560 -7.01 -18.90 50.97
CA THR CA 560 -8.48 -18.86 50.96
C THR CA 560 -9.01 -18.56 49.57
N TYR CA 561 -9.86 -19.44 49.08
CA TYR CA 561 -10.46 -19.34 47.75
C TYR CA 561 -11.90 -19.82 47.84
N ARG CA 562 -12.80 -19.11 47.15
CA ARG CA 562 -14.18 -19.59 47.02
C ARG CA 562 -14.59 -19.54 45.56
N TYR CA 563 -15.23 -20.61 45.10
CA TYR CA 563 -15.79 -20.69 43.76
C TYR CA 563 -17.30 -20.88 43.90
N LYS CA 564 -18.07 -19.91 43.41
CA LYS CA 564 -19.52 -19.95 43.47
C LYS CA 564 -20.06 -19.74 42.07
N GLU CA 565 -20.74 -20.74 41.53
CA GLU CA 565 -21.34 -20.62 40.21
C GLU CA 565 -22.75 -20.06 40.35
N LEU CA 566 -22.92 -18.79 39.99
CA LEU CA 566 -24.19 -18.09 40.16
C LEU CA 566 -24.96 -18.14 38.86
N ASP CA 567 -26.04 -18.90 38.87
CA ASP CA 567 -27.01 -18.92 37.77
C ASP CA 567 -28.18 -18.08 38.25
N LEU CA 568 -28.32 -16.87 37.69
CA LEU CA 568 -29.26 -15.92 38.26
C LEU CA 568 -30.68 -16.48 38.30
N GLU CA 569 -31.01 -17.43 37.45
CA GLU CA 569 -32.33 -18.04 37.52
C GLU CA 569 -32.55 -18.74 38.86
N LYS CA 570 -31.50 -19.31 39.44
CA LYS CA 570 -31.61 -19.99 40.74
C LYS CA 570 -31.25 -19.09 41.91
N VAL CA 571 -30.74 -17.88 41.63
CA VAL CA 571 -30.32 -17.01 42.72
C VAL CA 571 -31.32 -15.89 42.94
N ILE CA 572 -31.85 -15.31 41.86
CA ILE CA 572 -32.66 -14.10 42.01
C ILE CA 572 -33.96 -14.46 42.71
N ASP CA 573 -34.48 -13.52 43.49
CA ASP CA 573 -35.76 -13.73 44.16
C ASP CA 573 -36.71 -12.60 43.85
N THR CA 574 -36.96 -12.37 42.56
CA THR CA 574 -37.68 -11.19 42.13
C THR CA 574 -39.17 -11.43 42.12
N ILE CA 575 -39.95 -10.38 42.36
CA ILE CA 575 -41.40 -10.48 42.41
C ILE CA 575 -42.01 -9.73 41.23
N LYS CA 576 -41.54 -8.51 40.96
CA LYS CA 576 -42.17 -7.63 40.01
C LYS CA 576 -41.11 -6.97 39.13
N SER CA 577 -41.49 -6.73 37.87
CA SER CA 577 -40.52 -6.26 36.88
C SER CA 577 -39.96 -4.89 37.22
N LYS CA 578 -40.76 -4.01 37.79
CA LYS CA 578 -40.27 -2.67 38.08
C LYS CA 578 -39.10 -2.67 39.04
N ASP CA 579 -38.88 -3.76 39.77
CA ASP CA 579 -37.76 -3.91 40.69
C ASP CA 579 -36.68 -4.83 40.13
N ARG CA 580 -36.82 -5.27 38.88
CA ARG CA 580 -35.92 -6.30 38.35
C ARG CA 580 -34.49 -5.81 38.29
N TRP CA 581 -34.27 -4.54 37.95
CA TRP CA 581 -32.91 -4.02 37.87
C TRP CA 581 -32.20 -4.12 39.20
N ASP CA 582 -32.88 -3.72 40.28
CA ASP CA 582 -32.26 -3.77 41.60
C ASP CA 582 -32.15 -5.21 42.07
N ASP CA 583 -33.14 -6.05 41.75
CA ASP CA 583 -33.10 -7.42 42.20
C ASP CA 583 -31.90 -8.18 41.65
N VAL CA 584 -31.56 -7.94 40.38
CA VAL CA 584 -30.37 -8.56 39.81
C VAL CA 584 -29.11 -8.00 40.46
N CYS CA 585 -29.05 -6.66 40.63
CA CYS CA 585 -27.87 -6.08 41.25
C CYS CA 585 -27.67 -6.59 42.67
N ALA CA 586 -28.77 -6.64 43.44
CA ALA CA 586 -28.68 -7.13 44.80
C ALA CA 586 -28.32 -8.61 44.84
N ALA CA 587 -28.88 -9.42 43.95
CA ALA CA 587 -28.59 -10.84 43.97
C ALA CA 587 -27.10 -11.10 43.80
N ILE CA 588 -26.47 -10.37 42.87
CA ILE CA 588 -25.05 -10.57 42.62
C ILE CA 588 -24.22 -10.07 43.79
N LEU CA 589 -24.52 -8.85 44.26
CA LEU CA 589 -23.74 -8.28 45.35
C LEU CA 589 -23.92 -9.05 46.66
N ASN CA 590 -25.13 -9.49 46.95
CA ASN CA 590 -25.37 -10.26 48.17
C ASN CA 590 -24.63 -11.59 48.13
N CYS CA 591 -24.56 -12.23 46.95
CA CYS CA 591 -23.79 -13.45 46.86
C CYS CA 591 -22.32 -13.20 47.15
N VAL CA 592 -21.77 -12.08 46.68
CA VAL CA 592 -20.38 -11.77 47.03
C VAL CA 592 -20.22 -11.54 48.53
N LYS CA 593 -21.13 -10.81 49.15
CA LYS CA 593 -21.07 -10.62 50.60
C LYS CA 593 -21.11 -11.95 51.33
N ALA CA 594 -21.99 -12.84 50.89
CA ALA CA 594 -22.10 -14.15 51.53
C ALA CA 594 -20.80 -14.93 51.50
N GLU CA 595 -20.03 -14.84 50.41
CA GLU CA 595 -18.76 -15.56 50.36
C GLU CA 595 -17.63 -14.72 50.95
N LEU CA 596 -17.73 -13.40 50.81
CA LEU CA 596 -16.64 -12.53 51.24
C LEU CA 596 -16.46 -12.53 52.74
N PHE CA 597 -17.56 -12.44 53.49
CA PHE CA 597 -17.43 -12.36 54.95
C PHE CA 597 -16.78 -13.60 55.55
N PRO CA 598 -17.24 -14.83 55.28
CA PRO CA 598 -16.53 -15.98 55.84
C PRO CA 598 -15.12 -16.12 55.29
N ALA CA 599 -14.89 -15.68 54.05
CA ALA CA 599 -13.55 -15.72 53.49
C ALA CA 599 -12.62 -14.72 54.18
N HIS CA 600 -13.14 -13.53 54.50
CA HIS CA 600 -12.37 -12.58 55.28
C HIS CA 600 -12.11 -13.10 56.68
N ARG CA 601 -13.11 -13.74 57.29
CA ARG CA 601 -12.92 -14.30 58.63
C ARG CA 601 -11.95 -15.47 58.59
N ASP CA 602 -12.11 -16.38 57.63
CA ASP CA 602 -11.28 -17.57 57.59
C ASP CA 602 -9.86 -17.24 57.15
N SER CA 603 -9.70 -16.30 56.23
CA SER CA 603 -8.38 -15.91 55.82
C SER CA 603 -7.72 -15.05 56.88
N ASN CA 604 -6.42 -14.87 56.76
CA ASN CA 604 -5.68 -13.95 57.61
C ASN CA 604 -5.33 -12.68 56.86
N ILE CA 605 -6.13 -12.31 55.86
CA ILE CA 605 -5.76 -11.19 55.01
C ILE CA 605 -5.63 -9.93 55.84
N GLU CA 606 -6.49 -9.78 56.85
CA GLU CA 606 -6.42 -8.60 57.69
C GLU CA 606 -5.20 -8.64 58.60
N ALA CA 607 -4.93 -9.78 59.21
CA ALA CA 607 -3.75 -9.91 60.07
C ALA CA 607 -2.47 -9.74 59.26
N ALA CA 608 -2.42 -10.29 58.05
CA ALA CA 608 -1.21 -10.16 57.24
C ALA CA 608 -0.95 -8.71 56.85
N PHE CA 609 -1.98 -7.98 56.45
CA PHE CA 609 -1.80 -6.58 56.11
C PHE CA 609 -1.35 -5.78 57.31
N ARG CA 610 -1.94 -6.05 58.48
CA ARG CA 610 -1.55 -5.31 59.68
C ARG CA 610 -0.09 -5.56 60.02
N VAL CA 611 0.32 -6.83 60.04
CA VAL CA 611 1.67 -7.16 60.47
C VAL CA 611 2.71 -6.70 59.46
N ILE CA 612 2.40 -6.79 58.17
CA ILE CA 612 3.35 -6.40 57.14
C ILE CA 612 3.43 -4.89 56.98
N SER CA 613 2.28 -4.22 56.96
CA SER CA 613 2.29 -2.77 56.78
C SER CA 613 2.86 -2.06 58.00
N GLY CA 614 2.68 -2.63 59.19
CA GLY CA 614 3.12 -1.99 60.40
C GLY CA 614 2.16 -0.96 60.96
N ASN CA 615 0.99 -0.80 60.35
CA ASN CA 615 0.00 0.17 60.79
C ASN CA 615 -1.17 -0.62 61.36
N GLN CA 616 -1.46 -0.40 62.65
CA GLN CA 616 -2.51 -1.16 63.32
C GLN CA 616 -3.89 -0.90 62.70
N ASP CA 617 -4.17 0.33 62.28
CA ASP CA 617 -5.46 0.64 61.67
C ASP CA 617 -5.37 0.54 60.15
N GLU CA 618 -4.99 -0.65 59.70
CA GLU CA 618 -4.77 -0.91 58.27
C GLU CA 618 -5.55 -2.16 57.88
N THR CA 619 -6.42 -2.03 56.88
CA THR CA 619 -7.20 -3.12 56.36
C THR CA 619 -7.17 -3.13 54.84
N PRO CA 620 -7.35 -4.30 54.22
CA PRO CA 620 -7.42 -4.35 52.77
C PRO CA 620 -8.73 -3.76 52.26
N MET CA 621 -8.71 -3.31 51.02
CA MET CA 621 -9.93 -3.05 50.27
C MET CA 621 -9.98 -4.04 49.11
N TYR CA 622 -11.19 -4.46 48.75
CA TYR CA 622 -11.36 -5.46 47.73
C TYR CA 622 -11.72 -4.84 46.39
N LEU CA 623 -11.19 -5.40 45.32
CA LEU CA 623 -11.55 -4.99 43.97
C LEU CA 623 -12.48 -6.01 43.34
N PHE CA 624 -13.50 -5.49 42.67
CA PHE CA 624 -14.41 -6.29 41.86
C PHE CA 624 -13.88 -6.27 40.43
N CYS CA 625 -13.26 -7.37 40.02
CA CYS CA 625 -12.71 -7.51 38.68
C CYS CA 625 -13.74 -8.19 37.81
N SER CA 626 -14.30 -7.46 36.84
CA SER CA 626 -15.47 -7.95 36.14
C SER CA 626 -15.36 -7.58 34.68
N ASP CA 627 -16.19 -8.21 33.85
CA ASP CA 627 -16.30 -7.75 32.47
C ASP CA 627 -17.29 -6.59 32.41
N LYS CA 628 -17.55 -6.12 31.19
CA LYS CA 628 -18.35 -4.91 31.03
C LYS CA 628 -19.81 -5.16 31.38
N GLU CA 629 -20.33 -6.35 31.05
CA GLU CA 629 -21.73 -6.64 31.33
C GLU CA 629 -21.99 -6.71 32.83
N ILE CA 630 -21.14 -7.42 33.57
CA ILE CA 630 -21.32 -7.52 35.02
C ILE CA 630 -21.10 -6.17 35.67
N ALA CA 631 -20.08 -5.44 35.23
CA ALA CA 631 -19.79 -4.14 35.84
C ALA CA 631 -20.98 -3.21 35.77
N ASN CA 632 -21.79 -3.28 34.71
CA ASN CA 632 -22.94 -2.40 34.61
C ASN CA 632 -23.94 -2.65 35.74
N TYR CA 633 -23.92 -3.85 36.32
CA TYR CA 633 -24.77 -4.17 37.47
C TYR CA 633 -24.14 -3.82 38.81
N LEU CA 634 -22.82 -3.92 38.95
CA LEU CA 634 -22.20 -3.54 40.21
C LEU CA 634 -22.06 -2.04 40.36
N MET CA 635 -21.84 -1.32 39.25
CA MET CA 635 -21.57 0.11 39.32
C MET CA 635 -22.82 0.93 39.58
N THR CA 636 -23.97 0.29 39.82
CA THR CA 636 -25.20 1.03 40.11
C THR CA 636 -25.16 1.62 41.50
N LYS CA 637 -24.25 1.15 42.34
CA LYS CA 637 -24.16 1.66 43.70
C LYS CA 637 -23.67 3.11 43.67
N GLY CA 638 -24.20 3.93 44.58
CA GLY CA 638 -23.80 5.32 44.64
C GLY CA 638 -22.39 5.49 45.18
N ASP CA 639 -22.07 6.74 45.52
CA ASP CA 639 -20.72 7.10 45.93
C ASP CA 639 -20.25 6.27 47.12
N ASP CA 640 -21.18 5.90 47.99
CA ASP CA 640 -20.84 5.10 49.16
C ASP CA 640 -20.60 3.65 48.76
N ARG CA 641 -19.35 3.21 48.84
CA ARG CA 641 -18.95 1.87 48.39
C ARG CA 641 -18.39 1.12 49.59
N THR CA 642 -19.28 0.52 50.39
CA THR CA 642 -18.93 -0.11 51.65
C THR CA 642 -19.57 -1.50 51.69
N LEU CA 643 -18.78 -2.49 52.08
CA LEU CA 643 -19.32 -3.80 52.40
C LEU CA 643 -19.26 -4.06 53.90
N GLY CA 644 -20.34 -4.61 54.43
CA GLY CA 644 -20.42 -4.81 55.86
C GLY CA 644 -20.29 -3.51 56.61
N ALA CA 645 -19.32 -3.46 57.52
CA ALA CA 645 -19.10 -2.25 58.32
C ALA CA 645 -17.83 -1.53 57.90
N TYR CA 646 -16.71 -2.24 57.78
CA TYR CA 646 -15.38 -1.63 57.73
C TYR CA 646 -14.63 -1.98 56.46
N LEU CA 647 -15.32 -2.44 55.44
CA LEU CA 647 -14.69 -2.89 54.20
C LEU CA 647 -15.07 -1.94 53.07
N LYS CA 648 -14.06 -1.42 52.38
CA LYS CA 648 -14.29 -0.65 51.17
C LYS CA 648 -13.93 -1.50 49.96
N TYR CA 649 -14.36 -1.05 48.78
CA TYR CA 649 -14.09 -1.80 47.57
C TYR CA 649 -14.08 -0.84 46.39
N ASP CA 650 -13.63 -1.34 45.24
CA ASP CA 650 -13.70 -0.58 44.01
C ASP CA 650 -13.99 -1.54 42.87
N ILE CA 651 -14.41 -0.99 41.74
CA ILE CA 651 -14.82 -1.79 40.59
C ILE CA 651 -13.90 -1.49 39.43
N VAL CA 652 -13.27 -2.53 38.88
CA VAL CA 652 -12.42 -2.40 37.71
C VAL CA 652 -12.92 -3.37 36.65
N SER CA 653 -13.07 -2.88 35.43
CA SER CA 653 -13.71 -3.63 34.37
C SER CA 653 -12.74 -3.85 33.22
N THR CA 654 -12.92 -4.98 32.52
CA THR CA 654 -12.19 -5.26 31.30
C THR CA 654 -13.14 -5.76 30.23
N ASN CA 655 -12.70 -5.71 28.99
CA ASN CA 655 -13.42 -6.33 27.89
C ASN CA 655 -12.61 -7.43 27.22
N ASN CA 656 -11.64 -8.01 27.93
CA ASN CA 656 -10.84 -9.08 27.37
C ASN CA 656 -11.73 -10.28 27.06
N GLN CA 657 -11.58 -10.84 25.86
CA GLN CA 657 -12.39 -12.00 25.50
C GLN CA 657 -12.22 -13.13 26.49
N LEU CA 658 -11.03 -13.28 27.08
CA LEU CA 658 -10.80 -14.36 28.02
C LEU CA 658 -11.62 -14.18 29.29
N PHE CA 659 -11.74 -12.95 29.77
CA PHE CA 659 -12.40 -12.65 31.04
C PHE CA 659 -13.88 -12.40 30.82
N ASP CA 660 -14.56 -13.40 30.26
CA ASP CA 660 -15.95 -13.24 29.81
C ASP CA 660 -16.89 -13.91 30.79
N GLY CA 661 -17.77 -13.12 31.39
CA GLY CA 661 -18.73 -13.65 32.34
C GLY CA 661 -18.12 -14.05 33.67
N LYS CA 662 -17.08 -13.36 34.10
CA LYS CA 662 -16.36 -13.69 35.32
C LYS CA 662 -16.36 -12.49 36.24
N LEU CA 663 -16.57 -12.73 37.53
CA LEU CA 663 -16.33 -11.74 38.57
C LEU CA 663 -15.34 -12.34 39.55
N VAL CA 664 -14.24 -11.64 39.79
CA VAL CA 664 -13.23 -12.04 40.74
C VAL CA 664 -13.01 -10.91 41.73
N VAL CA 665 -13.00 -11.25 43.02
CA VAL CA 665 -12.84 -10.27 44.10
C VAL CA 665 -11.50 -10.53 44.77
N ILE CA 666 -10.64 -9.51 44.78
CA ILE CA 666 -9.28 -9.64 45.32
C ILE CA 666 -8.97 -8.44 46.19
N PRO CA 667 -8.20 -8.66 47.25
CA PRO CA 667 -7.78 -7.53 48.09
C PRO CA 667 -6.62 -6.74 47.49
N THR CA 668 -6.55 -5.47 47.86
CA THR CA 668 -5.39 -4.65 47.58
C THR CA 668 -5.22 -3.65 48.72
N ARG CA 669 -4.03 -3.09 48.83
CA ARG CA 669 -3.79 -2.03 49.80
C ARG CA 669 -4.48 -0.74 49.39
N ALA CA 670 -5.11 -0.07 50.35
CA ALA CA 670 -5.87 1.13 50.04
C ALA CA 670 -4.97 2.21 49.42
N VAL CA 671 -3.73 2.30 49.88
CA VAL CA 671 -2.75 3.23 49.32
C VAL CA 671 -1.62 2.41 48.71
N GLN CA 672 -1.41 2.57 47.42
CA GLN CA 672 -0.41 1.80 46.70
C GLN CA 672 0.95 2.50 46.81
N GLN CA 673 1.99 1.72 47.10
CA GLN CA 673 3.34 2.25 47.16
C GLN CA 673 4.16 1.77 45.97
N GLU CA 674 5.41 1.42 46.21
CA GLU CA 674 6.27 0.91 45.14
C GLU CA 674 6.78 -0.49 45.45
N ASN CA 675 6.50 -1.43 44.57
CA ASN CA 675 6.88 -2.83 44.82
C ASN CA 675 6.32 -3.23 46.16
N ASP CA 676 5.08 -2.82 46.43
CA ASP CA 676 4.44 -3.14 47.69
C ASP CA 676 3.98 -4.59 47.66
N ILE CA 677 4.49 -5.41 48.56
CA ILE CA 677 4.11 -6.81 48.60
C ILE CA 677 2.62 -6.98 48.82
N LEU CA 678 1.98 -5.98 49.43
CA LEU CA 678 0.57 -6.09 49.77
C LEU CA 678 -0.34 -5.84 48.58
N SER CA 679 0.20 -5.46 47.42
CA SER CA 679 -0.60 -5.45 46.20
C SER CA 679 -0.85 -6.87 45.73
N TRP CA 680 -2.07 -7.15 45.27
CA TRP CA 680 -2.42 -8.52 44.94
C TRP CA 680 -1.40 -9.14 44.01
N GLY CA 681 -0.98 -8.43 42.98
CA GLY CA 681 0.16 -8.85 42.23
C GLY CA 681 1.03 -7.70 41.79
N GLN CA 682 2.22 -8.01 41.28
CA GLN CA 682 3.13 -7.02 40.76
C GLN CA 682 3.23 -7.21 39.25
N PHE CA 683 3.46 -6.12 38.53
CA PHE CA 683 3.92 -6.16 37.15
C PHE CA 683 5.33 -5.61 37.11
N PHE CA 684 6.30 -6.51 36.96
CA PHE CA 684 7.70 -6.11 36.95
C PHE CA 684 8.13 -5.86 35.51
N TYR CA 685 8.38 -4.60 35.19
CA TYR CA 685 8.57 -4.16 33.81
C TYR CA 685 10.00 -3.68 33.60
N VAL CA 686 10.66 -4.20 32.56
CA VAL CA 686 11.92 -3.63 32.14
C VAL CA 686 11.72 -2.92 30.80
N SER CA 687 12.38 -1.77 30.65
CA SER CA 687 12.18 -0.95 29.47
C SER CA 687 12.24 -1.78 28.20
N THR CA 688 11.29 -1.53 27.30
CA THR CA 688 11.22 -2.20 26.01
C THR CA 688 12.16 -1.50 25.03
N VAL CA 689 12.86 -2.27 24.22
CA VAL CA 689 13.84 -1.73 23.29
C VAL CA 689 13.35 -1.92 21.87
N ILE CA 690 13.61 -0.93 21.03
CA ILE CA 690 13.29 -0.99 19.60
C ILE CA 690 14.59 -1.26 18.85
N ALA CA 691 14.67 -2.40 18.19
CA ALA CA 691 15.88 -2.81 17.48
C ALA CA 691 15.69 -2.57 15.98
N ASP CA 692 16.67 -1.91 15.36
CA ASP CA 692 16.58 -1.55 13.95
C ASP CA 692 17.89 -1.93 13.26
N LEU CA 693 17.80 -2.87 12.34
CA LEU CA 693 18.95 -3.39 11.61
C LEU CA 693 18.47 -4.01 10.31
N PRO CA 694 19.12 -3.72 9.19
CA PRO CA 694 18.67 -4.31 7.92
C PRO CA 694 19.07 -5.77 7.80
N ILE CA 695 18.32 -6.65 8.47
CA ILE CA 695 18.61 -8.07 8.41
C ILE CA 695 18.25 -8.61 7.03
N THR CA 696 19.15 -9.39 6.46
CA THR CA 696 18.98 -9.98 5.14
C THR CA 696 18.36 -11.37 5.28
N ARG CA 697 17.19 -11.43 5.89
CA ARG CA 697 16.56 -12.69 6.22
C ARG CA 697 16.24 -13.48 4.96
N GLY CA 698 16.63 -14.75 4.95
CA GLY CA 698 16.40 -15.64 3.84
C GLY CA 698 17.62 -15.83 2.96
N GLY CA 699 18.61 -14.95 3.09
CA GLY CA 699 19.82 -15.03 2.31
C GLY CA 699 19.76 -14.42 0.94
N HIS CA 700 18.57 -14.00 0.47
CA HIS CA 700 18.46 -13.41 -0.85
C HIS CA 700 17.74 -12.08 -0.90
N GLN CA 701 17.23 -11.56 0.20
CA GLN CA 701 16.59 -10.26 0.20
C GLN CA 701 16.98 -9.49 1.44
N VAL CA 702 16.89 -8.17 1.38
CA VAL CA 702 17.19 -7.34 2.53
C VAL CA 702 15.93 -6.58 2.90
N THR CA 703 15.61 -6.58 4.18
CA THR CA 703 14.50 -5.81 4.72
C THR CA 703 14.97 -5.11 5.99
N ARG CA 704 14.50 -3.90 6.21
CA ARG CA 704 14.74 -3.24 7.48
C ARG CA 704 13.70 -3.68 8.49
N GLU CA 705 14.14 -4.40 9.52
CA GLU CA 705 13.26 -4.95 10.53
C GLU CA 705 13.36 -4.13 11.81
N ILE CA 706 12.26 -3.52 12.21
CA ILE CA 706 12.18 -2.78 13.45
C ILE CA 706 11.40 -3.62 14.45
N ALA CA 707 12.06 -4.09 15.50
CA ALA CA 707 11.45 -5.02 16.43
C ALA CA 707 11.35 -4.39 17.82
N ALA CA 708 10.21 -4.61 18.46
CA ALA CA 708 9.98 -4.19 19.85
C ALA CA 708 10.08 -5.42 20.73
N ILE CA 709 11.12 -5.48 21.56
CA ILE CA 709 11.42 -6.67 22.34
C ILE CA 709 11.01 -6.40 23.79
N PRO CA 710 9.90 -6.96 24.26
CA PRO CA 710 9.49 -6.75 25.65
C PRO CA 710 10.29 -7.62 26.61
N PHE CA 711 10.26 -7.22 27.88
CA PHE CA 711 10.95 -7.94 28.95
C PHE CA 711 10.28 -7.56 30.27
N ASN CA 712 9.37 -8.42 30.73
CA ASN CA 712 8.57 -8.12 31.91
C ASN CA 712 7.97 -9.41 32.45
N LEU CA 713 7.41 -9.31 33.65
CA LEU CA 713 6.84 -10.46 34.34
C LEU CA 713 5.68 -10.00 35.21
N HIS CA 714 4.60 -10.78 35.21
CA HIS CA 714 3.51 -10.64 36.17
C HIS CA 714 3.64 -11.66 37.28
N VAL CA 715 3.60 -11.19 38.53
CA VAL CA 715 3.81 -12.02 39.70
C VAL CA 715 2.63 -11.81 40.64
N ASN CA 716 2.13 -12.91 41.21
CA ASN CA 716 1.07 -12.87 42.20
C ASN CA 716 1.66 -12.96 43.59
N ASN CA 717 1.12 -12.15 44.51
CA ASN CA 717 1.55 -12.16 45.90
C ASN CA 717 0.54 -12.79 46.83
N ILE CA 718 -0.71 -12.32 46.77
CA ILE CA 718 -1.73 -12.69 47.73
C ILE CA 718 -2.52 -13.86 47.16
N PRO CA 719 -2.58 -15.00 47.85
CA PRO CA 719 -3.35 -16.14 47.33
C PRO CA 719 -4.85 -15.96 47.44
N PHE CA 720 -5.32 -14.96 48.17
CA PHE CA 720 -6.76 -14.80 48.37
C PHE CA 720 -7.44 -14.39 47.08
N ALA CA 721 -8.56 -15.05 46.76
CA ALA CA 721 -9.43 -14.63 45.67
C ALA CA 721 -10.78 -15.29 45.85
N LEU CA 722 -11.83 -14.59 45.41
CA LEU CA 722 -13.17 -15.15 45.28
C LEU CA 722 -13.55 -15.13 43.81
N GLU CA 723 -13.98 -16.26 43.27
CA GLU CA 723 -14.34 -16.35 41.86
C GLU CA 723 -15.82 -16.65 41.73
N PHE CA 724 -16.54 -15.82 40.99
CA PHE CA 724 -17.96 -15.97 40.78
C PHE CA 724 -18.22 -16.10 39.29
N LYS CA 725 -18.86 -17.19 38.89
CA LYS CA 725 -19.27 -17.41 37.51
C LYS CA 725 -20.73 -16.97 37.40
N ILE CA 726 -20.96 -15.84 36.74
CA ILE CA 726 -22.25 -15.18 36.75
C ILE CA 726 -22.86 -15.24 35.36
N THR CA 727 -23.94 -16.00 35.23
CA THR CA 727 -24.59 -16.17 33.94
C THR CA 727 -26.11 -16.06 34.13
N GLY CA 728 -26.83 -16.10 33.03
CA GLY CA 728 -28.27 -16.07 33.07
C GLY CA 728 -28.91 -14.70 33.16
N PHE CA 729 -28.19 -13.65 32.75
CA PHE CA 729 -28.78 -12.32 32.79
C PHE CA 729 -30.02 -12.23 31.90
N GLN CA 730 -29.95 -12.83 30.70
CA GLN CA 730 -31.06 -12.78 29.78
C GLN CA 730 -32.21 -13.68 30.21
N LYS CA 731 -31.95 -14.62 31.10
CA LYS CA 731 -32.99 -15.52 31.56
C LYS CA 731 -33.86 -14.89 32.64
N VAL CA 732 -33.25 -14.10 33.53
CA VAL CA 732 -34.03 -13.50 34.61
C VAL CA 732 -34.58 -12.14 34.19
N MET CA 733 -33.84 -11.38 33.38
CA MET CA 733 -34.35 -10.11 32.90
C MET CA 733 -35.19 -10.27 31.64
N GLY CA 734 -35.07 -11.38 30.93
CA GLY CA 734 -35.89 -11.63 29.78
C GLY CA 734 -37.17 -12.38 30.10
N GLU CA 735 -37.06 -13.65 30.51
CA GLU CA 735 -38.25 -14.44 30.78
C GLU CA 735 -38.84 -14.08 32.13
N THR CA 736 -40.16 -14.20 32.22
CA THR CA 736 -40.86 -13.98 33.49
C THR CA 736 -40.39 -14.97 34.54
N GLN CA 737 -40.14 -14.46 35.75
CA GLN CA 737 -39.56 -15.25 36.82
C GLN CA 737 -40.50 -15.53 37.98
N PHE CA 738 -41.63 -14.84 38.07
CA PHE CA 738 -42.51 -15.08 39.20
C PHE CA 738 -43.84 -15.64 38.72
N ASN CA 739 -44.53 -14.90 37.83
CA ASN CA 739 -45.81 -15.37 37.33
C ASN CA 739 -45.67 -16.56 36.41
N GLY CA 740 -44.48 -16.80 35.87
CA GLY CA 740 -44.26 -17.96 35.02
C GLY CA 740 -44.48 -19.22 35.83
N LYS CA 741 -43.99 -19.18 37.06
CA LYS CA 741 -44.08 -20.29 38.00
C LYS CA 741 -45.53 -20.61 38.31
N LEU CA 742 -46.33 -19.59 38.59
CA LEU CA 742 -47.75 -19.80 38.87
C LEU CA 742 -48.45 -20.48 37.70
N ALA CA 743 -48.09 -20.11 36.48
CA ALA CA 743 -48.62 -20.82 35.32
C ALA CA 743 -48.16 -22.27 35.32
N ASP CA 744 -46.90 -22.51 35.71
CA ASP CA 744 -46.37 -23.87 35.71
C ASP CA 744 -47.11 -24.77 36.68
N LEU CA 745 -47.65 -24.18 37.77
CA LEU CA 745 -48.43 -24.96 38.72
C LEU CA 745 -49.82 -25.30 38.18
N LYS CA 746 -50.21 -24.70 37.06
CA LYS CA 746 -51.56 -24.90 36.55
C LYS CA 746 -51.72 -26.35 36.13
N PRO CA 747 -52.74 -27.05 36.63
CA PRO CA 747 -52.97 -28.48 36.35
C PRO CA 747 -53.75 -28.71 35.06
N ASN DA 164 30.81 -16.06 26.20
CA ASN DA 164 29.35 -16.12 26.19
C ASN DA 164 28.76 -15.12 25.24
N TYR DA 165 27.63 -15.49 24.63
CA TYR DA 165 26.97 -14.61 23.67
C TYR DA 165 25.91 -13.72 24.29
N ASN DA 166 25.31 -14.11 25.41
CA ASN DA 166 24.24 -13.33 26.02
C ASN DA 166 24.46 -13.36 27.52
N GLU DA 167 25.16 -12.36 28.05
CA GLU DA 167 25.36 -12.24 29.49
C GLU DA 167 24.12 -11.59 30.11
N LYS DA 168 23.01 -12.30 29.99
CA LYS DA 168 21.74 -11.78 30.46
C LYS DA 168 21.69 -11.82 31.98
N SER DA 169 21.05 -10.82 32.56
CA SER DA 169 20.99 -10.67 34.01
C SER DA 169 20.40 -11.93 34.60
N GLN DA 170 21.11 -12.54 35.55
CA GLN DA 170 20.68 -13.78 36.17
C GLN DA 170 20.84 -13.78 37.68
N ARG DA 171 21.73 -12.94 38.22
CA ARG DA 171 22.18 -13.07 39.59
C ARG DA 171 21.83 -11.84 40.44
N ASP DA 172 22.15 -10.65 39.94
CA ASP DA 172 22.04 -9.41 40.72
C ASP DA 172 20.59 -8.92 40.68
N PHE DA 173 19.71 -9.69 41.31
CA PHE DA 173 18.30 -9.37 41.29
C PHE DA 173 17.98 -8.22 42.23
N ARG DA 174 16.87 -7.55 41.96
CA ARG DA 174 16.30 -6.60 42.90
C ARG DA 174 15.81 -7.34 44.13
N VAL DA 175 16.12 -6.82 45.31
CA VAL DA 175 15.72 -7.43 46.58
C VAL DA 175 14.76 -6.48 47.26
N VAL DA 176 13.59 -7.00 47.66
CA VAL DA 176 12.64 -6.24 48.46
C VAL DA 176 12.40 -7.02 49.76
N THR DA 177 12.51 -6.32 50.88
CA THR DA 177 12.29 -6.95 52.18
C THR DA 177 10.89 -6.64 52.67
N ILE DA 178 10.16 -7.68 53.05
CA ILE DA 178 8.79 -7.58 53.50
C ILE DA 178 8.79 -7.19 54.98
N GLY DA 179 8.08 -6.13 55.31
CA GLY DA 179 8.00 -5.72 56.70
C GLY DA 179 7.27 -6.76 57.54
N TYR DA 180 7.61 -6.80 58.82
CA TYR DA 180 7.03 -7.75 59.77
C TYR DA 180 7.05 -7.08 61.15
N ASN DA 181 5.96 -6.41 61.49
CA ASN DA 181 5.85 -5.67 62.74
C ASN DA 181 4.52 -6.00 63.40
N LEU DA 182 4.54 -6.85 64.42
CA LEU DA 182 3.31 -7.27 65.07
C LEU DA 182 3.26 -6.77 66.49
N ALA DA 183 2.03 -6.59 67.00
CA ALA DA 183 1.81 -5.90 68.25
C ALA DA 183 0.56 -6.47 68.91
N ALA DA 184 0.47 -6.27 70.23
CA ALA DA 184 -0.75 -6.56 70.98
C ALA DA 184 -0.71 -5.77 72.26
N SER DA 185 -1.87 -5.25 72.66
CA SER DA 185 -2.02 -4.65 73.97
C SER DA 185 -2.39 -5.72 75.00
N ARG DA 186 -2.41 -5.33 76.28
CA ARG DA 186 -2.67 -6.27 77.37
C ARG DA 186 -3.85 -7.17 77.04
N GLN DA 187 -4.92 -6.59 76.52
CA GLN DA 187 -6.03 -7.32 75.96
C GLN DA 187 -6.51 -6.57 74.73
N ASP DA 188 -7.03 -7.31 73.76
CA ASP DA 188 -7.59 -6.71 72.56
C ASP DA 188 -8.98 -6.15 72.87
N GLU DA 189 -9.63 -5.60 71.84
CA GLU DA 189 -10.89 -4.90 72.07
C GLU DA 189 -11.99 -5.81 72.52
N PHE DA 190 -11.88 -7.09 72.20
CA PHE DA 190 -12.87 -8.08 72.59
C PHE DA 190 -12.70 -8.52 74.04
N ALA DA 191 -11.50 -8.97 74.42
CA ALA DA 191 -11.27 -9.38 75.80
C ALA DA 191 -11.37 -8.18 76.74
N GLU DA 192 -10.94 -7.01 76.30
CA GLU DA 192 -10.92 -5.86 77.19
C GLU DA 192 -12.32 -5.38 77.54
N ARG DA 193 -13.25 -5.43 76.59
CA ARG DA 193 -14.62 -5.00 76.85
C ARG DA 193 -15.36 -5.98 77.75
N ILE DA 194 -15.02 -7.27 77.69
CA ILE DA 194 -15.67 -8.27 78.52
C ILE DA 194 -15.01 -8.37 79.89
N TYR DA 195 -13.68 -8.32 79.91
CA TYR DA 195 -12.86 -8.47 81.10
C TYR DA 195 -12.01 -7.22 81.26
N PRO DA 196 -12.60 -6.10 81.68
CA PRO DA 196 -11.81 -4.87 81.80
C PRO DA 196 -10.60 -5.08 82.69
N THR DA 197 -9.48 -4.49 82.30
CA THR DA 197 -8.24 -4.71 83.01
C THR DA 197 -8.26 -3.96 84.34
N THR DA 198 -7.87 -4.66 85.40
CA THR DA 198 -7.65 -4.03 86.70
C THR DA 198 -6.23 -4.35 87.13
N VAL DA 199 -5.48 -3.33 87.54
CA VAL DA 199 -4.06 -3.48 87.83
C VAL DA 199 -3.95 -3.87 89.30
N ILE DA 200 -3.39 -5.06 89.53
CA ILE DA 200 -3.21 -5.53 90.89
C ILE DA 200 -1.75 -5.42 91.27
N ASN DA 201 -1.49 -4.88 92.46
CA ASN DA 201 -0.14 -4.72 92.95
C ASN DA 201 0.47 -6.10 93.15
N PRO DA 202 1.71 -6.34 92.71
CA PRO DA 202 2.31 -7.67 92.92
C PRO DA 202 2.31 -8.13 94.35
N ILE DA 203 2.32 -7.22 95.32
CA ILE DA 203 2.35 -7.62 96.73
C ILE DA 203 1.01 -8.22 97.15
N GLU DA 204 -0.05 -7.94 96.39
CA GLU DA 204 -1.36 -8.43 96.79
C GLU DA 204 -1.67 -9.78 96.15
N GLY DA 205 -1.49 -9.89 94.84
CA GLY DA 205 -1.59 -11.18 94.19
C GLY DA 205 -2.96 -11.83 94.26
N GLY DA 206 -4.01 -11.02 94.41
CA GLY DA 206 -5.35 -11.55 94.54
C GLY DA 206 -6.34 -10.52 95.03
N VAL DA 207 -7.63 -10.82 94.93
CA VAL DA 207 -8.70 -9.91 95.32
C VAL DA 207 -9.72 -10.70 96.14
N VAL DA 208 -10.31 -10.03 97.13
CA VAL DA 208 -11.38 -10.58 97.94
C VAL DA 208 -12.59 -9.67 97.75
N GLN DA 209 -13.74 -10.27 97.49
CA GLN DA 209 -14.96 -9.52 97.23
C GLN DA 209 -15.95 -9.76 98.35
N VAL DA 210 -16.36 -8.68 99.00
CA VAL DA 210 -17.25 -8.74 100.15
C VAL DA 210 -18.61 -8.29 99.68
N LEU DA 211 -19.62 -9.14 99.88
CA LEU DA 211 -20.95 -8.85 99.39
C LEU DA 211 -21.92 -8.78 100.57
N PRO DA 212 -22.19 -7.60 101.10
CA PRO DA 212 -23.24 -7.47 102.11
C PRO DA 212 -24.61 -7.55 101.49
N TYR DA 213 -25.57 -8.03 102.27
CA TYR DA 213 -26.95 -8.09 101.83
C TYR DA 213 -27.84 -8.19 103.05
N ILE DA 214 -29.15 -8.00 102.83
CA ILE DA 214 -30.16 -8.15 103.86
C ILE DA 214 -30.97 -9.40 103.56
N ALA DA 215 -31.11 -10.27 104.55
CA ALA DA 215 -31.84 -11.51 104.41
C ALA DA 215 -33.21 -11.40 105.05
N VAL DA 216 -34.17 -12.11 104.47
CA VAL DA 216 -35.55 -12.18 104.99
C VAL DA 216 -35.67 -13.53 105.68
N MET DA 217 -35.75 -13.52 106.99
CA MET DA 217 -35.63 -14.73 107.79
C MET DA 217 -36.95 -15.04 108.47
N LYS DA 218 -37.24 -16.33 108.64
CA LYS DA 218 -38.41 -16.70 109.42
C LYS DA 218 -38.11 -16.60 110.90
N ASP DA 219 -39.15 -16.34 111.68
CA ASP DA 219 -39.09 -16.39 113.14
C ASP DA 219 -39.23 -17.82 113.61
N VAL DA 220 -38.11 -18.48 113.86
CA VAL DA 220 -38.11 -19.92 114.12
C VAL DA 220 -37.32 -20.20 115.38
N TYR DA 221 -37.52 -21.38 115.94
CA TYR DA 221 -36.80 -21.83 117.12
C TYR DA 221 -35.87 -22.97 116.72
N HIS DA 222 -34.77 -23.11 117.44
CA HIS DA 222 -33.86 -24.21 117.18
C HIS DA 222 -34.44 -25.51 117.71
N GLU DA 223 -34.43 -26.53 116.86
CA GLU DA 223 -34.94 -27.83 117.27
C GLU DA 223 -33.90 -28.54 118.15
N VAL DA 224 -34.39 -29.41 119.03
CA VAL DA 224 -33.50 -30.14 119.92
C VAL DA 224 -32.80 -31.30 119.21
N SER DA 225 -33.37 -31.79 118.12
CA SER DA 225 -32.76 -32.89 117.38
C SER DA 225 -32.52 -32.55 115.91
N GLY DA 226 -32.68 -31.30 115.52
CA GLY DA 226 -32.53 -30.91 114.13
C GLY DA 226 -31.10 -30.90 113.64
N VAL DA 227 -30.91 -31.16 112.35
CA VAL DA 227 -29.58 -31.09 111.77
C VAL DA 227 -29.12 -29.64 111.68
N LYS DA 228 -30.01 -28.76 111.24
CA LYS DA 228 -29.67 -27.35 111.13
C LYS DA 228 -30.96 -26.54 111.22
N MET DA 229 -30.87 -25.31 111.69
CA MET DA 229 -32.05 -24.47 111.76
C MET DA 229 -32.65 -24.30 110.37
N ASP DA 230 -33.95 -24.57 110.24
CA ASP DA 230 -34.60 -24.46 108.95
C ASP DA 230 -35.14 -23.06 108.75
N ASN DA 231 -34.37 -22.22 108.06
CA ASN DA 231 -34.71 -20.81 107.95
C ASN DA 231 -34.10 -20.21 106.70
N GLU DA 232 -34.75 -20.41 105.56
CA GLU DA 232 -34.21 -19.90 104.29
C GLU DA 232 -33.79 -18.46 104.45
N GLU DA 233 -32.52 -18.17 104.17
CA GLU DA 233 -32.04 -16.80 104.31
C GLU DA 233 -32.09 -16.06 102.99
N VAL DA 234 -33.26 -15.96 102.39
CA VAL DA 234 -33.36 -15.40 101.05
C VAL DA 234 -32.95 -13.93 101.06
N ASN DA 235 -32.23 -13.54 100.02
CA ASN DA 235 -31.77 -12.19 99.83
C ASN DA 235 -32.96 -11.26 99.56
N MET DA 236 -32.94 -10.10 100.22
CA MET DA 236 -34.00 -9.11 99.98
C MET DA 236 -34.10 -8.75 98.51
N VAL DA 237 -32.99 -8.81 97.76
CA VAL DA 237 -33.03 -8.43 96.36
C VAL DA 237 -34.02 -9.31 95.60
N GLU DA 238 -34.15 -10.57 96.02
CA GLU DA 238 -35.06 -11.47 95.34
C GLU DA 238 -36.49 -10.95 95.34
N ALA DA 239 -36.88 -10.19 96.35
CA ALA DA 239 -38.26 -9.70 96.46
C ALA DA 239 -38.62 -8.70 95.38
N TYR DA 240 -37.65 -8.16 94.65
CA TYR DA 240 -38.00 -7.24 93.57
C TYR DA 240 -38.66 -7.95 92.40
N ARG DA 241 -38.31 -9.22 92.18
CA ARG DA 241 -38.89 -9.97 91.08
C ARG DA 241 -39.88 -11.01 91.58
N ASP DA 242 -39.70 -11.48 92.80
CA ASP DA 242 -40.60 -12.46 93.40
C ASP DA 242 -40.88 -12.02 94.83
N PRO DA 243 -41.73 -11.01 95.01
CA PRO DA 243 -42.02 -10.50 96.37
C PRO DA 243 -42.88 -11.41 97.20
N SER DA 244 -43.36 -12.54 96.66
CA SER DA 244 -44.15 -13.46 97.43
C SER DA 244 -43.38 -14.06 98.59
N ILE DA 245 -42.04 -13.99 98.54
CA ILE DA 245 -41.23 -14.45 99.67
C ILE DA 245 -41.49 -13.62 100.92
N LEU DA 246 -42.14 -12.47 100.79
CA LEU DA 246 -42.42 -11.59 101.91
C LEU DA 246 -43.83 -11.76 102.47
N ASP DA 247 -44.60 -12.71 101.96
CA ASP DA 247 -46.01 -12.81 102.33
C ASP DA 247 -46.13 -13.38 103.74
N ASP DA 248 -46.08 -12.49 104.73
CA ASP DA 248 -46.19 -12.88 106.13
C ASP DA 248 -47.66 -12.81 106.55
N GLU DA 249 -48.22 -13.98 106.88
CA GLU DA 249 -49.60 -14.10 107.33
C GLU DA 249 -49.64 -14.64 108.75
N SER DA 250 -48.63 -14.30 109.54
CA SER DA 250 -48.51 -14.84 110.89
C SER DA 250 -49.75 -14.56 111.72
N ILE DA 251 -50.28 -13.34 111.62
CA ILE DA 251 -51.40 -12.93 112.45
C ILE DA 251 -52.70 -13.31 111.74
N ALA DA 252 -53.41 -14.30 112.28
CA ALA DA 252 -54.68 -14.73 111.73
C ALA DA 252 -55.42 -15.49 112.81
N LEU DA 253 -56.73 -15.45 112.77
CA LEU DA 253 -57.53 -16.33 113.62
C LEU DA 253 -57.97 -17.52 112.80
N ILE DA 254 -57.23 -18.61 112.89
CA ILE DA 254 -57.51 -19.83 112.18
C ILE DA 254 -57.91 -20.88 113.20
N PRO DA 255 -59.20 -21.17 113.33
CA PRO DA 255 -59.65 -22.18 114.31
C PRO DA 255 -58.92 -23.49 114.09
N ALA DA 256 -58.40 -24.05 115.18
CA ALA DA 256 -57.56 -25.23 115.11
C ALA DA 256 -58.04 -26.32 116.05
N LEU DA 257 -57.81 -27.56 115.64
CA LEU DA 257 -58.12 -28.74 116.44
C LEU DA 257 -56.93 -29.06 117.33
N ASP DA 258 -57.16 -29.12 118.63
CA ASP DA 258 -56.10 -29.50 119.54
C ASP DA 258 -55.79 -30.99 119.39
N PRO DA 259 -54.55 -31.39 119.67
CA PRO DA 259 -54.17 -32.80 119.45
C PRO DA 259 -55.03 -33.80 120.19
N ALA DA 260 -55.69 -33.40 121.29
CA ALA DA 260 -56.53 -34.31 122.06
C ALA DA 260 -57.96 -34.38 121.55
N GLY DA 261 -58.37 -33.50 120.65
CA GLY DA 261 -59.75 -33.43 120.23
C GLY DA 261 -60.71 -32.85 121.24
N SER DA 262 -60.22 -32.03 122.17
CA SER DA 262 -61.09 -31.50 123.22
C SER DA 262 -62.07 -30.48 122.67
N ASN DA 263 -61.64 -29.64 121.75
CA ASN DA 263 -62.51 -28.63 121.14
C ASN DA 263 -62.65 -28.99 119.67
N ALA DA 264 -63.22 -30.16 119.42
CA ALA DA 264 -63.44 -30.61 118.06
C ALA DA 264 -64.91 -30.54 117.65
N ASP DA 265 -65.81 -30.43 118.62
CA ASP DA 265 -67.24 -30.32 118.34
C ASP DA 265 -67.62 -28.97 117.73
N PHE DA 266 -66.66 -28.04 117.64
CA PHE DA 266 -66.95 -26.76 117.00
C PHE DA 266 -66.79 -26.81 115.49
N PHE DA 267 -66.28 -27.90 114.94
CA PHE DA 267 -65.88 -27.96 113.55
C PHE DA 267 -66.80 -28.89 112.77
N VAL DA 268 -66.79 -28.74 111.45
CA VAL DA 268 -67.58 -29.59 110.59
C VAL DA 268 -67.09 -31.03 110.70
N ASP DA 269 -68.02 -31.96 110.49
CA ASP DA 269 -67.68 -33.38 110.59
C ASP DA 269 -66.60 -33.71 109.57
N PRO DA 270 -65.52 -34.37 109.96
CA PRO DA 270 -64.49 -34.73 108.98
C PRO DA 270 -65.03 -35.52 107.80
N ALA DA 271 -66.16 -36.21 107.99
CA ALA DA 271 -66.73 -37.00 106.90
C ALA DA 271 -67.15 -36.11 105.74
N LEU DA 272 -67.60 -34.89 106.03
CA LEU DA 272 -68.05 -34.01 104.95
C LEU DA 272 -66.90 -33.17 104.40
N VAL DA 273 -66.05 -32.65 105.28
CA VAL DA 273 -64.88 -31.88 104.85
C VAL DA 273 -63.66 -32.38 105.61
N PRO DA 274 -62.70 -33.02 104.95
CA PRO DA 274 -61.54 -33.55 105.66
C PRO DA 274 -60.65 -32.42 106.16
N PRO DA 275 -60.24 -32.48 107.41
CA PRO DA 275 -59.33 -31.47 107.94
C PRO DA 275 -58.02 -31.43 107.16
N TYR DA 276 -57.43 -30.25 107.08
CA TYR DA 276 -56.13 -30.06 106.44
C TYR DA 276 -55.20 -29.31 107.38
N THR DA 277 -53.92 -29.25 107.01
CA THR DA 277 -52.88 -28.70 107.86
C THR DA 277 -52.26 -27.46 107.22
N ILE DA 278 -51.82 -26.55 108.08
CA ILE DA 278 -51.11 -25.34 107.64
C ILE DA 278 -49.79 -25.26 108.38
N LYS DA 279 -48.72 -25.05 107.63
CA LYS DA 279 -47.40 -24.78 108.19
C LYS DA 279 -47.17 -23.27 108.19
N ASN DA 280 -47.07 -22.68 109.37
CA ASN DA 280 -46.99 -21.23 109.48
C ASN DA 280 -45.54 -20.77 109.31
N GLU DA 281 -45.33 -19.46 109.47
CA GLU DA 281 -44.02 -18.87 109.27
C GLU DA 281 -43.00 -19.30 110.33
N GLN DA 282 -43.45 -19.94 111.40
CA GLN DA 282 -42.57 -20.39 112.46
C GLN DA 282 -42.20 -21.86 112.34
N ASN DA 283 -42.56 -22.51 111.22
CA ASN DA 283 -42.39 -23.95 111.03
C ASN DA 283 -43.23 -24.77 111.99
N LEU DA 284 -44.37 -24.24 112.42
CA LEU DA 284 -45.27 -24.93 113.34
C LEU DA 284 -46.54 -25.30 112.60
N THR DA 285 -46.90 -26.59 112.65
CA THR DA 285 -48.05 -27.09 111.91
C THR DA 285 -49.29 -27.13 112.79
N ILE DA 286 -50.41 -26.73 112.22
CA ILE DA 286 -51.72 -26.78 112.87
C ILE DA 286 -52.66 -27.59 111.98
N THR DA 287 -53.66 -28.19 112.61
CA THR DA 287 -54.72 -28.89 111.89
C THR DA 287 -55.99 -28.06 112.00
N THR DA 288 -56.57 -27.71 110.86
CA THR DA 288 -57.72 -26.82 110.82
C THR DA 288 -58.80 -27.39 109.93
N ALA DA 289 -60.02 -26.95 110.17
CA ALA DA 289 -61.16 -27.30 109.35
C ALA DA 289 -62.19 -26.19 109.46
N PRO DA 290 -63.09 -26.07 108.51
CA PRO DA 290 -64.16 -25.07 108.63
C PRO DA 290 -64.95 -25.26 109.91
N LEU DA 291 -65.38 -24.15 110.50
CA LEU DA 291 -66.21 -24.22 111.69
C LEU DA 291 -67.60 -24.71 111.34
N LYS DA 292 -68.20 -25.46 112.26
CA LYS DA 292 -69.52 -26.01 112.03
C LYS DA 292 -70.56 -24.90 112.00
N ALA DA 293 -71.58 -25.06 111.16
CA ALA DA 293 -72.67 -24.11 111.15
C ALA DA 293 -73.45 -24.20 112.45
N ASN DA 294 -74.09 -23.09 112.81
CA ASN DA 294 -74.86 -22.87 114.04
C ASN DA 294 -74.02 -23.16 115.29
N VAL DA 295 -72.85 -22.54 115.37
CA VAL DA 295 -71.86 -22.84 116.39
C VAL DA 295 -71.65 -21.60 117.24
N ARG DA 296 -71.45 -21.82 118.54
CA ARG DA 296 -71.08 -20.75 119.46
C ARG DA 296 -69.78 -21.14 120.14
N LEU DA 297 -68.76 -20.31 119.98
CA LEU DA 297 -67.42 -20.70 120.41
C LEU DA 297 -66.61 -19.46 120.72
N ASP DA 298 -65.49 -19.67 121.40
CA ASP DA 298 -64.52 -18.60 121.64
C ASP DA 298 -63.52 -18.61 120.48
N LEU DA 299 -63.65 -17.63 119.59
CA LEU DA 299 -62.85 -17.65 118.37
C LEU DA 299 -61.36 -17.52 118.66
N MET DA 300 -61.00 -16.71 119.66
CA MET DA 300 -59.59 -16.58 120.01
C MET DA 300 -59.07 -17.80 120.78
N GLY DA 301 -59.79 -18.22 121.83
CA GLY DA 301 -59.32 -19.33 122.63
C GLY DA 301 -59.11 -20.60 121.83
N ASN DA 302 -59.90 -20.80 120.78
CA ASN DA 302 -59.82 -21.97 119.94
C ASN DA 302 -59.01 -21.71 118.68
N SER DA 303 -58.34 -20.57 118.60
CA SER DA 303 -57.59 -20.21 117.42
C SER DA 303 -56.23 -20.91 117.42
N ASN DA 304 -55.61 -20.94 116.24
CA ASN DA 304 -54.24 -21.44 116.19
C ASN DA 304 -53.33 -20.66 117.12
N ALA DA 305 -53.61 -19.37 117.35
CA ALA DA 305 -52.73 -18.54 118.15
C ALA DA 305 -52.62 -19.06 119.58
N ASN DA 306 -53.58 -19.86 120.00
CA ASN DA 306 -53.57 -20.41 121.35
C ASN DA 306 -53.08 -21.84 121.42
N LEU DA 307 -52.52 -22.42 120.34
CA LEU DA 307 -51.97 -23.77 120.43
C LEU DA 307 -50.53 -23.87 119.97
N LEU DA 308 -49.91 -22.80 119.46
CA LEU DA 308 -48.60 -22.97 118.82
C LEU DA 308 -47.43 -23.19 119.77
N ILE DA 309 -47.23 -22.31 120.76
CA ILE DA 309 -46.12 -22.50 121.67
C ILE DA 309 -46.58 -23.25 122.91
N GLN DA 310 -47.71 -22.84 123.47
CA GLN DA 310 -48.30 -23.50 124.63
C GLN DA 310 -49.79 -23.23 124.62
N ARG DA 311 -50.54 -24.00 125.38
CA ARG DA 311 -51.99 -23.97 125.33
C ARG DA 311 -52.57 -22.63 125.77
N GLY DA 312 -52.07 -22.08 126.88
CA GLY DA 312 -52.63 -20.84 127.39
C GLY DA 312 -51.69 -19.68 127.15
N MET DA 313 -52.05 -18.81 126.19
CA MET DA 313 -51.27 -17.61 125.95
C MET DA 313 -52.18 -16.39 125.82
N LEU DA 314 -53.35 -16.57 125.22
CA LEU DA 314 -54.14 -15.42 124.77
C LEU DA 314 -54.88 -14.78 125.93
N GLU DA 315 -54.22 -13.88 126.64
CA GLU DA 315 -54.85 -13.14 127.74
C GLU DA 315 -55.59 -11.92 127.19
N VAL DA 316 -56.07 -11.08 128.11
CA VAL DA 316 -56.93 -9.97 127.75
C VAL DA 316 -56.26 -8.99 126.79
N SER DA 317 -54.93 -9.03 126.67
CA SER DA 317 -54.25 -8.12 125.77
C SER DA 317 -54.44 -8.52 124.31
N ASP DA 318 -54.97 -9.71 124.05
CA ASP DA 318 -55.21 -10.14 122.68
C ASP DA 318 -56.66 -9.88 122.28
N THR DA 319 -56.85 -9.19 121.15
CA THR DA 319 -58.18 -8.87 120.67
C THR DA 319 -58.27 -9.15 119.18
N ILE DA 320 -59.47 -8.97 118.64
CA ILE DA 320 -59.76 -9.28 117.24
C ILE DA 320 -59.81 -7.99 116.47
N ASP DA 321 -59.21 -7.99 115.29
CA ASP DA 321 -59.26 -6.83 114.42
C ASP DA 321 -60.68 -6.71 113.84
N PRO DA 322 -61.38 -5.60 114.04
CA PRO DA 322 -62.72 -5.47 113.46
C PRO DA 322 -62.76 -5.53 111.95
N ALA DA 323 -61.67 -5.23 111.26
CA ALA DA 323 -61.67 -5.20 109.81
C ALA DA 323 -61.48 -6.62 109.28
N GLY DA 324 -62.53 -7.43 109.46
CA GLY DA 324 -62.50 -8.79 109.01
C GLY DA 324 -63.62 -9.07 108.02
N ARG DA 325 -63.57 -10.23 107.41
CA ARG DA 325 -64.56 -10.66 106.43
C ARG DA 325 -64.83 -12.15 106.57
N LEU DA 326 -65.91 -12.59 105.94
CA LEU DA 326 -66.24 -14.00 105.79
C LEU DA 326 -65.51 -14.51 104.56
N LYS DA 327 -64.67 -15.53 104.75
CA LYS DA 327 -63.79 -15.95 103.66
C LYS DA 327 -64.44 -17.00 102.77
N ASN DA 328 -64.91 -18.11 103.34
CA ASN DA 328 -65.48 -19.20 102.58
C ASN DA 328 -66.79 -19.62 103.20
N LEU DA 329 -67.71 -20.07 102.35
CA LEU DA 329 -68.98 -20.62 102.82
C LEU DA 329 -69.18 -21.97 102.14
N PHE DA 330 -69.45 -23.00 102.94
CA PHE DA 330 -69.57 -24.36 102.44
C PHE DA 330 -71.04 -24.78 102.44
N VAL DA 331 -71.46 -25.41 101.36
CA VAL DA 331 -72.82 -25.90 101.23
C VAL DA 331 -72.78 -27.37 100.89
N LEU DA 332 -73.64 -28.16 101.51
CA LEU DA 332 -73.76 -29.58 101.20
C LEU DA 332 -74.81 -29.76 100.11
N LEU DA 333 -74.42 -30.40 99.01
CA LEU DA 333 -75.29 -30.59 97.86
C LEU DA 333 -75.18 -32.05 97.42
N GLY DA 334 -76.21 -32.84 97.72
CA GLY DA 334 -76.28 -34.18 97.19
C GLY DA 334 -75.22 -35.12 97.73
N GLY DA 335 -74.84 -34.92 98.99
CA GLY DA 335 -73.84 -35.75 99.64
C GLY DA 335 -72.43 -35.22 99.58
N LYS DA 336 -72.16 -34.21 98.75
CA LYS DA 336 -70.82 -33.66 98.63
C LYS DA 336 -70.88 -32.16 98.88
N VAL DA 337 -69.79 -31.63 99.38
CA VAL DA 337 -69.70 -30.23 99.79
C VAL DA 337 -69.03 -29.43 98.69
N VAL DA 338 -69.56 -28.22 98.45
CA VAL DA 338 -68.97 -27.27 97.51
C VAL DA 338 -68.49 -26.06 98.29
N LYS DA 339 -67.28 -25.60 98.01
CA LYS DA 339 -66.70 -24.44 98.67
C LYS DA 339 -66.90 -23.21 97.81
N PHE DA 340 -67.48 -22.15 98.40
CA PHE DA 340 -67.74 -20.90 97.71
C PHE DA 340 -66.79 -19.82 98.21
N LYS DA 341 -65.92 -19.34 97.33
CA LYS DA 341 -64.92 -18.34 97.66
C LYS DA 341 -65.57 -16.97 97.55
N VAL DA 342 -66.44 -16.66 98.49
CA VAL DA 342 -67.21 -15.41 98.48
C VAL DA 342 -66.69 -14.55 99.63
N ASP DA 343 -65.72 -13.70 99.33
CA ASP DA 343 -65.03 -12.94 100.36
C ASP DA 343 -65.06 -11.43 100.16
N ARG DA 344 -64.95 -10.93 98.95
CA ARG DA 344 -64.87 -9.50 98.74
C ARG DA 344 -66.23 -8.85 98.50
N LEU DA 345 -67.32 -9.62 98.53
CA LEU DA 345 -68.61 -9.00 98.26
C LEU DA 345 -68.97 -8.07 99.41
N PRO DA 346 -69.74 -7.03 99.15
CA PRO DA 346 -70.13 -6.08 100.19
C PRO DA 346 -71.24 -6.63 101.09
N ARG DA 347 -71.22 -7.94 101.30
CA ARG DA 347 -72.09 -8.60 102.27
C ARG DA 347 -71.31 -9.49 103.22
N ALA DA 348 -69.99 -9.59 103.06
CA ALA DA 348 -69.16 -10.41 103.93
C ALA DA 348 -68.39 -9.58 104.94
N VAL DA 349 -68.71 -8.30 105.04
CA VAL DA 349 -67.93 -7.36 105.84
C VAL DA 349 -68.41 -7.38 107.28
N PHE DA 350 -67.47 -7.33 108.22
CA PHE DA 350 -67.78 -7.25 109.65
C PHE DA 350 -68.30 -5.88 110.03
N GLN DA 351 -69.61 -5.66 109.88
CA GLN DA 351 -70.18 -4.38 110.24
C GLN DA 351 -70.20 -4.22 111.76
N PRO DA 352 -70.12 -3.01 112.29
CA PRO DA 352 -70.34 -2.80 113.72
C PRO DA 352 -71.77 -3.12 114.10
N ASP DA 353 -71.93 -3.72 115.27
CA ASP DA 353 -73.27 -4.01 115.78
C ASP DA 353 -73.78 -2.81 116.56
N LEU DA 354 -74.91 -2.27 116.13
CA LEU DA 354 -75.44 -1.03 116.72
C LEU DA 354 -76.02 -1.25 118.11
N VAL DA 355 -76.65 -2.40 118.33
CA VAL DA 355 -77.32 -2.67 119.59
C VAL DA 355 -76.50 -3.67 120.40
N GLY DA 356 -76.14 -3.28 121.61
CA GLY DA 356 -75.32 -4.13 122.45
C GLY DA 356 -73.99 -3.49 122.81
N ASP DA 357 -72.99 -4.35 123.01
CA ASP DA 357 -71.69 -3.87 123.47
C ASP DA 357 -71.02 -3.05 122.38
N THR DA 358 -70.10 -2.19 122.80
CA THR DA 358 -69.46 -1.29 121.85
C THR DA 358 -68.51 -2.03 120.91
N ARG DA 359 -67.85 -3.09 121.40
CA ARG DA 359 -66.85 -3.82 120.62
C ARG DA 359 -67.44 -5.16 120.17
N ASN DA 360 -68.37 -5.09 119.22
CA ASN DA 360 -69.08 -6.28 118.77
C ASN DA 360 -69.31 -6.13 117.27
N ALA DA 361 -68.85 -7.10 116.50
CA ALA DA 361 -69.05 -7.06 115.07
C ALA DA 361 -70.16 -8.01 114.68
N VAL DA 362 -70.96 -7.61 113.70
CA VAL DA 362 -72.10 -8.40 113.26
C VAL DA 362 -71.91 -8.72 111.78
N ILE DA 363 -72.17 -9.97 111.42
CA ILE DA 363 -72.13 -10.41 110.04
C ILE DA 363 -73.55 -10.52 109.54
N ARG DA 364 -73.84 -9.87 108.41
CA ARG DA 364 -75.16 -9.96 107.78
C ARG DA 364 -74.93 -10.37 106.34
N PHE DA 365 -74.76 -11.67 106.13
CA PHE DA 365 -74.49 -12.22 104.81
C PHE DA 365 -75.75 -12.88 104.28
N ASP DA 366 -76.31 -12.30 103.21
CA ASP DA 366 -77.56 -12.77 102.61
C ASP DA 366 -77.47 -12.76 101.09
N SER DA 367 -76.44 -13.43 100.56
CA SER DA 367 -76.16 -13.39 99.13
C SER DA 367 -76.87 -14.56 98.44
N ASP DA 368 -77.80 -14.24 97.55
CA ASP DA 368 -78.54 -15.26 96.82
C ASP DA 368 -78.05 -15.38 95.37
N ASP DA 369 -76.72 -15.27 95.23
CA ASP DA 369 -76.09 -15.35 93.91
C ASP DA 369 -75.05 -16.45 93.86
N LEU DA 370 -75.20 -17.48 94.69
CA LEU DA 370 -74.26 -18.59 94.65
C LEU DA 370 -74.61 -19.50 93.47
N VAL DA 371 -73.62 -19.79 92.65
CA VAL DA 371 -73.82 -20.53 91.40
C VAL DA 371 -73.12 -21.89 91.54
N VAL DA 372 -73.83 -22.95 91.19
CA VAL DA 372 -73.27 -24.29 91.18
C VAL DA 372 -73.43 -24.92 89.80
N SER DA 373 -73.20 -24.11 88.75
CA SER DA 373 -73.37 -24.57 87.37
C SER DA 373 -72.45 -25.74 87.06
N GLY DA 374 -72.62 -26.33 85.87
CA GLY DA 374 -71.88 -27.53 85.52
C GLY DA 374 -70.38 -27.39 85.57
N ASP DA 375 -69.86 -26.16 85.52
CA ASP DA 375 -68.42 -25.97 85.59
C ASP DA 375 -67.91 -26.08 87.03
N THR DA 376 -68.81 -25.94 88.01
CA THR DA 376 -68.40 -26.00 89.40
C THR DA 376 -68.13 -27.43 89.82
N THR DA 377 -67.07 -27.62 90.58
CA THR DA 377 -66.73 -28.93 91.13
C THR DA 377 -66.87 -28.90 92.65
N PHE DA 378 -66.91 -30.10 93.23
CA PHE DA 378 -66.95 -30.26 94.67
C PHE DA 378 -65.54 -30.12 95.25
N ILE DA 379 -65.46 -30.04 96.57
CA ILE DA 379 -64.16 -29.92 97.23
C ILE DA 379 -63.31 -31.14 96.93
N ASP DA 380 -63.96 -32.26 96.61
CA ASP DA 380 -63.25 -33.44 96.17
C ASP DA 380 -62.52 -33.19 94.85
N GLY DA 381 -63.08 -32.32 94.02
CA GLY DA 381 -62.53 -32.07 92.70
C GLY DA 381 -63.36 -32.77 91.66
N SER DA 382 -64.17 -33.73 92.10
CA SER DA 382 -65.00 -34.49 91.19
C SER DA 382 -66.24 -33.69 90.80
N ALA DA 383 -66.61 -33.78 89.54
CA ALA DA 383 -67.88 -33.21 89.06
C ALA DA 383 -68.96 -34.29 88.97
N ASP DA 384 -69.25 -34.96 90.07
CA ASP DA 384 -70.15 -36.10 90.08
C ASP DA 384 -71.53 -35.67 90.58
N GLY DA 385 -72.45 -36.62 90.64
CA GLY DA 385 -73.69 -36.37 91.35
C GLY DA 385 -74.47 -35.24 90.71
N VAL DA 386 -74.86 -34.25 91.52
CA VAL DA 386 -75.70 -33.16 91.02
C VAL DA 386 -75.02 -32.45 89.87
N ILE DA 387 -73.71 -32.21 89.99
CA ILE DA 387 -72.99 -31.45 88.97
C ILE DA 387 -73.03 -32.19 87.64
N ASN DA 388 -72.85 -33.50 87.65
CA ASN DA 388 -72.86 -34.25 86.39
C ASN DA 388 -74.22 -34.14 85.69
N ASP DA 389 -75.31 -34.31 86.45
CA ASP DA 389 -76.64 -34.19 85.88
C ASP DA 389 -76.99 -32.75 85.55
N LEU DA 390 -76.52 -31.80 86.35
CA LEU DA 390 -76.79 -30.39 86.10
C LEU DA 390 -76.10 -29.92 84.83
N LYS DA 391 -74.85 -30.33 84.63
CA LYS DA 391 -74.13 -30.06 83.39
C LYS DA 391 -74.78 -30.73 82.18
N THR DA 392 -75.17 -31.98 82.32
CA THR DA 392 -75.82 -32.67 81.20
C THR DA 392 -77.10 -31.97 80.78
N ALA DA 393 -77.86 -31.44 81.74
CA ALA DA 393 -79.10 -30.75 81.43
C ALA DA 393 -78.87 -29.38 80.81
N LYS DA 394 -77.61 -28.93 80.73
CA LYS DA 394 -77.26 -27.64 80.14
C LYS DA 394 -78.01 -26.49 80.83
N LEU DA 395 -78.01 -26.54 82.16
CA LEU DA 395 -78.64 -25.50 82.96
C LEU DA 395 -77.87 -25.37 84.26
N SER DA 396 -78.10 -24.26 84.96
CA SER DA 396 -77.50 -23.98 86.25
C SER DA 396 -78.60 -23.77 87.26
N LEU DA 397 -78.21 -23.52 88.52
CA LEU DA 397 -79.17 -23.17 89.54
C LEU DA 397 -78.54 -22.19 90.51
N ARG DA 398 -79.35 -21.29 91.06
CA ARG DA 398 -78.92 -20.27 91.99
C ARG DA 398 -79.38 -20.61 93.39
N LEU DA 399 -78.45 -20.60 94.34
CA LEU DA 399 -78.75 -20.90 95.73
C LEU DA 399 -79.01 -19.62 96.51
N SER DA 400 -79.77 -19.76 97.60
CA SER DA 400 -80.08 -18.64 98.49
C SER DA 400 -79.64 -19.04 99.89
N VAL DA 401 -78.69 -18.31 100.46
CA VAL DA 401 -78.15 -18.65 101.76
C VAL DA 401 -78.22 -17.43 102.67
N GLY DA 402 -78.03 -17.69 103.96
CA GLY DA 402 -77.93 -16.63 104.96
C GLY DA 402 -77.00 -17.05 106.07
N PHE DA 403 -76.04 -16.18 106.42
CA PHE DA 403 -75.08 -16.49 107.47
C PHE DA 403 -74.90 -15.30 108.41
N GLY DA 404 -75.84 -15.12 109.33
CA GLY DA 404 -75.63 -14.13 110.38
C GLY DA 404 -74.66 -14.63 111.43
N GLY DA 405 -74.05 -13.69 112.15
CA GLY DA 405 -73.21 -14.02 113.29
C GLY DA 405 -72.79 -12.80 114.08
N THR DA 406 -72.40 -12.97 115.34
CA THR DA 406 -71.91 -11.86 116.14
C THR DA 406 -70.60 -12.26 116.82
N ILE DA 407 -69.64 -11.33 116.79
CA ILE DA 407 -68.30 -11.57 117.33
C ILE DA 407 -68.03 -10.50 118.36
N SER DA 408 -67.66 -10.90 119.57
CA SER DA 408 -67.18 -9.96 120.56
C SER DA 408 -65.70 -9.73 120.33
N LEU DA 409 -65.35 -8.51 119.96
CA LEU DA 409 -63.99 -8.22 119.52
C LEU DA 409 -62.99 -8.18 120.66
N SER DA 410 -63.44 -8.10 121.90
CA SER DA 410 -62.55 -8.12 123.04
C SER DA 410 -62.58 -9.46 123.78
N LYS DA 411 -63.77 -10.03 123.99
CA LYS DA 411 -63.85 -11.29 124.71
C LYS DA 411 -63.40 -12.46 123.83
N GLY DA 412 -63.80 -12.46 122.56
CA GLY DA 412 -63.53 -13.55 121.67
C GLY DA 412 -64.68 -14.49 121.43
N ASP DA 413 -65.72 -14.43 122.28
CA ASP DA 413 -66.89 -15.27 122.07
C ASP DA 413 -67.68 -14.80 120.86
N SER DA 414 -68.21 -15.77 120.10
CA SER DA 414 -69.05 -15.45 118.96
C SER DA 414 -70.15 -16.49 118.84
N LYS DA 415 -71.23 -16.10 118.17
CA LYS DA 415 -72.31 -17.01 117.86
C LYS DA 415 -72.65 -16.86 116.38
N PHE DA 416 -72.83 -17.97 115.70
CA PHE DA 416 -73.15 -17.98 114.28
C PHE DA 416 -74.44 -18.75 114.04
N GLY DA 417 -75.09 -18.44 112.94
CA GLY DA 417 -76.28 -19.18 112.55
C GLY DA 417 -76.53 -19.16 111.07
N ALA DA 418 -76.93 -20.30 110.52
CA ALA DA 418 -77.19 -20.42 109.09
C ALA DA 418 -78.69 -20.53 108.88
N THR DA 419 -79.21 -19.73 107.95
CA THR DA 419 -80.64 -19.76 107.67
C THR DA 419 -80.96 -20.95 106.77
N ASP DA 420 -82.25 -21.23 106.62
CA ASP DA 420 -82.69 -22.25 105.69
C ASP DA 420 -82.18 -21.92 104.29
N THR DA 421 -81.59 -22.92 103.63
CA THR DA 421 -80.99 -22.75 102.33
C THR DA 421 -81.98 -23.20 101.27
N TYR DA 422 -82.19 -22.38 100.25
CA TYR DA 422 -83.13 -22.66 99.19
C TYR DA 422 -82.44 -22.60 97.83
N VAL DA 423 -83.17 -23.00 96.80
CA VAL DA 423 -82.76 -22.82 95.42
C VAL DA 423 -83.66 -21.71 94.85
N ASP DA 424 -83.07 -20.57 94.52
CA ASP DA 424 -83.86 -19.42 94.10
C ASP DA 424 -84.43 -19.64 92.71
N LYS DA 425 -83.62 -20.15 91.79
CA LYS DA 425 -84.04 -20.32 90.41
C LYS DA 425 -83.15 -21.36 89.75
N VAL DA 426 -83.61 -21.89 88.62
CA VAL DA 426 -82.86 -22.91 87.89
C VAL DA 426 -82.49 -22.34 86.53
N LEU DA 427 -82.05 -21.08 86.53
CA LEU DA 427 -81.65 -20.36 85.32
C LEU DA 427 -80.71 -21.18 84.45
N ASN DA 428 -81.10 -21.38 83.19
CA ASN DA 428 -80.40 -22.28 82.30
C ASN DA 428 -79.35 -21.54 81.48
N GLU DA 429 -78.58 -22.27 80.68
CA GLU DA 429 -77.49 -21.67 79.94
C GLU DA 429 -77.99 -20.61 78.96
N ASP DA 430 -79.20 -20.82 78.42
CA ASP DA 430 -79.75 -19.85 77.48
C ASP DA 430 -79.95 -18.50 78.14
N GLY DA 431 -80.14 -18.48 79.46
CA GLY DA 431 -80.44 -17.26 80.19
C GLY DA 431 -81.86 -17.18 80.71
N GLN DA 432 -82.67 -18.22 80.54
CA GLN DA 432 -84.06 -18.19 80.97
C GLN DA 432 -84.21 -18.98 82.26
N VAL DA 433 -85.27 -18.66 83.01
CA VAL DA 433 -85.57 -19.42 84.21
C VAL DA 433 -86.67 -20.43 83.91
N MET DA 434 -86.39 -21.70 84.17
CA MET DA 434 -87.33 -22.77 83.87
C MET DA 434 -88.31 -22.98 85.03
N ASP DA 435 -89.39 -23.69 84.73
CA ASP DA 435 -90.38 -24.10 85.71
C ASP DA 435 -89.86 -25.31 86.48
N ASN DA 436 -89.89 -25.21 87.80
CA ASN DA 436 -89.34 -26.27 88.64
C ASN DA 436 -90.10 -27.59 88.51
N ALA DA 437 -91.32 -27.57 87.97
CA ALA DA 437 -92.04 -28.82 87.76
C ALA DA 437 -91.55 -29.57 86.53
N ASP DA 438 -90.77 -28.92 85.67
CA ASP DA 438 -90.28 -29.57 84.46
C ASP DA 438 -89.30 -30.70 84.82
N PRO DA 439 -89.56 -31.93 84.40
CA PRO DA 439 -88.67 -33.04 84.75
C PRO DA 439 -87.20 -32.74 84.48
N ALA DA 440 -86.96 -31.88 83.48
CA ALA DA 440 -85.59 -31.52 83.13
C ALA DA 440 -84.85 -30.91 84.32
N VAL DA 441 -85.57 -30.20 85.19
CA VAL DA 441 -84.96 -29.60 86.37
C VAL DA 441 -85.43 -30.27 87.65
N LYS DA 442 -86.61 -30.89 87.65
CA LYS DA 442 -87.09 -31.55 88.86
C LYS DA 442 -86.17 -32.70 89.26
N ALA DA 443 -85.74 -33.51 88.30
CA ALA DA 443 -84.85 -34.61 88.65
C ALA DA 443 -83.59 -34.10 89.34
N ILE DA 444 -83.12 -32.92 88.96
CA ILE DA 444 -81.96 -32.34 89.62
C ILE DA 444 -82.33 -31.83 91.01
N LEU DA 445 -83.44 -31.09 91.11
CA LEU DA 445 -83.85 -30.55 92.40
C LEU DA 445 -84.16 -31.65 93.41
N ASP DA 446 -84.67 -32.79 92.94
CA ASP DA 446 -84.94 -33.88 93.87
C ASP DA 446 -83.66 -34.44 94.49
N GLN DA 447 -82.49 -34.11 93.92
CA GLN DA 447 -81.26 -34.59 94.54
C GLN DA 447 -80.75 -33.69 95.66
N LEU DA 448 -81.37 -32.51 95.85
CA LEU DA 448 -80.93 -31.54 96.84
C LEU DA 448 -81.78 -31.58 98.11
N THR DA 449 -82.01 -32.76 98.67
CA THR DA 449 -82.72 -32.85 99.93
C THR DA 449 -81.83 -32.58 101.14
N ASP DA 450 -80.51 -32.54 100.97
CA ASP DA 450 -79.56 -32.25 102.04
C ASP DA 450 -79.00 -30.84 101.91
N LEU DA 451 -79.80 -29.93 101.36
CA LEU DA 451 -79.36 -28.59 101.02
C LEU DA 451 -79.24 -27.78 102.31
N ALA DA 452 -78.00 -27.47 102.70
CA ALA DA 452 -77.75 -26.72 103.92
C ALA DA 452 -76.36 -26.11 103.84
N VAL DA 453 -76.16 -25.03 104.60
CA VAL DA 453 -74.84 -24.45 104.78
C VAL DA 453 -74.18 -25.16 105.97
N ILE DA 454 -73.09 -25.87 105.69
CA ILE DA 454 -72.37 -26.64 106.70
C ILE DA 454 -70.89 -26.30 106.56
N GLY DA 455 -70.41 -25.39 107.40
CA GLY DA 455 -69.04 -24.96 107.31
C GLY DA 455 -68.87 -23.55 106.80
N PHE DA 456 -67.92 -22.84 107.40
CA PHE DA 456 -67.53 -21.50 106.99
C PHE DA 456 -66.11 -21.30 107.49
N GLU DA 457 -65.41 -20.35 106.86
CA GLU DA 457 -64.08 -19.95 107.32
C GLU DA 457 -64.06 -18.42 107.31
N LEU DA 458 -63.50 -17.84 108.36
CA LEU DA 458 -63.43 -16.39 108.45
C LEU DA 458 -62.06 -15.87 108.03
N ASP DA 459 -62.05 -14.66 107.50
CA ASP DA 459 -60.84 -13.87 107.27
C ASP DA 459 -60.68 -12.87 108.40
N THR DA 460 -60.01 -13.29 109.46
CA THR DA 460 -59.96 -12.52 110.69
C THR DA 460 -58.53 -12.55 111.24
N ARG DA 461 -58.12 -11.43 111.82
CA ARG DA 461 -56.75 -11.25 112.27
C ARG DA 461 -56.72 -10.63 113.66
N PHE DA 462 -55.57 -10.76 114.30
CA PHE DA 462 -55.32 -10.11 115.57
C PHE DA 462 -54.82 -8.68 115.34
N THR DA 463 -54.85 -7.89 116.40
CA THR DA 463 -54.32 -6.54 116.39
C THR DA 463 -53.05 -6.53 117.22
N ASN DA 464 -51.92 -6.20 116.60
CA ASN DA 464 -50.63 -6.30 117.27
C ASN DA 464 -50.41 -5.05 118.13
N THR DA 465 -51.17 -4.96 119.20
CA THR DA 465 -50.84 -4.01 120.25
C THR DA 465 -49.89 -4.60 121.27
N ASN DA 466 -49.86 -5.92 121.40
CA ASN DA 466 -48.86 -6.59 122.24
C ASN DA 466 -47.75 -7.20 121.40
N ARG DA 467 -47.85 -7.12 120.08
CA ARG DA 467 -46.85 -7.67 119.16
C ARG DA 467 -46.45 -9.08 119.56
N ARG DA 468 -47.46 -9.92 119.76
CA ARG DA 468 -47.20 -11.30 120.13
C ARG DA 468 -46.36 -12.02 119.09
N GLN DA 469 -46.61 -11.76 117.81
CA GLN DA 469 -45.94 -12.47 116.71
C GLN DA 469 -45.04 -11.50 116.00
N ARG DA 470 -43.75 -11.83 115.93
CA ARG DA 470 -42.77 -10.92 115.33
C ARG DA 470 -42.94 -10.89 113.81
N GLY DA 471 -43.49 -11.95 113.23
CA GLY DA 471 -43.60 -12.06 111.79
C GLY DA 471 -42.33 -12.57 111.13
N HIS DA 472 -41.86 -11.85 110.13
CA HIS DA 472 -40.59 -12.16 109.45
C HIS DA 472 -39.48 -11.36 110.10
N LEU DA 473 -38.31 -11.98 110.24
CA LEU DA 473 -37.16 -11.25 110.77
C LEU DA 473 -36.34 -10.69 109.63
N LEU DA 474 -35.57 -9.65 109.96
CA LEU DA 474 -34.73 -8.96 108.99
C LEU DA 474 -33.35 -8.85 109.61
N GLN DA 475 -32.35 -9.46 108.97
CA GLN DA 475 -30.99 -9.46 109.46
C GLN DA 475 -30.03 -9.16 108.31
N THR DA 476 -28.91 -8.53 108.64
CA THR DA 476 -27.92 -8.12 107.64
C THR DA 476 -26.77 -9.11 107.67
N ARG DA 477 -26.43 -9.63 106.50
CA ARG DA 477 -25.40 -10.64 106.37
C ARG DA 477 -24.39 -10.22 105.30
N ALA DA 478 -23.36 -11.03 105.11
CA ALA DA 478 -22.40 -10.78 104.05
C ALA DA 478 -21.80 -12.09 103.59
N LEU DA 479 -21.51 -12.17 102.29
CA LEU DA 479 -20.77 -13.29 101.71
C LEU DA 479 -19.38 -12.83 101.34
N GLN DA 480 -18.48 -13.78 101.15
CA GLN DA 480 -17.12 -13.43 100.81
C GLN DA 480 -16.59 -14.37 99.74
N PHE DA 481 -16.08 -13.79 98.66
CA PHE DA 481 -15.45 -14.50 97.57
C PHE DA 481 -13.96 -14.26 97.62
N ARG DA 482 -13.19 -15.24 97.15
CA ARG DA 482 -11.74 -15.12 97.08
C ARG DA 482 -11.29 -15.46 95.67
N HIS DA 483 -10.42 -14.61 95.11
CA HIS DA 483 -9.87 -14.82 93.77
C HIS DA 483 -8.35 -14.70 93.81
N PRO DA 484 -7.63 -15.77 94.09
CA PRO DA 484 -6.17 -15.71 94.03
C PRO DA 484 -5.64 -15.77 92.61
N ILE DA 485 -4.59 -15.02 92.31
CA ILE DA 485 -4.07 -14.94 90.94
C ILE DA 485 -2.97 -15.98 90.74
N PRO DA 486 -3.12 -16.90 89.78
CA PRO DA 486 -2.04 -17.86 89.51
C PRO DA 486 -0.95 -17.35 88.57
N MET DA 487 0.21 -17.99 88.62
CA MET DA 487 1.28 -17.79 87.65
C MET DA 487 1.01 -18.64 86.40
N HIS DA 488 1.35 -18.11 85.24
CA HIS DA 488 1.16 -18.83 84.00
C HIS DA 488 2.50 -19.28 83.43
N ALA DA 489 2.43 -20.28 82.54
CA ALA DA 489 3.63 -20.80 81.91
C ALA DA 489 4.30 -19.71 81.08
N PRO DA 490 5.64 -19.67 81.08
CA PRO DA 490 6.36 -18.61 80.37
C PRO DA 490 6.48 -18.90 78.88
N VAL DA 491 7.01 -17.92 78.16
CA VAL DA 491 7.53 -18.11 76.81
C VAL DA 491 9.00 -17.71 76.80
N THR DA 492 9.81 -18.49 76.11
CA THR DA 492 11.25 -18.31 76.14
C THR DA 492 11.80 -18.00 74.74
N LEU DA 493 12.83 -17.17 74.73
CA LEU DA 493 13.57 -16.83 73.51
C LEU DA 493 15.00 -17.31 73.64
N PRO DA 494 15.28 -18.55 73.22
CA PRO DA 494 16.65 -19.07 73.33
C PRO DA 494 17.62 -18.32 72.42
N MET DA 495 18.82 -18.08 72.91
CA MET DA 495 19.89 -17.53 72.08
C MET DA 495 21.23 -18.18 72.44
N ASP DA 496 22.19 -18.02 71.54
CA ASP DA 496 23.54 -18.53 71.76
C ASP DA 496 24.23 -17.67 72.80
N THR DA 497 25.28 -18.23 73.40
CA THR DA 497 26.00 -17.58 74.48
C THR DA 497 27.24 -16.85 73.96
N MET DA 498 27.59 -16.99 72.67
CA MET DA 498 28.76 -16.37 72.12
C MET DA 498 28.52 -14.96 71.58
N THR DA 499 27.32 -14.67 71.08
CA THR DA 499 27.06 -13.36 70.50
C THR DA 499 26.99 -12.33 71.61
N ASP DA 500 27.74 -11.23 71.43
CA ASP DA 500 27.67 -10.10 72.36
C ASP DA 500 26.79 -8.96 71.87
N GLU DA 501 26.32 -9.02 70.63
CA GLU DA 501 25.49 -7.94 70.11
C GLU DA 501 24.17 -7.84 70.86
N GLY DA 502 23.61 -8.98 71.25
CA GLY DA 502 22.35 -9.00 71.95
C GLY DA 502 21.19 -9.01 70.98
N PRO DA 503 20.01 -9.40 71.47
CA PRO DA 503 18.81 -9.38 70.62
C PRO DA 503 18.34 -7.94 70.41
N GLY DA 504 17.65 -7.71 69.31
CA GLY DA 504 17.03 -6.42 69.09
C GLY DA 504 15.57 -6.44 69.51
N GLU DA 505 14.72 -5.85 68.67
CA GLU DA 505 13.32 -5.67 69.03
C GLU DA 505 12.63 -7.01 69.23
N VAL DA 506 13.27 -8.10 68.78
CA VAL DA 506 12.67 -9.42 68.89
C VAL DA 506 12.31 -9.77 70.33
N VAL DA 507 13.00 -9.18 71.32
CA VAL DA 507 12.66 -9.46 72.71
C VAL DA 507 11.23 -9.06 73.00
N LYS DA 508 10.76 -7.98 72.39
CA LYS DA 508 9.38 -7.54 72.59
C LYS DA 508 8.36 -8.57 72.10
N ALA DA 509 8.79 -9.51 71.27
CA ALA DA 509 7.86 -10.55 70.82
C ALA DA 509 7.37 -11.40 71.98
N LEU DA 510 8.16 -11.52 73.06
CA LEU DA 510 7.71 -12.27 74.22
C LEU DA 510 6.52 -11.57 74.90
N THR DA 511 6.56 -10.25 74.97
CA THR DA 511 5.44 -9.51 75.53
C THR DA 511 4.22 -9.62 74.64
N VAL DA 512 4.40 -9.49 73.32
CA VAL DA 512 3.24 -9.60 72.43
C VAL DA 512 2.66 -11.01 72.47
N ASN DA 513 3.52 -12.03 72.48
CA ASN DA 513 3.06 -13.40 72.67
C ASN DA 513 2.20 -13.52 73.92
N THR DA 514 2.68 -12.98 75.04
CA THR DA 514 1.88 -13.03 76.27
C THR DA 514 0.57 -12.27 76.11
N ASN DA 515 0.61 -11.11 75.47
CA ASN DA 515 -0.59 -10.31 75.30
C ASN DA 515 -1.64 -11.03 74.47
N ILE DA 516 -1.18 -11.76 73.44
CA ILE DA 516 -2.09 -12.59 72.65
C ILE DA 516 -2.69 -13.69 73.51
N ARG DA 517 -1.85 -14.33 74.35
CA ARG DA 517 -2.37 -15.37 75.24
C ARG DA 517 -3.41 -14.80 76.19
N ASN DA 518 -3.23 -13.56 76.63
CA ASN DA 518 -4.21 -12.93 77.52
C ASN DA 518 -5.58 -12.90 76.85
N SER DA 519 -5.63 -12.45 75.60
CA SER DA 519 -6.91 -12.40 74.90
C SER DA 519 -7.49 -13.80 74.70
N ASN DA 520 -6.62 -14.78 74.41
CA ASN DA 520 -7.07 -16.16 74.22
C ASN DA 520 -7.66 -16.74 75.50
N ASN DA 521 -7.03 -16.44 76.64
CA ASN DA 521 -7.56 -16.89 77.91
C ASN DA 521 -8.91 -16.28 78.20
N ALA DA 522 -9.12 -15.03 77.80
CA ALA DA 522 -10.44 -14.43 77.95
C ALA DA 522 -11.49 -15.21 77.17
N VAL DA 523 -11.15 -15.64 75.95
CA VAL DA 523 -12.09 -16.39 75.14
C VAL DA 523 -12.34 -17.77 75.73
N LYS DA 524 -11.28 -18.46 76.14
CA LYS DA 524 -11.45 -19.79 76.72
C LYS DA 524 -12.25 -19.71 78.01
N ARG DA 525 -11.96 -18.71 78.83
CA ARG DA 525 -12.70 -18.54 80.07
C ARG DA 525 -14.15 -18.25 79.79
N MET DA 526 -14.42 -17.39 78.80
CA MET DA 526 -15.79 -17.11 78.43
C MET DA 526 -16.52 -18.36 77.96
N LEU DA 527 -15.92 -19.12 77.02
CA LEU DA 527 -16.61 -20.29 76.49
C LEU DA 527 -16.75 -21.38 77.55
N ASN DA 528 -15.72 -21.58 78.38
CA ASN DA 528 -15.82 -22.57 79.44
C ASN DA 528 -16.84 -22.13 80.49
N TYR DA 529 -16.90 -20.83 80.78
CA TYR DA 529 -17.90 -20.34 81.72
C TYR DA 529 -19.31 -20.57 81.19
N LEU DA 530 -19.54 -20.33 79.90
CA LEU DA 530 -20.87 -20.59 79.35
C LEU DA 530 -21.27 -22.05 79.54
N ALA DA 531 -20.33 -22.96 79.33
CA ALA DA 531 -20.64 -24.38 79.56
C ALA DA 531 -20.99 -24.64 81.02
N GLN DA 532 -20.26 -24.01 81.94
CA GLN DA 532 -20.57 -24.15 83.36
C GLN DA 532 -21.92 -23.55 83.69
N LEU DA 533 -22.24 -22.39 83.11
CA LEU DA 533 -23.53 -21.76 83.32
C LEU DA 533 -24.65 -22.61 82.72
N ARG DA 534 -24.41 -23.19 81.54
CA ARG DA 534 -25.42 -24.05 80.95
C ARG DA 534 -25.76 -25.21 81.89
N GLU DA 535 -24.73 -25.82 82.47
CA GLU DA 535 -24.96 -26.96 83.35
C GLU DA 535 -25.75 -26.55 84.59
N VAL DA 536 -25.42 -25.39 85.17
CA VAL DA 536 -26.17 -24.92 86.34
C VAL DA 536 -27.61 -24.54 86.01
N VAL DA 537 -27.84 -23.79 84.93
CA VAL DA 537 -29.21 -23.44 84.57
C VAL DA 537 -29.98 -24.63 84.01
N HIS DA 538 -29.30 -25.61 83.41
CA HIS DA 538 -29.98 -26.84 83.02
C HIS DA 538 -30.59 -27.55 84.23
N ASN DA 539 -29.92 -27.48 85.37
CA ASN DA 539 -30.44 -28.04 86.61
C ASN DA 539 -31.40 -27.03 87.22
N GLY DA 540 -31.97 -27.37 88.38
CA GLY DA 540 -33.03 -26.55 88.89
C GLY DA 540 -32.59 -25.30 89.61
N TYR DA 541 -31.39 -24.80 89.32
CA TYR DA 541 -30.88 -23.63 90.03
C TYR DA 541 -31.47 -22.37 89.42
N ASN DA 542 -32.66 -22.00 89.89
CA ASN DA 542 -33.33 -20.82 89.37
C ASN DA 542 -33.57 -19.78 90.47
N ARG DA 543 -32.79 -19.83 91.55
CA ARG DA 543 -32.85 -18.89 92.63
C ARG DA 543 -31.43 -18.50 93.04
N PRO DA 544 -31.23 -17.30 93.56
CA PRO DA 544 -29.89 -16.92 94.01
C PRO DA 544 -29.39 -17.84 95.11
N LYS DA 545 -28.10 -18.13 95.07
CA LYS DA 545 -27.48 -18.96 96.10
C LYS DA 545 -25.97 -18.75 96.02
N PHE DA 546 -25.29 -19.11 97.10
CA PHE DA 546 -23.85 -18.98 97.19
C PHE DA 546 -23.20 -20.34 96.97
N GLY DA 547 -22.20 -20.38 96.11
CA GLY DA 547 -21.44 -21.59 95.90
C GLY DA 547 -21.92 -22.50 94.81
N ILE DA 548 -22.79 -22.04 93.93
CA ILE DA 548 -23.35 -22.88 92.87
C ILE DA 548 -22.61 -22.70 91.56
N ILE DA 549 -22.03 -21.52 91.34
CA ILE DA 549 -21.35 -21.14 90.11
C ILE DA 549 -20.35 -20.07 90.47
N GLU DA 550 -19.27 -19.94 89.69
CA GLU DA 550 -18.43 -18.75 89.86
C GLU DA 550 -19.25 -17.54 89.42
N GLY DA 551 -19.89 -16.92 90.40
CA GLY DA 551 -20.63 -15.71 90.14
C GLY DA 551 -20.66 -14.88 91.40
N ALA DA 552 -19.96 -13.75 91.35
CA ALA DA 552 -19.99 -12.86 92.50
C ALA DA 552 -21.41 -12.44 92.81
N LEU DA 553 -22.27 -12.41 91.77
CA LEU DA 553 -23.67 -12.07 91.92
C LEU DA 553 -24.56 -13.31 91.95
N SER DA 554 -24.00 -14.49 92.18
CA SER DA 554 -24.82 -15.70 92.17
C SER DA 554 -25.84 -15.65 93.29
N ALA DA 555 -25.53 -14.95 94.38
CA ALA DA 555 -26.48 -14.87 95.49
C ALA DA 555 -27.22 -13.53 95.48
N VAL DA 556 -27.36 -12.94 94.31
CA VAL DA 556 -28.15 -11.72 94.13
C VAL DA 556 -29.21 -11.97 93.07
N MET DA 557 -28.76 -12.38 91.88
CA MET DA 557 -29.64 -12.58 90.74
C MET DA 557 -29.75 -14.08 90.44
N ARG DA 558 -30.67 -14.41 89.56
CA ARG DA 558 -30.93 -15.76 89.13
C ARG DA 558 -30.01 -16.10 87.98
N PRO DA 559 -29.25 -17.18 88.01
CA PRO DA 559 -28.47 -17.58 86.84
C PRO DA 559 -29.38 -17.92 85.67
N THR DA 560 -29.04 -17.41 84.49
CA THR DA 560 -29.88 -17.56 83.31
C THR DA 560 -29.03 -17.90 82.09
N TYR DA 561 -29.48 -18.89 81.33
CA TYR DA 561 -28.79 -19.31 80.11
C TYR DA 561 -29.86 -19.76 79.13
N ARG DA 562 -29.83 -19.21 77.92
CA ARG DA 562 -30.69 -19.68 76.83
C ARG DA 562 -29.81 -19.97 75.61
N TYR DA 563 -29.97 -21.16 75.05
CA TYR DA 563 -29.21 -21.60 73.88
C TYR DA 563 -30.15 -21.80 72.71
N LYS DA 564 -29.87 -21.12 71.59
CA LYS DA 564 -30.70 -21.20 70.40
C LYS DA 564 -29.81 -21.43 69.19
N GLU DA 565 -30.16 -22.44 68.39
CA GLU DA 565 -29.42 -22.77 67.18
C GLU DA 565 -30.15 -22.14 66.00
N LEU DA 566 -29.61 -21.04 65.48
CA LEU DA 566 -30.28 -20.36 64.38
C LEU DA 566 -29.70 -20.84 63.06
N ASP DA 567 -30.52 -21.54 62.28
CA ASP DA 567 -30.19 -21.94 60.93
C ASP DA 567 -31.00 -21.06 59.98
N LEU DA 568 -30.33 -20.11 59.33
CA LEU DA 568 -31.07 -19.06 58.64
C LEU DA 568 -31.97 -19.62 57.54
N GLU DA 569 -31.66 -20.81 57.02
CA GLU DA 569 -32.57 -21.40 56.04
C GLU DA 569 -33.97 -21.56 56.61
N LYS DA 570 -34.08 -21.73 57.93
CA LYS DA 570 -35.38 -21.91 58.58
C LYS DA 570 -35.83 -20.69 59.37
N VAL DA 571 -35.19 -19.54 59.20
CA VAL DA 571 -35.55 -18.36 59.97
C VAL DA 571 -35.90 -17.22 59.00
N ILE DA 572 -35.19 -17.16 57.87
CA ILE DA 572 -35.35 -16.08 56.91
C ILE DA 572 -36.67 -16.23 56.15
N ASP DA 573 -37.37 -15.11 55.91
CA ASP DA 573 -38.58 -15.09 55.10
C ASP DA 573 -38.43 -14.01 54.02
N THR DA 574 -37.32 -14.07 53.28
CA THR DA 574 -37.10 -13.20 52.14
C THR DA 574 -38.08 -13.49 51.00
N ILE DA 575 -38.61 -12.43 50.41
CA ILE DA 575 -39.53 -12.53 49.27
C ILE DA 575 -38.96 -11.75 48.09
N LYS DA 576 -38.08 -10.80 48.37
CA LYS DA 576 -37.48 -9.97 47.33
C LYS DA 576 -35.98 -9.94 47.54
N SER DA 577 -35.21 -10.08 46.46
CA SER DA 577 -33.77 -10.04 46.59
C SER DA 577 -33.29 -8.68 47.07
N LYS DA 578 -33.92 -7.60 46.60
CA LYS DA 578 -33.48 -6.27 47.01
C LYS DA 578 -33.49 -6.13 48.53
N ASP DA 579 -34.46 -6.76 49.18
CA ASP DA 579 -34.63 -6.62 50.62
C ASP DA 579 -33.90 -7.70 51.41
N ARG DA 580 -33.19 -8.62 50.74
CA ARG DA 580 -32.62 -9.76 51.44
C ARG DA 580 -31.59 -9.35 52.48
N TRP DA 581 -30.80 -8.32 52.20
CA TRP DA 581 -29.81 -7.86 53.17
C TRP DA 581 -30.49 -7.45 54.47
N ASP DA 582 -31.54 -6.64 54.38
CA ASP DA 582 -32.23 -6.20 55.57
C ASP DA 582 -32.89 -7.36 56.29
N ASP DA 583 -33.42 -8.32 55.53
CA ASP DA 583 -34.09 -9.45 56.15
C ASP DA 583 -33.12 -10.32 56.92
N VAL DA 584 -31.93 -10.57 56.37
CA VAL DA 584 -30.96 -11.36 57.14
C VAL DA 584 -30.46 -10.58 58.36
N CYS DA 585 -30.12 -9.30 58.19
CA CYS DA 585 -29.63 -8.53 59.33
C CYS DA 585 -30.70 -8.42 60.42
N ALA DA 586 -31.96 -8.20 60.04
CA ALA DA 586 -33.04 -8.04 61.00
C ALA DA 586 -33.50 -9.36 61.58
N ALA DA 587 -33.39 -10.45 60.84
CA ALA DA 587 -33.80 -11.75 61.36
C ALA DA 587 -32.89 -12.23 62.46
N ILE DA 588 -31.59 -11.96 62.34
CA ILE DA 588 -30.67 -12.32 63.40
C ILE DA 588 -30.89 -11.48 64.64
N LEU DA 589 -31.04 -10.17 64.47
CA LEU DA 589 -31.32 -9.30 65.61
C LEU DA 589 -32.68 -9.57 66.23
N ASN DA 590 -33.72 -9.85 65.44
CA ASN DA 590 -35.02 -10.17 66.01
C ASN DA 590 -35.02 -11.46 66.80
N CYS DA 591 -34.24 -12.44 66.35
CA CYS DA 591 -34.10 -13.67 67.12
C CYS DA 591 -33.53 -13.39 68.49
N VAL DA 592 -32.51 -12.53 68.57
CA VAL DA 592 -31.97 -12.19 69.88
C VAL DA 592 -32.98 -11.47 70.73
N LYS DA 593 -33.68 -10.48 70.17
CA LYS DA 593 -34.69 -9.75 70.94
C LYS DA 593 -35.68 -10.72 71.58
N ALA DA 594 -36.19 -11.66 70.79
CA ALA DA 594 -37.18 -12.60 71.28
C ALA DA 594 -36.65 -13.46 72.41
N GLU DA 595 -35.38 -13.89 72.35
CA GLU DA 595 -34.83 -14.73 73.39
C GLU DA 595 -34.32 -13.93 74.58
N LEU DA 596 -33.91 -12.68 74.36
CA LEU DA 596 -33.36 -11.82 75.39
C LEU DA 596 -34.42 -11.22 76.31
N PHE DA 597 -35.52 -10.74 75.78
CA PHE DA 597 -36.54 -10.13 76.64
C PHE DA 597 -36.95 -11.04 77.79
N PRO DA 598 -37.33 -12.31 77.57
CA PRO DA 598 -37.68 -13.16 78.71
C PRO DA 598 -36.51 -13.40 79.64
N ALA DA 599 -35.30 -13.48 79.11
CA ALA DA 599 -34.13 -13.65 79.96
C ALA DA 599 -33.86 -12.43 80.82
N HIS DA 600 -34.03 -11.23 80.28
CA HIS DA 600 -33.99 -10.02 81.08
C HIS DA 600 -35.09 -9.97 82.11
N ARG DA 601 -36.29 -10.40 81.75
CA ARG DA 601 -37.38 -10.52 82.71
C ARG DA 601 -37.13 -11.58 83.78
N ASP DA 602 -36.65 -12.75 83.37
CA ASP DA 602 -36.72 -13.93 84.24
C ASP DA 602 -35.80 -13.78 85.44
N SER DA 603 -34.78 -12.96 85.33
CA SER DA 603 -33.81 -12.83 86.40
C SER DA 603 -33.89 -11.44 87.00
N ASN DA 604 -32.97 -11.17 87.91
CA ASN DA 604 -32.95 -9.95 88.69
C ASN DA 604 -31.92 -8.94 88.19
N ILE DA 605 -31.76 -8.81 86.88
CA ILE DA 605 -30.67 -7.97 86.41
C ILE DA 605 -30.90 -6.53 86.83
N GLU DA 606 -32.11 -6.01 86.60
CA GLU DA 606 -32.38 -4.62 86.95
C GLU DA 606 -32.32 -4.42 88.45
N ALA DA 607 -32.85 -5.37 89.23
CA ALA DA 607 -32.78 -5.24 90.67
C ALA DA 607 -31.34 -5.32 91.17
N ALA DA 608 -30.56 -6.24 90.62
CA ALA DA 608 -29.17 -6.40 91.09
C ALA DA 608 -28.36 -5.15 90.79
N PHE DA 609 -28.52 -4.58 89.60
CA PHE DA 609 -27.76 -3.40 89.22
C PHE DA 609 -28.22 -2.16 89.97
N ARG DA 610 -29.51 -2.00 90.21
CA ARG DA 610 -30.02 -0.85 90.93
C ARG DA 610 -29.70 -0.91 92.42
N VAL DA 611 -29.48 -2.10 92.97
CA VAL DA 611 -29.04 -2.23 94.34
C VAL DA 611 -27.53 -2.11 94.50
N ILE DA 612 -26.75 -2.77 93.65
CA ILE DA 612 -25.30 -2.74 93.73
C ILE DA 612 -24.74 -1.39 93.29
N SER DA 613 -25.24 -0.83 92.19
CA SER DA 613 -24.70 0.43 91.69
C SER DA 613 -25.06 1.60 92.59
N GLY DA 614 -26.12 1.50 93.38
CA GLY DA 614 -26.59 2.62 94.16
C GLY DA 614 -27.51 3.56 93.43
N ASN DA 615 -27.74 3.36 92.14
CA ASN DA 615 -28.60 4.23 91.35
C ASN DA 615 -29.97 3.58 91.15
N GLN DA 616 -30.86 4.33 90.51
CA GLN DA 616 -32.13 3.79 90.06
C GLN DA 616 -32.20 3.69 88.54
N ASP DA 617 -31.59 4.62 87.82
CA ASP DA 617 -31.61 4.59 86.36
C ASP DA 617 -30.40 3.84 85.81
N GLU DA 618 -30.12 2.67 86.37
CA GLU DA 618 -29.00 1.84 85.96
C GLU DA 618 -29.50 0.71 85.08
N THR DA 619 -29.32 0.87 83.77
CA THR DA 619 -29.80 -0.12 82.79
C THR DA 619 -28.59 -0.71 82.11
N PRO DA 620 -28.31 -1.99 82.29
CA PRO DA 620 -27.10 -2.58 81.71
C PRO DA 620 -27.14 -2.52 80.19
N MET DA 621 -25.95 -2.44 79.60
CA MET DA 621 -25.79 -2.45 78.15
C MET DA 621 -25.36 -3.86 77.75
N TYR DA 622 -26.08 -4.45 76.81
CA TYR DA 622 -25.76 -5.79 76.34
C TYR DA 622 -24.76 -5.75 75.19
N LEU DA 623 -23.81 -6.66 75.22
CA LEU DA 623 -22.86 -6.84 74.14
C LEU DA 623 -23.35 -7.93 73.20
N PHE DA 624 -23.02 -7.78 71.93
CA PHE DA 624 -23.29 -8.78 70.92
C PHE DA 624 -22.02 -9.45 70.48
N CYS DA 625 -21.31 -10.03 71.46
CA CYS DA 625 -20.02 -10.68 71.23
C CYS DA 625 -20.12 -11.74 70.15
N SER DA 626 -19.39 -11.56 69.05
CA SER DA 626 -19.54 -12.43 67.90
C SER DA 626 -18.23 -12.45 67.12
N ASP DA 627 -18.19 -13.31 66.11
CA ASP DA 627 -17.05 -13.33 65.21
C ASP DA 627 -17.22 -12.27 64.12
N LYS DA 628 -16.24 -12.22 63.21
CA LYS DA 628 -16.22 -11.18 62.20
C LYS DA 628 -17.35 -11.38 61.19
N GLU DA 629 -17.69 -12.62 60.89
CA GLU DA 629 -18.70 -12.88 59.87
C GLU DA 629 -20.08 -12.45 60.34
N ILE DA 630 -20.43 -12.73 61.59
CA ILE DA 630 -21.73 -12.38 62.13
C ILE DA 630 -21.84 -10.90 62.40
N ALA DA 631 -20.80 -10.29 62.97
CA ALA DA 631 -20.89 -8.90 63.39
C ALA DA 631 -21.26 -7.98 62.25
N ASN DA 632 -20.79 -8.26 61.03
CA ASN DA 632 -21.04 -7.35 59.92
C ASN DA 632 -22.53 -7.27 59.62
N TYR DA 633 -23.29 -8.28 60.04
CA TYR DA 633 -24.74 -8.31 59.86
C TYR DA 633 -25.48 -7.50 60.91
N LEU DA 634 -24.81 -7.11 61.98
CA LEU DA 634 -25.41 -6.29 63.02
C LEU DA 634 -24.89 -4.86 63.04
N MET DA 635 -23.62 -4.64 62.68
CA MET DA 635 -23.04 -3.31 62.73
C MET DA 635 -23.70 -2.35 61.75
N THR DA 636 -24.39 -2.88 60.73
CA THR DA 636 -25.09 -2.03 59.78
C THR DA 636 -26.16 -1.23 60.50
N LYS DA 637 -26.62 -1.74 61.64
CA LYS DA 637 -27.62 -1.04 62.44
C LYS DA 637 -27.25 -0.10 63.59
N GLY DA 638 -26.19 0.70 63.53
CA GLY DA 638 -25.62 1.61 64.52
C GLY DA 638 -26.32 2.94 64.68
N ASP DA 639 -27.28 3.25 63.81
CA ASP DA 639 -27.98 4.53 63.87
C ASP DA 639 -28.66 4.63 65.23
N ASP DA 640 -29.23 3.52 65.73
CA ASP DA 640 -29.88 3.51 67.03
C ASP DA 640 -29.76 2.13 67.62
N ARG DA 641 -28.89 1.98 68.62
CA ARG DA 641 -28.64 0.67 69.21
C ARG DA 641 -29.56 0.41 70.39
N THR DA 642 -30.85 0.22 70.14
CA THR DA 642 -31.82 0.00 71.20
C THR DA 642 -32.52 -1.34 70.99
N LEU DA 643 -32.71 -2.07 72.08
CA LEU DA 643 -33.49 -3.30 72.08
C LEU DA 643 -34.78 -3.05 72.84
N GLY DA 644 -35.91 -3.14 72.15
CA GLY DA 644 -37.17 -2.82 72.76
C GLY DA 644 -37.32 -1.35 73.08
N ALA DA 645 -37.71 -1.04 74.31
CA ALA DA 645 -37.97 0.35 74.71
C ALA DA 645 -36.71 1.05 75.22
N TYR DA 646 -36.08 0.49 76.24
CA TYR DA 646 -35.08 1.24 77.00
C TYR DA 646 -33.75 0.51 77.15
N LEU DA 647 -33.60 -0.64 76.53
CA LEU DA 647 -32.35 -1.40 76.62
C LEU DA 647 -31.41 -0.96 75.50
N LYS DA 648 -30.13 -0.87 75.83
CA LYS DA 648 -29.10 -0.48 74.88
C LYS DA 648 -28.14 -1.63 74.68
N TYR DA 649 -27.45 -1.63 73.54
CA TYR DA 649 -26.46 -2.66 73.30
C TYR DA 649 -25.24 -2.13 72.54
N ASP DA 650 -24.22 -2.95 72.44
CA ASP DA 650 -23.04 -2.61 71.66
C ASP DA 650 -22.54 -3.89 71.01
N ILE DA 651 -21.74 -3.74 69.95
CA ILE DA 651 -21.30 -4.86 69.15
C ILE DA 651 -19.80 -4.97 69.28
N VAL DA 652 -19.31 -6.13 69.72
CA VAL DA 652 -17.90 -6.38 69.92
C VAL DA 652 -17.58 -7.65 69.14
N SER DA 653 -16.57 -7.60 68.28
CA SER DA 653 -16.21 -8.71 67.43
C SER DA 653 -14.79 -9.19 67.69
N THR DA 654 -14.55 -10.47 67.44
CA THR DA 654 -13.22 -11.05 67.50
C THR DA 654 -12.99 -11.96 66.31
N ASN DA 655 -11.73 -12.35 66.11
CA ASN DA 655 -11.37 -13.31 65.08
C ASN DA 655 -10.79 -14.60 65.65
N ASN DA 656 -11.08 -14.92 66.90
CA ASN DA 656 -10.55 -16.13 67.50
C ASN DA 656 -11.26 -17.37 66.95
N GLN DA 657 -10.48 -18.33 66.46
CA GLN DA 657 -11.06 -19.56 65.92
C GLN DA 657 -12.02 -20.22 66.90
N LEU DA 658 -11.74 -20.12 68.19
CA LEU DA 658 -12.55 -20.82 69.18
C LEU DA 658 -13.94 -20.20 69.28
N PHE DA 659 -14.12 -18.99 68.76
CA PHE DA 659 -15.37 -18.26 68.89
C PHE DA 659 -16.10 -18.13 67.56
N ASP DA 660 -15.67 -18.84 66.51
CA ASP DA 660 -16.31 -18.71 65.21
C ASP DA 660 -17.71 -19.28 65.23
N GLY DA 661 -18.63 -18.61 64.54
CA GLY DA 661 -19.99 -19.10 64.42
C GLY DA 661 -20.84 -18.93 65.65
N LYS DA 662 -20.45 -18.04 66.56
CA LYS DA 662 -21.13 -17.86 67.83
C LYS DA 662 -21.53 -16.41 67.99
N LEU DA 663 -22.68 -16.19 68.63
CA LEU DA 663 -23.07 -14.89 69.14
C LEU DA 663 -23.50 -15.07 70.58
N VAL DA 664 -22.85 -14.36 71.49
CA VAL DA 664 -23.14 -14.47 72.91
C VAL DA 664 -23.48 -13.09 73.44
N VAL DA 665 -24.66 -12.96 74.06
CA VAL DA 665 -25.18 -11.69 74.51
C VAL DA 665 -25.06 -11.64 76.03
N ILE DA 666 -24.32 -10.66 76.53
CA ILE DA 666 -24.05 -10.56 77.96
C ILE DA 666 -24.22 -9.11 78.39
N PRO DA 667 -24.73 -8.86 79.59
CA PRO DA 667 -24.84 -7.48 80.08
C PRO DA 667 -23.52 -6.99 80.65
N THR DA 668 -23.25 -5.72 80.46
CA THR DA 668 -22.21 -5.03 81.20
C THR DA 668 -22.75 -3.68 81.63
N ARG DA 669 -22.14 -3.11 82.66
CA ARG DA 669 -22.53 -1.77 83.10
C ARG DA 669 -22.30 -0.79 81.97
N ALA DA 670 -23.31 0.05 81.71
CA ALA DA 670 -23.22 0.99 80.59
C ALA DA 670 -21.99 1.88 80.70
N VAL DA 671 -21.62 2.28 81.91
CA VAL DA 671 -20.42 3.04 82.16
C VAL DA 671 -19.49 2.19 83.02
N GLN DA 672 -18.28 1.95 82.53
CA GLN DA 672 -17.33 1.07 83.20
C GLN DA 672 -16.49 1.85 84.21
N GLN DA 673 -16.21 1.21 85.34
CA GLN DA 673 -15.38 1.79 86.37
C GLN DA 673 -14.30 0.81 86.79
N GLU DA 674 -13.26 1.34 87.41
CA GLU DA 674 -12.16 0.51 87.83
C GLU DA 674 -12.64 -0.51 88.83
N ASN DA 675 -12.25 -1.75 88.63
CA ASN DA 675 -12.56 -2.82 89.58
C ASN DA 675 -14.06 -2.84 89.91
N ASP DA 676 -14.87 -2.68 88.88
CA ASP DA 676 -16.31 -2.66 89.03
C ASP DA 676 -16.87 -4.07 88.99
N ILE DA 677 -17.50 -4.49 90.08
CA ILE DA 677 -18.07 -5.84 90.17
C ILE DA 677 -19.17 -6.04 89.14
N LEU DA 678 -19.79 -4.97 88.65
CA LEU DA 678 -20.89 -5.12 87.71
C LEU DA 678 -20.44 -5.38 86.28
N SER DA 679 -19.13 -5.41 86.03
CA SER DA 679 -18.67 -5.87 84.72
C SER DA 679 -18.88 -7.37 84.60
N TRP DA 680 -19.24 -7.82 83.39
CA TRP DA 680 -19.54 -9.23 83.21
C TRP DA 680 -18.39 -10.10 83.69
N GLY DA 681 -17.17 -9.75 83.33
CA GLY DA 681 -16.01 -10.32 83.96
C GLY DA 681 -14.96 -9.25 84.21
N GLN DA 682 -13.86 -9.68 84.80
CA GLN DA 682 -12.75 -8.79 85.08
C GLN DA 682 -11.45 -9.48 84.69
N PHE DA 683 -10.46 -8.69 84.29
CA PHE DA 683 -9.12 -9.20 84.05
C PHE DA 683 -8.16 -8.57 85.05
N PHE DA 684 -7.70 -9.38 86.00
CA PHE DA 684 -6.76 -8.92 87.02
C PHE DA 684 -5.34 -9.13 86.51
N TYR DA 685 -4.64 -8.03 86.23
CA TYR DA 685 -3.36 -8.07 85.53
C TYR DA 685 -2.25 -7.62 86.47
N VAL DA 686 -1.17 -8.37 86.49
CA VAL DA 686 0.06 -7.91 87.12
C VAL DA 686 1.16 -7.86 86.07
N SER DA 687 1.91 -6.76 86.08
CA SER DA 687 2.91 -6.50 85.05
C SER DA 687 3.81 -7.72 84.82
N THR DA 688 4.02 -8.04 83.55
CA THR DA 688 4.78 -9.21 83.13
C THR DA 688 6.26 -8.95 83.33
N VAL DA 689 6.97 -9.99 83.75
CA VAL DA 689 8.39 -9.89 84.05
C VAL DA 689 9.17 -10.71 83.03
N ILE DA 690 10.27 -10.15 82.56
CA ILE DA 690 11.16 -10.81 81.61
C ILE DA 690 12.48 -11.04 82.31
N ALA DA 691 12.97 -12.27 82.30
CA ALA DA 691 14.22 -12.63 82.97
C ALA DA 691 15.19 -13.21 81.96
N ASP DA 692 16.47 -12.87 82.12
CA ASP DA 692 17.55 -13.37 81.27
C ASP DA 692 18.63 -13.97 82.16
N LEU DA 693 18.91 -15.26 81.97
CA LEU DA 693 19.86 -15.97 82.80
C LEU DA 693 20.50 -17.07 81.95
N PRO DA 694 21.84 -17.14 81.93
CA PRO DA 694 22.48 -18.24 81.20
C PRO DA 694 22.29 -19.57 81.91
N ILE DA 695 21.12 -20.18 81.74
CA ILE DA 695 20.83 -21.45 82.39
C ILE DA 695 21.48 -22.58 81.61
N THR DA 696 22.14 -23.49 82.33
CA THR DA 696 22.83 -24.64 81.74
C THR DA 696 21.89 -25.83 81.68
N ARG DA 697 20.79 -25.67 80.96
CA ARG DA 697 19.69 -26.63 81.00
C ARG DA 697 20.14 -27.99 80.50
N GLY DA 698 19.81 -29.01 81.28
CA GLY DA 698 20.10 -30.38 80.94
C GLY DA 698 21.46 -30.85 81.41
N GLY DA 699 22.29 -29.95 81.89
CA GLY DA 699 23.62 -30.28 82.32
C GLY DA 699 24.65 -30.35 81.22
N HIS DA 700 24.25 -30.20 79.95
CA HIS DA 700 25.21 -30.29 78.86
C HIS DA 700 25.11 -29.15 77.85
N GLN DA 701 23.94 -28.56 77.64
CA GLN DA 701 23.79 -27.49 76.65
C GLN DA 701 23.45 -26.18 77.32
N VAL DA 702 24.39 -25.24 77.26
CA VAL DA 702 24.28 -23.95 77.95
C VAL DA 702 23.67 -22.94 77.00
N THR DA 703 22.59 -22.29 77.43
CA THR DA 703 21.83 -21.37 76.62
C THR DA 703 21.52 -20.14 77.46
N ARG DA 704 21.61 -18.96 76.85
CA ARG DA 704 21.02 -17.77 77.45
C ARG DA 704 19.53 -17.76 77.12
N GLU DA 705 18.71 -17.72 78.15
CA GLU DA 705 17.26 -17.84 77.98
C GLU DA 705 16.59 -16.56 78.47
N ILE DA 706 15.83 -15.93 77.58
CA ILE DA 706 15.01 -14.78 77.92
C ILE DA 706 13.57 -15.22 77.97
N ALA DA 707 12.97 -15.16 79.16
CA ALA DA 707 11.64 -15.71 79.39
C ALA DA 707 10.72 -14.67 79.98
N ALA DA 708 9.47 -14.65 79.53
CA ALA DA 708 8.44 -13.76 80.04
C ALA DA 708 7.47 -14.59 80.86
N ILE DA 709 7.23 -14.19 82.10
CA ILE DA 709 6.38 -14.94 83.01
C ILE DA 709 5.10 -14.13 83.23
N PRO DA 710 3.96 -14.56 82.69
CA PRO DA 710 2.71 -13.84 82.94
C PRO DA 710 2.20 -14.09 84.35
N PHE DA 711 1.41 -13.13 84.84
CA PHE DA 711 0.77 -13.24 86.15
C PHE DA 711 -0.51 -12.40 86.11
N ASN DA 712 -1.63 -13.09 85.88
CA ASN DA 712 -2.92 -12.47 85.63
C ASN DA 712 -4.02 -13.48 85.94
N LEU DA 713 -5.26 -12.99 86.01
CA LEU DA 713 -6.40 -13.86 86.24
C LEU DA 713 -7.65 -13.28 85.61
N HIS DA 714 -8.40 -14.13 84.91
CA HIS DA 714 -9.72 -13.79 84.39
C HIS DA 714 -10.77 -14.36 85.34
N VAL DA 715 -11.73 -13.53 85.74
CA VAL DA 715 -12.83 -13.95 86.61
C VAL DA 715 -14.13 -13.53 85.98
N ASN DA 716 -15.22 -14.22 86.35
CA ASN DA 716 -16.55 -13.87 85.92
C ASN DA 716 -17.34 -13.36 87.12
N ASN DA 717 -18.17 -12.35 86.89
CA ASN DA 717 -19.04 -11.84 87.94
C ASN DA 717 -20.52 -12.16 87.75
N ILE DA 718 -21.00 -12.20 86.52
CA ILE DA 718 -22.44 -12.26 86.30
C ILE DA 718 -22.81 -13.60 85.65
N PRO DA 719 -23.62 -14.43 86.29
CA PRO DA 719 -23.97 -15.72 85.71
C PRO DA 719 -25.09 -15.63 84.69
N PHE DA 720 -25.00 -14.68 83.75
CA PHE DA 720 -26.05 -14.48 82.77
C PHE DA 720 -25.42 -14.45 81.38
N ALA DA 721 -25.96 -15.26 80.46
CA ALA DA 721 -25.52 -15.23 79.08
C ALA DA 721 -26.55 -15.89 78.20
N LEU DA 722 -26.74 -15.36 76.99
CA LEU DA 722 -27.48 -16.02 75.94
C LEU DA 722 -26.51 -16.43 74.83
N GLU DA 723 -26.56 -17.69 74.42
CA GLU DA 723 -25.65 -18.20 73.41
C GLU DA 723 -26.43 -18.60 72.15
N PHE DA 724 -26.01 -18.05 71.02
CA PHE DA 724 -26.62 -18.35 69.73
C PHE DA 724 -25.59 -19.01 68.84
N LYS DA 725 -26.02 -20.02 68.09
CA LYS DA 725 -25.21 -20.62 67.03
C LYS DA 725 -25.85 -20.25 65.70
N ILE DA 726 -25.15 -19.46 64.91
CA ILE DA 726 -25.73 -18.88 63.70
C ILE DA 726 -25.01 -19.45 62.48
N THR DA 727 -25.77 -20.17 61.65
CA THR DA 727 -25.25 -20.76 60.43
C THR DA 727 -26.25 -20.53 59.31
N GLY DA 728 -25.89 -20.98 58.12
CA GLY DA 728 -26.75 -20.84 56.97
C GLY DA 728 -26.64 -19.54 56.21
N PHE DA 729 -25.56 -18.78 56.42
CA PHE DA 729 -25.41 -17.49 55.77
C PHE DA 729 -25.33 -17.60 54.25
N GLN DA 730 -24.73 -18.67 53.75
CA GLN DA 730 -24.48 -18.78 52.30
C GLN DA 730 -25.71 -19.34 51.61
N LYS DA 731 -26.47 -20.17 52.30
CA LYS DA 731 -27.66 -20.79 51.71
C LYS DA 731 -28.72 -19.75 51.43
N VAL DA 732 -28.99 -18.88 52.41
CA VAL DA 732 -30.07 -17.90 52.29
C VAL DA 732 -29.66 -16.74 51.38
N MET DA 733 -28.37 -16.41 51.30
CA MET DA 733 -27.90 -15.39 50.39
C MET DA 733 -27.36 -15.93 49.07
N GLY DA 734 -27.07 -17.22 49.00
CA GLY DA 734 -26.59 -17.81 47.77
C GLY DA 734 -27.71 -18.31 46.88
N GLU DA 735 -28.78 -18.83 47.49
CA GLU DA 735 -29.85 -19.43 46.73
C GLU DA 735 -31.12 -18.62 46.93
N THR DA 736 -31.96 -18.60 45.90
CA THR DA 736 -33.25 -17.95 46.01
C THR DA 736 -34.12 -18.72 47.00
N GLN DA 737 -34.82 -17.97 47.87
CA GLN DA 737 -35.61 -18.61 48.92
C GLN DA 737 -37.10 -18.65 48.57
N PHE DA 738 -37.62 -17.61 47.93
CA PHE DA 738 -39.04 -17.57 47.67
C PHE DA 738 -39.39 -18.20 46.33
N ASN DA 739 -38.82 -17.65 45.26
CA ASN DA 739 -39.11 -18.17 43.92
C ASN DA 739 -38.68 -19.62 43.74
N GLY DA 740 -37.58 -20.04 44.38
CA GLY DA 740 -37.19 -21.43 44.29
C GLY DA 740 -38.23 -22.36 44.90
N LYS DA 741 -38.65 -22.08 46.13
CA LYS DA 741 -39.65 -22.91 46.78
C LYS DA 741 -40.94 -22.95 46.00
N LEU DA 742 -41.30 -21.81 45.38
CA LEU DA 742 -42.45 -21.73 44.50
C LEU DA 742 -42.30 -22.58 43.25
N ALA DA 743 -41.15 -22.54 42.60
CA ALA DA 743 -40.90 -23.38 41.43
C ALA DA 743 -40.88 -24.86 41.79
N ASP DA 744 -40.50 -25.18 43.02
CA ASP DA 744 -40.42 -26.57 43.43
C ASP DA 744 -41.80 -27.18 43.54
N LEU DA 745 -42.83 -26.35 43.44
CA LEU DA 745 -44.20 -26.83 43.53
C LEU DA 745 -44.73 -27.29 42.18
N LYS DA 746 -43.93 -27.09 41.13
CA LYS DA 746 -44.35 -27.50 39.80
C LYS DA 746 -44.56 -29.01 39.75
N PRO DA 747 -45.74 -29.43 39.28
CA PRO DA 747 -46.03 -30.86 39.17
C PRO DA 747 -45.00 -31.56 38.30
N ASN EA 164 11.33 -20.80 103.13
CA ASN EA 164 10.61 -19.80 102.35
C ASN EA 164 11.41 -19.35 101.15
N TYR EA 165 11.56 -20.26 100.18
CA TYR EA 165 12.23 -19.91 98.93
C TYR EA 165 11.42 -18.89 98.14
N ASN EA 166 10.09 -19.05 98.11
CA ASN EA 166 9.21 -18.18 97.35
C ASN EA 166 8.17 -17.56 98.26
N GLU EA 167 8.40 -16.30 98.63
CA GLU EA 167 7.51 -15.58 99.55
C GLU EA 167 6.35 -14.98 98.77
N LYS EA 168 5.56 -15.87 98.19
CA LYS EA 168 4.40 -15.46 97.42
C LYS EA 168 3.35 -14.85 98.33
N SER EA 169 2.74 -13.76 97.88
CA SER EA 169 1.65 -13.18 98.65
C SER EA 169 0.44 -14.10 98.64
N GLN EA 170 -0.10 -14.36 99.83
CA GLN EA 170 -1.27 -15.23 99.95
C GLN EA 170 -2.37 -14.63 100.81
N ARG EA 171 -2.03 -13.73 101.73
CA ARG EA 171 -2.98 -13.21 102.69
C ARG EA 171 -3.50 -11.82 102.36
N ASP EA 172 -2.61 -10.88 102.05
CA ASP EA 172 -3.00 -9.48 101.94
C ASP EA 172 -3.52 -9.23 100.52
N PHE EA 173 -4.78 -9.59 100.31
CA PHE EA 173 -5.43 -9.41 99.02
C PHE EA 173 -6.16 -8.06 98.99
N ARG EA 174 -6.36 -7.53 97.80
CA ARG EA 174 -7.13 -6.29 97.67
C ARG EA 174 -8.58 -6.55 98.05
N VAL EA 175 -9.13 -5.69 98.89
CA VAL EA 175 -10.50 -5.84 99.37
C VAL EA 175 -11.37 -4.87 98.57
N VAL EA 176 -12.42 -5.40 97.95
CA VAL EA 176 -13.43 -4.58 97.29
C VAL EA 176 -14.78 -4.86 97.95
N THR EA 177 -15.47 -3.79 98.34
CA THR EA 177 -16.73 -3.90 99.04
C THR EA 177 -17.84 -3.63 98.02
N ILE EA 178 -18.74 -4.60 97.84
CA ILE EA 178 -19.80 -4.43 96.86
C ILE EA 178 -20.92 -3.61 97.48
N GLY EA 179 -21.41 -2.64 96.73
CA GLY EA 179 -22.49 -1.81 97.22
C GLY EA 179 -23.78 -2.57 97.39
N TYR EA 180 -24.67 -2.00 98.18
CA TYR EA 180 -25.95 -2.64 98.48
C TYR EA 180 -26.91 -1.57 98.95
N ASN EA 181 -27.67 -1.01 98.03
CA ASN EA 181 -28.57 0.10 98.34
C ASN EA 181 -29.94 -0.22 97.70
N LEU EA 182 -30.79 -0.89 98.45
CA LEU EA 182 -32.13 -1.22 97.99
C LEU EA 182 -33.12 -0.16 98.48
N ALA EA 183 -34.23 -0.03 97.77
CA ALA EA 183 -35.16 1.08 98.02
C ALA EA 183 -36.54 0.69 97.53
N ALA EA 184 -37.54 1.42 98.05
CA ALA EA 184 -38.90 1.27 97.56
C ALA EA 184 -39.70 2.53 97.88
N SER EA 185 -40.60 2.90 96.99
CA SER EA 185 -41.60 3.91 97.30
C SER EA 185 -42.79 3.25 98.00
N ARG EA 186 -43.72 4.06 98.50
CA ARG EA 186 -44.89 3.50 99.16
C ARG EA 186 -45.46 2.32 98.36
N GLN EA 187 -45.58 2.50 97.05
CA GLN EA 187 -45.75 1.37 96.14
C GLN EA 187 -45.29 1.81 94.76
N ASP EA 188 -44.96 0.83 93.92
CA ASP EA 188 -44.30 1.12 92.66
C ASP EA 188 -45.27 1.69 91.65
N GLU EA 189 -44.73 2.06 90.47
CA GLU EA 189 -45.55 2.74 89.46
C GLU EA 189 -46.69 1.87 88.98
N PHE EA 190 -46.46 0.56 88.85
CA PHE EA 190 -47.51 -0.35 88.42
C PHE EA 190 -48.68 -0.33 89.41
N ALA EA 191 -48.39 -0.53 90.69
CA ALA EA 191 -49.45 -0.53 91.68
C ALA EA 191 -50.08 0.86 91.83
N GLU EA 192 -49.28 1.92 91.75
CA GLU EA 192 -49.80 3.25 92.00
C GLU EA 192 -50.76 3.70 90.89
N ARG EA 193 -50.44 3.37 89.64
CA ARG EA 193 -51.35 3.76 88.56
C ARG EA 193 -52.64 2.94 88.59
N ILE EA 194 -52.55 1.67 89.00
CA ILE EA 194 -53.76 0.84 89.07
C ILE EA 194 -54.54 1.14 90.34
N TYR EA 195 -53.83 1.26 91.46
CA TYR EA 195 -54.46 1.53 92.75
C TYR EA 195 -53.90 2.83 93.31
N PRO EA 196 -54.33 3.97 92.82
CA PRO EA 196 -53.78 5.24 93.32
C PRO EA 196 -53.97 5.35 94.82
N THR EA 197 -53.00 5.96 95.49
CA THR EA 197 -53.02 6.05 96.94
C THR EA 197 -54.08 7.05 97.38
N THR EA 198 -54.87 6.66 98.37
CA THR EA 198 -55.76 7.58 99.08
C THR EA 198 -55.35 7.60 100.53
N VAL EA 199 -55.13 8.79 101.07
CA VAL EA 199 -54.64 8.94 102.43
C VAL EA 199 -55.83 8.87 103.37
N ILE EA 200 -55.79 7.91 104.29
CA ILE EA 200 -56.86 7.68 105.25
C ILE EA 200 -56.33 7.96 106.64
N ASN EA 201 -57.10 8.68 107.45
CA ASN EA 201 -56.65 9.00 108.80
C ASN EA 201 -56.68 7.74 109.66
N PRO EA 202 -55.68 7.54 110.52
CA PRO EA 202 -55.72 6.37 111.42
C PRO EA 202 -56.99 6.28 112.23
N ILE EA 203 -57.65 7.39 112.52
CA ILE EA 203 -58.89 7.37 113.30
C ILE EA 203 -60.02 6.81 112.46
N GLU EA 204 -59.90 6.87 111.13
CA GLU EA 204 -61.00 6.43 110.29
C GLU EA 204 -60.93 4.92 110.02
N GLY EA 205 -59.78 4.41 109.60
CA GLY EA 205 -59.61 2.97 109.46
C GLY EA 205 -60.52 2.31 108.44
N GLY EA 206 -60.96 3.05 107.43
CA GLY EA 206 -61.86 2.50 106.43
C GLY EA 206 -62.64 3.57 105.69
N VAL EA 207 -63.32 3.19 104.60
CA VAL EA 207 -64.09 4.14 103.78
C VAL EA 207 -65.44 3.53 103.45
N VAL EA 208 -66.44 4.39 103.33
CA VAL EA 208 -67.80 4.01 102.91
C VAL EA 208 -68.10 4.73 101.61
N GLN EA 209 -68.64 4.00 100.65
CA GLN EA 209 -68.94 4.53 99.32
C GLN EA 209 -70.44 4.55 99.12
N VAL EA 210 -71.01 5.74 98.93
CA VAL EA 210 -72.45 5.90 98.83
C VAL EA 210 -72.79 6.16 97.37
N LEU EA 211 -73.70 5.36 96.83
CA LEU EA 211 -74.04 5.42 95.40
C LEU EA 211 -75.50 5.79 95.21
N PRO EA 212 -75.83 7.07 95.07
CA PRO EA 212 -77.18 7.46 94.70
C PRO EA 212 -77.46 7.29 93.22
N TYR EA 213 -78.73 7.05 92.90
CA TYR EA 213 -79.17 7.04 91.51
C TYR EA 213 -80.68 7.12 91.45
N ILE EA 214 -81.19 7.37 90.25
CA ILE EA 214 -82.62 7.40 89.98
C ILE EA 214 -82.99 6.15 89.21
N ALA EA 215 -83.96 5.39 89.72
CA ALA EA 215 -84.33 4.11 89.13
C ALA EA 215 -85.61 4.25 88.32
N VAL EA 216 -85.68 3.51 87.21
CA VAL EA 216 -86.89 3.44 86.39
C VAL EA 216 -87.64 2.18 86.81
N MET EA 217 -88.73 2.36 87.52
CA MET EA 217 -89.46 1.24 88.11
C MET EA 217 -90.71 0.97 87.30
N LYS EA 218 -90.94 -0.31 87.00
CA LYS EA 218 -92.18 -0.74 86.38
C LYS EA 218 -93.34 -0.51 87.34
N ASP EA 219 -94.46 -0.02 86.82
CA ASP EA 219 -95.61 0.30 87.66
C ASP EA 219 -96.39 -0.98 87.94
N VAL EA 220 -96.19 -1.57 89.12
CA VAL EA 220 -96.71 -2.90 89.42
C VAL EA 220 -97.32 -2.87 90.81
N TYR EA 221 -98.42 -3.60 90.99
CA TYR EA 221 -99.06 -3.70 92.30
C TYR EA 221 -98.39 -4.81 93.11
N HIS EA 222 -98.76 -4.88 94.38
CA HIS EA 222 -98.21 -5.90 95.28
C HIS EA 222 -99.09 -7.14 95.25
N GLU EA 223 -98.51 -8.27 94.86
CA GLU EA 223 -99.25 -9.52 94.78
C GLU EA 223 -99.52 -10.05 96.18
N VAL EA 224 -100.78 -10.42 96.42
CA VAL EA 224 -101.18 -10.83 97.76
C VAL EA 224 -100.42 -12.07 98.20
N SER EA 225 -100.07 -12.94 97.26
CA SER EA 225 -99.33 -14.16 97.56
C SER EA 225 -97.88 -14.09 97.09
N GLY EA 226 -97.39 -12.91 96.74
CA GLY EA 226 -96.07 -12.76 96.16
C GLY EA 226 -94.92 -13.01 97.13
N VAL EA 227 -93.89 -13.71 96.66
CA VAL EA 227 -92.69 -13.89 97.48
C VAL EA 227 -91.84 -12.64 97.46
N LYS EA 228 -91.67 -12.05 96.28
CA LYS EA 228 -90.91 -10.80 96.16
C LYS EA 228 -91.75 -9.78 95.44
N MET EA 229 -91.20 -8.58 95.24
CA MET EA 229 -91.91 -7.55 94.48
C MET EA 229 -91.52 -7.61 93.01
N ASP EA 230 -92.48 -7.94 92.14
CA ASP EA 230 -92.17 -8.09 90.73
C ASP EA 230 -92.13 -6.74 90.05
N ASN EA 231 -91.17 -5.91 90.44
CA ASN EA 231 -91.08 -4.56 89.92
C ASN EA 231 -89.68 -4.35 89.41
N GLU EA 232 -89.53 -4.30 88.10
CA GLU EA 232 -88.20 -4.19 87.51
C GLU EA 232 -87.58 -2.85 87.85
N GLU EA 233 -86.73 -2.84 88.86
CA GLU EA 233 -86.04 -1.61 89.24
C GLU EA 233 -84.67 -1.58 88.57
N VAL EA 234 -84.46 -0.62 87.67
CA VAL EA 234 -83.21 -0.50 86.94
C VAL EA 234 -82.71 0.93 87.01
N ASN EA 235 -81.39 1.09 86.94
CA ASN EA 235 -80.81 2.43 86.98
C ASN EA 235 -81.07 3.15 85.67
N MET EA 236 -81.41 4.43 85.76
CA MET EA 236 -81.54 5.25 84.55
C MET EA 236 -80.32 5.14 83.67
N VAL EA 237 -79.14 4.92 84.25
CA VAL EA 237 -77.91 4.85 83.48
C VAL EA 237 -77.99 3.74 82.45
N GLU EA 238 -78.70 2.67 82.76
CA GLU EA 238 -78.85 1.57 81.82
C GLU EA 238 -79.54 2.03 80.53
N ALA EA 239 -80.35 3.09 80.60
CA ALA EA 239 -81.08 3.54 79.42
C ALA EA 239 -80.18 4.12 78.34
N TYR EA 240 -78.93 4.46 78.67
CA TYR EA 240 -78.05 5.04 77.66
C TYR EA 240 -77.58 4.00 76.66
N ARG EA 241 -77.40 2.76 77.12
CA ARG EA 241 -77.05 1.65 76.24
C ARG EA 241 -78.26 0.91 75.71
N ASP EA 242 -79.30 0.78 76.52
CA ASP EA 242 -80.51 0.02 76.17
C ASP EA 242 -81.73 0.86 76.52
N PRO EA 243 -82.06 1.86 75.69
CA PRO EA 243 -83.19 2.72 76.04
C PRO EA 243 -84.52 2.00 76.08
N SER EA 244 -84.58 0.77 75.57
CA SER EA 244 -85.84 0.03 75.53
C SER EA 244 -86.43 -0.17 76.92
N ILE EA 245 -85.63 -0.05 77.97
CA ILE EA 245 -86.15 -0.21 79.32
C ILE EA 245 -87.16 0.88 79.64
N LEU EA 246 -87.21 1.94 78.84
CA LEU EA 246 -88.14 3.05 79.05
C LEU EA 246 -89.42 2.90 78.26
N ASP EA 247 -89.52 1.88 77.41
CA ASP EA 247 -90.65 1.78 76.50
C ASP EA 247 -91.94 1.67 77.29
N ASP EA 248 -92.98 2.36 76.82
CA ASP EA 248 -94.30 2.24 77.41
C ASP EA 248 -95.33 2.51 76.33
N GLU EA 249 -96.25 1.57 76.15
CA GLU EA 249 -97.34 1.75 75.18
C GLU EA 249 -98.64 1.51 75.91
N SER EA 250 -98.67 1.85 77.20
CA SER EA 250 -99.85 1.61 78.02
C SER EA 250 -101.04 2.42 77.53
N ILE EA 251 -100.79 3.48 76.77
CA ILE EA 251 -101.88 4.31 76.28
C ILE EA 251 -102.55 3.77 75.02
N ALA EA 252 -101.98 2.74 74.41
CA ALA EA 252 -102.51 2.24 73.15
C ALA EA 252 -103.93 1.71 73.34
N LEU EA 253 -104.77 1.91 72.33
CA LEU EA 253 -106.12 1.37 72.31
C LEU EA 253 -106.11 0.04 71.55
N ILE EA 254 -106.05 -1.06 72.29
CA ILE EA 254 -105.90 -2.38 71.71
C ILE EA 254 -107.20 -3.13 71.90
N PRO EA 255 -107.97 -3.40 70.85
CA PRO EA 255 -109.21 -4.16 71.02
C PRO EA 255 -108.95 -5.48 71.72
N ALA EA 256 -109.80 -5.81 72.67
CA ALA EA 256 -109.59 -6.95 73.55
C ALA EA 256 -110.80 -7.86 73.56
N LEU EA 257 -110.55 -9.14 73.78
CA LEU EA 257 -111.60 -10.15 73.84
C LEU EA 257 -112.06 -10.29 75.29
N ASP EA 258 -113.35 -10.16 75.51
CA ASP EA 258 -113.90 -10.42 76.82
C ASP EA 258 -113.66 -11.89 77.17
N PRO EA 259 -113.05 -12.18 78.32
CA PRO EA 259 -112.83 -13.59 78.67
C PRO EA 259 -114.10 -14.42 78.62
N ALA EA 260 -115.27 -13.79 78.79
CA ALA EA 260 -116.54 -14.50 78.74
C ALA EA 260 -117.06 -14.70 77.32
N GLY EA 261 -116.40 -14.16 76.31
CA GLY EA 261 -116.89 -14.25 74.95
C GLY EA 261 -118.02 -13.31 74.62
N SER EA 262 -118.19 -12.23 75.39
CA SER EA 262 -119.32 -11.34 75.18
C SER EA 262 -119.17 -10.53 73.91
N ASN EA 263 -117.93 -10.23 73.49
CA ASN EA 263 -117.69 -9.39 72.32
C ASN EA 263 -116.91 -10.14 71.25
N ALA EA 264 -117.02 -11.46 71.22
CA ALA EA 264 -116.25 -12.24 70.26
C ALA EA 264 -116.70 -12.02 68.83
N ASP EA 265 -117.89 -11.46 68.61
CA ASP EA 265 -118.43 -11.28 67.27
C ASP EA 265 -117.86 -10.05 66.58
N PHE EA 266 -117.00 -9.31 67.25
CA PHE EA 266 -116.32 -8.15 66.68
C PHE EA 266 -114.97 -8.49 66.10
N PHE EA 267 -114.51 -9.73 66.25
CA PHE EA 267 -113.15 -10.12 65.92
C PHE EA 267 -113.16 -11.18 64.84
N VAL EA 268 -112.05 -11.29 64.11
CA VAL EA 268 -111.96 -12.34 63.10
C VAL EA 268 -112.01 -13.71 63.78
N ASP EA 269 -112.56 -14.68 63.06
CA ASP EA 269 -112.70 -16.03 63.59
C ASP EA 269 -111.35 -16.61 63.96
N PRO EA 270 -111.18 -17.15 65.17
CA PRO EA 270 -109.92 -17.77 65.55
C PRO EA 270 -109.36 -18.76 64.55
N ALA EA 271 -110.24 -19.43 63.78
CA ALA EA 271 -109.75 -20.39 62.79
C ALA EA 271 -108.90 -19.73 61.73
N LEU EA 272 -109.13 -18.44 61.46
CA LEU EA 272 -108.37 -17.75 60.42
C LEU EA 272 -107.13 -17.09 61.03
N VAL EA 273 -107.29 -16.40 62.14
CA VAL EA 273 -106.19 -15.75 62.84
C VAL EA 273 -106.33 -16.05 64.32
N PRO EA 274 -105.60 -17.02 64.86
CA PRO EA 274 -105.71 -17.35 66.28
C PRO EA 274 -105.36 -16.14 67.14
N PRO EA 275 -106.11 -15.92 68.22
CA PRO EA 275 -105.82 -14.80 69.12
C PRO EA 275 -104.44 -14.93 69.77
N TYR EA 276 -103.87 -13.80 70.15
CA TYR EA 276 -102.62 -13.76 70.87
C TYR EA 276 -102.75 -12.82 72.06
N THR EA 277 -101.78 -12.88 72.97
CA THR EA 277 -101.85 -12.14 74.23
C THR EA 277 -100.77 -11.08 74.26
N ILE EA 278 -101.06 -9.98 74.94
CA ILE EA 278 -100.08 -8.92 75.16
C ILE EA 278 -99.98 -8.68 76.66
N LYS EA 279 -98.75 -8.60 77.16
CA LYS EA 279 -98.50 -8.29 78.55
C LYS EA 279 -98.03 -6.84 78.66
N ASN EA 280 -98.81 -6.01 79.34
CA ASN EA 280 -98.57 -4.58 79.37
C ASN EA 280 -97.53 -4.28 80.43
N GLU EA 281 -97.22 -2.99 80.60
CA GLU EA 281 -96.18 -2.60 81.56
C GLU EA 281 -96.60 -2.88 82.98
N GLN EA 282 -97.89 -2.89 83.26
CA GLN EA 282 -98.26 -3.20 84.63
C GLN EA 282 -98.33 -4.70 84.89
N ASN EA 283 -97.86 -5.53 83.98
CA ASN EA 283 -97.86 -7.00 84.05
C ASN EA 283 -99.26 -7.57 83.94
N LEU EA 284 -100.24 -6.80 83.45
CA LEU EA 284 -101.57 -7.31 83.22
C LEU EA 284 -101.72 -7.76 81.76
N THR EA 285 -102.06 -9.02 81.56
CA THR EA 285 -102.21 -9.56 80.21
C THR EA 285 -103.62 -9.38 79.69
N ILE EA 286 -103.74 -9.42 78.37
CA ILE EA 286 -105.03 -9.32 77.71
C ILE EA 286 -104.95 -10.04 76.37
N THR EA 287 -106.06 -10.63 75.96
CA THR EA 287 -106.14 -11.40 74.72
C THR EA 287 -106.67 -10.48 73.64
N THR EA 288 -105.98 -10.43 72.51
CA THR EA 288 -106.39 -9.57 71.41
C THR EA 288 -106.36 -10.34 70.10
N ALA EA 289 -107.11 -9.86 69.13
CA ALA EA 289 -107.17 -10.39 67.79
C ALA EA 289 -107.58 -9.28 66.84
N PRO EA 290 -107.25 -9.38 65.56
CA PRO EA 290 -107.68 -8.35 64.62
C PRO EA 290 -109.19 -8.22 64.63
N LEU EA 291 -109.66 -6.98 64.48
CA LEU EA 291 -111.08 -6.72 64.38
C LEU EA 291 -111.62 -7.26 63.07
N LYS EA 292 -112.84 -7.78 63.10
CA LYS EA 292 -113.48 -8.28 61.90
C LYS EA 292 -113.80 -7.12 60.97
N ALA EA 293 -113.61 -7.33 59.67
CA ALA EA 293 -114.02 -6.31 58.73
C ALA EA 293 -115.53 -6.23 58.67
N ASN EA 294 -116.03 -5.07 58.25
CA ASN EA 294 -117.45 -4.75 58.15
C ASN EA 294 -118.19 -4.88 59.49
N VAL EA 295 -117.61 -4.26 60.53
CA VAL EA 295 -118.14 -4.38 61.88
C VAL EA 295 -118.41 -2.98 62.42
N ARG EA 296 -119.46 -2.86 63.22
CA ARG EA 296 -119.73 -1.66 63.99
C ARG EA 296 -119.61 -2.00 65.46
N LEU EA 297 -118.90 -1.15 66.21
CA LEU EA 297 -118.63 -1.46 67.60
C LEU EA 297 -118.29 -0.16 68.32
N ASP EA 298 -118.39 -0.22 69.64
CA ASP EA 298 -117.83 0.82 70.49
C ASP EA 298 -116.34 0.56 70.61
N LEU EA 299 -115.54 1.37 69.91
CA LEU EA 299 -114.11 1.10 69.87
C LEU EA 299 -113.47 1.23 71.24
N MET EA 300 -113.92 2.20 72.04
CA MET EA 300 -113.41 2.36 73.40
C MET EA 300 -113.84 1.24 74.32
N GLY EA 301 -115.13 0.89 74.32
CA GLY EA 301 -115.61 -0.12 75.24
C GLY EA 301 -114.95 -1.47 75.05
N ASN EA 302 -114.60 -1.79 73.81
CA ASN EA 302 -113.98 -3.06 73.48
C ASN EA 302 -112.46 -3.04 73.63
N SER EA 303 -111.90 -1.95 74.11
CA SER EA 303 -110.46 -1.83 74.21
C SER EA 303 -109.95 -2.53 75.46
N ASN EA 304 -108.65 -2.83 75.45
CA ASN EA 304 -108.02 -3.36 76.66
C ASN EA 304 -108.18 -2.41 77.83
N ALA EA 305 -108.22 -1.10 77.57
CA ALA EA 305 -108.38 -0.13 78.66
C ALA EA 305 -109.65 -0.36 79.44
N ASN EA 306 -110.61 -1.09 78.88
CA ASN EA 306 -111.87 -1.32 79.54
C ASN EA 306 -111.94 -2.68 80.21
N LEU EA 307 -110.83 -3.41 80.28
CA LEU EA 307 -110.81 -4.70 80.95
C LEU EA 307 -109.65 -4.88 81.92
N LEU EA 308 -108.51 -4.22 81.66
CA LEU EA 308 -107.27 -4.61 82.32
C LEU EA 308 -107.34 -4.54 83.84
N ILE EA 309 -107.75 -3.40 84.40
CA ILE EA 309 -107.69 -3.21 85.84
C ILE EA 309 -109.06 -3.45 86.45
N GLN EA 310 -110.05 -2.71 85.96
CA GLN EA 310 -111.43 -2.90 86.37
C GLN EA 310 -112.32 -2.60 85.18
N ARG EA 311 -113.22 -3.54 84.84
CA ARG EA 311 -113.89 -3.47 83.56
C ARG EA 311 -115.03 -2.44 83.61
N GLY EA 312 -115.27 -1.82 82.47
CA GLY EA 312 -116.44 -0.99 82.30
C GLY EA 312 -116.29 0.32 83.04
N MET EA 313 -115.05 0.77 83.18
CA MET EA 313 -114.74 1.98 83.91
C MET EA 313 -114.50 3.18 83.00
N LEU EA 314 -114.40 2.95 81.70
CA LEU EA 314 -114.15 4.04 80.77
C LEU EA 314 -115.34 4.99 80.74
N GLU EA 315 -115.05 6.28 80.77
CA GLU EA 315 -116.08 7.30 80.89
C GLU EA 315 -115.82 8.39 79.86
N VAL EA 316 -116.68 9.41 79.84
CA VAL EA 316 -116.58 10.42 78.78
C VAL EA 316 -115.23 11.13 78.85
N SER EA 317 -114.60 11.16 80.03
CA SER EA 317 -113.30 11.80 80.14
C SER EA 317 -112.24 11.11 79.30
N ASP EA 318 -112.49 9.88 78.87
CA ASP EA 318 -111.57 9.22 77.97
C ASP EA 318 -111.86 9.59 76.53
N THR EA 319 -110.82 9.97 75.80
CA THR EA 319 -110.92 10.41 74.41
C THR EA 319 -109.89 9.70 73.54
N ILE EA 320 -110.14 9.70 72.23
CA ILE EA 320 -109.26 9.03 71.26
C ILE EA 320 -108.40 10.06 70.55
N ASP EA 321 -107.13 9.73 70.37
CA ASP EA 321 -106.22 10.61 69.66
C ASP EA 321 -106.52 10.58 68.17
N PRO EA 322 -106.82 11.71 67.54
CA PRO EA 322 -107.05 11.72 66.08
C PRO EA 322 -105.87 11.23 65.28
N ALA EA 323 -104.65 11.28 65.83
CA ALA EA 323 -103.45 10.87 65.10
C ALA EA 323 -103.31 9.36 65.19
N GLY EA 324 -104.11 8.67 64.39
CA GLY EA 324 -104.12 7.22 64.37
C GLY EA 324 -103.79 6.71 62.99
N ARG EA 325 -103.58 5.40 62.91
CA ARG EA 325 -103.23 4.80 61.63
C ARG EA 325 -103.88 3.43 61.48
N LEU EA 326 -103.85 2.88 60.28
CA LEU EA 326 -104.30 1.53 59.98
C LEU EA 326 -103.09 0.60 60.09
N LYS EA 327 -102.94 -0.06 61.23
CA LYS EA 327 -101.69 -0.71 61.55
C LYS EA 327 -101.47 -1.98 60.70
N ASN EA 328 -102.49 -2.82 60.57
CA ASN EA 328 -102.36 -4.04 59.79
C ASN EA 328 -103.64 -4.32 59.02
N LEU EA 329 -103.50 -4.98 57.88
CA LEU EA 329 -104.63 -5.40 57.06
C LEU EA 329 -104.50 -6.88 56.75
N PHE EA 330 -105.53 -7.65 57.05
CA PHE EA 330 -105.49 -9.09 56.96
C PHE EA 330 -106.38 -9.56 55.80
N VAL EA 331 -105.76 -10.18 54.80
CA VAL EA 331 -106.46 -10.65 53.62
C VAL EA 331 -106.57 -12.17 53.69
N LEU EA 332 -107.74 -12.70 53.34
CA LEU EA 332 -107.90 -14.13 53.17
C LEU EA 332 -107.52 -14.49 51.75
N LEU EA 333 -106.43 -15.24 51.58
CA LEU EA 333 -105.84 -15.51 50.28
C LEU EA 333 -105.74 -17.02 50.12
N GLY EA 334 -106.63 -17.60 49.32
CA GLY EA 334 -106.51 -19.02 49.01
C GLY EA 334 -106.75 -19.94 50.18
N GLY EA 335 -107.59 -19.54 51.13
CA GLY EA 335 -107.90 -20.32 52.30
C GLY EA 335 -107.11 -19.97 53.55
N LYS EA 336 -106.03 -19.21 53.42
CA LYS EA 336 -105.21 -18.84 54.56
C LYS EA 336 -104.95 -17.34 54.53
N VAL EA 337 -104.65 -16.79 55.69
CA VAL EA 337 -104.59 -15.35 55.89
C VAL EA 337 -103.17 -14.86 55.69
N VAL EA 338 -103.04 -13.71 55.03
CA VAL EA 338 -101.78 -13.01 54.85
C VAL EA 338 -101.89 -11.63 55.48
N LYS EA 339 -100.92 -11.28 56.31
CA LYS EA 339 -100.89 -9.97 56.95
C LYS EA 339 -100.08 -9.00 56.10
N PHE EA 340 -100.64 -7.82 55.87
CA PHE EA 340 -99.95 -6.75 55.17
C PHE EA 340 -99.70 -5.60 56.13
N LYS EA 341 -98.48 -5.07 56.13
CA LYS EA 341 -98.12 -3.93 56.96
C LYS EA 341 -98.28 -2.67 56.13
N VAL EA 342 -99.28 -1.86 56.50
CA VAL EA 342 -99.64 -0.71 55.69
C VAL EA 342 -99.68 0.53 56.56
N ASP EA 343 -98.94 0.48 57.68
CA ASP EA 343 -99.15 1.45 58.74
C ASP EA 343 -98.66 2.85 58.37
N ARG EA 344 -97.48 2.93 57.74
CA ARG EA 344 -96.86 4.21 57.44
C ARG EA 344 -97.23 4.76 56.07
N LEU EA 345 -98.06 4.07 55.31
CA LEU EA 345 -98.40 4.54 53.97
C LEU EA 345 -99.25 5.80 54.07
N PRO EA 346 -99.14 6.72 53.11
CA PRO EA 346 -99.91 7.96 53.20
C PRO EA 346 -101.41 7.73 53.29
N ARG EA 347 -101.87 6.59 52.80
CA ARG EA 347 -103.28 6.27 52.78
C ARG EA 347 -103.78 5.67 54.08
N ALA EA 348 -102.88 5.36 55.01
CA ALA EA 348 -103.24 4.69 56.24
C ALA EA 348 -103.47 5.65 57.40
N VAL EA 349 -103.28 6.95 57.17
CA VAL EA 349 -103.44 7.94 58.24
C VAL EA 349 -104.91 8.29 58.42
N PHE EA 350 -105.30 8.53 59.67
CA PHE EA 350 -106.65 9.01 59.95
C PHE EA 350 -106.83 10.42 59.39
N GLN EA 351 -108.00 10.67 58.84
CA GLN EA 351 -108.32 11.97 58.27
C GLN EA 351 -109.53 12.57 58.97
N PRO EA 352 -109.62 13.90 59.04
CA PRO EA 352 -110.85 14.52 59.53
C PRO EA 352 -112.01 14.29 58.58
N ASP EA 353 -113.19 14.10 59.15
CA ASP EA 353 -114.41 13.98 58.37
C ASP EA 353 -114.94 15.37 58.07
N LEU EA 354 -114.97 15.73 56.78
CA LEU EA 354 -115.29 17.10 56.40
C LEU EA 354 -116.79 17.35 56.43
N VAL EA 355 -117.59 16.30 56.57
CA VAL EA 355 -119.04 16.40 56.62
C VAL EA 355 -119.51 15.61 57.83
N GLY EA 356 -120.19 16.29 58.75
CA GLY EA 356 -120.66 15.63 59.95
C GLY EA 356 -120.00 16.13 61.20
N ASP EA 357 -119.88 15.26 62.20
CA ASP EA 357 -119.31 15.68 63.48
C ASP EA 357 -117.86 16.10 63.29
N THR EA 358 -117.52 17.26 63.82
CA THR EA 358 -116.17 17.79 63.61
C THR EA 358 -115.10 17.00 64.34
N ARG EA 359 -115.49 16.10 65.24
CA ARG EA 359 -114.55 15.25 65.95
C ARG EA 359 -114.63 13.81 65.45
N ASN EA 360 -115.13 13.64 64.23
CA ASN EA 360 -115.19 12.34 63.59
C ASN EA 360 -113.96 12.18 62.68
N ALA EA 361 -113.27 11.05 62.81
CA ALA EA 361 -112.13 10.72 61.97
C ALA EA 361 -112.54 9.63 61.00
N VAL EA 362 -112.11 9.76 59.75
CA VAL EA 362 -112.47 8.84 58.67
C VAL EA 362 -111.21 8.16 58.17
N ILE EA 363 -111.32 6.86 57.90
CA ILE EA 363 -110.24 6.06 57.35
C ILE EA 363 -110.52 5.84 55.87
N ARG EA 364 -109.54 6.11 55.01
CA ARG EA 364 -109.80 5.97 53.58
C ARG EA 364 -108.72 5.21 52.83
N PHE EA 365 -108.40 4.02 53.30
CA PHE EA 365 -107.24 3.31 52.75
C PHE EA 365 -107.60 2.75 51.38
N ASP EA 366 -106.86 3.16 50.36
CA ASP EA 366 -107.13 2.76 48.98
C ASP EA 366 -105.77 2.52 48.36
N SER EA 367 -105.38 1.26 48.24
CA SER EA 367 -104.07 0.88 47.74
C SER EA 367 -104.18 -0.34 46.83
N ASP EA 368 -103.48 -0.28 45.70
CA ASP EA 368 -103.29 -1.41 44.81
C ASP EA 368 -101.84 -1.89 44.79
N ASP EA 369 -101.07 -1.61 45.84
CA ASP EA 369 -99.68 -1.98 45.92
C ASP EA 369 -99.44 -3.10 46.93
N LEU EA 370 -100.46 -3.88 47.25
CA LEU EA 370 -100.25 -5.02 48.13
C LEU EA 370 -99.66 -6.17 47.33
N VAL EA 371 -98.47 -6.61 47.69
CA VAL EA 371 -97.69 -7.53 46.89
C VAL EA 371 -97.72 -8.91 47.52
N VAL EA 372 -97.98 -9.91 46.70
CA VAL EA 372 -97.91 -11.30 47.15
C VAL EA 372 -96.97 -12.03 46.21
N SER EA 373 -96.02 -12.76 46.77
CA SER EA 373 -95.04 -13.50 46.00
C SER EA 373 -94.55 -14.66 46.87
N GLY EA 374 -93.68 -15.49 46.29
CA GLY EA 374 -93.18 -16.63 47.03
C GLY EA 374 -92.49 -16.25 48.32
N ASP EA 375 -92.01 -15.00 48.41
CA ASP EA 375 -91.35 -14.54 49.62
C ASP EA 375 -92.34 -14.25 50.73
N THR EA 376 -93.62 -14.10 50.40
CA THR EA 376 -94.64 -13.83 51.40
C THR EA 376 -95.10 -15.11 52.08
N THR EA 377 -95.25 -15.06 53.40
CA THR EA 377 -95.73 -16.18 54.18
C THR EA 377 -97.04 -15.82 54.86
N PHE EA 378 -97.78 -16.85 55.25
CA PHE EA 378 -99.07 -16.65 55.88
C PHE EA 378 -98.90 -16.35 57.37
N ILE EA 379 -100.01 -16.16 58.07
CA ILE EA 379 -99.94 -15.78 59.48
C ILE EA 379 -99.11 -16.79 60.26
N ASP EA 380 -99.28 -18.07 59.96
CA ASP EA 380 -98.63 -19.13 60.70
C ASP EA 380 -97.21 -19.39 60.22
N GLY EA 381 -96.71 -18.61 59.26
CA GLY EA 381 -95.37 -18.77 58.76
C GLY EA 381 -95.23 -19.74 57.60
N SER EA 382 -96.31 -20.42 57.23
CA SER EA 382 -96.25 -21.39 56.15
C SER EA 382 -96.23 -20.68 54.81
N ALA EA 383 -95.81 -21.42 53.78
CA ALA EA 383 -95.79 -20.94 52.41
C ALA EA 383 -96.24 -22.06 51.50
N ASP EA 384 -97.56 -22.20 51.33
CA ASP EA 384 -98.11 -23.31 50.57
C ASP EA 384 -99.32 -22.81 49.81
N GLY EA 385 -99.78 -23.61 48.85
CA GLY EA 385 -100.91 -23.23 48.04
C GLY EA 385 -100.54 -22.15 47.05
N VAL EA 386 -101.30 -21.06 47.01
CA VAL EA 386 -101.03 -20.02 46.02
C VAL EA 386 -99.62 -19.47 46.18
N ILE EA 387 -99.14 -19.33 47.42
CA ILE EA 387 -97.79 -18.80 47.64
C ILE EA 387 -96.75 -19.69 46.98
N ASN EA 388 -96.89 -21.00 47.12
CA ASN EA 388 -95.92 -21.91 46.52
C ASN EA 388 -96.04 -21.92 45.00
N ASP EA 389 -97.27 -21.80 44.49
CA ASP EA 389 -97.46 -21.76 43.04
C ASP EA 389 -96.91 -20.47 42.44
N LEU EA 390 -97.05 -19.36 43.17
CA LEU EA 390 -96.42 -18.12 42.73
C LEU EA 390 -94.90 -18.25 42.70
N LYS EA 391 -94.32 -18.89 43.71
CA LYS EA 391 -92.89 -19.12 43.70
C LYS EA 391 -92.47 -19.99 42.53
N THR EA 392 -93.16 -21.12 42.31
CA THR EA 392 -92.77 -22.00 41.21
C THR EA 392 -92.92 -21.31 39.87
N ALA EA 393 -94.00 -20.54 39.68
CA ALA EA 393 -94.25 -19.87 38.42
C ALA EA 393 -93.49 -18.56 38.28
N LYS EA 394 -92.71 -18.17 39.28
CA LYS EA 394 -91.98 -16.91 39.29
C LYS EA 394 -92.88 -15.71 39.06
N LEU EA 395 -94.05 -15.69 39.69
CA LEU EA 395 -95.01 -14.61 39.51
C LEU EA 395 -95.16 -13.80 40.80
N SER EA 396 -95.75 -12.61 40.65
CA SER EA 396 -96.08 -11.75 41.76
C SER EA 396 -97.43 -11.10 41.50
N LEU EA 397 -98.27 -11.03 42.52
CA LEU EA 397 -99.60 -10.46 42.42
C LEU EA 397 -99.61 -9.04 42.97
N ARG EA 398 -100.47 -8.21 42.41
CA ARG EA 398 -100.77 -6.89 42.95
C ARG EA 398 -102.24 -6.89 43.33
N LEU EA 399 -102.52 -6.86 44.63
CA LEU EA 399 -103.90 -6.87 45.09
C LEU EA 399 -104.45 -5.45 45.13
N SER EA 400 -105.78 -5.34 45.01
CA SER EA 400 -106.45 -4.04 45.11
C SER EA 400 -107.49 -4.16 46.22
N VAL EA 401 -107.30 -3.38 47.28
CA VAL EA 401 -108.17 -3.42 48.43
C VAL EA 401 -108.74 -2.04 48.68
N GLY EA 402 -109.81 -2.00 49.46
CA GLY EA 402 -110.40 -0.75 49.90
C GLY EA 402 -110.92 -0.90 51.29
N PHE EA 403 -110.39 -0.13 52.24
CA PHE EA 403 -110.84 -0.22 53.62
C PHE EA 403 -111.08 1.18 54.16
N GLY EA 404 -112.28 1.40 54.71
CA GLY EA 404 -112.64 2.68 55.27
C GLY EA 404 -113.44 2.50 56.55
N GLY EA 405 -113.65 3.60 57.26
CA GLY EA 405 -114.43 3.56 58.47
C GLY EA 405 -114.43 4.92 59.15
N THR EA 406 -115.32 5.05 60.12
CA THR EA 406 -115.43 6.27 60.91
C THR EA 406 -115.16 5.94 62.37
N ILE EA 407 -114.45 6.82 63.05
CA ILE EA 407 -114.20 6.71 64.48
C ILE EA 407 -114.67 8.01 65.11
N SER EA 408 -115.58 7.91 66.07
CA SER EA 408 -116.02 9.08 66.82
C SER EA 408 -115.03 9.31 67.96
N LEU EA 409 -114.25 10.38 67.87
CA LEU EA 409 -113.14 10.59 68.79
C LEU EA 409 -113.59 10.96 70.19
N SER EA 410 -114.84 11.40 70.37
CA SER EA 410 -115.34 11.77 71.69
C SER EA 410 -116.23 10.69 72.29
N LYS EA 411 -117.02 10.03 71.45
CA LYS EA 411 -118.02 9.09 71.92
C LYS EA 411 -117.60 7.63 71.77
N GLY EA 412 -116.54 7.34 71.02
CA GLY EA 412 -116.07 5.98 70.91
C GLY EA 412 -116.70 5.12 69.84
N ASP EA 413 -117.85 5.54 69.30
CA ASP EA 413 -118.48 4.76 68.24
C ASP EA 413 -117.58 4.65 67.02
N SER EA 414 -117.57 3.48 66.40
CA SER EA 414 -116.83 3.29 65.17
C SER EA 414 -117.55 2.30 64.27
N LYS EA 415 -117.43 2.50 62.97
CA LYS EA 415 -117.89 1.54 61.98
C LYS EA 415 -116.89 1.43 60.85
N PHE EA 416 -116.51 0.21 60.50
CA PHE EA 416 -115.51 -0.06 59.47
C PHE EA 416 -116.13 -0.91 58.38
N GLY EA 417 -115.60 -0.77 57.17
CA GLY EA 417 -116.09 -1.55 56.06
C GLY EA 417 -115.01 -1.84 55.03
N ALA EA 418 -115.12 -2.97 54.34
CA ALA EA 418 -114.12 -3.37 53.35
C ALA EA 418 -114.83 -3.66 52.04
N THR EA 419 -114.27 -3.19 50.94
CA THR EA 419 -114.85 -3.46 49.64
C THR EA 419 -114.33 -4.79 49.09
N ASP EA 420 -114.92 -5.22 47.98
CA ASP EA 420 -114.46 -6.44 47.32
C ASP EA 420 -112.99 -6.30 46.92
N THR EA 421 -112.24 -7.39 47.09
CA THR EA 421 -110.83 -7.42 46.82
C THR EA 421 -110.57 -8.12 45.48
N TYR EA 422 -109.78 -7.48 44.64
CA TYR EA 422 -109.48 -7.95 43.30
C TYR EA 422 -107.98 -8.09 43.11
N VAL EA 423 -107.57 -8.97 42.19
CA VAL EA 423 -106.18 -9.03 41.75
C VAL EA 423 -106.04 -8.07 40.58
N ASP EA 424 -105.29 -6.98 40.77
CA ASP EA 424 -105.20 -5.95 39.74
C ASP EA 424 -104.27 -6.37 38.62
N LYS EA 425 -103.09 -6.89 38.97
CA LYS EA 425 -102.11 -7.28 37.97
C LYS EA 425 -101.44 -8.58 38.41
N VAL EA 426 -100.97 -9.33 37.43
CA VAL EA 426 -100.07 -10.46 37.65
C VAL EA 426 -98.78 -10.17 36.91
N LEU EA 427 -97.69 -9.98 37.65
CA LEU EA 427 -96.43 -9.55 37.05
C LEU EA 427 -95.44 -10.70 36.99
N ASN EA 428 -94.54 -10.64 36.02
CA ASN EA 428 -93.40 -11.53 35.93
C ASN EA 428 -92.23 -10.89 36.66
N GLU EA 429 -91.10 -11.59 36.69
CA GLU EA 429 -89.94 -11.07 37.43
C GLU EA 429 -89.45 -9.77 36.83
N ASP EA 430 -89.57 -9.59 35.52
CA ASP EA 430 -89.04 -8.39 34.89
C ASP EA 430 -90.01 -7.21 34.95
N GLY EA 431 -91.15 -7.34 35.62
CA GLY EA 431 -92.09 -6.26 35.73
C GLY EA 431 -93.19 -6.22 34.68
N GLN EA 432 -93.16 -7.10 33.69
CA GLN EA 432 -94.19 -7.12 32.68
C GLN EA 432 -95.46 -7.79 33.24
N VAL EA 433 -96.59 -7.36 32.73
CA VAL EA 433 -97.88 -7.86 33.18
C VAL EA 433 -98.35 -8.95 32.22
N MET EA 434 -98.69 -10.11 32.77
CA MET EA 434 -99.13 -11.24 31.96
C MET EA 434 -100.64 -11.23 31.77
N ASP EA 435 -101.08 -11.84 30.68
CA ASP EA 435 -102.50 -12.01 30.42
C ASP EA 435 -103.04 -13.14 31.31
N ASN EA 436 -104.22 -12.90 31.89
CA ASN EA 436 -104.82 -13.83 32.82
C ASN EA 436 -105.31 -15.13 32.17
N ALA EA 437 -105.27 -15.22 30.84
CA ALA EA 437 -105.64 -16.46 30.16
C ALA EA 437 -104.51 -17.48 30.16
N ASP EA 438 -103.31 -17.08 30.56
CA ASP EA 438 -102.18 -17.99 30.56
C ASP EA 438 -102.49 -19.18 31.48
N PRO EA 439 -102.33 -20.42 31.01
CA PRO EA 439 -102.66 -21.56 31.87
C PRO EA 439 -102.02 -21.51 33.24
N ALA EA 440 -100.81 -20.97 33.36
CA ALA EA 440 -100.15 -20.91 34.67
C ALA EA 440 -100.81 -19.84 35.55
N VAL EA 441 -101.07 -18.67 34.97
CA VAL EA 441 -101.68 -17.58 35.72
C VAL EA 441 -103.11 -17.93 36.11
N LYS EA 442 -103.88 -18.50 35.16
CA LYS EA 442 -105.27 -18.83 35.47
C LYS EA 442 -105.36 -19.86 36.59
N ALA EA 443 -104.54 -20.90 36.53
CA ALA EA 443 -104.60 -21.94 37.54
C ALA EA 443 -104.36 -21.38 38.93
N ILE EA 444 -103.50 -20.36 39.04
CA ILE EA 444 -103.26 -19.73 40.33
C ILE EA 444 -104.46 -18.86 40.72
N LEU EA 445 -104.95 -18.05 39.78
CA LEU EA 445 -106.06 -17.16 40.06
C LEU EA 445 -107.36 -17.90 40.35
N ASP EA 446 -107.55 -19.08 39.77
CA ASP EA 446 -108.76 -19.85 40.06
C ASP EA 446 -108.82 -20.20 41.54
N GLN EA 447 -107.69 -20.18 42.22
CA GLN EA 447 -107.65 -20.53 43.64
C GLN EA 447 -108.16 -19.40 44.51
N LEU EA 448 -108.24 -18.18 43.98
CA LEU EA 448 -108.58 -16.99 44.77
C LEU EA 448 -110.07 -16.66 44.66
N THR EA 449 -110.92 -17.64 44.93
CA THR EA 449 -112.36 -17.41 44.91
C THR EA 449 -112.82 -16.76 46.20
N ASP EA 450 -112.07 -16.96 47.28
CA ASP EA 450 -112.40 -16.40 48.59
C ASP EA 450 -111.55 -15.18 48.93
N LEU EA 451 -110.99 -14.51 47.94
CA LEU EA 451 -110.14 -13.37 48.19
C LEU EA 451 -110.96 -12.21 48.75
N ALA EA 452 -110.67 -11.84 49.99
CA ALA EA 452 -111.40 -10.77 50.67
C ALA EA 452 -110.57 -10.31 51.85
N VAL EA 453 -110.86 -9.11 52.30
CA VAL EA 453 -110.28 -8.59 53.55
C VAL EA 453 -111.13 -9.08 54.70
N ILE EA 454 -110.48 -9.69 55.69
CA ILE EA 454 -111.20 -10.24 56.84
C ILE EA 454 -111.07 -9.39 58.09
N GLY EA 455 -109.95 -8.71 58.30
CA GLY EA 455 -109.79 -7.95 59.52
C GLY EA 455 -108.69 -6.93 59.39
N PHE EA 456 -108.48 -6.21 60.48
CA PHE EA 456 -107.56 -5.09 60.52
C PHE EA 456 -107.12 -4.89 61.95
N GLU EA 457 -106.03 -4.16 62.12
CA GLU EA 457 -105.62 -3.71 63.43
C GLU EA 457 -105.31 -2.23 63.33
N LEU EA 458 -105.61 -1.48 64.38
CA LEU EA 458 -105.37 -0.05 64.39
C LEU EA 458 -104.17 0.29 65.25
N ASP EA 459 -103.65 1.50 65.03
CA ASP EA 459 -102.66 2.12 65.91
C ASP EA 459 -103.32 3.17 66.80
N THR EA 460 -104.62 3.04 67.03
CA THR EA 460 -105.32 4.02 67.86
C THR EA 460 -104.79 3.98 69.29
N ARG EA 461 -104.69 5.17 69.88
CA ARG EA 461 -104.22 5.33 71.24
C ARG EA 461 -105.07 6.37 71.93
N PHE EA 462 -105.11 6.32 73.24
CA PHE EA 462 -105.89 7.28 74.00
C PHE EA 462 -105.08 8.55 74.20
N THR EA 463 -105.76 9.63 74.53
CA THR EA 463 -105.11 10.85 74.97
C THR EA 463 -105.29 10.95 76.47
N ASN EA 464 -104.21 11.24 77.18
CA ASN EA 464 -104.26 11.28 78.64
C ASN EA 464 -104.63 12.70 79.10
N THR EA 465 -105.85 13.10 78.75
CA THR EA 465 -106.39 14.32 79.32
C THR EA 465 -106.98 14.07 80.70
N ASN EA 466 -107.36 12.83 80.99
CA ASN EA 466 -107.74 12.44 82.34
C ASN EA 466 -106.63 11.74 83.11
N ARG EA 467 -105.44 11.61 82.52
CA ARG EA 467 -104.29 11.00 83.19
C ARG EA 467 -104.65 9.63 83.77
N ARG EA 468 -105.32 8.81 82.96
CA ARG EA 468 -105.64 7.45 83.37
C ARG EA 468 -104.40 6.58 83.48
N GLN EA 469 -103.43 6.73 82.57
CA GLN EA 469 -102.24 5.90 82.54
C GLN EA 469 -101.13 6.60 83.32
N ARG EA 470 -100.49 5.86 84.23
CA ARG EA 470 -99.42 6.44 85.02
C ARG EA 470 -98.07 6.32 84.33
N GLY EA 471 -97.84 5.21 83.63
CA GLY EA 471 -96.56 4.98 83.01
C GLY EA 471 -95.54 4.50 84.02
N HIS EA 472 -94.28 4.62 83.64
CA HIS EA 472 -93.19 4.19 84.51
C HIS EA 472 -93.00 5.19 85.64
N LEU EA 473 -92.43 4.70 86.74
CA LEU EA 473 -92.17 5.51 87.91
C LEU EA 473 -90.67 5.78 88.03
N LEU EA 474 -90.32 6.99 88.46
CA LEU EA 474 -88.94 7.37 88.68
C LEU EA 474 -88.73 7.59 90.17
N GLN EA 475 -88.20 6.58 90.86
CA GLN EA 475 -87.93 6.70 92.28
C GLN EA 475 -86.42 6.71 92.52
N THR EA 476 -86.02 7.52 93.49
CA THR EA 476 -84.62 7.64 93.85
C THR EA 476 -84.21 6.51 94.78
N ARG EA 477 -82.99 5.99 94.56
CA ARG EA 477 -82.44 4.95 95.42
C ARG EA 477 -81.00 5.30 95.74
N ALA EA 478 -80.44 4.60 96.72
CA ALA EA 478 -79.02 4.72 97.03
C ALA EA 478 -78.52 3.40 97.61
N LEU EA 479 -77.26 3.08 97.33
CA LEU EA 479 -76.62 1.89 97.84
C LEU EA 479 -75.40 2.28 98.66
N GLN EA 480 -75.02 1.45 99.62
CA GLN EA 480 -73.90 1.76 100.50
C GLN EA 480 -72.94 0.59 100.57
N PHE EA 481 -71.67 0.85 100.29
CA PHE EA 481 -70.59 -0.13 100.34
C PHE EA 481 -69.64 0.22 101.50
N ARG EA 482 -69.03 -0.80 102.07
CA ARG EA 482 -68.14 -0.61 103.20
C ARG EA 482 -66.81 -1.31 102.95
N HIS EA 483 -65.72 -0.61 103.27
CA HIS EA 483 -64.37 -1.15 103.07
C HIS EA 483 -63.50 -0.86 104.27
N PRO EA 484 -63.56 -1.72 105.29
CA PRO EA 484 -62.67 -1.56 106.44
C PRO EA 484 -61.26 -2.04 106.12
N ILE EA 485 -60.29 -1.42 106.77
CA ILE EA 485 -58.88 -1.63 106.46
C ILE EA 485 -58.30 -2.60 107.50
N PRO EA 486 -57.77 -3.75 107.09
CA PRO EA 486 -57.14 -4.66 108.04
C PRO EA 486 -55.70 -4.28 108.37
N MET EA 487 -55.25 -4.80 109.51
CA MET EA 487 -53.84 -4.82 109.86
C MET EA 487 -53.14 -6.00 109.17
N HIS EA 488 -51.83 -5.87 109.00
CA HIS EA 488 -51.02 -6.88 108.35
C HIS EA 488 -49.86 -7.27 109.26
N ALA EA 489 -49.34 -8.47 109.03
CA ALA EA 489 -48.26 -8.99 109.85
C ALA EA 489 -47.04 -8.08 109.75
N PRO EA 490 -46.34 -7.85 110.85
CA PRO EA 490 -45.17 -6.97 110.84
C PRO EA 490 -43.91 -7.66 110.35
N VAL EA 491 -42.88 -6.85 110.14
CA VAL EA 491 -41.51 -7.33 109.97
C VAL EA 491 -40.66 -6.72 111.08
N THR EA 492 -39.83 -7.55 111.70
CA THR EA 492 -39.14 -7.18 112.93
C THR EA 492 -37.64 -7.17 112.70
N LEU EA 493 -36.96 -6.19 113.27
CA LEU EA 493 -35.50 -6.11 113.26
C LEU EA 493 -35.00 -6.30 114.67
N PRO EA 494 -34.61 -7.52 115.05
CA PRO EA 494 -34.06 -7.72 116.39
C PRO EA 494 -32.65 -7.17 116.52
N MET EA 495 -32.34 -6.68 117.71
CA MET EA 495 -31.02 -6.16 118.03
C MET EA 495 -30.62 -6.67 119.41
N ASP EA 496 -29.44 -6.26 119.85
CA ASP EA 496 -28.92 -6.59 121.18
C ASP EA 496 -29.16 -5.40 122.09
N THR EA 497 -29.61 -5.67 123.32
CA THR EA 497 -29.83 -4.58 124.25
C THR EA 497 -28.53 -3.96 124.74
N MET EA 498 -27.43 -4.73 124.69
CA MET EA 498 -26.16 -4.20 125.19
C MET EA 498 -25.60 -3.15 124.23
N THR EA 499 -25.90 -3.27 122.95
CA THR EA 499 -25.33 -2.39 121.93
C THR EA 499 -25.88 -0.98 122.07
N ASP EA 500 -24.99 0.00 122.06
CA ASP EA 500 -25.40 1.39 122.18
C ASP EA 500 -25.79 2.00 120.83
N GLU EA 501 -25.18 1.56 119.74
CA GLU EA 501 -25.44 2.14 118.43
C GLU EA 501 -26.70 1.52 117.84
N GLY EA 502 -27.63 2.37 117.41
CA GLY EA 502 -28.86 1.90 116.84
C GLY EA 502 -28.68 1.55 115.38
N PRO EA 503 -29.63 0.78 114.82
CA PRO EA 503 -29.55 0.42 113.41
C PRO EA 503 -29.97 1.58 112.52
N GLY EA 504 -29.09 2.57 112.41
CA GLY EA 504 -29.48 3.83 111.79
C GLY EA 504 -29.99 3.64 110.37
N GLU EA 505 -29.24 2.91 109.55
CA GLU EA 505 -29.58 2.70 108.16
C GLU EA 505 -30.30 1.39 107.90
N VAL EA 506 -30.09 0.38 108.73
CA VAL EA 506 -30.68 -0.93 108.53
C VAL EA 506 -32.18 -0.84 108.83
N VAL EA 507 -32.55 -0.04 109.84
CA VAL EA 507 -33.94 0.02 110.26
C VAL EA 507 -34.83 0.48 109.11
N LYS EA 508 -34.29 1.30 108.20
CA LYS EA 508 -35.08 1.73 107.05
C LYS EA 508 -35.50 0.56 106.17
N ALA EA 509 -34.79 -0.57 106.25
CA ALA EA 509 -35.19 -1.73 105.47
C ALA EA 509 -36.56 -2.25 105.89
N LEU EA 510 -36.96 -2.01 107.13
CA LEU EA 510 -38.25 -2.49 107.59
C LEU EA 510 -39.39 -1.85 106.81
N THR EA 511 -39.28 -0.56 106.53
CA THR EA 511 -40.30 0.10 105.73
C THR EA 511 -40.24 -0.33 104.28
N VAL EA 512 -39.02 -0.50 103.75
CA VAL EA 512 -38.88 -0.95 102.36
C VAL EA 512 -39.50 -2.34 102.20
N ASN EA 513 -39.25 -3.23 103.16
CA ASN EA 513 -39.90 -4.53 103.16
C ASN EA 513 -41.41 -4.39 103.06
N THR EA 514 -41.99 -3.52 103.88
CA THR EA 514 -43.42 -3.26 103.80
C THR EA 514 -43.81 -2.71 102.45
N ASN EA 515 -43.05 -1.76 101.92
CA ASN EA 515 -43.39 -1.14 100.65
C ASN EA 515 -43.41 -2.16 99.52
N ILE EA 516 -42.46 -3.11 99.53
CA ILE EA 516 -42.46 -4.16 98.51
C ILE EA 516 -43.72 -5.01 98.65
N ARG EA 517 -44.07 -5.36 99.89
CA ARG EA 517 -45.28 -6.12 100.11
C ARG EA 517 -46.51 -5.38 99.62
N ASN EA 518 -46.53 -4.05 99.75
CA ASN EA 518 -47.66 -3.28 99.24
C ASN EA 518 -47.85 -3.50 97.75
N SER EA 519 -46.75 -3.46 96.99
CA SER EA 519 -46.84 -3.68 95.55
C SER EA 519 -47.31 -5.10 95.23
N ASN EA 520 -46.82 -6.08 96.01
CA ASN EA 520 -47.23 -7.46 95.79
C ASN EA 520 -48.72 -7.64 96.07
N ASN EA 521 -49.22 -6.98 97.10
CA ASN EA 521 -50.65 -7.07 97.40
C ASN EA 521 -51.47 -6.48 96.28
N ALA EA 522 -50.99 -5.40 95.66
CA ALA EA 522 -51.71 -4.84 94.52
C ALA EA 522 -51.81 -5.87 93.39
N VAL EA 523 -50.73 -6.62 93.15
CA VAL EA 523 -50.77 -7.60 92.07
C VAL EA 523 -51.68 -8.77 92.43
N LYS EA 524 -51.57 -9.29 93.66
CA LYS EA 524 -52.42 -10.40 94.06
C LYS EA 524 -53.87 -9.99 94.08
N ARG EA 525 -54.17 -8.77 94.54
CA ARG EA 525 -55.53 -8.27 94.53
C ARG EA 525 -56.04 -8.13 93.11
N MET EA 526 -55.21 -7.60 92.20
CA MET EA 526 -55.64 -7.53 90.82
C MET EA 526 -55.96 -8.90 90.26
N LEU EA 527 -55.06 -9.87 90.45
CA LEU EA 527 -55.27 -11.18 89.84
C LEU EA 527 -56.48 -11.89 90.46
N ASN EA 528 -56.65 -11.76 91.77
CA ASN EA 528 -57.78 -12.41 92.43
C ASN EA 528 -59.09 -11.77 92.00
N TYR EA 529 -59.09 -10.45 91.87
CA TYR EA 529 -60.29 -9.77 91.38
C TYR EA 529 -60.64 -10.21 89.96
N LEU EA 530 -59.64 -10.33 89.09
CA LEU EA 530 -59.92 -10.76 87.72
C LEU EA 530 -60.54 -12.15 87.71
N ALA EA 531 -60.03 -13.07 88.53
CA ALA EA 531 -60.63 -14.40 88.56
C ALA EA 531 -62.08 -14.36 89.00
N GLN EA 532 -62.38 -13.54 90.00
CA GLN EA 532 -63.75 -13.42 90.49
C GLN EA 532 -64.65 -12.75 89.46
N LEU EA 533 -64.11 -11.76 88.74
CA LEU EA 533 -64.84 -11.13 87.64
C LEU EA 533 -65.10 -12.10 86.51
N ARG EA 534 -64.12 -12.95 86.19
CA ARG EA 534 -64.34 -13.99 85.18
C ARG EA 534 -65.55 -14.83 85.53
N GLU EA 535 -65.65 -15.23 86.79
CA GLU EA 535 -66.77 -16.08 87.17
C GLU EA 535 -68.09 -15.34 87.08
N VAL EA 536 -68.13 -14.08 87.51
CA VAL EA 536 -69.38 -13.33 87.46
C VAL EA 536 -69.81 -13.09 86.02
N VAL EA 537 -68.88 -12.72 85.15
CA VAL EA 537 -69.23 -12.48 83.75
C VAL EA 537 -69.45 -13.80 83.01
N HIS EA 538 -68.75 -14.86 83.42
CA HIS EA 538 -69.01 -16.17 82.83
C HIS EA 538 -70.45 -16.59 83.06
N ASN EA 539 -70.96 -16.40 84.27
CA ASN EA 539 -72.33 -16.74 84.56
C ASN EA 539 -73.25 -15.63 84.08
N GLY EA 540 -74.55 -15.83 84.21
CA GLY EA 540 -75.49 -14.89 83.65
C GLY EA 540 -75.66 -13.64 84.50
N TYR EA 541 -74.60 -12.85 84.62
CA TYR EA 541 -74.69 -11.59 85.34
C TYR EA 541 -74.16 -10.44 84.51
N ASN EA 542 -74.79 -10.19 83.37
CA ASN EA 542 -74.37 -9.16 82.43
C ASN EA 542 -75.16 -7.87 82.59
N ARG EA 543 -75.75 -7.63 83.76
CA ARG EA 543 -76.47 -6.41 84.06
C ARG EA 543 -76.07 -5.89 85.43
N PRO EA 544 -76.20 -4.59 85.66
CA PRO EA 544 -75.86 -4.04 86.98
C PRO EA 544 -76.68 -4.70 88.08
N LYS EA 545 -76.04 -4.92 89.22
CA LYS EA 545 -76.69 -5.52 90.38
C LYS EA 545 -75.84 -5.18 91.59
N PHE EA 546 -76.50 -5.04 92.74
CA PHE EA 546 -75.79 -4.82 93.99
C PHE EA 546 -75.44 -6.15 94.64
N GLY EA 547 -74.19 -6.30 95.04
CA GLY EA 547 -73.77 -7.47 95.79
C GLY EA 547 -73.26 -8.63 94.98
N ILE EA 548 -73.17 -8.51 93.66
CA ILE EA 548 -72.72 -9.63 92.85
C ILE EA 548 -71.19 -9.70 92.86
N ILE EA 549 -70.53 -8.55 92.88
CA ILE EA 549 -69.07 -8.48 92.77
C ILE EA 549 -68.61 -7.28 93.59
N GLU EA 550 -67.37 -7.33 94.03
CA GLU EA 550 -66.76 -6.15 94.65
C GLU EA 550 -66.69 -5.01 93.64
N GLY EA 551 -66.98 -3.80 94.11
CA GLY EA 551 -66.83 -2.67 93.21
C GLY EA 551 -68.13 -1.88 93.14
N ALA EA 552 -68.07 -0.63 93.60
CA ALA EA 552 -69.27 0.18 93.67
C ALA EA 552 -69.96 0.32 92.33
N LEU EA 553 -69.20 0.42 91.24
CA LEU EA 553 -69.83 0.68 89.96
C LEU EA 553 -70.48 -0.57 89.36
N SER EA 554 -70.40 -1.71 90.05
CA SER EA 554 -71.10 -2.89 89.59
C SER EA 554 -72.61 -2.68 89.58
N ALA EA 555 -73.10 -1.65 90.26
CA ALA EA 555 -74.49 -1.25 90.19
C ALA EA 555 -74.74 -0.12 89.21
N VAL EA 556 -73.71 0.30 88.46
CA VAL EA 556 -73.87 1.39 87.51
C VAL EA 556 -73.67 0.87 86.09
N MET EA 557 -72.69 0.00 85.91
CA MET EA 557 -72.32 -0.48 84.58
C MET EA 557 -72.44 -2.00 84.54
N ARG EA 558 -72.59 -2.52 83.33
CA ARG EA 558 -72.57 -3.96 83.13
C ARG EA 558 -71.17 -4.50 83.40
N PRO EA 559 -71.01 -5.49 84.25
CA PRO EA 559 -69.69 -6.12 84.41
C PRO EA 559 -69.26 -6.81 83.12
N THR EA 560 -68.01 -6.59 82.73
CA THR EA 560 -67.53 -7.10 81.46
C THR EA 560 -66.13 -7.64 81.58
N TYR EA 561 -65.93 -8.84 81.04
CA TYR EA 561 -64.63 -9.50 81.06
C TYR EA 561 -64.52 -10.35 79.81
N ARG EA 562 -63.48 -10.12 79.02
CA ARG EA 562 -63.18 -10.94 77.85
C ARG EA 562 -61.79 -11.51 78.02
N TYR EA 563 -61.65 -12.81 77.78
CA TYR EA 563 -60.38 -13.52 77.91
C TYR EA 563 -60.00 -14.09 76.56
N LYS EA 564 -58.81 -13.73 76.07
CA LYS EA 564 -58.31 -14.26 74.81
C LYS EA 564 -56.89 -14.76 74.99
N GLU EA 565 -56.61 -15.93 74.41
CA GLU EA 565 -55.28 -16.51 74.42
C GLU EA 565 -54.62 -16.25 73.07
N LEU EA 566 -53.55 -15.46 73.06
CA LEU EA 566 -52.86 -15.09 71.83
C LEU EA 566 -51.71 -16.06 71.60
N ASP EA 567 -51.96 -17.10 70.81
CA ASP EA 567 -50.94 -18.03 70.39
C ASP EA 567 -50.40 -17.45 69.09
N LEU EA 568 -49.36 -16.63 69.18
CA LEU EA 568 -49.02 -15.71 68.09
C LEU EA 568 -48.81 -16.40 66.76
N GLU EA 569 -48.32 -17.64 66.74
CA GLU EA 569 -48.17 -18.34 65.47
C GLU EA 569 -49.49 -18.39 64.71
N LYS EA 570 -50.61 -18.47 65.43
CA LYS EA 570 -51.92 -18.55 64.80
C LYS EA 570 -52.60 -17.18 64.68
N VAL EA 571 -51.90 -16.10 65.00
CA VAL EA 571 -52.47 -14.75 64.95
C VAL EA 571 -51.72 -13.87 63.95
N ILE EA 572 -50.39 -13.94 63.95
CA ILE EA 572 -49.57 -13.03 63.16
C ILE EA 572 -49.68 -13.37 61.67
N ASP EA 573 -49.69 -12.33 60.83
CA ASP EA 573 -49.46 -12.49 59.40
C ASP EA 573 -48.25 -11.67 59.00
N THR EA 574 -47.19 -12.35 58.56
CA THR EA 574 -45.91 -11.73 58.28
C THR EA 574 -45.31 -12.37 57.05
N ILE EA 575 -44.60 -11.58 56.25
CA ILE EA 575 -44.05 -12.11 55.01
C ILE EA 575 -42.58 -11.71 54.91
N LYS EA 576 -42.21 -10.58 55.49
CA LYS EA 576 -40.83 -10.13 55.46
C LYS EA 576 -40.22 -10.16 56.86
N SER EA 577 -38.93 -10.50 56.91
CA SER EA 577 -38.21 -10.54 58.17
C SER EA 577 -37.96 -9.16 58.75
N LYS EA 578 -37.65 -8.17 57.91
CA LYS EA 578 -37.40 -6.85 58.44
C LYS EA 578 -38.65 -6.21 59.03
N ASP EA 579 -39.83 -6.71 58.67
CA ASP EA 579 -41.10 -6.21 59.18
C ASP EA 579 -41.60 -7.04 60.37
N ARG EA 580 -40.84 -8.05 60.79
CA ARG EA 580 -41.32 -8.98 61.80
C ARG EA 580 -41.62 -8.27 63.12
N TRP EA 581 -40.82 -7.27 63.48
CA TRP EA 581 -41.09 -6.51 64.70
C TRP EA 581 -42.43 -5.77 64.61
N ASP EA 582 -42.65 -5.08 63.50
CA ASP EA 582 -43.91 -4.35 63.36
C ASP EA 582 -45.08 -5.32 63.24
N ASP EA 583 -44.85 -6.46 62.60
CA ASP EA 583 -45.94 -7.42 62.42
C ASP EA 583 -46.38 -8.04 63.73
N VAL EA 584 -45.43 -8.38 64.61
CA VAL EA 584 -45.84 -8.96 65.89
C VAL EA 584 -46.40 -7.88 66.81
N CYS EA 585 -45.84 -6.67 66.77
CA CYS EA 585 -46.41 -5.59 67.59
C CYS EA 585 -47.83 -5.26 67.12
N ALA EA 586 -48.04 -5.21 65.81
CA ALA EA 586 -49.38 -4.99 65.30
C ALA EA 586 -50.31 -6.14 65.64
N ALA EA 587 -49.82 -7.37 65.60
CA ALA EA 587 -50.70 -8.50 65.92
C ALA EA 587 -51.26 -8.38 67.33
N ILE EA 588 -50.41 -7.96 68.27
CA ILE EA 588 -50.86 -7.83 69.65
C ILE EA 588 -51.83 -6.66 69.78
N LEU EA 589 -51.47 -5.50 69.22
CA LEU EA 589 -52.36 -4.35 69.32
C LEU EA 589 -53.67 -4.58 68.58
N ASN EA 590 -53.64 -5.30 67.47
CA ASN EA 590 -54.86 -5.57 66.73
C ASN EA 590 -55.81 -6.44 67.53
N CYS EA 591 -55.26 -7.43 68.24
CA CYS EA 591 -56.12 -8.24 69.09
C CYS EA 591 -56.73 -7.42 70.21
N VAL EA 592 -55.94 -6.54 70.82
CA VAL EA 592 -56.46 -5.72 71.91
C VAL EA 592 -57.55 -4.79 71.39
N LYS EA 593 -57.29 -4.14 70.24
CA LYS EA 593 -58.29 -3.24 69.66
C LYS EA 593 -59.56 -3.99 69.28
N ALA EA 594 -59.40 -5.15 68.64
CA ALA EA 594 -60.55 -5.90 68.18
C ALA EA 594 -61.42 -6.38 69.35
N GLU EA 595 -60.81 -6.83 70.44
CA GLU EA 595 -61.59 -7.26 71.59
C GLU EA 595 -62.06 -6.10 72.44
N LEU EA 596 -61.30 -5.01 72.53
CA LEU EA 596 -61.66 -3.86 73.33
C LEU EA 596 -62.82 -3.06 72.78
N PHE EA 597 -62.84 -2.73 71.49
CA PHE EA 597 -63.93 -1.92 70.97
C PHE EA 597 -65.31 -2.51 71.28
N PRO EA 598 -65.58 -3.78 71.03
CA PRO EA 598 -66.91 -4.32 71.38
C PRO EA 598 -67.15 -4.40 72.87
N ALA EA 599 -66.10 -4.52 73.69
CA ALA EA 599 -66.30 -4.44 75.13
C ALA EA 599 -66.61 -3.03 75.59
N HIS EA 600 -65.97 -2.03 74.98
CA HIS EA 600 -66.33 -0.65 75.23
C HIS EA 600 -67.75 -0.35 74.78
N ARG EA 601 -68.18 -0.96 73.68
CA ARG EA 601 -69.57 -0.78 73.22
C ARG EA 601 -70.55 -1.60 74.05
N ASP EA 602 -70.26 -2.89 74.26
CA ASP EA 602 -71.20 -3.76 74.97
C ASP EA 602 -71.45 -3.27 76.38
N SER EA 603 -70.40 -2.82 77.06
CA SER EA 603 -70.59 -2.22 78.37
C SER EA 603 -71.01 -0.76 78.21
N ASN EA 604 -71.52 -0.20 79.29
CA ASN EA 604 -71.86 1.22 79.34
C ASN EA 604 -70.86 2.04 80.15
N ILE EA 605 -69.57 1.67 80.12
CA ILE EA 605 -68.62 2.40 80.96
C ILE EA 605 -68.53 3.85 80.48
N GLU EA 606 -68.67 4.09 79.18
CA GLU EA 606 -68.58 5.46 78.70
C GLU EA 606 -69.63 6.34 79.36
N ALA EA 607 -70.87 5.86 79.41
CA ALA EA 607 -71.92 6.59 80.12
C ALA EA 607 -71.64 6.64 81.62
N ALA EA 608 -71.13 5.55 82.19
CA ALA EA 608 -70.93 5.52 83.64
C ALA EA 608 -70.00 6.63 84.09
N PHE EA 609 -68.88 6.83 83.38
CA PHE EA 609 -67.96 7.88 83.77
C PHE EA 609 -68.58 9.26 83.60
N ARG EA 610 -69.35 9.44 82.53
CA ARG EA 610 -69.96 10.74 82.28
C ARG EA 610 -71.04 11.05 83.31
N VAL EA 611 -71.82 10.04 83.71
CA VAL EA 611 -72.86 10.26 84.72
C VAL EA 611 -72.27 10.44 86.11
N ILE EA 612 -71.13 9.84 86.40
CA ILE EA 612 -70.50 10.01 87.70
C ILE EA 612 -69.68 11.29 87.76
N SER EA 613 -68.86 11.54 86.75
CA SER EA 613 -68.02 12.73 86.76
C SER EA 613 -68.81 13.99 86.44
N GLY EA 614 -69.87 13.89 85.66
CA GLY EA 614 -70.63 15.05 85.24
C GLY EA 614 -70.11 15.77 84.02
N ASN EA 615 -69.04 15.29 83.40
CA ASN EA 615 -68.48 15.93 82.22
C ASN EA 615 -68.97 15.23 80.97
N GLN EA 616 -69.73 15.94 80.16
CA GLN EA 616 -70.32 15.32 78.97
C GLN EA 616 -69.24 14.91 77.97
N ASP EA 617 -68.02 15.40 78.14
CA ASP EA 617 -66.89 15.01 77.30
C ASP EA 617 -65.89 14.25 78.17
N GLU EA 618 -66.14 12.95 78.35
CA GLU EA 618 -65.32 12.11 79.20
C GLU EA 618 -65.34 10.69 78.67
N THR EA 619 -64.16 10.10 78.56
CA THR EA 619 -64.02 8.72 78.16
C THR EA 619 -62.98 8.12 79.10
N PRO EA 620 -63.04 6.82 79.37
CA PRO EA 620 -62.00 6.20 80.18
C PRO EA 620 -60.68 6.15 79.44
N MET EA 621 -59.59 6.15 80.17
CA MET EA 621 -58.29 5.82 79.61
C MET EA 621 -57.91 4.42 80.05
N TYR EA 622 -57.39 3.63 79.12
CA TYR EA 622 -57.07 2.24 79.38
C TYR EA 622 -55.59 2.07 79.67
N LEU EA 623 -55.30 1.23 80.65
CA LEU EA 623 -53.93 0.92 81.02
C LEU EA 623 -53.59 -0.48 80.53
N PHE EA 624 -52.47 -0.61 79.82
CA PHE EA 624 -51.97 -1.90 79.35
C PHE EA 624 -51.06 -2.44 80.44
N CYS EA 625 -51.61 -3.30 81.29
CA CYS EA 625 -50.88 -3.84 82.41
C CYS EA 625 -50.17 -5.12 81.99
N SER EA 626 -48.84 -5.07 81.88
CA SER EA 626 -48.08 -6.13 81.22
C SER EA 626 -46.83 -6.44 82.01
N ASP EA 627 -46.21 -7.58 81.71
CA ASP EA 627 -44.89 -7.84 82.24
C ASP EA 627 -43.84 -7.15 81.37
N LYS EA 628 -42.56 -7.37 81.72
CA LYS EA 628 -41.47 -6.66 81.05
C LYS EA 628 -41.32 -7.10 79.59
N GLU EA 629 -41.51 -8.40 79.33
CA GLU EA 629 -41.38 -8.95 77.98
C GLU EA 629 -42.39 -8.35 77.04
N ILE EA 630 -43.66 -8.39 77.42
CA ILE EA 630 -44.73 -7.86 76.60
C ILE EA 630 -44.62 -6.36 76.48
N ALA EA 631 -44.31 -5.69 77.58
CA ALA EA 631 -44.26 -4.24 77.59
C ALA EA 631 -43.32 -3.69 76.53
N ASN EA 632 -42.20 -4.37 76.28
CA ASN EA 632 -41.26 -3.90 75.26
C ASN EA 632 -41.87 -3.97 73.87
N TYR EA 633 -42.81 -4.88 73.64
CA TYR EA 633 -43.49 -4.94 72.35
C TYR EA 633 -44.58 -3.88 72.22
N LEU EA 634 -45.18 -3.48 73.34
CA LEU EA 634 -46.19 -2.44 73.30
C LEU EA 634 -45.57 -1.05 73.20
N MET EA 635 -44.43 -0.85 73.88
CA MET EA 635 -43.82 0.47 73.90
C MET EA 635 -43.06 0.80 72.62
N THR EA 636 -43.75 0.77 71.49
CA THR EA 636 -43.12 1.13 70.21
C THR EA 636 -43.72 2.39 69.62
N LYS EA 637 -44.93 2.76 70.04
CA LYS EA 637 -45.58 3.93 69.49
C LYS EA 637 -45.05 5.19 70.17
N GLY EA 638 -45.21 6.32 69.50
CA GLY EA 638 -44.86 7.61 70.08
C GLY EA 638 -45.89 8.10 71.07
N ASP EA 639 -46.10 9.42 71.11
CA ASP EA 639 -47.03 10.00 72.07
C ASP EA 639 -48.46 9.65 71.68
N ASP EA 640 -48.65 9.19 70.44
CA ASP EA 640 -49.97 8.86 69.90
C ASP EA 640 -50.43 7.49 70.40
N ARG EA 641 -50.74 7.44 71.69
CA ARG EA 641 -51.23 6.23 72.34
C ARG EA 641 -52.75 6.18 72.24
N THR EA 642 -53.22 6.02 71.00
CA THR EA 642 -54.64 6.16 70.68
C THR EA 642 -55.15 4.82 70.18
N LEU EA 643 -56.35 4.45 70.61
CA LEU EA 643 -57.06 3.31 70.05
C LEU EA 643 -58.28 3.83 69.29
N GLY EA 644 -58.27 3.64 67.98
CA GLY EA 644 -59.37 4.17 67.19
C GLY EA 644 -59.33 5.68 67.11
N ALA EA 645 -60.49 6.31 67.26
CA ALA EA 645 -60.63 7.74 67.03
C ALA EA 645 -60.31 8.57 68.28
N TYR EA 646 -60.80 8.14 69.44
CA TYR EA 646 -60.79 8.98 70.62
C TYR EA 646 -60.22 8.30 71.87
N LEU EA 647 -60.12 6.99 71.92
CA LEU EA 647 -59.65 6.31 73.11
C LEU EA 647 -58.15 6.45 73.26
N LYS EA 648 -57.69 6.66 74.49
CA LYS EA 648 -56.27 6.76 74.81
C LYS EA 648 -55.89 5.62 75.75
N TYR EA 649 -54.63 5.25 75.73
CA TYR EA 649 -54.11 4.24 76.64
C TYR EA 649 -52.73 4.63 77.15
N ASP EA 650 -52.31 3.97 78.22
CA ASP EA 650 -50.95 4.08 78.73
C ASP EA 650 -50.44 2.69 79.09
N ILE EA 651 -49.12 2.56 79.18
CA ILE EA 651 -48.47 1.26 79.38
C ILE EA 651 -47.76 1.28 80.73
N VAL EA 652 -48.10 0.31 81.57
CA VAL EA 652 -47.47 0.14 82.87
C VAL EA 652 -46.97 -1.30 82.99
N SER EA 653 -45.73 -1.46 83.43
CA SER EA 653 -45.09 -2.77 83.47
C SER EA 653 -44.73 -3.16 84.89
N THR EA 654 -44.72 -4.47 85.13
CA THR EA 654 -44.20 -5.01 86.39
C THR EA 654 -43.39 -6.26 86.09
N ASN EA 655 -42.50 -6.60 87.03
CA ASN EA 655 -41.75 -7.84 86.99
C ASN EA 655 -42.16 -8.77 88.12
N ASN EA 656 -43.37 -8.64 88.63
CA ASN EA 656 -43.87 -9.52 89.67
C ASN EA 656 -43.94 -10.96 89.16
N GLN EA 657 -43.51 -11.91 89.99
CA GLN EA 657 -43.48 -13.31 89.58
C GLN EA 657 -44.86 -13.79 89.18
N LEU EA 658 -45.91 -13.24 89.77
CA LEU EA 658 -47.26 -13.75 89.54
C LEU EA 658 -47.90 -13.17 88.29
N PHE EA 659 -47.25 -12.21 87.64
CA PHE EA 659 -47.87 -11.46 86.55
C PHE EA 659 -47.09 -11.63 85.26
N ASP EA 660 -46.44 -12.76 85.06
CA ASP EA 660 -45.64 -12.99 83.87
C ASP EA 660 -46.52 -13.59 82.78
N GLY EA 661 -46.32 -13.12 81.55
CA GLY EA 661 -47.04 -13.64 80.40
C GLY EA 661 -48.49 -13.20 80.37
N LYS EA 662 -48.77 -12.02 80.92
CA LYS EA 662 -50.13 -11.51 80.99
C LYS EA 662 -50.17 -10.09 80.45
N LEU EA 663 -51.22 -9.78 79.72
CA LEU EA 663 -51.58 -8.40 79.40
C LEU EA 663 -53.03 -8.20 79.79
N VAL EA 664 -53.27 -7.34 80.78
CA VAL EA 664 -54.61 -7.04 81.25
C VAL EA 664 -54.85 -5.55 81.02
N VAL EA 665 -55.89 -5.23 80.27
CA VAL EA 665 -56.25 -3.86 79.94
C VAL EA 665 -57.41 -3.44 80.82
N ILE EA 666 -57.23 -2.35 81.56
CA ILE EA 666 -58.24 -1.87 82.51
C ILE EA 666 -58.49 -0.40 82.26
N PRO EA 667 -59.71 0.10 82.46
CA PRO EA 667 -59.96 1.53 82.34
C PRO EA 667 -59.57 2.28 83.60
N THR EA 668 -59.33 3.57 83.44
CA THR EA 668 -59.21 4.48 84.56
C THR EA 668 -59.57 5.86 84.07
N ARG EA 669 -59.95 6.73 85.01
CA ARG EA 669 -60.15 8.13 84.69
C ARG EA 669 -58.85 8.76 84.21
N ALA EA 670 -58.92 9.51 83.12
CA ALA EA 670 -57.71 10.05 82.52
C ALA EA 670 -56.95 10.94 83.50
N VAL EA 671 -57.67 11.82 84.20
CA VAL EA 671 -57.10 12.67 85.23
C VAL EA 671 -57.57 12.14 86.57
N GLN EA 672 -56.66 11.50 87.31
CA GLN EA 672 -56.98 10.89 88.59
C GLN EA 672 -56.98 11.90 89.72
N GLN EA 673 -57.86 11.69 90.69
CA GLN EA 673 -58.01 12.57 91.84
C GLN EA 673 -57.96 11.76 93.13
N GLU EA 674 -57.94 12.48 94.25
CA GLU EA 674 -57.92 11.84 95.57
C GLU EA 674 -59.25 11.15 95.84
N ASN EA 675 -59.20 9.89 96.24
CA ASN EA 675 -60.38 9.09 96.58
C ASN EA 675 -61.41 9.12 95.44
N ASP EA 676 -60.94 8.89 94.23
CA ASP EA 676 -61.82 8.96 93.06
C ASP EA 676 -62.40 7.58 92.76
N ILE EA 677 -63.72 7.48 92.79
CA ILE EA 677 -64.38 6.20 92.57
C ILE EA 677 -64.13 5.70 91.17
N LEU EA 678 -63.78 6.59 90.24
CA LEU EA 678 -63.60 6.17 88.85
C LEU EA 678 -62.23 5.56 88.59
N SER EA 679 -61.36 5.48 89.59
CA SER EA 679 -60.12 4.74 89.43
C SER EA 679 -60.41 3.24 89.49
N TRP EA 680 -59.70 2.48 88.64
CA TRP EA 680 -59.98 1.04 88.59
C TRP EA 680 -59.96 0.42 89.96
N GLY EA 681 -58.93 0.71 90.76
CA GLY EA 681 -58.96 0.41 92.16
C GLY EA 681 -58.35 1.55 92.95
N GLN EA 682 -58.26 1.34 94.24
CA GLN EA 682 -57.69 2.34 95.14
C GLN EA 682 -56.79 1.61 96.12
N PHE EA 683 -55.77 2.33 96.59
CA PHE EA 683 -54.91 1.86 97.67
C PHE EA 683 -55.16 2.76 98.87
N PHE EA 684 -55.90 2.26 99.85
CA PHE EA 684 -56.16 3.04 101.05
C PHE EA 684 -54.99 2.85 102.01
N TYR EA 685 -54.21 3.90 102.24
CA TYR EA 685 -52.98 3.79 103.01
C TYR EA 685 -53.13 4.59 104.29
N VAL EA 686 -53.02 3.93 105.41
CA VAL EA 686 -52.82 4.62 106.68
C VAL EA 686 -51.35 4.53 107.06
N SER EA 687 -50.79 5.67 107.46
CA SER EA 687 -49.37 5.71 107.80
C SER EA 687 -49.00 4.57 108.73
N THR EA 688 -47.91 3.88 108.38
CA THR EA 688 -47.46 2.72 109.14
C THR EA 688 -46.77 3.17 110.43
N VAL EA 689 -46.58 2.24 111.36
CA VAL EA 689 -46.05 2.58 112.67
C VAL EA 689 -44.83 1.72 112.93
N ILE EA 690 -43.83 2.30 113.59
CA ILE EA 690 -42.62 1.59 114.00
C ILE EA 690 -42.68 1.48 115.51
N ALA EA 691 -42.54 0.26 116.03
CA ALA EA 691 -42.52 0.03 117.46
C ALA EA 691 -41.14 -0.45 117.89
N ASP EA 692 -40.66 0.06 119.02
CA ASP EA 692 -39.35 -0.30 119.56
C ASP EA 692 -39.41 -0.42 121.07
N LEU EA 693 -39.21 -1.64 121.57
CA LEU EA 693 -39.32 -1.95 122.99
C LEU EA 693 -38.50 -3.21 123.26
N PRO EA 694 -37.68 -3.22 124.31
CA PRO EA 694 -36.90 -4.42 124.60
C PRO EA 694 -37.72 -5.53 125.23
N ILE EA 695 -38.48 -6.24 124.40
CA ILE EA 695 -39.37 -7.27 124.93
C ILE EA 695 -38.55 -8.44 125.45
N THR EA 696 -38.97 -8.98 126.58
CA THR EA 696 -38.33 -10.11 127.23
C THR EA 696 -38.91 -11.41 126.67
N ARG EA 697 -38.92 -11.53 125.34
CA ARG EA 697 -39.64 -12.61 124.68
C ARG EA 697 -39.05 -13.95 125.07
N GLY EA 698 -39.93 -14.86 125.46
CA GLY EA 698 -39.57 -16.19 125.85
C GLY EA 698 -39.31 -16.34 127.34
N GLY EA 699 -39.17 -15.23 128.05
CA GLY EA 699 -38.92 -15.26 129.48
C GLY EA 699 -37.47 -15.38 129.87
N HIS EA 700 -36.55 -15.62 128.94
CA HIS EA 700 -35.16 -15.83 129.30
C HIS EA 700 -34.16 -15.01 128.49
N GLN EA 701 -34.56 -14.37 127.40
CA GLN EA 701 -33.65 -13.61 126.56
C GLN EA 701 -34.33 -12.31 126.15
N VAL EA 702 -33.75 -11.19 126.54
CA VAL EA 702 -34.32 -9.87 126.27
C VAL EA 702 -33.63 -9.31 125.06
N THR EA 703 -34.41 -8.80 124.11
CA THR EA 703 -33.90 -8.28 122.86
C THR EA 703 -34.71 -7.07 122.43
N ARG EA 704 -34.06 -6.08 121.83
CA ARG EA 704 -34.78 -4.98 121.21
C ARG EA 704 -35.45 -5.45 119.93
N GLU EA 705 -36.74 -5.19 119.80
CA GLU EA 705 -37.51 -5.59 118.61
C GLU EA 705 -38.11 -4.36 117.94
N ILE EA 706 -37.53 -3.94 116.83
CA ILE EA 706 -38.07 -2.83 116.06
C ILE EA 706 -38.94 -3.41 114.96
N ALA EA 707 -40.24 -3.14 115.01
CA ALA EA 707 -41.20 -3.78 114.11
C ALA EA 707 -41.99 -2.72 113.35
N ALA EA 708 -42.22 -2.99 112.08
CA ALA EA 708 -43.05 -2.14 111.22
C ALA EA 708 -44.39 -2.83 110.99
N ILE EA 709 -45.47 -2.15 111.30
CA ILE EA 709 -46.82 -2.73 111.21
C ILE EA 709 -47.58 -2.02 110.11
N PRO EA 710 -47.83 -2.69 109.00
CA PRO EA 710 -48.62 -2.08 107.91
C PRO EA 710 -50.09 -1.97 108.29
N PHE EA 711 -50.79 -1.05 107.63
CA PHE EA 711 -52.22 -0.88 107.84
C PHE EA 711 -52.80 -0.19 106.60
N ASN EA 712 -53.19 -1.00 105.62
CA ASN EA 712 -53.66 -0.48 104.34
C ASN EA 712 -54.53 -1.52 103.65
N LEU EA 713 -55.20 -1.09 102.59
CA LEU EA 713 -56.16 -1.94 101.88
C LEU EA 713 -56.20 -1.56 100.41
N HIS EA 714 -56.21 -2.58 99.55
CA HIS EA 714 -56.44 -2.42 98.12
C HIS EA 714 -57.89 -2.79 97.82
N VAL EA 715 -58.59 -1.94 97.06
CA VAL EA 715 -59.96 -2.21 96.68
C VAL EA 715 -60.12 -2.02 95.19
N ASN EA 716 -61.16 -2.61 94.63
CA ASN EA 716 -61.52 -2.39 93.24
C ASN EA 716 -62.84 -1.63 93.17
N ASN EA 717 -62.97 -0.80 92.14
CA ASN EA 717 -64.21 -0.07 91.92
C ASN EA 717 -64.90 -0.49 90.62
N ILE EA 718 -64.15 -0.85 89.59
CA ILE EA 718 -64.71 -1.06 88.27
C ILE EA 718 -64.64 -2.52 87.88
N PRO EA 719 -65.78 -3.16 87.63
CA PRO EA 719 -65.77 -4.58 87.23
C PRO EA 719 -65.46 -4.81 85.75
N PHE EA 720 -64.52 -4.08 85.17
CA PHE EA 720 -64.19 -4.24 83.76
C PHE EA 720 -62.71 -4.60 83.61
N ALA EA 721 -62.44 -5.62 82.79
CA ALA EA 721 -61.08 -6.04 82.50
C ALA EA 721 -61.07 -6.77 81.16
N LEU EA 722 -59.94 -6.67 80.45
CA LEU EA 722 -59.71 -7.48 79.26
C LEU EA 722 -58.41 -8.25 79.47
N GLU EA 723 -58.49 -9.56 79.60
CA GLU EA 723 -57.29 -10.33 79.88
C GLU EA 723 -56.79 -11.00 78.61
N PHE EA 724 -55.50 -10.80 78.32
CA PHE EA 724 -54.89 -11.35 77.11
C PHE EA 724 -53.70 -12.19 77.57
N LYS EA 725 -53.70 -13.46 77.22
CA LYS EA 725 -52.59 -14.35 77.54
C LYS EA 725 -51.72 -14.47 76.29
N ILE EA 726 -50.57 -13.79 76.29
CA ILE EA 726 -49.74 -13.67 75.11
C ILE EA 726 -48.56 -14.61 75.24
N THR EA 727 -48.44 -15.54 74.29
CA THR EA 727 -47.38 -16.53 74.29
C THR EA 727 -46.89 -16.75 72.87
N GLY EA 728 -45.70 -17.32 72.75
CA GLY EA 728 -45.17 -17.69 71.46
C GLY EA 728 -44.26 -16.69 70.81
N PHE EA 729 -43.69 -15.74 71.55
CA PHE EA 729 -42.80 -14.77 70.93
C PHE EA 729 -41.62 -15.45 70.25
N GLN EA 730 -41.05 -16.46 70.91
CA GLN EA 730 -39.81 -17.04 70.44
C GLN EA 730 -40.02 -17.90 69.20
N LYS EA 731 -41.10 -18.65 69.14
CA LYS EA 731 -41.38 -19.51 68.01
C LYS EA 731 -41.91 -18.74 66.81
N VAL EA 732 -42.35 -17.50 67.00
CA VAL EA 732 -42.76 -16.67 65.86
C VAL EA 732 -41.63 -15.78 65.37
N MET EA 733 -40.86 -15.17 66.27
CA MET EA 733 -39.77 -14.31 65.83
C MET EA 733 -38.49 -15.07 65.53
N GLY EA 734 -38.30 -16.25 66.13
CA GLY EA 734 -37.12 -17.04 65.86
C GLY EA 734 -37.24 -18.05 64.75
N GLU EA 735 -38.38 -18.10 64.07
CA GLU EA 735 -38.61 -19.13 63.07
C GLU EA 735 -39.18 -18.51 61.80
N THR EA 736 -39.01 -19.21 60.68
CA THR EA 736 -39.70 -18.85 59.45
C THR EA 736 -41.21 -18.99 59.62
N GLN EA 737 -41.93 -18.00 59.13
CA GLN EA 737 -43.38 -18.02 59.12
C GLN EA 737 -43.95 -18.11 57.72
N PHE EA 738 -43.26 -17.57 56.73
CA PHE EA 738 -43.77 -17.52 55.36
C PHE EA 738 -43.14 -18.58 54.46
N ASN EA 739 -41.83 -18.52 54.26
CA ASN EA 739 -41.19 -19.48 53.36
C ASN EA 739 -41.23 -20.89 53.92
N GLY EA 740 -41.19 -21.01 55.25
CA GLY EA 740 -41.30 -22.33 55.86
C GLY EA 740 -42.62 -23.02 55.55
N LYS EA 741 -43.72 -22.26 55.58
CA LYS EA 741 -45.01 -22.85 55.25
C LYS EA 741 -45.09 -23.24 53.77
N LEU EA 742 -44.48 -22.45 52.89
CA LEU EA 742 -44.39 -22.83 51.49
C LEU EA 742 -43.53 -24.07 51.28
N ALA EA 743 -42.47 -24.24 52.05
CA ALA EA 743 -41.63 -25.42 51.92
C ALA EA 743 -42.38 -26.72 52.22
N ASP EA 744 -43.42 -26.66 53.05
CA ASP EA 744 -44.20 -27.85 53.38
C ASP EA 744 -45.19 -28.23 52.29
N LEU EA 745 -45.29 -27.43 51.23
CA LEU EA 745 -46.16 -27.74 50.11
C LEU EA 745 -45.43 -28.51 49.01
N LYS EA 746 -44.12 -28.71 49.15
CA LYS EA 746 -43.38 -29.40 48.12
C LYS EA 746 -43.73 -30.88 48.10
N PRO EA 747 -44.10 -31.44 46.93
CA PRO EA 747 -44.48 -32.84 46.83
C PRO EA 747 -43.28 -33.77 46.63
N ASN FA 164 -61.56 -3.63 127.43
CA ASN FA 164 -61.24 -3.22 126.08
C ASN FA 164 -59.81 -2.70 126.01
N TYR FA 165 -58.82 -3.58 126.11
CA TYR FA 165 -57.45 -3.11 126.08
C TYR FA 165 -57.15 -2.47 124.72
N ASN FA 166 -57.58 -3.12 123.65
CA ASN FA 166 -57.30 -2.62 122.32
C ASN FA 166 -58.53 -1.90 121.75
N GLU FA 167 -58.28 -0.80 121.05
CA GLU FA 167 -59.34 -0.06 120.37
C GLU FA 167 -58.91 0.26 118.94
N LYS FA 168 -59.76 -0.10 117.98
CA LYS FA 168 -59.52 0.21 116.58
C LYS FA 168 -60.82 0.73 115.99
N SER FA 169 -60.70 1.59 114.99
CA SER FA 169 -61.83 2.31 114.46
C SER FA 169 -62.72 1.39 113.64
N GLN FA 170 -63.98 1.26 114.05
CA GLN FA 170 -64.98 0.52 113.30
C GLN FA 170 -66.28 1.29 113.12
N ARG FA 171 -66.55 2.26 113.97
CA ARG FA 171 -67.86 2.93 113.96
C ARG FA 171 -67.88 4.06 112.96
N ASP FA 172 -66.73 4.71 112.77
CA ASP FA 172 -66.70 5.93 111.97
C ASP FA 172 -65.74 5.75 110.83
N PHE FA 173 -66.17 5.98 109.59
CA PHE FA 173 -65.33 5.83 108.40
C PHE FA 173 -65.42 7.12 107.60
N ARG FA 174 -64.46 7.32 106.70
CA ARG FA 174 -64.60 8.39 105.72
C ARG FA 174 -65.68 8.00 104.72
N VAL FA 175 -66.59 8.93 104.45
CA VAL FA 175 -67.73 8.67 103.59
C VAL FA 175 -67.59 9.52 102.33
N VAL FA 176 -67.67 8.89 101.18
CA VAL FA 176 -67.57 9.58 99.89
C VAL FA 176 -68.88 9.34 99.14
N THR FA 177 -69.46 10.43 98.64
CA THR FA 177 -70.70 10.35 97.87
C THR FA 177 -70.34 10.34 96.39
N ILE FA 178 -70.80 9.30 95.69
CA ILE FA 178 -70.52 9.19 94.26
C ILE FA 178 -71.44 10.12 93.49
N GLY FA 179 -70.85 10.92 92.61
CA GLY FA 179 -71.61 11.87 91.84
C GLY FA 179 -72.60 11.16 90.95
N TYR FA 180 -73.74 11.78 90.69
CA TYR FA 180 -74.76 11.22 89.81
C TYR FA 180 -75.34 12.37 88.99
N ASN FA 181 -74.99 12.40 87.70
CA ASN FA 181 -75.34 13.52 86.84
C ASN FA 181 -75.97 12.99 85.57
N LEU FA 182 -77.28 13.20 85.42
CA LEU FA 182 -77.99 12.82 84.21
C LEU FA 182 -78.15 14.02 83.29
N ALA FA 183 -78.24 13.74 81.99
CA ALA FA 183 -78.49 14.78 81.00
C ALA FA 183 -78.99 14.09 79.73
N ALA FA 184 -79.98 14.69 79.07
CA ALA FA 184 -80.39 14.27 77.74
C ALA FA 184 -81.02 15.43 77.00
N SER FA 185 -80.59 15.65 75.76
CA SER FA 185 -81.20 16.65 74.89
C SER FA 185 -82.45 16.12 74.21
N ARG FA 186 -83.24 17.02 73.60
CA ARG FA 186 -84.42 16.59 72.86
C ARG FA 186 -84.11 15.39 71.97
N GLN FA 187 -83.01 15.44 71.23
CA GLN FA 187 -82.42 14.28 70.59
C GLN FA 187 -80.92 14.35 70.71
N ASP FA 188 -80.28 13.18 70.71
CA ASP FA 188 -78.83 13.11 70.69
C ASP FA 188 -78.34 13.41 69.28
N GLU FA 189 -77.01 13.46 69.13
CA GLU FA 189 -76.47 13.89 67.84
C GLU FA 189 -76.83 12.90 66.75
N PHE FA 190 -76.86 11.61 67.08
CA PHE FA 190 -77.20 10.59 66.09
C PHE FA 190 -78.61 10.80 65.58
N ALA FA 191 -79.60 10.89 66.48
CA ALA FA 191 -80.98 11.09 66.06
C ALA FA 191 -81.19 12.49 65.49
N GLU FA 192 -80.48 13.49 66.01
CA GLU FA 192 -80.71 14.86 65.57
C GLU FA 192 -80.22 15.07 64.14
N ARG FA 193 -79.08 14.48 63.80
CA ARG FA 193 -78.57 14.62 62.44
C ARG FA 193 -79.47 13.87 61.46
N ILE FA 194 -79.99 12.71 61.86
CA ILE FA 194 -80.84 11.94 60.96
C ILE FA 194 -82.24 12.53 60.90
N TYR FA 195 -82.80 12.90 62.05
CA TYR FA 195 -84.13 13.48 62.15
C TYR FA 195 -84.04 14.87 62.77
N PRO FA 196 -83.65 15.89 62.02
CA PRO FA 196 -83.50 17.22 62.64
C PRO FA 196 -84.80 17.66 63.27
N THR FA 197 -84.69 18.39 64.38
CA THR FA 197 -85.85 18.77 65.15
C THR FA 197 -86.51 19.99 64.51
N THR FA 198 -87.82 19.89 64.28
CA THR FA 198 -88.63 21.03 63.84
C THR FA 198 -89.72 21.25 64.88
N VAL FA 199 -89.87 22.48 65.32
CA VAL FA 199 -90.83 22.81 66.37
C VAL FA 199 -92.19 23.07 65.73
N ILE FA 200 -93.21 22.36 66.23
CA ILE FA 200 -94.57 22.46 65.74
C ILE FA 200 -95.44 23.02 66.88
N ASN FA 201 -96.29 23.98 66.55
CA ASN FA 201 -97.16 24.54 67.57
C ASN FA 201 -98.13 23.47 68.05
N PRO FA 202 -98.40 23.38 69.36
CA PRO FA 202 -99.34 22.36 69.83
C PRO FA 202 -100.74 22.55 69.30
N ILE FA 203 -101.07 23.76 68.85
CA ILE FA 203 -102.40 24.03 68.31
C ILE FA 203 -102.58 23.35 66.97
N GLU FA 204 -101.47 22.98 66.32
CA GLU FA 204 -101.54 22.38 64.99
C GLU FA 204 -101.48 20.86 65.06
N GLY FA 205 -100.51 20.33 65.80
CA GLY FA 205 -100.45 18.89 66.00
C GLY FA 205 -100.17 18.05 64.77
N GLY FA 206 -99.48 18.59 63.77
CA GLY FA 206 -99.17 17.81 62.58
C GLY FA 206 -98.74 18.67 61.41
N VAL FA 207 -98.28 18.05 60.33
CA VAL FA 207 -97.77 18.79 59.17
C VAL FA 207 -98.33 18.20 57.89
N VAL FA 208 -98.59 19.07 56.92
CA VAL FA 208 -99.08 18.70 55.60
C VAL FA 208 -98.01 19.08 54.58
N GLN FA 209 -97.65 18.15 53.72
CA GLN FA 209 -96.61 18.36 52.73
C GLN FA 209 -97.23 18.37 51.34
N VAL FA 210 -97.02 19.48 50.62
CA VAL FA 210 -97.60 19.68 49.29
C VAL FA 210 -96.48 19.59 48.27
N LEU FA 211 -96.61 18.66 47.33
CA LEU FA 211 -95.60 18.40 46.30
C LEU FA 211 -96.09 18.80 44.93
N PRO FA 212 -95.83 20.02 44.47
CA PRO FA 212 -96.20 20.39 43.10
C PRO FA 212 -95.22 19.79 42.11
N TYR FA 213 -95.67 19.54 40.88
CA TYR FA 213 -94.72 19.22 39.82
C TYR FA 213 -95.39 19.34 38.47
N ILE FA 214 -94.57 19.22 37.43
CA ILE FA 214 -95.01 19.24 36.04
C ILE FA 214 -94.99 17.81 35.54
N ALA FA 215 -96.11 17.35 34.97
CA ALA FA 215 -96.25 15.97 34.54
C ALA FA 215 -96.15 15.89 33.03
N VAL FA 216 -95.38 14.91 32.55
CA VAL FA 216 -95.28 14.64 31.12
C VAL FA 216 -96.19 13.46 30.78
N MET FA 217 -97.08 13.66 29.82
CA MET FA 217 -98.03 12.64 29.45
C MET FA 217 -98.14 12.55 27.93
N LYS FA 218 -98.42 11.35 27.44
CA LYS FA 218 -98.71 11.15 26.03
C LYS FA 218 -100.08 11.72 25.72
N ASP FA 219 -100.26 12.21 24.50
CA ASP FA 219 -101.56 12.70 24.06
C ASP FA 219 -102.44 11.53 23.66
N VAL FA 220 -103.37 11.14 24.51
CA VAL FA 220 -104.14 9.93 24.32
C VAL FA 220 -105.62 10.24 24.51
N TYR FA 221 -106.45 9.66 23.65
CA TYR FA 221 -107.89 9.80 23.79
C TYR FA 221 -108.43 8.81 24.81
N HIS FA 222 -109.54 9.17 25.44
CA HIS FA 222 -110.21 8.26 26.35
C HIS FA 222 -110.80 7.10 25.57
N GLU FA 223 -110.65 5.90 26.13
CA GLU FA 223 -111.21 4.70 25.52
C GLU FA 223 -112.67 4.56 25.91
N VAL FA 224 -113.43 3.90 25.04
CA VAL FA 224 -114.84 3.67 25.32
C VAL FA 224 -115.01 2.70 26.48
N SER FA 225 -114.27 1.59 26.46
CA SER FA 225 -114.44 0.55 27.47
C SER FA 225 -113.23 0.41 28.38
N GLY FA 226 -112.35 1.42 28.41
CA GLY FA 226 -111.14 1.29 29.19
C GLY FA 226 -111.44 1.23 30.68
N VAL FA 227 -110.68 0.41 31.39
CA VAL FA 227 -110.78 0.39 32.85
C VAL FA 227 -110.17 1.65 33.44
N LYS FA 228 -109.04 2.09 32.89
CA LYS FA 228 -108.39 3.29 33.35
C LYS FA 228 -107.78 4.01 32.15
N MET FA 229 -107.53 5.31 32.33
CA MET FA 229 -106.93 6.11 31.27
C MET FA 229 -105.55 5.57 30.93
N ASP FA 230 -105.37 5.12 29.69
CA ASP FA 230 -104.10 4.54 29.26
C ASP FA 230 -103.12 5.64 28.86
N ASN FA 231 -102.74 6.44 29.85
CA ASN FA 231 -101.93 7.63 29.66
C ASN FA 231 -100.69 7.50 30.54
N GLU FA 232 -99.54 7.36 29.93
CA GLU FA 232 -98.29 7.18 30.68
C GLU FA 232 -97.85 8.53 31.19
N GLU FA 233 -98.40 8.94 32.33
CA GLU FA 233 -98.13 10.25 32.92
C GLU FA 233 -97.01 10.07 33.92
N VAL FA 234 -95.92 10.80 33.74
CA VAL FA 234 -94.77 10.66 34.63
C VAL FA 234 -94.30 12.05 35.05
N ASN FA 235 -93.53 12.07 36.14
CA ASN FA 235 -92.95 13.30 36.65
C ASN FA 235 -91.84 13.80 35.73
N MET FA 236 -91.80 15.13 35.56
CA MET FA 236 -90.75 15.73 34.74
C MET FA 236 -89.36 15.33 35.24
N VAL FA 237 -89.22 15.13 36.55
CA VAL FA 237 -87.89 14.87 37.11
C VAL FA 237 -87.31 13.61 36.50
N GLU FA 238 -88.17 12.66 36.15
CA GLU FA 238 -87.69 11.40 35.58
C GLU FA 238 -86.92 11.63 34.28
N ALA FA 239 -87.19 12.73 33.58
CA ALA FA 239 -86.53 12.97 32.30
C ALA FA 239 -85.03 13.15 32.46
N TYR FA 240 -84.56 13.51 33.66
CA TYR FA 240 -83.13 13.74 33.82
C TYR FA 240 -82.37 12.42 33.83
N ARG FA 241 -82.93 11.39 34.48
CA ARG FA 241 -82.30 10.07 34.46
C ARG FA 241 -82.64 9.32 33.19
N ASP FA 242 -83.90 9.37 32.77
CA ASP FA 242 -84.36 8.66 31.58
C ASP FA 242 -85.10 9.64 30.68
N PRO FA 243 -84.38 10.40 29.85
CA PRO FA 243 -85.03 11.39 28.99
C PRO FA 243 -85.79 10.80 27.82
N SER FA 244 -85.78 9.49 27.63
CA SER FA 244 -86.49 8.91 26.50
C SER FA 244 -88.00 9.08 26.64
N ILE FA 245 -88.49 9.40 27.83
CA ILE FA 245 -89.91 9.64 28.02
C ILE FA 245 -90.36 10.85 27.21
N LEU FA 246 -89.42 11.68 26.77
CA LEU FA 246 -89.74 12.86 25.99
C LEU FA 246 -89.72 12.61 24.49
N ASP FA 247 -89.25 11.43 24.06
CA ASP FA 247 -89.11 11.19 22.63
C ASP FA 247 -90.48 11.16 21.97
N ASP FA 248 -90.55 11.80 20.80
CA ASP FA 248 -91.75 11.83 20.00
C ASP FA 248 -91.36 11.88 18.53
N GLU FA 249 -91.88 10.92 17.76
CA GLU FA 249 -91.63 10.88 16.33
C GLU FA 249 -92.92 11.02 15.55
N SER FA 250 -93.95 11.63 16.13
CA SER FA 250 -95.26 11.67 15.50
C SER FA 250 -95.26 12.41 14.18
N ILE FA 251 -94.32 13.32 13.96
CA ILE FA 251 -94.28 14.02 12.68
C ILE FA 251 -93.64 13.19 11.58
N ALA FA 252 -93.05 12.04 11.92
CA ALA FA 252 -92.40 11.21 10.92
C ALA FA 252 -93.41 10.71 9.88
N LEU FA 253 -92.94 10.64 8.64
CA LEU FA 253 -93.74 10.17 7.52
C LEU FA 253 -93.40 8.71 7.28
N ILE FA 254 -94.32 7.81 7.65
CA ILE FA 254 -94.10 6.39 7.57
C ILE FA 254 -95.07 5.81 6.56
N PRO FA 255 -94.62 5.32 5.40
CA PRO FA 255 -95.54 4.69 4.46
C PRO FA 255 -96.35 3.61 5.13
N ALA FA 256 -97.65 3.60 4.87
CA ALA FA 256 -98.57 2.73 5.60
C ALA FA 256 -99.41 1.91 4.66
N LEU FA 257 -99.78 0.71 5.11
CA LEU FA 257 -100.67 -0.14 4.33
C LEU FA 257 -102.11 0.18 4.68
N ASP FA 258 -102.94 0.26 3.66
CA ASP FA 258 -104.37 0.41 3.88
C ASP FA 258 -104.92 -0.94 4.34
N PRO FA 259 -105.54 -1.01 5.53
CA PRO FA 259 -106.12 -2.29 5.95
C PRO FA 259 -107.04 -2.90 4.92
N ALA FA 260 -107.62 -2.09 4.03
CA ALA FA 260 -108.51 -2.63 3.01
C ALA FA 260 -107.73 -3.30 1.89
N GLY FA 261 -106.43 -3.10 1.85
CA GLY FA 261 -105.61 -3.64 0.78
C GLY FA 261 -105.45 -2.76 -0.45
N SER FA 262 -105.95 -1.52 -0.40
CA SER FA 262 -105.88 -0.67 -1.59
C SER FA 262 -104.45 -0.25 -1.91
N ASN FA 263 -103.53 -0.39 -0.96
CA ASN FA 263 -102.13 -0.01 -1.16
C ASN FA 263 -101.22 -1.19 -1.41
N ALA FA 264 -101.78 -2.38 -1.66
CA ALA FA 264 -100.96 -3.56 -1.76
C ALA FA 264 -99.96 -3.50 -2.91
N ASP FA 265 -100.20 -2.65 -3.90
CA ASP FA 265 -99.32 -2.58 -5.06
C ASP FA 265 -98.12 -1.68 -4.80
N PHE FA 266 -98.15 -0.88 -3.75
CA PHE FA 266 -97.07 0.07 -3.53
C PHE FA 266 -95.95 -0.52 -2.69
N PHE FA 267 -96.17 -1.66 -2.06
CA PHE FA 267 -95.25 -2.19 -1.06
C PHE FA 267 -94.63 -3.51 -1.53
N VAL FA 268 -93.52 -3.87 -0.86
CA VAL FA 268 -92.85 -5.12 -1.16
C VAL FA 268 -93.76 -6.30 -0.83
N ASP FA 269 -93.80 -7.27 -1.72
CA ASP FA 269 -94.62 -8.46 -1.50
C ASP FA 269 -94.36 -9.01 -0.11
N PRO FA 270 -95.39 -9.16 0.73
CA PRO FA 270 -95.16 -9.70 2.08
C PRO FA 270 -94.40 -11.00 2.09
N ALA FA 271 -94.46 -11.78 1.01
CA ALA FA 271 -93.71 -13.04 0.98
C ALA FA 271 -92.23 -12.79 1.15
N LEU FA 272 -91.73 -11.65 0.65
CA LEU FA 272 -90.31 -11.34 0.79
C LEU FA 272 -90.03 -10.60 2.09
N VAL FA 273 -90.85 -9.62 2.44
CA VAL FA 273 -90.68 -8.87 3.67
C VAL FA 273 -92.03 -8.72 4.37
N PRO FA 274 -92.31 -9.51 5.41
CA PRO FA 274 -93.58 -9.39 6.10
C PRO FA 274 -93.77 -8.01 6.69
N PRO FA 275 -94.98 -7.48 6.68
CA PRO FA 275 -95.22 -6.17 7.29
C PRO FA 275 -95.09 -6.26 8.81
N TYR FA 276 -94.82 -5.11 9.42
CA TYR FA 276 -94.71 -5.03 10.87
C TYR FA 276 -95.52 -3.85 11.36
N THR FA 277 -95.88 -3.90 12.64
CA THR FA 277 -96.76 -2.91 13.24
C THR FA 277 -95.95 -1.89 14.02
N ILE FA 278 -96.32 -0.63 13.88
CA ILE FA 278 -95.73 0.46 14.65
C ILE FA 278 -96.82 1.09 15.51
N LYS FA 279 -96.55 1.26 16.79
CA LYS FA 279 -97.46 1.90 17.72
C LYS FA 279 -96.94 3.29 18.06
N ASN FA 280 -97.72 4.32 17.76
CA ASN FA 280 -97.27 5.69 17.92
C ASN FA 280 -97.55 6.19 19.33
N GLU FA 281 -97.18 7.45 19.59
CA GLU FA 281 -97.36 8.01 20.93
C GLU FA 281 -98.84 8.15 21.27
N GLN FA 282 -99.69 8.28 20.27
CA GLN FA 282 -101.10 8.40 20.60
C GLN FA 282 -101.78 7.05 20.84
N ASN FA 283 -101.02 5.97 20.85
CA ASN FA 283 -101.48 4.58 20.97
C ASN FA 283 -102.27 4.11 19.76
N LEU FA 284 -102.13 4.77 18.62
CA LEU FA 284 -102.74 4.29 17.39
C LEU FA 284 -101.72 3.52 16.56
N THR FA 285 -102.03 2.27 16.24
CA THR FA 285 -101.12 1.40 15.51
C THR FA 285 -101.27 1.63 14.02
N ILE FA 286 -100.22 1.29 13.26
CA ILE FA 286 -100.28 1.34 11.80
C ILE FA 286 -99.44 0.19 11.26
N THR FA 287 -99.83 -0.35 10.11
CA THR FA 287 -99.08 -1.41 9.46
C THR FA 287 -98.10 -0.80 8.46
N THR FA 288 -96.82 -1.15 8.60
CA THR FA 288 -95.77 -0.59 7.79
C THR FA 288 -94.99 -1.69 7.09
N ALA FA 289 -94.59 -1.42 5.86
CA ALA FA 289 -93.71 -2.29 5.10
C ALA FA 289 -92.86 -1.44 4.19
N PRO FA 290 -91.70 -1.93 3.74
CA PRO FA 290 -90.88 -1.15 2.81
C PRO FA 290 -91.63 -0.88 1.52
N LEU FA 291 -91.37 0.30 0.94
CA LEU FA 291 -91.93 0.61 -0.36
C LEU FA 291 -91.27 -0.23 -1.43
N LYS FA 292 -92.05 -0.63 -2.43
CA LYS FA 292 -91.50 -1.40 -3.53
C LYS FA 292 -90.56 -0.53 -4.36
N ALA FA 293 -89.46 -1.11 -4.80
CA ALA FA 293 -88.58 -0.36 -5.69
C ALA FA 293 -89.25 -0.20 -7.05
N ASN FA 294 -88.85 0.84 -7.76
CA ASN FA 294 -89.41 1.25 -9.05
C ASN FA 294 -90.91 1.49 -9.00
N VAL FA 295 -91.35 2.33 -8.06
CA VAL FA 295 -92.75 2.58 -7.81
C VAL FA 295 -92.99 4.08 -7.93
N ARG FA 296 -94.18 4.45 -8.41
CA ARG FA 296 -94.63 5.84 -8.37
C ARG FA 296 -95.93 5.89 -7.58
N LEU FA 297 -95.99 6.79 -6.60
CA LEU FA 297 -97.09 6.81 -5.65
C LEU FA 297 -97.27 8.21 -5.10
N ASP FA 298 -98.45 8.48 -4.53
CA ASP FA 298 -98.64 9.65 -3.70
C ASP FA 298 -98.05 9.38 -2.32
N LEU FA 299 -96.86 9.88 -2.05
CA LEU FA 299 -96.15 9.48 -0.84
C LEU FA 299 -96.87 9.95 0.41
N MET FA 300 -97.42 11.16 0.38
CA MET FA 300 -98.20 11.62 1.52
C MET FA 300 -99.48 10.83 1.69
N GLY FA 301 -100.21 10.61 0.59
CA GLY FA 301 -101.49 9.93 0.70
C GLY FA 301 -101.34 8.54 1.29
N ASN FA 302 -100.23 7.88 1.00
CA ASN FA 302 -99.97 6.55 1.49
C ASN FA 302 -99.31 6.52 2.85
N SER FA 303 -99.12 7.67 3.49
CA SER FA 303 -98.43 7.72 4.76
C SER FA 303 -99.37 7.38 5.91
N ASN FA 304 -98.78 7.01 7.04
CA ASN FA 304 -99.58 6.77 8.24
C ASN FA 304 -100.36 8.01 8.63
N ALA FA 305 -99.82 9.20 8.37
CA ALA FA 305 -100.51 10.42 8.74
C ALA FA 305 -101.90 10.51 8.11
N ASN FA 306 -102.13 9.79 7.01
CA ASN FA 306 -103.41 9.89 6.33
C ASN FA 306 -104.36 8.77 6.71
N LEU FA 307 -103.96 7.86 7.60
CA LEU FA 307 -104.82 6.76 7.98
C LEU FA 307 -105.11 6.71 9.47
N LEU FA 308 -104.20 7.21 10.31
CA LEU FA 308 -104.27 6.95 11.75
C LEU FA 308 -105.59 7.35 12.40
N ILE FA 309 -106.08 8.56 12.11
CA ILE FA 309 -107.32 8.99 12.77
C ILE FA 309 -108.48 8.97 11.79
N GLN FA 310 -108.30 9.56 10.61
CA GLN FA 310 -109.30 9.47 9.56
C GLN FA 310 -108.61 9.12 8.25
N ARG FA 311 -109.35 8.46 7.35
CA ARG FA 311 -108.76 7.97 6.12
C ARG FA 311 -108.32 9.12 5.22
N GLY FA 312 -108.98 10.26 5.29
CA GLY FA 312 -108.58 11.36 4.45
C GLY FA 312 -108.46 12.67 5.20
N MET FA 313 -107.23 13.14 5.42
CA MET FA 313 -107.02 14.34 6.21
C MET FA 313 -106.06 15.27 5.49
N LEU FA 314 -105.03 14.70 4.89
CA LEU FA 314 -103.92 15.47 4.39
C LEU FA 314 -104.36 16.35 3.22
N GLU FA 315 -103.95 17.60 3.26
CA GLU FA 315 -104.32 18.58 2.26
C GLU FA 315 -103.11 19.45 1.96
N VAL FA 316 -103.37 20.60 1.33
CA VAL FA 316 -102.29 21.44 0.83
C VAL FA 316 -101.42 21.94 1.98
N SER FA 317 -102.01 22.12 3.17
CA SER FA 317 -101.26 22.61 4.31
C SER FA 317 -100.22 21.63 4.79
N ASP FA 318 -100.26 20.38 4.34
CA ASP FA 318 -99.25 19.41 4.75
C ASP FA 318 -98.13 19.36 3.72
N THR FA 319 -96.88 19.45 4.19
CA THR FA 319 -95.71 19.44 3.33
C THR FA 319 -94.66 18.49 3.88
N ILE FA 320 -93.76 18.04 3.01
CA ILE FA 320 -92.66 17.16 3.38
C ILE FA 320 -91.41 17.97 3.64
N ASP FA 321 -90.67 17.59 4.67
CA ASP FA 321 -89.44 18.29 5.03
C ASP FA 321 -88.34 17.92 4.04
N PRO FA 322 -87.73 18.88 3.36
CA PRO FA 322 -86.59 18.56 2.49
C PRO FA 322 -85.44 17.90 3.22
N ALA FA 323 -85.32 18.09 4.53
CA ALA FA 323 -84.22 17.52 5.29
C ALA FA 323 -84.57 16.08 5.63
N GLY FA 324 -84.24 15.17 4.72
CA GLY FA 324 -84.52 13.76 4.93
C GLY FA 324 -83.41 12.92 4.35
N ARG FA 325 -83.52 11.62 4.58
CA ARG FA 325 -82.50 10.67 4.17
C ARG FA 325 -83.14 9.38 3.69
N LEU FA 326 -82.40 8.68 2.85
CA LEU FA 326 -82.79 7.34 2.38
C LEU FA 326 -82.38 6.34 3.44
N LYS FA 327 -83.36 5.71 4.09
CA LYS FA 327 -83.07 4.98 5.31
C LYS FA 327 -82.52 3.59 5.02
N ASN FA 328 -83.24 2.78 4.24
CA ASN FA 328 -82.86 1.39 4.06
C ASN FA 328 -83.01 0.98 2.61
N LEU FA 329 -82.20 0.01 2.21
CA LEU FA 329 -82.36 -0.71 0.96
C LEU FA 329 -82.56 -2.18 1.27
N PHE FA 330 -83.60 -2.78 0.71
CA PHE FA 330 -83.86 -4.20 0.86
C PHE FA 330 -83.48 -4.89 -0.44
N VAL FA 331 -82.48 -5.77 -0.38
CA VAL FA 331 -81.91 -6.38 -1.57
C VAL FA 331 -82.23 -7.86 -1.55
N LEU FA 332 -82.70 -8.38 -2.68
CA LEU FA 332 -82.97 -9.81 -2.81
C LEU FA 332 -81.67 -10.51 -3.15
N LEU FA 333 -81.26 -11.47 -2.32
CA LEU FA 333 -79.97 -12.12 -2.48
C LEU FA 333 -80.16 -13.62 -2.24
N GLY FA 334 -80.01 -14.40 -3.31
CA GLY FA 334 -80.15 -15.84 -3.19
C GLY FA 334 -81.54 -16.31 -2.85
N GLY FA 335 -82.56 -15.55 -3.23
CA GLY FA 335 -83.94 -15.88 -2.91
C GLY FA 335 -84.48 -15.30 -1.63
N LYS FA 336 -83.65 -14.68 -0.80
CA LYS FA 336 -84.09 -14.11 0.47
C LYS FA 336 -83.54 -12.70 0.61
N VAL FA 337 -84.19 -11.91 1.45
CA VAL FA 337 -83.98 -10.47 1.51
C VAL FA 337 -82.92 -10.15 2.57
N VAL FA 338 -81.97 -9.29 2.21
CA VAL FA 338 -80.98 -8.76 3.13
C VAL FA 338 -81.23 -7.27 3.27
N LYS FA 339 -81.26 -6.79 4.51
CA LYS FA 339 -81.55 -5.40 4.84
C LYS FA 339 -80.24 -4.64 5.03
N PHE FA 340 -80.09 -3.55 4.28
CA PHE FA 340 -78.91 -2.70 4.38
C PHE FA 340 -79.32 -1.38 5.01
N LYS FA 341 -78.65 -0.99 6.09
CA LYS FA 341 -78.90 0.28 6.76
C LYS FA 341 -77.97 1.31 6.16
N VAL FA 342 -78.54 2.26 5.44
CA VAL FA 342 -77.77 3.22 4.67
C VAL FA 342 -78.19 4.65 5.01
N ASP FA 343 -78.75 4.85 6.18
CA ASP FA 343 -79.45 6.10 6.44
C ASP FA 343 -78.50 7.27 6.56
N ARG FA 344 -77.36 7.06 7.20
CA ARG FA 344 -76.52 8.21 7.51
C ARG FA 344 -75.47 8.48 6.45
N LEU FA 345 -75.38 7.59 5.46
CA LEU FA 345 -74.29 7.66 4.49
C LEU FA 345 -74.37 8.97 3.72
N PRO FA 346 -73.23 9.58 3.37
CA PRO FA 346 -73.29 10.88 2.68
C PRO FA 346 -74.15 10.87 1.44
N ARG FA 347 -74.29 9.73 0.75
CA ARG FA 347 -75.05 9.74 -0.48
C ARG FA 347 -76.52 9.43 -0.25
N ALA FA 348 -76.90 9.16 1.00
CA ALA FA 348 -78.30 8.93 1.32
C ALA FA 348 -79.09 10.21 1.62
N VAL FA 349 -78.42 11.36 1.65
CA VAL FA 349 -79.11 12.60 2.00
C VAL FA 349 -79.94 13.12 0.83
N PHE FA 350 -81.08 13.72 1.15
CA PHE FA 350 -81.90 14.36 0.12
C PHE FA 350 -81.17 15.55 -0.47
N GLN FA 351 -81.33 15.74 -1.77
CA GLN FA 351 -80.72 16.88 -2.43
C GLN FA 351 -81.79 17.69 -3.15
N PRO FA 352 -81.59 18.98 -3.32
CA PRO FA 352 -82.52 19.78 -4.12
C PRO FA 352 -82.47 19.39 -5.58
N ASP FA 353 -83.62 19.46 -6.23
CA ASP FA 353 -83.72 19.20 -7.65
C ASP FA 353 -83.36 20.48 -8.40
N LEU FA 354 -82.24 20.46 -9.12
CA LEU FA 354 -81.73 21.68 -9.73
C LEU FA 354 -82.55 22.08 -10.95
N VAL FA 355 -83.11 21.11 -11.65
CA VAL FA 355 -83.86 21.35 -12.88
C VAL FA 355 -85.28 20.84 -12.69
N GLY FA 356 -86.25 21.76 -12.79
CA GLY FA 356 -87.64 21.44 -12.54
C GLY FA 356 -88.20 22.32 -11.45
N ASP FA 357 -89.22 21.79 -10.76
CA ASP FA 357 -89.86 22.54 -9.71
C ASP FA 357 -88.92 22.72 -8.53
N THR FA 358 -88.89 23.93 -7.97
CA THR FA 358 -87.93 24.25 -6.93
C THR FA 358 -88.23 23.52 -5.64
N ARG FA 359 -89.42 22.91 -5.50
CA ARG FA 359 -89.75 22.15 -4.31
C ARG FA 359 -89.46 20.67 -4.44
N ASN FA 360 -88.91 20.22 -5.57
CA ASN FA 360 -88.58 18.82 -5.73
C ASN FA 360 -87.30 18.49 -4.98
N ALA FA 361 -87.30 17.36 -4.28
CA ALA FA 361 -86.08 16.81 -3.72
C ALA FA 361 -85.72 15.50 -4.41
N VAL FA 362 -84.45 15.37 -4.78
CA VAL FA 362 -83.98 14.26 -5.59
C VAL FA 362 -83.07 13.39 -4.76
N ILE FA 363 -83.23 12.08 -4.90
CA ILE FA 363 -82.37 11.10 -4.25
C ILE FA 363 -81.55 10.40 -5.34
N ARG FA 364 -80.24 10.39 -5.16
CA ARG FA 364 -79.35 9.63 -6.03
C ARG FA 364 -78.35 8.92 -5.13
N PHE FA 365 -78.67 7.70 -4.73
CA PHE FA 365 -77.82 6.89 -3.89
C PHE FA 365 -77.10 5.89 -4.77
N ASP FA 366 -75.78 6.02 -4.86
CA ASP FA 366 -74.97 5.11 -5.64
C ASP FA 366 -73.79 4.69 -4.78
N SER FA 367 -73.65 3.39 -4.56
CA SER FA 367 -72.59 2.89 -3.70
C SER FA 367 -72.16 1.51 -4.13
N ASP FA 368 -70.85 1.28 -4.10
CA ASP FA 368 -70.27 -0.03 -4.33
C ASP FA 368 -69.81 -0.68 -3.04
N ASP FA 369 -70.15 -0.09 -1.90
CA ASP FA 369 -69.62 -0.51 -0.62
C ASP FA 369 -70.63 -1.27 0.25
N LEU FA 370 -71.77 -1.68 -0.32
CA LEU FA 370 -72.67 -2.55 0.43
C LEU FA 370 -72.05 -3.94 0.53
N VAL FA 371 -71.86 -4.40 1.76
CA VAL FA 371 -71.03 -5.56 2.05
C VAL FA 371 -71.91 -6.67 2.61
N VAL FA 372 -71.73 -7.88 2.08
CA VAL FA 372 -72.38 -9.08 2.59
C VAL FA 372 -71.30 -10.09 2.94
N SER FA 373 -71.38 -10.66 4.14
CA SER FA 373 -70.37 -11.60 4.59
C SER FA 373 -71.06 -12.71 5.39
N GLY FA 374 -70.28 -13.69 5.81
CA GLY FA 374 -70.85 -14.79 6.57
C GLY FA 374 -71.45 -14.37 7.89
N ASP FA 375 -71.16 -13.14 8.32
CA ASP FA 375 -71.65 -12.69 9.61
C ASP FA 375 -73.06 -12.12 9.52
N THR FA 376 -73.51 -11.80 8.31
CA THR FA 376 -74.79 -11.13 8.14
C THR FA 376 -75.96 -12.10 8.23
N THR FA 377 -77.16 -11.54 8.33
CA THR FA 377 -78.40 -12.31 8.31
C THR FA 377 -79.34 -11.70 7.30
N PHE FA 378 -80.35 -12.49 6.92
CA PHE FA 378 -81.42 -12.00 6.07
C PHE FA 378 -82.44 -11.26 6.93
N ILE FA 379 -83.51 -10.76 6.32
CA ILE FA 379 -84.47 -9.96 7.08
C ILE FA 379 -85.08 -10.78 8.20
N ASP FA 380 -85.14 -12.10 8.01
CA ASP FA 380 -85.78 -12.96 9.00
C ASP FA 380 -84.82 -13.34 10.13
N GLY FA 381 -83.59 -12.83 10.08
CA GLY FA 381 -82.65 -13.08 11.13
C GLY FA 381 -81.86 -14.36 10.97
N SER FA 382 -82.11 -15.11 9.91
CA SER FA 382 -81.45 -16.39 9.67
C SER FA 382 -80.22 -16.15 8.81
N ALA FA 383 -79.11 -16.78 9.17
CA ALA FA 383 -77.92 -16.83 8.33
C ALA FA 383 -77.85 -18.19 7.66
N ASP FA 384 -78.18 -18.24 6.37
CA ASP FA 384 -78.29 -19.51 5.66
C ASP FA 384 -77.94 -19.27 4.19
N GLY FA 385 -77.98 -20.34 3.43
CA GLY FA 385 -77.85 -20.22 1.99
C GLY FA 385 -76.55 -19.57 1.60
N VAL FA 386 -76.63 -18.48 0.83
CA VAL FA 386 -75.42 -17.81 0.35
C VAL FA 386 -74.55 -17.38 1.53
N ILE FA 387 -75.18 -16.94 2.63
CA ILE FA 387 -74.40 -16.43 3.74
C ILE FA 387 -73.52 -17.52 4.32
N ASN FA 388 -74.07 -18.72 4.49
CA ASN FA 388 -73.26 -19.82 5.01
C ASN FA 388 -72.12 -20.17 4.04
N ASP FA 389 -72.38 -20.08 2.74
CA ASP FA 389 -71.33 -20.35 1.76
C ASP FA 389 -70.23 -19.30 1.85
N LEU FA 390 -70.60 -18.04 2.08
CA LEU FA 390 -69.59 -17.02 2.31
C LEU FA 390 -68.80 -17.28 3.58
N LYS FA 391 -69.49 -17.74 4.64
CA LYS FA 391 -68.81 -18.03 5.89
C LYS FA 391 -67.84 -19.19 5.71
N THR FA 392 -68.26 -20.24 4.99
CA THR FA 392 -67.36 -21.36 4.74
C THR FA 392 -66.21 -20.95 3.84
N ALA FA 393 -66.50 -20.19 2.79
CA ALA FA 393 -65.46 -19.77 1.85
C ALA FA 393 -64.63 -18.60 2.35
N LYS FA 394 -65.05 -17.95 3.44
CA LYS FA 394 -64.34 -16.80 4.01
C LYS FA 394 -64.24 -15.66 2.99
N LEU FA 395 -65.35 -15.39 2.31
CA LEU FA 395 -65.44 -14.37 1.28
C LEU FA 395 -66.48 -13.33 1.68
N SER FA 396 -66.28 -12.10 1.25
CA SER FA 396 -67.25 -11.03 1.41
C SER FA 396 -67.64 -10.51 0.03
N LEU FA 397 -68.91 -10.19 -0.16
CA LEU FA 397 -69.40 -9.61 -1.40
C LEU FA 397 -69.55 -8.11 -1.25
N ARG FA 398 -69.10 -7.36 -2.27
CA ARG FA 398 -69.37 -5.94 -2.34
C ARG FA 398 -70.34 -5.66 -3.47
N LEU FA 399 -71.50 -5.11 -3.13
CA LEU FA 399 -72.60 -4.95 -4.06
C LEU FA 399 -72.62 -3.54 -4.62
N SER FA 400 -72.98 -3.40 -5.88
CA SER FA 400 -73.15 -2.09 -6.50
C SER FA 400 -74.64 -1.85 -6.71
N VAL FA 401 -75.19 -0.88 -6.00
CA VAL FA 401 -76.61 -0.58 -6.03
C VAL FA 401 -76.80 0.86 -6.47
N GLY FA 402 -77.83 1.08 -7.28
CA GLY FA 402 -78.19 2.44 -7.66
C GLY FA 402 -79.65 2.72 -7.42
N PHE FA 403 -79.96 3.64 -6.51
CA PHE FA 403 -81.35 3.94 -6.18
C PHE FA 403 -81.56 5.44 -6.26
N GLY FA 404 -82.65 5.86 -6.90
CA GLY FA 404 -82.95 7.27 -7.01
C GLY FA 404 -84.42 7.58 -7.17
N GLY FA 405 -84.82 8.82 -6.92
CA GLY FA 405 -86.20 9.21 -7.08
C GLY FA 405 -86.37 10.69 -6.83
N THR FA 406 -87.56 11.20 -7.16
CA THR FA 406 -87.89 12.60 -6.96
C THR FA 406 -89.15 12.70 -6.12
N ILE FA 407 -89.08 13.52 -5.07
CA ILE FA 407 -90.20 13.78 -4.18
C ILE FA 407 -90.63 15.22 -4.34
N SER FA 408 -91.89 15.43 -4.63
CA SER FA 408 -92.47 16.77 -4.71
C SER FA 408 -92.86 17.19 -3.31
N LEU FA 409 -92.04 18.03 -2.68
CA LEU FA 409 -92.18 18.29 -1.26
C LEU FA 409 -93.49 19.00 -0.95
N SER FA 410 -93.96 19.84 -1.86
CA SER FA 410 -95.18 20.60 -1.60
C SER FA 410 -96.43 19.79 -1.90
N LYS FA 411 -96.33 18.82 -2.81
CA LYS FA 411 -97.50 18.07 -3.25
C LYS FA 411 -97.60 16.68 -2.62
N GLY FA 412 -96.49 16.02 -2.33
CA GLY FA 412 -96.53 14.67 -1.83
C GLY FA 412 -96.35 13.57 -2.86
N ASP FA 413 -96.36 13.89 -4.15
CA ASP FA 413 -96.14 12.84 -5.14
C ASP FA 413 -94.65 12.55 -5.24
N SER FA 414 -94.32 11.29 -5.55
CA SER FA 414 -92.92 10.93 -5.73
C SER FA 414 -92.80 9.80 -6.72
N LYS FA 415 -91.64 9.72 -7.36
CA LYS FA 415 -91.31 8.63 -8.27
C LYS FA 415 -89.93 8.09 -7.90
N PHE FA 416 -89.84 6.77 -7.77
CA PHE FA 416 -88.60 6.13 -7.42
C PHE FA 416 -88.20 5.13 -8.49
N GLY FA 417 -86.92 4.82 -8.55
CA GLY FA 417 -86.41 3.78 -9.42
C GLY FA 417 -85.15 3.18 -8.87
N ALA FA 418 -84.82 1.99 -9.35
CA ALA FA 418 -83.64 1.27 -8.91
C ALA FA 418 -83.02 0.57 -10.10
N THR FA 419 -81.71 0.73 -10.28
CA THR FA 419 -81.03 0.16 -11.42
C THR FA 419 -80.61 -1.27 -11.11
N ASP FA 420 -80.12 -1.97 -12.12
CA ASP FA 420 -79.64 -3.33 -11.92
C ASP FA 420 -78.53 -3.36 -10.88
N THR FA 421 -78.56 -4.39 -10.04
CA THR FA 421 -77.59 -4.58 -8.99
C THR FA 421 -76.53 -5.59 -9.42
N TYR FA 422 -75.27 -5.25 -9.21
CA TYR FA 422 -74.15 -6.07 -9.62
C TYR FA 422 -73.26 -6.38 -8.41
N VAL FA 423 -72.54 -7.48 -8.49
CA VAL FA 423 -71.50 -7.77 -7.51
C VAL FA 423 -70.22 -7.10 -8.01
N ASP FA 424 -69.79 -6.05 -7.31
CA ASP FA 424 -68.63 -5.30 -7.78
C ASP FA 424 -67.33 -6.04 -7.49
N LYS FA 425 -67.16 -6.52 -6.27
CA LYS FA 425 -65.94 -7.20 -5.88
C LYS FA 425 -66.28 -8.35 -4.96
N VAL FA 426 -65.39 -9.34 -4.94
CA VAL FA 426 -65.38 -10.40 -3.92
C VAL FA 426 -64.02 -10.35 -3.24
N LEU FA 427 -64.01 -10.17 -1.93
CA LEU FA 427 -62.78 -10.01 -1.18
C LEU FA 427 -62.64 -11.14 -0.17
N ASN FA 428 -61.39 -11.53 0.09
CA ASN FA 428 -61.10 -12.51 1.13
C ASN FA 428 -60.88 -11.78 2.45
N GLU FA 429 -60.60 -12.53 3.51
CA GLU FA 429 -60.41 -11.91 4.83
C GLU FA 429 -59.22 -10.97 4.82
N ASP FA 430 -58.21 -11.27 4.00
CA ASP FA 430 -57.00 -10.46 3.95
C ASP FA 430 -57.25 -9.13 3.27
N GLY FA 431 -58.44 -8.91 2.73
CA GLY FA 431 -58.78 -7.69 2.04
C GLY FA 431 -58.40 -7.67 0.58
N GLN FA 432 -58.02 -8.81 0.01
CA GLN FA 432 -57.64 -8.89 -1.38
C GLN FA 432 -58.82 -9.29 -2.26
N VAL FA 433 -58.88 -8.70 -3.45
CA VAL FA 433 -59.90 -9.06 -4.41
C VAL FA 433 -59.49 -10.35 -5.11
N MET FA 434 -60.41 -11.31 -5.15
CA MET FA 434 -60.13 -12.61 -5.74
C MET FA 434 -60.82 -12.74 -7.10
N ASP FA 435 -60.18 -13.48 -8.00
CA ASP FA 435 -60.75 -13.72 -9.32
C ASP FA 435 -62.12 -14.38 -9.23
N ASN FA 436 -63.09 -13.79 -9.93
CA ASN FA 436 -64.44 -14.33 -9.92
C ASN FA 436 -64.55 -15.69 -10.59
N ALA FA 437 -63.52 -16.12 -11.32
CA ALA FA 437 -63.54 -17.43 -11.95
C ALA FA 437 -63.22 -18.56 -10.98
N ASP FA 438 -62.74 -18.25 -9.78
CA ASP FA 438 -62.35 -19.29 -8.85
C ASP FA 438 -63.54 -20.18 -8.53
N PRO FA 439 -63.40 -21.50 -8.61
CA PRO FA 439 -64.55 -22.38 -8.33
C PRO FA 439 -65.25 -22.08 -7.02
N ALA FA 440 -64.49 -21.68 -5.99
CA ALA FA 440 -65.10 -21.45 -4.69
C ALA FA 440 -66.08 -20.30 -4.73
N VAL FA 441 -65.73 -19.22 -5.44
CA VAL FA 441 -66.63 -18.07 -5.53
C VAL FA 441 -67.65 -18.28 -6.64
N LYS FA 442 -67.27 -18.98 -7.70
CA LYS FA 442 -68.19 -19.19 -8.81
C LYS FA 442 -69.45 -19.91 -8.34
N ALA FA 443 -69.30 -20.92 -7.48
CA ALA FA 443 -70.48 -21.59 -6.94
C ALA FA 443 -71.39 -20.61 -6.21
N ILE FA 444 -70.80 -19.61 -5.56
CA ILE FA 444 -71.60 -18.61 -4.85
C ILE FA 444 -72.26 -17.67 -5.83
N LEU FA 445 -71.50 -17.16 -6.80
CA LEU FA 445 -72.04 -16.18 -7.73
C LEU FA 445 -73.16 -16.77 -8.59
N ASP FA 446 -73.09 -18.06 -8.92
CA ASP FA 446 -74.15 -18.68 -9.69
C ASP FA 446 -75.48 -18.59 -8.97
N GLN FA 447 -75.46 -18.47 -7.65
CA GLN FA 447 -76.71 -18.40 -6.91
C GLN FA 447 -77.40 -17.05 -7.03
N LEU FA 448 -76.65 -16.00 -7.40
CA LEU FA 448 -77.15 -14.62 -7.35
C LEU FA 448 -77.76 -14.22 -8.69
N THR FA 449 -78.75 -15.01 -9.11
CA THR FA 449 -79.42 -14.75 -10.38
C THR FA 449 -80.51 -13.69 -10.23
N ASP FA 450 -81.05 -13.55 -9.02
CA ASP FA 450 -82.13 -12.62 -8.75
C ASP FA 450 -81.65 -11.42 -7.94
N LEU FA 451 -80.37 -11.10 -8.04
CA LEU FA 451 -79.82 -10.00 -7.28
C LEU FA 451 -80.43 -8.69 -7.75
N ALA FA 452 -81.18 -8.03 -6.87
CA ALA FA 452 -81.83 -6.78 -7.22
C ALA FA 452 -82.29 -6.09 -5.94
N VAL FA 453 -82.51 -4.79 -6.04
CA VAL FA 453 -83.16 -4.03 -4.98
C VAL FA 453 -84.66 -4.22 -5.13
N ILE FA 454 -85.32 -4.67 -4.06
CA ILE FA 454 -86.75 -4.90 -4.11
C ILE FA 454 -87.55 -3.80 -3.42
N GLY FA 455 -87.00 -3.13 -2.42
CA GLY FA 455 -87.73 -2.07 -1.75
C GLY FA 455 -86.82 -1.18 -0.93
N PHE FA 456 -87.43 -0.20 -0.28
CA PHE FA 456 -86.68 0.80 0.47
C PHE FA 456 -87.57 1.37 1.55
N GLU FA 457 -86.95 2.08 2.49
CA GLU FA 457 -87.64 2.86 3.49
C GLU FA 457 -87.01 4.24 3.53
N LEU FA 458 -87.82 5.25 3.83
CA LEU FA 458 -87.36 6.62 3.92
C LEU FA 458 -87.33 7.08 5.38
N ASP FA 459 -86.40 8.00 5.66
CA ASP FA 459 -86.29 8.66 6.95
C ASP FA 459 -86.83 10.08 6.92
N THR FA 460 -87.74 10.37 5.98
CA THR FA 460 -88.30 11.70 5.88
C THR FA 460 -89.41 11.91 6.90
N ARG FA 461 -89.87 13.15 7.00
CA ARG FA 461 -90.84 13.53 8.01
C ARG FA 461 -91.65 14.72 7.50
N PHE FA 462 -92.80 14.97 8.12
CA PHE FA 462 -93.57 16.13 7.75
C PHE FA 462 -92.96 17.38 8.38
N THR FA 463 -93.37 18.53 7.88
CA THR FA 463 -93.07 19.81 8.50
C THR FA 463 -94.33 20.27 9.22
N ASN FA 464 -94.33 20.17 10.56
CA ASN FA 464 -95.55 20.30 11.32
C ASN FA 464 -95.90 21.77 11.54
N THR FA 465 -96.09 22.46 10.42
CA THR FA 465 -96.37 23.89 10.47
C THR FA 465 -97.85 24.14 10.63
N ASN FA 466 -98.68 23.17 10.25
CA ASN FA 466 -100.11 23.23 10.48
C ASN FA 466 -100.52 22.65 11.82
N ARG FA 467 -99.55 22.31 12.68
CA ARG FA 467 -99.82 21.84 14.02
C ARG FA 467 -100.74 20.62 14.01
N ARG FA 468 -100.60 19.80 12.97
CA ARG FA 468 -101.37 18.56 12.92
C ARG FA 468 -100.99 17.64 14.08
N GLN FA 469 -99.69 17.49 14.35
CA GLN FA 469 -99.22 16.67 15.46
C GLN FA 469 -99.00 17.57 16.66
N ARG FA 470 -99.73 17.28 17.74
CA ARG FA 470 -99.62 18.09 18.95
C ARG FA 470 -98.41 17.70 19.78
N GLY FA 471 -98.03 16.43 19.74
CA GLY FA 471 -96.91 15.96 20.52
C GLY FA 471 -97.31 15.64 21.95
N HIS FA 472 -96.31 15.57 22.82
CA HIS FA 472 -96.59 15.29 24.22
C HIS FA 472 -97.22 16.50 24.90
N LEU FA 473 -97.96 16.24 25.96
CA LEU FA 473 -98.68 17.27 26.67
C LEU FA 473 -98.11 17.47 28.07
N LEU FA 474 -98.15 18.71 28.55
CA LEU FA 474 -97.66 19.07 29.87
C LEU FA 474 -98.82 19.65 30.66
N GLN FA 475 -99.01 19.15 31.88
CA GLN FA 475 -99.92 19.80 32.82
C GLN FA 475 -99.29 19.80 34.20
N THR FA 476 -99.77 20.73 35.03
CA THR FA 476 -99.29 20.85 36.40
C THR FA 476 -100.01 19.82 37.29
N ARG FA 477 -99.30 19.37 38.32
CA ARG FA 477 -99.88 18.42 39.26
C ARG FA 477 -99.43 18.79 40.67
N ALA FA 478 -100.13 18.25 41.66
CA ALA FA 478 -99.69 18.35 43.04
C ALA FA 478 -100.18 17.16 43.84
N LEU FA 479 -99.34 16.65 44.74
CA LEU FA 479 -99.69 15.57 45.65
C LEU FA 479 -99.61 16.07 47.07
N GLN FA 480 -100.54 15.67 47.93
CA GLN FA 480 -100.55 16.13 49.31
C GLN FA 480 -100.44 14.94 50.25
N PHE FA 481 -99.57 15.10 51.24
CA PHE FA 481 -99.32 14.11 52.29
C PHE FA 481 -99.72 14.73 53.61
N ARG FA 482 -100.12 13.89 54.56
CA ARG FA 482 -100.48 14.36 55.89
C ARG FA 482 -99.79 13.51 56.95
N HIS FA 483 -99.19 14.18 57.95
CA HIS FA 483 -98.50 13.51 59.05
C HIS FA 483 -99.06 14.04 60.35
N PRO FA 484 -100.05 13.38 60.96
CA PRO FA 484 -100.52 13.80 62.28
C PRO FA 484 -99.60 13.29 63.38
N ILE FA 485 -99.50 14.08 64.45
CA ILE FA 485 -98.56 13.81 65.54
C ILE FA 485 -99.34 13.10 66.65
N PRO FA 486 -98.94 11.89 67.04
CA PRO FA 486 -99.62 11.23 68.16
C PRO FA 486 -99.10 11.68 69.52
N MET FA 487 -99.88 11.42 70.56
CA MET FA 487 -99.42 11.52 71.94
C MET FA 487 -98.68 10.23 72.32
N HIS FA 488 -97.75 10.33 73.26
CA HIS FA 488 -97.01 9.16 73.70
C HIS FA 488 -97.19 8.94 75.19
N ALA FA 489 -96.75 7.77 75.64
CA ALA FA 489 -97.01 7.33 77.01
C ALA FA 489 -96.31 8.24 78.01
N PRO FA 490 -96.94 8.53 79.14
CA PRO FA 490 -96.32 9.40 80.14
C PRO FA 490 -95.27 8.71 80.99
N VAL FA 491 -94.47 9.49 81.71
CA VAL FA 491 -93.66 9.00 82.82
C VAL FA 491 -94.00 9.83 84.04
N THR FA 492 -94.12 9.16 85.19
CA THR FA 492 -94.59 9.80 86.41
C THR FA 492 -93.52 9.76 87.48
N LEU FA 493 -93.40 10.85 88.23
CA LEU FA 493 -92.64 10.90 89.47
C LEU FA 493 -93.60 10.86 90.64
N PRO FA 494 -93.69 9.76 91.39
CA PRO FA 494 -94.61 9.73 92.53
C PRO FA 494 -94.04 10.54 93.69
N MET FA 495 -94.95 11.12 94.46
CA MET FA 495 -94.59 11.88 95.65
C MET FA 495 -95.54 11.54 96.79
N ASP FA 496 -95.31 12.19 97.92
CA ASP FA 496 -96.10 12.04 99.13
C ASP FA 496 -96.83 13.35 99.35
N THR FA 497 -98.16 13.28 99.51
CA THR FA 497 -98.92 14.50 99.68
C THR FA 497 -98.61 15.17 101.02
N MET FA 498 -97.98 14.43 101.93
CA MET FA 498 -97.67 14.97 103.25
C MET FA 498 -96.59 16.06 103.17
N THR FA 499 -95.69 15.95 102.18
CA THR FA 499 -94.55 16.87 102.14
C THR FA 499 -94.87 18.11 101.34
N ASP FA 500 -94.11 19.16 101.57
CA ASP FA 500 -94.20 20.40 100.82
C ASP FA 500 -93.11 20.56 99.77
N GLU FA 501 -91.89 20.12 100.08
CA GLU FA 501 -90.72 20.41 99.25
C GLU FA 501 -90.48 19.26 98.28
N GLY FA 502 -90.58 19.55 96.97
CA GLY FA 502 -90.30 18.56 95.96
C GLY FA 502 -88.83 18.48 95.63
N PRO FA 503 -88.40 17.37 95.05
CA PRO FA 503 -86.98 17.23 94.69
C PRO FA 503 -86.56 18.35 93.75
N GLY FA 504 -85.39 18.92 94.04
CA GLY FA 504 -84.88 19.97 93.18
C GLY FA 504 -84.47 19.48 91.82
N GLU FA 505 -83.78 18.33 91.76
CA GLU FA 505 -83.26 17.83 90.50
C GLU FA 505 -84.00 16.61 89.97
N VAL FA 506 -84.57 15.78 90.84
CA VAL FA 506 -85.16 14.53 90.37
C VAL FA 506 -86.39 14.79 89.51
N VAL FA 507 -87.10 15.90 89.75
CA VAL FA 507 -88.25 16.23 88.91
C VAL FA 507 -87.82 16.35 87.45
N LYS FA 508 -86.64 16.90 87.19
CA LYS FA 508 -86.16 17.02 85.82
C LYS FA 508 -85.92 15.68 85.15
N ALA FA 509 -85.88 14.59 85.93
CA ALA FA 509 -85.70 13.28 85.32
C ALA FA 509 -86.89 12.92 84.45
N LEU FA 510 -88.03 13.55 84.66
CA LEU FA 510 -89.19 13.31 83.80
C LEU FA 510 -88.88 13.69 82.35
N THR FA 511 -88.17 14.81 82.16
CA THR FA 511 -87.78 15.21 80.83
C THR FA 511 -86.66 14.32 80.29
N VAL FA 512 -85.69 13.96 81.13
CA VAL FA 512 -84.59 13.11 80.67
C VAL FA 512 -85.14 11.78 80.16
N ASN FA 513 -86.08 11.19 80.90
CA ASN FA 513 -86.74 9.97 80.44
C ASN FA 513 -87.34 10.18 79.06
N THR FA 514 -88.11 11.25 78.88
CA THR FA 514 -88.69 11.51 77.58
C THR FA 514 -87.61 11.74 76.52
N ASN FA 515 -86.58 12.53 76.85
CA ASN FA 515 -85.54 12.85 75.87
C ASN FA 515 -84.79 11.60 75.40
N ILE FA 516 -84.53 10.67 76.31
CA ILE FA 516 -83.89 9.42 75.91
C ILE FA 516 -84.81 8.63 75.00
N ARG FA 517 -86.10 8.58 75.35
CA ARG FA 517 -87.05 7.88 74.51
C ARG FA 517 -87.15 8.52 73.14
N ASN FA 518 -87.00 9.85 73.04
CA ASN FA 518 -87.02 10.49 71.73
C ASN FA 518 -85.93 9.93 70.82
N SER FA 519 -84.70 9.85 71.33
CA SER FA 519 -83.61 9.30 70.52
C SER FA 519 -83.85 7.83 70.18
N ASN FA 520 -84.39 7.08 71.14
CA ASN FA 520 -84.66 5.66 70.90
C ASN FA 520 -85.73 5.49 69.83
N ASN FA 521 -86.76 6.34 69.85
CA ASN FA 521 -87.80 6.27 68.84
C ASN FA 521 -87.24 6.55 67.46
N ALA FA 522 -86.28 7.47 67.37
CA ALA FA 522 -85.63 7.72 66.09
C ALA FA 522 -84.94 6.46 65.57
N VAL FA 523 -84.31 5.70 66.46
CA VAL FA 523 -83.63 4.48 66.02
C VAL FA 523 -84.64 3.42 65.58
N LYS FA 524 -85.70 3.24 66.35
CA LYS FA 524 -86.73 2.26 65.98
C LYS FA 524 -87.35 2.63 64.64
N ARG FA 525 -87.68 3.90 64.45
CA ARG FA 525 -88.28 4.33 63.20
C ARG FA 525 -87.31 4.16 62.05
N MET FA 526 -86.03 4.46 62.27
CA MET FA 526 -85.05 4.24 61.21
C MET FA 526 -85.01 2.78 60.81
N LEU FA 527 -84.85 1.89 61.80
CA LEU FA 527 -84.70 0.48 61.46
C LEU FA 527 -85.99 -0.09 60.88
N ASN FA 528 -87.14 0.34 61.42
CA ASN FA 528 -88.42 -0.11 60.89
C ASN FA 528 -88.64 0.41 59.47
N TYR FA 529 -88.28 1.68 59.22
CA TYR FA 529 -88.40 2.21 57.86
C TYR FA 529 -87.53 1.43 56.89
N LEU FA 530 -86.30 1.11 57.28
CA LEU FA 530 -85.42 0.37 56.38
C LEU FA 530 -86.02 -0.99 56.03
N ALA FA 531 -86.62 -1.67 57.00
CA ALA FA 531 -87.27 -2.96 56.71
C ALA FA 531 -88.40 -2.78 55.70
N GLN FA 532 -89.20 -1.73 55.87
CA GLN FA 532 -90.29 -1.46 54.94
C GLN FA 532 -89.75 -1.08 53.58
N LEU FA 533 -88.64 -0.33 53.55
CA LEU FA 533 -87.99 0.01 52.31
C LEU FA 533 -87.48 -1.23 51.59
N ARG FA 534 -86.88 -2.17 52.32
CA ARG FA 534 -86.43 -3.41 51.70
C ARG FA 534 -87.57 -4.09 50.97
N GLU FA 535 -88.72 -4.19 51.63
CA GLU FA 535 -89.86 -4.86 51.02
C GLU FA 535 -90.31 -4.16 49.76
N VAL FA 536 -90.42 -2.83 49.80
CA VAL FA 536 -90.89 -2.09 48.62
C VAL FA 536 -89.94 -2.20 47.45
N VAL FA 537 -88.64 -1.95 47.65
CA VAL FA 537 -87.70 -2.07 46.56
C VAL FA 537 -87.56 -3.51 46.10
N HIS FA 538 -87.53 -4.46 47.02
CA HIS FA 538 -87.43 -5.86 46.62
C HIS FA 538 -88.62 -6.27 45.76
N ASN FA 539 -89.80 -5.74 46.07
CA ASN FA 539 -91.00 -6.12 45.35
C ASN FA 539 -90.90 -5.75 43.88
N GLY FA 540 -90.01 -4.82 43.53
CA GLY FA 540 -89.81 -4.45 42.15
C GLY FA 540 -90.22 -3.03 41.87
N TYR FA 541 -90.45 -2.25 42.92
CA TYR FA 541 -90.80 -0.85 42.75
C TYR FA 541 -89.54 -0.02 42.52
N ASN FA 542 -89.41 0.49 41.30
CA ASN FA 542 -88.21 1.21 40.92
C ASN FA 542 -88.56 2.63 40.45
N ARG FA 543 -89.64 2.77 39.70
CA ARG FA 543 -90.06 4.10 39.28
C ARG FA 543 -90.79 4.79 40.43
N PRO FA 544 -90.76 6.13 40.47
CA PRO FA 544 -91.47 6.85 41.55
C PRO FA 544 -92.96 6.63 41.47
N LYS FA 545 -93.61 6.63 42.63
CA LYS FA 545 -95.04 6.47 42.71
C LYS FA 545 -95.53 7.01 44.04
N PHE FA 546 -96.79 7.40 44.08
CA PHE FA 546 -97.44 7.85 45.32
C PHE FA 546 -98.13 6.67 45.98
N GLY FA 547 -97.86 6.47 47.26
CA GLY FA 547 -98.58 5.48 48.04
C GLY FA 547 -97.88 4.15 48.23
N ILE FA 548 -96.64 4.01 47.75
CA ILE FA 548 -95.97 2.72 47.90
C ILE FA 548 -95.19 2.65 49.20
N ILE FA 549 -94.66 3.79 49.65
CA ILE FA 549 -93.79 3.89 50.82
C ILE FA 549 -93.99 5.24 51.47
N GLU FA 550 -93.72 5.30 52.77
CA GLU FA 550 -93.67 6.59 53.46
C GLU FA 550 -92.56 7.45 52.89
N GLY FA 551 -92.84 8.74 52.76
CA GLY FA 551 -91.85 9.69 52.30
C GLY FA 551 -92.41 10.50 51.15
N ALA FA 552 -92.58 11.80 51.36
CA ALA FA 552 -93.18 12.64 50.34
C ALA FA 552 -92.34 12.71 49.07
N LEU FA 553 -91.05 12.42 49.16
CA LEU FA 553 -90.22 12.45 47.96
C LEU FA 553 -90.15 11.10 47.26
N SER FA 554 -90.84 10.08 47.77
CA SER FA 554 -90.88 8.81 47.05
C SER FA 554 -91.66 8.93 45.75
N ALA FA 555 -92.48 9.98 45.61
CA ALA FA 555 -93.12 10.23 44.33
C ALA FA 555 -92.21 10.96 43.37
N VAL FA 556 -91.03 11.39 43.82
CA VAL FA 556 -90.13 12.18 42.99
C VAL FA 556 -89.01 11.31 42.44
N MET FA 557 -88.30 10.62 43.32
CA MET FA 557 -87.11 9.87 42.96
C MET FA 557 -87.41 8.38 42.95
N ARG FA 558 -86.57 7.65 42.24
CA ARG FA 558 -86.70 6.20 42.23
C ARG FA 558 -86.35 5.63 43.60
N PRO FA 559 -87.23 4.82 44.19
CA PRO FA 559 -86.86 4.14 45.44
C PRO FA 559 -85.68 3.20 45.20
N THR FA 560 -84.65 3.34 46.04
CA THR FA 560 -83.43 2.54 45.90
C THR FA 560 -82.97 2.05 47.26
N TYR FA 561 -82.54 0.80 47.30
CA TYR FA 561 -82.14 0.12 48.52
C TYR FA 561 -81.09 -0.91 48.17
N ARG FA 562 -80.03 -0.98 48.95
CA ARG FA 562 -79.06 -2.06 48.80
C ARG FA 562 -78.77 -2.68 50.15
N TYR FA 563 -78.85 -3.99 50.21
CA TYR FA 563 -78.51 -4.77 51.40
C TYR FA 563 -77.28 -5.60 51.10
N LYS FA 564 -76.23 -5.41 51.89
CA LYS FA 564 -74.98 -6.15 51.73
C LYS FA 564 -74.52 -6.62 53.11
N GLU FA 565 -74.17 -7.89 53.21
CA GLU FA 565 -73.65 -8.45 54.45
C GLU FA 565 -72.14 -8.55 54.33
N LEU FA 566 -71.43 -7.80 55.17
CA LEU FA 566 -69.98 -7.78 55.18
C LEU FA 566 -69.46 -8.76 56.21
N ASP FA 567 -69.21 -9.99 55.80
CA ASP FA 567 -68.53 -10.98 56.61
C ASP FA 567 -67.05 -10.81 56.33
N LEU FA 568 -66.36 -10.03 57.18
CA LEU FA 568 -65.07 -9.46 56.80
C LEU FA 568 -64.05 -10.53 56.44
N GLU FA 569 -64.15 -11.73 57.03
CA GLU FA 569 -63.25 -12.81 56.65
C GLU FA 569 -63.34 -13.08 55.15
N LYS FA 570 -64.52 -12.89 54.55
CA LYS FA 570 -64.67 -13.17 53.12
C LYS FA 570 -64.57 -11.89 52.28
N VAL FA 571 -64.24 -10.76 52.89
CA VAL FA 571 -64.22 -9.50 52.16
C VAL FA 571 -62.81 -8.93 52.09
N ILE FA 572 -62.05 -9.03 53.18
CA ILE FA 572 -60.78 -8.32 53.27
C ILE FA 572 -59.71 -9.09 52.51
N ASP FA 573 -58.85 -8.33 51.82
CA ASP FA 573 -57.59 -8.84 51.29
C ASP FA 573 -56.46 -8.24 52.10
N THR FA 574 -55.77 -9.07 52.86
CA THR FA 574 -54.69 -8.59 53.70
C THR FA 574 -53.53 -9.59 53.68
N ILE FA 575 -52.32 -9.06 53.70
CA ILE FA 575 -51.12 -9.86 53.56
C ILE FA 575 -50.38 -9.97 54.89
N LYS FA 576 -50.21 -8.86 55.60
CA LYS FA 576 -49.42 -8.85 56.83
C LYS FA 576 -50.07 -7.92 57.85
N SER FA 577 -49.84 -8.22 59.13
CA SER FA 577 -50.51 -7.54 60.23
C SER FA 577 -50.22 -6.05 60.28
N LYS FA 578 -49.04 -5.61 59.83
CA LYS FA 578 -48.74 -4.19 59.86
C LYS FA 578 -49.79 -3.38 59.12
N ASP FA 579 -50.41 -3.98 58.11
CA ASP FA 579 -51.38 -3.31 57.26
C ASP FA 579 -52.81 -3.59 57.65
N ARG FA 580 -53.04 -4.31 58.75
CA ARG FA 580 -54.36 -4.86 59.01
C ARG FA 580 -55.39 -3.76 59.25
N TRP FA 581 -55.00 -2.69 59.94
CA TRP FA 581 -55.96 -1.62 60.23
C TRP FA 581 -56.48 -0.99 58.95
N ASP FA 582 -55.56 -0.67 58.03
CA ASP FA 582 -55.99 -0.04 56.78
C ASP FA 582 -56.78 -1.01 55.93
N ASP FA 583 -56.44 -2.30 55.98
CA ASP FA 583 -57.18 -3.29 55.21
C ASP FA 583 -58.60 -3.46 55.74
N VAL FA 584 -58.77 -3.45 57.07
CA VAL FA 584 -60.13 -3.51 57.60
C VAL FA 584 -60.90 -2.24 57.25
N CYS FA 585 -60.31 -1.07 57.46
CA CYS FA 585 -61.04 0.17 57.20
C CYS FA 585 -61.37 0.29 55.71
N ALA FA 586 -60.40 -0.02 54.85
CA ALA FA 586 -60.62 0.11 53.42
C ALA FA 586 -61.67 -0.87 52.94
N ALA FA 587 -61.67 -2.10 53.44
CA ALA FA 587 -62.65 -3.08 52.97
C ALA FA 587 -64.05 -2.59 53.25
N ILE FA 588 -64.27 -2.03 54.45
CA ILE FA 588 -65.61 -1.56 54.79
C ILE FA 588 -65.99 -0.36 53.94
N LEU FA 589 -65.08 0.62 53.82
CA LEU FA 589 -65.39 1.81 53.04
C LEU FA 589 -65.54 1.50 51.56
N ASN FA 590 -64.72 0.60 51.04
CA ASN FA 590 -64.81 0.25 49.62
C ASN FA 590 -66.11 -0.46 49.32
N CYS FA 591 -66.61 -1.28 50.24
CA CYS FA 591 -67.91 -1.89 50.04
C CYS FA 591 -68.99 -0.83 49.93
N VAL FA 592 -68.91 0.21 50.76
CA VAL FA 592 -69.88 1.30 50.69
C VAL FA 592 -69.78 2.00 49.32
N LYS FA 593 -68.55 2.29 48.89
CA LYS FA 593 -68.35 2.93 47.58
C LYS FA 593 -68.94 2.07 46.47
N ALA FA 594 -68.66 0.77 46.51
CA ALA FA 594 -69.12 -0.13 45.46
C ALA FA 594 -70.63 -0.13 45.33
N GLU FA 595 -71.35 -0.08 46.45
CA GLU FA 595 -72.79 -0.08 46.36
C GLU FA 595 -73.34 1.32 46.18
N LEU FA 596 -72.66 2.34 46.73
CA LEU FA 596 -73.17 3.69 46.70
C LEU FA 596 -73.15 4.29 45.31
N PHE FA 597 -72.05 4.10 44.56
CA PHE FA 597 -71.98 4.73 43.24
C PHE FA 597 -73.10 4.31 42.31
N PRO FA 598 -73.35 3.01 42.08
CA PRO FA 598 -74.47 2.66 41.18
C PRO FA 598 -75.84 2.97 41.77
N ALA FA 599 -75.97 2.95 43.10
CA ALA FA 599 -77.25 3.34 43.69
C ALA FA 599 -77.47 4.83 43.59
N HIS FA 600 -76.41 5.62 43.73
CA HIS FA 600 -76.50 7.05 43.51
C HIS FA 600 -76.80 7.38 42.04
N ARG FA 601 -76.26 6.58 41.13
CA ARG FA 601 -76.59 6.74 39.71
C ARG FA 601 -78.02 6.32 39.43
N ASP FA 602 -78.43 5.13 39.90
CA ASP FA 602 -79.75 4.60 39.57
C ASP FA 602 -80.85 5.47 40.17
N SER FA 603 -80.63 6.01 41.36
CA SER FA 603 -81.65 6.84 41.94
C SER FA 603 -81.62 8.22 41.29
N ASN FA 604 -82.63 9.03 41.60
CA ASN FA 604 -82.73 10.39 41.07
C ASN FA 604 -82.40 11.43 42.12
N ILE FA 605 -81.48 11.11 43.05
CA ILE FA 605 -81.26 12.00 44.18
C ILE FA 605 -80.79 13.37 43.70
N GLU FA 606 -79.82 13.37 42.79
CA GLU FA 606 -79.29 14.64 42.29
C GLU FA 606 -80.36 15.43 41.56
N ALA FA 607 -81.17 14.75 40.75
CA ALA FA 607 -82.26 15.44 40.05
C ALA FA 607 -83.27 16.00 41.03
N ALA FA 608 -83.65 15.21 42.04
CA ALA FA 608 -84.62 15.67 43.03
C ALA FA 608 -84.06 16.84 43.83
N PHE FA 609 -82.83 16.72 44.30
CA PHE FA 609 -82.25 17.79 45.12
C PHE FA 609 -82.10 19.07 44.31
N ARG FA 610 -81.67 18.95 43.06
CA ARG FA 610 -81.47 20.15 42.25
C ARG FA 610 -82.79 20.80 41.85
N VAL FA 611 -83.87 20.02 41.70
CA VAL FA 611 -85.14 20.64 41.33
C VAL FA 611 -85.85 21.16 42.57
N ILE FA 612 -85.62 20.54 43.74
CA ILE FA 612 -86.33 20.96 44.94
C ILE FA 612 -85.67 22.14 45.61
N SER FA 613 -84.34 22.08 45.78
CA SER FA 613 -83.65 23.15 46.49
C SER FA 613 -83.60 24.43 45.66
N GLY FA 614 -83.67 24.31 44.34
CA GLY FA 614 -83.47 25.44 43.47
C GLY FA 614 -82.03 25.71 43.11
N ASN FA 615 -81.09 24.98 43.69
CA ASN FA 615 -79.67 25.16 43.40
C ASN FA 615 -79.32 24.31 42.19
N GLN FA 616 -78.84 24.95 41.13
CA GLN FA 616 -78.61 24.23 39.89
C GLN FA 616 -77.66 23.07 40.10
N ASP FA 617 -76.73 23.19 41.05
CA ASP FA 617 -75.74 22.15 41.32
C ASP FA 617 -75.54 22.06 42.82
N GLU FA 618 -76.28 21.14 43.46
CA GLU FA 618 -76.14 20.87 44.89
C GLU FA 618 -75.89 19.39 45.08
N THR FA 619 -74.79 19.05 45.73
CA THR FA 619 -74.43 17.66 45.94
C THR FA 619 -74.94 17.20 47.30
N PRO FA 620 -75.67 16.09 47.38
CA PRO FA 620 -76.13 15.60 48.68
C PRO FA 620 -74.97 15.07 49.49
N MET FA 621 -75.12 15.11 50.81
CA MET FA 621 -74.14 14.54 51.71
C MET FA 621 -74.67 13.23 52.27
N TYR FA 622 -73.81 12.23 52.34
CA TYR FA 622 -74.20 10.92 52.88
C TYR FA 622 -73.68 10.75 54.28
N LEU FA 623 -74.56 10.32 55.18
CA LEU FA 623 -74.19 10.04 56.56
C LEU FA 623 -73.88 8.56 56.72
N PHE FA 624 -72.76 8.25 57.36
CA PHE FA 624 -72.45 6.87 57.72
C PHE FA 624 -72.97 6.62 59.12
N CYS FA 625 -74.13 5.99 59.21
CA CYS FA 625 -74.78 5.78 60.50
C CYS FA 625 -74.41 4.40 61.03
N SER FA 626 -73.68 4.37 62.14
CA SER FA 626 -73.10 3.11 62.60
C SER FA 626 -73.09 3.13 64.12
N ASP FA 627 -72.72 2.00 64.71
CA ASP FA 627 -72.52 1.94 66.14
C ASP FA 627 -71.10 2.36 66.48
N LYS FA 628 -70.74 2.26 67.76
CA LYS FA 628 -69.42 2.74 68.19
C LYS FA 628 -68.29 1.89 67.64
N GLU FA 629 -68.49 0.57 67.59
CA GLU FA 629 -67.42 -0.31 67.11
C GLU FA 629 -67.06 -0.01 65.67
N ILE FA 630 -68.07 0.09 64.80
CA ILE FA 630 -67.81 0.33 63.38
C ILE FA 630 -67.27 1.73 63.18
N ALA FA 631 -67.88 2.72 63.82
CA ALA FA 631 -67.41 4.08 63.67
C ALA FA 631 -65.96 4.24 64.10
N ASN FA 632 -65.52 3.48 65.11
CA ASN FA 632 -64.14 3.62 65.56
C ASN FA 632 -63.14 3.28 64.47
N TYR FA 633 -63.55 2.45 63.50
CA TYR FA 633 -62.70 2.14 62.37
C TYR FA 633 -62.79 3.19 61.28
N LEU FA 634 -64.00 3.65 60.95
CA LEU FA 634 -64.15 4.55 59.83
C LEU FA 634 -63.70 5.97 60.15
N MET FA 635 -63.87 6.40 61.41
CA MET FA 635 -63.52 7.78 61.74
C MET FA 635 -62.03 8.06 61.59
N THR FA 636 -61.18 7.05 61.81
CA THR FA 636 -59.74 7.30 61.82
C THR FA 636 -59.23 7.65 60.43
N LYS FA 637 -60.00 7.32 59.40
CA LYS FA 637 -59.62 7.60 58.02
C LYS FA 637 -60.63 8.50 57.33
N GLY FA 638 -61.39 9.25 58.12
CA GLY FA 638 -62.46 10.08 57.58
C GLY FA 638 -62.03 11.49 57.28
N ASP FA 639 -60.72 11.72 57.22
CA ASP FA 639 -60.21 13.06 56.98
C ASP FA 639 -60.52 13.55 55.57
N ASP FA 640 -60.52 12.64 54.59
CA ASP FA 640 -60.74 13.05 53.20
C ASP FA 640 -62.18 13.49 52.99
N ARG FA 641 -63.13 12.80 53.62
CA ARG FA 641 -64.56 13.12 53.58
C ARG FA 641 -65.13 12.95 52.17
N THR FA 642 -64.31 12.50 51.22
CA THR FA 642 -64.74 12.47 49.83
C THR FA 642 -64.74 11.04 49.30
N LEU FA 643 -65.80 10.73 48.55
CA LEU FA 643 -65.95 9.46 47.87
C LEU FA 643 -65.91 9.72 46.36
N GLY FA 644 -65.06 9.00 45.65
CA GLY FA 644 -65.01 9.16 44.21
C GLY FA 644 -64.58 10.56 43.83
N ALA FA 645 -65.38 11.21 42.97
CA ALA FA 645 -65.06 12.54 42.47
C ALA FA 645 -65.57 13.65 43.38
N TYR FA 646 -66.87 13.70 43.67
CA TYR FA 646 -67.47 14.88 44.28
C TYR FA 646 -68.43 14.58 45.42
N LEU FA 647 -68.52 13.34 45.89
CA LEU FA 647 -69.45 13.00 46.96
C LEU FA 647 -68.80 13.23 48.32
N LYS FA 648 -69.55 13.85 49.22
CA LYS FA 648 -69.10 14.16 50.56
C LYS FA 648 -69.89 13.34 51.56
N TYR FA 649 -69.24 12.87 52.62
CA TYR FA 649 -69.99 12.15 53.67
C TYR FA 649 -69.64 12.71 55.03
N ASP FA 650 -70.34 12.19 56.05
CA ASP FA 650 -70.02 12.46 57.43
C ASP FA 650 -70.34 11.18 58.21
N ILE FA 651 -69.78 11.07 59.41
CA ILE FA 651 -69.91 9.87 60.22
C ILE FA 651 -70.63 10.23 61.51
N VAL FA 652 -71.70 9.50 61.82
CA VAL FA 652 -72.44 9.65 63.07
C VAL FA 652 -72.59 8.28 63.71
N SER FA 653 -72.55 8.24 65.03
CA SER FA 653 -72.49 7.00 65.78
C SER FA 653 -73.51 7.00 66.90
N THR FA 654 -74.00 5.81 67.24
CA THR FA 654 -74.85 5.65 68.41
C THR FA 654 -74.40 4.43 69.18
N ASN FA 655 -74.69 4.43 70.48
CA ASN FA 655 -74.46 3.28 71.33
C ASN FA 655 -75.74 2.55 71.67
N ASN FA 656 -76.79 2.77 70.88
CA ASN FA 656 -78.06 2.08 71.09
C ASN FA 656 -77.90 0.60 70.77
N GLN FA 657 -78.38 -0.25 71.67
CA GLN FA 657 -78.34 -1.68 71.42
C GLN FA 657 -79.05 -2.06 70.13
N LEU FA 658 -80.11 -1.33 69.76
CA LEU FA 658 -80.87 -1.73 68.57
C LEU FA 658 -80.06 -1.60 67.31
N PHE FA 659 -78.99 -0.82 67.32
CA PHE FA 659 -78.23 -0.51 66.13
C PHE FA 659 -76.90 -1.25 66.12
N ASP FA 660 -76.74 -2.24 66.99
CA ASP FA 660 -75.48 -2.95 67.13
C ASP FA 660 -75.08 -3.62 65.83
N GLY FA 661 -73.87 -3.32 65.36
CA GLY FA 661 -73.33 -3.96 64.17
C GLY FA 661 -73.93 -3.53 62.85
N LYS FA 662 -74.66 -2.42 62.82
CA LYS FA 662 -75.35 -1.97 61.62
C LYS FA 662 -74.65 -0.72 61.10
N LEU FA 663 -74.37 -0.70 59.81
CA LEU FA 663 -73.96 0.53 59.13
C LEU FA 663 -75.00 0.85 58.07
N VAL FA 664 -75.58 2.04 58.14
CA VAL FA 664 -76.58 2.49 57.18
C VAL FA 664 -76.14 3.83 56.62
N VAL FA 665 -76.20 3.95 55.29
CA VAL FA 665 -75.77 5.15 54.59
C VAL FA 665 -77.01 5.83 54.03
N ILE FA 666 -77.24 7.07 54.43
CA ILE FA 666 -78.42 7.81 53.99
C ILE FA 666 -77.99 9.18 53.49
N PRO FA 667 -78.64 9.69 52.45
CA PRO FA 667 -78.34 11.05 52.01
C PRO FA 667 -79.12 12.08 52.81
N THR FA 668 -78.47 13.22 53.04
CA THR FA 668 -79.15 14.39 53.58
C THR FA 668 -78.66 15.60 52.81
N ARG FA 669 -79.34 16.72 53.01
CA ARG FA 669 -78.85 17.97 52.46
C ARG FA 669 -77.56 18.37 53.16
N ALA FA 670 -76.57 18.82 52.37
CA ALA FA 670 -75.27 19.15 52.94
C ALA FA 670 -75.39 20.23 54.02
N VAL FA 671 -76.29 21.17 53.83
CA VAL FA 671 -76.62 22.17 54.85
C VAL FA 671 -78.09 22.04 55.20
N GLN FA 672 -78.36 21.78 56.47
CA GLN FA 672 -79.71 21.52 56.94
C GLN FA 672 -80.40 22.82 57.32
N GLN FA 673 -81.66 22.94 56.91
CA GLN FA 673 -82.47 24.11 57.18
C GLN FA 673 -83.73 23.70 57.92
N GLU FA 674 -84.34 24.66 58.60
CA GLU FA 674 -85.60 24.41 59.29
C GLU FA 674 -86.66 23.89 58.35
N ASN FA 675 -87.32 22.81 58.75
CA ASN FA 675 -88.45 22.24 58.01
C ASN FA 675 -88.06 21.96 56.56
N ASP FA 676 -86.91 21.33 56.38
CA ASP FA 676 -86.35 21.06 55.06
C ASP FA 676 -86.74 19.67 54.63
N ILE FA 677 -87.50 19.57 53.54
CA ILE FA 677 -87.92 18.27 53.03
C ILE FA 677 -86.75 17.40 52.61
N LEU FA 678 -85.61 18.00 52.28
CA LEU FA 678 -84.52 17.19 51.74
C LEU FA 678 -83.73 16.49 52.84
N SER FA 679 -84.13 16.65 54.09
CA SER FA 679 -83.55 15.83 55.14
C SER FA 679 -84.10 14.41 55.03
N TRP FA 680 -83.23 13.43 55.24
CA TRP FA 680 -83.66 12.03 55.13
C TRP FA 680 -84.84 11.75 56.04
N GLY FA 681 -84.76 12.20 57.28
CA GLY FA 681 -85.90 12.09 58.16
C GLY FA 681 -86.10 13.40 58.86
N GLN FA 682 -87.25 13.55 59.51
CA GLN FA 682 -87.56 14.78 60.21
C GLN FA 682 -88.19 14.43 61.54
N PHE FA 683 -87.82 15.18 62.59
CA PHE FA 683 -88.41 14.98 63.91
C PHE FA 683 -89.31 16.18 64.21
N PHE FA 684 -90.59 15.89 64.44
CA PHE FA 684 -91.54 16.93 64.82
C PHE FA 684 -91.70 16.94 66.33
N TYR FA 685 -91.28 18.04 66.95
CA TYR FA 685 -91.28 18.17 68.40
C TYR FA 685 -92.29 19.22 68.82
N VAL FA 686 -93.06 18.90 69.86
CA VAL FA 686 -93.93 19.87 70.52
C VAL FA 686 -93.59 19.87 72.00
N SER FA 687 -93.57 21.06 72.60
CA SER FA 687 -93.26 21.18 74.02
C SER FA 687 -94.07 20.21 74.86
N THR FA 688 -93.40 19.58 75.81
CA THR FA 688 -94.04 18.59 76.67
C THR FA 688 -94.89 19.29 77.73
N VAL FA 689 -95.77 18.51 78.35
CA VAL FA 689 -96.66 19.02 79.39
C VAL FA 689 -96.35 18.32 80.71
N ILE FA 690 -96.17 19.11 81.76
CA ILE FA 690 -95.95 18.59 83.10
C ILE FA 690 -97.24 18.73 83.88
N ALA FA 691 -97.80 17.61 84.32
CA ALA FA 691 -99.07 17.58 85.02
C ALA FA 691 -98.82 17.28 86.49
N ASP FA 692 -99.32 18.15 87.36
CA ASP FA 692 -99.13 18.03 88.80
C ASP FA 692 -100.46 18.14 89.53
N LEU FA 693 -100.94 17.02 90.04
CA LEU FA 693 -102.27 16.93 90.64
C LEU FA 693 -102.30 15.71 91.55
N PRO FA 694 -102.78 15.84 92.78
CA PRO FA 694 -102.84 14.68 93.67
C PRO FA 694 -103.99 13.73 93.33
N ILE FA 695 -103.75 12.83 92.39
CA ILE FA 695 -104.79 11.91 91.93
C ILE FA 695 -105.02 10.83 92.98
N THR FA 696 -106.30 10.59 93.30
CA THR FA 696 -106.67 9.58 94.28
C THR FA 696 -106.73 8.20 93.62
N ARG FA 697 -105.58 7.77 93.10
CA ARG FA 697 -105.52 6.51 92.37
C ARG FA 697 -105.84 5.34 93.27
N GLY FA 698 -106.70 4.46 92.79
CA GLY FA 698 -107.08 3.28 93.53
C GLY FA 698 -108.31 3.49 94.40
N GLY FA 699 -108.72 4.72 94.62
CA GLY FA 699 -109.88 5.04 95.41
C GLY FA 699 -109.64 5.05 96.91
N HIS FA 700 -108.44 4.77 97.36
CA HIS FA 700 -108.26 4.73 98.81
C HIS FA 700 -107.08 5.53 99.32
N GLN FA 701 -105.94 5.50 98.65
CA GLN FA 701 -104.74 6.19 99.10
C GLN FA 701 -104.35 7.26 98.09
N VAL FA 702 -104.42 8.51 98.49
CA VAL FA 702 -104.07 9.62 97.60
C VAL FA 702 -102.56 9.80 97.57
N THR FA 703 -102.03 10.04 96.38
CA THR FA 703 -100.60 10.29 96.19
C THR FA 703 -100.43 11.49 95.27
N ARG FA 704 -99.42 12.31 95.52
CA ARG FA 704 -99.09 13.37 94.59
C ARG FA 704 -98.27 12.80 93.44
N GLU FA 705 -98.58 13.22 92.23
CA GLU FA 705 -97.88 12.74 91.04
C GLU FA 705 -97.55 13.90 90.12
N ILE FA 706 -96.33 13.94 89.63
CA ILE FA 706 -95.91 14.85 88.58
C ILE FA 706 -95.51 14.00 87.38
N ALA FA 707 -96.15 14.23 86.24
CA ALA FA 707 -95.92 13.42 85.05
C ALA FA 707 -95.65 14.30 83.84
N ALA FA 708 -94.87 13.77 82.92
CA ALA FA 708 -94.53 14.43 81.66
C ALA FA 708 -95.17 13.63 80.52
N ILE FA 709 -95.93 14.32 79.68
CA ILE FA 709 -96.63 13.70 78.56
C ILE FA 709 -95.94 14.14 77.28
N PRO FA 710 -95.24 13.26 76.58
CA PRO FA 710 -94.58 13.67 75.33
C PRO FA 710 -95.59 13.88 74.22
N PHE FA 711 -95.17 14.61 73.18
CA PHE FA 711 -95.99 14.83 71.99
C PHE FA 711 -95.04 15.13 70.84
N ASN FA 712 -94.79 14.12 70.00
CA ASN FA 712 -93.82 14.25 68.92
C ASN FA 712 -94.07 13.17 67.88
N LEU FA 713 -93.39 13.31 66.75
CA LEU FA 713 -93.49 12.38 65.64
C LEU FA 713 -92.19 12.35 64.87
N HIS FA 714 -91.75 11.15 64.51
CA HIS FA 714 -90.65 10.95 63.57
C HIS FA 714 -91.22 10.54 62.23
N VAL FA 715 -90.77 11.20 61.16
CA VAL FA 715 -91.19 10.83 59.81
C VAL FA 715 -89.96 10.68 58.94
N ASN FA 716 -90.12 9.95 57.83
CA ASN FA 716 -89.11 9.82 56.81
C ASN FA 716 -89.54 10.58 55.57
N ASN FA 717 -88.58 11.12 54.83
CA ASN FA 717 -88.88 11.80 53.58
C ASN FA 717 -88.23 11.18 52.36
N ILE FA 718 -87.04 10.58 52.49
CA ILE FA 718 -86.27 10.09 51.35
C ILE FA 718 -86.19 8.57 51.44
N PRO FA 719 -86.65 7.83 50.42
CA PRO FA 719 -86.62 6.37 50.49
C PRO FA 719 -85.27 5.75 50.17
N PHE FA 720 -84.22 6.53 49.97
CA PHE FA 720 -82.93 5.93 49.67
C PHE FA 720 -82.20 5.54 50.95
N ALA FA 721 -81.64 4.33 50.96
CA ALA FA 721 -80.79 3.87 52.06
C ALA FA 721 -79.95 2.71 51.56
N LEU FA 722 -78.74 2.60 52.11
CA LEU FA 722 -77.90 1.41 51.93
C LEU FA 722 -77.65 0.81 53.30
N GLU FA 723 -78.00 -0.46 53.47
CA GLU FA 723 -77.89 -1.14 54.76
C GLU FA 723 -76.76 -2.14 54.69
N PHE FA 724 -75.78 -2.00 55.57
CA PHE FA 724 -74.62 -2.88 55.61
C PHE FA 724 -74.57 -3.59 56.95
N LYS FA 725 -74.54 -4.91 56.93
CA LYS FA 725 -74.43 -5.72 58.13
C LYS FA 725 -72.99 -6.16 58.23
N ILE FA 726 -72.26 -5.59 59.18
CA ILE FA 726 -70.82 -5.76 59.29
C ILE FA 726 -70.52 -6.62 60.52
N THR FA 727 -69.85 -7.74 60.30
CA THR FA 727 -69.53 -8.67 61.37
C THR FA 727 -68.16 -9.26 61.12
N GLY FA 728 -67.57 -9.79 62.18
CA GLY FA 728 -66.33 -10.52 62.06
C GLY FA 728 -65.10 -9.65 62.18
N PHE FA 729 -65.14 -8.66 63.07
CA PHE FA 729 -63.95 -7.88 63.37
C PHE FA 729 -62.90 -8.68 64.13
N GLN FA 730 -63.33 -9.50 65.08
CA GLN FA 730 -62.37 -10.25 65.89
C GLN FA 730 -61.83 -11.45 65.15
N LYS FA 731 -62.46 -11.82 64.04
CA LYS FA 731 -62.00 -12.94 63.21
C LYS FA 731 -60.91 -12.53 62.23
N VAL FA 732 -60.90 -11.28 61.78
CA VAL FA 732 -59.91 -10.81 60.82
C VAL FA 732 -58.75 -10.10 61.51
N MET FA 733 -59.01 -9.43 62.63
CA MET FA 733 -57.92 -8.85 63.41
C MET FA 733 -57.38 -9.81 64.45
N GLY FA 734 -58.19 -10.73 64.94
CA GLY FA 734 -57.75 -11.62 66.01
C GLY FA 734 -56.99 -12.84 65.51
N GLU FA 735 -57.26 -13.26 64.29
CA GLU FA 735 -56.68 -14.48 63.74
C GLU FA 735 -55.78 -14.19 62.55
N THR FA 736 -55.14 -15.24 62.05
CA THR FA 736 -54.30 -15.16 60.87
C THR FA 736 -55.18 -15.27 59.63
N GLN FA 737 -54.96 -14.36 58.67
CA GLN FA 737 -55.77 -14.38 57.44
C GLN FA 737 -54.93 -14.80 56.24
N PHE FA 738 -53.61 -14.67 56.33
CA PHE FA 738 -52.78 -15.01 55.19
C PHE FA 738 -51.96 -16.27 55.44
N ASN FA 739 -51.08 -16.24 56.44
CA ASN FA 739 -50.21 -17.38 56.67
C ASN FA 739 -50.95 -18.61 57.18
N GLY FA 740 -52.05 -18.41 57.90
CA GLY FA 740 -52.86 -19.56 58.31
C GLY FA 740 -53.39 -20.34 57.13
N LYS FA 741 -53.77 -19.64 56.07
CA LYS FA 741 -54.26 -20.32 54.87
C LYS FA 741 -53.15 -21.14 54.22
N LEU FA 742 -51.95 -20.58 54.15
CA LEU FA 742 -50.83 -21.33 53.58
C LEU FA 742 -50.57 -22.61 54.36
N ALA FA 743 -50.70 -22.55 55.69
CA ALA FA 743 -50.62 -23.78 56.48
C ALA FA 743 -51.76 -24.73 56.17
N ASP FA 744 -52.96 -24.20 55.92
CA ASP FA 744 -54.08 -25.09 55.62
C ASP FA 744 -53.92 -25.77 54.25
N LEU FA 745 -53.06 -25.23 53.39
CA LEU FA 745 -52.78 -25.90 52.12
C LEU FA 745 -51.83 -27.09 52.27
N LYS FA 746 -51.25 -27.28 53.44
CA LYS FA 746 -50.31 -28.38 53.63
C LYS FA 746 -51.03 -29.71 53.46
N PRO FA 747 -50.52 -30.62 52.62
CA PRO FA 747 -51.15 -31.93 52.39
C PRO FA 747 -50.84 -32.95 53.48
N ASN GA 164 -116.94 18.05 73.50
CA ASN GA 164 -115.54 18.11 73.13
C ASN GA 164 -114.69 18.15 74.38
N TYR GA 165 -114.53 17.00 75.03
CA TYR GA 165 -113.71 16.93 76.22
C TYR GA 165 -112.24 17.18 75.88
N ASN GA 166 -111.79 16.72 74.72
CA ASN GA 166 -110.43 16.89 74.25
C ASN GA 166 -110.45 17.49 72.85
N GLU GA 167 -110.15 18.79 72.74
CA GLU GA 167 -110.09 19.45 71.45
C GLU GA 167 -108.65 19.40 70.94
N LYS GA 168 -108.16 18.18 70.74
CA LYS GA 168 -106.89 17.98 70.08
C LYS GA 168 -107.05 18.15 68.58
N SER GA 169 -106.24 19.02 67.99
CA SER GA 169 -106.51 19.53 66.65
C SER GA 169 -106.39 18.41 65.63
N GLN GA 170 -107.30 18.37 64.67
CA GLN GA 170 -107.15 17.55 63.47
C GLN GA 170 -107.47 18.27 62.18
N ARG GA 171 -107.65 19.60 62.20
CA ARG GA 171 -107.94 20.31 60.96
C ARG GA 171 -106.85 21.26 60.53
N ASP GA 172 -106.30 22.06 61.44
CA ASP GA 172 -105.33 23.06 61.08
C ASP GA 172 -103.93 22.49 61.29
N PHE GA 173 -103.16 22.43 60.21
CA PHE GA 173 -101.83 21.84 60.27
C PHE GA 173 -100.84 22.82 59.70
N ARG GA 174 -99.58 22.63 60.02
CA ARG GA 174 -98.54 23.41 59.38
C ARG GA 174 -98.33 22.90 57.97
N VAL GA 175 -98.50 23.77 56.99
CA VAL GA 175 -98.40 23.40 55.58
C VAL GA 175 -97.06 23.87 55.05
N VAL GA 176 -96.33 22.95 54.41
CA VAL GA 176 -95.06 23.26 53.79
C VAL GA 176 -95.15 22.95 52.31
N THR GA 177 -94.67 23.88 51.48
CA THR GA 177 -94.68 23.74 50.04
C THR GA 177 -93.30 23.30 49.59
N ILE GA 178 -93.25 22.17 48.88
CA ILE GA 178 -91.97 21.70 48.37
C ILE GA 178 -91.64 22.41 47.06
N GLY GA 179 -90.42 22.94 46.98
CA GLY GA 179 -89.93 23.62 45.80
C GLY GA 179 -89.84 22.74 44.57
N TYR GA 180 -90.02 23.36 43.41
CA TYR GA 180 -89.98 22.63 42.13
C TYR GA 180 -89.48 23.60 41.07
N ASN GA 181 -88.16 23.77 40.99
CA ASN GA 181 -87.54 24.67 40.04
C ASN GA 181 -86.56 23.90 39.18
N LEU GA 182 -87.01 23.46 38.02
CA LEU GA 182 -86.16 22.66 37.12
C LEU GA 182 -85.79 23.49 35.90
N ALA GA 183 -84.63 23.19 35.32
CA ALA GA 183 -84.14 23.90 34.16
C ALA GA 183 -83.20 22.97 33.39
N ALA GA 184 -83.06 23.23 32.10
CA ALA GA 184 -82.05 22.59 31.28
C ALA GA 184 -81.48 23.63 30.33
N SER GA 185 -80.16 23.61 30.14
CA SER GA 185 -79.53 24.51 29.20
C SER GA 185 -79.75 24.01 27.79
N ARG GA 186 -79.48 24.87 26.81
CA ARG GA 186 -79.68 24.49 25.40
C ARG GA 186 -79.13 23.11 25.12
N GLN GA 187 -77.98 22.78 25.69
CA GLN GA 187 -77.43 21.44 25.59
C GLN GA 187 -76.47 21.27 26.77
N ASP GA 188 -76.54 20.13 27.45
CA ASP GA 188 -75.83 20.01 28.72
C ASP GA 188 -74.35 19.74 28.48
N GLU GA 189 -73.61 19.61 29.58
CA GLU GA 189 -72.15 19.58 29.52
C GLU GA 189 -71.65 18.36 28.77
N PHE GA 190 -72.26 17.21 28.99
CA PHE GA 190 -71.87 15.99 28.31
C PHE GA 190 -72.08 16.10 26.80
N ALA GA 191 -73.29 16.49 26.40
CA ALA GA 191 -73.56 16.59 24.97
C ALA GA 191 -72.85 17.78 24.35
N GLU GA 192 -72.64 18.85 25.12
CA GLU GA 192 -72.02 20.04 24.55
C GLU GA 192 -70.55 19.80 24.24
N ARG GA 193 -69.84 19.13 25.15
CA ARG GA 193 -68.43 18.86 24.90
C ARG GA 193 -68.26 17.92 23.72
N ILE GA 194 -69.20 16.97 23.56
CA ILE GA 194 -69.10 16.06 22.42
C ILE GA 194 -69.61 16.73 21.14
N TYR GA 195 -70.72 17.47 21.24
CA TYR GA 195 -71.36 18.12 20.10
C TYR GA 195 -71.44 19.62 20.33
N PRO GA 196 -70.35 20.36 20.17
CA PRO GA 196 -70.40 21.81 20.41
C PRO GA 196 -71.47 22.48 19.57
N THR GA 197 -72.14 23.45 20.16
CA THR GA 197 -73.29 24.10 19.54
C THR GA 197 -72.79 25.09 18.49
N THR GA 198 -73.38 25.04 17.30
CA THR GA 198 -73.18 26.05 16.27
C THR GA 198 -74.54 26.58 15.84
N VAL GA 199 -74.68 27.90 15.83
CA VAL GA 199 -75.97 28.53 15.56
C VAL GA 199 -76.06 28.88 14.07
N ILE GA 200 -77.13 28.42 13.43
CA ILE GA 200 -77.34 28.60 12.00
C ILE GA 200 -78.65 29.35 11.83
N ASN GA 201 -78.66 30.36 10.98
CA ASN GA 201 -79.90 31.08 10.73
C ASN GA 201 -80.92 30.14 10.08
N PRO GA 202 -82.19 30.21 10.48
CA PRO GA 202 -83.19 29.31 9.87
C PRO GA 202 -83.37 29.52 8.38
N ILE GA 203 -82.95 30.66 7.83
CA ILE GA 203 -83.06 30.86 6.39
C ILE GA 203 -82.25 29.82 5.64
N GLU GA 204 -81.16 29.34 6.25
CA GLU GA 204 -80.35 28.31 5.61
C GLU GA 204 -80.81 26.91 6.02
N GLY GA 205 -80.82 26.62 7.32
CA GLY GA 205 -81.30 25.32 7.76
C GLY GA 205 -80.45 24.13 7.34
N GLY GA 206 -79.14 24.32 7.20
CA GLY GA 206 -78.26 23.24 6.79
C GLY GA 206 -76.87 23.75 6.58
N VAL GA 207 -75.92 22.82 6.37
CA VAL GA 207 -74.54 23.17 6.15
C VAL GA 207 -74.01 22.36 4.98
N VAL GA 208 -72.97 22.89 4.32
CA VAL GA 208 -72.20 22.17 3.32
C VAL GA 208 -70.75 22.14 3.79
N GLN GA 209 -70.15 20.96 3.79
CA GLN GA 209 -68.76 20.79 4.22
C GLN GA 209 -67.91 20.53 2.98
N VAL GA 210 -66.98 21.44 2.71
CA VAL GA 210 -66.13 21.38 1.54
C VAL GA 210 -64.75 20.90 1.98
N LEU GA 211 -64.27 19.81 1.37
CA LEU GA 211 -63.02 19.18 1.76
C LEU GA 211 -62.04 19.19 0.60
N PRO GA 212 -61.22 20.23 0.47
CA PRO GA 212 -60.18 20.21 -0.56
C PRO GA 212 -59.02 19.31 -0.18
N TYR GA 213 -58.33 18.72 -1.15
CA TYR GA 213 -57.11 17.99 -0.85
C TYR GA 213 -56.26 17.81 -2.10
N ILE GA 214 -54.99 17.49 -1.89
CA ILE GA 214 -54.09 17.10 -2.96
C ILE GA 214 -54.02 15.59 -3.02
N ALA GA 215 -54.25 15.02 -4.20
CA ALA GA 215 -54.20 13.58 -4.38
C ALA GA 215 -53.07 13.21 -5.32
N VAL GA 216 -52.45 12.05 -5.06
CA VAL GA 216 -51.40 11.52 -5.92
C VAL GA 216 -51.95 10.34 -6.69
N MET GA 217 -51.74 10.35 -8.00
CA MET GA 217 -52.23 9.29 -8.88
C MET GA 217 -51.11 8.80 -9.77
N LYS GA 218 -51.23 7.56 -10.21
CA LYS GA 218 -50.30 6.98 -11.15
C LYS GA 218 -50.50 7.60 -12.52
N ASP GA 219 -49.44 7.74 -13.29
CA ASP GA 219 -49.53 8.14 -14.70
C ASP GA 219 -50.05 6.97 -15.52
N VAL GA 220 -51.34 6.95 -15.83
CA VAL GA 220 -51.98 5.80 -16.44
C VAL GA 220 -52.76 6.28 -17.66
N TYR GA 221 -52.63 5.54 -18.76
CA TYR GA 221 -53.38 5.86 -19.98
C TYR GA 221 -54.77 5.24 -19.93
N HIS GA 222 -55.72 5.92 -20.57
CA HIS GA 222 -57.08 5.40 -20.62
C HIS GA 222 -57.12 4.15 -21.47
N GLU GA 223 -57.74 3.09 -20.95
CA GLU GA 223 -57.81 1.85 -21.69
C GLU GA 223 -58.95 1.88 -22.71
N VAL GA 224 -58.79 1.11 -23.79
CA VAL GA 224 -59.83 1.01 -24.79
C VAL GA 224 -61.04 0.27 -24.24
N SER GA 225 -60.84 -0.82 -23.53
CA SER GA 225 -61.93 -1.64 -23.04
C SER GA 225 -62.09 -1.58 -21.52
N GLY GA 226 -61.43 -0.62 -20.88
CA GLY GA 226 -61.47 -0.52 -19.43
C GLY GA 226 -62.80 -0.11 -18.84
N VAL GA 227 -63.15 -0.71 -17.71
CA VAL GA 227 -64.36 -0.32 -16.99
C VAL GA 227 -64.13 1.00 -16.27
N LYS GA 228 -62.92 1.21 -15.76
CA LYS GA 228 -62.61 2.46 -15.05
C LYS GA 228 -61.11 2.76 -15.05
N MET GA 229 -60.75 4.03 -14.98
CA MET GA 229 -59.34 4.41 -14.91
C MET GA 229 -58.73 3.91 -13.61
N ASP GA 230 -57.65 3.14 -13.72
CA ASP GA 230 -57.01 2.57 -12.54
C ASP GA 230 -55.71 3.30 -12.24
N ASN GA 231 -55.77 4.31 -11.39
CA ASN GA 231 -54.61 5.15 -11.14
C ASN GA 231 -54.31 5.19 -9.65
N GLU GA 232 -54.94 4.30 -8.89
CA GLU GA 232 -54.75 4.26 -7.43
C GLU GA 232 -54.62 5.66 -6.84
N GLU GA 233 -55.68 6.45 -6.96
CA GLU GA 233 -55.57 7.84 -6.54
C GLU GA 233 -55.77 7.91 -5.03
N VAL GA 234 -54.80 8.45 -4.32
CA VAL GA 234 -54.82 8.44 -2.86
C VAL GA 234 -54.58 9.85 -2.35
N ASN GA 235 -55.31 10.21 -1.30
CA ASN GA 235 -55.09 11.49 -0.65
C ASN GA 235 -53.70 11.55 -0.04
N MET GA 236 -53.00 12.66 -0.29
CA MET GA 236 -51.64 12.78 0.21
C MET GA 236 -51.56 12.60 1.71
N VAL GA 237 -52.65 12.86 2.43
CA VAL GA 237 -52.61 12.76 3.89
C VAL GA 237 -52.26 11.34 4.29
N GLU GA 238 -52.61 10.37 3.46
CA GLU GA 238 -52.28 8.98 3.74
C GLU GA 238 -50.78 8.73 3.71
N ALA GA 239 -50.02 9.59 3.01
CA ALA GA 239 -48.59 9.34 2.86
C ALA GA 239 -47.84 9.45 4.18
N TYR GA 240 -48.44 10.07 5.19
CA TYR GA 240 -47.78 10.19 6.48
C TYR GA 240 -47.76 8.87 7.22
N ARG GA 241 -48.86 8.11 7.15
CA ARG GA 241 -48.89 6.76 7.73
C ARG GA 241 -48.27 5.74 6.78
N ASP GA 242 -48.54 5.89 5.48
CA ASP GA 242 -48.10 4.93 4.47
C ASP GA 242 -47.45 5.68 3.32
N PRO GA 243 -46.23 6.15 3.50
CA PRO GA 243 -45.58 6.95 2.45
C PRO GA 243 -45.20 6.12 1.25
N SER GA 244 -45.32 4.80 1.36
CA SER GA 244 -44.98 3.93 0.24
C SER GA 244 -45.86 4.18 -0.97
N ILE GA 245 -47.00 4.84 -0.80
CA ILE GA 245 -47.86 5.15 -1.93
C ILE GA 245 -47.18 6.08 -2.91
N LEU GA 246 -46.09 6.73 -2.49
CA LEU GA 246 -45.36 7.67 -3.33
C LEU GA 246 -44.21 7.04 -4.07
N ASP GA 247 -43.91 5.76 -3.83
CA ASP GA 247 -42.75 5.15 -4.45
C ASP GA 247 -42.91 5.09 -5.95
N ASP GA 248 -41.82 5.34 -6.65
CA ASP GA 248 -41.83 5.30 -8.11
C ASP GA 248 -40.49 4.85 -8.63
N GLU GA 249 -40.50 3.81 -9.47
CA GLU GA 249 -39.28 3.29 -10.08
C GLU GA 249 -39.37 3.38 -11.60
N SER GA 250 -40.16 4.32 -12.12
CA SER GA 250 -40.40 4.37 -13.56
C SER GA 250 -39.12 4.63 -14.33
N ILE GA 251 -38.11 5.21 -13.69
CA ILE GA 251 -36.88 5.51 -14.41
C ILE GA 251 -35.94 4.31 -14.44
N ALA GA 252 -36.30 3.23 -13.75
CA ALA GA 252 -35.43 2.07 -13.68
C ALA GA 252 -35.19 1.47 -15.06
N LEU GA 253 -33.98 0.98 -15.27
CA LEU GA 253 -33.57 0.34 -16.51
C LEU GA 253 -33.66 -1.16 -16.32
N ILE GA 254 -34.75 -1.76 -16.79
CA ILE GA 254 -35.02 -3.17 -16.54
C ILE GA 254 -34.92 -3.92 -17.86
N PRO GA 255 -33.88 -4.73 -18.07
CA PRO GA 255 -33.79 -5.52 -19.31
C PRO GA 255 -35.05 -6.36 -19.48
N ALA GA 256 -35.62 -6.28 -20.68
CA ALA GA 256 -36.91 -6.90 -20.95
C ALA GA 256 -36.86 -7.75 -22.20
N LEU GA 257 -37.64 -8.82 -22.19
CA LEU GA 257 -37.70 -9.73 -23.32
C LEU GA 257 -38.57 -9.14 -24.42
N ASP GA 258 -38.14 -9.33 -25.66
CA ASP GA 258 -39.01 -9.04 -26.77
C ASP GA 258 -40.08 -10.11 -26.84
N PRO GA 259 -41.36 -9.76 -26.78
CA PRO GA 259 -42.41 -10.78 -26.91
C PRO GA 259 -42.24 -11.67 -28.13
N ALA GA 260 -41.56 -11.20 -29.17
CA ALA GA 260 -41.35 -12.01 -30.35
C ALA GA 260 -40.20 -12.99 -30.17
N GLY GA 261 -39.43 -12.87 -29.10
CA GLY GA 261 -38.30 -13.73 -28.87
C GLY GA 261 -37.04 -13.36 -29.61
N SER GA 262 -36.96 -12.13 -30.12
CA SER GA 262 -35.82 -11.74 -30.94
C SER GA 262 -34.55 -11.60 -30.12
N ASN GA 263 -34.67 -11.16 -28.87
CA ASN GA 263 -33.51 -10.91 -28.02
C ASN GA 263 -33.38 -11.93 -26.89
N ALA GA 264 -34.03 -13.08 -26.99
CA ALA GA 264 -33.99 -14.04 -25.90
C ALA GA 264 -32.58 -14.58 -25.65
N ASP GA 265 -31.72 -14.55 -26.66
CA ASP GA 265 -30.36 -15.06 -26.49
C ASP GA 265 -29.58 -14.24 -25.47
N PHE GA 266 -30.01 -13.01 -25.22
CA PHE GA 266 -29.29 -12.16 -24.28
C PHE GA 266 -29.56 -12.59 -22.85
N PHE GA 267 -30.66 -13.32 -22.63
CA PHE GA 267 -31.13 -13.58 -21.28
C PHE GA 267 -30.75 -14.99 -20.85
N VAL GA 268 -30.72 -15.18 -19.53
CA VAL GA 268 -30.41 -16.49 -18.99
C VAL GA 268 -31.46 -17.50 -19.43
N ASP GA 269 -31.00 -18.70 -19.77
CA ASP GA 269 -31.89 -19.74 -20.26
C ASP GA 269 -33.10 -19.83 -19.35
N PRO GA 270 -34.32 -19.64 -19.87
CA PRO GA 270 -35.49 -19.73 -18.99
C PRO GA 270 -35.76 -21.11 -18.39
N ALA GA 271 -35.12 -22.17 -18.88
CA ALA GA 271 -35.24 -23.46 -18.19
C ALA GA 271 -34.62 -23.39 -16.81
N LEU GA 272 -33.59 -22.56 -16.66
CA LEU GA 272 -32.92 -22.42 -15.37
C LEU GA 272 -33.61 -21.40 -14.49
N VAL GA 273 -33.98 -20.25 -15.06
CA VAL GA 273 -34.65 -19.17 -14.34
C VAL GA 273 -35.89 -18.73 -15.10
N PRO GA 274 -37.07 -19.20 -14.75
CA PRO GA 274 -38.28 -18.82 -15.48
C PRO GA 274 -38.48 -17.32 -15.46
N PRO GA 275 -38.90 -16.73 -16.58
CA PRO GA 275 -39.16 -15.29 -16.60
C PRO GA 275 -40.32 -14.93 -15.68
N TYR GA 276 -40.30 -13.68 -15.21
CA TYR GA 276 -41.39 -13.17 -14.38
C TYR GA 276 -41.86 -11.83 -14.93
N THR GA 277 -43.12 -11.50 -14.67
CA THR GA 277 -43.68 -10.25 -15.14
C THR GA 277 -43.47 -9.13 -14.13
N ILE GA 278 -43.42 -7.91 -14.63
CA ILE GA 278 -43.38 -6.72 -13.80
C ILE GA 278 -44.47 -5.76 -14.27
N LYS GA 279 -45.24 -5.23 -13.32
CA LYS GA 279 -46.24 -4.21 -13.59
C LYS GA 279 -45.71 -2.87 -13.13
N ASN GA 280 -45.58 -1.93 -14.06
CA ASN GA 280 -44.99 -0.64 -13.74
C ASN GA 280 -46.10 0.33 -13.34
N GLU GA 281 -45.73 1.58 -13.05
CA GLU GA 281 -46.72 2.56 -12.61
C GLU GA 281 -47.74 2.85 -13.70
N GLN GA 282 -47.35 2.72 -14.97
CA GLN GA 282 -48.26 2.99 -16.07
C GLN GA 282 -49.16 1.80 -16.38
N ASN GA 283 -49.12 0.75 -15.56
CA ASN GA 283 -49.91 -0.46 -15.77
C ASN GA 283 -49.56 -1.16 -17.07
N LEU GA 284 -48.29 -1.07 -17.48
CA LEU GA 284 -47.80 -1.72 -18.68
C LEU GA 284 -46.92 -2.90 -18.26
N THR GA 285 -47.40 -4.12 -18.53
CA THR GA 285 -46.70 -5.32 -18.11
C THR GA 285 -45.51 -5.59 -19.02
N ILE GA 286 -44.39 -5.99 -18.42
CA ILE GA 286 -43.22 -6.41 -19.18
C ILE GA 286 -42.78 -7.78 -18.67
N THR GA 287 -42.11 -8.53 -19.54
CA THR GA 287 -41.48 -9.79 -19.14
C THR GA 287 -39.99 -9.60 -18.90
N THR GA 288 -39.53 -9.98 -17.72
CA THR GA 288 -38.15 -9.76 -17.31
C THR GA 288 -37.50 -11.06 -16.92
N ALA GA 289 -36.22 -11.20 -17.24
CA ALA GA 289 -35.42 -12.31 -16.76
C ALA GA 289 -33.99 -11.81 -16.58
N PRO GA 290 -33.20 -12.47 -15.74
CA PRO GA 290 -31.80 -12.09 -15.61
C PRO GA 290 -31.08 -12.17 -16.94
N LEU GA 291 -30.06 -11.34 -17.12
CA LEU GA 291 -29.25 -11.39 -18.32
C LEU GA 291 -28.30 -12.58 -18.24
N LYS GA 292 -27.99 -13.18 -19.38
CA LYS GA 292 -27.04 -14.28 -19.40
C LYS GA 292 -25.67 -13.79 -18.98
N ALA GA 293 -25.00 -14.55 -18.12
CA ALA GA 293 -23.62 -14.22 -17.79
C ALA GA 293 -22.75 -14.41 -19.03
N ASN GA 294 -21.74 -13.55 -19.17
CA ASN GA 294 -20.90 -13.53 -20.35
C ASN GA 294 -21.73 -13.16 -21.59
N VAL GA 295 -22.39 -12.00 -21.50
CA VAL GA 295 -23.25 -11.53 -22.56
C VAL GA 295 -22.76 -10.15 -23.00
N ARG GA 296 -22.96 -9.85 -24.28
CA ARG GA 296 -22.72 -8.54 -24.84
C ARG GA 296 -24.04 -8.04 -25.42
N LEU GA 297 -24.40 -6.80 -25.11
CA LEU GA 297 -25.67 -6.29 -25.61
C LEU GA 297 -25.75 -4.79 -25.42
N ASP GA 298 -26.77 -4.21 -26.03
CA ASP GA 298 -27.16 -2.82 -25.83
C ASP GA 298 -28.16 -2.78 -24.67
N LEU GA 299 -27.72 -2.31 -23.51
CA LEU GA 299 -28.58 -2.36 -22.32
C LEU GA 299 -29.79 -1.46 -22.48
N MET GA 300 -29.60 -0.28 -23.07
CA MET GA 300 -30.74 0.62 -23.23
C MET GA 300 -31.69 0.10 -24.29
N GLY GA 301 -31.18 -0.33 -25.43
CA GLY GA 301 -32.05 -0.85 -26.47
C GLY GA 301 -32.87 -2.04 -26.02
N ASN GA 302 -32.28 -2.89 -25.17
CA ASN GA 302 -32.95 -4.07 -24.66
C ASN GA 302 -33.70 -3.81 -23.37
N SER GA 303 -33.80 -2.56 -22.93
CA SER GA 303 -34.49 -2.23 -21.70
C SER GA 303 -36.00 -2.17 -21.91
N ASN GA 304 -36.73 -2.26 -20.81
CA ASN GA 304 -38.17 -2.04 -20.87
C ASN GA 304 -38.53 -0.71 -21.49
N ALA GA 305 -37.70 0.31 -21.26
CA ALA GA 305 -38.02 1.64 -21.77
C ALA GA 305 -38.19 1.63 -23.27
N ASN GA 306 -37.59 0.67 -23.95
CA ASN GA 306 -37.66 0.61 -25.41
C ASN GA 306 -38.82 -0.24 -25.90
N LEU GA 307 -39.63 -0.81 -25.02
CA LEU GA 307 -40.72 -1.66 -25.43
C LEU GA 307 -42.08 -1.19 -24.94
N LEU GA 308 -42.13 -0.24 -24.01
CA LEU GA 308 -43.38 0.05 -23.33
C LEU GA 308 -44.38 0.71 -24.27
N ILE GA 309 -43.97 1.76 -24.97
CA ILE GA 309 -44.89 2.47 -25.85
C ILE GA 309 -44.63 2.16 -27.32
N GLN GA 310 -43.38 2.26 -27.76
CA GLN GA 310 -43.00 1.81 -29.09
C GLN GA 310 -41.69 1.05 -29.01
N ARG GA 311 -41.49 0.14 -29.96
CA ARG GA 311 -40.30 -0.72 -29.96
C ARG GA 311 -39.01 0.07 -30.20
N GLY GA 312 -39.07 1.17 -30.93
CA GLY GA 312 -37.84 1.89 -31.19
C GLY GA 312 -37.86 3.27 -30.57
N MET GA 313 -38.43 3.36 -29.39
CA MET GA 313 -38.65 4.65 -28.77
C MET GA 313 -37.37 5.38 -28.40
N LEU GA 314 -36.35 4.64 -27.93
CA LEU GA 314 -35.22 5.30 -27.32
C LEU GA 314 -34.33 5.95 -28.37
N GLU GA 315 -33.67 7.03 -27.97
CA GLU GA 315 -32.85 7.83 -28.86
C GLU GA 315 -31.57 8.20 -28.12
N VAL GA 316 -30.69 8.95 -28.79
CA VAL GA 316 -29.33 9.18 -28.28
C VAL GA 316 -29.39 9.92 -26.95
N SER GA 317 -30.46 10.70 -26.76
CA SER GA 317 -30.58 11.50 -25.55
C SER GA 317 -30.76 10.65 -24.30
N ASP GA 318 -31.08 9.37 -24.48
CA ASP GA 318 -31.24 8.49 -23.34
C ASP GA 318 -29.88 7.98 -22.84
N THR GA 319 -29.60 8.22 -21.57
CA THR GA 319 -28.32 7.88 -20.96
C THR GA 319 -28.54 7.05 -19.71
N ILE GA 320 -27.52 6.31 -19.33
CA ILE GA 320 -27.55 5.44 -18.15
C ILE GA 320 -26.94 6.16 -16.96
N ASP GA 321 -27.57 6.03 -15.81
CA ASP GA 321 -27.05 6.66 -14.60
C ASP GA 321 -25.84 5.89 -14.10
N PRO GA 322 -24.69 6.55 -13.95
CA PRO GA 322 -23.49 5.86 -13.47
C PRO GA 322 -23.60 5.27 -12.08
N ALA GA 323 -24.53 5.74 -11.26
CA ALA GA 323 -24.67 5.24 -9.90
C ALA GA 323 -25.47 3.94 -9.92
N GLY GA 324 -24.88 2.95 -10.55
CA GLY GA 324 -25.52 1.65 -10.71
C GLY GA 324 -24.86 0.62 -9.82
N ARG GA 325 -25.56 -0.50 -9.66
CA ARG GA 325 -25.10 -1.59 -8.81
C ARG GA 325 -25.48 -2.92 -9.44
N LEU GA 326 -24.79 -3.98 -9.03
CA LEU GA 326 -25.22 -5.34 -9.31
C LEU GA 326 -26.27 -5.72 -8.27
N LYS GA 327 -27.48 -6.06 -8.72
CA LYS GA 327 -28.55 -6.37 -7.78
C LYS GA 327 -28.53 -7.83 -7.34
N ASN GA 328 -28.62 -8.74 -8.30
CA ASN GA 328 -28.70 -10.16 -8.01
C ASN GA 328 -27.68 -10.92 -8.84
N LEU GA 329 -27.12 -11.99 -8.26
CA LEU GA 329 -26.21 -12.88 -8.96
C LEU GA 329 -26.73 -14.30 -8.84
N PHE GA 330 -26.91 -14.95 -9.97
CA PHE GA 330 -27.59 -16.24 -10.02
C PHE GA 330 -26.54 -17.32 -10.28
N VAL GA 331 -26.40 -18.24 -9.33
CA VAL GA 331 -25.39 -19.30 -9.43
C VAL GA 331 -26.12 -20.62 -9.59
N LEU GA 332 -25.59 -21.47 -10.46
CA LEU GA 332 -26.16 -22.81 -10.66
C LEU GA 332 -25.51 -23.76 -9.69
N LEU GA 333 -26.31 -24.45 -8.89
CA LEU GA 333 -25.80 -25.43 -7.92
C LEU GA 333 -26.57 -26.73 -8.10
N GLY GA 334 -25.96 -27.69 -8.79
CA GLY GA 334 -26.52 -29.02 -8.85
C GLY GA 334 -27.81 -29.10 -9.65
N GLY GA 335 -27.87 -28.35 -10.73
CA GLY GA 335 -29.06 -28.33 -11.58
C GLY GA 335 -30.12 -27.33 -11.19
N LYS GA 336 -29.98 -26.67 -10.04
CA LYS GA 336 -30.96 -25.69 -9.61
C LYS GA 336 -30.25 -24.39 -9.28
N VAL GA 337 -30.98 -23.29 -9.40
CA VAL GA 337 -30.42 -21.95 -9.33
C VAL GA 337 -30.73 -21.32 -7.98
N VAL GA 338 -29.73 -20.67 -7.39
CA VAL GA 338 -29.89 -19.93 -6.15
C VAL GA 338 -29.66 -18.46 -6.45
N LYS GA 339 -30.57 -17.60 -6.00
CA LYS GA 339 -30.46 -16.17 -6.20
C LYS GA 339 -29.77 -15.53 -4.99
N PHE GA 340 -28.72 -14.75 -5.25
CA PHE GA 340 -27.96 -14.07 -4.22
C PHE GA 340 -28.15 -12.57 -4.36
N LYS GA 341 -28.57 -11.92 -3.28
CA LYS GA 341 -28.77 -10.48 -3.24
C LYS GA 341 -27.47 -9.84 -2.77
N VAL GA 342 -26.84 -9.06 -3.64
CA VAL GA 342 -25.49 -8.57 -3.38
C VAL GA 342 -25.48 -7.07 -3.63
N ASP GA 343 -26.65 -6.44 -3.46
CA ASP GA 343 -26.85 -5.11 -4.00
C ASP GA 343 -26.04 -4.06 -3.26
N ARG GA 344 -25.99 -4.15 -1.94
CA ARG GA 344 -25.36 -3.14 -1.10
C ARG GA 344 -23.91 -3.44 -0.74
N LEU GA 345 -23.33 -4.52 -1.25
CA LEU GA 345 -21.94 -4.81 -0.94
C LEU GA 345 -21.04 -3.79 -1.63
N PRO GA 346 -19.89 -3.45 -1.04
CA PRO GA 346 -19.01 -2.48 -1.70
C PRO GA 346 -18.46 -2.94 -3.04
N ARG GA 347 -18.48 -4.24 -3.32
CA ARG GA 347 -18.01 -4.74 -4.61
C ARG GA 347 -19.03 -4.59 -5.71
N ALA GA 348 -20.30 -4.35 -5.39
CA ALA GA 348 -21.33 -4.33 -6.42
C ALA GA 348 -21.50 -2.95 -7.03
N VAL GA 349 -20.73 -1.97 -6.57
CA VAL GA 349 -20.93 -0.61 -7.06
C VAL GA 349 -20.16 -0.41 -8.36
N PHE GA 350 -20.74 0.41 -9.25
CA PHE GA 350 -20.03 0.80 -10.46
C PHE GA 350 -18.84 1.67 -10.13
N GLN GA 351 -17.79 1.55 -10.94
CA GLN GA 351 -16.62 2.39 -10.85
C GLN GA 351 -16.35 3.01 -12.21
N PRO GA 352 -15.73 4.19 -12.26
CA PRO GA 352 -15.40 4.79 -13.54
C PRO GA 352 -14.31 3.99 -14.23
N ASP GA 353 -14.37 3.95 -15.55
CA ASP GA 353 -13.32 3.33 -16.35
C ASP GA 353 -12.27 4.39 -16.62
N LEU GA 354 -11.07 4.17 -16.09
CA LEU GA 354 -10.06 5.23 -16.11
C LEU GA 354 -9.35 5.30 -17.44
N VAL GA 355 -9.44 4.24 -18.23
CA VAL GA 355 -8.75 4.13 -19.51
C VAL GA 355 -9.78 3.89 -20.59
N GLY GA 356 -9.80 4.74 -21.60
CA GLY GA 356 -10.80 4.68 -22.65
C GLY GA 356 -11.75 5.86 -22.61
N ASP GA 357 -12.95 5.62 -23.11
CA ASP GA 357 -13.96 6.67 -23.12
C ASP GA 357 -14.33 7.03 -21.69
N THR GA 358 -14.39 8.34 -21.42
CA THR GA 358 -14.65 8.80 -20.06
C THR GA 358 -16.04 8.39 -19.58
N ARG GA 359 -16.91 8.01 -20.52
CA ARG GA 359 -18.26 7.61 -20.17
C ARG GA 359 -18.41 6.12 -19.90
N ASN GA 360 -17.33 5.34 -19.94
CA ASN GA 360 -17.47 3.93 -19.63
C ASN GA 360 -17.50 3.75 -18.12
N ALA GA 361 -18.45 2.99 -17.61
CA ALA GA 361 -18.47 2.60 -16.21
C ALA GA 361 -18.31 1.09 -16.11
N VAL GA 362 -17.46 0.64 -15.20
CA VAL GA 362 -17.12 -0.76 -15.07
C VAL GA 362 -17.50 -1.24 -13.68
N ILE GA 363 -17.93 -2.48 -13.59
CA ILE GA 363 -18.20 -3.15 -12.32
C ILE GA 363 -17.23 -4.31 -12.15
N ARG GA 364 -16.67 -4.45 -10.97
CA ARG GA 364 -15.77 -5.56 -10.67
C ARG GA 364 -16.22 -6.16 -9.34
N PHE GA 365 -17.17 -7.10 -9.42
CA PHE GA 365 -17.71 -7.77 -8.25
C PHE GA 365 -16.84 -8.97 -7.94
N ASP GA 366 -16.30 -9.03 -6.73
CA ASP GA 366 -15.35 -10.07 -6.36
C ASP GA 366 -15.54 -10.39 -4.88
N SER GA 367 -16.22 -11.49 -4.60
CA SER GA 367 -16.60 -11.85 -3.24
C SER GA 367 -16.23 -13.30 -2.98
N ASP GA 368 -15.34 -13.52 -2.02
CA ASP GA 368 -14.97 -14.86 -1.60
C ASP GA 368 -15.82 -15.38 -0.45
N ASP GA 369 -16.78 -14.60 0.05
CA ASP GA 369 -17.61 -15.00 1.19
C ASP GA 369 -19.01 -15.38 0.79
N LEU GA 370 -19.26 -15.66 -0.48
CA LEU GA 370 -20.61 -15.99 -0.92
C LEU GA 370 -21.06 -17.27 -0.25
N VAL GA 371 -22.23 -17.23 0.40
CA VAL GA 371 -22.61 -18.24 1.38
C VAL GA 371 -23.76 -19.09 0.86
N VAL GA 372 -23.61 -20.40 1.00
CA VAL GA 372 -24.68 -21.37 0.80
C VAL GA 372 -24.71 -22.29 2.01
N SER GA 373 -25.89 -22.47 2.60
CA SER GA 373 -26.05 -23.28 3.80
C SER GA 373 -27.31 -24.09 3.66
N GLY GA 374 -27.62 -24.90 4.68
CA GLY GA 374 -28.84 -25.68 4.63
C GLY GA 374 -30.09 -24.86 4.81
N ASP GA 375 -29.95 -23.60 5.20
CA ASP GA 375 -31.12 -22.77 5.49
C ASP GA 375 -31.68 -22.14 4.23
N THR GA 376 -30.83 -21.90 3.23
CA THR GA 376 -31.28 -21.18 2.04
C THR GA 376 -32.12 -22.08 1.14
N THR GA 377 -32.80 -21.47 0.19
CA THR GA 377 -33.62 -22.19 -0.78
C THR GA 377 -33.22 -21.79 -2.20
N PHE GA 378 -33.67 -22.59 -3.16
CA PHE GA 378 -33.47 -22.24 -4.56
C PHE GA 378 -34.52 -21.22 -5.00
N ILE GA 379 -34.39 -20.71 -6.22
CA ILE GA 379 -35.31 -19.67 -6.68
C ILE GA 379 -36.72 -20.23 -6.79
N ASP GA 380 -36.86 -21.55 -7.01
CA ASP GA 380 -38.18 -22.14 -7.12
C ASP GA 380 -38.80 -22.45 -5.77
N GLY GA 381 -38.09 -22.15 -4.68
CA GLY GA 381 -38.59 -22.37 -3.35
C GLY GA 381 -38.19 -23.70 -2.74
N SER GA 382 -37.58 -24.58 -3.53
CA SER GA 382 -37.20 -25.90 -3.05
C SER GA 382 -35.94 -25.81 -2.20
N ALA GA 383 -35.73 -26.85 -1.40
CA ALA GA 383 -34.50 -26.99 -0.60
C ALA GA 383 -34.11 -28.45 -0.66
N ASP GA 384 -33.48 -28.86 -1.75
CA ASP GA 384 -33.19 -30.27 -1.98
C ASP GA 384 -31.80 -30.39 -2.61
N GLY GA 385 -31.33 -31.62 -2.69
CA GLY GA 385 -30.04 -31.89 -3.29
C GLY GA 385 -28.91 -31.36 -2.41
N VAL GA 386 -28.15 -30.40 -2.95
CA VAL GA 386 -26.99 -29.89 -2.22
C VAL GA 386 -27.42 -29.28 -0.90
N ILE GA 387 -28.47 -28.47 -0.92
CA ILE GA 387 -28.91 -27.77 0.29
C ILE GA 387 -29.36 -28.76 1.35
N ASN GA 388 -30.11 -29.80 0.94
CA ASN GA 388 -30.56 -30.79 1.90
C ASN GA 388 -29.38 -31.51 2.54
N ASP GA 389 -28.37 -31.88 1.74
CA ASP GA 389 -27.21 -32.55 2.30
C ASP GA 389 -26.38 -31.61 3.18
N LEU GA 390 -26.32 -30.32 2.84
CA LEU GA 390 -25.68 -29.37 3.75
C LEU GA 390 -26.40 -29.27 5.08
N LYS GA 391 -27.74 -29.27 5.06
CA LYS GA 391 -28.47 -29.20 6.32
C LYS GA 391 -28.27 -30.46 7.14
N THR GA 392 -28.32 -31.63 6.50
CA THR GA 392 -28.13 -32.87 7.24
C THR GA 392 -26.73 -33.01 7.80
N ALA GA 393 -25.70 -32.64 7.05
CA ALA GA 393 -24.33 -32.78 7.50
C ALA GA 393 -23.86 -31.63 8.38
N LYS GA 394 -24.71 -30.64 8.66
CA LYS GA 394 -24.37 -29.45 9.42
C LYS GA 394 -23.26 -28.63 8.76
N LEU GA 395 -23.25 -28.52 7.44
CA LEU GA 395 -22.22 -27.83 6.70
C LEU GA 395 -22.75 -26.52 6.10
N SER GA 396 -21.81 -25.65 5.74
CA SER GA 396 -22.08 -24.46 4.95
C SER GA 396 -20.91 -24.24 4.01
N LEU GA 397 -21.16 -23.56 2.90
CA LEU GA 397 -20.14 -23.29 1.89
C LEU GA 397 -19.81 -21.81 1.85
N ARG GA 398 -18.58 -21.52 1.48
CA ARG GA 398 -18.14 -20.17 1.11
C ARG GA 398 -17.70 -20.20 -0.34
N LEU GA 399 -18.58 -19.72 -1.23
CA LEU GA 399 -18.28 -19.73 -2.65
C LEU GA 399 -17.45 -18.51 -3.03
N SER GA 400 -16.67 -18.64 -4.09
CA SER GA 400 -15.86 -17.55 -4.61
C SER GA 400 -16.31 -17.27 -6.03
N VAL GA 401 -16.98 -16.14 -6.23
CA VAL GA 401 -17.48 -15.78 -7.54
C VAL GA 401 -16.77 -14.52 -8.02
N GLY GA 402 -16.85 -14.28 -9.32
CA GLY GA 402 -16.31 -13.09 -9.92
C GLY GA 402 -17.15 -12.64 -11.10
N PHE GA 403 -17.60 -11.39 -11.08
CA PHE GA 403 -18.43 -10.86 -12.14
C PHE GA 403 -18.04 -9.42 -12.41
N GLY GA 404 -17.96 -9.06 -13.68
CA GLY GA 404 -17.60 -7.71 -14.06
C GLY GA 404 -18.14 -7.39 -15.44
N GLY GA 405 -17.92 -6.15 -15.86
CA GLY GA 405 -18.34 -5.75 -17.19
C GLY GA 405 -18.22 -4.25 -17.36
N THR GA 406 -18.24 -3.84 -18.63
CA THR GA 406 -18.12 -2.45 -19.01
C THR GA 406 -19.43 -1.99 -19.62
N ILE GA 407 -19.93 -0.86 -19.13
CA ILE GA 407 -21.16 -0.26 -19.66
C ILE GA 407 -20.80 1.11 -20.23
N SER GA 408 -21.18 1.36 -21.47
CA SER GA 408 -21.01 2.67 -22.08
C SER GA 408 -22.23 3.51 -21.77
N LEU GA 409 -22.06 4.49 -20.89
CA LEU GA 409 -23.18 5.22 -20.33
C LEU GA 409 -23.88 6.12 -21.33
N SER GA 410 -23.26 6.42 -22.48
CA SER GA 410 -23.87 7.26 -23.49
C SER GA 410 -24.46 6.45 -24.64
N LYS GA 411 -23.81 5.34 -25.00
CA LYS GA 411 -24.20 4.58 -26.18
C LYS GA 411 -25.02 3.35 -25.83
N GLY GA 412 -24.98 2.89 -24.58
CA GLY GA 412 -25.71 1.71 -24.18
C GLY GA 412 -25.00 0.38 -24.34
N ASP GA 413 -23.89 0.33 -25.06
CA ASP GA 413 -23.17 -0.91 -25.22
C ASP GA 413 -22.66 -1.44 -23.88
N SER GA 414 -22.69 -2.76 -23.73
CA SER GA 414 -22.17 -3.39 -22.54
C SER GA 414 -21.57 -4.73 -22.89
N LYS GA 415 -20.50 -5.10 -22.19
CA LYS GA 415 -19.92 -6.43 -22.27
C LYS GA 415 -19.60 -6.92 -20.87
N PHE GA 416 -20.19 -8.05 -20.50
CA PHE GA 416 -20.09 -8.60 -19.15
C PHE GA 416 -19.30 -9.89 -19.16
N GLY GA 417 -18.72 -10.22 -18.02
CA GLY GA 417 -18.03 -11.49 -17.87
C GLY GA 417 -18.21 -12.10 -16.50
N ALA GA 418 -17.99 -13.41 -16.41
CA ALA GA 418 -18.07 -14.12 -15.14
C ALA GA 418 -16.93 -15.13 -15.05
N THR GA 419 -16.29 -15.20 -13.88
CA THR GA 419 -15.22 -16.15 -13.67
C THR GA 419 -15.79 -17.53 -13.39
N ASP GA 420 -14.91 -18.53 -13.44
CA ASP GA 420 -15.26 -19.83 -12.85
C ASP GA 420 -15.51 -19.67 -11.36
N THR GA 421 -16.53 -20.38 -10.89
CA THR GA 421 -16.95 -20.31 -9.49
C THR GA 421 -16.28 -21.44 -8.71
N TYR GA 422 -15.64 -21.09 -7.60
CA TYR GA 422 -14.94 -22.04 -6.76
C TYR GA 422 -15.64 -22.15 -5.43
N VAL GA 423 -15.50 -23.31 -4.79
CA VAL GA 423 -15.88 -23.46 -3.38
C VAL GA 423 -14.63 -23.17 -2.58
N ASP GA 424 -14.55 -21.95 -2.04
CA ASP GA 424 -13.32 -21.49 -1.40
C ASP GA 424 -13.02 -22.30 -0.15
N LYS GA 425 -14.05 -22.61 0.64
CA LYS GA 425 -13.89 -23.46 1.82
C LYS GA 425 -15.24 -24.01 2.24
N VAL GA 426 -15.21 -25.12 2.97
CA VAL GA 426 -16.39 -25.75 3.55
C VAL GA 426 -16.29 -25.63 5.06
N LEU GA 427 -17.35 -25.10 5.69
CA LEU GA 427 -17.36 -24.88 7.13
C LEU GA 427 -18.40 -25.75 7.80
N ASN GA 428 -18.17 -26.05 9.08
CA ASN GA 428 -19.17 -26.64 9.96
C ASN GA 428 -19.88 -25.53 10.72
N GLU GA 429 -20.83 -25.90 11.59
CA GLU GA 429 -21.54 -24.87 12.34
C GLU GA 429 -20.64 -24.13 13.32
N ASP GA 430 -19.51 -24.72 13.72
CA ASP GA 430 -18.61 -24.02 14.62
C ASP GA 430 -17.75 -23.00 13.89
N GLY GA 431 -17.84 -22.95 12.56
CA GLY GA 431 -17.03 -22.05 11.76
C GLY GA 431 -15.66 -22.58 11.42
N GLN GA 432 -15.41 -23.87 11.63
CA GLN GA 432 -14.11 -24.46 11.38
C GLN GA 432 -14.01 -24.96 9.94
N VAL GA 433 -12.79 -24.91 9.39
CA VAL GA 433 -12.60 -25.36 8.02
C VAL GA 433 -12.51 -26.88 8.00
N MET GA 434 -13.28 -27.49 7.09
CA MET GA 434 -13.32 -28.93 6.93
C MET GA 434 -12.32 -29.35 5.86
N ASP GA 435 -11.62 -30.47 6.10
CA ASP GA 435 -10.77 -31.02 5.06
C ASP GA 435 -11.61 -31.53 3.90
N ASN GA 436 -11.21 -31.17 2.68
CA ASN GA 436 -12.00 -31.52 1.52
C ASN GA 436 -12.03 -33.03 1.27
N ALA GA 437 -11.13 -33.78 1.89
CA ALA GA 437 -11.09 -35.23 1.72
C ALA GA 437 -12.15 -35.95 2.55
N ASP GA 438 -12.76 -35.28 3.52
CA ASP GA 438 -13.75 -35.90 4.37
C ASP GA 438 -14.98 -36.26 3.54
N PRO GA 439 -15.39 -37.54 3.51
CA PRO GA 439 -16.57 -37.88 2.70
C PRO GA 439 -17.78 -37.00 2.97
N ALA GA 440 -17.91 -36.47 4.19
CA ALA GA 440 -19.06 -35.62 4.50
C ALA GA 440 -19.09 -34.38 3.60
N VAL GA 441 -17.92 -33.85 3.27
CA VAL GA 441 -17.88 -32.64 2.45
C VAL GA 441 -17.63 -32.99 0.99
N LYS GA 442 -16.97 -34.13 0.74
CA LYS GA 442 -16.75 -34.56 -0.63
C LYS GA 442 -18.06 -34.81 -1.35
N ALA GA 443 -19.03 -35.41 -0.67
CA ALA GA 443 -20.32 -35.64 -1.29
C ALA GA 443 -20.89 -34.35 -1.88
N ILE GA 444 -20.69 -33.24 -1.17
CA ILE GA 444 -21.16 -31.95 -1.65
C ILE GA 444 -20.35 -31.50 -2.86
N LEU GA 445 -19.02 -31.62 -2.77
CA LEU GA 445 -18.19 -31.16 -3.88
C LEU GA 445 -18.43 -32.00 -5.12
N ASP GA 446 -18.76 -33.28 -4.96
CA ASP GA 446 -19.05 -34.14 -6.11
C ASP GA 446 -20.37 -33.74 -6.76
N GLN GA 447 -21.31 -33.24 -5.97
CA GLN GA 447 -22.56 -32.77 -6.55
C GLN GA 447 -22.35 -31.48 -7.32
N LEU GA 448 -21.46 -30.61 -6.82
CA LEU GA 448 -21.23 -29.31 -7.44
C LEU GA 448 -20.29 -29.40 -8.64
N THR GA 449 -20.66 -30.16 -9.66
CA THR GA 449 -19.86 -30.15 -10.88
C THR GA 449 -20.31 -29.13 -11.89
N ASP GA 450 -21.50 -28.56 -11.75
CA ASP GA 450 -22.00 -27.52 -12.64
C ASP GA 450 -21.90 -26.14 -12.03
N LEU GA 451 -21.15 -26.00 -10.95
CA LEU GA 451 -21.10 -24.74 -10.21
C LEU GA 451 -20.55 -23.63 -11.09
N ALA GA 452 -21.39 -22.64 -11.39
CA ALA GA 452 -21.03 -21.56 -12.28
C ALA GA 452 -22.05 -20.44 -12.09
N VAL GA 453 -21.68 -19.24 -12.53
CA VAL GA 453 -22.57 -18.10 -12.58
C VAL GA 453 -23.26 -18.09 -13.94
N ILE GA 454 -24.60 -18.07 -13.91
CA ILE GA 454 -25.40 -18.22 -15.12
C ILE GA 454 -26.07 -16.91 -15.53
N GLY GA 455 -26.47 -16.11 -14.55
CA GLY GA 455 -27.24 -14.91 -14.83
C GLY GA 455 -26.93 -13.82 -13.83
N PHE GA 456 -27.43 -12.63 -14.12
CA PHE GA 456 -27.34 -11.50 -13.22
C PHE GA 456 -28.46 -10.51 -13.52
N GLU GA 457 -28.74 -9.66 -12.53
CA GLU GA 457 -29.67 -8.55 -12.69
C GLU GA 457 -29.01 -7.28 -12.18
N LEU GA 458 -29.22 -6.18 -12.88
CA LEU GA 458 -28.62 -4.90 -12.52
C LEU GA 458 -29.64 -3.99 -11.85
N ASP GA 459 -29.13 -3.07 -11.04
CA ASP GA 459 -29.94 -2.10 -10.33
C ASP GA 459 -29.88 -0.75 -11.04
N THR GA 460 -29.45 -0.77 -12.31
CA THR GA 460 -29.27 0.46 -13.08
C THR GA 460 -30.59 1.16 -13.37
N ARG GA 461 -30.48 2.46 -13.63
CA ARG GA 461 -31.62 3.32 -13.91
C ARG GA 461 -31.22 4.34 -14.97
N PHE GA 462 -32.22 4.93 -15.62
CA PHE GA 462 -31.95 6.01 -16.54
C PHE GA 462 -31.74 7.30 -15.76
N THR GA 463 -31.03 8.23 -16.39
CA THR GA 463 -31.02 9.62 -15.93
C THR GA 463 -32.10 10.36 -16.68
N ASN GA 464 -33.11 10.86 -15.96
CA ASN GA 464 -34.29 11.44 -16.61
C ASN GA 464 -34.02 12.86 -17.07
N THR GA 465 -32.97 13.03 -17.86
CA THR GA 465 -32.61 14.36 -18.30
C THR GA 465 -33.39 14.75 -19.54
N ASN GA 466 -33.88 13.77 -20.29
CA ASN GA 466 -34.76 14.04 -21.43
C ASN GA 466 -36.23 14.00 -21.04
N ARG GA 467 -36.53 13.95 -19.74
CA ARG GA 467 -37.90 14.01 -19.24
C ARG GA 467 -38.77 12.90 -19.83
N ARG GA 468 -38.18 11.75 -20.14
CA ARG GA 468 -38.98 10.64 -20.65
C ARG GA 468 -40.03 10.19 -19.65
N GLN GA 469 -39.66 10.16 -18.37
CA GLN GA 469 -40.57 9.70 -17.33
C GLN GA 469 -41.20 10.89 -16.63
N ARG GA 470 -42.47 10.74 -16.26
CA ARG GA 470 -43.23 11.74 -15.54
C ARG GA 470 -43.31 11.45 -14.05
N GLY GA 471 -43.27 10.18 -13.66
CA GLY GA 471 -43.51 9.82 -12.28
C GLY GA 471 -44.98 9.92 -11.92
N HIS GA 472 -45.25 10.05 -10.63
CA HIS GA 472 -46.60 10.21 -10.14
C HIS GA 472 -47.10 11.64 -10.37
N LEU GA 473 -48.41 11.77 -10.46
CA LEU GA 473 -49.06 13.04 -10.76
C LEU GA 473 -49.83 13.53 -9.56
N LEU GA 474 -49.63 14.79 -9.21
CA LEU GA 474 -50.35 15.44 -8.12
C LEU GA 474 -51.42 16.34 -8.72
N GLN GA 475 -52.65 16.20 -8.25
CA GLN GA 475 -53.75 17.04 -8.70
C GLN GA 475 -54.57 17.48 -7.50
N THR GA 476 -55.16 18.66 -7.60
CA THR GA 476 -56.08 19.12 -6.59
C THR GA 476 -57.47 18.52 -6.80
N ARG GA 477 -58.08 18.05 -5.73
CA ARG GA 477 -59.41 17.48 -5.76
C ARG GA 477 -60.17 17.98 -4.55
N ALA GA 478 -61.50 17.89 -4.61
CA ALA GA 478 -62.30 18.32 -3.47
C ALA GA 478 -63.57 17.48 -3.38
N LEU GA 479 -63.99 17.19 -2.15
CA LEU GA 479 -65.22 16.50 -1.88
C LEU GA 479 -66.19 17.46 -1.20
N GLN GA 480 -67.48 17.28 -1.43
CA GLN GA 480 -68.50 18.08 -0.81
C GLN GA 480 -69.52 17.20 -0.12
N PHE GA 481 -69.87 17.58 1.11
CA PHE GA 481 -70.89 16.90 1.91
C PHE GA 481 -72.04 17.86 2.15
N ARG GA 482 -73.24 17.30 2.33
CA ARG GA 482 -74.40 18.11 2.67
C ARG GA 482 -75.15 17.51 3.85
N HIS GA 483 -75.52 18.36 4.80
CA HIS GA 483 -76.26 17.97 6.00
C HIS GA 483 -77.43 18.93 6.27
N PRO GA 484 -78.60 18.69 5.69
CA PRO GA 484 -79.77 19.50 6.05
C PRO GA 484 -80.34 19.17 7.41
N ILE GA 485 -80.87 20.19 8.08
CA ILE GA 485 -81.36 20.07 9.45
C ILE GA 485 -82.85 19.71 9.41
N PRO GA 486 -83.26 18.61 10.02
CA PRO GA 486 -84.68 18.23 10.04
C PRO GA 486 -85.48 18.94 11.12
N MET GA 487 -86.79 19.01 10.88
CA MET GA 487 -87.74 19.41 11.91
C MET GA 487 -87.92 18.28 12.90
N HIS GA 488 -88.34 18.62 14.12
CA HIS GA 488 -88.57 17.64 15.16
C HIS GA 488 -89.96 17.80 15.76
N ALA GA 489 -90.48 16.72 16.31
CA ALA GA 489 -91.83 16.73 16.84
C ALA GA 489 -91.97 17.78 17.94
N PRO GA 490 -93.10 18.47 18.00
CA PRO GA 490 -93.28 19.50 19.02
C PRO GA 490 -93.63 18.95 20.38
N VAL GA 491 -93.59 19.79 21.42
CA VAL GA 491 -94.25 19.53 22.69
C VAL GA 491 -95.21 20.67 22.96
N THR GA 492 -96.40 20.35 23.44
CA THR GA 492 -97.48 21.31 23.60
C THR GA 492 -97.93 21.38 25.05
N LEU GA 493 -98.28 22.58 25.50
CA LEU GA 493 -98.91 22.77 26.80
C LEU GA 493 -100.31 23.31 26.58
N PRO GA 494 -101.36 22.48 26.68
CA PRO GA 494 -102.71 22.99 26.50
C PRO GA 494 -103.18 23.78 27.70
N MET GA 495 -104.04 24.75 27.44
CA MET GA 495 -104.74 25.44 28.50
C MET GA 495 -106.09 25.91 27.96
N ASP GA 496 -107.02 26.17 28.88
CA ASP GA 496 -108.32 26.68 28.49
C ASP GA 496 -108.18 28.08 27.88
N THR GA 497 -109.09 28.39 26.96
CA THR GA 497 -109.14 29.72 26.36
C THR GA 497 -109.84 30.73 27.26
N MET GA 498 -110.83 30.32 28.04
CA MET GA 498 -111.60 31.26 28.86
C MET GA 498 -110.86 31.50 30.16
N THR GA 499 -109.79 32.28 30.06
CA THR GA 499 -109.06 32.72 31.24
C THR GA 499 -108.24 33.95 30.88
N ASP GA 500 -108.10 34.87 31.82
CA ASP GA 500 -107.18 36.00 31.65
C ASP GA 500 -105.82 35.72 32.27
N GLU GA 501 -105.64 34.57 32.91
CA GLU GA 501 -104.39 34.23 33.61
C GLU GA 501 -103.56 33.37 32.67
N GLY GA 502 -102.59 34.01 32.02
CA GLY GA 502 -101.74 33.32 31.08
C GLY GA 502 -100.76 32.41 31.79
N PRO GA 503 -99.97 31.65 31.02
CA PRO GA 503 -99.00 30.76 31.64
C PRO GA 503 -98.00 31.54 32.48
N GLY GA 504 -97.57 30.93 33.57
CA GLY GA 504 -96.52 31.53 34.36
C GLY GA 504 -95.16 30.97 34.02
N GLU GA 505 -94.54 30.31 34.99
CA GLU GA 505 -93.24 29.69 34.80
C GLU GA 505 -93.35 28.28 34.23
N VAL GA 506 -94.57 27.79 34.01
CA VAL GA 506 -94.75 26.46 33.49
C VAL GA 506 -94.49 26.41 31.99
N VAL GA 507 -94.76 27.50 31.26
CA VAL GA 507 -94.55 27.48 29.83
C VAL GA 507 -93.07 27.28 29.50
N LYS GA 508 -92.17 27.67 30.40
CA LYS GA 508 -90.75 27.43 30.18
C LYS GA 508 -90.43 25.94 30.09
N ALA GA 509 -91.29 25.09 30.65
CA ALA GA 509 -91.03 23.66 30.59
C ALA GA 509 -91.04 23.15 29.16
N LEU GA 510 -91.71 23.86 28.25
CA LEU GA 510 -91.73 23.44 26.86
C LEU GA 510 -90.34 23.51 26.24
N THR GA 511 -89.56 24.53 26.59
CA THR GA 511 -88.20 24.61 26.08
C THR GA 511 -87.25 23.73 26.89
N VAL GA 512 -87.59 23.44 28.15
CA VAL GA 512 -86.76 22.51 28.89
C VAL GA 512 -86.80 21.12 28.26
N ASN GA 513 -87.99 20.69 27.84
CA ASN GA 513 -88.14 19.40 27.21
C ASN GA 513 -87.33 19.33 25.92
N THR GA 514 -87.37 20.41 25.13
CA THR GA 514 -86.57 20.46 23.91
C THR GA 514 -85.08 20.45 24.23
N ASN GA 515 -84.67 21.08 25.32
CA ASN GA 515 -83.27 21.04 25.74
C ASN GA 515 -82.86 19.66 26.23
N ILE GA 516 -83.72 19.00 26.99
CA ILE GA 516 -83.39 17.65 27.43
C ILE GA 516 -83.36 16.70 26.24
N ARG GA 517 -84.32 16.84 25.33
CA ARG GA 517 -84.34 15.99 24.15
C ARG GA 517 -83.08 16.17 23.32
N ASN GA 518 -82.56 17.41 23.28
CA ASN GA 518 -81.28 17.65 22.59
C ASN GA 518 -80.17 16.79 23.17
N SER GA 519 -80.05 16.77 24.50
CA SER GA 519 -79.04 15.93 25.13
C SER GA 519 -79.29 14.45 24.85
N ASN GA 520 -80.56 14.03 24.92
CA ASN GA 520 -80.88 12.64 24.66
C ASN GA 520 -80.56 12.26 23.23
N ASN GA 521 -80.78 13.17 22.28
CA ASN GA 521 -80.44 12.91 20.90
C ASN GA 521 -78.93 12.79 20.73
N ALA GA 522 -78.17 13.58 21.48
CA ALA GA 522 -76.72 13.44 21.42
C ALA GA 522 -76.28 12.06 21.89
N VAL GA 523 -76.91 11.54 22.93
CA VAL GA 523 -76.54 10.20 23.42
C VAL GA 523 -76.97 9.13 22.42
N LYS GA 524 -78.21 9.21 21.93
CA LYS GA 524 -78.67 8.26 20.93
C LYS GA 524 -77.84 8.36 19.65
N ARG GA 525 -77.45 9.57 19.31
CA ARG GA 525 -76.70 9.77 18.08
C ARG GA 525 -75.37 9.05 18.19
N MET GA 526 -74.65 9.26 19.28
CA MET GA 526 -73.32 8.67 19.36
C MET GA 526 -73.39 7.16 19.50
N LEU GA 527 -74.42 6.65 20.18
CA LEU GA 527 -74.54 5.20 20.33
C LEU GA 527 -74.84 4.52 18.99
N ASN GA 528 -75.73 5.11 18.19
CA ASN GA 528 -75.95 4.60 16.84
C ASN GA 528 -74.75 4.84 15.95
N TYR GA 529 -74.04 5.94 16.17
CA TYR GA 529 -72.81 6.17 15.42
C TYR GA 529 -71.80 5.08 15.69
N LEU GA 530 -71.62 4.70 16.95
CA LEU GA 530 -70.68 3.65 17.28
C LEU GA 530 -71.09 2.35 16.61
N ALA GA 531 -72.39 2.07 16.58
CA ALA GA 531 -72.85 0.82 15.97
C ALA GA 531 -72.51 0.76 14.49
N GLN GA 532 -72.77 1.83 13.75
CA GLN GA 532 -72.47 1.81 12.31
C GLN GA 532 -70.97 1.89 12.08
N LEU GA 533 -70.24 2.52 12.98
CA LEU GA 533 -68.78 2.54 12.90
C LEU GA 533 -68.20 1.16 13.14
N ARG GA 534 -68.74 0.42 14.10
CA ARG GA 534 -68.30 -0.94 14.32
C ARG GA 534 -68.45 -1.78 13.05
N GLU GA 535 -69.57 -1.59 12.35
CA GLU GA 535 -69.79 -2.39 11.15
C GLU GA 535 -68.80 -2.03 10.05
N VAL GA 536 -68.52 -0.75 9.86
CA VAL GA 536 -67.56 -0.35 8.83
C VAL GA 536 -66.16 -0.86 9.17
N VAL GA 537 -65.73 -0.71 10.43
CA VAL GA 537 -64.40 -1.17 10.81
C VAL GA 537 -64.35 -2.70 10.88
N HIS GA 538 -65.45 -3.35 11.25
CA HIS GA 538 -65.47 -4.81 11.26
C HIS GA 538 -65.19 -5.36 9.87
N ASN GA 539 -65.80 -4.77 8.85
CA ASN GA 539 -65.61 -5.23 7.48
C ASN GA 539 -64.31 -4.67 6.93
N GLY GA 540 -64.01 -5.03 5.69
CA GLY GA 540 -62.73 -4.67 5.11
C GLY GA 540 -62.66 -3.24 4.65
N TYR GA 541 -62.75 -2.29 5.58
CA TYR GA 541 -62.67 -0.86 5.28
C TYR GA 541 -61.70 -0.22 6.26
N ASN GA 542 -60.41 -0.28 5.93
CA ASN GA 542 -59.35 0.21 6.79
C ASN GA 542 -58.55 1.33 6.15
N ARG GA 543 -59.13 2.02 5.17
CA ARG GA 543 -58.52 3.14 4.47
C ARG GA 543 -59.52 4.28 4.34
N PRO GA 544 -59.05 5.52 4.26
CA PRO GA 544 -59.97 6.64 4.05
C PRO GA 544 -60.70 6.51 2.72
N LYS GA 545 -61.97 6.88 2.72
CA LYS GA 545 -62.80 6.77 1.51
C LYS GA 545 -64.00 7.69 1.68
N PHE GA 546 -64.58 8.08 0.55
CA PHE GA 546 -65.81 8.86 0.56
C PHE GA 546 -67.00 7.91 0.49
N GLY GA 547 -68.02 8.18 1.30
CA GLY GA 547 -69.27 7.47 1.21
C GLY GA 547 -69.41 6.24 2.07
N ILE GA 548 -68.35 5.79 2.75
CA ILE GA 548 -68.48 4.57 3.53
C ILE GA 548 -69.18 4.85 4.85
N ILE GA 549 -68.96 6.03 5.42
CA ILE GA 549 -69.54 6.40 6.70
C ILE GA 549 -69.71 7.90 6.72
N GLU GA 550 -70.66 8.39 7.51
CA GLU GA 550 -70.83 9.82 7.63
C GLU GA 550 -69.64 10.47 8.30
N GLY GA 551 -69.45 11.75 8.06
CA GLY GA 551 -68.38 12.50 8.68
C GLY GA 551 -67.35 12.87 7.64
N ALA GA 552 -67.15 14.16 7.44
CA ALA GA 552 -66.31 14.60 6.34
C ALA GA 552 -64.90 14.03 6.44
N LEU GA 553 -64.36 13.89 7.66
CA LEU GA 553 -62.99 13.48 7.78
C LEU GA 553 -62.80 11.99 7.54
N SER GA 554 -63.87 11.25 7.27
CA SER GA 554 -63.72 9.85 6.91
C SER GA 554 -62.97 9.70 5.59
N ALA GA 555 -62.88 10.76 4.82
CA ALA GA 555 -62.06 10.76 3.62
C ALA GA 555 -60.62 11.15 3.89
N VAL GA 556 -60.26 11.42 5.14
CA VAL GA 556 -58.91 11.87 5.48
C VAL GA 556 -58.15 10.82 6.28
N MET GA 557 -58.78 10.28 7.32
CA MET GA 557 -58.14 9.34 8.23
C MET GA 557 -58.73 7.96 8.04
N ARG GA 558 -57.95 6.94 8.39
CA ARG GA 558 -58.46 5.57 8.42
C ARG GA 558 -59.51 5.43 9.50
N PRO GA 559 -60.66 4.79 9.20
CA PRO GA 559 -61.65 4.51 10.24
C PRO GA 559 -61.13 3.48 11.22
N THR GA 560 -61.32 3.74 12.52
CA THR GA 560 -60.81 2.87 13.58
C THR GA 560 -61.83 2.72 14.69
N TYR GA 561 -62.04 1.49 15.13
CA TYR GA 561 -62.94 1.21 16.23
C TYR GA 561 -62.38 0.03 17.00
N ARG GA 562 -62.34 0.14 18.33
CA ARG GA 562 -61.95 -0.99 19.17
C ARG GA 562 -62.93 -1.12 20.32
N TYR GA 563 -63.43 -2.34 20.49
CA TYR GA 563 -64.39 -2.67 21.54
C TYR GA 563 -63.75 -3.72 22.44
N LYS GA 564 -63.79 -3.47 23.75
CA LYS GA 564 -63.31 -4.44 24.73
C LYS GA 564 -64.27 -4.46 25.90
N GLU GA 565 -64.56 -5.66 26.40
CA GLU GA 565 -65.43 -5.84 27.54
C GLU GA 565 -64.59 -5.99 28.80
N LEU GA 566 -64.53 -4.93 29.60
CA LEU GA 566 -63.64 -4.88 30.76
C LEU GA 566 -64.37 -5.43 31.97
N ASP GA 567 -64.44 -6.75 32.05
CA ASP GA 567 -65.06 -7.42 33.18
C ASP GA 567 -64.04 -7.44 34.30
N LEU GA 568 -64.22 -6.54 35.27
CA LEU GA 568 -63.15 -6.24 36.22
C LEU GA 568 -62.70 -7.46 37.01
N GLU GA 569 -63.62 -8.40 37.28
CA GLU GA 569 -63.21 -9.60 38.00
C GLU GA 569 -62.09 -10.32 37.28
N LYS GA 570 -61.96 -10.11 35.96
CA LYS GA 570 -60.94 -10.76 35.15
C LYS GA 570 -59.91 -9.78 34.62
N VAL GA 571 -59.83 -8.58 35.20
CA VAL GA 571 -58.87 -7.57 34.77
C VAL GA 571 -57.96 -7.18 35.93
N ILE GA 572 -58.52 -7.04 37.12
CA ILE GA 572 -57.78 -6.44 38.23
C ILE GA 572 -56.92 -7.49 38.91
N ASP GA 573 -55.68 -7.12 39.17
CA ASP GA 573 -54.78 -7.90 40.04
C ASP GA 573 -54.59 -7.10 41.31
N THR GA 574 -54.98 -7.69 42.43
CA THR GA 574 -54.95 -6.99 43.72
C THR GA 574 -54.65 -7.98 44.82
N ILE GA 575 -54.00 -7.50 45.88
CA ILE GA 575 -53.61 -8.33 46.99
C ILE GA 575 -53.94 -7.69 48.33
N LYS GA 576 -54.14 -6.38 48.35
CA LYS GA 576 -54.43 -5.67 49.59
C LYS GA 576 -55.67 -4.80 49.40
N SER GA 577 -56.52 -4.77 50.42
CA SER GA 577 -57.71 -3.94 50.39
C SER GA 577 -57.42 -2.45 50.43
N LYS GA 578 -56.40 -2.04 51.19
CA LYS GA 578 -56.08 -0.62 51.27
C LYS GA 578 -55.68 -0.04 49.93
N ASP GA 579 -55.29 -0.90 48.98
CA ASP GA 579 -54.89 -0.48 47.64
C ASP GA 579 -55.96 -0.78 46.61
N ARG GA 580 -57.14 -1.21 47.04
CA ARG GA 580 -58.16 -1.68 46.09
C ARG GA 580 -58.64 -0.53 45.20
N TRP GA 581 -58.76 0.68 45.76
CA TRP GA 581 -59.21 1.81 44.95
C TRP GA 581 -58.26 2.08 43.80
N ASP GA 582 -56.96 2.14 44.10
CA ASP GA 582 -55.99 2.42 43.06
C ASP GA 582 -55.92 1.29 42.06
N ASP GA 583 -56.10 0.05 42.54
CA ASP GA 583 -56.13 -1.09 41.64
C ASP GA 583 -57.33 -1.04 40.71
N VAL GA 584 -58.52 -0.66 41.22
CA VAL GA 584 -59.65 -0.52 40.31
C VAL GA 584 -59.42 0.64 39.35
N CYS GA 585 -58.99 1.80 39.86
CA CYS GA 585 -58.81 2.95 38.98
C CYS GA 585 -57.75 2.67 37.93
N ALA GA 586 -56.61 2.11 38.35
CA ALA GA 586 -55.54 1.83 37.42
C ALA GA 586 -55.92 0.79 36.40
N ALA GA 587 -56.65 -0.26 36.80
CA ALA GA 587 -57.00 -1.32 35.85
C ALA GA 587 -57.83 -0.75 34.71
N ILE GA 588 -58.78 0.13 35.04
CA ILE GA 588 -59.64 0.69 34.00
C ILE GA 588 -58.84 1.63 33.10
N LEU GA 589 -58.06 2.52 33.72
CA LEU GA 589 -57.30 3.49 32.92
C LEU GA 589 -56.23 2.80 32.10
N ASN GA 590 -55.57 1.78 32.66
CA ASN GA 590 -54.53 1.06 31.94
C ASN GA 590 -55.11 0.32 30.75
N CYS GA 591 -56.31 -0.23 30.90
CA CYS GA 591 -56.93 -0.88 29.75
C CYS GA 591 -57.20 0.12 28.64
N VAL GA 592 -57.65 1.33 29.00
CA VAL GA 592 -57.85 2.36 27.98
C VAL GA 592 -56.52 2.70 27.31
N LYS GA 593 -55.46 2.87 28.10
CA LYS GA 593 -54.15 3.14 27.49
C LYS GA 593 -53.74 2.06 26.51
N ALA GA 594 -53.85 0.80 26.93
CA ALA GA 594 -53.38 -0.30 26.09
C ALA GA 594 -54.11 -0.33 24.77
N GLU GA 595 -55.42 -0.08 24.78
CA GLU GA 595 -56.17 -0.12 23.52
C GLU GA 595 -56.05 1.19 22.75
N LEU GA 596 -55.91 2.31 23.47
CA LEU GA 596 -55.93 3.61 22.81
C LEU GA 596 -54.67 3.84 22.00
N PHE GA 597 -53.52 3.51 22.57
CA PHE GA 597 -52.26 3.76 21.86
C PHE GA 597 -52.24 3.16 20.47
N PRO GA 598 -52.53 1.87 20.26
CA PRO GA 598 -52.54 1.36 18.88
C PRO GA 598 -53.65 1.95 18.02
N ALA GA 599 -54.76 2.40 18.64
CA ALA GA 599 -55.78 3.09 17.85
C ALA GA 599 -55.30 4.45 17.40
N HIS GA 600 -54.58 5.16 18.27
CA HIS GA 600 -53.97 6.42 17.87
C HIS GA 600 -52.86 6.18 16.86
N ARG GA 601 -52.13 5.07 16.99
CA ARG GA 601 -51.09 4.74 16.04
C ARG GA 601 -51.68 4.26 14.71
N ASP GA 602 -52.70 3.40 14.77
CA ASP GA 602 -53.28 2.83 13.56
C ASP GA 602 -54.06 3.87 12.79
N SER GA 603 -54.78 4.74 13.49
CA SER GA 603 -55.50 5.80 12.80
C SER GA 603 -54.52 6.87 12.33
N ASN GA 604 -55.02 7.75 11.48
CA ASN GA 604 -54.22 8.85 10.95
C ASN GA 604 -54.66 10.18 11.54
N ILE GA 605 -55.14 10.17 12.78
CA ILE GA 605 -55.77 11.36 13.34
C ILE GA 605 -54.76 12.50 13.42
N GLU GA 606 -53.57 12.21 13.95
CA GLU GA 606 -52.60 13.27 14.15
C GLU GA 606 -52.32 14.00 12.84
N ALA GA 607 -52.12 13.25 11.76
CA ALA GA 607 -51.93 13.86 10.45
C ALA GA 607 -53.17 14.63 10.01
N ALA GA 608 -54.36 14.08 10.24
CA ALA GA 608 -55.59 14.77 9.87
C ALA GA 608 -55.72 16.09 10.62
N PHE GA 609 -55.46 16.07 11.92
CA PHE GA 609 -55.57 17.30 12.70
C PHE GA 609 -54.53 18.32 12.26
N ARG GA 610 -53.29 17.89 12.02
CA ARG GA 610 -52.27 18.83 11.59
C ARG GA 610 -52.56 19.40 10.22
N VAL GA 611 -52.93 18.54 9.25
CA VAL GA 611 -53.12 19.02 7.90
C VAL GA 611 -54.36 19.92 7.82
N ILE GA 612 -55.40 19.59 8.57
CA ILE GA 612 -56.62 20.39 8.50
C ILE GA 612 -56.52 21.66 9.31
N SER GA 613 -55.96 21.61 10.51
CA SER GA 613 -55.86 22.81 11.33
C SER GA 613 -54.78 23.75 10.83
N GLY GA 614 -53.74 23.22 10.23
CA GLY GA 614 -52.61 24.02 9.79
C GLY GA 614 -51.58 24.34 10.85
N ASN GA 615 -51.74 23.81 12.06
CA ASN GA 615 -50.82 24.08 13.16
C ASN GA 615 -49.90 22.87 13.33
N GLN GA 616 -48.61 23.07 13.05
CA GLN GA 616 -47.68 21.95 13.14
C GLN GA 616 -47.60 21.40 14.56
N ASP GA 617 -47.74 22.27 15.55
CA ASP GA 617 -47.61 21.87 16.95
C ASP GA 617 -48.98 21.66 17.59
N GLU GA 618 -49.78 20.81 16.95
CA GLU GA 618 -51.11 20.48 17.44
C GLU GA 618 -51.34 18.99 17.35
N THR GA 619 -51.91 18.41 18.41
CA THR GA 619 -52.31 17.02 18.49
C THR GA 619 -53.72 16.96 19.07
N PRO GA 620 -54.44 15.86 18.85
CA PRO GA 620 -55.76 15.72 19.48
C PRO GA 620 -55.64 15.45 20.96
N MET GA 621 -56.74 15.69 21.67
CA MET GA 621 -56.91 15.21 23.03
C MET GA 621 -58.19 14.39 23.07
N TYR GA 622 -58.28 13.47 24.02
CA TYR GA 622 -59.41 12.57 24.06
C TYR GA 622 -60.34 12.89 25.22
N LEU GA 623 -61.61 12.62 25.02
CA LEU GA 623 -62.64 12.71 26.05
C LEU GA 623 -62.98 11.31 26.52
N PHE GA 624 -63.08 11.14 27.83
CA PHE GA 624 -63.58 9.90 28.41
C PHE GA 624 -65.06 10.06 28.69
N CYS GA 625 -65.89 9.49 27.83
CA CYS GA 625 -67.34 9.62 27.95
C CYS GA 625 -67.87 8.46 28.76
N SER GA 626 -68.40 8.74 29.95
CA SER GA 626 -68.75 7.66 30.85
C SER GA 626 -70.03 8.03 31.60
N ASP GA 627 -70.58 7.05 32.29
CA ASP GA 627 -71.70 7.31 33.19
C ASP GA 627 -71.18 7.73 34.56
N LYS GA 628 -72.11 7.95 35.48
CA LYS GA 628 -71.73 8.51 36.77
C LYS GA 628 -70.92 7.53 37.60
N GLU GA 629 -71.23 6.24 37.51
CA GLU GA 629 -70.46 5.25 38.27
C GLU GA 629 -69.01 5.16 37.79
N ILE GA 630 -68.80 4.98 36.49
CA ILE GA 630 -67.45 4.83 35.97
C ILE GA 630 -66.66 6.12 36.18
N ALA GA 631 -67.32 7.26 36.01
CA ALA GA 631 -66.64 8.54 36.13
C ALA GA 631 -66.00 8.72 37.49
N ASN GA 632 -66.51 8.04 38.51
CA ASN GA 632 -65.95 8.20 39.84
C ASN GA 632 -64.69 7.37 40.03
N TYR GA 633 -64.32 6.54 39.05
CA TYR GA 633 -63.09 5.77 39.08
C TYR GA 633 -62.03 6.31 38.14
N LEU GA 634 -62.44 6.94 37.04
CA LEU GA 634 -61.50 7.54 36.12
C LEU GA 634 -60.89 8.81 36.67
N MET GA 635 -61.57 9.46 37.61
CA MET GA 635 -61.10 10.73 38.14
C MET GA 635 -59.72 10.56 38.75
N THR GA 636 -58.77 11.42 38.36
CA THR GA 636 -57.38 11.30 38.81
C THR GA 636 -57.19 11.84 40.21
N LYS GA 637 -56.13 11.42 40.87
CA LYS GA 637 -55.77 12.00 42.17
C LYS GA 637 -55.39 13.48 42.03
N GLY GA 638 -54.73 13.91 40.93
CA GLY GA 638 -54.37 15.29 40.69
C GLY GA 638 -54.95 15.81 39.40
N ASP GA 639 -54.14 16.56 38.64
CA ASP GA 639 -54.64 17.15 37.40
C ASP GA 639 -53.67 16.99 36.23
N ASP GA 640 -52.83 15.94 36.23
CA ASP GA 640 -51.89 15.77 35.12
C ASP GA 640 -52.62 15.26 33.88
N ARG GA 641 -53.41 14.20 34.05
CA ARG GA 641 -54.27 13.66 33.00
C ARG GA 641 -53.53 13.54 31.67
N THR GA 642 -52.41 12.84 31.67
CA THR GA 642 -51.60 12.67 30.47
C THR GA 642 -51.38 11.17 30.24
N LEU GA 643 -51.57 10.73 29.01
CA LEU GA 643 -51.35 9.35 28.62
C LEU GA 643 -50.08 9.23 27.79
N GLY GA 644 -49.24 8.28 28.17
CA GLY GA 644 -48.00 8.09 27.43
C GLY GA 644 -47.10 9.31 27.49
N ALA GA 645 -46.66 9.76 26.32
CA ALA GA 645 -45.73 10.86 26.22
C ALA GA 645 -46.42 12.22 26.18
N TYR GA 646 -47.45 12.37 25.35
CA TYR GA 646 -47.99 13.68 25.05
C TYR GA 646 -49.50 13.78 25.07
N LEU GA 647 -50.23 12.66 25.19
CA LEU GA 647 -51.68 12.69 25.00
C LEU GA 647 -52.37 13.24 26.23
N LYS GA 648 -53.28 14.19 26.02
CA LYS GA 648 -54.11 14.73 27.07
C LYS GA 648 -55.52 14.15 26.99
N TYR GA 649 -56.27 14.28 28.08
CA TYR GA 649 -57.68 13.88 28.05
C TYR GA 649 -58.47 14.64 29.10
N ASP GA 650 -59.79 14.52 29.02
CA ASP GA 650 -60.70 15.05 30.02
C ASP GA 650 -61.84 14.05 30.23
N ILE GA 651 -62.53 14.20 31.36
CA ILE GA 651 -63.55 13.26 31.79
C ILE GA 651 -64.89 13.97 31.76
N VAL GA 652 -65.85 13.43 31.02
CA VAL GA 652 -67.19 13.98 30.96
C VAL GA 652 -68.19 12.87 31.25
N SER GA 653 -69.22 13.18 32.04
CA SER GA 653 -70.13 12.18 32.53
C SER GA 653 -71.57 12.53 32.19
N THR GA 654 -72.39 11.48 32.03
CA THR GA 654 -73.82 11.64 31.82
C THR GA 654 -74.56 10.72 32.77
N ASN GA 655 -75.79 11.14 33.13
CA ASN GA 655 -76.68 10.33 33.94
C ASN GA 655 -77.77 9.68 33.11
N ASN GA 656 -77.62 9.69 31.79
CA ASN GA 656 -78.64 9.15 30.89
C ASN GA 656 -78.74 7.64 31.04
N GLN GA 657 -79.95 7.15 31.26
CA GLN GA 657 -80.16 5.71 31.40
C GLN GA 657 -79.60 4.94 30.21
N LEU GA 658 -79.63 5.54 29.01
CA LEU GA 658 -79.15 4.84 27.83
C LEU GA 658 -77.66 4.53 27.94
N PHE GA 659 -76.90 5.45 28.52
CA PHE GA 659 -75.45 5.34 28.55
C PHE GA 659 -75.01 4.66 29.85
N ASP GA 660 -75.48 3.43 30.02
CA ASP GA 660 -75.36 2.72 31.27
C ASP GA 660 -74.20 1.74 31.17
N GLY GA 661 -73.17 1.97 31.97
CA GLY GA 661 -72.04 1.05 32.01
C GLY GA 661 -71.17 1.12 30.77
N LYS GA 662 -71.06 2.30 30.17
CA LYS GA 662 -70.29 2.47 28.94
C LYS GA 662 -69.19 3.48 29.19
N LEU GA 663 -68.02 3.23 28.59
CA LEU GA 663 -66.98 4.22 28.47
C LEU GA 663 -66.60 4.32 27.00
N VAL GA 664 -66.71 5.51 26.44
CA VAL GA 664 -66.39 5.75 25.04
C VAL GA 664 -65.33 6.85 24.97
N VAL GA 665 -64.23 6.58 24.28
CA VAL GA 665 -63.10 7.48 24.20
C VAL GA 665 -63.07 8.06 22.78
N ILE GA 666 -63.17 9.38 22.68
CA ILE GA 666 -63.21 10.04 21.37
C ILE GA 666 -62.25 11.20 21.36
N PRO GA 667 -61.62 11.46 20.21
CA PRO GA 667 -60.77 12.64 20.08
C PRO GA 667 -61.56 13.92 19.87
N THR GA 668 -60.96 15.03 20.28
CA THR GA 668 -61.47 16.36 19.96
C THR GA 668 -60.29 17.32 19.94
N ARG GA 669 -60.50 18.49 19.35
CA ARG GA 669 -59.46 19.51 19.36
C ARG GA 669 -59.28 20.07 20.76
N ALA GA 670 -58.02 20.27 21.15
CA ALA GA 670 -57.74 20.74 22.50
C ALA GA 670 -58.45 22.06 22.79
N VAL GA 671 -58.49 22.95 21.80
CA VAL GA 671 -59.26 24.18 21.88
C VAL GA 671 -60.30 24.13 20.77
N GLN GA 672 -61.57 24.16 21.16
CA GLN GA 672 -62.68 24.03 20.20
C GLN GA 672 -63.04 25.40 19.66
N GLN GA 673 -63.08 25.52 18.34
CA GLN GA 673 -63.47 26.75 17.70
C GLN GA 673 -64.90 26.66 17.19
N GLU GA 674 -65.42 27.79 16.72
CA GLU GA 674 -66.75 27.84 16.15
C GLU GA 674 -66.76 27.14 14.79
N ASN GA 675 -67.72 26.23 14.61
CA ASN GA 675 -67.86 25.47 13.36
C ASN GA 675 -66.56 24.76 13.00
N ASP GA 676 -65.93 24.15 14.01
CA ASP GA 676 -64.67 23.46 13.83
C ASP GA 676 -64.92 22.01 13.41
N ILE GA 677 -64.46 21.66 12.21
CA ILE GA 677 -64.65 20.29 11.74
C ILE GA 677 -63.93 19.26 12.59
N LEU GA 678 -62.87 19.63 13.31
CA LEU GA 678 -62.12 18.62 14.04
C LEU GA 678 -62.81 18.16 15.31
N SER GA 679 -63.96 18.73 15.66
CA SER GA 679 -64.72 18.21 16.80
C SER GA 679 -65.34 16.87 16.43
N TRP GA 680 -65.32 15.94 17.39
CA TRP GA 680 -65.86 14.61 17.11
C TRP GA 680 -67.30 14.69 16.64
N GLY GA 681 -68.13 15.41 17.37
CA GLY GA 681 -69.48 15.66 16.91
C GLY GA 681 -69.71 17.15 16.86
N GLN GA 682 -70.76 17.59 16.20
CA GLN GA 682 -71.14 18.98 16.18
C GLN GA 682 -72.66 19.05 16.32
N PHE GA 683 -73.14 20.02 17.09
CA PHE GA 683 -74.57 20.24 17.28
C PHE GA 683 -74.98 21.47 16.49
N PHE GA 684 -75.84 21.28 15.50
CA PHE GA 684 -76.35 22.37 14.70
C PHE GA 684 -77.70 22.83 15.24
N TYR GA 685 -77.73 24.04 15.81
CA TYR GA 685 -78.90 24.60 16.45
C TYR GA 685 -79.41 25.75 15.61
N VAL GA 686 -80.72 25.78 15.37
CA VAL GA 686 -81.29 26.92 14.65
C VAL GA 686 -82.22 27.75 15.52
N SER GA 687 -83.25 27.12 16.08
CA SER GA 687 -84.23 27.86 16.88
C SER GA 687 -85.08 26.86 17.65
N THR GA 688 -85.84 27.40 18.61
CA THR GA 688 -86.93 26.68 19.27
C THR GA 688 -88.17 27.58 19.20
N VAL GA 689 -89.01 27.32 18.20
CA VAL GA 689 -90.12 28.23 17.91
C VAL GA 689 -91.27 27.96 18.88
N ILE GA 690 -91.88 29.03 19.36
CA ILE GA 690 -93.05 28.95 20.24
C ILE GA 690 -94.26 29.41 19.45
N ALA GA 691 -95.28 28.57 19.37
CA ALA GA 691 -96.49 28.88 18.62
C ALA GA 691 -97.69 28.83 19.55
N ASP GA 692 -98.56 29.85 19.47
CA ASP GA 692 -99.70 29.98 20.36
C ASP GA 692 -100.94 30.32 19.53
N LEU GA 693 -101.85 29.37 19.41
CA LEU GA 693 -103.01 29.51 18.57
C LEU GA 693 -104.16 28.82 19.28
N PRO GA 694 -105.34 29.45 19.35
CA PRO GA 694 -106.49 28.77 19.95
C PRO GA 694 -107.12 27.73 19.04
N ILE GA 695 -106.40 26.63 18.83
CA ILE GA 695 -106.79 25.63 17.85
C ILE GA 695 -107.99 24.85 18.36
N THR GA 696 -108.97 24.64 17.50
CA THR GA 696 -110.10 23.76 17.79
C THR GA 696 -109.83 22.39 17.16
N ARG GA 697 -109.66 21.37 17.98
CA ARG GA 697 -109.16 20.09 17.53
C ARG GA 697 -110.26 19.05 17.69
N GLY GA 698 -110.47 18.25 16.65
CA GLY GA 698 -111.55 17.30 16.64
C GLY GA 698 -112.88 17.87 16.22
N GLY GA 699 -112.95 19.17 15.94
CA GLY GA 699 -114.20 19.80 15.59
C GLY GA 699 -115.12 20.11 16.73
N HIS GA 700 -114.75 19.78 17.97
CA HIS GA 700 -115.69 20.00 19.06
C HIS GA 700 -115.06 20.48 20.37
N GLN GA 701 -113.73 20.41 20.50
CA GLN GA 701 -113.08 20.89 21.70
C GLN GA 701 -112.19 22.07 21.37
N VAL GA 702 -112.25 23.11 22.19
CA VAL GA 702 -111.46 24.32 21.99
C VAL GA 702 -110.37 24.34 23.06
N THR GA 703 -109.12 24.35 22.62
CA THR GA 703 -107.97 24.33 23.51
C THR GA 703 -106.97 25.39 23.05
N ARG GA 704 -106.44 26.15 23.98
CA ARG GA 704 -105.33 27.03 23.66
C ARG GA 704 -104.02 26.26 23.72
N GLU GA 705 -103.45 25.99 22.56
CA GLU GA 705 -102.28 25.12 22.44
C GLU GA 705 -101.04 25.96 22.22
N ILE GA 706 -100.10 25.87 23.16
CA ILE GA 706 -98.81 26.54 23.08
C ILE GA 706 -97.77 25.46 22.89
N ALA GA 707 -97.06 25.51 21.76
CA ALA GA 707 -96.12 24.44 21.42
C ALA GA 707 -94.73 25.01 21.23
N ALA GA 708 -93.72 24.23 21.58
CA ALA GA 708 -92.32 24.50 21.32
C ALA GA 708 -91.85 23.54 20.24
N ILE GA 709 -91.30 24.06 19.16
CA ILE GA 709 -90.94 23.27 17.99
C ILE GA 709 -89.42 23.31 17.83
N PRO GA 710 -88.69 22.33 18.33
CA PRO GA 710 -87.22 22.36 18.18
C PRO GA 710 -86.78 22.06 16.76
N PHE GA 711 -85.63 22.62 16.41
CA PHE GA 711 -85.07 22.54 15.05
C PHE GA 711 -83.55 22.55 15.13
N ASN GA 712 -82.95 21.36 15.04
CA ASN GA 712 -81.52 21.18 15.22
C ASN GA 712 -81.10 19.83 14.64
N LEU GA 713 -79.78 19.62 14.53
CA LEU GA 713 -79.22 18.38 14.01
C LEU GA 713 -77.89 18.08 14.69
N HIS GA 714 -77.69 16.81 15.04
CA HIS GA 714 -76.41 16.30 15.53
C HIS GA 714 -75.70 15.58 14.40
N VAL GA 715 -74.43 15.92 14.17
CA VAL GA 715 -73.62 15.31 13.12
C VAL GA 715 -72.28 14.88 13.70
N ASN GA 716 -71.80 13.73 13.26
CA ASN GA 716 -70.50 13.20 13.63
C ASN GA 716 -69.52 13.39 12.48
N ASN GA 717 -68.28 13.73 12.82
CA ASN GA 717 -67.30 14.12 11.83
C ASN GA 717 -66.08 13.20 11.78
N ILE GA 718 -65.92 12.31 12.75
CA ILE GA 718 -64.69 11.50 12.81
C ILE GA 718 -65.05 10.03 12.94
N PRO GA 719 -64.55 9.17 12.06
CA PRO GA 719 -64.84 7.73 12.17
C PRO GA 719 -63.98 7.00 13.19
N PHE GA 720 -63.89 7.52 14.41
CA PHE GA 720 -63.00 6.97 15.42
C PHE GA 720 -63.70 6.92 16.77
N ALA GA 721 -63.58 5.80 17.46
CA ALA GA 721 -64.01 5.69 18.86
C ALA GA 721 -63.43 4.40 19.42
N LEU GA 722 -63.21 4.40 20.74
CA LEU GA 722 -63.03 3.16 21.49
C LEU GA 722 -64.17 3.02 22.47
N GLU GA 723 -64.72 1.82 22.57
CA GLU GA 723 -65.84 1.54 23.45
C GLU GA 723 -65.47 0.46 24.44
N PHE GA 724 -65.70 0.72 25.72
CA PHE GA 724 -65.40 -0.22 26.78
C PHE GA 724 -66.66 -0.51 27.57
N LYS GA 725 -66.94 -1.78 27.80
CA LYS GA 725 -68.04 -2.22 28.65
C LYS GA 725 -67.44 -2.61 29.99
N ILE GA 726 -67.65 -1.77 31.00
CA ILE GA 726 -67.03 -1.95 32.30
C ILE GA 726 -68.07 -2.44 33.28
N THR GA 727 -67.80 -3.58 33.91
CA THR GA 727 -68.76 -4.16 34.82
C THR GA 727 -68.01 -4.91 35.90
N GLY GA 728 -68.71 -5.18 37.00
CA GLY GA 728 -68.17 -5.99 38.05
C GLY GA 728 -67.55 -5.23 39.21
N PHE GA 729 -67.82 -3.93 39.36
CA PHE GA 729 -67.23 -3.18 40.45
C PHE GA 729 -67.52 -3.84 41.78
N GLN GA 730 -68.76 -4.31 41.96
CA GLN GA 730 -69.18 -4.84 43.25
C GLN GA 730 -68.46 -6.15 43.54
N LYS GA 731 -68.16 -6.91 42.50
CA LYS GA 731 -67.51 -8.20 42.68
C LYS GA 731 -66.05 -8.05 43.05
N VAL GA 732 -65.36 -7.01 42.57
CA VAL GA 732 -63.95 -6.87 42.89
C VAL GA 732 -63.77 -6.04 44.15
N MET GA 733 -64.69 -5.09 44.40
CA MET GA 733 -64.59 -4.28 45.61
C MET GA 733 -65.29 -4.91 46.80
N GLY GA 734 -66.40 -5.64 46.56
CA GLY GA 734 -67.19 -6.12 47.68
C GLY GA 734 -66.74 -7.46 48.21
N GLU GA 735 -66.04 -8.23 47.39
CA GLU GA 735 -65.63 -9.59 47.76
C GLU GA 735 -64.12 -9.68 47.83
N THR GA 736 -63.62 -10.56 48.69
CA THR GA 736 -62.19 -10.83 48.78
C THR GA 736 -61.70 -11.47 47.50
N GLN GA 737 -60.50 -11.07 47.04
CA GLN GA 737 -59.98 -11.59 45.79
C GLN GA 737 -58.77 -12.49 46.01
N PHE GA 738 -57.67 -11.93 46.51
CA PHE GA 738 -56.47 -12.73 46.66
C PHE GA 738 -56.62 -13.80 47.74
N ASN GA 739 -57.14 -13.41 48.91
CA ASN GA 739 -57.36 -14.39 49.97
C ASN GA 739 -58.47 -15.36 49.61
N GLY GA 740 -59.40 -14.93 48.76
CA GLY GA 740 -60.42 -15.85 48.27
C GLY GA 740 -59.85 -16.97 47.43
N LYS GA 741 -58.99 -16.64 46.47
CA LYS GA 741 -58.37 -17.65 45.62
C LYS GA 741 -57.61 -18.67 46.47
N LEU GA 742 -56.88 -18.19 47.48
CA LEU GA 742 -56.13 -19.08 48.35
C LEU GA 742 -57.07 -19.99 49.14
N ALA GA 743 -58.18 -19.44 49.64
CA ALA GA 743 -59.12 -20.25 50.40
C ALA GA 743 -59.67 -21.40 49.54
N ASP GA 744 -59.87 -21.15 48.25
CA ASP GA 744 -60.44 -22.17 47.38
C ASP GA 744 -59.46 -23.30 47.10
N LEU GA 745 -58.20 -23.17 47.53
CA LEU GA 745 -57.20 -24.20 47.31
C LEU GA 745 -57.05 -25.15 48.49
N LYS GA 746 -57.82 -24.99 49.56
CA LYS GA 746 -57.72 -25.86 50.71
C LYS GA 746 -58.20 -27.26 50.35
N PRO GA 747 -57.40 -28.31 50.60
CA PRO GA 747 -57.79 -29.67 50.24
C PRO GA 747 -58.72 -30.29 51.27
N ASN HA 164 -96.55 26.89 -2.82
CA ASN HA 164 -95.56 26.79 -1.76
C ASN HA 164 -96.16 27.24 -0.43
N TYR HA 165 -96.87 26.32 0.22
CA TYR HA 165 -97.41 26.55 1.55
C TYR HA 165 -96.33 26.73 2.59
N ASN HA 166 -95.31 25.88 2.56
CA ASN HA 166 -94.22 25.93 3.53
C ASN HA 166 -92.92 26.18 2.78
N GLU HA 167 -92.44 27.41 2.83
CA GLU HA 167 -91.22 27.79 2.12
C GLU HA 167 -89.98 27.38 2.92
N LYS HA 168 -89.91 26.10 3.21
CA LYS HA 168 -88.75 25.55 3.91
C LYS HA 168 -87.53 25.63 3.02
N SER HA 169 -86.43 26.16 3.56
CA SER HA 169 -85.22 26.35 2.77
C SER HA 169 -84.49 25.04 2.57
N GLN HA 170 -84.13 24.75 1.33
CA GLN HA 170 -83.25 23.64 1.00
C GLN HA 170 -82.14 24.00 0.03
N ARG HA 171 -82.18 25.20 -0.58
CA ARG HA 171 -81.25 25.53 -1.63
C ARG HA 171 -79.95 26.09 -1.07
N ASP HA 172 -80.04 26.97 -0.09
CA ASP HA 172 -78.90 27.75 0.39
C ASP HA 172 -78.52 27.31 1.79
N PHE HA 173 -77.37 26.65 1.92
CA PHE HA 173 -76.86 26.24 3.22
C PHE HA 173 -75.56 26.96 3.50
N ARG HA 174 -75.18 27.03 4.78
CA ARG HA 174 -73.90 27.60 5.16
C ARG HA 174 -72.77 26.73 4.62
N VAL HA 175 -71.84 27.34 3.91
CA VAL HA 175 -70.75 26.62 3.27
C VAL HA 175 -69.47 26.91 4.04
N VAL HA 176 -68.81 25.86 4.52
CA VAL HA 176 -67.56 25.97 5.25
C VAL HA 176 -66.51 25.16 4.51
N THR HA 177 -65.36 25.78 4.26
CA THR HA 177 -64.22 25.10 3.66
C THR HA 177 -63.16 24.91 4.72
N ILE HA 178 -62.72 23.67 4.91
CA ILE HA 178 -61.77 23.35 5.97
C ILE HA 178 -60.38 23.32 5.37
N GLY HA 179 -59.39 23.75 6.14
CA GLY HA 179 -58.05 23.92 5.61
C GLY HA 179 -57.42 22.59 5.22
N TYR HA 180 -56.38 22.66 4.40
CA TYR HA 180 -55.61 21.50 3.97
C TYR HA 180 -54.17 21.95 3.73
N ASN HA 181 -53.32 21.76 4.72
CA ASN HA 181 -51.96 22.29 4.69
C ASN HA 181 -50.96 21.16 4.83
N LEU HA 182 -50.31 20.78 3.72
CA LEU HA 182 -49.30 19.74 3.78
C LEU HA 182 -47.93 20.37 4.02
N ALA HA 183 -47.07 19.65 4.74
CA ALA HA 183 -45.71 20.10 4.98
C ALA HA 183 -44.84 18.88 5.23
N ALA HA 184 -43.58 18.97 4.84
CA ALA HA 184 -42.55 17.99 5.17
C ALA HA 184 -41.19 18.64 5.12
N SER HA 185 -40.33 18.29 6.07
CA SER HA 185 -38.94 18.74 6.06
C SER HA 185 -38.12 17.92 5.07
N ARG HA 186 -36.95 18.44 4.71
CA ARG HA 186 -36.05 17.72 3.81
C ARG HA 186 -35.75 16.32 4.33
N GLN HA 187 -35.73 16.15 5.64
CA GLN HA 187 -35.51 14.84 6.25
C GLN HA 187 -36.26 14.82 7.57
N ASP HA 188 -37.12 13.83 7.76
CA ASP HA 188 -37.92 13.77 8.97
C ASP HA 188 -37.03 13.55 10.18
N GLU HA 189 -37.52 13.99 11.34
CA GLU HA 189 -36.74 13.88 12.57
C GLU HA 189 -36.31 12.46 12.85
N PHE HA 190 -37.20 11.49 12.62
CA PHE HA 190 -36.82 10.09 12.77
C PHE HA 190 -35.66 9.74 11.84
N ALA HA 191 -35.81 10.07 10.55
CA ALA HA 191 -34.74 9.79 9.60
C ALA HA 191 -33.50 10.64 9.85
N GLU HA 192 -33.67 11.86 10.35
CA GLU HA 192 -32.52 12.74 10.52
C GLU HA 192 -31.60 12.26 11.62
N ARG HA 193 -32.17 11.78 12.73
CA ARG HA 193 -31.32 11.26 13.80
C ARG HA 193 -30.64 9.97 13.38
N ILE HA 194 -31.31 9.17 12.54
CA ILE HA 194 -30.69 7.92 12.08
C ILE HA 194 -29.76 8.19 10.90
N TYR HA 195 -30.23 8.99 9.94
CA TYR HA 195 -29.46 9.35 8.75
C TYR HA 195 -29.30 10.85 8.67
N PRO HA 196 -28.35 11.44 9.38
CA PRO HA 196 -28.20 12.90 9.35
C PRO HA 196 -27.92 13.39 7.94
N THR HA 197 -28.38 14.60 7.64
CA THR HA 197 -28.25 15.14 6.30
C THR HA 197 -26.85 15.69 6.09
N THR HA 198 -26.21 15.29 5.00
CA THR HA 198 -24.96 15.86 4.56
C THR HA 198 -25.12 16.40 3.15
N VAL HA 199 -24.71 17.65 2.94
CA VAL HA 199 -24.88 18.30 1.65
C VAL HA 199 -23.70 17.98 0.76
N ILE HA 200 -23.98 17.46 -0.43
CA ILE HA 200 -22.96 17.06 -1.39
C ILE HA 200 -23.13 17.95 -2.63
N ASN HA 201 -22.00 18.45 -3.13
CA ASN HA 201 -22.04 19.31 -4.31
C ASN HA 201 -22.52 18.52 -5.51
N PRO HA 202 -23.39 19.09 -6.35
CA PRO HA 202 -23.83 18.36 -7.56
C PRO HA 202 -22.68 17.85 -8.40
N ILE HA 203 -21.53 18.53 -8.39
CA ILE HA 203 -20.39 18.06 -9.17
C ILE HA 203 -19.73 16.86 -8.49
N GLU HA 204 -19.69 16.85 -7.16
CA GLU HA 204 -19.04 15.73 -6.46
C GLU HA 204 -19.84 14.45 -6.64
N GLY HA 205 -21.16 14.55 -6.57
CA GLY HA 205 -22.05 13.46 -6.91
C GLY HA 205 -21.90 12.24 -6.05
N GLY HA 206 -21.39 12.39 -4.83
CA GLY HA 206 -21.17 11.27 -3.93
C GLY HA 206 -19.91 11.40 -3.10
N VAL HA 207 -19.65 10.39 -2.28
CA VAL HA 207 -18.59 10.43 -1.29
C VAL HA 207 -17.77 9.15 -1.39
N VAL HA 208 -16.47 9.25 -1.12
CA VAL HA 208 -15.60 8.09 -0.99
C VAL HA 208 -15.05 8.06 0.43
N GLN HA 209 -15.16 6.91 1.08
CA GLN HA 209 -14.72 6.74 2.47
C GLN HA 209 -13.42 5.95 2.48
N VAL HA 210 -12.35 6.56 3.00
CA VAL HA 210 -11.03 5.94 3.04
C VAL HA 210 -10.75 5.50 4.47
N LEU HA 211 -10.47 4.21 4.64
CA LEU HA 211 -10.31 3.61 5.97
C LEU HA 211 -8.89 3.10 6.16
N PRO HA 212 -7.97 3.90 6.72
CA PRO HA 212 -6.66 3.39 7.09
C PRO HA 212 -6.73 2.52 8.33
N TYR HA 213 -5.81 1.56 8.42
CA TYR HA 213 -5.67 0.78 9.64
C TYR HA 213 -4.31 0.08 9.65
N ILE HA 214 -3.96 -0.45 10.81
CA ILE HA 214 -2.78 -1.29 10.99
C ILE HA 214 -3.22 -2.74 10.99
N ALA HA 215 -2.61 -3.55 10.14
CA ALA HA 215 -2.97 -4.96 9.99
C ALA HA 215 -1.97 -5.83 10.72
N VAL HA 216 -2.46 -6.80 11.49
CA VAL HA 216 -1.59 -7.79 12.10
C VAL HA 216 -1.44 -8.97 11.17
N MET HA 217 -0.21 -9.25 10.76
CA MET HA 217 0.08 -10.24 9.72
C MET HA 217 0.76 -11.44 10.34
N LYS HA 218 0.35 -12.62 9.94
CA LYS HA 218 1.09 -13.83 10.27
C LYS HA 218 2.29 -13.95 9.34
N ASP HA 219 3.45 -14.29 9.90
CA ASP HA 219 4.68 -14.35 9.13
C ASP HA 219 4.78 -15.68 8.40
N VAL HA 220 4.44 -15.69 7.11
CA VAL HA 220 4.40 -16.91 6.32
C VAL HA 220 5.03 -16.64 4.96
N TYR HA 221 5.49 -17.70 4.31
CA TYR HA 221 6.01 -17.60 2.96
C TYR HA 221 4.93 -17.87 1.93
N HIS HA 222 5.14 -17.38 0.72
CA HIS HA 222 4.27 -17.76 -0.40
C HIS HA 222 4.44 -19.24 -0.69
N GLU HA 223 3.33 -19.93 -0.92
CA GLU HA 223 3.34 -21.34 -1.23
C GLU HA 223 3.51 -21.53 -2.73
N VAL HA 224 4.36 -22.48 -3.11
CA VAL HA 224 4.67 -22.64 -4.53
C VAL HA 224 3.39 -22.86 -5.34
N SER HA 225 2.50 -23.71 -4.86
CA SER HA 225 1.29 -24.05 -5.58
C SER HA 225 0.04 -23.44 -4.97
N GLY HA 226 0.21 -22.43 -4.13
CA GLY HA 226 -0.93 -21.90 -3.38
C GLY HA 226 -1.95 -21.23 -4.29
N VAL HA 227 -3.22 -21.40 -3.94
CA VAL HA 227 -4.28 -20.70 -4.63
C VAL HA 227 -4.36 -19.25 -4.16
N LYS HA 228 -4.22 -19.05 -2.85
CA LYS HA 228 -4.18 -17.71 -2.29
C LYS HA 228 -3.25 -17.74 -1.08
N MET HA 229 -2.69 -16.60 -0.71
CA MET HA 229 -1.75 -16.55 0.42
C MET HA 229 -2.46 -16.87 1.73
N ASP HA 230 -1.82 -17.64 2.60
CA ASP HA 230 -2.44 -17.99 3.87
C ASP HA 230 -2.07 -17.06 5.02
N ASN HA 231 -1.61 -15.87 4.71
CA ASN HA 231 -1.28 -14.91 5.76
C ASN HA 231 -2.53 -14.32 6.37
N GLU HA 232 -2.78 -14.62 7.63
CA GLU HA 232 -3.97 -14.11 8.27
C GLU HA 232 -3.75 -12.63 8.48
N GLU HA 233 -4.72 -11.80 8.11
CA GLU HA 233 -4.53 -10.38 8.30
C GLU HA 233 -5.76 -9.83 9.00
N VAL HA 234 -5.57 -9.23 10.17
CA VAL HA 234 -6.67 -8.72 10.96
C VAL HA 234 -6.37 -7.30 11.39
N ASN HA 235 -7.44 -6.55 11.67
CA ASN HA 235 -7.31 -5.19 12.13
C ASN HA 235 -6.76 -5.16 13.54
N MET HA 236 -5.82 -4.25 13.79
CA MET HA 236 -5.28 -4.11 15.13
C MET HA 236 -6.39 -3.80 16.13
N VAL HA 237 -7.47 -3.14 15.69
CA VAL HA 237 -8.55 -2.82 16.60
C VAL HA 237 -9.13 -4.08 17.23
N GLU HA 238 -9.12 -5.20 16.49
CA GLU HA 238 -9.63 -6.45 17.03
C GLU HA 238 -8.93 -6.84 18.32
N ALA HA 239 -7.67 -6.42 18.48
CA ALA HA 239 -6.89 -6.82 19.64
C ALA HA 239 -7.44 -6.27 20.95
N TYR HA 240 -8.26 -5.21 20.91
CA TYR HA 240 -8.81 -4.68 22.15
C TYR HA 240 -9.80 -5.65 22.78
N ARG HA 241 -10.63 -6.29 21.95
CA ARG HA 241 -11.54 -7.32 22.45
C ARG HA 241 -10.85 -8.67 22.58
N ASP HA 242 -10.03 -9.04 21.59
CA ASP HA 242 -9.38 -10.34 21.54
C ASP HA 242 -7.88 -10.16 21.32
N PRO HA 243 -7.14 -9.77 22.36
CA PRO HA 243 -5.71 -9.50 22.19
C PRO HA 243 -4.89 -10.75 21.95
N SER HA 244 -5.48 -11.93 22.01
CA SER HA 244 -4.71 -13.15 21.74
C SER HA 244 -4.23 -13.18 20.31
N ILE HA 245 -4.80 -12.36 19.43
CA ILE HA 245 -4.34 -12.33 18.04
C ILE HA 245 -2.92 -11.79 17.97
N LEU HA 246 -2.47 -11.11 19.03
CA LEU HA 246 -1.14 -10.52 19.02
C LEU HA 246 -0.08 -11.44 19.59
N ASP HA 247 -0.46 -12.43 20.39
CA ASP HA 247 0.53 -13.24 21.07
C ASP HA 247 1.18 -14.22 20.10
N ASP HA 248 2.45 -14.51 20.35
CA ASP HA 248 3.13 -15.63 19.73
C ASP HA 248 4.10 -16.26 20.72
N GLU HA 249 4.39 -17.54 20.50
CA GLU HA 249 5.32 -18.30 21.32
C GLU HA 249 6.55 -18.71 20.53
N SER HA 250 6.87 -17.97 19.47
CA SER HA 250 8.02 -18.32 18.64
C SER HA 250 9.32 -18.27 19.43
N ILE HA 251 9.36 -17.49 20.51
CA ILE HA 251 10.56 -17.43 21.34
C ILE HA 251 10.72 -18.74 22.13
N ALA HA 252 9.63 -19.47 22.33
CA ALA HA 252 9.65 -20.62 23.23
C ALA HA 252 10.55 -21.73 22.72
N LEU HA 253 11.20 -22.42 23.64
CA LEU HA 253 12.00 -23.60 23.34
C LEU HA 253 11.19 -24.84 23.68
N ILE HA 254 10.68 -25.52 22.66
CA ILE HA 254 9.79 -26.66 22.86
C ILE HA 254 10.47 -27.92 22.34
N PRO HA 255 10.90 -28.83 23.20
CA PRO HA 255 11.51 -30.08 22.71
C PRO HA 255 10.57 -30.76 21.73
N ALA HA 256 11.12 -31.17 20.59
CA ALA HA 256 10.32 -31.68 19.50
C ALA HA 256 10.90 -32.99 18.99
N LEU HA 257 10.00 -33.86 18.51
CA LEU HA 257 10.43 -35.14 17.97
C LEU HA 257 10.95 -34.99 16.55
N ASP HA 258 12.05 -35.66 16.25
CA ASP HA 258 12.51 -35.74 14.88
C ASP HA 258 11.57 -36.64 14.09
N PRO HA 259 10.97 -36.16 13.01
CA PRO HA 259 10.12 -37.06 12.21
C PRO HA 259 10.84 -38.33 11.80
N ALA HA 260 12.16 -38.30 11.73
CA ALA HA 260 12.93 -39.48 11.37
C ALA HA 260 13.12 -40.44 12.54
N GLY HA 261 12.75 -40.03 13.75
CA GLY HA 261 12.93 -40.86 14.92
C GLY HA 261 14.33 -40.88 15.50
N SER HA 262 15.18 -39.92 15.16
CA SER HA 262 16.57 -39.96 15.63
C SER HA 262 16.66 -39.67 17.12
N ASN HA 263 15.76 -38.83 17.64
CA ASN HA 263 15.81 -38.38 19.02
C ASN HA 263 14.68 -38.92 19.87
N ALA HA 264 14.02 -39.99 19.41
CA ALA HA 264 12.87 -40.50 20.15
C ALA HA 264 13.27 -41.03 21.52
N ASP HA 265 14.52 -41.44 21.68
CA ASP HA 265 14.95 -42.04 22.94
C ASP HA 265 14.87 -41.03 24.08
N PHE HA 266 14.81 -39.75 23.76
CA PHE HA 266 14.82 -38.72 24.80
C PHE HA 266 13.43 -38.43 25.34
N PHE HA 267 12.40 -38.99 24.73
CA PHE HA 267 11.02 -38.69 25.11
C PHE HA 267 10.37 -39.89 25.77
N VAL HA 268 9.33 -39.63 26.57
CA VAL HA 268 8.57 -40.69 27.23
C VAL HA 268 7.92 -41.59 26.18
N ASP HA 269 7.81 -42.86 26.49
CA ASP HA 269 7.23 -43.80 25.55
C ASP HA 269 5.83 -43.34 25.16
N PRO HA 270 5.47 -43.38 23.88
CA PRO HA 270 4.11 -42.98 23.49
C PRO HA 270 3.03 -43.70 24.27
N ALA HA 271 3.31 -44.91 24.76
CA ALA HA 271 2.34 -45.62 25.58
C ALA HA 271 2.09 -44.89 26.90
N LEU HA 272 3.09 -44.19 27.42
CA LEU HA 272 2.89 -43.44 28.67
C LEU HA 272 2.19 -42.12 28.41
N VAL HA 273 2.67 -41.36 27.44
CA VAL HA 273 2.04 -40.10 27.04
C VAL HA 273 2.08 -40.04 25.52
N PRO HA 274 0.94 -40.02 24.83
CA PRO HA 274 0.95 -39.93 23.39
C PRO HA 274 1.45 -38.57 22.93
N PRO HA 275 2.34 -38.52 21.94
CA PRO HA 275 2.81 -37.24 21.43
C PRO HA 275 1.65 -36.42 20.88
N TYR HA 276 1.77 -35.10 21.01
CA TYR HA 276 0.76 -34.18 20.49
C TYR HA 276 1.44 -33.09 19.67
N THR HA 277 0.71 -32.55 18.71
CA THR HA 277 1.26 -31.57 17.79
C THR HA 277 1.03 -30.15 18.29
N ILE HA 278 1.90 -29.23 17.87
CA ILE HA 278 1.70 -27.82 18.07
C ILE HA 278 1.87 -27.10 16.73
N LYS HA 279 0.96 -26.18 16.43
CA LYS HA 279 1.02 -25.37 15.23
C LYS HA 279 1.44 -23.97 15.62
N ASN HA 280 2.62 -23.54 15.17
CA ASN HA 280 3.16 -22.27 15.58
C ASN HA 280 2.63 -21.16 14.67
N GLU HA 281 3.11 -19.94 14.88
CA GLU HA 281 2.62 -18.78 14.16
C GLU HA 281 3.19 -18.64 12.76
N GLN HA 282 3.99 -19.61 12.31
CA GLN HA 282 4.46 -19.65 10.93
C GLN HA 282 3.81 -20.79 10.15
N ASN HA 283 2.79 -21.42 10.72
CA ASN HA 283 2.13 -22.58 10.12
C ASN HA 283 3.11 -23.73 9.89
N LEU HA 284 4.06 -23.89 10.81
CA LEU HA 284 5.01 -24.99 10.79
C LEU HA 284 4.71 -25.91 11.99
N THR HA 285 4.08 -27.04 11.73
CA THR HA 285 3.66 -27.94 12.80
C THR HA 285 4.83 -28.80 13.25
N ILE HA 286 4.95 -28.98 14.57
CA ILE HA 286 5.94 -29.87 15.14
C ILE HA 286 5.23 -30.82 16.10
N THR HA 287 5.81 -32.01 16.28
CA THR HA 287 5.29 -32.97 17.24
C THR HA 287 6.17 -32.96 18.49
N THR HA 288 5.52 -32.80 19.65
CA THR HA 288 6.21 -32.70 20.92
C THR HA 288 5.66 -33.71 21.90
N ALA HA 289 6.50 -34.16 22.82
CA ALA HA 289 6.09 -35.02 23.92
C ALA HA 289 6.94 -34.67 25.12
N PRO HA 290 6.47 -34.99 26.33
CA PRO HA 290 7.30 -34.73 27.51
C PRO HA 290 8.64 -35.44 27.41
N LEU HA 291 9.67 -34.78 27.91
CA LEU HA 291 11.00 -35.37 27.95
C LEU HA 291 11.04 -36.48 28.99
N LYS HA 292 11.75 -37.56 28.70
CA LYS HA 292 11.89 -38.62 29.70
C LYS HA 292 12.82 -38.16 30.81
N ALA HA 293 12.48 -38.55 32.03
CA ALA HA 293 13.33 -38.24 33.17
C ALA HA 293 14.61 -39.07 33.12
N ASN HA 294 15.64 -38.55 33.78
CA ASN HA 294 16.93 -39.23 33.87
C ASN HA 294 17.56 -39.41 32.49
N VAL HA 295 17.57 -38.32 31.71
CA VAL HA 295 18.23 -38.30 30.41
C VAL HA 295 19.17 -37.11 30.36
N ARG HA 296 20.10 -37.17 29.41
CA ARG HA 296 20.97 -36.05 29.10
C ARG HA 296 20.89 -35.81 27.60
N LEU HA 297 20.68 -34.56 27.20
CA LEU HA 297 20.45 -34.24 25.81
C LEU HA 297 20.97 -32.83 25.54
N ASP HA 298 21.17 -32.52 24.26
CA ASP HA 298 21.34 -31.14 23.88
C ASP HA 298 19.96 -30.50 23.80
N LEU HA 299 19.64 -29.65 24.78
CA LEU HA 299 18.30 -29.08 24.89
C LEU HA 299 17.97 -28.17 23.71
N MET HA 300 18.94 -27.45 23.18
CA MET HA 300 18.73 -26.62 22.01
C MET HA 300 18.56 -27.44 20.74
N GLY HA 301 19.44 -28.39 20.49
CA GLY HA 301 19.39 -29.16 19.25
C GLY HA 301 18.08 -29.89 19.08
N ASN HA 302 17.50 -30.32 20.20
CA ASN HA 302 16.26 -31.08 20.18
C ASN HA 302 15.03 -30.19 20.28
N SER HA 303 15.20 -28.88 20.22
CA SER HA 303 14.08 -27.96 20.32
C SER HA 303 13.34 -27.85 19.00
N ASN HA 304 12.10 -27.36 19.07
CA ASN HA 304 11.36 -27.08 17.85
C ASN HA 304 12.10 -26.09 16.96
N ALA HA 305 12.86 -25.17 17.58
CA ALA HA 305 13.57 -24.17 16.80
C ALA HA 305 14.57 -24.82 15.83
N ASN HA 306 14.93 -26.07 16.09
CA ASN HA 306 15.87 -26.78 15.23
C ASN HA 306 15.19 -27.71 14.24
N LEU HA 307 13.85 -27.70 14.17
CA LEU HA 307 13.11 -28.52 13.22
C LEU HA 307 12.03 -27.66 12.59
N LEU HA 308 12.45 -26.72 11.75
CA LEU HA 308 11.54 -25.80 11.08
C LEU HA 308 11.84 -25.78 9.60
N ILE HA 309 11.97 -24.59 9.03
CA ILE HA 309 12.31 -24.36 7.63
C ILE HA 309 13.57 -25.13 7.25
N GLN HA 310 14.52 -25.21 8.16
CA GLN HA 310 15.71 -26.03 7.99
C GLN HA 310 16.03 -26.67 9.33
N ARG HA 311 16.79 -27.76 9.30
CA ARG HA 311 17.08 -28.49 10.52
C ARG HA 311 18.23 -27.90 11.33
N GLY HA 312 19.47 -28.02 10.85
CA GLY HA 312 20.61 -27.69 11.68
C GLY HA 312 20.92 -26.21 11.79
N MET HA 313 19.91 -25.40 12.09
CA MET HA 313 20.04 -23.95 12.04
C MET HA 313 20.71 -23.39 13.30
N LEU HA 314 20.42 -23.99 14.44
CA LEU HA 314 20.83 -23.39 15.72
C LEU HA 314 22.34 -23.41 15.85
N GLU HA 315 22.91 -22.29 16.28
CA GLU HA 315 24.35 -22.09 16.38
C GLU HA 315 24.65 -21.28 17.63
N VAL HA 316 25.94 -20.97 17.83
CA VAL HA 316 26.37 -20.41 19.10
C VAL HA 316 25.64 -19.11 19.42
N SER HA 317 25.27 -18.33 18.41
CA SER HA 317 24.57 -17.06 18.66
C SER HA 317 23.24 -17.28 19.35
N ASP HA 318 22.70 -18.50 19.29
CA ASP HA 318 21.47 -18.80 19.99
C ASP HA 318 21.76 -19.14 21.44
N THR HA 319 21.00 -18.53 22.36
CA THR HA 319 21.19 -18.71 23.79
C THR HA 319 19.86 -18.99 24.46
N ILE HA 320 19.93 -19.58 25.66
CA ILE HA 320 18.73 -19.87 26.45
C ILE HA 320 18.55 -18.81 27.52
N ASP HA 321 17.29 -18.45 27.77
CA ASP HA 321 16.97 -17.47 28.79
C ASP HA 321 17.11 -18.08 30.18
N PRO HA 322 17.95 -17.51 31.04
CA PRO HA 322 18.02 -17.99 32.44
C PRO HA 322 16.70 -17.95 33.17
N ALA HA 323 15.77 -17.09 32.75
CA ALA HA 323 14.47 -16.98 33.41
C ALA HA 323 13.55 -18.07 32.87
N GLY HA 324 13.72 -19.28 33.37
CA GLY HA 324 12.92 -20.40 32.92
C GLY HA 324 12.30 -21.10 34.12
N ARG HA 325 11.33 -21.96 33.84
CA ARG HA 325 10.64 -22.67 34.89
C ARG HA 325 10.37 -24.11 34.48
N LEU HA 326 10.23 -24.97 35.47
CA LEU HA 326 9.70 -26.31 35.30
C LEU HA 326 8.19 -26.19 35.07
N LYS HA 327 7.72 -26.71 33.95
CA LYS HA 327 6.32 -26.54 33.58
C LYS HA 327 5.44 -27.67 34.10
N ASN HA 328 5.80 -28.92 33.79
CA ASN HA 328 4.94 -30.03 34.19
C ASN HA 328 5.80 -31.21 34.62
N LEU HA 329 5.24 -32.03 35.49
CA LEU HA 329 5.77 -33.35 35.79
C LEU HA 329 4.71 -34.38 35.46
N PHE HA 330 5.14 -35.52 34.92
CA PHE HA 330 4.24 -36.65 34.65
C PHE HA 330 4.64 -37.80 35.55
N VAL HA 331 3.70 -38.27 36.36
CA VAL HA 331 3.95 -39.31 37.34
C VAL HA 331 3.14 -40.53 36.98
N LEU HA 332 3.76 -41.70 37.04
CA LEU HA 332 3.12 -42.95 36.68
C LEU HA 332 2.49 -43.54 37.93
N LEU HA 333 1.18 -43.75 37.90
CA LEU HA 333 0.44 -44.27 39.03
C LEU HA 333 -0.37 -45.47 38.55
N GLY HA 334 0.12 -46.67 38.84
CA GLY HA 334 -0.64 -47.89 38.56
C GLY HA 334 -0.82 -48.19 37.09
N GLY HA 335 0.16 -47.87 36.27
CA GLY HA 335 0.08 -48.09 34.84
C GLY HA 335 -0.46 -46.93 34.03
N LYS HA 336 -0.99 -45.91 34.68
CA LYS HA 336 -1.55 -44.75 34.00
C LYS HA 336 -0.87 -43.50 34.52
N VAL HA 337 -0.78 -42.50 33.67
CA VAL HA 337 0.00 -41.31 33.95
C VAL HA 337 -0.93 -40.15 34.30
N VAL HA 338 -0.53 -39.38 35.32
CA VAL HA 338 -1.21 -38.17 35.74
C VAL HA 338 -0.27 -36.99 35.51
N LYS HA 339 -0.82 -35.91 34.96
CA LYS HA 339 -0.06 -34.69 34.67
C LYS HA 339 -0.24 -33.69 35.80
N PHE HA 340 0.88 -33.19 36.32
CA PHE HA 340 0.89 -32.23 37.41
C PHE HA 340 1.42 -30.92 36.90
N LYS HA 341 0.69 -29.84 37.13
CA LYS HA 341 1.16 -28.50 36.77
C LYS HA 341 1.89 -27.92 37.96
N VAL HA 342 3.15 -27.54 37.76
CA VAL HA 342 4.03 -27.09 38.82
C VAL HA 342 4.62 -25.71 38.53
N ASP HA 343 4.24 -25.07 37.44
CA ASP HA 343 4.91 -23.84 37.03
C ASP HA 343 4.74 -22.69 38.03
N ARG HA 344 3.62 -22.65 38.76
CA ARG HA 344 3.42 -21.59 39.74
C ARG HA 344 4.40 -21.68 40.89
N LEU HA 345 4.88 -22.87 41.20
CA LEU HA 345 5.45 -23.14 42.52
C LEU HA 345 6.83 -22.48 42.63
N PRO HA 346 7.14 -21.88 43.78
CA PRO HA 346 8.47 -21.27 43.96
C PRO HA 346 9.61 -22.22 43.66
N ARG HA 347 9.40 -23.54 43.78
CA ARG HA 347 10.47 -24.48 43.53
C ARG HA 347 10.68 -24.75 42.04
N ALA HA 348 9.79 -24.23 41.19
CA ALA HA 348 9.86 -24.53 39.76
C ALA HA 348 10.79 -23.58 39.02
N VAL HA 349 11.26 -22.53 39.69
CA VAL HA 349 12.05 -21.51 39.01
C VAL HA 349 13.51 -21.95 38.88
N PHE HA 350 14.11 -21.61 37.73
CA PHE HA 350 15.53 -21.86 37.53
C PHE HA 350 16.37 -21.01 38.47
N GLN HA 351 17.46 -21.60 38.96
CA GLN HA 351 18.37 -20.90 39.83
C GLN HA 351 19.76 -20.85 39.23
N PRO HA 352 20.57 -19.87 39.58
CA PRO HA 352 21.96 -19.86 39.10
C PRO HA 352 22.76 -21.00 39.73
N ASP HA 353 23.65 -21.56 38.93
CA ASP HA 353 24.59 -22.57 39.41
C ASP HA 353 25.71 -21.87 40.17
N LEU HA 354 25.82 -22.16 41.46
CA LEU HA 354 26.79 -21.45 42.29
C LEU HA 354 28.18 -22.05 42.14
N VAL HA 355 28.26 -23.33 41.83
CA VAL HA 355 29.54 -24.03 41.68
C VAL HA 355 29.62 -24.59 40.26
N GLY HA 356 30.58 -24.07 39.49
CA GLY HA 356 30.73 -24.44 38.10
C GLY HA 356 30.59 -23.27 37.17
N ASP HA 357 30.19 -23.58 35.93
CA ASP HA 357 30.05 -22.55 34.91
C ASP HA 357 29.00 -21.53 35.32
N THR HA 358 29.39 -20.26 35.30
CA THR HA 358 28.52 -19.22 35.86
C THR HA 358 27.23 -19.08 35.04
N ARG HA 359 27.20 -19.60 33.81
CA ARG HA 359 26.02 -19.49 32.97
C ARG HA 359 25.14 -20.73 33.04
N ASN HA 360 25.43 -21.64 33.95
CA ASN HA 360 24.58 -22.79 34.19
C ASN HA 360 23.35 -22.37 34.98
N ALA HA 361 22.19 -22.89 34.60
CA ALA HA 361 20.97 -22.75 35.40
C ALA HA 361 20.56 -24.12 35.93
N VAL HA 362 20.19 -24.16 37.20
CA VAL HA 362 19.90 -25.41 37.90
C VAL HA 362 18.47 -25.36 38.40
N ILE HA 363 17.71 -26.41 38.10
CA ILE HA 363 16.37 -26.61 38.61
C ILE HA 363 16.43 -27.71 39.67
N ARG HA 364 15.92 -27.42 40.86
CA ARG HA 364 15.83 -28.41 41.92
C ARG HA 364 14.41 -28.33 42.50
N PHE HA 365 13.53 -29.16 41.95
CA PHE HA 365 12.13 -29.18 42.36
C PHE HA 365 11.93 -30.28 43.38
N ASP HA 366 11.55 -29.91 44.59
CA ASP HA 366 11.38 -30.85 45.68
C ASP HA 366 10.13 -30.49 46.45
N SER HA 367 9.12 -31.34 46.36
CA SER HA 367 7.82 -31.01 46.91
C SER HA 367 7.14 -32.28 47.40
N ASP HA 368 6.49 -32.17 48.56
CA ASP HA 368 5.64 -33.22 49.09
C ASP HA 368 4.17 -32.89 48.93
N ASP HA 369 3.85 -31.86 48.16
CA ASP HA 369 2.50 -31.32 48.08
C ASP HA 369 1.78 -31.71 46.81
N LEU HA 370 2.26 -32.72 46.08
CA LEU HA 370 1.54 -33.20 44.92
C LEU HA 370 0.39 -34.11 45.37
N VAL HA 371 -0.81 -33.78 44.91
CA VAL HA 371 -2.03 -34.40 45.42
C VAL HA 371 -2.66 -35.28 44.35
N VAL HA 372 -3.06 -36.48 44.74
CA VAL HA 372 -3.90 -37.36 43.94
C VAL HA 372 -5.13 -37.70 44.76
N SER HA 373 -6.30 -37.39 44.22
CA SER HA 373 -7.55 -37.57 44.94
C SER HA 373 -8.63 -38.00 43.95
N GLY HA 374 -9.83 -38.26 44.46
CA GLY HA 374 -10.90 -38.69 43.59
C GLY HA 374 -11.24 -37.68 42.50
N ASP HA 375 -10.89 -36.41 42.73
CA ASP HA 375 -11.15 -35.37 41.74
C ASP HA 375 -10.11 -35.38 40.63
N THR HA 376 -9.06 -36.18 40.79
CA THR HA 376 -8.00 -36.24 39.78
C THR HA 376 -8.43 -37.07 38.59
N THR HA 377 -7.92 -36.72 37.41
CA THR HA 377 -8.03 -37.54 36.21
C THR HA 377 -6.64 -37.78 35.64
N PHE HA 378 -6.49 -38.90 34.94
CA PHE HA 378 -5.25 -39.19 34.24
C PHE HA 378 -5.15 -38.35 32.98
N ILE HA 379 -4.03 -38.48 32.27
CA ILE HA 379 -3.81 -37.65 31.08
C ILE HA 379 -4.88 -37.91 30.03
N ASP HA 380 -5.48 -39.11 30.06
CA ASP HA 380 -6.52 -39.43 29.09
C ASP HA 380 -7.90 -38.98 29.54
N GLY HA 381 -8.01 -38.31 30.68
CA GLY HA 381 -9.27 -37.81 31.17
C GLY HA 381 -10.09 -38.81 31.97
N SER HA 382 -9.60 -40.03 32.14
CA SER HA 382 -10.32 -41.07 32.86
C SER HA 382 -9.95 -41.03 34.33
N ALA HA 383 -10.92 -41.24 35.20
CA ALA HA 383 -10.69 -41.42 36.63
C ALA HA 383 -10.97 -42.87 36.98
N ASP HA 384 -9.92 -43.67 37.10
CA ASP HA 384 -10.07 -45.11 37.30
C ASP HA 384 -8.94 -45.59 38.18
N GLY HA 385 -8.95 -46.90 38.45
CA GLY HA 385 -7.84 -47.50 39.16
C GLY HA 385 -7.61 -46.88 40.50
N VAL HA 386 -6.39 -46.40 40.73
CA VAL HA 386 -6.04 -45.83 42.03
C VAL HA 386 -6.96 -44.67 42.37
N ILE HA 387 -7.28 -43.83 41.38
CA ILE HA 387 -8.11 -42.66 41.66
C ILE HA 387 -9.51 -43.07 42.09
N ASN HA 388 -10.10 -44.06 41.41
CA ASN HA 388 -11.44 -44.49 41.78
C ASN HA 388 -11.47 -45.03 43.21
N ASP HA 389 -10.43 -45.77 43.60
CA ASP HA 389 -10.40 -46.30 44.97
C ASP HA 389 -10.20 -45.19 45.98
N LEU HA 390 -9.39 -44.19 45.64
CA LEU HA 390 -9.24 -43.02 46.50
C LEU HA 390 -10.57 -42.29 46.64
N LYS HA 391 -11.32 -42.16 45.55
CA LYS HA 391 -12.64 -41.53 45.61
C LYS HA 391 -13.58 -42.31 46.53
N THR HA 392 -13.65 -43.62 46.35
CA THR HA 392 -14.56 -44.43 47.17
C THR HA 392 -14.18 -44.36 48.64
N ALA HA 393 -12.89 -44.41 48.95
CA ALA HA 393 -12.43 -44.38 50.33
C ALA HA 393 -12.40 -42.98 50.93
N LYS HA 394 -12.71 -41.96 50.13
CA LYS HA 394 -12.61 -40.57 50.57
C LYS HA 394 -11.20 -40.25 51.10
N LEU HA 395 -10.20 -40.69 50.35
CA LEU HA 395 -8.79 -40.51 50.69
C LEU HA 395 -8.10 -39.73 49.59
N SER HA 396 -7.01 -39.06 49.94
CA SER HA 396 -6.13 -38.43 48.98
C SER HA 396 -4.68 -38.75 49.31
N LEU HA 397 -3.83 -38.78 48.29
CA LEU HA 397 -2.42 -39.07 48.46
C LEU HA 397 -1.60 -37.79 48.36
N ARG HA 398 -0.60 -37.66 49.22
CA ARG HA 398 0.43 -36.65 49.09
C ARG HA 398 1.72 -37.30 48.64
N LEU HA 399 2.16 -36.97 47.44
CA LEU HA 399 3.33 -37.59 46.83
C LEU HA 399 4.56 -36.75 47.11
N SER HA 400 5.70 -37.41 47.24
CA SER HA 400 6.98 -36.77 47.44
C SER HA 400 7.83 -37.04 46.20
N VAL HA 401 8.11 -36.00 45.42
CA VAL HA 401 8.80 -36.13 44.15
C VAL HA 401 10.05 -35.26 44.20
N GLY HA 402 11.13 -35.78 43.63
CA GLY HA 402 12.35 -35.00 43.54
C GLY HA 402 12.87 -34.98 42.12
N PHE HA 403 12.86 -33.80 41.49
CA PHE HA 403 13.31 -33.66 40.13
C PHE HA 403 14.27 -32.49 40.04
N GLY HA 404 15.39 -32.69 39.34
CA GLY HA 404 16.37 -31.64 39.20
C GLY HA 404 17.20 -31.84 37.94
N GLY HA 405 17.98 -30.82 37.62
CA GLY HA 405 18.84 -30.89 36.46
C GLY HA 405 19.55 -29.58 36.24
N THR HA 406 20.55 -29.63 35.36
CA THR HA 406 21.36 -28.46 35.03
C THR HA 406 21.23 -28.18 33.54
N ILE HA 407 21.03 -26.91 33.19
CA ILE HA 407 20.98 -26.48 31.81
C ILE HA 407 22.11 -25.49 31.58
N SER HA 408 22.95 -25.77 30.58
CA SER HA 408 24.04 -24.86 30.23
C SER HA 408 23.49 -23.85 29.23
N LEU HA 409 23.31 -22.62 29.68
CA LEU HA 409 22.59 -21.63 28.88
C LEU HA 409 23.33 -21.24 27.62
N SER HA 410 24.65 -21.36 27.60
CA SER HA 410 25.42 -21.02 26.40
C SER HA 410 25.65 -22.25 25.53
N LYS HA 411 25.93 -23.39 26.16
CA LYS HA 411 26.32 -24.58 25.41
C LYS HA 411 25.15 -25.36 24.85
N GLY HA 412 23.97 -25.25 25.45
CA GLY HA 412 22.82 -26.00 25.00
C GLY HA 412 22.63 -27.36 25.63
N ASP HA 413 23.60 -27.85 26.39
CA ASP HA 413 23.48 -29.15 27.05
C ASP HA 413 22.56 -29.05 28.24
N SER HA 414 21.88 -30.16 28.55
CA SER HA 414 21.12 -30.26 29.79
C SER HA 414 21.15 -31.69 30.29
N LYS HA 415 21.13 -31.83 31.62
CA LYS HA 415 21.05 -33.13 32.27
C LYS HA 415 19.99 -33.08 33.35
N PHE HA 416 19.02 -33.98 33.28
CA PHE HA 416 17.93 -34.03 34.24
C PHE HA 416 17.89 -35.40 34.90
N GLY HA 417 17.40 -35.44 36.14
CA GLY HA 417 17.22 -36.68 36.85
C GLY HA 417 16.07 -36.59 37.81
N ALA HA 418 15.56 -37.76 38.20
CA ALA HA 418 14.41 -37.84 39.10
C ALA HA 418 14.69 -38.91 40.15
N THR HA 419 14.50 -38.57 41.42
CA THR HA 419 14.79 -39.50 42.49
C THR HA 419 13.56 -40.38 42.74
N ASP HA 420 13.74 -41.39 43.59
CA ASP HA 420 12.65 -42.29 43.93
C ASP HA 420 11.47 -41.51 44.47
N THR HA 421 10.28 -41.87 44.00
CA THR HA 421 9.04 -41.22 44.44
C THR HA 421 8.30 -42.13 45.40
N TYR HA 422 7.85 -41.57 46.52
CA TYR HA 422 7.13 -42.32 47.53
C TYR HA 422 5.92 -41.51 47.98
N VAL HA 423 4.95 -42.20 48.57
CA VAL HA 423 3.78 -41.54 49.15
C VAL HA 423 4.17 -41.06 50.54
N ASP HA 424 4.03 -39.76 50.79
CA ASP HA 424 4.39 -39.22 52.09
C ASP HA 424 3.26 -39.38 53.09
N LYS HA 425 2.04 -39.04 52.69
CA LYS HA 425 0.90 -39.09 53.57
C LYS HA 425 -0.29 -39.64 52.80
N VAL HA 426 -1.19 -40.32 53.52
CA VAL HA 426 -2.51 -40.64 53.03
C VAL HA 426 -3.50 -39.93 53.93
N LEU HA 427 -4.25 -38.98 53.38
CA LEU HA 427 -5.11 -38.12 54.17
C LEU HA 427 -6.57 -38.42 53.87
N ASN HA 428 -7.43 -38.21 54.87
CA ASN HA 428 -8.87 -38.22 54.70
C ASN HA 428 -9.37 -36.81 54.45
N GLU HA 429 -10.69 -36.66 54.28
CA GLU HA 429 -11.28 -35.35 54.00
C GLU HA 429 -11.02 -34.39 55.15
N ASP HA 430 -10.95 -34.90 56.37
CA ASP HA 430 -10.71 -34.06 57.53
C ASP HA 430 -9.26 -33.59 57.62
N GLY HA 431 -8.38 -34.07 56.75
CA GLY HA 431 -6.99 -33.70 56.77
C GLY HA 431 -6.13 -34.54 57.69
N GLN HA 432 -6.67 -35.61 58.26
CA GLN HA 432 -5.93 -36.42 59.21
C GLN HA 432 -5.11 -37.49 58.47
N VAL HA 433 -4.00 -37.88 59.09
CA VAL HA 433 -3.11 -38.88 58.53
C VAL HA 433 -3.63 -40.28 58.87
N MET HA 434 -3.84 -41.10 57.85
CA MET HA 434 -4.33 -42.45 58.06
C MET HA 434 -3.18 -43.41 58.30
N ASP HA 435 -3.45 -44.45 59.07
CA ASP HA 435 -2.48 -45.51 59.29
C ASP HA 435 -2.37 -46.40 58.05
N ASN HA 436 -1.15 -46.57 57.54
CA ASN HA 436 -0.94 -47.35 56.33
C ASN HA 436 -1.30 -48.81 56.50
N ALA HA 437 -1.53 -49.28 57.73
CA ALA HA 437 -1.98 -50.65 57.93
C ALA HA 437 -3.47 -50.82 57.67
N ASP HA 438 -4.22 -49.72 57.56
CA ASP HA 438 -5.66 -49.82 57.36
C ASP HA 438 -5.94 -50.59 56.07
N PRO HA 439 -6.82 -51.61 56.11
CA PRO HA 439 -7.10 -52.37 54.88
C PRO HA 439 -7.43 -51.51 53.68
N ALA HA 440 -8.13 -50.37 53.88
CA ALA HA 440 -8.49 -49.52 52.74
C ALA HA 440 -7.25 -48.80 52.20
N VAL HA 441 -6.41 -48.28 53.11
CA VAL HA 441 -5.24 -47.55 52.68
C VAL HA 441 -4.23 -48.49 52.05
N LYS HA 442 -4.00 -49.65 52.68
CA LYS HA 442 -3.05 -50.60 52.12
C LYS HA 442 -3.48 -51.06 50.75
N ALA HA 443 -4.76 -51.42 50.58
CA ALA HA 443 -5.22 -51.92 49.29
C ALA HA 443 -4.94 -50.91 48.18
N ILE HA 444 -5.03 -49.62 48.49
CA ILE HA 444 -4.71 -48.60 47.50
C ILE HA 444 -3.21 -48.51 47.27
N LEU HA 445 -2.44 -48.46 48.36
CA LEU HA 445 -0.99 -48.32 48.24
C LEU HA 445 -0.36 -49.52 47.55
N ASP HA 446 -0.92 -50.71 47.74
CA ASP HA 446 -0.35 -51.88 47.09
C ASP HA 446 -0.40 -51.77 45.57
N GLN HA 447 -1.23 -50.86 45.06
CA GLN HA 447 -1.34 -50.72 43.61
C GLN HA 447 -0.19 -49.88 43.05
N LEU HA 448 0.47 -49.08 43.90
CA LEU HA 448 1.49 -48.13 43.46
C LEU HA 448 2.86 -48.80 43.41
N THR HA 449 2.95 -49.86 42.60
CA THR HA 449 4.22 -50.55 42.46
C THR HA 449 5.11 -49.87 41.43
N ASP HA 450 4.55 -48.97 40.64
CA ASP HA 450 5.29 -48.27 39.59
C ASP HA 450 5.38 -46.77 39.87
N LEU HA 451 5.31 -46.39 41.14
CA LEU HA 451 5.28 -44.97 41.46
C LEU HA 451 6.63 -44.33 41.11
N ALA HA 452 6.62 -43.48 40.09
CA ALA HA 452 7.84 -42.81 39.66
C ALA HA 452 7.48 -41.61 38.81
N VAL HA 453 8.40 -40.67 38.71
CA VAL HA 453 8.33 -39.60 37.72
C VAL HA 453 8.91 -40.12 36.42
N ILE HA 454 8.13 -40.04 35.35
CA ILE HA 454 8.53 -40.59 34.07
C ILE HA 454 9.03 -39.50 33.12
N GLY HA 455 8.45 -38.31 33.17
CA GLY HA 455 8.79 -37.27 32.23
C GLY HA 455 8.48 -35.90 32.78
N PHE HA 456 8.80 -34.89 31.98
CA PHE HA 456 8.64 -33.50 32.37
C PHE HA 456 8.54 -32.64 31.12
N GLU HA 457 8.05 -31.41 31.33
CA GLU HA 457 8.02 -30.39 30.30
C GLU HA 457 8.57 -29.12 30.92
N LEU HA 458 9.23 -28.30 30.11
CA LEU HA 458 9.81 -27.06 30.59
C LEU HA 458 9.11 -25.87 29.96
N ASP HA 459 9.28 -24.72 30.59
CA ASP HA 459 8.93 -23.44 29.99
C ASP HA 459 10.15 -22.71 29.45
N THR HA 460 11.19 -23.45 29.07
CA THR HA 460 12.40 -22.81 28.56
C THR HA 460 12.09 -22.05 27.28
N ARG HA 461 12.67 -20.87 27.16
CA ARG HA 461 12.53 -20.05 25.97
C ARG HA 461 13.89 -19.49 25.59
N PHE HA 462 14.03 -19.08 24.33
CA PHE HA 462 15.28 -18.52 23.89
C PHE HA 462 15.36 -17.05 24.28
N THR HA 463 16.53 -16.47 24.07
CA THR HA 463 16.71 -15.02 24.13
C THR HA 463 17.10 -14.57 22.73
N ASN HA 464 16.17 -13.92 22.03
CA ASN HA 464 16.39 -13.56 20.64
C ASN HA 464 17.27 -12.31 20.53
N THR HA 465 18.50 -12.45 21.03
CA THR HA 465 19.48 -11.39 20.88
C THR HA 465 20.02 -11.37 19.46
N ASN HA 466 20.04 -12.53 18.80
CA ASN HA 466 20.33 -12.63 17.39
C ASN HA 466 19.09 -12.43 16.53
N ARG HA 467 17.95 -12.13 17.14
CA ARG HA 467 16.73 -11.80 16.41
C ARG HA 467 16.40 -12.86 15.38
N ARG HA 468 16.61 -14.12 15.73
CA ARG HA 468 16.23 -15.22 14.85
C ARG HA 468 14.73 -15.19 14.55
N GLN HA 469 13.92 -14.96 15.58
CA GLN HA 469 12.48 -14.92 15.45
C GLN HA 469 12.02 -13.46 15.50
N ARG HA 470 11.24 -13.05 14.51
CA ARG HA 470 10.73 -11.69 14.46
C ARG HA 470 9.25 -11.58 14.80
N GLY HA 471 8.60 -12.70 15.13
CA GLY HA 471 7.23 -12.63 15.59
C GLY HA 471 6.27 -12.20 14.49
N HIS HA 472 5.18 -11.57 14.89
CA HIS HA 472 4.18 -11.07 13.96
C HIS HA 472 4.67 -9.80 13.28
N LEU HA 473 4.10 -9.53 12.10
CA LEU HA 473 4.44 -8.36 11.31
C LEU HA 473 3.26 -7.38 11.28
N LEU HA 474 3.59 -6.10 11.30
CA LEU HA 474 2.59 -5.04 11.14
C LEU HA 474 2.85 -4.29 9.85
N GLN HA 475 1.78 -3.97 9.13
CA GLN HA 475 1.85 -3.07 8.00
C GLN HA 475 0.63 -2.17 8.00
N THR HA 476 0.79 -0.98 7.44
CA THR HA 476 -0.34 -0.07 7.28
C THR HA 476 -1.11 -0.42 6.01
N ARG HA 477 -2.42 -0.41 6.11
CA ARG HA 477 -3.29 -0.73 4.99
C ARG HA 477 -4.41 0.30 4.97
N ALA HA 478 -5.06 0.44 3.82
CA ALA HA 478 -6.23 1.28 3.73
C ALA HA 478 -7.21 0.70 2.72
N LEU HA 479 -8.50 0.83 3.01
CA LEU HA 479 -9.57 0.37 2.13
C LEU HA 479 -10.28 1.60 1.56
N GLN HA 480 -10.85 1.45 0.38
CA GLN HA 480 -11.67 2.51 -0.21
C GLN HA 480 -13.09 2.02 -0.45
N PHE HA 481 -14.06 2.83 -0.04
CA PHE HA 481 -15.47 2.59 -0.28
C PHE HA 481 -16.04 3.75 -1.07
N ARG HA 482 -16.76 3.45 -2.14
CA ARG HA 482 -17.31 4.49 -3.02
C ARG HA 482 -18.83 4.43 -3.02
N HIS HA 483 -19.46 5.58 -2.78
CA HIS HA 483 -20.91 5.70 -2.65
C HIS HA 483 -21.42 6.71 -3.66
N PRO HA 484 -21.64 6.33 -4.92
CA PRO HA 484 -22.21 7.28 -5.88
C PRO HA 484 -23.69 7.52 -5.64
N ILE HA 485 -24.12 8.76 -5.82
CA ILE HA 485 -25.51 9.14 -5.56
C ILE HA 485 -26.32 8.98 -6.85
N PRO HA 486 -27.36 8.16 -6.84
CA PRO HA 486 -28.21 8.04 -8.04
C PRO HA 486 -29.26 9.11 -8.14
N MET HA 487 -29.78 9.35 -9.35
CA MET HA 487 -31.01 10.10 -9.51
C MET HA 487 -32.21 9.22 -9.17
N HIS HA 488 -33.28 9.85 -8.73
CA HIS HA 488 -34.49 9.12 -8.39
C HIS HA 488 -35.66 9.62 -9.23
N ALA HA 489 -36.68 8.78 -9.33
CA ALA HA 489 -37.81 9.09 -10.18
C ALA HA 489 -38.43 10.42 -9.79
N PRO HA 490 -38.90 11.20 -10.74
CA PRO HA 490 -39.47 12.51 -10.42
C PRO HA 490 -40.90 12.39 -9.90
N VAL HA 491 -41.41 13.51 -9.42
CA VAL HA 491 -42.84 13.73 -9.22
C VAL HA 491 -43.23 14.95 -10.04
N THR HA 492 -44.38 14.87 -10.70
CA THR HA 492 -44.82 15.91 -11.60
C THR HA 492 -46.26 16.30 -11.29
N LEU HA 493 -46.62 17.53 -11.63
CA LEU HA 493 -48.01 17.90 -11.71
C LEU HA 493 -48.28 18.47 -13.09
N PRO HA 494 -49.29 17.99 -13.81
CA PRO HA 494 -49.66 18.65 -15.04
C PRO HA 494 -50.56 19.85 -14.78
N MET HA 495 -50.41 20.84 -15.65
CA MET HA 495 -51.35 21.94 -15.77
C MET HA 495 -51.42 22.31 -17.24
N ASP HA 496 -52.53 22.89 -17.67
CA ASP HA 496 -52.63 23.28 -19.07
C ASP HA 496 -51.75 24.48 -19.33
N THR HA 497 -51.42 24.70 -20.60
CA THR HA 497 -50.59 25.83 -20.95
C THR HA 497 -51.37 27.14 -21.05
N MET HA 498 -52.68 27.08 -21.34
CA MET HA 498 -53.40 28.31 -21.65
C MET HA 498 -53.68 29.15 -20.40
N THR HA 499 -53.88 28.51 -19.25
CA THR HA 499 -54.14 29.30 -18.05
C THR HA 499 -53.01 30.29 -17.78
N ASP HA 500 -53.36 31.56 -17.61
CA ASP HA 500 -52.35 32.58 -17.36
C ASP HA 500 -51.90 32.57 -15.90
N GLU HA 501 -52.79 32.16 -15.01
CA GLU HA 501 -52.43 32.07 -13.59
C GLU HA 501 -51.45 30.94 -13.38
N GLY HA 502 -50.51 31.14 -12.46
CA GLY HA 502 -49.56 30.12 -12.15
C GLY HA 502 -50.20 28.93 -11.48
N PRO HA 503 -49.41 27.90 -11.16
CA PRO HA 503 -49.98 26.70 -10.55
C PRO HA 503 -50.56 26.94 -9.18
N GLY HA 504 -50.12 27.99 -8.49
CA GLY HA 504 -50.59 28.24 -7.15
C GLY HA 504 -49.87 27.37 -6.14
N GLU HA 505 -50.49 27.25 -4.97
CA GLU HA 505 -49.86 26.56 -3.84
C GLU HA 505 -49.98 25.05 -4.00
N VAL HA 506 -49.54 24.57 -5.16
CA VAL HA 506 -49.45 23.14 -5.41
C VAL HA 506 -48.04 22.72 -5.79
N VAL HA 507 -47.16 23.66 -6.14
CA VAL HA 507 -45.78 23.30 -6.47
C VAL HA 507 -45.06 22.81 -5.23
N LYS HA 508 -45.33 23.44 -4.09
CA LYS HA 508 -44.75 22.96 -2.85
C LYS HA 508 -45.09 21.50 -2.61
N ALA HA 509 -46.24 21.05 -3.11
CA ALA HA 509 -46.58 19.64 -2.94
C ALA HA 509 -45.58 18.73 -3.64
N LEU HA 510 -44.94 19.23 -4.71
CA LEU HA 510 -43.88 18.44 -5.34
C LEU HA 510 -42.70 18.27 -4.40
N THR HA 511 -42.32 19.35 -3.70
CA THR HA 511 -41.25 19.24 -2.72
C THR HA 511 -41.66 18.34 -1.55
N VAL HA 512 -42.90 18.49 -1.07
CA VAL HA 512 -43.40 17.66 0.02
C VAL HA 512 -43.41 16.20 -0.39
N ASN HA 513 -43.84 15.92 -1.61
CA ASN HA 513 -43.80 14.56 -2.14
C ASN HA 513 -42.39 13.99 -2.04
N THR HA 514 -41.40 14.71 -2.55
CA THR HA 514 -40.03 14.21 -2.49
C THR HA 514 -39.52 14.13 -1.05
N ASN HA 515 -39.91 15.09 -0.19
CA ASN HA 515 -39.45 15.06 1.19
C ASN HA 515 -40.00 13.85 1.94
N ILE HA 516 -41.27 13.51 1.71
CA ILE HA 516 -41.84 12.31 2.33
C ILE HA 516 -41.14 11.08 1.81
N ARG HA 517 -40.88 11.03 0.50
CA ARG HA 517 -40.18 9.88 -0.05
C ARG HA 517 -38.81 9.73 0.58
N ASN HA 518 -38.13 10.83 0.89
CA ASN HA 518 -36.83 10.74 1.57
C ASN HA 518 -36.97 10.00 2.89
N SER HA 519 -37.98 10.35 3.68
CA SER HA 519 -38.19 9.63 4.94
C SER HA 519 -38.48 8.15 4.69
N ASN HA 520 -39.34 7.87 3.72
CA ASN HA 520 -39.69 6.48 3.44
C ASN HA 520 -38.46 5.69 2.99
N ASN HA 521 -37.60 6.32 2.20
CA ASN HA 521 -36.37 5.65 1.77
C ASN HA 521 -35.48 5.36 2.96
N ALA HA 522 -35.43 6.27 3.93
CA ALA HA 522 -34.66 6.00 5.14
C ALA HA 522 -35.23 4.81 5.91
N VAL HA 523 -36.55 4.71 6.00
CA VAL HA 523 -37.13 3.59 6.74
C VAL HA 523 -36.89 2.28 5.99
N LYS HA 524 -37.13 2.28 4.68
CA LYS HA 524 -36.89 1.08 3.89
C LYS HA 524 -35.43 0.68 3.92
N ARG HA 525 -34.55 1.67 3.82
CA ARG HA 525 -33.13 1.39 3.80
C ARG HA 525 -32.77 0.77 5.13
N MET HA 526 -33.31 1.34 6.21
CA MET HA 526 -33.03 0.78 7.54
C MET HA 526 -33.49 -0.66 7.63
N LEU HA 527 -34.74 -0.93 7.23
CA LEU HA 527 -35.30 -2.27 7.39
C LEU HA 527 -34.57 -3.28 6.50
N ASN HA 528 -34.29 -2.90 5.25
CA ASN HA 528 -33.54 -3.77 4.36
C ASN HA 528 -32.10 -3.93 4.81
N TYR HA 529 -31.52 -2.87 5.37
CA TYR HA 529 -30.19 -2.97 5.96
C TYR HA 529 -30.18 -3.95 7.11
N LEU HA 530 -31.17 -3.88 7.99
CA LEU HA 530 -31.23 -4.86 9.07
C LEU HA 530 -31.41 -6.27 8.52
N ALA HA 531 -32.24 -6.43 7.49
CA ALA HA 531 -32.43 -7.76 6.92
C ALA HA 531 -31.11 -8.35 6.41
N GLN HA 532 -30.31 -7.53 5.72
CA GLN HA 532 -28.99 -7.97 5.27
C GLN HA 532 -28.08 -8.29 6.44
N LEU HA 533 -28.13 -7.47 7.49
CA LEU HA 533 -27.33 -7.69 8.68
C LEU HA 533 -27.67 -9.01 9.34
N ARG HA 534 -28.96 -9.31 9.46
CA ARG HA 534 -29.38 -10.56 10.06
C ARG HA 534 -28.83 -11.73 9.28
N GLU HA 535 -28.86 -11.64 7.96
CA GLU HA 535 -28.34 -12.71 7.13
C GLU HA 535 -26.84 -12.89 7.33
N VAL HA 536 -26.10 -11.78 7.38
CA VAL HA 536 -24.64 -11.88 7.53
C VAL HA 536 -24.29 -12.42 8.91
N VAL HA 537 -24.90 -11.90 9.97
CA VAL HA 537 -24.53 -12.36 11.31
C VAL HA 537 -24.97 -13.79 11.53
N HIS HA 538 -26.16 -14.16 11.06
CA HIS HA 538 -26.62 -15.54 11.19
C HIS HA 538 -25.65 -16.49 10.48
N ASN HA 539 -25.24 -16.16 9.25
CA ASN HA 539 -24.42 -17.08 8.48
C ASN HA 539 -23.06 -17.27 9.12
N GLY HA 540 -22.57 -16.26 9.83
CA GLY HA 540 -21.41 -16.36 10.69
C GLY HA 540 -20.23 -15.63 10.10
N TYR HA 541 -20.13 -14.34 10.38
CA TYR HA 541 -18.96 -13.54 10.06
C TYR HA 541 -18.60 -12.65 11.25
N ASN HA 542 -18.27 -13.29 12.38
CA ASN HA 542 -18.11 -12.54 13.63
C ASN HA 542 -16.96 -11.55 13.55
N ARG HA 543 -15.89 -11.89 12.83
CA ARG HA 543 -14.75 -11.00 12.76
C ARG HA 543 -14.99 -9.88 11.77
N PRO HA 544 -14.40 -8.71 11.99
CA PRO HA 544 -14.45 -7.65 10.98
C PRO HA 544 -13.77 -8.08 9.69
N LYS HA 545 -14.36 -7.70 8.57
CA LYS HA 545 -13.86 -8.09 7.27
C LYS HA 545 -14.43 -7.15 6.23
N PHE HA 546 -13.72 -7.02 5.12
CA PHE HA 546 -14.17 -6.22 3.99
C PHE HA 546 -15.04 -7.05 3.06
N GLY HA 547 -16.11 -6.43 2.56
CA GLY HA 547 -16.86 -7.00 1.47
C GLY HA 547 -17.93 -7.98 1.86
N ILE HA 548 -18.32 -8.02 3.14
CA ILE HA 548 -19.33 -8.98 3.58
C ILE HA 548 -20.66 -8.31 3.90
N ILE HA 549 -20.67 -7.00 4.14
CA ILE HA 549 -21.89 -6.30 4.49
C ILE HA 549 -21.73 -4.84 4.09
N GLU HA 550 -22.84 -4.19 3.83
CA GLU HA 550 -22.82 -2.74 3.62
C GLU HA 550 -22.26 -2.06 4.86
N GLY HA 551 -21.45 -1.03 4.64
CA GLY HA 551 -20.96 -0.23 5.73
C GLY HA 551 -19.46 -0.27 5.89
N ALA HA 552 -18.81 0.88 5.79
CA ALA HA 552 -17.36 0.92 5.84
C ALA HA 552 -16.81 0.38 7.16
N LEU HA 553 -17.53 0.58 8.26
CA LEU HA 553 -16.95 0.17 9.53
C LEU HA 553 -17.06 -1.32 9.78
N SER HA 554 -17.64 -2.08 8.87
CA SER HA 554 -17.65 -3.53 9.04
C SER HA 554 -16.24 -4.10 8.97
N ALA HA 555 -15.28 -3.33 8.48
CA ALA HA 555 -13.88 -3.75 8.49
C ALA HA 555 -13.16 -3.38 9.78
N VAL HA 556 -13.86 -2.75 10.74
CA VAL HA 556 -13.26 -2.36 12.01
C VAL HA 556 -13.85 -3.16 13.17
N MET HA 557 -15.17 -3.17 13.30
CA MET HA 557 -15.84 -3.84 14.39
C MET HA 557 -16.51 -5.12 13.95
N ARG HA 558 -16.82 -5.96 14.92
CA ARG HA 558 -17.56 -7.19 14.66
C ARG HA 558 -19.00 -6.87 14.30
N PRO HA 559 -19.52 -7.38 13.18
CA PRO HA 559 -20.94 -7.19 12.86
C PRO HA 559 -21.81 -8.01 13.81
N THR HA 560 -22.61 -7.31 14.61
CA THR HA 560 -23.35 -7.92 15.70
C THR HA 560 -24.84 -7.64 15.56
N TYR HA 561 -25.64 -8.70 15.65
CA TYR HA 561 -27.09 -8.61 15.51
C TYR HA 561 -27.74 -9.59 16.49
N ARG HA 562 -28.81 -9.15 17.15
CA ARG HA 562 -29.59 -10.03 18.01
C ARG HA 562 -31.07 -9.75 17.78
N TYR HA 563 -31.82 -10.77 17.41
CA TYR HA 563 -33.26 -10.66 17.20
C TYR HA 563 -33.96 -11.28 18.39
N LYS HA 564 -34.77 -10.50 19.08
CA LYS HA 564 -35.47 -10.96 20.27
C LYS HA 564 -36.94 -10.61 20.16
N GLU HA 565 -37.81 -11.58 20.42
CA GLU HA 565 -39.24 -11.38 20.40
C GLU HA 565 -39.73 -11.21 21.83
N LEU HA 566 -40.31 -10.06 22.14
CA LEU HA 566 -40.81 -9.78 23.46
C LEU HA 566 -42.31 -10.03 23.47
N ASP HA 567 -42.70 -11.22 23.85
CA ASP HA 567 -44.10 -11.55 24.07
C ASP HA 567 -44.40 -11.26 25.52
N LEU HA 568 -44.93 -10.05 25.78
CA LEU HA 568 -44.89 -9.50 27.12
C LEU HA 568 -45.57 -10.40 28.14
N GLU HA 569 -46.57 -11.19 27.74
CA GLU HA 569 -47.18 -12.12 28.67
C GLU HA 569 -46.15 -13.04 29.30
N LYS HA 570 -45.11 -13.40 28.54
CA LYS HA 570 -44.06 -14.28 29.02
C LYS HA 570 -42.89 -13.53 29.62
N VAL HA 571 -42.97 -12.19 29.63
CA VAL HA 571 -41.83 -11.40 30.09
C VAL HA 571 -42.14 -10.71 31.41
N ILE HA 572 -43.34 -10.18 31.57
CA ILE HA 572 -43.63 -9.29 32.69
C ILE HA 572 -43.72 -10.10 33.96
N ASP HA 573 -43.40 -9.46 35.08
CA ASP HA 573 -43.81 -9.93 36.40
C ASP HA 573 -44.51 -8.78 37.12
N THR HA 574 -45.75 -9.01 37.52
CA THR HA 574 -46.58 -7.98 38.13
C THR HA 574 -47.53 -8.60 39.13
N ILE HA 575 -47.81 -7.85 40.19
CA ILE HA 575 -48.67 -8.30 41.27
C ILE HA 575 -49.92 -7.44 41.40
N LYS HA 576 -49.79 -6.12 41.30
CA LYS HA 576 -50.91 -5.22 41.47
C LYS HA 576 -51.10 -4.39 40.22
N SER HA 577 -52.35 -4.05 39.94
CA SER HA 577 -52.66 -3.24 38.78
C SER HA 577 -52.20 -1.79 38.91
N LYS HA 578 -52.05 -1.27 40.13
CA LYS HA 578 -51.57 0.09 40.26
C LYS HA 578 -50.10 0.21 39.84
N ASP HA 579 -49.39 -0.91 39.79
CA ASP HA 579 -48.00 -0.91 39.35
C ASP HA 579 -47.85 -1.39 37.92
N ARG HA 580 -48.97 -1.63 37.23
CA ARG HA 580 -48.92 -2.31 35.94
C ARG HA 580 -48.15 -1.51 34.92
N TRP HA 581 -48.34 -0.19 34.91
CA TRP HA 581 -47.65 0.65 33.94
C TRP HA 581 -46.13 0.56 34.13
N ASP HA 582 -45.66 0.71 35.37
CA ASP HA 582 -44.23 0.65 35.61
C ASP HA 582 -43.68 -0.73 35.30
N ASP HA 583 -44.47 -1.77 35.59
CA ASP HA 583 -44.01 -3.13 35.30
C ASP HA 583 -43.86 -3.36 33.81
N VAL HA 584 -44.79 -2.84 33.01
CA VAL HA 584 -44.66 -2.99 31.56
C VAL HA 584 -43.48 -2.17 31.03
N CYS HA 585 -43.35 -0.92 31.49
CA CYS HA 585 -42.25 -0.10 31.02
C CYS HA 585 -40.89 -0.71 31.41
N ALA HA 586 -40.78 -1.18 32.65
CA ALA HA 586 -39.55 -1.81 33.08
C ALA HA 586 -39.33 -3.13 32.34
N ALA HA 587 -40.38 -3.91 32.13
CA ALA HA 587 -40.20 -5.21 31.48
C ALA HA 587 -39.58 -5.04 30.10
N ILE HA 588 -40.04 -4.04 29.35
CA ILE HA 588 -39.51 -3.84 28.00
C ILE HA 588 -38.06 -3.35 28.07
N LEU HA 589 -37.80 -2.32 28.89
CA LEU HA 589 -36.45 -1.77 28.94
C LEU HA 589 -35.46 -2.74 29.54
N ASN HA 590 -35.86 -3.49 30.57
CA ASN HA 590 -34.91 -4.40 31.20
C ASN HA 590 -34.55 -5.53 30.25
N CYS HA 591 -35.51 -6.03 29.49
CA CYS HA 591 -35.18 -7.04 28.50
C CYS HA 591 -34.18 -6.51 27.48
N VAL HA 592 -34.36 -5.27 27.03
CA VAL HA 592 -33.38 -4.71 26.08
C VAL HA 592 -32.00 -4.63 26.74
N LYS HA 593 -31.93 -4.14 27.98
CA LYS HA 593 -30.63 -4.06 28.64
C LYS HA 593 -29.93 -5.40 28.67
N ALA HA 594 -30.67 -6.46 29.03
CA ALA HA 594 -30.08 -7.79 29.12
C ALA HA 594 -29.55 -8.26 27.79
N GLU HA 595 -30.27 -7.99 26.69
CA GLU HA 595 -29.78 -8.35 25.38
C GLU HA 595 -28.75 -7.38 24.83
N LEU HA 596 -28.76 -6.13 25.28
CA LEU HA 596 -27.87 -5.10 24.76
C LEU HA 596 -26.45 -5.22 25.30
N PHE HA 597 -26.32 -5.34 26.62
CA PHE HA 597 -24.99 -5.33 27.22
C PHE HA 597 -24.06 -6.38 26.61
N PRO HA 598 -24.46 -7.65 26.44
CA PRO HA 598 -23.58 -8.60 25.77
C PRO HA 598 -23.16 -8.16 24.38
N ALA HA 599 -24.11 -7.71 23.55
CA ALA HA 599 -23.76 -7.29 22.20
C ALA HA 599 -22.86 -6.06 22.23
N HIS HA 600 -23.10 -5.15 23.16
CA HIS HA 600 -22.28 -3.94 23.26
C HIS HA 600 -20.83 -4.29 23.55
N ARG HA 601 -20.59 -5.16 24.53
CA ARG HA 601 -19.20 -5.45 24.92
C ARG HA 601 -18.55 -6.43 23.96
N ASP HA 602 -19.35 -7.29 23.34
CA ASP HA 602 -18.82 -8.27 22.39
C ASP HA 602 -18.29 -7.59 21.14
N SER HA 603 -18.97 -6.56 20.67
CA SER HA 603 -18.47 -5.81 19.55
C SER HA 603 -17.36 -4.86 20.02
N ASN HA 604 -16.67 -4.27 19.06
CA ASN HA 604 -15.62 -3.29 19.36
C ASN HA 604 -16.09 -1.87 19.14
N ILE HA 605 -17.35 -1.56 19.44
CA ILE HA 605 -17.86 -0.23 19.14
C ILE HA 605 -17.14 0.82 19.97
N GLU HA 606 -16.97 0.57 21.26
CA GLU HA 606 -16.27 1.55 22.09
C GLU HA 606 -14.84 1.74 21.61
N ALA HA 607 -14.17 0.64 21.25
CA ALA HA 607 -12.81 0.74 20.72
C ALA HA 607 -12.79 1.45 19.37
N ALA HA 608 -13.75 1.13 18.50
CA ALA HA 608 -13.80 1.76 17.18
C ALA HA 608 -14.05 3.25 17.31
N PHE HA 609 -14.96 3.64 18.20
CA PHE HA 609 -15.27 5.05 18.36
C PHE HA 609 -14.06 5.81 18.88
N ARG HA 610 -13.33 5.25 19.85
CA ARG HA 610 -12.13 5.91 20.33
C ARG HA 610 -11.05 5.93 19.26
N VAL HA 611 -10.85 4.82 18.56
CA VAL HA 611 -9.81 4.79 17.54
C VAL HA 611 -10.16 5.65 16.33
N ILE HA 612 -11.44 5.83 16.02
CA ILE HA 612 -11.82 6.62 14.86
C ILE HA 612 -11.94 8.10 15.22
N SER HA 613 -12.55 8.42 16.36
CA SER HA 613 -12.70 9.81 16.74
C SER HA 613 -11.39 10.42 17.23
N GLY HA 614 -10.49 9.60 17.77
CA GLY HA 614 -9.29 10.12 18.37
C GLY HA 614 -9.45 10.59 19.80
N ASN HA 615 -10.63 10.43 20.37
CA ASN HA 615 -10.89 10.85 21.74
C ASN HA 615 -10.65 9.66 22.66
N GLN HA 616 -9.68 9.84 23.57
CA GLN HA 616 -9.30 8.75 24.45
C GLN HA 616 -10.46 8.28 25.31
N ASP HA 617 -11.46 9.15 25.49
CA ASP HA 617 -12.62 8.86 26.32
C ASP HA 617 -13.88 9.22 25.56
N GLU HA 618 -14.43 8.26 24.81
CA GLU HA 618 -15.70 8.50 24.14
C GLU HA 618 -16.41 7.17 23.94
N THR HA 619 -17.73 7.18 24.13
CA THR HA 619 -18.62 6.05 23.99
C THR HA 619 -19.78 6.44 23.08
N PRO HA 620 -20.43 5.46 22.47
CA PRO HA 620 -21.62 5.78 21.69
C PRO HA 620 -22.80 6.10 22.60
N MET HA 621 -23.79 6.77 22.03
CA MET HA 621 -25.12 6.81 22.62
C MET HA 621 -26.02 5.96 21.74
N TYR HA 622 -26.97 5.27 22.34
CA TYR HA 622 -27.89 4.47 21.57
C TYR HA 622 -29.20 5.21 21.34
N LEU HA 623 -29.79 4.96 20.18
CA LEU HA 623 -31.13 5.43 19.87
C LEU HA 623 -32.10 4.26 19.90
N PHE HA 624 -33.23 4.46 20.56
CA PHE HA 624 -34.32 3.50 20.56
C PHE HA 624 -35.28 3.92 19.46
N CYS HA 625 -35.24 3.20 18.34
CA CYS HA 625 -36.05 3.51 17.17
C CYS HA 625 -37.29 2.64 17.20
N SER HA 626 -38.47 3.25 17.27
CA SER HA 626 -39.69 2.48 17.44
C SER HA 626 -40.84 3.19 16.76
N ASP HA 627 -41.97 2.50 16.71
CA ASP HA 627 -43.25 3.13 16.37
C ASP HA 627 -43.74 3.93 17.59
N LYS HA 628 -44.85 4.64 17.44
CA LYS HA 628 -45.27 5.54 18.50
C LYS HA 628 -45.92 4.77 19.65
N GLU HA 629 -46.52 3.62 19.34
CA GLU HA 629 -47.11 2.76 20.37
C GLU HA 629 -46.08 2.35 21.41
N ILE HA 630 -44.95 1.82 20.94
CA ILE HA 630 -43.90 1.39 21.85
C ILE HA 630 -43.26 2.59 22.52
N ALA HA 631 -43.03 3.66 21.75
CA ALA HA 631 -42.36 4.83 22.29
C ALA HA 631 -43.08 5.42 23.48
N ASN HA 632 -44.41 5.31 23.55
CA ASN HA 632 -45.11 5.83 24.72
C ASN HA 632 -44.75 5.05 25.97
N TYR HA 633 -44.27 3.81 25.84
CA TYR HA 633 -43.87 2.99 26.97
C TYR HA 633 -42.41 3.18 27.35
N LEU HA 634 -41.56 3.54 26.38
CA LEU HA 634 -40.15 3.71 26.66
C LEU HA 634 -39.83 5.04 27.33
N MET HA 635 -40.75 6.00 27.28
CA MET HA 635 -40.48 7.33 27.81
C MET HA 635 -40.17 7.27 29.29
N THR HA 636 -39.04 7.86 29.66
CA THR HA 636 -38.55 7.85 31.03
C THR HA 636 -38.98 9.13 31.75
N LYS HA 637 -38.87 9.10 33.08
CA LYS HA 637 -39.03 10.31 33.88
C LYS HA 637 -37.77 11.16 33.79
N GLY HA 638 -37.94 12.47 33.69
CA GLY HA 638 -36.82 13.39 33.70
C GLY HA 638 -35.84 13.12 32.58
N ASP HA 639 -34.56 13.03 32.94
CA ASP HA 639 -33.49 12.75 31.97
C ASP HA 639 -32.59 11.65 32.55
N ASP HA 640 -33.22 10.67 33.19
CA ASP HA 640 -32.56 9.51 33.76
C ASP HA 640 -32.36 8.40 32.75
N ARG HA 641 -32.08 8.76 31.50
CA ARG HA 641 -31.93 7.81 30.40
C ARG HA 641 -30.51 7.27 30.29
N THR HA 642 -30.25 6.16 30.96
CA THR HA 642 -28.92 5.56 30.98
C THR HA 642 -29.08 4.05 30.90
N LEU HA 643 -28.07 3.37 30.35
CA LEU HA 643 -28.10 1.92 30.23
C LEU HA 643 -26.92 1.36 31.03
N GLY HA 644 -27.15 1.09 32.31
CA GLY HA 644 -26.08 0.66 33.18
C GLY HA 644 -25.23 1.81 33.69
N ALA HA 645 -23.91 1.66 33.63
CA ALA HA 645 -23.04 2.67 34.23
C ALA HA 645 -23.08 3.97 33.45
N TYR HA 646 -23.26 3.89 32.14
CA TYR HA 646 -23.19 5.04 31.25
C TYR HA 646 -24.06 4.77 30.02
N LEU HA 647 -23.75 5.17 28.77
CA LEU HA 647 -24.54 4.87 27.57
C LEU HA 647 -25.84 5.61 27.74
N LYS HA 648 -25.74 6.93 27.87
CA LYS HA 648 -26.93 7.74 27.89
C LYS HA 648 -27.56 7.56 26.55
N TYR HA 649 -28.89 7.49 26.49
CA TYR HA 649 -29.57 7.21 25.24
C TYR HA 649 -30.69 8.16 24.89
N ASP HA 650 -31.34 7.96 23.72
CA ASP HA 650 -32.46 8.81 23.35
C ASP HA 650 -33.49 7.96 22.62
N ILE HA 651 -34.71 8.48 22.50
CA ILE HA 651 -35.82 7.76 21.91
C ILE HA 651 -36.36 8.54 20.72
N VAL HA 652 -36.48 7.88 19.58
CA VAL HA 652 -37.01 8.47 18.35
C VAL HA 652 -38.12 7.56 17.82
N SER HA 653 -39.21 8.16 17.37
CA SER HA 653 -40.38 7.44 16.94
C SER HA 653 -40.72 7.78 15.49
N THR HA 654 -41.36 6.84 14.80
CA THR HA 654 -41.87 7.05 13.46
C THR HA 654 -43.32 6.59 13.37
N ASN HA 655 -44.08 7.19 12.47
CA ASN HA 655 -45.43 6.75 12.19
C ASN HA 655 -45.51 5.92 10.91
N ASN HA 656 -44.38 5.55 10.32
CA ASN HA 656 -44.38 4.78 9.09
C ASN HA 656 -44.80 3.34 9.36
N GLN HA 657 -45.88 2.91 8.73
CA GLN HA 657 -46.39 1.58 9.03
C GLN HA 657 -45.38 0.49 8.69
N LEU HA 658 -44.39 0.79 7.85
CA LEU HA 658 -43.37 -0.21 7.54
C LEU HA 658 -42.56 -0.58 8.76
N PHE HA 659 -42.58 0.28 9.78
CA PHE HA 659 -41.80 0.06 10.98
C PHE HA 659 -42.70 -0.36 12.15
N ASP HA 660 -43.94 -0.70 11.86
CA ASP HA 660 -44.93 -0.97 12.88
C ASP HA 660 -44.51 -2.16 13.74
N GLY HA 661 -44.62 -2.00 15.05
CA GLY HA 661 -44.39 -3.10 15.98
C GLY HA 661 -42.93 -3.51 16.10
N LYS HA 662 -42.01 -2.58 15.90
CA LYS HA 662 -40.59 -2.87 15.94
C LYS HA 662 -39.92 -1.91 16.90
N LEU HA 663 -38.93 -2.40 17.63
CA LEU HA 663 -37.99 -1.56 18.34
C LEU HA 663 -36.58 -1.96 17.91
N VAL HA 664 -35.85 -1.01 17.33
CA VAL HA 664 -34.48 -1.24 16.88
C VAL HA 664 -33.57 -0.26 17.60
N VAL HA 665 -32.51 -0.78 18.21
CA VAL HA 665 -31.58 0.01 19.00
C VAL HA 665 -30.26 0.09 18.24
N ILE HA 666 -29.82 1.31 17.94
CA ILE HA 666 -28.62 1.51 17.12
C ILE HA 666 -27.69 2.51 17.82
N PRO HA 667 -26.38 2.37 17.71
CA PRO HA 667 -25.46 3.37 18.24
C PRO HA 667 -25.36 4.58 17.34
N THR HA 668 -24.99 5.71 17.94
CA THR HA 668 -24.61 6.89 17.19
C THR HA 668 -23.66 7.71 18.04
N ARG HA 669 -22.90 8.58 17.39
CA ARG HA 669 -22.01 9.46 18.13
C ARG HA 669 -22.82 10.49 18.91
N ALA HA 670 -22.42 10.73 20.16
CA ALA HA 670 -23.15 11.65 21.03
C ALA HA 670 -23.21 13.05 20.44
N VAL HA 671 -22.12 13.50 19.83
CA VAL HA 671 -22.06 14.81 19.20
C VAL HA 671 -21.89 14.59 17.70
N GLN HA 672 -22.84 15.11 16.92
CA GLN HA 672 -22.86 14.88 15.49
C GLN HA 672 -21.99 15.89 14.77
N GLN HA 673 -21.07 15.39 13.97
CA GLN HA 673 -20.24 16.22 13.09
C GLN HA 673 -20.71 16.05 11.66
N GLU HA 674 -20.32 16.99 10.81
CA GLU HA 674 -20.64 16.88 9.39
C GLU HA 674 -19.90 15.70 8.78
N ASN HA 675 -20.61 14.92 7.96
CA ASN HA 675 -20.04 13.79 7.23
C ASN HA 675 -19.24 12.90 8.17
N ASP HA 676 -19.86 12.52 9.28
CA ASP HA 676 -19.20 11.78 10.34
C ASP HA 676 -19.45 10.30 10.15
N ILE HA 677 -18.37 9.54 9.93
CA ILE HA 677 -18.49 8.10 9.74
C ILE HA 677 -19.11 7.40 10.92
N LEU HA 678 -19.01 7.97 12.12
CA LEU HA 678 -19.50 7.29 13.31
C LEU HA 678 -21.01 7.40 13.47
N SER HA 679 -21.69 8.10 12.57
CA SER HA 679 -23.15 8.05 12.56
C SER HA 679 -23.62 6.71 11.98
N TRP HA 680 -24.70 6.18 12.56
CA TRP HA 680 -25.16 4.86 12.13
C TRP HA 680 -25.40 4.81 10.64
N GLY HA 681 -26.08 5.80 10.10
CA GLY HA 681 -26.12 6.01 8.67
C GLY HA 681 -26.00 7.47 8.33
N GLN HA 682 -25.96 7.76 7.05
CA GLN HA 682 -25.87 9.12 6.55
C GLN HA 682 -26.88 9.33 5.44
N PHE HA 683 -27.41 10.53 5.34
CA PHE HA 683 -28.28 10.93 4.25
C PHE HA 683 -27.51 11.94 3.41
N PHE HA 684 -27.14 11.55 2.19
CA PHE HA 684 -26.40 12.41 1.28
C PHE HA 684 -27.40 13.08 0.35
N TYR HA 685 -27.53 14.39 0.48
CA TYR HA 685 -28.48 15.17 -0.31
C TYR HA 685 -27.71 16.09 -1.22
N VAL HA 686 -28.17 16.23 -2.46
CA VAL HA 686 -27.60 17.16 -3.41
C VAL HA 686 -28.55 18.31 -3.72
N SER HA 687 -29.73 18.00 -4.26
CA SER HA 687 -30.67 19.01 -4.72
C SER HA 687 -32.02 18.35 -4.96
N THR HA 688 -33.04 19.18 -5.09
CA THR HA 688 -34.35 18.78 -5.63
C THR HA 688 -34.65 19.75 -6.76
N VAL HA 689 -34.34 19.33 -7.99
CA VAL HA 689 -34.45 20.24 -9.13
C VAL HA 689 -35.89 20.37 -9.58
N ILE HA 690 -36.30 21.61 -9.84
CA ILE HA 690 -37.65 21.92 -10.30
C ILE HA 690 -37.55 22.25 -11.79
N ALA HA 691 -38.27 21.48 -12.62
CA ALA HA 691 -38.23 21.63 -14.06
C ALA HA 691 -39.59 22.06 -14.58
N ASP HA 692 -39.61 23.09 -15.42
CA ASP HA 692 -40.85 23.66 -15.94
C ASP HA 692 -40.73 23.88 -17.43
N LEU HA 693 -41.47 23.10 -18.21
CA LEU HA 693 -41.38 23.16 -19.65
C LEU HA 693 -42.64 22.59 -20.28
N PRO HA 694 -43.21 23.25 -21.29
CA PRO HA 694 -44.45 22.73 -21.90
C PRO HA 694 -44.15 21.57 -22.81
N ILE HA 695 -44.03 20.38 -22.22
CA ILE HA 695 -43.67 19.20 -22.97
C ILE HA 695 -44.88 18.71 -23.76
N THR HA 696 -44.65 18.36 -25.01
CA THR HA 696 -45.69 17.78 -25.85
C THR HA 696 -45.45 16.27 -25.94
N ARG HA 697 -46.32 15.51 -25.29
CA ARG HA 697 -46.12 14.07 -25.15
C ARG HA 697 -47.13 13.36 -26.04
N GLY HA 698 -46.65 12.36 -26.77
CA GLY HA 698 -47.48 11.58 -27.65
C GLY HA 698 -47.62 12.16 -29.05
N GLY HA 699 -47.20 13.41 -29.26
CA GLY HA 699 -47.35 14.04 -30.55
C GLY HA 699 -48.74 14.53 -30.85
N HIS HA 700 -49.66 14.46 -29.90
CA HIS HA 700 -51.04 14.80 -30.16
C HIS HA 700 -51.68 15.62 -29.05
N GLN HA 701 -50.97 15.90 -27.96
CA GLN HA 701 -51.47 16.74 -26.90
C GLN HA 701 -50.29 17.44 -26.24
N VAL HA 702 -50.50 18.66 -25.75
CA VAL HA 702 -49.44 19.37 -25.05
C VAL HA 702 -49.89 19.72 -23.64
N THR HA 703 -49.03 19.44 -22.66
CA THR HA 703 -49.31 19.64 -21.24
C THR HA 703 -48.15 20.38 -20.61
N ARG HA 704 -48.43 21.34 -19.76
CA ARG HA 704 -47.36 21.97 -19.00
C ARG HA 704 -47.03 21.13 -17.78
N GLU HA 705 -45.78 20.70 -17.67
CA GLU HA 705 -45.36 19.81 -16.60
C GLU HA 705 -44.37 20.52 -15.70
N ILE HA 706 -44.67 20.56 -14.40
CA ILE HA 706 -43.73 21.04 -13.40
C ILE HA 706 -43.31 19.85 -12.56
N ALA HA 707 -42.03 19.50 -12.60
CA ALA HA 707 -41.52 18.29 -11.98
C ALA HA 707 -40.49 18.66 -10.92
N ALA HA 708 -40.40 17.82 -9.89
CA ALA HA 708 -39.35 17.90 -8.89
C ALA HA 708 -38.54 16.62 -8.98
N ILE HA 709 -37.23 16.75 -9.20
CA ILE HA 709 -36.36 15.61 -9.43
C ILE HA 709 -35.46 15.46 -8.19
N PRO HA 710 -35.78 14.55 -7.28
CA PRO HA 710 -34.94 14.35 -6.10
C PRO HA 710 -33.63 13.65 -6.45
N PHE HA 711 -32.60 13.96 -5.65
CA PHE HA 711 -31.25 13.47 -5.92
C PHE HA 711 -30.52 13.36 -4.59
N ASN HA 712 -30.43 12.13 -4.06
CA ASN HA 712 -29.89 11.88 -2.74
C ASN HA 712 -29.59 10.39 -2.60
N LEU HA 713 -28.98 10.03 -1.47
CA LEU HA 713 -28.64 8.65 -1.20
C LEU HA 713 -28.61 8.41 0.29
N HIS HA 714 -29.09 7.25 0.72
CA HIS HA 714 -28.97 6.78 2.10
C HIS HA 714 -27.88 5.72 2.17
N VAL HA 715 -26.93 5.91 3.07
CA VAL HA 715 -25.82 5.01 3.25
C VAL HA 715 -25.72 4.63 4.72
N ASN HA 716 -25.50 3.35 4.99
CA ASN HA 716 -25.29 2.85 6.33
C ASN HA 716 -23.79 2.71 6.59
N ASN HA 717 -23.39 2.95 7.83
CA ASN HA 717 -21.99 2.82 8.23
C ASN HA 717 -21.74 1.68 9.21
N ILE HA 718 -22.52 1.61 10.28
CA ILE HA 718 -22.20 0.75 11.42
C ILE HA 718 -22.99 -0.55 11.27
N PRO HA 719 -22.33 -1.71 11.30
CA PRO HA 719 -23.08 -2.96 11.17
C PRO HA 719 -23.87 -3.34 12.41
N PHE HA 720 -23.67 -2.69 13.54
CA PHE HA 720 -24.35 -3.09 14.77
C PHE HA 720 -25.82 -2.68 14.74
N ALA HA 721 -26.70 -3.61 15.17
CA ALA HA 721 -28.09 -3.26 15.44
C ALA HA 721 -28.72 -4.35 16.28
N LEU HA 722 -29.66 -3.96 17.14
CA LEU HA 722 -30.48 -4.88 17.91
C LEU HA 722 -31.94 -4.70 17.51
N GLU HA 723 -32.62 -5.80 17.22
CA GLU HA 723 -34.01 -5.73 16.78
C GLU HA 723 -34.91 -6.44 17.76
N PHE HA 724 -35.91 -5.72 18.28
CA PHE HA 724 -36.85 -6.26 19.25
C PHE HA 724 -38.25 -6.17 18.70
N LYS HA 725 -38.95 -7.30 18.68
CA LYS HA 725 -40.33 -7.38 18.24
C LYS HA 725 -41.22 -7.47 19.48
N ILE HA 726 -41.92 -6.39 19.78
CA ILE HA 726 -42.64 -6.24 21.02
C ILE HA 726 -44.14 -6.32 20.76
N THR HA 727 -44.80 -7.29 21.38
CA THR HA 727 -46.22 -7.50 21.20
C THR HA 727 -46.84 -7.89 22.55
N GLY HA 728 -48.16 -7.91 22.57
CA GLY HA 728 -48.89 -8.36 23.73
C GLY HA 728 -49.34 -7.28 24.69
N PHE HA 729 -49.21 -6.01 24.31
CA PHE HA 729 -49.60 -4.93 25.22
C PHE HA 729 -51.04 -5.11 25.68
N GLN HA 730 -51.93 -5.47 24.76
CA GLN HA 730 -53.36 -5.50 25.06
C GLN HA 730 -53.76 -6.73 25.85
N LYS HA 731 -52.84 -7.65 26.08
CA LYS HA 731 -53.08 -8.82 26.92
C LYS HA 731 -52.52 -8.65 28.33
N VAL HA 732 -51.32 -8.08 28.46
CA VAL HA 732 -50.74 -7.89 29.78
C VAL HA 732 -51.45 -6.78 30.54
N MET HA 733 -51.75 -5.66 29.86
CA MET HA 733 -52.47 -4.57 30.51
C MET HA 733 -53.97 -4.80 30.50
N GLY HA 734 -54.45 -5.62 29.57
CA GLY HA 734 -55.88 -5.84 29.46
C GLY HA 734 -56.41 -6.88 30.44
N GLU HA 735 -55.61 -7.89 30.75
CA GLU HA 735 -56.07 -9.02 31.56
C GLU HA 735 -55.28 -9.11 32.86
N THR HA 736 -55.69 -10.06 33.70
CA THR HA 736 -54.95 -10.36 34.92
C THR HA 736 -53.71 -11.17 34.63
N GLN HA 737 -52.65 -10.94 35.40
CA GLN HA 737 -51.45 -11.75 35.32
C GLN HA 737 -51.20 -12.56 36.60
N PHE HA 738 -51.79 -12.12 37.70
CA PHE HA 738 -51.47 -12.72 39.00
C PHE HA 738 -52.65 -13.50 39.55
N ASN HA 739 -53.74 -12.80 39.84
CA ASN HA 739 -54.92 -13.45 40.42
C ASN HA 739 -55.59 -14.40 39.45
N GLY HA 740 -55.51 -14.11 38.15
CA GLY HA 740 -56.09 -15.03 37.17
C GLY HA 740 -55.42 -16.38 37.21
N LYS HA 741 -54.09 -16.39 37.28
CA LYS HA 741 -53.37 -17.66 37.35
C LYS HA 741 -53.70 -18.40 38.65
N LEU HA 742 -53.83 -17.66 39.76
CA LEU HA 742 -54.21 -18.29 41.02
C LEU HA 742 -55.57 -18.94 40.92
N ALA HA 743 -56.51 -18.29 40.24
CA ALA HA 743 -57.83 -18.89 40.04
C ALA HA 743 -57.73 -20.18 39.23
N ASP HA 744 -56.81 -20.23 38.26
CA ASP HA 744 -56.66 -21.44 37.46
C ASP HA 744 -56.21 -22.62 38.33
N LEU HA 745 -55.55 -22.33 39.44
CA LEU HA 745 -55.10 -23.38 40.35
C LEU HA 745 -56.25 -24.06 41.09
N LYS HA 746 -57.44 -23.45 41.07
CA LYS HA 746 -58.57 -23.99 41.81
C LYS HA 746 -58.99 -25.34 41.25
N PRO HA 747 -59.09 -26.39 42.09
CA PRO HA 747 -59.45 -27.73 41.61
C PRO HA 747 -60.96 -27.89 41.44
N ASN IA 164 -155.31 49.27 -16.35
CA ASN IA 164 -155.72 49.47 -14.98
C ASN IA 164 -156.86 50.48 -14.88
N TYR IA 165 -158.08 49.98 -15.09
CA TYR IA 165 -159.27 50.83 -14.99
C TYR IA 165 -159.55 51.22 -13.54
N ASN IA 166 -159.48 50.25 -12.64
CA ASN IA 166 -159.71 50.46 -11.21
C ASN IA 166 -158.39 50.27 -10.46
N GLU IA 167 -157.82 51.36 -9.99
CA GLU IA 167 -156.49 51.33 -9.39
C GLU IA 167 -156.55 50.89 -7.93
N LYS IA 168 -156.92 49.64 -7.73
CA LYS IA 168 -156.92 49.07 -6.40
C LYS IA 168 -155.50 49.05 -5.86
N SER IA 169 -155.34 49.50 -4.61
CA SER IA 169 -154.02 49.52 -4.01
C SER IA 169 -153.66 48.11 -3.55
N GLN IA 170 -152.57 47.58 -4.08
CA GLN IA 170 -152.12 46.24 -3.74
C GLN IA 170 -150.67 46.21 -3.29
N ARG IA 171 -149.87 47.21 -3.64
CA ARG IA 171 -148.44 47.12 -3.40
C ARG IA 171 -148.06 47.71 -2.05
N ASP IA 172 -148.45 48.96 -1.80
CA ASP IA 172 -148.00 49.72 -0.65
C ASP IA 172 -149.04 49.62 0.45
N PHE IA 173 -148.57 49.39 1.68
CA PHE IA 173 -149.45 49.34 2.84
C PHE IA 173 -148.77 50.08 3.98
N ARG IA 174 -149.55 50.46 4.98
CA ARG IA 174 -148.95 50.97 6.20
C ARG IA 174 -148.36 49.84 7.03
N VAL IA 175 -147.08 49.99 7.38
CA VAL IA 175 -146.32 48.96 8.08
C VAL IA 175 -146.15 49.40 9.53
N VAL IA 176 -146.49 48.52 10.45
CA VAL IA 176 -146.34 48.77 11.88
C VAL IA 176 -145.41 47.71 12.45
N THR IA 177 -144.43 48.15 13.23
CA THR IA 177 -143.47 47.26 13.88
C THR IA 177 -143.93 47.03 15.31
N ILE IA 178 -144.02 45.77 15.71
CA ILE IA 178 -144.48 45.43 17.04
C ILE IA 178 -143.28 45.30 17.98
N GLY IA 179 -143.37 45.92 19.14
CA GLY IA 179 -142.26 45.90 20.07
C GLY IA 179 -142.01 44.50 20.61
N TYR IA 180 -140.78 44.26 21.02
CA TYR IA 180 -140.34 42.98 21.57
C TYR IA 180 -139.26 43.27 22.60
N ASN IA 181 -139.66 43.53 23.85
CA ASN IA 181 -138.75 43.99 24.88
C ASN IA 181 -138.75 43.00 26.03
N LEU IA 182 -137.73 42.14 26.07
CA LEU IA 182 -137.65 41.10 27.08
C LEU IA 182 -136.53 41.44 28.05
N ALA IA 183 -136.81 41.29 29.33
CA ALA IA 183 -135.81 41.51 30.36
C ALA IA 183 -136.13 40.63 31.56
N ALA IA 184 -135.09 40.25 32.30
CA ALA IA 184 -135.26 39.50 33.53
C ALA IA 184 -134.16 39.89 34.51
N SER IA 185 -134.51 39.95 35.80
CA SER IA 185 -133.52 40.19 36.83
C SER IA 185 -132.74 38.91 37.13
N ARG IA 186 -131.62 39.07 37.83
CA ARG IA 186 -130.80 37.90 38.18
C ARG IA 186 -131.66 36.78 38.73
N GLN IA 187 -132.64 37.11 39.56
CA GLN IA 187 -133.61 36.14 40.06
C GLN IA 187 -134.88 36.90 40.40
N ASP IA 188 -136.03 36.35 40.03
CA ASP IA 188 -137.26 37.11 40.09
C ASP IA 188 -137.78 37.16 41.53
N GLU IA 189 -138.93 37.83 41.72
CA GLU IA 189 -139.38 38.11 43.08
C GLU IA 189 -139.77 36.85 43.82
N PHE IA 190 -140.44 35.91 43.14
CA PHE IA 190 -140.86 34.67 43.76
C PHE IA 190 -139.65 33.85 44.23
N ALA IA 191 -138.70 33.61 43.33
CA ALA IA 191 -137.51 32.86 43.70
C ALA IA 191 -136.62 33.62 44.65
N GLU IA 192 -136.57 34.96 44.54
CA GLU IA 192 -135.68 35.72 45.39
C GLU IA 192 -136.15 35.71 46.84
N ARG IA 193 -137.46 35.81 47.06
CA ARG IA 193 -137.97 35.78 48.42
C ARG IA 193 -137.78 34.40 49.04
N ILE IA 194 -137.86 33.35 48.22
CA ILE IA 194 -137.69 32.00 48.76
C ILE IA 194 -136.22 31.65 48.88
N TYR IA 195 -135.43 31.99 47.85
CA TYR IA 195 -134.01 31.69 47.81
C TYR IA 195 -133.23 32.99 47.67
N PRO IA 196 -133.03 33.76 48.73
CA PRO IA 196 -132.34 35.05 48.57
C PRO IA 196 -130.96 34.86 47.99
N THR IA 197 -130.54 35.83 47.19
CA THR IA 197 -129.28 35.75 46.46
C THR IA 197 -128.13 36.17 47.37
N THR IA 198 -127.10 35.32 47.43
CA THR IA 198 -125.83 35.67 48.03
C THR IA 198 -124.72 35.41 47.03
N VAL IA 199 -123.83 36.37 46.87
CA VAL IA 199 -122.74 36.26 45.89
C VAL IA 199 -121.59 35.51 46.53
N ILE IA 200 -121.12 34.46 45.85
CA ILE IA 200 -120.04 33.62 46.32
C ILE IA 200 -118.85 33.83 45.40
N ASN IA 201 -117.69 34.09 45.97
CA ASN IA 201 -116.50 34.30 45.16
C ASN IA 201 -116.19 33.05 44.35
N PRO IA 202 -115.88 33.18 43.07
CA PRO IA 202 -115.54 31.99 42.27
C PRO IA 202 -114.32 31.24 42.76
N ILE IA 203 -113.46 31.87 43.55
CA ILE IA 203 -112.26 31.19 44.03
C ILE IA 203 -112.61 30.02 44.94
N GLU IA 204 -113.56 30.23 45.86
CA GLU IA 204 -113.95 29.15 46.76
C GLU IA 204 -114.87 28.16 46.05
N GLY IA 205 -115.87 28.67 45.34
CA GLY IA 205 -116.76 27.80 44.60
C GLY IA 205 -117.68 26.95 45.45
N GLY IA 206 -117.90 27.30 46.70
CA GLY IA 206 -118.73 26.51 47.58
C GLY IA 206 -118.86 27.19 48.93
N VAL IA 207 -119.78 26.67 49.74
CA VAL IA 207 -120.05 27.23 51.06
C VAL IA 207 -120.07 26.09 52.08
N VAL IA 208 -119.54 26.36 53.27
CA VAL IA 208 -119.51 25.41 54.37
C VAL IA 208 -120.29 26.01 55.53
N GLN IA 209 -121.16 25.20 56.15
CA GLN IA 209 -121.97 25.66 57.26
C GLN IA 209 -121.56 24.91 58.51
N VAL IA 210 -121.11 25.64 59.51
CA VAL IA 210 -120.66 25.04 60.77
C VAL IA 210 -121.67 25.41 61.85
N LEU IA 211 -122.22 24.41 62.51
CA LEU IA 211 -123.30 24.60 63.47
C LEU IA 211 -122.89 24.12 64.84
N PRO IA 212 -122.24 24.95 65.66
CA PRO IA 212 -121.92 24.54 67.03
C PRO IA 212 -123.14 24.55 67.92
N TYR IA 213 -123.12 23.70 68.95
CA TYR IA 213 -124.19 23.70 69.93
C TYR IA 213 -123.74 22.98 71.19
N ILE IA 214 -124.54 23.11 72.23
CA ILE IA 214 -124.36 22.40 73.50
C ILE IA 214 -125.22 21.15 73.47
N ALA IA 215 -124.62 20.00 73.73
CA ALA IA 215 -125.33 18.73 73.68
C ALA IA 215 -125.58 18.23 75.10
N VAL IA 216 -126.76 17.66 75.32
CA VAL IA 216 -127.06 16.98 76.58
C VAL IA 216 -126.83 15.50 76.38
N MET IA 217 -125.94 14.93 77.18
CA MET IA 217 -125.60 13.52 77.10
C MET IA 217 -125.83 12.87 78.46
N LYS IA 218 -126.37 11.66 78.41
CA LYS IA 218 -126.58 10.89 79.62
C LYS IA 218 -125.28 10.27 80.08
N ASP IA 219 -125.02 10.31 81.38
CA ASP IA 219 -123.73 9.86 81.91
C ASP IA 219 -123.72 8.35 81.97
N VAL IA 220 -123.00 7.71 81.05
CA VAL IA 220 -122.98 6.25 80.95
C VAL IA 220 -121.54 5.79 80.78
N TYR IA 221 -121.31 4.54 81.18
CA TYR IA 221 -120.02 3.90 80.97
C TYR IA 221 -119.98 3.20 79.61
N HIS IA 222 -118.78 3.04 79.06
CA HIS IA 222 -118.63 2.28 77.84
C HIS IA 222 -118.73 0.79 78.11
N GLU IA 223 -119.74 0.16 77.53
CA GLU IA 223 -119.98 -1.26 77.78
C GLU IA 223 -118.96 -2.10 77.01
N VAL IA 224 -118.50 -3.19 77.64
CA VAL IA 224 -117.43 -3.98 77.06
C VAL IA 224 -117.83 -4.54 75.70
N SER IA 225 -119.06 -5.01 75.55
CA SER IA 225 -119.53 -5.55 74.29
C SER IA 225 -120.46 -4.61 73.56
N GLY IA 226 -120.47 -3.33 73.92
CA GLY IA 226 -121.42 -2.40 73.35
C GLY IA 226 -121.15 -2.13 71.88
N VAL IA 227 -122.22 -1.96 71.11
CA VAL IA 227 -122.04 -1.60 69.71
C VAL IA 227 -121.80 -0.09 69.57
N LYS IA 228 -122.48 0.70 70.41
CA LYS IA 228 -122.37 2.16 70.39
C LYS IA 228 -122.57 2.71 71.79
N MET IA 229 -122.15 3.95 72.05
CA MET IA 229 -122.35 4.54 73.38
C MET IA 229 -123.76 5.04 73.60
N ASP IA 230 -124.51 4.40 74.50
CA ASP IA 230 -125.92 4.73 74.68
C ASP IA 230 -126.12 5.89 75.63
N ASN IA 231 -125.83 7.09 75.15
CA ASN IA 231 -125.87 8.25 76.02
C ASN IA 231 -127.01 9.14 75.63
N GLU IA 232 -127.83 8.72 74.67
CA GLU IA 232 -128.98 9.51 74.29
C GLU IA 232 -128.54 10.95 74.12
N GLU IA 233 -127.63 11.19 73.17
CA GLU IA 233 -127.12 12.55 73.00
C GLU IA 233 -128.17 13.34 72.25
N VAL IA 234 -128.62 14.45 72.84
CA VAL IA 234 -129.66 15.27 72.25
C VAL IA 234 -129.24 16.73 72.31
N ASN IA 235 -129.61 17.47 71.27
CA ASN IA 235 -129.31 18.89 71.25
C ASN IA 235 -130.08 19.62 72.34
N MET IA 236 -129.40 20.57 72.99
CA MET IA 236 -130.05 21.33 74.06
C MET IA 236 -131.34 21.97 73.59
N VAL IA 237 -131.39 22.41 72.33
CA VAL IA 237 -132.54 23.17 71.84
C VAL IA 237 -133.80 22.34 71.99
N GLU IA 238 -133.67 21.03 72.06
CA GLU IA 238 -134.82 20.15 72.21
C GLU IA 238 -135.56 20.39 73.51
N ALA IA 239 -134.86 20.81 74.57
CA ALA IA 239 -135.49 20.99 75.87
C ALA IA 239 -136.60 22.04 75.84
N TYR IA 240 -136.59 22.92 74.85
CA TYR IA 240 -137.64 23.94 74.75
C TYR IA 240 -138.97 23.33 74.35
N ARG IA 241 -138.95 22.23 73.61
CA ARG IA 241 -140.18 21.57 73.18
C ARG IA 241 -140.59 20.49 74.17
N ASP IA 242 -139.62 19.76 74.72
CA ASP IA 242 -139.89 18.67 75.65
C ASP IA 242 -138.82 18.69 76.72
N PRO IA 243 -139.05 19.37 77.84
CA PRO IA 243 -138.00 19.52 78.86
C PRO IA 243 -137.65 18.22 79.58
N SER IA 244 -138.45 17.17 79.35
CA SER IA 244 -138.26 15.93 80.09
C SER IA 244 -136.94 15.27 79.77
N ILE IA 245 -136.27 15.66 78.69
CA ILE IA 245 -134.96 15.10 78.36
C ILE IA 245 -133.93 15.45 79.43
N LEU IA 246 -134.24 16.41 80.30
CA LEU IA 246 -133.35 16.82 81.37
C LEU IA 246 -133.62 16.15 82.70
N ASP IA 247 -134.68 15.34 82.80
CA ASP IA 247 -135.04 14.78 84.09
C ASP IA 247 -133.92 13.90 84.64
N ASP IA 248 -133.67 14.05 85.93
CA ASP IA 248 -132.63 13.30 86.63
C ASP IA 248 -133.11 13.00 88.04
N GLU IA 249 -133.09 11.71 88.38
CA GLU IA 249 -133.46 11.24 89.71
C GLU IA 249 -132.30 10.45 90.32
N SER IA 250 -131.07 10.74 89.85
CA SER IA 250 -129.93 9.92 90.24
C SER IA 250 -129.65 9.99 91.74
N ILE IA 251 -130.03 11.09 92.40
CA ILE IA 251 -129.77 11.20 93.83
C ILE IA 251 -130.86 10.57 94.67
N ALA IA 252 -131.92 10.05 94.07
CA ALA IA 252 -133.00 9.47 94.85
C ALA IA 252 -132.52 8.26 95.64
N LEU IA 253 -133.08 8.09 96.83
CA LEU IA 253 -132.79 6.96 97.68
C LEU IA 253 -133.92 5.94 97.51
N ILE IA 254 -133.67 4.91 96.72
CA ILE IA 254 -134.67 3.91 96.39
C ILE IA 254 -134.21 2.59 96.99
N PRO IA 255 -134.91 2.06 98.00
CA PRO IA 255 -134.51 0.76 98.55
C PRO IA 255 -134.44 -0.29 97.47
N ALA IA 256 -133.39 -1.11 97.53
CA ALA IA 256 -133.10 -2.07 96.49
C ALA IA 256 -132.83 -3.44 97.09
N LEU IA 257 -133.06 -4.47 96.30
CA LEU IA 257 -132.91 -5.85 96.74
C LEU IA 257 -131.53 -6.36 96.35
N ASP IA 258 -130.87 -7.04 97.28
CA ASP IA 258 -129.65 -7.74 96.95
C ASP IA 258 -129.97 -8.89 96.01
N PRO IA 259 -129.33 -8.97 94.83
CA PRO IA 259 -129.58 -10.12 93.96
C PRO IA 259 -129.46 -11.45 94.66
N ALA IA 260 -128.64 -11.52 95.72
CA ALA IA 260 -128.48 -12.77 96.45
C ALA IA 260 -129.61 -13.00 97.45
N GLY IA 261 -130.49 -12.02 97.65
CA GLY IA 261 -131.54 -12.13 98.63
C GLY IA 261 -131.14 -11.85 100.05
N SER IA 262 -129.93 -11.33 100.29
CA SER IA 262 -129.45 -11.17 101.65
C SER IA 262 -130.33 -10.23 102.45
N ASN IA 263 -130.98 -9.27 101.78
CA ASN IA 263 -131.85 -8.30 102.45
C ASN IA 263 -133.30 -8.45 102.03
N ALA IA 264 -133.69 -9.61 101.49
CA ALA IA 264 -135.07 -9.77 101.05
C ALA IA 264 -136.05 -9.70 102.22
N ASP IA 265 -135.59 -9.97 103.44
CA ASP IA 265 -136.48 -9.98 104.59
C ASP IA 265 -136.96 -8.59 104.96
N PHE IA 266 -136.39 -7.54 104.36
CA PHE IA 266 -136.82 -6.17 104.63
C PHE IA 266 -137.92 -5.69 103.71
N PHE IA 267 -138.30 -6.48 102.71
CA PHE IA 267 -139.24 -6.06 101.68
C PHE IA 267 -140.53 -6.87 101.80
N VAL IA 268 -141.62 -6.32 101.26
CA VAL IA 268 -142.89 -7.04 101.29
C VAL IA 268 -142.75 -8.35 100.53
N ASP IA 269 -143.58 -9.32 100.91
CA ASP IA 269 -143.55 -10.63 100.28
C ASP IA 269 -143.76 -10.48 98.77
N PRO IA 270 -142.93 -11.12 97.94
CA PRO IA 270 -143.12 -10.98 96.50
C PRO IA 270 -144.41 -11.58 96.01
N ALA IA 271 -145.06 -12.42 96.82
CA ALA IA 271 -146.36 -12.96 96.44
C ALA IA 271 -147.44 -11.89 96.51
N LEU IA 272 -147.29 -10.95 97.45
CA LEU IA 272 -148.29 -9.89 97.60
C LEU IA 272 -148.03 -8.75 96.64
N VAL IA 273 -146.77 -8.34 96.49
CA VAL IA 273 -146.38 -7.28 95.57
C VAL IA 273 -145.19 -7.77 94.75
N PRO IA 274 -145.35 -8.00 93.45
CA PRO IA 274 -144.25 -8.48 92.63
C PRO IA 274 -143.18 -7.41 92.50
N PRO IA 275 -141.91 -7.77 92.68
CA PRO IA 275 -140.84 -6.79 92.50
C PRO IA 275 -140.81 -6.25 91.09
N TYR IA 276 -140.35 -5.01 90.97
CA TYR IA 276 -140.19 -4.35 89.68
C TYR IA 276 -138.82 -3.68 89.63
N THR IA 277 -138.35 -3.41 88.41
CA THR IA 277 -137.00 -2.93 88.17
C THR IA 277 -137.04 -1.49 87.70
N ILE IA 278 -136.05 -0.70 88.12
CA ILE IA 278 -135.89 0.67 87.65
C ILE IA 278 -134.54 0.77 86.97
N LYS IA 279 -134.53 1.33 85.76
CA LYS IA 279 -133.29 1.59 85.05
C LYS IA 279 -132.88 3.04 85.24
N ASN IA 280 -131.74 3.25 85.89
CA ASN IA 280 -131.34 4.61 86.24
C ASN IA 280 -130.60 5.24 85.06
N GLU IA 281 -130.11 6.46 85.28
CA GLU IA 281 -129.50 7.21 84.17
C GLU IA 281 -128.25 6.51 83.67
N GLN IA 282 -127.52 5.84 84.55
CA GLN IA 282 -126.29 5.18 84.17
C GLN IA 282 -126.52 3.85 83.47
N ASN IA 283 -127.75 3.55 83.06
CA ASN IA 283 -128.12 2.30 82.41
C ASN IA 283 -127.88 1.10 83.32
N LEU IA 284 -128.07 1.32 84.62
CA LEU IA 284 -127.96 0.25 85.61
C LEU IA 284 -129.35 -0.10 86.12
N THR IA 285 -129.84 -1.27 85.76
CA THR IA 285 -131.16 -1.72 86.16
C THR IA 285 -131.08 -2.50 87.46
N ILE IA 286 -131.83 -2.07 88.47
CA ILE IA 286 -131.76 -2.66 89.80
C ILE IA 286 -133.18 -2.94 90.28
N THR IA 287 -133.36 -4.08 90.97
CA THR IA 287 -134.68 -4.49 91.41
C THR IA 287 -135.06 -3.78 92.71
N THR IA 288 -136.29 -3.30 92.78
CA THR IA 288 -136.82 -2.62 93.96
C THR IA 288 -138.18 -3.18 94.30
N ALA IA 289 -138.57 -3.04 95.56
CA ALA IA 289 -139.90 -3.37 96.01
C ALA IA 289 -140.25 -2.53 97.23
N PRO IA 290 -141.53 -2.36 97.54
CA PRO IA 290 -141.91 -1.61 98.74
C PRO IA 290 -141.31 -2.25 99.98
N LEU IA 291 -140.90 -1.41 100.92
CA LEU IA 291 -140.40 -1.92 102.18
C LEU IA 291 -141.55 -2.48 103.01
N LYS IA 292 -141.27 -3.56 103.73
CA LYS IA 292 -142.26 -4.14 104.63
C LYS IA 292 -142.47 -3.24 105.83
N ALA IA 293 -143.71 -3.12 106.27
CA ALA IA 293 -143.99 -2.35 107.47
C ALA IA 293 -143.52 -3.13 108.69
N ASN IA 294 -143.23 -2.41 109.77
CA ASN IA 294 -142.77 -3.03 111.01
C ASN IA 294 -141.39 -3.64 110.83
N VAL IA 295 -140.43 -2.84 110.34
CA VAL IA 295 -139.06 -3.29 110.13
C VAL IA 295 -138.13 -2.22 110.70
N ARG IA 296 -136.90 -2.62 110.97
CA ARG IA 296 -135.82 -1.70 111.30
C ARG IA 296 -134.65 -2.01 110.37
N LEU IA 297 -134.25 -1.04 109.56
CA LEU IA 297 -133.24 -1.30 108.54
C LEU IA 297 -132.27 -0.14 108.45
N ASP IA 298 -131.08 -0.43 107.92
CA ASP IA 298 -130.14 0.59 107.48
C ASP IA 298 -130.60 1.09 106.12
N LEU IA 299 -131.31 2.22 106.13
CA LEU IA 299 -132.01 2.74 104.97
C LEU IA 299 -131.06 3.11 103.84
N MET IA 300 -129.92 3.68 104.18
CA MET IA 300 -128.91 4.00 103.17
C MET IA 300 -128.20 2.74 102.69
N GLY IA 301 -127.82 1.87 103.63
CA GLY IA 301 -127.13 0.64 103.24
C GLY IA 301 -127.93 -0.24 102.33
N ASN IA 302 -129.25 -0.20 102.43
CA ASN IA 302 -130.12 -0.99 101.57
C ASN IA 302 -130.63 -0.19 100.38
N SER IA 303 -130.09 1.00 100.15
CA SER IA 303 -130.53 1.84 99.04
C SER IA 303 -129.92 1.38 97.73
N ASN IA 304 -130.56 1.79 96.63
CA ASN IA 304 -129.99 1.49 95.32
C ASN IA 304 -128.57 2.04 95.21
N ALA IA 305 -128.30 3.18 95.83
CA ALA IA 305 -127.00 3.81 95.71
C ALA IA 305 -125.88 2.91 96.21
N ASN IA 306 -126.21 1.92 97.04
CA ASN IA 306 -125.16 1.06 97.60
C ASN IA 306 -124.89 -0.15 96.73
N LEU IA 307 -125.66 -0.33 95.66
CA LEU IA 307 -125.56 -1.53 94.83
C LEU IA 307 -125.39 -1.21 93.35
N LEU IA 308 -124.70 -0.13 92.98
CA LEU IA 308 -124.62 0.24 91.58
C LEU IA 308 -123.23 -0.05 91.06
N ILE IA 309 -122.18 0.63 91.54
CA ILE IA 309 -120.87 0.47 90.92
C ILE IA 309 -120.05 -0.56 91.69
N GLN IA 310 -120.00 -0.41 93.01
CA GLN IA 310 -119.31 -1.38 93.87
C GLN IA 310 -120.13 -1.51 95.14
N ARG IA 311 -120.51 -2.74 95.50
CA ARG IA 311 -121.37 -2.96 96.63
C ARG IA 311 -120.73 -2.47 97.92
N GLY IA 312 -121.46 -1.65 98.67
CA GLY IA 312 -120.94 -1.10 99.90
C GLY IA 312 -120.12 0.17 99.76
N MET IA 313 -120.20 0.85 98.62
CA MET IA 313 -119.40 2.05 98.42
C MET IA 313 -119.77 3.16 99.39
N LEU IA 314 -121.00 3.16 99.90
CA LEU IA 314 -121.48 4.28 100.72
C LEU IA 314 -120.65 4.43 101.98
N GLU IA 315 -120.44 5.68 102.39
CA GLU IA 315 -119.61 5.98 103.55
C GLU IA 315 -120.33 7.05 104.37
N VAL IA 316 -119.68 7.47 105.46
CA VAL IA 316 -120.32 8.41 106.38
C VAL IA 316 -120.67 9.71 105.68
N SER IA 317 -119.93 10.07 104.63
CA SER IA 317 -120.21 11.32 103.93
C SER IA 317 -121.57 11.31 103.27
N ASP IA 318 -122.12 10.12 103.04
CA ASP IA 318 -123.46 10.01 102.46
C ASP IA 318 -124.53 10.21 103.53
N THR IA 319 -125.38 11.22 103.33
CA THR IA 319 -126.42 11.56 104.29
C THR IA 319 -127.77 11.70 103.59
N ILE IA 320 -128.84 11.60 104.38
CA ILE IA 320 -130.21 11.65 103.87
C ILE IA 320 -130.72 13.08 103.96
N ASP IA 321 -131.44 13.53 102.94
CA ASP IA 321 -132.04 14.86 102.96
C ASP IA 321 -133.25 14.87 103.88
N PRO IA 322 -133.30 15.76 104.88
CA PRO IA 322 -134.51 15.85 105.72
C PRO IA 322 -135.78 16.14 104.94
N ALA IA 323 -135.67 16.72 103.75
CA ALA IA 323 -136.85 17.07 102.97
C ALA IA 323 -137.37 15.82 102.26
N GLY IA 324 -137.97 14.93 103.05
CA GLY IA 324 -138.53 13.71 102.51
C GLY IA 324 -140.02 13.60 102.73
N ARG IA 325 -140.65 12.59 102.14
CA ARG IA 325 -142.10 12.42 102.24
C ARG IA 325 -142.41 10.94 102.25
N LEU IA 326 -143.61 10.61 102.73
CA LEU IA 326 -144.18 9.27 102.51
C LEU IA 326 -144.81 9.24 101.13
N LYS IA 327 -144.29 8.37 100.25
CA LYS IA 327 -144.74 8.38 98.87
C LYS IA 327 -145.94 7.46 98.67
N ASN IA 328 -145.87 6.21 99.15
CA ASN IA 328 -146.96 5.27 98.91
C ASN IA 328 -147.18 4.41 100.14
N LEU IA 329 -148.42 3.96 100.31
CA LEU IA 329 -148.76 2.87 101.21
C LEU IA 329 -149.42 1.76 100.42
N PHE IA 330 -149.08 0.53 100.74
CA PHE IA 330 -149.66 -0.65 100.13
C PHE IA 330 -150.50 -1.37 101.19
N VAL IA 331 -151.80 -1.50 100.94
CA VAL IA 331 -152.72 -2.04 101.92
C VAL IA 331 -153.24 -3.36 101.40
N LEU IA 332 -153.31 -4.36 102.28
CA LEU IA 332 -153.82 -5.69 101.94
C LEU IA 332 -155.33 -5.67 102.07
N LEU IA 333 -156.01 -5.48 100.96
CA LEU IA 333 -157.46 -5.28 100.94
C LEU IA 333 -158.13 -6.59 100.55
N GLY IA 334 -158.58 -7.35 101.55
CA GLY IA 334 -159.28 -8.59 101.28
C GLY IA 334 -158.47 -9.66 100.57
N GLY IA 335 -157.18 -9.73 100.84
CA GLY IA 335 -156.32 -10.72 100.23
C GLY IA 335 -155.51 -10.23 99.06
N LYS IA 336 -155.79 -9.03 98.55
CA LYS IA 336 -155.03 -8.47 97.44
C LYS IA 336 -154.64 -7.05 97.79
N VAL IA 337 -153.53 -6.61 97.22
CA VAL IA 337 -152.89 -5.37 97.62
C VAL IA 337 -153.38 -4.23 96.76
N VAL IA 338 -153.65 -3.09 97.39
CA VAL IA 338 -154.03 -1.86 96.70
C VAL IA 338 -152.99 -0.80 97.02
N LYS IA 339 -152.57 -0.06 96.00
CA LYS IA 339 -151.58 0.99 96.16
C LYS IA 339 -152.27 2.32 96.40
N PHE IA 340 -151.88 3.01 97.47
CA PHE IA 340 -152.38 4.34 97.80
C PHE IA 340 -151.25 5.34 97.65
N LYS IA 341 -151.44 6.34 96.80
CA LYS IA 341 -150.44 7.36 96.58
C LYS IA 341 -150.77 8.54 97.50
N VAL IA 342 -149.89 8.80 98.45
CA VAL IA 342 -150.21 9.68 99.55
C VAL IA 342 -149.10 10.68 99.61
N ASP IA 343 -148.44 10.90 98.48
CA ASP IA 343 -147.24 11.73 98.46
C ASP IA 343 -147.44 13.19 98.76
N ARG IA 344 -148.59 13.77 98.40
CA ARG IA 344 -148.78 15.20 98.62
C ARG IA 344 -149.49 15.59 99.91
N LEU IA 345 -150.09 14.61 100.60
CA LEU IA 345 -150.89 14.92 101.76
C LEU IA 345 -150.03 15.57 102.85
N PRO IA 346 -150.58 16.55 103.56
CA PRO IA 346 -149.84 17.22 104.65
C PRO IA 346 -149.29 16.26 105.68
N ARG IA 347 -149.90 15.09 105.83
CA ARG IA 347 -149.44 14.13 106.83
C ARG IA 347 -148.25 13.32 106.35
N ALA IA 348 -147.88 13.46 105.08
CA ALA IA 348 -146.81 12.64 104.52
C ALA IA 348 -145.42 13.27 104.67
N VAL IA 349 -145.32 14.48 105.21
CA VAL IA 349 -144.04 15.17 105.22
C VAL IA 349 -143.21 14.72 106.43
N PHE IA 350 -141.90 14.63 106.25
CA PHE IA 350 -141.00 14.38 107.36
C PHE IA 350 -140.97 15.58 108.29
N GLN IA 351 -140.89 15.31 109.60
CA GLN IA 351 -140.80 16.38 110.57
C GLN IA 351 -139.58 16.18 111.45
N PRO IA 352 -139.04 17.25 112.00
CA PRO IA 352 -137.92 17.11 112.94
C PRO IA 352 -138.32 16.32 114.17
N ASP IA 353 -137.37 15.54 114.68
CA ASP IA 353 -137.54 14.83 115.93
C ASP IA 353 -137.22 15.77 117.08
N LEU IA 354 -138.23 16.06 117.91
CA LEU IA 354 -138.06 17.07 118.94
C LEU IA 354 -137.19 16.57 120.08
N VAL IA 355 -137.24 15.26 120.39
CA VAL IA 355 -136.55 14.69 121.53
C VAL IA 355 -135.60 13.62 121.03
N GLY IA 356 -134.33 13.79 121.34
CA GLY IA 356 -133.29 12.89 120.88
C GLY IA 356 -132.34 13.57 119.92
N ASP IA 357 -131.67 12.76 119.11
CA ASP IA 357 -130.65 13.29 118.21
C ASP IA 357 -131.26 14.34 117.30
N THR IA 358 -130.54 15.45 117.13
CA THR IA 358 -131.10 16.57 116.37
C THR IA 358 -131.21 16.25 114.89
N ARG IA 359 -130.56 15.18 114.43
CA ARG IA 359 -130.61 14.80 113.02
C ARG IA 359 -131.64 13.73 112.73
N ASN IA 360 -132.47 13.36 113.71
CA ASN IA 360 -133.55 12.41 113.45
C ASN IA 360 -134.69 13.12 112.75
N ALA IA 361 -135.28 12.44 111.76
CA ALA IA 361 -136.50 12.90 111.11
C ALA IA 361 -137.59 11.88 111.39
N VAL IA 362 -138.73 12.34 111.88
CA VAL IA 362 -139.82 11.47 112.29
C VAL IA 362 -141.04 11.77 111.43
N ILE IA 363 -141.74 10.73 110.98
CA ILE IA 363 -142.98 10.92 110.22
C ILE IA 363 -144.17 10.28 110.92
N ARG IA 364 -145.28 11.00 110.99
CA ARG IA 364 -146.51 10.43 111.53
C ARG IA 364 -147.68 10.60 110.58
N PHE IA 365 -148.10 9.50 109.95
CA PHE IA 365 -149.14 9.59 108.94
C PHE IA 365 -150.44 9.04 109.47
N ASP IA 366 -151.40 9.91 109.76
CA ASP IA 366 -152.65 9.47 110.34
C ASP IA 366 -153.78 9.96 109.47
N SER IA 367 -154.38 9.06 108.70
CA SER IA 367 -155.35 9.48 107.69
C SER IA 367 -156.60 8.61 107.72
N ASP IA 368 -157.75 9.23 107.87
CA ASP IA 368 -159.00 8.48 107.77
C ASP IA 368 -159.66 8.62 106.42
N ASP IA 369 -158.98 9.24 105.44
CA ASP IA 369 -159.59 9.63 104.19
C ASP IA 369 -159.18 8.76 103.02
N LEU IA 370 -158.65 7.56 103.27
CA LEU IA 370 -158.31 6.66 102.18
C LEU IA 370 -159.58 6.05 101.60
N VAL IA 371 -159.74 6.17 100.28
CA VAL IA 371 -160.98 5.82 99.61
C VAL IA 371 -160.80 4.53 98.82
N VAL IA 372 -161.71 3.59 99.03
CA VAL IA 372 -161.80 2.37 98.23
C VAL IA 372 -163.21 2.29 97.68
N SER IA 373 -163.34 2.06 96.38
CA SER IA 373 -164.64 2.04 95.73
C SER IA 373 -164.53 1.20 94.47
N GLY IA 374 -165.66 1.02 93.79
CA GLY IA 374 -165.65 0.29 92.54
C GLY IA 374 -164.76 0.92 91.49
N ASP IA 375 -164.38 2.18 91.70
CA ASP IA 375 -163.51 2.84 90.74
C ASP IA 375 -162.06 2.35 90.88
N THR IA 376 -161.67 1.95 92.07
CA THR IA 376 -160.29 1.57 92.32
C THR IA 376 -160.01 0.15 91.85
N THR IA 377 -158.76 -0.09 91.51
CA THR IA 377 -158.28 -1.42 91.13
C THR IA 377 -157.10 -1.80 92.01
N PHE IA 378 -156.72 -3.07 91.92
CA PHE IA 378 -155.60 -3.59 92.70
C PHE IA 378 -154.30 -3.30 91.96
N ILE IA 379 -153.16 -3.60 92.58
CA ILE IA 379 -151.87 -3.26 91.98
C ILE IA 379 -151.65 -4.05 90.70
N ASP IA 380 -152.30 -5.20 90.56
CA ASP IA 380 -152.12 -6.00 89.34
C ASP IA 380 -153.03 -5.54 88.22
N GLY IA 381 -153.81 -4.48 88.44
CA GLY IA 381 -154.68 -3.94 87.42
C GLY IA 381 -156.03 -4.59 87.31
N SER IA 382 -156.29 -5.63 88.10
CA SER IA 382 -157.55 -6.37 88.04
C SER IA 382 -158.50 -5.82 89.09
N ALA IA 383 -159.71 -5.48 88.67
CA ALA IA 383 -160.77 -5.11 89.60
C ALA IA 383 -161.68 -6.31 89.82
N ASP IA 384 -161.55 -6.96 90.98
CA ASP IA 384 -162.25 -8.20 91.24
C ASP IA 384 -162.50 -8.31 92.74
N GLY IA 385 -163.14 -9.39 93.14
CA GLY IA 385 -163.31 -9.65 94.56
C GLY IA 385 -164.11 -8.57 95.24
N VAL IA 386 -163.58 -8.02 96.33
CA VAL IA 386 -164.30 -7.00 97.07
C VAL IA 386 -164.61 -5.78 96.22
N ILE IA 387 -163.78 -5.52 95.21
CA ILE IA 387 -163.98 -4.32 94.39
C ILE IA 387 -165.27 -4.44 93.60
N ASN IA 388 -165.55 -5.62 93.02
CA ASN IA 388 -166.78 -5.80 92.27
C ASN IA 388 -168.00 -5.77 93.17
N ASP IA 389 -167.84 -6.24 94.41
CA ASP IA 389 -168.96 -6.16 95.36
C ASP IA 389 -169.20 -4.72 95.79
N LEU IA 390 -168.13 -3.95 95.97
CA LEU IA 390 -168.28 -2.52 96.24
C LEU IA 390 -168.92 -1.81 95.06
N LYS IA 391 -168.50 -2.18 93.84
CA LYS IA 391 -169.11 -1.56 92.65
C LYS IA 391 -170.57 -1.92 92.53
N THR IA 392 -170.92 -3.20 92.68
CA THR IA 392 -172.32 -3.60 92.51
C THR IA 392 -173.21 -2.95 93.55
N ALA IA 393 -172.77 -2.87 94.80
CA ALA IA 393 -173.57 -2.29 95.85
C ALA IA 393 -173.47 -0.77 95.91
N LYS IA 394 -172.66 -0.17 95.03
CA LYS IA 394 -172.44 1.27 95.02
C LYS IA 394 -172.01 1.79 96.39
N LEU IA 395 -171.06 1.09 97.00
CA LEU IA 395 -170.54 1.41 98.32
C LEU IA 395 -169.14 2.00 98.18
N SER IA 396 -168.78 2.90 99.08
CA SER IA 396 -167.44 3.44 99.13
C SER IA 396 -166.92 3.37 100.57
N LEU IA 397 -165.68 2.93 100.74
CA LEU IA 397 -165.09 2.74 102.06
C LEU IA 397 -164.17 3.91 102.39
N ARG IA 398 -164.15 4.28 103.67
CA ARG IA 398 -163.18 5.21 104.19
C ARG IA 398 -162.30 4.45 105.19
N LEU IA 399 -161.01 4.35 104.89
CA LEU IA 399 -160.10 3.53 105.68
C LEU IA 399 -159.28 4.40 106.62
N SER IA 400 -159.04 3.90 107.83
CA SER IA 400 -158.19 4.56 108.79
C SER IA 400 -156.88 3.79 108.84
N VAL IA 401 -155.80 4.43 108.42
CA VAL IA 401 -154.48 3.81 108.41
C VAL IA 401 -153.53 4.66 109.24
N GLY IA 402 -152.60 4.01 109.91
CA GLY IA 402 -151.59 4.73 110.66
C GLY IA 402 -150.21 4.20 110.38
N PHE IA 403 -149.34 5.07 109.87
CA PHE IA 403 -147.97 4.69 109.56
C PHE IA 403 -147.02 5.75 110.10
N GLY IA 404 -145.92 5.31 110.68
CA GLY IA 404 -144.92 6.25 111.18
C GLY IA 404 -143.56 5.61 111.35
N GLY IA 405 -142.53 6.42 111.54
CA GLY IA 405 -141.19 5.89 111.73
C GLY IA 405 -140.18 6.99 111.93
N THR IA 406 -138.99 6.60 112.38
CA THR IA 406 -137.91 7.52 112.65
C THR IA 406 -136.74 7.18 111.74
N ILE IA 407 -136.19 8.19 111.09
CA ILE IA 407 -135.00 8.03 110.25
C ILE IA 407 -133.87 8.82 110.86
N SER IA 408 -132.75 8.17 111.08
CA SER IA 408 -131.52 8.83 111.51
C SER IA 408 -130.81 9.33 110.26
N LEU IA 409 -130.89 10.63 110.01
CA LEU IA 409 -130.46 11.16 108.73
C LEU IA 409 -128.95 11.01 108.53
N SER IA 410 -128.17 11.05 109.61
CA SER IA 410 -126.73 10.97 109.47
C SER IA 410 -126.25 9.51 109.43
N LYS IA 411 -126.95 8.62 110.13
CA LYS IA 411 -126.49 7.24 110.25
C LYS IA 411 -127.17 6.30 109.26
N GLY IA 412 -128.35 6.64 108.77
CA GLY IA 412 -129.06 5.77 107.85
C GLY IA 412 -129.90 4.69 108.47
N ASP IA 413 -129.98 4.62 109.79
CA ASP IA 413 -130.80 3.63 110.48
C ASP IA 413 -132.19 4.18 110.72
N SER IA 414 -133.21 3.39 110.37
CA SER IA 414 -134.59 3.83 110.47
C SER IA 414 -135.48 2.68 110.92
N LYS IA 415 -136.57 3.03 111.60
CA LYS IA 415 -137.55 2.06 112.05
C LYS IA 415 -138.94 2.55 111.69
N PHE IA 416 -139.73 1.69 111.06
CA PHE IA 416 -141.07 2.03 110.59
C PHE IA 416 -142.06 1.04 111.17
N GLY IA 417 -143.26 1.51 111.45
CA GLY IA 417 -144.30 0.63 111.93
C GLY IA 417 -145.68 1.03 111.46
N ALA IA 418 -146.62 0.10 111.45
CA ALA IA 418 -147.98 0.36 111.05
C ALA IA 418 -148.92 0.07 112.21
N THR IA 419 -149.91 0.92 112.40
CA THR IA 419 -150.90 0.69 113.44
C THR IA 419 -152.03 -0.18 112.91
N ASP IA 420 -152.90 -0.61 113.81
CA ASP IA 420 -154.09 -1.35 113.40
C ASP IA 420 -154.90 -0.56 112.39
N THR IA 421 -155.28 -1.24 111.31
CA THR IA 421 -156.03 -0.63 110.21
C THR IA 421 -157.46 -1.15 110.24
N TYR IA 422 -158.41 -0.22 110.17
CA TYR IA 422 -159.83 -0.54 110.17
C TYR IA 422 -160.57 0.37 109.21
N VAL IA 423 -161.75 -0.07 108.80
CA VAL IA 423 -162.64 0.76 107.97
C VAL IA 423 -163.41 1.67 108.90
N ASP IA 424 -163.25 2.99 108.74
CA ASP IA 424 -163.90 3.93 109.63
C ASP IA 424 -165.37 4.13 109.27
N LYS IA 425 -165.65 4.29 107.98
CA LYS IA 425 -167.00 4.53 107.52
C LYS IA 425 -167.23 3.76 106.23
N VAL IA 426 -168.50 3.40 105.99
CA VAL IA 426 -168.96 2.90 104.70
C VAL IA 426 -170.06 3.81 104.21
N LEU IA 427 -169.87 4.42 103.04
CA LEU IA 427 -170.80 5.40 102.50
C LEU IA 427 -171.48 4.85 101.26
N ASN IA 428 -172.68 5.35 100.99
CA ASN IA 428 -173.36 5.10 99.72
C ASN IA 428 -172.96 6.17 98.71
N GLU IA 429 -173.52 6.09 97.51
CA GLU IA 429 -173.12 6.99 96.46
C GLU IA 429 -173.64 8.39 96.71
N ASP IA 430 -174.56 8.52 97.65
CA ASP IA 430 -175.18 9.81 97.91
C ASP IA 430 -174.45 10.46 99.05
N GLY IA 431 -173.38 9.82 99.50
CA GLY IA 431 -172.60 10.40 100.58
C GLY IA 431 -173.07 10.04 101.97
N GLN IA 432 -174.17 9.29 102.10
CA GLN IA 432 -174.62 9.03 103.45
C GLN IA 432 -173.88 7.85 104.06
N VAL IA 433 -173.63 7.90 105.37
CA VAL IA 433 -173.03 6.75 106.05
C VAL IA 433 -174.07 5.67 106.23
N MET IA 434 -173.67 4.41 106.13
CA MET IA 434 -174.59 3.30 106.32
C MET IA 434 -174.31 2.52 107.59
N ASP IA 435 -175.36 2.04 108.24
CA ASP IA 435 -175.19 1.19 109.41
C ASP IA 435 -174.44 -0.05 109.02
N ASN IA 436 -173.49 -0.46 109.84
CA ASN IA 436 -172.63 -1.56 109.47
C ASN IA 436 -173.30 -2.92 109.59
N ALA IA 437 -174.55 -2.94 110.04
CA ALA IA 437 -175.30 -4.19 110.13
C ALA IA 437 -176.10 -4.45 108.87
N ASP IA 438 -176.19 -3.45 108.00
CA ASP IA 438 -176.96 -3.62 106.79
C ASP IA 438 -176.29 -4.72 106.01
N PRO IA 439 -177.06 -5.71 105.57
CA PRO IA 439 -176.42 -6.82 104.83
C PRO IA 439 -175.56 -6.35 103.67
N ALA IA 440 -175.95 -5.23 103.04
CA ALA IA 440 -175.22 -4.73 101.89
C ALA IA 440 -173.77 -4.39 102.26
N VAL IA 441 -173.56 -3.85 103.46
CA VAL IA 441 -172.21 -3.46 103.85
C VAL IA 441 -171.56 -4.51 104.73
N LYS IA 442 -172.35 -5.32 105.44
CA LYS IA 442 -171.76 -6.38 106.24
C LYS IA 442 -171.01 -7.36 105.38
N ALA IA 443 -171.57 -7.72 104.22
CA ALA IA 443 -170.88 -8.66 103.33
C ALA IA 443 -169.46 -8.17 103.01
N ILE IA 444 -169.29 -6.85 102.86
CA ILE IA 444 -167.97 -6.30 102.59
C ILE IA 444 -167.07 -6.43 103.80
N LEU IA 445 -167.58 -6.03 104.96
CA LEU IA 445 -166.76 -6.08 106.18
C LEU IA 445 -166.40 -7.51 106.54
N ASP IA 446 -167.28 -8.46 106.24
CA ASP IA 446 -166.96 -9.85 106.51
C ASP IA 446 -165.82 -10.33 105.61
N GLN IA 447 -165.69 -9.79 104.41
CA GLN IA 447 -164.55 -10.14 103.57
C GLN IA 447 -163.25 -9.54 104.10
N LEU IA 448 -163.30 -8.30 104.59
CA LEU IA 448 -162.10 -7.54 104.95
C LEU IA 448 -161.73 -7.83 106.40
N THR IA 449 -161.32 -9.08 106.64
CA THR IA 449 -160.89 -9.49 107.97
C THR IA 449 -159.38 -9.36 108.13
N ASP IA 450 -158.65 -9.26 107.01
CA ASP IA 450 -157.19 -9.20 107.03
C ASP IA 450 -156.67 -7.83 106.62
N LEU IA 451 -157.48 -6.79 106.78
CA LEU IA 451 -157.08 -5.46 106.33
C LEU IA 451 -155.89 -4.96 107.13
N ALA IA 452 -154.81 -4.62 106.45
CA ALA IA 452 -153.62 -4.14 107.12
C ALA IA 452 -152.74 -3.41 106.11
N VAL IA 453 -151.88 -2.54 106.62
CA VAL IA 453 -150.80 -1.93 105.85
C VAL IA 453 -149.62 -2.89 105.85
N ILE IA 454 -149.18 -3.29 104.66
CA ILE IA 454 -148.10 -4.26 104.52
C ILE IA 454 -146.80 -3.61 104.09
N GLY IA 455 -146.85 -2.61 103.23
CA GLY IA 455 -145.67 -2.00 102.65
C GLY IA 455 -145.76 -0.49 102.57
N PHE IA 456 -144.64 0.14 102.24
CA PHE IA 456 -144.60 1.57 102.03
C PHE IA 456 -143.43 1.89 101.11
N GLU IA 457 -143.50 3.07 100.50
CA GLU IA 457 -142.37 3.60 99.75
C GLU IA 457 -142.16 5.04 100.15
N LEU IA 458 -140.91 5.48 100.12
CA LEU IA 458 -140.53 6.81 100.55
C LEU IA 458 -140.13 7.66 99.35
N ASP IA 459 -140.28 8.96 99.50
CA ASP IA 459 -139.76 9.94 98.55
C ASP IA 459 -138.41 10.48 98.97
N THR IA 460 -137.58 9.65 99.59
CA THR IA 460 -136.31 10.09 100.14
C THR IA 460 -135.28 10.30 99.03
N ARG IA 461 -134.42 11.30 99.20
CA ARG IA 461 -133.30 11.54 98.32
C ARG IA 461 -132.05 11.77 99.14
N PHE IA 462 -130.89 11.53 98.53
CA PHE IA 462 -129.64 11.84 99.20
C PHE IA 462 -129.36 13.34 99.11
N THR IA 463 -128.54 13.82 100.03
CA THR IA 463 -127.95 15.14 99.93
C THR IA 463 -126.64 14.99 99.18
N ASN IA 464 -126.59 15.54 97.96
CA ASN IA 464 -125.46 15.30 97.07
C ASN IA 464 -124.31 16.24 97.40
N THR IA 465 -123.93 16.25 98.67
CA THR IA 465 -122.89 17.17 99.09
C THR IA 465 -121.50 16.59 98.86
N ASN IA 466 -121.39 15.27 98.76
CA ASN IA 466 -120.13 14.63 98.40
C ASN IA 466 -119.99 14.39 96.91
N ARG IA 467 -120.89 14.96 96.10
CA ARG IA 467 -120.87 14.77 94.65
C ARG IA 467 -120.87 13.29 94.27
N ARG IA 468 -121.66 12.50 94.99
CA ARG IA 468 -121.79 11.08 94.64
C ARG IA 468 -122.38 10.90 93.25
N GLN IA 469 -123.31 11.76 92.85
CA GLN IA 469 -123.94 11.68 91.53
C GLN IA 469 -123.61 12.96 90.77
N ARG IA 470 -123.25 12.83 89.49
CA ARG IA 470 -123.04 14.00 88.66
C ARG IA 470 -124.27 14.36 87.84
N GLY IA 471 -125.18 13.42 87.63
CA GLY IA 471 -126.33 13.69 86.77
C GLY IA 471 -125.93 13.77 85.33
N HIS IA 472 -126.65 14.58 84.55
CA HIS IA 472 -126.38 14.70 83.13
C HIS IA 472 -125.15 15.58 82.90
N LEU IA 473 -124.47 15.34 81.78
CA LEU IA 473 -123.27 16.07 81.42
C LEU IA 473 -123.54 16.92 80.19
N LEU IA 474 -122.83 18.04 80.09
CA LEU IA 474 -123.00 18.97 78.98
C LEU IA 474 -121.66 19.14 78.29
N GLN IA 475 -121.64 18.94 76.97
CA GLN IA 475 -120.40 19.19 76.24
C GLN IA 475 -120.71 19.90 74.94
N THR IA 476 -119.72 20.62 74.43
CA THR IA 476 -119.81 21.29 73.16
C THR IA 476 -119.74 20.28 72.02
N ARG IA 477 -120.60 20.46 71.01
CA ARG IA 477 -120.56 19.68 69.80
C ARG IA 477 -120.62 20.63 68.62
N ALA IA 478 -120.18 20.16 67.46
CA ALA IA 478 -120.36 20.92 66.23
C ALA IA 478 -120.52 19.97 65.05
N LEU IA 479 -121.41 20.34 64.14
CA LEU IA 479 -121.66 19.65 62.89
C LEU IA 479 -121.27 20.58 61.76
N GLN IA 480 -120.76 20.02 60.66
CA GLN IA 480 -120.44 20.81 59.50
C GLN IA 480 -121.03 20.21 58.23
N PHE IA 481 -121.51 21.08 57.35
CA PHE IA 481 -122.13 20.72 56.08
C PHE IA 481 -121.34 21.35 54.95
N ARG IA 482 -121.34 20.71 53.78
CA ARG IA 482 -120.67 21.27 52.62
C ARG IA 482 -121.63 21.36 51.44
N HIS IA 483 -121.63 22.51 50.78
CA HIS IA 483 -122.48 22.75 49.60
C HIS IA 483 -121.60 23.18 48.43
N PRO IA 484 -121.05 22.26 47.65
CA PRO IA 484 -120.32 22.66 46.44
C PRO IA 484 -121.23 23.08 45.30
N ILE IA 485 -120.84 24.17 44.64
CA ILE IA 485 -121.63 24.80 43.59
C ILE IA 485 -121.30 24.20 42.22
N PRO IA 486 -122.25 23.61 41.51
CA PRO IA 486 -121.97 23.11 40.17
C PRO IA 486 -122.10 24.16 39.08
N MET IA 487 -121.42 23.93 37.96
CA MET IA 487 -121.66 24.70 36.75
C MET IA 487 -122.88 24.16 36.02
N HIS IA 488 -123.50 25.01 35.20
CA HIS IA 488 -124.70 24.65 34.48
C HIS IA 488 -124.53 24.84 32.98
N ALA IA 489 -125.36 24.14 32.22
CA ALA IA 489 -125.21 24.14 30.77
C ALA IA 489 -125.37 25.55 30.22
N PRO IA 490 -124.58 25.92 29.21
CA PRO IA 490 -124.65 27.27 28.65
C PRO IA 490 -125.82 27.43 27.69
N VAL IA 491 -126.05 28.70 27.31
CA VAL IA 491 -126.87 29.04 26.15
C VAL IA 491 -126.01 29.86 25.22
N THR IA 492 -126.09 29.57 23.92
CA THR IA 492 -125.22 30.17 22.94
C THR IA 492 -125.99 30.95 21.89
N LEU IA 493 -125.38 32.04 21.44
CA LEU IA 493 -125.87 32.84 20.33
C LEU IA 493 -124.88 32.75 19.18
N PRO IA 494 -125.06 31.88 18.20
CA PRO IA 494 -124.09 31.82 17.11
C PRO IA 494 -124.17 33.07 16.26
N MET IA 495 -123.05 33.41 15.64
CA MET IA 495 -122.97 34.55 14.75
C MET IA 495 -121.94 34.23 13.67
N ASP IA 496 -122.24 34.65 12.45
CA ASP IA 496 -121.31 34.42 11.35
C ASP IA 496 -120.09 35.31 11.52
N THR IA 497 -118.99 34.90 10.90
CA THR IA 497 -117.73 35.62 11.05
C THR IA 497 -117.64 36.82 10.13
N MET IA 498 -118.34 36.78 8.99
CA MET IA 498 -118.19 37.81 7.97
C MET IA 498 -118.71 39.16 8.44
N THR IA 499 -119.83 39.17 9.15
CA THR IA 499 -120.45 40.43 9.59
C THR IA 499 -119.56 41.30 10.45
N ASP IA 500 -119.37 42.54 10.05
CA ASP IA 500 -118.59 43.47 10.84
C ASP IA 500 -119.46 44.07 11.92
N GLU IA 501 -120.72 44.33 11.60
CA GLU IA 501 -121.63 44.89 12.59
C GLU IA 501 -121.63 44.04 13.84
N GLY IA 502 -121.55 44.69 14.99
CA GLY IA 502 -121.43 43.96 16.23
C GLY IA 502 -122.63 43.06 16.42
N PRO IA 503 -122.50 42.09 17.33
CA PRO IA 503 -123.61 41.18 17.57
C PRO IA 503 -124.95 41.87 17.83
N GLY IA 504 -124.97 43.02 18.50
CA GLY IA 504 -126.23 43.73 18.77
C GLY IA 504 -126.89 43.41 20.10
N GLU IA 505 -128.09 43.93 20.34
CA GLU IA 505 -128.71 43.78 21.65
C GLU IA 505 -129.20 42.36 21.86
N VAL IA 506 -129.18 41.55 20.80
CA VAL IA 506 -129.66 40.18 20.90
C VAL IA 506 -128.79 39.39 21.88
N VAL IA 507 -127.55 39.85 22.11
CA VAL IA 507 -126.69 39.17 23.08
C VAL IA 507 -127.32 39.20 24.47
N LYS IA 508 -128.00 40.29 24.81
CA LYS IA 508 -128.60 40.38 26.14
C LYS IA 508 -129.63 39.28 26.36
N ALA IA 509 -130.17 38.72 25.27
CA ALA IA 509 -131.10 37.62 25.40
C ALA IA 509 -130.46 36.42 26.09
N LEU IA 510 -129.14 36.26 25.98
CA LEU IA 510 -128.48 35.17 26.69
C LEU IA 510 -128.60 35.33 28.20
N THR IA 511 -128.52 36.57 28.68
CA THR IA 511 -128.71 36.82 30.10
C THR IA 511 -130.17 36.61 30.50
N VAL IA 512 -131.10 37.08 29.67
CA VAL IA 512 -132.51 36.90 30.00
C VAL IA 512 -132.87 35.42 30.06
N ASN IA 513 -132.42 34.66 29.08
CA ASN IA 513 -132.58 33.20 29.11
C ASN IA 513 -131.97 32.62 30.38
N THR IA 514 -130.73 33.01 30.69
CA THR IA 514 -130.09 32.48 31.89
C THR IA 514 -130.89 32.84 33.15
N ASN IA 515 -131.34 34.08 33.26
CA ASN IA 515 -132.05 34.52 34.46
C ASN IA 515 -133.38 33.79 34.63
N ILE IA 516 -134.08 33.53 33.53
CA ILE IA 516 -135.32 32.75 33.63
C ILE IA 516 -135.02 31.34 34.09
N ARG IA 517 -133.93 30.75 33.57
CA ARG IA 517 -133.56 29.42 34.04
C ARG IA 517 -133.30 29.41 35.54
N ASN IA 518 -132.71 30.47 36.07
CA ASN IA 518 -132.45 30.56 37.51
C ASN IA 518 -133.75 30.44 38.30
N SER IA 519 -134.77 31.16 37.87
CA SER IA 519 -136.07 31.06 38.56
C SER IA 519 -136.65 29.65 38.43
N ASN IA 520 -136.56 29.07 37.23
CA ASN IA 520 -137.09 27.73 37.02
C ASN IA 520 -136.41 26.74 37.95
N ASN IA 521 -135.09 26.86 38.11
CA ASN IA 521 -134.36 25.98 39.01
C ASN IA 521 -134.82 26.15 40.44
N ALA IA 522 -135.09 27.39 40.84
CA ALA IA 522 -135.61 27.64 42.19
C ALA IA 522 -136.95 26.95 42.38
N VAL IA 523 -137.82 26.99 41.38
CA VAL IA 523 -139.12 26.33 41.52
C VAL IA 523 -138.95 24.81 41.57
N LYS IA 524 -138.14 24.26 40.67
CA LYS IA 524 -137.92 22.82 40.68
C LYS IA 524 -137.25 22.37 41.97
N ARG IA 525 -136.31 23.15 42.47
CA ARG IA 525 -135.65 22.78 43.71
C ARG IA 525 -136.68 22.76 44.81
N MET IA 526 -137.53 23.77 44.82
CA MET IA 526 -138.57 23.81 45.85
C MET IA 526 -139.47 22.59 45.77
N LEU IA 527 -139.96 22.27 44.58
CA LEU IA 527 -140.91 21.17 44.44
C LEU IA 527 -140.27 19.82 44.80
N ASN IA 528 -139.02 19.62 44.38
CA ASN IA 528 -138.33 18.38 44.71
C ASN IA 528 -137.99 18.33 46.19
N TYR IA 529 -137.62 19.48 46.76
CA TYR IA 529 -137.34 19.53 48.19
C TYR IA 529 -138.57 19.17 48.99
N LEU IA 530 -139.72 19.70 48.60
CA LEU IA 530 -140.94 19.38 49.34
C LEU IA 530 -141.22 17.88 49.27
N ALA IA 531 -141.04 17.27 48.10
CA ALA IA 531 -141.25 15.84 47.99
C ALA IA 531 -140.29 15.07 48.89
N GLN IA 532 -139.02 15.49 48.94
CA GLN IA 532 -138.04 14.81 49.77
C GLN IA 532 -138.34 15.00 51.25
N LEU IA 533 -138.82 16.18 51.63
CA LEU IA 533 -139.27 16.42 52.99
C LEU IA 533 -140.50 15.58 53.32
N ARG IA 534 -141.43 15.46 52.39
CA ARG IA 534 -142.61 14.64 52.64
C ARG IA 534 -142.21 13.21 52.96
N GLU IA 535 -141.23 12.69 52.22
CA GLU IA 535 -140.79 11.32 52.46
C GLU IA 535 -140.20 11.17 53.86
N VAL IA 536 -139.30 12.09 54.24
CA VAL IA 536 -138.66 11.97 55.54
C VAL IA 536 -139.66 12.11 56.68
N VAL IA 537 -140.59 13.07 56.58
CA VAL IA 537 -141.58 13.22 57.63
C VAL IA 537 -142.61 12.09 57.62
N HIS IA 538 -142.93 11.55 56.43
CA HIS IA 538 -143.80 10.40 56.38
C HIS IA 538 -143.24 9.24 57.19
N ASN IA 539 -141.94 9.00 57.06
CA ASN IA 539 -141.26 7.95 57.82
C ASN IA 539 -141.07 8.41 59.26
N GLY IA 540 -140.57 7.49 60.09
CA GLY IA 540 -140.47 7.79 61.50
C GLY IA 540 -139.30 8.69 61.86
N TYR IA 541 -139.35 9.95 61.41
CA TYR IA 541 -138.29 10.93 61.71
C TYR IA 541 -138.97 12.22 62.14
N ASN IA 542 -139.24 12.33 63.44
CA ASN IA 542 -139.84 13.52 64.02
C ASN IA 542 -138.93 14.19 65.04
N ARG IA 543 -137.63 13.96 64.94
CA ARG IA 543 -136.63 14.52 65.84
C ARG IA 543 -135.45 15.02 65.03
N PRO IA 544 -134.71 16.01 65.54
CA PRO IA 544 -133.53 16.48 64.83
C PRO IA 544 -132.50 15.38 64.66
N LYS IA 545 -131.80 15.41 63.53
CA LYS IA 545 -130.72 14.48 63.27
C LYS IA 545 -129.88 15.06 62.13
N PHE IA 546 -128.64 14.58 62.03
CA PHE IA 546 -127.77 14.94 60.92
C PHE IA 546 -127.85 13.87 59.85
N GLY IA 547 -127.96 14.31 58.60
CA GLY IA 547 -127.87 13.42 57.47
C GLY IA 547 -129.15 12.80 56.98
N ILE IA 548 -130.28 13.04 57.67
CA ILE IA 548 -131.53 12.45 57.23
C ILE IA 548 -132.10 13.22 56.05
N ILE IA 549 -131.92 14.54 56.04
CA ILE IA 549 -132.44 15.43 55.01
C ILE IA 549 -131.45 16.56 54.81
N GLU IA 550 -131.43 17.12 53.60
CA GLU IA 550 -130.59 18.28 53.36
C GLU IA 550 -131.07 19.46 54.19
N GLY IA 551 -130.15 20.39 54.46
CA GLY IA 551 -130.54 21.56 55.22
C GLY IA 551 -129.91 21.52 56.60
N ALA IA 552 -129.04 22.49 56.85
CA ALA IA 552 -128.25 22.45 58.09
C ALA IA 552 -129.15 22.44 59.31
N LEU IA 553 -130.30 23.10 59.27
CA LEU IA 553 -131.13 23.20 60.45
C LEU IA 553 -131.88 21.92 60.77
N SER IA 554 -131.80 20.90 59.93
CA SER IA 554 -132.44 19.63 60.25
C SER IA 554 -131.82 19.00 61.49
N ALA IA 555 -130.62 19.43 61.86
CA ALA IA 555 -129.99 18.99 63.10
C ALA IA 555 -130.44 19.79 64.31
N VAL IA 556 -131.23 20.85 64.11
CA VAL IA 556 -131.65 21.71 65.20
C VAL IA 556 -133.15 21.62 65.50
N MET IA 557 -133.99 21.56 64.48
CA MET IA 557 -135.43 21.57 64.66
C MET IA 557 -136.04 20.29 64.11
N ARG IA 558 -137.18 19.93 64.65
CA ARG IA 558 -137.87 18.74 64.17
C ARG IA 558 -138.33 18.95 62.74
N PRO IA 559 -138.05 18.02 61.82
CA PRO IA 559 -138.59 18.15 60.47
C PRO IA 559 -140.10 18.00 60.48
N THR IA 560 -140.80 18.91 59.80
CA THR IA 560 -142.25 18.95 59.83
C THR IA 560 -142.81 19.17 58.44
N TYR IA 561 -143.88 18.43 58.12
CA TYR IA 561 -144.54 18.51 56.84
C TYR IA 561 -146.01 18.20 57.05
N ARG IA 562 -146.89 18.99 56.46
CA ARG IA 562 -148.31 18.71 56.43
C ARG IA 562 -148.82 18.85 55.00
N TYR IA 563 -149.55 17.85 54.52
CA TYR IA 563 -150.16 17.86 53.20
C TYR IA 563 -151.68 17.81 53.35
N LYS IA 564 -152.36 18.79 52.76
CA LYS IA 564 -153.82 18.86 52.80
C LYS IA 564 -154.33 19.17 51.40
N GLU IA 565 -155.36 18.44 50.98
CA GLU IA 565 -156.03 18.69 49.70
C GLU IA 565 -157.33 19.43 49.97
N LEU IA 566 -157.49 20.61 49.37
CA LEU IA 566 -158.69 21.41 49.58
C LEU IA 566 -159.64 21.24 48.40
N ASP IA 567 -160.68 20.45 48.61
CA ASP IA 567 -161.75 20.31 47.64
C ASP IA 567 -162.81 21.32 48.03
N LEU IA 568 -162.82 22.46 47.36
CA LEU IA 568 -163.58 23.60 47.86
C LEU IA 568 -165.06 23.30 47.92
N GLU IA 569 -165.56 22.39 47.08
CA GLU IA 569 -166.95 22.00 47.16
C GLU IA 569 -167.28 21.41 48.52
N LYS IA 570 -166.34 20.67 49.11
CA LYS IA 570 -166.58 20.05 50.41
C LYS IA 570 -166.08 20.90 51.57
N VAL IA 571 -165.07 21.74 51.34
CA VAL IA 571 -164.57 22.60 52.39
C VAL IA 571 -165.49 23.78 52.65
N ILE IA 572 -166.09 24.34 51.59
CA ILE IA 572 -166.84 25.59 51.73
C ILE IA 572 -168.04 25.41 52.65
N ASP IA 573 -168.30 26.44 53.46
CA ASP IA 573 -169.50 26.57 54.26
C ASP IA 573 -170.13 27.92 53.95
N THR IA 574 -171.18 27.93 53.14
CA THR IA 574 -171.67 29.20 52.60
C THR IA 574 -173.17 29.13 52.39
N ILE IA 575 -173.83 30.27 52.56
CA ILE IA 575 -175.27 30.36 52.40
C ILE IA 575 -175.68 31.22 51.20
N LYS IA 576 -175.05 32.39 51.03
CA LYS IA 576 -175.49 33.36 50.03
C LYS IA 576 -174.43 33.56 48.95
N SER IA 577 -174.91 33.86 47.75
CA SER IA 577 -174.01 34.21 46.65
C SER IA 577 -173.28 35.51 46.86
N LYS IA 578 -173.94 36.52 47.44
CA LYS IA 578 -173.28 37.82 47.61
C LYS IA 578 -172.11 37.73 48.56
N ASP IA 579 -172.04 36.68 49.37
CA ASP IA 579 -170.94 36.47 50.30
C ASP IA 579 -169.95 35.44 49.82
N ARG IA 580 -170.11 34.94 48.60
CA ARG IA 580 -169.33 33.79 48.16
C ARG IA 580 -167.83 34.10 48.11
N TRP IA 581 -167.47 35.30 47.68
CA TRP IA 581 -166.05 35.62 47.59
C TRP IA 581 -165.38 35.52 48.95
N ASP IA 582 -165.97 36.16 49.97
CA ASP IA 582 -165.38 36.14 51.29
C ASP IA 582 -165.33 34.73 51.86
N ASP IA 583 -166.38 33.94 51.62
CA ASP IA 583 -166.42 32.59 52.15
C ASP IA 583 -165.34 31.72 51.52
N VAL IA 584 -165.11 31.87 50.22
CA VAL IA 584 -164.03 31.08 49.61
C VAL IA 584 -162.67 31.54 50.12
N CYS IA 585 -162.44 32.85 50.20
CA CYS IA 585 -161.15 33.34 50.69
C CYS IA 585 -160.91 32.87 52.13
N ALA IA 586 -161.93 32.99 52.98
CA ALA IA 586 -161.82 32.56 54.36
C ALA IA 586 -161.65 31.06 54.47
N ALA IA 587 -162.33 30.27 53.64
CA ALA IA 587 -162.19 28.82 53.74
C ALA IA 587 -160.74 28.40 53.50
N ILE IA 588 -160.09 29.02 52.52
CA ILE IA 588 -158.71 28.65 52.23
C ILE IA 588 -157.80 29.09 53.37
N LEU IA 589 -157.95 30.34 53.84
CA LEU IA 589 -157.09 30.80 54.92
C LEU IA 589 -157.33 30.04 56.20
N ASN IA 590 -158.58 29.69 56.48
CA ASN IA 590 -158.86 28.93 57.69
C ASN IA 590 -158.20 27.55 57.64
N CYS IA 591 -158.16 26.95 56.45
CA CYS IA 591 -157.48 25.66 56.35
C CYS IA 591 -155.99 25.81 56.65
N VAL IA 592 -155.38 26.89 56.17
CA VAL IA 592 -153.97 27.13 56.46
C VAL IA 592 -153.76 27.30 57.95
N LYS IA 593 -154.60 28.11 58.60
CA LYS IA 593 -154.48 28.29 60.04
C LYS IA 593 -154.64 26.97 60.78
N ALA IA 594 -155.60 26.15 60.35
CA ALA IA 594 -155.84 24.88 61.02
C ALA IA 594 -154.61 24.00 61.01
N GLU IA 595 -153.85 23.99 59.91
CA GLU IA 595 -152.64 23.18 59.86
C GLU IA 595 -151.41 23.92 60.36
N LEU IA 596 -151.36 25.25 60.23
CA LEU IA 596 -150.20 26.02 60.63
C LEU IA 596 -150.01 26.08 62.14
N PHE IA 597 -151.09 26.30 62.88
CA PHE IA 597 -150.94 26.41 64.33
C PHE IA 597 -150.40 25.11 64.94
N PRO IA 598 -150.99 23.94 64.70
CA PRO IA 598 -150.43 22.73 65.31
C PRO IA 598 -149.07 22.35 64.77
N ALA IA 599 -148.76 22.66 63.50
CA ALA IA 599 -147.41 22.40 63.02
C ALA IA 599 -146.41 23.38 63.64
N HIS IA 600 -146.82 24.63 63.81
CA HIS IA 600 -145.95 25.62 64.44
C HIS IA 600 -145.73 25.29 65.90
N ARG IA 601 -146.79 24.85 66.60
CA ARG IA 601 -146.64 24.49 68.01
C ARG IA 601 -145.88 23.19 68.18
N ASP IA 602 -146.11 22.22 67.29
CA ASP IA 602 -145.48 20.90 67.42
C ASP IA 602 -143.98 20.99 67.16
N SER IA 603 -143.57 21.79 66.18
CA SER IA 603 -142.17 21.95 65.89
C SER IA 603 -141.55 22.93 66.87
N ASN IA 604 -140.23 23.00 66.89
CA ASN IA 604 -139.51 23.93 67.73
C ASN IA 604 -138.85 25.04 66.91
N ILE IA 605 -139.52 25.53 65.88
CA ILE IA 605 -138.88 26.50 64.99
C ILE IA 605 -138.61 27.79 65.75
N GLU IA 606 -139.51 28.16 66.66
CA GLU IA 606 -139.30 29.38 67.43
C GLU IA 606 -138.07 29.27 68.32
N ALA IA 607 -137.92 28.13 69.00
CA ALA IA 607 -136.71 27.91 69.80
C ALA IA 607 -135.47 27.89 68.92
N ALA IA 608 -135.56 27.29 67.74
CA ALA IA 608 -134.40 27.22 66.85
C ALA IA 608 -133.93 28.62 66.44
N PHE IA 609 -134.86 29.48 66.05
CA PHE IA 609 -134.47 30.82 65.65
C PHE IA 609 -133.90 31.60 66.82
N ARG IA 610 -134.49 31.46 68.00
CA ARG IA 610 -134.04 32.26 69.14
C ARG IA 610 -132.61 31.90 69.53
N VAL IA 611 -132.26 30.61 69.47
CA VAL IA 611 -130.93 30.20 69.89
C VAL IA 611 -129.91 30.43 68.78
N ILE IA 612 -130.39 30.54 67.53
CA ILE IA 612 -129.44 30.78 66.43
C ILE IA 612 -129.23 32.27 66.21
N SER IA 613 -130.31 33.05 66.11
CA SER IA 613 -130.14 34.46 65.80
C SER IA 613 -129.60 35.23 66.99
N GLY IA 614 -129.78 34.71 68.20
CA GLY IA 614 -129.39 35.44 69.40
C GLY IA 614 -130.43 36.40 69.89
N ASN IA 615 -131.53 36.57 69.18
CA ASN IA 615 -132.58 37.48 69.60
C ASN IA 615 -133.38 36.85 70.73
N GLN IA 616 -133.66 37.64 71.76
CA GLN IA 616 -134.40 37.13 72.91
C GLN IA 616 -135.75 36.57 72.51
N ASP IA 617 -136.41 37.19 71.52
CA ASP IA 617 -137.72 36.75 71.08
C ASP IA 617 -137.86 37.13 69.61
N GLU IA 618 -137.66 36.15 68.74
CA GLU IA 618 -137.82 36.31 67.30
C GLU IA 618 -138.54 35.10 66.74
N THR IA 619 -139.53 35.35 65.88
CA THR IA 619 -140.35 34.29 65.31
C THR IA 619 -140.24 34.35 63.79
N PRO IA 620 -140.47 33.24 63.10
CA PRO IA 620 -140.41 33.26 61.64
C PRO IA 620 -141.59 34.03 61.06
N MET IA 621 -141.40 34.57 59.87
CA MET IA 621 -142.51 35.08 59.09
C MET IA 621 -142.79 34.09 57.96
N TYR IA 622 -144.06 33.78 57.75
CA TYR IA 622 -144.44 32.77 56.77
C TYR IA 622 -144.80 33.39 55.43
N LEU IA 623 -144.36 32.74 54.37
CA LEU IA 623 -144.69 33.14 53.01
C LEU IA 623 -145.74 32.21 52.44
N PHE IA 624 -146.72 32.79 51.77
CA PHE IA 624 -147.70 32.00 51.04
C PHE IA 624 -147.28 31.92 49.58
N CYS IA 625 -146.74 30.78 49.17
CA CYS IA 625 -146.22 30.60 47.82
C CYS IA 625 -147.30 29.91 46.99
N SER IA 626 -147.80 30.61 45.98
CA SER IA 626 -148.94 30.13 45.22
C SER IA 626 -148.80 30.55 43.77
N ASP IA 627 -149.68 30.02 42.93
CA ASP IA 627 -149.80 30.52 41.58
C ASP IA 627 -150.70 31.75 41.55
N LYS IA 628 -150.97 32.27 40.35
CA LYS IA 628 -151.71 33.50 40.24
C LYS IA 628 -153.19 33.33 40.58
N GLU IA 629 -153.77 32.18 40.21
CA GLU IA 629 -155.17 31.94 40.49
C GLU IA 629 -155.44 31.92 41.99
N ILE IA 630 -154.62 31.20 42.75
CA ILE IA 630 -154.82 31.14 44.19
C ILE IA 630 -154.47 32.46 44.84
N ALA IA 631 -153.38 33.09 44.40
CA ALA IA 631 -152.92 34.31 45.06
C ALA IA 631 -154.00 35.39 45.05
N ASN IA 632 -154.80 35.46 44.00
CA ASN IA 632 -155.84 36.49 43.94
C ASN IA 632 -156.87 36.29 45.05
N TYR IA 633 -157.02 35.06 45.53
CA TYR IA 633 -157.93 34.80 46.64
C TYR IA 633 -157.29 35.13 47.98
N LEU IA 634 -155.98 34.92 48.10
CA LEU IA 634 -155.29 35.23 49.35
C LEU IA 634 -155.11 36.73 49.54
N MET IA 635 -154.84 37.47 48.46
CA MET IA 635 -154.58 38.90 48.56
C MET IA 635 -155.86 39.68 48.73
N THR IA 636 -156.28 39.85 49.99
CA THR IA 636 -157.48 40.64 50.31
C THR IA 636 -157.20 41.93 51.10
N LYS IA 637 -156.24 41.92 52.02
CA LYS IA 637 -155.92 43.13 52.78
C LYS IA 637 -154.59 43.07 53.52
N GLY IA 638 -153.73 44.08 53.37
CA GLY IA 638 -152.42 44.04 53.99
C GLY IA 638 -152.66 44.39 55.44
N ASP IA 639 -151.70 44.29 56.37
CA ASP IA 639 -151.89 44.68 57.81
C ASP IA 639 -152.73 43.62 58.48
N ASP IA 640 -153.84 43.20 57.86
CA ASP IA 640 -154.75 42.24 58.48
C ASP IA 640 -154.01 40.92 58.29
N ARG IA 641 -152.88 40.88 57.57
CA ARG IA 641 -152.08 39.68 57.35
C ARG IA 641 -151.33 39.13 58.63
N THR IA 642 -152.00 39.01 59.79
CA THR IA 642 -151.45 38.50 61.05
C THR IA 642 -152.31 37.35 61.50
N LEU IA 643 -151.72 36.18 61.69
CA LEU IA 643 -152.47 35.01 62.10
C LEU IA 643 -152.30 34.79 63.60
N GLY IA 644 -153.39 34.37 64.24
CA GLY IA 644 -153.33 34.15 65.67
C GLY IA 644 -153.06 35.44 66.42
N ALA IA 645 -152.09 35.39 67.33
CA ALA IA 645 -151.75 36.53 68.16
C ALA IA 645 -150.62 37.37 67.57
N TYR IA 646 -149.61 36.74 67.00
CA TYR IA 646 -148.37 37.40 66.62
C TYR IA 646 -147.85 36.99 65.26
N LEU IA 647 -148.27 35.84 64.73
CA LEU IA 647 -147.67 35.31 63.51
C LEU IA 647 -148.09 36.14 62.31
N LYS IA 648 -147.11 36.53 61.50
CA LYS IA 648 -147.35 37.34 60.32
C LYS IA 648 -146.98 36.56 59.07
N TYR IA 649 -147.53 36.98 57.93
CA TYR IA 649 -147.18 36.35 56.68
C TYR IA 649 -147.18 37.35 55.53
N ASP IA 650 -146.65 36.90 54.41
CA ASP IA 650 -146.62 37.65 53.16
C ASP IA 650 -146.98 36.70 52.02
N ILE IA 651 -147.40 37.27 50.89
CA ILE IA 651 -147.90 36.49 49.77
C ILE IA 651 -147.00 36.72 48.56
N VAL IA 652 -146.50 35.63 48.00
CA VAL IA 652 -145.64 35.67 46.81
C VAL IA 652 -146.21 34.70 45.79
N SER IA 653 -146.15 35.08 44.52
CA SER IA 653 -146.78 34.31 43.45
C SER IA 653 -145.80 34.11 42.30
N THR IA 654 -146.01 33.01 41.57
CA THR IA 654 -145.20 32.69 40.40
C THR IA 654 -146.10 32.41 39.22
N ASN IA 655 -145.54 32.57 38.03
CA ASN IA 655 -146.20 32.14 36.79
C ASN IA 655 -145.73 30.77 36.33
N ASN IA 656 -144.78 30.16 37.03
CA ASN IA 656 -144.17 28.92 36.58
C ASN IA 656 -145.22 27.82 36.53
N GLN IA 657 -145.43 27.27 35.33
CA GLN IA 657 -146.49 26.28 35.14
C GLN IA 657 -146.34 25.12 36.11
N LEU IA 658 -145.11 24.80 36.52
CA LEU IA 658 -144.89 23.65 37.38
C LEU IA 658 -145.54 23.84 38.74
N PHE IA 659 -145.84 25.08 39.10
CA PHE IA 659 -146.35 25.41 40.42
C PHE IA 659 -147.84 25.70 40.39
N ASP IA 660 -148.50 25.48 39.27
CA ASP IA 660 -149.93 25.75 39.15
C ASP IA 660 -150.73 24.87 40.09
N GLY IA 661 -151.74 25.48 40.72
CA GLY IA 661 -152.65 24.73 41.58
C GLY IA 661 -152.04 24.30 42.89
N LYS IA 662 -151.06 25.06 43.40
CA LYS IA 662 -150.35 24.72 44.62
C LYS IA 662 -150.31 25.94 45.52
N LEU IA 663 -150.42 25.70 46.82
CA LEU IA 663 -150.12 26.70 47.85
C LEU IA 663 -149.18 26.06 48.86
N VAL IA 664 -148.01 26.65 49.05
CA VAL IA 664 -147.02 26.16 50.00
C VAL IA 664 -146.67 27.28 50.97
N VAL IA 665 -146.74 26.99 52.26
CA VAL IA 665 -146.47 27.96 53.31
C VAL IA 665 -145.12 27.62 53.94
N ILE IA 666 -144.19 28.56 53.92
CA ILE IA 666 -142.84 28.31 54.42
C ILE IA 666 -142.44 29.46 55.32
N PRO IA 667 -141.76 29.14 56.42
CA PRO IA 667 -141.20 30.21 57.26
C PRO IA 667 -139.93 30.80 56.68
N THR IA 668 -139.69 32.06 56.99
CA THR IA 668 -138.42 32.71 56.69
C THR IA 668 -138.18 33.73 57.79
N ARG IA 669 -136.91 34.09 57.99
CA ARG IA 669 -136.62 35.16 58.93
C ARG IA 669 -137.26 36.45 58.43
N ALA IA 670 -137.95 37.14 59.34
CA ALA IA 670 -138.73 38.32 58.94
C ALA IA 670 -137.83 39.39 58.33
N VAL IA 671 -136.63 39.54 58.86
CA VAL IA 671 -135.70 40.53 58.36
C VAL IA 671 -134.46 39.83 57.83
N GLN IA 672 -134.35 39.70 56.51
CA GLN IA 672 -133.25 38.94 55.92
C GLN IA 672 -131.93 39.63 56.11
N GLN IA 673 -130.88 38.84 56.34
CA GLN IA 673 -129.53 39.39 56.46
C GLN IA 673 -128.73 39.03 55.21
N GLU IA 674 -127.66 38.26 55.38
CA GLU IA 674 -126.86 37.80 54.23
C GLU IA 674 -126.27 36.44 54.50
N ASN IA 675 -126.47 35.49 53.58
CA ASN IA 675 -126.00 34.12 53.81
C ASN IA 675 -126.60 33.66 55.12
N ASP IA 676 -127.83 34.06 55.37
CA ASP IA 676 -128.49 33.79 56.63
C ASP IA 676 -128.97 32.35 56.67
N ILE IA 677 -128.47 31.59 57.65
CA ILE IA 677 -128.85 30.18 57.76
C ILE IA 677 -130.33 30.05 58.01
N LEU IA 678 -130.98 31.09 58.54
CA LEU IA 678 -132.39 31.03 58.86
C LEU IA 678 -133.31 31.33 57.68
N SER IA 679 -132.77 31.61 56.50
CA SER IA 679 -133.61 31.73 55.33
C SER IA 679 -134.04 30.34 54.86
N TRP IA 680 -135.31 30.20 54.49
CA TRP IA 680 -135.82 28.90 54.09
C TRP IA 680 -134.97 28.30 53.00
N GLY IA 681 -134.69 29.06 51.95
CA GLY IA 681 -133.74 28.61 50.97
C GLY IA 681 -132.58 29.58 50.87
N GLN IA 682 -131.53 29.19 50.15
CA GLN IA 682 -130.40 30.07 49.92
C GLN IA 682 -129.91 29.86 48.50
N PHE IA 683 -129.77 30.95 47.78
CA PHE IA 683 -129.29 30.95 46.40
C PHE IA 683 -127.85 31.42 46.38
N PHE IA 684 -126.95 30.57 45.90
CA PHE IA 684 -125.54 30.89 45.81
C PHE IA 684 -125.21 31.24 44.36
N TYR IA 685 -124.87 32.50 44.12
CA TYR IA 685 -124.63 33.01 42.77
C TYR IA 685 -123.14 33.30 42.60
N VAL IA 686 -122.55 32.70 41.59
CA VAL IA 686 -121.20 33.08 41.16
C VAL IA 686 -121.32 33.83 39.84
N SER IA 687 -120.48 34.86 39.68
CA SER IA 687 -120.59 35.72 38.51
C SER IA 687 -120.61 34.91 37.22
N THR IA 688 -121.50 35.29 36.31
CA THR IA 688 -121.65 34.64 35.02
C THR IA 688 -120.74 35.29 34.01
N VAL IA 689 -120.17 34.48 33.13
CA VAL IA 689 -119.23 34.95 32.12
C VAL IA 689 -119.79 34.63 30.74
N ILE IA 690 -119.49 35.50 29.78
CA ILE IA 690 -119.87 35.33 28.39
C ILE IA 690 -118.60 35.16 27.58
N ALA IA 691 -118.54 34.10 26.78
CA ALA IA 691 -117.36 33.78 25.99
C ALA IA 691 -117.70 33.94 24.52
N ASP IA 692 -116.78 34.51 23.75
CA ASP IA 692 -116.98 34.77 22.33
C ASP IA 692 -115.75 34.32 21.56
N LEU IA 693 -115.88 33.21 20.83
CA LEU IA 693 -114.77 32.60 20.14
C LEU IA 693 -115.24 32.15 18.77
N PRO IA 694 -114.41 32.34 17.74
CA PRO IA 694 -114.77 31.87 16.40
C PRO IA 694 -114.52 30.37 16.25
N ILE IA 695 -115.37 29.58 16.89
CA ILE IA 695 -115.12 28.15 17.03
C ILE IA 695 -115.48 27.43 15.73
N THR IA 696 -114.52 26.65 15.23
CA THR IA 696 -114.69 25.89 14.00
C THR IA 696 -115.37 24.55 14.28
N ARG IA 697 -116.57 24.63 14.84
CA ARG IA 697 -117.26 23.42 15.28
C ARG IA 697 -117.63 22.58 14.07
N GLY IA 698 -117.32 21.30 14.13
CA GLY IA 698 -117.60 20.38 13.04
C GLY IA 698 -116.43 20.15 12.12
N GLY IA 699 -115.39 20.98 12.21
CA GLY IA 699 -114.21 20.81 11.39
C GLY IA 699 -114.34 21.33 9.99
N HIS IA 700 -115.52 21.74 9.56
CA HIS IA 700 -115.68 22.24 8.19
C HIS IA 700 -116.42 23.55 8.09
N GLN IA 701 -116.68 24.26 9.19
CA GLN IA 701 -117.28 25.57 9.16
C GLN IA 701 -116.83 26.37 10.36
N VAL IA 702 -116.86 27.70 10.26
CA VAL IA 702 -116.51 28.56 11.38
C VAL IA 702 -117.69 29.47 11.71
N THR IA 703 -118.06 29.51 12.99
CA THR IA 703 -119.09 30.39 13.48
C THR IA 703 -118.66 31.00 14.81
N ARG IA 704 -118.98 32.28 15.01
CA ARG IA 704 -118.75 32.90 16.31
C ARG IA 704 -119.82 32.41 17.27
N GLU IA 705 -119.40 31.80 18.37
CA GLU IA 705 -120.31 31.33 19.37
C GLU IA 705 -120.18 32.17 20.63
N ILE IA 706 -121.22 32.92 20.95
CA ILE IA 706 -121.29 33.73 22.14
C ILE IA 706 -122.11 32.97 23.16
N ALA IA 707 -121.48 32.50 24.22
CA ALA IA 707 -122.13 31.63 25.18
C ALA IA 707 -122.08 32.24 26.57
N ALA IA 708 -123.16 32.06 27.32
CA ALA IA 708 -123.25 32.48 28.71
C ALA IA 708 -123.20 31.22 29.56
N ILE IA 709 -122.30 31.19 30.53
CA ILE IA 709 -122.12 29.98 31.32
C ILE IA 709 -122.56 30.26 32.76
N PRO IA 710 -123.80 29.97 33.10
CA PRO IA 710 -124.25 30.19 34.49
C PRO IA 710 -123.59 29.22 35.47
N PHE IA 711 -123.48 29.68 36.71
CA PHE IA 711 -122.68 29.03 37.75
C PHE IA 711 -123.31 29.39 39.10
N ASN IA 712 -124.25 28.57 39.56
CA ASN IA 712 -124.96 28.87 40.80
C ASN IA 712 -125.56 27.61 41.38
N LEU IA 713 -126.08 27.74 42.60
CA LEU IA 713 -126.62 26.60 43.35
C LEU IA 713 -127.78 27.07 44.20
N HIS IA 714 -128.80 26.23 44.29
CA HIS IA 714 -129.91 26.40 45.23
C HIS IA 714 -129.80 25.35 46.30
N VAL IA 715 -129.93 25.75 47.56
CA VAL IA 715 -129.98 24.83 48.69
C VAL IA 715 -131.14 25.23 49.57
N ASN IA 716 -131.63 24.29 50.38
CA ASN IA 716 -132.64 24.55 51.39
C ASN IA 716 -132.03 24.43 52.77
N ASN IA 717 -132.53 25.25 53.70
CA ASN IA 717 -132.05 25.24 55.08
C ASN IA 717 -133.05 24.68 56.08
N ILE IA 718 -134.33 24.99 55.94
CA ILE IA 718 -135.34 24.70 56.96
C ILE IA 718 -136.14 23.49 56.50
N PRO IA 719 -136.23 22.43 57.31
CA PRO IA 719 -137.04 21.27 56.95
C PRO IA 719 -138.53 21.41 57.23
N PHE IA 720 -139.10 22.59 57.11
CA PHE IA 720 -140.50 22.82 57.44
C PHE IA 720 -141.23 23.30 56.20
N ALA IA 721 -142.38 22.70 55.92
CA ALA IA 721 -143.25 23.18 54.86
C ALA IA 721 -144.66 22.67 55.11
N LEU IA 722 -145.64 23.47 54.71
CA LEU IA 722 -147.03 23.04 54.64
C LEU IA 722 -147.50 23.14 53.20
N GLU IA 723 -147.95 22.04 52.64
CA GLU IA 723 -148.31 21.99 51.22
C GLU IA 723 -149.81 21.79 51.08
N PHE IA 724 -150.46 22.69 50.35
CA PHE IA 724 -151.90 22.67 50.13
C PHE IA 724 -152.17 22.57 48.64
N LYS IA 725 -153.05 21.63 48.26
CA LYS IA 725 -153.50 21.47 46.89
C LYS IA 725 -154.93 21.98 46.83
N ILE IA 726 -155.15 23.08 46.13
CA ILE IA 726 -156.43 23.78 46.13
C ILE IA 726 -157.06 23.63 44.76
N THR IA 727 -158.27 23.05 44.73
CA THR IA 727 -158.99 22.84 43.48
C THR IA 727 -160.49 23.03 43.73
N GLY IA 728 -161.21 23.42 42.68
CA GLY IA 728 -162.65 23.55 42.78
C GLY IA 728 -163.17 24.96 42.66
N PHE IA 729 -162.30 25.93 42.35
CA PHE IA 729 -162.74 27.31 42.25
C PHE IA 729 -163.92 27.45 41.30
N GLN IA 730 -163.88 26.76 40.18
CA GLN IA 730 -164.94 26.90 39.19
C GLN IA 730 -166.18 26.09 39.56
N LYS IA 731 -166.12 25.33 40.64
CA LYS IA 731 -167.26 24.58 41.12
C LYS IA 731 -167.92 25.24 42.33
N VAL IA 732 -167.11 25.87 43.20
CA VAL IA 732 -167.65 26.51 44.39
C VAL IA 732 -168.22 27.88 44.05
N MET IA 733 -167.58 28.58 43.10
CA MET IA 733 -168.11 29.85 42.62
C MET IA 733 -168.94 29.72 41.35
N GLY IA 734 -168.93 28.56 40.69
CA GLY IA 734 -169.63 28.44 39.44
C GLY IA 734 -170.93 27.68 39.52
N GLU IA 735 -171.27 27.21 40.72
CA GLU IA 735 -172.48 26.41 40.90
C GLU IA 735 -173.10 26.69 42.25
N THR IA 736 -174.39 26.42 42.35
CA THR IA 736 -175.12 26.55 43.61
C THR IA 736 -174.50 25.64 44.66
N GLN IA 737 -174.30 26.19 45.87
CA GLN IA 737 -173.74 25.43 46.97
C GLN IA 737 -174.76 25.16 48.07
N PHE IA 738 -175.83 25.94 48.14
CA PHE IA 738 -176.78 25.83 49.25
C PHE IA 738 -178.16 25.44 48.76
N ASN IA 739 -178.78 26.26 47.90
CA ASN IA 739 -180.15 25.95 47.45
C ASN IA 739 -180.17 24.72 46.58
N GLY IA 740 -179.07 24.43 45.89
CA GLY IA 740 -178.97 23.19 45.15
C GLY IA 740 -179.13 21.97 46.03
N LYS IA 741 -178.55 22.00 47.23
CA LYS IA 741 -178.73 20.89 48.15
C LYS IA 741 -180.19 20.74 48.55
N LEU IA 742 -180.88 21.85 48.83
CA LEU IA 742 -182.29 21.77 49.17
C LEU IA 742 -183.11 21.18 48.02
N ALA IA 743 -182.78 21.56 46.78
CA ALA IA 743 -183.46 20.97 45.64
C ALA IA 743 -183.24 19.47 45.57
N ASP IA 744 -182.01 19.02 45.87
CA ASP IA 744 -181.71 17.60 45.81
C ASP IA 744 -182.51 16.83 46.86
N LEU IA 745 -182.87 17.49 47.97
CA LEU IA 745 -183.65 16.80 49.00
C LEU IA 745 -185.10 16.60 48.58
N LYS IA 746 -185.53 17.21 47.48
CA LYS IA 746 -186.91 17.11 47.07
C LYS IA 746 -187.26 15.66 46.76
N PRO IA 747 -188.36 15.12 47.30
CA PRO IA 747 -188.77 13.74 47.03
C PRO IA 747 -188.91 13.46 45.53
N ASN JA 164 -228.14 71.71 8.02
CA ASN JA 164 -227.01 71.80 8.94
C ASN JA 164 -227.38 72.51 10.23
N TYR JA 165 -228.23 71.86 11.02
CA TYR JA 165 -228.58 72.40 12.33
C TYR JA 165 -227.39 72.34 13.28
N ASN JA 166 -226.67 71.22 13.29
CA ASN JA 166 -225.55 71.00 14.19
C ASN JA 166 -224.27 70.90 13.36
N GLU JA 167 -223.47 71.97 13.37
CA GLU JA 167 -222.29 72.07 12.52
C GLU JA 167 -221.10 71.39 13.19
N LYS JA 168 -221.16 70.06 13.24
CA LYS JA 168 -220.07 69.27 13.78
C LYS JA 168 -218.77 69.54 13.04
N SER JA 169 -217.70 69.75 13.79
CA SER JA 169 -216.40 70.06 13.21
C SER JA 169 -215.78 68.79 12.66
N GLN JA 170 -215.54 68.74 11.36
CA GLN JA 170 -214.89 67.58 10.74
C GLN JA 170 -213.67 67.99 9.93
N ARG JA 171 -213.76 69.13 9.27
CA ARG JA 171 -212.73 69.51 8.30
C ARG JA 171 -211.42 69.93 8.91
N ASP JA 172 -211.46 70.76 9.94
CA ASP JA 172 -210.21 71.34 10.45
C ASP JA 172 -209.80 70.77 11.79
N PHE JA 173 -208.73 69.99 11.80
CA PHE JA 173 -208.28 69.41 13.05
C PHE JA 173 -206.84 69.85 13.31
N ARG JA 174 -206.51 70.02 14.59
CA ARG JA 174 -205.17 70.46 14.94
C ARG JA 174 -204.17 69.45 14.42
N VAL JA 175 -203.21 69.91 13.63
CA VAL JA 175 -202.21 69.05 13.04
C VAL JA 175 -200.98 69.07 13.93
N VAL JA 176 -200.48 67.89 14.26
CA VAL JA 176 -199.28 67.73 15.09
C VAL JA 176 -198.23 67.00 14.25
N THR JA 177 -197.05 67.61 14.15
CA THR JA 177 -195.95 67.03 13.38
C THR JA 177 -194.98 66.37 14.36
N ILE JA 178 -194.66 65.11 14.10
CA ILE JA 178 -193.74 64.38 14.95
C ILE JA 178 -192.33 64.50 14.37
N GLY JA 179 -191.42 65.10 15.15
CA GLY JA 179 -190.06 65.26 14.71
C GLY JA 179 -189.31 63.95 14.58
N TYR JA 180 -188.52 63.81 13.52
CA TYR JA 180 -187.75 62.61 13.24
C TYR JA 180 -186.27 62.96 13.29
N ASN JA 181 -185.59 62.51 14.34
CA ASN JA 181 -184.18 62.82 14.55
C ASN JA 181 -183.36 61.56 14.38
N LEU JA 182 -182.52 61.54 13.35
CA LEU JA 182 -181.73 60.35 13.04
C LEU JA 182 -180.27 60.72 12.89
N ALA JA 183 -179.41 60.00 13.60
CA ALA JA 183 -177.97 60.22 13.53
C ALA JA 183 -177.26 58.97 14.00
N ALA JA 184 -176.00 58.84 13.59
CA ALA JA 184 -175.13 57.76 14.06
C ALA JA 184 -173.69 58.22 13.94
N SER JA 185 -172.87 57.82 14.91
CA SER JA 185 -171.44 58.12 14.87
C SER JA 185 -170.72 57.05 14.05
N ARG JA 186 -169.50 57.36 13.59
CA ARG JA 186 -168.75 56.42 12.76
C ARG JA 186 -168.81 55.02 13.35
N GLN JA 187 -168.59 54.90 14.65
CA GLN JA 187 -168.94 53.72 15.42
C GLN JA 187 -169.53 54.16 16.76
N ASP JA 188 -170.44 53.36 17.29
CA ASP JA 188 -171.00 53.64 18.60
C ASP JA 188 -170.01 53.24 19.69
N GLU JA 189 -170.41 53.49 20.94
CA GLU JA 189 -169.48 53.27 22.05
C GLU JA 189 -169.06 51.80 22.13
N PHE JA 190 -169.98 50.88 21.87
CA PHE JA 190 -169.67 49.46 21.95
C PHE JA 190 -168.64 49.07 20.88
N ALA JA 191 -168.91 49.39 19.63
CA ALA JA 191 -168.00 49.02 18.56
C ALA JA 191 -166.68 49.79 18.64
N GLU JA 192 -166.74 51.06 19.01
CA GLU JA 192 -165.52 51.87 18.99
C GLU JA 192 -164.56 51.43 20.07
N ARG JA 193 -165.07 51.16 21.27
CA ARG JA 193 -164.19 50.74 22.36
C ARG JA 193 -163.54 49.40 22.05
N ILE JA 194 -164.26 48.49 21.40
CA ILE JA 194 -163.69 47.19 21.10
C ILE JA 194 -162.79 47.27 19.86
N TYR JA 195 -163.22 48.02 18.85
CA TYR JA 195 -162.50 48.17 17.58
C TYR JA 195 -162.18 49.64 17.37
N PRO JA 196 -161.18 50.18 18.05
CA PRO JA 196 -160.87 51.61 17.90
C PRO JA 196 -160.58 51.95 16.44
N THR JA 197 -161.01 53.13 16.04
CA THR JA 197 -160.87 53.55 14.65
C THR JA 197 -159.46 54.02 14.37
N THR JA 198 -158.88 53.49 13.30
CA THR JA 198 -157.61 53.98 12.77
C THR JA 198 -157.83 54.44 11.35
N VAL JA 199 -157.40 55.65 11.04
CA VAL JA 199 -157.63 56.22 9.71
C VAL JA 199 -156.44 55.90 8.82
N ILE JA 200 -156.72 55.30 7.66
CA ILE JA 200 -155.70 54.86 6.71
C ILE JA 200 -155.99 55.53 5.37
N ASN JA 201 -154.94 56.03 4.71
CA ASN JA 201 -155.12 56.67 3.43
C ASN JA 201 -155.59 55.66 2.39
N PRO JA 202 -156.51 56.04 1.50
CA PRO JA 202 -156.94 55.11 0.44
C PRO JA 202 -155.80 54.65 -0.44
N ILE JA 203 -154.71 55.41 -0.51
CA ILE JA 203 -153.54 54.97 -1.25
C ILE JA 203 -152.89 53.77 -0.57
N GLU JA 204 -152.93 53.76 0.77
CA GLU JA 204 -152.31 52.67 1.51
C GLU JA 204 -153.16 51.41 1.42
N GLY JA 205 -154.45 51.52 1.65
CA GLY JA 205 -155.35 50.41 1.41
C GLY JA 205 -155.29 49.26 2.38
N GLY JA 206 -154.54 49.38 3.47
CA GLY JA 206 -154.42 48.28 4.41
C GLY JA 206 -153.18 48.42 5.26
N VAL JA 207 -152.94 47.41 6.09
CA VAL JA 207 -151.86 47.44 7.07
C VAL JA 207 -151.05 46.16 6.96
N VAL JA 208 -149.77 46.24 7.31
CA VAL JA 208 -148.91 45.07 7.45
C VAL JA 208 -148.32 45.09 8.85
N GLN JA 209 -148.37 43.96 9.55
CA GLN JA 209 -147.85 43.84 10.90
C GLN JA 209 -146.60 42.98 10.86
N VAL JA 210 -145.52 43.47 11.44
CA VAL JA 210 -144.25 42.76 11.53
C VAL JA 210 -143.99 42.48 13.00
N LEU JA 211 -143.86 41.20 13.35
CA LEU JA 211 -143.74 40.75 14.73
C LEU JA 211 -142.38 40.09 14.94
N PRO JA 212 -141.34 40.86 15.25
CA PRO JA 212 -140.03 40.25 15.49
C PRO JA 212 -140.00 39.52 16.83
N TYR JA 213 -139.16 38.49 16.96
CA TYR JA 213 -138.97 37.86 18.26
C TYR JA 213 -137.71 37.01 18.25
N ILE JA 214 -137.29 36.59 19.45
CA ILE JA 214 -136.17 35.69 19.63
C ILE JA 214 -136.71 34.36 20.13
N ALA JA 215 -136.33 33.27 19.48
CA ALA JA 215 -136.84 31.95 19.84
C ALA JA 215 -135.70 31.03 20.28
N VAL JA 216 -136.03 30.09 21.15
CA VAL JA 216 -135.09 29.05 21.57
C VAL JA 216 -135.19 27.90 20.58
N MET JA 217 -134.05 27.47 20.07
CA MET JA 217 -133.98 26.36 19.14
C MET JA 217 -132.97 25.35 19.65
N LYS JA 218 -133.25 24.08 19.39
CA LYS JA 218 -132.34 23.01 19.77
C LYS JA 218 -131.15 22.98 18.83
N ASP JA 219 -129.99 22.60 19.33
CA ASP JA 219 -128.81 22.45 18.49
C ASP JA 219 -128.86 21.09 17.78
N VAL JA 220 -129.35 21.08 16.55
CA VAL JA 220 -129.62 19.84 15.85
C VAL JA 220 -128.95 19.88 14.49
N TYR JA 221 -128.55 18.72 13.99
CA TYR JA 221 -128.00 18.60 12.66
C TYR JA 221 -129.12 18.31 11.66
N HIS JA 222 -128.88 18.68 10.41
CA HIS JA 222 -129.85 18.37 9.36
C HIS JA 222 -129.83 16.88 9.04
N GLU JA 223 -131.00 16.28 8.92
CA GLU JA 223 -131.13 14.84 8.70
C GLU JA 223 -131.10 14.56 7.21
N VAL JA 224 -130.29 13.57 6.81
CA VAL JA 224 -130.10 13.29 5.39
C VAL JA 224 -131.43 13.00 4.70
N SER JA 225 -132.30 12.22 5.34
CA SER JA 225 -133.58 11.88 4.74
C SER JA 225 -134.76 12.58 5.41
N GLY JA 226 -134.52 13.63 6.19
CA GLY JA 226 -135.60 14.23 6.94
C GLY JA 226 -136.60 14.97 6.06
N VAL JA 227 -137.86 14.97 6.48
CA VAL JA 227 -138.89 15.74 5.79
C VAL JA 227 -138.80 17.21 6.19
N LYS JA 228 -138.30 17.51 7.38
CA LYS JA 228 -138.09 18.87 7.81
C LYS JA 228 -137.02 18.88 8.88
N MET JA 229 -136.43 20.05 9.11
CA MET JA 229 -135.46 20.19 10.18
C MET JA 229 -136.12 19.91 11.53
N ASP JA 230 -135.65 18.89 12.23
CA ASP JA 230 -136.32 18.45 13.45
C ASP JA 230 -135.84 19.31 14.61
N ASN JA 231 -136.38 20.52 14.69
CA ASN JA 231 -136.01 21.49 15.69
C ASN JA 231 -137.27 22.08 16.29
N GLU JA 232 -137.33 22.15 17.61
CA GLU JA 232 -138.51 22.67 18.30
C GLU JA 232 -138.25 24.12 18.68
N GLU JA 233 -138.74 25.01 17.84
CA GLU JA 233 -138.53 26.44 18.00
C GLU JA 233 -139.65 27.02 18.83
N VAL JA 234 -139.30 27.65 19.95
CA VAL JA 234 -140.28 28.22 20.85
C VAL JA 234 -139.86 29.65 21.19
N ASN JA 235 -140.79 30.58 21.10
CA ASN JA 235 -140.53 31.96 21.43
C ASN JA 235 -140.14 32.13 22.90
N MET JA 236 -139.14 32.98 23.14
CA MET JA 236 -138.74 33.29 24.50
C MET JA 236 -139.91 33.69 25.37
N VAL JA 237 -140.94 34.32 24.79
CA VAL JA 237 -142.08 34.76 25.60
C VAL JA 237 -142.74 33.57 26.29
N GLU JA 238 -142.74 32.42 25.65
CA GLU JA 238 -143.35 31.23 26.26
C GLU JA 238 -142.64 30.84 27.54
N ALA JA 239 -141.34 31.12 27.67
CA ALA JA 239 -140.60 30.71 28.85
C ALA JA 239 -141.10 31.41 30.11
N TYR JA 240 -141.85 32.49 29.98
CA TYR JA 240 -142.38 33.18 31.15
C TYR JA 240 -143.48 32.37 31.83
N ARG JA 241 -144.19 31.54 31.05
CA ARG JA 241 -145.19 30.67 31.66
C ARG JA 241 -144.62 29.30 31.94
N ASP JA 242 -143.89 28.73 30.99
CA ASP JA 242 -143.30 27.40 31.14
C ASP JA 242 -141.82 27.52 30.82
N PRO JA 243 -140.99 27.86 31.81
CA PRO JA 243 -139.57 28.10 31.52
C PRO JA 243 -138.79 26.81 31.33
N SER JA 244 -139.45 25.66 31.45
CA SER JA 244 -138.77 24.38 31.29
C SER JA 244 -138.26 24.19 29.88
N ILE JA 245 -138.76 24.95 28.90
CA ILE JA 245 -138.27 24.84 27.54
C ILE JA 245 -136.80 25.23 27.47
N LEU JA 246 -136.31 25.91 28.50
CA LEU JA 246 -134.93 26.37 28.56
C LEU JA 246 -133.96 25.36 29.17
N ASP JA 247 -134.46 24.29 29.77
CA ASP JA 247 -133.57 23.39 30.49
C ASP JA 247 -132.58 22.72 29.52
N ASP JA 248 -131.35 22.55 30.00
CA ASP JA 248 -130.32 21.90 29.21
C ASP JA 248 -129.38 21.14 30.13
N GLU JA 249 -129.21 19.86 29.86
CA GLU JA 249 -128.29 19.00 30.60
C GLU JA 249 -127.19 18.44 29.71
N SER JA 250 -126.88 19.14 28.61
CA SER JA 250 -125.93 18.61 27.64
C SER JA 250 -124.55 18.40 28.26
N ILE JA 251 -124.24 19.13 29.32
CA ILE JA 251 -122.93 18.98 29.96
C ILE JA 251 -122.89 17.87 30.99
N ALA JA 252 -124.01 17.21 31.24
CA ALA JA 252 -124.03 16.15 32.24
C ALA JA 252 -123.17 14.97 31.81
N LEU JA 253 -122.54 14.33 32.78
CA LEU JA 253 -121.73 13.14 32.55
C LEU JA 253 -122.57 11.91 32.90
N ILE JA 254 -123.16 11.31 31.88
CA ILE JA 254 -124.07 10.18 32.05
C ILE JA 254 -123.39 8.93 31.50
N PRO JA 255 -123.01 7.98 32.34
CA PRO JA 255 -122.40 6.75 31.81
C PRO JA 255 -123.32 6.10 30.79
N ALA JA 256 -122.75 5.74 29.65
CA ALA JA 256 -123.51 5.24 28.52
C ALA JA 256 -123.02 3.87 28.10
N LEU JA 257 -123.95 3.02 27.68
CA LEU JA 257 -123.62 1.69 27.19
C LEU JA 257 -123.15 1.80 25.74
N ASP JA 258 -122.07 1.09 25.42
CA ASP JA 258 -121.63 0.94 24.05
C ASP JA 258 -122.60 0.05 23.30
N PRO JA 259 -123.21 0.50 22.20
CA PRO JA 259 -124.08 -0.40 21.43
C PRO JA 259 -123.41 -1.71 21.06
N ALA JA 260 -122.08 -1.74 20.97
CA ALA JA 260 -121.38 -2.98 20.66
C ALA JA 260 -121.19 -3.86 21.88
N GLY JA 261 -121.53 -3.37 23.07
CA GLY JA 261 -121.36 -4.16 24.28
C GLY JA 261 -119.95 -4.22 24.81
N SER JA 262 -119.08 -3.30 24.40
CA SER JA 262 -117.69 -3.38 24.80
C SER JA 262 -117.52 -2.99 26.27
N ASN JA 263 -118.39 -2.14 26.80
CA ASN JA 263 -118.29 -1.66 28.16
C ASN JA 263 -119.45 -2.11 29.05
N ALA JA 264 -120.18 -3.14 28.63
CA ALA JA 264 -121.35 -3.56 29.39
C ALA JA 264 -120.96 -4.10 30.76
N ASP JA 265 -119.74 -4.60 30.91
CA ASP JA 265 -119.35 -5.22 32.17
C ASP JA 265 -119.31 -4.22 33.32
N PHE JA 266 -119.27 -2.92 33.00
CA PHE JA 266 -119.20 -1.92 34.06
C PHE JA 266 -120.56 -1.68 34.69
N PHE JA 267 -121.63 -2.09 34.02
CA PHE JA 267 -122.97 -1.68 34.39
C PHE JA 267 -123.69 -2.80 35.14
N VAL JA 268 -124.77 -2.41 35.84
CA VAL JA 268 -125.59 -3.39 36.53
C VAL JA 268 -126.21 -4.36 35.54
N ASP JA 269 -126.18 -5.65 35.89
CA ASP JA 269 -126.76 -6.67 35.03
C ASP JA 269 -128.19 -6.28 34.66
N PRO JA 270 -128.52 -6.19 33.36
CA PRO JA 270 -129.89 -5.82 32.98
C PRO JA 270 -130.96 -6.68 33.64
N ALA JA 271 -130.63 -7.90 34.03
CA ALA JA 271 -131.63 -8.74 34.70
C ALA JA 271 -132.11 -8.10 35.99
N LEU JA 272 -131.24 -7.36 36.68
CA LEU JA 272 -131.65 -6.70 37.90
C LEU JA 272 -132.20 -5.30 37.63
N VAL JA 273 -131.54 -4.54 36.76
CA VAL JA 273 -131.99 -3.19 36.43
C VAL JA 273 -131.94 -3.02 34.92
N PRO JA 274 -133.07 -3.02 34.22
CA PRO JA 274 -133.04 -2.88 32.77
C PRO JA 274 -132.56 -1.49 32.37
N PRO JA 275 -131.82 -1.39 31.27
CA PRO JA 275 -131.39 -0.06 30.80
C PRO JA 275 -132.55 0.75 30.26
N TYR JA 276 -132.36 2.07 30.26
CA TYR JA 276 -133.33 3.01 29.72
C TYR JA 276 -132.59 4.01 28.86
N THR JA 277 -133.29 4.60 27.89
CA THR JA 277 -132.68 5.54 26.96
C THR JA 277 -132.94 6.98 27.37
N ILE JA 278 -132.08 7.89 26.89
CA ILE JA 278 -132.25 9.32 27.08
C ILE JA 278 -132.09 10.00 25.73
N LYS JA 279 -133.00 10.93 25.43
CA LYS JA 279 -132.92 11.74 24.24
C LYS JA 279 -132.55 13.17 24.63
N ASN JA 280 -131.36 13.61 24.24
CA ASN JA 280 -130.81 14.86 24.70
C ASN JA 280 -131.30 16.02 23.83
N GLU JA 281 -130.80 17.22 24.13
CA GLU JA 281 -131.26 18.39 23.41
C GLU JA 281 -130.85 18.34 21.94
N GLN JA 282 -129.77 17.62 21.63
CA GLN JA 282 -129.41 17.47 20.24
C GLN JA 282 -130.22 16.42 19.51
N ASN JA 283 -131.19 15.80 20.18
CA ASN JA 283 -132.02 14.71 19.68
C ASN JA 283 -131.22 13.45 19.40
N LEU JA 284 -130.07 13.28 20.06
CA LEU JA 284 -129.28 12.07 19.90
C LEU JA 284 -129.54 11.13 21.08
N THR JA 285 -129.97 9.91 20.77
CA THR JA 285 -130.37 8.95 21.79
C THR JA 285 -129.16 8.24 22.35
N ILE JA 286 -129.14 8.04 23.66
CA ILE JA 286 -128.14 7.21 24.31
C ILE JA 286 -128.86 6.16 25.16
N THR JA 287 -128.17 5.07 25.45
CA THR JA 287 -128.65 4.05 26.38
C THR JA 287 -127.81 4.10 27.64
N THR JA 288 -128.47 4.19 28.79
CA THR JA 288 -127.77 4.31 30.06
C THR JA 288 -128.35 3.33 31.07
N ALA JA 289 -127.55 3.04 32.09
CA ALA JA 289 -127.91 2.18 33.20
C ALA JA 289 -127.04 2.57 34.38
N PRO JA 290 -127.48 2.26 35.60
CA PRO JA 290 -126.62 2.54 36.75
C PRO JA 290 -125.33 1.72 36.68
N LEU JA 291 -124.26 2.31 37.18
CA LEU JA 291 -122.97 1.61 37.23
C LEU JA 291 -123.02 0.53 38.30
N LYS JA 292 -122.35 -0.59 38.05
CA LYS JA 292 -122.28 -1.62 39.06
C LYS JA 292 -121.35 -1.18 40.18
N ALA JA 293 -121.71 -1.53 41.42
CA ALA JA 293 -120.84 -1.23 42.53
C ALA JA 293 -119.62 -2.15 42.51
N ASN JA 294 -118.56 -1.69 43.15
CA ASN JA 294 -117.27 -2.39 43.26
C ASN JA 294 -116.64 -2.63 41.89
N VAL JA 295 -116.58 -1.55 41.10
CA VAL JA 295 -115.93 -1.58 39.80
C VAL JA 295 -114.95 -0.42 39.70
N ARG JA 296 -114.02 -0.54 38.78
CA ARG JA 296 -113.17 0.57 38.38
C ARG JA 296 -113.32 0.77 36.88
N LEU JA 297 -113.43 2.02 36.46
CA LEU JA 297 -113.67 2.34 35.06
C LEU JA 297 -113.09 3.72 34.77
N ASP JA 298 -112.89 4.00 33.49
CA ASP JA 298 -112.64 5.34 33.01
C ASP JA 298 -113.98 6.06 32.92
N LEU JA 299 -114.26 6.92 33.91
CA LEU JA 299 -115.59 7.52 34.01
C LEU JA 299 -115.88 8.43 32.84
N MET JA 300 -114.88 9.18 32.40
CA MET JA 300 -115.04 10.03 31.22
C MET JA 300 -115.23 9.18 29.97
N GLY JA 301 -114.36 8.18 29.78
CA GLY JA 301 -114.41 7.40 28.56
C GLY JA 301 -115.73 6.68 28.37
N ASN JA 302 -116.37 6.26 29.46
CA ASN JA 302 -117.64 5.56 29.39
C ASN JA 302 -118.83 6.50 29.41
N SER JA 303 -118.59 7.81 29.38
CA SER JA 303 -119.67 8.77 29.46
C SER JA 303 -120.38 8.91 28.13
N ASN JA 304 -121.61 9.42 28.19
CA ASN JA 304 -122.36 9.72 26.97
C ASN JA 304 -121.61 10.72 26.08
N ALA JA 305 -120.81 11.59 26.68
CA ALA JA 305 -120.07 12.57 25.90
C ALA JA 305 -119.14 11.89 24.90
N ASN JA 306 -118.57 10.75 25.29
CA ASN JA 306 -117.59 10.10 24.42
C ASN JA 306 -118.25 9.32 23.31
N LEU JA 307 -119.45 8.79 23.56
CA LEU JA 307 -120.15 8.06 22.53
C LEU JA 307 -121.19 8.91 21.80
N LEU JA 308 -121.26 10.20 22.10
CA LEU JA 308 -122.38 10.98 21.59
C LEU JA 308 -122.30 11.21 20.10
N ILE JA 309 -121.18 11.74 19.60
CA ILE JA 309 -121.09 12.04 18.17
C ILE JA 309 -120.12 11.10 17.48
N GLN JA 310 -118.89 11.01 17.98
CA GLN JA 310 -117.98 9.98 17.52
C GLN JA 310 -117.45 9.20 18.72
N ARG JA 311 -117.10 7.93 18.49
CA ARG JA 311 -116.79 7.03 19.59
C ARG JA 311 -115.63 7.51 20.45
N GLY JA 312 -114.61 8.15 19.88
CA GLY JA 312 -113.51 8.59 20.72
C GLY JA 312 -113.18 10.04 20.48
N MET JA 313 -113.54 10.90 21.41
CA MET JA 313 -113.36 12.33 21.21
C MET JA 313 -112.72 12.99 22.42
N LEU JA 314 -113.01 12.50 23.61
CA LEU JA 314 -112.65 13.20 24.83
C LEU JA 314 -111.14 13.32 24.98
N GLU JA 315 -110.68 14.54 25.22
CA GLU JA 315 -109.28 14.88 25.36
C GLU JA 315 -108.97 15.15 26.83
N VAL JA 316 -107.69 15.42 27.11
CA VAL JA 316 -107.32 15.82 28.46
C VAL JA 316 -107.88 17.20 28.80
N SER JA 317 -108.31 17.96 27.80
CA SER JA 317 -108.91 19.25 28.08
C SER JA 317 -110.30 19.10 28.69
N ASP JA 318 -110.90 17.93 28.52
CA ASP JA 318 -112.16 17.65 29.17
C ASP JA 318 -111.91 17.30 30.64
N THR JA 319 -112.67 17.95 31.54
CA THR JA 319 -112.50 17.77 32.97
C THR JA 319 -113.86 17.58 33.63
N ILE JA 320 -113.87 17.05 34.85
CA ILE JA 320 -115.09 16.81 35.60
C ILE JA 320 -115.25 17.87 36.68
N ASP JA 321 -116.48 18.33 36.86
CA ASP JA 321 -116.77 19.35 37.86
C ASP JA 321 -116.62 18.78 39.26
N PRO JA 322 -115.77 19.36 40.12
CA PRO JA 322 -115.66 18.88 41.50
C PRO JA 322 -116.96 18.95 42.29
N ALA JA 323 -117.91 19.78 41.89
CA ALA JA 323 -119.19 19.88 42.58
C ALA JA 323 -120.11 18.78 42.05
N GLY JA 324 -119.94 17.58 42.58
CA GLY JA 324 -120.75 16.46 42.14
C GLY JA 324 -121.42 15.81 43.32
N ARG JA 325 -122.32 14.88 43.05
CA ARG JA 325 -123.09 14.23 44.09
C ARG JA 325 -123.29 12.76 43.75
N LEU JA 326 -123.48 11.97 44.79
CA LEU JA 326 -124.00 10.61 44.65
C LEU JA 326 -125.50 10.70 44.43
N LYS JA 327 -125.97 10.30 43.26
CA LYS JA 327 -127.35 10.59 42.91
C LYS JA 327 -128.30 9.50 43.38
N ASN JA 328 -128.03 8.24 43.05
CA ASN JA 328 -128.93 7.15 43.41
C ASN JA 328 -128.12 5.94 43.86
N LEU JA 329 -128.74 5.12 44.70
CA LEU JA 329 -128.25 3.79 45.03
C LEU JA 329 -129.31 2.77 44.75
N PHE JA 330 -128.92 1.65 44.15
CA PHE JA 330 -129.83 0.55 43.87
C PHE JA 330 -129.45 -0.60 44.78
N VAL JA 331 -130.39 -1.03 45.62
CA VAL JA 331 -130.13 -2.03 46.64
C VAL JA 331 -130.96 -3.26 46.31
N LEU JA 332 -130.35 -4.43 46.40
CA LEU JA 332 -131.05 -5.66 46.09
C LEU JA 332 -131.73 -6.15 47.35
N LEU JA 333 -133.04 -6.35 47.28
CA LEU JA 333 -133.80 -6.88 48.41
C LEU JA 333 -134.63 -8.06 47.91
N GLY JA 334 -134.21 -9.27 48.25
CA GLY JA 334 -135.03 -10.44 48.02
C GLY JA 334 -135.21 -10.79 46.56
N GLY JA 335 -134.18 -10.54 45.76
CA GLY JA 335 -134.23 -10.82 44.33
C GLY JA 335 -134.67 -9.65 43.48
N LYS JA 336 -135.20 -8.60 44.07
CA LYS JA 336 -135.69 -7.44 43.33
C LYS JA 336 -134.99 -6.20 43.84
N VAL JA 337 -134.96 -5.17 43.02
CA VAL JA 337 -134.15 -3.98 43.26
C VAL JA 337 -135.05 -2.84 43.67
N VAL JA 338 -134.63 -2.10 44.70
CA VAL JA 338 -135.28 -0.88 45.14
C VAL JA 338 -134.34 0.28 44.88
N LYS JA 339 -134.86 1.35 44.31
CA LYS JA 339 -134.08 2.53 43.98
C LYS JA 339 -134.23 3.56 45.10
N PHE JA 340 -133.10 4.03 45.62
CA PHE JA 340 -133.08 5.04 46.68
C PHE JA 340 -132.54 6.35 46.13
N LYS JA 341 -133.27 7.43 46.37
CA LYS JA 341 -132.83 8.75 45.95
C LYS JA 341 -132.07 9.41 47.10
N VAL JA 342 -130.78 9.63 46.90
CA VAL JA 342 -129.90 10.10 47.97
C VAL JA 342 -129.12 11.33 47.53
N ASP JA 343 -129.63 12.04 46.55
CA ASP JA 343 -128.84 13.07 45.87
C ASP JA 343 -128.49 14.28 46.70
N ARG JA 344 -129.44 14.79 47.47
CA ARG JA 344 -129.17 16.01 48.22
C ARG JA 344 -128.66 15.80 49.64
N LEU JA 345 -128.62 14.55 50.09
CA LEU JA 345 -128.28 14.31 51.48
C LEU JA 345 -126.87 14.85 51.68
N PRO JA 346 -126.57 15.38 52.88
CA PRO JA 346 -125.24 15.94 53.18
C PRO JA 346 -124.10 14.99 52.87
N ARG JA 347 -124.33 13.68 52.96
CA ARG JA 347 -123.27 12.71 52.71
C ARG JA 347 -123.06 12.45 51.23
N ALA JA 348 -123.95 12.93 50.37
CA ALA JA 348 -123.82 12.63 48.94
C ALA JA 348 -122.86 13.55 48.21
N VAL JA 349 -122.46 14.66 48.84
CA VAL JA 349 -121.61 15.62 48.14
C VAL JA 349 -120.17 15.13 48.05
N PHE JA 350 -119.52 15.46 46.94
CA PHE JA 350 -118.11 15.14 46.78
C PHE JA 350 -117.25 15.89 47.78
N GLN JA 351 -116.21 15.25 48.27
CA GLN JA 351 -115.28 15.90 49.17
C GLN JA 351 -113.89 15.94 48.54
N PRO JA 352 -113.12 16.99 48.78
CA PRO JA 352 -111.74 16.99 48.30
C PRO JA 352 -110.96 15.83 48.88
N ASP JA 353 -110.09 15.26 48.06
CA ASP JA 353 -109.19 14.20 48.52
C ASP JA 353 -108.04 14.81 49.29
N LEU JA 354 -108.00 14.57 50.60
CA LEU JA 354 -107.02 15.26 51.44
C LEU JA 354 -105.63 14.70 51.23
N VAL JA 355 -105.51 13.41 50.93
CA VAL JA 355 -104.24 12.75 50.74
C VAL JA 355 -104.19 12.16 49.35
N GLY JA 356 -103.25 12.61 48.55
CA GLY JA 356 -103.16 12.18 47.17
C GLY JA 356 -103.21 13.34 46.21
N ASP JA 357 -103.65 13.05 44.99
CA ASP JA 357 -103.72 14.07 43.97
C ASP JA 357 -104.73 15.14 44.37
N THR JA 358 -104.34 16.40 44.25
CA THR JA 358 -105.21 17.47 44.72
C THR JA 358 -106.47 17.59 43.87
N ARG JA 359 -106.50 16.93 42.72
CA ARG JA 359 -107.69 16.96 41.88
C ARG JA 359 -108.60 15.76 42.06
N ASN JA 360 -108.34 14.88 43.03
CA ASN JA 360 -109.25 13.78 43.29
C ASN JA 360 -110.44 14.23 44.11
N ALA JA 361 -111.61 13.70 43.79
CA ALA JA 361 -112.82 13.90 44.59
C ALA JA 361 -113.19 12.58 45.23
N VAL JA 362 -113.46 12.59 46.51
CA VAL JA 362 -113.79 11.39 47.27
C VAL JA 362 -115.28 11.39 47.57
N ILE JA 363 -115.92 10.27 47.33
CA ILE JA 363 -117.34 10.06 47.64
C ILE JA 363 -117.40 9.18 48.88
N ARG JA 364 -117.99 9.69 49.95
CA ARG JA 364 -118.21 8.86 51.15
C ARG JA 364 -119.61 8.91 51.72
N PHE JA 365 -120.43 7.95 51.36
CA PHE JA 365 -121.85 7.92 51.73
C PHE JA 365 -122.05 6.83 52.77
N ASP JA 366 -122.39 7.22 53.98
CA ASP JA 366 -122.57 6.31 55.10
C ASP JA 366 -123.87 6.69 55.76
N SER JA 367 -124.92 5.90 55.55
CA SER JA 367 -126.25 6.26 56.00
C SER JA 367 -126.94 5.03 56.55
N ASP JA 368 -127.53 5.17 57.73
CA ASP JA 368 -128.33 4.14 58.35
C ASP JA 368 -129.82 4.38 58.20
N ASP JA 369 -130.20 5.35 57.38
CA ASP JA 369 -131.60 5.77 57.29
C ASP JA 369 -132.20 5.56 55.91
N LEU JA 370 -131.74 4.57 55.16
CA LEU JA 370 -132.48 4.18 53.97
C LEU JA 370 -133.66 3.33 54.38
N VAL JA 371 -134.86 3.76 53.99
CA VAL JA 371 -136.09 3.23 54.55
C VAL JA 371 -136.77 2.35 53.51
N VAL JA 372 -137.15 1.15 53.92
CA VAL JA 372 -138.03 0.28 53.15
C VAL JA 372 -139.25 -0.02 53.98
N SER JA 373 -140.43 0.26 53.44
CA SER JA 373 -141.68 0.08 54.15
C SER JA 373 -142.71 -0.48 53.18
N GLY JA 374 -143.93 -0.71 53.67
CA GLY JA 374 -144.95 -1.26 52.82
C GLY JA 374 -145.42 -0.30 51.75
N ASP JA 375 -145.07 0.98 51.89
CA ASP JA 375 -145.58 1.99 50.97
C ASP JA 375 -144.73 2.07 49.70
N THR JA 376 -143.44 1.75 49.79
CA THR JA 376 -142.56 1.91 48.66
C THR JA 376 -142.74 0.78 47.66
N THR JA 377 -142.14 0.93 46.49
CA THR JA 377 -142.17 -0.09 45.46
C THR JA 377 -140.76 -0.38 44.96
N PHE JA 378 -140.64 -1.47 44.21
CA PHE JA 378 -139.40 -1.79 43.53
C PHE JA 378 -139.28 -0.94 42.27
N ILE JA 379 -138.15 -1.09 41.56
CA ILE JA 379 -137.91 -0.23 40.40
C ILE JA 379 -138.95 -0.47 39.34
N ASP JA 380 -139.53 -1.68 39.31
CA ASP JA 380 -140.55 -2.01 38.31
C ASP JA 380 -141.91 -1.44 38.67
N GLY JA 381 -142.04 -0.83 39.84
CA GLY JA 381 -143.30 -0.27 40.27
C GLY JA 381 -144.19 -1.23 41.02
N SER JA 382 -143.73 -2.47 41.22
CA SER JA 382 -144.51 -3.49 41.89
C SER JA 382 -144.14 -3.51 43.37
N ALA JA 383 -145.11 -3.81 44.22
CA ALA JA 383 -144.89 -4.01 45.64
C ALA JA 383 -145.22 -5.47 45.98
N ASP JA 384 -144.20 -6.25 46.30
CA ASP JA 384 -144.39 -7.67 46.58
C ASP JA 384 -143.29 -8.14 47.52
N GLY JA 385 -143.37 -9.41 47.89
CA GLY JA 385 -142.30 -10.02 48.65
C GLY JA 385 -142.06 -9.31 49.96
N VAL JA 386 -140.84 -8.79 50.15
CA VAL JA 386 -140.51 -8.15 51.42
C VAL JA 386 -141.42 -6.96 51.68
N ILE JA 387 -141.67 -6.15 50.65
CA ILE JA 387 -142.51 -4.96 50.84
C ILE JA 387 -143.92 -5.35 51.23
N ASN JA 388 -144.47 -6.39 50.60
CA ASN JA 388 -145.82 -6.83 50.95
C ASN JA 388 -145.89 -7.22 52.42
N ASP JA 389 -144.92 -8.00 52.88
CA ASP JA 389 -144.94 -8.45 54.28
C ASP JA 389 -144.74 -7.29 55.24
N LEU JA 390 -143.93 -6.31 54.84
CA LEU JA 390 -143.79 -5.11 55.66
C LEU JA 390 -145.11 -4.36 55.78
N LYS JA 391 -145.89 -4.34 54.70
CA LYS JA 391 -147.17 -3.64 54.72
C LYS JA 391 -148.16 -4.34 55.66
N THR JA 392 -148.22 -5.67 55.60
CA THR JA 392 -149.16 -6.36 56.49
C THR JA 392 -148.68 -6.39 57.93
N ALA JA 393 -147.37 -6.42 58.15
CA ALA JA 393 -146.83 -6.44 59.50
C ALA JA 393 -146.72 -5.04 60.11
N LYS JA 394 -147.01 -4.00 59.32
CA LYS JA 394 -146.86 -2.61 59.76
C LYS JA 394 -145.44 -2.33 60.26
N LEU JA 395 -144.45 -2.84 59.53
CA LEU JA 395 -143.05 -2.69 59.88
C LEU JA 395 -142.33 -1.89 58.81
N SER JA 396 -141.26 -1.19 59.21
CA SER JA 396 -140.35 -0.56 58.27
C SER JA 396 -138.93 -0.97 58.61
N LEU JA 397 -138.08 -1.08 57.60
CA LEU JA 397 -136.69 -1.46 57.77
C LEU JA 397 -135.79 -0.26 57.58
N ARG JA 398 -134.79 -0.13 58.44
CA ARG JA 398 -133.77 0.90 58.32
C ARG JA 398 -132.48 0.23 57.88
N LEU JA 399 -132.07 0.50 56.65
CA LEU JA 399 -130.90 -0.15 56.07
C LEU JA 399 -129.65 0.65 56.40
N SER JA 400 -128.52 -0.05 56.41
CA SER JA 400 -127.21 0.57 56.67
C SER JA 400 -126.34 0.26 55.46
N VAL JA 401 -126.12 1.25 54.64
CA VAL JA 401 -125.37 1.11 53.40
C VAL JA 401 -124.08 1.91 53.51
N GLY JA 402 -123.02 1.38 52.91
CA GLY JA 402 -121.75 2.08 52.84
C GLY JA 402 -121.23 2.09 51.43
N PHE JA 403 -121.14 3.26 50.82
CA PHE JA 403 -120.67 3.38 49.45
C PHE JA 403 -119.69 4.53 49.35
N GLY JA 404 -118.62 4.34 48.59
CA GLY JA 404 -117.65 5.39 48.38
C GLY JA 404 -116.80 5.10 47.15
N GLY JA 405 -116.04 6.11 46.76
CA GLY JA 405 -115.18 5.98 45.61
C GLY JA 405 -114.38 7.23 45.40
N THR JA 406 -113.40 7.14 44.50
CA THR JA 406 -112.54 8.26 44.18
C THR JA 406 -112.61 8.54 42.69
N ILE JA 407 -112.84 9.79 42.34
CA ILE JA 407 -112.88 10.24 40.96
C ILE JA 407 -111.71 11.20 40.74
N SER JA 408 -110.90 10.92 39.73
CA SER JA 408 -109.82 11.82 39.35
C SER JA 408 -110.34 12.81 38.33
N LEU JA 409 -110.50 14.06 38.76
CA LEU JA 409 -111.25 15.05 37.99
C LEU JA 409 -110.55 15.50 36.72
N SER JA 410 -109.27 15.26 36.57
CA SER JA 410 -108.57 15.58 35.33
C SER JA 410 -108.25 14.34 34.52
N LYS JA 411 -107.84 13.27 35.17
CA LYS JA 411 -107.47 12.04 34.51
C LYS JA 411 -108.66 11.27 33.97
N GLY JA 412 -109.81 11.32 34.66
CA GLY JA 412 -110.98 10.62 34.24
C GLY JA 412 -111.17 9.27 34.90
N ASP JA 413 -110.15 8.78 35.60
CA ASP JA 413 -110.28 7.49 36.28
C ASP JA 413 -111.21 7.62 37.49
N SER JA 414 -111.89 6.52 37.81
CA SER JA 414 -112.58 6.43 39.08
C SER JA 414 -112.69 4.99 39.51
N LYS JA 415 -112.75 4.78 40.81
CA LYS JA 415 -113.07 3.48 41.39
C LYS JA 415 -114.11 3.67 42.47
N PHE JA 416 -115.09 2.76 42.52
CA PHE JA 416 -116.16 2.82 43.50
C PHE JA 416 -116.28 1.47 44.19
N GLY JA 417 -116.81 1.49 45.40
CA GLY JA 417 -117.03 0.25 46.11
C GLY JA 417 -118.16 0.32 47.11
N ALA JA 418 -118.73 -0.83 47.47
CA ALA JA 418 -119.85 -0.90 48.40
C ALA JA 418 -119.57 -1.96 49.44
N THR JA 419 -119.77 -1.61 50.71
CA THR JA 419 -119.49 -2.52 51.80
C THR JA 419 -120.70 -3.38 52.10
N ASP JA 420 -120.53 -4.36 52.98
CA ASP JA 420 -121.64 -5.21 53.38
C ASP JA 420 -122.79 -4.36 53.90
N THR JA 421 -123.99 -4.68 53.43
CA THR JA 421 -125.20 -3.92 53.76
C THR JA 421 -126.00 -4.68 54.79
N TYR JA 422 -126.37 -4.01 55.88
CA TYR JA 422 -127.07 -4.62 57.00
C TYR JA 422 -128.41 -3.94 57.22
N VAL JA 423 -129.32 -4.66 57.86
CA VAL JA 423 -130.57 -4.09 58.35
C VAL JA 423 -130.31 -3.59 59.77
N ASP JA 424 -130.26 -2.27 59.93
CA ASP JA 424 -129.87 -1.71 61.22
C ASP JA 424 -130.98 -1.85 62.25
N LYS JA 425 -132.21 -1.47 61.88
CA LYS JA 425 -133.33 -1.53 62.81
C LYS JA 425 -134.58 -1.99 62.08
N VAL JA 426 -135.49 -2.60 62.84
CA VAL JA 426 -136.85 -2.89 62.39
C VAL JA 426 -137.82 -2.13 63.28
N LEU JA 427 -138.59 -1.21 62.69
CA LEU JA 427 -139.47 -0.34 63.43
C LEU JA 427 -140.93 -0.63 63.12
N ASN JA 428 -141.80 -0.41 64.11
CA ASN JA 428 -143.24 -0.41 63.93
C ASN JA 428 -143.74 1.01 63.72
N GLU JA 429 -145.05 1.17 63.53
CA GLU JA 429 -145.59 2.50 63.28
C GLU JA 429 -145.39 3.42 64.47
N ASP JA 430 -145.40 2.86 65.68
CA ASP JA 430 -145.25 3.62 66.90
C ASP JA 430 -143.83 4.11 67.11
N GLY JA 431 -142.88 3.71 66.25
CA GLY JA 431 -141.51 4.12 66.41
C GLY JA 431 -140.68 3.25 67.32
N GLN JA 432 -141.18 2.07 67.71
CA GLN JA 432 -140.44 1.18 68.60
C GLN JA 432 -139.65 0.17 67.79
N VAL JA 433 -138.49 -0.18 68.30
CA VAL JA 433 -137.62 -1.17 67.66
C VAL JA 433 -138.11 -2.55 68.05
N MET JA 434 -138.25 -3.42 67.05
CA MET JA 434 -138.73 -4.77 67.27
C MET JA 434 -137.58 -5.74 67.49
N ASP JA 435 -137.83 -6.73 68.34
CA ASP JA 435 -136.88 -7.82 68.54
C ASP JA 435 -136.82 -8.67 67.29
N ASN JA 436 -135.59 -8.99 66.87
CA ASN JA 436 -135.40 -9.74 65.64
C ASN JA 436 -135.81 -11.21 65.77
N ALA JA 437 -136.14 -11.67 66.97
CA ALA JA 437 -136.62 -13.03 67.16
C ALA JA 437 -138.12 -13.17 66.94
N ASP JA 438 -138.84 -12.07 66.74
CA ASP JA 438 -140.28 -12.14 66.51
C ASP JA 438 -140.56 -12.92 65.23
N PRO JA 439 -141.48 -13.90 65.26
CA PRO JA 439 -141.74 -14.68 64.04
C PRO JA 439 -141.98 -13.83 62.81
N ALA JA 440 -142.66 -12.68 62.96
CA ALA JA 440 -142.93 -11.83 61.81
C ALA JA 440 -141.66 -11.14 61.33
N VAL JA 441 -140.87 -10.62 62.26
CA VAL JA 441 -139.65 -9.91 61.89
C VAL JA 441 -138.61 -10.86 61.32
N LYS JA 442 -138.43 -12.03 61.96
CA LYS JA 442 -137.43 -12.99 61.49
C LYS JA 442 -137.72 -13.45 60.08
N ALA JA 443 -139.00 -13.76 59.78
CA ALA JA 443 -139.33 -14.22 58.44
C ALA JA 443 -138.96 -13.19 57.38
N ILE JA 444 -139.20 -11.92 57.68
CA ILE JA 444 -138.85 -10.85 56.75
C ILE JA 444 -137.34 -10.74 56.61
N LEU JA 445 -136.62 -10.82 57.72
CA LEU JA 445 -135.16 -10.73 57.66
C LEU JA 445 -134.56 -11.91 56.89
N ASP JA 446 -135.18 -13.09 56.99
CA ASP JA 446 -134.71 -14.23 56.22
C ASP JA 446 -134.84 -14.00 54.73
N GLN JA 447 -135.88 -13.28 54.31
CA GLN JA 447 -136.02 -12.96 52.89
C GLN JA 447 -134.87 -12.11 52.38
N LEU JA 448 -134.33 -11.21 53.21
CA LEU JA 448 -133.20 -10.37 52.83
C LEU JA 448 -131.88 -11.11 53.04
N THR JA 449 -131.75 -12.24 52.37
CA THR JA 449 -130.47 -12.93 52.40
C THR JA 449 -129.50 -12.39 51.35
N ASP JA 450 -130.01 -11.63 50.38
CA ASP JA 450 -129.18 -11.10 49.30
C ASP JA 450 -129.01 -9.60 49.42
N LEU JA 451 -129.11 -9.06 50.64
CA LEU JA 451 -129.10 -7.61 50.77
C LEU JA 451 -127.72 -7.08 50.44
N ALA JA 452 -127.66 -6.19 49.46
CA ALA JA 452 -126.41 -5.58 49.05
C ALA JA 452 -126.73 -4.39 48.15
N VAL JA 453 -125.75 -3.50 48.01
CA VAL JA 453 -125.83 -2.42 47.03
C VAL JA 453 -125.28 -2.97 45.73
N ILE JA 454 -126.07 -2.89 44.67
CA ILE JA 454 -125.67 -3.49 43.40
C ILE JA 454 -125.14 -2.44 42.43
N GLY JA 455 -125.67 -1.22 42.48
CA GLY JA 455 -125.28 -0.20 41.54
C GLY JA 455 -125.59 1.18 42.06
N PHE JA 456 -125.23 2.19 41.26
CA PHE JA 456 -125.37 3.57 41.65
C PHE JA 456 -125.43 4.45 40.41
N GLU JA 457 -125.86 5.69 40.60
CA GLU JA 457 -125.84 6.70 39.56
C GLU JA 457 -125.22 7.96 40.14
N LEU JA 458 -124.56 8.74 39.30
CA LEU JA 458 -123.95 9.97 39.76
C LEU JA 458 -124.64 11.18 39.14
N ASP JA 459 -124.41 12.33 39.79
CA ASP JA 459 -124.91 13.62 39.33
C ASP JA 459 -123.78 14.52 38.83
N THR JA 460 -122.71 13.90 38.33
CA THR JA 460 -121.55 14.66 37.89
C THR JA 460 -121.80 15.33 36.55
N ARG JA 461 -121.01 16.36 36.29
CA ARG JA 461 -121.11 17.15 35.06
C ARG JA 461 -119.72 17.43 34.53
N PHE JA 462 -119.65 17.74 33.24
CA PHE JA 462 -118.39 18.18 32.68
C PHE JA 462 -118.26 19.66 32.95
N THR JA 463 -117.05 20.15 33.15
CA THR JA 463 -116.86 21.59 33.15
C THR JA 463 -116.45 21.90 31.74
N ASN JA 464 -117.40 22.29 30.89
CA ASN JA 464 -117.11 22.44 29.46
C ASN JA 464 -116.30 23.69 29.14
N THR JA 465 -115.11 23.81 29.71
CA THR JA 465 -114.30 25.00 29.52
C THR JA 465 -113.69 24.92 28.15
N ASN JA 466 -113.73 23.75 27.53
CA ASN JA 466 -113.31 23.61 26.15
C ASN JA 466 -114.48 23.82 25.20
N ARG JA 467 -115.60 24.32 25.73
CA ARG JA 467 -116.74 24.66 24.89
C ARG JA 467 -117.21 23.45 24.09
N ARG JA 468 -117.15 22.28 24.71
CA ARG JA 468 -117.63 21.08 24.04
C ARG JA 468 -119.12 21.15 23.75
N GLN JA 469 -119.90 21.69 24.68
CA GLN JA 469 -121.34 21.78 24.56
C GLN JA 469 -121.73 23.26 24.50
N ARG JA 470 -122.52 23.61 23.49
CA ARG JA 470 -122.99 25.00 23.38
C ARG JA 470 -124.42 25.17 23.85
N GLY JA 471 -125.14 24.09 24.11
CA GLY JA 471 -126.48 24.20 24.67
C GLY JA 471 -127.50 24.72 23.70
N HIS JA 472 -128.54 25.38 24.20
CA HIS JA 472 -129.60 25.89 23.36
C HIS JA 472 -129.11 27.09 22.55
N LEU JA 473 -129.74 27.30 21.41
CA LEU JA 473 -129.38 28.36 20.48
C LEU JA 473 -130.50 29.38 20.42
N LEU JA 474 -130.13 30.65 20.39
CA LEU JA 474 -131.09 31.74 20.23
C LEU JA 474 -130.94 32.29 18.82
N GLN JA 475 -132.05 32.35 18.09
CA GLN JA 475 -132.09 32.87 16.74
C GLN JA 475 -133.17 33.94 16.65
N THR JA 476 -132.92 34.97 15.86
CA THR JA 476 -133.90 36.02 15.62
C THR JA 476 -134.88 35.57 14.55
N ARG JA 477 -136.16 35.85 14.79
CA ARG JA 477 -137.18 35.58 13.78
C ARG JA 477 -138.13 36.75 13.66
N ALA JA 478 -138.91 36.76 12.58
CA ALA JA 478 -139.99 37.71 12.41
C ALA JA 478 -141.06 37.11 11.52
N LEU JA 479 -142.31 37.40 11.84
CA LEU JA 479 -143.46 37.00 11.03
C LEU JA 479 -144.09 38.28 10.48
N GLN JA 480 -144.58 38.23 9.25
CA GLN JA 480 -145.27 39.37 8.66
C GLN JA 480 -146.70 38.98 8.30
N PHE JA 481 -147.64 39.84 8.65
CA PHE JA 481 -149.06 39.66 8.41
C PHE JA 481 -149.52 40.78 7.48
N ARG JA 482 -150.43 40.47 6.58
CA ARG JA 482 -150.96 41.45 5.64
C ARG JA 482 -152.48 41.45 5.68
N HIS JA 483 -153.08 42.63 5.84
CA HIS JA 483 -154.52 42.79 5.96
C HIS JA 483 -155.05 43.81 4.96
N PRO JA 484 -155.44 43.40 3.74
CA PRO JA 484 -156.04 44.36 2.81
C PRO JA 484 -157.48 44.71 3.17
N ILE JA 485 -157.87 45.93 2.83
CA ILE JA 485 -159.19 46.46 3.18
C ILE JA 485 -160.12 46.26 1.99
N PRO JA 486 -161.26 45.58 2.15
CA PRO JA 486 -162.21 45.44 1.05
C PRO JA 486 -163.11 46.66 0.85
N MET JA 487 -163.74 46.70 -0.33
CA MET JA 487 -164.83 47.62 -0.58
C MET JA 487 -166.16 47.03 -0.10
N HIS JA 488 -167.10 47.90 0.22
CA HIS JA 488 -168.41 47.50 0.70
C HIS JA 488 -169.49 47.97 -0.27
N ALA JA 489 -170.64 47.31 -0.22
CA ALA JA 489 -171.75 47.64 -1.10
C ALA JA 489 -172.24 49.06 -0.81
N PRO JA 490 -172.73 49.77 -1.82
CA PRO JA 490 -173.20 51.13 -1.60
C PRO JA 490 -174.60 51.18 -1.00
N VAL JA 491 -174.96 52.38 -0.53
CA VAL JA 491 -176.35 52.73 -0.24
C VAL JA 491 -176.74 53.91 -1.12
N THR JA 492 -177.85 53.78 -1.83
CA THR JA 492 -178.26 54.72 -2.86
C THR JA 492 -179.55 55.42 -2.46
N LEU JA 493 -179.60 56.73 -2.68
CA LEU JA 493 -180.82 57.51 -2.56
C LEU JA 493 -181.21 58.06 -3.92
N PRO JA 494 -182.17 57.47 -4.62
CA PRO JA 494 -182.55 57.96 -5.94
C PRO JA 494 -183.35 59.25 -5.83
N MET JA 495 -183.20 60.10 -6.84
CA MET JA 495 -183.99 61.31 -6.97
C MET JA 495 -184.44 61.43 -8.42
N ASP JA 496 -185.19 62.48 -8.71
CA ASP JA 496 -185.67 62.79 -10.05
C ASP JA 496 -184.82 63.91 -10.63
N THR JA 497 -184.44 63.77 -11.90
CA THR JA 497 -183.62 64.79 -12.53
C THR JA 497 -184.44 65.97 -13.01
N MET JA 498 -185.77 65.84 -13.07
CA MET JA 498 -186.61 66.93 -13.53
C MET JA 498 -186.57 68.11 -12.57
N THR JA 499 -186.51 67.83 -11.26
CA THR JA 499 -186.51 68.89 -10.26
C THR JA 499 -185.12 69.49 -10.11
N ASP JA 500 -185.09 70.80 -9.90
CA ASP JA 500 -183.86 71.51 -9.55
C ASP JA 500 -183.66 71.65 -8.05
N GLU JA 501 -184.53 71.07 -7.25
CA GLU JA 501 -184.42 71.18 -5.79
C GLU JA 501 -183.48 70.08 -5.32
N GLY JA 502 -182.37 70.47 -4.70
CA GLY JA 502 -181.41 69.51 -4.21
C GLY JA 502 -181.97 68.78 -3.01
N PRO JA 503 -181.31 67.72 -2.59
CA PRO JA 503 -181.78 67.00 -1.40
C PRO JA 503 -181.55 67.83 -0.15
N GLY JA 504 -182.41 67.65 0.84
CA GLY JA 504 -182.18 68.23 2.14
C GLY JA 504 -181.39 67.31 3.04
N GLU JA 505 -181.63 67.37 4.33
CA GLU JA 505 -180.85 66.60 5.29
C GLU JA 505 -181.04 65.11 5.04
N VAL JA 506 -182.03 64.75 4.22
CA VAL JA 506 -182.25 63.34 3.89
C VAL JA 506 -181.01 62.70 3.29
N VAL JA 507 -180.19 63.48 2.59
CA VAL JA 507 -178.98 62.90 2.00
C VAL JA 507 -178.05 62.38 3.08
N LYS JA 508 -178.09 62.95 4.28
CA LYS JA 508 -177.22 62.48 5.35
C LYS JA 508 -177.57 61.08 5.81
N ALA JA 509 -178.75 60.57 5.42
CA ALA JA 509 -179.09 59.20 5.78
C ALA JA 509 -178.09 58.21 5.21
N LEU JA 510 -177.43 58.55 4.10
CA LEU JA 510 -176.41 57.67 3.56
C LEU JA 510 -175.26 57.50 4.54
N THR JA 511 -174.84 58.59 5.18
CA THR JA 511 -173.80 58.49 6.20
C THR JA 511 -174.28 57.70 7.40
N VAL JA 512 -175.53 57.94 7.82
CA VAL JA 512 -176.06 57.22 8.98
C VAL JA 512 -176.15 55.73 8.69
N ASN JA 513 -176.65 55.37 7.51
CA ASN JA 513 -176.75 53.97 7.14
C ASN JA 513 -175.39 53.32 7.08
N THR JA 514 -174.38 54.03 6.57
CA THR JA 514 -173.02 53.52 6.62
C THR JA 514 -172.53 53.38 8.06
N ASN JA 515 -172.78 54.39 8.89
CA ASN JA 515 -172.31 54.35 10.28
C ASN JA 515 -172.97 53.22 11.06
N ILE JA 516 -174.25 52.95 10.81
CA ILE JA 516 -174.91 51.83 11.46
C ILE JA 516 -174.28 50.51 11.00
N ARG JA 517 -174.04 50.39 9.69
CA ARG JA 517 -173.40 49.18 9.18
C ARG JA 517 -172.02 48.99 9.79
N ASN JA 518 -171.28 50.09 10.04
CA ASN JA 518 -169.99 49.97 10.70
C ASN JA 518 -170.13 49.29 12.06
N SER JA 519 -171.05 49.78 12.89
CA SER JA 519 -171.24 49.18 14.21
C SER JA 519 -171.79 47.76 14.10
N ASN JA 520 -172.72 47.53 13.16
CA ASN JA 520 -173.28 46.21 12.99
C ASN JA 520 -172.22 45.23 12.51
N ASN JA 521 -171.32 45.68 11.64
CA ASN JA 521 -170.24 44.83 11.16
C ASN JA 521 -169.31 44.46 12.29
N ALA JA 522 -169.05 45.41 13.20
CA ALA JA 522 -168.23 45.10 14.36
C ALA JA 522 -168.84 43.99 15.20
N VAL JA 523 -170.17 43.99 15.36
CA VAL JA 523 -170.80 42.93 16.14
C VAL JA 523 -170.71 41.59 15.41
N LYS JA 524 -171.00 41.59 14.11
CA LYS JA 524 -170.92 40.35 13.33
C LYS JA 524 -169.50 39.80 13.33
N ARG JA 525 -168.51 40.68 13.18
CA ARG JA 525 -167.12 40.23 13.17
C ARG JA 525 -166.70 39.73 14.53
N MET JA 526 -167.11 40.41 15.60
CA MET JA 526 -166.80 39.89 16.94
C MET JA 526 -167.36 38.50 17.14
N LEU JA 527 -168.63 38.30 16.80
CA LEU JA 527 -169.25 36.99 17.06
C LEU JA 527 -168.63 35.91 16.17
N ASN JA 528 -168.33 36.25 14.92
CA ASN JA 528 -167.73 35.26 14.03
C ASN JA 528 -166.32 34.90 14.48
N TYR JA 529 -165.57 35.88 14.99
CA TYR JA 529 -164.24 35.58 15.49
C TYR JA 529 -164.31 34.68 16.70
N LEU JA 530 -165.25 34.94 17.60
CA LEU JA 530 -165.37 34.09 18.78
C LEU JA 530 -165.65 32.66 18.37
N ALA JA 531 -166.48 32.45 17.35
CA ALA JA 531 -166.72 31.11 16.84
C ALA JA 531 -165.43 30.48 16.32
N GLN JA 532 -164.64 31.25 15.55
CA GLN JA 532 -163.37 30.73 15.06
C GLN JA 532 -162.44 30.37 16.20
N LEU JA 533 -162.39 31.21 17.23
CA LEU JA 533 -161.54 30.96 18.38
C LEU JA 533 -161.96 29.68 19.10
N ARG JA 534 -163.26 29.47 19.26
CA ARG JA 534 -163.74 28.25 19.90
C ARG JA 534 -163.22 27.02 19.18
N GLU JA 535 -163.28 27.03 17.85
CA GLU JA 535 -162.84 25.86 17.08
C GLU JA 535 -161.35 25.62 17.26
N VAL JA 536 -160.55 26.68 17.23
CA VAL JA 536 -159.10 26.52 17.36
C VAL JA 536 -158.73 25.99 18.75
N VAL JA 537 -159.30 26.56 19.81
CA VAL JA 537 -158.99 26.06 21.14
C VAL JA 537 -159.56 24.67 21.37
N HIS JA 538 -160.75 24.40 20.84
CA HIS JA 538 -161.32 23.07 21.02
C HIS JA 538 -160.40 22.08 20.36
N ASN JA 539 -159.90 22.43 19.17
CA ASN JA 539 -159.05 21.52 18.41
C ASN JA 539 -157.81 21.16 19.22
N GLY JA 540 -157.36 22.09 20.05
CA GLY JA 540 -156.27 21.77 20.97
C GLY JA 540 -155.02 22.58 20.74
N TYR JA 541 -155.10 23.62 19.93
CA TYR JA 541 -153.94 24.45 19.66
C TYR JA 541 -153.67 25.37 20.84
N ASN JA 542 -153.11 24.82 21.92
CA ASN JA 542 -153.02 25.62 23.14
C ASN JA 542 -151.67 26.29 23.29
N ARG JA 543 -150.87 26.35 22.24
CA ARG JA 543 -149.58 27.00 22.25
C ARG JA 543 -149.45 27.95 21.08
N PRO JA 544 -148.65 29.00 21.18
CA PRO JA 544 -148.50 29.93 20.07
C PRO JA 544 -148.04 29.22 18.80
N LYS JA 545 -148.58 29.67 17.67
CA LYS JA 545 -148.22 29.12 16.37
C LYS JA 545 -148.71 30.10 15.31
N PHE JA 546 -148.12 30.01 14.13
CA PHE JA 546 -148.52 30.86 13.01
C PHE JA 546 -149.58 30.15 12.18
N GLY JA 547 -150.64 30.89 11.84
CA GLY JA 547 -151.60 30.42 10.87
C GLY JA 547 -152.74 29.60 11.43
N ILE JA 548 -152.82 29.42 12.75
CA ILE JA 548 -153.88 28.61 13.32
C ILE JA 548 -155.15 29.42 13.49
N ILE JA 549 -155.01 30.71 13.74
CA ILE JA 549 -156.14 31.60 13.97
C ILE JA 549 -155.80 32.97 13.42
N GLU JA 550 -156.84 33.70 13.01
CA GLU JA 550 -156.63 35.06 12.56
C GLU JA 550 -156.23 35.90 13.77
N GLY JA 551 -155.34 36.86 13.56
CA GLY JA 551 -154.88 37.68 14.65
C GLY JA 551 -153.39 37.54 14.87
N ALA JA 552 -152.65 38.61 14.63
CA ALA JA 552 -151.20 38.49 14.58
C ALA JA 552 -150.63 37.99 15.89
N LEU JA 553 -151.25 38.34 17.02
CA LEU JA 553 -150.63 38.02 18.29
C LEU JA 553 -150.79 36.56 18.67
N SER JA 554 -151.49 35.76 17.86
CA SER JA 554 -151.58 34.34 18.15
C SER JA 554 -150.23 33.65 18.06
N ALA JA 555 -149.23 34.30 17.47
CA ALA JA 555 -147.89 33.74 17.44
C ALA JA 555 -147.11 34.06 18.71
N VAL JA 556 -147.67 34.85 19.62
CA VAL JA 556 -146.98 35.23 20.85
C VAL JA 556 -147.64 34.63 22.08
N MET JA 557 -148.96 34.74 22.21
CA MET JA 557 -149.70 34.26 23.36
C MET JA 557 -150.43 32.96 23.06
N ARG JA 558 -150.77 32.27 24.13
CA ARG JA 558 -151.59 31.07 24.04
C ARG JA 558 -153.02 31.47 23.70
N PRO JA 559 -153.61 30.94 22.63
CA PRO JA 559 -155.03 31.22 22.36
C PRO JA 559 -155.89 30.48 23.38
N THR JA 560 -156.60 31.25 24.20
CA THR JA 560 -157.36 30.71 25.30
C THR JA 560 -158.82 31.14 25.23
N TYR JA 561 -159.72 30.18 25.36
CA TYR JA 561 -161.15 30.38 25.25
C TYR JA 561 -161.84 29.60 26.35
N ARG JA 562 -162.80 30.24 27.04
CA ARG JA 562 -163.63 29.55 28.02
C ARG JA 562 -165.08 29.87 27.74
N TYR JA 563 -165.94 28.85 27.83
CA TYR JA 563 -167.36 29.00 27.57
C TYR JA 563 -168.13 28.45 28.77
N LYS JA 564 -169.07 29.25 29.27
CA LYS JA 564 -169.92 28.84 30.39
C LYS JA 564 -171.34 29.27 30.08
N GLU JA 565 -172.31 28.39 30.38
CA GLU JA 565 -173.72 28.73 30.24
C GLU JA 565 -174.29 29.02 31.62
N LEU JA 566 -174.48 30.30 31.92
CA LEU JA 566 -174.85 30.72 33.27
C LEU JA 566 -176.36 30.70 33.39
N ASP JA 567 -176.92 29.52 33.62
CA ASP JA 567 -178.34 29.37 33.90
C ASP JA 567 -178.52 29.64 35.38
N LEU JA 568 -179.01 30.82 35.72
CA LEU JA 568 -178.97 31.28 37.10
C LEU JA 568 -179.73 30.37 38.07
N GLU JA 569 -180.78 29.69 37.60
CA GLU JA 569 -181.52 28.83 38.50
C GLU JA 569 -180.63 27.75 39.10
N LYS JA 570 -179.54 27.40 38.44
CA LYS JA 570 -178.70 26.35 38.95
C LYS JA 570 -177.45 26.89 39.63
N VAL JA 571 -177.35 28.21 39.78
CA VAL JA 571 -176.12 28.78 40.32
C VAL JA 571 -176.40 29.65 41.54
N ILE JA 572 -177.46 30.47 41.49
CA ILE JA 572 -177.69 31.48 42.52
C ILE JA 572 -178.08 30.84 43.84
N ASP JA 573 -177.51 31.36 44.93
CA ASP JA 573 -177.88 30.98 46.29
C ASP JA 573 -178.41 32.23 46.99
N THR JA 574 -179.71 32.26 47.28
CA THR JA 574 -180.34 33.40 47.93
C THR JA 574 -181.33 32.91 48.97
N ILE JA 575 -181.54 33.72 50.01
CA ILE JA 575 -182.43 33.36 51.10
C ILE JA 575 -183.63 34.28 51.18
N LYS JA 576 -183.41 35.60 51.21
CA LYS JA 576 -184.50 36.56 51.37
C LYS JA 576 -184.59 37.43 50.13
N SER JA 577 -185.83 37.83 49.80
CA SER JA 577 -186.05 38.62 48.61
C SER JA 577 -185.34 39.98 48.65
N LYS JA 578 -185.08 40.52 49.84
CA LYS JA 578 -184.42 41.81 49.91
C LYS JA 578 -183.01 41.73 49.33
N ASP JA 579 -182.44 40.54 49.26
CA ASP JA 579 -181.09 40.31 48.78
C ASP JA 579 -181.05 39.85 47.32
N ARG JA 580 -182.21 39.75 46.66
CA ARG JA 580 -182.25 39.14 45.34
C ARG JA 580 -181.35 39.86 44.35
N TRP JA 581 -181.27 41.19 44.45
CA TRP JA 581 -180.43 41.94 43.53
C TRP JA 581 -178.96 41.63 43.74
N ASP JA 582 -178.52 41.67 45.00
CA ASP JA 582 -177.11 41.43 45.28
C ASP JA 582 -176.71 40.01 44.89
N ASP JA 583 -177.62 39.04 45.09
CA ASP JA 583 -177.26 37.66 44.78
C ASP JA 583 -177.19 37.40 43.29
N VAL JA 584 -178.09 38.00 42.51
CA VAL JA 584 -178.00 37.88 41.05
C VAL JA 584 -176.74 38.56 40.54
N CYS JA 585 -176.47 39.77 41.00
CA CYS JA 585 -175.27 40.48 40.55
C CYS JA 585 -174.01 39.73 40.94
N ALA JA 586 -173.95 39.24 42.17
CA ALA JA 586 -172.78 38.50 42.62
C ALA JA 586 -172.63 37.19 41.87
N ALA JA 587 -173.72 36.47 41.63
CA ALA JA 587 -173.61 35.20 40.93
C ALA JA 587 -173.00 35.40 39.55
N ILE JA 588 -173.39 36.48 38.87
CA ILE JA 588 -172.85 36.71 37.53
C ILE JA 588 -171.37 37.11 37.62
N LEU JA 589 -171.04 38.07 38.50
CA LEU JA 589 -169.67 38.54 38.56
C LEU JA 589 -168.72 37.46 39.10
N ASN JA 590 -169.16 36.70 40.09
CA ASN JA 590 -168.32 35.66 40.68
C ASN JA 590 -168.03 34.57 39.68
N CYS JA 591 -169.00 34.22 38.83
CA CYS JA 591 -168.72 33.22 37.81
C CYS JA 591 -167.67 33.72 36.83
N VAL JA 592 -167.74 35.00 36.47
CA VAL JA 592 -166.71 35.58 35.60
C VAL JA 592 -165.34 35.52 36.26
N LYS JA 593 -165.28 35.88 37.55
CA LYS JA 593 -164.00 35.78 38.27
C LYS JA 593 -163.47 34.35 38.25
N ALA JA 594 -164.34 33.39 38.56
CA ALA JA 594 -163.90 32.00 38.64
C ALA JA 594 -163.36 31.52 37.31
N GLU JA 595 -163.97 31.91 36.20
CA GLU JA 595 -163.51 31.46 34.90
C GLU JA 595 -162.36 32.30 34.37
N LEU JA 596 -162.23 33.56 34.78
CA LEU JA 596 -161.18 34.43 34.28
C LEU JA 596 -159.83 34.20 34.93
N PHE JA 597 -159.79 34.00 36.25
CA PHE JA 597 -158.50 33.77 36.90
C PHE JA 597 -157.74 32.61 36.29
N PRO JA 598 -158.32 31.42 36.07
CA PRO JA 598 -157.54 30.36 35.42
C PRO JA 598 -157.24 30.64 33.97
N ALA JA 599 -158.05 31.46 33.29
CA ALA JA 599 -157.71 31.81 31.91
C ALA JA 599 -156.54 32.77 31.87
N HIS JA 600 -156.49 33.71 32.81
CA HIS JA 600 -155.33 34.59 32.93
C HIS JA 600 -154.08 33.81 33.32
N ARG JA 601 -154.23 32.79 34.19
CA ARG JA 601 -153.10 31.97 34.55
C ARG JA 601 -152.71 31.02 33.42
N ASP JA 602 -153.68 30.30 32.85
CA ASP JA 602 -153.39 29.31 31.82
C ASP JA 602 -152.80 29.98 30.59
N SER JA 603 -153.28 31.17 30.24
CA SER JA 603 -152.69 31.94 29.17
C SER JA 603 -151.48 32.71 29.68
N ASN JA 604 -150.72 33.26 28.75
CA ASN JA 604 -149.61 34.18 29.06
C ASN JA 604 -149.92 35.61 28.67
N ILE JA 605 -151.15 36.07 28.87
CA ILE JA 605 -151.52 37.40 28.41
C ILE JA 605 -150.66 38.47 29.07
N GLU JA 606 -150.46 38.37 30.37
CA GLU JA 606 -149.68 39.39 31.05
C GLU JA 606 -148.26 39.48 30.51
N ALA JA 607 -147.62 38.32 30.26
CA ALA JA 607 -146.29 38.32 29.67
C ALA JA 607 -146.30 38.92 28.27
N ALA JA 608 -147.30 38.58 27.46
CA ALA JA 608 -147.38 39.12 26.11
C ALA JA 608 -147.49 40.64 26.13
N PHE JA 609 -148.36 41.17 26.99
CA PHE JA 609 -148.49 42.61 27.10
C PHE JA 609 -147.18 43.25 27.52
N ARG JA 610 -146.48 42.66 28.49
CA ARG JA 610 -145.24 43.28 28.95
C ARG JA 610 -144.23 43.39 27.81
N VAL JA 611 -144.02 42.29 27.08
CA VAL JA 611 -142.93 42.28 26.09
C VAL JA 611 -143.31 43.11 24.87
N ILE JA 612 -144.59 43.27 24.60
CA ILE JA 612 -145.01 44.05 23.44
C ILE JA 612 -144.99 45.55 23.72
N SER JA 613 -145.51 45.97 24.87
CA SER JA 613 -145.56 47.40 25.16
C SER JA 613 -144.23 47.95 25.63
N GLY JA 614 -143.38 47.12 26.22
CA GLY JA 614 -142.15 47.58 26.83
C GLY JA 614 -142.27 48.08 28.25
N ASN JA 615 -143.48 48.06 28.82
CA ASN JA 615 -143.69 48.52 30.19
C ASN JA 615 -143.50 47.35 31.14
N GLN JA 616 -142.51 47.46 32.03
CA GLN JA 616 -142.17 46.33 32.89
C GLN JA 616 -143.33 45.96 33.80
N ASP JA 617 -144.29 46.87 33.91
CA ASP JA 617 -145.45 46.63 34.74
C ASP JA 617 -146.71 47.16 34.07
N GLU JA 618 -147.41 46.30 33.34
CA GLU JA 618 -148.65 46.70 32.68
C GLU JA 618 -149.54 45.49 32.56
N THR JA 619 -150.83 45.65 32.79
CA THR JA 619 -151.75 44.53 32.70
C THR JA 619 -152.90 44.84 31.77
N PRO JA 620 -153.52 43.81 31.21
CA PRO JA 620 -154.68 44.02 30.37
C PRO JA 620 -155.87 44.54 31.14
N MET JA 621 -156.69 45.38 30.56
CA MET JA 621 -157.94 45.76 31.20
C MET JA 621 -158.99 44.96 30.47
N TYR JA 622 -159.94 44.38 31.19
CA TYR JA 622 -160.96 43.59 30.54
C TYR JA 622 -162.26 44.34 30.32
N LEU JA 623 -162.91 44.10 29.21
CA LEU JA 623 -164.21 44.68 28.93
C LEU JA 623 -165.29 43.63 29.13
N PHE JA 624 -166.38 44.01 29.77
CA PHE JA 624 -167.55 43.17 29.86
C PHE JA 624 -168.52 43.59 28.78
N CYS JA 625 -168.58 42.81 27.71
CA CYS JA 625 -169.41 43.12 26.55
C CYS JA 625 -170.74 42.40 26.73
N SER JA 626 -171.82 43.17 26.83
CA SER JA 626 -173.08 42.57 27.19
C SER JA 626 -174.21 43.32 26.48
N ASP JA 627 -175.40 42.74 26.55
CA ASP JA 627 -176.58 43.40 26.03
C ASP JA 627 -177.16 44.33 27.11
N LYS JA 628 -178.28 44.96 26.83
CA LYS JA 628 -178.81 45.98 27.72
C LYS JA 628 -179.27 45.37 29.04
N GLU JA 629 -179.87 44.17 28.98
CA GLU JA 629 -180.45 43.53 30.15
C GLU JA 629 -179.36 43.07 31.11
N ILE JA 630 -178.33 42.41 30.58
CA ILE JA 630 -177.24 41.92 31.43
C ILE JA 630 -176.44 43.09 31.99
N ALA JA 631 -176.19 44.10 31.16
CA ALA JA 631 -175.43 45.26 31.61
C ALA JA 631 -176.04 45.93 32.82
N ASN JA 632 -177.37 45.90 32.96
CA ASN JA 632 -177.99 46.49 34.14
C ASN JA 632 -177.54 45.78 35.41
N TYR JA 633 -177.27 44.47 35.32
CA TYR JA 633 -176.88 43.73 36.52
C TYR JA 633 -175.38 43.83 36.80
N LEU JA 634 -174.56 44.00 35.78
CA LEU JA 634 -173.12 44.14 36.00
C LEU JA 634 -172.72 45.50 36.53
N MET JA 635 -173.55 46.52 36.35
CA MET JA 635 -173.17 47.89 36.69
C MET JA 635 -173.33 48.10 38.20
N THR JA 636 -172.31 47.66 38.93
CA THR JA 636 -172.28 47.81 40.38
C THR JA 636 -171.92 49.26 40.67
N LYS JA 637 -172.73 49.92 41.49
CA LYS JA 637 -172.62 51.35 41.72
C LYS JA 637 -171.54 51.69 42.73
N GLY JA 638 -170.73 50.69 43.08
CA GLY JA 638 -169.57 50.88 43.93
C GLY JA 638 -168.41 51.54 43.22
N ASP JA 639 -168.47 51.59 41.89
CA ASP JA 639 -167.50 52.26 41.03
C ASP JA 639 -166.08 51.70 41.18
N ASP JA 640 -165.94 50.54 41.83
CA ASP JA 640 -164.64 49.88 42.00
C ASP JA 640 -164.67 48.60 41.20
N ARG JA 641 -164.25 48.69 39.92
CA ARG JA 641 -164.34 47.57 38.99
C ARG JA 641 -163.05 46.76 39.02
N THR JA 642 -162.82 46.07 40.13
CA THR JA 642 -161.61 45.29 40.33
C THR JA 642 -161.95 43.81 40.40
N LEU JA 643 -161.08 42.99 39.80
CA LEU JA 643 -161.19 41.54 39.85
C LEU JA 643 -159.96 40.99 40.53
N GLY JA 644 -160.15 40.38 41.70
CA GLY JA 644 -158.97 39.94 42.40
C GLY JA 644 -158.19 41.12 42.96
N ALA JA 645 -156.87 41.02 42.83
CA ALA JA 645 -156.00 42.03 43.42
C ALA JA 645 -155.88 43.27 42.54
N TYR JA 646 -155.48 43.07 41.29
CA TYR JA 646 -154.99 44.19 40.47
C TYR JA 646 -155.80 44.40 39.19
N LEU JA 647 -156.52 43.37 38.75
CA LEU JA 647 -157.19 43.44 37.46
C LEU JA 647 -158.35 44.42 37.46
N LYS JA 648 -158.44 45.25 36.42
CA LYS JA 648 -159.54 46.18 36.26
C LYS JA 648 -160.40 45.77 35.07
N TYR JA 649 -161.63 46.28 35.04
CA TYR JA 649 -162.49 46.06 33.88
C TYR JA 649 -163.39 47.26 33.66
N ASP JA 650 -164.06 47.25 32.52
CA ASP JA 650 -165.08 48.24 32.21
C ASP JA 650 -166.25 47.53 31.54
N ILE JA 651 -167.40 48.21 31.53
CA ILE JA 651 -168.65 47.63 31.07
C ILE JA 651 -169.09 48.39 29.83
N VAL JA 652 -169.31 47.66 28.74
CA VAL JA 652 -169.79 48.24 27.49
C VAL JA 652 -171.01 47.45 27.04
N SER JA 653 -172.05 48.15 26.60
CA SER JA 653 -173.32 47.52 26.25
C SER JA 653 -173.69 47.81 24.80
N THR JA 654 -174.43 46.89 24.19
CA THR JA 654 -174.97 47.09 22.85
C THR JA 654 -176.45 46.73 22.84
N ASN JA 655 -177.20 47.39 21.97
CA ASN JA 655 -178.61 47.05 21.75
C ASN JA 655 -178.79 46.20 20.51
N ASN JA 656 -177.70 45.76 19.88
CA ASN JA 656 -177.78 44.94 18.68
C ASN JA 656 -178.35 43.57 19.01
N GLN JA 657 -179.45 43.21 18.36
CA GLN JA 657 -180.13 41.98 18.73
C GLN JA 657 -179.25 40.75 18.56
N LEU JA 658 -178.19 40.84 17.74
CA LEU JA 658 -177.33 39.68 17.55
C LEU JA 658 -176.62 39.31 18.85
N PHE JA 659 -176.48 40.27 19.76
CA PHE JA 659 -175.72 40.06 20.98
C PHE JA 659 -176.59 39.76 22.18
N ASP JA 660 -177.90 39.70 22.01
CA ASP JA 660 -178.81 39.51 23.13
C ASP JA 660 -178.50 38.21 23.86
N GLY JA 661 -178.48 38.29 25.19
CA GLY JA 661 -178.22 37.12 26.01
C GLY JA 661 -176.79 36.66 26.08
N LYS JA 662 -175.82 37.53 25.82
CA LYS JA 662 -174.41 37.18 25.79
C LYS JA 662 -173.62 38.09 26.71
N LEU JA 663 -172.59 37.54 27.31
CA LEU JA 663 -171.53 38.32 27.96
C LEU JA 663 -170.20 37.79 27.50
N VAL JA 664 -169.37 38.66 26.94
CA VAL JA 664 -168.05 38.30 26.45
C VAL JA 664 -167.03 39.19 27.13
N VAL JA 665 -165.95 38.59 27.64
CA VAL JA 665 -164.92 39.31 28.37
C VAL JA 665 -163.64 39.27 27.54
N ILE JA 666 -163.15 40.46 27.16
CA ILE JA 666 -161.98 40.55 26.30
C ILE JA 666 -161.00 41.53 26.90
N PRO JA 667 -159.70 41.25 26.80
CA PRO JA 667 -158.71 42.20 27.27
C PRO JA 667 -158.37 43.26 26.23
N THR JA 668 -158.13 44.46 26.71
CA THR JA 668 -157.56 45.52 25.88
C THR JA 668 -156.47 46.20 26.68
N ARG JA 669 -155.65 46.99 26.01
CA ARG JA 669 -154.70 47.84 26.70
C ARG JA 669 -155.45 48.90 27.50
N ALA JA 670 -154.99 49.13 28.73
CA ALA JA 670 -155.70 50.06 29.61
C ALA JA 670 -155.79 51.43 28.97
N VAL JA 671 -154.73 51.86 28.30
CA VAL JA 671 -154.69 53.11 27.56
C VAL JA 671 -154.51 52.77 26.09
N GLN JA 672 -155.46 53.18 25.26
CA GLN JA 672 -155.44 52.84 23.85
C GLN JA 672 -154.67 53.89 23.06
N GLN JA 673 -153.82 53.43 22.14
CA GLN JA 673 -153.02 54.29 21.30
C GLN JA 673 -153.36 54.02 19.84
N GLU JA 674 -153.05 54.98 18.98
CA GLU JA 674 -153.34 54.81 17.56
C GLU JA 674 -152.62 53.60 16.99
N ASN JA 675 -153.35 52.78 16.24
CA ASN JA 675 -152.81 51.58 15.59
C ASN JA 675 -152.02 50.73 16.58
N ASP JA 676 -152.66 50.43 17.71
CA ASP JA 676 -152.04 49.68 18.78
C ASP JA 676 -152.48 48.23 18.68
N ILE JA 677 -151.52 47.34 18.41
CA ILE JA 677 -151.83 45.92 18.27
C ILE JA 677 -152.45 45.34 19.52
N LEU JA 678 -152.20 45.95 20.69
CA LEU JA 678 -152.72 45.42 21.92
C LEU JA 678 -154.20 45.73 22.16
N SER JA 679 -154.85 46.44 21.23
CA SER JA 679 -156.30 46.51 21.27
C SER JA 679 -156.90 45.20 20.78
N TRP JA 680 -157.93 44.72 21.46
CA TRP JA 680 -158.48 43.41 21.14
C TRP JA 680 -158.79 43.31 19.66
N GLY JA 681 -159.48 44.30 19.14
CA GLY JA 681 -159.70 44.44 17.71
C GLY JA 681 -159.35 45.83 17.26
N GLN JA 682 -159.37 46.05 15.95
CA GLN JA 682 -159.16 47.36 15.38
C GLN JA 682 -160.22 47.58 14.32
N PHE JA 683 -160.65 48.83 14.15
CA PHE JA 683 -161.49 49.23 13.02
C PHE JA 683 -160.62 50.09 12.10
N PHE JA 684 -160.38 49.59 10.89
CA PHE JA 684 -159.58 50.29 9.90
C PHE JA 684 -160.50 51.00 8.92
N TYR JA 685 -160.56 52.32 9.02
CA TYR JA 685 -161.48 53.12 8.22
C TYR JA 685 -160.65 53.97 7.28
N VAL JA 686 -161.01 53.94 5.99
CA VAL JA 686 -160.33 54.75 5.00
C VAL JA 686 -161.13 56.01 4.68
N SER JA 687 -162.36 55.84 4.22
CA SER JA 687 -163.22 56.95 3.83
C SER JA 687 -164.62 56.42 3.54
N THR JA 688 -165.57 57.34 3.47
CA THR JA 688 -166.86 57.11 2.82
C THR JA 688 -167.00 58.15 1.73
N VAL JA 689 -167.19 57.69 0.50
CA VAL JA 689 -167.24 58.56 -0.66
C VAL JA 689 -168.66 58.60 -1.19
N ILE JA 690 -169.12 59.80 -1.54
CA ILE JA 690 -170.46 60.02 -2.06
C ILE JA 690 -170.33 60.66 -3.45
N ALA JA 691 -171.03 60.11 -4.43
CA ALA JA 691 -171.03 60.68 -5.77
C ALA JA 691 -172.37 60.41 -6.44
N ASP JA 692 -172.80 61.34 -7.29
CA ASP JA 692 -174.08 61.21 -7.98
C ASP JA 692 -173.96 61.61 -9.44
N LEU JA 693 -174.62 60.84 -10.31
CA LEU JA 693 -174.73 61.13 -11.73
C LEU JA 693 -176.17 60.92 -12.14
N PRO JA 694 -176.63 61.61 -13.17
CA PRO JA 694 -177.95 61.31 -13.73
C PRO JA 694 -177.94 60.00 -14.51
N ILE JA 695 -177.91 58.88 -13.81
CA ILE JA 695 -177.64 57.60 -14.47
C ILE JA 695 -178.90 57.12 -15.17
N THR JA 696 -178.73 56.69 -16.42
CA THR JA 696 -179.83 56.13 -17.22
C THR JA 696 -179.85 54.61 -17.03
N ARG JA 697 -180.17 54.20 -15.82
CA ARG JA 697 -180.11 52.78 -15.49
C ARG JA 697 -181.23 52.02 -16.16
N GLY JA 698 -180.89 50.93 -16.83
CA GLY JA 698 -181.84 50.16 -17.58
C GLY JA 698 -181.99 50.59 -19.02
N GLY JA 699 -181.42 51.73 -19.38
CA GLY JA 699 -181.51 52.23 -20.72
C GLY JA 699 -182.78 52.95 -21.06
N HIS JA 700 -183.70 53.13 -20.10
CA HIS JA 700 -184.96 53.76 -20.47
C HIS JA 700 -185.39 54.88 -19.52
N GLN JA 701 -185.08 54.80 -18.23
CA GLN JA 701 -185.57 55.79 -17.28
C GLN JA 701 -184.39 56.45 -16.59
N VAL JA 702 -184.27 57.76 -16.73
CA VAL JA 702 -183.19 58.51 -16.11
C VAL JA 702 -183.51 58.74 -14.65
N THR JA 703 -182.56 58.39 -13.78
CA THR JA 703 -182.70 58.56 -12.34
C THR JA 703 -181.41 59.15 -11.81
N ARG JA 704 -181.51 60.13 -10.93
CA ARG JA 704 -180.35 60.66 -10.23
C ARG JA 704 -180.07 59.78 -9.02
N GLU JA 705 -178.90 59.15 -8.99
CA GLU JA 705 -178.54 58.22 -7.94
C GLU JA 705 -177.42 58.80 -7.09
N ILE JA 706 -177.71 59.07 -5.82
CA ILE JA 706 -176.71 59.52 -4.86
C ILE JA 706 -176.32 58.30 -4.03
N ALA JA 707 -175.07 57.88 -4.15
CA ALA JA 707 -174.61 56.65 -3.54
C ALA JA 707 -173.41 56.92 -2.66
N ALA JA 708 -173.39 56.28 -1.49
CA ALA JA 708 -172.25 56.32 -0.59
C ALA JA 708 -171.62 54.93 -0.57
N ILE JA 709 -170.29 54.88 -0.75
CA ILE JA 709 -169.57 53.62 -0.79
C ILE JA 709 -168.67 53.55 0.45
N PRO JA 710 -168.95 52.67 1.40
CA PRO JA 710 -168.02 52.48 2.53
C PRO JA 710 -166.74 51.78 2.10
N PHE JA 711 -165.67 52.03 2.86
CA PHE JA 711 -164.35 51.47 2.60
C PHE JA 711 -163.67 51.26 3.95
N ASN JA 712 -163.77 50.05 4.51
CA ASN JA 712 -163.27 49.81 5.85
C ASN JA 712 -163.07 48.31 6.08
N LEU JA 713 -162.43 47.99 7.20
CA LEU JA 713 -162.13 46.62 7.59
C LEU JA 713 -162.08 46.51 9.11
N HIS JA 714 -162.68 45.45 9.65
CA HIS JA 714 -162.52 45.07 11.05
C HIS JA 714 -161.54 43.91 11.17
N VAL JA 715 -160.57 44.06 12.08
CA VAL JA 715 -159.55 43.05 12.31
C VAL JA 715 -159.46 42.75 13.80
N ASN JA 716 -159.29 41.48 14.13
CA ASN JA 716 -159.07 41.02 15.50
C ASN JA 716 -157.60 40.68 15.67
N ASN JA 717 -157.01 41.14 16.76
CA ASN JA 717 -155.59 40.88 17.01
C ASN JA 717 -155.36 39.89 18.14
N ILE JA 718 -156.11 39.99 19.23
CA ILE JA 718 -155.85 39.16 20.40
C ILE JA 718 -156.79 37.97 20.39
N PRO JA 719 -156.27 36.74 20.31
CA PRO JA 719 -157.16 35.57 20.30
C PRO JA 719 -157.67 35.15 21.66
N PHE JA 720 -157.85 36.06 22.61
CA PHE JA 720 -158.26 35.66 23.95
C PHE JA 720 -159.66 36.18 24.25
N ALA JA 721 -160.52 35.31 24.74
CA ALA JA 721 -161.88 35.71 25.09
C ALA JA 721 -162.51 34.69 26.02
N LEU JA 722 -163.42 35.15 26.85
CA LEU JA 722 -164.34 34.28 27.58
C LEU JA 722 -165.76 34.63 27.13
N GLU JA 723 -166.59 33.61 26.95
CA GLU JA 723 -167.96 33.82 26.52
C GLU JA 723 -168.91 33.16 27.51
N PHE JA 724 -169.90 33.92 27.98
CA PHE JA 724 -170.90 33.46 28.92
C PHE JA 724 -172.27 33.59 28.29
N LYS JA 725 -173.11 32.59 28.47
CA LYS JA 725 -174.51 32.64 28.05
C LYS JA 725 -175.35 32.78 29.31
N ILE JA 726 -175.92 33.97 29.53
CA ILE JA 726 -176.56 34.28 30.79
C ILE JA 726 -178.07 34.34 30.57
N THR JA 727 -178.79 33.51 31.32
CA THR JA 727 -180.23 33.39 31.14
C THR JA 727 -180.85 33.04 32.49
N GLY JA 728 -182.17 33.19 32.57
CA GLY JA 728 -182.92 32.77 33.74
C GLY JA 728 -183.18 33.86 34.75
N PHE JA 729 -183.06 35.12 34.38
CA PHE JA 729 -183.28 36.21 35.32
C PHE JA 729 -184.68 36.17 35.92
N GLN JA 730 -185.68 35.94 35.08
CA GLN JA 730 -187.07 35.96 35.53
C GLN JA 730 -187.31 34.82 36.49
N LYS JA 731 -186.60 33.70 36.26
CA LYS JA 731 -186.83 32.51 37.06
C LYS JA 731 -186.28 32.65 38.47
N VAL JA 732 -185.21 33.41 38.67
CA VAL JA 732 -184.62 33.52 40.00
C VAL JA 732 -185.12 34.78 40.71
N MET JA 733 -185.54 35.79 39.96
CA MET JA 733 -186.08 36.99 40.59
C MET JA 733 -187.59 36.96 40.73
N GLY JA 734 -188.32 36.47 39.73
CA GLY JA 734 -189.77 36.46 39.82
C GLY JA 734 -190.30 35.39 40.74
N GLU JA 735 -189.64 34.24 40.78
CA GLU JA 735 -190.11 33.11 41.55
C GLU JA 735 -189.50 33.11 42.94
N THR JA 736 -190.18 32.42 43.86
CA THR JA 736 -189.68 32.26 45.23
C THR JA 736 -188.73 31.08 45.27
N GLN JA 737 -187.51 31.33 45.74
CA GLN JA 737 -186.48 30.30 45.67
C GLN JA 737 -186.39 29.52 46.98
N PHE JA 738 -185.93 30.17 48.05
CA PHE JA 738 -185.65 29.49 49.30
C PHE JA 738 -186.90 28.92 49.92
N ASN JA 739 -187.91 29.75 50.16
CA ASN JA 739 -189.14 29.27 50.77
C ASN JA 739 -189.87 28.32 49.85
N GLY JA 740 -189.76 28.55 48.54
CA GLY JA 740 -190.43 27.67 47.60
C GLY JA 740 -189.88 26.26 47.61
N LYS JA 741 -188.55 26.12 47.61
CA LYS JA 741 -187.98 24.79 47.63
C LYS JA 741 -188.33 24.03 48.91
N LEU JA 742 -188.33 24.74 50.05
CA LEU JA 742 -188.69 24.09 51.31
C LEU JA 742 -190.12 23.56 51.26
N ALA JA 743 -191.02 24.31 50.62
CA ALA JA 743 -192.38 23.81 50.42
C ALA JA 743 -192.39 22.53 49.61
N ASP JA 744 -191.50 22.44 48.61
CA ASP JA 744 -191.45 21.25 47.77
C ASP JA 744 -190.99 20.03 48.55
N LEU JA 745 -190.25 20.22 49.65
CA LEU JA 745 -189.86 19.08 50.46
C LEU JA 745 -191.03 18.53 51.27
N LYS JA 746 -192.14 19.25 51.34
CA LYS JA 746 -193.26 18.81 52.16
C LYS JA 746 -193.82 17.49 51.64
N PRO JA 747 -194.01 16.47 52.49
CA PRO JA 747 -194.57 15.17 52.12
C PRO JA 747 -195.91 15.30 51.39
N ASN KA 164 208.39 -44.96 103.06
CA ASN KA 164 208.70 -45.19 101.65
C ASN KA 164 209.91 -44.38 101.21
N TYR KA 165 211.08 -45.00 101.25
CA TYR KA 165 212.28 -44.37 100.71
C TYR KA 165 212.18 -44.22 99.20
N ASN KA 166 211.74 -45.26 98.52
CA ASN KA 166 211.54 -45.24 97.08
C ASN KA 166 210.06 -45.11 96.77
N GLU KA 167 209.72 -44.18 95.88
CA GLU KA 167 208.34 -43.92 95.50
C GLU KA 167 208.16 -44.05 94.00
N LYS KA 168 208.87 -45.01 93.41
CA LYS KA 168 208.66 -45.33 92.01
C LYS KA 168 207.25 -45.85 91.79
N SER KA 169 206.56 -45.29 90.81
CA SER KA 169 205.15 -45.63 90.58
C SER KA 169 205.00 -47.11 90.30
N GLN KA 170 204.02 -47.74 90.96
CA GLN KA 170 203.71 -49.14 90.74
C GLN KA 170 202.35 -49.38 90.10
N ARG KA 171 201.41 -48.44 90.20
CA ARG KA 171 200.08 -48.59 89.65
C ARG KA 171 199.69 -47.49 88.68
N ASP KA 172 200.26 -46.30 88.83
CA ASP KA 172 199.88 -45.15 88.01
C ASP KA 172 200.74 -45.16 86.75
N PHE KA 173 200.10 -45.48 85.61
CA PHE KA 173 200.79 -45.52 84.33
C PHE KA 173 200.02 -44.71 83.31
N ARG KA 174 200.71 -44.32 82.25
CA ARG KA 174 200.05 -43.80 81.07
C ARG KA 174 199.26 -44.92 80.40
N VAL KA 175 197.98 -44.69 80.17
CA VAL KA 175 197.08 -45.69 79.60
C VAL KA 175 196.95 -45.41 78.12
N VAL KA 176 197.31 -46.37 77.28
CA VAL KA 176 197.25 -46.24 75.84
C VAL KA 176 196.03 -47.02 75.35
N THR KA 177 195.11 -46.33 74.69
CA THR KA 177 193.89 -46.95 74.18
C THR KA 177 194.00 -47.07 72.66
N ILE KA 178 193.78 -48.28 72.15
CA ILE KA 178 193.92 -48.56 70.72
C ILE KA 178 192.60 -48.15 70.07
N GLY KA 179 192.48 -46.86 69.78
CA GLY KA 179 191.27 -46.31 69.21
C GLY KA 179 191.41 -45.93 67.76
N TYR KA 180 190.49 -46.39 66.93
CA TYR KA 180 190.50 -46.09 65.50
C TYR KA 180 189.30 -45.21 65.15
N ASN KA 181 189.26 -44.76 63.90
CA ASN KA 181 188.12 -44.04 63.35
C ASN KA 181 187.39 -44.93 62.36
N LEU KA 182 186.06 -44.85 62.36
CA LEU KA 182 185.26 -45.69 61.47
C LEU KA 182 185.50 -45.30 60.02
N ALA KA 183 185.84 -46.29 59.20
CA ALA KA 183 186.13 -46.04 57.80
C ALA KA 183 184.85 -45.64 57.07
N ALA KA 184 184.99 -44.77 56.07
CA ALA KA 184 183.88 -44.52 55.16
C ALA KA 184 183.53 -45.76 54.36
N SER KA 185 184.52 -46.61 54.08
CA SER KA 185 184.27 -47.83 53.32
C SER KA 185 183.35 -48.75 54.10
N ARG KA 186 182.51 -49.50 53.39
CA ARG KA 186 181.64 -50.49 53.99
C ARG KA 186 181.93 -51.88 53.46
N GLN KA 187 183.16 -52.10 52.98
CA GLN KA 187 183.52 -53.40 52.44
C GLN KA 187 185.03 -53.56 52.51
N ASP KA 188 185.48 -54.80 52.56
CA ASP KA 188 186.90 -55.09 52.64
C ASP KA 188 187.58 -54.78 51.31
N GLU KA 189 188.92 -54.61 51.36
CA GLU KA 189 189.65 -54.21 50.17
C GLU KA 189 189.55 -55.25 49.07
N PHE KA 190 189.61 -56.54 49.43
CA PHE KA 190 189.45 -57.59 48.42
C PHE KA 190 188.11 -57.47 47.72
N ALA KA 191 187.02 -57.44 48.48
CA ALA KA 191 185.69 -57.42 47.88
C ALA KA 191 185.37 -56.06 47.26
N GLU KA 192 186.00 -54.99 47.75
CA GLU KA 192 185.76 -53.67 47.18
C GLU KA 192 186.32 -53.54 45.77
N ARG KA 193 187.47 -54.16 45.51
CA ARG KA 193 188.03 -54.13 44.16
C ARG KA 193 187.19 -54.96 43.20
N ILE KA 194 186.57 -56.01 43.68
CA ILE KA 194 185.74 -56.87 42.85
C ILE KA 194 184.31 -56.35 42.73
N TYR KA 195 183.75 -55.87 43.83
CA TYR KA 195 182.38 -55.36 43.88
C TYR KA 195 182.41 -53.94 44.43
N PRO KA 196 182.78 -52.96 43.60
CA PRO KA 196 182.86 -51.58 44.09
C PRO KA 196 181.53 -51.13 44.68
N THR KA 197 181.61 -50.33 45.72
CA THR KA 197 180.45 -49.91 46.48
C THR KA 197 179.67 -48.82 45.72
N THR KA 198 178.37 -49.01 45.60
CA THR KA 198 177.45 -48.00 45.10
C THR KA 198 176.32 -47.83 46.11
N VAL KA 199 176.07 -46.57 46.49
CA VAL KA 199 175.10 -46.28 47.53
C VAL KA 199 173.71 -46.15 46.93
N ILE KA 200 172.75 -46.90 47.48
CA ILE KA 200 171.38 -46.93 46.99
C ILE KA 200 170.46 -46.47 48.13
N ASN KA 201 169.44 -45.70 47.78
CA ASN KA 201 168.52 -45.18 48.78
C ASN KA 201 167.67 -46.32 49.35
N PRO KA 202 167.46 -46.35 50.68
CA PRO KA 202 166.59 -47.39 51.25
C PRO KA 202 165.16 -47.33 50.73
N ILE KA 203 164.73 -46.18 50.22
CA ILE KA 203 163.41 -46.08 49.60
C ILE KA 203 163.38 -46.85 48.28
N GLU KA 204 164.45 -46.73 47.49
CA GLU KA 204 164.50 -47.43 46.20
C GLU KA 204 164.45 -48.94 46.39
N GLY KA 205 165.24 -49.45 47.34
CA GLY KA 205 165.16 -50.87 47.67
C GLY KA 205 165.59 -51.81 46.56
N GLY KA 206 166.35 -51.31 45.61
CA GLY KA 206 166.75 -52.10 44.46
C GLY KA 206 167.12 -51.23 43.30
N VAL KA 207 167.68 -51.87 42.28
CA VAL KA 207 168.15 -51.17 41.09
C VAL KA 207 167.70 -51.94 39.86
N VAL KA 208 167.69 -51.26 38.72
CA VAL KA 208 167.56 -51.90 37.41
C VAL KA 208 168.72 -51.41 36.55
N GLN KA 209 169.45 -52.35 35.96
CA GLN KA 209 170.55 -52.02 35.06
C GLN KA 209 170.03 -52.04 33.62
N VAL KA 210 169.85 -50.85 33.05
CA VAL KA 210 169.33 -50.72 31.69
C VAL KA 210 170.50 -50.66 30.72
N LEU KA 211 170.50 -51.54 29.74
CA LEU KA 211 171.60 -51.62 28.78
C LEU KA 211 171.09 -51.30 27.38
N PRO KA 212 171.12 -50.04 26.96
CA PRO KA 212 170.71 -49.70 25.59
C PRO KA 212 171.83 -50.06 24.62
N TYR KA 213 171.50 -50.86 23.61
CA TYR KA 213 172.47 -51.26 22.60
C TYR KA 213 171.83 -51.10 21.22
N ILE KA 214 172.64 -51.29 20.19
CA ILE KA 214 172.20 -51.22 18.80
C ILE KA 214 172.33 -52.60 18.20
N ALA KA 215 171.26 -53.07 17.56
CA ALA KA 215 171.24 -54.40 16.94
C ALA KA 215 171.24 -54.25 15.43
N VAL KA 216 171.96 -55.15 14.76
CA VAL KA 216 172.03 -55.16 13.30
C VAL KA 216 171.35 -56.43 12.79
N MET KA 217 170.45 -56.26 11.81
CA MET KA 217 169.68 -57.35 11.26
C MET KA 217 169.46 -57.10 9.78
N LYS KA 218 168.93 -58.10 9.09
CA LYS KA 218 168.73 -58.03 7.65
C LYS KA 218 167.29 -57.67 7.31
N ASP KA 219 167.09 -57.24 6.07
CA ASP KA 219 165.78 -56.85 5.57
C ASP KA 219 165.00 -58.11 5.23
N VAL KA 220 164.42 -58.75 6.24
CA VAL KA 220 163.81 -60.06 6.11
C VAL KA 220 162.31 -59.92 6.35
N TYR KA 221 161.52 -60.59 5.53
CA TYR KA 221 160.07 -60.61 5.71
C TYR KA 221 159.66 -61.70 6.71
N HIS KA 222 158.51 -61.50 7.34
CA HIS KA 222 157.99 -62.48 8.28
C HIS KA 222 157.52 -63.72 7.53
N GLU KA 223 157.80 -64.89 8.10
CA GLU KA 223 157.33 -66.15 7.54
C GLU KA 223 155.94 -66.46 8.04
N VAL KA 224 155.13 -67.08 7.17
CA VAL KA 224 153.76 -67.42 7.54
C VAL KA 224 153.73 -68.46 8.65
N SER KA 225 154.40 -69.58 8.44
CA SER KA 225 154.45 -70.65 9.44
C SER KA 225 155.77 -70.66 10.19
N GLY KA 226 156.19 -69.48 10.65
CA GLY KA 226 157.44 -69.35 11.37
C GLY KA 226 157.32 -69.50 12.87
N VAL KA 227 158.20 -70.31 13.47
CA VAL KA 227 158.26 -70.41 14.92
C VAL KA 227 158.85 -69.16 15.55
N LYS KA 228 159.66 -68.42 14.80
CA LYS KA 228 160.27 -67.19 15.26
C LYS KA 228 160.58 -66.34 14.04
N MET KA 229 160.90 -65.07 14.28
CA MET KA 229 161.34 -64.22 13.18
C MET KA 229 162.74 -64.66 12.75
N ASP KA 230 162.84 -65.26 11.58
CA ASP KA 230 164.10 -65.84 11.10
C ASP KA 230 164.98 -64.76 10.47
N ASN KA 231 165.43 -63.84 11.33
CA ASN KA 231 166.20 -62.68 10.93
C ASN KA 231 167.47 -62.66 11.77
N GLU KA 232 168.62 -62.81 11.10
CA GLU KA 232 169.88 -62.94 11.81
C GLU KA 232 170.27 -61.63 12.51
N GLU KA 233 169.65 -61.38 13.66
CA GLU KA 233 169.89 -60.18 14.45
C GLU KA 233 170.98 -60.47 15.48
N VAL KA 234 172.03 -59.66 15.47
CA VAL KA 234 173.10 -59.74 16.46
C VAL KA 234 173.41 -58.35 16.97
N ASN KA 235 174.05 -58.29 18.13
CA ASN KA 235 174.62 -57.05 18.61
C ASN KA 235 175.80 -56.64 17.75
N MET KA 236 175.87 -55.34 17.43
CA MET KA 236 176.94 -54.85 16.56
C MET KA 236 178.32 -55.18 17.09
N VAL KA 237 178.45 -55.40 18.41
CA VAL KA 237 179.76 -55.67 18.98
C VAL KA 237 180.38 -56.89 18.32
N GLU KA 238 179.55 -57.82 17.86
CA GLU KA 238 180.06 -59.03 17.22
C GLU KA 238 180.78 -58.73 15.91
N ALA KA 239 180.54 -57.55 15.32
CA ALA KA 239 181.18 -57.21 14.05
C ALA KA 239 182.68 -57.00 14.22
N TYR KA 240 183.17 -56.80 15.45
CA TYR KA 240 184.61 -56.70 15.65
C TYR KA 240 185.28 -58.05 15.45
N ARG KA 241 184.62 -59.13 15.86
CA ARG KA 241 185.21 -60.45 15.72
C ARG KA 241 184.89 -61.07 14.36
N ASP KA 242 183.70 -60.80 13.82
CA ASP KA 242 183.27 -61.33 12.54
C ASP KA 242 182.95 -60.19 11.60
N PRO KA 243 183.86 -59.77 10.73
CA PRO KA 243 183.62 -58.56 9.92
C PRO KA 243 182.47 -58.70 8.94
N SER KA 244 182.00 -59.92 8.68
CA SER KA 244 180.94 -60.14 7.70
C SER KA 244 179.59 -59.62 8.17
N ILE KA 245 179.42 -59.34 9.47
CA ILE KA 245 178.12 -58.91 9.98
C ILE KA 245 177.74 -57.56 9.38
N LEU KA 246 178.70 -56.64 9.30
CA LEU KA 246 178.48 -55.32 8.72
C LEU KA 246 179.04 -55.19 7.32
N ASP KA 247 179.46 -56.30 6.70
CA ASP KA 247 180.05 -56.25 5.36
C ASP KA 247 178.93 -56.10 4.33
N ASP KA 248 178.88 -54.95 3.66
CA ASP KA 248 177.79 -54.60 2.76
C ASP KA 248 178.38 -54.19 1.42
N GLU KA 249 178.25 -55.07 0.43
CA GLU KA 249 178.65 -54.79 -0.95
C GLU KA 249 177.42 -54.80 -1.85
N SER KA 250 176.25 -54.53 -1.27
CA SER KA 250 175.01 -54.62 -2.03
C SER KA 250 174.98 -53.62 -3.19
N ILE KA 251 175.73 -52.51 -3.06
CA ILE KA 251 175.70 -51.48 -4.08
C ILE KA 251 176.78 -51.66 -5.13
N ALA KA 252 177.56 -52.73 -5.05
CA ALA KA 252 178.62 -52.96 -6.04
C ALA KA 252 178.02 -53.10 -7.43
N LEU KA 253 178.71 -52.55 -8.43
CA LEU KA 253 178.29 -52.67 -9.82
C LEU KA 253 179.11 -53.79 -10.46
N ILE KA 254 178.51 -54.98 -10.54
CA ILE KA 254 179.19 -56.17 -11.02
C ILE KA 254 178.63 -56.51 -12.39
N PRO KA 255 179.39 -56.34 -13.48
CA PRO KA 255 178.90 -56.76 -14.80
C PRO KA 255 178.56 -58.24 -14.79
N ALA KA 256 177.29 -58.55 -15.09
CA ALA KA 256 176.74 -59.88 -14.87
C ALA KA 256 176.47 -60.54 -16.21
N LEU KA 257 176.74 -61.85 -16.28
CA LEU KA 257 176.55 -62.60 -17.52
C LEU KA 257 175.13 -63.16 -17.53
N ASP KA 258 174.38 -62.83 -18.58
CA ASP KA 258 173.01 -63.32 -18.70
C ASP KA 258 173.01 -64.83 -18.89
N PRO KA 259 172.32 -65.59 -18.03
CA PRO KA 259 172.24 -67.04 -18.24
C PRO KA 259 171.78 -67.42 -19.64
N ALA KA 260 171.01 -66.57 -20.30
CA ALA KA 260 170.54 -66.85 -21.65
C ALA KA 260 171.59 -66.55 -22.71
N GLY KA 261 172.71 -65.92 -22.34
CA GLY KA 261 173.72 -65.54 -23.30
C GLY KA 261 173.43 -64.28 -24.08
N SER KA 262 172.40 -63.54 -23.70
CA SER KA 262 172.00 -62.37 -24.48
C SER KA 262 173.11 -61.34 -24.56
N ASN KA 263 173.96 -61.26 -23.53
CA ASN KA 263 175.06 -60.30 -23.48
C ASN KA 263 176.40 -61.01 -23.38
N ALA KA 264 176.45 -62.27 -23.82
CA ALA KA 264 177.70 -63.03 -23.74
C ALA KA 264 178.79 -62.44 -24.61
N ASP KA 265 178.44 -61.71 -25.67
CA ASP KA 265 179.44 -61.13 -26.55
C ASP KA 265 180.23 -60.00 -25.88
N PHE KA 266 179.84 -59.57 -24.69
CA PHE KA 266 180.54 -58.53 -23.97
C PHE KA 266 181.61 -59.06 -23.03
N PHE KA 267 181.66 -60.37 -22.83
CA PHE KA 267 182.50 -60.97 -21.80
C PHE KA 267 183.58 -61.83 -22.43
N VAL KA 268 184.63 -62.10 -21.64
CA VAL KA 268 185.72 -62.93 -22.11
C VAL KA 268 185.20 -64.34 -22.43
N ASP KA 269 185.60 -64.85 -23.58
CA ASP KA 269 185.19 -66.18 -24.02
C ASP KA 269 185.38 -67.17 -22.87
N PRO KA 270 184.34 -67.90 -22.47
CA PRO KA 270 184.49 -68.87 -21.38
C PRO KA 270 185.64 -69.85 -21.59
N ALA KA 271 186.05 -70.09 -22.84
CA ALA KA 271 187.17 -71.00 -23.08
C ALA KA 271 188.45 -70.49 -22.43
N LEU KA 272 188.59 -69.17 -22.30
CA LEU KA 272 189.78 -68.58 -21.70
C LEU KA 272 189.61 -68.37 -20.19
N VAL KA 273 188.48 -67.81 -19.79
CA VAL KA 273 188.20 -67.54 -18.38
C VAL KA 273 186.76 -67.97 -18.11
N PRO KA 274 186.57 -69.18 -17.59
CA PRO KA 274 185.22 -69.64 -17.28
C PRO KA 274 184.53 -68.73 -16.29
N PRO KA 275 183.24 -68.47 -16.48
CA PRO KA 275 182.52 -67.65 -15.50
C PRO KA 275 182.48 -68.30 -14.13
N TYR KA 276 182.38 -67.47 -13.10
CA TYR KA 276 182.33 -67.92 -11.72
C TYR KA 276 181.08 -67.34 -11.05
N THR KA 277 180.85 -67.75 -9.81
CA THR KA 277 179.62 -67.44 -9.09
C THR KA 277 179.92 -66.46 -7.96
N ILE KA 278 179.07 -65.45 -7.82
CA ILE KA 278 179.12 -64.52 -6.70
C ILE KA 278 177.79 -64.59 -5.97
N LYS KA 279 177.84 -64.72 -4.64
CA LYS KA 279 176.66 -64.64 -3.80
C LYS KA 279 176.63 -63.29 -3.10
N ASN KA 280 175.47 -62.63 -3.16
CA ASN KA 280 175.32 -61.30 -2.58
C ASN KA 280 174.77 -61.43 -1.16
N GLU KA 281 174.33 -60.30 -0.59
CA GLU KA 281 173.86 -60.28 0.78
C GLU KA 281 172.59 -61.11 0.99
N GLN KA 282 171.91 -61.48 -0.09
CA GLN KA 282 170.69 -62.28 0.00
C GLN KA 282 170.94 -63.76 -0.22
N ASN KA 283 172.21 -64.16 -0.36
CA ASN KA 283 172.64 -65.53 -0.59
C ASN KA 283 172.24 -66.05 -1.97
N LEU KA 284 171.76 -65.20 -2.86
CA LEU KA 284 171.47 -65.60 -4.22
C LEU KA 284 172.71 -65.45 -5.10
N THR KA 285 172.73 -66.20 -6.19
CA THR KA 285 173.91 -66.30 -7.05
C THR KA 285 173.70 -65.54 -8.34
N ILE KA 286 174.76 -64.90 -8.82
CA ILE KA 286 174.85 -64.41 -10.20
C ILE KA 286 176.09 -65.03 -10.83
N THR KA 287 176.03 -65.24 -12.15
CA THR KA 287 177.19 -65.70 -12.91
C THR KA 287 177.95 -64.47 -13.39
N THR KA 288 179.22 -64.38 -13.02
CA THR KA 288 180.04 -63.21 -13.31
C THR KA 288 181.30 -63.65 -14.05
N ALA KA 289 181.67 -62.89 -15.07
CA ALA KA 289 182.89 -63.09 -15.83
C ALA KA 289 183.53 -61.74 -16.10
N PRO KA 290 184.84 -61.71 -16.33
CA PRO KA 290 185.48 -60.43 -16.68
C PRO KA 290 184.97 -59.91 -18.02
N LEU KA 291 184.96 -58.60 -18.17
CA LEU KA 291 184.55 -57.99 -19.43
C LEU KA 291 185.63 -58.21 -20.47
N LYS KA 292 185.22 -58.41 -21.72
CA LYS KA 292 186.17 -58.59 -22.80
C LYS KA 292 186.92 -57.29 -23.06
N ALA KA 293 188.22 -57.39 -23.28
CA ALA KA 293 189.01 -56.23 -23.66
C ALA KA 293 188.54 -55.71 -25.02
N ASN KA 294 188.58 -54.38 -25.19
CA ASN KA 294 188.09 -53.73 -26.40
C ASN KA 294 186.59 -53.96 -26.56
N VAL KA 295 185.84 -53.58 -25.53
CA VAL KA 295 184.40 -53.76 -25.50
C VAL KA 295 183.72 -52.41 -25.29
N ARG KA 296 182.57 -52.24 -25.93
CA ARG KA 296 181.74 -51.04 -25.78
C ARG KA 296 180.37 -51.50 -25.30
N LEU KA 297 180.07 -51.24 -24.04
CA LEU KA 297 178.86 -51.75 -23.41
C LEU KA 297 178.22 -50.66 -22.56
N ASP KA 298 176.92 -50.81 -22.34
CA ASP KA 298 176.22 -50.05 -21.31
C ASP KA 298 176.57 -50.68 -19.97
N LEU KA 299 177.39 -49.97 -19.17
CA LEU KA 299 177.98 -50.57 -17.98
C LEU KA 299 176.92 -50.83 -16.91
N MET KA 300 176.01 -49.89 -16.72
CA MET KA 300 174.87 -50.13 -15.83
C MET KA 300 173.90 -51.12 -16.43
N GLY KA 301 173.62 -51.00 -17.73
CA GLY KA 301 172.63 -51.86 -18.36
C GLY KA 301 172.95 -53.33 -18.21
N ASN KA 302 174.22 -53.69 -18.27
CA ASN KA 302 174.65 -55.07 -18.11
C ASN KA 302 175.07 -55.43 -16.69
N SER KA 303 174.79 -54.57 -15.72
CA SER KA 303 175.18 -54.83 -14.34
C SER KA 303 174.26 -55.87 -13.71
N ASN KA 304 174.73 -56.45 -12.60
CA ASN KA 304 173.89 -57.39 -11.86
C ASN KA 304 172.59 -56.75 -11.41
N ALA KA 305 172.56 -55.42 -11.30
CA ALA KA 305 171.36 -54.75 -10.83
C ALA KA 305 170.16 -54.98 -11.75
N ASN KA 306 170.40 -55.10 -13.05
CA ASN KA 306 169.29 -55.26 -13.99
C ASN KA 306 168.88 -56.70 -14.19
N LEU KA 307 169.71 -57.65 -13.75
CA LEU KA 307 169.29 -59.04 -13.69
C LEU KA 307 168.73 -59.41 -12.33
N LEU KA 308 169.19 -58.75 -11.28
CA LEU KA 308 168.63 -58.89 -9.94
C LEU KA 308 167.63 -57.77 -9.69
N ILE KA 309 166.52 -57.77 -10.43
CA ILE KA 309 165.51 -56.71 -10.21
C ILE KA 309 164.48 -56.82 -9.07
N GLN KA 310 164.88 -57.40 -7.94
CA GLN KA 310 163.97 -57.51 -6.80
C GLN KA 310 163.69 -56.10 -6.33
N ARG KA 311 164.66 -55.21 -6.47
CA ARG KA 311 164.48 -53.80 -6.12
C ARG KA 311 163.97 -52.92 -7.27
N GLY KA 312 164.24 -53.29 -8.52
CA GLY KA 312 163.73 -52.49 -9.63
C GLY KA 312 164.68 -52.27 -10.81
N MET KA 313 164.15 -51.92 -12.00
CA MET KA 313 165.02 -51.63 -13.13
C MET KA 313 165.68 -50.28 -12.95
N LEU KA 314 166.91 -50.17 -13.43
CA LEU KA 314 167.66 -48.93 -13.32
C LEU KA 314 167.04 -47.86 -14.22
N GLU KA 315 167.03 -46.62 -13.73
CA GLU KA 315 166.45 -45.49 -14.44
C GLU KA 315 167.46 -44.35 -14.43
N VAL KA 316 167.06 -43.21 -15.01
CA VAL KA 316 167.98 -42.09 -15.17
C VAL KA 316 168.52 -41.61 -13.82
N SER KA 317 167.79 -41.86 -12.74
CA SER KA 317 168.21 -41.43 -11.41
C SER KA 317 169.32 -42.29 -10.83
N ASP KA 318 169.67 -43.41 -11.47
CA ASP KA 318 170.74 -44.27 -11.01
C ASP KA 318 172.06 -43.90 -11.68
N THR KA 319 173.06 -43.55 -10.88
CA THR KA 319 174.33 -43.04 -11.38
C THR KA 319 175.46 -43.87 -10.80
N ILE KA 320 176.64 -43.75 -11.42
CA ILE KA 320 177.84 -44.47 -11.01
C ILE KA 320 178.70 -43.54 -10.16
N ASP KA 321 179.31 -44.09 -9.11
CA ASP KA 321 180.19 -43.31 -8.28
C ASP KA 321 181.48 -42.99 -9.04
N PRO KA 322 181.83 -41.70 -9.18
CA PRO KA 322 183.10 -41.37 -9.83
C PRO KA 322 184.32 -41.97 -9.15
N ALA KA 323 184.20 -42.35 -7.88
CA ALA KA 323 185.30 -42.97 -7.14
C ALA KA 323 185.30 -44.46 -7.47
N GLY KA 324 186.31 -44.92 -8.19
CA GLY KA 324 186.40 -46.30 -8.63
C GLY KA 324 187.79 -46.62 -9.10
N ARG KA 325 188.02 -47.90 -9.34
CA ARG KA 325 189.34 -48.39 -9.74
C ARG KA 325 189.18 -49.50 -10.77
N LEU KA 326 190.28 -49.80 -11.45
CA LEU KA 326 190.42 -51.03 -12.22
C LEU KA 326 190.77 -52.16 -11.24
N LYS KA 327 189.89 -53.16 -11.16
CA LYS KA 327 190.04 -54.19 -10.13
C LYS KA 327 191.03 -55.26 -10.56
N ASN KA 328 190.82 -55.87 -11.71
CA ASN KA 328 191.69 -56.94 -12.19
C ASN KA 328 191.95 -56.77 -13.68
N LEU KA 329 193.12 -57.26 -14.10
CA LEU KA 329 193.50 -57.31 -15.50
C LEU KA 329 193.82 -58.75 -15.85
N PHE KA 330 193.21 -59.25 -16.92
CA PHE KA 330 193.38 -60.63 -17.36
C PHE KA 330 194.21 -60.63 -18.64
N VAL KA 331 195.40 -61.25 -18.57
CA VAL KA 331 196.35 -61.25 -19.67
C VAL KA 331 196.56 -62.68 -20.12
N LEU KA 332 196.57 -62.90 -21.44
CA LEU KA 332 196.79 -64.22 -22.02
C LEU KA 332 198.28 -64.45 -22.12
N LEU KA 333 198.80 -65.36 -21.30
CA LEU KA 333 200.24 -65.63 -21.21
C LEU KA 333 200.52 -67.00 -21.80
N GLY KA 334 200.97 -67.02 -23.05
CA GLY KA 334 201.42 -68.26 -23.66
C GLY KA 334 200.35 -69.31 -23.84
N GLY KA 335 199.12 -68.89 -24.12
CA GLY KA 335 198.01 -69.82 -24.31
C GLY KA 335 197.11 -69.99 -23.11
N LYS KA 336 197.54 -69.56 -21.92
CA LYS KA 336 196.73 -69.63 -20.71
C LYS KA 336 196.68 -68.26 -20.07
N VAL KA 337 195.68 -68.04 -19.22
CA VAL KA 337 195.34 -66.73 -18.69
C VAL KA 337 195.92 -66.60 -17.29
N VAL KA 338 196.55 -65.46 -17.02
CA VAL KA 338 197.04 -65.12 -15.69
C VAL KA 338 196.27 -63.90 -15.19
N LYS KA 339 195.79 -63.96 -13.95
CA LYS KA 339 195.02 -62.88 -13.37
C LYS KA 339 195.94 -61.96 -12.59
N PHE KA 340 195.94 -60.68 -12.95
CA PHE KA 340 196.79 -59.67 -12.31
C PHE KA 340 195.93 -58.79 -11.43
N LYS KA 341 196.26 -58.72 -10.15
CA LYS KA 341 195.55 -57.86 -9.22
C LYS KA 341 196.16 -56.47 -9.27
N VAL KA 342 195.40 -55.49 -9.76
CA VAL KA 342 195.96 -54.19 -10.10
C VAL KA 342 195.23 -53.09 -9.34
N ASP KA 343 194.47 -53.45 -8.32
CA ASP KA 343 193.63 -52.48 -7.61
C ASP KA 343 194.40 -51.67 -6.59
N ARG KA 344 195.72 -51.89 -6.47
CA ARG KA 344 196.57 -51.14 -5.55
C ARG KA 344 197.62 -50.33 -6.31
N LEU KA 345 197.45 -50.19 -7.62
CA LEU KA 345 198.40 -49.43 -8.41
C LEU KA 345 197.89 -48.02 -8.64
N PRO KA 346 198.76 -47.01 -8.57
CA PRO KA 346 198.29 -45.62 -8.79
C PRO KA 346 197.62 -45.39 -10.13
N ARG KA 347 197.87 -46.24 -11.13
CA ARG KA 347 197.29 -46.05 -12.45
C ARG KA 347 195.90 -46.64 -12.58
N ALA KA 348 195.42 -47.37 -11.57
CA ALA KA 348 194.12 -48.02 -11.66
C ALA KA 348 192.96 -47.14 -11.25
N VAL KA 349 193.22 -45.93 -10.75
CA VAL KA 349 192.16 -45.09 -10.23
C VAL KA 349 191.46 -44.37 -11.38
N PHE KA 350 190.15 -44.17 -11.23
CA PHE KA 350 189.40 -43.39 -12.21
C PHE KA 350 189.87 -41.95 -12.20
N GLN KA 351 189.92 -41.34 -13.39
CA GLN KA 351 190.30 -39.95 -13.53
C GLN KA 351 189.17 -39.17 -14.18
N PRO KA 352 189.07 -37.87 -13.89
CA PRO KA 352 188.08 -37.05 -14.58
C PRO KA 352 188.42 -36.88 -16.05
N ASP KA 353 187.38 -36.80 -16.87
CA ASP KA 353 187.54 -36.51 -18.29
C ASP KA 353 187.69 -35.01 -18.45
N LEU KA 354 188.88 -34.57 -18.85
CA LEU KA 354 189.18 -33.15 -18.88
C LEU KA 354 188.49 -32.44 -20.04
N VAL KA 355 188.31 -33.12 -21.16
CA VAL KA 355 187.71 -32.55 -22.36
C VAL KA 355 186.51 -33.40 -22.74
N GLY KA 356 185.32 -32.81 -22.68
CA GLY KA 356 184.09 -33.52 -22.95
C GLY KA 356 183.10 -33.36 -21.80
N ASP KA 357 182.18 -34.32 -21.70
CA ASP KA 357 181.16 -34.27 -20.66
C ASP KA 357 181.82 -34.29 -19.28
N THR KA 358 181.25 -33.50 -18.37
CA THR KA 358 181.87 -33.34 -17.05
C THR KA 358 181.68 -34.57 -16.16
N ARG KA 359 180.83 -35.51 -16.55
CA ARG KA 359 180.55 -36.69 -15.75
C ARG KA 359 181.06 -37.97 -16.42
N ASN KA 360 182.25 -37.89 -17.00
CA ASN KA 360 182.92 -39.04 -17.60
C ASN KA 360 184.09 -39.44 -16.72
N ALA KA 361 184.22 -40.74 -16.47
CA ALA KA 361 185.37 -41.28 -15.74
C ALA KA 361 186.27 -41.98 -16.74
N VAL KA 362 187.54 -41.57 -16.78
CA VAL KA 362 188.50 -42.07 -17.74
C VAL KA 362 189.50 -42.95 -17.03
N ILE KA 363 189.82 -44.09 -17.63
CA ILE KA 363 190.86 -44.99 -17.14
C ILE KA 363 192.06 -44.87 -18.07
N ARG KA 364 193.22 -44.57 -17.48
CA ARG KA 364 194.50 -44.52 -18.21
C ARG KA 364 195.47 -45.42 -17.47
N PHE KA 365 195.42 -46.72 -17.76
CA PHE KA 365 196.23 -47.71 -17.06
C PHE KA 365 197.42 -48.07 -17.94
N ASP KA 366 198.58 -47.52 -17.60
CA ASP KA 366 199.81 -47.74 -18.36
C ASP KA 366 200.88 -48.18 -17.38
N SER KA 367 201.21 -49.47 -17.39
CA SER KA 367 202.09 -50.06 -16.39
C SER KA 367 203.11 -50.98 -17.08
N ASP KA 368 204.38 -50.76 -16.78
CA ASP KA 368 205.47 -51.59 -17.30
C ASP KA 368 206.06 -52.50 -16.24
N ASP KA 369 205.35 -52.73 -15.13
CA ASP KA 369 205.86 -53.50 -14.00
C ASP KA 369 204.85 -54.56 -13.57
N LEU KA 370 204.37 -55.34 -14.53
CA LEU KA 370 203.54 -56.51 -14.23
C LEU KA 370 204.45 -57.72 -14.13
N VAL KA 371 204.58 -58.25 -12.92
CA VAL KA 371 205.60 -59.26 -12.63
C VAL KA 371 205.06 -60.64 -12.92
N VAL KA 372 205.80 -61.42 -13.71
CA VAL KA 372 205.53 -62.84 -13.93
C VAL KA 372 206.80 -63.60 -13.58
N SER KA 373 206.69 -64.54 -12.65
CA SER KA 373 207.85 -65.26 -12.14
C SER KA 373 207.42 -66.68 -11.81
N GLY KA 374 208.35 -67.46 -11.24
CA GLY KA 374 208.04 -68.81 -10.83
C GLY KA 374 206.99 -68.89 -9.74
N ASP KA 375 206.69 -67.76 -9.08
CA ASP KA 375 205.64 -67.72 -8.08
C ASP KA 375 204.26 -67.45 -8.68
N THR KA 376 204.19 -67.21 -9.97
CA THR KA 376 202.91 -66.92 -10.61
C THR KA 376 202.14 -68.21 -10.87
N THR KA 377 200.82 -68.13 -10.77
CA THR KA 377 199.94 -69.21 -11.20
C THR KA 377 198.88 -68.67 -12.15
N PHE KA 378 198.36 -69.55 -12.99
CA PHE KA 378 197.30 -69.18 -13.92
C PHE KA 378 195.96 -69.14 -13.19
N ILE KA 379 194.90 -68.75 -13.89
CA ILE KA 379 193.60 -68.62 -13.27
C ILE KA 379 193.13 -69.96 -12.72
N ASP KA 380 193.59 -71.05 -13.31
CA ASP KA 380 193.20 -72.39 -12.88
C ASP KA 380 194.14 -72.98 -11.83
N GLY KA 381 195.10 -72.20 -11.33
CA GLY KA 381 195.99 -72.64 -10.29
C GLY KA 381 197.26 -73.30 -10.77
N SER KA 382 197.36 -73.62 -12.05
CA SER KA 382 198.53 -74.30 -12.57
C SER KA 382 199.68 -73.30 -12.76
N ALA KA 383 200.89 -73.84 -12.91
CA ALA KA 383 202.08 -73.06 -13.19
C ALA KA 383 202.95 -73.77 -14.21
N ASP KA 384 202.34 -74.25 -15.29
CA ASP KA 384 203.06 -74.96 -16.34
C ASP KA 384 203.46 -73.99 -17.44
N GLY KA 385 204.14 -74.52 -18.46
CA GLY KA 385 204.45 -73.75 -19.64
C GLY KA 385 205.40 -72.60 -19.39
N VAL KA 386 204.97 -71.39 -19.74
CA VAL KA 386 205.87 -70.22 -19.65
C VAL KA 386 206.37 -70.06 -18.21
N ILE KA 387 205.47 -70.19 -17.23
CA ILE KA 387 205.86 -69.97 -15.84
C ILE KA 387 206.86 -71.01 -15.39
N ASN KA 388 206.65 -72.27 -15.76
CA ASN KA 388 207.58 -73.34 -15.37
C ASN KA 388 208.97 -73.06 -15.94
N ASP KA 389 209.04 -72.59 -17.18
CA ASP KA 389 210.33 -72.30 -17.80
C ASP KA 389 210.99 -71.10 -17.13
N LEU KA 390 210.20 -70.09 -16.74
CA LEU KA 390 210.74 -68.97 -15.98
C LEU KA 390 211.29 -69.42 -14.64
N LYS KA 391 210.58 -70.31 -13.96
CA LYS KA 391 211.07 -70.83 -12.67
C LYS KA 391 212.37 -71.60 -12.86
N THR KA 392 212.41 -72.50 -13.85
CA THR KA 392 213.62 -73.31 -14.07
C THR KA 392 214.81 -72.44 -14.42
N ALA KA 393 214.62 -71.42 -15.25
CA ALA KA 393 215.70 -70.54 -15.68
C ALA KA 393 216.01 -69.46 -14.66
N LYS KA 394 215.27 -69.40 -13.55
CA LYS KA 394 215.41 -68.33 -12.56
C LYS KA 394 215.23 -66.95 -13.19
N LEU KA 395 214.26 -66.83 -14.07
CA LEU KA 395 213.95 -65.58 -14.76
C LEU KA 395 212.57 -65.09 -14.33
N SER KA 396 212.32 -63.81 -14.60
CA SER KA 396 210.99 -63.23 -14.46
C SER KA 396 210.79 -62.21 -15.56
N LEU KA 397 209.53 -61.97 -15.91
CA LEU KA 397 209.16 -61.02 -16.95
C LEU KA 397 208.58 -59.77 -16.31
N ARG KA 398 208.82 -58.63 -16.94
CA ARG KA 398 208.13 -57.38 -16.64
C ARG KA 398 207.31 -56.99 -17.85
N LEU KA 399 206.00 -57.21 -17.76
CA LEU KA 399 205.11 -56.98 -18.89
C LEU KA 399 204.69 -55.50 -18.94
N SER KA 400 204.41 -55.04 -20.16
CA SER KA 400 203.96 -53.67 -20.40
C SER KA 400 202.57 -53.74 -21.03
N VAL KA 401 201.57 -53.25 -20.32
CA VAL KA 401 200.18 -53.32 -20.76
C VAL KA 401 199.59 -51.91 -20.80
N GLY KA 402 198.71 -51.68 -21.77
CA GLY KA 402 198.01 -50.42 -21.88
C GLY KA 402 196.52 -50.63 -21.98
N PHE KA 403 195.78 -50.22 -20.95
CA PHE KA 403 194.33 -50.38 -20.92
C PHE KA 403 193.70 -49.03 -20.57
N GLY KA 404 192.68 -48.66 -21.32
CA GLY KA 404 191.98 -47.41 -21.06
C GLY KA 404 190.52 -47.52 -21.42
N GLY KA 405 189.76 -46.51 -21.03
CA GLY KA 405 188.35 -46.45 -21.38
C GLY KA 405 187.68 -45.25 -20.74
N THR KA 406 186.48 -44.96 -21.24
CA THR KA 406 185.66 -43.86 -20.74
C THR KA 406 184.31 -44.40 -20.29
N ILE KA 407 183.92 -44.05 -19.08
CA ILE KA 407 182.65 -44.48 -18.50
C ILE KA 407 181.80 -43.25 -18.27
N SER KA 408 180.58 -43.25 -18.80
CA SER KA 408 179.62 -42.17 -18.58
C SER KA 408 178.92 -42.42 -17.26
N LEU KA 409 179.19 -41.58 -16.27
CA LEU KA 409 178.72 -41.81 -14.91
C LEU KA 409 177.22 -41.57 -14.76
N SER KA 410 176.58 -40.89 -15.70
CA SER KA 410 175.15 -40.63 -15.63
C SER KA 410 174.35 -41.51 -16.58
N LYS KA 411 174.85 -41.72 -17.80
CA LYS KA 411 174.11 -42.47 -18.80
C LYS KA 411 174.40 -43.96 -18.74
N GLY KA 412 175.61 -44.35 -18.34
CA GLY KA 412 176.02 -45.74 -18.31
C GLY KA 412 176.83 -46.20 -19.50
N ASP KA 413 176.84 -45.44 -20.60
CA ASP KA 413 177.63 -45.81 -21.76
C ASP KA 413 179.11 -45.88 -21.40
N SER KA 414 179.81 -46.83 -22.01
CA SER KA 414 181.24 -46.97 -21.77
C SER KA 414 181.91 -47.50 -23.02
N LYS KA 415 183.17 -47.11 -23.22
CA LYS KA 415 184.03 -47.67 -24.26
C LYS KA 415 185.39 -47.98 -23.66
N PHE KA 416 185.87 -49.21 -23.89
CA PHE KA 416 187.15 -49.63 -23.35
C PHE KA 416 188.07 -50.07 -24.50
N GLY KA 417 189.37 -50.01 -24.26
CA GLY KA 417 190.34 -50.43 -25.24
C GLY KA 417 191.63 -50.95 -24.64
N ALA KA 418 192.23 -51.94 -25.28
CA ALA KA 418 193.49 -52.51 -24.84
C ALA KA 418 194.46 -52.56 -26.02
N THR KA 419 195.66 -52.03 -25.83
CA THR KA 419 196.66 -51.96 -26.87
C THR KA 419 197.57 -53.18 -26.81
N ASP KA 420 198.57 -53.23 -27.68
CA ASP KA 420 199.48 -54.37 -27.74
C ASP KA 420 200.25 -54.54 -26.45
N THR KA 421 200.43 -55.79 -26.04
CA THR KA 421 201.14 -56.14 -24.82
C THR KA 421 202.55 -56.59 -25.17
N TYR KA 422 203.54 -56.04 -24.47
CA TYR KA 422 204.94 -56.35 -24.71
C TYR KA 422 205.59 -56.85 -23.42
N VAL KA 423 206.68 -57.58 -23.58
CA VAL KA 423 207.58 -57.91 -22.48
C VAL KA 423 208.67 -56.84 -22.48
N ASP KA 424 208.60 -55.95 -21.48
CA ASP KA 424 209.53 -54.81 -21.46
C ASP KA 424 210.93 -55.25 -21.04
N LYS KA 425 211.03 -56.09 -20.01
CA LYS KA 425 212.32 -56.57 -19.54
C LYS KA 425 212.22 -58.04 -19.18
N VAL KA 426 213.33 -58.75 -19.31
CA VAL KA 426 213.51 -60.07 -18.73
C VAL KA 426 214.64 -59.97 -17.71
N LEU KA 427 214.35 -60.30 -16.45
CA LEU KA 427 215.28 -60.13 -15.35
C LEU KA 427 215.64 -61.46 -14.75
N ASN KA 428 216.88 -61.59 -14.29
CA ASN KA 428 217.31 -62.75 -13.53
C ASN KA 428 217.06 -62.50 -12.04
N GLU KA 429 217.47 -63.44 -11.20
CA GLU KA 429 217.21 -63.33 -9.77
C GLU KA 429 217.95 -62.15 -9.14
N ASP KA 430 218.97 -61.61 -9.81
CA ASP KA 430 219.73 -60.48 -9.31
C ASP KA 430 219.24 -59.14 -9.84
N GLY KA 431 218.15 -59.14 -10.61
CA GLY KA 431 217.63 -57.91 -11.17
C GLY KA 431 218.30 -57.43 -12.44
N GLN KA 432 219.21 -58.22 -13.02
CA GLN KA 432 219.92 -57.78 -14.21
C GLN KA 432 219.08 -58.01 -15.45
N VAL KA 433 219.22 -57.12 -16.42
CA VAL KA 433 218.49 -57.23 -17.68
C VAL KA 433 219.19 -58.24 -18.57
N MET KA 434 218.46 -59.25 -19.03
CA MET KA 434 219.04 -60.29 -19.85
C MET KA 434 218.98 -59.91 -21.32
N ASP KA 435 219.90 -60.48 -22.10
CA ASP KA 435 219.90 -60.34 -23.55
C ASP KA 435 218.85 -61.27 -24.14
N ASN KA 436 217.87 -60.68 -24.83
CA ASN KA 436 216.76 -61.46 -25.36
C ASN KA 436 217.20 -62.47 -26.41
N ALA KA 437 218.42 -62.34 -26.95
CA ALA KA 437 218.91 -63.31 -27.91
C ALA KA 437 219.44 -64.59 -27.25
N ASP KA 438 219.66 -64.56 -25.93
CA ASP KA 438 220.19 -65.73 -25.26
C ASP KA 438 219.22 -66.88 -25.35
N PRO KA 439 219.66 -68.08 -25.75
CA PRO KA 439 218.73 -69.22 -25.85
C PRO KA 439 217.87 -69.43 -24.63
N ALA KA 440 218.40 -69.16 -23.43
CA ALA KA 440 217.60 -69.33 -22.21
C ALA KA 440 216.41 -68.38 -22.18
N VAL KA 441 216.56 -67.19 -22.74
CA VAL KA 441 215.47 -66.22 -22.76
C VAL KA 441 214.63 -66.35 -24.03
N LYS KA 442 215.27 -66.53 -25.18
CA LYS KA 442 214.52 -66.62 -26.44
C LYS KA 442 213.56 -67.81 -26.41
N ALA KA 443 214.01 -68.94 -25.88
CA ALA KA 443 213.15 -70.12 -25.83
C ALA KA 443 211.84 -69.83 -25.12
N ILE KA 444 211.88 -68.94 -24.13
CA ILE KA 444 210.64 -68.57 -23.42
C ILE KA 444 209.87 -67.54 -24.21
N LEU KA 445 210.55 -66.51 -24.73
CA LEU KA 445 209.87 -65.45 -25.45
C LEU KA 445 209.21 -65.97 -26.72
N ASP KA 446 209.79 -67.00 -27.35
CA ASP KA 446 209.16 -67.57 -28.53
C ASP KA 446 207.80 -68.19 -28.24
N GLN KA 447 207.46 -68.42 -26.96
CA GLN KA 447 206.15 -68.95 -26.63
C GLN KA 447 205.09 -67.88 -26.49
N LEU KA 448 205.49 -66.61 -26.45
CA LEU KA 448 204.59 -65.50 -26.16
C LEU KA 448 204.13 -64.79 -27.44
N THR KA 449 203.60 -65.56 -28.40
CA THR KA 449 203.13 -64.97 -29.64
C THR KA 449 201.71 -64.45 -29.52
N ASP KA 450 200.96 -64.93 -28.53
CA ASP KA 450 199.57 -64.50 -28.31
C ASP KA 450 199.43 -63.64 -27.07
N LEU KA 451 200.53 -63.03 -26.63
CA LEU KA 451 200.49 -62.22 -25.42
C LEU KA 451 199.64 -60.99 -25.64
N ALA KA 452 198.54 -60.88 -24.88
CA ALA KA 452 197.59 -59.79 -25.06
C ALA KA 452 196.73 -59.67 -23.81
N VAL KA 453 196.12 -58.51 -23.64
CA VAL KA 453 195.07 -58.32 -22.65
C VAL KA 453 193.77 -58.84 -23.23
N ILE KA 454 193.08 -59.69 -22.47
CA ILE KA 454 191.82 -60.28 -22.93
C ILE KA 454 190.61 -59.78 -22.17
N GLY KA 455 190.77 -59.30 -20.95
CA GLY KA 455 189.62 -58.82 -20.20
C GLY KA 455 190.04 -58.10 -18.95
N PHE KA 456 189.04 -57.61 -18.23
CA PHE KA 456 189.26 -56.77 -17.06
C PHE KA 456 188.02 -56.85 -16.18
N GLU KA 457 188.19 -56.45 -14.92
CA GLU KA 457 187.07 -56.25 -14.00
C GLU KA 457 187.23 -54.89 -13.34
N LEU KA 458 186.11 -54.23 -13.11
CA LEU KA 458 186.10 -52.88 -12.56
C LEU KA 458 185.66 -52.90 -11.10
N ASP KA 459 186.29 -52.03 -10.31
CA ASP KA 459 185.89 -51.83 -8.91
C ASP KA 459 184.88 -50.68 -8.85
N THR KA 460 183.65 -50.94 -9.34
CA THR KA 460 182.65 -49.88 -9.51
C THR KA 460 181.53 -50.12 -8.55
N ARG KA 461 180.89 -49.06 -8.07
CA ARG KA 461 179.76 -49.18 -7.16
C ARG KA 461 178.74 -48.13 -7.55
N PHE KA 462 177.45 -48.34 -7.28
CA PHE KA 462 176.45 -47.31 -7.53
C PHE KA 462 176.52 -46.24 -6.45
N THR KA 463 176.11 -45.03 -6.83
CA THR KA 463 175.90 -43.94 -5.89
C THR KA 463 174.40 -43.86 -5.62
N ASN KA 464 173.94 -44.22 -4.41
CA ASN KA 464 172.49 -44.27 -4.15
C ASN KA 464 171.85 -42.93 -3.83
N THR KA 465 171.92 -41.97 -4.75
CA THR KA 465 171.24 -40.70 -4.56
C THR KA 465 169.81 -41.15 -4.59
N ASN KA 466 169.46 -42.04 -5.53
CA ASN KA 466 168.15 -42.66 -5.51
C ASN KA 466 168.39 -43.76 -4.51
N ARG KA 467 167.76 -43.71 -3.33
CA ARG KA 467 168.01 -44.71 -2.29
C ARG KA 467 167.34 -46.02 -2.67
N ARG KA 468 167.80 -46.61 -3.76
CA ARG KA 468 167.23 -47.85 -4.24
C ARG KA 468 167.52 -48.98 -3.29
N GLN KA 469 168.72 -49.03 -2.69
CA GLN KA 469 169.12 -50.18 -1.86
C GLN KA 469 169.38 -49.81 -0.41
N ARG KA 470 168.65 -50.41 0.52
CA ARG KA 470 168.95 -50.25 1.93
C ARG KA 470 169.99 -51.30 2.23
N GLY KA 471 170.82 -51.06 3.22
CA GLY KA 471 171.79 -52.06 3.59
C GLY KA 471 171.36 -52.81 4.85
N HIS KA 472 172.31 -53.33 5.62
CA HIS KA 472 171.93 -53.99 6.85
C HIS KA 472 171.21 -53.01 7.77
N LEU KA 473 170.10 -53.47 8.37
CA LEU KA 473 169.26 -52.57 9.13
C LEU KA 473 169.78 -52.44 10.56
N LEU KA 474 169.67 -51.24 11.12
CA LEU KA 474 170.10 -50.96 12.48
C LEU KA 474 168.91 -50.43 13.26
N GLN KA 475 168.59 -51.09 14.37
CA GLN KA 475 167.52 -50.68 15.27
C GLN KA 475 168.02 -50.61 16.70
N THR KA 476 167.43 -49.72 17.49
CA THR KA 476 167.80 -49.54 18.89
C THR KA 476 167.03 -50.54 19.73
N ARG KA 477 167.72 -51.23 20.68
CA ARG KA 477 167.10 -52.19 21.57
C ARG KA 477 167.66 -51.98 22.99
N ALA KA 478 166.87 -52.07 24.08
CA ALA KA 478 167.30 -51.89 25.45
C ALA KA 478 166.90 -53.10 26.28
N LEU KA 479 167.82 -53.54 27.14
CA LEU KA 479 167.56 -54.62 28.08
C LEU KA 479 167.46 -54.07 29.50
N GLN KA 480 166.64 -54.72 30.31
CA GLN KA 480 166.50 -54.37 31.72
C GLN KA 480 166.88 -55.57 32.57
N PHE KA 481 167.86 -55.40 33.44
CA PHE KA 481 168.26 -56.41 34.40
C PHE KA 481 167.85 -55.93 35.79
N ARG KA 482 166.85 -56.60 36.38
CA ARG KA 482 166.26 -56.17 37.63
C ARG KA 482 166.95 -56.90 38.79
N HIS KA 483 167.44 -56.13 39.75
CA HIS KA 483 168.20 -56.65 40.88
C HIS KA 483 167.64 -56.10 42.18
N PRO KA 484 166.57 -56.69 42.70
CA PRO KA 484 166.07 -56.27 44.01
C PRO KA 484 167.04 -56.65 45.11
N ILE KA 485 167.19 -55.78 46.10
CA ILE KA 485 168.20 -55.93 47.14
C ILE KA 485 167.52 -56.54 48.37
N PRO KA 486 167.96 -57.69 48.86
CA PRO KA 486 167.35 -58.27 50.05
C PRO KA 486 167.88 -57.62 51.32
N MET KA 487 167.25 -57.99 52.43
CA MET KA 487 167.72 -57.66 53.77
C MET KA 487 168.21 -58.94 54.42
N HIS KA 488 169.36 -58.88 55.09
CA HIS KA 488 170.02 -60.06 55.63
C HIS KA 488 169.68 -60.24 57.12
N ALA KA 489 170.19 -61.34 57.69
CA ALA KA 489 169.98 -61.66 59.10
C ALA KA 489 170.65 -60.61 59.99
N PRO KA 490 170.06 -60.29 61.13
CA PRO KA 490 170.64 -59.30 62.03
C PRO KA 490 171.79 -59.83 62.86
N VAL KA 491 172.57 -58.90 63.39
CA VAL KA 491 173.47 -59.14 64.52
C VAL KA 491 173.08 -58.17 65.61
N THR KA 492 172.80 -58.71 66.80
CA THR KA 492 172.38 -57.89 67.93
C THR KA 492 173.54 -57.61 68.88
N LEU KA 493 173.61 -56.37 69.34
CA LEU KA 493 174.53 -55.95 70.38
C LEU KA 493 173.69 -55.59 71.60
N PRO KA 494 173.52 -56.50 72.56
CA PRO KA 494 172.69 -56.21 73.72
C PRO KA 494 173.26 -55.07 74.56
N MET KA 495 172.34 -54.25 75.10
CA MET KA 495 172.70 -53.19 76.02
C MET KA 495 171.66 -53.15 77.14
N ASP KA 496 172.10 -52.71 78.32
CA ASP KA 496 171.16 -52.48 79.41
C ASP KA 496 170.31 -51.25 79.13
N THR KA 497 169.06 -51.32 79.55
CA THR KA 497 168.08 -50.26 79.29
C THR KA 497 168.17 -49.11 80.29
N MET KA 498 168.95 -49.26 81.36
CA MET KA 498 169.00 -48.27 82.43
C MET KA 498 170.09 -47.23 82.24
N THR KA 499 170.80 -47.26 81.12
CA THR KA 499 171.94 -46.37 80.90
C THR KA 499 171.69 -45.52 79.66
N ASP KA 500 171.99 -44.23 79.77
CA ASP KA 500 171.93 -43.31 78.63
C ASP KA 500 173.31 -43.18 77.99
N GLU KA 501 173.87 -44.35 77.65
CA GLU KA 501 175.24 -44.40 77.16
C GLU KA 501 175.41 -43.64 75.86
N GLY KA 502 174.45 -43.74 74.95
CA GLY KA 502 174.61 -43.20 73.62
C GLY KA 502 175.23 -44.21 72.70
N PRO KA 503 174.63 -44.41 71.54
CA PRO KA 503 175.10 -45.41 70.58
C PRO KA 503 176.32 -44.97 69.78
N GLY KA 504 177.40 -44.66 70.48
CA GLY KA 504 178.63 -44.30 69.81
C GLY KA 504 179.44 -45.51 69.42
N GLU KA 505 179.99 -46.21 70.42
CA GLU KA 505 180.79 -47.40 70.15
C GLU KA 505 179.94 -48.53 69.57
N VAL KA 506 178.65 -48.55 69.86
CA VAL KA 506 177.79 -49.61 69.38
C VAL KA 506 177.70 -49.58 67.85
N VAL KA 507 177.49 -48.40 67.29
CA VAL KA 507 177.33 -48.29 65.84
C VAL KA 507 178.64 -48.67 65.13
N LYS KA 508 179.75 -48.17 65.67
CA LYS KA 508 181.06 -48.49 65.10
C LYS KA 508 181.27 -49.99 65.13
N ALA KA 509 180.97 -50.66 66.25
CA ALA KA 509 181.14 -52.10 66.38
C ALA KA 509 180.24 -52.86 65.41
N LEU KA 510 178.98 -52.42 65.28
CA LEU KA 510 178.07 -53.09 64.37
C LEU KA 510 178.48 -52.87 62.92
N THR KA 511 178.96 -51.67 62.58
CA THR KA 511 179.38 -51.38 61.22
C THR KA 511 180.57 -52.24 60.81
N VAL KA 512 181.55 -52.40 61.71
CA VAL KA 512 182.70 -53.24 61.38
C VAL KA 512 182.28 -54.68 61.17
N ASN KA 513 181.42 -55.20 62.07
CA ASN KA 513 180.92 -56.56 61.91
C ASN KA 513 180.12 -56.71 60.63
N THR KA 514 179.35 -55.68 60.27
CA THR KA 514 178.64 -55.68 59.00
C THR KA 514 179.61 -55.72 57.82
N ASN KA 515 180.67 -54.91 57.87
CA ASN KA 515 181.65 -54.91 56.80
C ASN KA 515 182.27 -56.30 56.62
N ILE KA 516 182.53 -56.99 57.73
CA ILE KA 516 183.10 -58.33 57.64
C ILE KA 516 182.13 -59.27 56.93
N ARG KA 517 180.85 -59.20 57.30
CA ARG KA 517 179.84 -60.03 56.64
C ARG KA 517 179.70 -59.67 55.17
N ASN KA 518 179.79 -58.39 54.83
CA ASN KA 518 179.70 -57.98 53.43
C ASN KA 518 180.82 -58.59 52.62
N SER KA 519 182.04 -58.62 53.18
CA SER KA 519 183.18 -59.20 52.47
C SER KA 519 182.95 -60.68 52.27
N ASN KA 520 182.47 -61.37 53.29
CA ASN KA 520 182.22 -62.80 53.20
C ASN KA 520 181.07 -63.09 52.24
N ASN KA 521 180.06 -62.23 52.19
CA ASN KA 521 178.94 -62.40 51.26
C ASN KA 521 179.44 -62.21 49.83
N ALA KA 522 180.38 -61.30 49.62
CA ALA KA 522 181.02 -61.12 48.31
C ALA KA 522 181.70 -62.40 47.86
N VAL KA 523 182.35 -63.11 48.79
CA VAL KA 523 182.99 -64.38 48.43
C VAL KA 523 181.95 -65.42 48.06
N LYS KA 524 180.90 -65.55 48.89
CA LYS KA 524 179.85 -66.54 48.62
C LYS KA 524 179.17 -66.29 47.29
N ARG KA 525 178.85 -65.00 46.99
CA ARG KA 525 178.23 -64.63 45.73
C ARG KA 525 179.17 -64.81 44.55
N MET KA 526 180.45 -64.48 44.71
CA MET KA 526 181.44 -64.71 43.66
C MET KA 526 181.52 -66.19 43.32
N LEU KA 527 181.65 -67.04 44.34
CA LEU KA 527 181.81 -68.47 44.09
C LEU KA 527 180.52 -69.07 43.50
N ASN KA 528 179.36 -68.58 43.95
CA ASN KA 528 178.09 -69.04 43.39
C ASN KA 528 177.96 -68.65 41.94
N TYR KA 529 178.41 -67.44 41.58
CA TYR KA 529 178.38 -67.03 40.19
C TYR KA 529 179.32 -67.86 39.34
N LEU KA 530 180.52 -68.18 39.85
CA LEU KA 530 181.42 -69.04 39.11
C LEU KA 530 180.78 -70.41 38.85
N ALA KA 531 180.04 -70.93 39.83
CA ALA KA 531 179.29 -72.16 39.62
C ALA KA 531 178.26 -71.99 38.50
N GLN KA 532 177.61 -70.83 38.44
CA GLN KA 532 176.63 -70.59 37.38
C GLN KA 532 177.30 -70.57 36.01
N LEU KA 533 178.51 -70.00 35.92
CA LEU KA 533 179.26 -70.04 34.67
C LEU KA 533 179.52 -71.49 34.24
N ARG KA 534 179.87 -72.35 35.19
CA ARG KA 534 180.11 -73.74 34.87
C ARG KA 534 178.86 -74.40 34.30
N GLU KA 535 177.70 -74.08 34.88
CA GLU KA 535 176.46 -74.70 34.43
C GLU KA 535 176.05 -74.21 33.04
N VAL KA 536 176.24 -72.91 32.80
CA VAL KA 536 175.84 -72.28 31.53
C VAL KA 536 176.78 -72.53 30.37
N VAL KA 537 178.08 -72.35 30.57
CA VAL KA 537 179.09 -72.53 29.51
C VAL KA 537 179.63 -73.94 29.22
N HIS KA 538 178.88 -74.74 28.47
CA HIS KA 538 179.27 -76.13 28.20
C HIS KA 538 180.30 -76.33 27.09
N ASN KA 539 180.50 -75.33 26.23
CA ASN KA 539 181.37 -75.49 25.07
C ASN KA 539 181.91 -74.13 24.70
N GLY KA 540 182.74 -74.01 23.66
CA GLY KA 540 183.32 -72.72 23.26
C GLY KA 540 182.35 -71.87 22.46
N TYR KA 541 181.21 -72.43 22.06
CA TYR KA 541 180.20 -71.70 21.32
C TYR KA 541 179.22 -71.01 22.28
N ASN KA 542 179.36 -69.71 22.48
CA ASN KA 542 178.52 -68.99 23.39
C ASN KA 542 178.30 -67.65 22.76
N ARG KA 543 177.06 -67.24 22.62
CA ARG KA 543 176.78 -65.99 21.94
C ARG KA 543 176.06 -64.97 22.77
N PRO KA 544 176.27 -63.65 22.49
CA PRO KA 544 175.53 -62.70 23.32
C PRO KA 544 174.03 -62.98 23.34
N LYS KA 545 173.41 -62.96 24.52
CA LYS KA 545 171.98 -63.25 24.64
C LYS KA 545 171.48 -62.74 25.98
N PHE KA 546 170.20 -62.40 26.10
CA PHE KA 546 169.67 -62.10 27.42
C PHE KA 546 169.06 -63.35 28.03
N GLY KA 547 169.28 -63.52 29.33
CA GLY KA 547 168.69 -64.60 30.07
C GLY KA 547 169.50 -65.89 30.08
N ILE KA 548 170.61 -65.94 29.35
CA ILE KA 548 171.43 -67.16 29.35
C ILE KA 548 172.20 -67.28 30.66
N ILE KA 549 172.50 -66.10 31.26
CA ILE KA 549 173.21 -66.05 32.51
C ILE KA 549 172.94 -64.66 33.12
N GLU KA 550 173.14 -64.48 34.43
CA GLU KA 550 172.94 -63.18 35.10
C GLU KA 550 174.11 -62.25 34.73
N GLY KA 551 173.93 -60.93 34.77
CA GLY KA 551 174.99 -59.98 34.42
C GLY KA 551 174.65 -59.19 33.19
N ALA KA 552 174.60 -57.87 33.31
CA ALA KA 552 174.12 -57.03 32.23
C ALA KA 552 174.94 -57.24 30.99
N LEU KA 553 176.26 -57.37 31.14
CA LEU KA 553 177.14 -57.51 29.97
C LEU KA 553 177.01 -58.74 29.10
N SER KA 554 176.27 -59.76 29.57
CA SER KA 554 176.05 -60.98 28.79
C SER KA 554 175.45 -60.73 27.44
N ALA KA 555 174.81 -59.58 27.25
CA ALA KA 555 174.24 -59.23 25.96
C ALA KA 555 175.22 -58.66 24.94
N VAL KA 556 176.44 -58.30 25.35
CA VAL KA 556 177.45 -57.73 24.43
C VAL KA 556 178.81 -58.50 24.40
N MET KA 557 178.95 -59.68 25.03
CA MET KA 557 180.15 -60.49 24.94
C MET KA 557 179.77 -61.95 25.01
N ARG KA 558 180.68 -62.82 24.58
CA ARG KA 558 180.39 -64.23 24.55
C ARG KA 558 180.73 -64.84 25.91
N PRO KA 559 179.75 -65.32 26.67
CA PRO KA 559 180.06 -65.89 27.98
C PRO KA 559 181.17 -66.93 27.88
N THR KA 560 182.18 -66.79 28.74
CA THR KA 560 183.37 -67.60 28.65
C THR KA 560 183.79 -68.05 30.04
N TYR KA 561 183.98 -69.35 30.21
CA TYR KA 561 184.42 -69.94 31.46
C TYR KA 561 185.39 -71.06 31.15
N ARG KA 562 186.51 -71.10 31.88
CA ARG KA 562 187.48 -72.18 31.74
C ARG KA 562 187.96 -72.59 33.11
N TYR KA 563 187.98 -73.90 33.36
CA TYR KA 563 188.44 -74.48 34.61
C TYR KA 563 189.66 -75.36 34.35
N LYS KA 564 190.72 -75.12 35.11
CA LYS KA 564 191.96 -75.87 34.94
C LYS KA 564 192.55 -76.16 36.31
N GLU KA 565 192.93 -77.41 36.53
CA GLU KA 565 193.58 -77.83 37.77
C GLU KA 565 195.08 -77.88 37.53
N LEU KA 566 195.85 -77.24 38.41
CA LEU KA 566 197.30 -77.20 38.31
C LEU KA 566 197.88 -77.90 39.53
N ASP KA 567 198.63 -78.97 39.30
CA ASP KA 567 199.26 -79.75 40.36
C ASP KA 567 200.75 -79.44 40.33
N LEU KA 568 201.21 -78.65 41.31
CA LEU KA 568 202.62 -78.27 41.35
C LEU KA 568 203.54 -79.46 41.57
N GLU KA 569 203.04 -80.54 42.20
CA GLU KA 569 203.88 -81.72 42.39
C GLU KA 569 204.31 -82.30 41.05
N LYS KA 570 203.40 -82.35 40.08
CA LYS KA 570 203.70 -82.99 38.80
C LYS KA 570 204.54 -82.06 37.90
N VAL KA 571 204.32 -80.75 38.01
CA VAL KA 571 205.01 -79.81 37.12
C VAL KA 571 206.41 -79.51 37.62
N ILE KA 572 206.56 -79.29 38.92
CA ILE KA 572 207.81 -78.79 39.48
C ILE KA 572 208.77 -79.95 39.72
N ASP KA 573 210.00 -79.81 39.23
CA ASP KA 573 211.07 -80.78 39.42
C ASP KA 573 211.84 -80.36 40.66
N THR KA 574 211.42 -80.90 41.82
CA THR KA 574 211.99 -80.50 43.09
C THR KA 574 213.33 -81.17 43.37
N ILE KA 575 213.63 -82.28 42.72
CA ILE KA 575 214.86 -83.01 43.00
C ILE KA 575 216.07 -82.27 42.45
N LYS KA 576 215.99 -81.78 41.22
CA LYS KA 576 217.15 -81.21 40.54
C LYS KA 576 217.12 -79.68 40.46
N SER KA 577 215.96 -79.06 40.56
CA SER KA 577 215.87 -77.62 40.37
C SER KA 577 216.64 -76.88 41.45
N LYS KA 578 217.43 -75.87 41.04
CA LYS KA 578 218.15 -75.05 42.01
C LYS KA 578 217.23 -74.03 42.66
N ASP KA 579 216.30 -73.47 41.90
CA ASP KA 579 215.42 -72.39 42.36
C ASP KA 579 213.99 -72.86 42.24
N ARG KA 580 213.46 -73.42 43.32
CA ARG KA 580 212.10 -73.97 43.31
C ARG KA 580 211.06 -72.86 43.25
N TRP KA 581 211.33 -71.72 43.88
CA TRP KA 581 210.36 -70.63 43.92
C TRP KA 581 210.04 -70.11 42.53
N ASP KA 582 211.08 -69.89 41.72
CA ASP KA 582 210.86 -69.36 40.37
C ASP KA 582 210.09 -70.36 39.51
N ASP KA 583 210.38 -71.66 39.67
CA ASP KA 583 209.67 -72.66 38.88
C ASP KA 583 208.20 -72.71 39.23
N VAL KA 584 207.86 -72.52 40.51
CA VAL KA 584 206.46 -72.44 40.91
C VAL KA 584 205.80 -71.21 40.30
N CYS KA 585 206.49 -70.06 40.34
CA CYS KA 585 205.95 -68.85 39.73
C CYS KA 585 205.69 -69.05 38.25
N ALA KA 586 206.66 -69.62 37.53
CA ALA KA 586 206.49 -69.85 36.11
C ALA KA 586 205.37 -70.83 35.82
N ALA KA 587 205.27 -71.90 36.60
CA ALA KA 587 204.21 -72.89 36.37
C ALA KA 587 202.83 -72.26 36.49
N ILE KA 588 202.63 -71.44 37.52
CA ILE KA 588 201.31 -70.83 37.73
C ILE KA 588 200.98 -69.83 36.64
N LEU KA 589 201.94 -68.95 36.32
CA LEU KA 589 201.68 -67.94 35.31
C LEU KA 589 201.56 -68.54 33.91
N ASN KA 590 202.33 -69.57 33.60
CA ASN KA 590 202.20 -70.23 32.31
C ASN KA 590 200.84 -70.89 32.18
N CYS KA 591 200.33 -71.48 33.27
CA CYS KA 591 198.98 -72.02 33.23
C CYS KA 591 197.95 -70.94 32.91
N VAL KA 592 198.05 -69.79 33.59
CA VAL KA 592 197.07 -68.73 33.40
C VAL KA 592 197.18 -68.16 31.99
N LYS KA 593 198.40 -67.85 31.54
CA LYS KA 593 198.57 -67.26 30.22
C LYS KA 593 198.06 -68.18 29.12
N ALA KA 594 198.37 -69.48 29.20
CA ALA KA 594 197.95 -70.42 28.17
C ALA KA 594 196.44 -70.44 28.03
N GLU KA 595 195.71 -70.31 29.14
CA GLU KA 595 194.25 -70.36 29.06
C GLU KA 595 193.62 -69.00 28.78
N LEU KA 596 194.19 -67.92 29.28
CA LEU KA 596 193.56 -66.61 29.21
C LEU KA 596 193.61 -65.98 27.82
N PHE KA 597 194.77 -66.02 27.17
CA PHE KA 597 194.90 -65.36 25.87
C PHE KA 597 193.83 -65.83 24.87
N PRO KA 598 193.61 -67.13 24.65
CA PRO KA 598 192.51 -67.52 23.75
C PRO KA 598 191.14 -67.14 24.29
N ALA KA 599 190.97 -67.09 25.61
CA ALA KA 599 189.71 -66.64 26.18
C ALA KA 599 189.50 -65.15 25.91
N HIS KA 600 190.56 -64.32 26.00
CA HIS KA 600 190.46 -62.89 25.72
C HIS KA 600 189.95 -62.67 24.31
N ARG KA 601 190.53 -63.38 23.34
CA ARG KA 601 190.12 -63.24 21.94
C ARG KA 601 188.78 -63.90 21.62
N ASP KA 602 188.59 -65.14 22.05
CA ASP KA 602 187.40 -65.90 21.66
C ASP KA 602 186.20 -65.21 22.26
N SER KA 603 186.31 -64.66 23.47
CA SER KA 603 185.16 -64.06 24.14
C SER KA 603 184.70 -62.77 23.48
N ASN KA 604 185.54 -62.14 22.68
CA ASN KA 604 185.28 -60.80 22.14
C ASN KA 604 184.98 -59.80 23.25
N ILE KA 605 185.64 -59.98 24.41
CA ILE KA 605 185.31 -59.16 25.56
C ILE KA 605 185.87 -57.75 25.40
N GLU KA 606 187.02 -57.62 24.76
CA GLU KA 606 187.62 -56.29 24.58
C GLU KA 606 186.66 -55.38 23.81
N ALA KA 607 186.00 -55.92 22.78
CA ALA KA 607 185.04 -55.15 22.02
C ALA KA 607 183.87 -54.70 22.90
N ALA KA 608 183.44 -55.55 23.83
CA ALA KA 608 182.33 -55.18 24.70
C ALA KA 608 182.64 -53.93 25.50
N PHE KA 609 183.87 -53.82 26.01
CA PHE KA 609 184.27 -52.61 26.72
C PHE KA 609 184.29 -51.42 25.77
N ARG KA 610 184.78 -51.61 24.54
CA ARG KA 610 184.89 -50.49 23.61
C ARG KA 610 183.53 -49.91 23.24
N VAL KA 611 182.55 -50.77 23.00
CA VAL KA 611 181.26 -50.28 22.53
C VAL KA 611 180.45 -49.66 23.66
N ILE KA 612 180.64 -50.11 24.91
CA ILE KA 612 179.90 -49.52 26.01
C ILE KA 612 180.54 -48.22 26.50
N SER KA 613 181.86 -48.20 26.67
CA SER KA 613 182.51 -47.02 27.20
C SER KA 613 182.58 -45.89 26.18
N GLY KA 614 182.62 -46.20 24.90
CA GLY KA 614 182.79 -45.20 23.86
C GLY KA 614 184.21 -44.82 23.60
N ASN KA 615 185.18 -45.47 24.26
CA ASN KA 615 186.59 -45.19 24.09
C ASN KA 615 187.15 -46.09 23.02
N GLN KA 616 188.03 -45.55 22.18
CA GLN KA 616 188.64 -46.33 21.11
C GLN KA 616 189.97 -46.94 21.51
N ASP KA 617 190.39 -46.78 22.77
CA ASP KA 617 191.69 -47.29 23.20
C ASP KA 617 191.63 -47.90 24.59
N GLU KA 618 190.47 -48.40 25.00
CA GLU KA 618 190.29 -48.94 26.34
C GLU KA 618 190.26 -50.47 26.29
N THR KA 619 191.02 -51.09 27.18
CA THR KA 619 191.08 -52.55 27.29
C THR KA 619 190.84 -52.97 28.73
N PRO KA 620 190.44 -54.21 28.96
CA PRO KA 620 190.19 -54.66 30.34
C PRO KA 620 191.49 -54.82 31.12
N MET KA 621 191.36 -54.68 32.44
CA MET KA 621 192.41 -55.04 33.38
C MET KA 621 191.98 -56.31 34.09
N TYR KA 622 192.90 -57.28 34.17
CA TYR KA 622 192.60 -58.57 34.77
C TYR KA 622 193.08 -58.62 36.21
N LEU KA 623 192.19 -58.96 37.12
CA LEU KA 623 192.54 -59.15 38.52
C LEU KA 623 192.87 -60.61 38.78
N PHE KA 624 193.86 -60.84 39.65
CA PHE KA 624 194.17 -62.18 40.14
C PHE KA 624 193.60 -62.30 41.55
N CYS KA 625 192.49 -63.02 41.69
CA CYS KA 625 191.82 -63.20 42.97
C CYS KA 625 192.22 -64.55 43.55
N SER KA 626 192.95 -64.54 44.65
CA SER KA 626 193.59 -65.74 45.16
C SER KA 626 193.72 -65.62 46.68
N ASP KA 627 194.38 -66.61 47.33
CA ASP KA 627 194.53 -66.64 48.79
C ASP KA 627 195.75 -66.12 49.53
N LYS KA 628 196.53 -65.23 48.94
CA LYS KA 628 197.79 -64.71 49.54
C LYS KA 628 198.92 -65.70 49.37
N GLU KA 629 198.70 -66.96 49.71
CA GLU KA 629 199.73 -67.96 49.52
C GLU KA 629 200.00 -68.04 48.02
N ILE KA 630 198.96 -68.15 47.17
CA ILE KA 630 199.12 -68.16 45.73
C ILE KA 630 199.61 -66.80 45.23
N ALA KA 631 199.06 -65.71 45.75
CA ALA KA 631 199.42 -64.39 45.26
C ALA KA 631 200.92 -64.10 45.35
N ASN KA 632 201.60 -64.65 46.36
CA ASN KA 632 203.02 -64.41 46.51
C ASN KA 632 203.83 -64.95 45.34
N TYR KA 633 203.22 -65.78 44.49
CA TYR KA 633 203.91 -66.39 43.37
C TYR KA 633 203.56 -65.75 42.03
N LEU KA 634 202.61 -64.81 41.99
CA LEU KA 634 202.07 -64.30 40.74
C LEU KA 634 202.91 -63.12 40.27
N MET KA 635 204.15 -63.42 39.86
CA MET KA 635 205.03 -62.40 39.34
C MET KA 635 206.08 -63.03 38.44
N THR KA 636 206.53 -62.26 37.45
CA THR KA 636 207.62 -62.65 36.57
C THR KA 636 208.90 -61.99 37.07
N LYS KA 637 209.97 -62.75 37.16
CA LYS KA 637 211.24 -62.23 37.70
C LYS KA 637 211.89 -61.31 36.68
N GLY KA 638 211.95 -60.02 37.01
CA GLY KA 638 212.66 -59.07 36.18
C GLY KA 638 211.78 -58.05 35.49
N ASP KA 639 210.60 -58.47 35.05
CA ASP KA 639 209.72 -57.64 34.25
C ASP KA 639 208.42 -57.40 34.99
N ASP KA 640 208.03 -56.12 35.08
CA ASP KA 640 206.75 -55.77 35.69
C ASP KA 640 205.57 -56.32 34.90
N ARG KA 641 205.77 -56.61 33.61
CA ARG KA 641 204.69 -57.11 32.75
C ARG KA 641 204.47 -58.59 33.03
N THR KA 642 203.84 -58.85 34.19
CA THR KA 642 203.61 -60.24 34.59
C THR KA 642 202.69 -60.96 33.59
N LEU KA 643 201.62 -60.30 33.16
CA LEU KA 643 200.58 -60.95 32.36
C LEU KA 643 200.68 -60.44 30.93
N GLY KA 644 201.56 -61.07 30.16
CA GLY KA 644 201.67 -60.75 28.75
C GLY KA 644 202.45 -59.48 28.50
N ALA KA 645 202.40 -59.05 27.23
CA ALA KA 645 203.16 -57.90 26.77
C ALA KA 645 202.37 -56.60 26.79
N TYR KA 646 201.04 -56.66 26.80
CA TYR KA 646 200.22 -55.47 26.68
C TYR KA 646 199.08 -55.38 27.67
N LEU KA 647 198.74 -56.45 28.37
CA LEU KA 647 197.58 -56.45 29.26
C LEU KA 647 197.91 -55.74 30.57
N LYS KA 648 196.90 -55.11 31.15
CA LYS KA 648 196.99 -54.58 32.51
C LYS KA 648 196.49 -55.63 33.50
N TYR KA 649 196.98 -55.55 34.73
CA TYR KA 649 196.60 -56.52 35.75
C TYR KA 649 196.76 -55.90 37.12
N ASP KA 650 196.16 -56.56 38.11
CA ASP KA 650 196.41 -56.28 39.51
C ASP KA 650 196.13 -57.54 40.30
N ILE KA 651 196.65 -57.60 41.52
CA ILE KA 651 196.57 -58.78 42.36
C ILE KA 651 195.81 -58.41 43.62
N VAL KA 652 194.74 -59.15 43.91
CA VAL KA 652 193.94 -58.96 45.12
C VAL KA 652 193.82 -60.30 45.81
N SER KA 653 193.99 -60.30 47.13
CA SER KA 653 194.07 -61.53 47.90
C SER KA 653 193.13 -61.45 49.10
N THR KA 654 192.64 -62.62 49.51
CA THR KA 654 191.85 -62.75 50.73
C THR KA 654 192.31 -63.96 51.51
N ASN KA 655 192.10 -63.91 52.83
CA ASN KA 655 192.38 -65.05 53.69
C ASN KA 655 191.13 -65.88 53.97
N ASN KA 656 190.05 -65.65 53.21
CA ASN KA 656 188.83 -66.42 53.40
C ASN KA 656 189.10 -67.91 53.13
N GLN KA 657 188.60 -68.75 54.04
CA GLN KA 657 188.89 -70.18 53.98
C GLN KA 657 188.31 -70.84 52.73
N LEU KA 658 187.45 -70.14 51.99
CA LEU KA 658 186.82 -70.71 50.81
C LEU KA 658 187.71 -70.63 49.57
N PHE KA 659 188.88 -69.99 49.66
CA PHE KA 659 189.84 -69.94 48.56
C PHE KA 659 191.05 -70.82 48.81
N ASP KA 660 190.86 -71.97 49.48
CA ASP KA 660 192.00 -72.72 49.98
C ASP KA 660 193.05 -72.98 48.91
N GLY KA 661 192.63 -73.19 47.66
CA GLY KA 661 193.59 -73.33 46.58
C GLY KA 661 193.09 -72.76 45.27
N LYS KA 662 192.33 -71.67 45.34
CA LYS KA 662 191.64 -71.13 44.17
C LYS KA 662 192.37 -69.90 43.66
N LEU KA 663 192.55 -69.83 42.35
CA LEU KA 663 192.92 -68.61 41.65
C LEU KA 663 191.88 -68.32 40.58
N VAL KA 664 191.26 -67.15 40.66
CA VAL KA 664 190.22 -66.74 39.72
C VAL KA 664 190.65 -65.43 39.07
N VAL KA 665 190.70 -65.41 37.75
CA VAL KA 665 191.13 -64.26 36.98
C VAL KA 665 189.91 -63.63 36.33
N ILE KA 666 189.67 -62.35 36.61
CA ILE KA 666 188.46 -61.68 36.16
C ILE KA 666 188.85 -60.33 35.55
N PRO KA 667 188.26 -59.95 34.41
CA PRO KA 667 188.50 -58.61 33.86
C PRO KA 667 187.68 -57.55 34.57
N THR KA 668 188.23 -56.35 34.64
CA THR KA 668 187.51 -55.19 35.12
C THR KA 668 188.01 -53.97 34.37
N ARG KA 669 187.22 -52.89 34.43
CA ARG KA 669 187.65 -51.63 33.84
C ARG KA 669 188.87 -51.10 34.55
N ALA KA 670 189.90 -50.74 33.78
CA ALA KA 670 191.17 -50.32 34.37
C ALA KA 670 190.99 -49.09 35.26
N VAL KA 671 190.09 -48.19 34.88
CA VAL KA 671 189.78 -47.01 35.66
C VAL KA 671 188.35 -47.14 36.17
N GLN KA 672 188.18 -47.09 37.48
CA GLN KA 672 186.88 -47.25 38.08
C GLN KA 672 186.16 -45.92 38.24
N GLN KA 673 184.85 -45.95 38.05
CA GLN KA 673 183.97 -44.80 38.27
C GLN KA 673 182.83 -45.23 39.17
N GLU KA 674 182.03 -44.24 39.59
CA GLU KA 674 180.87 -44.52 40.43
C GLU KA 674 179.76 -45.13 39.58
N ASN KA 675 179.16 -46.20 40.09
CA ASN KA 675 178.06 -46.90 39.39
C ASN KA 675 178.48 -47.34 38.00
N ASP KA 676 179.72 -47.84 37.89
CA ASP KA 676 180.23 -48.29 36.60
C ASP KA 676 179.76 -49.70 36.31
N ILE KA 677 179.08 -49.87 35.17
CA ILE KA 677 178.57 -51.19 34.80
C ILE KA 677 179.68 -52.11 34.31
N LEU KA 678 180.84 -51.56 33.95
CA LEU KA 678 181.90 -52.33 33.32
C LEU KA 678 182.83 -53.03 34.31
N SER KA 679 182.63 -52.83 35.61
CA SER KA 679 183.36 -53.63 36.59
C SER KA 679 182.80 -55.04 36.65
N TRP KA 680 183.69 -56.01 36.89
CA TRP KA 680 183.27 -57.41 36.88
C TRP KA 680 182.06 -57.66 37.77
N GLY KA 681 182.04 -57.08 38.99
CA GLY KA 681 180.83 -57.09 39.79
C GLY KA 681 180.50 -55.70 40.36
N GLN KA 682 179.44 -55.53 41.15
CA GLN KA 682 179.10 -54.23 41.77
C GLN KA 682 178.39 -54.44 43.13
N PHE KA 683 178.83 -53.73 44.19
CA PHE KA 683 178.20 -53.84 45.52
C PHE KA 683 177.17 -52.80 45.83
N PHE KA 684 175.91 -53.16 45.79
CA PHE KA 684 174.84 -52.19 46.00
C PHE KA 684 174.53 -52.12 47.48
N TYR KA 685 174.88 -51.00 48.11
CA TYR KA 685 174.80 -50.85 49.56
C TYR KA 685 173.68 -49.89 49.92
N VAL KA 686 172.76 -50.33 50.77
CA VAL KA 686 171.79 -49.46 51.40
C VAL KA 686 172.20 -49.29 52.85
N SER KA 687 172.16 -48.06 53.34
CA SER KA 687 172.55 -47.75 54.72
C SER KA 687 172.00 -48.81 55.67
N THR KA 688 172.89 -49.42 56.44
CA THR KA 688 172.52 -50.51 57.32
C THR KA 688 171.48 -50.07 58.34
N VAL KA 689 170.43 -50.89 58.48
CA VAL KA 689 169.33 -50.57 59.37
C VAL KA 689 169.71 -50.99 60.79
N ILE KA 690 169.60 -50.04 61.73
CA ILE KA 690 169.95 -50.28 63.12
C ILE KA 690 168.67 -50.12 63.93
N ALA KA 691 168.21 -51.22 64.54
CA ALA KA 691 166.99 -51.20 65.33
C ALA KA 691 167.33 -51.18 66.82
N ASP KA 692 166.83 -50.14 67.50
CA ASP KA 692 167.18 -49.87 68.90
C ASP KA 692 165.92 -49.94 69.78
N LEU KA 693 165.68 -51.12 70.35
CA LEU KA 693 164.39 -51.44 70.93
C LEU KA 693 164.57 -52.09 72.29
N PRO KA 694 163.84 -51.63 73.32
CA PRO KA 694 163.88 -52.32 74.61
C PRO KA 694 163.04 -53.59 74.64
N ILE KA 695 163.53 -54.63 73.98
CA ILE KA 695 162.74 -55.84 73.77
C ILE KA 695 162.81 -56.72 75.02
N THR KA 696 161.66 -57.22 75.45
CA THR KA 696 161.54 -58.11 76.61
C THR KA 696 161.56 -59.57 76.18
N ARG KA 697 162.60 -59.95 75.43
CA ARG KA 697 162.67 -61.29 74.85
C ARG KA 697 162.71 -62.35 75.94
N GLY KA 698 161.82 -63.33 75.84
CA GLY KA 698 161.65 -64.35 76.84
C GLY KA 698 160.54 -64.06 77.84
N GLY KA 699 160.10 -62.81 77.91
CA GLY KA 699 159.00 -62.43 78.78
C GLY KA 699 159.39 -62.12 80.21
N HIS KA 700 160.66 -62.23 80.57
CA HIS KA 700 161.09 -61.99 81.94
C HIS KA 700 162.25 -61.02 82.07
N GLN KA 701 162.95 -60.68 80.99
CA GLN KA 701 164.08 -59.77 81.05
C GLN KA 701 164.01 -58.80 79.89
N VAL KA 702 164.16 -57.51 80.18
CA VAL KA 702 164.16 -56.47 79.17
C VAL KA 702 165.59 -56.17 78.77
N THR KA 703 165.84 -56.10 77.47
CA THR KA 703 167.18 -55.80 76.95
C THR KA 703 167.05 -54.73 75.88
N ARG KA 704 168.02 -53.82 75.83
CA ARG KA 704 168.09 -52.84 74.76
C ARG KA 704 168.88 -53.46 73.62
N GLU KA 705 168.16 -54.05 72.67
CA GLU KA 705 168.77 -54.79 71.58
C GLU KA 705 169.00 -53.84 70.41
N ILE KA 706 170.25 -53.48 70.17
CA ILE KA 706 170.61 -52.59 69.06
C ILE KA 706 171.18 -53.49 67.97
N ALA KA 707 170.32 -53.87 67.03
CA ALA KA 707 170.67 -54.85 66.01
C ALA KA 707 170.89 -54.15 64.66
N ALA KA 708 171.88 -54.65 63.93
CA ALA KA 708 172.22 -54.14 62.60
C ALA KA 708 171.74 -55.17 61.59
N ILE KA 709 170.96 -54.72 60.61
CA ILE KA 709 170.41 -55.59 59.57
C ILE KA 709 171.05 -55.19 58.25
N PRO KA 710 172.02 -55.95 57.73
CA PRO KA 710 172.61 -55.61 56.44
C PRO KA 710 171.59 -55.57 55.33
N PHE KA 711 171.66 -54.51 54.53
CA PHE KA 711 170.72 -54.32 53.44
C PHE KA 711 171.58 -53.99 52.23
N ASN KA 712 171.99 -55.01 51.48
CA ASN KA 712 172.88 -54.83 50.34
C ASN KA 712 172.84 -56.07 49.47
N LEU KA 713 173.36 -55.93 48.24
CA LEU KA 713 173.41 -57.03 47.29
C LEU KA 713 174.69 -56.93 46.48
N HIS KA 714 175.36 -58.06 46.30
CA HIS KA 714 176.49 -58.18 45.39
C HIS KA 714 175.98 -58.70 44.05
N VAL KA 715 176.21 -57.93 42.99
CA VAL KA 715 175.75 -58.27 41.66
C VAL KA 715 176.96 -58.47 40.75
N ASN KA 716 176.94 -59.54 39.97
CA ASN KA 716 177.96 -59.82 38.97
C ASN KA 716 177.50 -59.27 37.63
N ASN KA 717 178.41 -58.55 36.95
CA ASN KA 717 178.07 -57.89 35.70
C ASN KA 717 178.60 -58.58 34.46
N ILE KA 718 179.77 -59.21 34.54
CA ILE KA 718 180.45 -59.76 33.37
C ILE KA 718 180.52 -61.28 33.53
N PRO KA 719 179.88 -62.06 32.66
CA PRO KA 719 179.96 -63.52 32.73
C PRO KA 719 181.25 -64.08 32.13
N PHE KA 720 182.39 -63.69 32.71
CA PHE KA 720 183.71 -64.10 32.24
C PHE KA 720 184.56 -64.39 33.46
N ALA KA 721 185.13 -65.60 33.52
CA ALA KA 721 186.04 -65.94 34.59
C ALA KA 721 186.85 -67.17 34.18
N LEU KA 722 188.13 -67.18 34.54
CA LEU KA 722 188.97 -68.36 34.44
C LEU KA 722 189.30 -68.83 35.85
N GLU KA 723 188.89 -70.04 36.19
CA GLU KA 723 189.05 -70.57 37.53
C GLU KA 723 190.11 -71.65 37.55
N PHE KA 724 191.12 -71.46 38.40
CA PHE KA 724 192.25 -72.39 38.51
C PHE KA 724 192.27 -72.96 39.92
N LYS KA 725 192.61 -74.25 40.02
CA LYS KA 725 192.78 -74.91 41.31
C LYS KA 725 194.25 -75.28 41.43
N ILE KA 726 194.98 -74.58 42.30
CA ILE KA 726 196.41 -74.72 42.40
C ILE KA 726 196.74 -75.33 43.75
N THR KA 727 197.30 -76.55 43.73
CA THR KA 727 197.59 -77.29 44.95
C THR KA 727 199.03 -77.77 44.90
N GLY KA 728 199.54 -78.21 46.05
CA GLY KA 728 200.85 -78.81 46.13
C GLY KA 728 201.95 -77.88 46.60
N PHE KA 729 201.62 -76.69 47.09
CA PHE KA 729 202.65 -75.75 47.54
C PHE KA 729 203.51 -76.35 48.64
N GLN KA 730 202.88 -77.01 49.62
CA GLN KA 730 203.61 -77.57 50.74
C GLN KA 730 204.51 -78.72 50.28
N LYS KA 731 204.18 -79.32 49.13
CA LYS KA 731 205.00 -80.43 48.62
C LYS KA 731 206.27 -79.92 47.96
N VAL KA 732 206.22 -78.77 47.27
CA VAL KA 732 207.33 -78.32 46.45
C VAL KA 732 208.09 -77.15 47.05
N MET KA 733 207.57 -76.51 48.09
CA MET KA 733 208.27 -75.42 48.74
C MET KA 733 208.80 -75.77 50.13
N GLY KA 734 208.75 -77.03 50.53
CA GLY KA 734 209.19 -77.41 51.87
C GLY KA 734 209.61 -78.86 51.92
N GLU KA 735 210.32 -79.19 52.99
CA GLU KA 735 210.78 -80.55 53.25
C GLU KA 735 210.39 -80.95 54.67
N THR KA 736 209.81 -82.13 54.81
CA THR KA 736 209.45 -82.64 56.12
C THR KA 736 210.67 -83.19 56.84
N GLN KA 737 210.78 -82.88 58.13
CA GLN KA 737 211.92 -83.32 58.91
C GLN KA 737 211.76 -84.79 59.34
N PHE KA 738 212.90 -85.44 59.56
CA PHE KA 738 212.92 -86.84 59.96
C PHE KA 738 212.56 -86.92 61.44
N ASN KA 739 211.26 -86.95 61.71
CA ASN KA 739 210.76 -87.03 63.09
C ASN KA 739 210.69 -88.48 63.56
N GLY KA 740 211.84 -89.15 63.59
CA GLY KA 740 211.87 -90.56 63.96
C GLY KA 740 211.27 -91.47 62.91
N LYS KA 741 210.86 -92.65 63.33
CA LYS KA 741 210.32 -93.62 62.38
C LYS KA 741 208.86 -93.40 62.03
N LEU KA 742 208.43 -93.96 60.91
CA LEU KA 742 207.05 -93.79 60.48
C LEU KA 742 206.16 -94.72 61.29
N ALA KA 743 205.16 -94.16 61.97
CA ALA KA 743 204.24 -94.96 62.77
C ALA KA 743 202.82 -94.51 62.51
N ASP KA 744 201.89 -95.46 62.54
CA ASP KA 744 200.46 -95.18 62.42
C ASP KA 744 199.85 -95.13 63.81
N LEU KA 745 199.36 -93.96 64.20
CA LEU KA 745 198.83 -93.75 65.54
C LEU KA 745 197.40 -93.25 65.50
N LEU LA 150 123.81 -34.42 95.61
CA LEU LA 150 123.14 -33.95 94.40
C LEU LA 150 123.26 -32.46 94.18
N ASP LA 151 122.26 -31.89 93.52
CA ASP LA 151 122.21 -30.45 93.37
C ASP LA 151 121.66 -29.84 94.65
N HIS LA 152 120.48 -30.27 95.04
CA HIS LA 152 119.91 -29.81 96.28
C HIS LA 152 120.02 -30.86 97.36
N GLY LA 153 119.59 -32.11 97.10
CA GLY LA 153 119.64 -33.14 98.11
C GLY LA 153 118.75 -34.31 97.76
N TYR LA 154 118.98 -35.50 98.33
CA TYR LA 154 118.18 -36.70 98.05
C TYR LA 154 116.74 -36.71 98.60
N ASP LA 155 116.37 -35.76 99.47
CA ASP LA 155 115.00 -35.71 99.97
C ASP LA 155 114.07 -35.62 98.77
N ALA LA 156 113.20 -36.62 98.62
CA ALA LA 156 112.35 -36.68 97.44
C ALA LA 156 111.45 -35.45 97.35
N THR LA 157 111.13 -34.84 98.49
CA THR LA 157 110.27 -33.65 98.47
C THR LA 157 111.01 -32.46 97.86
N ALA LA 158 112.31 -32.32 98.15
CA ALA LA 158 113.06 -31.22 97.57
C ALA LA 158 113.42 -31.47 96.12
N LEU LA 159 113.46 -32.73 95.68
CA LEU LA 159 113.75 -32.99 94.28
C LEU LA 159 112.63 -32.49 93.38
N LEU LA 160 111.40 -32.45 93.89
CA LEU LA 160 110.27 -32.02 93.10
C LEU LA 160 110.41 -30.57 92.69
N GLU LA 161 110.14 -30.27 91.44
CA GLU LA 161 110.27 -28.91 90.93
C GLU LA 161 109.09 -28.07 91.38
N THR LA 162 109.37 -26.82 91.74
CA THR LA 162 108.33 -25.93 92.24
C THR LA 162 107.48 -25.37 91.11
N THR LA 163 106.16 -25.49 91.25
CA THR LA 163 105.26 -24.99 90.22
C THR LA 163 105.44 -23.50 89.97
N GLU LA 164 105.61 -22.71 91.04
CA GLU LA 164 105.77 -21.27 90.85
C GLU LA 164 107.04 -20.98 90.06
N ASP LA 165 108.10 -21.76 90.30
CA ASP LA 165 109.33 -21.58 89.55
C ASP LA 165 109.16 -22.00 88.09
N ILE LA 166 108.34 -23.02 87.83
CA ILE LA 166 108.05 -23.39 86.46
C ILE LA 166 107.33 -22.27 85.73
N ILE LA 167 106.32 -21.67 86.37
CA ILE LA 167 105.62 -20.55 85.76
C ILE LA 167 106.57 -19.39 85.50
N THR LA 168 107.41 -19.06 86.47
CA THR LA 168 108.38 -17.99 86.21
C THR LA 168 109.32 -18.37 85.08
N GLY LA 169 109.80 -19.61 85.06
CA GLY LA 169 110.70 -20.01 84.00
C GLY LA 169 110.07 -19.88 82.63
N GLU LA 170 108.82 -20.31 82.49
CA GLU LA 170 108.15 -20.18 81.20
C GLU LA 170 108.02 -18.72 80.81
N LEU LA 171 107.73 -17.85 81.78
CA LEU LA 171 107.71 -16.42 81.46
C LEU LA 171 109.07 -15.91 81.03
N ASP LA 172 110.14 -16.36 81.70
CA ASP LA 172 111.47 -15.90 81.34
C ASP LA 172 111.88 -16.42 79.97
N ASP LA 173 111.57 -17.68 79.66
CA ASP LA 173 111.93 -18.21 78.36
C ASP LA 173 111.17 -17.52 77.24
N HIS LA 174 109.89 -17.21 77.46
CA HIS LA 174 109.12 -16.50 76.45
C HIS LA 174 109.69 -15.11 76.22
N LEU LA 175 109.98 -14.38 77.30
CA LEU LA 175 110.58 -13.05 77.13
C LEU LA 175 111.96 -13.12 76.51
N GLU LA 176 112.78 -14.11 76.86
CA GLU LA 176 114.07 -14.23 76.19
C GLU LA 176 113.91 -14.37 74.68
N SER LA 177 112.94 -15.19 74.25
CA SER LA 177 112.74 -15.36 72.81
C SER LA 177 112.36 -14.04 72.16
N LEU LA 178 111.55 -13.23 72.82
CA LEU LA 178 111.18 -11.94 72.23
C LEU LA 178 112.40 -11.04 72.09
N SER LA 179 113.31 -11.08 73.06
CA SER LA 179 114.54 -10.29 72.96
C SER LA 179 115.39 -10.74 71.79
N VAL LA 180 115.46 -12.05 71.55
CA VAL LA 180 116.21 -12.54 70.40
C VAL LA 180 115.51 -12.14 69.10
N GLU LA 181 114.19 -12.33 69.04
CA GLU LA 181 113.40 -12.00 67.85
C GLU LA 181 113.01 -10.52 67.82
N VAL MA 19 18.95 0.27 19.23
CA VAL MA 19 18.34 -0.38 20.38
C VAL MA 19 17.83 0.62 21.40
N SER MA 20 17.14 1.65 20.90
CA SER MA 20 16.65 2.70 21.77
C SER MA 20 15.50 2.20 22.63
N ASP MA 21 15.36 2.77 23.83
CA ASP MA 21 14.21 2.49 24.67
C ASP MA 21 12.95 3.07 24.05
N ALA MA 22 11.85 2.32 24.14
CA ALA MA 22 10.56 2.82 23.71
C ALA MA 22 9.96 3.72 24.79
N GLU MA 23 9.22 4.73 24.34
CA GLU MA 23 8.43 5.57 25.24
C GLU MA 23 7.03 4.98 25.40
N ASP MA 24 6.97 3.87 26.15
CA ASP MA 24 5.77 3.05 26.17
C ASP MA 24 4.71 3.60 27.12
N LYS MA 25 5.11 4.46 28.05
CA LYS MA 25 4.21 4.86 29.13
C LYS MA 25 2.83 5.23 28.61
N ASN MA 26 2.79 6.17 27.68
CA ASN MA 26 1.54 6.56 27.05
C ASN MA 26 1.78 6.76 25.56
N VAL MA 27 1.24 5.86 24.75
CA VAL MA 27 1.48 5.83 23.31
C VAL MA 27 0.21 6.19 22.59
N ASN MA 28 0.29 7.14 21.66
CA ASN MA 28 -0.87 7.58 20.88
C ASN MA 28 -0.49 7.58 19.39
N LEU MA 29 -1.12 6.71 18.57
CA LEU MA 29 -0.80 6.60 17.13
C LEU MA 29 -1.74 7.46 16.32
N ASP MA 30 -1.29 7.92 15.15
CA ASP MA 30 -2.15 8.66 14.24
C ASP MA 30 -1.76 8.13 12.87
N VAL MA 31 -2.57 7.24 12.30
CA VAL MA 31 -2.27 6.64 11.00
C VAL MA 31 -2.71 7.60 9.90
N GLY MA 32 -3.71 8.43 10.17
CA GLY MA 32 -4.16 9.41 9.18
C GLY MA 32 -3.07 10.34 8.71
N LYS MA 33 -2.18 10.74 9.61
CA LYS MA 33 -1.02 11.54 9.20
C LYS MA 33 -0.12 10.79 8.24
N GLU MA 34 0.02 9.48 8.43
CA GLU MA 34 0.80 8.63 7.51
C GLU MA 34 0.07 8.19 6.25
N LEU MA 35 -1.25 8.39 6.20
CA LEU MA 35 -2.00 8.09 4.99
C LEU MA 35 -1.36 8.72 3.74
N PRO MA 36 -1.03 7.90 2.70
CA PRO MA 36 -0.44 8.46 1.48
C PRO MA 36 -1.22 9.59 0.82
N GLU MA 37 -0.54 10.59 0.28
CA GLU MA 37 -1.22 11.73 -0.31
C GLU MA 37 -2.18 11.29 -1.40
N GLN MA 38 -1.92 10.14 -2.04
CA GLN MA 38 -2.78 9.69 -3.12
C GLN MA 38 -4.21 9.53 -2.63
N LEU MA 39 -4.40 9.06 -1.41
CA LEU MA 39 -5.74 8.78 -0.90
C LEU MA 39 -6.44 9.97 -0.28
N LYS MA 40 -5.79 11.13 -0.22
CA LYS MA 40 -6.39 12.32 0.37
C LYS MA 40 -7.34 13.00 -0.61
N ASP MA 41 -7.33 12.57 -1.86
CA ASP MA 41 -8.23 13.08 -2.87
C ASP MA 41 -8.61 11.96 -3.83
N ASP MA 42 -9.49 12.27 -4.77
CA ASP MA 42 -9.94 11.27 -5.73
C ASP MA 42 -9.02 11.24 -6.95
N GLU MA 43 -9.30 10.35 -7.89
CA GLU MA 43 -8.51 10.34 -9.13
C GLU MA 43 -8.70 11.64 -9.90
N ASP MA 44 -7.62 12.28 -10.36
CA ASP MA 44 -7.70 13.61 -10.99
C ASP MA 44 -7.78 13.70 -12.51
N GLY MA 45 -7.97 12.57 -13.19
CA GLY MA 45 -8.09 12.61 -14.65
C GLY MA 45 -9.31 13.31 -15.22
N LYS MA 46 -10.34 13.53 -14.41
CA LYS MA 46 -11.60 14.15 -14.87
C LYS MA 46 -11.59 15.34 -15.83
N VAL MA 47 -12.30 15.21 -16.95
CA VAL MA 47 -12.38 16.29 -17.92
C VAL MA 47 -13.81 16.59 -18.34
N ASN MA 48 -14.14 17.86 -18.52
CA ASN MA 48 -15.44 18.18 -19.11
C ASN MA 48 -15.11 18.37 -20.58
N PRO MA 49 -15.50 17.41 -21.43
CA PRO MA 49 -15.05 17.59 -22.82
C PRO MA 49 -15.58 18.88 -23.43
N CYS MA 50 -16.69 19.38 -22.93
CA CYS MA 50 -17.30 20.57 -23.53
C CYS MA 50 -16.48 21.82 -23.22
N ASP MA 51 -15.74 21.80 -22.12
CA ASP MA 51 -14.94 22.97 -21.76
C ASP MA 51 -13.62 23.00 -22.52
N GLU MA 52 -13.07 21.83 -22.84
CA GLU MA 52 -11.74 21.77 -23.43
C GLU MA 52 -11.75 22.03 -24.94
N VAL MA 53 -12.78 21.55 -25.63
CA VAL MA 53 -12.82 21.70 -27.08
C VAL MA 53 -13.16 23.13 -27.43
N THR MA 54 -12.48 23.67 -28.44
CA THR MA 54 -12.72 25.03 -28.91
C THR MA 54 -12.90 25.01 -30.42
N ASN MA 55 -13.71 25.94 -30.92
CA ASN MA 55 -14.02 26.04 -32.34
C ASN MA 55 -13.88 27.49 -32.78
N VAL MA 56 -13.21 27.71 -33.90
CA VAL MA 56 -12.92 29.04 -34.41
C VAL MA 56 -13.59 29.17 -35.77
N VAL MA 57 -14.45 30.16 -35.91
CA VAL MA 57 -15.06 30.48 -37.19
C VAL MA 57 -14.48 31.80 -37.66
N THR MA 58 -13.65 31.75 -38.70
CA THR MA 58 -12.88 32.89 -39.16
C THR MA 58 -13.75 33.95 -39.81
N ASN MA 59 -14.34 33.63 -40.96
CA ASN MA 59 -15.18 34.56 -41.69
C ASN MA 59 -16.38 33.82 -42.27
N THR MA 60 -17.48 33.82 -41.53
CA THR MA 60 -18.72 33.17 -41.95
C THR MA 60 -19.90 33.96 -41.43
N PRO MA 61 -20.76 34.50 -42.31
CA PRO MA 61 -21.95 35.19 -41.83
C PRO MA 61 -22.95 34.24 -41.21
N ILE MA 62 -23.28 34.44 -39.94
CA ILE MA 62 -24.19 33.57 -39.21
C ILE MA 62 -25.45 34.34 -38.89
N ASP MA 63 -26.59 33.75 -39.20
CA ASP MA 63 -27.88 34.34 -38.91
C ASP MA 63 -28.54 33.50 -37.82
N VAL MA 64 -28.61 34.06 -36.61
CA VAL MA 64 -29.10 33.34 -35.44
C VAL MA 64 -30.53 33.77 -35.20
N CYS MA 65 -31.46 32.82 -35.23
CA CYS MA 65 -32.87 33.12 -35.05
C CYS MA 65 -33.19 33.26 -33.57
N LYS MA 66 -33.99 34.27 -33.23
CA LYS MA 66 -34.49 34.40 -31.86
C LYS MA 66 -35.57 33.37 -31.55
N GLY MA 67 -36.40 33.03 -32.52
CA GLY MA 67 -37.46 32.07 -32.30
C GLY MA 67 -38.70 32.71 -31.75
N PRO MA 68 -39.73 31.89 -31.47
CA PRO MA 68 -40.95 32.45 -30.90
C PRO MA 68 -40.84 32.61 -29.40
N ASP MA 69 -40.53 33.81 -28.93
CA ASP MA 69 -40.33 34.00 -27.51
C ASP MA 69 -41.70 34.13 -26.89
N VAL MA 70 -42.43 33.02 -26.78
CA VAL MA 70 -43.82 33.13 -26.30
C VAL MA 70 -44.21 32.16 -25.20
N ASP MA 71 -45.29 32.48 -24.49
CA ASP MA 71 -45.89 31.54 -23.56
C ASP MA 71 -47.23 31.20 -24.16
N GLY MA 72 -47.63 29.94 -24.09
CA GLY MA 72 -48.87 29.54 -24.75
C GLY MA 72 -50.07 29.91 -23.91
N THR MA 73 -50.16 31.18 -23.53
CA THR MA 73 -51.21 31.58 -22.61
C THR MA 73 -52.37 32.19 -23.35
N ALA MA 74 -53.58 31.96 -22.86
CA ALA MA 74 -54.77 32.48 -23.50
C ALA MA 74 -54.74 34.00 -23.60
N ASP MA 75 -55.02 34.53 -24.79
CA ASP MA 75 -55.07 35.98 -24.95
C ASP MA 75 -56.45 36.39 -25.43
N LYS MA 76 -57.16 37.19 -24.63
CA LYS MA 76 -58.52 37.57 -24.99
C LYS MA 76 -58.50 38.50 -26.20
N ILE MA 77 -59.52 38.39 -27.06
CA ILE MA 77 -59.58 39.22 -28.25
C ILE MA 77 -60.83 40.07 -28.29
N ASN MA 78 -60.79 41.17 -29.03
CA ASN MA 78 -61.98 41.95 -29.28
C ASN MA 78 -62.61 41.45 -30.56
N ASP MA 79 -63.61 40.59 -30.46
CA ASP MA 79 -64.17 39.99 -31.65
C ASP MA 79 -65.32 40.81 -32.22
N LYS MA 80 -65.65 41.92 -31.56
CA LYS MA 80 -66.89 42.64 -31.89
C LYS MA 80 -67.00 42.97 -33.36
N LYS MA 81 -65.93 43.53 -33.95
CA LYS MA 81 -65.91 43.85 -35.38
C LYS MA 81 -64.44 43.89 -35.76
N ILE MA 82 -64.02 43.03 -36.67
CA ILE MA 82 -62.64 43.01 -37.12
C ILE MA 82 -62.60 42.79 -38.62
N HIS MA 83 -61.44 43.01 -39.22
CA HIS MA 83 -61.30 42.80 -40.66
C HIS MA 83 -59.88 42.36 -40.92
N VAL MA 84 -59.61 41.81 -42.11
CA VAL MA 84 -58.28 41.31 -42.46
C VAL MA 84 -58.00 41.90 -43.83
N SER MA 85 -56.76 42.29 -44.10
CA SER MA 85 -56.38 42.82 -45.40
C SER MA 85 -54.89 42.58 -45.66
N GLN MA 86 -54.55 41.38 -46.11
CA GLN MA 86 -53.17 41.07 -46.44
C GLN MA 86 -52.76 41.62 -47.80
N GLY MA 87 -51.47 41.85 -48.00
CA GLY MA 87 -50.99 42.34 -49.27
C GLY MA 87 -50.16 41.33 -50.02
N LEU MA 88 -49.56 41.75 -51.13
CA LEU MA 88 -48.75 40.85 -51.94
C LEU MA 88 -47.38 40.59 -51.30
N LYS MA 89 -46.95 41.38 -50.31
CA LYS MA 89 -45.61 41.17 -49.77
C LYS MA 89 -45.21 39.73 -49.43
N GLU MA 90 -46.11 39.00 -48.78
CA GLU MA 90 -45.82 37.64 -48.37
C GLU MA 90 -45.54 36.74 -49.56
N PHE MA 91 -45.63 37.28 -50.77
CA PHE MA 91 -45.45 36.46 -51.95
C PHE MA 91 -44.38 37.04 -52.85
N GLN MA 92 -44.01 38.30 -52.60
CA GLN MA 92 -42.93 38.93 -53.37
C GLN MA 92 -43.19 38.87 -54.86
N VAL MA 93 -44.43 38.61 -55.26
CA VAL MA 93 -44.77 38.54 -56.67
C VAL MA 93 -44.94 39.94 -57.24
N ALA MA 94 -44.74 40.96 -56.41
CA ALA MA 94 -44.95 42.34 -56.85
C ALA MA 94 -43.68 42.97 -57.42
N LYS MA 95 -43.26 44.10 -56.86
CA LYS MA 95 -42.10 44.82 -57.38
C LYS MA 95 -42.08 44.83 -58.90
N GLY MA 96 -43.23 45.04 -59.52
CA GLY MA 96 -43.31 45.07 -60.98
C GLY MA 96 -43.19 43.67 -61.53
N ASP MA 97 -43.85 42.70 -60.91
CA ASP MA 97 -43.76 41.30 -61.33
C ASP MA 97 -42.34 40.83 -61.60
N ARG MA 98 -41.50 40.93 -60.57
CA ARG MA 98 -40.09 40.55 -60.70
C ARG MA 98 -39.89 39.06 -60.93
N VAL MA 99 -40.15 38.61 -62.14
CA VAL MA 99 -39.95 37.21 -62.49
C VAL MA 99 -39.77 37.27 -63.97
N GLU MA 100 -40.51 38.16 -64.63
CA GLU MA 100 -40.37 38.36 -66.04
C GLU MA 100 -39.71 39.71 -66.18
N ASN MA 101 -40.05 40.62 -65.29
CA ASN MA 101 -39.49 41.97 -65.36
C ASN MA 101 -38.14 42.04 -64.71
N GLU MA 102 -37.41 40.91 -64.64
CA GLU MA 102 -36.06 40.94 -64.11
C GLU MA 102 -35.20 41.87 -64.95
N ILE MA 103 -35.38 41.82 -66.28
CA ILE MA 103 -34.65 42.75 -67.12
C ILE MA 103 -35.62 43.81 -67.60
N THR MA 104 -35.18 45.06 -67.58
CA THR MA 104 -36.05 46.15 -67.99
C THR MA 104 -35.51 46.77 -69.27
N GLU MA 105 -34.33 46.33 -69.67
CA GLU MA 105 -33.71 46.85 -70.88
C GLU MA 105 -33.96 45.95 -72.05
N THR MA 106 -34.09 46.53 -73.23
CA THR MA 106 -34.17 45.72 -74.42
C THR MA 106 -32.80 45.14 -74.59
N ALA MA 107 -32.70 44.02 -75.28
CA ALA MA 107 -31.41 43.42 -75.54
C ALA MA 107 -30.46 44.38 -76.23
N ASP MA 108 -30.96 45.23 -77.13
CA ASP MA 108 -30.02 46.13 -77.80
C ASP MA 108 -29.43 47.15 -76.85
N GLU MA 109 -30.23 47.65 -75.90
CA GLU MA 109 -29.72 48.60 -74.92
C GLU MA 109 -28.72 47.97 -73.96
N MET MA 110 -28.72 46.65 -73.85
CA MET MA 110 -27.79 45.99 -72.95
C MET MA 110 -26.37 46.14 -73.48
N ILE MA 111 -26.24 46.42 -74.79
CA ILE MA 111 -24.92 46.47 -75.42
C ILE MA 111 -24.14 47.64 -74.83
N THR MA 112 -22.92 47.38 -74.37
CA THR MA 112 -22.14 48.39 -73.67
C THR MA 112 -21.40 49.21 -74.70
N LYS MA 113 -20.78 50.31 -74.27
CA LYS MA 113 -20.02 51.15 -75.20
C LYS MA 113 -19.01 50.35 -76.00
N VAL MA 114 -18.99 50.52 -77.31
CA VAL MA 114 -18.01 49.86 -78.18
C VAL MA 114 -17.29 51.01 -78.87
N SER MA 115 -16.08 50.77 -79.37
CA SER MA 115 -15.31 51.81 -80.04
C SER MA 115 -14.30 51.18 -80.99
N ASP MA 116 -14.51 51.38 -82.29
CA ASP MA 116 -13.70 50.67 -83.30
C ASP MA 116 -12.24 51.06 -83.18
N THR MA 117 -11.96 52.23 -82.60
CA THR MA 117 -10.59 52.69 -82.45
C THR MA 117 -9.77 51.67 -81.67
N LYS MA 118 -10.38 51.03 -80.66
CA LYS MA 118 -9.62 50.11 -79.81
C LYS MA 118 -9.45 48.78 -80.51
N ASP MA 119 -8.27 48.18 -80.39
CA ASP MA 119 -8.02 46.84 -80.88
C ASP MA 119 -7.99 45.85 -79.72
N LEU MA 120 -8.61 44.69 -79.92
CA LEU MA 120 -8.66 43.64 -78.90
C LEU MA 120 -7.82 42.44 -79.28
N ASN MA 121 -6.91 42.60 -80.25
CA ASN MA 121 -5.98 41.52 -80.62
C ASN MA 121 -4.55 41.85 -80.25
N VAL MA 122 -4.33 42.80 -79.34
CA VAL MA 122 -2.99 43.29 -79.06
C VAL MA 122 -2.23 42.26 -78.24
N SER MA 123 -0.99 41.99 -78.66
CA SER MA 123 -0.12 41.08 -77.94
C SER MA 123 0.60 41.80 -76.82
N THR MA 124 1.24 41.02 -75.94
CA THR MA 124 1.97 41.58 -74.83
C THR MA 124 3.15 42.41 -75.31
N LYS MA 125 3.26 43.63 -74.79
CA LYS MA 125 4.33 44.54 -75.19
C LYS MA 125 5.62 44.32 -74.42
N LYS MA 126 5.57 43.67 -73.25
CA LYS MA 126 6.76 43.34 -72.47
C LYS MA 126 6.69 41.86 -72.14
N PRO MA 127 6.99 41.01 -73.10
CA PRO MA 127 6.91 39.56 -72.87
C PRO MA 127 7.92 39.11 -71.82
N HIS MA 128 7.60 38.02 -71.16
CA HIS MA 128 8.48 37.41 -70.18
C HIS MA 128 9.62 36.68 -70.89
N GLN MA 129 10.86 37.04 -70.56
CA GLN MA 129 12.03 36.42 -71.19
C GLN MA 129 12.56 35.33 -70.27
N ILE MA 130 12.51 34.09 -70.74
CA ILE MA 130 12.92 32.97 -69.91
C ILE MA 130 14.41 32.76 -70.06
N ALA MA 131 15.13 32.78 -68.94
CA ALA MA 131 16.58 32.62 -68.98
C ALA MA 131 16.94 31.22 -69.43
N ASP MA 132 18.05 31.11 -70.16
CA ASP MA 132 18.51 29.80 -70.59
C ASP MA 132 18.84 28.93 -69.37
N VAL MA 133 18.49 27.65 -69.46
CA VAL MA 133 18.83 26.70 -68.39
C VAL MA 133 20.34 26.46 -68.39
N PRO MA 134 21.02 26.67 -67.24
CA PRO MA 134 22.47 26.40 -67.32
C PRO MA 134 22.84 24.95 -67.52
N VAL NA 19 32.30 -13.50 95.86
CA VAL NA 19 33.25 -14.36 96.55
C VAL NA 19 34.03 -13.52 97.53
N SER NA 20 33.44 -12.43 98.00
CA SER NA 20 34.11 -11.58 98.97
C SER NA 20 34.26 -12.27 100.30
N ASP NA 21 35.35 -11.96 101.00
CA ASP NA 21 35.54 -12.50 102.33
C ASP NA 21 34.42 -12.01 103.20
N ALA NA 22 33.84 -12.90 103.99
CA ALA NA 22 32.81 -12.49 104.94
C ALA NA 22 33.41 -11.76 106.11
N GLU NA 23 32.67 -10.81 106.66
CA GLU NA 23 33.08 -10.17 107.90
C GLU NA 23 32.45 -10.90 109.06
N ASP NA 24 33.23 -11.71 109.79
CA ASP NA 24 32.67 -12.52 110.85
C ASP NA 24 33.13 -12.12 112.24
N LYS NA 25 33.79 -10.98 112.38
CA LYS NA 25 34.30 -10.61 113.69
C LYS NA 25 33.17 -10.33 114.67
N ASN NA 26 32.12 -9.66 114.21
CA ASN NA 26 31.00 -9.32 115.09
C ASN NA 26 29.66 -9.52 114.41
N VAL NA 27 29.27 -10.77 114.21
CA VAL NA 27 28.07 -11.07 113.44
C VAL NA 27 26.82 -10.72 114.23
N ASN NA 28 25.88 -10.00 113.62
CA ASN NA 28 24.61 -9.67 114.28
C ASN NA 28 23.48 -9.72 113.24
N LEU NA 29 22.24 -9.95 113.67
CA LEU NA 29 21.14 -10.12 112.71
C LEU NA 29 19.78 -9.72 113.28
N ASP NA 30 18.95 -9.03 112.50
CA ASP NA 30 17.57 -8.76 112.92
C ASP NA 30 16.65 -9.15 111.76
N VAL NA 31 15.98 -10.28 111.89
CA VAL NA 31 15.15 -10.79 110.80
C VAL NA 31 13.77 -10.16 110.84
N GLY NA 32 13.47 -9.41 111.90
CA GLY NA 32 12.14 -8.85 112.04
C GLY NA 32 11.89 -7.88 110.89
N LYS NA 33 12.94 -7.19 110.47
CA LYS NA 33 12.80 -6.21 109.41
C LYS NA 33 12.45 -6.86 108.09
N GLU NA 34 12.69 -8.16 107.98
CA GLU NA 34 12.48 -8.84 106.72
C GLU NA 34 11.16 -9.59 106.71
N LEU NA 35 10.35 -9.38 107.75
CA LEU NA 35 9.06 -10.05 107.81
C LEU NA 35 8.22 -9.50 106.68
N PRO NA 36 7.70 -10.39 105.79
CA PRO NA 36 6.84 -9.83 104.74
C PRO NA 36 5.67 -9.00 105.25
N GLU NA 37 5.34 -7.92 104.56
CA GLU NA 37 4.29 -7.00 105.01
C GLU NA 37 2.94 -7.65 105.27
N GLN NA 38 2.59 -8.67 104.49
CA GLN NA 38 1.29 -9.35 104.65
C GLN NA 38 1.13 -9.98 106.02
N LEU NA 39 2.23 -10.17 106.76
CA LEU NA 39 2.20 -10.83 108.07
C LEU NA 39 2.28 -9.82 109.21
N LYS NA 40 2.24 -8.53 108.90
CA LYS NA 40 2.41 -7.48 109.92
C LYS NA 40 1.04 -7.04 110.46
N ASP NA 41 -0.05 -7.67 110.01
CA ASP NA 41 -1.40 -7.32 110.45
C ASP NA 41 -2.32 -8.55 110.35
N ASP NA 42 -3.61 -8.43 110.72
CA ASP NA 42 -4.53 -9.55 110.57
C ASP NA 42 -4.96 -9.68 109.12
N GLU NA 43 -5.63 -10.78 108.78
CA GLU NA 43 -6.12 -10.96 107.43
C GLU NA 43 -7.02 -9.80 107.03
N ASP NA 44 -6.74 -9.19 105.89
CA ASP NA 44 -7.50 -8.02 105.47
C ASP NA 44 -8.81 -8.40 104.78
N GLY NA 45 -9.83 -8.72 105.57
CA GLY NA 45 -11.10 -9.10 105.00
C GLY NA 45 -12.24 -9.16 105.99
N LYS NA 46 -12.44 -8.10 106.75
CA LYS NA 46 -13.51 -8.07 107.73
C LYS NA 46 -14.34 -6.84 107.54
N VAL NA 47 -15.65 -7.01 107.42
CA VAL NA 47 -16.54 -5.87 107.24
C VAL NA 47 -17.78 -5.98 108.11
N ASN NA 48 -18.14 -4.88 108.77
CA ASN NA 48 -19.36 -4.92 109.54
C ASN NA 48 -20.45 -4.85 108.51
N PRO NA 49 -21.21 -5.94 108.35
CA PRO NA 49 -22.16 -5.81 107.24
C PRO NA 49 -23.16 -4.69 107.45
N CYS NA 50 -23.44 -4.32 108.69
CA CYS NA 50 -24.47 -3.33 108.98
C CYS NA 50 -24.06 -1.93 108.56
N ASP NA 51 -22.75 -1.66 108.55
CA ASP NA 51 -22.29 -0.33 108.18
C ASP NA 51 -22.37 -0.06 106.69
N GLU NA 52 -22.19 -1.08 105.87
CA GLU NA 52 -22.14 -0.87 104.42
C GLU NA 52 -23.51 -0.76 103.78
N VAL NA 53 -24.48 -1.53 104.27
CA VAL NA 53 -25.80 -1.52 103.67
C VAL NA 53 -26.58 -0.26 103.98
N THR NA 54 -27.31 0.27 103.01
CA THR NA 54 -28.12 1.47 103.24
C THR NA 54 -29.45 1.34 102.50
N ASN NA 55 -30.52 1.89 103.07
CA ASN NA 55 -31.83 1.78 102.45
C ASN NA 55 -32.42 3.16 102.16
N VAL NA 56 -33.23 3.26 101.13
CA VAL NA 56 -33.90 4.52 100.84
C VAL NA 56 -35.40 4.31 100.75
N VAL NA 57 -36.16 5.12 101.48
CA VAL NA 57 -37.62 5.04 101.42
C VAL NA 57 -38.16 6.27 100.73
N THR NA 58 -39.00 6.08 99.73
CA THR NA 58 -39.49 7.21 98.96
C THR NA 58 -40.97 7.48 99.23
N ASN NA 59 -41.29 8.72 99.56
CA ASN NA 59 -42.69 9.13 99.67
C ASN NA 59 -43.49 8.21 100.59
N THR NA 60 -42.91 7.86 101.73
CA THR NA 60 -43.68 7.11 102.72
C THR NA 60 -43.61 7.78 104.07
N PRO NA 61 -44.78 8.20 104.59
CA PRO NA 61 -44.82 8.79 105.93
C PRO NA 61 -44.79 7.71 106.99
N ILE NA 62 -43.94 7.88 108.00
CA ILE NA 62 -43.80 6.87 109.03
C ILE NA 62 -44.17 7.45 110.37
N ASP NA 63 -44.94 6.72 111.16
CA ASP NA 63 -45.25 7.15 112.49
C ASP NA 63 -44.39 6.37 113.44
N VAL NA 64 -43.42 7.02 114.06
CA VAL NA 64 -42.52 6.32 114.92
C VAL NA 64 -42.99 6.41 116.34
N CYS NA 65 -43.37 5.28 116.94
CA CYS NA 65 -43.95 5.34 118.25
C CYS NA 65 -42.82 5.65 119.20
N LYS NA 66 -43.01 6.63 120.11
CA LYS NA 66 -41.97 6.93 121.09
C LYS NA 66 -41.69 5.80 122.02
N GLY NA 67 -42.72 5.02 122.36
CA GLY NA 67 -42.57 3.91 123.29
C GLY NA 67 -43.12 4.53 124.56
N PRO NA 68 -43.07 3.80 125.68
CA PRO NA 68 -43.62 4.33 126.93
C PRO NA 68 -42.71 5.24 127.76
N ASP NA 69 -43.25 6.10 128.64
CA ASP NA 69 -42.45 6.90 129.57
C ASP NA 69 -42.76 6.28 130.91
N VAL NA 70 -43.07 4.98 130.92
CA VAL NA 70 -43.53 4.33 132.15
C VAL NA 70 -42.62 4.28 133.38
N ASP NA 71 -41.29 4.20 133.17
CA ASP NA 71 -40.36 4.13 134.28
C ASP NA 71 -40.60 2.87 135.11
N GLY NA 72 -39.83 2.67 136.17
CA GLY NA 72 -40.10 1.55 137.04
C GLY NA 72 -40.20 2.15 138.42
N THR NA 73 -40.93 3.28 138.59
CA THR NA 73 -41.00 3.95 139.88
C THR NA 73 -42.41 3.84 140.45
N ALA NA 74 -42.51 3.48 141.73
CA ALA NA 74 -43.81 3.42 142.38
C ALA NA 74 -44.15 4.74 143.05
N ASP NA 75 -45.07 5.50 142.45
CA ASP NA 75 -45.45 6.79 143.01
C ASP NA 75 -46.59 6.63 143.99
N LYS NA 76 -46.43 7.20 145.19
CA LYS NA 76 -47.51 7.20 146.14
C LYS NA 76 -48.54 8.20 145.67
N ILE NA 77 -49.83 7.94 145.83
CA ILE NA 77 -50.76 8.96 145.40
C ILE NA 77 -51.63 9.39 146.55
N ASN NA 78 -52.20 10.57 146.47
CA ASN NA 78 -53.12 11.00 147.49
C ASN NA 78 -54.44 10.49 147.00
N ASP NA 79 -55.05 9.59 147.75
CA ASP NA 79 -56.32 9.07 147.31
C ASP NA 79 -57.38 9.36 148.35
N LYS NA 80 -57.10 10.32 149.22
CA LYS NA 80 -58.03 10.66 150.29
C LYS NA 80 -59.39 10.78 149.70
N LYS NA 81 -59.55 11.68 148.76
CA LYS NA 81 -60.81 11.80 148.09
C LYS NA 81 -60.34 11.41 146.74
N ILE NA 82 -61.20 10.77 145.95
CA ILE NA 82 -60.88 10.40 144.58
C ILE NA 82 -62.15 10.56 143.75
N HIS NA 83 -62.02 11.10 142.55
CA HIS NA 83 -63.16 11.19 141.64
C HIS NA 83 -62.84 10.61 140.28
N VAL NA 84 -63.75 9.81 139.74
CA VAL NA 84 -63.55 9.22 138.42
C VAL NA 84 -64.74 9.46 137.53
N SER NA 85 -64.49 9.91 136.30
CA SER NA 85 -65.58 10.09 135.34
C SER NA 85 -65.16 9.45 134.04
N GLN NA 86 -66.11 9.00 133.24
CA GLN NA 86 -65.81 8.41 131.95
C GLN NA 86 -66.60 9.05 130.84
N GLY NA 87 -65.93 9.69 129.90
CA GLY NA 87 -66.62 10.27 128.77
C GLY NA 87 -66.65 9.33 127.59
N LEU NA 88 -67.66 9.46 126.73
CA LEU NA 88 -67.76 8.60 125.58
C LEU NA 88 -66.97 9.17 124.43
N LYS NA 89 -65.68 9.36 124.63
CA LYS NA 89 -64.83 9.92 123.59
C LYS NA 89 -63.87 8.88 123.08
N GLU NA 90 -63.27 8.14 123.99
CA GLU NA 90 -62.24 7.19 123.62
C GLU NA 90 -62.81 6.06 122.79
N PHE NA 91 -64.12 5.85 122.85
CA PHE NA 91 -64.72 4.73 122.17
C PHE NA 91 -65.08 5.10 120.75
N GLN NA 92 -65.04 6.37 120.43
CA GLN NA 92 -65.46 6.77 119.10
C GLN NA 92 -66.87 6.25 118.85
N VAL NA 93 -67.59 5.90 119.91
CA VAL NA 93 -68.97 5.47 119.74
C VAL NA 93 -69.76 6.60 119.14
N ALA NA 94 -69.46 7.81 119.59
CA ALA NA 94 -70.12 8.97 119.01
C ALA NA 94 -69.24 10.18 119.21
N LYS NA 95 -69.22 11.08 118.24
CA LYS NA 95 -68.35 12.24 118.33
C LYS NA 95 -69.13 13.52 118.13
N GLY NA 96 -70.35 13.56 118.64
CA GLY NA 96 -71.19 14.74 118.48
C GLY NA 96 -72.57 14.26 118.17
N ASP NA 97 -72.70 13.47 117.11
CA ASP NA 97 -74.01 12.90 116.76
C ASP NA 97 -73.88 11.43 116.39
N ARG NA 98 -74.94 10.66 116.56
CA ARG NA 98 -74.87 9.21 116.34
C ARG NA 98 -74.43 8.77 114.96
N VAL NA 99 -74.82 9.51 113.93
CA VAL NA 99 -74.40 9.16 112.55
C VAL NA 99 -73.81 10.31 111.77
N GLU NA 100 -72.61 10.74 112.17
CA GLU NA 100 -71.98 11.86 111.47
C GLU NA 100 -71.53 11.29 110.14
N ASN NA 101 -71.14 10.02 110.11
CA ASN NA 101 -70.67 9.38 108.88
C ASN NA 101 -71.83 8.88 108.03
N GLU NA 102 -72.62 7.93 108.55
CA GLU NA 102 -73.61 7.26 107.71
C GLU NA 102 -74.55 8.25 107.08
N ILE NA 103 -74.82 8.11 105.78
CA ILE NA 103 -75.66 9.06 105.05
C ILE NA 103 -76.49 10.00 105.92
N THR NA 104 -76.23 11.30 105.79
CA THR NA 104 -76.98 12.28 106.58
C THR NA 104 -78.05 12.96 105.75
N GLU NA 105 -77.87 12.95 104.43
CA GLU NA 105 -78.85 13.57 103.54
C GLU NA 105 -79.89 12.53 103.11
N THR NA 106 -80.89 12.92 102.33
CA THR NA 106 -81.79 11.88 101.82
C THR NA 106 -81.27 11.45 100.46
N ALA NA 107 -81.79 10.32 99.96
CA ALA NA 107 -81.34 9.82 98.67
C ALA NA 107 -81.56 10.86 97.59
N ASP NA 108 -82.67 11.60 97.70
CA ASP NA 108 -83.01 12.58 96.68
C ASP NA 108 -82.02 13.72 96.70
N GLU NA 109 -81.43 13.98 97.86
CA GLU NA 109 -80.59 15.16 98.01
C GLU NA 109 -79.15 14.85 97.63
N MET NA 110 -78.90 13.63 97.18
CA MET NA 110 -77.54 13.26 96.80
C MET NA 110 -77.51 13.17 95.30
N ILE NA 111 -78.65 13.53 94.69
CA ILE NA 111 -78.69 13.64 93.24
C ILE NA 111 -78.19 15.00 92.89
N THR NA 112 -77.14 15.05 92.08
CA THR NA 112 -76.47 16.30 91.84
C THR NA 112 -77.06 17.11 90.70
N LYS NA 113 -77.16 16.52 89.51
CA LYS NA 113 -77.71 17.25 88.38
C LYS NA 113 -78.58 16.36 87.55
N VAL NA 114 -79.69 16.88 87.06
CA VAL NA 114 -80.45 16.16 86.05
C VAL NA 114 -80.78 17.11 84.94
N SER NA 115 -79.85 17.31 84.03
CA SER NA 115 -80.02 18.35 83.01
C SER NA 115 -80.95 17.90 81.90
N ASP NA 116 -81.61 18.86 81.25
CA ASP NA 116 -82.42 18.55 80.09
C ASP NA 116 -81.89 19.21 78.84
N THR NA 117 -80.63 19.65 78.88
CA THR NA 117 -80.04 20.36 77.76
C THR NA 117 -78.97 19.54 77.05
N LYS NA 118 -77.80 19.43 77.66
CA LYS NA 118 -76.70 18.67 77.06
C LYS NA 118 -77.04 17.19 77.00
N ASP NA 119 -76.42 16.48 76.08
CA ASP NA 119 -76.59 15.02 76.04
C ASP NA 119 -75.29 14.29 76.19
N LEU NA 120 -75.31 13.23 76.99
CA LEU NA 120 -74.08 12.52 77.30
C LEU NA 120 -73.80 11.47 76.23
N ASN NA 121 -73.88 11.87 74.97
CA ASN NA 121 -73.59 10.95 73.86
C ASN NA 121 -72.77 11.61 72.76
N VAL NA 122 -71.95 12.57 73.15
CA VAL NA 122 -71.19 13.34 72.19
C VAL NA 122 -69.89 12.67 71.80
N SER NA 123 -69.79 12.20 70.56
CA SER NA 123 -68.57 11.59 70.10
C SER NA 123 -67.56 12.70 70.06
N THR NA 124 -66.33 12.42 70.47
CA THR NA 124 -65.32 13.47 70.46
C THR NA 124 -65.36 14.24 69.16
N LYS NA 125 -65.46 15.56 69.28
CA LYS NA 125 -65.67 16.38 68.09
C LYS NA 125 -64.48 16.21 67.16
N LYS NA 126 -63.29 16.07 67.72
CA LYS NA 126 -62.11 15.85 66.90
C LYS NA 126 -61.73 14.39 66.93
N PRO NA 127 -61.95 13.67 65.82
CA PRO NA 127 -61.54 12.27 65.74
C PRO NA 127 -60.10 12.13 65.32
N HIS NA 128 -59.29 11.41 66.10
CA HIS NA 128 -57.89 11.22 65.72
C HIS NA 128 -57.81 10.53 64.38
N GLN NA 129 -56.99 11.07 63.49
CA GLN NA 129 -56.84 10.46 62.17
C GLN NA 129 -55.56 9.67 62.09
N ILE NA 130 -55.56 8.60 61.32
CA ILE NA 130 -54.36 7.78 61.14
C ILE NA 130 -53.86 7.84 59.71
N ALA NA 131 -52.58 8.15 59.53
CA ALA NA 131 -52.01 8.25 58.19
C ALA NA 131 -51.82 6.89 57.54
N ASP NA 132 -51.77 6.86 56.22
CA ASP NA 132 -51.57 5.61 55.52
C ASP NA 132 -50.22 4.99 55.82
N VAL NA 133 -50.14 3.67 55.73
CA VAL NA 133 -48.88 2.97 55.99
C VAL NA 133 -48.35 2.36 54.71
N PRO NA 134 -47.26 2.91 54.17
CA PRO NA 134 -46.75 2.47 52.87
C PRO NA 134 -45.81 1.28 53.03
N THR OA 69 83.63 -15.27 49.12
CA THR OA 69 82.45 -15.97 48.61
C THR OA 69 82.80 -16.97 47.52
N THR OA 70 83.70 -16.58 46.61
CA THR OA 70 84.09 -17.48 45.53
C THR OA 70 85.07 -18.56 45.98
N LYS OA 71 85.21 -18.78 47.28
CA LYS OA 71 85.97 -19.89 47.85
C LYS OA 71 85.03 -20.86 48.56
N ASP OA 72 83.86 -21.12 47.97
CA ASP OA 72 82.90 -22.09 48.48
C ASP OA 72 83.04 -23.43 47.77
N LEU OA 73 84.07 -23.59 46.95
CA LEU OA 73 84.27 -24.69 46.03
C LEU OA 73 84.40 -26.02 46.78
N PRO OA 74 84.01 -27.14 46.16
CA PRO OA 74 84.11 -28.42 46.86
C PRO OA 74 85.55 -28.78 47.16
N THR OA 75 85.78 -29.34 48.33
CA THR OA 75 87.10 -29.84 48.68
C THR OA 75 87.30 -31.23 48.10
N ASP OA 76 88.50 -31.48 47.59
CA ASP OA 76 88.81 -32.78 47.00
C ASP OA 76 87.89 -33.12 45.83
N PRO OA 77 88.00 -32.36 44.72
CA PRO OA 77 87.20 -32.68 43.53
C PRO OA 77 88.02 -33.56 42.59
N GLU OA 78 87.44 -34.00 41.47
CA GLU OA 78 88.22 -34.78 40.53
C GLU OA 78 89.00 -33.85 39.59
N PRO OA 79 90.15 -34.28 39.10
CA PRO OA 79 90.85 -33.50 38.08
C PRO OA 79 89.99 -33.27 36.85
N GLY OA 80 90.06 -32.08 36.28
CA GLY OA 80 89.25 -31.74 35.14
C GLY OA 80 87.82 -31.34 35.46
N ASP OA 81 87.42 -31.34 36.72
CA ASP OA 81 86.09 -30.89 37.08
C ASP OA 81 85.95 -29.39 36.85
N THR OA 82 84.71 -28.96 36.60
CA THR OA 82 84.41 -27.56 36.40
C THR OA 82 83.28 -27.20 37.36
N TYR OA 83 83.36 -26.01 37.95
CA TYR OA 83 82.42 -25.63 39.01
C TYR OA 83 82.22 -24.13 38.92
N HIS OA 84 80.96 -23.70 38.93
CA HIS OA 84 80.60 -22.31 38.67
C HIS OA 84 80.05 -21.66 39.92
N VAL OA 85 80.70 -20.58 40.39
CA VAL OA 85 80.23 -19.82 41.54
C VAL OA 85 80.37 -18.32 41.25
N ASN OA 86 79.30 -17.57 41.50
CA ASN OA 86 79.33 -16.11 41.45
C ASN OA 86 79.86 -15.59 40.12
N GLY OA 87 79.43 -16.22 39.03
CA GLY OA 87 79.87 -15.81 37.71
C GLY OA 87 81.30 -16.15 37.37
N VAL OA 88 81.93 -17.03 38.13
CA VAL OA 88 83.32 -17.43 37.94
C VAL OA 88 83.34 -18.93 37.70
N ASP OA 89 84.02 -19.35 36.63
CA ASP OA 89 84.12 -20.75 36.25
C ASP OA 89 85.48 -21.29 36.65
N TRP OA 90 85.51 -22.39 37.39
CA TRP OA 90 86.74 -22.95 37.91
C TRP OA 90 86.97 -24.33 37.34
N ILE OA 91 88.16 -24.55 36.76
CA ILE OA 91 88.60 -25.87 36.36
C ILE OA 91 89.59 -26.34 37.42
N TYR OA 92 89.43 -27.58 37.87
CA TYR OA 92 90.36 -28.20 38.81
C TYR OA 92 91.43 -28.94 38.01
N GLN OA 93 92.43 -28.19 37.56
CA GLN OA 93 93.57 -28.80 36.90
C GLN OA 93 94.42 -29.56 37.91
N GLU OA 94 95.07 -30.61 37.41
CA GLU OA 94 95.85 -31.48 38.28
C GLU OA 94 97.04 -30.73 38.89
N ASP OA 95 97.67 -29.86 38.10
CA ASP OA 95 98.86 -29.18 38.58
C ASP OA 95 98.51 -28.02 39.51
N GLY OA 96 97.77 -27.04 39.00
CA GLY OA 96 97.50 -25.84 39.76
C GLY OA 96 96.28 -25.88 40.65
N GLY OA 97 95.58 -27.02 40.72
CA GLY OA 97 94.38 -27.05 41.52
C GLY OA 97 93.27 -26.25 40.88
N TRP OA 98 92.57 -25.46 41.69
CA TRP OA 98 91.45 -24.68 41.19
C TRP OA 98 91.97 -23.42 40.49
N VAL OA 99 91.72 -23.30 39.19
CA VAL OA 99 92.10 -22.12 38.41
C VAL OA 99 90.93 -21.75 37.52
N THR OA 100 90.67 -20.45 37.37
CA THR OA 100 89.59 -20.00 36.51
C THR OA 100 89.87 -20.40 35.06
N MET OA 101 88.79 -20.59 34.30
CA MET OA 101 88.94 -21.03 32.91
C MET OA 101 89.70 -19.99 32.09
N GLN OA 102 89.38 -18.71 32.29
CA GLN OA 102 89.98 -17.66 31.49
C GLN OA 102 91.10 -16.98 32.26
N THR PA 3 193.98 -97.52 7.98
CA THR PA 3 193.08 -96.38 7.89
C THR PA 3 192.93 -95.68 9.23
N TYR PA 4 192.08 -94.66 9.27
CA TYR PA 4 191.95 -93.84 10.48
C TYR PA 4 191.44 -94.68 11.65
N ILE PA 5 190.39 -95.47 11.44
CA ILE PA 5 189.80 -96.23 12.52
C ILE PA 5 190.79 -97.23 13.09
N GLU PA 6 191.57 -97.88 12.22
CA GLU PA 6 192.56 -98.85 12.71
C GLU PA 6 193.62 -98.16 13.54
N LEU PA 7 194.07 -96.95 13.14
CA LEU PA 7 195.13 -96.27 13.85
C LEU PA 7 194.70 -95.91 15.26
N ILE PA 8 193.47 -95.41 15.43
CA ILE PA 8 192.99 -95.07 16.76
C ILE PA 8 192.68 -96.32 17.58
N ASN PA 9 192.31 -97.43 16.93
CA ASN PA 9 192.14 -98.68 17.65
C ASN PA 9 193.47 -99.17 18.22
N ILE PA 10 194.57 -98.97 17.49
CA ILE PA 10 195.88 -99.40 17.98
C ILE PA 10 196.20 -98.70 19.29
N VAL PA 11 195.96 -97.39 19.36
CA VAL PA 11 196.19 -96.64 20.58
C VAL PA 11 195.24 -97.09 21.69
N ASN PA 12 193.96 -97.27 21.37
CA ASN PA 12 193.02 -97.65 22.41
C ASN PA 12 193.11 -99.13 22.80
N ASP PA 13 193.68 -99.96 21.94
CA ASP PA 13 193.96 -101.36 22.27
C ASP PA 13 195.26 -101.54 23.02
N ASP PA 14 196.26 -100.67 22.76
CA ASP PA 14 197.48 -100.71 23.55
C ASP PA 14 197.21 -100.25 24.98
N THR PA 15 196.30 -99.29 25.15
CA THR PA 15 195.98 -98.78 26.49
C THR PA 15 195.28 -99.87 27.30
N PRO PA 16 195.86 -100.28 28.47
CA PRO PA 16 195.10 -101.32 29.19
C PRO PA 16 193.82 -100.83 29.86
N GLU PA 17 192.93 -101.77 30.12
CA GLU PA 17 191.63 -101.49 30.70
C GLU PA 17 191.67 -101.47 32.21
N ASP PA 18 190.56 -101.13 32.85
CA ASP PA 18 190.56 -101.00 34.31
C ASP PA 18 191.16 -102.19 35.07
N ASP PA 19 190.72 -103.41 34.77
CA ASP PA 19 191.18 -104.55 35.55
C ASP PA 19 192.69 -104.75 35.41
N ALA PA 20 193.23 -104.56 34.22
CA ALA PA 20 194.68 -104.63 34.03
C ALA PA 20 195.38 -103.52 34.80
N VAL PA 21 194.79 -102.32 34.84
CA VAL PA 21 195.38 -101.22 35.59
C VAL PA 21 195.45 -101.57 37.07
N ILE PA 22 194.36 -102.12 37.62
CA ILE PA 22 194.37 -102.50 39.03
C ILE PA 22 195.39 -103.60 39.29
N SER PA 23 195.44 -104.60 38.40
CA SER PA 23 196.40 -105.69 38.56
C SER PA 23 197.82 -105.17 38.60
N ASP PA 24 198.17 -104.27 37.68
CA ASP PA 24 199.52 -103.71 37.65
C ASP PA 24 199.79 -102.87 38.90
N LEU PA 25 198.77 -102.15 39.38
CA LEU PA 25 198.92 -101.38 40.61
C LEU PA 25 199.21 -102.31 41.79
N MET PA 26 198.50 -103.43 41.89
CA MET PA 26 198.77 -104.36 42.98
C MET PA 26 200.17 -104.95 42.89
N SER PA 27 200.65 -105.23 41.67
CA SER PA 27 202.00 -105.75 41.51
C SER PA 27 203.03 -104.73 42.00
N GLN PA 28 202.86 -103.46 41.65
CA GLN PA 28 203.77 -102.43 42.10
C GLN PA 28 203.73 -102.28 43.63
N MET PA 29 202.54 -102.43 44.23
CA MET PA 29 202.44 -102.37 45.68
C MET PA 29 203.11 -103.57 46.35
N ASN PA 30 203.11 -104.72 45.68
CA ASN PA 30 203.76 -105.90 46.24
C ASN PA 30 205.28 -105.84 46.09
N ASP PA 31 205.78 -105.28 45.00
CA ASP PA 31 207.23 -105.16 44.80
C ASP PA 31 207.83 -104.22 45.83
N LYS PA 32 208.81 -104.73 46.59
CA LYS PA 32 209.34 -103.97 47.72
C LYS PA 32 210.08 -102.71 47.26
N GLN PA 33 210.91 -102.84 46.23
CA GLN PA 33 211.67 -101.67 45.77
C GLN PA 33 210.77 -100.60 45.18
N THR PA 34 209.72 -100.99 44.46
CA THR PA 34 208.79 -100.00 43.94
C THR PA 34 208.07 -99.26 45.08
N VAL PA 35 207.65 -99.97 46.13
CA VAL PA 35 207.03 -99.31 47.27
C VAL PA 35 207.99 -98.31 47.89
N LEU PA 36 209.27 -98.69 48.02
CA LEU PA 36 210.26 -97.76 48.55
C LEU PA 36 210.42 -96.54 47.65
N ASP PA 37 210.51 -96.78 46.34
CA ASP PA 37 210.65 -95.67 45.40
C ASP PA 37 209.47 -94.72 45.44
N SER PA 38 208.26 -95.25 45.66
CA SER PA 38 207.04 -94.47 45.67
C SER PA 38 206.75 -93.83 47.04
N CYS PA 39 207.56 -94.10 48.05
CA CYS PA 39 207.26 -93.60 49.38
C CYS PA 39 207.51 -92.10 49.45
N ARG PA 40 206.53 -91.38 50.00
CA ARG PA 40 206.64 -89.94 50.20
C ARG PA 40 206.18 -89.59 51.61
N ILE PA 41 206.89 -88.67 52.24
CA ILE PA 41 206.56 -88.23 53.58
C ILE PA 41 205.80 -86.90 53.50
N ASN PA 42 204.64 -86.86 54.15
CA ASN PA 42 203.76 -85.71 54.05
C ASN PA 42 204.19 -84.63 55.05
N HIS PA 43 203.48 -83.50 55.01
CA HIS PA 43 203.86 -82.37 55.87
C HIS PA 43 203.56 -82.64 57.34
N LYS PA 44 202.75 -83.64 57.65
CA LYS PA 44 202.43 -84.00 59.03
C LYS PA 44 203.30 -85.13 59.56
N GLY PA 45 204.26 -85.57 58.76
CA GLY PA 45 205.10 -86.70 59.14
C GLY PA 45 204.50 -88.03 58.76
N ASN PA 46 203.38 -88.00 58.05
CA ASN PA 46 202.73 -89.23 57.62
C ASN PA 46 203.37 -89.74 56.33
N ALA PA 47 202.91 -90.88 55.82
CA ALA PA 47 203.51 -91.46 54.63
C ALA PA 47 202.48 -91.86 53.57
N TYR PA 48 202.62 -91.36 52.35
CA TYR PA 48 201.75 -91.79 51.26
C TYR PA 48 202.60 -92.30 50.13
N PHE PA 49 202.00 -93.11 49.26
CA PHE PA 49 202.70 -93.79 48.19
C PHE PA 49 202.10 -93.38 46.84
N LYS PA 50 202.98 -93.04 45.89
CA LYS PA 50 202.56 -92.59 44.57
C LYS PA 50 203.04 -93.59 43.53
N PHE PA 51 202.10 -94.18 42.79
CA PHE PA 51 202.39 -95.25 41.85
C PHE PA 51 202.02 -94.81 40.44
N HIS PA 52 202.90 -95.09 39.48
CA HIS PA 52 202.66 -94.76 38.08
C HIS PA 52 202.28 -96.04 37.35
N VAL PA 53 201.05 -96.12 36.88
CA VAL PA 53 200.50 -97.32 36.26
C VAL PA 53 199.92 -96.96 34.90
N LYS PA 54 200.29 -97.73 33.88
CA LYS PA 54 199.82 -97.48 32.52
C LYS PA 54 198.32 -97.76 32.43
N GLY PA 55 197.63 -96.92 31.65
CA GLY PA 55 196.21 -97.04 31.44
C GLY PA 55 195.43 -96.11 32.37
N SER PA 56 194.12 -96.25 32.31
CA SER PA 56 193.21 -95.41 33.08
C SER PA 56 192.16 -96.27 33.75
N ILE PA 57 191.64 -95.79 34.87
CA ILE PA 57 190.60 -96.47 35.64
C ILE PA 57 189.38 -95.57 35.69
N SER PA 58 188.21 -96.15 35.44
CA SER PA 58 186.96 -95.40 35.48
C SER PA 58 186.52 -95.18 36.92
N LYS PA 59 185.61 -94.21 37.10
CA LYS PA 59 185.12 -93.91 38.44
C LYS PA 59 184.45 -95.11 39.09
N ASP PA 60 183.74 -95.92 38.31
CA ASP PA 60 182.99 -97.04 38.88
C ASP PA 60 183.91 -98.09 39.46
N LYS PA 61 185.03 -98.36 38.79
CA LYS PA 61 185.98 -99.36 39.26
C LYS PA 61 187.01 -98.78 40.24
N LEU PA 62 187.22 -97.46 40.20
CA LEU PA 62 188.02 -96.83 41.23
C LEU PA 62 187.34 -96.93 42.59
N LYS PA 63 186.02 -96.76 42.64
CA LYS PA 63 185.29 -97.01 43.88
C LYS PA 63 185.41 -98.46 44.32
N ALA PA 64 185.30 -99.40 43.38
CA ALA PA 64 185.52 -100.81 43.72
C ALA PA 64 186.94 -101.04 44.20
N LEU PA 65 187.91 -100.33 43.61
CA LEU PA 65 189.29 -100.47 44.07
C LEU PA 65 189.44 -99.97 45.49
N ASN PA 66 188.83 -98.83 45.82
CA ASN PA 66 188.89 -98.29 47.18
C ASN PA 66 188.28 -99.26 48.18
N GLU PA 67 187.15 -99.87 47.83
CA GLU PA 67 186.53 -100.84 48.72
C GLU PA 67 187.44 -102.04 48.95
N THR PA 68 188.15 -102.48 47.91
CA THR PA 68 189.13 -103.54 48.07
C THR PA 68 190.28 -103.10 48.99
N LEU PA 69 190.72 -101.85 48.85
CA LEU PA 69 191.86 -101.37 49.62
C LEU PA 69 191.50 -101.15 51.09
N LYS PA 70 190.24 -100.80 51.36
CA LYS PA 70 189.82 -100.57 52.75
C LYS PA 70 190.16 -101.75 53.63
N ASP PA 71 190.08 -102.97 53.07
CA ASP PA 71 190.43 -104.15 53.85
C ASP PA 71 191.88 -104.07 54.33
N SER PA 72 192.71 -103.27 53.66
CA SER PA 72 194.11 -103.08 54.03
C SER PA 72 194.36 -101.72 54.65
N ASN PA 73 193.30 -100.99 55.02
CA ASN PA 73 193.41 -99.64 55.56
C ASN PA 73 194.07 -98.69 54.57
N LEU PA 74 193.76 -98.83 53.29
CA LEU PA 74 194.28 -97.95 52.25
C LEU PA 74 193.12 -97.45 51.40
N VAL PA 75 193.24 -96.22 50.91
CA VAL PA 75 192.31 -95.67 49.92
C VAL PA 75 193.11 -94.93 48.86
N VAL PA 76 192.53 -94.77 47.67
CA VAL PA 76 193.09 -93.90 46.65
C VAL PA 76 192.50 -92.52 46.80
N THR PA 77 193.28 -91.59 47.35
CA THR PA 77 192.79 -90.23 47.53
C THR PA 77 192.79 -89.44 46.23
N ASP PA 78 193.69 -89.79 45.31
CA ASP PA 78 193.74 -89.17 43.99
C ASP PA 78 194.14 -90.21 42.95
N ALA PA 79 193.53 -90.12 41.77
CA ALA PA 79 193.97 -90.89 40.61
C ALA PA 79 193.81 -90.00 39.38
N SER PA 80 194.93 -89.49 38.86
CA SER PA 80 194.93 -88.51 37.77
C SER PA 80 195.36 -89.21 36.49
N THR PA 81 194.56 -89.03 35.44
CA THR PA 81 194.82 -89.67 34.15
C THR PA 81 195.62 -88.69 33.27
N GLN PA 82 196.89 -89.03 33.08
CA GLN PA 82 197.76 -88.17 32.30
C GLN PA 82 197.83 -88.65 30.84
N ARG PA 83 198.14 -87.72 29.95
CA ARG PA 83 198.39 -88.04 28.54
C ARG PA 83 199.80 -87.56 28.18
N GLY PA 84 200.75 -88.47 28.25
CA GLY PA 84 202.14 -88.10 28.11
C GLY PA 84 203.06 -89.21 28.56
N PHE PA 85 204.34 -88.85 28.73
CA PHE PA 85 205.33 -89.85 29.12
C PHE PA 85 205.20 -90.21 30.59
N MET PA 86 205.58 -91.45 30.92
CA MET PA 86 205.54 -91.92 32.30
C MET PA 86 206.91 -91.76 32.93
N PRO PA 87 207.11 -90.86 33.87
CA PRO PA 87 208.39 -90.77 34.58
C PRO PA 87 208.54 -91.93 35.55
N PRO PA 88 209.77 -92.27 35.94
CA PRO PA 88 209.97 -93.32 36.93
C PRO PA 88 209.31 -92.95 38.26
N ASN PA 89 209.01 -94.00 39.02
CA ASN PA 89 208.28 -93.82 40.28
C ASN PA 89 209.05 -92.99 41.30
N LYS PA 90 210.37 -92.91 41.17
CA LYS PA 90 211.17 -92.14 42.11
C LYS PA 90 211.12 -90.64 41.87
N PHE PA 91 210.45 -90.19 40.81
CA PHE PA 91 210.30 -88.77 40.52
C PHE PA 91 208.88 -88.33 40.84
N ASP PA 92 208.73 -87.06 41.22
CA ASP PA 92 207.43 -86.47 41.48
C ASP PA 92 206.88 -85.72 40.28
N ASP PA 93 207.71 -85.43 39.29
CA ASP PA 93 207.34 -84.55 38.19
C ASP PA 93 207.16 -85.34 36.91
N ILE PA 94 206.48 -84.72 35.94
CA ILE PA 94 206.22 -85.36 34.65
C ILE PA 94 207.14 -84.83 33.55
N THR PA 95 208.26 -84.20 33.91
CA THR PA 95 209.21 -83.75 32.91
C THR PA 95 209.84 -84.95 32.20
N TYR PA 96 209.97 -84.84 30.89
CA TYR PA 96 210.59 -85.90 30.09
C TYR PA 96 212.08 -85.97 30.41
N THR PA 97 212.53 -87.15 30.82
CA THR PA 97 213.95 -87.43 31.01
C THR PA 97 214.34 -88.66 30.20
N GLU PA 98 215.64 -88.95 30.17
CA GLU PA 98 216.11 -90.11 29.42
C GLU PA 98 215.56 -91.41 30.02
N GLU PA 99 215.06 -91.35 31.26
CA GLU PA 99 214.51 -92.54 31.89
C GLU PA 99 213.01 -92.70 31.66
N SER PA 100 212.37 -91.73 31.02
CA SER PA 100 210.92 -91.79 30.85
C SER PA 100 210.56 -92.88 29.84
N VAL PA 101 209.43 -93.54 30.07
CA VAL PA 101 208.94 -94.60 29.19
C VAL PA 101 207.61 -94.17 28.59
N GLY PA 102 207.42 -94.50 27.31
CA GLY PA 102 206.17 -94.21 26.64
C GLY PA 102 206.28 -93.39 25.37
N TYR PA 103 205.23 -92.60 25.05
CA TYR PA 103 205.18 -91.79 23.84
C TYR PA 103 204.29 -90.63 24.24
N ARG PA 104 204.24 -89.58 23.42
CA ARG PA 104 203.70 -88.28 23.88
C ARG PA 104 202.20 -88.23 24.16
N ALA PA 105 201.44 -89.25 23.74
CA ALA PA 105 200.00 -89.31 24.01
C ALA PA 105 199.64 -90.58 24.79
N MET PA 106 200.59 -91.20 25.50
CA MET PA 106 200.28 -92.43 26.21
C MET PA 106 199.32 -92.14 27.35
N VAL PA 107 198.37 -93.05 27.57
CA VAL PA 107 197.42 -92.95 28.67
C VAL PA 107 198.00 -93.68 29.87
N TRP PA 108 198.11 -92.98 30.99
CA TRP PA 108 198.54 -93.60 32.23
C TRP PA 108 198.01 -92.80 33.40
N THR PA 109 197.94 -93.46 34.56
CA THR PA 109 197.35 -92.89 35.77
C THR PA 109 198.39 -92.76 36.86
N SER PA 110 198.32 -91.68 37.62
CA SER PA 110 199.14 -91.46 38.80
C SER PA 110 198.27 -91.67 40.02
N PHE PA 111 198.51 -92.76 40.75
CA PHE PA 111 197.73 -93.05 41.94
C PHE PA 111 198.38 -92.46 43.18
N THR PA 112 197.54 -91.93 44.07
CA THR PA 112 197.96 -91.48 45.39
C THR PA 112 197.22 -92.33 46.42
N ILE PA 113 197.94 -93.21 47.10
CA ILE PA 113 197.35 -94.12 48.08
C ILE PA 113 197.75 -93.67 49.48
N GLU PA 114 196.77 -93.52 50.36
CA GLU PA 114 197.01 -93.05 51.71
C GLU PA 114 196.34 -93.99 52.70
N LYS PA 115 196.76 -93.91 53.95
CA LYS PA 115 196.18 -94.73 55.02
C LYS PA 115 194.74 -94.30 55.30
N LEU PA 116 193.88 -95.31 55.51
CA LEU PA 116 192.47 -95.09 55.80
C LEU PA 116 192.27 -94.25 57.06
#